data_9P7I
#
_entry.id   9P7I
#
_cell.length_a   1.00
_cell.length_b   1.00
_cell.length_c   1.00
_cell.angle_alpha   90.00
_cell.angle_beta   90.00
_cell.angle_gamma   90.00
#
_symmetry.space_group_name_H-M   'P 1'
#
loop_
_entity.id
_entity.type
_entity.pdbx_description
1 polymer 'P site tRNA [Homo sapiens]'
2 polymer 'Elongation factor 1-alpha 1'
3 polymer 'A/T site tRNA [Homo sapiens]'
4 polymer '28S rRNA [Homo sapiens]'
5 polymer '5S rRNA [Homo sapiens]'
6 polymer '5.8S rRNA [Homo sapiens]'
7 polymer '60S ribosomal protein L8'
8 polymer 'Large ribosomal subunit protein uL3'
9 polymer '60S ribosomal protein L4'
10 polymer 'Large ribosomal subunit protein uL18'
11 polymer 'Large ribosomal subunit protein eL6'
12 polymer '60S ribosomal protein L7'
13 polymer '60S ribosomal protein L7a'
14 polymer '60S ribosomal protein L9'
15 polymer 'Ribosomal protein uL16-like'
16 polymer '60S ribosomal protein L11'
17 polymer 'Large ribosomal subunit protein eL13'
18 polymer '60S ribosomal protein L14'
19 polymer '60S ribosomal protein L15'
20 polymer '60S ribosomal protein L13a'
21 polymer '60S ribosomal protein L17'
22 polymer '60S ribosomal protein L18'
23 polymer '60S ribosomal protein L19'
24 polymer '60S ribosomal protein L18a'
25 polymer '60S ribosomal protein L21'
26 polymer 'Heparin-binding protein HBp15'
27 polymer '60S ribosomal protein L23'
28 polymer 'Ribosomal protein L24'
29 polymer '60S ribosomal protein L23a'
30 polymer '60S ribosomal protein L26'
31 polymer '60S ribosomal protein L27'
32 polymer '60S ribosomal protein L27a'
33 polymer 'Large ribosomal subunit protein eL29'
34 polymer '60S ribosomal protein L30'
35 polymer '60S ribosomal protein L31'
36 polymer '60S ribosomal protein L32'
37 polymer '60S ribosomal protein L35a'
38 polymer '60S ribosomal protein L34'
39 polymer '60S ribosomal protein L35'
40 polymer '60S ribosomal protein L36'
41 polymer '60S ribosomal protein L37'
42 polymer '60S ribosomal protein L38'
43 polymer '60S ribosomal protein L39'
44 polymer 'Large ribosomal subunit protein eL40'
45 polymer '60S ribosomal protein L41'
46 polymer '60S ribosomal protein L36a'
47 polymer '60S ribosomal protein L37a'
48 polymer '60S ribosomal protein L28'
49 polymer '60S acidic ribosomal protein P0'
50 polymer 'Large ribosomal subunit protein uL11'
51 polymer 'Small ribosomal subunit protein uS3'
52 polymer '40S ribosomal protein S5'
53 polymer '40S ribosomal protein S10'
54 polymer 'Small ribosomal subunit protein eS12'
55 polymer 'Small ribosomal subunit protein uS19'
56 polymer 'Small ribosomal subunit protein uS9'
57 polymer 'Small ribosomal subunit protein eS17'
58 polymer '40S ribosomal protein S18'
59 polymer '40S ribosomal protein S19'
60 polymer '40S ribosomal protein S20'
61 polymer 'Small ribosomal subunit protein eS25'
62 polymer '40S ribosomal protein S28'
63 polymer '40S ribosomal protein S29'
64 polymer 'Ubiquitin-40S ribosomal protein S27a'
65 polymer 'Receptor of activated protein C kinase 1'
66 polymer '40S ribosomal protein SA'
67 polymer '40S ribosomal protein S3a'
68 polymer '40S ribosomal protein S2'
69 polymer 'Small ribosomal subunit protein eS4, X isoform'
70 polymer '40S ribosomal protein S6'
71 polymer 'Small ribosomal subunit protein eS7'
72 polymer '40S ribosomal protein S8'
73 polymer '40S ribosomal protein S9'
74 polymer '40S ribosomal protein S11'
75 polymer '40S ribosomal protein S13'
76 polymer 'Small ribosomal subunit protein uS11'
77 polymer 'Small ribosomal subunit protein eS21'
78 polymer '40S ribosomal protein S15a'
79 polymer '40S ribosomal protein S23'
80 polymer '40S ribosomal protein S24'
81 polymer '40S ribosomal protein S26'
82 polymer 'Small ribosomal subunit protein eS27'
83 polymer 'Small ribosomal subunit protein eS30'
84 polymer '18S rRNA [Homo sapiens]'
85 polymer 'Z site tRNA [Homo sapiens]'
86 polymer 'Transcription factor BTF3'
87 non-polymer 'MAGNESIUM ION'
88 non-polymer SPERMINE
89 non-polymer SPERMIDINE
90 non-polymer 4-{(2R)-2-[(1S,3S,5S)-3,5-dimethyl-2-oxocyclohexyl]-2-hydroxyethyl}piperidine-2,6-dione
91 non-polymer (3beta)-O~3~-[(2R)-2,6-dihydroxy-2-(2-methoxy-2-oxoethyl)-6-methylheptanoyl]cephalotaxine
92 non-polymer 'ZINC ION'
#
loop_
_entity_poly.entity_id
_entity_poly.type
_entity_poly.pdbx_seq_one_letter_code
_entity_poly.pdbx_strand_id
1 'polyribonucleotide' GUCUCCGUAGUGUAGGGUAUCACGUUCGCCUAACACGCGAAAGGUCCUCGGUUCGAAACCGGGCGGAAACACCA Pt
2 'polypeptide(L)'
;EKTHINIVVIGHVDSGKSTTTGHLIYKCGGIDKRTIEKFEKEAAEMGKGSFKYAWVLDKLKAERERGITIDISLWKFETS
KYYVTIIDAPGHRDFIKNMITGTSQADCAVLIVAAGVGEFEAGISKNGQTREHALLAYTLGVKQLIVGVNKMDSTEPPY
(SEP)QKRYEEIVKEVSTYIKKIGYNPDTVAFVPISGWNGDNMLEPSANMPWFKGWKVTRKDGNASGTTLLEALDCILPP
TRPTDKPLRLPLQDVYKIGGIGTVPVGRVETGVLKPGMVVTFAPVNVTTEVKSVEMHHEALSEALPGDNVGFNVKNVSVK
DVRRGNVAGDSKNDPPMEAAGFTAQVIILNHPGQISAGYAPVLDCHTAHIACKFAELKEKIDRRSGKKLEDGPKFLKSGD
AAIVDMVPGKPMCVESFSDYPPLGRFAVRDMRQTVAVGVIKAVDKK
;
CF
3 'polyribonucleotide' GUCUCCGUAGUGUAGCGGUUAUCACGUUCGCCUAACACGCGAAAGGUCCUCGGUUCGAAACCGGGCGGAAACACCA AT
4 'polyribonucleotide'
;CGCGACCUCAGAUCAGACGUGGCGACCCGCUGAAUUUAAGCAUAUUAGUCAGCGGAGGAGAAGAAACUAACCAGGAUUCC
CUCAGUAACGGCGAGUGAACAGGGAAGAGCCCAGCGCCGAAUCCCCGCCCCGCGGCGGGGCGCGGGACAUGUGGCGUACG
GAAGACCCGCUCCCCGGCGCCGCUCGUGGGGGGCCCAAGUCCUUCUGAUCGAGGCCCAGCCCGUGGACGGUGUGAGGCCG
GUAGCGGCCCCCGGCGCGCCGGGCCCGGGUCUUCCCGGAGUCGGGUUGCUUGGGAAUGCAGCCCAAAGCGGGUGGUAAAC
UCCAUCUAAGGCUAAAUACCGGCACGAGACCGAUAGUCAACAAGUACCGUAAGGGAAAGUUGAAAAGAACUUUGAAG
(A2M)G(A2M)GAGUUCAAGAGGGCGUGAAACCGUUAAGAGGUAAACGGGUGGGGUCCGCGCAGUCCGCCCGGAGGAUUC
AACCCGGCGGCGGGUCCGGCCGUGUCGGCGGCCCGGCGGAUCUUUCCCGCGCGGGGGACCGUCCCCCGACCGGCGACCGG
CCGCCGCCGGGCGCAUUUCCACCGCGGCGGUGCGCCGCGACCGGCUCCGGGACGGCUGGGAAGGCCCGGCGGGGAAGGUG
GCUCGGGGGCCCCCGAGUGUUACAGCCCCCCCGGCAGCAGCACUCGCCGAAUCCCGGGGCCGAGGGAGCGAGACCCGUCG
CCGCGCUCUCCCCCCUCGGGGGGGCCGGGCCACCCCUCCCACGGCGCGACCGCUCGGGGCGGACUGUCCCCAGUGCGCCC
CGGGCGGGUCGCGCCGUCGGGCCCGGGGGAGGCCACGCGCGCGUCCCCCGAAGAGGGGGACGGCGGAGCGAGCGCACGGG
GUCGGCGGCGACGUCGGCUACCCACCCGACCC(OMG)UCUUG(1MA)(A2M)AC(A2M)CGGACCAAGGAGU(OMC)UAA
CACGUGCGCGAGUCGGGGGCUCGCACGAAAGCCGCCGUGGCGCAAUGAAGGUGAAGGCCGGCGCGCUCGCCGGCCGAGGU
GGGAUCCCGAGGCCUCUCCAGUCCGCCGAGGGCGCACCACCGGCCCGUCUCGCCCGCCGCGCCGGGGAGGUGGAGCACGA
GCGCACGUGUUAGGACCC(OMG)A(A2M)AGAUGGUGA(A2M)C(PSU)AUGCCUGGGCAGGGCGAAGCCAGAGGAAACU
CUGGUGGAGGUCCG(PSU)AGCGGUCCUGACGUGCAAAUCGGUCGUCCGACCUGGGUAUAG(OMG)GGCGAAAGACUAAU
CGAACCAUCUAGUAGCUGGUUCCCUCCGAAGUUUCCC(PSU)CAGGA(PSU)AGCUGGCGCUCUCGCAGACCCGAGCCAC
GCAGUUUUAUCCGGUAAAGCGAA(PSU)GAUUAGAGGUCUUGGGGCCGAAACGAUCUCAACCUA(PSU)(PSU)CUCAAA
CUU(PSU)AAAUGGGUAAGAAGCCCGGCUCGCUGGCGUGGAGCCGGGCGUGGAAUGCGAGUGCCUAGUGGGCCAC(PSU)
U(PSU)UGGUAAGC(A2M)GAACUGGCGCUGCGGGAUGAACCGAACGCCGGGUUAAGGCGCCCGAUGCCGACGCUCAUCA
GACCCCAGAAAAGGUGUUGGUUGAUAUAGACAGCAGGACGGUGGCCAUGGAAGUCGGAAUCCGCUAAGGAGUGUGUAACA
ACUCACCUGCCGAAUCAACUAGCCCUGAAAAUGGAUGGCGCUGGAGCGUCGGGCCCAUACCCGGCCGUCGCCGGCAGUCG
AGAGUGGACGGGAGCGGCGGCCGGAGCCCCGCGGACGCUACGCCGCGACGAGUAGGAGGGCCGCUGCGGUGAGCCUUGAA
GCCUAGGGCGCGGGCCCGGGUGGAGCCGCCGCAGGUGCAGAU(OMC)UUGGUGGUAGU(A2M)(OMG)(OMC)AAAUAUU
CAAACGAGAACUUUGAAGGCCGAAGUGG(A2M)GAAGGGUUCCAUGUGAACAG(OMC)A(OMG)UUGAACAUGGGUCAGU
CGGUCCUGAGAGAUGGGCGAGCGCCGUUCCGAAGGGACGGGCGAUGGCCUCCGUUGCCCUCGGCCGAUCGAAAGGGAGUC
GGGUUCAGAUCCCCGAAUCCGGAGUGGCGGAGAUGGGCGCCGCGAGGCGUCCAGUGCGGUAACGCGACCGAUCCCGGAGA
AGCCGGCGGGAGCCCCGGGGAGAGUUCUCUU(PSU)UCUUUGUGAAGGGCAGGGCGCCCUGGAAUGGGUUCGCCCCGAGA
GAGGGGCCCGUGCCUUGGAAAGCGUCGCGGUUCCGGCGGCGUCCGGUGAGCUCUCGCUGGCCCUUGAAAAUCCGGGGGAG
AGGGUGUAAAUCUCGCGCCGGGCCGUACCC(A2M)UAUCCGCAGCAGGUCU(OMC)CAAGGUGAAC(A2M)GCCUCUGG
(OMC)AUGUUGGAACAA(OMU)G(PSU)AGGUAAGGGAAGUCGGCAAGC(OMC)GGAUCCGUAACUUC(OMG)GGAUAAG
GAUUGGCUCUAAGGGCUGGGUCGGUCGCGGCCGGCGCCUAGCAGCCGACUUAGAACUGGUGCGGACCAGG(OMG)GAAUC
CGAC(PSU)G(PSU)UUAAUUAAAACAAAGCAUCGCGAAGGCCCGCGGCGGGUGUUGACGCGAUGUGAUU(PSU)CUGCC
(OMC)AGUGCUCUGAAUGUCA(A2M)AGUGAAGAAAUUCAAUGAAGCGCGG(OMG)UAAACGGCGGGAGUAACUAUGACU
CUCUUAAGGUAGC(5MC)AA(A2M)UGCCUC(OMG)UCAUCUAAUUAGUGA(OMC)GCGCAUGAA(UY1)GGA(PSU)GA
(A2M)CGAG(A2M)UUCCCACUGU(OMC)CC(PSU)ACCUAC(PSU)A(PSU)CCAGCGAAACCAC(A2M)G(OMC)CAA
GGGAACGGGCU(PSU)GG(OMC)GGAAUCAGCGG(OMG)GAAAGAAGACCCUGUUGAGC(PSU)UGAC(OMU)CUAGUCU
GGCACGGUGAAGAGACAUGAGAACUCUGAUCGUUUUUUCACUGACCCGGUGAGGCGGGGGGGCGAGCCCCGAGGGGCUCU
CGCUUCUGGCGCCAAGCGCCCGGCCGCGCGCCGGCCGGGCGCGACCCGCUCCGGGGACAGUGCCAGGUGGGGAGUUUGAC
UG(OMG)GGCGGUACACCUGUCAAACGGUA(6MZ)CGCAGG(OMU)(OMG)UCCUAAGGCGAGCUCAGGGAGGACAGAAA
CCUCCCGUGGAGCAGAAGGGCAAAAGCUCGCUUGA(PSU)CU(PSU)GA(PSU)UUUCAG(OMU)ACGAA(PSU)ACAGA
CCGUGAAAGCGGGGCCUCACGAUCCUUCUGACCUU(PSU)UGGGUUU(PSU)AAGCAGGA(OMG)GUGUCAGAAAAGUUA
CCACAG(OMG)GAUAACUGGC(PSU)UGUGGCGGCCAAGCGUUCAUAGCGACG(PSU)CGCUUUUUGA(PSU)CCUU
(5MC)GAUGUCGG(OMC)(PSU)CUUCCUAUCAUUG(PSU)GAAGCAGAAUUCACCAAGCGU(PSU)(OMG)GAU(OMU)
(OMG)(PSU)UCACCCACUAAUAGGGAACG(PSU)G(A2M)GCUGGG(UR3)U(PSU)AGA(OMC)CGUCGUGAGACAGG
U(PSU)AGUUUUACCCUACUGAUG(A2M)UGUG(PSU)UG(PSU)UGCCAUGGUA(A2M)UCCUGCUCAGUACGAGAGGA
ACCGCAG(OMG)U(OMU)CA(OMG)ACAU(PSU)UGGUGUA(PSU)(OMG)UGCUUGGCUGAGGAGCCAAUGGGGCGAAG
CUACCA(PSU)CUGUGGGAUUAUGAC(PSU)GAACGCCUCUAAGUCAGAAUCCCGCCCAGGCGGAACGAUACGGCAGCGC
CGCGGAGCCUCGGUUGGCCUCGGAUAGCCGGUCCCCCGCCGGGGUCCGGUGCGGAGUGCCCUUCGUCCUGGGAAACGGGG
CGCGGCCGGAGAGGCGGCCGCCCCCUCGCCCGUCACGCACCGCACGUUCGUGGGGAACCUGGCGCUAAACCA(PSU)
(PSU)CGUAGACGACCUGCUUCUGGGUCGGGG(PSU)UUCGUACG(PSU)AGCAGAGCAGCUCCCUCGCUGCGAUCUAUU
GAAAGUCAGCCCUCGACACAAGGGUUUGU
;
L5
5 'polyribonucleotide'
;GUCUACGGCCAUACCACCCUGAACGCGCCCGAUCUCGUCUGAUCUCGGAAGCUAAGCAGGGUCGGGCCUGGUUAGUACUU
GGAUGGGAGACCGCCUGGGAAUACCGGGUGCUGUAGGCUU
;
L7
6 'polyribonucleotide'
;CGACUCUUAGCGGUGGAUCACUCGGCUCGUGCGUCGAUGAAGAACGCAGCUAGC(PSU)GCGAGAAUUAAUG(PSU)GAA
UU(OMG)CAGGACACAUUGAUCAUCGACACUUCGAACGCACUUGCGGCCCCGGGUUCCUCCCGGGGCUACGCCUGUCUGA
GCGUCGCU
;
L8
7 'polypeptide(L)'
;GRVIRGQRKGAGSVFRAHVKHRKGAARLRAVDFAERHGYIKGIVKDIIHDPGRGAPLAKVVFRDPYRFKKRTELFIAAEG
IHTGQFVYCGKKAQLNIGNVLPVGTMPEGTIVCCLEEKPGDRGKLARASGNYATVISHNPETKKTRVKLPSGSKKVISSA
NRAVVGVVAGGGRIDKPILKAGRAYHKYKAKRNCWPRVRGVAMNPVEHPFGGGNHQHIGKPSTIRRDAPAGRKVGLIAAR
RTGRLRGT
;
LA
8 'polypeptide(L)'
;SHRKFSAPRHGSLGFLPRKRSSRHRGKVKSFPKDDPSKPVHLTAFLGYKAGMTHIVREVDRPGSKVNKKEVVEAVTIVET
PPMVVVGIVGYVETPRGLRTFKTVFAEHISDECKRRFYKNWHKSKKKAFTKYCKKWQDEDGKKQLEKDFSSMKKYCQVIR
VIAHTQMRLLPLRQKKAHLMEIQVNGGTVAEKLDWARERLEQQVPVNQVFGQDEMIDVIGVTKGKGYKGVTSRWHTKKLP
RKTHRGLRKVACIGAWHPARVAFSVARAGQKGYHHRTEINKKIYKIGQGYLIKDGKLIKNNASTDYDLSDKSINPLGGFV
HYGEVTNDFVMLKGCVVGTKKRVLTLRKSLLVQTKRRALEKIDLKFIDTTSKFGHGRFQTMEEKKAFMGPLKKDRIAKEE
GA
;
LB
9 'polypeptide(L)'
;MACARPLISVYSEKGESSGKNVTLPAVFKAPIRPDIVNFVHTNLRKNNRQPYAVSELAGHQTSAESWGTGRAVARIPRVR
GGGTHRSGQGAFGNMCRGGRMFAPTKTWRRWHRRVNTTQKRYAICSALAASALPALVMSKGHRIEEVPELPLVVEDKVEG
YKKTKEAVLLLKKLKAWNDIKKVYASQRMRAGKGKMRNRRRIQRRGPCIIYNEDNGIIKAFRNIPGITLLNVSKLNILKL
APGGHVGRFCIWTESAFRKLDELYGTWRKAASLKSNYNLPMHKMINTDLSRILKSPEIQRALRAPRKKIHRRVLKKNPLK
NLRIMLKLNPYAKTMRRNTILRQARNHKLRVDKAAAAAAALQAKSDEK
;
LC
10 'polypeptide(L)'
;GFVKVVKNKAYFKRYQVKFRRRREGKTDYYARKRLVIQDKNKYNTPKYRMIVRVTNRDIICQIAYARIEGDMIVCAAYAH
ELPKYGVKVGLTNYAAAYCTGLLLARRLLNRFGMDKIYEGQVEVTGDEYNVESIDGQPGAFTCYLDAGLARTTTGNKVFG
ALKGAVDGGLSIPHSTKRFPGYDSESKEFNAEVHRKHIMGQNVADYMRYLMEEDEDAYKKQFSQYIKNSVTPDMMEEMYK
KAHAAIRENPVYEKKPKKEVKKKRWNRPKMSLAQKKDRVAQKKASFLRAQERA
;
LD
11 'polypeptide(L)'
;KGKPHCSRNPVLVRGIGRYSRSAMYSRKAMYKRKYSAAKSKVEKKKKEKVLATVTKPVGGDKNGGTRVVKLRKMPRYYPT
EDVPRKLLSHGKKPFSQHVRKLRASITPGTILIILTGRHRGKRVVFLKQLASGLLLVTGPLVLNRVPLRRTHQKFVIATS
TKIDISNVKIPKHLTDAYFKKKKLRKPRHQEGEIFDTEKEKYEITEQRKIDQKAVDSQILPKIKAIPQLQGYLRSVFALT
NGIYPHKLVF
;
LE
12 'polypeptide(L)'
;NFAELKIKRLRKKFAQKMLRKARRKLIYEKAKHYHKEYRQMYRTEIRMARMARKAGNFYVPAEPKLAFVIRIRGINGVSP
KVRKVLQLLRLRQIFNGTFVKLNKASINMLRIVEPYIAWGYPNLKSVNELIYKRGYGKINKKRIALTDNALIARSLGKYG
IICMEDLIHEIYTVGKRFKEANNFLWPFKLSSPRGGMKKKTTHFVEGGDAGNREDQINRLIRRMN
;
LF
13 'polypeptide(L)'
;KVVNPLFEKRPKNFGIGQDIQPKRDLTRFVKWPRYIRLQRQRAILYKRLKVPPAINQFTQALDRQTATQLLKLAHKYRPE
TKQEKKQRLLARAEKKAAGKGDVPTKRPPVLRAGVNTVTTLVENKKAQLVVIAHDVDPIELVVFLPALCRKMGVPYCIIK
GKARLGRLVHRKTCTTVAFTQVNSEDKGALAKLVEAIRTNYNDRYDEIRRHWGGNVLGPKSVARIAKLEKAKAKELATKL
G
;
LG
14 'polypeptide(L)'
;MKTILSNQTVDIPENVDITLKGRTVIVKGPRGTLRRDFNHINVELSLLGKKKKRLRVDKWWGNRKELATVRTICSHVQNM
IKGVTLGFRYKMRSVYAHFPINVVIQENGSLVEIRNFLGEKYIRRVRMRPGVACSVSQAQKDELILEGNDIELVSNSAAL
IQQATTVKNKDIRKFLDGIYVSEKGTVQQA
;
LH
15 'polypeptide(L)'
;GRRPARCYRYCKNKPYPKSRFCRGVPDAKIRIFDLGRKKAKVDEFPLGGHMVSDEYEQLSSEALEAARICANKYMVKSCG
RDGFHMRVRLHPFHVIRINKMLSCAGADRLQTGMRGAFGKPQGTVARVHIGQVIMSIRTKLQNEEHVIEALRRAKFKFPG
RQKIHISKKWGFTKFNADEFEDMVAKKCLIPDGCGVKYVPSHGPLDKWRVLHS
;
LI
16 'polypeptide(L)'
;QDQGEKENPMRELRIRKLCLNICVGESGDRLTRAAKVLEQLTGQTPVFSKARYTVRSFGIRRNEKIAVHCTVRGAKAEEI
LEKGLKVREYELRKNNFSDTGNFGFGIQEHIDLGIKYDPSIGIYGLDFYVVLGRPGFSIADKKRRTGCIGAKHRISKEEA
MRWFQQKYDGIILPGK
;
LJ
17 'polypeptide(L)'
;APSRNGMVLKPHFHKDWQRRVATWFNQPARKIRRRKARQAKARRIAPRPASGPIRPIVRCPTVRYHTKVRAGRGFSLEEL
RVAGIHKKVARTIGISVDPRRRNKSTESLQANVQRLKEYRSKLILFPRKPSAPKKGDSSAEELKLATQLTGPVMPVRNVY
KKEKARVITEEEKNFKAFASLRMARANARLFGIRAKRAKEAAEQDVEKKK
;
LL
18 'polypeptide(L)'
;VFRRFVEVGRVAYVSFGPHAGKLVAIVDVIDQNRALVDGPCTQVRRQAMPFKCMQLTDFILKFPHSAHQKYVRQAWQKAD
INTKWAATRWAKKIEARERKAKMTDFDRFKVMKAKKMRNRIIKNEVKKLQKAALLKASP
;
LM
19 'polypeptide(L)'
;GAYKYIQELWRKKQSDVMRFLLRVRCWQYRQLSALHRAPRPTRPDKARRLGYKAKQGYVIYRIRVRRGGRKRPVPKGATY
GKPVHHGVNQLKFARSLQSVAEERAGRHCGALRVLNSYWVGEDSTYKFFEVILIDPFHKAIRRNPDTQWITKPVHKHREM
RGLTSAGRKSRGLGKGHKFHHTIGGSRRAAWRRRNTLQLHRYR
;
LN
20 'polypeptide(L)'
;EVQVLVLDGRGHLLGRLAAIVAKQVLLGRKVVVVRCEGINISGNFYRNKLKYLAFLRKRMNTNPSRGPYHFRAPSRIFWR
TVRGMLPHKTKRGQAALDRLKVFDGIPPPYDKKKRMVVPAALKVVRLKPTRKFAYLGRLAHEVGWKYQAVTATLEEKRKE
KAKIHYRKKKQLMRLRKQAEKNVEKKIDKYTEVLKTHGLLV
;
LO
21 'polypeptide(L)'
;VRYSLDPENPTKSCKSRGSNLRVHFKNTRETAQAIKGMHIRKATKYLKDVTLQKQCVPFRRYNGGVGRCAQAKQWGWTQG
RWPKKSAEFLLHMLKNAESNAELKGLDVDSLVIEHIQVNKAPKMRRRTYRAHGRINPYMSSPCHIEMILTEKE
;
LP
22 'polypeptide(L)'
;GVDIRHNKDRKVRRKEPKSQDIYLRLLVKLYRFLARRTNSTFNQVVLKRLFMSRTNRPPLSLSRMIRKMKLPGRENKTAV
VVGTITDDVRVQEVPKLKVCALRVTSRARSRILRAGGKILTFDQLALDSPKGCGTVLLSGPRKGREVYRHFGKAPGTPHS
HTKPYVRSKGRKFERARGRRASRGYKN
;
LQ
23 'polypeptide(L)'
;SMLRLQKRLASSVLRCGKKKVWLDPNETNEIANANSRQQIRKLIKDGLIIRKPVTVHSRARCRKNTLARRKGRHMGIGKR
KGTANARMPEKVTWMRRMRILRRLLRRYRESKKIDRHMYHSLYLKVKGNVFKNKRILMEHIHKLKADKARKKLLADQAEA
RRSKTKEARKRREERLQAKKEEIIKTL
;
LR
24 'polypeptide(L)'
;KASGTLREYKVVGRCLPTPKCHTPPLYRMRIFAPNHVVAKSRFWYFVSQLKKMKKSSGEIVYCGQVFEKSPLRVKNFGIW
LRYDSRSGTHNMYREYRDLTTAGAVTQCYRDMGARHRARAHSIQIMKVEEIAASKCRRPAVKQFHDSKIKFPLPHRVLRR
QHKPRFTTKRPNTFF
;
LS
25 'polypeptide(L)'
;TNTKGKRRGTRYMFSRPFRKHGVVPLATYMRIYKKGDIVDIKGMGTVQKGMPHKCYHGKTGRVYNVTQHAVGIVVNKQVK
GKILAKRINVRIEHIKHSKSRDSFLKRVKENDQKKKEAKEKGTWVQLKRQPAPPREAHFVRTNGKEPELLEPIPYEFMA
;
LT
26 'polypeptide(L)'
;QVLKFTLDCTHPVEDGIMDAANFEQFLQERIKVNGKAGNLGGGVVTIERSKSKITVTSEVPFSKRYLKYLTKKYLKKNNL
RDWLRVVANSKESYELRYFQI
;
LU
27 'polypeptide(L)'
;SGAKFRISLGLPVGAVINCADNTGAKNLYIISVKGIKGRLNRLPAAGVGDMVMATVKKGKPELRKKVHPAVVIRQRKSYR
RKDGVFLYFEDNAGVIVNNKGEMKGSAITGPVAKECADLWPRIASNAGSIA
;
LV
28 'polypeptide(L)'
;MKVELCSFSGYKIYPGHGRRYARTDGKVFQFLNAKCESAFLSKRNPRQINWTVLYRRKHKKGQSEEIQKKRTRRAVKFQR
AITGASLADIMAKRNQKPEVRKAQREQAIRAAKEAKKAKQASKK
;
LW
29 'polypeptide(L)'
;KKKIRTSPTFRRPKTLRLRRQPKYPRKSAPRRNKLDHYAIIKFPLTTESAMKKIEDNNTLVFIVDVKANKHQIKQAVKKL
YDIDVAKVNTLIRPDGEKKAYVRLAPDYDALDVANKIGII
;
LX
30 'polypeptide(L)'
;MKFNPFVTSDRSKNRKRHFNAPSHIRRKIMSSPLSKELRQKYNVRSMPIRKDDEVQVVRGHYKGQQIGKVVQVYRKKYVI
YIERVQREKANGTTVHVGIHPSKVVITRLKLDKDRKKILERKAKSRQVGKEKGK
;
LY
31 'polypeptide(L)'
;GKFMKPGKVVLVLAGRYSGRKAVIVKNIDDGTSDRPYSHALVAGIDRYPRKVTAAMGKKKIAKRSKIKSFVKVYNYNHLM
PTRYSVDIPLDKTVVNKDVFRDPALKRKARREAKVKFEERYKTGKNKWFFQKLRF
;
LZ
32 'polypeptide(L)'
;PSRLRKTRKLRGHVSHGHGRIGKHRKHPGGRGNAGGLHHHRINFDKYHPGYFGKVGMKHYHLKRNQSFCPTVNLDKLWTL
VSEQTRVNAAKNKTGAAPIIDVVRSGYYKVLGKGKLPKQPVIVKAKFFSRRAEEKIKSVGGACVLVA
;
La
33 'polypeptide(L)'
;AKSKNHTTHNQSRKWHRNGIKKPRSQRYESLKGVDPKFLRNMRFAKKHNKKGLKKMQANNAKAMSARAEAIKALVKPKEV
KPKIPKGVSRKLDRLAYIAHPKLGKRARARIAKGLRLCRPK
;
Lb
34 'polypeptide(L)'
;KSLESINSRLQLVMKSGKYVLGYKQTLKMIRQGKAKLVILANNCPALRKSEIEYYAMLAKTGVHHYSGNNIELGTACGKY
YRVCTLAIIDPGDSDIIR
;
Lc
35 'polypeptide(L)'
;NEVVTREYTINIHKRIHGVGFKKRAPRALKEIRKFAMKEMGTPDVRIDTRLNKAVWAKGIRNVPYRIRVRLSRKRNEDED
SPNKLYTLVTYVPVTTFKNLQTVNVDE
;
Ld
36 'polypeptide(L)'
;AALRPLVKPKIVKKRTKKFIRHQSDRYVKIKRNWRKPRGIDNRVRRRFKGQILMPNIGYGSNKKTKHMLPSGFRKFLVHN
VKELEVLLMCNKSYCAEIAHNVSSKNRKAIVERAAQLAIRVTNPNARL
;
Le
37 'polypeptide(L)'
;SGRLWSKAIFAGYKRGLRNQREHTALLKIEGVYARDETEFYLGKRCAYVYKAKNNTVTPGGKPNKTRVIWGKVTRAHGNS
GMVRAKFRSNLPAKAIGHRIRVMLYPSRI
;
Lf
38 'polypeptide(L)'
;VQRLTYRRRLSYNTASNKTRLSRTPGNRIVYLYTKKVGKAPKSACGVCPGRLRGVRAVRPKVLMRLSKTKKHVSRAYGGS
MCAKCVRDRIKRAFLIEEQKIVVKVLKAQAQSQK
;
Lg
39 'polypeptide(L)'
;AKIKARDLRGKKKEELLKQLDDLKVELSQLRVAKVTGGAASKLSKIRVVRKSIARVLTVINQTQKENLRKFYKGKKYKPL
DLRPKKTRAMRRRLNKHEENLKTKKQQRKERLYPLRKYAVKA
;
Lh
40 'polypeptide(L)'
;ALRYPMAVGLNKGHKVTKNVSKPRHSRRRGRLTKHTKFVRDMIREVCGFAPYERRAMELLKVSKDKRALKFIKKRVGTHI
RAKRKREELSNVLAAMRKAAAK
;
Li
41 'polypeptide(L)'
;TKGTSSFGKRRNKTHTLCRRCGSKAYHLQKSTCGKCGYPAKRKRKYNWSAKAKRRNTTGTGRMRHLKIVYRRFRHGFREG
TTPKPK
;
Lj
42 'polypeptide(L)' PRKIEEIKDFLLTARRKDAKSVKIKKNKDNVKFKVRCSRYLYTLVITDKEKAEKLKQSLPPGLAVKELK Lk
43 'polypeptide(L)' SSHKTFRIKRFLAKKQKQNRPIPQWIRMKTGNKIRYNSKRRHWRRTKLGL Ll
44 'polypeptide(L)' IIEPSLRQLAQKYNCDKMICRKCYARLHPRAVNCRKKKCGHTNNLRPKKKVK Lm
45 'polypeptide(L)' MRAKWRKKRMRRLKRKRRKMRQRS Ln
46 'polypeptide(L)'
;VNVPKTRRTFCKKCGKHQPHKVTQYKKGKDSLYAQGKRRYDRKQSGYGGQTKPIFRKKAKTTKKIVLRLECVEPNCRSKR
MLAIKRCKHFELGGDKKRKGQVIQF
;
Lo
47 'polypeptide(L)'
;AKRTKKVGIVGKYGTRYGASLRKMVKKIEISQHAKYTCSFCGKTKMKRRAVGIWHCGSCMKTVAGGAWTYNTTSAVTVKS
AIRRLKELKDQ
;
Lp
48 'polypeptide(L)'
;SAHLQWMVVRNCSSFLIKRNKQTYSTEPNNLKARNSFRYNGLIHRKTVGVEPAADGKGVVVVIKRRSGQRKPATSYVRTT
INKNARATLSSIRHMIRKNKYRPDLRMAAIRRASAILRSQKPVMV
;
Lr
49 'polypeptide(L)'
;DRATWKSNYFLKIIQLLDDYPKCFIVGADNVGSKQMQQIRMSLRGKAVVLMGKNTMMRKAIRGHLENNPALEKLLPHIRG
NVGFVFTKEDLTEIRDMLLANKVPAAARAGAIAPCEVTVPAQNTGLGPEKTSFFQALGITTKISRGTIEILSDVQLIKTG
DKVGASEATLLNMLNISPFSFGLVIQQVFDNGSIYN
;
Ls
50 'polypeptide(L)'
;PNEIKVVYLRCTGGEVGATSALAPKIGPLGLSPKKVGDDIAKATGDWKGLRITVKLTIQNRQAQIEVVPSASALIIKALK
EPPRDRKKQKNIKHSGNITFDEIVNIARQMRHRSLARELSGTIKEILGTAQSVGCNVDGRHPHDIIDDINSGAVECP
;
Lt
51 'polypeptide(L)'
;MAVQISKKRKFVADGIFKAELNEFLTRELAEDGYSGVEVRVTPTRTEIIILATRTQNVLGEKGRRIRELTAVVQKRFGFP
EGSVELYAEKVATRGLCAIAQAESLRYKLLGGLAVRRACYGVLRFIMESGAKGCEVVVSGKLRGQRAKSMKFVDGLMIHS
GDPVNYYVDTAVRHVLLRQGVLGIKVKIMLPWDPTGKIGPKKPLPDHVSIVEPKDEILPTTPISEQK
;
SD
52 'polypeptide(L)'
;DIKLFGKWSTDDVQINDISLQDYIAVKEKYAKYLPHSAGRYAAKRFRKAQCPIVERLTNSMMMHGRNNGKKLMTVRIVKH
AFEIIHLLTGENPLQVLVNAIINSGPREDSTRIGRAGTVRRQAVDVSPLRRVNQAIWLLCTGAREAAFRNIKTIAECLAD
ELINAAKGSSNSYAIKKKDELERVAKSNR
;
SF
53 'polypeptide(L)'
;MLMPKKNRIAIYELLFKEGVMVAKKDVHMPKHPELADKNVPNLHVMKAMQSLKSRGYVKEQFAWRHFYWYLTNEGIQYLR
DYLHLPPEIVPATLRRSR
;
SK
54 'polypeptide(L)'
;VMDVNTALQEVLKTALIHDGLARGIREAAKALDKRQAHLCVLASNCDEPMYVKLVEALCAEHQINLIKVDDNKKLGEWVG
LCKIDREGKPRKVVGCSCVVVKDYGKESQAKDVIEEYFKCKK
;
SM
55 'polypeptide(L)'
;TYRGVDLDQLLDMSYEQLMQLYSARQRRRLNRGLRRKQHSLLKRLRKAKKEAPPMEKPEVVKTHLRDMIILPEMVGSMVG
VYNGKTFNQVEIKPEMIGHYLGEFSITYKPVKHGRPGIGAT
;
SP
56 'polypeptide(L)'
;SKGPLQSVQVFGRKKTATAVAHCKRGNGLIKVNGRPLEMIEPRTLQYKLLEPVLLLGKERFAGVDIRVRVKGGGHVAQIY
AIRQSISKALVAYYQKYVDEASKKEIKDILIQYDRTLLVADPRRCESKKFGGPGARARYQKSYR
;
SQ
57 'polypeptide(L)'
;MGRVRTKTVKKAARVIIEKYYTRLGNDFHTNKRVCEEIAIIPSKKLRNKIAGYVTHLMKRIQRGPVRGISIKLQEEERER
RDNYVPEVSALDQEIIEVDPDTKEMLKLLDFGSLSNLQVTQPTVGMNFKTPRGPV
;
SR
58 'polypeptide(L)'
;MSLVIPEKFQHILRVLNTNIDGRRKIAFAITAIKGVGRRYAHVVLRKADIDLTKRAGELTEDEVERVITIMQNPRQYKIP
DWFLNRQKDVKDGKYSQVLANGLDNKLREDLERLKKIRAHRGLRHFWGLRVRGQHTKTTGRRGRT
;
SS
59 'polypeptide(L)'
;PGVTVKDVNQQEFVRALAAFLKKSGKLKVPEWVDTVKLAKHKELAPYDENWFYTRAASTARHLYLRGGAGVGSMTKIYGG
RQRNGVMPSHFSRGSKSVARRVLQALEGLKMVEKDQDGGRKLTPQGQRDLDRIAGQVAAANKK
;
ST
60 'polypeptide(L)'
;AIHRIRITLTSRNVKSLEKVCADLIRGAKEKNLKVKGPVRMPTKTLRITTRKTPCGEGSKTWDRFQMRIHKRLIDLHSPS
EIVKQITSISIEPGVEVEVTIADA
;
SU
61 'polypeptide(L)' RDKLNNLVLFDKATYDKLCKEVPNYKLITPAVVSERLKIRGSLARAALQELLSKGLIKLVSKHRAQVIYTRNTKG SZ
62 'polypeptide(L)' RVQPIKLARVTKVLGRTGSQGQCTQVRVEFMDDTSRSIIRNVKGPVREGDVLTLLESEREARRL Sc
63 'polypeptide(L)' GHQQLYWSHPRKFGQGSRSCRVCSNRHGLIRKYGLNMCRQCFRQYAKDIGFIKLD Sd
64 'polypeptide(L)' YTTPKKNKHKRKKVKLAVLKYYKVDENGKISRLRRECPSDECGAGVFMASHFDRHYCGKCCLTYCFN Sf
65 'polypeptide(L)'
;TEQMTLRGTLKGHNGWVTQIATTPQFPDMILSASRDKTIIMWKLTRDETNYGIPQRALRGHSHFVSDVVISSDGQFALSG
SWDGTLRLWDLTTGTTTRRFVGHTKDVLSVAFSSDNRQIVSGSRDKTIKLWNTLGVCKYTVQDESHSEWVSCVRFSPNSS
NPIIVSCGWDKLVKVWNLANCKLKTNHIGHTGYLNTVTVSPDGSLCASGGKDGQAMLWDLNEGKHLYTLDGGDIINALCF
SPNRYWLCAATGPSIKIWDLEGKIIVDELKQEVISTSSKAEPPQCTSLAWSADGQTLFAGYTDNLVRVWQVTI
;
Sg
66 'polypeptide(L)'
;GALDVLQMKEEDVLKFLAAGTHLGGTNLDFQMEQYIYKRKSDGIYIINLKRTWEKLLLAARAIVAIENPADVSVISSRNT
GQRAVLKFAAATGATPIAGRFTPGTFTNQIQAAFREPRLLVVTDPRADHQPLTEASYVNLPTIALCNTDSPLRYVDIAIP
CNNKGAHSVGLMWWMLAREVLRMRGTISREHPWEVMPDLYFYRDPEEIEKEEQAAAEKAVT
;
SA
67 'polypeptide(L)'
;VVDPFSKKDWYDVKAPAMFNIRNIGKTLVTRTQGTKIASDGLKGRVFEVSLADLQNDEVAFRKFKLITEDVQGKNCLTNF
HGMDLTRDKMCSMVKKWQTMIEAHVDVKTTDGYLLRLFCVGFTKKRNNQIRKTSYAQHQQVRQIRKKMMEIMTREVQTND
LKEVVNKLIPDSIGKDIEKACQSIYPLHDVFVRKVKMLKKPKFELGKLMELHGE
;
SB
68 'polypeptide(L)'
;EWMPVTKLGRLVKDMKIKSLEEIYLFSLPIKESEIIDFFLGASLKDEVLKIMPVQKQTRAGQRTRFKAFVAIGDYNGHVG
LGVKCSKEVATAIRGAIILAKLSIVPVRRGYWGNKIGKPHTVPCKVTGRCGSVLVRLIPAPRGTGIVSAPVPKKLLMMAG
IDDCYTSARGCTATLGNFAKATFDAISKTYSYLTPDLWKETVFTKSPYQEFTDHLVKTHTRV
;
SC
69 'polypeptide(L)'
;ARGPKKHLKRVAAPKHWMLDKLTGVFAPRPSTGPHKLRECLPLIIFLRNRLKYALTGDEVKKICMQRFIKIDGKVRTDIT
YPAGFMDVISIDKTGENFRLIYDTKGRFAVHRITPEEAKYKLCKVRKIFVGTKGIPHLVTHDARTIRYPDPLIKVNDTIQ
IDLETGKITDFIKFDTGNLCMVTGGANLGRIGVITNRERHPGSFDVVHVKDANGNSFATRLSNIFVIGKGNKPWISLPRG
KGIRLTIAEERDKRLAAKQSSG
;
SE
70 'polypeptide(L)'
;MKLNISFPATGCQKLIEVDDERKLRTFYEKRMATEVAADALGEEWKGYVVRISGGNDKQGFPMKQGVLTHGRVRLLLSKG
HSCYRPRRTGERKRKSVRGCIVDANLSVLNLVIVKKGEKDIPGLTDTTVPRRLGPKRASRIRKLFNLSKEDDVRQYVVRK
PLNKEGKKPRTKAPKIQRLVTPRVLQHKRRRIALKKQRTKKNKEEAAEYAKLLAKRMKEAKEKRQEQIAKRRRLSSL
;
SG
71 'polypeptide(L)'
;SAKIVKPNGEKPDEFESGISQALLELEMNSDLKAQLRELNITAAKEIEVGGGRKAIIIFVPVPQLKSFQKIQVRLVRELE
KKFSGKHVVFIAQRRILPKPTRKSRTKNKQKRPRSRTLTAVHDAILEDLVFPSEIVGKRIRVKLDGSRLIKVHLDKAQQN
NVEHKVETFSGVYKKLTGKDVNFEFPEFQ
;
SH
72 'polypeptide(L)'
;GISRDNWHKRRKTGGKRKPYHKKRKYELGRPAANTKIGPRRIHTVRVRGGNKKYRALRLDVGNFSWGSECCTRKTRIIDV
VYNASNNELVRTKTLVKNCIVLIDSTPYRQWYESHYALPLGRKKGAKLTPEEEEILNKKRSKKIQKKYDERKKNAKISSL
LEEQFQQGKLLACIASRPGQCGRADGYVLEGKELEFYLRKIKARKG
;
SI
73 'polypeptide(L)'
;PVARSWVCRKTYVTPRRPFEKSRLDQELKLIGEYGLRNKREVWRVKFTLAKIRKAARELLTLDEKDPRRLFEGNALLRRL
VRIGVLDEGKMKLDYILGLKIEDFLERRLQTQVFKLGLAKSIHHARVLIRQRHIRVRKQVVNIPSFIVRLDSQKHIDFSL
RSPYGGGRPGRVKRKNAKKGQGGAG
;
SJ
74 'polypeptide(L)'
;ADIQTERAYQKQPTIFQNKKRVLLGETGKEKLPRYYKNIGLGFKTPKEAIEGTYIDKKCPFTGNVSIRGRILSGVVTKMK
MQRTIVIRRDYLHYIRKYNRFEKRHKNMSVHLSPCFRDVQIGDIVTVGECRPLSKTVRFNVLKVTKAAGTKKQ
;
SL
75 'polypeptide(L)'
;GRMHAPGKGLSQSALPYRRSVPTWLKLTSDDVKEQIYKLAKKGLTPSQIGVILRDSHGVAQVRFVTGNKILRILKSKGLA
PDLPEDLYHLIKKAVAVRKHLERNRKDKDAKFRLILIESRIHRLARYYKTKRVLPPNWKYESSTASALVA
;
SN
76 'polypeptide(L)'
;EQVISLGPQVAEGENVFGVCHIFASFNDTFVHVTDLSGKETICRVTGGMKVKADRDESSPYAAMLAAQDVAQRCKELGIT
ALHIKLRATGGNRTKTPGPGAQSALRALARSGMKIGRIEDVTPIPSDSTRRKGGRRGRRL
;
SO
77 'polypeptide(L)'
;MQNDAGEFVDLYVPRKCSASNRIIGAKDHASIQMNVAEVDKVTGRFNGQFKTYAICGAIRRMGESDDSILRLAKADGIVS
KNF
;
SV
78 'polypeptide(L)'
;VRMNVLADALKSINNAEKRGKRQVLIRPCSKVIVRFLTVMMKHGYIGEFEIIDDHRAGKIVVNLTGRLNKCGVISPRFDV
QLKDLEKWQNNLLPSRQFGFIVLTTSAGIMDHEEARRKHTGGKILGFFF
;
SW
79 'polypeptide(L)'
;GKCRGLRTARKLRSHRRDQKWHDKQYKKAHLGTALKANPFGGASHAKGIVLEKVGVEAKQPNSAIRKCVRVQLIKNGKKI
TAFVPNDGCLNFIEENDEVLVAGFGRKGHAVGDIPGVRFKVVKVANVSLLALYKGKKERPR
;
SX
80 'polypeptide(L)'
;NDTVTIRTRKFMTNRLLQRKQMVIDVLHPGKATVPKTEIREKLAKMYKTTPDVIFVFGFRTHFGGGKTTGFGMIYDSLDY
AKKNEPKHRLARHGLYEKKKTSRKQRKERKNRMKKVRGTAKANVGAGKKPK
;
SY
81 'polypeptide(L)'
;TKKRRNNGRAKKGRGHVQPIRCTNCARCVPKDKAIKKFVIRNIVEAAAVRDISEASVFDAYVLPKLYVKLHYCVSCAIHS
KVVRNRSREARKDRTPPPRFRP
;
Sa
82 'polypeptide(L)'
;PLAKDLLHPSPEEEKRKHKKKRLVQSPNSYFMDVKCPGCYKITTVFSHAQTVVLCVGCSTVLCQPTGGKARLTEGCSFRR
KQH
;
Sb
83 'polypeptide(L)' VHGSLARAGKVRGQTPKVAKQEKKKKKTGRAKRRMQYNRRFVNVVPTFGKKKGPNANS Se
84 'polyribonucleotide'
;UACCUGGUUGAUCCUGCCAGUAGCAU(A2M)UGCUUGUCUCAAAGAUUAAGCCAUGCAUGUCUAAGUACGCACGGCCGGU
ACAGUGAAACUGCGAA(PSU)GGCUC(A2M)UUAAA(PSU)CAG(PSU)UAUGGU(OMU)CCUU(OMU)GGUCGCUCGCU
CCUCUCCCACUUGGAUAACUGUGGUA(A2M)UUCUAG(A2M)GCUAA(OMU)A(OMC)AUGCCGACGGGCGCUGACCCCC
UUCGCGGGGGGGAUGCGUGCAUUUAUCAGUGGUGACUCUAGAUAACCUCGGGCCGAUCGCACGCCCCCCGUGGCGGCGAC
GACCCAUUCGAACGUC(OMU)GCCCUAUCAACUUUCGAUGGUAGUCGCCGUGCCUACCAUGGUGACCACGGG(PSU)GAC
GGGGAAUCAGGGUUCGAU(OMU)CCGGAGA(OMG)GGAGCCUGAGAAACGGCUACCACAU(OMC)CAAGG(A2M)AGGCA
GCAGGCGCGC(A2M)AAUUACCCACUCCCGACCCGGGGA(OMG)GUAGUGA(OMC)GAAAAAUAACAAUACAGGACUCUU
UCGAGGCCCUGUAAUUGGAAUGAGUCCACUUUAA(A2M)UCCUUUAACGAGGAUCCAUUGGAG(OMG)GCAAGUCUGGUG
CCAGCAGCCGCGG(OMU)AAUUCCAGCUCCAAUA(OMG)CGUA(PSU)A(PSU)UAAAGUUGCUGCAGUU(A2M)AAAAG
CUCGUAG(PSU)U(OMG)GA(PSU)CUUGGGAGCGGGCGUCCCCGCCCUCUCGGCCGGGGCCCGAAGCG(OMU)U(PSU)
ACUUUGAAAAAA(PSU)UAGAGUGUUCAAAGCAGGCCCGAGCCGCCUGGAUACCGCAGCUAGGAA(PSU)AA(PSU)
(OMG)GAAUAGGACCGCGGUUCUAUUUUGUUGGUUUUCGGAACUGAGGCCAUGAUUAAGAGGGACGGCCGGGGGCAUUCG
UAUUGCGCCGCUAGAGGUGAAAU(PSU)CUUGGACCGGCGCAAGACGGACCAGAGCGAAAGCAUU(PSU)GCCAAGAAUG
UUUUCAUUAAUCAAGA(A2M)CGAAAGUCGGAGG(PSU)(PSU)CGAAGACGA(PSU)CAGAUACCGUCGUAGUUCCGAC
CA(PSU)AAACGAUGCCGACCGGCGAUGCGGCGGCGUUAUUCCCAUGACCCGCCGGGCAGCUUCCGGGAAACCAAAGUCU
UUGGGUUCCGGGGGGAGUA(PSU)GG(PSU)UGCAAAGCUGAAACUUAAAGGAAUUGACGGAAGGGCACCACCAGGAGUG
GAGCC(PSU)GCGGCUUAAUU(PSU)GAC(B8N)CAACACGGGAAACCUCACCCGGC(OMC)CGGACACGGACAGGA
(OMU)UGACAGAUUGAUAGCUCUUUCUCGAUUCCGUGGGUGG(OMU)G(OMG)UGCAUGGC(4AC)GUUCUUAGUUGGUG
GAGCGAUUUGUCUGG(PSU)UAAUUCCGAUAACGA(A2M)CGAGACU(OMC)UGGCAUGCUAACUAGUUACGCGACCCCC
GAGCGGUCGGCGUCCCCCAACU(OMU)CUUAGAGGGACAAGUGGCGUUCAGCCACCCGAGAUUGAGCAAUAACA(OMG)G
UCUGUGAUGCCCUUAGAUGUCCGGGGCUGCACGCGCGCUACACUGACUGGCUCAGCGUGUGCCUACCCUACGCCGGCAGG
CGCGGGUAACCCGUUGAACCCCAUUCGUGAUGGGGAUCGGGGAUUGCAAUUAUUCCCCAUGAACGAG(G7M)AAUUCCCA
GUAAGUGCGGGUCAUAAGCUUGCGUUGAUUAAGUCCCUGCCCUUUGUACACACCG(OMC)CCGUCGCUACUACCGAUUGG
AUGGUUUAGUGAGGCCCUCGGAUCGGCCCCGCCGGGGUCGGCCCACGGCCCUGGCGGAGCGCUGAGAAGACGGUCGAACU
UGACUAUCUAGAGGAAGUAAAAGUCGUA(6MZ)CAAGGUUUC(4AC)GUAGGUG(MA6)(MA6)CCUGCGGAAGGAUCAU
UA
;
S2
85 'polyribonucleotide' GCCCGGAUAGCUCAGCUGUAGAGCAUCAGACUUUUAAUCUGAGGGUCCAGGGUUCAAGUCCCUGUUCGGGCGCCA Zt
86 'polypeptide(L)' IMNQEKLAKLQAQVRIGGKGTARRKKKVVHR CI
#
# COMPACT_ATOMS: atom_id res chain seq x y z
CA GLU B 1 -14.85 20.42 99.55
C GLU B 1 -15.52 19.41 98.63
N LYS B 2 -14.97 19.25 97.42
CA LYS B 2 -15.56 18.40 96.40
C LYS B 2 -14.45 17.63 95.70
N THR B 3 -14.56 16.31 95.71
CA THR B 3 -13.56 15.43 95.10
C THR B 3 -14.03 14.98 93.73
N HIS B 4 -13.07 14.57 92.90
CA HIS B 4 -13.33 14.15 91.53
C HIS B 4 -13.04 12.66 91.40
N ILE B 5 -14.02 11.93 90.87
CA ILE B 5 -13.93 10.47 90.71
C ILE B 5 -14.24 10.14 89.26
N ASN B 6 -13.43 9.27 88.66
CA ASN B 6 -13.62 8.84 87.29
C ASN B 6 -14.44 7.55 87.26
N ILE B 7 -15.46 7.52 86.41
CA ILE B 7 -16.36 6.39 86.27
C ILE B 7 -16.35 5.94 84.81
N VAL B 8 -16.25 4.63 84.60
CA VAL B 8 -16.36 4.05 83.26
C VAL B 8 -17.49 3.04 83.27
N VAL B 9 -18.12 2.87 82.11
CA VAL B 9 -19.23 1.94 81.93
C VAL B 9 -18.76 0.80 81.04
N ILE B 10 -18.87 -0.42 81.54
CA ILE B 10 -18.45 -1.62 80.82
C ILE B 10 -19.62 -2.58 80.73
N GLY B 11 -19.71 -3.30 79.62
CA GLY B 11 -20.82 -4.19 79.37
C GLY B 11 -20.62 -5.03 78.12
N HIS B 12 -21.66 -5.15 77.30
CA HIS B 12 -21.61 -5.92 76.07
C HIS B 12 -22.07 -5.06 74.90
N VAL B 13 -21.96 -5.63 73.71
CA VAL B 13 -22.57 -5.04 72.54
C VAL B 13 -24.09 -5.11 72.69
N ASP B 14 -24.76 -3.98 72.44
CA ASP B 14 -26.22 -3.87 72.56
C ASP B 14 -26.70 -4.26 73.95
N SER B 15 -25.91 -3.92 74.95
CA SER B 15 -26.24 -4.20 76.35
C SER B 15 -26.81 -2.99 77.07
N GLY B 16 -27.22 -1.96 76.33
CA GLY B 16 -27.57 -0.71 76.97
C GLY B 16 -26.40 0.01 77.59
N LYS B 17 -25.20 -0.17 77.02
CA LYS B 17 -24.01 0.43 77.59
C LYS B 17 -24.07 1.95 77.55
N SER B 18 -24.78 2.52 76.57
CA SER B 18 -24.86 3.95 76.40
C SER B 18 -26.26 4.52 76.60
N THR B 19 -27.31 3.72 76.40
CA THR B 19 -28.66 4.23 76.57
C THR B 19 -28.94 4.60 78.02
N THR B 20 -28.55 3.73 78.96
CA THR B 20 -28.82 4.02 80.36
C THR B 20 -27.96 5.17 80.88
N THR B 21 -26.75 5.35 80.36
CA THR B 21 -25.97 6.52 80.79
C THR B 21 -26.45 7.79 80.10
N GLY B 22 -27.09 7.69 78.93
CA GLY B 22 -27.79 8.85 78.39
C GLY B 22 -28.98 9.24 79.26
N HIS B 23 -29.74 8.24 79.73
CA HIS B 23 -30.77 8.50 80.72
C HIS B 23 -30.18 9.14 81.98
N LEU B 24 -29.05 8.61 82.44
CA LEU B 24 -28.41 9.14 83.65
C LEU B 24 -27.98 10.60 83.46
N ILE B 25 -27.37 10.91 82.32
CA ILE B 25 -26.88 12.26 82.10
C ILE B 25 -28.05 13.23 81.88
N TYR B 26 -29.16 12.75 81.31
CA TYR B 26 -30.30 13.65 81.15
C TYR B 26 -30.99 13.91 82.49
N LYS B 27 -31.17 12.84 83.28
CA LYS B 27 -31.85 12.99 84.57
C LYS B 27 -31.03 13.79 85.57
N CYS B 28 -29.69 13.65 85.55
CA CYS B 28 -28.87 14.49 86.40
C CYS B 28 -28.72 15.90 85.86
N GLY B 29 -29.09 16.13 84.60
CA GLY B 29 -29.13 17.46 84.03
C GLY B 29 -27.95 17.83 83.16
N GLY B 30 -27.30 16.85 82.55
CA GLY B 30 -26.19 17.12 81.66
C GLY B 30 -26.62 17.86 80.41
N ILE B 31 -27.68 17.38 79.78
CA ILE B 31 -28.26 18.07 78.63
C ILE B 31 -29.69 18.46 78.99
N ASP B 32 -30.33 19.22 78.11
CA ASP B 32 -31.71 19.63 78.30
C ASP B 32 -32.64 18.77 77.43
N LYS B 33 -33.94 19.00 77.59
CA LYS B 33 -34.93 18.20 76.87
C LYS B 33 -34.90 18.50 75.38
N ARG B 34 -34.49 19.71 75.01
CA ARG B 34 -34.45 20.07 73.60
C ARG B 34 -33.43 19.22 72.84
N THR B 35 -32.24 19.04 73.41
CA THR B 35 -31.21 18.25 72.74
C THR B 35 -31.63 16.78 72.65
N ILE B 36 -32.27 16.26 73.70
CA ILE B 36 -32.64 14.84 73.68
C ILE B 36 -33.78 14.61 72.69
N GLU B 37 -34.68 15.58 72.55
CA GLU B 37 -35.71 15.44 71.52
C GLU B 37 -35.12 15.65 70.12
N LYS B 38 -34.06 16.45 70.01
CA LYS B 38 -33.32 16.53 68.76
C LYS B 38 -32.73 15.17 68.39
N PHE B 39 -32.16 14.47 69.36
CA PHE B 39 -31.64 13.13 69.09
C PHE B 39 -32.78 12.18 68.74
N GLU B 40 -33.95 12.37 69.36
CA GLU B 40 -35.13 11.59 68.97
C GLU B 40 -35.49 11.81 67.50
N LYS B 41 -35.54 13.08 67.07
CA LYS B 41 -35.86 13.35 65.68
C LYS B 41 -34.79 12.81 64.74
N GLU B 42 -33.51 12.90 65.15
CA GLU B 42 -32.43 12.38 64.33
C GLU B 42 -32.47 10.86 64.19
N ALA B 43 -32.87 10.16 65.24
CA ALA B 43 -33.02 8.71 65.16
C ALA B 43 -34.33 8.28 64.51
N ALA B 44 -35.29 9.21 64.36
CA ALA B 44 -36.59 8.85 63.79
C ALA B 44 -36.48 8.37 62.35
N GLU B 45 -35.64 9.02 61.53
CA GLU B 45 -35.66 8.76 60.10
C GLU B 45 -35.18 7.35 59.76
N MET B 46 -34.09 6.91 60.38
CA MET B 46 -33.52 5.60 60.06
C MET B 46 -33.88 4.53 61.08
N GLY B 47 -34.80 4.83 62.01
CA GLY B 47 -35.44 3.80 62.79
C GLY B 47 -34.69 3.28 63.99
N LYS B 48 -33.48 3.79 64.26
CA LYS B 48 -32.72 3.36 65.43
C LYS B 48 -33.08 4.23 66.64
N GLY B 49 -34.38 4.23 66.96
CA GLY B 49 -34.89 5.06 68.04
C GLY B 49 -34.61 4.53 69.42
N SER B 50 -34.25 3.25 69.52
CA SER B 50 -33.94 2.68 70.84
C SER B 50 -32.65 3.24 71.41
N PHE B 51 -31.82 3.86 70.59
CA PHE B 51 -30.55 4.46 71.02
C PHE B 51 -30.53 5.97 70.88
N LYS B 52 -31.71 6.61 70.98
CA LYS B 52 -31.74 8.07 70.95
C LYS B 52 -31.08 8.67 72.18
N TYR B 53 -31.11 7.95 73.30
CA TYR B 53 -30.33 8.33 74.48
C TYR B 53 -28.86 8.00 74.33
N ALA B 54 -28.53 6.96 73.55
CA ALA B 54 -27.16 6.49 73.46
C ALA B 54 -26.28 7.42 72.63
N TRP B 55 -26.87 8.24 71.78
CA TRP B 55 -26.10 9.15 70.94
C TRP B 55 -25.47 10.29 71.73
N VAL B 56 -25.88 10.51 72.98
CA VAL B 56 -25.23 11.51 73.82
C VAL B 56 -23.77 11.11 74.05
N LEU B 57 -23.54 9.86 74.43
CA LEU B 57 -22.18 9.33 74.54
C LEU B 57 -21.59 8.98 73.17
N ASP B 58 -22.44 8.65 72.20
CA ASP B 58 -22.00 8.29 70.85
C ASP B 58 -21.94 9.56 70.00
N LYS B 59 -20.88 10.34 70.22
CA LYS B 59 -20.70 11.57 69.46
C LYS B 59 -20.34 11.30 68.00
N LEU B 60 -19.71 10.15 67.73
CA LEU B 60 -19.24 9.86 66.38
C LEU B 60 -20.42 9.45 65.49
N LYS B 61 -20.35 9.87 64.23
CA LYS B 61 -21.40 9.51 63.27
C LYS B 61 -21.36 8.02 62.95
N ALA B 62 -20.15 7.44 62.88
CA ALA B 62 -20.04 6.00 62.67
C ALA B 62 -20.66 5.22 63.82
N GLU B 63 -20.48 5.71 65.05
CA GLU B 63 -21.12 5.09 66.21
C GLU B 63 -22.63 5.16 66.10
N ARG B 64 -23.16 6.25 65.57
CA ARG B 64 -24.61 6.40 65.41
C ARG B 64 -25.14 5.45 64.35
N GLU B 65 -24.49 5.40 63.19
CA GLU B 65 -25.00 4.60 62.08
C GLU B 65 -24.84 3.11 62.35
N ARG B 66 -23.79 2.71 63.07
CA ARG B 66 -23.63 1.30 63.41
C ARG B 66 -24.31 0.92 64.72
N GLY B 67 -24.72 1.91 65.51
CA GLY B 67 -25.44 1.64 66.74
C GLY B 67 -24.59 1.10 67.87
N ILE B 68 -23.27 1.09 67.73
CA ILE B 68 -22.37 0.56 68.74
C ILE B 68 -21.25 1.56 68.98
N THR B 69 -20.55 1.38 70.09
CA THR B 69 -19.47 2.27 70.48
C THR B 69 -18.14 1.78 69.91
N ILE B 70 -17.42 2.69 69.26
CA ILE B 70 -16.10 2.35 68.71
C ILE B 70 -14.98 2.86 69.60
N ASP B 71 -15.11 4.09 70.10
CA ASP B 71 -14.09 4.72 70.92
C ASP B 71 -14.75 5.36 72.13
N ILE B 72 -13.93 5.58 73.17
CA ILE B 72 -14.45 6.16 74.41
C ILE B 72 -14.77 7.64 74.19
N SER B 73 -15.52 8.19 75.14
CA SER B 73 -15.86 9.61 75.11
C SER B 73 -16.08 10.09 76.54
N LEU B 74 -16.02 11.40 76.74
CA LEU B 74 -16.04 12.00 78.05
C LEU B 74 -17.29 12.87 78.24
N TRP B 75 -17.86 12.79 79.44
CA TRP B 75 -18.97 13.65 79.85
C TRP B 75 -18.80 13.99 81.32
N LYS B 76 -19.37 15.13 81.70
CA LYS B 76 -19.27 15.63 83.06
C LYS B 76 -20.65 15.89 83.63
N PHE B 77 -20.78 15.77 84.94
CA PHE B 77 -21.97 16.18 85.66
C PHE B 77 -21.66 16.25 87.14
N GLU B 78 -22.49 17.01 87.85
CA GLU B 78 -22.33 17.20 89.29
C GLU B 78 -23.40 16.41 90.01
N THR B 79 -22.98 15.58 90.96
CA THR B 79 -23.90 14.77 91.73
C THR B 79 -24.34 15.52 92.99
N SER B 80 -25.02 14.80 93.89
CA SER B 80 -25.51 15.40 95.13
C SER B 80 -24.43 15.57 96.17
N LYS B 81 -23.29 14.91 96.03
CA LYS B 81 -22.24 14.94 97.04
C LYS B 81 -20.89 15.41 96.50
N TYR B 82 -20.56 15.08 95.25
CA TYR B 82 -19.28 15.46 94.68
C TYR B 82 -19.37 15.46 93.16
N TYR B 83 -18.26 15.80 92.53
CA TYR B 83 -18.12 15.89 91.08
C TYR B 83 -17.51 14.62 90.52
N VAL B 84 -18.15 14.05 89.49
CA VAL B 84 -17.64 12.86 88.82
C VAL B 84 -17.78 13.02 87.31
N THR B 85 -17.06 12.18 86.59
CA THR B 85 -17.16 12.09 85.14
C THR B 85 -17.45 10.65 84.74
N ILE B 86 -17.98 10.48 83.54
CA ILE B 86 -18.36 9.17 83.02
C ILE B 86 -17.72 8.97 81.66
N ILE B 87 -17.24 7.75 81.41
CA ILE B 87 -16.65 7.35 80.14
C ILE B 87 -17.37 6.09 79.66
N ASP B 88 -17.78 6.10 78.40
CA ASP B 88 -18.36 4.91 77.81
C ASP B 88 -17.26 4.00 77.27
N ALA B 89 -17.63 2.76 76.95
CA ALA B 89 -16.72 1.79 76.40
C ALA B 89 -17.34 1.12 75.19
N PRO B 90 -16.51 0.69 74.23
CA PRO B 90 -17.05 -0.12 73.12
C PRO B 90 -17.81 -1.35 73.56
N GLY B 91 -17.32 -2.05 74.57
CA GLY B 91 -17.94 -3.30 75.00
C GLY B 91 -17.98 -4.32 73.89
N HIS B 92 -16.96 -4.32 73.03
CA HIS B 92 -16.97 -5.11 71.81
C HIS B 92 -15.70 -5.95 71.76
N ARG B 93 -15.84 -7.17 71.24
CA ARG B 93 -14.70 -8.08 71.16
C ARG B 93 -13.59 -7.52 70.29
N ASP B 94 -13.94 -6.91 69.16
CA ASP B 94 -12.94 -6.38 68.26
C ASP B 94 -12.33 -5.08 68.79
N PHE B 95 -13.05 -4.35 69.63
CA PHE B 95 -12.61 -3.04 70.12
C PHE B 95 -12.30 -3.07 71.61
N ILE B 96 -11.66 -4.15 72.08
CA ILE B 96 -11.23 -4.22 73.47
C ILE B 96 -10.11 -3.22 73.74
N LYS B 97 -9.24 -3.00 72.76
CA LYS B 97 -8.12 -2.09 72.95
C LYS B 97 -8.58 -0.66 73.21
N ASN B 98 -9.68 -0.25 72.59
CA ASN B 98 -10.22 1.09 72.84
C ASN B 98 -10.75 1.21 74.26
N MET B 99 -11.44 0.18 74.76
CA MET B 99 -12.06 0.32 76.07
C MET B 99 -11.07 0.15 77.20
N ILE B 100 -10.02 -0.66 77.01
CA ILE B 100 -9.06 -0.83 78.09
C ILE B 100 -8.33 0.48 78.33
N THR B 101 -8.20 1.30 77.29
CA THR B 101 -7.68 2.65 77.47
C THR B 101 -8.57 3.47 78.39
N GLY B 102 -9.88 3.41 78.16
CA GLY B 102 -10.81 4.17 79.00
C GLY B 102 -10.84 3.66 80.44
N THR B 103 -10.86 2.34 80.61
CA THR B 103 -10.89 1.76 81.95
C THR B 103 -9.58 1.93 82.68
N SER B 104 -8.47 2.11 81.95
CA SER B 104 -7.19 2.38 82.61
C SER B 104 -7.22 3.70 83.36
N GLN B 105 -7.82 4.73 82.77
CA GLN B 105 -7.86 6.06 83.37
C GLN B 105 -9.12 6.27 84.21
N ALA B 106 -9.40 5.31 85.10
CA ALA B 106 -10.61 5.35 85.93
C ALA B 106 -10.26 5.02 87.36
N ASP B 107 -10.96 5.67 88.29
CA ASP B 107 -10.87 5.34 89.71
C ASP B 107 -11.92 4.34 90.16
N CYS B 108 -12.93 4.11 89.33
CA CYS B 108 -13.97 3.12 89.60
C CYS B 108 -14.64 2.75 88.29
N ALA B 109 -15.50 1.73 88.35
CA ALA B 109 -16.17 1.23 87.15
C ALA B 109 -17.57 0.78 87.50
N VAL B 110 -18.42 0.71 86.48
CA VAL B 110 -19.76 0.14 86.60
C VAL B 110 -19.94 -0.88 85.47
N LEU B 111 -20.48 -2.04 85.81
CA LEU B 111 -20.64 -3.14 84.88
C LEU B 111 -22.13 -3.40 84.66
N ILE B 112 -22.50 -3.64 83.41
CA ILE B 112 -23.90 -3.76 83.01
C ILE B 112 -24.07 -5.03 82.19
N VAL B 113 -25.02 -5.88 82.59
CA VAL B 113 -25.42 -7.05 81.82
C VAL B 113 -26.95 -7.02 81.69
N ALA B 114 -27.44 -7.22 80.46
CA ALA B 114 -28.86 -7.26 80.23
C ALA B 114 -29.49 -8.51 80.87
N ALA B 115 -30.63 -8.31 81.53
CA ALA B 115 -31.32 -9.41 82.20
C ALA B 115 -32.24 -10.19 81.28
N GLY B 116 -32.38 -9.77 80.02
CA GLY B 116 -33.23 -10.48 79.09
C GLY B 116 -32.70 -11.87 78.80
N VAL B 117 -33.61 -12.75 78.44
CA VAL B 117 -33.25 -14.13 78.12
C VAL B 117 -32.60 -14.18 76.74
N GLY B 118 -31.47 -14.88 76.66
CA GLY B 118 -30.72 -15.00 75.43
C GLY B 118 -29.49 -14.10 75.33
N GLU B 119 -29.40 -13.06 76.15
CA GLU B 119 -28.24 -12.19 76.14
C GLU B 119 -27.35 -12.34 77.36
N PHE B 120 -27.94 -12.61 78.53
CA PHE B 120 -27.12 -12.87 79.71
C PHE B 120 -26.33 -14.16 79.56
N GLU B 121 -26.96 -15.20 79.00
CA GLU B 121 -26.27 -16.47 78.81
C GLU B 121 -25.07 -16.31 77.88
N ALA B 122 -25.24 -15.60 76.77
CA ALA B 122 -24.10 -15.22 75.96
C ALA B 122 -23.24 -14.18 76.64
N GLY B 123 -23.80 -13.43 77.60
CA GLY B 123 -23.02 -12.43 78.30
C GLY B 123 -21.93 -13.03 79.17
N ILE B 124 -22.25 -14.11 79.89
CA ILE B 124 -21.29 -14.78 80.76
C ILE B 124 -21.01 -16.17 80.18
N SER B 125 -19.82 -16.34 79.64
CA SER B 125 -19.36 -17.59 79.05
C SER B 125 -17.87 -17.46 78.79
N LYS B 126 -17.30 -18.51 78.19
CA LYS B 126 -15.89 -18.43 77.79
C LYS B 126 -15.70 -17.36 76.73
N ASN B 127 -16.58 -17.31 75.75
CA ASN B 127 -16.64 -16.19 74.81
C ASN B 127 -17.34 -14.98 75.43
N GLY B 128 -17.96 -15.15 76.60
CA GLY B 128 -18.63 -14.04 77.24
C GLY B 128 -17.68 -12.92 77.59
N GLN B 129 -18.03 -11.71 77.15
CA GLN B 129 -17.19 -10.53 77.34
C GLN B 129 -17.22 -9.99 78.75
N THR B 130 -18.26 -10.29 79.53
CA THR B 130 -18.37 -9.76 80.89
C THR B 130 -17.23 -10.27 81.77
N ARG B 131 -16.84 -11.53 81.60
CA ARG B 131 -15.72 -12.07 82.35
C ARG B 131 -14.43 -11.32 82.03
N GLU B 132 -14.21 -11.03 80.74
CA GLU B 132 -13.04 -10.25 80.34
C GLU B 132 -13.05 -8.85 80.96
N HIS B 133 -14.22 -8.19 80.91
CA HIS B 133 -14.35 -6.86 81.49
C HIS B 133 -14.08 -6.85 82.99
N ALA B 134 -14.69 -7.78 83.72
CA ALA B 134 -14.50 -7.81 85.18
C ALA B 134 -13.07 -8.18 85.53
N LEU B 135 -12.43 -9.02 84.70
CA LEU B 135 -11.04 -9.36 84.90
C LEU B 135 -10.13 -8.15 84.71
N LEU B 136 -10.30 -7.44 83.59
CA LEU B 136 -9.40 -6.32 83.30
C LEU B 136 -9.66 -5.15 84.23
N ALA B 137 -10.86 -5.04 84.81
CA ALA B 137 -11.12 -4.00 85.79
C ALA B 137 -10.24 -4.18 87.03
N TYR B 138 -10.21 -5.40 87.57
CA TYR B 138 -9.33 -5.69 88.69
C TYR B 138 -7.86 -5.62 88.26
N THR B 139 -7.59 -5.98 87.01
CA THR B 139 -6.21 -5.98 86.51
C THR B 139 -5.63 -4.58 86.47
N LEU B 140 -6.37 -3.62 85.91
CA LEU B 140 -5.85 -2.27 85.73
C LEU B 140 -5.87 -1.44 87.00
N GLY B 141 -6.66 -1.81 87.99
CA GLY B 141 -6.67 -1.12 89.27
C GLY B 141 -8.01 -0.54 89.72
N VAL B 142 -9.13 -1.06 89.21
CA VAL B 142 -10.44 -0.63 89.69
C VAL B 142 -10.67 -1.31 91.03
N LYS B 143 -10.38 -0.60 92.12
CA LYS B 143 -10.40 -1.22 93.45
C LYS B 143 -11.83 -1.54 93.88
N GLN B 144 -12.77 -0.63 93.63
CA GLN B 144 -14.17 -0.86 93.94
C GLN B 144 -15.00 -0.58 92.68
N LEU B 145 -16.11 -1.29 92.56
CA LEU B 145 -17.01 -1.10 91.44
C LEU B 145 -18.44 -1.34 91.92
N ILE B 146 -19.39 -1.01 91.06
CA ILE B 146 -20.79 -1.33 91.28
C ILE B 146 -21.31 -2.03 90.02
N VAL B 147 -22.39 -2.79 90.19
CA VAL B 147 -23.01 -3.51 89.09
C VAL B 147 -24.48 -3.09 89.01
N GLY B 148 -24.93 -2.79 87.80
CA GLY B 148 -26.32 -2.48 87.57
C GLY B 148 -26.88 -3.30 86.44
N VAL B 149 -27.85 -4.16 86.74
CA VAL B 149 -28.45 -5.01 85.73
C VAL B 149 -29.52 -4.22 84.99
N ASN B 150 -29.60 -4.41 83.68
CA ASN B 150 -30.42 -3.60 82.80
C ASN B 150 -31.35 -4.49 81.99
N LYS B 151 -32.43 -3.90 81.50
CA LYS B 151 -33.32 -4.51 80.51
C LYS B 151 -34.01 -5.76 81.06
N MET B 152 -34.30 -5.77 82.36
CA MET B 152 -35.17 -6.80 82.90
C MET B 152 -36.64 -6.54 82.58
N ASP B 153 -36.95 -5.35 82.06
CA ASP B 153 -38.28 -5.07 81.54
C ASP B 153 -38.61 -5.95 80.35
N SER B 154 -37.60 -6.47 79.65
CA SER B 154 -37.80 -7.37 78.54
C SER B 154 -38.05 -8.81 78.97
N THR B 155 -37.91 -9.11 80.26
CA THR B 155 -38.14 -10.47 80.74
C THR B 155 -39.63 -10.78 80.80
N GLU B 156 -39.93 -12.06 80.97
CA GLU B 156 -41.31 -12.54 81.03
C GLU B 156 -41.57 -13.25 82.35
N PRO B 157 -42.25 -12.63 83.33
CA PRO B 157 -42.76 -11.24 83.33
C PRO B 157 -41.64 -10.21 83.52
N PRO B 158 -41.87 -8.96 83.13
CA PRO B 158 -40.85 -7.93 83.34
C PRO B 158 -40.57 -7.71 84.82
N TYR B 159 -39.32 -7.33 85.12
CA TYR B 159 -38.87 -7.04 86.47
C TYR B 159 -39.11 -8.23 87.39
N GLN B 161 -38.18 -11.48 90.01
CA GLN B 161 -37.38 -11.82 91.17
C GLN B 161 -36.32 -12.87 90.83
N LYS B 162 -36.79 -14.05 90.41
CA LYS B 162 -35.87 -15.16 90.19
C LYS B 162 -34.90 -14.85 89.07
N ARG B 163 -35.34 -14.08 88.06
CA ARG B 163 -34.43 -13.66 87.00
C ARG B 163 -33.32 -12.78 87.55
N TYR B 164 -33.66 -11.89 88.49
CA TYR B 164 -32.63 -11.07 89.13
C TYR B 164 -31.69 -11.92 89.97
N GLU B 165 -32.24 -12.86 90.75
CA GLU B 165 -31.40 -13.63 91.67
C GLU B 165 -30.48 -14.59 90.92
N GLU B 166 -30.99 -15.28 89.90
CA GLU B 166 -30.19 -16.27 89.19
C GLU B 166 -28.97 -15.66 88.52
N ILE B 167 -29.01 -14.35 88.26
CA ILE B 167 -27.88 -13.72 87.61
C ILE B 167 -26.98 -12.99 88.61
N VAL B 168 -27.57 -12.40 89.67
CA VAL B 168 -26.72 -11.74 90.66
C VAL B 168 -25.91 -12.78 91.43
N LYS B 169 -26.48 -13.96 91.69
CA LYS B 169 -25.70 -14.99 92.36
C LYS B 169 -24.57 -15.50 91.48
N GLU B 170 -24.82 -15.64 90.18
CA GLU B 170 -23.78 -16.08 89.26
C GLU B 170 -22.64 -15.07 89.18
N VAL B 171 -22.97 -13.79 89.01
CA VAL B 171 -21.89 -12.80 88.98
C VAL B 171 -21.22 -12.64 90.33
N SER B 172 -21.94 -12.87 91.43
CA SER B 172 -21.33 -12.83 92.76
C SER B 172 -20.31 -13.93 92.94
N THR B 173 -20.65 -15.17 92.55
CA THR B 173 -19.67 -16.24 92.66
C THR B 173 -18.52 -16.08 91.69
N TYR B 174 -18.75 -15.50 90.50
CA TYR B 174 -17.62 -15.23 89.62
C TYR B 174 -16.68 -14.19 90.20
N ILE B 175 -17.21 -13.07 90.71
CA ILE B 175 -16.32 -12.04 91.24
C ILE B 175 -15.65 -12.52 92.52
N LYS B 176 -16.32 -13.38 93.29
CA LYS B 176 -15.68 -14.01 94.44
C LYS B 176 -14.52 -14.90 94.00
N LYS B 177 -14.69 -15.63 92.90
CA LYS B 177 -13.59 -16.41 92.36
C LYS B 177 -12.45 -15.52 91.88
N ILE B 178 -12.77 -14.39 91.24
CA ILE B 178 -11.73 -13.54 90.68
C ILE B 178 -11.11 -12.63 91.72
N GLY B 179 -11.75 -12.43 92.87
CA GLY B 179 -11.17 -11.63 93.92
C GLY B 179 -12.09 -10.57 94.51
N TYR B 180 -13.01 -10.06 93.70
CA TYR B 180 -13.94 -9.04 94.18
C TYR B 180 -14.89 -9.63 95.22
N ASN B 181 -15.21 -8.82 96.24
CA ASN B 181 -16.09 -9.27 97.30
C ASN B 181 -17.52 -8.86 96.99
N PRO B 182 -18.46 -9.80 96.88
CA PRO B 182 -19.85 -9.43 96.58
C PRO B 182 -20.47 -8.51 97.62
N ASP B 183 -20.00 -8.56 98.86
CA ASP B 183 -20.61 -7.75 99.92
C ASP B 183 -20.35 -6.26 99.70
N THR B 184 -19.16 -5.91 99.20
CA THR B 184 -18.81 -4.50 99.02
C THR B 184 -19.50 -3.90 97.81
N VAL B 185 -19.65 -4.68 96.73
CA VAL B 185 -20.19 -4.15 95.48
C VAL B 185 -21.70 -4.00 95.59
N ALA B 186 -22.22 -2.93 95.00
CA ALA B 186 -23.66 -2.66 95.04
C ALA B 186 -24.37 -3.27 93.83
N PHE B 187 -25.46 -3.97 94.09
CA PHE B 187 -26.27 -4.60 93.06
C PHE B 187 -27.54 -3.78 92.85
N VAL B 188 -27.73 -3.31 91.63
CA VAL B 188 -28.83 -2.40 91.33
C VAL B 188 -29.63 -2.92 90.14
N PRO B 189 -30.95 -3.09 90.25
CA PRO B 189 -31.76 -3.32 89.05
C PRO B 189 -32.26 -2.02 88.44
N ILE B 190 -32.01 -1.79 87.16
CA ILE B 190 -32.41 -0.58 86.47
C ILE B 190 -33.06 -0.95 85.14
N SER B 191 -34.11 -0.20 84.78
CA SER B 191 -34.75 -0.32 83.48
C SER B 191 -34.23 0.84 82.63
N GLY B 192 -33.25 0.54 81.78
CA GLY B 192 -32.61 1.58 80.98
C GLY B 192 -33.53 2.22 79.97
N TRP B 193 -34.05 1.43 79.01
CA TRP B 193 -34.81 2.00 77.91
C TRP B 193 -36.07 2.70 78.40
N ASN B 194 -36.78 2.11 79.35
CA ASN B 194 -37.92 2.79 79.96
C ASN B 194 -37.50 3.93 80.88
N GLY B 195 -36.24 3.97 81.28
CA GLY B 195 -35.76 5.02 82.15
C GLY B 195 -36.32 4.94 83.55
N ASP B 196 -35.96 3.88 84.27
CA ASP B 196 -36.47 3.65 85.61
C ASP B 196 -35.32 3.37 86.57
N ASN B 197 -35.49 3.82 87.82
CA ASN B 197 -34.60 3.51 88.94
C ASN B 197 -33.21 4.12 88.74
N MET B 198 -33.19 5.43 88.51
CA MET B 198 -31.94 6.20 88.55
C MET B 198 -31.95 7.26 89.64
N LEU B 199 -32.98 8.09 89.70
CA LEU B 199 -33.11 9.12 90.74
C LEU B 199 -34.10 8.73 91.82
N GLU B 200 -35.15 7.98 91.47
CA GLU B 200 -36.19 7.61 92.41
C GLU B 200 -36.48 6.11 92.31
N PRO B 201 -36.97 5.50 93.38
CA PRO B 201 -37.40 4.10 93.30
C PRO B 201 -38.65 3.99 92.43
N SER B 202 -38.48 3.42 91.24
CA SER B 202 -39.57 3.36 90.27
C SER B 202 -40.71 2.50 90.81
N ALA B 203 -41.94 3.01 90.69
CA ALA B 203 -43.11 2.35 91.24
C ALA B 203 -43.54 1.13 90.43
N ASN B 204 -42.98 0.93 89.24
CA ASN B 204 -43.36 -0.22 88.43
C ASN B 204 -42.83 -1.52 89.03
N MET B 205 -41.73 -1.45 89.77
CA MET B 205 -41.21 -2.62 90.48
C MET B 205 -41.07 -2.34 91.97
N PRO B 206 -41.93 -2.93 92.81
CA PRO B 206 -41.79 -2.77 94.26
C PRO B 206 -41.11 -3.94 94.98
N TRP B 207 -40.83 -5.05 94.29
CA TRP B 207 -40.33 -6.25 94.93
C TRP B 207 -38.94 -6.07 95.51
N PHE B 208 -38.21 -5.06 95.06
CA PHE B 208 -36.83 -4.84 95.49
C PHE B 208 -36.83 -3.83 96.62
N LYS B 209 -36.27 -4.22 97.76
CA LYS B 209 -36.29 -3.40 98.97
C LYS B 209 -35.00 -2.62 99.18
N GLY B 210 -34.08 -2.65 98.22
CA GLY B 210 -32.83 -1.93 98.37
C GLY B 210 -31.67 -2.82 98.79
N TRP B 211 -30.46 -2.44 98.39
CA TRP B 211 -29.27 -3.22 98.70
C TRP B 211 -28.52 -2.63 99.87
N LYS B 212 -27.72 -3.47 100.53
CA LYS B 212 -26.84 -3.05 101.60
C LYS B 212 -25.40 -3.40 101.23
N VAL B 213 -24.50 -2.43 101.35
CA VAL B 213 -23.09 -2.63 101.07
C VAL B 213 -22.29 -2.31 102.32
N THR B 214 -21.38 -3.21 102.68
CA THR B 214 -20.49 -3.05 103.82
C THR B 214 -19.07 -2.96 103.31
N ARG B 215 -18.35 -1.92 103.73
CA ARG B 215 -17.00 -1.68 103.26
C ARG B 215 -16.11 -1.44 104.46
N LYS B 216 -14.79 -1.53 104.25
CA LYS B 216 -13.85 -1.36 105.35
C LYS B 216 -13.86 0.06 105.88
N ASP B 217 -14.07 1.05 105.01
CA ASP B 217 -14.13 2.43 105.47
C ASP B 217 -15.45 2.71 106.20
N GLY B 218 -16.54 2.09 105.76
CA GLY B 218 -17.83 2.33 106.37
C GLY B 218 -18.90 1.49 105.71
N ASN B 219 -20.14 1.79 106.07
CA ASN B 219 -21.30 1.04 105.61
C ASN B 219 -22.24 1.98 104.84
N ALA B 220 -23.01 1.41 103.93
CA ALA B 220 -23.93 2.22 103.13
C ALA B 220 -25.11 1.37 102.68
N SER B 221 -26.23 2.03 102.43
CA SER B 221 -27.42 1.42 101.87
C SER B 221 -27.88 2.25 100.68
N GLY B 222 -28.53 1.60 99.72
CA GLY B 222 -28.89 2.26 98.49
C GLY B 222 -30.24 1.79 97.95
N THR B 223 -30.91 2.70 97.25
CA THR B 223 -32.16 2.41 96.56
C THR B 223 -32.15 2.80 95.09
N THR B 224 -31.22 3.65 94.66
CA THR B 224 -31.10 4.08 93.27
C THR B 224 -29.64 4.14 92.88
N LEU B 225 -29.39 4.38 91.58
CA LEU B 225 -28.03 4.50 91.09
C LEU B 225 -27.31 5.68 91.73
N LEU B 226 -28.00 6.82 91.88
CA LEU B 226 -27.39 7.97 92.52
C LEU B 226 -27.02 7.67 93.97
N GLU B 227 -27.90 6.98 94.69
CA GLU B 227 -27.58 6.59 96.05
C GLU B 227 -26.45 5.58 96.09
N ALA B 228 -26.25 4.83 95.02
CA ALA B 228 -25.13 3.89 94.94
C ALA B 228 -23.81 4.64 94.70
N LEU B 229 -23.82 5.62 93.81
CA LEU B 229 -22.60 6.30 93.40
C LEU B 229 -22.23 7.46 94.31
N ASP B 230 -23.10 7.86 95.22
CA ASP B 230 -22.79 8.92 96.17
C ASP B 230 -22.12 8.41 97.44
N CYS B 231 -21.85 7.11 97.54
CA CYS B 231 -21.14 6.55 98.68
C CYS B 231 -19.88 5.81 98.25
N ILE B 232 -19.32 6.16 97.08
CA ILE B 232 -18.12 5.47 96.61
C ILE B 232 -16.93 5.83 97.49
N LEU B 233 -15.93 4.97 97.48
CA LEU B 233 -14.73 5.21 98.26
C LEU B 233 -13.96 6.38 97.65
N PRO B 234 -13.62 7.41 98.42
CA PRO B 234 -12.73 8.46 97.92
C PRO B 234 -11.31 7.93 97.79
N PRO B 235 -10.81 7.77 96.57
CA PRO B 235 -9.51 7.14 96.39
C PRO B 235 -8.38 8.07 96.80
N THR B 236 -7.23 7.45 97.09
CA THR B 236 -6.05 8.21 97.48
C THR B 236 -5.49 8.97 96.29
N ARG B 237 -4.67 9.98 96.61
CA ARG B 237 -4.06 10.83 95.59
C ARG B 237 -2.56 10.94 95.84
N PRO B 238 -1.72 10.40 94.97
CA PRO B 238 -0.26 10.51 95.14
C PRO B 238 0.26 11.90 94.74
N THR B 239 -0.14 12.91 95.50
CA THR B 239 0.27 14.28 95.21
C THR B 239 1.77 14.47 95.41
N ASP B 240 2.31 13.94 96.51
CA ASP B 240 3.74 14.10 96.78
C ASP B 240 4.59 13.31 95.81
N LYS B 241 4.06 12.24 95.24
CA LYS B 241 4.80 11.46 94.26
C LYS B 241 5.01 12.29 93.00
N PRO B 242 6.16 12.17 92.33
CA PRO B 242 6.42 12.97 91.14
C PRO B 242 5.43 12.69 90.02
N LEU B 243 5.27 13.70 89.16
CA LEU B 243 4.19 13.70 88.17
C LEU B 243 4.33 12.54 87.18
N ARG B 244 3.23 11.84 86.95
CA ARG B 244 3.10 10.87 85.88
C ARG B 244 1.79 11.11 85.15
N LEU B 245 1.83 11.01 83.83
CA LEU B 245 0.65 11.36 83.04
C LEU B 245 0.68 10.64 81.69
N PRO B 246 0.08 9.46 81.59
CA PRO B 246 -0.13 8.85 80.28
C PRO B 246 -1.15 9.65 79.49
N LEU B 247 -1.06 9.54 78.17
CA LEU B 247 -1.84 10.38 77.27
C LEU B 247 -2.87 9.51 76.54
N GLN B 248 -4.14 9.76 76.83
CA GLN B 248 -5.21 9.03 76.15
C GLN B 248 -5.34 9.46 74.69
N ASP B 249 -5.15 10.74 74.41
CA ASP B 249 -5.28 11.25 73.05
C ASP B 249 -4.61 12.61 72.98
N VAL B 250 -4.39 13.07 71.75
CA VAL B 250 -3.81 14.39 71.49
C VAL B 250 -4.68 15.10 70.47
N TYR B 251 -5.07 16.34 70.77
CA TYR B 251 -5.90 17.15 69.89
C TYR B 251 -5.19 18.45 69.55
N LYS B 252 -5.31 18.86 68.30
CA LYS B 252 -4.78 20.14 67.81
C LYS B 252 -5.95 21.13 67.80
N ILE B 253 -6.16 21.80 68.93
CA ILE B 253 -7.25 22.76 69.03
C ILE B 253 -6.85 24.03 68.31
N GLY B 254 -7.76 24.52 67.46
CA GLY B 254 -7.49 25.71 66.67
C GLY B 254 -7.24 26.95 67.51
N GLY B 255 -6.08 27.55 67.33
CA GLY B 255 -5.71 28.78 67.99
C GLY B 255 -4.79 28.61 69.18
N ILE B 256 -4.74 27.43 69.79
CA ILE B 256 -3.81 27.19 70.88
C ILE B 256 -2.77 26.14 70.56
N GLY B 257 -2.93 25.34 69.51
CA GLY B 257 -1.92 24.35 69.17
C GLY B 257 -2.27 22.95 69.62
N THR B 258 -1.27 22.22 70.09
CA THR B 258 -1.43 20.82 70.44
C THR B 258 -1.90 20.70 71.89
N VAL B 259 -2.99 19.97 72.11
CA VAL B 259 -3.49 19.71 73.46
C VAL B 259 -3.57 18.21 73.67
N PRO B 260 -2.54 17.60 74.27
CA PRO B 260 -2.66 16.19 74.67
C PRO B 260 -3.71 16.02 75.76
N VAL B 261 -4.33 14.85 75.78
CA VAL B 261 -5.38 14.53 76.72
C VAL B 261 -5.00 13.27 77.47
N GLY B 262 -5.05 13.33 78.80
CA GLY B 262 -4.72 12.18 79.61
C GLY B 262 -5.16 12.40 81.04
N ARG B 263 -5.08 11.33 81.83
CA ARG B 263 -5.47 11.37 83.23
C ARG B 263 -4.22 11.44 84.09
N VAL B 264 -4.16 12.45 84.96
CA VAL B 264 -2.99 12.63 85.81
C VAL B 264 -2.95 11.51 86.84
N GLU B 265 -1.90 10.70 86.77
CA GLU B 265 -1.76 9.59 87.73
C GLU B 265 -1.21 10.07 89.06
N THR B 266 -0.01 10.62 89.04
CA THR B 266 0.68 11.01 90.27
C THR B 266 1.00 12.50 90.22
N GLY B 267 1.05 13.12 91.39
CA GLY B 267 1.47 14.50 91.51
C GLY B 267 0.44 15.48 90.99
N VAL B 268 0.77 16.76 91.13
CA VAL B 268 -0.07 17.86 90.69
C VAL B 268 0.61 18.55 89.52
N LEU B 269 -0.07 18.57 88.37
CA LEU B 269 0.43 19.27 87.20
C LEU B 269 -0.20 20.64 87.13
N LYS B 270 0.63 21.66 86.96
CA LYS B 270 0.17 23.03 86.81
C LYS B 270 0.99 23.72 85.74
N PRO B 271 0.43 24.72 85.07
CA PRO B 271 1.25 25.52 84.15
C PRO B 271 2.31 26.28 84.92
N GLY B 272 3.56 26.15 84.48
CA GLY B 272 4.65 26.86 85.13
C GLY B 272 5.95 26.10 85.22
N MET B 273 5.97 24.82 84.84
CA MET B 273 7.21 24.06 84.77
C MET B 273 7.20 23.19 83.54
N VAL B 274 8.40 22.80 83.11
CA VAL B 274 8.58 22.00 81.92
C VAL B 274 8.22 20.55 82.23
N VAL B 275 7.71 19.84 81.22
CA VAL B 275 7.39 18.43 81.32
C VAL B 275 8.15 17.67 80.25
N THR B 276 8.34 16.37 80.48
CA THR B 276 9.09 15.51 79.58
C THR B 276 8.27 14.28 79.22
N PHE B 277 8.16 14.00 77.93
CA PHE B 277 7.45 12.82 77.44
C PHE B 277 8.47 11.70 77.26
N ALA B 278 8.17 10.52 77.80
CA ALA B 278 9.16 9.45 77.82
C ALA B 278 9.30 8.73 76.49
N PRO B 279 8.25 8.17 75.88
CA PRO B 279 8.46 7.36 74.67
C PRO B 279 9.04 8.13 73.50
N VAL B 280 8.73 9.43 73.39
CA VAL B 280 9.27 10.24 72.31
C VAL B 280 10.47 11.07 72.72
N ASN B 281 10.75 11.18 74.03
CA ASN B 281 11.98 11.77 74.55
C ASN B 281 12.16 13.21 74.11
N VAL B 282 11.16 14.04 74.39
CA VAL B 282 11.20 15.46 74.09
C VAL B 282 10.88 16.25 75.36
N THR B 283 11.36 17.48 75.41
CA THR B 283 11.11 18.38 76.53
C THR B 283 10.25 19.55 76.06
N THR B 284 9.28 19.94 76.88
CA THR B 284 8.30 20.94 76.47
C THR B 284 7.69 21.60 77.70
N GLU B 285 7.69 22.92 77.72
CA GLU B 285 6.97 23.66 78.74
C GLU B 285 5.47 23.55 78.50
N VAL B 286 4.73 23.21 79.55
CA VAL B 286 3.27 23.18 79.46
C VAL B 286 2.73 24.61 79.51
N LYS B 287 1.74 24.89 78.67
CA LYS B 287 1.17 26.22 78.55
C LYS B 287 -0.01 26.44 79.50
N SER B 288 -1.06 25.65 79.38
CA SER B 288 -2.23 25.79 80.22
C SER B 288 -2.89 24.43 80.38
N VAL B 289 -3.64 24.28 81.47
CA VAL B 289 -4.37 23.05 81.76
C VAL B 289 -5.84 23.41 81.93
N GLU B 290 -6.72 22.47 81.54
CA GLU B 290 -8.14 22.76 81.47
C GLU B 290 -8.92 21.46 81.46
N MET B 291 -9.81 21.28 82.45
CA MET B 291 -10.68 20.11 82.53
C MET B 291 -12.07 20.48 82.03
N HIS B 292 -12.58 19.71 81.07
CA HIS B 292 -13.96 19.79 80.62
C HIS B 292 -14.34 21.21 80.21
N HIS B 293 -13.42 21.86 79.49
CA HIS B 293 -13.58 23.25 79.05
C HIS B 293 -13.72 24.21 80.22
N GLU B 294 -13.13 23.86 81.37
CA GLU B 294 -13.10 24.71 82.55
C GLU B 294 -11.66 24.84 83.00
N ALA B 295 -11.17 26.07 83.09
CA ALA B 295 -9.77 26.31 83.44
C ALA B 295 -9.49 25.87 84.88
N LEU B 296 -8.32 25.28 85.07
CA LEU B 296 -7.87 24.82 86.38
C LEU B 296 -6.56 25.50 86.75
N SER B 297 -6.47 25.94 88.00
CA SER B 297 -5.19 26.41 88.52
C SER B 297 -4.22 25.25 88.72
N GLU B 298 -4.72 24.08 89.04
CA GLU B 298 -3.89 22.89 89.22
C GLU B 298 -4.63 21.68 88.67
N ALA B 299 -3.86 20.66 88.31
CA ALA B 299 -4.40 19.36 87.91
C ALA B 299 -4.01 18.34 88.98
N LEU B 300 -4.95 18.07 89.88
CA LEU B 300 -4.74 17.13 90.96
C LEU B 300 -4.65 15.71 90.39
N PRO B 301 -4.12 14.76 91.17
CA PRO B 301 -4.12 13.36 90.71
C PRO B 301 -5.54 12.86 90.49
N GLY B 302 -5.66 11.88 89.59
CA GLY B 302 -6.97 11.35 89.26
C GLY B 302 -7.79 12.21 88.34
N ASP B 303 -7.21 13.27 87.79
CA ASP B 303 -7.93 14.21 86.93
C ASP B 303 -7.66 13.90 85.47
N ASN B 304 -8.71 13.55 84.74
CA ASN B 304 -8.63 13.39 83.29
C ASN B 304 -8.80 14.77 82.68
N VAL B 305 -7.68 15.42 82.36
CA VAL B 305 -7.69 16.81 81.91
C VAL B 305 -7.00 16.91 80.56
N GLY B 306 -7.25 18.03 79.89
CA GLY B 306 -6.47 18.44 78.75
C GLY B 306 -5.51 19.54 79.16
N PHE B 307 -4.26 19.40 78.73
CA PHE B 307 -3.24 20.40 79.00
C PHE B 307 -2.57 20.78 77.69
N ASN B 308 -2.47 22.08 77.43
CA ASN B 308 -1.92 22.57 76.19
C ASN B 308 -0.41 22.77 76.36
N VAL B 309 0.35 22.36 75.36
CA VAL B 309 1.80 22.44 75.38
C VAL B 309 2.28 23.23 74.17
N LYS B 310 3.49 23.76 74.28
CA LYS B 310 4.03 24.71 73.31
C LYS B 310 5.10 24.07 72.43
N ASN B 311 5.49 24.83 71.41
CA ASN B 311 6.52 24.55 70.40
C ASN B 311 6.65 23.08 70.02
N VAL B 312 5.52 22.42 69.77
CA VAL B 312 5.49 21.05 69.29
C VAL B 312 4.33 20.91 68.31
N SER B 313 4.38 19.84 67.51
CA SER B 313 3.28 19.46 66.64
C SER B 313 2.65 18.18 67.18
N VAL B 314 1.46 17.87 66.63
CA VAL B 314 0.73 16.69 67.08
C VAL B 314 1.47 15.41 66.76
N LYS B 315 2.28 15.41 65.71
CA LYS B 315 2.97 14.20 65.32
C LYS B 315 4.18 13.89 66.20
N ASP B 316 4.63 14.85 67.01
CA ASP B 316 5.73 14.58 67.92
C ASP B 316 5.32 13.67 69.06
N VAL B 317 4.19 13.95 69.70
CA VAL B 317 3.71 13.19 70.85
C VAL B 317 2.37 12.57 70.49
N ARG B 318 2.23 11.27 70.74
CA ARG B 318 1.09 10.51 70.27
C ARG B 318 0.38 9.82 71.44
N ARG B 319 -0.63 9.04 71.09
CA ARG B 319 -1.39 8.26 72.06
C ARG B 319 -0.53 7.20 72.71
N GLY B 320 -0.76 6.98 74.01
CA GLY B 320 -0.01 6.00 74.77
C GLY B 320 1.25 6.53 75.40
N ASN B 321 1.67 7.73 75.06
CA ASN B 321 2.87 8.31 75.64
C ASN B 321 2.64 8.70 77.09
N VAL B 322 3.69 8.63 77.88
CA VAL B 322 3.66 9.00 79.29
C VAL B 322 4.54 10.23 79.49
N ALA B 323 4.04 11.18 80.27
CA ALA B 323 4.74 12.43 80.56
C ALA B 323 5.01 12.55 82.05
N GLY B 324 6.11 13.22 82.39
CA GLY B 324 6.46 13.43 83.77
C GLY B 324 7.23 14.72 83.93
N ASP B 325 7.28 15.20 85.17
CA ASP B 325 7.97 16.45 85.46
C ASP B 325 9.48 16.28 85.30
N SER B 326 10.09 17.22 84.60
CA SER B 326 11.53 17.18 84.38
C SER B 326 12.30 17.54 85.64
N LYS B 327 11.75 18.41 86.49
CA LYS B 327 12.46 18.84 87.69
C LYS B 327 12.57 17.70 88.70
N ASN B 328 11.54 16.88 88.80
CA ASN B 328 11.63 15.61 89.53
C ASN B 328 12.25 14.56 88.61
N ASP B 329 12.16 13.29 88.97
CA ASP B 329 12.72 12.25 88.11
C ASP B 329 11.92 12.16 86.82
N PRO B 330 12.55 12.33 85.66
CA PRO B 330 11.81 12.27 84.40
C PRO B 330 11.69 10.84 83.91
N PRO B 331 10.49 10.41 83.55
CA PRO B 331 10.34 9.10 82.92
C PRO B 331 11.04 9.09 81.56
N MET B 332 11.57 7.93 81.18
CA MET B 332 12.31 7.83 79.93
C MET B 332 12.25 6.38 79.45
N GLU B 333 12.73 6.18 78.22
CA GLU B 333 12.54 4.91 77.53
C GLU B 333 13.23 3.77 78.26
N ALA B 334 12.51 2.66 78.42
CA ALA B 334 13.01 1.47 79.07
C ALA B 334 13.28 0.40 78.03
N ALA B 335 14.49 -0.18 78.06
CA ALA B 335 14.83 -1.22 77.11
C ALA B 335 14.07 -2.51 77.38
N GLY B 336 13.81 -2.80 78.67
CA GLY B 336 13.08 -3.99 79.05
C GLY B 336 12.53 -3.84 80.45
N PHE B 337 11.95 -4.93 80.94
CA PHE B 337 11.45 -4.99 82.31
C PHE B 337 11.10 -6.42 82.66
N THR B 338 10.97 -6.69 83.96
CA THR B 338 10.55 -7.99 84.47
C THR B 338 9.12 -7.87 84.96
N ALA B 339 8.29 -8.85 84.61
CA ALA B 339 6.87 -8.80 84.91
C ALA B 339 6.39 -10.11 85.51
N GLN B 340 5.66 -10.01 86.61
CA GLN B 340 5.04 -11.16 87.26
C GLN B 340 3.69 -11.44 86.60
N VAL B 341 3.68 -12.35 85.64
CA VAL B 341 2.49 -12.67 84.88
C VAL B 341 1.84 -13.91 85.47
N ILE B 342 0.51 -13.92 85.46
CA ILE B 342 -0.28 -15.09 85.81
C ILE B 342 -1.07 -15.47 84.56
N ILE B 343 -0.69 -16.58 83.92
CA ILE B 343 -1.30 -16.96 82.65
C ILE B 343 -2.70 -17.48 82.91
N LEU B 344 -3.65 -16.99 82.10
CA LEU B 344 -5.07 -17.25 82.31
C LEU B 344 -5.57 -18.37 81.42
N ASN B 345 -5.37 -18.25 80.11
CA ASN B 345 -5.74 -19.31 79.17
C ASN B 345 -4.94 -19.13 77.89
N HIS B 346 -4.50 -20.25 77.33
CA HIS B 346 -3.79 -20.26 76.05
C HIS B 346 -3.91 -21.64 75.44
N PRO B 347 -4.44 -21.76 74.21
CA PRO B 347 -4.61 -23.09 73.61
C PRO B 347 -3.31 -23.85 73.43
N GLY B 348 -2.20 -23.16 73.21
CA GLY B 348 -0.90 -23.77 73.15
C GLY B 348 -0.05 -23.42 74.36
N GLN B 349 1.17 -23.97 74.36
CA GLN B 349 2.11 -23.66 75.42
C GLN B 349 2.81 -22.33 75.15
N ILE B 350 3.39 -21.77 76.21
CA ILE B 350 4.12 -20.51 76.12
C ILE B 350 5.59 -20.80 76.30
N SER B 351 6.39 -20.51 75.28
CA SER B 351 7.83 -20.72 75.30
C SER B 351 8.53 -19.38 75.08
N ALA B 352 9.86 -19.44 75.00
CA ALA B 352 10.66 -18.25 74.79
C ALA B 352 10.43 -17.67 73.40
N GLY B 353 10.45 -16.35 73.31
CA GLY B 353 10.24 -15.66 72.06
C GLY B 353 8.79 -15.38 71.72
N TYR B 354 7.85 -15.68 72.61
CA TYR B 354 6.45 -15.36 72.35
C TYR B 354 6.25 -13.85 72.44
N ALA B 355 5.57 -13.30 71.45
CA ALA B 355 5.42 -11.84 71.32
C ALA B 355 3.96 -11.46 71.19
N PRO B 356 3.23 -11.40 72.30
CA PRO B 356 1.88 -10.83 72.28
C PRO B 356 1.97 -9.31 72.44
N VAL B 357 0.80 -8.68 72.54
CA VAL B 357 0.73 -7.24 72.77
C VAL B 357 0.48 -7.00 74.25
N LEU B 358 1.21 -6.04 74.83
CA LEU B 358 1.09 -5.70 76.23
C LEU B 358 0.33 -4.39 76.35
N ASP B 359 -0.71 -4.38 77.19
CA ASP B 359 -1.60 -3.24 77.36
C ASP B 359 -1.35 -2.65 78.75
N CYS B 360 -0.38 -1.74 78.82
CA CYS B 360 -0.10 -0.99 80.04
C CYS B 360 -0.62 0.42 79.87
N HIS B 361 -1.31 0.91 80.91
CA HIS B 361 -2.06 2.18 80.91
C HIS B 361 -2.76 2.40 79.58
N THR B 362 -2.28 3.35 78.79
CA THR B 362 -2.82 3.63 77.46
C THR B 362 -1.99 3.00 76.35
N ALA B 363 -0.69 2.81 76.56
CA ALA B 363 0.18 2.30 75.51
C ALA B 363 -0.13 0.84 75.20
N HIS B 364 -0.26 0.53 73.90
CA HIS B 364 -0.47 -0.83 73.41
C HIS B 364 0.71 -1.17 72.50
N ILE B 365 1.73 -1.78 73.08
CA ILE B 365 2.94 -2.14 72.35
C ILE B 365 3.18 -3.64 72.49
N ALA B 366 3.45 -4.29 71.37
CA ALA B 366 3.76 -5.71 71.38
C ALA B 366 5.15 -5.94 71.97
N CYS B 367 5.25 -6.85 72.92
CA CYS B 367 6.52 -7.16 73.57
C CYS B 367 6.83 -8.64 73.38
N LYS B 368 8.09 -8.94 73.09
CA LYS B 368 8.55 -10.29 72.87
C LYS B 368 9.26 -10.80 74.11
N PHE B 369 8.86 -11.98 74.58
CA PHE B 369 9.44 -12.57 75.77
C PHE B 369 10.89 -12.95 75.50
N ALA B 370 11.82 -12.25 76.15
CA ALA B 370 13.24 -12.50 75.91
C ALA B 370 13.67 -13.87 76.41
N GLU B 371 13.34 -14.19 77.65
CA GLU B 371 13.67 -15.50 78.22
C GLU B 371 12.80 -15.72 79.46
N LEU B 372 12.81 -16.96 79.92
CA LEU B 372 12.04 -17.38 81.09
C LEU B 372 12.96 -17.56 82.28
N LYS B 373 12.58 -16.97 83.42
CA LYS B 373 13.42 -17.04 84.61
C LYS B 373 13.00 -18.16 85.56
N GLU B 374 11.77 -18.12 86.07
CA GLU B 374 11.35 -19.10 87.04
C GLU B 374 9.83 -19.18 87.09
N LYS B 375 9.33 -20.28 87.67
CA LYS B 375 7.91 -20.49 87.88
C LYS B 375 7.53 -20.16 89.31
N ILE B 376 6.36 -19.55 89.48
CA ILE B 376 5.85 -19.10 90.76
C ILE B 376 4.50 -19.75 91.00
N ASP B 377 4.27 -20.20 92.23
CA ASP B 377 2.96 -20.70 92.61
C ASP B 377 1.94 -19.55 92.58
N ARG B 378 0.66 -19.92 92.46
CA ARG B 378 -0.38 -18.91 92.38
C ARG B 378 -0.42 -18.04 93.63
N ARG B 379 -0.29 -18.65 94.81
CA ARG B 379 -0.39 -17.94 96.07
C ARG B 379 0.95 -17.93 96.78
N SER B 380 1.13 -16.94 97.64
CA SER B 380 2.30 -16.70 98.50
C SER B 380 3.57 -16.38 97.72
N GLY B 381 3.51 -16.29 96.39
CA GLY B 381 4.71 -16.03 95.62
C GLY B 381 5.76 -17.11 95.79
N LYS B 382 5.34 -18.37 95.80
CA LYS B 382 6.23 -19.46 96.20
C LYS B 382 7.15 -19.86 95.04
N LYS B 383 8.43 -20.05 95.37
CA LYS B 383 9.37 -20.63 94.43
C LYS B 383 9.04 -22.09 94.17
N LEU B 384 9.00 -22.46 92.89
CA LEU B 384 8.74 -23.85 92.50
C LEU B 384 9.96 -24.46 91.81
N GLU B 385 10.45 -23.85 90.75
CA GLU B 385 11.69 -24.29 90.10
C GLU B 385 12.24 -23.13 89.27
N ASP B 386 13.38 -23.39 88.65
CA ASP B 386 14.14 -22.37 87.92
C ASP B 386 14.23 -22.74 86.45
N GLY B 387 14.12 -21.73 85.59
CA GLY B 387 14.31 -21.91 84.17
C GLY B 387 13.21 -22.69 83.49
N PRO B 388 12.02 -22.10 83.36
CA PRO B 388 10.92 -22.79 82.69
C PRO B 388 11.18 -22.92 81.19
N LYS B 389 10.85 -24.09 80.66
CA LYS B 389 10.93 -24.34 79.22
C LYS B 389 9.59 -24.23 78.53
N PHE B 390 8.49 -24.23 79.28
CA PHE B 390 7.16 -24.06 78.71
C PHE B 390 6.25 -23.51 79.80
N LEU B 391 5.09 -23.02 79.37
CA LEU B 391 4.08 -22.51 80.30
C LEU B 391 2.70 -22.86 79.77
N LYS B 392 1.74 -22.98 80.70
CA LYS B 392 0.35 -23.30 80.39
C LYS B 392 -0.57 -22.45 81.25
N SER B 393 -1.85 -22.80 81.23
CA SER B 393 -2.85 -22.04 81.97
C SER B 393 -2.81 -22.38 83.45
N GLY B 394 -3.35 -21.46 84.26
CA GLY B 394 -3.39 -21.63 85.70
C GLY B 394 -2.04 -21.63 86.37
N ASP B 395 -1.09 -20.85 85.86
CA ASP B 395 0.26 -20.82 86.39
C ASP B 395 0.78 -19.39 86.40
N ALA B 396 1.70 -19.13 87.33
CA ALA B 396 2.38 -17.85 87.44
C ALA B 396 3.87 -18.07 87.19
N ALA B 397 4.53 -17.05 86.64
CA ALA B 397 5.95 -17.17 86.34
C ALA B 397 6.58 -15.78 86.26
N ILE B 398 7.89 -15.75 86.44
CA ILE B 398 8.69 -14.56 86.20
C ILE B 398 9.32 -14.68 84.82
N VAL B 399 8.97 -13.77 83.92
CA VAL B 399 9.46 -13.79 82.55
C VAL B 399 9.98 -12.39 82.21
N ASP B 400 11.09 -12.33 81.50
CA ASP B 400 11.67 -11.08 81.05
C ASP B 400 11.39 -10.89 79.57
N MET B 401 10.90 -9.71 79.21
CA MET B 401 10.52 -9.42 77.84
C MET B 401 11.02 -8.05 77.44
N VAL B 402 11.19 -7.86 76.13
CA VAL B 402 11.60 -6.57 75.57
C VAL B 402 10.61 -6.20 74.47
N PRO B 403 10.03 -5.00 74.53
CA PRO B 403 9.10 -4.58 73.46
C PRO B 403 9.83 -4.38 72.15
N GLY B 404 9.12 -4.66 71.05
CA GLY B 404 9.69 -4.39 69.74
C GLY B 404 9.79 -2.91 69.43
N LYS B 405 8.68 -2.17 69.65
CA LYS B 405 8.59 -0.73 69.53
C LYS B 405 9.02 -0.06 70.84
N PRO B 406 9.59 1.13 70.78
CA PRO B 406 9.91 1.86 72.01
C PRO B 406 8.69 2.04 72.90
N MET B 407 8.88 1.81 74.20
CA MET B 407 7.81 1.91 75.17
C MET B 407 8.40 2.26 76.52
N CYS B 408 7.68 3.08 77.28
CA CYS B 408 8.05 3.41 78.65
C CYS B 408 7.07 2.77 79.62
N VAL B 409 7.60 2.07 80.61
CA VAL B 409 6.81 1.45 81.66
C VAL B 409 7.43 1.83 83.00
N GLU B 410 6.63 1.66 84.05
CA GLU B 410 7.09 1.88 85.41
C GLU B 410 6.73 0.67 86.27
N SER B 411 7.65 0.30 87.15
CA SER B 411 7.44 -0.84 88.03
C SER B 411 6.31 -0.57 89.01
N PHE B 412 5.58 -1.63 89.37
CA PHE B 412 4.47 -1.50 90.30
C PHE B 412 4.94 -1.04 91.68
N SER B 413 6.19 -1.35 92.04
CA SER B 413 6.72 -0.91 93.32
C SER B 413 6.92 0.61 93.36
N ASP B 414 6.96 1.27 92.22
CA ASP B 414 7.13 2.72 92.15
C ASP B 414 5.86 3.45 91.74
N TYR B 415 5.24 3.04 90.63
CA TYR B 415 4.06 3.71 90.10
C TYR B 415 2.97 2.67 89.93
N PRO B 416 2.17 2.44 90.96
CA PRO B 416 1.17 1.36 90.93
C PRO B 416 0.16 1.48 89.78
N PRO B 417 -0.33 2.68 89.43
CA PRO B 417 -1.18 2.76 88.24
C PRO B 417 -0.43 2.46 86.95
N LEU B 418 0.90 2.64 86.93
CA LEU B 418 1.70 2.32 85.75
C LEU B 418 2.33 0.93 85.80
N GLY B 419 2.18 0.22 86.92
CA GLY B 419 2.67 -1.14 86.99
C GLY B 419 1.68 -2.19 86.52
N ARG B 420 0.40 -1.84 86.43
CA ARG B 420 -0.60 -2.79 85.99
C ARG B 420 -0.55 -2.94 84.47
N PHE B 421 -0.79 -4.16 83.99
CA PHE B 421 -0.84 -4.44 82.57
C PHE B 421 -1.62 -5.72 82.33
N ALA B 422 -2.02 -5.92 81.08
CA ALA B 422 -2.67 -7.14 80.65
C ALA B 422 -2.12 -7.57 79.30
N VAL B 423 -2.19 -8.87 79.05
CA VAL B 423 -1.72 -9.46 77.79
C VAL B 423 -2.93 -9.90 77.00
N ARG B 424 -3.03 -9.43 75.75
CA ARG B 424 -4.18 -9.69 74.89
C ARG B 424 -3.73 -10.44 73.65
N ASP B 425 -4.49 -11.48 73.30
CA ASP B 425 -4.24 -12.25 72.09
C ASP B 425 -5.44 -13.14 71.81
N MET B 426 -5.76 -13.31 70.53
CA MET B 426 -6.87 -14.15 70.07
C MET B 426 -8.22 -13.69 70.62
N ARG B 427 -8.32 -12.41 70.97
CA ARG B 427 -9.51 -11.81 71.58
C ARG B 427 -9.81 -12.39 72.95
N GLN B 428 -8.77 -12.76 73.71
CA GLN B 428 -8.93 -13.02 75.13
C GLN B 428 -7.67 -12.57 75.87
N THR B 429 -7.82 -12.35 77.17
CA THR B 429 -6.71 -11.92 78.02
C THR B 429 -5.88 -13.14 78.38
N VAL B 430 -4.73 -13.29 77.71
CA VAL B 430 -3.88 -14.47 77.95
C VAL B 430 -3.25 -14.42 79.34
N ALA B 431 -2.70 -13.27 79.72
CA ALA B 431 -2.00 -13.16 80.99
C ALA B 431 -2.22 -11.78 81.58
N VAL B 432 -2.15 -11.70 82.91
CA VAL B 432 -2.25 -10.45 83.65
C VAL B 432 -1.15 -10.44 84.70
N GLY B 433 -0.82 -9.24 85.18
CA GLY B 433 0.16 -9.14 86.24
C GLY B 433 0.64 -7.71 86.40
N VAL B 434 1.71 -7.57 87.20
CA VAL B 434 2.29 -6.29 87.52
C VAL B 434 3.76 -6.29 87.09
N ILE B 435 4.41 -5.14 87.24
CA ILE B 435 5.79 -4.95 86.86
C ILE B 435 6.64 -4.81 88.12
N LYS B 436 7.79 -5.48 88.15
CA LYS B 436 8.65 -5.48 89.33
C LYS B 436 9.96 -4.75 89.11
N ALA B 437 10.74 -5.12 88.09
CA ALA B 437 12.03 -4.51 87.82
C ALA B 437 12.03 -3.89 86.44
N VAL B 438 12.49 -2.64 86.35
CA VAL B 438 12.58 -1.91 85.10
C VAL B 438 13.99 -1.33 84.98
N ASP B 439 14.61 -1.53 83.82
CA ASP B 439 15.89 -0.87 83.55
C ASP B 439 15.68 0.37 82.70
N LYS B 440 16.67 1.25 82.70
CA LYS B 440 16.59 2.54 82.05
C LYS B 440 17.64 2.64 80.96
N LYS B 441 17.27 3.30 79.86
CA LYS B 441 18.19 3.49 78.74
C LYS B 441 19.20 4.58 79.03
N GLY G 1 -15.15 3.06 -36.65
CA GLY G 1 -15.60 3.28 -38.01
C GLY G 1 -16.11 4.68 -38.25
N ARG G 2 -15.84 5.58 -37.31
CA ARG G 2 -16.26 6.98 -37.41
C ARG G 2 -15.06 7.82 -37.82
N VAL G 3 -15.30 8.75 -38.75
CA VAL G 3 -14.26 9.65 -39.20
C VAL G 3 -13.79 10.50 -38.03
N ILE G 4 -12.47 10.54 -37.82
CA ILE G 4 -11.93 11.20 -36.64
C ILE G 4 -11.76 12.70 -36.91
N ARG G 5 -11.60 13.45 -35.83
CA ARG G 5 -11.31 14.87 -35.97
C ARG G 5 -9.91 15.06 -36.56
N GLY G 6 -9.77 16.06 -37.41
CA GLY G 6 -8.56 16.20 -38.18
C GLY G 6 -8.75 15.63 -39.57
N GLN G 7 -9.39 14.46 -39.63
CA GLN G 7 -9.86 13.96 -40.91
C GLN G 7 -11.04 14.76 -41.40
N ARG G 8 -11.89 15.23 -40.48
CA ARG G 8 -13.03 16.05 -40.85
C ARG G 8 -12.62 17.46 -41.25
N LYS G 9 -11.40 17.88 -40.91
CA LYS G 9 -10.97 19.23 -41.22
C LYS G 9 -10.74 19.44 -42.71
N GLY G 10 -10.48 18.37 -43.45
CA GLY G 10 -10.18 18.51 -44.86
C GLY G 10 -11.31 19.05 -45.69
N ALA G 11 -12.54 18.66 -45.38
CA ALA G 11 -13.70 19.24 -46.05
C ALA G 11 -13.80 20.73 -45.76
N GLY G 12 -13.56 21.13 -44.50
CA GLY G 12 -13.53 22.51 -44.13
C GLY G 12 -14.89 23.14 -43.89
N SER G 13 -15.97 22.38 -44.06
CA SER G 13 -17.32 22.94 -44.07
C SER G 13 -17.60 23.77 -42.83
N VAL G 14 -17.05 23.36 -41.70
CA VAL G 14 -17.10 24.17 -40.49
C VAL G 14 -15.74 24.82 -40.22
N PHE G 15 -14.66 24.24 -40.72
CA PHE G 15 -13.31 24.61 -40.34
C PHE G 15 -12.67 25.62 -41.29
N ARG G 16 -13.41 26.17 -42.24
CA ARG G 16 -12.85 27.22 -43.09
C ARG G 16 -12.48 28.45 -42.26
N ALA G 17 -11.40 29.10 -42.67
CA ALA G 17 -10.91 30.26 -41.94
C ALA G 17 -11.91 31.41 -42.00
N HIS G 18 -11.99 32.15 -40.90
CA HIS G 18 -12.96 33.23 -40.75
C HIS G 18 -12.37 34.49 -41.36
N VAL G 19 -12.68 34.73 -42.63
CA VAL G 19 -12.12 35.84 -43.38
C VAL G 19 -13.19 36.89 -43.70
N LYS G 20 -14.23 36.98 -42.87
CA LYS G 20 -15.27 37.98 -43.10
C LYS G 20 -14.73 39.40 -42.93
N HIS G 21 -14.04 39.65 -41.82
CA HIS G 21 -13.59 41.00 -41.49
C HIS G 21 -12.11 41.22 -41.80
N ARG G 22 -11.46 40.27 -42.45
CA ARG G 22 -10.06 40.47 -42.82
C ARG G 22 -9.95 41.50 -43.94
N LYS G 23 -8.90 42.31 -43.87
CA LYS G 23 -8.77 43.51 -44.68
C LYS G 23 -8.22 43.22 -46.08
N GLY G 24 -7.90 41.98 -46.40
CA GLY G 24 -7.38 41.63 -47.70
C GLY G 24 -6.10 40.81 -47.60
N ALA G 25 -5.74 40.21 -48.73
CA ALA G 25 -4.53 39.42 -48.79
C ALA G 25 -3.31 40.33 -48.73
N ALA G 26 -2.37 40.00 -47.85
CA ALA G 26 -1.17 40.81 -47.66
C ALA G 26 -0.13 40.38 -48.68
N ARG G 27 0.19 41.27 -49.61
CA ARG G 27 1.09 40.94 -50.70
C ARG G 27 1.93 42.17 -51.05
N LEU G 28 3.09 41.92 -51.66
CA LEU G 28 3.85 43.00 -52.26
C LEU G 28 3.21 43.41 -53.58
N ARG G 29 3.69 44.51 -54.14
CA ARG G 29 3.13 44.96 -55.41
C ARG G 29 3.62 44.06 -56.54
N ALA G 30 2.90 44.11 -57.66
CA ALA G 30 3.28 43.33 -58.83
C ALA G 30 4.60 43.83 -59.39
N VAL G 31 5.46 42.89 -59.80
CA VAL G 31 6.73 43.25 -60.41
C VAL G 31 6.47 43.85 -61.78
N ASP G 32 7.19 44.92 -62.11
CA ASP G 32 6.99 45.62 -63.37
C ASP G 32 8.32 46.24 -63.78
N PHE G 33 8.26 47.17 -64.74
CA PHE G 33 9.47 47.79 -65.27
C PHE G 33 10.17 48.62 -64.21
N ALA G 34 9.40 49.35 -63.40
CA ALA G 34 9.99 50.21 -62.38
C ALA G 34 10.76 49.38 -61.34
N GLU G 35 10.15 48.28 -60.88
CA GLU G 35 10.85 47.40 -59.94
C GLU G 35 12.09 46.79 -60.58
N ARG G 36 11.97 46.40 -61.85
CA ARG G 36 13.04 45.66 -62.52
C ARG G 36 14.21 46.56 -62.88
N HIS G 37 14.01 47.86 -63.00
CA HIS G 37 15.08 48.75 -63.42
C HIS G 37 15.35 49.91 -62.48
N GLY G 38 14.34 50.48 -61.84
CA GLY G 38 14.57 51.63 -60.99
C GLY G 38 13.91 51.52 -59.63
N TYR G 39 13.20 52.57 -59.22
CA TYR G 39 12.40 52.52 -58.01
C TYR G 39 11.18 53.42 -58.18
N ILE G 40 10.12 53.11 -57.44
CA ILE G 40 8.91 53.91 -57.43
C ILE G 40 8.58 54.23 -55.98
N LYS G 41 8.26 55.50 -55.73
CA LYS G 41 8.05 56.00 -54.38
C LYS G 41 6.60 55.84 -53.97
N GLY G 42 6.37 55.31 -52.77
CA GLY G 42 5.05 55.20 -52.22
C GLY G 42 5.00 55.83 -50.85
N ILE G 43 3.79 56.21 -50.44
CA ILE G 43 3.55 56.88 -49.17
C ILE G 43 2.63 56.01 -48.33
N VAL G 44 2.97 55.88 -47.04
CA VAL G 44 2.16 55.08 -46.12
C VAL G 44 0.95 55.91 -45.70
N LYS G 45 -0.23 55.52 -46.17
CA LYS G 45 -1.45 56.22 -45.79
C LYS G 45 -2.03 55.75 -44.47
N ASP G 46 -1.96 54.45 -44.18
CA ASP G 46 -2.62 53.94 -42.99
C ASP G 46 -1.93 52.66 -42.54
N ILE G 47 -2.00 52.43 -41.23
CA ILE G 47 -1.58 51.17 -40.61
C ILE G 47 -2.79 50.60 -39.88
N ILE G 48 -3.18 49.38 -40.23
CA ILE G 48 -4.41 48.79 -39.74
C ILE G 48 -4.12 47.41 -39.17
N HIS G 49 -5.07 46.92 -38.38
CA HIS G 49 -4.98 45.61 -37.74
C HIS G 49 -5.84 44.61 -38.50
N ASP G 50 -5.20 43.63 -39.11
CA ASP G 50 -5.93 42.58 -39.81
C ASP G 50 -6.32 41.50 -38.83
N PRO G 51 -7.61 41.21 -38.64
CA PRO G 51 -8.01 40.18 -37.68
C PRO G 51 -7.48 38.81 -38.07
N GLY G 52 -7.18 38.00 -37.05
CA GLY G 52 -6.65 36.68 -37.25
C GLY G 52 -5.15 36.59 -37.31
N ARG G 53 -4.45 37.72 -37.32
CA ARG G 53 -3.00 37.75 -37.32
C ARG G 53 -2.50 38.82 -36.37
N GLY G 54 -1.26 38.63 -35.89
CA GLY G 54 -0.65 39.61 -35.02
C GLY G 54 0.14 40.69 -35.73
N ALA G 55 0.51 40.46 -36.98
CA ALA G 55 1.31 41.43 -37.71
C ALA G 55 0.41 42.55 -38.23
N PRO G 56 0.68 43.80 -37.90
CA PRO G 56 -0.10 44.91 -38.48
C PRO G 56 0.17 45.04 -39.97
N LEU G 57 -0.84 45.54 -40.68
CA LEU G 57 -0.75 45.74 -42.12
C LEU G 57 -0.59 47.22 -42.43
N ALA G 58 0.22 47.51 -43.44
CA ALA G 58 0.47 48.88 -43.88
C ALA G 58 -0.22 49.11 -45.21
N LYS G 59 -0.98 50.20 -45.29
CA LYS G 59 -1.69 50.56 -46.51
C LYS G 59 -0.87 51.63 -47.23
N VAL G 60 -0.32 51.27 -48.38
CA VAL G 60 0.60 52.12 -49.12
C VAL G 60 -0.02 52.43 -50.48
N VAL G 61 0.08 53.69 -50.90
CA VAL G 61 -0.49 54.16 -52.15
C VAL G 61 0.64 54.39 -53.14
N PHE G 62 0.50 53.84 -54.33
CA PHE G 62 1.45 54.03 -55.41
C PHE G 62 0.77 54.75 -56.58
N ARG G 63 1.60 55.35 -57.44
CA ARG G 63 1.14 55.98 -58.66
C ARG G 63 1.29 55.00 -59.81
N ASP G 64 0.23 54.85 -60.60
CA ASP G 64 0.29 53.98 -61.77
C ASP G 64 1.17 54.63 -62.82
N PRO G 65 2.27 54.00 -63.24
CA PRO G 65 3.19 54.64 -64.19
C PRO G 65 2.69 54.63 -65.63
N TYR G 66 1.60 53.91 -65.92
CA TYR G 66 1.13 53.78 -67.29
C TYR G 66 -0.21 54.45 -67.54
N ARG G 67 -1.09 54.52 -66.54
CA ARG G 67 -2.34 55.25 -66.67
C ARG G 67 -2.45 56.21 -65.50
N PHE G 68 -3.30 57.22 -65.66
CA PHE G 68 -3.58 58.14 -64.57
C PHE G 68 -4.46 57.50 -63.52
N LYS G 69 -3.86 56.88 -62.50
CA LYS G 69 -4.62 56.22 -61.46
C LYS G 69 -3.72 56.03 -60.24
N LYS G 70 -4.37 55.84 -59.09
CA LYS G 70 -3.67 55.56 -57.84
C LYS G 70 -3.84 54.10 -57.50
N ARG G 71 -2.74 53.41 -57.26
CA ARG G 71 -2.76 52.01 -56.86
C ARG G 71 -2.49 51.94 -55.35
N THR G 72 -3.37 51.26 -54.63
CA THR G 72 -3.28 51.13 -53.19
C THR G 72 -2.95 49.69 -52.82
N GLU G 73 -1.92 49.49 -52.02
CA GLU G 73 -1.45 48.16 -51.65
C GLU G 73 -1.59 47.95 -50.15
N LEU G 74 -1.31 46.72 -49.74
CA LEU G 74 -1.57 46.23 -48.39
C LEU G 74 -0.32 45.57 -47.81
N PHE G 75 0.80 46.29 -47.87
CA PHE G 75 2.08 45.75 -47.44
C PHE G 75 2.05 45.38 -45.96
N ILE G 76 2.82 44.36 -45.61
CA ILE G 76 2.96 43.97 -44.22
C ILE G 76 3.86 44.97 -43.52
N ALA G 77 3.37 45.55 -42.43
CA ALA G 77 4.04 46.67 -41.79
C ALA G 77 5.26 46.19 -41.00
N ALA G 78 6.45 46.46 -41.51
CA ALA G 78 7.66 46.25 -40.74
C ALA G 78 7.73 47.26 -39.61
N GLU G 79 8.27 46.84 -38.47
CA GLU G 79 8.31 47.72 -37.30
C GLU G 79 9.27 48.87 -37.56
N GLY G 80 8.85 50.08 -37.16
CA GLY G 80 9.61 51.29 -37.38
C GLY G 80 8.99 52.22 -38.40
N ILE G 81 8.05 51.74 -39.20
CA ILE G 81 7.40 52.59 -40.19
C ILE G 81 6.26 53.35 -39.53
N HIS G 82 5.81 54.42 -40.19
CA HIS G 82 4.77 55.28 -39.65
C HIS G 82 4.00 55.92 -40.80
N THR G 83 2.85 56.49 -40.47
CA THR G 83 2.04 57.19 -41.46
C THR G 83 2.77 58.41 -42.00
N GLY G 84 2.55 58.69 -43.27
CA GLY G 84 3.20 59.80 -43.92
C GLY G 84 4.63 59.55 -44.33
N GLN G 85 5.14 58.34 -44.15
CA GLN G 85 6.51 58.02 -44.52
C GLN G 85 6.57 57.59 -45.98
N PHE G 86 7.61 58.03 -46.68
CA PHE G 86 7.85 57.60 -48.05
C PHE G 86 8.66 56.32 -48.05
N VAL G 87 8.12 55.28 -48.71
CA VAL G 87 8.81 54.02 -48.89
C VAL G 87 9.15 53.87 -50.36
N TYR G 88 10.29 53.26 -50.64
CA TYR G 88 10.78 53.11 -52.00
C TYR G 88 10.89 51.63 -52.33
N CYS G 89 10.26 51.23 -53.43
CA CYS G 89 10.26 49.84 -53.88
C CYS G 89 10.91 49.78 -55.25
N GLY G 90 11.90 48.93 -55.39
CA GLY G 90 12.59 48.78 -56.66
C GLY G 90 14.03 48.40 -56.45
N LYS G 91 14.70 48.13 -57.58
CA LYS G 91 16.09 47.69 -57.52
C LYS G 91 17.01 48.81 -57.04
N LYS G 92 16.70 50.05 -57.42
CA LYS G 92 17.53 51.19 -57.04
C LYS G 92 17.14 51.77 -55.68
N ALA G 93 16.20 51.14 -54.97
CA ALA G 93 15.80 51.64 -53.67
C ALA G 93 16.93 51.49 -52.65
N GLN G 94 17.06 52.49 -51.78
CA GLN G 94 18.09 52.48 -50.76
C GLN G 94 17.66 51.64 -49.56
N LEU G 95 18.63 51.36 -48.69
CA LEU G 95 18.42 50.47 -47.56
C LEU G 95 17.79 51.24 -46.41
N ASN G 96 16.46 51.30 -46.38
CA ASN G 96 15.74 51.92 -45.28
C ASN G 96 14.61 50.99 -44.88
N ILE G 97 14.16 51.13 -43.63
CA ILE G 97 13.08 50.30 -43.13
C ILE G 97 11.82 50.62 -43.92
N GLY G 98 11.15 49.59 -44.42
CA GLY G 98 10.00 49.74 -45.27
C GLY G 98 10.32 49.70 -46.76
N ASN G 99 11.59 49.80 -47.13
CA ASN G 99 11.96 49.72 -48.53
C ASN G 99 11.94 48.27 -49.02
N VAL G 100 11.64 48.10 -50.30
CA VAL G 100 11.59 46.79 -50.94
C VAL G 100 12.57 46.80 -52.09
N LEU G 101 13.44 45.80 -52.14
CA LEU G 101 14.46 45.69 -53.17
C LEU G 101 14.88 44.23 -53.27
N PRO G 102 15.46 43.81 -54.40
CA PRO G 102 15.87 42.40 -54.52
C PRO G 102 16.98 42.06 -53.55
N VAL G 103 17.01 40.77 -53.17
CA VAL G 103 17.95 40.31 -52.14
C VAL G 103 19.39 40.37 -52.62
N GLY G 104 19.63 40.11 -53.91
CA GLY G 104 20.99 40.14 -54.43
C GLY G 104 21.65 41.50 -54.29
N THR G 105 20.85 42.56 -54.35
CA THR G 105 21.34 43.93 -54.16
C THR G 105 21.54 44.29 -52.71
N MET G 106 21.51 43.34 -51.82
CA MET G 106 21.63 43.66 -50.41
C MET G 106 22.91 43.08 -49.82
N PRO G 107 23.46 43.70 -48.76
CA PRO G 107 24.75 43.25 -48.23
C PRO G 107 24.71 41.87 -47.59
N GLU G 108 25.86 41.44 -47.07
CA GLU G 108 26.06 40.07 -46.61
C GLU G 108 25.47 39.79 -45.24
N GLY G 109 25.02 40.81 -44.52
CA GLY G 109 24.54 40.58 -43.17
C GLY G 109 23.17 41.17 -42.90
N THR G 110 22.54 41.73 -43.94
CA THR G 110 21.25 42.38 -43.76
C THR G 110 20.16 41.36 -43.50
N ILE G 111 19.03 41.85 -42.98
CA ILE G 111 17.89 41.00 -42.71
C ILE G 111 16.66 41.64 -43.34
N VAL G 112 15.64 40.81 -43.60
CA VAL G 112 14.47 41.24 -44.36
C VAL G 112 13.20 40.83 -43.62
N CYS G 113 12.07 41.31 -44.14
CA CYS G 113 10.77 41.13 -43.49
C CYS G 113 9.85 40.19 -44.26
N CYS G 114 9.56 40.50 -45.52
CA CYS G 114 8.58 39.74 -46.29
C CYS G 114 9.27 39.26 -47.56
N LEU G 115 9.71 38.00 -47.54
CA LEU G 115 10.58 37.48 -48.58
C LEU G 115 9.78 36.70 -49.62
N GLU G 116 10.07 36.98 -50.89
CA GLU G 116 9.49 36.24 -52.00
C GLU G 116 10.10 34.85 -52.08
N GLU G 117 9.24 33.83 -52.01
CA GLU G 117 9.73 32.47 -52.17
C GLU G 117 10.24 32.22 -53.59
N LYS G 118 9.70 32.93 -54.56
CA LYS G 118 10.08 32.77 -55.95
C LYS G 118 10.34 34.14 -56.57
N PRO G 119 11.18 34.20 -57.61
CA PRO G 119 11.44 35.49 -58.26
C PRO G 119 10.27 35.93 -59.13
N GLY G 120 9.29 36.61 -58.54
CA GLY G 120 8.19 37.11 -59.31
C GLY G 120 6.85 37.10 -58.60
N ASP G 121 6.71 36.30 -57.54
CA ASP G 121 5.50 36.38 -56.75
C ASP G 121 5.63 37.48 -55.70
N ARG G 122 4.69 37.51 -54.78
CA ARG G 122 4.71 38.51 -53.72
C ARG G 122 5.47 37.94 -52.52
N GLY G 123 5.39 38.64 -51.38
CA GLY G 123 6.08 38.18 -50.20
C GLY G 123 5.46 36.91 -49.64
N LYS G 124 6.33 35.97 -49.24
CA LYS G 124 5.86 34.69 -48.74
C LYS G 124 6.51 34.26 -47.43
N LEU G 125 7.68 34.75 -47.08
CA LEU G 125 8.43 34.23 -45.94
C LEU G 125 8.56 35.28 -44.84
N ALA G 126 8.66 34.79 -43.61
CA ALA G 126 8.85 35.63 -42.41
C ALA G 126 7.72 36.65 -42.27
N ARG G 127 6.50 36.23 -42.58
CA ARG G 127 5.36 37.14 -42.56
C ARG G 127 4.73 37.27 -41.19
N ALA G 128 4.82 36.25 -40.34
CA ALA G 128 4.24 36.32 -39.02
C ALA G 128 4.96 37.35 -38.15
N SER G 129 4.22 37.91 -37.19
CA SER G 129 4.73 39.01 -36.38
C SER G 129 5.96 38.59 -35.58
N GLY G 130 6.91 39.50 -35.46
CA GLY G 130 8.11 39.27 -34.70
C GLY G 130 9.19 38.45 -35.39
N ASN G 131 8.96 38.02 -36.63
CA ASN G 131 9.90 37.16 -37.34
C ASN G 131 10.55 37.90 -38.49
N TYR G 132 11.69 37.37 -38.93
CA TYR G 132 12.50 37.99 -39.97
C TYR G 132 13.44 36.96 -40.56
N ALA G 133 13.98 37.28 -41.73
CA ALA G 133 14.92 36.41 -42.43
C ALA G 133 16.21 37.16 -42.70
N THR G 134 17.33 36.44 -42.60
CA THR G 134 18.66 37.03 -42.72
C THR G 134 19.32 36.62 -44.02
N VAL G 135 19.82 37.62 -44.75
CA VAL G 135 20.58 37.38 -45.98
C VAL G 135 22.02 37.04 -45.58
N ILE G 136 22.54 35.96 -46.14
CA ILE G 136 23.84 35.45 -45.70
C ILE G 136 24.91 35.66 -46.76
N SER G 137 24.74 35.04 -47.93
CA SER G 137 25.82 35.01 -48.91
C SER G 137 25.28 35.33 -50.30
N HIS G 138 26.18 35.76 -51.18
CA HIS G 138 25.87 36.06 -52.56
C HIS G 138 26.88 35.38 -53.48
N ASN G 139 26.40 34.99 -54.66
CA ASN G 139 27.30 34.65 -55.75
C ASN G 139 26.77 35.29 -57.02
N PRO G 140 27.51 36.23 -57.61
CA PRO G 140 27.06 36.83 -58.88
C PRO G 140 26.84 35.80 -59.98
N GLU G 141 27.66 34.74 -60.01
CA GLU G 141 27.39 33.62 -60.89
C GLU G 141 26.17 32.86 -60.38
N THR G 142 25.35 32.38 -61.32
CA THR G 142 24.14 31.58 -61.09
C THR G 142 23.03 32.37 -60.40
N LYS G 143 23.32 33.62 -60.01
CA LYS G 143 22.33 34.57 -59.50
C LYS G 143 21.54 34.00 -58.32
N LYS G 144 22.27 33.36 -57.40
CA LYS G 144 21.67 32.73 -56.24
C LYS G 144 21.94 33.55 -54.99
N THR G 145 21.14 33.30 -53.95
CA THR G 145 21.27 33.98 -52.68
C THR G 145 20.89 33.03 -51.55
N ARG G 146 21.77 32.90 -50.57
CA ARG G 146 21.53 32.06 -49.41
C ARG G 146 20.98 32.90 -48.27
N VAL G 147 19.88 32.45 -47.68
CA VAL G 147 19.19 33.20 -46.64
C VAL G 147 18.96 32.31 -45.43
N LYS G 148 18.66 32.94 -44.30
CA LYS G 148 18.36 32.26 -43.06
C LYS G 148 16.92 32.55 -42.68
N LEU G 149 16.05 31.56 -42.81
CA LEU G 149 14.64 31.72 -42.48
C LEU G 149 14.45 31.76 -40.97
N PRO G 150 13.29 32.25 -40.51
CA PRO G 150 13.03 32.28 -39.06
C PRO G 150 13.14 30.92 -38.40
N SER G 151 12.86 29.83 -39.12
CA SER G 151 13.03 28.50 -38.57
C SER G 151 14.49 28.15 -38.32
N GLY G 152 15.42 28.94 -38.83
CA GLY G 152 16.83 28.63 -38.74
C GLY G 152 17.37 27.80 -39.88
N SER G 153 16.49 27.27 -40.73
CA SER G 153 16.94 26.53 -41.89
C SER G 153 17.54 27.48 -42.93
N LYS G 154 18.43 26.93 -43.75
CA LYS G 154 19.09 27.69 -44.80
C LYS G 154 18.47 27.35 -46.13
N LYS G 155 18.10 28.38 -46.89
CA LYS G 155 17.51 28.20 -48.21
C LYS G 155 18.28 29.03 -49.22
N VAL G 156 18.39 28.52 -50.43
CA VAL G 156 19.00 29.24 -51.54
C VAL G 156 17.89 29.68 -52.47
N ILE G 157 17.82 30.98 -52.73
CA ILE G 157 16.77 31.57 -53.54
C ILE G 157 17.41 32.45 -54.61
N SER G 158 16.62 32.76 -55.64
CA SER G 158 17.10 33.61 -56.71
C SER G 158 17.38 35.02 -56.20
N SER G 159 18.43 35.63 -56.75
CA SER G 159 18.88 36.92 -56.27
C SER G 159 17.89 38.05 -56.55
N ALA G 160 16.94 37.84 -57.46
CA ALA G 160 16.02 38.89 -57.84
C ALA G 160 14.81 39.00 -56.92
N ASN G 161 14.69 38.12 -55.93
CA ASN G 161 13.51 38.13 -55.07
C ASN G 161 13.47 39.40 -54.22
N ARG G 162 12.36 40.13 -54.30
CA ARG G 162 12.19 41.34 -53.53
C ARG G 162 11.85 41.00 -52.08
N ALA G 163 12.17 41.92 -51.17
CA ALA G 163 11.90 41.72 -49.76
C ALA G 163 11.84 43.07 -49.07
N VAL G 164 11.19 43.09 -47.91
CA VAL G 164 11.01 44.30 -47.13
C VAL G 164 12.11 44.39 -46.08
N VAL G 165 12.78 45.53 -46.02
CA VAL G 165 13.89 45.72 -45.10
C VAL G 165 13.36 45.90 -43.69
N GLY G 166 13.95 45.18 -42.74
CA GLY G 166 13.61 45.30 -41.34
C GLY G 166 12.87 44.09 -40.83
N VAL G 167 12.42 44.20 -39.58
CA VAL G 167 11.63 43.16 -38.94
C VAL G 167 10.18 43.59 -38.94
N VAL G 168 9.28 42.62 -39.09
CA VAL G 168 7.86 42.88 -39.06
C VAL G 168 7.45 43.38 -37.68
N ALA G 169 6.44 44.23 -37.63
CA ALA G 169 5.92 44.72 -36.36
C ALA G 169 5.22 43.59 -35.60
N GLY G 170 4.69 43.93 -34.42
CA GLY G 170 4.03 42.97 -33.59
C GLY G 170 4.89 42.37 -32.50
N GLY G 171 6.21 42.53 -32.57
CA GLY G 171 7.12 42.15 -31.51
C GLY G 171 6.97 40.74 -30.98
N GLY G 172 7.22 40.56 -29.69
CA GLY G 172 7.04 39.28 -29.04
C GLY G 172 5.63 39.09 -28.52
N ARG G 173 4.68 38.87 -29.43
CA ARG G 173 3.29 38.70 -29.02
C ARG G 173 3.12 37.46 -28.14
N ILE G 174 3.91 36.41 -28.39
CA ILE G 174 3.79 35.18 -27.61
C ILE G 174 4.33 35.31 -26.20
N ASP G 175 4.96 36.44 -25.85
CA ASP G 175 5.49 36.59 -24.50
C ASP G 175 4.38 36.65 -23.47
N LYS G 176 3.29 37.33 -23.78
CA LYS G 176 2.19 37.47 -22.83
C LYS G 176 1.43 36.16 -22.69
N PRO G 177 1.32 35.60 -21.50
CA PRO G 177 0.44 34.44 -21.31
C PRO G 177 -1.01 34.84 -21.55
N ILE G 178 -1.76 33.90 -22.12
CA ILE G 178 -3.15 34.18 -22.49
C ILE G 178 -3.99 34.37 -21.22
N LEU G 179 -3.70 33.59 -20.18
CA LEU G 179 -4.17 33.79 -18.81
C LEU G 179 -5.63 33.44 -18.59
N LYS G 180 -6.38 33.19 -19.66
CA LYS G 180 -7.81 32.94 -19.56
C LYS G 180 -8.27 32.11 -20.73
N ALA G 181 -9.27 31.27 -20.50
CA ALA G 181 -9.91 30.57 -21.61
C ALA G 181 -10.62 31.56 -22.53
N GLY G 182 -11.13 32.65 -21.97
CA GLY G 182 -11.87 33.61 -22.77
C GLY G 182 -10.98 34.34 -23.77
N ARG G 183 -9.77 34.70 -23.38
CA ARG G 183 -8.86 35.36 -24.31
C ARG G 183 -8.53 34.46 -25.49
N ALA G 184 -8.27 33.18 -25.21
CA ALA G 184 -8.00 32.24 -26.30
C ALA G 184 -9.23 32.03 -27.17
N TYR G 185 -10.43 31.98 -26.56
CA TYR G 185 -11.64 31.83 -27.33
C TYR G 185 -11.84 33.00 -28.29
N HIS G 186 -11.65 34.22 -27.79
CA HIS G 186 -11.76 35.39 -28.66
C HIS G 186 -10.67 35.41 -29.71
N LYS G 187 -9.47 34.95 -29.36
CA LYS G 187 -8.37 34.91 -30.32
C LYS G 187 -8.69 33.99 -31.49
N TYR G 188 -9.09 32.76 -31.19
CA TYR G 188 -9.41 31.81 -32.25
C TYR G 188 -10.77 32.07 -32.89
N LYS G 189 -11.60 32.93 -32.30
CA LYS G 189 -12.84 33.32 -32.96
C LYS G 189 -12.56 34.05 -34.26
N ALA G 190 -11.43 34.75 -34.34
CA ALA G 190 -11.06 35.50 -35.52
C ALA G 190 -10.24 34.70 -36.51
N LYS G 191 -9.92 33.44 -36.23
CA LYS G 191 -9.10 32.64 -37.12
C LYS G 191 -9.88 31.49 -37.75
N ARG G 192 -10.44 30.59 -36.95
CA ARG G 192 -11.10 29.37 -37.40
C ARG G 192 -11.60 28.60 -36.17
N ASN G 193 -12.34 27.53 -36.43
CA ASN G 193 -12.91 26.71 -35.37
C ASN G 193 -11.96 25.55 -35.05
N CYS G 194 -10.96 25.83 -34.21
CA CYS G 194 -10.04 24.79 -33.78
C CYS G 194 -9.60 24.91 -32.33
N TRP G 195 -10.17 25.83 -31.53
CA TRP G 195 -9.56 26.13 -30.25
C TRP G 195 -9.85 25.08 -29.17
N PRO G 196 -11.13 24.78 -28.83
CA PRO G 196 -11.34 23.81 -27.74
C PRO G 196 -10.93 22.43 -28.21
N ARG G 197 -9.78 21.97 -27.73
CA ARG G 197 -9.11 20.80 -28.28
C ARG G 197 -9.24 19.66 -27.29
N VAL G 198 -10.00 18.64 -27.66
CA VAL G 198 -10.23 17.50 -26.78
C VAL G 198 -9.15 16.46 -27.03
N ARG G 199 -8.53 15.98 -25.96
CA ARG G 199 -7.51 14.96 -26.08
C ARG G 199 -8.13 13.66 -26.57
N GLY G 200 -7.41 12.98 -27.47
CA GLY G 200 -7.94 11.74 -28.03
C GLY G 200 -8.09 10.64 -27.01
N VAL G 201 -7.26 10.67 -25.96
CA VAL G 201 -7.36 9.66 -24.91
C VAL G 201 -8.67 9.77 -24.16
N ALA G 202 -9.29 10.95 -24.15
CA ALA G 202 -10.61 11.12 -23.54
C ALA G 202 -11.74 10.67 -24.45
N MET G 203 -11.45 10.37 -25.71
CA MET G 203 -12.45 9.98 -26.67
C MET G 203 -12.75 8.48 -26.56
N ASN G 204 -13.78 8.06 -27.26
CA ASN G 204 -14.11 6.64 -27.44
C ASN G 204 -13.30 6.08 -28.61
N PRO G 205 -13.06 4.77 -28.64
CA PRO G 205 -12.21 4.20 -29.70
C PRO G 205 -12.74 4.41 -31.10
N VAL G 206 -14.05 4.60 -31.27
CA VAL G 206 -14.61 4.67 -32.61
C VAL G 206 -14.24 6.01 -33.28
N GLU G 207 -13.90 7.02 -32.49
CA GLU G 207 -13.57 8.33 -33.06
C GLU G 207 -12.10 8.71 -32.88
N HIS G 208 -11.26 7.81 -32.36
CA HIS G 208 -9.84 8.09 -32.24
C HIS G 208 -9.10 6.79 -31.96
N PRO G 209 -7.92 6.61 -32.55
CA PRO G 209 -7.12 5.41 -32.23
C PRO G 209 -6.74 5.32 -30.76
N PHE G 210 -6.50 6.45 -30.11
CA PHE G 210 -6.11 6.48 -28.71
C PHE G 210 -7.28 6.23 -27.76
N GLY G 211 -8.51 6.38 -28.23
CA GLY G 211 -9.65 6.35 -27.34
C GLY G 211 -9.92 4.97 -26.76
N GLY G 212 -10.58 4.97 -25.61
CA GLY G 212 -10.98 3.75 -24.94
C GLY G 212 -10.02 3.34 -23.85
N GLY G 213 -10.44 2.28 -23.15
CA GLY G 213 -9.71 1.77 -22.01
C GLY G 213 -10.28 2.26 -20.70
N ASN G 214 -10.23 1.41 -19.68
CA ASN G 214 -10.75 1.77 -18.37
C ASN G 214 -9.91 2.85 -17.70
N HIS G 215 -8.69 3.09 -18.19
CA HIS G 215 -7.88 4.21 -17.74
C HIS G 215 -7.48 5.03 -18.96
N GLN G 216 -7.32 6.34 -18.75
CA GLN G 216 -6.96 7.25 -19.83
C GLN G 216 -5.51 7.01 -20.19
N HIS G 217 -5.24 5.91 -20.89
CA HIS G 217 -3.91 5.55 -21.33
C HIS G 217 -3.92 5.36 -22.83
N ILE G 218 -2.79 5.70 -23.46
CA ILE G 218 -2.70 5.60 -24.91
C ILE G 218 -2.71 4.14 -25.34
N GLY G 219 -1.89 3.32 -24.68
CA GLY G 219 -1.89 1.89 -24.91
C GLY G 219 -1.07 1.43 -26.10
N LYS G 220 -0.68 2.34 -26.99
CA LYS G 220 0.14 2.01 -28.15
C LYS G 220 1.17 3.12 -28.32
N PRO G 221 2.30 2.82 -28.97
CA PRO G 221 3.32 3.85 -29.16
C PRO G 221 2.78 5.08 -29.87
N SER G 222 3.03 6.25 -29.28
CA SER G 222 2.52 7.50 -29.83
C SER G 222 3.19 7.86 -31.15
N THR G 223 4.46 7.54 -31.31
CA THR G 223 5.14 7.80 -32.57
C THR G 223 4.55 6.92 -33.65
N ILE G 224 4.31 7.50 -34.84
CA ILE G 224 3.66 6.80 -35.93
C ILE G 224 4.47 7.04 -37.20
N ARG G 225 4.41 6.09 -38.13
CA ARG G 225 5.20 6.18 -39.35
C ARG G 225 4.69 7.31 -40.24
N ARG G 226 5.60 7.79 -41.10
CA ARG G 226 5.27 8.89 -41.99
C ARG G 226 4.17 8.51 -42.97
N ASP G 227 4.25 7.31 -43.55
CA ASP G 227 3.31 6.87 -44.55
C ASP G 227 2.09 6.18 -43.96
N ALA G 228 1.75 6.48 -42.70
CA ALA G 228 0.59 5.88 -42.09
C ALA G 228 -0.68 6.36 -42.79
N PRO G 229 -1.72 5.54 -42.86
CA PRO G 229 -2.97 5.98 -43.48
C PRO G 229 -3.62 7.08 -42.69
N ALA G 230 -4.40 7.92 -43.40
CA ALA G 230 -5.17 8.96 -42.74
C ALA G 230 -6.19 8.32 -41.80
N GLY G 231 -6.39 8.96 -40.64
CA GLY G 231 -7.19 8.37 -39.59
C GLY G 231 -6.41 7.51 -38.63
N ARG G 232 -5.11 7.32 -38.86
CA ARG G 232 -4.25 6.57 -37.97
C ARG G 232 -3.08 7.38 -37.46
N LYS G 233 -2.48 8.22 -38.30
CA LYS G 233 -1.31 9.01 -37.91
C LYS G 233 -1.77 10.16 -37.01
N VAL G 234 -1.81 9.87 -35.71
CA VAL G 234 -2.15 10.84 -34.69
C VAL G 234 -1.05 10.80 -33.64
N GLY G 235 -0.97 11.89 -32.87
CA GLY G 235 0.11 12.02 -31.90
C GLY G 235 1.37 12.54 -32.55
N LEU G 236 2.52 12.00 -32.16
CA LEU G 236 3.81 12.42 -32.72
C LEU G 236 3.96 11.74 -34.07
N ILE G 237 3.97 12.54 -35.13
CA ILE G 237 3.97 12.02 -36.49
C ILE G 237 5.40 12.03 -37.03
N ALA G 238 5.92 10.84 -37.35
CA ALA G 238 7.24 10.69 -37.96
C ALA G 238 8.32 11.36 -37.12
N ALA G 239 8.24 11.18 -35.81
CA ALA G 239 9.16 11.85 -34.90
C ALA G 239 10.56 11.25 -35.02
N ARG G 240 11.56 12.10 -35.19
CA ARG G 240 12.94 11.65 -35.20
C ARG G 240 13.44 11.33 -33.80
N ARG G 241 12.91 12.00 -32.78
CA ARG G 241 13.27 11.73 -31.40
C ARG G 241 12.13 12.22 -30.52
N THR G 242 12.13 11.76 -29.27
CA THR G 242 11.15 12.18 -28.28
C THR G 242 11.88 12.55 -27.00
N GLY G 243 11.20 13.29 -26.13
CA GLY G 243 11.76 13.55 -24.83
C GLY G 243 11.77 15.01 -24.39
N ARG G 244 12.96 15.50 -24.06
CA ARG G 244 13.09 16.78 -23.37
C ARG G 244 13.87 17.82 -24.17
N LEU G 245 14.59 17.42 -25.22
CA LEU G 245 15.43 18.32 -26.03
C LEU G 245 16.47 19.03 -25.17
N ARG G 246 17.36 18.22 -24.60
CA ARG G 246 18.43 18.71 -23.75
C ARG G 246 19.70 18.80 -24.58
N GLY G 247 20.07 20.02 -24.98
CA GLY G 247 21.33 20.22 -25.66
C GLY G 247 21.26 21.11 -26.89
N THR G 248 20.16 21.05 -27.62
CA THR G 248 20.03 21.84 -28.84
C THR G 248 18.58 22.20 -29.12
N SER H 1 -38.51 -15.21 8.99
CA SER H 1 -37.57 -15.09 10.09
C SER H 1 -38.20 -14.40 11.28
N HIS H 2 -37.57 -14.54 12.45
CA HIS H 2 -38.05 -13.86 13.64
C HIS H 2 -37.85 -12.35 13.50
N ARG H 3 -38.76 -11.59 14.12
CA ARG H 3 -38.55 -10.16 14.20
C ARG H 3 -37.35 -9.87 15.10
N LYS H 4 -36.60 -8.82 14.74
CA LYS H 4 -35.25 -8.67 15.29
C LYS H 4 -35.29 -8.33 16.78
N PHE H 5 -36.36 -7.68 17.24
CA PHE H 5 -36.53 -7.41 18.65
C PHE H 5 -37.98 -7.60 19.05
N SER H 6 -38.18 -8.14 20.25
CA SER H 6 -39.52 -8.39 20.76
C SER H 6 -40.16 -7.09 21.25
N ALA H 7 -41.48 -7.04 21.18
CA ALA H 7 -42.23 -5.87 21.60
C ALA H 7 -43.64 -6.27 21.97
N PRO H 8 -44.22 -5.67 23.02
CA PRO H 8 -45.59 -6.01 23.40
C PRO H 8 -46.58 -5.60 22.32
N ARG H 9 -47.67 -6.38 22.25
CA ARG H 9 -48.68 -6.17 21.23
C ARG H 9 -49.41 -4.85 21.44
N HIS H 10 -49.75 -4.20 20.33
CA HIS H 10 -50.53 -2.98 20.35
C HIS H 10 -52.00 -3.33 20.53
N GLY H 11 -52.63 -2.75 21.55
CA GLY H 11 -54.03 -2.97 21.79
C GLY H 11 -54.30 -4.29 22.49
N SER H 12 -55.58 -4.54 22.76
CA SER H 12 -56.01 -5.71 23.49
C SER H 12 -56.86 -6.61 22.59
N LEU H 13 -56.68 -7.92 22.73
CA LEU H 13 -57.52 -8.89 22.06
C LEU H 13 -58.80 -9.19 22.83
N GLY H 14 -58.95 -8.65 24.04
CA GLY H 14 -60.17 -8.82 24.79
C GLY H 14 -61.29 -7.90 24.40
N PHE H 15 -61.02 -6.98 23.47
CA PHE H 15 -62.02 -6.05 22.97
C PHE H 15 -62.00 -6.04 21.44
N LEU H 16 -61.85 -7.22 20.85
CA LEU H 16 -61.68 -7.31 19.40
C LEU H 16 -62.85 -6.76 18.58
N PRO H 17 -64.12 -7.05 18.88
CA PRO H 17 -65.18 -6.41 18.10
C PRO H 17 -65.24 -4.91 18.36
N ARG H 18 -64.27 -4.18 17.78
CA ARG H 18 -64.15 -2.75 17.97
C ARG H 18 -65.21 -2.03 17.14
N LYS H 19 -66.45 -2.17 17.58
CA LYS H 19 -67.62 -1.72 16.83
C LYS H 19 -68.47 -0.80 17.70
N ARG H 20 -69.35 -0.06 17.04
CA ARG H 20 -70.35 0.72 17.77
C ARG H 20 -71.21 -0.22 18.60
N SER H 21 -71.50 0.19 19.83
CA SER H 21 -72.33 -0.63 20.70
C SER H 21 -73.73 -0.77 20.12
N SER H 22 -74.24 -1.99 20.14
CA SER H 22 -75.60 -2.24 19.69
C SER H 22 -76.64 -1.60 20.60
N ARG H 23 -76.24 -1.18 21.80
CA ARG H 23 -77.14 -0.55 22.74
C ARG H 23 -76.53 0.78 23.17
N HIS H 24 -77.41 1.74 23.43
CA HIS H 24 -77.00 3.05 23.92
C HIS H 24 -76.90 3.12 25.43
N ARG H 25 -77.59 2.23 26.15
CA ARG H 25 -77.61 2.29 27.60
C ARG H 25 -76.33 1.71 28.21
N GLY H 26 -76.07 0.43 27.96
CA GLY H 26 -74.98 -0.27 28.61
C GLY H 26 -75.50 -1.29 29.60
N LYS H 27 -75.54 -2.55 29.20
CA LYS H 27 -76.18 -3.59 29.99
C LYS H 27 -75.19 -4.19 30.98
N VAL H 28 -75.74 -4.89 31.97
CA VAL H 28 -74.94 -5.31 33.12
C VAL H 28 -74.10 -6.55 32.76
N LYS H 29 -74.74 -7.56 32.18
CA LYS H 29 -74.13 -8.80 31.69
C LYS H 29 -73.70 -9.74 32.82
N SER H 30 -73.69 -9.26 34.06
CA SER H 30 -73.36 -10.11 35.21
C SER H 30 -73.78 -9.38 36.48
N PHE H 31 -74.79 -9.91 37.15
CA PHE H 31 -75.15 -9.34 38.44
C PHE H 31 -74.38 -10.02 39.55
N PRO H 32 -74.22 -9.36 40.70
CA PRO H 32 -73.49 -9.98 41.80
C PRO H 32 -74.16 -11.26 42.27
N LYS H 33 -73.33 -12.21 42.71
CA LYS H 33 -73.83 -13.52 43.12
C LYS H 33 -74.75 -13.38 44.32
N ASP H 34 -75.95 -13.94 44.20
CA ASP H 34 -76.98 -13.79 45.22
C ASP H 34 -76.83 -14.84 46.31
N ASP H 35 -77.11 -14.45 47.55
CA ASP H 35 -77.21 -15.38 48.65
C ASP H 35 -78.46 -15.03 49.46
N PRO H 36 -79.23 -16.03 49.90
CA PRO H 36 -80.39 -15.73 50.77
C PRO H 36 -80.02 -15.14 52.12
N SER H 37 -78.77 -15.29 52.56
CA SER H 37 -78.37 -14.81 53.88
C SER H 37 -78.51 -13.30 54.01
N LYS H 38 -78.11 -12.55 52.99
CA LYS H 38 -78.15 -11.10 53.07
C LYS H 38 -79.58 -10.59 53.07
N PRO H 39 -79.80 -9.37 53.57
CA PRO H 39 -81.13 -8.75 53.43
C PRO H 39 -81.39 -8.33 51.98
N VAL H 40 -82.67 -8.09 51.70
CA VAL H 40 -83.09 -7.74 50.34
C VAL H 40 -82.49 -6.40 49.96
N HIS H 41 -81.86 -6.35 48.79
CA HIS H 41 -81.22 -5.13 48.33
C HIS H 41 -81.12 -5.17 46.81
N LEU H 42 -81.24 -4.00 46.20
CA LEU H 42 -81.03 -3.87 44.78
C LEU H 42 -79.53 -3.94 44.47
N THR H 43 -79.21 -4.35 43.25
CA THR H 43 -77.83 -4.54 42.84
C THR H 43 -77.36 -3.57 41.78
N ALA H 44 -78.21 -2.69 41.27
CA ALA H 44 -77.82 -1.81 40.17
C ALA H 44 -78.64 -0.53 40.23
N PHE H 45 -78.17 0.47 39.49
CA PHE H 45 -78.81 1.77 39.45
C PHE H 45 -78.42 2.46 38.15
N LEU H 46 -79.17 3.51 37.81
CA LEU H 46 -78.94 4.28 36.60
C LEU H 46 -78.53 5.70 36.98
N GLY H 47 -77.57 6.25 36.23
CA GLY H 47 -77.12 7.60 36.46
C GLY H 47 -76.76 8.27 35.15
N TYR H 48 -76.56 9.59 35.23
CA TYR H 48 -76.23 10.41 34.07
C TYR H 48 -74.99 11.22 34.37
N LYS H 49 -74.03 11.21 33.45
CA LYS H 49 -72.74 11.87 33.67
C LYS H 49 -72.95 13.38 33.61
N ALA H 50 -73.08 14.01 34.78
CA ALA H 50 -73.31 15.45 34.84
C ALA H 50 -72.06 16.23 34.52
N GLY H 51 -70.93 15.81 35.05
CA GLY H 51 -69.69 16.53 34.82
C GLY H 51 -68.61 16.06 35.78
N MET H 52 -67.50 16.78 35.75
CA MET H 52 -66.32 16.46 36.53
C MET H 52 -65.85 17.66 37.32
N THR H 53 -65.16 17.39 38.42
CA THR H 53 -64.52 18.41 39.25
C THR H 53 -63.49 17.71 40.11
N HIS H 54 -62.89 18.46 41.04
CA HIS H 54 -61.88 17.91 41.93
C HIS H 54 -62.15 18.36 43.35
N ILE H 55 -61.68 17.57 44.31
CA ILE H 55 -61.95 17.78 45.73
C ILE H 55 -60.64 17.75 46.49
N VAL H 56 -60.72 18.15 47.75
CA VAL H 56 -59.58 18.13 48.66
C VAL H 56 -59.97 17.32 49.89
N ARG H 57 -59.17 16.30 50.22
CA ARG H 57 -59.45 15.46 51.36
C ARG H 57 -58.14 15.06 52.03
N GLU H 58 -58.26 14.52 53.24
CA GLU H 58 -57.11 14.03 53.98
C GLU H 58 -57.09 12.50 53.96
N VAL H 59 -55.93 11.93 53.69
CA VAL H 59 -55.77 10.50 53.52
C VAL H 59 -55.32 9.88 54.83
N ASP H 60 -55.87 8.71 55.16
CA ASP H 60 -55.60 8.03 56.41
C ASP H 60 -54.94 6.69 56.11
N ARG H 61 -53.93 6.70 55.24
CA ARG H 61 -53.26 5.47 54.82
C ARG H 61 -51.90 5.38 55.50
N PRO H 62 -51.76 4.59 56.57
CA PRO H 62 -50.47 4.50 57.24
C PRO H 62 -49.40 3.87 56.34
N GLY H 63 -48.16 4.29 56.57
CA GLY H 63 -47.04 3.80 55.79
C GLY H 63 -46.84 4.48 54.46
N SER H 64 -47.68 5.44 54.10
CA SER H 64 -47.60 6.13 52.83
C SER H 64 -47.00 7.52 53.00
N LYS H 65 -46.42 8.02 51.92
CA LYS H 65 -45.88 9.38 51.91
C LYS H 65 -46.98 10.41 52.12
N VAL H 66 -48.20 10.12 51.67
CA VAL H 66 -49.31 11.05 51.75
C VAL H 66 -50.16 10.80 52.99
N ASN H 67 -49.63 10.05 53.96
CA ASN H 67 -50.39 9.77 55.17
C ASN H 67 -50.63 11.04 55.96
N LYS H 68 -51.88 11.26 56.35
CA LYS H 68 -52.30 12.46 57.09
C LYS H 68 -51.93 13.73 56.34
N LYS H 69 -52.07 13.72 55.03
CA LYS H 69 -51.75 14.86 54.19
C LYS H 69 -52.98 15.25 53.38
N GLU H 70 -52.86 16.36 52.65
CA GLU H 70 -53.94 16.83 51.79
C GLU H 70 -53.66 16.44 50.35
N VAL H 71 -54.67 15.90 49.68
CA VAL H 71 -54.56 15.50 48.29
C VAL H 71 -55.70 16.14 47.50
N VAL H 72 -55.48 16.26 46.20
CA VAL H 72 -56.50 16.76 45.27
C VAL H 72 -56.78 15.65 44.27
N GLU H 73 -58.02 15.17 44.26
CA GLU H 73 -58.42 14.06 43.41
C GLU H 73 -59.60 14.48 42.55
N ALA H 74 -59.52 14.18 41.25
CA ALA H 74 -60.63 14.45 40.36
C ALA H 74 -61.82 13.57 40.70
N VAL H 75 -63.01 14.13 40.61
CA VAL H 75 -64.24 13.37 40.83
C VAL H 75 -65.20 13.66 39.69
N THR H 76 -66.17 12.76 39.53
CA THR H 76 -67.16 12.86 38.47
C THR H 76 -68.55 12.96 39.08
N ILE H 77 -69.34 13.91 38.60
CA ILE H 77 -70.69 14.16 39.11
C ILE H 77 -71.67 13.35 38.28
N VAL H 78 -72.46 12.51 38.95
CA VAL H 78 -73.46 11.67 38.31
C VAL H 78 -74.81 11.99 38.94
N GLU H 79 -75.62 12.78 38.24
CA GLU H 79 -76.95 13.09 38.73
C GLU H 79 -77.82 11.85 38.68
N THR H 80 -78.43 11.50 39.81
CA THR H 80 -79.23 10.29 39.96
C THR H 80 -80.57 10.61 40.60
N PRO H 81 -81.56 11.03 39.81
CA PRO H 81 -82.92 11.11 40.33
C PRO H 81 -83.44 9.73 40.67
N PRO H 82 -84.33 9.62 41.65
CA PRO H 82 -84.77 8.29 42.11
C PRO H 82 -85.45 7.50 41.00
N MET H 83 -85.18 6.20 40.97
CA MET H 83 -85.81 5.32 40.01
C MET H 83 -87.22 4.98 40.43
N VAL H 84 -88.05 4.65 39.45
CA VAL H 84 -89.44 4.24 39.69
C VAL H 84 -89.60 2.81 39.20
N VAL H 85 -89.78 1.89 40.13
CA VAL H 85 -89.96 0.48 39.81
C VAL H 85 -91.40 0.28 39.35
N VAL H 86 -91.56 -0.26 38.13
CA VAL H 86 -92.87 -0.39 37.52
C VAL H 86 -93.21 -1.81 37.13
N GLY H 87 -92.34 -2.78 37.38
CA GLY H 87 -92.64 -4.15 37.01
C GLY H 87 -91.68 -5.11 37.65
N ILE H 88 -92.02 -6.39 37.54
CA ILE H 88 -91.21 -7.49 38.07
C ILE H 88 -91.11 -8.58 37.02
N VAL H 89 -89.89 -9.04 36.75
CA VAL H 89 -89.63 -10.19 35.89
C VAL H 89 -89.07 -11.31 36.74
N GLY H 90 -89.60 -12.51 36.56
CA GLY H 90 -89.07 -13.70 37.19
C GLY H 90 -88.39 -14.59 36.16
N TYR H 91 -87.18 -15.03 36.48
CA TYR H 91 -86.43 -15.91 35.60
C TYR H 91 -86.37 -17.31 36.21
N VAL H 92 -86.31 -18.30 35.34
CA VAL H 92 -86.19 -19.70 35.74
C VAL H 92 -84.93 -20.28 35.10
N GLU H 93 -84.22 -21.11 35.87
CA GLU H 93 -83.01 -21.74 35.38
C GLU H 93 -83.35 -22.92 34.49
N THR H 94 -82.69 -23.00 33.34
CA THR H 94 -82.82 -24.11 32.41
C THR H 94 -81.42 -24.60 32.08
N PRO H 95 -81.29 -25.84 31.61
CA PRO H 95 -80.00 -26.27 31.04
C PRO H 95 -79.60 -25.46 29.81
N ARG H 96 -80.55 -24.79 29.16
CA ARG H 96 -80.26 -23.86 28.09
C ARG H 96 -79.95 -22.46 28.61
N GLY H 97 -79.94 -22.27 29.93
CA GLY H 97 -79.62 -20.99 30.52
C GLY H 97 -80.86 -20.34 31.14
N LEU H 98 -80.65 -19.14 31.66
CA LEU H 98 -81.75 -18.38 32.22
C LEU H 98 -82.70 -17.93 31.12
N ARG H 99 -84.01 -18.03 31.39
CA ARG H 99 -85.03 -17.59 30.46
C ARG H 99 -86.15 -16.89 31.21
N THR H 100 -86.81 -15.97 30.52
CA THR H 100 -87.87 -15.18 31.13
C THR H 100 -89.10 -16.05 31.36
N PHE H 101 -89.49 -16.23 32.61
CA PHE H 101 -90.65 -17.04 32.92
C PHE H 101 -91.95 -16.25 32.77
N LYS H 102 -92.10 -15.18 33.55
CA LYS H 102 -93.33 -14.39 33.56
C LYS H 102 -92.99 -12.96 33.92
N THR H 103 -93.72 -12.02 33.32
CA THR H 103 -93.53 -10.60 33.55
C THR H 103 -94.85 -9.97 34.00
N VAL H 104 -94.79 -9.17 35.06
CA VAL H 104 -95.94 -8.47 35.59
C VAL H 104 -95.64 -6.98 35.61
N PHE H 105 -96.48 -6.19 34.96
CA PHE H 105 -96.34 -4.75 34.96
C PHE H 105 -97.36 -4.12 35.90
N ALA H 106 -96.91 -3.10 36.63
CA ALA H 106 -97.77 -2.44 37.60
C ALA H 106 -98.80 -1.55 36.90
N GLU H 107 -99.82 -1.19 37.64
CA GLU H 107 -100.80 -0.23 37.17
C GLU H 107 -100.20 1.17 37.15
N HIS H 108 -100.84 2.06 36.39
CA HIS H 108 -100.47 3.47 36.31
C HIS H 108 -98.99 3.65 35.95
N ILE H 109 -98.63 3.17 34.77
CA ILE H 109 -97.29 3.36 34.26
C ILE H 109 -97.05 4.84 34.01
N SER H 110 -95.89 5.34 34.45
CA SER H 110 -95.59 6.75 34.33
C SER H 110 -95.57 7.17 32.85
N ASP H 111 -95.94 8.42 32.61
CA ASP H 111 -96.09 8.91 31.24
C ASP H 111 -94.76 8.90 30.51
N GLU H 112 -93.68 9.30 31.18
CA GLU H 112 -92.36 9.24 30.55
C GLU H 112 -91.93 7.82 30.26
N CYS H 113 -92.32 6.86 31.11
CA CYS H 113 -91.98 5.47 30.87
C CYS H 113 -92.67 4.94 29.61
N LYS H 114 -93.92 5.36 29.38
CA LYS H 114 -94.65 4.91 28.20
C LYS H 114 -94.04 5.46 26.91
N ARG H 115 -93.19 6.48 27.01
CA ARG H 115 -92.57 7.05 25.82
C ARG H 115 -91.52 6.12 25.22
N ARG H 116 -90.94 5.24 26.04
CA ARG H 116 -89.93 4.31 25.56
C ARG H 116 -90.48 3.35 24.52
N PHE H 117 -91.73 2.91 24.67
CA PHE H 117 -92.33 1.93 23.79
C PHE H 117 -92.64 2.48 22.40
N TYR H 118 -92.53 3.78 22.19
CA TYR H 118 -92.91 4.40 20.92
C TYR H 118 -91.69 5.06 20.29
N LYS H 119 -91.42 4.71 19.04
CA LYS H 119 -90.39 5.44 18.28
C LYS H 119 -90.84 6.87 18.01
N ASN H 120 -92.12 7.06 17.71
CA ASN H 120 -92.69 8.38 17.45
C ASN H 120 -93.79 8.64 18.47
N TRP H 121 -93.42 9.27 19.58
CA TRP H 121 -94.40 9.63 20.60
C TRP H 121 -95.34 10.72 20.11
N HIS H 122 -94.87 11.56 19.19
CA HIS H 122 -95.69 12.65 18.67
C HIS H 122 -96.89 12.12 17.90
N LYS H 123 -96.69 11.08 17.11
CA LYS H 123 -97.75 10.54 16.26
C LYS H 123 -98.53 9.41 16.92
N SER H 124 -98.18 9.04 18.14
CA SER H 124 -98.80 7.90 18.79
C SER H 124 -100.20 8.23 19.29
N LYS H 125 -101.02 7.20 19.41
CA LYS H 125 -102.30 7.29 20.09
C LYS H 125 -102.16 7.10 21.59
N LYS H 126 -100.94 6.85 22.07
CA LYS H 126 -100.67 6.63 23.50
C LYS H 126 -101.48 5.46 24.04
N LYS H 127 -101.60 4.41 23.24
CA LYS H 127 -102.40 3.24 23.60
C LYS H 127 -101.61 2.19 24.37
N ALA H 128 -100.33 2.43 24.66
CA ALA H 128 -99.50 1.42 25.31
C ALA H 128 -100.03 1.07 26.69
N PHE H 129 -100.17 -0.24 26.94
CA PHE H 129 -100.58 -0.80 28.23
C PHE H 129 -101.97 -0.36 28.65
N THR H 130 -102.78 0.14 27.72
CA THR H 130 -104.13 0.58 28.08
C THR H 130 -105.02 -0.61 28.45
N LYS H 131 -105.05 -1.65 27.61
CA LYS H 131 -105.85 -2.82 27.92
C LYS H 131 -105.21 -3.67 29.01
N TYR H 132 -103.89 -3.62 29.13
CA TYR H 132 -103.22 -4.38 30.20
C TYR H 132 -103.62 -3.87 31.57
N CYS H 133 -103.65 -2.55 31.76
CA CYS H 133 -103.93 -2.00 33.08
C CYS H 133 -105.36 -2.27 33.53
N LYS H 134 -106.26 -2.61 32.60
CA LYS H 134 -107.63 -2.92 32.97
C LYS H 134 -107.72 -4.23 33.74
N LYS H 135 -106.73 -5.11 33.61
CA LYS H 135 -106.76 -6.36 34.37
C LYS H 135 -106.33 -6.20 35.81
N TRP H 136 -105.92 -4.99 36.21
CA TRP H 136 -105.68 -4.72 37.63
C TRP H 136 -106.95 -4.34 38.38
N GLN H 137 -108.09 -4.29 37.71
CA GLN H 137 -109.34 -3.89 38.35
C GLN H 137 -110.34 -5.03 38.43
N ASP H 138 -110.58 -5.75 37.34
CA ASP H 138 -111.52 -6.86 37.37
C ASP H 138 -111.00 -7.97 38.28
N GLU H 139 -111.94 -8.66 38.93
CA GLU H 139 -111.58 -9.73 39.85
C GLU H 139 -110.87 -10.88 39.13
N ASP H 140 -111.29 -11.19 37.89
CA ASP H 140 -110.62 -12.24 37.13
C ASP H 140 -109.18 -11.82 36.83
N GLY H 141 -108.97 -10.54 36.51
CA GLY H 141 -107.62 -10.07 36.27
C GLY H 141 -106.74 -10.14 37.49
N LYS H 142 -107.28 -9.79 38.67
CA LYS H 142 -106.48 -9.89 39.88
C LYS H 142 -106.22 -11.35 40.25
N LYS H 143 -107.17 -12.23 39.98
CA LYS H 143 -106.90 -13.66 40.18
C LYS H 143 -105.78 -14.13 39.27
N GLN H 144 -105.79 -13.68 38.01
CA GLN H 144 -104.70 -14.00 37.09
C GLN H 144 -103.37 -13.47 37.60
N LEU H 145 -103.37 -12.25 38.13
CA LEU H 145 -102.13 -11.66 38.64
C LEU H 145 -101.61 -12.43 39.85
N GLU H 146 -102.51 -12.82 40.75
CA GLU H 146 -102.10 -13.61 41.91
C GLU H 146 -101.58 -14.98 41.49
N LYS H 147 -102.20 -15.59 40.48
CA LYS H 147 -101.70 -16.87 39.97
C LYS H 147 -100.31 -16.71 39.37
N ASP H 148 -100.08 -15.61 38.64
CA ASP H 148 -98.74 -15.35 38.12
C ASP H 148 -97.74 -15.15 39.25
N PHE H 149 -98.14 -14.44 40.31
CA PHE H 149 -97.25 -14.25 41.45
C PHE H 149 -96.91 -15.58 42.11
N SER H 150 -97.91 -16.46 42.27
CA SER H 150 -97.66 -17.77 42.87
C SER H 150 -96.77 -18.62 41.99
N SER H 151 -96.96 -18.55 40.66
CA SER H 151 -96.08 -19.28 39.75
C SER H 151 -94.65 -18.80 39.88
N MET H 152 -94.46 -17.48 39.95
CA MET H 152 -93.12 -16.92 40.15
C MET H 152 -92.55 -17.37 41.49
N LYS H 153 -93.40 -17.42 42.52
CA LYS H 153 -92.95 -17.84 43.85
C LYS H 153 -92.45 -19.28 43.84
N LYS H 154 -93.19 -20.19 43.22
CA LYS H 154 -92.87 -21.60 43.30
C LYS H 154 -91.94 -22.10 42.21
N TYR H 155 -91.68 -21.30 41.17
CA TYR H 155 -90.87 -21.78 40.07
C TYR H 155 -89.63 -20.93 39.77
N CYS H 156 -89.71 -19.61 39.87
CA CYS H 156 -88.61 -18.75 39.47
C CYS H 156 -87.45 -18.85 40.46
N GLN H 157 -86.24 -18.66 39.95
CA GLN H 157 -85.04 -18.68 40.77
C GLN H 157 -84.56 -17.28 41.13
N VAL H 158 -84.38 -16.41 40.14
CA VAL H 158 -83.99 -15.03 40.35
C VAL H 158 -85.06 -14.14 39.76
N ILE H 159 -85.32 -13.01 40.42
CA ILE H 159 -86.29 -12.04 39.95
C ILE H 159 -85.61 -10.69 39.80
N ARG H 160 -86.11 -9.90 38.85
CA ARG H 160 -85.60 -8.57 38.58
C ARG H 160 -86.76 -7.60 38.41
N VAL H 161 -86.51 -6.35 38.76
CA VAL H 161 -87.53 -5.31 38.74
C VAL H 161 -87.24 -4.35 37.59
N ILE H 162 -88.29 -3.92 36.90
CA ILE H 162 -88.17 -2.92 35.86
C ILE H 162 -88.28 -1.56 36.50
N ALA H 163 -87.27 -0.72 36.29
CA ALA H 163 -87.25 0.63 36.83
C ALA H 163 -86.94 1.61 35.72
N HIS H 164 -87.54 2.80 35.80
CA HIS H 164 -87.32 3.84 34.80
C HIS H 164 -86.90 5.12 35.48
N THR H 165 -86.15 5.93 34.73
CA THR H 165 -85.66 7.20 35.23
C THR H 165 -86.75 8.27 35.12
N GLN H 166 -86.35 9.52 35.36
CA GLN H 166 -87.28 10.64 35.38
C GLN H 166 -86.66 11.79 34.57
N MET H 167 -87.07 11.89 33.31
CA MET H 167 -86.56 12.96 32.44
C MET H 167 -87.03 14.32 32.91
N ARG H 168 -88.24 14.40 33.47
CA ARG H 168 -88.77 15.68 33.91
C ARG H 168 -87.95 16.29 35.03
N LEU H 169 -87.16 15.49 35.74
CA LEU H 169 -86.25 16.00 36.74
C LEU H 169 -84.88 16.36 36.17
N LEU H 170 -84.68 16.13 34.88
CA LEU H 170 -83.36 16.34 34.31
C LEU H 170 -83.40 17.43 33.24
N PRO H 171 -82.32 18.18 33.08
CA PRO H 171 -82.30 19.28 32.10
C PRO H 171 -82.02 18.86 30.67
N LEU H 172 -82.14 17.58 30.35
CA LEU H 172 -81.88 17.12 28.98
C LEU H 172 -83.09 17.40 28.09
N ARG H 173 -82.84 17.42 26.78
CA ARG H 173 -83.94 17.56 25.83
C ARG H 173 -84.84 16.33 25.86
N GLN H 174 -84.25 15.15 26.01
CA GLN H 174 -84.99 13.91 25.87
C GLN H 174 -86.00 13.75 27.01
N LYS H 175 -87.25 13.51 26.66
CA LYS H 175 -88.29 13.19 27.62
C LYS H 175 -88.51 11.69 27.77
N LYS H 176 -87.82 10.88 26.98
CA LYS H 176 -88.01 9.43 26.98
C LYS H 176 -87.26 8.82 28.16
N ALA H 177 -87.97 8.13 29.04
CA ALA H 177 -87.35 7.52 30.20
C ALA H 177 -86.49 6.32 29.77
N HIS H 178 -85.56 5.96 30.65
CA HIS H 178 -84.65 4.84 30.42
C HIS H 178 -85.13 3.64 31.24
N LEU H 179 -85.48 2.56 30.54
CA LEU H 179 -85.91 1.35 31.22
C LEU H 179 -84.73 0.43 31.48
N MET H 180 -84.85 -0.39 32.53
CA MET H 180 -83.77 -1.29 32.90
C MET H 180 -84.32 -2.37 33.83
N GLU H 181 -83.82 -3.58 33.67
CA GLU H 181 -84.03 -4.65 34.64
C GLU H 181 -82.93 -4.57 35.70
N ILE H 182 -83.34 -4.56 36.97
CA ILE H 182 -82.41 -4.52 38.09
C ILE H 182 -82.65 -5.75 38.95
N GLN H 183 -81.59 -6.50 39.21
CA GLN H 183 -81.72 -7.72 39.99
C GLN H 183 -81.98 -7.40 41.46
N VAL H 184 -82.86 -8.19 42.07
CA VAL H 184 -83.15 -8.09 43.49
C VAL H 184 -82.53 -9.29 44.18
N ASN H 185 -81.58 -9.03 45.07
CA ASN H 185 -80.83 -10.08 45.74
C ASN H 185 -81.10 -10.07 47.23
N GLY H 186 -80.62 -11.11 47.91
CA GLY H 186 -80.64 -11.14 49.35
C GLY H 186 -81.90 -11.65 50.01
N GLY H 187 -82.27 -12.89 49.74
CA GLY H 187 -83.37 -13.50 50.46
C GLY H 187 -83.99 -14.61 49.64
N THR H 188 -85.02 -15.22 50.22
CA THR H 188 -85.76 -16.25 49.51
C THR H 188 -86.59 -15.61 48.41
N VAL H 189 -87.04 -16.45 47.46
CA VAL H 189 -87.78 -15.96 46.31
C VAL H 189 -89.08 -15.30 46.75
N ALA H 190 -89.79 -15.90 47.71
CA ALA H 190 -91.02 -15.31 48.20
C ALA H 190 -90.76 -13.96 48.85
N GLU H 191 -89.71 -13.86 49.67
CA GLU H 191 -89.40 -12.60 50.34
C GLU H 191 -89.10 -11.49 49.35
N LYS H 192 -88.25 -11.75 48.36
CA LYS H 192 -87.94 -10.72 47.39
C LYS H 192 -89.11 -10.39 46.48
N LEU H 193 -89.95 -11.38 46.16
CA LEU H 193 -91.15 -11.07 45.37
C LEU H 193 -92.10 -10.16 46.14
N ASP H 194 -92.33 -10.46 47.42
CA ASP H 194 -93.17 -9.59 48.23
C ASP H 194 -92.55 -8.20 48.37
N TRP H 195 -91.23 -8.14 48.57
CA TRP H 195 -90.55 -6.86 48.72
C TRP H 195 -90.68 -6.02 47.46
N ALA H 196 -90.52 -6.64 46.29
CA ALA H 196 -90.74 -5.93 45.04
C ALA H 196 -92.18 -5.49 44.89
N ARG H 197 -93.13 -6.33 45.30
CA ARG H 197 -94.53 -5.96 45.20
C ARG H 197 -94.87 -4.76 46.09
N GLU H 198 -94.18 -4.63 47.23
CA GLU H 198 -94.42 -3.47 48.07
C GLU H 198 -93.76 -2.21 47.52
N ARG H 199 -92.90 -2.34 46.52
CA ARG H 199 -92.25 -1.18 45.93
C ARG H 199 -92.75 -0.85 44.53
N LEU H 200 -93.82 -1.49 44.08
CA LEU H 200 -94.41 -1.12 42.81
C LEU H 200 -94.99 0.28 42.88
N GLU H 201 -94.84 1.04 41.80
CA GLU H 201 -95.24 2.44 41.67
C GLU H 201 -94.48 3.36 42.61
N GLN H 202 -93.44 2.87 43.29
CA GLN H 202 -92.75 3.67 44.29
C GLN H 202 -91.44 4.23 43.73
N GLN H 203 -90.82 5.11 44.52
CA GLN H 203 -89.53 5.70 44.19
C GLN H 203 -88.44 5.07 45.04
N VAL H 204 -87.36 4.67 44.40
CA VAL H 204 -86.19 4.13 45.07
C VAL H 204 -85.07 5.16 44.98
N PRO H 205 -84.83 5.92 46.04
CA PRO H 205 -83.70 6.85 46.03
C PRO H 205 -82.38 6.10 46.01
N VAL H 206 -81.37 6.77 45.44
CA VAL H 206 -80.08 6.13 45.21
C VAL H 206 -79.38 5.73 46.51
N ASN H 207 -79.71 6.37 47.63
CA ASN H 207 -79.09 6.02 48.90
C ASN H 207 -79.47 4.63 49.38
N GLN H 208 -80.68 4.16 49.08
CA GLN H 208 -81.13 2.85 49.51
C GLN H 208 -80.36 1.71 48.87
N VAL H 209 -79.69 1.94 47.75
CA VAL H 209 -78.96 0.91 47.04
C VAL H 209 -77.46 1.00 47.30
N PHE H 210 -76.88 2.17 47.06
CA PHE H 210 -75.46 2.39 47.28
C PHE H 210 -75.26 3.26 48.50
N GLY H 211 -74.16 3.01 49.21
CA GLY H 211 -73.84 3.72 50.43
C GLY H 211 -72.59 4.57 50.28
N GLN H 212 -72.26 5.25 51.38
CA GLN H 212 -71.08 6.10 51.41
C GLN H 212 -69.82 5.25 51.31
N ASP H 213 -68.76 5.86 50.78
CA ASP H 213 -67.38 5.34 50.68
C ASP H 213 -67.32 3.83 50.43
N GLU H 214 -68.11 3.40 49.46
CA GLU H 214 -68.06 2.04 48.94
C GLU H 214 -67.74 2.09 47.46
N MET H 215 -67.13 1.03 46.95
CA MET H 215 -66.60 1.01 45.60
C MET H 215 -67.53 0.22 44.69
N ILE H 216 -67.94 0.84 43.60
CA ILE H 216 -68.90 0.25 42.68
C ILE H 216 -68.27 0.09 41.30
N ASP H 217 -69.01 -0.54 40.38
CA ASP H 217 -68.57 -0.72 39.01
C ASP H 217 -69.44 0.13 38.08
N VAL H 218 -68.81 0.69 37.05
CA VAL H 218 -69.48 1.57 36.11
C VAL H 218 -69.55 0.89 34.76
N ILE H 219 -70.75 0.87 34.18
CA ILE H 219 -70.99 0.29 32.86
C ILE H 219 -71.54 1.38 31.95
N GLY H 220 -70.89 1.59 30.81
CA GLY H 220 -71.34 2.62 29.91
C GLY H 220 -70.72 2.47 28.55
N VAL H 221 -71.11 3.37 27.65
CA VAL H 221 -70.62 3.41 26.28
C VAL H 221 -69.75 4.64 26.11
N THR H 222 -68.54 4.44 25.58
CA THR H 222 -67.54 5.50 25.55
C THR H 222 -67.91 6.57 24.53
N LYS H 223 -67.09 7.63 24.50
CA LYS H 223 -67.28 8.71 23.53
C LYS H 223 -67.02 8.20 22.13
N GLY H 224 -67.90 8.58 21.20
CA GLY H 224 -67.69 8.22 19.81
C GLY H 224 -66.60 9.08 19.18
N LYS H 225 -65.76 8.44 18.38
CA LYS H 225 -64.70 9.14 17.65
C LYS H 225 -64.89 9.09 16.15
N GLY H 226 -65.96 8.46 15.66
CA GLY H 226 -66.09 8.31 14.23
C GLY H 226 -65.09 7.31 13.68
N TYR H 227 -64.81 7.45 12.40
CA TYR H 227 -63.86 6.57 11.73
C TYR H 227 -62.44 7.05 12.01
N LYS H 228 -61.63 6.19 12.61
CA LYS H 228 -60.29 6.57 13.02
C LYS H 228 -59.26 5.60 12.44
N GLY H 229 -58.08 6.13 12.14
CA GLY H 229 -57.00 5.34 11.59
C GLY H 229 -56.25 4.56 12.66
N VAL H 230 -55.32 3.72 12.19
CA VAL H 230 -54.59 2.83 13.08
C VAL H 230 -53.75 3.60 14.07
N THR H 231 -53.35 4.83 13.73
CA THR H 231 -52.51 5.62 14.62
C THR H 231 -53.26 5.98 15.90
N SER H 232 -54.55 6.29 15.79
CA SER H 232 -55.34 6.61 16.97
C SER H 232 -56.14 5.43 17.48
N ARG H 233 -56.52 4.50 16.59
CA ARG H 233 -57.36 3.38 17.00
C ARG H 233 -56.58 2.35 17.81
N TRP H 234 -55.30 2.17 17.48
CA TRP H 234 -54.47 1.16 18.12
C TRP H 234 -53.18 1.72 18.71
N HIS H 235 -52.92 3.02 18.54
CA HIS H 235 -51.68 3.65 19.01
C HIS H 235 -50.45 2.94 18.46
N THR H 236 -50.46 2.67 17.16
CA THR H 236 -49.30 2.10 16.51
C THR H 236 -48.25 3.16 16.25
N LYS H 237 -47.08 2.72 15.81
CA LYS H 237 -45.98 3.65 15.57
C LYS H 237 -46.16 4.33 14.22
N LYS H 238 -45.95 5.64 14.20
CA LYS H 238 -45.99 6.39 12.96
C LYS H 238 -44.76 6.07 12.11
N LEU H 239 -44.98 5.85 10.83
CA LEU H 239 -43.89 5.62 9.91
C LEU H 239 -43.07 6.90 9.72
N PRO H 240 -41.81 6.78 9.30
CA PRO H 240 -40.98 7.98 9.13
C PRO H 240 -41.51 8.89 8.02
N ARG H 241 -41.00 10.12 8.02
CA ARG H 241 -41.49 11.15 7.10
C ARG H 241 -41.20 10.78 5.65
N LYS H 242 -40.13 10.03 5.39
CA LYS H 242 -39.75 9.68 4.04
C LYS H 242 -40.71 8.70 3.37
N THR H 243 -41.66 8.14 4.10
CA THR H 243 -42.54 7.11 3.55
C THR H 243 -43.39 7.69 2.42
N HIS H 244 -43.57 6.90 1.36
CA HIS H 244 -44.16 7.42 0.13
C HIS H 244 -45.70 7.43 0.20
N ARG H 245 -46.31 6.25 0.33
CA ARG H 245 -47.75 6.14 0.26
C ARG H 245 -48.43 6.31 1.60
N GLY H 246 -47.81 7.01 2.54
CA GLY H 246 -48.48 7.29 3.79
C GLY H 246 -47.71 6.84 5.00
N LEU H 247 -47.70 7.68 6.05
CA LEU H 247 -46.98 7.39 7.27
C LEU H 247 -47.86 7.02 8.44
N ARG H 248 -49.17 7.27 8.35
CA ARG H 248 -50.11 6.83 9.38
C ARG H 248 -50.74 5.48 9.04
N LYS H 249 -49.90 4.47 8.83
CA LYS H 249 -50.37 3.14 8.47
C LYS H 249 -49.57 2.09 9.24
N VAL H 250 -50.01 0.85 9.11
CA VAL H 250 -49.26 -0.30 9.59
C VAL H 250 -48.48 -0.87 8.41
N ALA H 251 -47.15 -0.95 8.55
CA ALA H 251 -46.30 -1.27 7.41
C ALA H 251 -46.53 -2.70 6.92
N CYS H 252 -46.54 -3.66 7.83
CA CYS H 252 -46.76 -5.06 7.47
C CYS H 252 -48.02 -5.55 8.17
N ILE H 253 -49.03 -5.90 7.37
CA ILE H 253 -50.29 -6.40 7.91
C ILE H 253 -50.29 -7.93 8.00
N GLY H 254 -49.15 -8.55 7.79
CA GLY H 254 -49.04 -10.00 7.85
C GLY H 254 -48.01 -10.50 6.86
N ALA H 255 -47.56 -11.73 7.10
CA ALA H 255 -46.54 -12.34 6.26
C ALA H 255 -47.17 -12.89 4.98
N TRP H 256 -46.33 -13.51 4.15
CA TRP H 256 -46.83 -14.17 2.95
C TRP H 256 -47.79 -15.29 3.31
N HIS H 257 -47.46 -16.07 4.33
CA HIS H 257 -48.36 -17.09 4.81
C HIS H 257 -48.75 -16.80 6.25
N PRO H 258 -49.98 -17.15 6.68
CA PRO H 258 -51.01 -17.98 6.03
C PRO H 258 -51.84 -17.37 4.89
N ALA H 259 -51.31 -16.42 4.11
CA ALA H 259 -51.97 -15.91 2.91
C ALA H 259 -53.31 -15.25 3.22
N ARG H 260 -53.47 -14.79 4.46
CA ARG H 260 -54.67 -14.08 4.87
C ARG H 260 -54.26 -13.03 5.88
N VAL H 261 -55.10 -12.01 6.02
CA VAL H 261 -54.90 -10.98 7.02
C VAL H 261 -55.45 -11.48 8.35
N ALA H 262 -54.61 -11.50 9.37
CA ALA H 262 -55.00 -12.07 10.65
C ALA H 262 -56.01 -11.18 11.35
N PHE H 263 -56.78 -11.79 12.25
CA PHE H 263 -57.74 -11.06 13.06
C PHE H 263 -57.08 -10.20 14.12
N SER H 264 -55.80 -10.41 14.38
CA SER H 264 -55.06 -9.66 15.39
C SER H 264 -54.30 -8.48 14.80
N VAL H 265 -54.47 -8.20 13.53
CA VAL H 265 -53.73 -7.13 12.86
C VAL H 265 -54.49 -5.83 13.00
N ALA H 266 -53.80 -4.79 13.46
CA ALA H 266 -54.43 -3.49 13.63
C ALA H 266 -54.79 -2.91 12.26
N ARG H 267 -56.06 -2.54 12.10
CA ARG H 267 -56.55 -2.00 10.84
C ARG H 267 -57.53 -0.87 11.12
N ALA H 268 -57.69 0.00 10.13
CA ALA H 268 -58.54 1.17 10.28
C ALA H 268 -60.00 0.76 10.45
N GLY H 269 -60.73 1.55 11.23
CA GLY H 269 -62.13 1.27 11.46
C GLY H 269 -62.68 2.15 12.57
N GLN H 270 -63.81 1.70 13.14
CA GLN H 270 -64.51 2.47 14.15
C GLN H 270 -63.70 2.56 15.43
N LYS H 271 -63.67 3.74 16.02
CA LYS H 271 -63.08 3.96 17.35
C LYS H 271 -64.10 4.64 18.23
N GLY H 272 -64.18 4.19 19.47
CA GLY H 272 -65.08 4.80 20.44
C GLY H 272 -66.50 4.27 20.31
N TYR H 273 -67.36 4.78 21.20
CA TYR H 273 -68.73 4.31 21.35
C TYR H 273 -68.77 2.80 21.53
N HIS H 274 -67.92 2.30 22.43
CA HIS H 274 -67.85 0.89 22.74
C HIS H 274 -68.37 0.64 24.15
N HIS H 275 -69.03 -0.48 24.34
CA HIS H 275 -69.56 -0.84 25.65
C HIS H 275 -68.40 -1.23 26.55
N ARG H 276 -68.23 -0.50 27.66
CA ARG H 276 -67.12 -0.74 28.57
C ARG H 276 -67.64 -0.84 30.01
N THR H 277 -66.97 -1.69 30.78
CA THR H 277 -67.29 -1.91 32.18
C THR H 277 -66.04 -1.64 32.99
N GLU H 278 -66.07 -0.59 33.81
CA GLU H 278 -64.95 -0.24 34.68
C GLU H 278 -65.35 -0.54 36.12
N ILE H 279 -64.44 -1.11 36.88
CA ILE H 279 -64.70 -1.51 38.25
C ILE H 279 -63.85 -0.66 39.19
N ASN H 280 -64.05 -0.85 40.49
CA ASN H 280 -63.30 -0.16 41.54
C ASN H 280 -63.42 1.37 41.42
N LYS H 281 -64.63 1.87 41.59
CA LYS H 281 -64.90 3.29 41.60
C LYS H 281 -65.52 3.65 42.95
N LYS H 282 -64.75 4.34 43.78
CA LYS H 282 -65.19 4.67 45.13
C LYS H 282 -66.21 5.80 45.12
N ILE H 283 -67.17 5.74 46.03
CA ILE H 283 -68.20 6.76 46.14
C ILE H 283 -67.76 7.75 47.21
N TYR H 284 -67.33 8.94 46.78
CA TYR H 284 -66.85 9.92 47.74
C TYR H 284 -67.99 10.64 48.44
N LYS H 285 -69.07 10.94 47.73
CA LYS H 285 -70.17 11.67 48.34
C LYS H 285 -71.47 11.32 47.63
N ILE H 286 -72.54 11.21 48.40
CA ILE H 286 -73.88 11.01 47.86
C ILE H 286 -74.66 12.30 48.13
N GLY H 287 -75.05 12.99 47.07
CA GLY H 287 -75.74 14.24 47.23
C GLY H 287 -77.15 14.07 47.76
N GLN H 288 -77.58 15.04 48.56
CA GLN H 288 -78.91 15.03 49.14
C GLN H 288 -79.94 15.70 48.24
N GLY H 289 -79.50 16.53 47.30
CA GLY H 289 -80.41 17.17 46.37
C GLY H 289 -81.03 18.43 46.95
N TYR H 290 -81.86 19.07 46.12
CA TYR H 290 -82.51 20.31 46.53
C TYR H 290 -83.77 20.02 47.34
N LEU H 291 -84.04 20.88 48.32
CA LEU H 291 -85.27 20.82 49.08
C LEU H 291 -85.88 22.22 49.16
N ILE H 292 -87.20 22.27 49.24
CA ILE H 292 -87.93 23.50 49.53
C ILE H 292 -88.87 23.18 50.67
N LYS H 293 -88.41 23.42 51.90
CA LYS H 293 -89.26 23.34 53.09
C LYS H 293 -89.73 24.74 53.49
N ASP H 294 -88.80 25.67 53.66
CA ASP H 294 -89.07 27.08 53.81
C ASP H 294 -88.39 27.91 52.73
N GLY H 295 -87.13 27.59 52.43
CA GLY H 295 -86.47 28.12 51.26
C GLY H 295 -85.68 27.01 50.58
N LYS H 296 -85.21 27.31 49.36
CA LYS H 296 -84.44 26.33 48.62
C LYS H 296 -83.11 26.06 49.31
N LEU H 297 -82.76 24.79 49.43
CA LEU H 297 -81.55 24.37 50.14
C LEU H 297 -80.54 23.83 49.13
N ILE H 298 -79.35 24.43 49.11
CA ILE H 298 -78.27 23.99 48.25
C ILE H 298 -77.05 23.70 49.10
N LYS H 299 -77.15 24.00 50.39
CA LYS H 299 -76.01 23.82 51.29
C LYS H 299 -75.61 22.36 51.41
N ASN H 300 -76.56 21.43 51.31
CA ASN H 300 -76.27 20.03 51.53
C ASN H 300 -75.58 19.37 50.36
N ASN H 301 -75.14 20.10 49.34
CA ASN H 301 -74.50 19.52 48.18
C ASN H 301 -72.98 19.67 48.24
N ALA H 302 -72.49 20.89 48.35
CA ALA H 302 -71.06 21.16 48.26
C ALA H 302 -70.41 21.50 49.59
N SER H 303 -71.17 21.94 50.58
CA SER H 303 -70.60 22.32 51.86
C SER H 303 -70.15 21.07 52.62
N THR H 304 -68.86 20.99 52.89
CA THR H 304 -68.30 19.88 53.65
C THR H 304 -68.31 20.23 55.14
N ASP H 305 -67.63 19.43 55.94
CA ASP H 305 -67.52 19.68 57.37
C ASP H 305 -66.52 20.78 57.70
N TYR H 306 -65.81 21.29 56.71
CA TYR H 306 -64.82 22.34 56.94
C TYR H 306 -65.02 23.57 56.05
N ASP H 307 -66.03 23.56 55.18
CA ASP H 307 -66.29 24.69 54.29
C ASP H 307 -67.43 25.55 54.80
N LEU H 308 -68.58 24.94 55.12
CA LEU H 308 -69.75 25.63 55.66
C LEU H 308 -70.22 26.75 54.74
N SER H 309 -70.13 26.55 53.43
CA SER H 309 -70.53 27.55 52.46
C SER H 309 -71.83 27.09 51.80
N ASP H 310 -72.84 27.96 51.81
CA ASP H 310 -74.15 27.64 51.26
C ASP H 310 -74.06 27.65 49.74
N LYS H 311 -73.51 26.56 49.20
CA LYS H 311 -73.28 26.43 47.77
C LYS H 311 -73.60 25.00 47.34
N SER H 312 -74.10 24.88 46.12
CA SER H 312 -74.45 23.59 45.54
C SER H 312 -73.25 23.01 44.79
N ILE H 313 -73.40 21.75 44.38
CA ILE H 313 -72.33 21.07 43.65
C ILE H 313 -72.16 21.65 42.25
N ASN H 314 -73.17 22.32 41.72
CA ASN H 314 -73.06 22.90 40.39
C ASN H 314 -72.00 23.99 40.37
N PRO H 315 -71.13 24.03 39.37
CA PRO H 315 -70.08 25.05 39.33
C PRO H 315 -70.66 26.41 38.97
N LEU H 316 -69.77 27.40 38.92
CA LEU H 316 -70.17 28.74 38.56
C LEU H 316 -70.56 28.77 37.08
N GLY H 317 -71.76 29.30 36.81
CA GLY H 317 -72.26 29.32 35.45
C GLY H 317 -72.92 28.04 34.99
N GLY H 318 -72.97 27.02 35.84
CA GLY H 318 -73.59 25.77 35.47
C GLY H 318 -72.62 24.79 34.86
N PHE H 319 -73.07 23.54 34.73
CA PHE H 319 -72.24 22.50 34.15
C PHE H 319 -72.07 22.72 32.66
N VAL H 320 -70.85 22.49 32.17
CA VAL H 320 -70.59 22.63 30.74
C VAL H 320 -71.31 21.52 29.99
N HIS H 321 -72.10 21.90 28.99
CA HIS H 321 -72.81 21.03 28.07
C HIS H 321 -73.87 20.15 28.74
N TYR H 322 -74.09 20.29 30.05
CA TYR H 322 -75.09 19.44 30.72
C TYR H 322 -76.27 20.22 31.27
N GLY H 323 -76.04 21.23 32.09
CA GLY H 323 -77.15 21.95 32.69
C GLY H 323 -76.94 22.13 34.17
N GLU H 324 -78.02 21.98 34.92
CA GLU H 324 -78.03 22.18 36.36
C GLU H 324 -78.47 20.90 37.06
N VAL H 325 -77.80 20.60 38.17
CA VAL H 325 -78.12 19.42 38.98
C VAL H 325 -78.97 19.88 40.16
N THR H 326 -80.14 19.29 40.30
CA THR H 326 -81.03 19.58 41.41
C THR H 326 -81.41 18.35 42.21
N ASN H 327 -81.23 17.15 41.67
CA ASN H 327 -81.65 15.91 42.30
C ASN H 327 -80.47 15.31 43.06
N ASP H 328 -80.66 14.09 43.54
CA ASP H 328 -79.59 13.36 44.20
C ASP H 328 -78.47 13.05 43.21
N PHE H 329 -77.24 13.09 43.69
CA PHE H 329 -76.09 12.77 42.85
C PHE H 329 -75.08 11.97 43.66
N VAL H 330 -74.25 11.22 42.93
CA VAL H 330 -73.21 10.40 43.52
C VAL H 330 -71.86 10.92 43.03
N MET H 331 -70.95 11.19 43.96
CA MET H 331 -69.62 11.69 43.62
C MET H 331 -68.68 10.50 43.51
N LEU H 332 -68.32 10.14 42.29
CA LEU H 332 -67.41 9.03 42.05
C LEU H 332 -65.98 9.51 41.93
N LYS H 333 -65.05 8.66 42.34
CA LYS H 333 -63.62 8.97 42.25
C LYS H 333 -63.11 8.65 40.87
N GLY H 334 -62.41 9.60 40.26
CA GLY H 334 -61.83 9.39 38.95
C GLY H 334 -62.77 9.72 37.82
N CYS H 335 -62.40 9.25 36.63
CA CYS H 335 -63.14 9.54 35.41
C CYS H 335 -64.06 8.37 35.05
N VAL H 336 -65.11 8.69 34.28
CA VAL H 336 -66.16 7.75 33.94
C VAL H 336 -66.37 7.80 32.44
N VAL H 337 -66.58 6.62 31.83
CA VAL H 337 -66.76 6.53 30.39
C VAL H 337 -67.96 7.35 29.92
N GLY H 338 -67.96 7.68 28.64
CA GLY H 338 -69.07 8.37 28.01
C GLY H 338 -68.88 9.88 27.99
N THR H 339 -69.68 10.52 27.15
CA THR H 339 -69.65 11.97 27.01
C THR H 339 -70.42 12.60 28.16
N LYS H 340 -70.63 13.90 28.08
CA LYS H 340 -71.57 14.55 28.99
C LYS H 340 -72.98 14.07 28.68
N LYS H 341 -73.86 14.23 29.67
CA LYS H 341 -75.26 13.81 29.66
C LYS H 341 -75.46 12.43 29.03
N ARG H 342 -74.54 11.51 29.32
CA ARG H 342 -74.63 10.13 28.86
C ARG H 342 -75.08 9.25 30.01
N VAL H 343 -76.07 8.39 29.74
CA VAL H 343 -76.61 7.51 30.78
C VAL H 343 -75.52 6.54 31.23
N LEU H 344 -75.45 6.30 32.54
CA LEU H 344 -74.48 5.39 33.11
C LEU H 344 -75.19 4.39 34.01
N THR H 345 -74.61 3.19 34.10
CA THR H 345 -75.11 2.12 34.94
C THR H 345 -74.15 1.91 36.10
N LEU H 346 -74.67 1.97 37.32
CA LEU H 346 -73.89 1.78 38.53
C LEU H 346 -74.29 0.45 39.17
N ARG H 347 -73.31 -0.39 39.44
CA ARG H 347 -73.55 -1.76 39.87
C ARG H 347 -72.71 -2.09 41.09
N LYS H 348 -73.27 -2.90 41.99
CA LYS H 348 -72.52 -3.40 43.13
C LYS H 348 -71.31 -4.21 42.65
N SER H 349 -70.22 -4.10 43.41
CA SER H 349 -69.00 -4.80 43.06
C SER H 349 -69.20 -6.31 43.15
N LEU H 350 -68.71 -7.03 42.14
CA LEU H 350 -68.84 -8.48 42.13
C LEU H 350 -67.88 -9.15 43.09
N LEU H 351 -66.86 -8.43 43.56
CA LEU H 351 -65.78 -9.02 44.33
C LEU H 351 -65.99 -8.78 45.82
N VAL H 352 -65.01 -9.22 46.61
CA VAL H 352 -64.99 -8.98 48.05
C VAL H 352 -63.95 -7.92 48.34
N GLN H 353 -64.35 -6.87 49.06
CA GLN H 353 -63.49 -5.71 49.27
C GLN H 353 -62.75 -5.88 50.59
N THR H 354 -61.46 -6.20 50.50
CA THR H 354 -60.61 -6.34 51.68
C THR H 354 -59.33 -5.51 51.62
N LYS H 355 -58.97 -4.97 50.46
CA LYS H 355 -57.79 -4.14 50.37
C LYS H 355 -58.00 -2.82 51.10
N ARG H 356 -56.88 -2.24 51.56
CA ARG H 356 -56.95 -1.03 52.35
C ARG H 356 -57.29 0.20 51.50
N ARG H 357 -57.18 0.10 50.18
CA ARG H 357 -57.81 1.08 49.31
C ARG H 357 -59.32 1.12 49.54
N ALA H 358 -59.96 -0.05 49.56
CA ALA H 358 -61.34 -0.13 49.95
C ALA H 358 -61.46 0.00 51.47
N LEU H 359 -62.70 -0.09 51.95
CA LEU H 359 -63.04 0.00 53.37
C LEU H 359 -62.39 1.21 54.06
N GLU H 360 -62.09 2.25 53.31
CA GLU H 360 -61.38 3.42 53.83
C GLU H 360 -62.34 4.59 53.91
N LYS H 361 -62.40 5.21 55.09
CA LYS H 361 -63.28 6.35 55.30
C LYS H 361 -62.81 7.53 54.48
N ILE H 362 -63.76 8.26 53.90
CA ILE H 362 -63.47 9.44 53.09
C ILE H 362 -64.14 10.63 53.74
N ASP H 363 -63.35 11.65 54.07
CA ASP H 363 -63.84 12.86 54.73
C ASP H 363 -63.46 14.06 53.87
N LEU H 364 -64.43 14.63 53.18
CA LEU H 364 -64.17 15.73 52.27
C LEU H 364 -63.87 17.01 53.05
N LYS H 365 -62.95 17.81 52.53
CA LYS H 365 -62.68 19.13 53.08
C LYS H 365 -63.09 20.26 52.14
N PHE H 366 -62.84 20.12 50.84
CA PHE H 366 -63.17 21.19 49.90
C PHE H 366 -63.62 20.57 48.58
N ILE H 367 -64.54 21.25 47.91
CA ILE H 367 -65.01 20.86 46.59
C ILE H 367 -64.92 22.09 45.70
N ASP H 368 -64.24 21.95 44.57
CA ASP H 368 -64.09 23.06 43.63
C ASP H 368 -65.44 23.35 42.97
N THR H 369 -65.77 24.63 42.86
CA THR H 369 -67.01 25.07 42.23
C THR H 369 -66.75 26.17 41.21
N THR H 370 -65.50 26.29 40.77
CA THR H 370 -65.15 27.32 39.79
C THR H 370 -65.78 27.02 38.44
N SER H 371 -65.87 28.05 37.61
CA SER H 371 -66.48 27.90 36.30
C SER H 371 -65.60 27.06 35.40
N LYS H 372 -66.13 25.93 34.94
CA LYS H 372 -65.40 25.06 34.02
C LYS H 372 -65.53 25.49 32.57
N PHE H 373 -66.30 26.54 32.30
CA PHE H 373 -66.36 27.14 30.96
C PHE H 373 -65.22 28.12 30.75
N GLY H 374 -64.00 27.65 30.99
CA GLY H 374 -62.81 28.46 30.96
C GLY H 374 -62.03 28.29 32.26
N HIS H 375 -61.01 29.11 32.43
CA HIS H 375 -60.19 29.08 33.64
C HIS H 375 -60.92 29.86 34.73
N GLY H 376 -61.85 29.17 35.38
CA GLY H 376 -62.58 29.80 36.47
C GLY H 376 -61.69 30.10 37.64
N ARG H 377 -62.04 31.14 38.39
CA ARG H 377 -61.21 31.60 39.49
C ARG H 377 -62.01 32.00 40.73
N PHE H 378 -63.32 31.81 40.73
CA PHE H 378 -64.15 32.14 41.88
C PHE H 378 -65.05 30.95 42.19
N GLN H 379 -65.39 30.79 43.47
CA GLN H 379 -66.18 29.64 43.87
C GLN H 379 -67.67 29.90 43.79
N THR H 380 -68.13 31.04 44.32
CA THR H 380 -69.54 31.36 44.40
C THR H 380 -69.80 32.75 43.84
N MET H 381 -71.07 33.04 43.60
CA MET H 381 -71.47 34.35 43.10
C MET H 381 -71.10 35.45 44.09
N GLU H 382 -71.40 35.21 45.38
CA GLU H 382 -71.17 36.24 46.38
C GLU H 382 -69.69 36.53 46.54
N GLU H 383 -68.84 35.51 46.48
CA GLU H 383 -67.40 35.75 46.59
C GLU H 383 -66.89 36.59 45.43
N LYS H 384 -67.34 36.27 44.21
CA LYS H 384 -66.94 37.05 43.04
C LYS H 384 -67.42 38.50 43.16
N LYS H 385 -68.67 38.70 43.57
CA LYS H 385 -69.18 40.07 43.71
C LYS H 385 -68.44 40.83 44.79
N ALA H 386 -68.16 40.18 45.92
CA ALA H 386 -67.45 40.84 47.01
C ALA H 386 -66.04 41.21 46.60
N PHE H 387 -65.36 40.33 45.86
CA PHE H 387 -64.01 40.66 45.41
C PHE H 387 -64.04 41.75 44.35
N MET H 388 -65.08 41.78 43.52
CA MET H 388 -65.16 42.74 42.44
C MET H 388 -65.95 44.00 42.78
N GLY H 389 -66.85 43.94 43.75
CA GLY H 389 -67.67 45.07 44.08
C GLY H 389 -68.68 45.37 42.99
N PRO H 390 -69.24 46.58 43.01
CA PRO H 390 -70.18 46.96 41.95
C PRO H 390 -69.47 47.13 40.62
N LEU H 391 -70.23 46.97 39.55
CA LEU H 391 -69.73 47.13 38.19
C LEU H 391 -70.60 48.14 37.45
N LYS H 392 -70.22 48.39 36.19
CA LYS H 392 -70.91 49.41 35.40
C LYS H 392 -72.36 49.05 35.17
N LYS H 393 -72.64 47.80 34.79
CA LYS H 393 -74.03 47.38 34.61
C LYS H 393 -74.78 47.42 35.93
N ASP H 394 -74.14 47.03 37.03
CA ASP H 394 -74.78 47.13 38.33
C ASP H 394 -75.04 48.59 38.70
N ARG H 395 -74.10 49.47 38.36
CA ARG H 395 -74.27 50.89 38.63
C ARG H 395 -75.47 51.46 37.88
N ILE H 396 -75.58 51.15 36.58
CA ILE H 396 -76.70 51.69 35.81
C ILE H 396 -78.01 51.04 36.24
N ALA H 397 -77.98 49.75 36.64
CA ALA H 397 -79.19 49.11 37.13
C ALA H 397 -79.67 49.73 38.44
N LYS H 398 -78.72 50.07 39.32
CA LYS H 398 -79.09 50.77 40.55
C LYS H 398 -79.60 52.18 40.25
N GLU H 399 -79.06 52.83 39.22
CA GLU H 399 -79.60 54.12 38.80
C GLU H 399 -81.04 54.00 38.32
N GLU H 400 -81.33 52.95 37.54
CA GLU H 400 -82.71 52.71 37.12
C GLU H 400 -83.59 52.28 38.29
N GLY H 401 -82.99 51.72 39.33
CA GLY H 401 -83.72 51.32 40.51
C GLY H 401 -83.87 52.36 41.59
N ALA H 402 -83.37 53.58 41.35
CA ALA H 402 -83.44 54.70 42.30
C ALA H 402 -82.88 54.34 43.67
N MET I 1 -72.05 -63.02 -81.54
CA MET I 1 -72.88 -61.82 -81.70
C MET I 1 -72.11 -60.71 -82.39
N ALA I 2 -70.82 -60.57 -82.04
CA ALA I 2 -69.99 -59.53 -82.64
C ALA I 2 -69.80 -59.76 -84.14
N CYS I 3 -69.62 -61.02 -84.54
CA CYS I 3 -69.42 -61.34 -85.94
C CYS I 3 -70.70 -61.21 -86.77
N ALA I 4 -71.86 -61.18 -86.14
CA ALA I 4 -73.13 -61.04 -86.84
C ALA I 4 -73.45 -59.55 -87.01
N ARG I 5 -73.58 -59.14 -88.27
CA ARG I 5 -73.86 -57.74 -88.59
C ARG I 5 -75.19 -57.64 -89.33
N PRO I 6 -76.25 -57.18 -88.68
CA PRO I 6 -77.57 -57.18 -89.33
C PRO I 6 -77.73 -56.09 -90.38
N LEU I 7 -78.93 -55.97 -90.91
CA LEU I 7 -79.26 -54.98 -91.93
C LEU I 7 -80.18 -53.94 -91.33
N ILE I 8 -79.89 -52.67 -91.55
CA ILE I 8 -80.68 -51.56 -91.04
C ILE I 8 -81.40 -50.90 -92.20
N SER I 9 -82.72 -50.80 -92.10
CA SER I 9 -83.49 -50.09 -93.11
C SER I 9 -83.22 -48.60 -93.03
N VAL I 10 -83.08 -47.97 -94.18
CA VAL I 10 -82.94 -46.52 -94.27
C VAL I 10 -84.32 -45.90 -94.34
N TYR I 11 -84.61 -44.99 -93.42
CA TYR I 11 -85.93 -44.41 -93.32
C TYR I 11 -86.03 -43.13 -94.15
N SER I 12 -87.08 -43.03 -94.94
CA SER I 12 -87.33 -41.84 -95.72
C SER I 12 -87.71 -40.68 -94.81
N GLU I 13 -87.70 -39.47 -95.38
CA GLU I 13 -88.01 -38.27 -94.61
C GLU I 13 -89.45 -38.27 -94.10
N LYS I 14 -90.33 -39.08 -94.65
CA LYS I 14 -91.68 -39.23 -94.13
C LYS I 14 -91.74 -40.15 -92.92
N GLY I 15 -90.66 -40.87 -92.61
CA GLY I 15 -90.58 -41.69 -91.44
C GLY I 15 -90.67 -43.18 -91.67
N GLU I 16 -91.12 -43.61 -92.84
CA GLU I 16 -91.24 -45.04 -93.14
C GLU I 16 -89.93 -45.55 -93.75
N SER I 17 -89.79 -46.87 -93.77
CA SER I 17 -88.62 -47.48 -94.37
C SER I 17 -88.64 -47.30 -95.88
N SER I 18 -87.51 -46.89 -96.43
CA SER I 18 -87.39 -46.66 -97.86
C SER I 18 -87.02 -47.92 -98.64
N GLY I 19 -86.89 -49.06 -97.95
CA GLY I 19 -86.52 -50.30 -98.60
C GLY I 19 -85.05 -50.49 -98.81
N LYS I 20 -84.22 -49.53 -98.41
CA LYS I 20 -82.78 -49.63 -98.59
C LYS I 20 -82.13 -50.07 -97.28
N ASN I 21 -81.26 -51.07 -97.39
CA ASN I 21 -80.64 -51.69 -96.24
C ASN I 21 -79.14 -51.42 -96.25
N VAL I 22 -78.61 -51.05 -95.08
CA VAL I 22 -77.18 -50.83 -94.89
C VAL I 22 -76.67 -51.84 -93.87
N THR I 23 -75.60 -52.55 -94.23
CA THR I 23 -74.95 -53.46 -93.30
C THR I 23 -74.46 -52.68 -92.08
N LEU I 24 -74.72 -53.23 -90.90
CA LEU I 24 -74.28 -52.59 -89.66
C LEU I 24 -72.76 -52.48 -89.64
N PRO I 25 -72.22 -51.26 -89.48
CA PRO I 25 -70.77 -51.14 -89.34
C PRO I 25 -70.28 -51.91 -88.12
N ALA I 26 -69.11 -52.54 -88.26
CA ALA I 26 -68.57 -53.34 -87.18
C ALA I 26 -68.19 -52.50 -85.97
N VAL I 27 -68.01 -51.19 -86.15
CA VAL I 27 -67.69 -50.32 -85.03
C VAL I 27 -68.80 -50.29 -84.00
N PHE I 28 -70.03 -50.60 -84.40
CA PHE I 28 -71.13 -50.68 -83.44
C PHE I 28 -71.06 -51.93 -82.58
N LYS I 29 -70.23 -52.91 -82.95
CA LYS I 29 -69.97 -54.08 -82.12
C LYS I 29 -68.68 -53.95 -81.33
N ALA I 30 -68.13 -52.75 -81.23
CA ALA I 30 -66.89 -52.55 -80.51
C ALA I 30 -67.09 -52.80 -79.02
N PRO I 31 -66.03 -53.17 -78.30
CA PRO I 31 -66.16 -53.35 -76.85
C PRO I 31 -66.54 -52.04 -76.15
N ILE I 32 -67.71 -52.04 -75.54
CA ILE I 32 -68.19 -50.86 -74.81
C ILE I 32 -67.41 -50.78 -73.50
N ARG I 33 -66.73 -49.66 -73.30
CA ARG I 33 -65.83 -49.48 -72.16
C ARG I 33 -66.16 -48.17 -71.45
N PRO I 34 -67.16 -48.18 -70.57
CA PRO I 34 -67.55 -46.94 -69.89
C PRO I 34 -66.45 -46.31 -69.06
N ASP I 35 -65.59 -47.10 -68.42
CA ASP I 35 -64.53 -46.52 -67.61
C ASP I 35 -63.52 -45.77 -68.45
N ILE I 36 -63.10 -46.35 -69.57
CA ILE I 36 -62.17 -45.66 -70.47
C ILE I 36 -62.82 -44.41 -71.06
N VAL I 37 -64.11 -44.49 -71.40
CA VAL I 37 -64.81 -43.34 -71.94
C VAL I 37 -64.86 -42.22 -70.92
N ASN I 38 -65.16 -42.55 -69.66
CA ASN I 38 -65.16 -41.54 -68.60
C ASN I 38 -63.77 -40.95 -68.39
N PHE I 39 -62.74 -41.78 -68.44
CA PHE I 39 -61.38 -41.29 -68.30
C PHE I 39 -61.03 -40.29 -69.41
N VAL I 40 -61.32 -40.66 -70.65
CA VAL I 40 -61.01 -39.80 -71.79
C VAL I 40 -61.83 -38.52 -71.75
N HIS I 41 -63.10 -38.63 -71.37
CA HIS I 41 -63.95 -37.45 -71.23
C HIS I 41 -63.42 -36.50 -70.16
N THR I 42 -62.98 -37.05 -69.03
CA THR I 42 -62.43 -36.21 -67.97
C THR I 42 -61.16 -35.52 -68.43
N ASN I 43 -60.26 -36.26 -69.06
CA ASN I 43 -58.99 -35.66 -69.49
C ASN I 43 -59.18 -34.62 -70.59
N LEU I 44 -60.06 -34.87 -71.55
CA LEU I 44 -60.23 -33.92 -72.65
C LEU I 44 -61.06 -32.71 -72.28
N ARG I 45 -61.94 -32.81 -71.27
CA ARG I 45 -62.72 -31.64 -70.90
C ARG I 45 -61.87 -30.58 -70.23
N LYS I 46 -60.66 -30.91 -69.82
CA LYS I 46 -59.74 -29.92 -69.25
C LYS I 46 -59.02 -29.12 -70.31
N ASN I 47 -59.01 -29.57 -71.56
CA ASN I 47 -58.23 -28.90 -72.60
C ASN I 47 -58.86 -27.59 -73.06
N ASN I 48 -60.18 -27.50 -73.11
CA ASN I 48 -60.84 -26.28 -73.52
C ASN I 48 -60.97 -25.27 -72.39
N ARG I 49 -60.39 -25.56 -71.23
CA ARG I 49 -60.47 -24.68 -70.08
C ARG I 49 -59.68 -23.40 -70.33
N GLN I 50 -60.08 -22.34 -69.63
CA GLN I 50 -59.46 -21.04 -69.75
C GLN I 50 -58.83 -20.66 -68.42
N PRO I 51 -57.55 -20.29 -68.39
CA PRO I 51 -56.84 -20.16 -67.12
C PRO I 51 -57.37 -19.02 -66.27
N TYR I 52 -57.24 -19.20 -64.95
CA TYR I 52 -57.55 -18.15 -64.01
C TYR I 52 -56.46 -18.09 -62.95
N ALA I 53 -56.19 -16.89 -62.45
CA ALA I 53 -55.18 -16.70 -61.43
C ALA I 53 -55.46 -15.40 -60.70
N VAL I 54 -54.83 -15.25 -59.54
CA VAL I 54 -54.91 -14.01 -58.79
C VAL I 54 -53.70 -13.15 -59.13
N SER I 55 -53.85 -11.84 -58.94
CA SER I 55 -52.76 -10.92 -59.23
C SER I 55 -51.58 -11.19 -58.31
N GLU I 56 -50.39 -11.25 -58.91
CA GLU I 56 -49.17 -11.48 -58.13
C GLU I 56 -48.80 -10.28 -57.26
N LEU I 57 -49.39 -9.12 -57.51
CA LEU I 57 -49.21 -7.96 -56.64
C LEU I 57 -50.29 -7.84 -55.59
N ALA I 58 -51.30 -8.70 -55.62
CA ALA I 58 -52.39 -8.60 -54.66
C ALA I 58 -51.91 -8.99 -53.27
N GLY I 59 -52.12 -8.10 -52.31
CA GLY I 59 -51.71 -8.34 -50.95
C GLY I 59 -50.23 -8.18 -50.69
N HIS I 60 -49.46 -7.72 -51.67
CA HIS I 60 -48.02 -7.57 -51.52
C HIS I 60 -47.56 -6.22 -52.04
N GLN I 61 -48.35 -5.18 -51.82
CA GLN I 61 -48.02 -3.82 -52.21
C GLN I 61 -48.31 -2.88 -51.05
N THR I 62 -47.84 -3.28 -49.87
CA THR I 62 -48.15 -2.62 -48.62
C THR I 62 -46.92 -2.06 -47.90
N SER I 63 -45.76 -2.72 -48.04
CA SER I 63 -44.54 -2.35 -47.33
C SER I 63 -44.72 -2.40 -45.82
N ALA I 64 -45.58 -3.30 -45.36
CA ALA I 64 -45.77 -3.51 -43.94
C ALA I 64 -44.58 -4.27 -43.35
N GLU I 65 -44.44 -4.19 -42.04
CA GLU I 65 -43.39 -4.93 -41.35
C GLU I 65 -43.79 -5.13 -39.89
N SER I 66 -43.08 -6.04 -39.24
CA SER I 66 -43.40 -6.40 -37.87
C SER I 66 -43.05 -5.27 -36.90
N TRP I 67 -43.80 -5.20 -35.81
CA TRP I 67 -43.56 -4.19 -34.78
C TRP I 67 -42.46 -4.58 -33.81
N GLY I 68 -41.94 -5.79 -33.90
CA GLY I 68 -41.05 -6.29 -32.88
C GLY I 68 -41.74 -7.34 -32.04
N THR I 69 -41.39 -7.44 -30.76
CA THR I 69 -41.98 -8.44 -29.89
C THR I 69 -42.39 -7.91 -28.52
N GLY I 70 -42.03 -6.69 -28.16
CA GLY I 70 -42.33 -6.19 -26.83
C GLY I 70 -43.54 -5.28 -26.77
N ARG I 71 -44.47 -5.43 -27.70
CA ARG I 71 -45.61 -4.51 -27.79
C ARG I 71 -46.94 -5.23 -27.60
N ALA I 72 -46.92 -6.43 -27.02
CA ALA I 72 -48.14 -7.16 -26.62
C ALA I 72 -49.09 -7.39 -27.79
N VAL I 73 -48.55 -7.52 -29.00
CA VAL I 73 -49.35 -7.77 -30.19
C VAL I 73 -48.69 -8.89 -30.98
N ALA I 74 -49.46 -9.49 -31.88
CA ALA I 74 -48.97 -10.59 -32.70
C ALA I 74 -47.84 -10.10 -33.61
N ARG I 75 -46.92 -11.01 -33.91
CA ARG I 75 -45.72 -10.67 -34.68
C ARG I 75 -45.99 -10.57 -36.18
N ILE I 76 -47.25 -10.51 -36.59
CA ILE I 76 -47.60 -10.33 -37.99
C ILE I 76 -47.13 -8.94 -38.42
N PRO I 77 -46.69 -8.76 -39.66
CA PRO I 77 -46.35 -7.41 -40.13
C PRO I 77 -47.55 -6.47 -40.09
N ARG I 78 -47.29 -5.22 -39.73
CA ARG I 78 -48.32 -4.21 -39.59
C ARG I 78 -48.06 -3.06 -40.56
N VAL I 79 -49.13 -2.45 -41.05
CA VAL I 79 -49.00 -1.31 -41.95
C VAL I 79 -48.46 -0.11 -41.17
N ARG I 80 -47.42 0.50 -41.71
CA ARG I 80 -46.73 1.60 -41.05
C ARG I 80 -47.57 2.87 -41.08
N GLY I 81 -47.06 3.91 -40.44
CA GLY I 81 -47.73 5.20 -40.44
C GLY I 81 -48.89 5.28 -39.46
N GLY I 82 -49.71 6.30 -39.66
CA GLY I 82 -50.88 6.53 -38.84
C GLY I 82 -51.88 7.43 -39.52
N GLY I 83 -52.89 7.88 -38.78
CA GLY I 83 -53.89 8.76 -39.35
C GLY I 83 -54.89 8.07 -40.26
N THR I 84 -54.91 6.75 -40.30
CA THR I 84 -55.87 6.03 -41.11
C THR I 84 -56.18 4.70 -40.45
N HIS I 85 -57.32 4.13 -40.83
CA HIS I 85 -57.72 2.85 -40.25
C HIS I 85 -56.81 1.72 -40.70
N ARG I 86 -56.11 1.90 -41.81
CA ARG I 86 -55.26 0.84 -42.33
C ARG I 86 -53.97 0.67 -41.52
N SER I 87 -53.48 1.74 -40.89
CA SER I 87 -52.24 1.66 -40.13
C SER I 87 -52.41 0.75 -38.93
N GLY I 88 -51.35 0.00 -38.60
CA GLY I 88 -51.40 -0.91 -37.49
C GLY I 88 -52.16 -2.19 -37.73
N GLN I 89 -52.52 -2.48 -38.97
CA GLN I 89 -53.29 -3.68 -39.29
C GLN I 89 -52.39 -4.74 -39.90
N GLY I 90 -52.76 -6.00 -39.68
CA GLY I 90 -51.97 -7.10 -40.19
C GLY I 90 -52.02 -7.19 -41.70
N ALA I 91 -50.95 -7.75 -42.28
CA ALA I 91 -50.85 -7.90 -43.72
C ALA I 91 -49.88 -9.03 -44.04
N PHE I 92 -49.77 -9.33 -45.33
CA PHE I 92 -48.82 -10.31 -45.88
C PHE I 92 -49.10 -11.73 -45.42
N GLY I 93 -50.21 -11.95 -44.73
CA GLY I 93 -50.59 -13.27 -44.26
C GLY I 93 -51.96 -13.68 -44.74
N ASN I 94 -52.13 -14.98 -44.98
CA ASN I 94 -53.41 -15.50 -45.44
C ASN I 94 -54.49 -15.40 -44.36
N MET I 95 -54.09 -15.21 -43.11
CA MET I 95 -55.02 -15.02 -42.01
C MET I 95 -55.43 -13.55 -41.84
N CYS I 96 -54.79 -12.64 -42.55
CA CYS I 96 -55.07 -11.21 -42.41
C CYS I 96 -56.10 -10.77 -43.43
N ARG I 97 -56.96 -9.85 -43.02
CA ARG I 97 -57.90 -9.23 -43.96
C ARG I 97 -57.13 -8.33 -44.91
N GLY I 98 -57.31 -8.57 -46.21
CA GLY I 98 -56.59 -7.83 -47.22
C GLY I 98 -55.18 -8.31 -47.49
N GLY I 99 -54.72 -9.35 -46.79
CA GLY I 99 -53.41 -9.92 -47.03
C GLY I 99 -53.42 -10.88 -48.19
N ARG I 100 -52.23 -11.39 -48.51
CA ARG I 100 -52.07 -12.32 -49.61
C ARG I 100 -52.62 -13.69 -49.22
N MET I 101 -53.44 -14.26 -50.09
CA MET I 101 -53.96 -15.60 -49.85
C MET I 101 -52.83 -16.62 -49.91
N PHE I 102 -52.99 -17.70 -49.16
CA PHE I 102 -51.98 -18.75 -49.14
C PHE I 102 -51.94 -19.44 -50.50
N ALA I 103 -50.71 -19.64 -51.00
CA ALA I 103 -50.44 -20.30 -52.28
C ALA I 103 -51.27 -19.64 -53.38
N PRO I 104 -50.91 -18.44 -53.82
CA PRO I 104 -51.72 -17.75 -54.83
C PRO I 104 -51.83 -18.56 -56.10
N THR I 105 -53.04 -18.56 -56.67
CA THR I 105 -53.29 -19.32 -57.89
C THR I 105 -52.47 -18.72 -59.02
N LYS I 106 -51.80 -19.58 -59.78
CA LYS I 106 -50.90 -19.16 -60.82
C LYS I 106 -51.32 -19.78 -62.14
N THR I 107 -50.96 -19.09 -63.24
CA THR I 107 -51.44 -19.48 -64.55
C THR I 107 -50.95 -20.86 -64.97
N TRP I 108 -49.71 -21.22 -64.64
CA TRP I 108 -49.16 -22.50 -65.05
C TRP I 108 -49.64 -23.62 -64.13
N ARG I 109 -50.95 -23.85 -64.15
CA ARG I 109 -51.57 -24.91 -63.35
C ARG I 109 -51.54 -26.26 -64.06
N ARG I 110 -51.06 -26.31 -65.31
CA ARG I 110 -51.20 -27.46 -66.20
C ARG I 110 -52.68 -27.79 -66.41
N TRP I 111 -53.35 -26.83 -67.03
CA TRP I 111 -54.78 -26.94 -67.27
C TRP I 111 -55.10 -28.05 -68.26
N HIS I 112 -54.17 -28.39 -69.14
CA HIS I 112 -54.44 -29.34 -70.21
C HIS I 112 -53.86 -30.71 -69.88
N ARG I 113 -54.47 -31.73 -70.49
CA ARG I 113 -53.98 -33.10 -70.44
C ARG I 113 -53.97 -33.66 -71.84
N ARG I 114 -52.94 -34.42 -72.18
CA ARG I 114 -52.84 -35.06 -73.49
C ARG I 114 -53.20 -36.54 -73.34
N VAL I 115 -53.98 -37.04 -74.28
CA VAL I 115 -54.49 -38.41 -74.24
C VAL I 115 -53.96 -39.17 -75.45
N ASN I 116 -53.64 -40.44 -75.23
CA ASN I 116 -53.16 -41.28 -76.32
C ASN I 116 -54.21 -41.36 -77.42
N THR I 117 -53.75 -41.20 -78.66
CA THR I 117 -54.66 -41.16 -79.79
C THR I 117 -55.42 -42.47 -79.93
N THR I 118 -54.74 -43.59 -79.70
CA THR I 118 -55.41 -44.88 -79.75
C THR I 118 -56.46 -44.99 -78.66
N GLN I 119 -56.18 -44.45 -77.47
CA GLN I 119 -57.18 -44.47 -76.41
C GLN I 119 -58.38 -43.59 -76.76
N LYS I 120 -58.12 -42.45 -77.41
CA LYS I 120 -59.23 -41.59 -77.83
C LYS I 120 -60.09 -42.29 -78.88
N ARG I 121 -59.46 -42.97 -79.83
CA ARG I 121 -60.23 -43.74 -80.81
C ARG I 121 -60.99 -44.88 -80.15
N TYR I 122 -60.40 -45.51 -79.13
CA TYR I 122 -61.10 -46.53 -78.37
C TYR I 122 -62.34 -45.96 -77.70
N ALA I 123 -62.21 -44.77 -77.12
CA ALA I 123 -63.36 -44.11 -76.49
C ALA I 123 -64.44 -43.78 -77.52
N ILE I 124 -64.03 -43.31 -78.71
CA ILE I 124 -64.98 -43.03 -79.77
C ILE I 124 -65.73 -44.30 -80.16
N CYS I 125 -65.00 -45.40 -80.34
CA CYS I 125 -65.63 -46.66 -80.75
C CYS I 125 -66.59 -47.15 -79.68
N SER I 126 -66.19 -47.08 -78.41
CA SER I 126 -67.06 -47.52 -77.33
C SER I 126 -68.31 -46.65 -77.25
N ALA I 127 -68.16 -45.34 -77.41
CA ALA I 127 -69.32 -44.47 -77.39
C ALA I 127 -70.28 -44.75 -78.53
N LEU I 128 -69.73 -45.00 -79.73
CA LEU I 128 -70.60 -45.32 -80.86
C LEU I 128 -71.31 -46.65 -80.65
N ALA I 129 -70.62 -47.64 -80.10
CA ALA I 129 -71.23 -48.95 -79.90
C ALA I 129 -72.35 -48.88 -78.87
N ALA I 130 -72.17 -48.11 -77.81
CA ALA I 130 -73.22 -48.00 -76.80
C ALA I 130 -74.44 -47.24 -77.31
N SER I 131 -74.27 -46.47 -78.38
CA SER I 131 -75.39 -45.77 -79.00
C SER I 131 -76.30 -46.71 -79.78
N ALA I 132 -75.89 -47.96 -79.98
CA ALA I 132 -76.68 -48.94 -80.73
C ALA I 132 -77.46 -49.90 -79.84
N LEU I 133 -77.49 -49.66 -78.52
CA LEU I 133 -78.20 -50.51 -77.60
C LEU I 133 -79.39 -49.77 -77.01
N PRO I 134 -80.62 -50.25 -77.22
CA PRO I 134 -81.80 -49.49 -76.81
C PRO I 134 -81.85 -49.14 -75.34
N ALA I 135 -81.42 -50.04 -74.46
CA ALA I 135 -81.53 -49.81 -73.03
C ALA I 135 -80.61 -48.68 -72.58
N LEU I 136 -79.37 -48.65 -73.09
CA LEU I 136 -78.40 -47.67 -72.62
C LEU I 136 -78.83 -46.25 -72.96
N VAL I 137 -79.36 -46.04 -74.17
CA VAL I 137 -79.85 -44.72 -74.54
C VAL I 137 -81.08 -44.36 -73.71
N MET I 138 -81.93 -45.35 -73.43
CA MET I 138 -83.05 -45.12 -72.54
C MET I 138 -82.57 -44.75 -71.15
N SER I 139 -81.50 -45.39 -70.68
CA SER I 139 -80.90 -45.05 -69.39
C SER I 139 -80.38 -43.62 -69.35
N LYS I 140 -80.15 -43.00 -70.49
CA LYS I 140 -79.84 -41.58 -70.56
C LYS I 140 -81.09 -40.72 -70.62
N GLY I 141 -82.26 -41.34 -70.60
CA GLY I 141 -83.53 -40.61 -70.62
C GLY I 141 -83.80 -39.85 -71.89
N HIS I 142 -83.39 -40.40 -73.03
CA HIS I 142 -83.52 -39.69 -74.30
C HIS I 142 -84.89 -39.87 -74.94
N ARG I 143 -85.80 -40.59 -74.29
CA ARG I 143 -87.16 -40.83 -74.79
C ARG I 143 -87.15 -41.46 -76.18
N ILE I 144 -86.54 -42.64 -76.27
CA ILE I 144 -86.68 -43.49 -77.44
C ILE I 144 -87.70 -44.57 -77.08
N GLU I 145 -88.98 -44.25 -77.30
CA GLU I 145 -90.06 -45.20 -77.19
C GLU I 145 -90.80 -45.39 -78.49
N GLU I 146 -90.65 -44.46 -79.43
CA GLU I 146 -91.36 -44.51 -80.70
C GLU I 146 -90.41 -44.49 -81.88
N VAL I 147 -89.11 -44.58 -81.65
CA VAL I 147 -88.14 -44.64 -82.74
C VAL I 147 -88.26 -45.99 -83.44
N PRO I 148 -88.48 -46.02 -84.75
CA PRO I 148 -88.67 -47.30 -85.44
C PRO I 148 -87.46 -48.22 -85.37
N GLU I 149 -86.25 -47.66 -85.34
CA GLU I 149 -85.04 -48.46 -85.32
C GLU I 149 -83.92 -47.63 -84.73
N LEU I 150 -83.29 -48.15 -83.68
CA LEU I 150 -82.32 -47.33 -82.93
C LEU I 150 -81.14 -46.85 -83.77
N PRO I 151 -80.45 -47.69 -84.57
CA PRO I 151 -79.48 -47.10 -85.50
C PRO I 151 -80.19 -46.33 -86.58
N LEU I 152 -80.72 -45.16 -86.22
CA LEU I 152 -81.64 -44.41 -87.07
C LEU I 152 -80.86 -43.81 -88.22
N VAL I 153 -81.06 -44.34 -89.41
CA VAL I 153 -80.39 -43.87 -90.61
C VAL I 153 -81.44 -43.31 -91.56
N VAL I 154 -81.26 -42.05 -91.96
CA VAL I 154 -82.20 -41.36 -92.84
C VAL I 154 -81.55 -41.21 -94.21
N GLU I 155 -82.39 -40.87 -95.19
CA GLU I 155 -81.90 -40.68 -96.54
C GLU I 155 -81.07 -39.40 -96.62
N ASP I 156 -80.26 -39.31 -97.68
CA ASP I 156 -79.36 -38.19 -97.86
C ASP I 156 -80.08 -36.88 -98.17
N LYS I 157 -81.39 -36.93 -98.43
CA LYS I 157 -82.18 -35.72 -98.66
C LYS I 157 -82.12 -34.78 -97.45
N VAL I 158 -81.89 -35.31 -96.26
CA VAL I 158 -81.91 -34.50 -95.04
C VAL I 158 -80.82 -33.45 -95.08
N GLU I 159 -79.61 -33.81 -95.55
CA GLU I 159 -78.50 -32.86 -95.57
C GLU I 159 -78.79 -31.63 -96.43
N GLY I 160 -79.66 -31.76 -97.42
CA GLY I 160 -80.02 -30.66 -98.29
C GLY I 160 -81.08 -29.74 -97.75
N TYR I 161 -81.54 -29.95 -96.52
CA TYR I 161 -82.56 -29.09 -95.95
C TYR I 161 -82.04 -27.67 -95.76
N LYS I 162 -82.96 -26.71 -95.78
CA LYS I 162 -82.64 -25.30 -95.65
C LYS I 162 -83.41 -24.60 -94.56
N LYS I 163 -84.67 -24.97 -94.33
CA LYS I 163 -85.50 -24.30 -93.35
C LYS I 163 -85.55 -25.08 -92.03
N THR I 164 -86.02 -24.39 -91.00
CA THR I 164 -86.18 -25.01 -89.69
C THR I 164 -87.47 -25.82 -89.59
N LYS I 165 -88.53 -25.36 -90.27
CA LYS I 165 -89.81 -26.06 -90.21
C LYS I 165 -89.71 -27.46 -90.79
N GLU I 166 -88.98 -27.62 -91.89
CA GLU I 166 -88.78 -28.95 -92.44
C GLU I 166 -87.95 -29.83 -91.51
N ALA I 167 -87.01 -29.24 -90.78
CA ALA I 167 -86.27 -30.02 -89.78
C ALA I 167 -87.19 -30.49 -88.65
N VAL I 168 -88.07 -29.61 -88.19
CA VAL I 168 -89.04 -29.99 -87.16
C VAL I 168 -89.96 -31.07 -87.69
N LEU I 169 -90.35 -30.97 -88.96
CA LEU I 169 -91.17 -32.00 -89.58
C LEU I 169 -90.42 -33.33 -89.62
N LEU I 170 -89.13 -33.30 -89.95
CA LEU I 170 -88.34 -34.52 -89.95
C LEU I 170 -88.27 -35.15 -88.57
N LEU I 171 -88.08 -34.33 -87.54
CA LEU I 171 -88.06 -34.86 -86.18
C LEU I 171 -89.41 -35.45 -85.80
N LYS I 172 -90.50 -34.78 -86.18
CA LYS I 172 -91.83 -35.27 -85.83
C LYS I 172 -92.15 -36.59 -86.52
N LYS I 173 -91.82 -36.70 -87.81
CA LYS I 173 -92.10 -37.94 -88.54
C LYS I 173 -91.19 -39.06 -88.07
N LEU I 174 -90.00 -38.71 -87.58
CA LEU I 174 -89.12 -39.69 -86.97
C LEU I 174 -89.50 -39.99 -85.53
N LYS I 175 -90.54 -39.32 -85.01
CA LYS I 175 -90.99 -39.47 -83.63
C LYS I 175 -89.88 -39.15 -82.64
N ALA I 176 -88.92 -38.32 -83.05
CA ALA I 176 -87.87 -37.82 -82.18
C ALA I 176 -88.23 -36.49 -81.55
N TRP I 177 -89.41 -35.96 -81.85
CA TRP I 177 -89.86 -34.69 -81.29
C TRP I 177 -90.05 -34.77 -79.78
N ASN I 178 -90.26 -35.98 -79.23
CA ASN I 178 -90.43 -36.12 -77.79
C ASN I 178 -89.20 -35.67 -77.02
N ASP I 179 -88.00 -35.99 -77.52
CA ASP I 179 -86.79 -35.53 -76.88
C ASP I 179 -86.70 -34.01 -76.89
N ILE I 180 -87.07 -33.39 -78.00
CA ILE I 180 -87.05 -31.93 -78.09
C ILE I 180 -88.03 -31.33 -77.09
N LYS I 181 -89.23 -31.89 -77.00
CA LYS I 181 -90.20 -31.39 -76.03
C LYS I 181 -89.70 -31.59 -74.60
N LYS I 182 -88.95 -32.67 -74.36
CA LYS I 182 -88.37 -32.89 -73.05
C LYS I 182 -87.32 -31.85 -72.71
N VAL I 183 -86.52 -31.45 -73.72
CA VAL I 183 -85.55 -30.38 -73.51
C VAL I 183 -86.25 -29.08 -73.19
N TYR I 184 -87.35 -28.79 -73.90
CA TYR I 184 -88.08 -27.55 -73.66
C TYR I 184 -88.63 -27.49 -72.25
N ALA I 185 -89.15 -28.61 -71.74
CA ALA I 185 -89.56 -28.66 -70.34
C ALA I 185 -88.39 -28.57 -69.40
N SER I 186 -87.17 -28.81 -69.88
CA SER I 186 -85.97 -28.81 -69.06
C SER I 186 -85.26 -27.47 -69.03
N GLN I 187 -85.75 -26.48 -69.76
CA GLN I 187 -85.08 -25.17 -69.80
C GLN I 187 -85.40 -24.42 -68.53
N ARG I 188 -84.58 -24.62 -67.49
CA ARG I 188 -84.77 -23.88 -66.25
C ARG I 188 -83.53 -23.06 -65.94
N MET I 189 -83.52 -22.42 -64.78
CA MET I 189 -82.45 -21.53 -64.38
C MET I 189 -81.37 -22.32 -63.65
N ARG I 190 -80.11 -22.12 -64.04
CA ARG I 190 -79.01 -22.75 -63.33
C ARG I 190 -78.91 -22.22 -61.90
N ALA I 191 -78.55 -23.10 -60.98
CA ALA I 191 -78.43 -22.76 -59.57
C ALA I 191 -76.96 -22.54 -59.23
N GLY I 192 -76.64 -21.40 -58.64
CA GLY I 192 -75.29 -21.13 -58.20
C GLY I 192 -74.71 -19.83 -58.68
N LYS I 193 -73.38 -19.68 -58.54
CA LYS I 193 -72.71 -18.44 -58.93
C LYS I 193 -72.52 -18.33 -60.44
N GLY I 194 -72.77 -19.39 -61.20
CA GLY I 194 -72.57 -19.34 -62.63
C GLY I 194 -73.51 -18.40 -63.35
N LYS I 195 -74.59 -17.96 -62.70
CA LYS I 195 -75.48 -17.00 -63.31
C LYS I 195 -74.78 -15.66 -63.53
N MET I 196 -73.93 -15.26 -62.59
CA MET I 196 -73.14 -14.06 -62.78
C MET I 196 -72.02 -14.21 -63.80
N ARG I 197 -71.73 -15.44 -64.22
CA ARG I 197 -70.61 -15.72 -65.10
C ARG I 197 -71.09 -16.23 -66.46
N ASN I 198 -72.22 -15.71 -66.91
CA ASN I 198 -72.78 -15.89 -68.25
C ASN I 198 -73.26 -17.30 -68.54
N ARG I 199 -73.13 -18.23 -67.61
CA ARG I 199 -73.72 -19.57 -67.78
C ARG I 199 -75.11 -19.58 -67.16
N ARG I 200 -75.95 -18.68 -67.68
CA ARG I 200 -77.22 -18.38 -67.04
C ARG I 200 -78.22 -19.52 -67.17
N ARG I 201 -78.28 -20.15 -68.34
CA ARG I 201 -79.31 -21.14 -68.62
C ARG I 201 -78.69 -22.50 -68.90
N ILE I 202 -79.40 -23.55 -68.48
CA ILE I 202 -79.03 -24.93 -68.74
C ILE I 202 -80.23 -25.63 -69.36
N GLN I 203 -79.95 -26.73 -70.05
CA GLN I 203 -81.00 -27.45 -70.75
C GLN I 203 -80.57 -28.90 -70.96
N ARG I 204 -81.57 -29.75 -71.14
CA ARG I 204 -81.35 -31.16 -71.45
C ARG I 204 -80.65 -31.32 -72.79
N ARG I 205 -79.73 -32.27 -72.86
CA ARG I 205 -79.09 -32.60 -74.13
C ARG I 205 -80.09 -33.24 -75.07
N GLY I 206 -80.14 -32.73 -76.29
CA GLY I 206 -81.03 -33.26 -77.30
C GLY I 206 -80.35 -34.31 -78.16
N PRO I 207 -81.09 -34.87 -79.10
CA PRO I 207 -80.51 -35.90 -79.97
C PRO I 207 -79.45 -35.31 -80.89
N CYS I 208 -78.54 -36.17 -81.32
CA CYS I 208 -77.41 -35.77 -82.16
C CYS I 208 -77.73 -36.09 -83.61
N ILE I 209 -77.39 -35.17 -84.51
CA ILE I 209 -77.54 -35.36 -85.94
C ILE I 209 -76.14 -35.45 -86.54
N ILE I 210 -75.84 -36.58 -87.16
CA ILE I 210 -74.53 -36.84 -87.74
C ILE I 210 -74.67 -36.81 -89.25
N TYR I 211 -73.84 -36.00 -89.90
CA TYR I 211 -73.85 -35.82 -91.34
C TYR I 211 -72.45 -36.04 -91.90
N ASN I 212 -72.37 -36.12 -93.22
CA ASN I 212 -71.08 -36.20 -93.91
C ASN I 212 -70.76 -34.94 -94.69
N GLU I 213 -71.75 -34.36 -95.37
CA GLU I 213 -71.57 -33.15 -96.16
C GLU I 213 -72.63 -32.13 -95.78
N ASP I 214 -72.24 -30.87 -95.72
CA ASP I 214 -73.16 -29.79 -95.40
C ASP I 214 -73.80 -29.29 -96.69
N ASN I 215 -75.12 -29.30 -96.72
CA ASN I 215 -75.92 -28.65 -97.76
C ASN I 215 -77.04 -27.86 -97.12
N GLY I 216 -76.70 -27.07 -96.10
CA GLY I 216 -77.68 -26.30 -95.35
C GLY I 216 -78.23 -27.01 -94.14
N ILE I 217 -77.74 -28.20 -93.83
CA ILE I 217 -78.26 -28.95 -92.68
C ILE I 217 -77.95 -28.21 -91.37
N ILE I 218 -76.76 -27.63 -91.27
CA ILE I 218 -76.41 -26.86 -90.09
C ILE I 218 -77.32 -25.64 -89.97
N LYS I 219 -77.56 -24.95 -91.08
CA LYS I 219 -78.45 -23.80 -91.03
C LYS I 219 -79.89 -24.23 -90.79
N ALA I 220 -80.34 -25.30 -91.43
CA ALA I 220 -81.72 -25.77 -91.24
C ALA I 220 -81.97 -26.18 -89.80
N PHE I 221 -81.05 -26.96 -89.23
CA PHE I 221 -81.04 -27.25 -87.79
C PHE I 221 -80.33 -26.12 -87.07
N ARG I 222 -79.87 -26.37 -85.84
CA ARG I 222 -79.08 -25.52 -84.95
C ARG I 222 -79.90 -24.43 -84.29
N ASN I 223 -81.16 -24.22 -84.69
CA ASN I 223 -82.05 -23.35 -83.94
C ASN I 223 -82.89 -24.13 -82.93
N ILE I 224 -82.81 -25.45 -82.97
CA ILE I 224 -83.53 -26.32 -82.04
C ILE I 224 -82.67 -26.53 -80.80
N PRO I 225 -83.17 -26.23 -79.60
CA PRO I 225 -82.36 -26.43 -78.40
C PRO I 225 -82.03 -27.91 -78.20
N GLY I 226 -80.83 -28.17 -77.69
CA GLY I 226 -80.34 -29.50 -77.44
C GLY I 226 -79.79 -30.21 -78.65
N ILE I 227 -80.24 -29.85 -79.85
CA ILE I 227 -79.79 -30.50 -81.06
C ILE I 227 -78.32 -30.17 -81.29
N THR I 228 -77.50 -31.20 -81.49
CA THR I 228 -76.08 -31.05 -81.74
C THR I 228 -75.72 -31.75 -83.04
N LEU I 229 -75.07 -31.03 -83.95
CA LEU I 229 -74.64 -31.58 -85.22
C LEU I 229 -73.17 -31.93 -85.15
N LEU I 230 -72.75 -32.93 -85.92
CA LEU I 230 -71.39 -33.44 -85.86
C LEU I 230 -71.03 -34.10 -87.19
N ASN I 231 -69.95 -33.64 -87.80
CA ASN I 231 -69.45 -34.27 -89.00
C ASN I 231 -68.91 -35.66 -88.68
N VAL I 232 -69.18 -36.62 -89.56
CA VAL I 232 -68.74 -37.98 -89.33
C VAL I 232 -67.22 -38.09 -89.37
N SER I 233 -66.56 -37.20 -90.13
CA SER I 233 -65.11 -37.22 -90.20
C SER I 233 -64.45 -36.55 -89.01
N LYS I 234 -65.22 -35.88 -88.16
CA LYS I 234 -64.70 -35.12 -87.03
C LYS I 234 -65.49 -35.46 -85.77
N LEU I 235 -65.64 -36.75 -85.51
CA LEU I 235 -66.43 -37.19 -84.37
C LEU I 235 -65.81 -36.74 -83.06
N ASN I 236 -66.66 -36.26 -82.15
CA ASN I 236 -66.24 -35.70 -80.88
C ASN I 236 -66.68 -36.61 -79.75
N ILE I 237 -65.72 -37.06 -78.94
CA ILE I 237 -66.06 -37.85 -77.77
C ILE I 237 -66.81 -37.02 -76.74
N LEU I 238 -66.60 -35.71 -76.72
CA LEU I 238 -67.31 -34.85 -75.78
C LEU I 238 -68.80 -34.78 -76.08
N LYS I 239 -69.17 -34.68 -77.35
CA LYS I 239 -70.58 -34.68 -77.74
C LYS I 239 -71.22 -36.05 -77.66
N LEU I 240 -70.49 -37.11 -78.00
CA LEU I 240 -71.08 -38.44 -77.99
C LEU I 240 -71.36 -38.93 -76.57
N ALA I 241 -70.59 -38.47 -75.59
CA ALA I 241 -70.84 -38.77 -74.18
C ALA I 241 -70.86 -37.43 -73.45
N PRO I 242 -72.00 -36.74 -73.46
CA PRO I 242 -72.03 -35.36 -72.96
C PRO I 242 -71.59 -35.20 -71.52
N GLY I 243 -71.94 -36.15 -70.65
CA GLY I 243 -71.52 -36.12 -69.28
C GLY I 243 -70.51 -37.18 -68.91
N GLY I 244 -69.78 -37.72 -69.89
CA GLY I 244 -68.92 -38.86 -69.64
C GLY I 244 -69.65 -40.18 -69.59
N HIS I 245 -70.96 -40.18 -69.82
CA HIS I 245 -71.75 -41.40 -69.81
C HIS I 245 -72.18 -41.71 -71.23
N VAL I 246 -71.86 -42.92 -71.68
CA VAL I 246 -72.19 -43.33 -73.05
C VAL I 246 -73.70 -43.48 -73.19
N GLY I 247 -74.18 -43.35 -74.42
CA GLY I 247 -75.57 -43.60 -74.69
C GLY I 247 -76.36 -42.39 -75.14
N ARG I 248 -75.72 -41.44 -75.81
CA ARG I 248 -76.46 -40.32 -76.38
C ARG I 248 -77.20 -40.75 -77.63
N PHE I 249 -78.47 -40.42 -77.71
CA PHE I 249 -79.25 -40.69 -78.91
C PHE I 249 -78.67 -39.93 -80.08
N CYS I 250 -78.44 -40.62 -81.19
CA CYS I 250 -77.81 -40.04 -82.36
C CYS I 250 -78.58 -40.42 -83.60
N ILE I 251 -78.65 -39.52 -84.57
CA ILE I 251 -79.32 -39.75 -85.85
C ILE I 251 -78.27 -39.67 -86.94
N TRP I 252 -78.25 -40.68 -87.81
CA TRP I 252 -77.21 -40.82 -88.82
C TRP I 252 -77.75 -40.51 -90.21
N THR I 253 -76.94 -39.80 -90.99
CA THR I 253 -77.20 -39.68 -92.41
C THR I 253 -76.63 -40.89 -93.13
N GLU I 254 -77.29 -41.29 -94.21
CA GLU I 254 -76.87 -42.48 -94.94
C GLU I 254 -75.45 -42.36 -95.45
N SER I 255 -75.09 -41.20 -96.01
CA SER I 255 -73.72 -40.99 -96.44
C SER I 255 -72.76 -41.03 -95.26
N ALA I 256 -73.14 -40.42 -94.13
CA ALA I 256 -72.31 -40.53 -92.93
C ALA I 256 -72.27 -41.95 -92.40
N PHE I 257 -73.39 -42.68 -92.49
CA PHE I 257 -73.43 -44.05 -91.99
C PHE I 257 -72.50 -44.96 -92.78
N ARG I 258 -72.52 -44.85 -94.11
CA ARG I 258 -71.71 -45.73 -94.94
C ARG I 258 -70.21 -45.50 -94.76
N LYS I 259 -69.82 -44.30 -94.33
CA LYS I 259 -68.40 -43.96 -94.20
C LYS I 259 -67.77 -44.53 -92.94
N LEU I 260 -68.57 -45.09 -92.03
CA LEU I 260 -68.03 -45.58 -90.77
C LEU I 260 -67.07 -46.74 -90.98
N ASP I 261 -67.37 -47.62 -91.94
CA ASP I 261 -66.48 -48.75 -92.20
C ASP I 261 -65.11 -48.29 -92.65
N GLU I 262 -65.04 -47.29 -93.53
CA GLU I 262 -63.75 -46.77 -93.93
C GLU I 262 -63.07 -46.02 -92.79
N LEU I 263 -63.85 -45.33 -91.97
CA LEU I 263 -63.29 -44.47 -90.93
C LEU I 263 -62.69 -45.27 -89.79
N TYR I 264 -63.31 -46.39 -89.41
CA TYR I 264 -62.85 -47.16 -88.27
C TYR I 264 -62.54 -48.61 -88.57
N GLY I 265 -62.75 -49.06 -89.80
CA GLY I 265 -62.36 -50.39 -90.20
C GLY I 265 -63.28 -51.47 -89.65
N THR I 266 -63.17 -52.65 -90.24
CA THR I 266 -63.81 -53.85 -89.73
C THR I 266 -62.77 -54.57 -88.85
N TRP I 267 -63.13 -55.70 -88.26
CA TRP I 267 -62.10 -56.54 -87.68
C TRP I 267 -61.36 -57.35 -88.73
N ARG I 268 -61.84 -57.32 -89.98
CA ARG I 268 -61.14 -57.93 -91.09
C ARG I 268 -60.34 -56.90 -91.89
N LYS I 269 -60.89 -55.70 -92.07
CA LYS I 269 -60.21 -54.61 -92.76
C LYS I 269 -59.93 -53.47 -91.80
N ALA I 270 -58.69 -52.99 -91.80
CA ALA I 270 -58.34 -51.80 -91.06
C ALA I 270 -58.98 -50.57 -91.71
N ALA I 271 -59.03 -49.48 -90.95
CA ALA I 271 -59.64 -48.25 -91.45
C ALA I 271 -58.83 -47.70 -92.61
N SER I 272 -59.53 -47.32 -93.68
CA SER I 272 -58.89 -46.79 -94.88
C SER I 272 -58.71 -45.28 -94.82
N LEU I 273 -59.30 -44.60 -93.84
CA LEU I 273 -59.15 -43.16 -93.69
C LEU I 273 -58.24 -42.81 -92.53
N LYS I 274 -57.60 -43.78 -91.90
CA LYS I 274 -56.69 -43.53 -90.80
C LYS I 274 -55.35 -44.22 -90.97
N SER I 275 -55.23 -45.21 -91.85
CA SER I 275 -53.97 -45.71 -92.40
C SER I 275 -53.13 -46.50 -91.40
N ASN I 276 -53.48 -46.46 -90.13
CA ASN I 276 -52.79 -47.32 -89.17
C ASN I 276 -53.70 -47.84 -88.08
N TYR I 277 -55.01 -47.56 -88.12
CA TYR I 277 -55.91 -47.91 -87.04
C TYR I 277 -56.75 -49.13 -87.42
N ASN I 278 -57.12 -49.92 -86.41
CA ASN I 278 -57.98 -51.07 -86.59
C ASN I 278 -58.92 -51.15 -85.39
N LEU I 279 -59.99 -51.93 -85.56
CA LEU I 279 -60.94 -52.09 -84.48
C LEU I 279 -60.30 -52.83 -83.31
N PRO I 280 -60.48 -52.33 -82.09
CA PRO I 280 -59.92 -53.02 -80.92
C PRO I 280 -60.58 -54.36 -80.69
N MET I 281 -59.85 -55.25 -80.02
CA MET I 281 -60.26 -56.64 -79.87
C MET I 281 -60.98 -56.86 -78.55
N HIS I 282 -62.01 -57.69 -78.60
CA HIS I 282 -62.75 -58.09 -77.42
C HIS I 282 -61.90 -59.06 -76.59
N LYS I 283 -61.89 -58.85 -75.28
CA LYS I 283 -61.33 -59.84 -74.37
C LYS I 283 -62.39 -60.83 -73.87
N MET I 284 -63.62 -60.71 -74.37
CA MET I 284 -64.69 -61.65 -74.04
C MET I 284 -65.63 -61.68 -75.24
N ILE I 285 -65.56 -62.75 -76.02
CA ILE I 285 -66.38 -62.84 -77.22
C ILE I 285 -67.86 -62.94 -76.86
N ASN I 286 -68.19 -63.82 -75.93
CA ASN I 286 -69.56 -64.05 -75.51
C ASN I 286 -69.74 -63.46 -74.12
N THR I 287 -70.50 -62.36 -74.03
CA THR I 287 -70.76 -61.70 -72.77
C THR I 287 -72.06 -62.14 -72.12
N ASP I 288 -72.77 -63.10 -72.71
CA ASP I 288 -74.01 -63.61 -72.13
C ASP I 288 -73.65 -64.60 -71.04
N LEU I 289 -73.64 -64.13 -69.80
CA LEU I 289 -73.34 -64.99 -68.67
C LEU I 289 -74.41 -66.06 -68.49
N SER I 290 -75.67 -65.72 -68.73
CA SER I 290 -76.77 -66.64 -68.45
C SER I 290 -76.67 -67.89 -69.31
N ARG I 291 -76.39 -67.73 -70.61
CA ARG I 291 -76.31 -68.89 -71.48
C ARG I 291 -75.03 -69.68 -71.27
N ILE I 292 -73.94 -69.01 -70.89
CA ILE I 292 -72.70 -69.70 -70.58
C ILE I 292 -72.88 -70.60 -69.36
N LEU I 293 -73.52 -70.08 -68.32
CA LEU I 293 -73.68 -70.85 -67.09
C LEU I 293 -74.64 -72.00 -67.27
N LYS I 294 -75.60 -71.88 -68.17
CA LYS I 294 -76.64 -72.90 -68.34
C LYS I 294 -76.29 -73.95 -69.39
N SER I 295 -75.11 -73.87 -69.99
CA SER I 295 -74.74 -74.85 -71.01
C SER I 295 -74.54 -76.22 -70.38
N PRO I 296 -74.91 -77.30 -71.06
CA PRO I 296 -74.79 -78.64 -70.45
C PRO I 296 -73.36 -79.01 -70.10
N GLU I 297 -72.38 -78.61 -70.91
CA GLU I 297 -71.00 -78.95 -70.62
C GLU I 297 -70.49 -78.26 -69.36
N ILE I 298 -70.98 -77.06 -69.08
CA ILE I 298 -70.65 -76.40 -67.81
C ILE I 298 -71.33 -77.12 -66.67
N GLN I 299 -72.61 -77.46 -66.82
CA GLN I 299 -73.38 -78.00 -65.72
C GLN I 299 -72.94 -79.41 -65.36
N ARG I 300 -72.39 -80.17 -66.30
CA ARG I 300 -71.89 -81.49 -65.99
C ARG I 300 -70.68 -81.43 -65.06
N ALA I 301 -69.86 -80.41 -65.20
CA ALA I 301 -68.60 -80.32 -64.45
C ALA I 301 -68.77 -79.72 -63.06
N LEU I 302 -69.98 -79.33 -62.68
CA LEU I 302 -70.21 -78.74 -61.37
C LEU I 302 -70.61 -79.81 -60.36
N ARG I 303 -70.22 -79.59 -59.11
CA ARG I 303 -70.75 -80.39 -58.03
C ARG I 303 -72.18 -79.95 -57.71
N ALA I 304 -72.87 -80.79 -56.95
CA ALA I 304 -74.25 -80.48 -56.59
C ALA I 304 -74.29 -79.23 -55.70
N PRO I 305 -75.22 -78.31 -55.96
CA PRO I 305 -75.32 -77.13 -55.10
C PRO I 305 -75.70 -77.49 -53.68
N ARG I 306 -75.14 -76.75 -52.73
CA ARG I 306 -75.42 -76.96 -51.31
C ARG I 306 -76.26 -75.77 -50.84
N LYS I 307 -77.58 -75.93 -50.93
CA LYS I 307 -78.50 -74.83 -50.69
C LYS I 307 -79.11 -74.86 -49.29
N LYS I 308 -78.72 -75.79 -48.43
CA LYS I 308 -79.25 -75.86 -47.09
C LYS I 308 -78.42 -74.99 -46.16
N ILE I 309 -79.09 -74.16 -45.37
CA ILE I 309 -78.43 -73.24 -44.46
C ILE I 309 -78.27 -73.92 -43.12
N HIS I 310 -77.04 -73.94 -42.60
CA HIS I 310 -76.72 -74.55 -41.32
C HIS I 310 -76.53 -73.42 -40.31
N ARG I 311 -77.63 -73.00 -39.69
CA ARG I 311 -77.56 -71.97 -38.66
C ARG I 311 -76.91 -72.53 -37.40
N ARG I 312 -76.54 -71.63 -36.49
CA ARG I 312 -75.86 -72.05 -35.28
C ARG I 312 -76.84 -72.79 -34.36
N VAL I 313 -76.27 -73.60 -33.47
CA VAL I 313 -77.05 -74.46 -32.59
C VAL I 313 -76.76 -74.08 -31.15
N LEU I 314 -77.80 -73.78 -30.40
CA LEU I 314 -77.65 -73.52 -28.97
C LEU I 314 -77.24 -74.80 -28.26
N LYS I 315 -76.20 -74.73 -27.44
CA LYS I 315 -75.70 -75.91 -26.76
C LYS I 315 -76.57 -76.28 -25.58
N LYS I 316 -77.51 -77.20 -25.77
CA LYS I 316 -78.23 -77.76 -24.64
C LYS I 316 -77.29 -78.62 -23.81
N ASN I 317 -77.37 -78.45 -22.50
CA ASN I 317 -76.36 -79.04 -21.62
C ASN I 317 -76.61 -80.53 -21.43
N PRO I 318 -75.65 -81.39 -21.78
CA PRO I 318 -75.67 -82.75 -21.25
C PRO I 318 -75.39 -82.71 -19.76
N LEU I 319 -75.73 -83.80 -19.08
CA LEU I 319 -75.80 -83.97 -17.63
C LEU I 319 -77.01 -83.23 -17.06
N LYS I 320 -77.69 -82.40 -17.84
CA LYS I 320 -78.88 -81.69 -17.43
C LYS I 320 -80.04 -81.88 -18.40
N ASN I 321 -79.74 -82.11 -19.68
CA ASN I 321 -80.75 -82.46 -20.67
C ASN I 321 -80.60 -83.94 -21.01
N LEU I 322 -81.57 -84.74 -20.57
CA LEU I 322 -81.44 -86.19 -20.66
C LEU I 322 -81.42 -86.65 -22.12
N ARG I 323 -82.33 -86.13 -22.94
CA ARG I 323 -82.38 -86.53 -24.34
C ARG I 323 -81.12 -86.11 -25.08
N ILE I 324 -80.57 -84.94 -24.76
CA ILE I 324 -79.32 -84.52 -25.39
C ILE I 324 -78.18 -85.45 -24.99
N MET I 325 -78.13 -85.83 -23.72
CA MET I 325 -77.10 -86.76 -23.26
C MET I 325 -77.24 -88.11 -23.95
N LEU I 326 -78.47 -88.59 -24.13
CA LEU I 326 -78.69 -89.83 -24.85
C LEU I 326 -78.26 -89.72 -26.29
N LYS I 327 -78.52 -88.58 -26.93
CA LYS I 327 -78.06 -88.35 -28.29
C LYS I 327 -76.53 -88.41 -28.38
N LEU I 328 -75.85 -87.79 -27.42
CA LEU I 328 -74.39 -87.86 -27.39
C LEU I 328 -73.90 -89.22 -26.92
N ASN I 329 -74.61 -89.84 -25.98
CA ASN I 329 -74.19 -91.12 -25.39
C ASN I 329 -75.43 -91.94 -25.06
N PRO I 330 -75.83 -92.84 -25.96
CA PRO I 330 -77.02 -93.66 -25.70
C PRO I 330 -76.89 -94.56 -24.48
N TYR I 331 -75.67 -94.98 -24.12
CA TYR I 331 -75.50 -95.88 -22.99
C TYR I 331 -75.80 -95.18 -21.66
N ALA I 332 -75.88 -93.85 -21.66
CA ALA I 332 -76.19 -93.13 -20.43
C ALA I 332 -77.57 -93.46 -19.89
N LYS I 333 -78.49 -93.91 -20.75
CA LYS I 333 -79.81 -94.29 -20.28
C LYS I 333 -79.76 -95.48 -19.34
N THR I 334 -79.09 -96.55 -19.75
CA THR I 334 -79.07 -97.77 -18.96
C THR I 334 -78.30 -97.60 -17.66
N MET I 335 -77.22 -96.81 -17.67
CA MET I 335 -76.51 -96.54 -16.42
C MET I 335 -77.41 -95.79 -15.44
N ARG I 336 -78.14 -94.79 -15.93
CA ARG I 336 -79.04 -94.04 -15.06
C ARG I 336 -80.15 -94.93 -14.51
N ARG I 337 -80.74 -95.76 -15.37
CA ARG I 337 -81.81 -96.65 -14.92
C ARG I 337 -81.30 -97.67 -13.91
N ASN I 338 -80.12 -98.24 -14.14
CA ASN I 338 -79.54 -99.17 -13.18
C ASN I 338 -79.23 -98.48 -11.87
N THR I 339 -78.74 -97.23 -11.93
CA THR I 339 -78.47 -96.48 -10.72
C THR I 339 -79.74 -96.24 -9.92
N ILE I 340 -80.82 -95.85 -10.59
CA ILE I 340 -82.07 -95.57 -9.88
C ILE I 340 -82.64 -96.85 -9.28
N LEU I 341 -82.61 -97.95 -10.04
CA LEU I 341 -83.10 -99.21 -9.51
C LEU I 341 -82.26 -99.68 -8.33
N ARG I 342 -80.94 -99.53 -8.41
CA ARG I 342 -80.06 -99.90 -7.32
C ARG I 342 -80.34 -99.07 -6.08
N GLN I 343 -80.54 -97.77 -6.26
CA GLN I 343 -80.85 -96.91 -5.12
C GLN I 343 -82.20 -97.27 -4.51
N ALA I 344 -83.20 -97.58 -5.34
CA ALA I 344 -84.50 -97.98 -4.81
C ALA I 344 -84.39 -99.28 -4.01
N ARG I 345 -83.65 -100.26 -4.55
CA ARG I 345 -83.47 -101.52 -3.84
C ARG I 345 -82.72 -101.31 -2.53
N ASN I 346 -81.66 -100.51 -2.54
CA ASN I 346 -80.90 -100.25 -1.32
C ASN I 346 -81.75 -99.52 -0.30
N HIS I 347 -82.55 -98.54 -0.74
CA HIS I 347 -83.41 -97.82 0.17
C HIS I 347 -84.44 -98.74 0.80
N LYS I 348 -85.04 -99.62 -0.01
CA LYS I 348 -86.02 -100.56 0.53
C LYS I 348 -85.37 -101.52 1.53
N LEU I 349 -84.17 -102.02 1.20
CA LEU I 349 -83.47 -102.92 2.11
C LEU I 349 -83.13 -102.25 3.42
N ARG I 350 -82.62 -101.02 3.37
CA ARG I 350 -82.27 -100.31 4.60
C ARG I 350 -83.51 -99.96 5.42
N VAL I 351 -84.60 -99.59 4.74
CA VAL I 351 -85.85 -99.29 5.45
C VAL I 351 -86.36 -100.54 6.16
N ASP I 352 -86.34 -101.69 5.46
CA ASP I 352 -86.79 -102.94 6.08
C ASP I 352 -85.89 -103.35 7.23
N LYS I 353 -84.58 -103.15 7.09
CA LYS I 353 -83.65 -103.49 8.16
C LYS I 353 -83.89 -102.62 9.39
N ALA I 354 -84.10 -101.31 9.18
CA ALA I 354 -84.38 -100.42 10.30
C ALA I 354 -85.71 -100.78 10.97
N ALA I 355 -86.73 -101.09 10.16
CA ALA I 355 -88.02 -101.47 10.73
C ALA I 355 -87.90 -102.77 11.53
N ALA I 356 -87.12 -103.72 11.02
CA ALA I 356 -86.90 -104.96 11.75
C ALA I 356 -86.16 -104.71 13.06
N ALA I 357 -85.18 -103.81 13.04
CA ALA I 357 -84.47 -103.47 14.27
C ALA I 357 -85.41 -102.82 15.29
N ALA I 358 -86.28 -101.92 14.83
CA ALA I 358 -87.24 -101.29 15.73
C ALA I 358 -88.21 -102.30 16.31
N ALA I 359 -88.71 -103.22 15.47
CA ALA I 359 -89.61 -104.26 15.96
C ALA I 359 -88.90 -105.19 16.94
N ALA I 360 -87.63 -105.51 16.69
CA ALA I 360 -86.88 -106.34 17.61
C ALA I 360 -86.68 -105.65 18.95
N LEU I 361 -86.40 -104.34 18.93
CA LEU I 361 -86.31 -103.59 20.17
C LEU I 361 -87.64 -103.58 20.91
N GLN I 362 -88.74 -103.42 20.17
CA GLN I 362 -90.07 -103.45 20.79
C GLN I 362 -90.35 -104.80 21.43
N ALA I 363 -89.96 -105.89 20.75
CA ALA I 363 -90.19 -107.23 21.29
C ALA I 363 -89.32 -107.49 22.51
N LYS I 364 -88.03 -107.17 22.43
CA LYS I 364 -87.11 -107.42 23.54
C LYS I 364 -87.27 -106.44 24.68
N SER I 365 -88.05 -105.38 24.50
CA SER I 365 -88.39 -104.48 25.60
C SER I 365 -89.74 -104.82 26.24
N ASP I 366 -90.73 -105.19 25.45
CA ASP I 366 -92.06 -105.56 25.95
C ASP I 366 -92.30 -107.06 25.81
N GLU I 367 -91.29 -107.88 26.11
CA GLU I 367 -91.43 -109.33 26.01
C GLU I 367 -92.37 -109.90 27.05
N LYS I 368 -92.63 -109.17 28.13
CA LYS I 368 -93.55 -109.57 29.20
C LYS I 368 -93.20 -110.92 29.81
N GLY J 1 18.39 -76.63 7.03
CA GLY J 1 18.61 -75.75 5.90
C GLY J 1 18.20 -74.32 6.18
N PHE J 2 18.99 -73.37 5.66
CA PHE J 2 18.71 -71.95 5.85
C PHE J 2 18.29 -71.27 4.55
N VAL J 3 18.29 -71.99 3.44
CA VAL J 3 17.67 -71.54 2.20
C VAL J 3 16.31 -72.20 2.11
N LYS J 4 15.35 -71.46 1.54
CA LYS J 4 14.01 -72.02 1.33
C LYS J 4 14.09 -73.30 0.51
N VAL J 5 13.33 -74.31 0.95
CA VAL J 5 13.31 -75.59 0.27
C VAL J 5 12.71 -75.38 -1.12
N VAL J 6 13.51 -75.60 -2.15
CA VAL J 6 13.05 -75.36 -3.52
C VAL J 6 11.95 -76.34 -3.89
N LYS J 7 12.16 -77.62 -3.63
CA LYS J 7 11.21 -78.66 -4.02
C LYS J 7 10.28 -78.99 -2.86
N ASN J 8 9.54 -77.98 -2.41
CA ASN J 8 8.63 -78.13 -1.30
C ASN J 8 7.30 -78.69 -1.80
N LYS J 9 6.27 -78.65 -0.95
CA LYS J 9 4.96 -79.18 -1.33
C LYS J 9 4.37 -78.41 -2.50
N ALA J 10 4.45 -77.07 -2.46
CA ALA J 10 3.86 -76.26 -3.51
C ALA J 10 4.54 -76.49 -4.84
N TYR J 11 5.85 -76.73 -4.84
CA TYR J 11 6.57 -76.95 -6.08
C TYR J 11 6.05 -78.18 -6.81
N PHE J 12 5.80 -79.26 -6.08
CA PHE J 12 5.24 -80.45 -6.71
C PHE J 12 3.76 -80.31 -6.98
N LYS J 13 3.05 -79.48 -6.22
CA LYS J 13 1.64 -79.22 -6.52
C LYS J 13 1.48 -78.51 -7.85
N ARG J 14 2.32 -77.52 -8.13
CA ARG J 14 2.22 -76.74 -9.37
C ARG J 14 3.09 -77.28 -10.48
N TYR J 15 3.84 -78.34 -10.25
CA TYR J 15 4.72 -78.87 -11.28
C TYR J 15 3.91 -79.47 -12.42
N GLN J 16 4.24 -79.08 -13.65
CA GLN J 16 3.62 -79.64 -14.84
C GLN J 16 4.67 -80.51 -15.53
N VAL J 17 4.34 -81.78 -15.71
CA VAL J 17 5.29 -82.71 -16.30
C VAL J 17 5.30 -82.56 -17.82
N LYS J 18 6.44 -82.85 -18.43
CA LYS J 18 6.53 -82.88 -19.88
C LYS J 18 5.99 -84.22 -20.39
N PHE J 19 5.99 -84.38 -21.71
CA PHE J 19 5.56 -85.65 -22.29
C PHE J 19 6.52 -86.75 -21.92
N ARG J 20 6.00 -87.98 -21.85
CA ARG J 20 6.80 -89.12 -21.42
C ARG J 20 8.03 -89.30 -22.29
N ARG J 21 7.85 -89.26 -23.62
CA ARG J 21 8.99 -89.39 -24.50
C ARG J 21 9.89 -88.17 -24.48
N ARG J 22 9.34 -87.00 -24.13
CA ARG J 22 10.19 -85.83 -23.94
C ARG J 22 11.06 -85.99 -22.70
N ARG J 23 10.47 -86.40 -21.57
CA ARG J 23 11.23 -86.59 -20.35
C ARG J 23 12.29 -87.68 -20.51
N GLU J 24 12.02 -88.68 -21.34
CA GLU J 24 12.99 -89.73 -21.57
C GLU J 24 14.08 -89.33 -22.56
N GLY J 25 14.00 -88.13 -23.11
CA GLY J 25 15.01 -87.66 -24.05
C GLY J 25 15.08 -88.47 -25.33
N LYS J 26 13.92 -88.78 -25.92
CA LYS J 26 13.86 -89.64 -27.09
C LYS J 26 13.27 -88.95 -28.30
N THR J 27 12.29 -88.06 -28.11
CA THR J 27 11.54 -87.46 -29.19
C THR J 27 11.66 -85.95 -29.14
N ASP J 28 11.95 -85.34 -30.28
CA ASP J 28 11.91 -83.89 -30.43
C ASP J 28 10.57 -83.54 -31.06
N TYR J 29 9.59 -83.21 -30.22
CA TYR J 29 8.25 -82.92 -30.70
C TYR J 29 8.19 -81.69 -31.60
N TYR J 30 9.13 -80.76 -31.43
CA TYR J 30 9.17 -79.60 -32.32
C TYR J 30 9.43 -80.03 -33.75
N ALA J 31 10.35 -80.98 -33.95
CA ALA J 31 10.57 -81.52 -35.28
C ALA J 31 9.48 -82.50 -35.68
N ARG J 32 8.95 -83.26 -34.72
CA ARG J 32 7.93 -84.25 -35.03
C ARG J 32 6.68 -83.60 -35.59
N LYS J 33 6.26 -82.49 -35.00
CA LYS J 33 5.03 -81.82 -35.45
C LYS J 33 5.16 -81.36 -36.90
N ARG J 34 6.34 -80.85 -37.27
CA ARG J 34 6.57 -80.46 -38.66
C ARG J 34 6.83 -81.66 -39.56
N LEU J 35 7.18 -82.80 -39.00
CA LEU J 35 7.56 -83.97 -39.79
C LEU J 35 6.40 -84.91 -40.11
N VAL J 36 5.53 -85.20 -39.15
CA VAL J 36 4.57 -86.29 -39.29
C VAL J 36 3.17 -85.84 -39.65
N ILE J 37 2.90 -84.53 -39.67
CA ILE J 37 1.55 -84.03 -39.80
C ILE J 37 1.24 -83.79 -41.27
N GLN J 38 0.17 -84.40 -41.76
CA GLN J 38 -0.29 -84.22 -43.13
C GLN J 38 -1.21 -83.01 -43.21
N ASP J 39 -1.12 -82.30 -44.34
CA ASP J 39 -2.05 -81.20 -44.59
C ASP J 39 -3.48 -81.72 -44.65
N LYS J 40 -4.39 -80.96 -44.05
CA LYS J 40 -5.76 -81.45 -43.88
C LYS J 40 -6.50 -81.59 -45.19
N ASN J 41 -6.07 -80.89 -46.24
CA ASN J 41 -6.71 -81.03 -47.54
C ASN J 41 -6.26 -82.30 -48.26
N LYS J 42 -5.31 -83.04 -47.71
CA LYS J 42 -4.95 -84.36 -48.22
C LYS J 42 -5.63 -85.48 -47.44
N TYR J 43 -6.32 -85.17 -46.35
CA TYR J 43 -7.23 -86.08 -45.65
C TYR J 43 -6.42 -87.25 -45.10
N ASN J 44 -6.80 -88.51 -45.37
CA ASN J 44 -6.12 -89.67 -44.83
C ASN J 44 -5.02 -90.17 -45.75
N THR J 45 -4.48 -89.33 -46.60
CA THR J 45 -3.32 -89.72 -47.40
C THR J 45 -2.12 -89.80 -46.47
N PRO J 46 -1.47 -90.96 -46.37
CA PRO J 46 -0.39 -91.10 -45.39
C PRO J 46 0.87 -90.34 -45.81
N LYS J 47 1.42 -89.59 -44.87
CA LYS J 47 2.69 -88.89 -45.05
C LYS J 47 3.78 -89.75 -44.43
N TYR J 48 4.43 -90.55 -45.26
CA TYR J 48 5.41 -91.51 -44.79
C TYR J 48 6.71 -90.82 -44.42
N ARG J 49 7.31 -91.26 -43.32
CA ARG J 49 8.65 -90.84 -42.94
C ARG J 49 9.49 -92.07 -42.68
N MET J 50 10.81 -91.92 -42.87
CA MET J 50 11.77 -92.99 -42.63
C MET J 50 12.53 -92.67 -41.36
N ILE J 51 12.37 -93.49 -40.34
CA ILE J 51 13.03 -93.27 -39.06
C ILE J 51 14.35 -94.00 -39.03
N VAL J 52 15.42 -93.30 -38.69
CA VAL J 52 16.74 -93.87 -38.51
C VAL J 52 17.20 -93.59 -37.09
N ARG J 53 17.63 -94.65 -36.40
CA ARG J 53 18.13 -94.54 -35.03
C ARG J 53 19.46 -95.25 -34.94
N VAL J 54 20.51 -94.49 -34.66
CA VAL J 54 21.85 -95.04 -34.46
C VAL J 54 21.97 -95.51 -33.02
N THR J 55 22.33 -96.77 -32.84
CA THR J 55 22.47 -97.38 -31.53
C THR J 55 23.94 -97.75 -31.30
N ASN J 56 24.32 -97.86 -30.03
CA ASN J 56 25.72 -98.11 -29.68
C ASN J 56 26.23 -99.42 -30.26
N ARG J 57 25.34 -100.38 -30.53
CA ARG J 57 25.72 -101.61 -31.18
C ARG J 57 24.77 -102.03 -32.30
N ASP J 58 23.97 -101.11 -32.83
CA ASP J 58 22.96 -101.48 -33.82
C ASP J 58 22.56 -100.25 -34.62
N ILE J 59 21.89 -100.50 -35.75
CA ILE J 59 21.30 -99.45 -36.57
C ILE J 59 19.86 -99.86 -36.85
N ILE J 60 18.92 -98.95 -36.59
CA ILE J 60 17.50 -99.20 -36.76
C ILE J 60 16.99 -98.30 -37.87
N CYS J 61 16.30 -98.89 -38.85
CA CYS J 61 15.70 -98.15 -39.95
C CYS J 61 14.25 -98.59 -40.07
N GLN J 62 13.33 -97.66 -39.82
CA GLN J 62 11.90 -97.95 -39.87
C GLN J 62 11.21 -96.95 -40.79
N ILE J 63 10.15 -97.42 -41.45
CA ILE J 63 9.29 -96.57 -42.26
C ILE J 63 7.91 -96.61 -41.65
N ALA J 64 7.36 -95.45 -41.31
CA ALA J 64 6.10 -95.37 -40.60
C ALA J 64 5.37 -94.09 -40.94
N TYR J 65 4.09 -94.06 -40.56
CA TYR J 65 3.25 -92.88 -40.72
C TYR J 65 2.43 -92.70 -39.45
N ALA J 66 1.89 -91.49 -39.28
CA ALA J 66 1.23 -91.13 -38.03
C ALA J 66 -0.23 -91.55 -38.03
N ARG J 67 -0.68 -92.08 -36.91
CA ARG J 67 -2.09 -92.34 -36.63
C ARG J 67 -2.41 -91.93 -35.20
N ILE J 68 -3.70 -91.69 -34.96
CA ILE J 68 -4.15 -91.13 -33.69
C ILE J 68 -3.81 -92.06 -32.53
N GLU J 69 -4.11 -93.35 -32.67
CA GLU J 69 -3.80 -94.32 -31.64
C GLU J 69 -2.32 -94.62 -31.53
N GLY J 70 -1.50 -94.19 -32.50
CA GLY J 70 -0.08 -94.45 -32.49
C GLY J 70 0.47 -94.64 -33.89
N ASP J 71 1.78 -94.50 -34.05
CA ASP J 71 2.38 -94.65 -35.37
C ASP J 71 2.25 -96.07 -35.86
N MET J 72 2.01 -96.22 -37.16
CA MET J 72 1.89 -97.52 -37.80
C MET J 72 3.16 -97.75 -38.62
N ILE J 73 3.89 -98.81 -38.28
CA ILE J 73 5.13 -99.14 -38.96
C ILE J 73 4.82 -100.17 -40.04
N VAL J 74 5.21 -99.86 -41.28
CA VAL J 74 4.95 -100.75 -42.40
C VAL J 74 6.17 -101.57 -42.82
N CYS J 75 7.37 -101.13 -42.47
CA CYS J 75 8.58 -101.87 -42.83
C CYS J 75 9.70 -101.46 -41.88
N ALA J 76 10.52 -102.43 -41.49
CA ALA J 76 11.62 -102.20 -40.58
C ALA J 76 12.85 -102.98 -41.03
N ALA J 77 14.02 -102.40 -40.83
CA ALA J 77 15.28 -103.06 -41.09
C ALA J 77 16.21 -102.84 -39.90
N TYR J 78 17.11 -103.80 -39.69
CA TYR J 78 18.05 -103.74 -38.58
C TYR J 78 19.44 -104.12 -39.08
N ALA J 79 20.45 -103.66 -38.34
CA ALA J 79 21.81 -104.07 -38.65
C ALA J 79 22.15 -105.43 -38.06
N HIS J 80 21.33 -105.96 -37.16
CA HIS J 80 21.59 -107.26 -36.57
C HIS J 80 21.15 -108.42 -37.45
N GLU J 81 20.33 -108.16 -38.48
CA GLU J 81 19.98 -109.19 -39.44
C GLU J 81 20.94 -109.26 -40.61
N LEU J 82 21.85 -108.28 -40.73
CA LEU J 82 22.89 -108.35 -41.74
C LEU J 82 23.77 -109.60 -41.64
N PRO J 83 24.17 -110.09 -40.46
CA PRO J 83 24.95 -111.33 -40.42
C PRO J 83 24.26 -112.55 -41.03
N LYS J 84 22.99 -112.43 -41.43
CA LYS J 84 22.36 -113.54 -42.14
C LYS J 84 23.06 -113.83 -43.46
N TYR J 85 23.57 -112.81 -44.13
CA TYR J 85 24.30 -113.01 -45.38
C TYR J 85 25.28 -111.87 -45.58
N GLY J 86 26.46 -112.19 -46.11
CA GLY J 86 27.46 -111.19 -46.40
C GLY J 86 28.18 -110.65 -45.18
N VAL J 87 27.92 -109.39 -44.84
CA VAL J 87 28.64 -108.74 -43.75
C VAL J 87 28.18 -109.33 -42.42
N LYS J 88 29.14 -109.59 -41.54
CA LYS J 88 28.85 -110.07 -40.18
C LYS J 88 29.51 -109.24 -39.10
N VAL J 89 30.65 -108.61 -39.37
CA VAL J 89 31.36 -107.79 -38.40
C VAL J 89 31.49 -106.39 -39.00
N GLY J 90 31.81 -105.43 -38.15
CA GLY J 90 31.88 -104.06 -38.60
C GLY J 90 30.50 -103.48 -38.83
N LEU J 91 29.59 -103.76 -37.89
CA LEU J 91 28.28 -103.13 -37.90
C LEU J 91 28.42 -101.71 -37.37
N THR J 92 27.28 -101.06 -37.11
CA THR J 92 27.16 -99.72 -36.50
C THR J 92 28.11 -98.69 -37.12
N ASN J 93 28.53 -98.90 -38.37
CA ASN J 93 29.35 -97.93 -39.09
C ASN J 93 28.61 -97.45 -40.32
N TYR J 94 29.28 -96.58 -41.09
CA TYR J 94 28.64 -95.93 -42.22
C TYR J 94 28.22 -96.94 -43.29
N ALA J 95 29.10 -97.89 -43.61
CA ALA J 95 28.77 -98.88 -44.62
C ALA J 95 27.62 -99.77 -44.17
N ALA J 96 27.57 -100.10 -42.88
CA ALA J 96 26.42 -100.86 -42.37
C ALA J 96 25.14 -100.05 -42.49
N ALA J 97 25.20 -98.75 -42.25
CA ALA J 97 24.03 -97.90 -42.43
C ALA J 97 23.56 -97.91 -43.88
N TYR J 98 24.50 -97.80 -44.82
CA TYR J 98 24.12 -97.87 -46.23
C TYR J 98 23.50 -99.23 -46.57
N CYS J 99 24.09 -100.30 -46.04
CA CYS J 99 23.59 -101.64 -46.32
C CYS J 99 22.19 -101.84 -45.79
N THR J 100 21.94 -101.42 -44.55
CA THR J 100 20.61 -101.61 -43.99
C THR J 100 19.59 -100.67 -44.64
N GLY J 101 20.02 -99.49 -45.10
CA GLY J 101 19.12 -98.65 -45.86
C GLY J 101 18.71 -99.28 -47.18
N LEU J 102 19.68 -99.86 -47.88
CA LEU J 102 19.36 -100.56 -49.12
C LEU J 102 18.45 -101.75 -48.86
N LEU J 103 18.70 -102.49 -47.78
CA LEU J 103 17.86 -103.62 -47.44
C LEU J 103 16.44 -103.17 -47.13
N LEU J 104 16.29 -102.09 -46.37
CA LEU J 104 14.96 -101.57 -46.07
C LEU J 104 14.25 -101.14 -47.35
N ALA J 105 14.97 -100.49 -48.25
CA ALA J 105 14.38 -100.04 -49.51
C ALA J 105 13.88 -101.23 -50.32
N ARG J 106 14.73 -102.24 -50.49
CA ARG J 106 14.35 -103.41 -51.27
C ARG J 106 13.19 -104.18 -50.62
N ARG J 107 13.21 -104.28 -49.29
CA ARG J 107 12.14 -104.99 -48.59
C ARG J 107 10.81 -104.27 -48.73
N LEU J 108 10.80 -102.94 -48.55
CA LEU J 108 9.58 -102.19 -48.72
C LEU J 108 9.06 -102.27 -50.15
N LEU J 109 9.98 -102.23 -51.11
CA LEU J 109 9.58 -102.37 -52.50
C LEU J 109 8.97 -103.74 -52.79
N ASN J 110 9.54 -104.79 -52.20
CA ASN J 110 9.01 -106.13 -52.45
C ASN J 110 7.66 -106.34 -51.79
N ARG J 111 7.45 -105.81 -50.58
CA ARG J 111 6.15 -105.96 -49.95
C ARG J 111 5.06 -105.27 -50.77
N PHE J 112 5.38 -104.09 -51.32
CA PHE J 112 4.47 -103.44 -52.25
C PHE J 112 4.54 -104.02 -53.65
N GLY J 113 5.47 -104.96 -53.90
CA GLY J 113 5.57 -105.57 -55.20
C GLY J 113 6.01 -104.65 -56.31
N MET J 114 6.90 -103.70 -56.03
CA MET J 114 7.50 -102.85 -57.05
C MET J 114 8.99 -103.14 -57.07
N ASP J 115 9.36 -104.20 -57.80
CA ASP J 115 10.74 -104.66 -57.85
C ASP J 115 11.33 -104.52 -59.24
N LYS J 116 10.65 -105.05 -60.27
CA LYS J 116 11.11 -104.84 -61.64
C LYS J 116 11.09 -103.35 -61.99
N ILE J 117 10.04 -102.65 -61.59
CA ILE J 117 9.99 -101.20 -61.73
C ILE J 117 10.77 -100.57 -60.59
N TYR J 118 11.47 -99.47 -60.90
CA TYR J 118 12.30 -98.75 -59.94
C TYR J 118 13.37 -99.66 -59.32
N GLU J 119 14.26 -100.14 -60.19
CA GLU J 119 15.39 -100.93 -59.71
C GLU J 119 16.42 -100.08 -58.97
N GLY J 120 16.34 -98.76 -59.07
CA GLY J 120 17.27 -97.90 -58.38
C GLY J 120 18.66 -97.95 -59.00
N GLN J 121 19.60 -97.40 -58.26
CA GLN J 121 21.01 -97.37 -58.70
C GLN J 121 21.67 -98.69 -58.34
N VAL J 122 21.77 -99.58 -59.34
CA VAL J 122 22.42 -100.87 -59.12
C VAL J 122 23.92 -100.69 -58.90
N GLU J 123 24.57 -99.91 -59.76
CA GLU J 123 26.00 -99.67 -59.66
C GLU J 123 26.25 -98.58 -58.63
N VAL J 124 26.80 -98.95 -57.49
CA VAL J 124 26.95 -98.02 -56.38
C VAL J 124 28.08 -97.05 -56.67
N THR J 125 27.74 -95.76 -56.70
CA THR J 125 28.74 -94.71 -56.75
C THR J 125 28.30 -93.58 -55.82
N GLY J 126 29.26 -92.79 -55.39
CA GLY J 126 28.97 -91.75 -54.42
C GLY J 126 28.18 -90.57 -54.93
N ASP J 127 28.03 -90.44 -56.24
CA ASP J 127 27.28 -89.32 -56.80
C ASP J 127 25.80 -89.43 -56.47
N GLU J 128 25.11 -88.30 -56.56
CA GLU J 128 23.71 -88.25 -56.18
C GLU J 128 22.84 -88.94 -57.23
N TYR J 129 21.67 -89.38 -56.79
CA TYR J 129 20.72 -90.09 -57.63
C TYR J 129 19.33 -89.90 -57.07
N ASN J 130 18.35 -89.79 -57.95
CA ASN J 130 16.95 -89.64 -57.55
C ASN J 130 16.11 -90.53 -58.45
N VAL J 131 15.53 -91.58 -57.87
CA VAL J 131 14.63 -92.44 -58.63
C VAL J 131 13.42 -91.63 -59.07
N GLU J 132 13.03 -91.78 -60.32
CA GLU J 132 12.02 -90.95 -60.95
C GLU J 132 10.80 -91.80 -61.26
N SER J 133 9.61 -91.25 -61.01
CA SER J 133 8.38 -91.98 -61.24
C SER J 133 8.19 -92.27 -62.72
N ILE J 134 7.72 -93.48 -63.02
CA ILE J 134 7.47 -93.90 -64.39
C ILE J 134 5.98 -93.73 -64.67
N ASP J 135 5.66 -92.91 -65.68
CA ASP J 135 4.28 -92.72 -66.08
C ASP J 135 3.71 -94.01 -66.67
N GLY J 136 2.41 -94.21 -66.47
CA GLY J 136 1.80 -95.47 -66.81
C GLY J 136 2.09 -96.60 -65.85
N GLN J 137 2.74 -96.29 -64.73
CA GLN J 137 3.13 -97.24 -63.70
C GLN J 137 2.79 -96.65 -62.35
N PRO J 138 2.67 -97.48 -61.31
CA PRO J 138 2.53 -96.92 -59.95
C PRO J 138 3.72 -96.04 -59.61
N GLY J 139 3.45 -94.93 -58.95
CA GLY J 139 4.48 -93.96 -58.69
C GLY J 139 5.52 -94.47 -57.71
N ALA J 140 6.72 -93.89 -57.81
CA ALA J 140 7.80 -94.24 -56.90
C ALA J 140 7.45 -93.82 -55.48
N PHE J 141 7.79 -94.68 -54.52
CA PHE J 141 7.47 -94.41 -53.13
C PHE J 141 8.26 -93.21 -52.63
N THR J 142 7.61 -92.37 -51.83
CA THR J 142 8.22 -91.15 -51.33
C THR J 142 8.06 -91.11 -49.81
N CYS J 143 9.18 -90.86 -49.12
CA CYS J 143 9.18 -90.67 -47.69
C CYS J 143 10.24 -89.64 -47.34
N TYR J 144 10.38 -89.36 -46.04
CA TYR J 144 11.30 -88.34 -45.57
C TYR J 144 12.13 -88.87 -44.41
N LEU J 145 13.34 -88.34 -44.28
CA LEU J 145 14.27 -88.79 -43.25
C LEU J 145 13.85 -88.25 -41.89
N ASP J 146 13.84 -89.12 -40.90
CA ASP J 146 13.58 -88.74 -39.51
C ASP J 146 14.89 -88.91 -38.76
N ALA J 147 15.58 -87.79 -38.53
CA ALA J 147 16.92 -87.84 -37.96
C ALA J 147 16.92 -87.93 -36.44
N GLY J 148 15.79 -87.64 -35.79
CA GLY J 148 15.78 -87.62 -34.34
C GLY J 148 16.64 -86.49 -33.81
N LEU J 149 17.25 -86.71 -32.64
CA LEU J 149 18.13 -85.73 -32.02
C LEU J 149 19.57 -85.85 -32.51
N ALA J 150 19.87 -86.78 -33.40
CA ALA J 150 21.22 -86.92 -33.92
C ALA J 150 21.63 -85.66 -34.67
N ARG J 151 22.81 -85.16 -34.34
CA ARG J 151 23.30 -83.90 -34.93
C ARG J 151 23.63 -84.14 -36.39
N THR J 152 22.86 -83.50 -37.28
CA THR J 152 22.97 -83.74 -38.71
C THR J 152 24.07 -82.86 -39.31
N THR J 153 25.30 -83.27 -39.06
CA THR J 153 26.44 -82.65 -39.73
C THR J 153 26.83 -83.48 -40.94
N THR J 154 27.86 -83.02 -41.64
CA THR J 154 28.31 -83.71 -42.84
C THR J 154 28.92 -85.06 -42.49
N GLY J 155 28.39 -86.11 -43.10
CA GLY J 155 28.95 -87.44 -42.90
C GLY J 155 28.29 -88.30 -41.85
N ASN J 156 27.11 -87.90 -41.35
CA ASN J 156 26.42 -88.73 -40.36
C ASN J 156 25.94 -90.02 -40.98
N LYS J 157 25.94 -91.08 -40.18
CA LYS J 157 25.51 -92.40 -40.66
C LYS J 157 24.04 -92.41 -41.05
N VAL J 158 23.23 -91.50 -40.50
CA VAL J 158 21.84 -91.40 -40.94
C VAL J 158 21.78 -91.03 -42.42
N PHE J 159 22.73 -90.23 -42.89
CA PHE J 159 22.77 -89.89 -44.30
C PHE J 159 23.27 -91.06 -45.14
N GLY J 160 24.11 -91.93 -44.59
CA GLY J 160 24.43 -93.17 -45.27
C GLY J 160 23.21 -94.07 -45.41
N ALA J 161 22.38 -94.14 -44.37
CA ALA J 161 21.13 -94.88 -44.46
C ALA J 161 20.21 -94.28 -45.51
N LEU J 162 20.12 -92.96 -45.55
CA LEU J 162 19.33 -92.29 -46.59
C LEU J 162 19.86 -92.61 -47.98
N LYS J 163 21.18 -92.60 -48.14
CA LYS J 163 21.77 -92.90 -49.45
C LYS J 163 21.45 -94.33 -49.87
N GLY J 164 21.55 -95.27 -48.93
CA GLY J 164 21.17 -96.64 -49.26
C GLY J 164 19.69 -96.76 -49.61
N ALA J 165 18.84 -96.04 -48.90
CA ALA J 165 17.41 -96.07 -49.19
C ALA J 165 17.10 -95.51 -50.57
N VAL J 166 17.72 -94.38 -50.93
CA VAL J 166 17.43 -93.78 -52.23
C VAL J 166 18.10 -94.57 -53.35
N ASP J 167 19.16 -95.31 -53.03
CA ASP J 167 19.74 -96.21 -54.02
C ASP J 167 18.89 -97.46 -54.22
N GLY J 168 18.15 -97.87 -53.19
CA GLY J 168 17.25 -99.01 -53.33
C GLY J 168 16.01 -98.73 -54.17
N GLY J 169 15.63 -97.46 -54.31
CA GLY J 169 14.50 -97.14 -55.16
C GLY J 169 13.44 -96.26 -54.54
N LEU J 170 13.75 -95.62 -53.41
CA LEU J 170 12.81 -94.72 -52.75
C LEU J 170 13.17 -93.26 -53.03
N SER J 171 12.14 -92.44 -53.22
CA SER J 171 12.29 -91.03 -53.54
C SER J 171 12.25 -90.23 -52.25
N ILE J 172 13.42 -90.00 -51.68
CA ILE J 172 13.57 -89.14 -50.50
C ILE J 172 14.24 -87.84 -50.97
N PRO J 173 13.54 -86.71 -50.94
CA PRO J 173 14.17 -85.45 -51.34
C PRO J 173 15.30 -85.08 -50.39
N HIS J 174 16.45 -84.71 -50.97
CA HIS J 174 17.64 -84.44 -50.18
C HIS J 174 18.63 -83.67 -51.03
N SER J 175 19.79 -83.39 -50.43
CA SER J 175 20.92 -82.81 -51.14
C SER J 175 22.19 -83.52 -50.67
N THR J 176 23.27 -83.27 -51.37
CA THR J 176 24.56 -83.88 -51.06
C THR J 176 25.38 -83.09 -50.06
N LYS J 177 24.78 -82.07 -49.44
CA LYS J 177 25.54 -81.20 -48.55
C LYS J 177 26.05 -81.94 -47.33
N ARG J 178 25.37 -83.02 -46.92
CA ARG J 178 25.73 -83.73 -45.70
C ARG J 178 26.42 -85.06 -45.97
N PHE J 179 26.58 -85.44 -47.23
CA PHE J 179 27.34 -86.64 -47.52
C PHE J 179 28.83 -86.41 -47.23
N PRO J 180 29.57 -87.45 -46.86
CA PRO J 180 30.99 -87.27 -46.54
C PRO J 180 31.81 -86.71 -47.69
N GLY J 181 31.40 -86.93 -48.93
CA GLY J 181 32.16 -86.42 -50.06
C GLY J 181 32.07 -84.92 -50.25
N TYR J 182 31.14 -84.27 -49.57
CA TYR J 182 31.00 -82.83 -49.71
C TYR J 182 32.20 -82.11 -49.11
N ASP J 183 32.68 -81.07 -49.78
CA ASP J 183 33.75 -80.22 -49.29
C ASP J 183 33.13 -78.92 -48.80
N SER J 184 33.29 -78.63 -47.51
CA SER J 184 32.75 -77.40 -46.96
C SER J 184 33.51 -76.16 -47.43
N GLU J 185 34.80 -76.30 -47.74
CA GLU J 185 35.59 -75.14 -48.12
C GLU J 185 35.34 -74.74 -49.57
N SER J 186 35.41 -75.68 -50.49
CA SER J 186 35.18 -75.40 -51.90
C SER J 186 33.71 -75.44 -52.27
N LYS J 187 32.83 -75.77 -51.32
CA LYS J 187 31.39 -75.89 -51.56
C LYS J 187 31.10 -76.86 -52.71
N GLU J 188 31.83 -77.98 -52.72
CA GLU J 188 31.73 -78.96 -53.78
C GLU J 188 31.56 -80.36 -53.19
N PHE J 189 31.08 -81.27 -54.03
CA PHE J 189 30.85 -82.66 -53.65
C PHE J 189 31.83 -83.54 -54.43
N ASN J 190 32.61 -84.35 -53.71
CA ASN J 190 33.61 -85.18 -54.37
C ASN J 190 32.98 -86.32 -55.15
N ALA J 191 31.92 -86.92 -54.61
CA ALA J 191 31.16 -88.00 -55.25
C ALA J 191 32.02 -89.23 -55.51
N GLU J 192 33.23 -89.27 -54.98
CA GLU J 192 34.10 -90.43 -55.06
C GLU J 192 34.50 -90.98 -53.70
N VAL J 193 34.97 -90.12 -52.80
CA VAL J 193 35.27 -90.55 -51.44
C VAL J 193 34.01 -90.91 -50.67
N HIS J 194 32.85 -90.38 -51.09
CA HIS J 194 31.59 -90.84 -50.51
C HIS J 194 31.36 -92.30 -50.84
N ARG J 195 31.69 -92.72 -52.06
CA ARG J 195 31.63 -94.14 -52.40
C ARG J 195 32.65 -94.94 -51.60
N LYS J 196 33.81 -94.34 -51.31
CA LYS J 196 34.79 -95.00 -50.45
C LYS J 196 34.22 -95.25 -49.06
N HIS J 197 33.51 -94.27 -48.51
CA HIS J 197 32.85 -94.46 -47.23
C HIS J 197 31.74 -95.51 -47.33
N ILE J 198 31.00 -95.51 -48.44
CA ILE J 198 29.95 -96.49 -48.64
C ILE J 198 30.54 -97.90 -48.70
N MET J 199 31.67 -98.05 -49.38
CA MET J 199 32.37 -99.32 -49.41
C MET J 199 33.33 -99.48 -48.23
N GLY J 200 33.31 -98.54 -47.28
CA GLY J 200 34.11 -98.67 -46.08
C GLY J 200 35.60 -98.63 -46.30
N GLN J 201 36.09 -97.76 -47.19
CA GLN J 201 37.52 -97.69 -47.44
C GLN J 201 38.27 -97.06 -46.29
N ASN J 202 37.62 -96.15 -45.55
CA ASN J 202 38.28 -95.50 -44.42
C ASN J 202 38.58 -96.52 -43.32
N VAL J 203 37.66 -97.47 -43.08
CA VAL J 203 37.89 -98.47 -42.06
C VAL J 203 39.05 -99.39 -42.46
N ALA J 204 39.09 -99.79 -43.73
CA ALA J 204 40.19 -100.62 -44.21
C ALA J 204 41.52 -99.88 -44.12
N ASP J 205 41.51 -98.59 -44.47
CA ASP J 205 42.72 -97.78 -44.34
C ASP J 205 43.14 -97.66 -42.88
N TYR J 206 42.18 -97.54 -41.97
CA TYR J 206 42.50 -97.50 -40.55
C TYR J 206 43.11 -98.80 -40.09
N MET J 207 42.58 -99.93 -40.56
CA MET J 207 43.14 -101.23 -40.18
C MET J 207 44.57 -101.38 -40.66
N ARG J 208 44.81 -101.08 -41.94
CA ARG J 208 46.17 -101.18 -42.46
C ARG J 208 47.09 -100.12 -41.87
N TYR J 209 46.52 -99.00 -41.39
CA TYR J 209 47.30 -97.97 -40.72
C TYR J 209 47.70 -98.40 -39.33
N LEU J 210 46.83 -99.16 -38.65
CA LEU J 210 47.17 -99.70 -37.34
C LEU J 210 48.14 -100.87 -37.45
N MET J 211 48.10 -101.61 -38.58
CA MET J 211 49.08 -102.68 -38.76
C MET J 211 50.50 -102.15 -38.82
N GLU J 212 50.72 -101.06 -39.57
CA GLU J 212 52.06 -100.55 -39.78
C GLU J 212 52.68 -99.92 -38.54
N GLU J 213 51.87 -99.40 -37.62
CA GLU J 213 52.41 -98.63 -36.50
C GLU J 213 52.29 -99.37 -35.18
N ASP J 214 51.10 -99.81 -34.78
CA ASP J 214 50.90 -100.36 -33.44
C ASP J 214 50.04 -101.61 -33.58
N GLU J 215 50.69 -102.77 -33.60
CA GLU J 215 49.98 -104.02 -33.88
C GLU J 215 49.07 -104.43 -32.72
N ASP J 216 49.54 -104.25 -31.48
CA ASP J 216 48.70 -104.58 -30.33
C ASP J 216 47.45 -103.71 -30.28
N ALA J 217 47.56 -102.43 -30.63
CA ALA J 217 46.37 -101.60 -30.70
C ALA J 217 45.46 -102.03 -31.84
N TYR J 218 46.05 -102.55 -32.93
CA TYR J 218 45.23 -103.08 -34.02
C TYR J 218 44.41 -104.27 -33.56
N LYS J 219 45.03 -105.18 -32.79
CA LYS J 219 44.27 -106.29 -32.21
C LYS J 219 43.24 -105.79 -31.20
N LYS J 220 43.61 -104.77 -30.43
CA LYS J 220 42.70 -104.23 -29.42
C LYS J 220 41.46 -103.63 -30.04
N GLN J 221 41.61 -102.89 -31.13
CA GLN J 221 40.45 -102.28 -31.78
C GLN J 221 39.66 -103.32 -32.57
N PHE J 222 40.27 -103.91 -33.59
CA PHE J 222 39.56 -104.81 -34.49
C PHE J 222 39.74 -106.26 -34.06
N SER J 223 39.30 -106.55 -32.84
CA SER J 223 39.40 -107.92 -32.31
C SER J 223 38.44 -108.85 -33.03
N GLN J 224 37.17 -108.45 -33.17
CA GLN J 224 36.20 -109.29 -33.85
C GLN J 224 36.45 -109.35 -35.35
N TYR J 225 37.14 -108.36 -35.91
CA TYR J 225 37.54 -108.45 -37.32
C TYR J 225 38.47 -109.63 -37.55
N ILE J 226 39.40 -109.87 -36.63
CA ILE J 226 40.30 -111.01 -36.73
C ILE J 226 39.50 -112.31 -36.75
N LYS J 227 38.45 -112.39 -35.94
CA LYS J 227 37.57 -113.55 -35.97
C LYS J 227 36.91 -113.67 -37.33
N ASN J 228 36.93 -114.88 -37.88
CA ASN J 228 36.53 -115.21 -39.25
C ASN J 228 37.42 -114.54 -40.30
N SER J 229 38.52 -113.91 -39.87
CA SER J 229 39.56 -113.38 -40.77
C SER J 229 39.00 -112.38 -41.78
N VAL J 230 38.49 -111.27 -41.25
CA VAL J 230 38.02 -110.16 -42.09
C VAL J 230 39.20 -109.22 -42.30
N THR J 231 39.62 -109.06 -43.55
CA THR J 231 40.81 -108.31 -43.88
C THR J 231 40.46 -107.09 -44.73
N PRO J 232 41.28 -106.03 -44.68
CA PRO J 232 40.93 -104.79 -45.40
C PRO J 232 40.76 -104.96 -46.89
N ASP J 233 41.47 -105.89 -47.52
CA ASP J 233 41.36 -106.05 -48.97
C ASP J 233 39.98 -106.54 -49.39
N MET J 234 39.39 -107.48 -48.65
CA MET J 234 38.15 -108.12 -49.05
C MET J 234 36.91 -107.50 -48.42
N MET J 235 37.07 -106.42 -47.63
CA MET J 235 35.90 -105.77 -47.05
C MET J 235 35.02 -105.14 -48.11
N GLU J 236 35.63 -104.46 -49.10
CA GLU J 236 34.86 -103.84 -50.16
C GLU J 236 34.12 -104.87 -51.00
N GLU J 237 34.79 -105.98 -51.31
CA GLU J 237 34.13 -107.08 -52.00
C GLU J 237 33.00 -107.66 -51.16
N MET J 238 33.21 -107.75 -49.84
CA MET J 238 32.15 -108.22 -48.95
C MET J 238 30.94 -107.31 -49.03
N TYR J 239 31.15 -106.00 -49.04
CA TYR J 239 30.04 -105.07 -49.15
C TYR J 239 29.35 -105.18 -50.50
N LYS J 240 30.12 -105.36 -51.57
CA LYS J 240 29.53 -105.49 -52.90
C LYS J 240 28.63 -106.72 -52.97
N LYS J 241 29.13 -107.87 -52.52
CA LYS J 241 28.31 -109.07 -52.58
C LYS J 241 27.17 -109.03 -51.58
N ALA J 242 27.33 -108.30 -50.47
CA ALA J 242 26.21 -108.09 -49.56
C ALA J 242 25.11 -107.28 -50.23
N HIS J 243 25.48 -106.23 -50.96
CA HIS J 243 24.49 -105.46 -51.71
C HIS J 243 23.80 -106.33 -52.75
N ALA J 244 24.56 -107.17 -53.45
CA ALA J 244 23.96 -108.06 -54.44
C ALA J 244 22.99 -109.03 -53.79
N ALA J 245 23.37 -109.59 -52.63
CA ALA J 245 22.48 -110.49 -51.91
C ALA J 245 21.22 -109.77 -51.44
N ILE J 246 21.35 -108.51 -51.04
CA ILE J 246 20.18 -107.72 -50.64
C ILE J 246 19.25 -107.55 -51.83
N ARG J 247 19.82 -107.25 -53.00
CA ARG J 247 19.00 -107.14 -54.22
C ARG J 247 18.34 -108.46 -54.57
N GLU J 248 18.99 -109.58 -54.27
CA GLU J 248 18.43 -110.88 -54.66
C GLU J 248 17.23 -111.25 -53.78
N ASN J 249 17.33 -111.08 -52.47
CA ASN J 249 16.27 -111.47 -51.55
C ASN J 249 16.25 -110.52 -50.35
N PRO J 250 15.29 -109.59 -50.31
CA PRO J 250 15.20 -108.68 -49.16
C PRO J 250 14.20 -109.15 -48.12
N VAL J 251 13.51 -110.25 -48.40
CA VAL J 251 12.39 -110.65 -47.56
C VAL J 251 12.87 -111.09 -46.19
N TYR J 252 12.27 -110.52 -45.15
CA TYR J 252 12.55 -110.91 -43.77
C TYR J 252 11.59 -112.02 -43.35
N GLU J 253 12.11 -112.99 -42.62
CA GLU J 253 11.29 -114.01 -41.99
C GLU J 253 11.55 -113.97 -40.48
N LYS J 254 10.50 -114.20 -39.71
CA LYS J 254 10.63 -114.14 -38.27
C LYS J 254 11.11 -115.48 -37.72
N LYS J 255 11.67 -115.43 -36.52
CA LYS J 255 12.17 -116.63 -35.86
C LYS J 255 11.16 -117.09 -34.83
N PRO J 256 10.83 -118.39 -34.79
CA PRO J 256 9.80 -118.86 -33.85
C PRO J 256 10.38 -119.23 -32.49
N LYS J 257 9.66 -118.83 -31.44
CA LYS J 257 10.02 -119.23 -30.08
C LYS J 257 8.75 -119.17 -29.23
N LYS J 258 8.18 -120.33 -28.93
CA LYS J 258 6.99 -120.41 -28.10
C LYS J 258 7.10 -121.40 -26.96
N GLU J 259 8.16 -122.21 -26.91
CA GLU J 259 8.36 -123.18 -25.84
C GLU J 259 9.00 -122.55 -24.61
N VAL J 260 8.45 -121.41 -24.18
CA VAL J 260 8.97 -120.66 -23.05
C VAL J 260 7.94 -120.72 -21.92
N LYS J 261 8.38 -121.21 -20.77
CA LYS J 261 7.53 -121.20 -19.58
C LYS J 261 7.28 -119.76 -19.13
N LYS J 262 6.06 -119.51 -18.64
CA LYS J 262 5.66 -118.18 -18.19
C LYS J 262 6.27 -117.94 -16.82
N LYS J 263 7.54 -117.52 -16.81
CA LYS J 263 8.27 -117.25 -15.58
C LYS J 263 8.39 -115.75 -15.37
N ARG J 264 8.08 -115.32 -14.15
CA ARG J 264 8.08 -113.91 -13.79
C ARG J 264 9.40 -113.55 -13.13
N TRP J 265 10.08 -112.53 -13.68
CA TRP J 265 11.38 -112.10 -13.19
C TRP J 265 11.32 -110.81 -12.40
N ASN J 266 10.14 -110.25 -12.16
CA ASN J 266 9.99 -109.01 -11.42
C ASN J 266 9.11 -109.23 -10.21
N ARG J 267 9.42 -108.52 -9.13
CA ARG J 267 8.64 -108.67 -7.90
C ARG J 267 7.23 -108.16 -8.13
N PRO J 268 6.21 -108.93 -7.80
CA PRO J 268 4.83 -108.44 -7.94
C PRO J 268 4.55 -107.32 -6.95
N LYS J 269 3.64 -106.43 -7.34
CA LYS J 269 3.29 -105.30 -6.50
C LYS J 269 2.58 -105.78 -5.23
N MET J 270 3.01 -105.26 -4.09
CA MET J 270 2.45 -105.68 -2.81
C MET J 270 1.04 -105.16 -2.63
N SER J 271 0.24 -105.92 -1.88
CA SER J 271 -1.15 -105.57 -1.64
C SER J 271 -1.26 -104.61 -0.44
N LEU J 272 -2.46 -104.06 -0.28
CA LEU J 272 -2.74 -103.16 0.84
C LEU J 272 -2.59 -103.87 2.19
N ALA J 273 -3.12 -105.08 2.30
CA ALA J 273 -3.05 -105.81 3.55
C ALA J 273 -1.60 -106.09 3.94
N GLN J 274 -0.75 -106.40 2.95
CA GLN J 274 0.66 -106.65 3.25
C GLN J 274 1.34 -105.39 3.75
N LYS J 275 1.00 -104.23 3.17
CA LYS J 275 1.57 -102.97 3.63
C LYS J 275 1.14 -102.66 5.06
N LYS J 276 -0.15 -102.86 5.36
CA LYS J 276 -0.62 -102.64 6.73
C LYS J 276 0.04 -103.62 7.70
N ASP J 277 0.25 -104.86 7.25
CA ASP J 277 0.94 -105.84 8.07
C ASP J 277 2.37 -105.40 8.37
N ARG J 278 3.07 -104.86 7.37
CA ARG J 278 4.43 -104.39 7.58
C ARG J 278 4.45 -103.21 8.54
N VAL J 279 3.48 -102.30 8.42
CA VAL J 279 3.40 -101.17 9.33
C VAL J 279 3.19 -101.65 10.77
N ALA J 280 2.27 -102.60 10.96
CA ALA J 280 2.02 -103.13 12.30
C ALA J 280 3.24 -103.84 12.84
N GLN J 281 3.92 -104.61 12.00
CA GLN J 281 5.13 -105.30 12.44
C GLN J 281 6.22 -104.33 12.85
N LYS J 282 6.41 -103.26 12.08
CA LYS J 282 7.41 -102.26 12.45
C LYS J 282 7.05 -101.58 13.76
N LYS J 283 5.77 -101.23 13.96
CA LYS J 283 5.35 -100.63 15.21
C LYS J 283 5.61 -101.57 16.38
N ALA J 284 5.24 -102.84 16.24
CA ALA J 284 5.42 -103.80 17.31
C ALA J 284 6.89 -104.02 17.61
N SER J 285 7.73 -104.10 16.58
CA SER J 285 9.16 -104.29 16.78
C SER J 285 9.78 -103.09 17.48
N PHE J 286 9.38 -101.88 17.10
CA PHE J 286 9.95 -100.70 17.73
C PHE J 286 9.52 -100.60 19.19
N LEU J 287 8.24 -100.91 19.46
CA LEU J 287 7.78 -100.95 20.84
C LEU J 287 8.49 -102.01 21.65
N ARG J 288 8.77 -103.17 21.04
CA ARG J 288 9.52 -104.21 21.72
C ARG J 288 10.92 -103.74 22.05
N ALA J 289 11.58 -103.08 21.10
CA ALA J 289 12.92 -102.55 21.33
C ALA J 289 12.92 -101.54 22.46
N GLN J 290 11.87 -100.72 22.54
CA GLN J 290 11.74 -99.80 23.67
C GLN J 290 11.58 -100.55 24.98
N GLU J 291 10.62 -101.48 25.04
CA GLU J 291 10.28 -102.09 26.32
C GLU J 291 11.36 -103.03 26.84
N ARG J 292 12.24 -103.53 25.97
CA ARG J 292 13.40 -104.26 26.49
C ARG J 292 14.32 -103.35 27.29
N ALA J 293 14.44 -102.09 26.88
CA ALA J 293 15.24 -101.09 27.58
C ALA J 293 16.70 -101.51 27.77
N LYS K 1 -107.59 -104.36 -36.84
CA LYS K 1 -107.08 -103.49 -35.78
C LYS K 1 -107.22 -104.16 -34.42
N GLY K 2 -106.28 -103.84 -33.53
CA GLY K 2 -106.29 -104.43 -32.20
C GLY K 2 -106.64 -103.43 -31.12
N LYS K 3 -107.13 -103.92 -29.99
CA LYS K 3 -107.49 -103.03 -28.89
C LYS K 3 -106.25 -102.40 -28.28
N PRO K 4 -106.27 -101.10 -27.98
CA PRO K 4 -105.13 -100.48 -27.31
C PRO K 4 -104.88 -101.07 -25.94
N HIS K 5 -103.61 -101.20 -25.61
CA HIS K 5 -103.15 -101.74 -24.34
C HIS K 5 -102.48 -100.66 -23.52
N CYS K 6 -102.23 -100.97 -22.25
CA CYS K 6 -101.43 -100.09 -21.42
C CYS K 6 -99.99 -100.07 -21.92
N SER K 7 -99.19 -99.15 -21.37
CA SER K 7 -97.84 -98.94 -21.85
C SER K 7 -96.96 -100.17 -21.66
N ARG K 8 -97.24 -100.98 -20.63
CA ARG K 8 -96.48 -102.18 -20.31
C ARG K 8 -95.01 -101.89 -19.98
N ASN K 9 -94.66 -100.61 -19.95
CA ASN K 9 -93.31 -100.16 -19.63
C ASN K 9 -93.46 -99.05 -18.60
N PRO K 10 -93.55 -99.41 -17.32
CA PRO K 10 -93.80 -98.39 -16.28
C PRO K 10 -92.70 -97.36 -16.21
N VAL K 11 -93.07 -96.13 -15.91
CA VAL K 11 -92.10 -95.06 -15.73
C VAL K 11 -91.74 -94.97 -14.26
N LEU K 12 -90.47 -94.72 -13.98
CA LEU K 12 -89.98 -94.51 -12.63
C LEU K 12 -89.44 -93.11 -12.42
N VAL K 13 -88.82 -92.54 -13.45
CA VAL K 13 -88.48 -91.13 -13.53
C VAL K 13 -88.93 -90.67 -14.92
N ARG K 14 -89.40 -89.43 -15.01
CA ARG K 14 -89.89 -88.89 -16.27
C ARG K 14 -88.84 -89.02 -17.37
N GLY K 15 -89.25 -89.63 -18.48
CA GLY K 15 -88.36 -89.85 -19.60
C GLY K 15 -87.62 -91.16 -19.59
N ILE K 16 -87.71 -91.94 -18.52
CA ILE K 16 -87.02 -93.22 -18.42
C ILE K 16 -88.03 -94.30 -18.07
N GLY K 17 -88.05 -95.37 -18.87
CA GLY K 17 -88.88 -96.52 -18.57
C GLY K 17 -88.20 -97.49 -17.61
N ARG K 18 -89.02 -98.34 -16.99
CA ARG K 18 -88.49 -99.29 -16.01
C ARG K 18 -87.75 -100.44 -16.66
N TYR K 19 -88.09 -100.79 -17.89
CA TYR K 19 -87.51 -101.95 -18.55
C TYR K 19 -86.63 -101.52 -19.72
N SER K 20 -85.65 -102.34 -20.04
CA SER K 20 -84.69 -102.04 -21.09
C SER K 20 -85.27 -102.44 -22.45
N ARG K 21 -84.43 -102.40 -23.48
CA ARG K 21 -84.89 -102.66 -24.84
C ARG K 21 -85.27 -104.13 -25.03
N SER K 22 -84.40 -105.04 -24.63
CA SER K 22 -84.69 -106.46 -24.81
C SER K 22 -85.82 -106.91 -23.90
N ALA K 23 -85.92 -106.31 -22.70
CA ALA K 23 -87.01 -106.65 -21.80
C ALA K 23 -88.36 -106.31 -22.43
N MET K 24 -88.48 -105.10 -22.99
CA MET K 24 -89.74 -104.72 -23.64
C MET K 24 -89.95 -105.52 -24.93
N TYR K 25 -88.87 -105.86 -25.62
CA TYR K 25 -88.99 -106.69 -26.83
C TYR K 25 -89.59 -108.04 -26.49
N SER K 26 -89.15 -108.66 -25.40
CA SER K 26 -89.74 -109.92 -24.98
C SER K 26 -91.14 -109.73 -24.42
N ARG K 27 -91.38 -108.64 -23.68
CA ARG K 27 -92.69 -108.40 -23.11
C ARG K 27 -93.73 -108.14 -24.19
N LYS K 28 -93.33 -107.49 -25.28
CA LYS K 28 -94.23 -107.25 -26.40
C LYS K 28 -94.37 -108.45 -27.33
N ALA K 29 -93.54 -109.48 -27.14
CA ALA K 29 -93.47 -110.63 -28.05
C ALA K 29 -93.22 -110.18 -29.48
N MET K 30 -92.29 -109.23 -29.63
CA MET K 30 -91.91 -108.76 -30.95
C MET K 30 -91.23 -109.84 -31.79
N TYR K 31 -90.75 -110.92 -31.16
CA TYR K 31 -90.17 -112.03 -31.90
C TYR K 31 -91.19 -112.70 -32.81
N LYS K 32 -92.48 -112.60 -32.50
CA LYS K 32 -93.50 -113.16 -33.37
C LYS K 32 -94.31 -112.11 -34.11
N ARG K 33 -94.28 -110.85 -33.67
CA ARG K 33 -94.96 -109.78 -34.40
C ARG K 33 -93.99 -109.17 -35.41
N LYS K 34 -93.75 -109.92 -36.47
CA LYS K 34 -92.81 -109.52 -37.51
C LYS K 34 -93.56 -109.36 -38.82
N TYR K 35 -93.34 -108.22 -39.49
CA TYR K 35 -94.03 -107.90 -40.72
C TYR K 35 -92.99 -107.54 -41.78
N SER K 36 -93.26 -107.95 -43.01
CA SER K 36 -92.35 -107.71 -44.12
C SER K 36 -92.92 -106.73 -45.15
N ALA K 37 -94.09 -107.02 -45.70
CA ALA K 37 -94.72 -106.19 -46.71
C ALA K 37 -96.22 -106.47 -46.71
N ALA K 38 -96.91 -105.98 -47.74
CA ALA K 38 -98.34 -106.19 -47.86
C ALA K 38 -98.64 -107.54 -48.50
N LYS K 49 -107.95 -88.30 -52.87
CA LYS K 49 -108.78 -88.48 -51.69
C LYS K 49 -109.83 -87.38 -51.56
N VAL K 50 -109.37 -86.17 -51.26
CA VAL K 50 -110.26 -85.03 -51.06
C VAL K 50 -110.81 -84.59 -52.42
N LEU K 51 -112.12 -84.40 -52.48
CA LEU K 51 -112.77 -83.92 -53.70
C LEU K 51 -112.66 -82.40 -53.75
N ALA K 52 -111.62 -81.90 -54.41
CA ALA K 52 -111.44 -80.46 -54.53
C ALA K 52 -112.48 -79.85 -55.47
N THR K 53 -112.84 -80.58 -56.52
CA THR K 53 -113.80 -80.11 -57.51
C THR K 53 -115.06 -80.97 -57.45
N VAL K 54 -116.21 -80.35 -57.64
CA VAL K 54 -117.50 -81.02 -57.61
C VAL K 54 -118.24 -80.72 -58.91
N THR K 55 -118.85 -81.75 -59.49
CA THR K 55 -119.65 -81.61 -60.70
C THR K 55 -121.08 -81.30 -60.32
N LYS K 56 -121.62 -80.19 -60.84
CA LYS K 56 -122.97 -79.77 -60.50
C LYS K 56 -123.78 -79.51 -61.76
N PRO K 57 -125.03 -79.95 -61.80
CA PRO K 57 -125.90 -79.61 -62.93
C PRO K 57 -126.15 -78.11 -63.00
N VAL K 58 -125.65 -77.47 -64.05
CA VAL K 58 -125.70 -76.02 -64.14
C VAL K 58 -127.14 -75.54 -64.33
N GLY K 59 -127.95 -76.30 -65.06
CA GLY K 59 -129.30 -75.88 -65.38
C GLY K 59 -129.35 -74.99 -66.61
N GLY K 60 -130.53 -74.94 -67.20
CA GLY K 60 -130.73 -74.18 -68.42
C GLY K 60 -130.25 -74.92 -69.65
N ASP K 61 -130.95 -74.74 -70.77
CA ASP K 61 -130.56 -75.42 -72.00
C ASP K 61 -129.26 -74.84 -72.54
N LYS K 62 -128.52 -75.70 -73.26
CA LYS K 62 -127.23 -75.41 -73.90
C LYS K 62 -126.30 -74.55 -73.03
N ASN K 63 -126.32 -74.81 -71.73
CA ASN K 63 -125.31 -74.31 -70.80
C ASN K 63 -124.25 -75.36 -70.51
N GLY K 64 -124.03 -76.29 -71.43
CA GLY K 64 -123.23 -77.45 -71.13
C GLY K 64 -124.03 -78.42 -70.28
N GLY K 65 -123.48 -79.62 -70.15
CA GLY K 65 -124.12 -80.62 -69.31
C GLY K 65 -124.10 -80.18 -67.86
N THR K 66 -122.89 -79.97 -67.34
CA THR K 66 -122.67 -79.57 -65.96
C THR K 66 -121.56 -78.53 -65.92
N ARG K 67 -121.06 -78.27 -64.73
CA ARG K 67 -119.87 -77.44 -64.52
C ARG K 67 -118.90 -78.17 -63.62
N VAL K 68 -117.61 -77.93 -63.86
CA VAL K 68 -116.55 -78.43 -62.98
C VAL K 68 -116.28 -77.32 -61.98
N VAL K 69 -117.07 -77.27 -60.92
CA VAL K 69 -116.92 -76.26 -59.88
C VAL K 69 -115.97 -76.77 -58.83
N LYS K 70 -114.90 -76.04 -58.58
CA LYS K 70 -113.92 -76.42 -57.57
C LYS K 70 -114.18 -75.65 -56.28
N LEU K 71 -113.75 -76.25 -55.17
CA LEU K 71 -113.81 -75.59 -53.89
C LEU K 71 -112.55 -74.75 -53.69
N ARG K 72 -112.66 -73.73 -52.83
CA ARG K 72 -111.51 -72.92 -52.41
C ARG K 72 -110.82 -72.26 -53.61
N LYS K 73 -111.56 -71.37 -54.24
CA LYS K 73 -111.06 -70.64 -55.40
C LYS K 73 -109.79 -69.86 -55.06
N MET K 74 -109.06 -69.49 -56.11
CA MET K 74 -107.81 -68.77 -55.94
C MET K 74 -108.06 -67.40 -55.33
N PRO K 75 -107.12 -66.88 -54.54
CA PRO K 75 -107.31 -65.57 -53.91
C PRO K 75 -107.47 -64.46 -54.93
N ARG K 76 -108.37 -63.53 -54.63
CA ARG K 76 -108.66 -62.42 -55.53
C ARG K 76 -107.57 -61.35 -55.48
N TYR K 77 -106.98 -61.10 -54.33
CA TYR K 77 -106.00 -60.04 -54.14
C TYR K 77 -104.80 -60.59 -53.39
N TYR K 78 -103.62 -60.07 -53.73
CA TYR K 78 -102.39 -60.48 -53.08
C TYR K 78 -101.70 -59.25 -52.48
N PRO K 79 -101.36 -59.27 -51.21
CA PRO K 79 -100.62 -58.14 -50.62
C PRO K 79 -99.26 -58.00 -51.26
N THR K 80 -98.74 -56.77 -51.21
CA THR K 80 -97.50 -56.44 -51.90
C THR K 80 -96.31 -57.23 -51.37
N GLU K 81 -96.31 -57.58 -50.08
CA GLU K 81 -95.23 -58.39 -49.52
C GLU K 81 -95.75 -59.11 -48.29
N ASP K 82 -95.17 -60.26 -48.00
CA ASP K 82 -95.55 -61.10 -46.88
C ASP K 82 -94.35 -61.34 -45.98
N VAL K 83 -94.57 -62.15 -44.94
CA VAL K 83 -93.55 -62.52 -43.97
C VAL K 83 -93.32 -64.01 -44.12
N PRO K 84 -92.07 -64.47 -44.18
CA PRO K 84 -91.83 -65.92 -44.26
C PRO K 84 -92.32 -66.64 -43.02
N ARG K 85 -92.70 -67.90 -43.21
CA ARG K 85 -93.31 -68.68 -42.15
C ARG K 85 -92.30 -68.97 -41.04
N LYS K 86 -92.82 -69.31 -39.86
CA LYS K 86 -91.99 -69.55 -38.70
C LYS K 86 -91.36 -70.94 -38.78
N LEU K 87 -90.39 -71.17 -37.90
CA LEU K 87 -89.80 -72.49 -37.76
C LEU K 87 -90.63 -73.35 -36.83
N LEU K 88 -90.13 -74.54 -36.53
CA LEU K 88 -90.84 -75.51 -35.72
C LEU K 88 -90.14 -75.68 -34.38
N SER K 89 -90.92 -75.62 -33.30
CA SER K 89 -90.37 -75.51 -31.95
C SER K 89 -90.49 -76.77 -31.11
N HIS K 90 -91.06 -77.85 -31.66
CA HIS K 90 -91.15 -79.17 -31.01
C HIS K 90 -91.70 -79.08 -29.58
N GLY K 91 -92.51 -78.07 -29.33
CA GLY K 91 -93.04 -77.84 -28.01
C GLY K 91 -93.90 -76.60 -27.98
N LYS K 92 -93.83 -75.86 -26.87
CA LYS K 92 -94.62 -74.64 -26.66
C LYS K 92 -96.10 -74.90 -26.89
N LYS K 93 -96.61 -75.88 -26.14
CA LYS K 93 -97.99 -76.32 -26.27
C LYS K 93 -98.94 -75.22 -25.84
N PRO K 94 -100.16 -75.21 -26.38
CA PRO K 94 -101.15 -74.21 -25.97
C PRO K 94 -101.54 -74.38 -24.52
N PHE K 95 -102.05 -73.29 -23.94
CA PHE K 95 -102.30 -73.25 -22.50
C PHE K 95 -103.31 -74.28 -22.06
N SER K 96 -104.26 -74.64 -22.93
CA SER K 96 -105.24 -75.67 -22.58
C SER K 96 -104.58 -77.04 -22.38
N GLN K 97 -103.41 -77.28 -22.96
CA GLN K 97 -102.71 -78.54 -22.78
C GLN K 97 -101.61 -78.48 -21.75
N HIS K 98 -101.42 -77.35 -21.07
CA HIS K 98 -100.41 -77.27 -20.03
C HIS K 98 -100.79 -78.11 -18.83
N VAL K 99 -99.77 -78.67 -18.17
CA VAL K 99 -99.99 -79.43 -16.95
C VAL K 99 -100.28 -78.46 -15.81
N ARG K 100 -101.23 -78.81 -14.96
CA ARG K 100 -101.64 -77.94 -13.86
C ARG K 100 -101.02 -78.43 -12.57
N LYS K 101 -100.17 -77.60 -11.98
CA LYS K 101 -99.46 -77.93 -10.75
C LYS K 101 -100.18 -77.31 -9.56
N LEU K 102 -100.12 -78.00 -8.42
CA LEU K 102 -100.76 -77.54 -7.20
C LEU K 102 -99.76 -77.59 -6.05
N ARG K 103 -99.78 -76.56 -5.20
CA ARG K 103 -98.92 -76.55 -4.03
C ARG K 103 -99.36 -77.63 -3.04
N ALA K 104 -98.38 -78.30 -2.44
CA ALA K 104 -98.67 -79.41 -1.55
C ALA K 104 -99.38 -78.97 -0.28
N SER K 105 -99.19 -77.74 0.16
CA SER K 105 -99.85 -77.24 1.35
C SER K 105 -101.35 -77.05 1.18
N ILE K 106 -101.86 -77.11 -0.05
CA ILE K 106 -103.27 -76.90 -0.33
C ILE K 106 -103.90 -78.24 -0.62
N THR K 107 -104.88 -78.63 0.19
CA THR K 107 -105.70 -79.81 0.01
C THR K 107 -107.15 -79.41 0.09
N PRO K 108 -108.07 -80.22 -0.47
CA PRO K 108 -109.50 -79.90 -0.34
C PRO K 108 -109.92 -79.78 1.13
N GLY K 109 -110.45 -78.62 1.48
CA GLY K 109 -110.79 -78.27 2.85
C GLY K 109 -109.86 -77.27 3.49
N THR K 110 -108.77 -76.90 2.84
CA THR K 110 -107.82 -75.95 3.40
C THR K 110 -108.42 -74.55 3.41
N ILE K 111 -108.20 -73.82 4.50
CA ILE K 111 -108.61 -72.42 4.58
C ILE K 111 -107.55 -71.56 3.90
N LEU K 112 -107.98 -70.71 2.98
CA LEU K 112 -107.07 -69.84 2.24
C LEU K 112 -107.32 -68.38 2.61
N ILE K 113 -106.34 -67.55 2.31
CA ILE K 113 -106.41 -66.12 2.57
C ILE K 113 -106.18 -65.38 1.26
N ILE K 114 -107.16 -64.59 0.85
CA ILE K 114 -107.09 -63.90 -0.44
C ILE K 114 -106.18 -62.69 -0.30
N LEU K 115 -105.42 -62.39 -1.37
CA LEU K 115 -104.43 -61.32 -1.35
C LEU K 115 -104.74 -60.19 -2.31
N THR K 116 -105.66 -60.39 -3.26
CA THR K 116 -106.06 -59.34 -4.19
C THR K 116 -107.57 -59.35 -4.32
N GLY K 117 -108.08 -58.55 -5.25
CA GLY K 117 -109.50 -58.46 -5.48
C GLY K 117 -110.20 -57.67 -4.40
N ARG K 118 -111.51 -57.49 -4.58
CA ARG K 118 -112.31 -56.79 -3.59
C ARG K 118 -112.46 -57.59 -2.31
N HIS K 119 -112.15 -58.89 -2.35
CA HIS K 119 -112.23 -59.76 -1.18
C HIS K 119 -110.89 -59.88 -0.48
N ARG K 120 -110.08 -58.83 -0.52
CA ARG K 120 -108.73 -58.87 0.01
C ARG K 120 -108.73 -59.08 1.52
N GLY K 121 -107.86 -59.97 1.99
CA GLY K 121 -107.73 -60.23 3.40
C GLY K 121 -108.77 -61.15 3.98
N LYS K 122 -109.72 -61.62 3.19
CA LYS K 122 -110.74 -62.53 3.68
C LYS K 122 -110.20 -63.96 3.73
N ARG K 123 -110.88 -64.80 4.51
CA ARG K 123 -110.51 -66.19 4.65
C ARG K 123 -111.61 -67.05 4.04
N VAL K 124 -111.23 -67.91 3.10
CA VAL K 124 -112.17 -68.67 2.29
C VAL K 124 -111.87 -70.16 2.45
N VAL K 125 -112.75 -70.97 1.87
CA VAL K 125 -112.66 -72.43 1.95
C VAL K 125 -112.40 -72.97 0.55
N PHE K 126 -111.30 -73.71 0.40
CA PHE K 126 -110.93 -74.30 -0.88
C PHE K 126 -111.79 -75.50 -1.19
N LEU K 127 -112.16 -75.67 -2.46
CA LEU K 127 -112.97 -76.81 -2.88
C LEU K 127 -112.21 -77.74 -3.82
N LYS K 128 -111.75 -77.24 -4.98
CA LYS K 128 -111.10 -78.10 -5.95
C LYS K 128 -110.31 -77.25 -6.92
N GLN K 129 -109.41 -77.91 -7.64
CA GLN K 129 -108.70 -77.27 -8.74
C GLN K 129 -109.48 -77.45 -10.03
N LEU K 130 -109.63 -76.37 -10.78
CA LEU K 130 -110.42 -76.40 -11.99
C LEU K 130 -109.55 -76.78 -13.19
N ALA K 131 -110.13 -76.66 -14.40
CA ALA K 131 -109.44 -77.06 -15.61
C ALA K 131 -108.22 -76.20 -15.90
N SER K 132 -108.30 -74.90 -15.63
CA SER K 132 -107.19 -73.98 -15.89
C SER K 132 -106.26 -73.86 -14.69
N GLY K 133 -106.49 -74.63 -13.64
CA GLY K 133 -105.69 -74.56 -12.44
C GLY K 133 -106.15 -73.54 -11.43
N LEU K 134 -107.15 -72.72 -11.77
CA LEU K 134 -107.67 -71.75 -10.82
C LEU K 134 -108.45 -72.46 -9.73
N LEU K 135 -108.19 -72.09 -8.49
CA LEU K 135 -108.90 -72.69 -7.37
C LEU K 135 -110.30 -72.10 -7.26
N LEU K 136 -111.30 -72.97 -7.16
CA LEU K 136 -112.67 -72.56 -6.90
C LEU K 136 -112.89 -72.59 -5.40
N VAL K 137 -113.15 -71.43 -4.81
CA VAL K 137 -113.28 -71.31 -3.37
C VAL K 137 -114.56 -70.56 -3.05
N THR K 138 -115.09 -70.82 -1.86
CA THR K 138 -116.20 -70.03 -1.32
C THR K 138 -116.20 -70.15 0.21
N GLY K 139 -115.67 -69.12 0.87
CA GLY K 139 -116.02 -68.89 2.24
C GLY K 139 -117.44 -68.41 2.23
N PRO K 140 -118.34 -69.14 2.90
CA PRO K 140 -119.77 -69.05 2.58
C PRO K 140 -120.31 -67.63 2.64
N LEU K 141 -121.17 -67.31 1.67
CA LEU K 141 -121.64 -65.93 1.49
C LEU K 141 -122.39 -65.44 2.72
N VAL K 142 -122.99 -66.36 3.48
CA VAL K 142 -123.61 -66.01 4.75
C VAL K 142 -122.60 -65.72 5.85
N LEU K 143 -121.31 -65.98 5.60
CA LEU K 143 -120.27 -65.76 6.59
C LEU K 143 -119.42 -64.54 6.29
N ASN K 144 -118.83 -64.48 5.09
CA ASN K 144 -117.93 -63.38 4.75
C ASN K 144 -118.11 -62.90 3.32
N ARG K 145 -119.29 -63.09 2.72
CA ARG K 145 -119.67 -62.48 1.45
C ARG K 145 -118.73 -62.88 0.31
N VAL K 146 -118.31 -64.14 0.29
CA VAL K 146 -117.46 -64.65 -0.77
C VAL K 146 -118.21 -65.79 -1.46
N PRO K 147 -118.83 -65.55 -2.60
CA PRO K 147 -119.57 -66.62 -3.28
C PRO K 147 -118.64 -67.62 -3.95
N LEU K 148 -119.22 -68.56 -4.69
CA LEU K 148 -118.44 -69.43 -5.55
C LEU K 148 -117.64 -68.58 -6.53
N ARG K 149 -116.33 -68.54 -6.38
CA ARG K 149 -115.50 -67.62 -7.13
C ARG K 149 -114.16 -68.26 -7.41
N ARG K 150 -113.62 -68.00 -8.60
CA ARG K 150 -112.30 -68.51 -8.93
C ARG K 150 -111.21 -67.63 -8.30
N THR K 151 -110.03 -68.22 -8.16
CA THR K 151 -108.86 -67.49 -7.68
C THR K 151 -107.62 -68.24 -8.13
N HIS K 152 -106.48 -67.58 -8.01
CA HIS K 152 -105.21 -68.13 -8.44
C HIS K 152 -104.43 -68.60 -7.22
N GLN K 153 -103.84 -69.80 -7.30
CA GLN K 153 -103.15 -70.36 -6.14
C GLN K 153 -101.92 -69.55 -5.75
N LYS K 154 -101.36 -68.77 -6.67
CA LYS K 154 -100.18 -67.99 -6.34
C LYS K 154 -100.51 -66.80 -5.47
N PHE K 155 -101.77 -66.36 -5.47
CA PHE K 155 -102.19 -65.17 -4.74
C PHE K 155 -103.01 -65.51 -3.49
N VAL K 156 -102.85 -66.72 -2.96
CA VAL K 156 -103.50 -67.11 -1.71
C VAL K 156 -102.48 -67.77 -0.81
N ILE K 157 -102.77 -67.74 0.49
CA ILE K 157 -101.91 -68.30 1.52
C ILE K 157 -102.67 -69.43 2.19
N ALA K 158 -102.08 -70.63 2.19
CA ALA K 158 -102.72 -71.81 2.73
C ALA K 158 -102.43 -71.91 4.22
N THR K 159 -103.47 -71.79 5.03
CA THR K 159 -103.32 -71.98 6.46
C THR K 159 -103.28 -73.46 6.81
N SER K 160 -102.85 -73.76 8.03
CA SER K 160 -102.77 -75.15 8.46
C SER K 160 -104.14 -75.72 8.79
N THR K 161 -105.07 -74.90 9.26
CA THR K 161 -106.37 -75.39 9.66
C THR K 161 -107.19 -75.81 8.43
N LYS K 162 -107.76 -77.02 8.49
CA LYS K 162 -108.54 -77.58 7.40
C LYS K 162 -109.75 -78.30 7.98
N ILE K 163 -110.77 -78.47 7.15
CA ILE K 163 -111.95 -79.25 7.50
C ILE K 163 -112.14 -80.34 6.46
N ASP K 164 -112.66 -81.48 6.91
CA ASP K 164 -112.87 -82.63 6.01
C ASP K 164 -114.06 -82.35 5.13
N ILE K 165 -113.81 -81.82 3.94
CA ILE K 165 -114.86 -81.57 2.97
C ILE K 165 -114.99 -82.72 1.97
N SER K 166 -114.49 -83.90 2.33
CA SER K 166 -114.67 -85.06 1.48
C SER K 166 -116.14 -85.46 1.41
N ASN K 167 -116.44 -86.35 0.46
CA ASN K 167 -117.75 -86.98 0.25
C ASN K 167 -118.90 -85.98 0.19
N VAL K 168 -118.61 -84.74 -0.18
CA VAL K 168 -119.64 -83.76 -0.49
C VAL K 168 -119.75 -83.67 -2.00
N LYS K 169 -120.87 -83.13 -2.48
CA LYS K 169 -121.16 -83.09 -3.91
C LYS K 169 -120.86 -81.71 -4.44
N ILE K 170 -119.74 -81.59 -5.16
CA ILE K 170 -119.46 -80.42 -5.98
C ILE K 170 -120.20 -80.60 -7.30
N PRO K 171 -121.10 -79.69 -7.68
CA PRO K 171 -121.83 -79.85 -8.94
C PRO K 171 -120.89 -79.88 -10.13
N LYS K 172 -121.23 -80.72 -11.10
CA LYS K 172 -120.33 -80.95 -12.22
C LYS K 172 -120.33 -79.79 -13.21
N HIS K 173 -121.42 -79.04 -13.31
CA HIS K 173 -121.47 -77.91 -14.23
C HIS K 173 -120.62 -76.74 -13.79
N LEU K 174 -120.10 -76.77 -12.56
CA LEU K 174 -119.23 -75.70 -12.08
C LEU K 174 -117.84 -75.81 -12.70
N THR K 175 -117.72 -75.36 -13.95
CA THR K 175 -116.47 -75.44 -14.68
C THR K 175 -115.90 -74.05 -14.90
N ASP K 176 -114.76 -74.00 -15.59
CA ASP K 176 -114.12 -72.72 -15.88
C ASP K 176 -114.99 -71.86 -16.79
N ALA K 177 -115.61 -72.48 -17.80
CA ALA K 177 -116.50 -71.74 -18.69
C ALA K 177 -117.71 -71.22 -17.96
N TYR K 178 -118.13 -71.92 -16.90
CA TYR K 178 -119.22 -71.43 -16.06
C TYR K 178 -118.85 -70.12 -15.38
N PHE K 179 -117.62 -70.03 -14.87
CA PHE K 179 -117.17 -68.85 -14.14
C PHE K 179 -116.49 -67.81 -15.00
N LYS K 180 -116.40 -68.04 -16.31
CA LYS K 180 -115.81 -67.05 -17.20
C LYS K 180 -116.69 -65.82 -17.28
N LYS K 181 -116.06 -64.65 -17.40
CA LYS K 181 -116.81 -63.40 -17.44
C LYS K 181 -117.64 -63.30 -18.71
N LYS K 182 -118.68 -62.47 -18.66
CA LYS K 182 -119.57 -62.25 -19.78
C LYS K 182 -119.55 -60.78 -20.18
N LYS K 183 -119.72 -60.52 -21.47
CA LYS K 183 -119.67 -59.17 -22.00
C LYS K 183 -120.79 -58.97 -23.02
N LEU K 184 -121.11 -57.70 -23.27
CA LEU K 184 -122.14 -57.34 -24.24
C LEU K 184 -121.57 -56.56 -25.43
N ARG K 185 -120.84 -55.49 -25.16
CA ARG K 185 -120.30 -54.63 -26.22
C ARG K 185 -119.27 -55.38 -27.05
N LYS K 186 -119.16 -55.02 -28.34
CA LYS K 186 -119.92 -53.97 -29.03
C LYS K 186 -120.33 -54.36 -30.45
N PRO K 187 -121.42 -55.11 -30.58
CA PRO K 187 -121.97 -55.37 -31.91
C PRO K 187 -122.85 -54.23 -32.38
N ARG K 188 -123.11 -54.23 -33.69
CA ARG K 188 -123.98 -53.30 -34.41
C ARG K 188 -123.81 -51.84 -33.97
N HIS K 189 -122.58 -51.47 -33.60
CA HIS K 189 -122.29 -50.11 -33.16
C HIS K 189 -120.79 -49.90 -33.29
N GLN K 190 -120.38 -48.92 -34.10
CA GLN K 190 -118.97 -48.66 -34.35
C GLN K 190 -118.50 -47.37 -33.70
N GLU K 191 -119.18 -46.25 -33.95
CA GLU K 191 -118.83 -44.96 -33.37
C GLU K 191 -119.76 -44.66 -32.21
N GLY K 192 -119.19 -44.39 -31.05
CA GLY K 192 -119.98 -44.16 -29.85
C GLY K 192 -120.40 -42.71 -29.69
N GLU K 193 -121.63 -42.39 -30.08
CA GLU K 193 -122.20 -41.07 -29.87
C GLU K 193 -123.21 -41.03 -28.74
N ILE K 194 -123.99 -42.09 -28.56
CA ILE K 194 -124.88 -42.25 -27.42
C ILE K 194 -124.24 -43.24 -26.47
N PHE K 195 -124.22 -42.91 -25.18
CA PHE K 195 -123.47 -43.69 -24.20
C PHE K 195 -124.01 -45.11 -24.12
N ASP K 196 -123.10 -46.08 -24.21
CA ASP K 196 -123.44 -47.50 -24.15
C ASP K 196 -123.16 -48.09 -22.78
N THR K 197 -123.34 -47.32 -21.72
CA THR K 197 -123.01 -47.73 -20.36
C THR K 197 -124.05 -48.65 -19.74
N GLU K 198 -125.06 -49.08 -20.51
CA GLU K 198 -126.05 -50.01 -20.00
C GLU K 198 -125.43 -51.39 -19.79
N LYS K 199 -126.15 -52.25 -19.06
CA LYS K 199 -125.77 -53.63 -18.77
C LYS K 199 -124.55 -53.70 -17.86
N GLU K 200 -123.98 -52.54 -17.52
CA GLU K 200 -122.76 -52.51 -16.72
C GLU K 200 -122.99 -53.07 -15.32
N LYS K 201 -124.22 -53.03 -14.84
CA LYS K 201 -124.56 -53.67 -13.57
C LYS K 201 -124.57 -55.18 -13.78
N TYR K 202 -123.50 -55.85 -13.36
CA TYR K 202 -123.44 -57.30 -13.47
C TYR K 202 -124.53 -57.93 -12.62
N GLU K 203 -125.29 -58.84 -13.22
CA GLU K 203 -126.47 -59.40 -12.59
C GLU K 203 -126.15 -60.79 -12.06
N ILE K 204 -126.55 -61.06 -10.82
CA ILE K 204 -126.32 -62.36 -10.22
C ILE K 204 -127.36 -63.34 -10.76
N THR K 205 -126.90 -64.37 -11.44
CA THR K 205 -127.80 -65.35 -12.02
C THR K 205 -128.48 -66.19 -10.94
N GLU K 206 -129.76 -66.50 -11.17
CA GLU K 206 -130.46 -67.41 -10.27
C GLU K 206 -129.78 -68.77 -10.21
N GLN K 207 -129.16 -69.21 -11.31
CA GLN K 207 -128.42 -70.46 -11.30
C GLN K 207 -127.26 -70.39 -10.32
N ARG K 208 -126.53 -69.27 -10.31
CA ARG K 208 -125.45 -69.09 -9.36
C ARG K 208 -125.98 -69.10 -7.92
N LYS K 209 -127.13 -68.47 -7.69
CA LYS K 209 -127.72 -68.47 -6.36
C LYS K 209 -128.09 -69.87 -5.91
N ILE K 210 -128.69 -70.66 -6.80
CA ILE K 210 -129.05 -72.03 -6.47
C ILE K 210 -127.80 -72.85 -6.16
N ASP K 211 -126.76 -72.71 -6.99
CA ASP K 211 -125.53 -73.46 -6.77
C ASP K 211 -124.89 -73.08 -5.45
N GLN K 212 -124.79 -71.78 -5.15
CA GLN K 212 -124.18 -71.35 -3.90
C GLN K 212 -124.99 -71.81 -2.70
N LYS K 213 -126.32 -71.76 -2.80
CA LYS K 213 -127.17 -72.25 -1.72
C LYS K 213 -126.94 -73.73 -1.47
N ALA K 214 -126.92 -74.53 -2.54
CA ALA K 214 -126.74 -75.97 -2.40
C ALA K 214 -125.36 -76.30 -1.83
N VAL K 215 -124.34 -75.59 -2.26
CA VAL K 215 -122.99 -75.85 -1.75
C VAL K 215 -122.89 -75.46 -0.28
N ASP K 216 -123.36 -74.27 0.07
CA ASP K 216 -123.26 -73.81 1.46
C ASP K 216 -124.10 -74.68 2.39
N SER K 217 -125.19 -75.26 1.88
CA SER K 217 -126.04 -76.11 2.71
C SER K 217 -125.30 -77.32 3.23
N GLN K 218 -124.33 -77.84 2.47
CA GLN K 218 -123.54 -78.99 2.92
C GLN K 218 -122.15 -78.59 3.39
N ILE K 219 -121.73 -77.35 3.20
CA ILE K 219 -120.48 -76.88 3.78
C ILE K 219 -120.67 -76.41 5.22
N LEU K 220 -121.76 -75.70 5.49
CA LEU K 220 -121.95 -75.07 6.79
C LEU K 220 -121.98 -76.03 7.98
N PRO K 221 -122.69 -77.18 7.92
CA PRO K 221 -122.68 -78.07 9.10
C PRO K 221 -121.30 -78.55 9.50
N LYS K 222 -120.42 -78.77 8.53
CA LYS K 222 -119.05 -79.14 8.86
C LYS K 222 -118.27 -77.96 9.43
N ILE K 223 -118.62 -76.73 9.05
CA ILE K 223 -118.01 -75.56 9.65
C ILE K 223 -118.40 -75.45 11.12
N LYS K 224 -119.68 -75.64 11.42
CA LYS K 224 -120.14 -75.56 12.80
C LYS K 224 -119.64 -76.73 13.64
N ALA K 225 -119.07 -77.76 13.01
CA ALA K 225 -118.61 -78.94 13.74
C ALA K 225 -117.50 -78.61 14.73
N ILE K 226 -116.52 -77.79 14.33
CA ILE K 226 -115.41 -77.47 15.21
C ILE K 226 -115.67 -76.10 15.86
N PRO K 227 -115.21 -75.89 17.09
CA PRO K 227 -115.53 -74.64 17.78
C PRO K 227 -114.92 -73.42 17.10
N GLN K 228 -115.68 -72.32 17.12
CA GLN K 228 -115.28 -70.97 16.70
C GLN K 228 -114.43 -70.93 15.43
N LEU K 229 -114.75 -71.78 14.45
CA LEU K 229 -114.18 -71.64 13.12
C LEU K 229 -114.92 -70.57 12.32
N GLN K 230 -116.24 -70.47 12.53
CA GLN K 230 -117.03 -69.48 11.80
C GLN K 230 -116.62 -68.06 12.15
N GLY K 231 -116.27 -67.83 13.41
CA GLY K 231 -115.73 -66.53 13.79
C GLY K 231 -114.41 -66.23 13.10
N TYR K 232 -113.57 -67.24 12.97
CA TYR K 232 -112.31 -67.08 12.24
C TYR K 232 -112.56 -66.74 10.78
N LEU K 233 -113.55 -67.41 10.17
CA LEU K 233 -113.90 -67.10 8.79
C LEU K 233 -114.48 -65.71 8.63
N ARG K 234 -115.27 -65.25 9.61
CA ARG K 234 -115.81 -63.89 9.55
C ARG K 234 -114.72 -62.84 9.62
N SER K 235 -113.70 -63.05 10.45
CA SER K 235 -112.64 -62.07 10.63
C SER K 235 -111.76 -61.99 9.39
N VAL K 236 -111.00 -60.90 9.29
CA VAL K 236 -110.11 -60.67 8.17
C VAL K 236 -108.67 -60.63 8.66
N PHE K 237 -107.77 -61.11 7.80
CA PHE K 237 -106.35 -61.16 8.15
C PHE K 237 -105.73 -59.78 8.00
N ALA K 238 -104.81 -59.47 8.92
CA ALA K 238 -104.15 -58.18 8.92
C ALA K 238 -102.72 -58.35 9.42
N LEU K 239 -101.90 -57.34 9.15
CA LEU K 239 -100.50 -57.34 9.57
C LEU K 239 -100.34 -56.35 10.72
N THR K 240 -100.19 -56.89 11.93
CA THR K 240 -99.94 -56.07 13.09
C THR K 240 -98.51 -55.53 13.06
N ASN K 241 -98.28 -54.41 13.74
CA ASN K 241 -96.98 -53.75 13.69
C ASN K 241 -95.87 -54.63 14.27
N GLY K 242 -96.21 -55.54 15.19
CA GLY K 242 -95.20 -56.32 15.86
C GLY K 242 -94.91 -57.68 15.23
N ILE K 243 -95.76 -58.11 14.30
CA ILE K 243 -95.64 -59.44 13.71
C ILE K 243 -95.03 -59.33 12.32
N TYR K 244 -94.36 -60.41 11.90
CA TYR K 244 -93.71 -60.47 10.61
C TYR K 244 -94.10 -61.79 9.93
N PRO K 245 -94.37 -61.77 8.63
CA PRO K 245 -94.78 -63.01 7.95
C PRO K 245 -93.73 -64.10 7.99
N HIS K 246 -92.44 -63.76 7.95
CA HIS K 246 -91.41 -64.79 7.92
C HIS K 246 -91.32 -65.58 9.20
N LYS K 247 -91.88 -65.07 10.29
CA LYS K 247 -91.98 -65.83 11.54
C LYS K 247 -93.39 -66.32 11.81
N LEU K 248 -94.37 -65.90 11.01
CA LEU K 248 -95.72 -66.43 11.15
C LEU K 248 -95.78 -67.87 10.63
N VAL K 249 -96.47 -68.72 11.37
CA VAL K 249 -96.77 -70.08 10.91
C VAL K 249 -98.22 -70.10 10.49
N PHE K 250 -98.47 -70.46 9.24
CA PHE K 250 -99.82 -70.40 8.69
C PHE K 250 -100.48 -71.78 8.70
N ASN L 1 -90.66 -94.79 -65.42
CA ASN L 1 -89.44 -95.04 -64.68
C ASN L 1 -89.51 -94.45 -63.26
N PHE L 2 -90.67 -93.89 -62.91
CA PHE L 2 -90.84 -93.28 -61.59
C PHE L 2 -90.74 -94.31 -60.48
N ALA L 3 -91.31 -95.49 -60.69
CA ALA L 3 -91.28 -96.52 -59.66
C ALA L 3 -89.85 -96.94 -59.34
N GLU L 4 -89.02 -97.08 -60.38
CA GLU L 4 -87.64 -97.49 -60.18
C GLU L 4 -86.87 -96.46 -59.36
N LEU L 5 -87.03 -95.17 -59.66
CA LEU L 5 -86.31 -94.16 -58.90
C LEU L 5 -86.84 -94.01 -57.49
N LYS L 6 -88.15 -94.21 -57.29
CA LYS L 6 -88.69 -94.24 -55.94
C LYS L 6 -88.09 -95.39 -55.14
N ILE L 7 -87.98 -96.56 -55.75
CA ILE L 7 -87.35 -97.70 -55.09
C ILE L 7 -85.89 -97.40 -54.79
N LYS L 8 -85.20 -96.74 -55.72
CA LYS L 8 -83.81 -96.35 -55.48
C LYS L 8 -83.68 -95.45 -54.25
N ARG L 9 -84.52 -94.42 -54.16
CA ARG L 9 -84.41 -93.51 -53.02
C ARG L 9 -84.80 -94.22 -51.72
N LEU L 10 -85.82 -95.08 -51.76
CA LEU L 10 -86.19 -95.83 -50.57
C LEU L 10 -85.06 -96.73 -50.10
N ARG L 11 -84.42 -97.46 -51.02
CA ARG L 11 -83.30 -98.33 -50.67
C ARG L 11 -82.13 -97.54 -50.11
N LYS L 12 -81.80 -96.41 -50.73
CA LYS L 12 -80.69 -95.59 -50.24
C LYS L 12 -80.96 -95.09 -48.84
N LYS L 13 -82.16 -94.56 -48.61
CA LYS L 13 -82.49 -94.02 -47.29
C LYS L 13 -82.52 -95.11 -46.23
N PHE L 14 -83.06 -96.29 -46.58
CA PHE L 14 -83.10 -97.39 -45.62
C PHE L 14 -81.70 -97.90 -45.30
N ALA L 15 -80.83 -97.98 -46.31
CA ALA L 15 -79.45 -98.40 -46.04
C ALA L 15 -78.74 -97.42 -45.14
N GLN L 16 -78.95 -96.12 -45.36
CA GLN L 16 -78.33 -95.12 -44.47
C GLN L 16 -78.87 -95.23 -43.05
N LYS L 17 -80.18 -95.49 -42.92
CA LYS L 17 -80.75 -95.67 -41.59
C LYS L 17 -80.18 -96.90 -40.89
N MET L 18 -80.00 -97.99 -41.63
CA MET L 18 -79.40 -99.19 -41.03
C MET L 18 -77.96 -98.93 -40.61
N LEU L 19 -77.21 -98.19 -41.42
CA LEU L 19 -75.85 -97.83 -41.04
C LEU L 19 -75.83 -97.00 -39.76
N ARG L 20 -76.75 -96.04 -39.64
CA ARG L 20 -76.83 -95.25 -38.42
C ARG L 20 -77.18 -96.12 -37.22
N LYS L 21 -78.10 -97.06 -37.40
CA LYS L 21 -78.50 -97.94 -36.30
C LYS L 21 -77.34 -98.79 -35.84
N ALA L 22 -76.57 -99.34 -36.78
CA ALA L 22 -75.40 -100.14 -36.42
C ALA L 22 -74.36 -99.28 -35.69
N ARG L 23 -74.14 -98.06 -36.16
CA ARG L 23 -73.17 -97.18 -35.50
C ARG L 23 -73.63 -96.82 -34.08
N ARG L 24 -74.92 -96.56 -33.90
CA ARG L 24 -75.44 -96.26 -32.57
C ARG L 24 -75.24 -97.44 -31.63
N LYS L 25 -75.52 -98.65 -32.11
CA LYS L 25 -75.32 -99.83 -31.27
C LYS L 25 -73.84 -99.99 -30.93
N LEU L 26 -72.96 -99.72 -31.89
CA LEU L 26 -71.52 -99.79 -31.63
C LEU L 26 -71.10 -98.80 -30.55
N ILE L 27 -71.61 -97.56 -30.62
CA ILE L 27 -71.27 -96.57 -29.61
C ILE L 27 -71.77 -97.01 -28.24
N TYR L 28 -72.99 -97.55 -28.18
CA TYR L 28 -73.53 -98.05 -26.92
C TYR L 28 -72.63 -99.11 -26.31
N GLU L 29 -72.23 -100.09 -27.13
CA GLU L 29 -71.40 -101.18 -26.61
C GLU L 29 -70.00 -100.70 -26.24
N LYS L 30 -69.43 -99.76 -26.99
CA LYS L 30 -68.12 -99.22 -26.63
C LYS L 30 -68.17 -98.47 -25.31
N ALA L 31 -69.25 -97.71 -25.08
CA ALA L 31 -69.41 -97.05 -23.79
C ALA L 31 -69.55 -98.04 -22.66
N LYS L 32 -70.28 -99.14 -22.89
CA LYS L 32 -70.38 -100.19 -21.87
C LYS L 32 -69.01 -100.80 -21.56
N HIS L 33 -68.22 -101.05 -22.60
CA HIS L 33 -66.86 -101.58 -22.39
C HIS L 33 -66.00 -100.59 -21.61
N TYR L 34 -66.12 -99.30 -21.92
CA TYR L 34 -65.37 -98.30 -21.18
C TYR L 34 -65.76 -98.28 -19.71
N HIS L 35 -67.07 -98.38 -19.42
CA HIS L 35 -67.51 -98.43 -18.03
C HIS L 35 -66.92 -99.64 -17.32
N LYS L 36 -66.90 -100.79 -17.99
CA LYS L 36 -66.31 -101.98 -17.39
C LYS L 36 -64.83 -101.78 -17.10
N GLU L 37 -64.09 -101.20 -18.05
CA GLU L 37 -62.67 -100.97 -17.84
C GLU L 37 -62.41 -99.98 -16.71
N TYR L 38 -63.23 -98.93 -16.63
CA TYR L 38 -63.08 -97.95 -15.55
C TYR L 38 -63.27 -98.61 -14.20
N ARG L 39 -64.34 -99.38 -14.02
CA ARG L 39 -64.54 -100.00 -12.72
C ARG L 39 -63.47 -101.05 -12.44
N GLN L 40 -62.95 -101.70 -13.49
CA GLN L 40 -61.84 -102.63 -13.28
C GLN L 40 -60.61 -101.93 -12.73
N MET L 41 -60.22 -100.79 -13.32
CA MET L 41 -59.05 -100.08 -12.80
C MET L 41 -59.31 -99.53 -11.40
N TYR L 42 -60.52 -99.01 -11.17
CA TYR L 42 -60.83 -98.42 -9.87
C TYR L 42 -60.79 -99.46 -8.76
N ARG L 43 -61.30 -100.66 -9.04
CA ARG L 43 -61.19 -101.73 -8.05
C ARG L 43 -59.77 -102.28 -7.98
N THR L 44 -59.02 -102.25 -9.08
CA THR L 44 -57.66 -102.77 -9.08
C THR L 44 -56.77 -101.95 -8.17
N GLU L 45 -56.95 -100.63 -8.16
CA GLU L 45 -56.17 -99.80 -7.25
C GLU L 45 -56.36 -100.20 -5.80
N ILE L 46 -57.62 -100.33 -5.38
CA ILE L 46 -57.92 -100.66 -3.99
C ILE L 46 -57.46 -102.07 -3.67
N ARG L 47 -57.58 -102.99 -4.62
CA ARG L 47 -57.16 -104.37 -4.40
C ARG L 47 -55.65 -104.48 -4.23
N MET L 48 -54.89 -103.74 -5.05
CA MET L 48 -53.44 -103.70 -4.88
C MET L 48 -53.06 -103.10 -3.53
N ALA L 49 -53.73 -102.01 -3.15
CA ALA L 49 -53.45 -101.41 -1.85
C ALA L 49 -53.75 -102.38 -0.72
N ARG L 50 -54.86 -103.12 -0.81
CA ARG L 50 -55.24 -104.05 0.24
C ARG L 50 -54.26 -105.22 0.34
N MET L 51 -53.85 -105.77 -0.81
CA MET L 51 -52.90 -106.88 -0.74
C MET L 51 -51.53 -106.43 -0.27
N ALA L 52 -51.14 -105.18 -0.54
CA ALA L 52 -49.88 -104.69 0.00
C ALA L 52 -49.97 -104.45 1.51
N ARG L 53 -51.08 -103.88 1.97
CA ARG L 53 -51.25 -103.62 3.39
C ARG L 53 -51.38 -104.90 4.19
N LYS L 54 -51.91 -105.95 3.57
CA LYS L 54 -52.02 -107.24 4.26
C LYS L 54 -50.66 -107.79 4.61
N ALA L 55 -49.70 -107.68 3.69
CA ALA L 55 -48.35 -108.20 3.90
C ALA L 55 -47.46 -107.26 4.69
N GLY L 56 -47.96 -106.09 5.07
CA GLY L 56 -47.15 -105.14 5.80
C GLY L 56 -46.25 -104.27 4.96
N ASN L 57 -46.33 -104.38 3.64
CA ASN L 57 -45.54 -103.56 2.74
C ASN L 57 -46.34 -102.35 2.29
N PHE L 58 -45.81 -101.60 1.34
CA PHE L 58 -46.45 -100.40 0.83
C PHE L 58 -46.64 -100.52 -0.67
N TYR L 59 -47.79 -100.09 -1.16
CA TYR L 59 -48.08 -100.07 -2.59
C TYR L 59 -47.99 -98.64 -3.08
N VAL L 60 -47.00 -98.36 -3.92
CA VAL L 60 -46.87 -97.06 -4.57
C VAL L 60 -47.65 -97.14 -5.88
N PRO L 61 -48.75 -96.40 -6.02
CA PRO L 61 -49.48 -96.40 -7.30
C PRO L 61 -48.67 -95.73 -8.38
N ALA L 62 -49.09 -95.98 -9.62
CA ALA L 62 -48.43 -95.35 -10.76
C ALA L 62 -48.56 -93.84 -10.68
N GLU L 63 -47.47 -93.15 -10.98
CA GLU L 63 -47.51 -91.69 -11.03
C GLU L 63 -48.48 -91.26 -12.12
N PRO L 64 -49.38 -90.32 -11.85
CA PRO L 64 -50.39 -89.97 -12.85
C PRO L 64 -49.76 -89.43 -14.12
N LYS L 65 -50.31 -89.85 -15.26
CA LYS L 65 -49.83 -89.40 -16.56
C LYS L 65 -50.82 -88.48 -17.25
N LEU L 66 -51.83 -87.99 -16.53
CA LEU L 66 -52.77 -87.00 -17.04
C LEU L 66 -52.91 -85.89 -16.03
N ALA L 67 -52.79 -84.65 -16.50
CA ALA L 67 -52.95 -83.49 -15.65
C ALA L 67 -53.79 -82.43 -16.34
N PHE L 68 -54.53 -81.67 -15.55
CA PHE L 68 -55.33 -80.55 -16.01
C PHE L 68 -54.72 -79.26 -15.47
N VAL L 69 -54.46 -78.31 -16.35
CA VAL L 69 -53.78 -77.07 -16.01
C VAL L 69 -54.75 -75.92 -16.20
N ILE L 70 -54.88 -75.07 -15.19
CA ILE L 70 -55.74 -73.90 -15.23
C ILE L 70 -54.90 -72.67 -14.99
N ARG L 71 -54.89 -71.75 -15.96
CA ARG L 71 -54.21 -70.47 -15.79
C ARG L 71 -55.00 -69.62 -14.81
N ILE L 72 -54.31 -69.02 -13.85
CA ILE L 72 -54.98 -68.27 -12.79
C ILE L 72 -54.60 -66.80 -12.76
N ARG L 73 -53.53 -66.40 -13.42
CA ARG L 73 -53.14 -65.00 -13.45
C ARG L 73 -53.52 -64.36 -14.77
N GLY L 74 -53.57 -63.04 -14.77
CA GLY L 74 -53.97 -62.28 -15.94
C GLY L 74 -52.87 -62.22 -16.99
N ILE L 75 -53.00 -61.24 -17.86
CA ILE L 75 -52.10 -61.08 -19.01
C ILE L 75 -51.26 -59.81 -18.90
N ASN L 76 -51.32 -59.11 -17.77
CA ASN L 76 -50.54 -57.91 -17.56
C ASN L 76 -49.20 -58.27 -16.93
N GLY L 77 -48.11 -57.78 -17.53
CA GLY L 77 -46.80 -57.95 -16.97
C GLY L 77 -46.32 -59.39 -16.89
N VAL L 78 -46.04 -60.00 -18.04
CA VAL L 78 -45.61 -61.39 -18.11
C VAL L 78 -44.23 -61.43 -18.75
N SER L 79 -43.31 -62.14 -18.11
CA SER L 79 -41.98 -62.34 -18.67
C SER L 79 -42.08 -63.14 -19.97
N PRO L 80 -41.17 -62.91 -20.92
CA PRO L 80 -41.30 -63.55 -22.24
C PRO L 80 -41.30 -65.07 -22.18
N LYS L 81 -40.50 -65.68 -21.30
CA LYS L 81 -40.47 -67.13 -21.23
C LYS L 81 -41.80 -67.69 -20.71
N VAL L 82 -42.34 -67.09 -19.66
CA VAL L 82 -43.63 -67.53 -19.13
C VAL L 82 -44.72 -67.33 -20.17
N ARG L 83 -44.69 -66.20 -20.87
CA ARG L 83 -45.67 -65.94 -21.92
C ARG L 83 -45.58 -66.98 -23.02
N LYS L 84 -44.36 -67.33 -23.44
CA LYS L 84 -44.18 -68.31 -24.51
C LYS L 84 -44.70 -69.67 -24.07
N VAL L 85 -44.41 -70.08 -22.84
CA VAL L 85 -44.89 -71.37 -22.36
C VAL L 85 -46.41 -71.37 -22.27
N LEU L 86 -47.01 -70.29 -21.76
CA LEU L 86 -48.46 -70.23 -21.69
C LEU L 86 -49.11 -70.23 -23.06
N GLN L 87 -48.43 -69.66 -24.06
CA GLN L 87 -48.91 -69.80 -25.43
C GLN L 87 -48.80 -71.24 -25.91
N LEU L 88 -47.73 -71.94 -25.53
CA LEU L 88 -47.59 -73.35 -25.89
C LEU L 88 -48.64 -74.23 -25.23
N LEU L 89 -49.16 -73.82 -24.08
CA LEU L 89 -50.20 -74.58 -23.39
C LEU L 89 -51.60 -74.15 -23.80
N ARG L 90 -51.72 -73.31 -24.83
CA ARG L 90 -53.00 -72.79 -25.31
C ARG L 90 -53.74 -72.01 -24.23
N LEU L 91 -53.00 -71.47 -23.26
CA LEU L 91 -53.60 -70.71 -22.16
C LEU L 91 -53.26 -69.24 -22.40
N ARG L 92 -54.10 -68.58 -23.19
CA ARG L 92 -53.95 -67.16 -23.49
C ARG L 92 -54.98 -66.32 -22.75
N GLN L 93 -55.73 -66.92 -21.83
CA GLN L 93 -56.74 -66.20 -21.06
C GLN L 93 -56.76 -66.76 -19.65
N ILE L 94 -57.17 -65.92 -18.70
CA ILE L 94 -57.28 -66.38 -17.32
C ILE L 94 -58.43 -67.38 -17.22
N PHE L 95 -58.27 -68.34 -16.31
CA PHE L 95 -59.24 -69.43 -16.10
C PHE L 95 -59.48 -70.24 -17.38
N ASN L 96 -58.45 -70.37 -18.20
CA ASN L 96 -58.47 -71.28 -19.32
C ASN L 96 -57.87 -72.61 -18.88
N GLY L 97 -58.55 -73.70 -19.23
CA GLY L 97 -58.14 -75.02 -18.80
C GLY L 97 -57.74 -75.90 -19.97
N THR L 98 -56.77 -76.77 -19.72
CA THR L 98 -56.28 -77.67 -20.76
C THR L 98 -55.72 -78.94 -20.13
N PHE L 99 -56.18 -80.08 -20.63
CA PHE L 99 -55.59 -81.36 -20.25
C PHE L 99 -54.17 -81.44 -20.82
N VAL L 100 -53.22 -81.86 -19.98
CA VAL L 100 -51.83 -81.94 -20.37
C VAL L 100 -51.30 -83.32 -20.01
N LYS L 101 -50.70 -84.00 -21.00
CA LYS L 101 -50.07 -85.28 -20.76
C LYS L 101 -48.78 -85.07 -19.97
N LEU L 102 -48.56 -85.90 -18.95
CA LEU L 102 -47.44 -85.71 -18.04
C LEU L 102 -46.23 -86.50 -18.47
N ASN L 103 -45.09 -85.82 -18.57
CA ASN L 103 -43.78 -86.44 -18.73
C ASN L 103 -42.76 -85.43 -18.21
N LYS L 104 -41.46 -85.74 -18.39
CA LYS L 104 -40.43 -84.89 -17.84
C LYS L 104 -40.46 -83.49 -18.45
N ALA L 105 -40.61 -83.40 -19.77
CA ALA L 105 -40.63 -82.10 -20.43
C ALA L 105 -41.84 -81.27 -20.00
N SER L 106 -43.02 -81.90 -19.98
CA SER L 106 -44.21 -81.19 -19.55
C SER L 106 -44.15 -80.81 -18.07
N ILE L 107 -43.59 -81.68 -17.23
CA ILE L 107 -43.44 -81.34 -15.82
C ILE L 107 -42.53 -80.14 -15.65
N ASN L 108 -41.43 -80.09 -16.40
CA ASN L 108 -40.54 -78.94 -16.32
C ASN L 108 -41.23 -77.67 -16.82
N MET L 109 -41.99 -77.77 -17.91
CA MET L 109 -42.73 -76.61 -18.40
C MET L 109 -43.72 -76.11 -17.36
N LEU L 110 -44.41 -77.03 -16.69
CA LEU L 110 -45.29 -76.64 -15.60
C LEU L 110 -44.52 -75.99 -14.47
N ARG L 111 -43.31 -76.48 -14.19
CA ARG L 111 -42.48 -75.86 -13.17
C ARG L 111 -42.14 -74.42 -13.52
N ILE L 112 -41.90 -74.12 -14.80
CA ILE L 112 -41.52 -72.77 -15.19
C ILE L 112 -42.67 -71.79 -14.96
N VAL L 113 -43.89 -72.18 -15.32
CA VAL L 113 -45.03 -71.27 -15.22
C VAL L 113 -45.78 -71.54 -13.91
N GLU L 114 -45.09 -72.12 -12.95
CA GLU L 114 -45.71 -72.44 -11.66
C GLU L 114 -46.39 -71.25 -10.99
N PRO L 115 -45.79 -70.05 -10.91
CA PRO L 115 -46.52 -68.94 -10.29
C PRO L 115 -47.78 -68.51 -11.03
N TYR L 116 -47.89 -68.79 -12.32
CA TYR L 116 -49.01 -68.31 -13.12
C TYR L 116 -50.13 -69.32 -13.28
N ILE L 117 -49.95 -70.56 -12.85
CA ILE L 117 -50.92 -71.60 -13.12
C ILE L 117 -51.30 -72.31 -11.82
N ALA L 118 -52.42 -73.04 -11.89
CA ALA L 118 -52.81 -73.99 -10.87
C ALA L 118 -53.23 -75.26 -11.59
N TRP L 119 -52.68 -76.40 -11.17
CA TRP L 119 -52.91 -77.64 -11.89
C TRP L 119 -52.89 -78.83 -10.94
N GLY L 120 -53.41 -79.94 -11.42
CA GLY L 120 -53.47 -81.14 -10.61
C GLY L 120 -53.86 -82.34 -11.45
N TYR L 121 -54.27 -83.40 -10.76
CA TYR L 121 -54.63 -84.65 -11.43
C TYR L 121 -56.13 -84.85 -11.39
N PRO L 122 -56.84 -84.60 -12.48
CA PRO L 122 -58.30 -84.78 -12.46
C PRO L 122 -58.67 -86.25 -12.38
N ASN L 123 -59.85 -86.51 -11.80
CA ASN L 123 -60.40 -87.84 -11.77
C ASN L 123 -61.34 -88.01 -12.96
N LEU L 124 -61.95 -89.20 -13.05
CA LEU L 124 -62.82 -89.51 -14.17
C LEU L 124 -64.03 -88.58 -14.22
N LYS L 125 -64.63 -88.29 -13.06
CA LYS L 125 -65.81 -87.45 -13.03
C LYS L 125 -65.50 -86.03 -13.50
N SER L 126 -64.32 -85.51 -13.12
CA SER L 126 -63.96 -84.16 -13.56
C SER L 126 -63.86 -84.10 -15.08
N VAL L 127 -63.24 -85.11 -15.68
CA VAL L 127 -63.16 -85.15 -17.14
C VAL L 127 -64.55 -85.23 -17.74
N ASN L 128 -65.43 -86.06 -17.17
CA ASN L 128 -66.78 -86.18 -17.68
C ASN L 128 -67.50 -84.84 -17.65
N GLU L 129 -67.48 -84.16 -16.50
CA GLU L 129 -68.18 -82.88 -16.37
C GLU L 129 -67.60 -81.85 -17.32
N LEU L 130 -66.27 -81.77 -17.42
CA LEU L 130 -65.64 -80.77 -18.26
C LEU L 130 -65.99 -80.99 -19.72
N ILE L 131 -65.80 -82.20 -20.22
CA ILE L 131 -66.04 -82.48 -21.64
C ILE L 131 -67.51 -82.31 -21.97
N TYR L 132 -68.41 -82.71 -21.06
CA TYR L 132 -69.82 -82.61 -21.38
C TYR L 132 -70.32 -81.17 -21.32
N LYS L 133 -69.89 -80.38 -20.34
CA LYS L 133 -70.48 -79.05 -20.18
C LYS L 133 -69.78 -77.99 -21.01
N ARG L 134 -68.46 -78.07 -21.15
CA ARG L 134 -67.72 -77.04 -21.89
C ARG L 134 -66.87 -77.63 -23.01
N GLY L 135 -67.31 -78.74 -23.60
CA GLY L 135 -66.57 -79.35 -24.68
C GLY L 135 -66.75 -78.63 -26.00
N TYR L 136 -65.69 -77.98 -26.48
CA TYR L 136 -65.71 -77.31 -27.76
C TYR L 136 -64.60 -77.86 -28.64
N GLY L 137 -64.94 -78.15 -29.90
CA GLY L 137 -64.00 -78.73 -30.84
C GLY L 137 -63.47 -77.70 -31.83
N LYS L 138 -62.19 -77.81 -32.13
CA LYS L 138 -61.53 -76.94 -33.11
C LYS L 138 -61.64 -77.60 -34.47
N ILE L 139 -62.80 -77.46 -35.09
CA ILE L 139 -63.07 -78.00 -36.40
C ILE L 139 -62.91 -76.89 -37.42
N ASN L 140 -62.03 -77.11 -38.41
CA ASN L 140 -61.79 -76.15 -39.48
C ASN L 140 -61.35 -74.80 -38.93
N LYS L 141 -60.55 -74.83 -37.86
CA LYS L 141 -60.10 -73.65 -37.12
C LYS L 141 -61.26 -72.80 -36.62
N LYS L 142 -62.35 -73.44 -36.20
CA LYS L 142 -63.47 -72.77 -35.55
C LYS L 142 -63.75 -73.44 -34.22
N ARG L 143 -64.21 -72.64 -33.27
CA ARG L 143 -64.60 -73.15 -31.95
C ARG L 143 -66.06 -73.59 -32.06
N ILE L 144 -66.28 -74.90 -32.17
CA ILE L 144 -67.61 -75.46 -32.37
C ILE L 144 -67.99 -76.27 -31.15
N ALA L 145 -69.19 -76.04 -30.64
CA ALA L 145 -69.71 -76.82 -29.53
C ALA L 145 -69.96 -78.26 -29.98
N LEU L 146 -69.59 -79.21 -29.12
CA LEU L 146 -69.70 -80.63 -29.46
C LEU L 146 -71.11 -81.12 -29.15
N THR L 147 -72.02 -80.79 -30.06
CA THR L 147 -73.43 -81.12 -29.89
C THR L 147 -73.84 -82.42 -30.58
N ASP L 148 -72.94 -83.06 -31.34
CA ASP L 148 -73.28 -84.29 -32.02
C ASP L 148 -72.01 -85.11 -32.23
N ASN L 149 -72.17 -86.44 -32.22
CA ASN L 149 -71.04 -87.34 -32.37
C ASN L 149 -70.42 -87.26 -33.76
N ALA L 150 -71.20 -86.84 -34.77
CA ALA L 150 -70.64 -86.70 -36.11
C ALA L 150 -69.56 -85.62 -36.15
N LEU L 151 -69.67 -84.61 -35.27
CA LEU L 151 -68.63 -83.59 -35.19
C LEU L 151 -67.28 -84.19 -34.79
N ILE L 152 -67.30 -85.10 -33.81
CA ILE L 152 -66.07 -85.78 -33.43
C ILE L 152 -65.63 -86.75 -34.52
N ALA L 153 -66.59 -87.45 -35.11
CA ALA L 153 -66.25 -88.50 -36.08
C ALA L 153 -65.59 -87.94 -37.33
N ARG L 154 -66.10 -86.82 -37.85
CA ARG L 154 -65.58 -86.30 -39.11
C ARG L 154 -64.16 -85.78 -39.00
N SER L 155 -63.67 -85.52 -37.78
CA SER L 155 -62.31 -85.04 -37.60
C SER L 155 -61.40 -86.06 -36.93
N LEU L 156 -61.95 -87.07 -36.27
CA LEU L 156 -61.16 -88.03 -35.53
C LEU L 156 -61.57 -89.47 -35.81
N GLY L 157 -62.39 -89.70 -36.83
CA GLY L 157 -62.77 -91.07 -37.15
C GLY L 157 -61.60 -91.92 -37.59
N LYS L 158 -60.64 -91.32 -38.29
CA LYS L 158 -59.46 -92.06 -38.73
C LYS L 158 -58.61 -92.57 -37.57
N TYR L 159 -58.76 -91.98 -36.39
CA TYR L 159 -58.07 -92.43 -35.19
C TYR L 159 -58.95 -93.29 -34.30
N GLY L 160 -60.14 -93.67 -34.76
CA GLY L 160 -61.00 -94.56 -34.01
C GLY L 160 -61.82 -93.90 -32.92
N ILE L 161 -61.72 -92.59 -32.77
CA ILE L 161 -62.54 -91.86 -31.80
C ILE L 161 -63.71 -91.23 -32.54
N ILE L 162 -64.92 -91.69 -32.24
CA ILE L 162 -66.10 -91.25 -32.96
C ILE L 162 -67.25 -90.82 -32.05
N CYS L 163 -67.04 -90.79 -30.74
CA CYS L 163 -68.12 -90.36 -29.85
C CYS L 163 -67.53 -89.61 -28.67
N MET L 164 -68.43 -89.06 -27.86
CA MET L 164 -68.02 -88.41 -26.62
C MET L 164 -67.33 -89.39 -25.69
N GLU L 165 -67.83 -90.62 -25.60
CA GLU L 165 -67.24 -91.61 -24.71
C GLU L 165 -65.85 -92.01 -25.17
N ASP L 166 -65.65 -92.18 -26.47
CA ASP L 166 -64.32 -92.47 -26.99
C ASP L 166 -63.35 -91.34 -26.68
N LEU L 167 -63.80 -90.10 -26.84
CA LEU L 167 -62.95 -88.95 -26.53
C LEU L 167 -62.61 -88.91 -25.06
N ILE L 168 -63.59 -89.20 -24.20
CA ILE L 168 -63.36 -89.22 -22.76
C ILE L 168 -62.35 -90.30 -22.40
N HIS L 169 -62.49 -91.47 -23.01
CA HIS L 169 -61.55 -92.56 -22.74
C HIS L 169 -60.15 -92.20 -23.18
N GLU L 170 -60.01 -91.55 -24.34
CA GLU L 170 -58.69 -91.14 -24.78
C GLU L 170 -58.09 -90.07 -23.88
N ILE L 171 -58.90 -89.13 -23.39
CA ILE L 171 -58.38 -88.09 -22.51
C ILE L 171 -57.95 -88.69 -21.17
N TYR L 172 -58.82 -89.48 -20.56
CA TYR L 172 -58.51 -90.05 -19.25
C TYR L 172 -57.41 -91.10 -19.36
N THR L 173 -57.67 -92.18 -20.08
CA THR L 173 -56.64 -93.17 -20.36
C THR L 173 -55.84 -92.67 -21.56
N VAL L 174 -54.61 -92.24 -21.31
CA VAL L 174 -53.81 -91.61 -22.35
C VAL L 174 -53.46 -92.65 -23.39
N GLY L 175 -54.16 -92.61 -24.52
CA GLY L 175 -53.97 -93.57 -25.59
C GLY L 175 -52.90 -93.16 -26.56
N LYS L 176 -52.85 -93.88 -27.68
CA LYS L 176 -51.83 -93.63 -28.68
C LYS L 176 -52.06 -92.29 -29.39
N ARG L 177 -53.32 -91.91 -29.57
CA ARG L 177 -53.67 -90.69 -30.28
C ARG L 177 -54.09 -89.58 -29.32
N PHE L 178 -53.44 -89.48 -28.16
CA PHE L 178 -53.83 -88.49 -27.18
C PHE L 178 -53.59 -87.07 -27.68
N LYS L 179 -52.49 -86.84 -28.38
CA LYS L 179 -52.16 -85.50 -28.85
C LYS L 179 -53.24 -84.96 -29.79
N GLU L 180 -53.67 -85.79 -30.76
CA GLU L 180 -54.68 -85.36 -31.71
C GLU L 180 -56.00 -85.07 -31.02
N ALA L 181 -56.40 -85.95 -30.09
CA ALA L 181 -57.66 -85.74 -29.38
C ALA L 181 -57.62 -84.48 -28.52
N ASN L 182 -56.49 -84.24 -27.85
CA ASN L 182 -56.39 -83.08 -26.98
C ASN L 182 -56.36 -81.79 -27.78
N ASN L 183 -55.56 -81.74 -28.86
CA ASN L 183 -55.52 -80.54 -29.67
C ASN L 183 -56.80 -80.34 -30.46
N PHE L 184 -57.58 -81.40 -30.66
CA PHE L 184 -58.92 -81.24 -31.24
C PHE L 184 -59.80 -80.39 -30.35
N LEU L 185 -59.70 -80.59 -29.04
CA LEU L 185 -60.52 -79.84 -28.10
C LEU L 185 -60.02 -78.41 -27.98
N TRP L 186 -60.95 -77.46 -28.09
CA TRP L 186 -60.63 -76.09 -27.77
C TRP L 186 -60.31 -75.98 -26.28
N PRO L 187 -59.38 -75.12 -25.89
CA PRO L 187 -59.12 -74.93 -24.46
C PRO L 187 -60.37 -74.47 -23.72
N PHE L 188 -60.57 -75.02 -22.53
CA PHE L 188 -61.82 -74.82 -21.82
C PHE L 188 -61.88 -73.43 -21.21
N LYS L 189 -62.87 -72.65 -21.61
CA LYS L 189 -63.07 -71.29 -21.13
C LYS L 189 -64.01 -71.38 -19.93
N LEU L 190 -63.43 -71.55 -18.75
CA LEU L 190 -64.20 -71.78 -17.54
C LEU L 190 -64.60 -70.46 -16.88
N SER L 191 -65.64 -70.53 -16.06
CA SER L 191 -66.08 -69.38 -15.29
C SER L 191 -65.13 -69.14 -14.12
N SER L 192 -65.31 -67.99 -13.46
CA SER L 192 -64.53 -67.69 -12.28
C SER L 192 -64.95 -68.63 -11.14
N PRO L 193 -64.04 -68.92 -10.21
CA PRO L 193 -64.35 -69.89 -9.16
C PRO L 193 -65.44 -69.41 -8.22
N ARG L 194 -66.57 -70.09 -8.23
CA ARG L 194 -67.63 -69.82 -7.27
C ARG L 194 -67.13 -70.09 -5.86
N GLY L 195 -67.37 -69.13 -4.96
CA GLY L 195 -66.81 -69.20 -3.64
C GLY L 195 -65.46 -68.52 -3.49
N GLY L 196 -64.84 -68.11 -4.58
CA GLY L 196 -63.61 -67.36 -4.51
C GLY L 196 -62.38 -68.23 -4.35
N MET L 197 -61.22 -67.57 -4.34
CA MET L 197 -59.95 -68.23 -4.15
C MET L 197 -59.33 -67.82 -2.82
N LYS L 198 -58.37 -68.64 -2.36
CA LYS L 198 -57.64 -68.29 -1.15
C LYS L 198 -56.69 -67.14 -1.41
N LYS L 199 -55.70 -67.35 -2.28
CA LYS L 199 -54.75 -66.30 -2.64
C LYS L 199 -54.05 -66.74 -3.93
N LYS L 200 -54.16 -65.93 -4.98
CA LYS L 200 -53.60 -66.33 -6.27
C LYS L 200 -52.11 -66.04 -6.40
N THR L 201 -51.54 -65.22 -5.52
CA THR L 201 -50.17 -64.75 -5.71
C THR L 201 -49.13 -65.67 -5.11
N THR L 202 -49.52 -66.74 -4.42
CA THR L 202 -48.60 -67.64 -3.75
C THR L 202 -48.94 -69.08 -4.11
N HIS L 203 -48.02 -69.97 -3.76
CA HIS L 203 -48.18 -71.38 -4.09
C HIS L 203 -49.28 -72.00 -3.23
N PHE L 204 -49.82 -73.12 -3.72
CA PHE L 204 -50.89 -73.80 -3.00
C PHE L 204 -50.41 -74.34 -1.67
N VAL L 205 -49.20 -74.93 -1.64
CA VAL L 205 -48.72 -75.56 -0.42
C VAL L 205 -48.40 -74.54 0.66
N GLU L 206 -48.25 -73.26 0.29
CA GLU L 206 -48.06 -72.20 1.26
C GLU L 206 -49.36 -71.41 1.48
N GLY L 207 -50.49 -72.08 1.32
CA GLY L 207 -51.78 -71.50 1.63
C GLY L 207 -52.46 -70.78 0.49
N GLY L 208 -51.78 -70.58 -0.63
CA GLY L 208 -52.34 -69.86 -1.75
C GLY L 208 -53.12 -70.76 -2.67
N ASP L 209 -53.03 -70.49 -3.98
CA ASP L 209 -53.72 -71.29 -4.99
C ASP L 209 -52.85 -71.68 -6.16
N ALA L 210 -51.74 -70.99 -6.42
CA ALA L 210 -50.88 -71.34 -7.54
C ALA L 210 -50.13 -72.64 -7.24
N GLY L 211 -49.56 -73.21 -8.30
CA GLY L 211 -48.80 -74.42 -8.13
C GLY L 211 -49.64 -75.68 -8.32
N ASN L 212 -49.08 -76.79 -7.84
CA ASN L 212 -49.67 -78.10 -8.05
C ASN L 212 -50.38 -78.56 -6.79
N ARG L 213 -51.70 -78.43 -6.75
CA ARG L 213 -52.50 -79.19 -5.82
C ARG L 213 -52.72 -80.57 -6.43
N GLU L 214 -52.40 -81.61 -5.68
CA GLU L 214 -52.23 -82.93 -6.28
C GLU L 214 -53.56 -83.48 -6.79
N ASP L 215 -54.51 -83.71 -5.89
CA ASP L 215 -55.83 -84.18 -6.29
C ASP L 215 -56.94 -83.22 -5.88
N GLN L 216 -56.60 -82.12 -5.21
CA GLN L 216 -57.59 -81.10 -4.86
C GLN L 216 -58.07 -80.30 -6.06
N ILE L 217 -57.44 -80.47 -7.22
CA ILE L 217 -57.86 -79.75 -8.42
C ILE L 217 -59.28 -80.13 -8.82
N ASN L 218 -59.77 -81.31 -8.41
CA ASN L 218 -61.15 -81.66 -8.66
C ASN L 218 -62.10 -80.72 -7.93
N ARG L 219 -61.78 -80.37 -6.68
CA ARG L 219 -62.58 -79.42 -5.93
C ARG L 219 -62.63 -78.07 -6.63
N LEU L 220 -61.48 -77.60 -7.11
CA LEU L 220 -61.44 -76.33 -7.82
C LEU L 220 -62.22 -76.39 -9.13
N ILE L 221 -62.19 -77.55 -9.78
CA ILE L 221 -62.95 -77.73 -11.01
C ILE L 221 -64.45 -77.64 -10.73
N ARG L 222 -64.90 -78.24 -9.63
CA ARG L 222 -66.32 -78.20 -9.30
C ARG L 222 -66.82 -76.77 -9.10
N ARG L 223 -66.02 -75.94 -8.45
CA ARG L 223 -66.42 -74.55 -8.26
C ARG L 223 -66.08 -73.66 -9.44
N MET L 224 -65.30 -74.16 -10.40
CA MET L 224 -64.84 -73.31 -11.49
C MET L 224 -65.87 -73.22 -12.62
N ASN L 225 -66.34 -74.35 -13.11
CA ASN L 225 -67.33 -74.35 -14.18
C ASN L 225 -68.75 -74.52 -13.64
N LYS M 1 9.36 85.40 -86.69
CA LYS M 1 9.42 86.82 -86.33
C LYS M 1 8.12 87.27 -85.64
N VAL M 2 7.02 86.65 -86.05
CA VAL M 2 5.70 86.97 -85.50
C VAL M 2 5.26 85.95 -84.47
N VAL M 3 6.18 85.12 -83.98
CA VAL M 3 5.83 84.03 -83.06
C VAL M 3 5.28 84.60 -81.76
N ASN M 4 4.17 84.02 -81.30
CA ASN M 4 3.58 84.41 -80.03
C ASN M 4 4.52 84.01 -78.89
N PRO M 5 4.96 84.95 -78.05
CA PRO M 5 5.82 84.57 -76.91
C PRO M 5 5.13 83.65 -75.93
N LEU M 6 3.80 83.60 -75.92
CA LEU M 6 3.08 82.69 -75.04
C LEU M 6 3.35 81.23 -75.39
N PHE M 7 3.63 80.93 -76.65
CA PHE M 7 3.94 79.55 -77.04
C PHE M 7 5.29 79.13 -76.48
N GLU M 8 5.37 77.88 -76.04
CA GLU M 8 6.59 77.34 -75.48
C GLU M 8 6.54 75.82 -75.56
N LYS M 9 7.73 75.22 -75.49
CA LYS M 9 7.82 73.77 -75.42
C LYS M 9 7.39 73.30 -74.04
N ARG M 10 6.72 72.15 -73.98
CA ARG M 10 6.35 71.50 -72.74
C ARG M 10 6.78 70.04 -72.79
N PRO M 11 8.08 69.78 -72.67
CA PRO M 11 8.57 68.40 -72.80
C PRO M 11 8.44 67.64 -71.50
N LYS M 12 7.87 66.44 -71.60
CA LYS M 12 7.76 65.53 -70.47
C LYS M 12 8.77 64.40 -70.64
N ASN M 13 9.63 64.24 -69.64
CA ASN M 13 10.63 63.18 -69.64
C ASN M 13 10.04 61.93 -68.99
N PHE M 14 10.25 60.79 -69.64
CA PHE M 14 9.63 59.54 -69.22
C PHE M 14 10.56 58.67 -68.37
N GLY M 15 11.36 59.29 -67.53
CA GLY M 15 12.13 58.54 -66.55
C GLY M 15 11.23 57.88 -65.54
N ILE M 16 11.80 56.91 -64.82
CA ILE M 16 11.04 56.15 -63.83
C ILE M 16 10.61 57.09 -62.71
N GLY M 17 9.35 56.96 -62.29
CA GLY M 17 8.78 57.82 -61.27
C GLY M 17 8.31 59.16 -61.75
N GLN M 18 8.59 59.52 -63.00
CA GLN M 18 8.23 60.80 -63.57
C GLN M 18 6.85 60.69 -64.23
N ASP M 19 6.53 61.64 -65.12
CA ASP M 19 5.27 61.62 -65.86
C ASP M 19 5.03 60.27 -66.52
N ILE M 20 3.75 59.90 -66.65
CA ILE M 20 3.39 58.54 -67.00
C ILE M 20 3.84 58.22 -68.43
N GLN M 21 4.00 56.93 -68.70
CA GLN M 21 4.44 56.49 -70.01
C GLN M 21 3.39 56.78 -71.08
N PRO M 22 3.82 57.10 -72.29
CA PRO M 22 2.84 57.31 -73.37
C PRO M 22 2.30 55.98 -73.89
N LYS M 23 1.22 56.09 -74.66
CA LYS M 23 0.63 54.91 -75.29
C LYS M 23 1.48 54.41 -76.44
N ARG M 24 2.42 53.51 -76.16
CA ARG M 24 3.27 52.93 -77.17
C ARG M 24 2.73 51.59 -77.62
N ASP M 25 3.33 51.07 -78.69
CA ASP M 25 2.90 49.79 -79.25
C ASP M 25 3.25 48.65 -78.30
N LEU M 26 2.28 47.77 -78.06
CA LEU M 26 2.45 46.66 -77.13
C LEU M 26 2.13 45.31 -77.78
N THR M 27 2.31 45.21 -79.10
CA THR M 27 1.92 43.99 -79.80
C THR M 27 2.69 42.78 -79.31
N ARG M 28 3.94 42.97 -78.88
CA ARG M 28 4.74 41.85 -78.39
C ARG M 28 4.34 41.45 -76.98
N PHE M 29 3.42 42.20 -76.35
CA PHE M 29 3.05 41.98 -74.97
C PHE M 29 1.54 41.78 -74.83
N VAL M 30 0.86 41.51 -75.94
CA VAL M 30 -0.58 41.37 -75.94
C VAL M 30 -0.94 39.97 -75.47
N LYS M 31 -1.88 39.88 -74.51
CA LYS M 31 -2.50 38.61 -74.18
C LYS M 31 -3.36 38.19 -75.36
N TRP M 32 -2.87 37.25 -76.14
CA TRP M 32 -3.52 36.89 -77.38
C TRP M 32 -4.61 35.86 -77.13
N PRO M 33 -5.57 35.73 -78.03
CA PRO M 33 -6.52 34.62 -77.95
C PRO M 33 -5.80 33.29 -78.10
N ARG M 34 -6.51 32.22 -77.66
CA ARG M 34 -5.89 30.91 -77.62
C ARG M 34 -5.48 30.41 -78.99
N TYR M 35 -6.29 30.65 -80.02
CA TYR M 35 -5.99 30.15 -81.34
C TYR M 35 -4.81 30.85 -81.99
N ILE M 36 -4.65 32.15 -81.77
CA ILE M 36 -3.49 32.86 -82.32
C ILE M 36 -2.21 32.36 -81.68
N ARG M 37 -2.21 32.19 -80.35
CA ARG M 37 -1.06 31.62 -79.67
C ARG M 37 -0.79 30.21 -80.16
N LEU M 38 -1.85 29.43 -80.40
CA LEU M 38 -1.69 28.07 -80.88
C LEU M 38 -1.01 28.04 -82.25
N GLN M 39 -1.48 28.85 -83.19
CA GLN M 39 -0.89 28.83 -84.52
C GLN M 39 0.54 29.39 -84.52
N ARG M 40 0.80 30.45 -83.75
CA ARG M 40 2.15 30.97 -83.68
C ARG M 40 3.11 29.98 -83.03
N GLN M 41 2.66 29.29 -81.98
CA GLN M 41 3.50 28.29 -81.35
C GLN M 41 3.72 27.08 -82.25
N ARG M 42 2.72 26.72 -83.07
CA ARG M 42 2.95 25.67 -84.06
C ARG M 42 4.01 26.10 -85.07
N ALA M 43 3.95 27.36 -85.52
CA ALA M 43 4.95 27.86 -86.43
C ALA M 43 6.34 27.83 -85.81
N ILE M 44 6.44 28.18 -84.53
CA ILE M 44 7.72 28.14 -83.84
C ILE M 44 8.20 26.69 -83.67
N LEU M 45 7.29 25.79 -83.32
CA LEU M 45 7.64 24.39 -83.15
C LEU M 45 8.13 23.79 -84.46
N TYR M 46 7.63 24.29 -85.59
CA TYR M 46 8.15 23.85 -86.87
C TYR M 46 9.60 24.26 -87.10
N LYS M 47 10.12 25.19 -86.29
CA LYS M 47 11.53 25.53 -86.32
C LYS M 47 12.33 24.91 -85.18
N ARG M 48 11.68 24.61 -84.05
CA ARG M 48 12.38 23.97 -82.94
C ARG M 48 12.82 22.55 -83.31
N LEU M 49 11.88 21.75 -83.82
CA LEU M 49 12.09 20.33 -83.95
C LEU M 49 12.95 20.01 -85.17
N LYS M 50 13.38 18.75 -85.26
CA LYS M 50 14.08 18.27 -86.44
C LYS M 50 13.04 17.78 -87.44
N VAL M 51 12.85 18.55 -88.51
CA VAL M 51 11.88 18.20 -89.54
C VAL M 51 12.46 17.07 -90.37
N PRO M 52 11.76 15.94 -90.49
CA PRO M 52 12.22 14.89 -91.38
C PRO M 52 12.27 15.39 -92.82
N PRO M 53 13.24 14.92 -93.61
CA PRO M 53 13.41 15.48 -94.96
C PRO M 53 12.21 15.30 -95.87
N ALA M 54 11.36 14.32 -95.60
CA ALA M 54 10.15 14.15 -96.41
C ALA M 54 9.22 15.34 -96.29
N ILE M 55 9.28 16.08 -95.18
CA ILE M 55 8.50 17.29 -95.02
C ILE M 55 9.32 18.53 -95.36
N ASN M 56 10.60 18.54 -94.97
CA ASN M 56 11.46 19.69 -95.21
C ASN M 56 11.67 19.96 -96.69
N GLN M 57 11.47 18.96 -97.55
CA GLN M 57 11.56 19.19 -98.99
C GLN M 57 10.51 20.20 -99.45
N PHE M 58 9.37 20.27 -98.78
CA PHE M 58 8.36 21.27 -99.09
C PHE M 58 8.81 22.68 -98.74
N THR M 59 9.75 22.85 -97.82
CA THR M 59 10.24 24.19 -97.49
C THR M 59 11.04 24.79 -98.64
N GLN M 60 11.80 23.96 -99.37
CA GLN M 60 12.52 24.44 -100.54
C GLN M 60 11.51 24.71 -101.64
N ALA M 61 11.15 25.96 -101.82
CA ALA M 61 10.13 26.36 -102.77
C ALA M 61 10.75 26.98 -104.01
N LEU M 62 9.94 27.10 -105.06
CA LEU M 62 10.36 27.80 -106.26
C LEU M 62 10.49 29.28 -105.96
N ASP M 63 11.42 29.94 -106.66
CA ASP M 63 11.55 31.38 -106.52
C ASP M 63 10.35 32.09 -107.16
N ARG M 64 10.22 33.38 -106.84
CA ARG M 64 9.09 34.14 -107.35
C ARG M 64 9.14 34.28 -108.86
N GLN M 65 10.34 34.37 -109.43
CA GLN M 65 10.48 34.50 -110.88
C GLN M 65 10.01 33.24 -111.60
N THR M 66 10.53 32.08 -111.19
CA THR M 66 10.15 30.83 -111.84
C THR M 66 8.67 30.53 -111.62
N ALA M 67 8.16 30.79 -110.42
CA ALA M 67 6.73 30.65 -110.18
C ALA M 67 5.92 31.60 -111.05
N THR M 68 6.44 32.81 -111.30
CA THR M 68 5.73 33.74 -112.15
C THR M 68 5.62 33.22 -113.58
N GLN M 69 6.74 32.72 -114.13
CA GLN M 69 6.66 32.15 -115.47
C GLN M 69 5.73 30.94 -115.51
N LEU M 70 5.80 30.09 -114.48
CA LEU M 70 4.96 28.89 -114.47
C LEU M 70 3.48 29.24 -114.42
N LEU M 71 3.11 30.19 -113.56
CA LEU M 71 1.71 30.61 -113.48
C LEU M 71 1.26 31.32 -114.76
N LYS M 72 2.14 32.12 -115.36
CA LYS M 72 1.80 32.77 -116.62
C LYS M 72 1.54 31.73 -117.71
N LEU M 73 2.39 30.71 -117.80
CA LEU M 73 2.20 29.67 -118.81
C LEU M 73 0.96 28.83 -118.50
N ALA M 74 0.77 28.48 -117.22
CA ALA M 74 -0.36 27.64 -116.86
C ALA M 74 -1.70 28.34 -117.00
N HIS M 75 -1.71 29.68 -117.01
CA HIS M 75 -2.97 30.40 -117.09
C HIS M 75 -3.65 30.24 -118.44
N LYS M 76 -2.92 29.77 -119.46
CA LYS M 76 -3.51 29.54 -120.77
C LYS M 76 -4.23 28.20 -120.87
N TYR M 77 -4.17 27.37 -119.83
CA TYR M 77 -4.76 26.04 -119.85
C TYR M 77 -5.63 25.82 -118.62
N ARG M 78 -6.31 26.85 -118.16
CA ARG M 78 -7.17 26.73 -117.00
C ARG M 78 -8.36 25.83 -117.32
N PRO M 79 -8.94 25.17 -116.32
CA PRO M 79 -10.17 24.41 -116.57
C PRO M 79 -11.27 25.32 -117.08
N GLU M 80 -12.06 24.81 -118.02
CA GLU M 80 -13.13 25.60 -118.59
C GLU M 80 -14.23 25.84 -117.56
N THR M 81 -14.61 27.10 -117.40
CA THR M 81 -15.59 27.47 -116.40
C THR M 81 -16.98 27.00 -116.82
N LYS M 82 -17.90 26.93 -115.85
CA LYS M 82 -19.21 26.36 -116.13
C LYS M 82 -20.01 27.22 -117.11
N GLN M 83 -19.81 28.53 -117.09
CA GLN M 83 -20.50 29.39 -118.06
C GLN M 83 -20.03 29.08 -119.48
N GLU M 84 -18.72 29.09 -119.71
CA GLU M 84 -18.22 28.76 -121.03
C GLU M 84 -18.37 27.27 -121.34
N LYS M 85 -18.45 26.41 -120.33
CA LYS M 85 -18.80 25.01 -120.59
C LYS M 85 -20.21 24.90 -121.13
N LYS M 86 -21.15 25.67 -120.56
CA LYS M 86 -22.50 25.72 -121.11
C LYS M 86 -22.48 26.28 -122.52
N GLN M 87 -21.68 27.33 -122.76
CA GLN M 87 -21.59 27.89 -124.11
C GLN M 87 -21.08 26.87 -125.12
N ARG M 88 -20.04 26.12 -124.75
CA ARG M 88 -19.49 25.11 -125.63
C ARG M 88 -20.49 23.98 -125.87
N LEU M 89 -21.21 23.56 -124.81
CA LEU M 89 -22.20 22.52 -124.98
C LEU M 89 -23.34 22.96 -125.87
N LEU M 90 -23.78 24.22 -125.73
CA LEU M 90 -24.82 24.75 -126.61
C LEU M 90 -24.32 24.84 -128.04
N ALA M 91 -23.06 25.24 -128.23
CA ALA M 91 -22.51 25.29 -129.58
C ALA M 91 -22.44 23.91 -130.21
N ARG M 92 -22.03 22.91 -129.43
CA ARG M 92 -22.02 21.53 -129.91
C ARG M 92 -23.43 21.05 -130.24
N ALA M 93 -24.41 21.42 -129.42
CA ALA M 93 -25.80 21.06 -129.71
C ALA M 93 -26.27 21.70 -131.01
N GLU M 94 -25.93 22.96 -131.23
CA GLU M 94 -26.30 23.63 -132.47
C GLU M 94 -25.62 22.98 -133.67
N LYS M 95 -24.34 22.61 -133.52
CA LYS M 95 -23.61 21.97 -134.61
C LYS M 95 -24.18 20.59 -134.93
N LYS M 96 -24.57 19.84 -133.90
CA LYS M 96 -25.15 18.52 -134.13
C LYS M 96 -26.54 18.63 -134.74
N ALA M 97 -27.33 19.61 -134.29
CA ALA M 97 -28.63 19.84 -134.91
C ALA M 97 -28.49 20.23 -136.37
N ALA M 98 -27.51 21.07 -136.68
CA ALA M 98 -27.24 21.48 -138.05
C ALA M 98 -25.79 21.95 -138.14
N GLY M 99 -24.96 21.20 -138.87
CA GLY M 99 -25.33 19.95 -139.50
C GLY M 99 -24.18 18.96 -139.55
N LYS M 100 -23.09 19.30 -138.85
CA LYS M 100 -21.88 18.47 -138.93
C LYS M 100 -22.08 17.13 -138.25
N GLY M 101 -22.66 17.12 -137.06
CA GLY M 101 -22.88 15.88 -136.34
C GLY M 101 -22.10 15.78 -135.04
N ASP M 102 -21.31 14.73 -134.91
CA ASP M 102 -20.50 14.53 -133.71
C ASP M 102 -19.49 15.66 -133.54
N VAL M 103 -18.57 15.78 -134.49
CA VAL M 103 -17.57 16.85 -134.56
C VAL M 103 -16.79 16.96 -133.25
N PRO M 104 -15.85 16.05 -132.97
CA PRO M 104 -15.09 16.15 -131.71
C PRO M 104 -14.33 17.46 -131.58
N THR M 105 -13.83 17.99 -132.71
CA THR M 105 -13.18 19.31 -132.76
C THR M 105 -11.98 19.40 -131.82
N LYS M 106 -11.28 18.28 -131.63
CA LYS M 106 -9.98 18.24 -130.97
C LYS M 106 -10.04 18.82 -129.56
N ARG M 107 -10.72 18.05 -128.68
CA ARG M 107 -10.84 18.33 -127.25
C ARG M 107 -9.51 18.80 -126.69
N PRO M 108 -9.43 20.06 -126.22
CA PRO M 108 -8.13 20.68 -126.04
C PRO M 108 -7.43 20.19 -124.79
N PRO M 109 -6.10 20.22 -124.76
CA PRO M 109 -5.39 19.93 -123.52
C PRO M 109 -5.71 20.95 -122.44
N VAL M 110 -5.79 20.48 -121.20
CA VAL M 110 -6.13 21.34 -120.08
C VAL M 110 -5.32 20.89 -118.87
N LEU M 111 -5.04 21.83 -117.98
CA LEU M 111 -4.30 21.54 -116.77
C LEU M 111 -5.10 20.59 -115.88
N ARG M 112 -4.54 19.42 -115.62
CA ARG M 112 -5.23 18.43 -114.79
C ARG M 112 -4.98 18.72 -113.32
N ALA M 113 -6.05 18.64 -112.53
CA ALA M 113 -6.02 19.02 -111.13
C ALA M 113 -6.56 17.90 -110.26
N GLY M 114 -6.18 17.93 -108.99
CA GLY M 114 -6.60 16.91 -108.05
C GLY M 114 -5.50 15.92 -107.76
N VAL M 115 -5.29 15.61 -106.47
CA VAL M 115 -4.15 14.79 -106.08
C VAL M 115 -4.28 13.37 -106.63
N ASN M 116 -5.49 12.83 -106.65
CA ASN M 116 -5.68 11.49 -107.19
C ASN M 116 -5.49 11.48 -108.70
N THR M 117 -6.00 12.49 -109.39
CA THR M 117 -5.79 12.59 -110.83
C THR M 117 -4.32 12.73 -111.17
N VAL M 118 -3.60 13.56 -110.42
CA VAL M 118 -2.17 13.73 -110.64
C VAL M 118 -1.43 12.43 -110.38
N THR M 119 -1.79 11.72 -109.31
CA THR M 119 -1.14 10.45 -109.00
C THR M 119 -1.37 9.43 -110.10
N THR M 120 -2.60 9.35 -110.61
CA THR M 120 -2.90 8.43 -111.69
C THR M 120 -2.11 8.78 -112.94
N LEU M 121 -2.00 10.07 -113.26
CA LEU M 121 -1.22 10.49 -114.42
C LEU M 121 0.26 10.16 -114.25
N VAL M 122 0.81 10.39 -113.06
CA VAL M 122 2.22 10.13 -112.82
C VAL M 122 2.52 8.64 -112.91
N GLU M 123 1.64 7.81 -112.34
CA GLU M 123 1.83 6.36 -112.42
C GLU M 123 1.78 5.86 -113.86
N ASN M 124 1.10 6.60 -114.73
CA ASN M 124 1.05 6.28 -116.15
C ASN M 124 2.14 7.00 -116.94
N LYS M 125 2.97 7.81 -116.27
CA LYS M 125 4.03 8.60 -116.92
C LYS M 125 3.45 9.56 -117.96
N LYS M 126 2.18 9.92 -117.79
CA LYS M 126 1.49 10.79 -118.74
C LYS M 126 1.64 12.27 -118.42
N ALA M 127 2.11 12.61 -117.22
CA ALA M 127 2.31 14.00 -116.85
C ALA M 127 3.66 14.49 -117.34
N GLN M 128 3.70 15.71 -117.86
CA GLN M 128 4.93 16.33 -118.30
C GLN M 128 5.56 17.23 -117.25
N LEU M 129 4.77 17.75 -116.31
CA LEU M 129 5.29 18.56 -115.22
C LEU M 129 4.30 18.52 -114.07
N VAL M 130 4.80 18.31 -112.86
CA VAL M 130 4.00 18.23 -111.66
C VAL M 130 4.28 19.44 -110.81
N VAL M 131 3.22 20.12 -110.36
CA VAL M 131 3.34 21.28 -109.49
C VAL M 131 2.67 20.93 -108.17
N ILE M 132 3.41 21.09 -107.07
CA ILE M 132 2.95 20.70 -105.74
C ILE M 132 2.89 21.93 -104.86
N ALA M 133 1.74 22.15 -104.22
CA ALA M 133 1.65 23.21 -103.23
C ALA M 133 2.44 22.83 -101.98
N HIS M 134 2.94 23.85 -101.29
CA HIS M 134 3.80 23.66 -100.13
C HIS M 134 3.06 23.74 -98.81
N ASP M 135 1.78 24.10 -98.81
CA ASP M 135 1.09 24.45 -97.59
C ASP M 135 -0.17 23.63 -97.39
N VAL M 136 -0.14 22.36 -97.79
CA VAL M 136 -1.26 21.46 -97.55
C VAL M 136 -1.23 21.10 -96.06
N ASP M 137 -2.24 21.56 -95.31
CA ASP M 137 -2.19 21.41 -93.86
C ASP M 137 -2.21 19.96 -93.41
N PRO M 138 -3.11 19.07 -93.91
CA PRO M 138 -2.93 17.65 -93.63
C PRO M 138 -1.81 17.09 -94.51
N ILE M 139 -0.57 17.27 -94.09
CA ILE M 139 0.58 17.07 -94.99
C ILE M 139 0.90 15.58 -94.95
N GLU M 140 0.06 14.82 -95.64
CA GLU M 140 0.35 13.46 -96.05
C GLU M 140 -0.08 13.20 -97.48
N LEU M 141 -0.90 14.07 -98.04
CA LEU M 141 -1.46 13.85 -99.36
C LEU M 141 -0.42 14.02 -100.45
N VAL M 142 0.65 14.78 -100.18
CA VAL M 142 1.65 15.09 -101.19
C VAL M 142 3.07 14.76 -100.74
N VAL M 143 3.25 14.15 -99.57
CA VAL M 143 4.60 13.85 -99.10
C VAL M 143 5.26 12.78 -99.96
N PHE M 144 4.49 11.80 -100.45
CA PHE M 144 5.04 10.78 -101.32
C PHE M 144 5.22 11.25 -102.75
N LEU M 145 4.59 12.37 -103.11
CA LEU M 145 4.63 12.85 -104.49
C LEU M 145 6.03 13.18 -105.00
N PRO M 146 6.93 13.83 -104.24
CA PRO M 146 8.28 14.06 -104.77
C PRO M 146 9.02 12.80 -105.14
N ALA M 147 9.06 11.83 -104.23
CA ALA M 147 9.76 10.57 -104.51
C ALA M 147 9.07 9.81 -105.64
N LEU M 148 7.74 9.83 -105.66
CA LEU M 148 7.01 9.17 -106.73
C LEU M 148 7.34 9.77 -108.09
N CYS M 149 7.37 11.10 -108.17
CA CYS M 149 7.69 11.75 -109.44
C CYS M 149 9.12 11.49 -109.85
N ARG M 150 10.05 11.50 -108.88
CA ARG M 150 11.44 11.22 -109.23
C ARG M 150 11.61 9.80 -109.74
N LYS M 151 10.97 8.82 -109.08
CA LYS M 151 11.09 7.44 -109.53
C LYS M 151 10.44 7.24 -110.89
N MET M 152 9.26 7.83 -111.11
CA MET M 152 8.63 7.74 -112.41
C MET M 152 9.28 8.64 -113.45
N GLY M 153 10.20 9.50 -113.03
CA GLY M 153 10.96 10.32 -113.95
C GLY M 153 10.31 11.63 -114.37
N VAL M 154 9.07 11.87 -113.95
CA VAL M 154 8.38 13.11 -114.32
C VAL M 154 8.90 14.24 -113.45
N PRO M 155 9.24 15.40 -114.04
CA PRO M 155 9.69 16.52 -113.23
C PRO M 155 8.59 17.04 -112.32
N TYR M 156 9.00 17.52 -111.15
CA TYR M 156 8.07 18.05 -110.16
C TYR M 156 8.68 19.27 -109.48
N CYS M 157 7.82 20.24 -109.15
CA CYS M 157 8.25 21.46 -108.49
C CYS M 157 7.30 21.78 -107.35
N ILE M 158 7.79 22.58 -106.41
CA ILE M 158 7.03 23.01 -105.25
C ILE M 158 6.88 24.52 -105.31
N ILE M 159 5.63 24.98 -105.19
CA ILE M 159 5.32 26.40 -105.33
C ILE M 159 4.71 26.89 -104.02
N LYS M 160 4.77 28.20 -103.82
CA LYS M 160 4.22 28.83 -102.63
C LYS M 160 2.72 29.06 -102.81
N GLY M 161 1.92 28.53 -101.89
CA GLY M 161 0.51 28.84 -101.85
C GLY M 161 -0.38 27.92 -102.65
N LYS M 162 -1.23 27.16 -101.96
CA LYS M 162 -2.25 26.37 -102.63
C LYS M 162 -3.38 27.23 -103.18
N ALA M 163 -3.54 28.44 -102.64
CA ALA M 163 -4.62 29.32 -103.09
C ALA M 163 -4.42 29.75 -104.53
N ARG M 164 -3.17 29.94 -104.95
CA ARG M 164 -2.90 30.31 -106.34
C ARG M 164 -3.33 29.19 -107.28
N LEU M 165 -3.01 27.95 -106.95
CA LEU M 165 -3.47 26.82 -107.75
C LEU M 165 -4.99 26.71 -107.73
N GLY M 166 -5.60 26.97 -106.57
CA GLY M 166 -7.05 26.97 -106.49
C GLY M 166 -7.69 28.00 -107.41
N ARG M 167 -7.10 29.20 -107.47
CA ARG M 167 -7.57 30.20 -108.41
C ARG M 167 -7.37 29.75 -109.84
N LEU M 168 -6.27 29.06 -110.13
CA LEU M 168 -6.05 28.56 -111.48
C LEU M 168 -7.12 27.59 -111.91
N VAL M 169 -7.72 26.86 -110.98
CA VAL M 169 -8.77 25.90 -111.28
C VAL M 169 -10.13 26.41 -110.84
N HIS M 170 -10.24 27.70 -110.56
CA HIS M 170 -11.50 28.35 -110.17
C HIS M 170 -12.10 27.70 -108.92
N ARG M 171 -11.24 27.32 -107.99
CA ARG M 171 -11.68 26.76 -106.72
C ARG M 171 -11.00 27.50 -105.58
N LYS M 172 -11.30 27.09 -104.35
CA LYS M 172 -10.65 27.69 -103.20
C LYS M 172 -9.21 27.22 -103.06
N THR M 173 -8.96 25.93 -103.28
CA THR M 173 -7.65 25.37 -103.00
C THR M 173 -7.44 24.11 -103.83
N CYS M 174 -6.31 24.02 -104.51
CA CYS M 174 -5.89 22.82 -105.21
C CYS M 174 -4.52 22.40 -104.70
N THR M 175 -4.39 21.12 -104.32
CA THR M 175 -3.12 20.64 -103.80
C THR M 175 -2.06 20.59 -104.90
N THR M 176 -2.39 19.94 -106.01
CA THR M 176 -1.43 19.75 -107.09
C THR M 176 -2.10 19.95 -108.43
N VAL M 177 -1.31 20.39 -109.41
CA VAL M 177 -1.72 20.45 -110.80
C VAL M 177 -0.64 19.85 -111.66
N ALA M 178 -1.04 19.03 -112.62
CA ALA M 178 -0.11 18.30 -113.47
C ALA M 178 -0.31 18.71 -114.92
N PHE M 179 0.78 18.75 -115.67
CA PHE M 179 0.77 19.11 -117.07
C PHE M 179 0.80 17.86 -117.93
N THR M 180 -0.24 17.67 -118.73
CA THR M 180 -0.25 16.71 -119.82
C THR M 180 0.36 17.37 -121.04
N GLN M 181 0.14 16.78 -122.23
CA GLN M 181 0.62 17.38 -123.47
C GLN M 181 0.12 18.83 -123.60
N VAL M 182 0.89 19.62 -124.35
CA VAL M 182 0.66 21.05 -124.44
C VAL M 182 0.67 21.43 -125.92
N ASN M 183 0.12 22.62 -126.22
CA ASN M 183 0.16 23.13 -127.57
C ASN M 183 1.60 23.39 -127.99
N SER M 184 1.83 23.35 -129.31
CA SER M 184 3.19 23.39 -129.84
C SER M 184 3.90 24.70 -129.51
N GLU M 185 3.16 25.81 -129.54
CA GLU M 185 3.77 27.12 -129.30
C GLU M 185 4.31 27.26 -127.89
N ASP M 186 3.74 26.54 -126.92
CA ASP M 186 4.20 26.60 -125.54
C ASP M 186 5.22 25.51 -125.22
N LYS M 187 5.62 24.72 -126.21
CA LYS M 187 6.57 23.65 -125.95
C LYS M 187 7.94 24.19 -125.58
N GLY M 188 8.32 25.35 -126.12
CA GLY M 188 9.60 25.93 -125.75
C GLY M 188 9.66 26.38 -124.31
N ALA M 189 8.65 27.14 -123.87
CA ALA M 189 8.60 27.58 -122.48
C ALA M 189 8.45 26.39 -121.55
N LEU M 190 7.64 25.40 -121.94
CA LEU M 190 7.52 24.19 -121.14
C LEU M 190 8.84 23.45 -121.04
N ALA M 191 9.61 23.37 -122.13
CA ALA M 191 10.90 22.71 -122.10
C ALA M 191 11.88 23.44 -121.18
N LYS M 192 11.90 24.77 -121.27
CA LYS M 192 12.75 25.55 -120.37
C LYS M 192 12.37 25.31 -118.91
N LEU M 193 11.07 25.35 -118.62
CA LEU M 193 10.61 25.15 -117.24
C LEU M 193 10.94 23.75 -116.76
N VAL M 194 10.74 22.75 -117.63
CA VAL M 194 11.04 21.37 -117.26
C VAL M 194 12.53 21.19 -116.96
N GLU M 195 13.40 21.76 -117.81
CA GLU M 195 14.83 21.63 -117.57
C GLU M 195 15.23 22.30 -116.26
N ALA M 196 14.75 23.52 -116.03
CA ALA M 196 15.10 24.23 -114.80
C ALA M 196 14.59 23.50 -113.57
N ILE M 197 13.35 23.02 -113.62
CA ILE M 197 12.76 22.32 -112.49
C ILE M 197 13.47 20.99 -112.25
N ARG M 198 13.87 20.31 -113.33
CA ARG M 198 14.62 19.07 -113.17
C ARG M 198 15.95 19.32 -112.49
N THR M 199 16.66 20.37 -112.90
CA THR M 199 17.92 20.72 -112.26
C THR M 199 17.72 21.07 -110.79
N ASN M 200 16.66 21.83 -110.49
CA ASN M 200 16.43 22.28 -109.12
C ASN M 200 15.95 21.17 -108.19
N TYR M 201 15.15 20.22 -108.69
CA TYR M 201 14.57 19.20 -107.81
C TYR M 201 15.04 17.79 -108.16
N ASN M 202 14.86 17.33 -109.39
CA ASN M 202 15.07 15.92 -109.69
C ASN M 202 16.55 15.57 -109.77
N ASP M 203 17.36 16.47 -110.32
CA ASP M 203 18.78 16.17 -110.48
C ASP M 203 19.52 16.16 -109.15
N ARG M 204 18.93 16.74 -108.11
CA ARG M 204 19.51 16.71 -106.77
C ARG M 204 18.60 16.03 -105.77
N TYR M 205 17.92 14.96 -106.19
CA TYR M 205 17.03 14.22 -105.30
C TYR M 205 17.80 13.57 -104.14
N ASP M 206 19.09 13.28 -104.34
CA ASP M 206 19.81 12.43 -103.40
C ASP M 206 19.93 13.09 -102.03
N GLU M 207 20.41 14.33 -101.97
CA GLU M 207 20.58 14.98 -100.68
C GLU M 207 19.29 15.56 -100.14
N ILE M 208 18.25 15.68 -100.97
CA ILE M 208 16.95 16.10 -100.48
C ILE M 208 16.38 15.06 -99.51
N ARG M 209 16.63 13.78 -99.79
CA ARG M 209 16.24 12.71 -98.89
C ARG M 209 16.93 12.80 -97.54
N ARG M 210 18.06 13.49 -97.45
CA ARG M 210 18.83 13.55 -96.22
C ARG M 210 18.83 14.94 -95.59
N HIS M 211 18.15 15.91 -96.19
CA HIS M 211 18.21 17.29 -95.74
C HIS M 211 17.14 17.50 -94.66
N TRP M 212 17.55 17.39 -93.42
CA TRP M 212 16.63 17.63 -92.30
C TRP M 212 16.39 19.12 -92.13
N GLY M 213 15.24 19.45 -91.53
CA GLY M 213 14.84 20.81 -91.32
C GLY M 213 14.63 21.15 -89.85
N GLY M 214 14.43 22.44 -89.61
CA GLY M 214 14.23 22.89 -88.24
C GLY M 214 15.51 22.81 -87.44
N ASN M 215 15.39 22.31 -86.21
CA ASN M 215 16.52 22.20 -85.28
C ASN M 215 17.20 23.55 -85.04
N VAL M 216 16.39 24.58 -84.85
CA VAL M 216 16.89 25.94 -84.64
C VAL M 216 16.34 26.45 -83.32
N LEU M 217 17.22 27.01 -82.49
CA LEU M 217 16.81 27.56 -81.22
C LEU M 217 16.26 28.97 -81.39
N GLY M 218 15.79 29.54 -80.29
CA GLY M 218 15.28 30.88 -80.27
C GLY M 218 16.39 31.91 -80.28
N PRO M 219 16.05 33.15 -80.66
CA PRO M 219 17.08 34.21 -80.67
C PRO M 219 17.70 34.46 -79.31
N LYS M 220 16.92 34.31 -78.24
CA LYS M 220 17.49 34.46 -76.89
C LYS M 220 18.53 33.38 -76.61
N SER M 221 18.21 32.13 -76.97
CA SER M 221 19.14 31.03 -76.73
C SER M 221 20.40 31.20 -77.57
N VAL M 222 20.25 31.58 -78.84
CA VAL M 222 21.40 31.79 -79.71
C VAL M 222 22.25 32.93 -79.16
N ALA M 223 21.61 34.00 -78.69
CA ALA M 223 22.35 35.12 -78.11
C ALA M 223 23.13 34.70 -76.88
N ARG M 224 22.51 33.91 -76.00
CA ARG M 224 23.21 33.42 -74.82
C ARG M 224 24.39 32.53 -75.19
N ILE M 225 24.19 31.65 -76.16
CA ILE M 225 25.27 30.77 -76.60
C ILE M 225 26.42 31.58 -77.17
N ALA M 226 26.12 32.56 -78.02
CA ALA M 226 27.16 33.39 -78.60
C ALA M 226 27.86 34.23 -77.54
N LYS M 227 27.11 34.70 -76.53
CA LYS M 227 27.72 35.47 -75.46
C LYS M 227 28.70 34.62 -74.66
N LEU M 228 28.32 33.37 -74.36
CA LEU M 228 29.23 32.49 -73.63
C LEU M 228 30.46 32.15 -74.47
N GLU M 229 30.25 31.88 -75.76
CA GLU M 229 31.38 31.57 -76.65
C GLU M 229 32.33 32.75 -76.75
N LYS M 230 31.80 33.97 -76.87
CA LYS M 230 32.64 35.15 -76.89
C LYS M 230 33.33 35.37 -75.55
N ALA M 231 32.64 35.09 -74.45
CA ALA M 231 33.22 35.30 -73.12
C ALA M 231 34.43 34.39 -72.91
N LYS M 232 34.36 33.15 -73.37
CA LYS M 232 35.54 32.30 -73.26
C LYS M 232 36.56 32.55 -74.37
N ALA M 233 36.11 32.98 -75.55
CA ALA M 233 37.04 33.21 -76.65
C ALA M 233 37.87 34.46 -76.43
N LYS M 234 37.35 35.45 -75.70
CA LYS M 234 38.14 36.66 -75.46
C LYS M 234 39.33 36.38 -74.58
N GLU M 235 39.21 35.48 -73.61
CA GLU M 235 40.36 35.07 -72.82
C GLU M 235 41.22 34.03 -73.52
N LEU M 236 40.62 33.19 -74.36
CA LEU M 236 41.44 32.29 -75.18
C LEU M 236 42.27 33.05 -76.21
N ALA M 237 41.81 34.23 -76.62
CA ALA M 237 42.55 35.02 -77.60
C ALA M 237 43.86 35.54 -77.02
N THR M 238 43.83 36.04 -75.78
CA THR M 238 45.06 36.44 -75.12
C THR M 238 45.82 35.22 -74.59
N LYS M 239 45.14 34.09 -74.44
CA LYS M 239 45.84 32.86 -74.08
C LYS M 239 46.81 32.44 -75.17
N LEU M 240 46.39 32.51 -76.42
CA LEU M 240 47.25 32.15 -77.54
C LEU M 240 47.99 33.39 -78.05
N GLY M 241 49.26 33.20 -78.39
CA GLY M 241 50.07 34.29 -78.93
C GLY M 241 50.36 35.40 -77.93
N MET N 1 -51.48 -65.95 32.06
CA MET N 1 -51.96 -66.98 32.97
C MET N 1 -53.00 -66.45 33.95
N LYS N 2 -54.19 -67.04 33.92
CA LYS N 2 -55.26 -66.70 34.84
C LYS N 2 -55.35 -67.77 35.91
N THR N 3 -55.02 -67.41 37.15
CA THR N 3 -55.18 -68.33 38.27
C THR N 3 -56.65 -68.60 38.50
N ILE N 4 -56.98 -69.88 38.72
CA ILE N 4 -58.38 -70.29 38.84
C ILE N 4 -59.03 -69.61 40.02
N LEU N 5 -58.36 -69.64 41.17
CA LEU N 5 -58.94 -69.09 42.40
C LEU N 5 -57.82 -68.65 43.33
N SER N 6 -57.91 -67.43 43.83
CA SER N 6 -57.01 -66.92 44.86
C SER N 6 -57.87 -66.37 45.98
N ASN N 7 -57.65 -66.86 47.20
CA ASN N 7 -58.46 -66.45 48.33
C ASN N 7 -57.60 -66.29 49.57
N GLN N 8 -58.05 -65.41 50.47
CA GLN N 8 -57.43 -65.24 51.78
C GLN N 8 -58.53 -64.92 52.77
N THR N 9 -58.45 -65.53 53.96
CA THR N 9 -59.46 -65.40 54.98
C THR N 9 -58.94 -64.58 56.15
N VAL N 10 -59.73 -63.59 56.58
CA VAL N 10 -59.40 -62.73 57.70
C VAL N 10 -60.35 -63.05 58.85
N ASP N 11 -59.78 -63.32 60.03
CA ASP N 11 -60.60 -63.60 61.20
C ASP N 11 -61.05 -62.31 61.86
N ILE N 12 -62.28 -62.31 62.34
CA ILE N 12 -62.89 -61.15 63.00
C ILE N 12 -63.02 -61.44 64.49
N PRO N 13 -62.59 -60.54 65.36
CA PRO N 13 -62.75 -60.76 66.80
C PRO N 13 -64.21 -60.74 67.22
N GLU N 14 -64.45 -61.24 68.43
CA GLU N 14 -65.82 -61.45 68.90
C GLU N 14 -66.51 -60.14 69.29
N ASN N 15 -65.75 -59.10 69.61
CA ASN N 15 -66.34 -57.84 70.05
C ASN N 15 -66.81 -56.97 68.90
N VAL N 16 -66.51 -57.35 67.66
CA VAL N 16 -66.83 -56.54 66.49
C VAL N 16 -67.52 -57.42 65.46
N ASP N 17 -68.50 -56.85 64.77
CA ASP N 17 -69.23 -57.53 63.71
C ASP N 17 -69.06 -56.79 62.39
N ILE N 18 -69.25 -57.52 61.28
CA ILE N 18 -69.09 -56.97 59.94
C ILE N 18 -70.32 -57.35 59.13
N THR N 19 -70.91 -56.37 58.46
CA THR N 19 -72.08 -56.57 57.62
C THR N 19 -71.74 -56.18 56.19
N LEU N 20 -72.13 -57.03 55.24
CA LEU N 20 -71.83 -56.83 53.83
C LEU N 20 -73.12 -56.47 53.08
N LYS N 21 -73.06 -55.41 52.29
CA LYS N 21 -74.10 -55.06 51.33
C LYS N 21 -73.45 -55.11 49.95
N GLY N 22 -73.42 -56.29 49.36
CA GLY N 22 -72.67 -56.50 48.14
C GLY N 22 -71.18 -56.44 48.41
N ARG N 23 -70.51 -55.40 47.91
CA ARG N 23 -69.11 -55.18 48.16
C ARG N 23 -68.87 -53.97 49.05
N THR N 24 -69.88 -53.54 49.80
CA THR N 24 -69.74 -52.48 50.79
C THR N 24 -69.58 -53.12 52.16
N VAL N 25 -68.48 -52.82 52.84
CA VAL N 25 -68.15 -53.44 54.11
C VAL N 25 -68.51 -52.48 55.22
N ILE N 26 -69.42 -52.90 56.09
CA ILE N 26 -69.84 -52.11 57.25
C ILE N 26 -69.24 -52.76 58.49
N VAL N 27 -68.33 -52.07 59.14
CA VAL N 27 -67.65 -52.57 60.33
C VAL N 27 -68.07 -51.68 61.50
N LYS N 28 -68.72 -52.28 62.50
CA LYS N 28 -69.17 -51.56 63.68
C LYS N 28 -68.49 -52.16 64.90
N GLY N 29 -67.54 -51.42 65.47
CA GLY N 29 -66.84 -51.85 66.65
C GLY N 29 -67.19 -51.00 67.85
N PRO N 30 -66.60 -51.32 69.01
CA PRO N 30 -66.87 -50.52 70.22
C PRO N 30 -66.47 -49.06 70.07
N ARG N 31 -65.41 -48.77 69.33
CA ARG N 31 -64.95 -47.40 69.14
C ARG N 31 -65.80 -46.62 68.14
N GLY N 32 -66.61 -47.30 67.34
CA GLY N 32 -67.45 -46.62 66.38
C GLY N 32 -67.67 -47.50 65.17
N THR N 33 -68.15 -46.86 64.09
CA THR N 33 -68.52 -47.53 62.86
C THR N 33 -67.67 -47.02 61.71
N LEU N 34 -67.06 -47.93 60.97
CA LEU N 34 -66.34 -47.60 59.76
C LEU N 34 -66.97 -48.32 58.58
N ARG N 35 -67.23 -47.58 57.51
CA ARG N 35 -67.86 -48.13 56.32
C ARG N 35 -67.02 -47.81 55.11
N ARG N 36 -66.74 -48.82 54.29
CA ARG N 36 -65.93 -48.64 53.10
C ARG N 36 -66.35 -49.67 52.07
N ASP N 37 -66.62 -49.21 50.84
CA ASP N 37 -67.04 -50.08 49.76
C ASP N 37 -65.89 -50.34 48.80
N PHE N 38 -65.97 -51.44 48.08
CA PHE N 38 -64.95 -51.85 47.12
C PHE N 38 -65.57 -52.15 45.76
N ASN N 39 -66.45 -51.27 45.30
CA ASN N 39 -67.12 -51.44 44.01
C ASN N 39 -66.15 -51.39 42.84
N HIS N 40 -64.96 -50.83 43.03
CA HIS N 40 -64.01 -50.71 41.93
C HIS N 40 -63.17 -51.97 41.73
N ILE N 41 -63.33 -52.97 42.60
CA ILE N 41 -62.62 -54.24 42.46
C ILE N 41 -63.65 -55.35 42.34
N ASN N 42 -63.53 -56.16 41.29
CA ASN N 42 -64.51 -57.19 40.97
C ASN N 42 -64.10 -58.49 41.66
N VAL N 43 -64.35 -58.55 42.96
CA VAL N 43 -64.06 -59.73 43.77
C VAL N 43 -65.33 -60.15 44.50
N GLU N 44 -65.26 -61.31 45.13
CA GLU N 44 -66.38 -61.88 45.85
C GLU N 44 -66.07 -61.84 47.34
N LEU N 45 -67.01 -61.29 48.12
CA LEU N 45 -66.88 -61.22 49.56
C LEU N 45 -68.00 -62.02 50.21
N SER N 46 -67.65 -62.78 51.24
CA SER N 46 -68.64 -63.62 51.91
C SER N 46 -68.23 -63.80 53.37
N LEU N 47 -69.22 -63.95 54.23
CA LEU N 47 -69.01 -64.27 55.63
C LEU N 47 -69.25 -65.76 55.84
N LEU N 48 -68.36 -66.41 56.58
CA LEU N 48 -68.30 -67.87 56.58
C LEU N 48 -69.22 -68.50 57.63
N GLY N 49 -69.02 -68.16 58.90
CA GLY N 49 -69.74 -68.80 59.98
C GLY N 49 -70.37 -67.81 60.95
N LYS N 50 -71.22 -68.35 61.81
CA LYS N 50 -71.86 -67.61 62.89
C LYS N 50 -71.15 -67.83 64.22
N LYS N 51 -69.97 -68.43 64.19
CA LYS N 51 -69.22 -68.85 65.37
C LYS N 51 -67.95 -68.03 65.58
N LYS N 52 -67.14 -67.88 64.53
CA LYS N 52 -65.86 -67.21 64.60
C LYS N 52 -65.76 -66.03 63.64
N LYS N 53 -66.72 -65.89 62.73
CA LYS N 53 -66.83 -64.75 61.81
C LYS N 53 -65.58 -64.64 60.93
N ARG N 54 -65.41 -65.65 60.08
CA ARG N 54 -64.37 -65.59 59.06
C ARG N 54 -64.88 -64.85 57.83
N LEU N 55 -64.05 -63.95 57.31
CA LEU N 55 -64.35 -63.22 56.09
C LEU N 55 -63.36 -63.65 55.01
N ARG N 56 -63.86 -64.05 53.85
CA ARG N 56 -63.03 -64.53 52.76
C ARG N 56 -63.17 -63.61 51.55
N VAL N 57 -62.05 -63.32 50.91
CA VAL N 57 -61.99 -62.51 49.70
C VAL N 57 -61.63 -63.44 48.55
N ASP N 58 -62.50 -63.52 47.54
CA ASP N 58 -62.34 -64.45 46.44
C ASP N 58 -62.23 -63.70 45.13
N LYS N 59 -61.27 -64.12 44.30
CA LYS N 59 -61.12 -63.61 42.94
C LYS N 59 -60.95 -64.79 42.00
N TRP N 60 -61.82 -64.90 41.00
CA TRP N 60 -61.83 -66.01 40.07
C TRP N 60 -61.29 -65.56 38.73
N TRP N 61 -60.37 -66.35 38.16
CA TRP N 61 -59.79 -66.09 36.84
C TRP N 61 -59.16 -64.71 36.78
N GLY N 62 -58.13 -64.50 37.59
CA GLY N 62 -57.44 -63.22 37.66
C GLY N 62 -56.04 -63.31 37.06
N ASN N 63 -55.64 -62.26 36.35
CA ASN N 63 -54.28 -62.16 35.85
C ASN N 63 -53.39 -61.65 36.97
N ARG N 64 -52.12 -61.39 36.66
CA ARG N 64 -51.15 -61.06 37.69
C ARG N 64 -51.50 -59.76 38.41
N LYS N 65 -52.00 -58.77 37.67
CA LYS N 65 -52.25 -57.46 38.26
C LYS N 65 -53.37 -57.50 39.29
N GLU N 66 -54.49 -58.12 38.94
CA GLU N 66 -55.65 -58.08 39.82
C GLU N 66 -55.56 -59.05 41.00
N LEU N 67 -54.62 -60.01 40.95
CA LEU N 67 -54.41 -60.87 42.11
C LEU N 67 -53.86 -60.11 43.31
N ALA N 68 -53.16 -59.01 43.09
CA ALA N 68 -52.63 -58.22 44.19
C ALA N 68 -53.73 -57.55 44.99
N THR N 69 -54.92 -57.37 44.40
CA THR N 69 -56.02 -56.70 45.07
C THR N 69 -56.58 -57.46 46.24
N VAL N 70 -56.48 -58.79 46.24
CA VAL N 70 -57.09 -59.59 47.30
C VAL N 70 -56.45 -59.28 48.65
N ARG N 71 -55.12 -59.31 48.71
CA ARG N 71 -54.45 -59.00 49.95
C ARG N 71 -54.55 -57.53 50.32
N THR N 72 -54.67 -56.64 49.33
CA THR N 72 -54.93 -55.23 49.62
C THR N 72 -56.26 -55.07 50.34
N ILE N 73 -57.30 -55.75 49.84
CA ILE N 73 -58.60 -55.71 50.49
C ILE N 73 -58.51 -56.30 51.90
N CYS N 74 -57.78 -57.42 52.03
CA CYS N 74 -57.66 -58.04 53.35
C CYS N 74 -56.95 -57.13 54.34
N SER N 75 -55.89 -56.45 53.90
CA SER N 75 -55.19 -55.52 54.77
C SER N 75 -56.06 -54.33 55.13
N HIS N 76 -56.85 -53.82 54.17
CA HIS N 76 -57.76 -52.73 54.50
C HIS N 76 -58.81 -53.15 55.52
N VAL N 77 -59.34 -54.37 55.37
CA VAL N 77 -60.31 -54.87 56.33
C VAL N 77 -59.69 -55.01 57.72
N GLN N 78 -58.46 -55.54 57.78
CA GLN N 78 -57.78 -55.65 59.06
C GLN N 78 -57.49 -54.28 59.67
N ASN N 79 -57.16 -53.30 58.83
CA ASN N 79 -56.95 -51.94 59.32
C ASN N 79 -58.24 -51.37 59.89
N MET N 80 -59.37 -51.60 59.22
CA MET N 80 -60.65 -51.14 59.75
C MET N 80 -60.98 -51.82 61.07
N ILE N 81 -60.70 -53.13 61.17
CA ILE N 81 -60.94 -53.86 62.41
C ILE N 81 -60.08 -53.29 63.53
N LYS N 82 -58.81 -53.02 63.24
CA LYS N 82 -57.91 -52.46 64.23
C LYS N 82 -58.38 -51.07 64.67
N GLY N 83 -58.86 -50.27 63.72
CA GLY N 83 -59.35 -48.94 64.05
C GLY N 83 -60.61 -48.97 64.91
N VAL N 84 -61.56 -49.84 64.57
CA VAL N 84 -62.80 -49.90 65.35
C VAL N 84 -62.63 -50.62 66.66
N THR N 85 -61.57 -51.41 66.83
CA THR N 85 -61.29 -52.08 68.08
C THR N 85 -60.30 -51.33 68.95
N LEU N 86 -59.16 -50.93 68.37
CA LEU N 86 -58.14 -50.24 69.13
C LEU N 86 -57.94 -48.79 68.72
N GLY N 87 -58.20 -48.44 67.47
CA GLY N 87 -58.01 -47.08 67.01
C GLY N 87 -56.58 -46.82 66.58
N PHE N 88 -56.39 -45.66 65.94
CA PHE N 88 -55.11 -45.28 65.39
C PHE N 88 -54.66 -43.97 66.03
N ARG N 89 -53.53 -44.01 66.73
CA ARG N 89 -52.93 -42.82 67.32
C ARG N 89 -51.57 -42.60 66.67
N TYR N 90 -51.42 -41.48 65.99
CA TYR N 90 -50.15 -41.09 65.38
C TYR N 90 -49.48 -40.03 66.24
N LYS N 91 -48.20 -40.25 66.54
CA LYS N 91 -47.41 -39.31 67.31
C LYS N 91 -46.42 -38.61 66.39
N MET N 92 -46.51 -37.28 66.32
CA MET N 92 -45.63 -36.46 65.51
C MET N 92 -44.81 -35.56 66.42
N ARG N 93 -43.51 -35.53 66.20
CA ARG N 93 -42.60 -34.69 66.97
C ARG N 93 -42.15 -33.52 66.12
N SER N 94 -42.27 -32.32 66.66
CA SER N 94 -41.83 -31.12 65.97
C SER N 94 -40.40 -30.81 66.38
N VAL N 95 -39.50 -30.73 65.41
CA VAL N 95 -38.09 -30.50 65.66
C VAL N 95 -37.71 -29.14 65.12
N TYR N 96 -36.72 -28.51 65.75
CA TYR N 96 -36.28 -27.18 65.33
C TYR N 96 -34.89 -26.91 65.89
N ALA N 97 -34.17 -26.04 65.21
CA ALA N 97 -32.84 -25.63 65.64
C ALA N 97 -32.88 -24.38 66.51
N HIS N 98 -33.44 -23.29 66.00
CA HIS N 98 -33.50 -22.03 66.73
C HIS N 98 -34.92 -21.60 67.06
N PHE N 99 -35.82 -21.59 66.09
CA PHE N 99 -37.18 -21.10 66.32
C PHE N 99 -38.07 -22.23 66.80
N PRO N 100 -38.57 -22.19 68.03
CA PRO N 100 -39.52 -23.23 68.48
C PRO N 100 -40.82 -23.13 67.71
N ILE N 101 -41.45 -24.28 67.50
CA ILE N 101 -42.70 -24.36 66.76
C ILE N 101 -43.85 -24.26 67.75
N ASN N 102 -44.59 -23.16 67.69
CA ASN N 102 -45.78 -22.99 68.51
C ASN N 102 -46.97 -23.59 67.77
N VAL N 103 -47.66 -24.51 68.43
CA VAL N 103 -48.79 -25.22 67.84
C VAL N 103 -50.03 -24.90 68.66
N VAL N 104 -51.07 -24.41 67.98
CA VAL N 104 -52.34 -24.09 68.61
C VAL N 104 -53.37 -25.11 68.12
N ILE N 105 -53.94 -25.87 69.05
CA ILE N 105 -55.00 -26.82 68.73
C ILE N 105 -56.33 -26.09 68.91
N GLN N 106 -56.94 -25.72 67.79
CA GLN N 106 -58.19 -24.97 67.81
C GLN N 106 -59.37 -25.91 68.02
N GLU N 107 -60.59 -25.42 67.77
CA GLU N 107 -61.82 -26.02 68.28
C GLU N 107 -61.89 -27.51 68.01
N ASN N 108 -62.12 -28.27 69.08
CA ASN N 108 -62.35 -29.72 69.02
C ASN N 108 -61.18 -30.47 68.39
N GLY N 109 -60.03 -29.83 68.24
CA GLY N 109 -58.89 -30.45 67.60
C GLY N 109 -58.98 -30.54 66.10
N SER N 110 -59.98 -29.92 65.47
CA SER N 110 -60.15 -30.00 64.04
C SER N 110 -59.25 -29.04 63.27
N LEU N 111 -58.68 -28.04 63.94
CA LEU N 111 -57.82 -27.07 63.28
C LEU N 111 -56.50 -26.94 64.06
N VAL N 112 -55.40 -26.90 63.32
CA VAL N 112 -54.07 -26.81 63.90
C VAL N 112 -53.37 -25.59 63.30
N GLU N 113 -52.85 -24.72 64.16
CA GLU N 113 -52.18 -23.50 63.73
C GLU N 113 -50.72 -23.52 64.19
N ILE N 114 -49.82 -23.21 63.27
CA ILE N 114 -48.38 -23.20 63.53
C ILE N 114 -47.91 -21.76 63.43
N ARG N 115 -47.25 -21.27 64.49
CA ARG N 115 -46.93 -19.86 64.61
C ARG N 115 -45.51 -19.53 64.13
N ASN N 116 -44.50 -20.12 64.76
CA ASN N 116 -43.12 -19.68 64.58
C ASN N 116 -42.28 -20.71 63.83
N PHE N 117 -42.84 -21.30 62.79
CA PHE N 117 -42.08 -22.21 61.95
C PHE N 117 -41.02 -21.42 61.18
N LEU N 118 -39.75 -21.63 61.53
CA LEU N 118 -38.61 -20.94 60.93
C LEU N 118 -38.68 -19.42 61.14
N GLY N 119 -39.48 -18.99 62.12
CA GLY N 119 -39.53 -17.59 62.49
C GLY N 119 -40.29 -16.70 61.55
N GLU N 120 -40.96 -17.24 60.54
CA GLU N 120 -41.66 -16.40 59.58
C GLU N 120 -43.01 -15.97 60.14
N LYS N 121 -43.47 -14.80 59.68
CA LYS N 121 -44.68 -14.18 60.17
C LYS N 121 -45.95 -14.90 59.72
N TYR N 122 -45.84 -15.83 58.79
CA TYR N 122 -47.02 -16.53 58.29
C TYR N 122 -47.55 -17.49 59.35
N ILE N 123 -48.86 -17.74 59.30
CA ILE N 123 -49.51 -18.71 60.17
C ILE N 123 -50.08 -19.81 59.28
N ARG N 124 -49.78 -21.06 59.62
CA ARG N 124 -50.26 -22.20 58.87
C ARG N 124 -51.54 -22.71 59.49
N ARG N 125 -52.62 -22.73 58.71
CA ARG N 125 -53.92 -23.21 59.16
C ARG N 125 -54.24 -24.51 58.44
N VAL N 126 -54.18 -25.62 59.16
CA VAL N 126 -54.43 -26.94 58.60
C VAL N 126 -55.65 -27.52 59.30
N ARG N 127 -56.66 -27.92 58.51
CA ARG N 127 -57.88 -28.49 59.04
C ARG N 127 -57.78 -30.01 58.97
N MET N 128 -58.10 -30.67 60.08
CA MET N 128 -58.02 -32.12 60.11
C MET N 128 -59.19 -32.74 59.35
N ARG N 129 -58.98 -33.99 58.91
CA ARG N 129 -60.06 -34.73 58.30
C ARG N 129 -61.15 -35.00 59.33
N PRO N 130 -62.42 -35.04 58.91
CA PRO N 130 -63.50 -35.28 59.86
C PRO N 130 -63.34 -36.63 60.57
N GLY N 131 -63.65 -36.64 61.85
CA GLY N 131 -63.48 -37.82 62.67
C GLY N 131 -62.09 -37.99 63.24
N VAL N 132 -61.15 -37.10 62.92
CA VAL N 132 -59.79 -37.16 63.44
C VAL N 132 -59.61 -36.02 64.43
N ALA N 133 -59.14 -36.36 65.63
CA ALA N 133 -58.93 -35.40 66.69
C ALA N 133 -57.44 -35.22 66.93
N CYS N 134 -56.96 -33.99 66.85
CA CYS N 134 -55.57 -33.66 67.13
C CYS N 134 -55.46 -33.01 68.50
N SER N 135 -54.31 -33.24 69.15
CA SER N 135 -54.10 -32.70 70.48
C SER N 135 -52.61 -32.60 70.75
N VAL N 136 -52.25 -31.78 71.73
CA VAL N 136 -50.88 -31.61 72.18
C VAL N 136 -50.64 -32.60 73.32
N SER N 137 -49.56 -33.37 73.21
CA SER N 137 -49.23 -34.35 74.24
C SER N 137 -48.94 -33.66 75.57
N GLN N 138 -49.46 -34.23 76.64
CA GLN N 138 -49.22 -33.75 77.98
C GLN N 138 -47.99 -34.39 78.63
N ALA N 139 -47.38 -35.36 77.97
CA ALA N 139 -46.20 -36.03 78.51
C ALA N 139 -44.92 -35.58 77.82
N GLN N 140 -45.03 -34.86 76.71
CA GLN N 140 -43.86 -34.41 75.96
C GLN N 140 -44.02 -32.94 75.60
N LYS N 141 -42.87 -32.26 75.50
CA LYS N 141 -42.88 -30.82 75.28
C LYS N 141 -43.25 -30.48 73.83
N ASP N 142 -42.77 -31.28 72.87
CA ASP N 142 -43.05 -31.06 71.45
C ASP N 142 -43.55 -32.38 70.87
N GLU N 143 -44.85 -32.62 70.98
CA GLU N 143 -45.45 -33.82 70.42
C GLU N 143 -46.92 -33.53 70.11
N LEU N 144 -47.35 -33.92 68.91
CA LEU N 144 -48.73 -33.79 68.51
C LEU N 144 -49.39 -35.17 68.48
N ILE N 145 -50.57 -35.25 69.09
CA ILE N 145 -51.30 -36.51 69.21
C ILE N 145 -52.50 -36.43 68.28
N LEU N 146 -52.53 -37.31 67.28
CA LEU N 146 -53.64 -37.41 66.34
C LEU N 146 -54.36 -38.73 66.60
N GLU N 147 -55.66 -38.64 66.86
CA GLU N 147 -56.47 -39.81 67.17
C GLU N 147 -57.67 -39.88 66.24
N GLY N 148 -58.03 -41.10 65.86
CA GLY N 148 -59.17 -41.31 64.99
C GLY N 148 -59.38 -42.79 64.75
N ASN N 149 -60.44 -43.09 64.02
CA ASN N 149 -60.81 -44.47 63.73
C ASN N 149 -60.27 -44.96 62.40
N ASP N 150 -60.28 -44.13 61.36
CA ASP N 150 -59.87 -44.54 60.03
C ASP N 150 -58.38 -44.23 59.85
N ILE N 151 -57.61 -45.25 59.45
CA ILE N 151 -56.17 -45.09 59.30
C ILE N 151 -55.85 -44.09 58.18
N GLU N 152 -56.60 -44.17 57.07
CA GLU N 152 -56.32 -43.28 55.94
C GLU N 152 -56.52 -41.83 56.32
N LEU N 153 -57.61 -41.52 57.01
CA LEU N 153 -57.87 -40.13 57.39
C LEU N 153 -56.82 -39.60 58.36
N VAL N 154 -56.47 -40.41 59.37
CA VAL N 154 -55.49 -39.97 60.37
C VAL N 154 -54.13 -39.74 59.72
N SER N 155 -53.68 -40.69 58.92
CA SER N 155 -52.38 -40.56 58.28
C SER N 155 -52.39 -39.44 57.23
N ASN N 156 -53.54 -39.20 56.60
CA ASN N 156 -53.66 -38.08 55.67
C ASN N 156 -53.53 -36.74 56.40
N SER N 157 -54.18 -36.63 57.57
CA SER N 157 -54.03 -35.41 58.36
C SER N 157 -52.58 -35.25 58.82
N ALA N 158 -51.94 -36.35 59.23
CA ALA N 158 -50.54 -36.28 59.64
C ALA N 158 -49.66 -35.84 58.49
N ALA N 159 -49.91 -36.36 57.28
CA ALA N 159 -49.15 -35.94 56.11
C ALA N 159 -49.38 -34.48 55.78
N LEU N 160 -50.62 -34.00 55.94
CA LEU N 160 -50.88 -32.58 55.71
C LEU N 160 -50.11 -31.72 56.68
N ILE N 161 -50.07 -32.11 57.95
CA ILE N 161 -49.30 -31.36 58.94
C ILE N 161 -47.81 -31.40 58.60
N GLN N 162 -47.31 -32.59 58.23
CA GLN N 162 -45.89 -32.74 57.95
C GLN N 162 -45.47 -31.92 56.74
N GLN N 163 -46.28 -31.93 55.68
CA GLN N 163 -45.97 -31.16 54.49
C GLN N 163 -46.22 -29.67 54.67
N ALA N 164 -47.06 -29.30 55.64
CA ALA N 164 -47.33 -27.89 55.89
C ALA N 164 -46.06 -27.16 56.35
N THR N 165 -45.27 -27.81 57.20
CA THR N 165 -44.00 -27.24 57.65
C THR N 165 -42.87 -27.77 56.78
N THR N 166 -42.75 -27.17 55.60
CA THR N 166 -41.76 -27.56 54.61
C THR N 166 -40.83 -26.40 54.34
N VAL N 167 -39.53 -26.64 54.48
CA VAL N 167 -38.54 -25.60 54.22
C VAL N 167 -38.39 -25.42 52.72
N LYS N 168 -38.30 -24.17 52.27
CA LYS N 168 -38.25 -23.84 50.86
C LYS N 168 -37.01 -23.04 50.56
N ASN N 169 -36.47 -23.24 49.35
CA ASN N 169 -35.31 -22.49 48.83
C ASN N 169 -34.09 -22.62 49.72
N LYS N 170 -34.02 -23.69 50.50
CA LYS N 170 -32.90 -23.92 51.40
C LYS N 170 -32.48 -25.37 51.33
N ASP N 171 -31.24 -25.63 51.73
CA ASP N 171 -30.74 -27.00 51.78
C ASP N 171 -31.44 -27.74 52.90
N ILE N 172 -32.46 -28.53 52.54
CA ILE N 172 -33.29 -29.18 53.54
C ILE N 172 -32.51 -30.21 54.36
N ARG N 173 -31.39 -30.69 53.84
CA ARG N 173 -30.55 -31.59 54.63
C ARG N 173 -29.97 -30.90 55.86
N LYS N 174 -29.52 -29.65 55.72
CA LYS N 174 -29.06 -28.89 56.87
C LYS N 174 -30.19 -28.31 57.69
N PHE N 175 -31.20 -27.73 57.04
CA PHE N 175 -32.36 -27.18 57.73
C PHE N 175 -33.39 -28.30 57.88
N LEU N 176 -33.36 -28.94 59.04
CA LEU N 176 -34.17 -30.11 59.32
C LEU N 176 -35.44 -29.80 60.09
N ASP N 177 -35.86 -28.53 60.13
CA ASP N 177 -37.00 -28.16 60.94
C ASP N 177 -38.30 -28.69 60.37
N GLY N 178 -39.31 -28.78 61.21
CA GLY N 178 -40.63 -29.19 60.78
C GLY N 178 -41.25 -30.14 61.78
N ILE N 179 -42.45 -30.60 61.44
CA ILE N 179 -43.18 -31.58 62.22
C ILE N 179 -43.18 -32.88 61.42
N TYR N 180 -42.72 -33.96 62.05
CA TYR N 180 -42.58 -35.25 61.39
C TYR N 180 -43.14 -36.35 62.27
N VAL N 181 -43.69 -37.38 61.64
CA VAL N 181 -44.32 -38.47 62.36
C VAL N 181 -43.26 -39.29 63.06
N SER N 182 -43.37 -39.40 64.38
CA SER N 182 -42.43 -40.23 65.13
C SER N 182 -42.79 -41.71 65.03
N GLU N 183 -44.03 -42.06 65.38
CA GLU N 183 -44.46 -43.44 65.36
C GLU N 183 -45.93 -43.49 64.96
N LYS N 184 -46.33 -44.64 64.42
CA LYS N 184 -47.73 -44.93 64.13
C LYS N 184 -48.19 -45.98 65.13
N GLY N 185 -49.07 -45.57 66.04
CA GLY N 185 -49.47 -46.44 67.12
C GLY N 185 -50.98 -46.58 67.26
N THR N 186 -51.41 -47.16 68.38
CA THR N 186 -52.81 -47.46 68.62
C THR N 186 -53.30 -46.71 69.86
N VAL N 187 -54.61 -46.75 70.06
CA VAL N 187 -55.22 -46.25 71.27
C VAL N 187 -55.60 -47.46 72.11
N GLN N 188 -55.59 -47.28 73.43
CA GLN N 188 -56.07 -48.25 74.42
C GLN N 188 -55.12 -49.45 74.56
N GLN N 189 -54.13 -49.53 73.67
CA GLN N 189 -53.02 -50.48 73.76
C GLN N 189 -53.48 -51.91 74.00
N ALA N 190 -54.58 -52.31 73.37
CA ALA N 190 -55.14 -53.64 73.59
C ALA N 190 -54.97 -54.54 72.38
N GLY O 1 -12.84 -34.40 12.42
CA GLY O 1 -11.84 -34.91 11.49
C GLY O 1 -12.29 -36.18 10.80
N ARG O 2 -12.87 -37.09 11.57
CA ARG O 2 -13.36 -38.36 11.05
C ARG O 2 -14.88 -38.30 10.91
N ARG O 3 -15.38 -38.87 9.81
CA ARG O 3 -16.81 -38.90 9.58
C ARG O 3 -17.49 -39.80 10.61
N PRO O 4 -18.77 -39.56 10.88
CA PRO O 4 -19.53 -40.48 11.74
C PRO O 4 -19.58 -41.87 11.12
N ALA O 5 -19.55 -42.88 11.98
CA ALA O 5 -19.48 -44.27 11.54
C ALA O 5 -20.72 -44.71 10.75
N ARG O 6 -21.83 -43.99 10.86
CA ARG O 6 -23.03 -44.37 10.13
C ARG O 6 -22.85 -44.25 8.63
N CYS O 7 -21.94 -43.41 8.17
CA CYS O 7 -21.76 -43.21 6.73
C CYS O 7 -21.04 -44.37 6.07
N TYR O 8 -20.32 -45.18 6.84
CA TYR O 8 -19.57 -46.31 6.29
C TYR O 8 -19.95 -47.59 7.01
N ARG O 9 -21.19 -47.66 7.49
CA ARG O 9 -21.64 -48.83 8.23
C ARG O 9 -21.80 -50.05 7.33
N TYR O 10 -22.31 -49.84 6.12
CA TYR O 10 -22.76 -50.95 5.27
C TYR O 10 -21.69 -51.35 4.28
N CYS O 11 -21.80 -52.58 3.78
CA CYS O 11 -20.87 -53.12 2.79
C CYS O 11 -21.42 -52.83 1.41
N LYS O 12 -21.55 -51.54 1.10
CA LYS O 12 -22.20 -51.12 -0.14
C LYS O 12 -21.32 -51.32 -1.36
N ASN O 13 -20.00 -51.28 -1.21
CA ASN O 13 -19.10 -51.36 -2.36
C ASN O 13 -18.41 -52.71 -2.41
N LYS O 14 -17.66 -52.93 -3.49
CA LYS O 14 -16.80 -54.09 -3.60
C LYS O 14 -15.57 -53.90 -2.73
N PRO O 15 -14.92 -55.00 -2.33
CA PRO O 15 -13.70 -54.86 -1.51
C PRO O 15 -12.63 -54.05 -2.22
N TYR O 16 -11.95 -53.22 -1.45
CA TYR O 16 -10.99 -52.25 -1.99
C TYR O 16 -9.70 -52.32 -1.17
N PRO O 17 -8.91 -53.37 -1.35
CA PRO O 17 -7.72 -53.55 -0.52
C PRO O 17 -6.60 -52.58 -0.89
N LYS O 18 -5.73 -52.35 0.08
CA LYS O 18 -4.55 -51.52 -0.12
C LYS O 18 -3.53 -52.29 -0.94
N SER O 19 -3.29 -51.85 -2.16
CA SER O 19 -2.40 -52.55 -3.07
C SER O 19 -1.76 -51.54 -4.00
N ARG O 20 -1.14 -52.04 -5.08
CA ARG O 20 -0.50 -51.18 -6.06
C ARG O 20 -1.48 -50.32 -6.84
N PHE O 21 -2.77 -50.61 -6.76
CA PHE O 21 -3.82 -49.80 -7.37
C PHE O 21 -4.33 -48.71 -6.43
N CYS O 22 -4.37 -48.99 -5.13
CA CYS O 22 -4.79 -48.01 -4.13
C CYS O 22 -3.58 -47.68 -3.27
N ARG O 23 -2.90 -46.59 -3.61
CA ARG O 23 -1.70 -46.15 -2.91
C ARG O 23 -2.04 -44.99 -1.98
N GLY O 24 -1.13 -44.71 -1.04
CA GLY O 24 -1.32 -43.61 -0.13
C GLY O 24 -2.32 -43.86 0.97
N VAL O 25 -2.57 -45.12 1.31
CA VAL O 25 -3.52 -45.44 2.37
C VAL O 25 -2.88 -45.12 3.72
N PRO O 26 -3.58 -44.40 4.60
CA PRO O 26 -3.05 -44.19 5.95
C PRO O 26 -3.01 -45.49 6.73
N ASP O 27 -2.09 -45.56 7.68
CA ASP O 27 -1.97 -46.74 8.51
C ASP O 27 -3.20 -46.91 9.39
N ALA O 28 -3.51 -48.16 9.72
CA ALA O 28 -4.69 -48.46 10.51
C ALA O 28 -4.56 -47.92 11.92
N LYS O 29 -5.72 -47.58 12.51
CA LYS O 29 -5.73 -47.15 13.90
C LYS O 29 -5.34 -48.28 14.84
N ILE O 30 -5.65 -49.52 14.48
CA ILE O 30 -5.28 -50.69 15.26
C ILE O 30 -4.02 -51.30 14.65
N ARG O 31 -3.07 -51.67 15.52
CA ARG O 31 -1.84 -52.31 15.09
C ARG O 31 -1.53 -53.58 15.89
N ILE O 32 -2.12 -53.73 17.07
CA ILE O 32 -1.88 -54.88 17.94
C ILE O 32 -3.12 -55.76 17.87
N PHE O 33 -2.91 -57.07 17.75
CA PHE O 33 -4.02 -58.00 17.61
C PHE O 33 -4.01 -59.12 18.64
N ASP O 34 -2.90 -59.34 19.35
CA ASP O 34 -2.83 -60.32 20.43
C ASP O 34 -2.25 -59.65 21.67
N LEU O 35 -2.94 -59.80 22.80
CA LEU O 35 -2.53 -59.18 24.04
C LEU O 35 -2.49 -60.25 25.13
N GLY O 36 -2.18 -59.82 26.35
CA GLY O 36 -2.11 -60.73 27.47
C GLY O 36 -0.89 -61.64 27.39
N ARG O 37 -0.95 -62.71 28.16
CA ARG O 37 0.13 -63.71 28.19
C ARG O 37 0.00 -64.56 26.93
N LYS O 38 0.52 -64.06 25.82
CA LYS O 38 0.42 -64.76 24.55
C LYS O 38 1.23 -66.05 24.56
N LYS O 39 2.29 -66.11 25.36
CA LYS O 39 3.17 -67.27 25.38
C LYS O 39 2.65 -68.40 26.26
N ALA O 40 1.50 -68.22 26.90
CA ALA O 40 0.93 -69.30 27.71
C ALA O 40 0.60 -70.50 26.84
N LYS O 41 0.81 -71.69 27.38
CA LYS O 41 0.61 -72.91 26.62
C LYS O 41 -0.88 -73.17 26.40
N VAL O 42 -1.18 -74.23 25.66
CA VAL O 42 -2.56 -74.54 25.30
C VAL O 42 -3.36 -74.94 26.52
N ASP O 43 -2.79 -75.76 27.39
CA ASP O 43 -3.47 -76.17 28.61
C ASP O 43 -3.72 -75.02 29.56
N GLU O 44 -2.93 -73.95 29.47
CA GLU O 44 -2.99 -72.88 30.46
C GLU O 44 -4.31 -72.13 30.38
N PHE O 45 -4.87 -71.96 29.18
CA PHE O 45 -6.09 -71.20 28.97
C PHE O 45 -7.11 -72.11 28.30
N PRO O 46 -7.78 -72.96 29.07
CA PRO O 46 -8.72 -73.92 28.48
C PRO O 46 -10.00 -73.26 27.96
N LEU O 47 -10.55 -72.36 28.76
CA LEU O 47 -11.82 -71.72 28.41
C LEU O 47 -11.59 -70.66 27.34
N GLY O 48 -12.40 -70.71 26.29
CA GLY O 48 -12.31 -69.73 25.23
C GLY O 48 -13.66 -69.13 24.89
N GLY O 49 -13.82 -67.83 25.11
CA GLY O 49 -15.07 -67.17 24.85
C GLY O 49 -14.99 -66.22 23.68
N HIS O 50 -15.92 -66.32 22.74
CA HIS O 50 -15.91 -65.51 21.54
C HIS O 50 -17.10 -64.56 21.51
N MET O 51 -16.90 -63.43 20.82
CA MET O 51 -17.95 -62.47 20.55
C MET O 51 -18.23 -62.49 19.06
N VAL O 52 -19.50 -62.65 18.70
CA VAL O 52 -19.89 -62.91 17.31
C VAL O 52 -20.90 -61.86 16.87
N SER O 53 -20.69 -61.29 15.70
CA SER O 53 -21.60 -60.31 15.13
C SER O 53 -22.86 -60.99 14.60
N ASP O 54 -23.90 -60.19 14.40
CA ASP O 54 -25.14 -60.64 13.79
C ASP O 54 -25.59 -59.76 12.64
N GLU O 55 -24.76 -58.82 12.19
CA GLU O 55 -25.08 -57.95 11.07
C GLU O 55 -23.91 -57.94 10.10
N TYR O 56 -24.23 -58.08 8.82
CA TYR O 56 -23.22 -58.05 7.77
C TYR O 56 -22.87 -56.59 7.50
N GLU O 57 -21.86 -56.10 8.21
CA GLU O 57 -21.57 -54.68 8.24
C GLU O 57 -20.06 -54.48 8.15
N GLN O 58 -19.64 -53.21 8.16
CA GLN O 58 -18.24 -52.84 8.20
C GLN O 58 -17.93 -52.22 9.55
N LEU O 59 -16.86 -52.68 10.18
CA LEU O 59 -16.43 -52.15 11.47
C LEU O 59 -15.14 -51.36 11.26
N SER O 60 -15.14 -50.12 11.75
CA SER O 60 -13.97 -49.26 11.59
C SER O 60 -12.82 -49.75 12.47
N SER O 61 -11.60 -49.48 11.99
CA SER O 61 -10.41 -49.84 12.74
C SER O 61 -10.35 -49.14 14.09
N GLU O 62 -10.77 -47.87 14.12
CA GLU O 62 -10.78 -47.12 15.38
C GLU O 62 -11.72 -47.75 16.40
N ALA O 63 -12.89 -48.22 15.95
CA ALA O 63 -13.80 -48.92 16.86
C ALA O 63 -13.16 -50.20 17.38
N LEU O 64 -12.44 -50.92 16.52
CA LEU O 64 -11.73 -52.11 16.95
C LEU O 64 -10.68 -51.80 18.00
N GLU O 65 -9.93 -50.71 17.80
CA GLU O 65 -8.94 -50.29 18.78
C GLU O 65 -9.58 -49.94 20.11
N ALA O 66 -10.70 -49.21 20.08
CA ALA O 66 -11.39 -48.84 21.30
C ALA O 66 -11.90 -50.07 22.04
N ALA O 67 -12.51 -51.01 21.32
CA ALA O 67 -13.01 -52.23 21.94
C ALA O 67 -11.88 -53.06 22.53
N ARG O 68 -10.76 -53.16 21.82
CA ARG O 68 -9.62 -53.91 22.32
C ARG O 68 -9.09 -53.28 23.61
N ILE O 69 -8.98 -51.95 23.64
CA ILE O 69 -8.49 -51.27 24.83
C ILE O 69 -9.42 -51.50 26.00
N CYS O 70 -10.74 -51.36 25.78
CA CYS O 70 -11.70 -51.53 26.87
C CYS O 70 -11.67 -52.96 27.41
N ALA O 71 -11.67 -53.94 26.51
CA ALA O 71 -11.62 -55.33 26.95
C ALA O 71 -10.32 -55.64 27.68
N ASN O 72 -9.19 -55.12 27.19
CA ASN O 72 -7.92 -55.35 27.86
C ASN O 72 -7.92 -54.75 29.26
N LYS O 73 -8.42 -53.53 29.40
CA LYS O 73 -8.43 -52.89 30.72
C LYS O 73 -9.31 -53.67 31.69
N TYR O 74 -10.51 -54.08 31.26
CA TYR O 74 -11.37 -54.80 32.19
C TYR O 74 -10.79 -56.18 32.53
N MET O 75 -10.20 -56.87 31.55
CA MET O 75 -9.60 -58.16 31.83
C MET O 75 -8.41 -58.03 32.78
N VAL O 76 -7.60 -57.00 32.60
CA VAL O 76 -6.48 -56.78 33.52
C VAL O 76 -6.99 -56.49 34.92
N LYS O 77 -8.05 -55.68 35.03
CA LYS O 77 -8.61 -55.39 36.33
C LYS O 77 -9.17 -56.64 37.00
N SER O 78 -9.83 -57.50 36.23
CA SER O 78 -10.50 -58.65 36.80
C SER O 78 -9.55 -59.83 37.06
N CYS O 79 -8.95 -60.37 36.01
CA CYS O 79 -8.16 -61.59 36.11
C CYS O 79 -6.66 -61.34 36.14
N GLY O 80 -6.22 -60.09 36.19
CA GLY O 80 -4.82 -59.79 36.12
C GLY O 80 -4.31 -59.74 34.70
N ARG O 81 -3.15 -59.10 34.53
CA ARG O 81 -2.61 -58.89 33.19
C ARG O 81 -1.96 -60.14 32.61
N ASP O 82 -1.80 -61.20 33.41
CA ASP O 82 -1.12 -62.40 32.97
C ASP O 82 -2.04 -63.61 32.89
N GLY O 83 -3.32 -63.46 33.24
CA GLY O 83 -4.24 -64.58 33.28
C GLY O 83 -5.11 -64.76 32.05
N PHE O 84 -4.82 -64.05 30.96
CA PHE O 84 -5.69 -64.15 29.79
C PHE O 84 -4.87 -63.87 28.54
N HIS O 85 -5.40 -64.31 27.40
CA HIS O 85 -4.81 -64.05 26.09
C HIS O 85 -5.93 -63.74 25.11
N MET O 86 -6.02 -62.50 24.68
CA MET O 86 -7.03 -62.07 23.74
C MET O 86 -6.49 -62.17 22.31
N ARG O 87 -7.40 -62.13 21.34
CA ARG O 87 -7.02 -62.18 19.95
C ARG O 87 -8.09 -61.48 19.11
N VAL O 88 -7.72 -60.37 18.49
CA VAL O 88 -8.62 -59.67 17.58
C VAL O 88 -8.63 -60.41 16.25
N ARG O 89 -9.78 -60.96 15.88
CA ARG O 89 -9.90 -61.80 14.70
C ARG O 89 -10.38 -61.03 13.48
N LEU O 90 -10.14 -59.73 13.43
CA LEU O 90 -10.53 -58.91 12.28
C LEU O 90 -9.38 -58.00 11.91
N HIS O 91 -9.30 -57.66 10.63
CA HIS O 91 -8.29 -56.76 10.11
C HIS O 91 -8.92 -55.79 9.13
N PRO O 92 -8.71 -54.49 9.29
CA PRO O 92 -9.31 -53.52 8.36
C PRO O 92 -8.62 -53.52 7.00
N PHE O 93 -8.98 -54.51 6.18
CA PHE O 93 -8.41 -54.68 4.86
C PHE O 93 -9.19 -53.97 3.77
N HIS O 94 -10.32 -53.33 4.10
CA HIS O 94 -11.13 -52.61 3.14
C HIS O 94 -10.93 -51.12 3.35
N VAL O 95 -10.67 -50.40 2.27
CA VAL O 95 -10.39 -48.97 2.33
C VAL O 95 -11.64 -48.19 1.96
N ILE O 96 -11.97 -47.18 2.75
CA ILE O 96 -13.11 -46.31 2.49
C ILE O 96 -12.62 -45.02 1.85
N ARG O 97 -13.40 -44.50 0.92
CA ARG O 97 -13.07 -43.28 0.21
C ARG O 97 -13.95 -42.13 0.68
N ILE O 98 -13.43 -40.91 0.53
CA ILE O 98 -14.17 -39.70 0.86
C ILE O 98 -13.98 -38.71 -0.28
N ASN O 99 -15.07 -38.10 -0.72
CA ASN O 99 -15.02 -37.06 -1.75
C ASN O 99 -14.98 -35.73 -1.02
N LYS O 100 -13.76 -35.23 -0.80
CA LYS O 100 -13.57 -34.05 0.04
C LYS O 100 -14.13 -32.81 -0.64
N MET O 101 -14.90 -32.04 0.12
CA MET O 101 -15.45 -30.77 -0.34
C MET O 101 -14.79 -29.63 0.41
N LEU O 102 -14.79 -28.44 -0.21
CA LEU O 102 -14.26 -27.26 0.44
C LEU O 102 -15.32 -26.63 1.33
N SER O 103 -15.09 -26.66 2.64
CA SER O 103 -16.08 -26.23 3.63
C SER O 103 -16.05 -24.72 3.83
N CYS O 104 -16.46 -23.97 2.81
CA CYS O 104 -16.57 -22.52 2.88
C CYS O 104 -17.94 -22.10 2.35
N ALA O 105 -18.21 -20.80 2.42
CA ALA O 105 -19.47 -20.24 1.94
C ALA O 105 -19.38 -19.87 0.46
N GLY O 106 -18.93 -20.84 -0.34
CA GLY O 106 -18.82 -20.64 -1.77
C GLY O 106 -18.60 -21.90 -2.56
N ALA O 107 -19.41 -22.11 -3.59
CA ALA O 107 -19.25 -23.22 -4.50
C ALA O 107 -18.50 -22.85 -5.77
N ASP O 108 -18.38 -21.56 -6.06
CA ASP O 108 -17.58 -21.08 -7.18
C ASP O 108 -16.10 -21.40 -7.01
N ARG O 109 -15.65 -21.67 -5.78
CA ARG O 109 -14.27 -22.00 -5.49
C ARG O 109 -14.05 -23.48 -5.88
N LEU O 110 -13.97 -23.70 -7.19
CA LEU O 110 -13.58 -24.97 -7.81
C LEU O 110 -14.23 -26.20 -7.19
N GLN O 111 -15.49 -26.07 -6.75
CA GLN O 111 -16.11 -27.20 -6.08
C GLN O 111 -16.44 -28.31 -7.05
N THR O 112 -16.81 -27.96 -8.28
CA THR O 112 -17.04 -28.87 -9.41
C THR O 112 -18.20 -29.85 -9.15
N GLY O 113 -18.87 -29.70 -8.02
CA GLY O 113 -20.00 -30.57 -7.71
C GLY O 113 -19.59 -32.03 -7.66
N MET O 114 -20.34 -32.87 -8.38
CA MET O 114 -20.10 -34.31 -8.42
C MET O 114 -19.13 -34.71 -9.51
N ARG O 115 -18.55 -33.74 -10.23
CA ARG O 115 -17.60 -34.05 -11.28
C ARG O 115 -16.29 -34.54 -10.67
N GLY O 116 -15.79 -35.66 -11.20
CA GLY O 116 -14.59 -36.27 -10.66
C GLY O 116 -14.77 -36.70 -9.22
N ALA O 117 -15.89 -37.33 -8.92
CA ALA O 117 -16.29 -37.59 -7.55
C ALA O 117 -15.48 -38.67 -6.86
N PHE O 118 -14.64 -39.41 -7.59
CA PHE O 118 -13.89 -40.51 -6.99
C PHE O 118 -12.99 -39.98 -5.88
N GLY O 119 -13.09 -40.61 -4.71
CA GLY O 119 -12.50 -40.07 -3.50
C GLY O 119 -11.19 -40.73 -3.11
N LYS O 120 -10.47 -40.02 -2.24
CA LYS O 120 -9.21 -40.34 -1.60
C LYS O 120 -9.43 -41.31 -0.44
N PRO O 121 -8.43 -42.11 -0.10
CA PRO O 121 -8.58 -43.07 1.01
C PRO O 121 -8.77 -42.35 2.34
N GLN O 122 -9.97 -42.48 2.90
CA GLN O 122 -10.25 -41.91 4.21
C GLN O 122 -9.67 -42.77 5.32
N GLY O 123 -9.89 -44.07 5.26
CA GLY O 123 -9.42 -44.96 6.30
C GLY O 123 -9.62 -46.41 5.90
N THR O 124 -9.48 -47.28 6.89
CA THR O 124 -9.61 -48.72 6.67
C THR O 124 -10.63 -49.31 7.62
N VAL O 125 -11.56 -50.10 7.08
CA VAL O 125 -12.58 -50.78 7.86
C VAL O 125 -12.51 -52.27 7.55
N ALA O 126 -13.07 -53.07 8.44
CA ALA O 126 -13.09 -54.51 8.29
C ALA O 126 -14.51 -54.99 8.04
N ARG O 127 -14.65 -55.92 7.10
CA ARG O 127 -15.95 -56.48 6.76
C ARG O 127 -16.23 -57.68 7.65
N VAL O 128 -17.38 -57.67 8.33
CA VAL O 128 -17.80 -58.76 9.20
C VAL O 128 -19.10 -59.33 8.67
N HIS O 129 -19.20 -60.66 8.72
CA HIS O 129 -20.41 -61.36 8.30
C HIS O 129 -21.23 -61.73 9.52
N ILE O 130 -22.49 -62.09 9.25
CA ILE O 130 -23.34 -62.64 10.31
C ILE O 130 -22.80 -64.01 10.69
N GLY O 131 -22.65 -64.26 11.98
CA GLY O 131 -22.06 -65.49 12.45
C GLY O 131 -20.55 -65.49 12.48
N GLN O 132 -19.91 -64.33 12.30
CA GLN O 132 -18.47 -64.25 12.30
C GLN O 132 -17.95 -63.82 13.67
N VAL O 133 -16.87 -64.45 14.10
CA VAL O 133 -16.23 -64.13 15.37
C VAL O 133 -15.45 -62.83 15.19
N ILE O 134 -15.65 -61.90 16.12
CA ILE O 134 -14.94 -60.64 16.10
C ILE O 134 -13.70 -60.68 16.97
N MET O 135 -13.90 -60.96 18.26
CA MET O 135 -12.81 -61.05 19.23
C MET O 135 -12.81 -62.42 19.87
N SER O 136 -11.63 -62.86 20.30
CA SER O 136 -11.47 -64.15 20.95
C SER O 136 -10.63 -63.97 22.19
N ILE O 137 -11.19 -64.36 23.35
CA ILE O 137 -10.51 -64.26 24.63
C ILE O 137 -10.46 -65.65 25.25
N ARG O 138 -9.27 -66.06 25.70
CA ARG O 138 -9.08 -67.34 26.35
C ARG O 138 -8.38 -67.12 27.69
N THR O 139 -8.77 -67.91 28.69
CA THR O 139 -8.27 -67.76 30.05
C THR O 139 -8.57 -69.04 30.82
N LYS O 140 -8.40 -68.98 32.14
CA LYS O 140 -8.77 -70.07 33.02
C LYS O 140 -10.27 -70.36 32.91
N LEU O 141 -10.65 -71.57 33.33
CA LEU O 141 -12.04 -71.98 33.26
C LEU O 141 -12.92 -71.22 34.25
N GLN O 142 -12.40 -70.87 35.41
CA GLN O 142 -13.20 -70.23 36.45
C GLN O 142 -13.42 -68.75 36.20
N ASN O 143 -12.80 -68.17 35.17
CA ASN O 143 -12.95 -66.75 34.86
C ASN O 143 -14.05 -66.49 33.83
N GLU O 144 -15.07 -67.35 33.80
CA GLU O 144 -16.09 -67.25 32.75
C GLU O 144 -16.87 -65.94 32.83
N GLU O 145 -17.28 -65.55 34.04
CA GLU O 145 -18.07 -64.33 34.19
C GLU O 145 -17.27 -63.11 33.81
N HIS O 146 -15.96 -63.12 34.09
CA HIS O 146 -15.11 -62.00 33.69
C HIS O 146 -15.03 -61.86 32.18
N VAL O 147 -14.89 -62.99 31.47
CA VAL O 147 -14.88 -62.95 30.01
C VAL O 147 -16.20 -62.44 29.48
N ILE O 148 -17.31 -62.93 30.03
CA ILE O 148 -18.63 -62.50 29.57
C ILE O 148 -18.81 -61.00 29.80
N GLU O 149 -18.42 -60.51 30.98
CA GLU O 149 -18.59 -59.09 31.27
C GLU O 149 -17.68 -58.24 30.39
N ALA O 150 -16.45 -58.68 30.16
CA ALA O 150 -15.53 -57.91 29.33
C ALA O 150 -16.03 -57.84 27.89
N LEU O 151 -16.53 -58.95 27.36
CA LEU O 151 -17.09 -58.91 26.02
C LEU O 151 -18.36 -58.07 25.96
N ARG O 152 -19.16 -58.06 27.02
CA ARG O 152 -20.35 -57.22 27.05
C ARG O 152 -19.95 -55.74 27.07
N ARG O 153 -18.86 -55.41 27.76
CA ARG O 153 -18.42 -54.02 27.81
C ARG O 153 -17.83 -53.56 26.49
N ALA O 154 -17.18 -54.47 25.75
CA ALA O 154 -16.61 -54.11 24.45
C ALA O 154 -17.68 -53.99 23.37
N LYS O 155 -18.86 -54.57 23.58
CA LYS O 155 -19.93 -54.49 22.59
C LYS O 155 -20.40 -53.05 22.38
N PHE O 156 -20.33 -52.23 23.42
CA PHE O 156 -20.80 -50.85 23.33
C PHE O 156 -19.94 -50.00 22.41
N LYS O 157 -18.75 -50.45 22.05
CA LYS O 157 -17.90 -49.74 21.11
C LYS O 157 -18.19 -50.06 19.66
N PHE O 158 -19.18 -50.93 19.41
CA PHE O 158 -19.45 -51.37 18.05
C PHE O 158 -20.89 -51.05 17.67
N PRO O 159 -21.12 -50.67 16.41
CA PRO O 159 -22.45 -50.23 15.99
C PRO O 159 -23.50 -51.33 16.01
N GLY O 160 -23.19 -52.46 15.38
CA GLY O 160 -24.16 -53.51 15.16
C GLY O 160 -24.48 -54.30 16.41
N ARG O 161 -25.32 -55.31 16.23
CA ARG O 161 -25.72 -56.20 17.31
C ARG O 161 -24.79 -57.40 17.34
N GLN O 162 -24.24 -57.70 18.51
CA GLN O 162 -23.26 -58.76 18.68
C GLN O 162 -23.71 -59.71 19.77
N LYS O 163 -23.37 -60.99 19.60
CA LYS O 163 -23.65 -62.00 20.61
C LYS O 163 -22.38 -62.42 21.32
N ILE O 164 -22.54 -62.84 22.56
CA ILE O 164 -21.45 -63.39 23.37
C ILE O 164 -21.66 -64.89 23.49
N HIS O 165 -20.64 -65.66 23.12
CA HIS O 165 -20.78 -67.11 23.05
C HIS O 165 -19.60 -67.78 23.74
N ILE O 166 -19.89 -68.87 24.45
CA ILE O 166 -18.85 -69.71 25.04
C ILE O 166 -18.59 -70.86 24.07
N SER O 167 -17.39 -70.89 23.50
CA SER O 167 -17.06 -71.91 22.53
C SER O 167 -16.90 -73.27 23.19
N LYS O 168 -17.19 -74.32 22.43
CA LYS O 168 -16.93 -75.68 22.86
C LYS O 168 -15.56 -76.18 22.45
N LYS O 169 -14.75 -75.32 21.83
CA LYS O 169 -13.39 -75.68 21.49
C LYS O 169 -12.41 -75.30 22.60
N TRP O 170 -11.39 -76.14 22.76
CA TRP O 170 -10.38 -75.94 23.80
C TRP O 170 -9.44 -74.83 23.36
N GLY O 171 -9.43 -73.73 24.12
CA GLY O 171 -8.54 -72.62 23.80
C GLY O 171 -8.88 -72.03 22.45
N PHE O 172 -7.84 -71.62 21.73
CA PHE O 172 -8.00 -71.10 20.38
C PHE O 172 -7.88 -72.18 19.33
N THR O 173 -7.75 -73.43 19.74
CA THR O 173 -7.68 -74.54 18.79
C THR O 173 -9.07 -74.85 18.23
N LYS O 174 -9.10 -75.72 17.23
CA LYS O 174 -10.32 -76.10 16.55
C LYS O 174 -10.87 -77.45 17.00
N PHE O 175 -10.48 -77.92 18.18
CA PHE O 175 -10.89 -79.22 18.68
C PHE O 175 -11.76 -79.05 19.91
N ASN O 176 -12.71 -79.96 20.07
CA ASN O 176 -13.71 -79.85 21.13
C ASN O 176 -13.06 -79.91 22.51
N ALA O 177 -13.66 -79.19 23.46
CA ALA O 177 -13.07 -79.10 24.80
C ALA O 177 -13.07 -80.46 25.50
N ASP O 178 -14.17 -81.19 25.41
CA ASP O 178 -14.24 -82.51 26.04
C ASP O 178 -13.30 -83.51 25.37
N GLU O 179 -13.14 -83.40 24.05
CA GLU O 179 -12.34 -84.32 23.26
C GLU O 179 -10.86 -83.96 23.25
N PHE O 180 -10.47 -82.91 23.97
CA PHE O 180 -9.08 -82.44 23.89
C PHE O 180 -8.14 -83.27 24.76
N GLU O 181 -8.54 -83.56 26.00
CA GLU O 181 -7.62 -84.19 26.95
C GLU O 181 -7.19 -85.57 26.49
N ASP O 182 -8.14 -86.41 26.12
CA ASP O 182 -7.80 -87.76 25.65
C ASP O 182 -7.00 -87.73 24.36
N MET O 183 -7.30 -86.78 23.46
CA MET O 183 -6.54 -86.65 22.22
C MET O 183 -5.10 -86.28 22.49
N VAL O 184 -4.85 -85.41 23.47
CA VAL O 184 -3.48 -85.11 23.87
C VAL O 184 -2.84 -86.34 24.50
N ALA O 185 -3.61 -87.08 25.30
CA ALA O 185 -3.08 -88.27 25.97
C ALA O 185 -2.64 -89.32 24.96
N LYS O 186 -3.42 -89.52 23.91
CA LYS O 186 -3.09 -90.48 22.87
C LYS O 186 -2.25 -89.87 21.75
N LYS O 187 -1.72 -88.66 21.98
CA LYS O 187 -0.70 -88.04 21.13
C LYS O 187 -1.18 -87.79 19.71
N CYS O 188 -2.48 -87.54 19.52
CA CYS O 188 -2.94 -87.03 18.24
C CYS O 188 -2.69 -85.54 18.09
N LEU O 189 -2.37 -84.83 19.18
CA LEU O 189 -2.09 -83.41 19.16
C LEU O 189 -0.80 -83.14 19.91
N ILE O 190 0.00 -82.21 19.40
CA ILE O 190 1.26 -81.82 20.01
C ILE O 190 1.23 -80.33 20.28
N PRO O 191 1.21 -79.88 21.54
CA PRO O 191 1.18 -78.44 21.81
C PRO O 191 2.47 -77.77 21.39
N ASP O 192 2.33 -76.52 20.92
CA ASP O 192 3.48 -75.68 20.60
C ASP O 192 3.04 -74.21 20.65
N GLY O 193 3.49 -73.51 21.67
CA GLY O 193 3.02 -72.14 21.85
C GLY O 193 1.55 -72.12 22.20
N CYS O 194 0.81 -71.22 21.57
CA CYS O 194 -0.62 -71.07 21.84
C CYS O 194 -1.48 -72.08 21.10
N GLY O 195 -0.89 -72.87 20.20
CA GLY O 195 -1.65 -73.83 19.42
C GLY O 195 -1.10 -75.23 19.56
N VAL O 196 -1.77 -76.16 18.87
CA VAL O 196 -1.37 -77.56 18.86
C VAL O 196 -1.17 -77.99 17.42
N LYS O 197 -0.37 -79.04 17.24
CA LYS O 197 -0.11 -79.62 15.93
C LYS O 197 -0.88 -80.93 15.82
N TYR O 198 -1.80 -81.00 14.87
CA TYR O 198 -2.53 -82.24 14.64
C TYR O 198 -1.59 -83.26 14.01
N VAL O 199 -1.61 -84.48 14.54
CA VAL O 199 -0.75 -85.54 14.04
C VAL O 199 -1.61 -86.61 13.40
N PRO O 200 -1.81 -86.57 12.08
CA PRO O 200 -2.58 -87.63 11.42
C PRO O 200 -1.80 -88.93 11.38
N SER O 201 -2.55 -90.02 11.29
CA SER O 201 -1.95 -91.35 11.27
C SER O 201 -1.53 -91.74 9.85
N HIS O 202 -0.75 -90.88 9.21
CA HIS O 202 -0.16 -91.21 7.92
C HIS O 202 1.10 -90.38 7.74
N GLY O 203 1.97 -90.84 6.85
CA GLY O 203 3.25 -90.21 6.64
C GLY O 203 4.39 -91.14 6.97
N PRO O 204 5.61 -90.62 7.02
CA PRO O 204 6.77 -91.47 7.34
C PRO O 204 6.68 -92.01 8.75
N LEU O 205 7.20 -93.22 8.95
CA LEU O 205 7.18 -93.84 10.26
C LEU O 205 8.28 -93.30 11.17
N ASP O 206 9.26 -92.59 10.61
CA ASP O 206 10.26 -91.94 11.44
C ASP O 206 9.62 -90.91 12.35
N LYS O 207 8.68 -90.12 11.82
CA LYS O 207 7.93 -89.19 12.64
C LYS O 207 7.03 -89.89 13.64
N TRP O 208 6.62 -91.13 13.36
CA TRP O 208 5.84 -91.86 14.35
C TRP O 208 6.73 -92.36 15.49
N ARG O 209 7.93 -92.83 15.18
CA ARG O 209 8.81 -93.39 16.20
C ARG O 209 9.62 -92.35 16.94
N VAL O 210 9.74 -91.13 16.43
CA VAL O 210 10.28 -90.07 17.28
C VAL O 210 9.25 -89.72 18.35
N LEU O 211 7.97 -89.80 18.03
CA LEU O 211 6.95 -89.88 19.04
C LEU O 211 6.96 -91.27 19.68
N HIS O 212 6.25 -91.39 20.80
CA HIS O 212 6.24 -92.61 21.60
C HIS O 212 7.66 -92.99 22.04
N SER O 213 8.51 -91.97 22.24
CA SER O 213 9.91 -92.19 22.55
C SER O 213 10.52 -90.97 23.23
N LYS P 6 35.94 -106.59 -4.47
CA LYS P 6 34.88 -106.10 -3.60
C LYS P 6 34.25 -104.83 -4.15
N GLU P 7 35.10 -103.98 -4.72
CA GLU P 7 34.66 -102.70 -5.27
C GLU P 7 34.44 -102.83 -6.77
N ASN P 8 33.33 -102.31 -7.25
CA ASN P 8 33.02 -102.34 -8.67
C ASN P 8 33.98 -101.42 -9.42
N PRO P 9 34.66 -101.91 -10.47
CA PRO P 9 35.59 -101.03 -11.21
C PRO P 9 34.92 -99.82 -11.84
N MET P 10 33.61 -99.84 -12.06
CA MET P 10 32.91 -98.68 -12.59
C MET P 10 32.79 -97.55 -11.59
N ARG P 11 33.11 -97.79 -10.32
CA ARG P 11 33.01 -96.77 -9.28
C ARG P 11 34.35 -96.08 -9.02
N GLU P 12 35.37 -96.37 -9.81
CA GLU P 12 36.70 -95.81 -9.58
C GLU P 12 36.68 -94.30 -9.85
N LEU P 13 37.13 -93.53 -8.87
CA LEU P 13 37.16 -92.08 -9.02
C LEU P 13 38.27 -91.65 -9.97
N ARG P 14 37.99 -90.61 -10.75
CA ARG P 14 38.95 -90.12 -11.72
C ARG P 14 38.67 -88.66 -12.00
N ILE P 15 39.68 -87.98 -12.54
CA ILE P 15 39.60 -86.54 -12.80
C ILE P 15 38.86 -86.31 -14.11
N ARG P 16 37.84 -85.46 -14.06
CA ARG P 16 37.10 -85.13 -15.27
C ARG P 16 37.76 -83.99 -16.03
N LYS P 17 38.03 -82.89 -15.34
CA LYS P 17 38.65 -81.72 -15.94
C LYS P 17 39.38 -80.94 -14.85
N LEU P 18 40.25 -80.02 -15.28
CA LEU P 18 41.05 -79.24 -14.34
C LEU P 18 40.71 -77.76 -14.36
N CYS P 19 40.34 -77.21 -15.51
CA CYS P 19 39.70 -75.89 -15.61
C CYS P 19 40.58 -74.78 -15.03
N LEU P 20 41.71 -74.55 -15.70
CA LEU P 20 42.53 -73.40 -15.36
C LEU P 20 41.83 -72.10 -15.75
N ASN P 21 42.13 -71.05 -14.99
CA ASN P 21 41.49 -69.76 -15.21
C ASN P 21 42.33 -68.67 -14.55
N ILE P 22 42.65 -67.63 -15.30
CA ILE P 22 43.39 -66.47 -14.79
C ILE P 22 42.50 -65.26 -14.95
N CYS P 23 42.23 -64.57 -13.84
CA CYS P 23 41.34 -63.42 -13.84
C CYS P 23 42.17 -62.15 -13.74
N VAL P 24 42.62 -61.68 -14.90
CA VAL P 24 43.28 -60.39 -14.97
C VAL P 24 42.25 -59.29 -14.75
N GLY P 25 42.62 -58.28 -13.97
CA GLY P 25 41.67 -57.24 -13.62
C GLY P 25 41.16 -56.46 -14.81
N GLU P 26 42.04 -56.17 -15.78
CA GLU P 26 41.70 -55.35 -16.93
C GLU P 26 42.00 -56.11 -18.22
N SER P 27 41.80 -55.43 -19.34
CA SER P 27 42.07 -55.96 -20.66
C SER P 27 43.43 -55.49 -21.14
N GLY P 28 43.73 -55.74 -22.42
CA GLY P 28 44.94 -55.21 -23.03
C GLY P 28 46.09 -56.20 -23.10
N ASP P 29 47.32 -55.66 -23.08
CA ASP P 29 48.51 -56.51 -23.20
C ASP P 29 48.64 -57.46 -22.02
N ARG P 30 48.13 -57.06 -20.86
CA ARG P 30 48.21 -57.94 -19.68
C ARG P 30 47.42 -59.21 -19.90
N LEU P 31 46.21 -59.10 -20.44
CA LEU P 31 45.41 -60.29 -20.73
C LEU P 31 46.05 -61.13 -21.82
N THR P 32 46.67 -60.48 -22.81
CA THR P 32 47.37 -61.22 -23.87
C THR P 32 48.52 -62.04 -23.29
N ARG P 33 49.30 -61.43 -22.39
CA ARG P 33 50.41 -62.15 -21.78
C ARG P 33 49.91 -63.28 -20.89
N ALA P 34 48.80 -63.06 -20.17
CA ALA P 34 48.23 -64.14 -19.38
C ALA P 34 47.74 -65.29 -20.25
N ALA P 35 47.14 -64.96 -21.40
CA ALA P 35 46.74 -66.00 -22.35
C ALA P 35 47.94 -66.78 -22.87
N LYS P 36 49.04 -66.07 -23.16
CA LYS P 36 50.27 -66.76 -23.55
C LYS P 36 50.79 -67.65 -22.43
N VAL P 37 50.67 -67.21 -21.17
CA VAL P 37 51.08 -68.04 -20.04
C VAL P 37 50.27 -69.33 -20.01
N LEU P 38 48.95 -69.22 -20.16
CA LEU P 38 48.11 -70.41 -20.16
C LEU P 38 48.43 -71.32 -21.33
N GLU P 39 48.69 -70.74 -22.51
CA GLU P 39 49.05 -71.54 -23.66
C GLU P 39 50.36 -72.28 -23.43
N GLN P 40 51.34 -71.62 -22.85
CA GLN P 40 52.63 -72.26 -22.60
C GLN P 40 52.50 -73.35 -21.55
N LEU P 41 51.69 -73.10 -20.51
CA LEU P 41 51.52 -74.10 -19.45
C LEU P 41 50.78 -75.33 -19.95
N THR P 42 49.76 -75.14 -20.78
CA THR P 42 48.94 -76.27 -21.21
C THR P 42 49.32 -76.82 -22.57
N GLY P 43 50.03 -76.05 -23.38
CA GLY P 43 50.21 -76.44 -24.77
C GLY P 43 48.89 -76.50 -25.50
N GLN P 44 47.99 -75.56 -25.22
CA GLN P 44 46.60 -75.69 -25.63
C GLN P 44 45.96 -74.31 -25.61
N THR P 45 45.15 -74.03 -26.63
CA THR P 45 44.64 -72.67 -26.84
C THR P 45 43.69 -72.27 -25.72
N PRO P 46 43.86 -71.08 -25.12
CA PRO P 46 42.89 -70.61 -24.14
C PRO P 46 41.81 -69.75 -24.75
N VAL P 47 40.85 -69.29 -23.95
CA VAL P 47 39.77 -68.42 -24.41
C VAL P 47 39.61 -67.28 -23.41
N PHE P 48 39.01 -66.19 -23.89
CA PHE P 48 38.75 -65.01 -23.09
C PHE P 48 37.31 -65.01 -22.60
N SER P 49 37.10 -64.32 -21.47
CA SER P 49 35.78 -64.22 -20.85
C SER P 49 35.39 -62.75 -20.71
N LYS P 50 34.13 -62.45 -21.03
CA LYS P 50 33.64 -61.09 -20.94
C LYS P 50 33.11 -60.80 -19.53
N ALA P 51 32.86 -59.52 -19.28
CA ALA P 51 32.36 -59.10 -17.98
C ALA P 51 30.83 -59.01 -18.00
N ARG P 52 30.19 -59.63 -17.01
CA ARG P 52 28.73 -59.71 -17.02
C ARG P 52 28.10 -58.35 -16.73
N TYR P 53 28.66 -57.60 -15.79
CA TYR P 53 28.16 -56.27 -15.45
C TYR P 53 29.31 -55.27 -15.47
N THR P 54 28.96 -53.99 -15.46
CA THR P 54 29.92 -52.90 -15.37
C THR P 54 29.90 -52.37 -13.95
N VAL P 55 31.03 -52.47 -13.26
CA VAL P 55 31.15 -52.06 -11.87
C VAL P 55 32.27 -51.03 -11.75
N ARG P 56 31.97 -49.92 -11.06
CA ARG P 56 32.98 -48.88 -10.88
C ARG P 56 33.98 -49.26 -9.82
N SER P 57 33.62 -50.18 -8.93
CA SER P 57 34.54 -50.59 -7.87
C SER P 57 35.76 -51.28 -8.43
N PHE P 58 35.58 -52.11 -9.45
CA PHE P 58 36.69 -52.87 -10.03
C PHE P 58 37.18 -52.28 -11.33
N GLY P 59 36.59 -51.18 -11.79
CA GLY P 59 37.05 -50.49 -12.98
C GLY P 59 36.97 -51.30 -14.25
N ILE P 60 35.88 -52.06 -14.43
CA ILE P 60 35.69 -52.87 -15.61
C ILE P 60 34.35 -52.51 -16.24
N ARG P 61 34.20 -52.84 -17.52
CA ARG P 61 32.98 -52.56 -18.25
C ARG P 61 32.39 -53.85 -18.82
N ARG P 62 31.09 -53.83 -19.05
CA ARG P 62 30.38 -54.98 -19.58
C ARG P 62 30.90 -55.36 -20.96
N ASN P 63 30.98 -56.67 -21.20
CA ASN P 63 31.43 -57.25 -22.47
C ASN P 63 32.88 -56.91 -22.79
N GLU P 64 33.67 -56.56 -21.77
CA GLU P 64 35.09 -56.33 -21.94
C GLU P 64 35.84 -57.61 -21.58
N LYS P 65 36.83 -57.96 -22.39
CA LYS P 65 37.63 -59.15 -22.14
C LYS P 65 38.40 -58.99 -20.85
N ILE P 66 38.03 -59.76 -19.83
CA ILE P 66 38.59 -59.60 -18.49
C ILE P 66 39.53 -60.76 -18.17
N ALA P 67 39.01 -61.98 -18.21
CA ALA P 67 39.75 -63.14 -17.74
C ALA P 67 40.03 -64.09 -18.91
N VAL P 68 41.00 -64.96 -18.68
CA VAL P 68 41.38 -66.01 -19.62
C VAL P 68 41.30 -67.34 -18.90
N HIS P 69 40.84 -68.37 -19.61
CA HIS P 69 40.66 -69.67 -19.01
C HIS P 69 40.68 -70.74 -20.09
N CYS P 70 40.82 -71.99 -19.64
CA CYS P 70 40.73 -73.15 -20.52
C CYS P 70 40.50 -74.38 -19.66
N THR P 71 40.05 -75.45 -20.31
CA THR P 71 39.83 -76.73 -19.65
C THR P 71 40.83 -77.75 -20.17
N VAL P 72 41.35 -78.57 -19.25
CA VAL P 72 42.35 -79.57 -19.58
C VAL P 72 41.88 -80.91 -19.01
N ARG P 73 41.88 -81.94 -19.87
CA ARG P 73 41.37 -83.25 -19.51
C ARG P 73 42.39 -84.33 -19.85
N GLY P 74 42.22 -85.48 -19.19
CA GLY P 74 43.07 -86.63 -19.48
C GLY P 74 44.40 -86.61 -18.76
N ALA P 75 45.39 -87.29 -19.35
CA ALA P 75 46.71 -87.40 -18.73
C ALA P 75 47.41 -86.04 -18.67
N LYS P 76 47.05 -85.11 -19.56
CA LYS P 76 47.61 -83.77 -19.47
C LYS P 76 47.21 -83.07 -18.19
N ALA P 77 45.96 -83.27 -17.75
CA ALA P 77 45.52 -82.68 -16.49
C ALA P 77 46.22 -83.32 -15.30
N GLU P 78 46.61 -84.59 -15.43
CA GLU P 78 47.29 -85.28 -14.34
C GLU P 78 48.59 -84.59 -13.98
N GLU P 79 49.40 -84.25 -14.98
CA GLU P 79 50.71 -83.65 -14.70
C GLU P 79 50.57 -82.21 -14.22
N ILE P 80 49.62 -81.45 -14.78
CA ILE P 80 49.41 -80.09 -14.31
C ILE P 80 48.93 -80.08 -12.87
N LEU P 81 48.02 -80.99 -12.52
CA LEU P 81 47.58 -81.10 -11.14
C LEU P 81 48.73 -81.55 -10.24
N GLU P 82 49.57 -82.44 -10.73
CA GLU P 82 50.75 -82.87 -9.96
C GLU P 82 51.66 -81.69 -9.65
N LYS P 83 51.93 -80.86 -10.66
CA LYS P 83 52.80 -79.71 -10.42
C LYS P 83 52.13 -78.69 -9.49
N GLY P 84 50.82 -78.49 -9.64
CA GLY P 84 50.13 -77.58 -8.74
C GLY P 84 50.16 -78.03 -7.30
N LEU P 85 49.95 -79.33 -7.07
CA LEU P 85 50.05 -79.88 -5.72
C LEU P 85 51.49 -79.87 -5.22
N LYS P 86 52.46 -79.98 -6.13
CA LYS P 86 53.86 -79.80 -5.75
C LYS P 86 54.09 -78.39 -5.20
N VAL P 87 53.53 -77.39 -5.87
CA VAL P 87 53.64 -76.03 -5.36
C VAL P 87 52.92 -75.89 -4.02
N ARG P 88 51.72 -76.47 -3.91
CA ARG P 88 51.00 -76.47 -2.65
C ARG P 88 51.61 -77.40 -1.61
N GLU P 89 52.73 -78.04 -1.92
CA GLU P 89 53.45 -78.93 -1.00
C GLU P 89 52.58 -80.09 -0.54
N TYR P 90 51.66 -80.52 -1.41
CA TYR P 90 50.76 -81.65 -1.13
C TYR P 90 49.97 -81.45 0.15
N GLU P 91 49.49 -80.22 0.36
CA GLU P 91 48.64 -79.93 1.50
C GLU P 91 47.52 -79.00 1.06
N LEU P 92 46.34 -79.22 1.64
CA LEU P 92 45.15 -78.40 1.38
C LEU P 92 44.34 -78.29 2.65
N ARG P 93 43.56 -77.21 2.74
CA ARG P 93 42.69 -77.02 3.89
C ARG P 93 41.45 -77.89 3.78
N LYS P 94 40.73 -77.99 4.90
CA LYS P 94 39.48 -78.74 4.93
C LYS P 94 38.44 -78.12 4.01
N ASN P 95 38.35 -76.79 4.00
CA ASN P 95 37.29 -76.08 3.29
C ASN P 95 37.52 -75.97 1.79
N ASN P 96 38.68 -76.38 1.29
CA ASN P 96 38.93 -76.31 -0.14
C ASN P 96 38.06 -77.28 -0.94
N PHE P 97 37.51 -78.30 -0.30
CA PHE P 97 36.68 -79.29 -0.96
C PHE P 97 35.22 -78.81 -0.96
N SER P 98 34.62 -78.80 -2.15
CA SER P 98 33.20 -78.49 -2.24
C SER P 98 32.37 -79.66 -1.71
N ASP P 99 31.08 -79.40 -1.50
CA ASP P 99 30.18 -80.44 -1.06
C ASP P 99 29.72 -81.35 -2.18
N THR P 100 30.02 -81.02 -3.43
CA THR P 100 29.56 -81.79 -4.58
C THR P 100 30.51 -82.89 -5.00
N GLY P 101 31.70 -82.96 -4.42
CA GLY P 101 32.67 -83.97 -4.79
C GLY P 101 33.83 -83.47 -5.63
N ASN P 102 34.25 -82.23 -5.43
CA ASN P 102 35.42 -81.68 -6.13
C ASN P 102 36.00 -80.55 -5.29
N PHE P 103 37.19 -80.11 -5.66
CA PHE P 103 37.91 -79.10 -4.88
C PHE P 103 38.68 -78.21 -5.83
N GLY P 104 39.51 -77.34 -5.24
CA GLY P 104 40.37 -76.47 -6.02
C GLY P 104 41.22 -75.62 -5.11
N PHE P 105 42.19 -74.95 -5.71
CA PHE P 105 43.11 -74.10 -4.96
C PHE P 105 43.59 -72.98 -5.87
N GLY P 106 44.40 -72.09 -5.32
CA GLY P 106 44.97 -71.00 -6.09
C GLY P 106 46.47 -70.99 -5.96
N ILE P 107 47.14 -70.59 -7.05
CA ILE P 107 48.59 -70.53 -7.12
C ILE P 107 49.01 -69.09 -7.34
N GLN P 108 49.97 -68.63 -6.55
CA GLN P 108 50.33 -67.21 -6.54
C GLN P 108 51.23 -66.84 -7.73
N GLU P 109 52.12 -67.75 -8.13
CA GLU P 109 53.06 -67.49 -9.22
C GLU P 109 53.05 -68.65 -10.19
N HIS P 110 52.99 -68.34 -11.49
CA HIS P 110 52.96 -69.40 -12.50
C HIS P 110 54.35 -69.87 -12.89
N ILE P 111 55.41 -69.21 -12.45
CA ILE P 111 56.76 -69.57 -12.85
C ILE P 111 57.40 -70.62 -11.94
N ASP P 112 56.85 -70.84 -10.76
CA ASP P 112 57.42 -71.81 -9.83
C ASP P 112 57.13 -73.26 -10.23
N LEU P 113 56.18 -73.49 -11.12
CA LEU P 113 55.80 -74.84 -11.55
C LEU P 113 56.23 -75.04 -13.01
N GLY P 114 57.45 -75.52 -13.20
CA GLY P 114 57.92 -75.92 -14.50
C GLY P 114 58.23 -74.77 -15.45
N ILE P 115 57.21 -73.99 -15.81
CA ILE P 115 57.38 -72.95 -16.82
C ILE P 115 58.32 -71.88 -16.31
N LYS P 116 59.32 -71.55 -17.14
CA LYS P 116 60.33 -70.59 -16.74
C LYS P 116 59.88 -69.16 -17.03
N TYR P 117 60.52 -68.22 -16.36
CA TYR P 117 60.24 -66.80 -16.58
C TYR P 117 60.73 -66.35 -17.94
N ASP P 118 59.99 -65.40 -18.53
CA ASP P 118 60.34 -64.74 -19.76
C ASP P 118 60.17 -63.24 -19.55
N PRO P 119 61.06 -62.42 -20.13
CA PRO P 119 60.92 -60.96 -19.97
C PRO P 119 59.60 -60.42 -20.50
N SER P 120 59.03 -61.03 -21.53
CA SER P 120 57.73 -60.63 -22.05
C SER P 120 56.57 -61.30 -21.32
N ILE P 121 56.83 -61.83 -20.12
CA ILE P 121 55.84 -62.57 -19.35
C ILE P 121 55.87 -62.05 -17.91
N GLY P 122 54.69 -61.92 -17.31
CA GLY P 122 54.57 -61.46 -15.94
C GLY P 122 54.77 -62.57 -14.92
N ILE P 123 54.32 -62.32 -13.70
CA ILE P 123 54.47 -63.24 -12.59
C ILE P 123 53.06 -63.68 -12.20
N TYR P 124 52.19 -63.77 -13.20
CA TYR P 124 50.77 -63.98 -12.97
C TYR P 124 50.51 -65.26 -12.17
N GLY P 125 49.55 -65.18 -11.24
CA GLY P 125 49.02 -66.35 -10.60
C GLY P 125 47.85 -66.91 -11.39
N LEU P 126 47.18 -67.89 -10.79
CA LEU P 126 46.10 -68.58 -11.50
C LEU P 126 45.30 -69.40 -10.50
N ASP P 127 44.28 -70.07 -11.03
CA ASP P 127 43.38 -70.89 -10.23
C ASP P 127 43.35 -72.31 -10.74
N PHE P 128 43.28 -73.26 -9.83
CA PHE P 128 43.08 -74.67 -10.14
C PHE P 128 41.75 -75.11 -9.54
N TYR P 129 40.95 -75.84 -10.31
CA TYR P 129 39.72 -76.41 -9.78
C TYR P 129 39.44 -77.71 -10.53
N VAL P 130 39.92 -78.82 -9.99
CA VAL P 130 39.74 -80.11 -10.62
C VAL P 130 38.34 -80.62 -10.31
N VAL P 131 37.79 -81.41 -11.22
CA VAL P 131 36.48 -82.00 -11.06
C VAL P 131 36.63 -83.51 -11.08
N LEU P 132 36.24 -84.16 -9.98
CA LEU P 132 36.26 -85.61 -9.94
C LEU P 132 35.07 -86.17 -10.71
N GLY P 133 35.11 -87.46 -10.98
CA GLY P 133 34.03 -88.09 -11.70
C GLY P 133 34.11 -89.59 -11.62
N ARG P 134 32.98 -90.22 -11.91
CA ARG P 134 32.86 -91.65 -12.08
C ARG P 134 32.48 -91.96 -13.52
N PRO P 135 32.84 -93.13 -14.03
CA PRO P 135 32.34 -93.56 -15.34
C PRO P 135 30.81 -93.59 -15.32
N GLY P 136 30.20 -93.06 -16.37
CA GLY P 136 28.76 -92.89 -16.43
C GLY P 136 28.30 -91.48 -16.13
N PHE P 137 29.19 -90.58 -15.73
CA PHE P 137 28.79 -89.20 -15.47
C PHE P 137 28.41 -88.46 -16.75
N SER P 138 28.82 -88.96 -17.91
CA SER P 138 28.53 -88.28 -19.16
C SER P 138 27.06 -88.25 -19.51
N ILE P 139 26.25 -89.12 -18.89
CA ILE P 139 24.83 -89.17 -19.21
C ILE P 139 24.12 -87.89 -18.81
N ALA P 140 24.66 -87.14 -17.86
CA ALA P 140 24.09 -85.83 -17.52
C ALA P 140 24.36 -84.78 -18.57
N ASP P 141 25.26 -85.04 -19.52
CA ASP P 141 25.64 -84.06 -20.53
C ASP P 141 25.41 -84.53 -21.94
N LYS P 142 25.03 -85.79 -22.14
CA LYS P 142 24.76 -86.27 -23.49
C LYS P 142 23.45 -85.67 -24.00
N LYS P 143 23.26 -85.78 -25.32
CA LYS P 143 22.08 -85.17 -25.93
C LYS P 143 20.88 -86.10 -25.87
N ARG P 144 21.05 -87.36 -26.25
CA ARG P 144 19.93 -88.29 -26.35
C ARG P 144 19.77 -89.07 -25.05
N ARG P 145 18.56 -89.00 -24.48
CA ARG P 145 18.22 -89.71 -23.25
C ARG P 145 19.14 -89.34 -22.10
N THR P 146 19.32 -88.04 -21.89
CA THR P 146 20.13 -87.56 -20.78
C THR P 146 19.39 -87.78 -19.45
N GLY P 147 20.14 -87.75 -18.36
CA GLY P 147 19.54 -87.93 -17.05
C GLY P 147 20.56 -87.78 -15.94
N CYS P 148 20.03 -87.75 -14.72
CA CYS P 148 20.86 -87.62 -13.54
C CYS P 148 21.63 -88.91 -13.28
N ILE P 149 22.66 -88.80 -12.44
CA ILE P 149 23.58 -89.92 -12.20
C ILE P 149 23.10 -90.87 -11.11
N GLY P 150 22.16 -90.46 -10.27
CA GLY P 150 21.74 -91.34 -9.19
C GLY P 150 22.48 -91.04 -7.89
N ALA P 151 21.82 -91.41 -6.78
CA ALA P 151 22.35 -91.07 -5.47
C ALA P 151 23.63 -91.85 -5.16
N LYS P 152 23.64 -93.15 -5.45
CA LYS P 152 24.79 -93.98 -5.07
C LYS P 152 25.98 -93.74 -5.98
N HIS P 153 25.78 -93.06 -7.11
CA HIS P 153 26.88 -92.78 -8.03
C HIS P 153 27.50 -91.41 -7.81
N ARG P 154 26.97 -90.61 -6.90
CA ARG P 154 27.50 -89.27 -6.66
C ARG P 154 28.82 -89.35 -5.90
N ILE P 155 29.46 -88.20 -5.76
CA ILE P 155 30.73 -88.07 -5.05
C ILE P 155 30.54 -87.11 -3.89
N SER P 156 30.93 -87.54 -2.69
CA SER P 156 30.82 -86.72 -1.50
C SER P 156 32.13 -85.98 -1.24
N LYS P 157 32.06 -85.01 -0.32
CA LYS P 157 33.28 -84.34 0.12
C LYS P 157 34.20 -85.31 0.83
N GLU P 158 33.64 -86.22 1.63
CA GLU P 158 34.44 -87.23 2.30
C GLU P 158 35.18 -88.11 1.30
N GLU P 159 34.47 -88.55 0.25
CA GLU P 159 35.07 -89.43 -0.74
C GLU P 159 36.17 -88.72 -1.52
N ALA P 160 35.95 -87.46 -1.88
CA ALA P 160 36.98 -86.69 -2.58
C ALA P 160 38.21 -86.50 -1.70
N MET P 161 38.00 -86.20 -0.41
CA MET P 161 39.12 -86.06 0.50
C MET P 161 39.90 -87.36 0.63
N ARG P 162 39.18 -88.48 0.72
CA ARG P 162 39.85 -89.79 0.80
C ARG P 162 40.67 -90.06 -0.45
N TRP P 163 40.08 -89.79 -1.62
CA TRP P 163 40.79 -90.01 -2.88
C TRP P 163 42.05 -89.17 -2.98
N PHE P 164 41.97 -87.89 -2.58
CA PHE P 164 43.16 -87.06 -2.53
C PHE P 164 44.18 -87.59 -1.54
N GLN P 165 43.73 -88.11 -0.41
CA GLN P 165 44.65 -88.66 0.58
C GLN P 165 45.39 -89.88 0.04
N GLN P 166 44.69 -90.79 -0.64
CA GLN P 166 45.37 -92.00 -1.11
C GLN P 166 46.23 -91.74 -2.35
N LYS P 167 45.75 -90.92 -3.29
CA LYS P 167 46.48 -90.81 -4.56
C LYS P 167 47.72 -89.94 -4.42
N TYR P 168 47.54 -88.68 -4.04
CA TYR P 168 48.62 -87.71 -4.01
C TYR P 168 49.20 -87.52 -2.61
N ASP P 169 49.03 -88.52 -1.73
CA ASP P 169 49.47 -88.58 -0.33
C ASP P 169 49.43 -87.21 0.36
N GLY P 170 48.34 -86.48 0.16
CA GLY P 170 48.25 -85.13 0.65
C GLY P 170 47.91 -85.06 2.12
N ILE P 171 47.93 -83.83 2.63
CA ILE P 171 47.59 -83.54 4.03
C ILE P 171 46.40 -82.62 4.04
N ILE P 172 45.34 -83.02 4.74
CA ILE P 172 44.12 -82.23 4.85
C ILE P 172 44.24 -81.41 6.12
N LEU P 173 44.63 -80.15 5.97
CA LEU P 173 44.73 -79.26 7.12
C LEU P 173 43.34 -78.88 7.63
N PRO P 174 43.12 -78.95 8.94
CA PRO P 174 41.80 -78.60 9.50
C PRO P 174 41.58 -77.09 9.57
N GLY P 175 41.29 -76.49 8.42
CA GLY P 175 41.04 -75.07 8.34
C GLY P 175 39.57 -74.71 8.47
N ALA Q 1 -32.40 -33.17 -48.28
CA ALA Q 1 -32.51 -34.27 -47.34
C ALA Q 1 -32.88 -35.57 -48.03
N PRO Q 2 -31.88 -36.40 -48.30
CA PRO Q 2 -32.15 -37.69 -48.95
C PRO Q 2 -32.95 -38.61 -48.03
N SER Q 3 -33.70 -39.52 -48.65
CA SER Q 3 -34.55 -40.47 -47.92
C SER Q 3 -34.45 -41.83 -48.60
N ARG Q 4 -33.75 -42.76 -47.95
CA ARG Q 4 -33.54 -44.12 -48.44
C ARG Q 4 -32.92 -44.06 -49.83
N ASN Q 5 -33.26 -45.03 -50.68
CA ASN Q 5 -32.77 -45.04 -52.04
C ASN Q 5 -33.45 -43.95 -52.87
N GLY Q 6 -32.69 -43.39 -53.80
CA GLY Q 6 -33.22 -42.37 -54.67
C GLY Q 6 -32.18 -41.97 -55.70
N MET Q 7 -32.62 -41.17 -56.65
CA MET Q 7 -31.74 -40.66 -57.70
C MET Q 7 -31.29 -39.26 -57.37
N VAL Q 8 -30.01 -38.98 -57.59
CA VAL Q 8 -29.44 -37.67 -57.28
C VAL Q 8 -30.10 -36.65 -58.21
N LEU Q 9 -30.74 -35.64 -57.63
CA LEU Q 9 -31.44 -34.62 -58.39
C LEU Q 9 -30.76 -33.26 -58.20
N LYS Q 10 -30.64 -32.53 -59.30
CA LYS Q 10 -30.09 -31.18 -59.29
C LYS Q 10 -31.03 -30.27 -60.07
N PRO Q 11 -32.18 -29.90 -59.49
CA PRO Q 11 -33.10 -29.01 -60.19
C PRO Q 11 -32.47 -27.65 -60.42
N HIS Q 12 -32.73 -27.09 -61.59
CA HIS Q 12 -32.15 -25.81 -61.98
C HIS Q 12 -33.11 -24.68 -61.64
N PHE Q 13 -33.55 -24.66 -60.38
CA PHE Q 13 -34.53 -23.70 -59.90
C PHE Q 13 -33.96 -22.87 -58.75
N HIS Q 14 -32.74 -22.38 -58.93
CA HIS Q 14 -32.07 -21.54 -57.94
C HIS Q 14 -31.93 -20.10 -58.40
N LYS Q 15 -32.66 -19.70 -59.44
CA LYS Q 15 -32.33 -18.47 -60.16
C LYS Q 15 -33.55 -17.59 -60.38
N ASP Q 16 -34.52 -17.62 -59.46
CA ASP Q 16 -35.73 -16.79 -59.53
C ASP Q 16 -36.46 -16.99 -60.86
N TRP Q 17 -36.72 -18.27 -61.16
CA TRP Q 17 -37.31 -18.65 -62.44
C TRP Q 17 -38.72 -18.12 -62.62
N GLN Q 18 -39.42 -17.76 -61.55
CA GLN Q 18 -40.82 -17.37 -61.68
C GLN Q 18 -41.00 -16.05 -62.40
N ARG Q 19 -39.94 -15.25 -62.55
CA ARG Q 19 -40.06 -14.05 -63.36
C ARG Q 19 -40.08 -14.37 -64.85
N ARG Q 20 -39.30 -15.37 -65.27
CA ARG Q 20 -39.20 -15.75 -66.69
C ARG Q 20 -39.94 -17.07 -66.86
N VAL Q 21 -41.25 -16.98 -67.11
CA VAL Q 21 -42.09 -18.13 -67.34
C VAL Q 21 -42.78 -17.95 -68.68
N ALA Q 22 -42.67 -18.95 -69.55
CA ALA Q 22 -43.22 -18.89 -70.89
C ALA Q 22 -44.46 -19.76 -70.96
N THR Q 23 -45.62 -19.16 -70.69
CA THR Q 23 -46.88 -19.86 -70.93
C THR Q 23 -47.15 -19.94 -72.42
N TRP Q 24 -47.95 -20.94 -72.81
CA TRP Q 24 -48.24 -21.18 -74.22
C TRP Q 24 -49.74 -21.11 -74.51
N PHE Q 25 -50.46 -20.26 -73.77
CA PHE Q 25 -51.88 -20.10 -74.02
C PHE Q 25 -52.18 -19.48 -75.37
N ASN Q 26 -51.22 -18.81 -75.98
CA ASN Q 26 -51.40 -18.20 -77.29
C ASN Q 26 -51.04 -19.15 -78.42
N GLN Q 27 -50.72 -20.40 -78.13
CA GLN Q 27 -50.32 -21.34 -79.17
C GLN Q 27 -51.41 -21.57 -80.22
N PRO Q 28 -52.67 -21.85 -79.87
CA PRO Q 28 -53.69 -21.93 -80.93
C PRO Q 28 -53.88 -20.62 -81.67
N ALA Q 29 -53.80 -19.49 -80.97
CA ALA Q 29 -53.89 -18.20 -81.65
C ALA Q 29 -52.72 -17.97 -82.58
N ARG Q 30 -51.52 -18.36 -82.16
CA ARG Q 30 -50.35 -18.26 -83.03
C ARG Q 30 -50.51 -19.14 -84.26
N LYS Q 31 -51.03 -20.35 -84.10
CA LYS Q 31 -51.25 -21.24 -85.23
C LYS Q 31 -52.28 -20.66 -86.20
N ILE Q 32 -53.37 -20.09 -85.66
CA ILE Q 32 -54.38 -19.48 -86.51
C ILE Q 32 -53.82 -18.29 -87.27
N ARG Q 33 -53.03 -17.45 -86.59
CA ARG Q 33 -52.40 -16.31 -87.24
C ARG Q 33 -51.45 -16.77 -88.35
N ARG Q 34 -50.66 -17.81 -88.08
CA ARG Q 34 -49.74 -18.32 -89.09
C ARG Q 34 -50.50 -18.86 -90.29
N ARG Q 35 -51.61 -19.58 -90.05
CA ARG Q 35 -52.40 -20.10 -91.15
C ARG Q 35 -53.02 -19.00 -91.98
N LYS Q 36 -53.53 -17.95 -91.32
CA LYS Q 36 -54.10 -16.82 -92.04
C LYS Q 36 -53.04 -16.10 -92.86
N ALA Q 37 -51.84 -15.93 -92.29
CA ALA Q 37 -50.75 -15.31 -93.04
C ALA Q 37 -50.34 -16.16 -94.23
N ARG Q 38 -50.31 -17.48 -94.07
CA ARG Q 38 -50.01 -18.37 -95.20
C ARG Q 38 -51.04 -18.23 -96.29
N GLN Q 39 -52.32 -18.20 -95.92
CA GLN Q 39 -53.37 -18.05 -96.93
C GLN Q 39 -53.27 -16.70 -97.64
N ALA Q 40 -52.97 -15.63 -96.88
CA ALA Q 40 -52.81 -14.32 -97.48
C ALA Q 40 -51.62 -14.28 -98.44
N LYS Q 41 -50.51 -14.90 -98.05
CA LYS Q 41 -49.35 -14.95 -98.93
C LYS Q 41 -49.66 -15.73 -100.20
N ALA Q 42 -50.37 -16.86 -100.06
CA ALA Q 42 -50.75 -17.63 -101.24
C ALA Q 42 -51.66 -16.83 -102.15
N ARG Q 43 -52.56 -16.04 -101.57
CA ARG Q 43 -53.45 -15.22 -102.39
C ARG Q 43 -52.69 -14.10 -103.08
N ARG Q 44 -51.67 -13.55 -102.43
CA ARG Q 44 -50.93 -12.44 -103.03
C ARG Q 44 -50.22 -12.87 -104.30
N ILE Q 45 -49.51 -13.98 -104.27
CA ILE Q 45 -48.86 -14.54 -105.44
C ILE Q 45 -49.81 -15.63 -105.97
N ALA Q 46 -50.74 -15.20 -106.83
CA ALA Q 46 -51.83 -16.10 -107.23
C ALA Q 46 -51.35 -17.31 -108.02
N PRO Q 47 -50.58 -17.18 -109.13
CA PRO Q 47 -50.19 -18.39 -109.86
C PRO Q 47 -48.90 -19.01 -109.33
N ARG Q 48 -48.15 -18.25 -108.56
CA ARG Q 48 -46.86 -18.71 -108.08
C ARG Q 48 -47.05 -19.76 -106.99
N PRO Q 49 -46.06 -20.64 -106.79
CA PRO Q 49 -46.19 -21.69 -105.77
C PRO Q 49 -46.34 -21.10 -104.37
N ALA Q 50 -47.15 -21.78 -103.55
CA ALA Q 50 -47.42 -21.28 -102.21
C ALA Q 50 -46.18 -21.37 -101.33
N SER Q 51 -45.46 -22.50 -101.40
CA SER Q 51 -44.28 -22.66 -100.56
C SER Q 51 -43.17 -21.68 -100.93
N GLY Q 52 -42.97 -21.44 -102.21
CA GLY Q 52 -41.96 -20.51 -102.65
C GLY Q 52 -41.01 -21.09 -103.68
N PRO Q 53 -39.79 -20.56 -103.72
CA PRO Q 53 -38.82 -21.03 -104.72
C PRO Q 53 -38.41 -22.48 -104.48
N ILE Q 54 -38.03 -23.14 -105.57
CA ILE Q 54 -37.59 -24.52 -105.49
C ILE Q 54 -36.24 -24.59 -104.81
N ARG Q 55 -36.02 -25.65 -104.04
CA ARG Q 55 -34.81 -25.83 -103.26
C ARG Q 55 -33.97 -26.98 -103.83
N PRO Q 56 -32.65 -26.94 -103.68
CA PRO Q 56 -31.82 -27.97 -104.28
C PRO Q 56 -31.82 -29.27 -103.48
N ILE Q 57 -31.31 -30.31 -104.12
CA ILE Q 57 -31.11 -31.61 -103.47
C ILE Q 57 -29.77 -31.58 -102.74
N VAL Q 58 -29.83 -31.80 -101.43
CA VAL Q 58 -28.70 -31.51 -100.53
C VAL Q 58 -28.44 -32.69 -99.61
N ARG Q 59 -27.19 -33.13 -99.58
CA ARG Q 59 -26.76 -34.17 -98.65
C ARG Q 59 -26.42 -33.56 -97.30
N CYS Q 60 -26.87 -34.23 -96.24
CA CYS Q 60 -26.67 -33.73 -94.88
C CYS Q 60 -25.20 -33.86 -94.47
N PRO Q 61 -24.70 -32.94 -93.64
CA PRO Q 61 -23.26 -32.89 -93.37
C PRO Q 61 -22.68 -34.08 -92.62
N THR Q 62 -23.20 -34.36 -91.43
CA THR Q 62 -22.51 -35.23 -90.48
C THR Q 62 -22.57 -36.68 -90.91
N VAL Q 63 -21.73 -37.50 -90.26
CA VAL Q 63 -21.74 -38.94 -90.52
C VAL Q 63 -22.98 -39.59 -89.93
N ARG Q 64 -23.70 -38.90 -89.05
CA ARG Q 64 -24.97 -39.41 -88.58
C ARG Q 64 -26.03 -39.35 -89.66
N TYR Q 65 -26.04 -38.30 -90.48
CA TYR Q 65 -27.13 -38.04 -91.39
C TYR Q 65 -26.74 -38.08 -92.87
N HIS Q 66 -25.52 -38.50 -93.20
CA HIS Q 66 -25.08 -38.41 -94.58
C HIS Q 66 -25.88 -39.28 -95.54
N THR Q 67 -26.42 -40.40 -95.07
CA THR Q 67 -27.24 -41.24 -95.95
C THR Q 67 -28.52 -40.53 -96.36
N LYS Q 68 -29.07 -39.69 -95.48
CA LYS Q 68 -30.30 -38.99 -95.77
C LYS Q 68 -30.04 -37.82 -96.72
N VAL Q 69 -31.11 -37.34 -97.34
CA VAL Q 69 -31.04 -36.20 -98.24
C VAL Q 69 -32.19 -35.27 -97.90
N ARG Q 70 -32.00 -33.97 -98.11
CA ARG Q 70 -33.02 -32.99 -97.72
C ARG Q 70 -33.05 -31.87 -98.74
N ALA Q 71 -33.76 -30.80 -98.39
CA ALA Q 71 -33.85 -29.60 -99.21
C ALA Q 71 -32.98 -28.51 -98.61
N GLY Q 72 -32.17 -27.88 -99.44
CA GLY Q 72 -31.22 -26.89 -98.99
C GLY Q 72 -31.74 -25.47 -99.06
N ARG Q 73 -30.81 -24.52 -99.07
CA ARG Q 73 -31.19 -23.12 -99.12
C ARG Q 73 -31.39 -22.64 -100.56
N GLY Q 74 -30.39 -22.84 -101.41
CA GLY Q 74 -30.47 -22.35 -102.77
C GLY Q 74 -29.50 -23.08 -103.67
N PHE Q 75 -29.74 -22.93 -104.97
CA PHE Q 75 -28.90 -23.59 -105.97
C PHE Q 75 -27.59 -22.83 -106.13
N SER Q 76 -26.50 -23.58 -106.27
CA SER Q 76 -25.19 -22.96 -106.39
C SER Q 76 -25.04 -22.33 -107.78
N LEU Q 77 -24.12 -21.36 -107.86
CA LEU Q 77 -23.92 -20.65 -109.12
C LEU Q 77 -23.31 -21.54 -110.19
N GLU Q 78 -22.52 -22.54 -109.79
CA GLU Q 78 -21.99 -23.48 -110.77
C GLU Q 78 -23.12 -24.29 -111.42
N GLU Q 79 -24.12 -24.66 -110.62
CA GLU Q 79 -25.30 -25.35 -111.15
C GLU Q 79 -26.02 -24.48 -112.17
N LEU Q 80 -26.18 -23.20 -111.86
CA LEU Q 80 -26.83 -22.29 -112.80
C LEU Q 80 -26.00 -22.11 -114.05
N ARG Q 81 -24.67 -22.04 -113.89
CA ARG Q 81 -23.78 -21.85 -115.03
C ARG Q 81 -23.89 -23.00 -116.00
N VAL Q 82 -23.74 -24.23 -115.50
CA VAL Q 82 -23.80 -25.39 -116.38
C VAL Q 82 -25.23 -25.66 -116.86
N ALA Q 83 -26.23 -25.19 -116.11
CA ALA Q 83 -27.61 -25.27 -116.57
C ALA Q 83 -27.97 -24.15 -117.54
N GLY Q 84 -27.09 -23.19 -117.76
CA GLY Q 84 -27.36 -22.10 -118.67
C GLY Q 84 -28.46 -21.16 -118.23
N ILE Q 85 -28.54 -20.87 -116.93
CA ILE Q 85 -29.52 -19.94 -116.39
C ILE Q 85 -28.77 -18.85 -115.64
N HIS Q 86 -29.09 -17.59 -115.93
CA HIS Q 86 -28.44 -16.47 -115.29
C HIS Q 86 -28.71 -16.43 -113.80
N LYS Q 87 -27.70 -16.01 -113.03
CA LYS Q 87 -27.82 -15.99 -111.58
C LYS Q 87 -28.73 -14.88 -111.08
N LYS Q 88 -29.01 -13.87 -111.91
CA LYS Q 88 -29.93 -12.82 -111.54
C LYS Q 88 -31.33 -13.02 -112.09
N VAL Q 89 -31.52 -13.91 -113.05
CA VAL Q 89 -32.84 -14.18 -113.59
C VAL Q 89 -33.53 -15.32 -112.85
N ALA Q 90 -32.77 -16.26 -112.27
CA ALA Q 90 -33.35 -17.41 -111.61
C ALA Q 90 -34.22 -17.00 -110.42
N ARG Q 91 -33.78 -15.98 -109.67
CA ARG Q 91 -34.60 -15.47 -108.58
C ARG Q 91 -35.88 -14.83 -109.09
N THR Q 92 -35.90 -14.36 -110.34
CA THR Q 92 -37.11 -13.76 -110.89
C THR Q 92 -38.12 -14.80 -111.32
N ILE Q 93 -37.69 -16.03 -111.59
CA ILE Q 93 -38.59 -17.09 -112.02
C ILE Q 93 -38.83 -18.11 -110.90
N GLY Q 94 -38.42 -17.80 -109.67
CA GLY Q 94 -38.70 -18.67 -108.56
C GLY Q 94 -37.69 -19.75 -108.30
N ILE Q 95 -36.39 -19.46 -108.46
CA ILE Q 95 -35.33 -20.41 -108.18
C ILE Q 95 -34.44 -19.81 -107.10
N SER Q 96 -34.45 -20.44 -105.93
CA SER Q 96 -33.59 -19.99 -104.84
C SER Q 96 -32.13 -20.29 -105.16
N VAL Q 97 -31.27 -19.31 -104.91
CA VAL Q 97 -29.85 -19.44 -105.19
C VAL Q 97 -29.06 -19.17 -103.91
N ASP Q 98 -27.84 -19.69 -103.87
CA ASP Q 98 -26.95 -19.52 -102.72
C ASP Q 98 -25.52 -19.45 -103.25
N PRO Q 99 -24.99 -18.24 -103.42
CA PRO Q 99 -23.67 -18.10 -104.05
C PRO Q 99 -22.52 -18.70 -103.24
N ARG Q 100 -22.69 -18.88 -101.94
CA ARG Q 100 -21.59 -19.34 -101.10
C ARG Q 100 -21.50 -20.85 -101.00
N ARG Q 101 -22.39 -21.60 -101.65
CA ARG Q 101 -22.32 -23.05 -101.65
C ARG Q 101 -21.46 -23.53 -102.80
N ARG Q 102 -20.60 -24.49 -102.53
CA ARG Q 102 -19.71 -25.06 -103.51
C ARG Q 102 -20.21 -26.43 -103.96
N ASN Q 103 -19.58 -26.98 -104.99
CA ASN Q 103 -19.94 -28.28 -105.55
C ASN Q 103 -18.71 -29.18 -105.49
N LYS Q 104 -18.56 -29.92 -104.40
CA LYS Q 104 -17.40 -30.79 -104.25
C LYS Q 104 -17.48 -31.99 -105.18
N SER Q 105 -18.67 -32.53 -105.39
CA SER Q 105 -18.85 -33.76 -106.15
C SER Q 105 -19.65 -33.50 -107.41
N THR Q 106 -19.27 -34.18 -108.49
CA THR Q 106 -19.99 -34.06 -109.75
C THR Q 106 -21.37 -34.70 -109.68
N GLU Q 107 -21.56 -35.66 -108.79
CA GLU Q 107 -22.83 -36.39 -108.75
C GLU Q 107 -23.97 -35.49 -108.26
N SER Q 108 -23.74 -34.76 -107.17
CA SER Q 108 -24.76 -33.82 -106.70
C SER Q 108 -24.98 -32.71 -107.70
N LEU Q 109 -23.91 -32.29 -108.40
CA LEU Q 109 -24.05 -31.32 -109.48
C LEU Q 109 -25.00 -31.82 -110.56
N GLN Q 110 -24.80 -33.06 -111.01
CA GLN Q 110 -25.68 -33.63 -112.03
C GLN Q 110 -27.10 -33.76 -111.52
N ALA Q 111 -27.29 -34.20 -110.27
CA ALA Q 111 -28.63 -34.30 -109.73
C ALA Q 111 -29.33 -32.94 -109.70
N ASN Q 112 -28.63 -31.92 -109.23
CA ASN Q 112 -29.17 -30.57 -109.19
C ASN Q 112 -29.48 -30.01 -110.57
N VAL Q 113 -28.64 -30.25 -111.56
CA VAL Q 113 -28.94 -29.72 -112.89
C VAL Q 113 -30.07 -30.48 -113.59
N GLN Q 114 -30.20 -31.79 -113.36
CA GLN Q 114 -31.40 -32.47 -113.85
C GLN Q 114 -32.65 -31.93 -113.16
N ARG Q 115 -32.56 -31.63 -111.87
CA ARG Q 115 -33.68 -31.00 -111.18
C ARG Q 115 -34.04 -29.66 -111.80
N LEU Q 116 -33.02 -28.84 -112.07
CA LEU Q 116 -33.25 -27.52 -112.65
C LEU Q 116 -33.86 -27.62 -114.05
N LYS Q 117 -33.36 -28.56 -114.87
CA LYS Q 117 -33.91 -28.75 -116.20
C LYS Q 117 -35.36 -29.22 -116.14
N GLU Q 118 -35.67 -30.14 -115.22
CA GLU Q 118 -37.05 -30.59 -115.08
C GLU Q 118 -37.96 -29.44 -114.64
N TYR Q 119 -37.48 -28.60 -113.71
CA TYR Q 119 -38.28 -27.47 -113.28
C TYR Q 119 -38.50 -26.48 -114.42
N ARG Q 120 -37.47 -26.20 -115.21
CA ARG Q 120 -37.61 -25.31 -116.34
C ARG Q 120 -38.57 -25.85 -117.38
N SER Q 121 -38.50 -27.15 -117.66
CA SER Q 121 -39.46 -27.77 -118.57
C SER Q 121 -40.88 -27.69 -118.02
N LYS Q 122 -41.05 -27.81 -116.70
CA LYS Q 122 -42.36 -27.77 -116.09
C LYS Q 122 -42.84 -26.37 -115.76
N LEU Q 123 -42.05 -25.34 -116.07
CA LEU Q 123 -42.41 -23.97 -115.74
C LEU Q 123 -43.31 -23.37 -116.81
N ILE Q 124 -44.34 -22.65 -116.36
CA ILE Q 124 -45.19 -21.85 -117.23
C ILE Q 124 -44.91 -20.39 -116.95
N LEU Q 125 -44.57 -19.62 -117.98
CA LEU Q 125 -44.16 -18.22 -117.84
C LEU Q 125 -45.21 -17.33 -118.48
N PHE Q 126 -45.77 -16.41 -117.69
CA PHE Q 126 -46.68 -15.41 -118.23
C PHE Q 126 -45.88 -14.28 -118.86
N PRO Q 127 -46.25 -13.80 -120.04
CA PRO Q 127 -45.61 -12.60 -120.59
C PRO Q 127 -45.94 -11.38 -119.74
N ARG Q 128 -45.07 -10.36 -119.84
CA ARG Q 128 -45.27 -9.15 -119.06
C ARG Q 128 -46.58 -8.46 -119.41
N LYS Q 129 -46.82 -8.23 -120.69
CA LYS Q 129 -48.08 -7.66 -121.14
C LYS Q 129 -48.95 -8.77 -121.69
N PRO Q 130 -50.08 -9.09 -121.07
CA PRO Q 130 -50.92 -10.19 -121.56
C PRO Q 130 -51.41 -9.99 -122.97
N SER Q 131 -51.64 -8.75 -123.39
CA SER Q 131 -52.02 -8.50 -124.78
C SER Q 131 -50.83 -8.63 -125.74
N ALA Q 132 -49.62 -8.72 -125.22
CA ALA Q 132 -48.41 -8.83 -126.04
C ALA Q 132 -47.58 -10.00 -125.57
N PRO Q 133 -47.96 -11.23 -125.92
CA PRO Q 133 -47.16 -12.39 -125.52
C PRO Q 133 -45.92 -12.52 -126.38
N LYS Q 134 -44.77 -12.16 -125.82
CA LYS Q 134 -43.55 -12.09 -126.63
C LYS Q 134 -42.89 -13.45 -126.76
N LYS Q 135 -42.37 -13.99 -125.64
CA LYS Q 135 -41.72 -15.28 -125.66
C LYS Q 135 -41.99 -16.12 -124.43
N GLY Q 136 -42.96 -15.75 -123.60
CA GLY Q 136 -43.17 -16.47 -122.35
C GLY Q 136 -43.68 -17.88 -122.56
N ASP Q 137 -44.94 -18.00 -122.96
CA ASP Q 137 -45.56 -19.30 -123.24
C ASP Q 137 -46.79 -19.08 -124.09
N SER Q 138 -47.28 -20.17 -124.68
CA SER Q 138 -48.50 -20.11 -125.46
C SER Q 138 -49.69 -19.92 -124.54
N SER Q 139 -50.71 -19.21 -125.04
CA SER Q 139 -51.90 -18.93 -124.25
C SER Q 139 -52.65 -20.19 -123.89
N ALA Q 140 -52.64 -21.21 -124.74
CA ALA Q 140 -53.40 -22.42 -124.48
C ALA Q 140 -52.88 -23.14 -123.24
N GLU Q 141 -51.56 -23.18 -123.06
CA GLU Q 141 -50.96 -23.92 -121.95
C GLU Q 141 -50.91 -23.12 -120.66
N GLU Q 142 -51.41 -21.88 -120.65
CA GLU Q 142 -51.50 -21.11 -119.42
C GLU Q 142 -52.91 -20.61 -119.13
N LEU Q 143 -53.86 -20.80 -120.05
CA LEU Q 143 -55.23 -20.36 -119.80
C LEU Q 143 -55.86 -21.14 -118.66
N LYS Q 144 -55.74 -22.47 -118.70
CA LYS Q 144 -56.32 -23.32 -117.68
C LYS Q 144 -55.32 -24.22 -116.98
N LEU Q 145 -54.18 -24.51 -117.60
CA LEU Q 145 -53.16 -25.32 -116.95
C LEU Q 145 -52.47 -24.61 -115.80
N ALA Q 146 -52.56 -23.29 -115.74
CA ALA Q 146 -51.95 -22.54 -114.65
C ALA Q 146 -52.78 -22.70 -113.38
N THR Q 147 -52.11 -23.01 -112.27
CA THR Q 147 -52.77 -23.23 -111.00
C THR Q 147 -51.72 -23.14 -109.90
N GLN Q 148 -52.06 -22.46 -108.80
CA GLN Q 148 -51.13 -22.31 -107.69
C GLN Q 148 -50.75 -23.68 -107.13
N LEU Q 149 -49.45 -23.87 -106.92
CA LEU Q 149 -48.93 -25.13 -106.39
C LEU Q 149 -48.85 -25.06 -104.87
N THR Q 150 -49.45 -26.04 -104.20
CA THR Q 150 -49.42 -26.15 -102.75
C THR Q 150 -48.48 -27.27 -102.35
N GLY Q 151 -47.61 -26.98 -101.38
CA GLY Q 151 -46.58 -27.92 -100.99
C GLY Q 151 -45.26 -27.54 -101.61
N PRO Q 152 -44.17 -28.13 -101.12
CA PRO Q 152 -42.85 -27.81 -101.66
C PRO Q 152 -42.73 -28.17 -103.13
N VAL Q 153 -42.01 -27.32 -103.87
CA VAL Q 153 -41.86 -27.52 -105.30
C VAL Q 153 -40.93 -28.69 -105.55
N MET Q 154 -41.47 -29.77 -106.14
CA MET Q 154 -40.74 -31.00 -106.41
C MET Q 154 -40.08 -31.50 -105.13
N PRO Q 155 -40.85 -32.04 -104.20
CA PRO Q 155 -40.31 -32.34 -102.86
C PRO Q 155 -39.14 -33.31 -102.91
N VAL Q 156 -38.15 -33.04 -102.04
CA VAL Q 156 -36.95 -33.89 -101.99
C VAL Q 156 -37.33 -35.24 -101.39
N ARG Q 157 -36.98 -36.31 -102.11
CA ARG Q 157 -37.40 -37.65 -101.75
C ARG Q 157 -36.19 -38.58 -101.71
N ASN Q 158 -36.01 -39.24 -100.58
CA ASN Q 158 -34.97 -40.27 -100.48
C ASN Q 158 -35.33 -41.44 -101.37
N VAL Q 159 -34.33 -41.97 -102.08
CA VAL Q 159 -34.52 -43.09 -103.00
C VAL Q 159 -33.55 -44.19 -102.63
N TYR Q 160 -33.99 -45.43 -102.77
CA TYR Q 160 -33.16 -46.60 -102.53
C TYR Q 160 -33.13 -47.45 -103.77
N LYS Q 161 -31.92 -47.78 -104.23
CA LYS Q 161 -31.75 -48.63 -105.41
C LYS Q 161 -31.81 -50.08 -104.96
N LYS Q 162 -32.94 -50.74 -105.23
CA LYS Q 162 -33.11 -52.12 -104.79
C LYS Q 162 -32.22 -53.04 -105.61
N GLU Q 163 -31.45 -53.87 -104.91
CA GLU Q 163 -30.58 -54.85 -105.53
C GLU Q 163 -31.24 -56.22 -105.47
N LYS Q 164 -31.45 -56.82 -106.63
CA LYS Q 164 -32.06 -58.14 -106.69
C LYS Q 164 -31.13 -59.19 -106.09
N ALA Q 165 -31.74 -60.26 -105.57
CA ALA Q 165 -30.97 -61.34 -104.99
C ALA Q 165 -30.08 -62.00 -106.04
N ARG Q 166 -28.84 -62.28 -105.67
CA ARG Q 166 -27.86 -62.81 -106.61
C ARG Q 166 -27.02 -63.88 -105.91
N VAL Q 167 -26.47 -64.78 -106.73
CA VAL Q 167 -25.68 -65.89 -106.22
C VAL Q 167 -24.34 -65.37 -105.72
N ILE Q 168 -24.00 -65.72 -104.48
CA ILE Q 168 -22.74 -65.28 -103.88
C ILE Q 168 -21.60 -66.07 -104.52
N THR Q 169 -20.58 -65.36 -104.98
CA THR Q 169 -19.42 -66.02 -105.55
C THR Q 169 -18.51 -66.51 -104.45
N GLU Q 170 -17.54 -67.35 -104.83
CA GLU Q 170 -16.56 -67.84 -103.87
C GLU Q 170 -15.63 -66.73 -103.39
N GLU Q 171 -15.39 -65.73 -104.23
CA GLU Q 171 -14.51 -64.64 -103.84
C GLU Q 171 -15.12 -63.80 -102.72
N GLU Q 172 -16.43 -63.57 -102.77
CA GLU Q 172 -17.11 -62.85 -101.69
C GLU Q 172 -17.06 -63.65 -100.40
N LYS Q 173 -17.19 -64.97 -100.49
CA LYS Q 173 -17.27 -65.80 -99.30
C LYS Q 173 -15.94 -65.87 -98.55
N ASN Q 174 -14.83 -65.66 -99.25
CA ASN Q 174 -13.51 -65.71 -98.64
C ASN Q 174 -13.09 -64.37 -98.03
N PHE Q 175 -13.91 -63.33 -98.13
CA PHE Q 175 -13.54 -62.04 -97.60
C PHE Q 175 -13.59 -62.04 -96.08
N LYS Q 176 -12.61 -61.39 -95.46
CA LYS Q 176 -12.47 -61.35 -94.01
C LYS Q 176 -12.78 -59.93 -93.54
N ALA Q 177 -14.05 -59.66 -93.24
CA ALA Q 177 -14.48 -58.30 -92.96
C ALA Q 177 -13.90 -57.77 -91.67
N PHE Q 178 -14.00 -58.54 -90.58
CA PHE Q 178 -13.52 -58.06 -89.28
C PHE Q 178 -12.01 -57.87 -89.30
N ALA Q 179 -11.28 -58.83 -89.87
CA ALA Q 179 -9.83 -58.70 -89.97
C ALA Q 179 -9.45 -57.51 -90.84
N SER Q 180 -10.17 -57.30 -91.94
CA SER Q 180 -9.87 -56.16 -92.80
C SER Q 180 -10.10 -54.85 -92.07
N LEU Q 181 -11.18 -54.74 -91.29
CA LEU Q 181 -11.43 -53.51 -90.55
C LEU Q 181 -10.34 -53.28 -89.49
N ARG Q 182 -9.94 -54.34 -88.79
CA ARG Q 182 -8.89 -54.20 -87.79
C ARG Q 182 -7.57 -53.78 -88.43
N MET Q 183 -7.21 -54.39 -89.55
CA MET Q 183 -5.98 -54.01 -90.25
C MET Q 183 -6.07 -52.59 -90.79
N ALA Q 184 -7.26 -52.18 -91.23
CA ALA Q 184 -7.43 -50.81 -91.71
C ALA Q 184 -7.21 -49.81 -90.58
N ARG Q 185 -7.77 -50.09 -89.40
CA ARG Q 185 -7.54 -49.22 -88.26
C ARG Q 185 -6.06 -49.19 -87.88
N ALA Q 186 -5.40 -50.34 -87.90
CA ALA Q 186 -3.99 -50.39 -87.55
C ALA Q 186 -3.14 -49.61 -88.54
N ASN Q 187 -3.42 -49.75 -89.84
CA ASN Q 187 -2.68 -49.01 -90.85
C ASN Q 187 -2.90 -47.51 -90.72
N ALA Q 188 -4.15 -47.10 -90.49
CA ALA Q 188 -4.42 -45.69 -90.31
C ALA Q 188 -3.72 -45.12 -89.09
N ARG Q 189 -3.62 -45.91 -88.02
CA ARG Q 189 -2.94 -45.43 -86.82
C ARG Q 189 -1.43 -45.37 -87.02
N LEU Q 190 -0.84 -46.40 -87.63
CA LEU Q 190 0.61 -46.54 -87.69
C LEU Q 190 1.20 -46.11 -89.02
N PHE Q 191 0.44 -45.39 -89.85
CA PHE Q 191 0.98 -44.95 -91.13
C PHE Q 191 2.13 -43.96 -90.95
N GLY Q 192 1.92 -42.93 -90.12
CA GLY Q 192 2.94 -41.92 -89.96
C GLY Q 192 4.20 -42.43 -89.29
N ILE Q 193 4.06 -43.20 -88.20
CA ILE Q 193 5.23 -43.70 -87.50
C ILE Q 193 6.00 -44.72 -88.33
N ARG Q 194 5.32 -45.53 -89.13
CA ARG Q 194 6.05 -46.42 -90.04
C ARG Q 194 6.84 -45.63 -91.06
N ALA Q 195 6.26 -44.54 -91.56
CA ALA Q 195 6.99 -43.67 -92.49
C ALA Q 195 8.22 -43.06 -91.83
N LYS Q 196 8.08 -42.62 -90.58
CA LYS Q 196 9.22 -42.02 -89.88
C LYS Q 196 10.32 -43.05 -89.64
N ARG Q 197 9.94 -44.27 -89.24
CA ARG Q 197 10.95 -45.30 -89.01
C ARG Q 197 11.61 -45.73 -90.31
N ALA Q 198 10.86 -45.81 -91.40
CA ALA Q 198 11.46 -46.09 -92.69
C ALA Q 198 12.40 -44.97 -93.11
N LYS Q 199 12.04 -43.72 -92.81
CA LYS Q 199 12.94 -42.60 -93.07
C LYS Q 199 14.24 -42.75 -92.31
N GLU Q 200 14.15 -43.09 -91.02
CA GLU Q 200 15.37 -43.27 -90.23
C GLU Q 200 16.21 -44.44 -90.75
N ALA Q 201 15.55 -45.53 -91.16
CA ALA Q 201 16.28 -46.66 -91.73
C ALA Q 201 16.99 -46.26 -93.01
N ALA Q 202 16.33 -45.46 -93.85
CA ALA Q 202 16.99 -44.93 -95.03
C ALA Q 202 18.16 -44.02 -94.67
N GLU Q 203 18.02 -43.26 -93.58
CA GLU Q 203 19.13 -42.44 -93.11
C GLU Q 203 20.33 -43.32 -92.74
N GLN Q 204 20.09 -44.41 -92.02
CA GLN Q 204 21.20 -45.29 -91.65
C GLN Q 204 21.70 -46.09 -92.84
N ASP Q 205 20.82 -46.40 -93.79
CA ASP Q 205 21.21 -47.28 -94.90
C ASP Q 205 22.14 -46.58 -95.87
N VAL Q 206 21.90 -45.29 -96.15
CA VAL Q 206 22.74 -44.56 -97.10
C VAL Q 206 24.12 -44.27 -96.55
N GLU Q 207 24.35 -44.48 -95.24
CA GLU Q 207 25.66 -44.25 -94.64
C GLU Q 207 26.16 -45.47 -93.86
N LYS Q 208 25.52 -46.63 -94.01
CA LYS Q 208 25.93 -47.79 -93.22
C LYS Q 208 27.30 -48.29 -93.62
N LYS Q 209 27.79 -47.92 -94.80
CA LYS Q 209 29.08 -48.37 -95.29
C LYS Q 209 30.02 -47.16 -95.32
N LYS Q 210 30.90 -47.09 -94.33
CA LYS Q 210 31.92 -46.05 -94.28
C LYS Q 210 33.06 -46.47 -93.36
N VAL R 1 -71.83 -65.18 46.99
CA VAL R 1 -72.24 -64.55 45.75
C VAL R 1 -72.66 -65.60 44.73
N PHE R 2 -71.69 -66.39 44.28
CA PHE R 2 -71.93 -67.41 43.27
C PHE R 2 -72.66 -68.60 43.87
N ARG R 3 -73.73 -69.02 43.22
CA ARG R 3 -74.44 -70.24 43.60
C ARG R 3 -74.24 -71.39 42.63
N ARG R 4 -73.92 -71.11 41.37
CA ARG R 4 -73.73 -72.13 40.35
C ARG R 4 -72.29 -72.16 39.91
N PHE R 5 -71.71 -73.36 39.84
CA PHE R 5 -70.31 -73.55 39.56
C PHE R 5 -70.13 -74.51 38.39
N VAL R 6 -68.96 -74.46 37.77
CA VAL R 6 -68.56 -75.45 36.79
C VAL R 6 -67.76 -76.53 37.51
N GLU R 7 -68.27 -77.76 37.49
CA GLU R 7 -67.62 -78.87 38.16
C GLU R 7 -68.10 -80.16 37.54
N VAL R 8 -67.43 -81.27 37.89
CA VAL R 8 -67.79 -82.57 37.37
C VAL R 8 -69.17 -82.96 37.91
N GLY R 9 -70.05 -83.39 37.01
CA GLY R 9 -71.40 -83.73 37.37
C GLY R 9 -72.38 -82.59 37.32
N ARG R 10 -71.91 -81.37 37.09
CA ARG R 10 -72.82 -80.23 36.94
C ARG R 10 -73.58 -80.35 35.63
N VAL R 11 -74.90 -80.17 35.69
CA VAL R 11 -75.75 -80.24 34.51
C VAL R 11 -75.82 -78.85 33.89
N ALA R 12 -75.47 -78.75 32.61
CA ALA R 12 -75.49 -77.50 31.89
C ALA R 12 -76.47 -77.57 30.74
N TYR R 13 -77.08 -76.44 30.40
CA TYR R 13 -78.03 -76.35 29.31
C TYR R 13 -77.34 -75.69 28.11
N VAL R 14 -77.53 -76.28 26.94
CA VAL R 14 -76.88 -75.79 25.73
C VAL R 14 -77.69 -74.63 25.18
N SER R 15 -77.07 -73.46 25.07
CA SER R 15 -77.78 -72.29 24.58
C SER R 15 -77.87 -72.29 23.06
N PHE R 16 -76.72 -72.35 22.39
CA PHE R 16 -76.67 -72.34 20.94
C PHE R 16 -75.68 -73.39 20.46
N GLY R 17 -75.38 -73.38 19.17
CA GLY R 17 -74.51 -74.36 18.59
C GLY R 17 -75.30 -75.53 18.03
N PRO R 18 -74.59 -76.58 17.61
CA PRO R 18 -75.28 -77.75 17.03
C PRO R 18 -76.24 -78.44 17.97
N HIS R 19 -75.96 -78.44 19.27
CA HIS R 19 -76.75 -79.19 20.24
C HIS R 19 -77.66 -78.30 21.06
N ALA R 20 -78.10 -77.18 20.49
CA ALA R 20 -78.91 -76.22 21.23
C ALA R 20 -80.21 -76.84 21.69
N GLY R 21 -80.63 -76.47 22.91
CA GLY R 21 -81.83 -77.03 23.49
C GLY R 21 -81.67 -78.40 24.09
N LYS R 22 -80.49 -78.73 24.62
CA LYS R 22 -80.22 -80.04 25.19
C LYS R 22 -79.53 -79.90 26.53
N LEU R 23 -79.75 -80.91 27.39
CA LEU R 23 -79.11 -80.97 28.70
C LEU R 23 -77.91 -81.90 28.64
N VAL R 24 -76.79 -81.45 29.21
CA VAL R 24 -75.56 -82.21 29.22
C VAL R 24 -74.94 -82.16 30.61
N ALA R 25 -74.04 -83.11 30.85
CA ALA R 25 -73.29 -83.19 32.10
C ALA R 25 -71.81 -83.01 31.82
N ILE R 26 -71.16 -82.17 32.62
CA ILE R 26 -69.74 -81.87 32.46
C ILE R 26 -68.93 -83.02 33.04
N VAL R 27 -67.98 -83.52 32.26
CA VAL R 27 -67.16 -84.65 32.67
C VAL R 27 -65.78 -84.19 33.16
N ASP R 28 -65.13 -83.30 32.42
CA ASP R 28 -63.81 -82.81 32.81
C ASP R 28 -63.63 -81.40 32.26
N VAL R 29 -62.60 -80.71 32.76
CA VAL R 29 -62.35 -79.31 32.44
C VAL R 29 -61.10 -79.22 31.59
N ILE R 30 -61.19 -78.45 30.51
CA ILE R 30 -60.09 -78.27 29.56
C ILE R 30 -59.81 -76.79 29.42
N ASP R 31 -58.56 -76.40 29.63
CA ASP R 31 -57.97 -75.10 29.28
C ASP R 31 -58.86 -73.88 29.46
N GLN R 32 -59.68 -73.86 30.51
CA GLN R 32 -60.46 -72.69 30.93
C GLN R 32 -61.55 -72.32 29.92
N ASN R 33 -61.56 -72.98 28.77
CA ASN R 33 -62.46 -72.59 27.68
C ASN R 33 -63.35 -73.72 27.21
N ARG R 34 -62.91 -74.97 27.32
CA ARG R 34 -63.67 -76.11 26.84
C ARG R 34 -63.85 -77.11 27.97
N ALA R 35 -64.67 -78.12 27.74
CA ALA R 35 -64.95 -79.11 28.76
C ALA R 35 -65.42 -80.40 28.13
N LEU R 36 -65.07 -81.53 28.75
CA LEU R 36 -65.60 -82.80 28.31
C LEU R 36 -67.07 -82.88 28.68
N VAL R 37 -67.91 -83.08 27.66
CA VAL R 37 -69.35 -82.91 27.78
C VAL R 37 -70.04 -84.19 27.31
N ASP R 38 -71.01 -84.65 28.09
CA ASP R 38 -71.70 -85.91 27.79
C ASP R 38 -73.17 -85.80 28.14
N GLY R 39 -74.04 -85.97 27.15
CA GLY R 39 -75.42 -86.31 27.41
C GLY R 39 -75.70 -87.75 27.01
N PRO R 40 -75.73 -88.66 27.97
CA PRO R 40 -75.98 -90.07 27.63
C PRO R 40 -77.45 -90.35 27.42
N CYS R 41 -78.31 -89.62 28.11
CA CYS R 41 -79.75 -89.80 28.01
C CYS R 41 -80.44 -88.71 27.21
N THR R 42 -79.75 -87.60 26.94
CA THR R 42 -80.28 -86.54 26.09
C THR R 42 -79.72 -86.60 24.67
N GLN R 43 -79.13 -87.75 24.30
CA GLN R 43 -78.62 -87.99 22.95
C GLN R 43 -77.53 -87.00 22.56
N VAL R 44 -76.53 -86.86 23.43
CA VAL R 44 -75.38 -86.00 23.19
C VAL R 44 -74.14 -86.84 23.50
N ARG R 45 -73.53 -87.40 22.47
CA ARG R 45 -72.32 -88.20 22.65
C ARG R 45 -71.19 -87.35 23.21
N ARG R 46 -70.22 -88.02 23.83
CA ARG R 46 -69.12 -87.33 24.47
C ARG R 46 -68.32 -86.52 23.45
N GLN R 47 -68.06 -85.27 23.80
CA GLN R 47 -67.38 -84.36 22.88
C GLN R 47 -66.94 -83.13 23.67
N ALA R 48 -65.97 -82.41 23.10
CA ALA R 48 -65.57 -81.13 23.66
C ALA R 48 -66.64 -80.08 23.38
N MET R 49 -66.65 -79.04 24.21
CA MET R 49 -67.67 -78.01 24.08
C MET R 49 -67.23 -76.72 24.75
N PRO R 50 -67.29 -75.59 24.05
CA PRO R 50 -66.89 -74.32 24.66
C PRO R 50 -67.84 -73.90 25.77
N PHE R 51 -67.30 -73.17 26.75
CA PHE R 51 -68.11 -72.70 27.86
C PHE R 51 -69.10 -71.63 27.44
N LYS R 52 -68.84 -70.92 26.34
CA LYS R 52 -69.67 -69.77 25.98
C LYS R 52 -71.07 -70.18 25.57
N CYS R 53 -71.25 -71.42 25.09
CA CYS R 53 -72.56 -71.91 24.72
C CYS R 53 -73.21 -72.74 25.81
N MET R 54 -72.79 -72.55 27.07
CA MET R 54 -73.36 -73.28 28.19
C MET R 54 -74.09 -72.32 29.13
N GLN R 55 -75.21 -72.78 29.68
CA GLN R 55 -75.93 -72.08 30.73
C GLN R 55 -76.17 -73.07 31.86
N LEU R 56 -75.52 -72.83 33.00
CA LEU R 56 -75.50 -73.82 34.07
C LEU R 56 -76.85 -73.95 34.75
N THR R 57 -77.13 -75.14 35.28
CA THR R 57 -78.34 -75.43 36.01
C THR R 57 -78.02 -75.76 37.45
N ASP R 58 -79.04 -76.14 38.22
CA ASP R 58 -78.87 -76.44 39.64
C ASP R 58 -78.79 -77.92 39.93
N PHE R 59 -78.67 -78.77 38.92
CA PHE R 59 -78.55 -80.21 39.13
C PHE R 59 -77.09 -80.62 39.02
N ILE R 60 -76.59 -81.29 40.05
CA ILE R 60 -75.21 -81.75 40.11
C ILE R 60 -75.21 -83.25 40.31
N LEU R 61 -74.57 -83.98 39.39
CA LEU R 61 -74.44 -85.42 39.52
C LEU R 61 -73.18 -85.77 40.31
N LYS R 62 -73.08 -87.03 40.69
CA LYS R 62 -71.98 -87.50 41.55
C LYS R 62 -71.37 -88.73 40.88
N PHE R 63 -70.39 -88.49 40.01
CA PHE R 63 -69.60 -89.54 39.40
C PHE R 63 -68.16 -89.06 39.31
N PRO R 64 -67.19 -89.98 39.32
CA PRO R 64 -65.80 -89.57 39.15
C PRO R 64 -65.57 -88.95 37.78
N HIS R 65 -64.63 -88.02 37.74
CA HIS R 65 -64.27 -87.36 36.50
C HIS R 65 -63.65 -88.35 35.52
N SER R 66 -63.91 -88.12 34.23
CA SER R 66 -63.36 -88.95 33.14
C SER R 66 -63.83 -90.40 33.26
N ALA R 67 -65.01 -90.60 33.84
CA ALA R 67 -65.61 -91.93 33.86
C ALA R 67 -66.24 -92.23 32.50
N HIS R 68 -66.52 -93.51 32.27
CA HIS R 68 -67.08 -93.93 31.00
C HIS R 68 -68.56 -93.57 30.92
N GLN R 69 -69.17 -93.91 29.77
CA GLN R 69 -70.57 -93.57 29.53
C GLN R 69 -71.50 -94.29 30.50
N LYS R 70 -71.11 -95.48 30.95
CA LYS R 70 -72.00 -96.29 31.77
C LYS R 70 -72.34 -95.62 33.08
N TYR R 71 -71.31 -95.20 33.83
CA TYR R 71 -71.54 -94.62 35.15
C TYR R 71 -72.26 -93.28 35.05
N VAL R 72 -71.92 -92.46 34.06
CA VAL R 72 -72.61 -91.20 33.87
C VAL R 72 -74.07 -91.45 33.53
N ARG R 73 -74.35 -92.44 32.68
CA ARG R 73 -75.73 -92.75 32.32
C ARG R 73 -76.52 -93.23 33.54
N GLN R 74 -75.90 -94.07 34.38
CA GLN R 74 -76.59 -94.52 35.59
C GLN R 74 -76.83 -93.37 36.55
N ALA R 75 -75.85 -92.47 36.69
CA ALA R 75 -76.06 -91.30 37.55
C ALA R 75 -77.13 -90.37 36.99
N TRP R 76 -77.30 -90.36 35.66
CA TRP R 76 -78.36 -89.57 35.05
C TRP R 76 -79.73 -90.21 35.29
N GLN R 77 -79.83 -91.52 35.10
CA GLN R 77 -81.12 -92.20 35.22
C GLN R 77 -81.56 -92.27 36.67
N LYS R 78 -80.65 -92.65 37.56
CA LYS R 78 -80.94 -92.56 39.00
C LYS R 78 -81.03 -91.10 39.39
N ALA R 79 -82.08 -90.74 40.14
CA ALA R 79 -82.44 -89.34 40.38
C ALA R 79 -82.62 -88.60 39.05
N ASP R 80 -83.65 -89.04 38.32
CA ASP R 80 -83.86 -88.72 36.92
C ASP R 80 -83.79 -87.23 36.63
N ILE R 81 -82.83 -86.85 35.79
CA ILE R 81 -82.67 -85.46 35.40
C ILE R 81 -83.83 -84.99 34.52
N ASN R 82 -84.34 -85.88 33.67
CA ASN R 82 -85.37 -85.47 32.72
C ASN R 82 -86.65 -85.04 33.42
N THR R 83 -87.17 -85.87 34.33
CA THR R 83 -88.42 -85.56 35.01
C THR R 83 -88.28 -84.33 35.90
N LYS R 84 -87.19 -84.24 36.66
CA LYS R 84 -86.98 -83.08 37.52
C LYS R 84 -86.80 -81.81 36.70
N TRP R 85 -86.09 -81.89 35.58
CA TRP R 85 -85.90 -80.73 34.72
C TRP R 85 -87.22 -80.28 34.12
N ALA R 86 -88.05 -81.23 33.67
CA ALA R 86 -89.32 -80.87 33.06
C ALA R 86 -90.25 -80.15 34.02
N ALA R 87 -90.09 -80.37 35.34
CA ALA R 87 -90.88 -79.66 36.32
C ALA R 87 -90.33 -78.28 36.65
N THR R 88 -89.11 -77.97 36.21
CA THR R 88 -88.53 -76.67 36.51
C THR R 88 -89.19 -75.58 35.67
N ARG R 89 -89.11 -74.36 36.17
CA ARG R 89 -89.70 -73.23 35.47
C ARG R 89 -88.96 -72.95 34.16
N TRP R 90 -87.66 -73.24 34.12
CA TRP R 90 -86.86 -72.99 32.93
C TRP R 90 -87.36 -73.83 31.75
N ALA R 91 -87.52 -75.13 31.97
CA ALA R 91 -87.91 -76.04 30.89
C ALA R 91 -89.31 -75.72 30.38
N LYS R 92 -90.24 -75.44 31.29
CA LYS R 92 -91.59 -75.11 30.85
C LYS R 92 -91.65 -73.73 30.20
N LYS R 93 -90.79 -72.79 30.57
CA LYS R 93 -90.71 -71.54 29.84
C LYS R 93 -90.21 -71.78 28.41
N ILE R 94 -89.20 -72.64 28.26
CA ILE R 94 -88.73 -72.99 26.92
C ILE R 94 -89.84 -73.65 26.12
N GLU R 95 -90.58 -74.56 26.74
CA GLU R 95 -91.69 -75.23 26.06
C GLU R 95 -92.76 -74.24 25.64
N ALA R 96 -93.07 -73.29 26.51
CA ALA R 96 -94.06 -72.27 26.18
C ALA R 96 -93.61 -71.41 25.01
N ARG R 97 -92.33 -71.04 24.99
CA ARG R 97 -91.80 -70.31 23.84
C ARG R 97 -91.93 -71.13 22.56
N GLU R 98 -91.60 -72.42 22.62
CA GLU R 98 -91.64 -73.25 21.43
C GLU R 98 -93.07 -73.39 20.91
N ARG R 99 -94.03 -73.60 21.80
CA ARG R 99 -95.41 -73.75 21.33
C ARG R 99 -96.01 -72.42 20.92
N LYS R 100 -95.56 -71.30 21.50
CA LYS R 100 -96.00 -70.00 21.03
C LYS R 100 -95.48 -69.72 19.63
N ALA R 101 -94.23 -70.12 19.35
CA ALA R 101 -93.65 -69.89 18.03
C ALA R 101 -94.39 -70.69 16.96
N LYS R 102 -94.79 -71.91 17.28
CA LYS R 102 -95.45 -72.80 16.32
C LYS R 102 -96.96 -72.62 16.27
N MET R 103 -97.48 -71.55 16.88
CA MET R 103 -98.91 -71.32 16.89
C MET R 103 -99.38 -70.82 15.53
N THR R 104 -100.46 -71.42 15.02
CA THR R 104 -100.96 -71.09 13.69
C THR R 104 -101.88 -69.88 13.77
N ASP R 105 -102.43 -69.50 12.60
CA ASP R 105 -103.32 -68.35 12.54
C ASP R 105 -104.62 -68.60 13.30
N PHE R 106 -105.18 -69.80 13.16
CA PHE R 106 -106.40 -70.12 13.91
C PHE R 106 -106.15 -70.08 15.40
N ASP R 107 -105.01 -70.61 15.83
CA ASP R 107 -104.65 -70.55 17.25
C ASP R 107 -104.45 -69.12 17.70
N ARG R 108 -103.85 -68.28 16.84
CA ARG R 108 -103.70 -66.87 17.16
C ARG R 108 -105.05 -66.19 17.33
N PHE R 109 -106.01 -66.51 16.45
CA PHE R 109 -107.34 -65.93 16.55
C PHE R 109 -108.04 -66.35 17.84
N LYS R 110 -107.97 -67.65 18.16
CA LYS R 110 -108.59 -68.14 19.39
C LYS R 110 -107.94 -67.51 20.63
N VAL R 111 -106.61 -67.39 20.61
CA VAL R 111 -105.90 -66.77 21.73
C VAL R 111 -106.29 -65.31 21.86
N MET R 112 -106.45 -64.61 20.73
CA MET R 112 -106.85 -63.21 20.78
C MET R 112 -108.23 -63.05 21.40
N LYS R 113 -109.18 -63.89 21.01
CA LYS R 113 -110.51 -63.82 21.61
C LYS R 113 -110.48 -64.14 23.09
N ALA R 114 -109.76 -65.21 23.48
CA ALA R 114 -109.71 -65.59 24.87
C ALA R 114 -109.04 -64.51 25.73
N LYS R 115 -107.96 -63.93 25.22
CA LYS R 115 -107.28 -62.87 25.94
C LYS R 115 -108.13 -61.62 26.03
N LYS R 116 -108.91 -61.31 24.98
CA LYS R 116 -109.87 -60.23 25.04
C LYS R 116 -110.82 -60.39 26.22
N MET R 117 -111.48 -61.55 26.29
CA MET R 117 -112.48 -61.74 27.34
C MET R 117 -111.83 -61.77 28.72
N ARG R 118 -110.69 -62.46 28.83
CA ARG R 118 -110.00 -62.55 30.11
C ARG R 118 -109.57 -61.17 30.61
N ASN R 119 -108.99 -60.36 29.73
CA ASN R 119 -108.54 -59.03 30.13
C ASN R 119 -109.72 -58.14 30.49
N ARG R 120 -110.84 -58.27 29.78
CA ARG R 120 -112.01 -57.48 30.14
C ARG R 120 -112.51 -57.85 31.53
N ILE R 121 -112.58 -59.14 31.85
CA ILE R 121 -113.03 -59.54 33.17
C ILE R 121 -112.07 -59.06 34.25
N ILE R 122 -110.76 -59.19 33.99
CA ILE R 122 -109.77 -58.77 34.97
C ILE R 122 -109.85 -57.27 35.21
N LYS R 123 -110.02 -56.49 34.14
CA LYS R 123 -110.14 -55.05 34.29
C LYS R 123 -111.43 -54.66 35.02
N ASN R 124 -112.52 -55.38 34.79
CA ASN R 124 -113.73 -55.13 35.55
C ASN R 124 -113.50 -55.38 37.04
N GLU R 125 -112.82 -56.46 37.38
CA GLU R 125 -112.51 -56.72 38.78
C GLU R 125 -111.58 -55.66 39.36
N VAL R 126 -110.64 -55.17 38.56
CA VAL R 126 -109.74 -54.13 39.02
C VAL R 126 -110.50 -52.85 39.32
N LYS R 127 -111.45 -52.48 38.45
CA LYS R 127 -112.27 -51.30 38.69
C LYS R 127 -113.12 -51.48 39.94
N LYS R 128 -113.68 -52.67 40.14
CA LYS R 128 -114.44 -52.94 41.35
C LYS R 128 -113.58 -52.79 42.60
N LEU R 129 -112.35 -53.30 42.55
CA LEU R 129 -111.47 -53.20 43.70
C LEU R 129 -111.00 -51.77 43.95
N GLN R 130 -110.79 -50.99 42.89
CA GLN R 130 -110.46 -49.58 43.05
C GLN R 130 -111.60 -48.82 43.72
N LYS R 131 -112.83 -49.06 43.28
CA LYS R 131 -113.95 -48.32 43.87
C LYS R 131 -114.24 -48.81 45.29
N ALA R 132 -113.95 -50.08 45.58
CA ALA R 132 -114.05 -50.55 46.96
C ALA R 132 -112.97 -49.96 47.83
N ALA R 133 -111.79 -49.70 47.27
CA ALA R 133 -110.69 -49.13 48.02
C ALA R 133 -110.71 -47.60 48.06
N LEU R 134 -111.63 -46.96 47.33
CA LEU R 134 -111.71 -45.51 47.29
C LEU R 134 -112.60 -44.93 48.37
N LEU R 135 -113.34 -45.76 49.10
CA LEU R 135 -114.25 -45.30 50.15
C LEU R 135 -113.56 -45.22 51.52
N LYS R 136 -112.41 -44.56 51.55
CA LYS R 136 -111.60 -44.43 52.76
C LYS R 136 -111.65 -42.99 53.25
N ALA R 137 -112.04 -42.80 54.51
CA ALA R 137 -112.04 -41.47 55.13
C ALA R 137 -111.93 -41.67 56.64
N SER R 138 -110.73 -41.47 57.17
CA SER R 138 -110.48 -41.70 58.59
C SER R 138 -109.40 -40.75 59.10
N PRO R 139 -109.66 -40.02 60.21
CA PRO R 139 -108.69 -39.10 60.82
C PRO R 139 -107.46 -39.81 61.36
N GLY S 1 -5.79 7.84 -107.08
CA GLY S 1 -4.90 6.75 -106.72
C GLY S 1 -4.05 7.06 -105.51
N ALA S 2 -4.09 8.33 -105.08
CA ALA S 2 -3.28 8.74 -103.94
C ALA S 2 -3.77 8.13 -102.64
N TYR S 3 -5.03 7.73 -102.58
CA TYR S 3 -5.59 7.17 -101.35
C TYR S 3 -4.87 5.90 -100.93
N LYS S 4 -4.48 5.06 -101.89
CA LYS S 4 -3.71 3.87 -101.56
C LYS S 4 -2.36 4.23 -100.95
N TYR S 5 -1.72 5.25 -101.51
CA TYR S 5 -0.44 5.71 -100.95
C TYR S 5 -0.62 6.23 -99.53
N ILE S 6 -1.69 6.98 -99.29
CA ILE S 6 -1.93 7.51 -97.94
C ILE S 6 -2.22 6.37 -96.97
N GLN S 7 -2.98 5.38 -97.42
CA GLN S 7 -3.29 4.23 -96.57
C GLN S 7 -2.03 3.47 -96.19
N GLU S 8 -1.15 3.23 -97.16
CA GLU S 8 0.11 2.56 -96.86
C GLU S 8 1.01 3.41 -95.99
N LEU S 9 0.95 4.73 -96.17
CA LEU S 9 1.72 5.64 -95.32
C LEU S 9 1.26 5.56 -93.87
N TRP S 10 -0.05 5.52 -93.65
CA TRP S 10 -0.60 5.55 -92.29
C TRP S 10 -0.42 4.23 -91.56
N ARG S 11 0.05 3.19 -92.24
CA ARG S 11 0.35 1.91 -91.61
C ARG S 11 1.79 1.85 -91.12
N LYS S 12 2.54 2.94 -91.25
CA LYS S 12 3.94 2.98 -90.85
C LYS S 12 4.12 4.04 -89.78
N LYS S 13 3.25 4.02 -88.76
CA LYS S 13 3.15 5.09 -87.78
C LYS S 13 4.44 5.31 -87.00
N GLN S 14 5.35 4.33 -86.97
CA GLN S 14 6.63 4.48 -86.29
C GLN S 14 7.75 4.94 -87.21
N SER S 15 7.41 5.42 -88.41
CA SER S 15 8.41 6.04 -89.26
C SER S 15 8.77 7.43 -88.73
N ASP S 16 9.83 8.00 -89.30
CA ASP S 16 10.26 9.32 -88.86
C ASP S 16 9.20 10.37 -89.12
N VAL S 17 8.70 10.43 -90.36
CA VAL S 17 7.73 11.45 -90.74
C VAL S 17 6.43 11.29 -89.97
N MET S 18 5.95 10.05 -89.82
CA MET S 18 4.69 9.85 -89.12
C MET S 18 4.82 10.10 -87.63
N ARG S 19 5.93 9.70 -87.02
CA ARG S 19 6.14 10.04 -85.62
C ARG S 19 6.17 11.54 -85.41
N PHE S 20 6.88 12.26 -86.29
CA PHE S 20 6.92 13.71 -86.21
C PHE S 20 5.53 14.32 -86.31
N LEU S 21 4.77 13.92 -87.34
CA LEU S 21 3.45 14.49 -87.57
C LEU S 21 2.49 14.16 -86.44
N LEU S 22 2.54 12.91 -85.95
CA LEU S 22 1.65 12.52 -84.86
C LEU S 22 1.97 13.28 -83.59
N ARG S 23 3.26 13.48 -83.29
CA ARG S 23 3.61 14.24 -82.08
C ARG S 23 3.20 15.69 -82.21
N VAL S 24 3.39 16.30 -83.38
CA VAL S 24 2.98 17.68 -83.58
C VAL S 24 1.47 17.83 -83.43
N ARG S 25 0.71 16.94 -84.06
CA ARG S 25 -0.75 17.04 -83.96
C ARG S 25 -1.23 16.69 -82.56
N CYS S 26 -0.54 15.80 -81.86
CA CYS S 26 -0.90 15.50 -80.48
C CYS S 26 -0.70 16.71 -79.59
N TRP S 27 0.38 17.45 -79.79
CA TRP S 27 0.55 18.70 -79.05
C TRP S 27 -0.53 19.70 -79.44
N GLN S 28 -0.86 19.77 -80.73
CA GLN S 28 -1.80 20.77 -81.20
C GLN S 28 -3.21 20.50 -80.68
N TYR S 29 -3.66 19.24 -80.73
CA TYR S 29 -4.98 18.92 -80.23
C TYR S 29 -5.08 19.13 -78.72
N ARG S 30 -3.94 19.06 -78.02
CA ARG S 30 -3.95 19.21 -76.57
C ARG S 30 -4.30 20.62 -76.13
N GLN S 31 -4.15 21.62 -77.00
CA GLN S 31 -4.40 22.99 -76.60
C GLN S 31 -5.85 23.42 -76.76
N LEU S 32 -6.68 22.62 -77.42
CA LEU S 32 -8.07 22.99 -77.63
C LEU S 32 -8.94 22.37 -76.54
N SER S 33 -10.24 22.57 -76.67
CA SER S 33 -11.20 22.03 -75.72
C SER S 33 -11.26 20.50 -75.83
N ALA S 34 -11.86 19.87 -74.82
CA ALA S 34 -12.04 18.43 -74.86
C ALA S 34 -12.99 18.03 -75.99
N LEU S 35 -13.89 18.91 -76.38
CA LEU S 35 -14.79 18.68 -77.51
C LEU S 35 -14.66 19.86 -78.46
N HIS S 36 -14.48 19.56 -79.75
CA HIS S 36 -14.17 20.60 -80.72
C HIS S 36 -14.42 20.07 -82.12
N ARG S 37 -15.20 20.82 -82.90
CA ARG S 37 -15.48 20.46 -84.29
C ARG S 37 -14.26 20.65 -85.17
N ALA S 38 -13.95 19.64 -85.96
CA ALA S 38 -12.89 19.78 -86.95
C ALA S 38 -13.48 20.32 -88.26
N PRO S 39 -12.83 21.29 -88.90
CA PRO S 39 -13.39 21.82 -90.15
C PRO S 39 -13.36 20.81 -91.29
N ARG S 40 -12.29 20.04 -91.42
CA ARG S 40 -12.17 19.01 -92.45
C ARG S 40 -11.57 17.78 -91.81
N PRO S 41 -11.85 16.59 -92.35
CA PRO S 41 -11.28 15.37 -91.79
C PRO S 41 -9.76 15.38 -91.83
N THR S 42 -9.14 14.90 -90.75
CA THR S 42 -7.69 14.86 -90.69
C THR S 42 -7.14 13.72 -91.55
N ARG S 43 -7.82 12.58 -91.55
CA ARG S 43 -7.46 11.44 -92.40
C ARG S 43 -8.61 11.23 -93.37
N PRO S 44 -8.64 11.97 -94.48
CA PRO S 44 -9.78 11.87 -95.40
C PRO S 44 -9.99 10.49 -95.98
N ASP S 45 -8.91 9.76 -96.27
CA ASP S 45 -9.08 8.41 -96.80
C ASP S 45 -9.74 7.49 -95.79
N LYS S 46 -9.31 7.57 -94.53
CA LYS S 46 -9.95 6.78 -93.50
C LYS S 46 -11.39 7.21 -93.27
N ALA S 47 -11.65 8.52 -93.39
CA ALA S 47 -13.02 9.00 -93.25
C ALA S 47 -13.93 8.43 -94.33
N ARG S 48 -13.51 8.56 -95.59
CA ARG S 48 -14.33 8.03 -96.68
C ARG S 48 -14.34 6.51 -96.67
N ARG S 49 -13.32 5.89 -96.07
CA ARG S 49 -13.36 4.44 -95.88
C ARG S 49 -14.43 4.05 -94.88
N LEU S 50 -14.72 4.93 -93.91
CA LEU S 50 -15.72 4.65 -92.90
C LEU S 50 -17.12 5.11 -93.29
N GLY S 51 -17.27 5.70 -94.48
CA GLY S 51 -18.57 6.15 -94.94
C GLY S 51 -18.71 7.65 -95.12
N TYR S 52 -17.69 8.45 -94.84
CA TYR S 52 -17.76 9.89 -95.05
C TYR S 52 -17.79 10.19 -96.54
N LYS S 53 -18.52 11.24 -96.90
CA LYS S 53 -18.57 11.74 -98.27
C LYS S 53 -18.45 13.25 -98.24
N ALA S 54 -17.63 13.80 -99.12
CA ALA S 54 -17.31 15.23 -99.10
C ALA S 54 -18.46 16.00 -99.72
N LYS S 55 -19.46 16.30 -98.89
CA LYS S 55 -20.58 17.14 -99.29
C LYS S 55 -21.23 17.70 -98.03
N GLN S 56 -22.19 18.59 -98.23
CA GLN S 56 -22.86 19.21 -97.09
C GLN S 56 -23.65 18.18 -96.31
N GLY S 57 -23.67 18.35 -94.99
CA GLY S 57 -24.33 17.44 -94.08
C GLY S 57 -23.39 16.53 -93.33
N TYR S 58 -22.14 16.40 -93.79
CA TYR S 58 -21.12 15.63 -93.07
C TYR S 58 -20.25 16.60 -92.29
N VAL S 59 -20.08 16.33 -91.00
CA VAL S 59 -19.23 17.15 -90.13
C VAL S 59 -18.30 16.23 -89.36
N ILE S 60 -17.21 16.81 -88.87
CA ILE S 60 -16.19 16.07 -88.12
C ILE S 60 -15.99 16.77 -86.79
N TYR S 61 -16.16 16.02 -85.70
CA TYR S 61 -15.92 16.54 -84.36
C TYR S 61 -14.75 15.79 -83.74
N ARG S 62 -13.75 16.54 -83.29
CA ARG S 62 -12.57 15.96 -82.64
C ARG S 62 -12.85 15.83 -81.15
N ILE S 63 -12.70 14.62 -80.63
CA ILE S 63 -13.00 14.33 -79.23
C ILE S 63 -11.73 13.87 -78.53
N ARG S 64 -11.50 14.42 -77.35
CA ARG S 64 -10.36 14.07 -76.51
C ARG S 64 -10.89 13.40 -75.25
N VAL S 65 -10.41 12.20 -74.96
CA VAL S 65 -10.84 11.44 -73.81
C VAL S 65 -9.63 11.04 -72.98
N ARG S 66 -9.87 10.86 -71.68
CA ARG S 66 -8.81 10.47 -70.76
C ARG S 66 -8.61 8.97 -70.81
N ARG S 67 -7.36 8.55 -70.92
CA ARG S 67 -7.03 7.14 -71.00
C ARG S 67 -7.12 6.48 -69.62
N GLY S 68 -6.71 5.22 -69.57
CA GLY S 68 -6.65 4.49 -68.32
C GLY S 68 -7.89 3.63 -68.11
N GLY S 69 -7.88 2.92 -66.99
CA GLY S 69 -8.96 2.05 -66.62
C GLY S 69 -10.12 2.79 -65.98
N ARG S 70 -10.97 2.03 -65.30
CA ARG S 70 -12.16 2.58 -64.67
C ARG S 70 -12.09 2.33 -63.16
N LYS S 71 -11.70 3.36 -62.41
CA LYS S 71 -11.75 3.28 -60.97
C LYS S 71 -13.20 3.19 -60.49
N ARG S 72 -13.44 2.31 -59.52
CA ARG S 72 -14.79 2.16 -59.00
C ARG S 72 -15.16 3.40 -58.20
N PRO S 73 -16.23 4.11 -58.57
CA PRO S 73 -16.57 5.37 -57.88
C PRO S 73 -17.30 5.14 -56.56
N VAL S 74 -16.53 4.81 -55.54
CA VAL S 74 -17.08 4.55 -54.20
C VAL S 74 -16.29 5.38 -53.19
N PRO S 75 -16.91 5.82 -52.09
CA PRO S 75 -16.20 6.66 -51.12
C PRO S 75 -15.12 5.87 -50.40
N LYS S 76 -13.89 6.39 -50.42
CA LYS S 76 -12.72 5.79 -49.77
C LYS S 76 -12.44 4.38 -50.24
N GLY S 77 -12.92 4.01 -51.43
CA GLY S 77 -12.74 2.66 -51.92
C GLY S 77 -13.47 1.60 -51.14
N ALA S 78 -14.41 1.99 -50.27
CA ALA S 78 -15.12 1.04 -49.42
C ALA S 78 -16.28 0.46 -50.21
N THR S 79 -16.08 -0.72 -50.77
CA THR S 79 -17.14 -1.46 -51.46
C THR S 79 -17.63 -2.51 -50.48
N TYR S 80 -18.71 -2.18 -49.76
CA TYR S 80 -19.23 -3.04 -48.71
C TYR S 80 -19.78 -4.32 -49.33
N GLY S 81 -19.05 -5.42 -49.19
CA GLY S 81 -19.47 -6.67 -49.79
C GLY S 81 -18.39 -7.72 -49.63
N LYS S 82 -18.58 -8.83 -50.33
CA LYS S 82 -17.65 -9.94 -50.25
C LYS S 82 -16.30 -9.56 -50.86
N PRO S 83 -15.23 -10.24 -50.46
CA PRO S 83 -13.89 -9.87 -50.97
C PRO S 83 -13.75 -9.94 -52.48
N VAL S 84 -14.56 -10.76 -53.16
CA VAL S 84 -14.49 -10.83 -54.61
C VAL S 84 -14.92 -9.53 -55.26
N HIS S 85 -15.68 -8.70 -54.56
CA HIS S 85 -16.15 -7.43 -55.08
C HIS S 85 -15.38 -6.24 -54.50
N HIS S 86 -14.33 -6.51 -53.73
CA HIS S 86 -13.55 -5.44 -53.12
C HIS S 86 -12.72 -4.64 -54.10
N GLY S 87 -12.60 -5.12 -55.35
CA GLY S 87 -11.75 -4.47 -56.33
C GLY S 87 -12.10 -3.03 -56.63
N VAL S 88 -11.09 -2.17 -56.62
CA VAL S 88 -11.24 -0.75 -56.95
C VAL S 88 -10.35 -0.36 -58.12
N ASN S 89 -9.05 -0.55 -57.98
CA ASN S 89 -8.11 -0.34 -59.07
C ASN S 89 -8.07 -1.56 -59.97
N GLN S 90 -7.32 -1.43 -61.07
CA GLN S 90 -7.16 -2.48 -62.08
C GLN S 90 -8.48 -2.92 -62.70
N LEU S 91 -9.53 -2.12 -62.57
CA LEU S 91 -10.81 -2.44 -63.18
C LEU S 91 -10.91 -1.79 -64.55
N LYS S 92 -11.62 -2.45 -65.45
CA LYS S 92 -11.65 -2.08 -66.86
C LYS S 92 -13.07 -1.90 -67.34
N PHE S 93 -13.32 -0.79 -68.04
CA PHE S 93 -14.64 -0.49 -68.56
C PHE S 93 -14.97 -1.44 -69.71
N ALA S 94 -16.25 -1.80 -69.81
CA ALA S 94 -16.67 -2.77 -70.81
C ALA S 94 -16.52 -2.24 -72.23
N ARG S 95 -16.68 -0.94 -72.42
CA ARG S 95 -16.64 -0.34 -73.75
C ARG S 95 -15.32 0.39 -73.96
N SER S 96 -14.80 0.30 -75.18
CA SER S 96 -13.53 0.91 -75.52
C SER S 96 -13.67 2.44 -75.51
N LEU S 97 -12.52 3.11 -75.41
CA LEU S 97 -12.50 4.56 -75.34
C LEU S 97 -13.05 5.20 -76.61
N GLN S 98 -12.90 4.52 -77.75
CA GLN S 98 -13.48 5.02 -78.99
C GLN S 98 -14.99 5.10 -78.88
N SER S 99 -15.62 4.10 -78.28
CA SER S 99 -17.05 4.15 -78.05
C SER S 99 -17.44 5.29 -77.12
N VAL S 100 -16.61 5.56 -76.10
CA VAL S 100 -16.90 6.67 -75.20
C VAL S 100 -16.82 8.00 -75.94
N ALA S 101 -15.82 8.17 -76.80
CA ALA S 101 -15.70 9.39 -77.58
C ALA S 101 -16.90 9.54 -78.51
N GLU S 102 -17.33 8.45 -79.14
CA GLU S 102 -18.52 8.49 -79.98
C GLU S 102 -19.75 8.88 -79.17
N GLU S 103 -19.87 8.34 -77.96
CA GLU S 103 -21.02 8.65 -77.12
C GLU S 103 -21.04 10.11 -76.72
N ARG S 104 -19.87 10.66 -76.35
CA ARG S 104 -19.82 12.08 -76.02
C ARG S 104 -20.12 12.94 -77.23
N ALA S 105 -19.61 12.57 -78.40
CA ALA S 105 -19.89 13.32 -79.61
C ALA S 105 -21.39 13.32 -79.92
N GLY S 106 -22.04 12.17 -79.78
CA GLY S 106 -23.47 12.11 -80.00
C GLY S 106 -24.25 12.89 -78.97
N ARG S 107 -23.79 12.87 -77.72
CA ARG S 107 -24.55 13.52 -76.65
C ARG S 107 -24.44 15.03 -76.74
N HIS S 108 -23.30 15.54 -77.21
CA HIS S 108 -23.17 16.98 -77.36
C HIS S 108 -24.10 17.52 -78.42
N CYS S 109 -24.09 16.90 -79.60
CA CYS S 109 -24.88 17.37 -80.74
C CYS S 109 -26.00 16.35 -80.98
N GLY S 110 -27.15 16.59 -80.35
CA GLY S 110 -28.27 15.69 -80.49
C GLY S 110 -28.99 15.80 -81.81
N ALA S 111 -28.69 16.82 -82.60
CA ALA S 111 -29.32 17.01 -83.90
C ALA S 111 -28.71 16.17 -85.00
N LEU S 112 -27.58 15.51 -84.73
CA LEU S 112 -26.88 14.73 -85.73
C LEU S 112 -26.98 13.24 -85.41
N ARG S 113 -26.38 12.45 -86.29
CA ARG S 113 -26.33 11.00 -86.11
C ARG S 113 -24.88 10.55 -86.26
N VAL S 114 -24.42 9.71 -85.34
CA VAL S 114 -23.05 9.23 -85.39
C VAL S 114 -22.91 8.24 -86.53
N LEU S 115 -21.93 8.47 -87.41
CA LEU S 115 -21.66 7.57 -88.52
C LEU S 115 -20.53 6.61 -88.18
N ASN S 116 -19.35 7.14 -87.86
CA ASN S 116 -18.19 6.33 -87.52
C ASN S 116 -17.18 7.20 -86.79
N SER S 117 -16.06 6.60 -86.43
CA SER S 117 -14.99 7.31 -85.75
C SER S 117 -13.67 6.62 -86.05
N TYR S 118 -12.58 7.36 -85.84
CA TYR S 118 -11.26 6.85 -86.15
C TYR S 118 -10.22 7.55 -85.28
N TRP S 119 -9.14 6.84 -84.99
CA TRP S 119 -8.08 7.33 -84.13
C TRP S 119 -7.19 8.30 -84.90
N VAL S 120 -6.89 9.44 -84.28
CA VAL S 120 -6.08 10.47 -84.91
C VAL S 120 -4.83 10.80 -84.12
N GLY S 121 -4.67 10.28 -82.93
CA GLY S 121 -3.52 10.61 -82.10
C GLY S 121 -3.78 10.22 -80.66
N GLU S 122 -2.70 10.02 -79.93
CA GLU S 122 -2.82 9.68 -78.52
C GLU S 122 -1.59 10.16 -77.76
N ASP S 123 -1.81 10.46 -76.49
CA ASP S 123 -0.76 10.84 -75.56
C ASP S 123 -0.75 9.83 -74.41
N SER S 124 0.12 10.06 -73.43
CA SER S 124 0.13 9.21 -72.26
C SER S 124 -1.12 9.37 -71.41
N THR S 125 -1.78 10.53 -71.50
CA THR S 125 -2.95 10.81 -70.68
C THR S 125 -4.22 11.08 -71.48
N TYR S 126 -4.15 11.12 -72.80
CA TYR S 126 -5.31 11.35 -73.63
C TYR S 126 -5.28 10.47 -74.87
N LYS S 127 -6.46 10.14 -75.36
CA LYS S 127 -6.64 9.53 -76.68
C LYS S 127 -7.56 10.42 -77.50
N PHE S 128 -7.22 10.62 -78.76
CA PHE S 128 -7.93 11.54 -79.63
C PHE S 128 -8.62 10.78 -80.75
N PHE S 129 -9.91 11.01 -80.91
CA PHE S 129 -10.68 10.47 -82.03
C PHE S 129 -11.43 11.60 -82.72
N GLU S 130 -11.64 11.42 -84.01
CA GLU S 130 -12.49 12.30 -84.80
C GLU S 130 -13.72 11.51 -85.20
N VAL S 131 -14.90 12.05 -84.92
CA VAL S 131 -16.16 11.34 -85.10
C VAL S 131 -16.88 11.94 -86.29
N ILE S 132 -17.35 11.08 -87.19
CA ILE S 132 -18.07 11.51 -88.38
C ILE S 132 -19.56 11.56 -88.05
N LEU S 133 -20.15 12.74 -88.17
CA LEU S 133 -21.57 12.94 -87.90
C LEU S 133 -22.29 13.28 -89.19
N ILE S 134 -23.60 13.03 -89.18
CA ILE S 134 -24.47 13.31 -90.33
C ILE S 134 -25.70 14.06 -89.84
N ASP S 135 -26.02 15.16 -90.51
CA ASP S 135 -27.29 15.84 -90.27
C ASP S 135 -28.37 15.13 -91.07
N PRO S 136 -29.37 14.54 -90.42
CA PRO S 136 -30.41 13.82 -91.17
C PRO S 136 -31.45 14.71 -91.81
N PHE S 137 -31.36 16.02 -91.62
CA PHE S 137 -32.37 16.93 -92.15
C PHE S 137 -31.84 17.86 -93.22
N HIS S 138 -30.55 17.79 -93.52
CA HIS S 138 -30.01 18.52 -94.67
C HIS S 138 -30.53 17.90 -95.95
N LYS S 139 -30.86 18.77 -96.92
CA LYS S 139 -31.50 18.30 -98.14
C LYS S 139 -30.59 17.38 -98.94
N ALA S 140 -29.28 17.58 -98.88
CA ALA S 140 -28.36 16.71 -99.60
C ALA S 140 -28.42 15.29 -99.05
N ILE S 141 -28.47 15.15 -97.73
CA ILE S 141 -28.62 13.83 -97.13
C ILE S 141 -30.03 13.29 -97.38
N ARG S 142 -31.05 14.12 -97.20
CA ARG S 142 -32.43 13.67 -97.23
C ARG S 142 -32.85 13.22 -98.62
N ARG S 143 -32.36 13.86 -99.67
CA ARG S 143 -32.77 13.55 -101.03
C ARG S 143 -31.94 12.45 -101.67
N ASN S 144 -30.97 11.89 -100.97
CA ASN S 144 -30.02 10.97 -101.57
C ASN S 144 -30.34 9.55 -101.14
N PRO S 145 -30.65 8.64 -102.06
CA PRO S 145 -30.73 7.22 -101.70
C PRO S 145 -29.34 6.69 -101.37
N ASP S 146 -29.32 5.49 -100.77
CA ASP S 146 -28.17 4.88 -100.11
C ASP S 146 -27.74 5.69 -98.89
N THR S 147 -28.51 6.71 -98.51
CA THR S 147 -28.20 7.57 -97.38
C THR S 147 -29.42 7.82 -96.50
N GLN S 148 -30.62 7.66 -97.04
CA GLN S 148 -31.85 7.94 -96.29
C GLN S 148 -32.02 7.05 -95.07
N TRP S 149 -31.29 5.93 -95.01
CA TRP S 149 -31.44 5.01 -93.88
C TRP S 149 -31.06 5.69 -92.56
N ILE S 150 -30.04 6.56 -92.59
CA ILE S 150 -29.65 7.27 -91.39
C ILE S 150 -30.74 8.25 -90.95
N THR S 151 -31.63 8.64 -91.86
CA THR S 151 -32.73 9.53 -91.50
C THR S 151 -33.88 8.81 -90.82
N LYS S 152 -33.86 7.49 -90.77
CA LYS S 152 -34.92 6.74 -90.13
C LYS S 152 -34.91 6.97 -88.62
N PRO S 153 -36.08 6.98 -88.00
CA PRO S 153 -36.13 7.15 -86.53
C PRO S 153 -35.41 6.04 -85.77
N VAL S 154 -35.36 4.82 -86.32
CA VAL S 154 -34.69 3.73 -85.62
C VAL S 154 -33.19 3.97 -85.51
N HIS S 155 -32.61 4.78 -86.41
CA HIS S 155 -31.17 5.00 -86.46
C HIS S 155 -30.74 6.27 -85.73
N LYS S 156 -31.43 6.64 -84.65
CA LYS S 156 -31.00 7.77 -83.85
C LYS S 156 -30.24 7.28 -82.62
N HIS S 157 -29.17 8.00 -82.28
CA HIS S 157 -28.32 7.68 -81.13
C HIS S 157 -27.80 6.25 -81.22
N ARG S 158 -27.22 5.92 -82.37
CA ARG S 158 -26.62 4.59 -82.53
C ARG S 158 -25.47 4.40 -81.55
N GLU S 159 -24.73 5.47 -81.26
CA GLU S 159 -23.62 5.41 -80.32
C GLU S 159 -24.06 5.05 -78.91
N MET S 160 -25.30 5.36 -78.54
CA MET S 160 -25.80 5.07 -77.20
C MET S 160 -26.43 3.70 -77.10
N ARG S 161 -26.59 3.00 -78.22
CA ARG S 161 -27.14 1.65 -78.23
C ARG S 161 -26.16 0.64 -78.82
N GLY S 162 -24.92 1.04 -79.04
CA GLY S 162 -23.92 0.14 -79.58
C GLY S 162 -24.17 -0.33 -81.00
N LEU S 163 -24.57 0.58 -81.88
CA LEU S 163 -24.79 0.24 -83.28
C LEU S 163 -23.68 0.73 -84.19
N THR S 164 -22.73 1.52 -83.68
CA THR S 164 -21.61 1.97 -84.48
C THR S 164 -20.57 0.87 -84.61
N SER S 165 -19.52 1.15 -85.38
CA SER S 165 -18.43 0.20 -85.52
C SER S 165 -17.71 -0.01 -84.19
N ALA S 166 -17.46 1.08 -83.46
CA ALA S 166 -16.75 0.96 -82.20
C ALA S 166 -17.63 0.31 -81.12
N GLY S 167 -18.90 0.72 -81.05
CA GLY S 167 -19.78 0.16 -80.04
C GLY S 167 -20.13 -1.29 -80.25
N ARG S 168 -20.11 -1.76 -81.50
CA ARG S 168 -20.42 -3.16 -81.77
C ARG S 168 -19.32 -4.09 -81.28
N LYS S 169 -18.07 -3.62 -81.24
CA LYS S 169 -16.95 -4.47 -80.87
C LYS S 169 -17.05 -4.98 -79.44
N SER S 170 -17.62 -4.20 -78.52
CA SER S 170 -17.69 -4.61 -77.14
C SER S 170 -18.93 -5.45 -76.82
N ARG S 171 -19.85 -5.60 -77.76
CA ARG S 171 -21.06 -6.38 -77.51
C ARG S 171 -20.86 -7.87 -77.70
N GLY S 172 -19.72 -8.30 -78.20
CA GLY S 172 -19.48 -9.72 -78.38
C GLY S 172 -20.22 -10.34 -79.54
N LEU S 173 -20.75 -9.52 -80.44
CA LEU S 173 -21.44 -10.05 -81.61
C LEU S 173 -20.44 -10.66 -82.57
N GLY S 174 -20.94 -11.54 -83.42
CA GLY S 174 -20.12 -12.24 -84.38
C GLY S 174 -20.62 -13.64 -84.58
N LYS S 175 -20.01 -14.32 -85.56
CA LYS S 175 -20.37 -15.67 -85.92
C LYS S 175 -19.26 -16.62 -85.49
N GLY S 176 -19.63 -17.73 -84.87
CA GLY S 176 -18.68 -18.78 -84.56
C GLY S 176 -18.83 -19.30 -83.15
N HIS S 177 -17.99 -20.28 -82.83
CA HIS S 177 -17.98 -20.86 -81.49
C HIS S 177 -17.44 -19.88 -80.45
N LYS S 178 -16.73 -18.86 -80.89
CA LYS S 178 -16.24 -17.83 -79.97
C LYS S 178 -17.34 -16.87 -79.52
N PHE S 179 -18.52 -16.92 -80.14
CA PHE S 179 -19.57 -15.94 -79.89
C PHE S 179 -20.90 -16.62 -79.65
N HIS S 180 -20.89 -17.65 -78.80
CA HIS S 180 -22.14 -18.28 -78.39
C HIS S 180 -22.89 -17.47 -77.35
N HIS S 181 -22.26 -16.45 -76.77
CA HIS S 181 -22.92 -15.68 -75.72
C HIS S 181 -23.93 -14.71 -76.30
N THR S 182 -23.87 -14.44 -77.60
CA THR S 182 -24.73 -13.46 -78.23
C THR S 182 -25.63 -14.10 -79.29
N ILE S 183 -25.94 -15.39 -79.13
CA ILE S 183 -26.82 -16.06 -80.07
C ILE S 183 -28.26 -15.66 -79.76
N GLY S 184 -28.85 -14.90 -80.67
CA GLY S 184 -30.21 -14.40 -80.48
C GLY S 184 -30.35 -12.89 -80.61
N GLY S 185 -29.25 -12.14 -80.70
CA GLY S 185 -29.29 -10.69 -80.88
C GLY S 185 -28.42 -9.92 -79.92
N SER S 186 -28.33 -10.38 -78.67
CA SER S 186 -27.54 -9.69 -77.65
C SER S 186 -27.30 -10.66 -76.51
N ARG S 187 -26.43 -10.24 -75.58
CA ARG S 187 -26.18 -11.05 -74.40
C ARG S 187 -27.44 -11.21 -73.56
N ARG S 188 -28.20 -10.13 -73.39
CA ARG S 188 -29.42 -10.20 -72.59
C ARG S 188 -30.45 -11.09 -73.26
N ALA S 189 -30.56 -11.02 -74.59
CA ALA S 189 -31.53 -11.86 -75.29
C ALA S 189 -31.19 -13.33 -75.15
N ALA S 190 -29.92 -13.69 -75.33
CA ALA S 190 -29.51 -15.08 -75.16
C ALA S 190 -29.72 -15.54 -73.73
N TRP S 191 -29.41 -14.67 -72.76
CA TRP S 191 -29.63 -15.01 -71.36
C TRP S 191 -31.09 -15.27 -71.06
N ARG S 192 -31.98 -14.43 -71.60
CA ARG S 192 -33.41 -14.64 -71.38
C ARG S 192 -33.89 -15.91 -72.05
N ARG S 193 -33.40 -16.19 -73.26
CA ARG S 193 -33.79 -17.41 -73.94
C ARG S 193 -33.35 -18.64 -73.17
N ARG S 194 -32.13 -18.62 -72.62
CA ARG S 194 -31.60 -19.76 -71.90
C ARG S 194 -32.10 -19.85 -70.46
N ASN S 195 -32.69 -18.77 -69.94
CA ASN S 195 -33.15 -18.74 -68.56
C ASN S 195 -34.65 -18.66 -68.44
N THR S 196 -35.38 -18.92 -69.53
CA THR S 196 -36.84 -18.88 -69.51
C THR S 196 -37.37 -20.30 -69.50
N LEU S 197 -38.26 -20.60 -68.56
CA LEU S 197 -38.84 -21.92 -68.41
C LEU S 197 -40.03 -22.04 -69.34
N GLN S 198 -39.86 -22.78 -70.44
CA GLN S 198 -40.90 -22.93 -71.45
C GLN S 198 -41.92 -23.94 -70.97
N LEU S 199 -43.02 -23.45 -70.40
CA LEU S 199 -44.10 -24.31 -69.93
C LEU S 199 -45.18 -24.31 -70.99
N HIS S 200 -45.28 -25.41 -71.73
CA HIS S 200 -46.22 -25.50 -72.82
C HIS S 200 -47.63 -25.74 -72.29
N ARG S 201 -48.58 -25.92 -73.20
CA ARG S 201 -49.94 -26.27 -72.78
C ARG S 201 -50.01 -27.72 -72.34
N TYR S 202 -49.27 -28.60 -73.01
CA TYR S 202 -49.32 -30.03 -72.75
C TYR S 202 -47.96 -30.46 -72.24
N ARG S 203 -47.87 -30.73 -70.94
CA ARG S 203 -46.66 -31.29 -70.37
C ARG S 203 -46.81 -32.78 -70.14
N GLU T 1 -88.08 -47.65 11.74
CA GLU T 1 -89.47 -47.67 12.19
C GLU T 1 -90.11 -46.30 12.06
N VAL T 2 -91.43 -46.25 12.22
CA VAL T 2 -92.17 -45.02 11.99
C VAL T 2 -92.13 -44.07 13.19
N GLN T 3 -92.09 -44.60 14.41
CA GLN T 3 -92.18 -43.77 15.60
C GLN T 3 -90.83 -43.12 15.90
N VAL T 4 -90.82 -42.28 16.92
CA VAL T 4 -89.59 -41.65 17.39
C VAL T 4 -88.88 -42.60 18.34
N LEU T 5 -87.62 -42.87 18.05
CA LEU T 5 -86.82 -43.81 18.85
C LEU T 5 -86.12 -43.04 19.96
N VAL T 6 -86.46 -43.33 21.20
CA VAL T 6 -85.91 -42.63 22.36
C VAL T 6 -84.83 -43.51 22.97
N LEU T 7 -83.61 -42.99 23.05
CA LEU T 7 -82.47 -43.72 23.57
C LEU T 7 -81.92 -43.02 24.81
N ASP T 8 -81.70 -43.79 25.87
CA ASP T 8 -81.10 -43.27 27.08
C ASP T 8 -79.59 -43.35 26.97
N GLY T 9 -78.92 -42.22 27.15
CA GLY T 9 -77.48 -42.17 26.98
C GLY T 9 -76.66 -42.67 28.15
N ARG T 10 -77.30 -42.99 29.27
CA ARG T 10 -76.56 -43.40 30.45
C ARG T 10 -75.95 -44.79 30.24
N GLY T 11 -74.67 -44.91 30.55
CA GLY T 11 -73.98 -46.18 30.44
C GLY T 11 -73.63 -46.58 29.03
N HIS T 12 -73.83 -45.72 28.04
CA HIS T 12 -73.56 -46.04 26.65
C HIS T 12 -72.22 -45.46 26.22
N LEU T 13 -71.52 -46.20 25.37
CA LEU T 13 -70.26 -45.72 24.83
C LEU T 13 -70.51 -44.74 23.70
N LEU T 14 -69.58 -43.80 23.53
CA LEU T 14 -69.79 -42.70 22.59
C LEU T 14 -69.78 -43.20 21.15
N GLY T 15 -68.67 -43.84 20.74
CA GLY T 15 -68.54 -44.25 19.36
C GLY T 15 -69.56 -45.27 18.90
N ARG T 16 -69.82 -46.29 19.72
CA ARG T 16 -70.78 -47.31 19.33
C ARG T 16 -72.18 -46.75 19.17
N LEU T 17 -72.66 -46.01 20.17
CA LEU T 17 -73.98 -45.43 20.11
C LEU T 17 -74.10 -44.43 18.97
N ALA T 18 -73.05 -43.64 18.75
CA ALA T 18 -73.05 -42.69 17.65
C ALA T 18 -73.14 -43.39 16.30
N ALA T 19 -72.39 -44.48 16.13
CA ALA T 19 -72.46 -45.22 14.87
C ALA T 19 -73.84 -45.83 14.65
N ILE T 20 -74.42 -46.41 15.70
CA ILE T 20 -75.75 -46.98 15.58
C ILE T 20 -76.78 -45.91 15.24
N VAL T 21 -76.70 -44.75 15.90
CA VAL T 21 -77.63 -43.68 15.62
C VAL T 21 -77.47 -43.19 14.18
N ALA T 22 -76.23 -43.00 13.73
CA ALA T 22 -76.00 -42.52 12.37
C ALA T 22 -76.52 -43.51 11.34
N LYS T 23 -76.39 -44.81 11.61
CA LYS T 23 -77.01 -45.80 10.73
C LYS T 23 -78.53 -45.70 10.79
N GLN T 24 -79.08 -45.35 11.95
CA GLN T 24 -80.54 -45.29 12.09
C GLN T 24 -81.11 -44.08 11.36
N VAL T 25 -80.49 -42.92 11.51
CA VAL T 25 -81.02 -41.71 10.88
C VAL T 25 -80.90 -41.77 9.37
N LEU T 26 -79.96 -42.56 8.85
CA LEU T 26 -79.83 -42.73 7.41
C LEU T 26 -81.00 -43.51 6.83
N LEU T 27 -81.71 -44.27 7.66
CA LEU T 27 -82.83 -45.09 7.22
C LEU T 27 -84.16 -44.35 7.31
N GLY T 28 -84.13 -43.02 7.37
CA GLY T 28 -85.35 -42.26 7.51
C GLY T 28 -86.07 -42.47 8.81
N ARG T 29 -85.34 -42.57 9.92
CA ARG T 29 -85.92 -42.81 11.23
C ARG T 29 -85.62 -41.64 12.15
N LYS T 30 -86.60 -41.26 12.96
CA LYS T 30 -86.45 -40.18 13.91
C LYS T 30 -85.87 -40.72 15.21
N VAL T 31 -84.77 -40.12 15.67
CA VAL T 31 -84.05 -40.58 16.85
C VAL T 31 -83.92 -39.42 17.83
N VAL T 32 -84.28 -39.66 19.08
CA VAL T 32 -84.12 -38.69 20.16
C VAL T 32 -83.28 -39.34 21.25
N VAL T 33 -82.23 -38.65 21.69
CA VAL T 33 -81.34 -39.15 22.73
C VAL T 33 -81.44 -38.22 23.92
N VAL T 34 -81.66 -38.79 25.10
CA VAL T 34 -81.79 -38.02 26.33
C VAL T 34 -80.70 -38.45 27.30
N ARG T 35 -80.41 -37.58 28.26
CA ARG T 35 -79.37 -37.78 29.26
C ARG T 35 -78.03 -38.10 28.58
N CYS T 36 -77.63 -37.21 27.68
CA CYS T 36 -76.35 -37.37 27.00
C CYS T 36 -75.16 -37.22 27.94
N GLU T 37 -75.35 -36.59 29.10
CA GLU T 37 -74.28 -36.47 30.09
C GLU T 37 -73.93 -37.82 30.71
N GLY T 38 -74.79 -38.82 30.56
CA GLY T 38 -74.52 -40.15 31.05
C GLY T 38 -73.71 -41.02 30.12
N ILE T 39 -73.26 -40.48 29.00
CA ILE T 39 -72.46 -41.25 28.05
C ILE T 39 -71.07 -41.47 28.61
N ASN T 40 -70.58 -42.71 28.52
CA ASN T 40 -69.24 -43.04 28.95
C ASN T 40 -68.30 -43.10 27.75
N ILE T 41 -67.05 -42.76 27.97
CA ILE T 41 -66.00 -42.83 26.96
C ILE T 41 -64.89 -43.73 27.48
N SER T 42 -64.46 -44.68 26.66
CA SER T 42 -63.41 -45.60 27.06
C SER T 42 -62.09 -44.88 27.25
N GLY T 43 -61.24 -45.47 28.08
CA GLY T 43 -60.01 -44.78 28.46
C GLY T 43 -60.21 -43.91 29.68
N ASN T 44 -59.13 -43.70 30.42
CA ASN T 44 -59.23 -42.93 31.65
C ASN T 44 -59.51 -41.47 31.36
N PHE T 45 -59.96 -40.76 32.40
CA PHE T 45 -60.52 -39.41 32.22
C PHE T 45 -59.46 -38.44 31.73
N TYR T 46 -58.22 -38.58 32.21
CA TYR T 46 -57.17 -37.63 31.83
C TYR T 46 -56.88 -37.69 30.35
N ARG T 47 -56.83 -38.90 29.79
CA ARG T 47 -56.56 -39.04 28.35
C ARG T 47 -57.64 -38.40 27.51
N ASN T 48 -58.91 -38.61 27.88
CA ASN T 48 -60.00 -38.03 27.11
C ASN T 48 -60.04 -36.51 27.27
N LYS T 49 -59.70 -36.01 28.46
CA LYS T 49 -59.60 -34.56 28.64
C LYS T 49 -58.49 -33.99 27.77
N LEU T 50 -57.35 -34.69 27.68
CA LEU T 50 -56.29 -34.25 26.79
C LEU T 50 -56.74 -34.27 25.34
N LYS T 51 -57.51 -35.29 24.95
CA LYS T 51 -58.04 -35.36 23.60
C LYS T 51 -58.92 -34.15 23.30
N TYR T 52 -59.80 -33.79 24.24
CA TYR T 52 -60.70 -32.67 23.98
C TYR T 52 -59.95 -31.35 23.99
N LEU T 53 -58.91 -31.24 24.82
CA LEU T 53 -58.09 -30.02 24.79
C LEU T 53 -57.32 -29.91 23.48
N ALA T 54 -56.85 -31.04 22.94
CA ALA T 54 -56.23 -31.02 21.62
C ALA T 54 -57.23 -30.60 20.55
N PHE T 55 -58.48 -31.06 20.67
CA PHE T 55 -59.54 -30.56 19.80
C PHE T 55 -59.71 -29.06 19.94
N LEU T 56 -59.66 -28.55 21.18
CA LEU T 56 -59.79 -27.11 21.41
C LEU T 56 -58.66 -26.34 20.75
N ARG T 57 -57.45 -26.90 20.74
CA ARG T 57 -56.32 -26.21 20.14
C ARG T 57 -56.48 -26.04 18.64
N LYS T 58 -57.15 -26.98 17.96
CA LYS T 58 -57.37 -26.88 16.52
C LYS T 58 -58.37 -25.78 16.24
N ARG T 59 -57.86 -24.63 15.81
CA ARG T 59 -58.71 -23.50 15.43
C ARG T 59 -58.07 -22.79 14.25
N MET T 60 -58.89 -22.08 13.50
CA MET T 60 -58.38 -21.30 12.37
C MET T 60 -57.54 -20.15 12.90
N ASN T 61 -56.24 -20.19 12.61
CA ASN T 61 -55.31 -19.21 13.17
C ASN T 61 -55.62 -17.81 12.67
N THR T 62 -56.00 -17.68 11.41
CA THR T 62 -56.28 -16.36 10.85
C THR T 62 -57.52 -15.74 11.48
N ASN T 63 -58.59 -16.53 11.62
CA ASN T 63 -59.87 -16.01 12.11
C ASN T 63 -60.55 -17.11 12.90
N PRO T 64 -60.40 -17.13 14.23
CA PRO T 64 -61.05 -18.16 15.03
C PRO T 64 -62.57 -18.11 14.98
N SER T 65 -63.16 -16.96 14.63
CA SER T 65 -64.61 -16.88 14.51
C SER T 65 -65.14 -17.79 13.42
N ARG T 66 -64.46 -17.89 12.29
CA ARG T 66 -64.82 -18.84 11.25
C ARG T 66 -64.35 -20.25 11.56
N GLY T 67 -63.58 -20.43 12.62
CA GLY T 67 -62.91 -21.69 12.88
C GLY T 67 -63.85 -22.79 13.34
N PRO T 68 -63.28 -23.93 13.70
CA PRO T 68 -64.10 -25.07 14.14
C PRO T 68 -64.88 -24.73 15.40
N TYR T 69 -66.19 -24.86 15.33
CA TYR T 69 -67.07 -24.47 16.42
C TYR T 69 -67.07 -25.58 17.47
N HIS T 70 -66.23 -25.42 18.49
CA HIS T 70 -66.15 -26.38 19.59
C HIS T 70 -67.41 -26.23 20.44
N PHE T 71 -68.29 -27.22 20.39
CA PHE T 71 -69.48 -27.23 21.21
C PHE T 71 -69.17 -27.90 22.54
N ARG T 72 -69.67 -27.32 23.63
CA ARG T 72 -69.29 -27.77 24.96
C ARG T 72 -70.38 -28.58 25.66
N ALA T 73 -71.63 -28.45 25.25
CA ALA T 73 -72.70 -29.22 25.87
C ALA T 73 -72.55 -30.70 25.50
N PRO T 74 -72.78 -31.60 26.45
CA PRO T 74 -72.62 -33.04 26.14
C PRO T 74 -73.51 -33.52 25.01
N SER T 75 -74.76 -33.04 24.97
CA SER T 75 -75.63 -33.38 23.85
C SER T 75 -75.08 -32.82 22.54
N ARG T 76 -74.56 -31.60 22.58
CA ARG T 76 -73.97 -31.03 21.38
C ARG T 76 -72.70 -31.78 20.97
N ILE T 77 -71.93 -32.26 21.95
CA ILE T 77 -70.75 -33.05 21.65
C ILE T 77 -71.14 -34.35 20.96
N PHE T 78 -72.17 -35.01 21.48
CA PHE T 78 -72.63 -36.24 20.84
C PHE T 78 -73.20 -35.96 19.45
N TRP T 79 -73.88 -34.83 19.30
CA TRP T 79 -74.40 -34.44 17.99
C TRP T 79 -73.27 -34.26 16.98
N ARG T 80 -72.19 -33.59 17.40
CA ARG T 80 -71.03 -33.46 16.53
C ARG T 80 -70.38 -34.80 16.24
N THR T 81 -70.36 -35.69 17.22
CA THR T 81 -69.80 -37.02 17.01
C THR T 81 -70.59 -37.79 15.96
N VAL T 82 -71.91 -37.72 16.01
CA VAL T 82 -72.75 -38.37 15.01
C VAL T 82 -72.53 -37.72 13.64
N ARG T 83 -72.37 -36.39 13.63
CA ARG T 83 -72.14 -35.68 12.37
C ARG T 83 -70.85 -36.11 11.71
N GLY T 84 -69.89 -36.62 12.48
CA GLY T 84 -68.66 -37.12 11.91
C GLY T 84 -68.82 -38.41 11.15
N MET T 85 -69.89 -39.15 11.40
CA MET T 85 -70.15 -40.42 10.73
C MET T 85 -71.15 -40.30 9.60
N LEU T 86 -71.50 -39.08 9.19
CA LEU T 86 -72.49 -38.90 8.16
C LEU T 86 -71.95 -38.03 7.03
N PRO T 87 -72.45 -38.20 5.81
CA PRO T 87 -72.12 -37.24 4.74
C PRO T 87 -72.90 -35.95 4.90
N HIS T 88 -72.56 -35.21 5.96
CA HIS T 88 -73.28 -33.99 6.34
C HIS T 88 -73.06 -32.84 5.39
N LYS T 89 -72.22 -33.01 4.37
CA LYS T 89 -72.06 -32.00 3.34
C LYS T 89 -73.02 -32.21 2.18
N THR T 90 -73.91 -33.18 2.28
CA THR T 90 -74.89 -33.49 1.24
C THR T 90 -76.30 -33.25 1.77
N LYS T 91 -77.25 -33.15 0.83
CA LYS T 91 -78.65 -33.01 1.22
C LYS T 91 -79.16 -34.22 1.98
N ARG T 92 -78.77 -35.42 1.55
CA ARG T 92 -79.19 -36.63 2.26
C ARG T 92 -78.67 -36.65 3.68
N GLY T 93 -77.41 -36.26 3.89
CA GLY T 93 -76.88 -36.22 5.24
C GLY T 93 -77.59 -35.21 6.11
N GLN T 94 -77.85 -34.02 5.58
CA GLN T 94 -78.55 -32.99 6.36
C GLN T 94 -79.97 -33.43 6.69
N ALA T 95 -80.66 -34.05 5.72
CA ALA T 95 -82.00 -34.55 5.99
C ALA T 95 -81.98 -35.63 7.08
N ALA T 96 -80.97 -36.51 7.02
CA ALA T 96 -80.79 -37.46 8.11
C ALA T 96 -80.42 -36.77 9.40
N LEU T 97 -79.58 -35.73 9.31
CA LEU T 97 -79.14 -35.04 10.52
C LEU T 97 -80.27 -34.26 11.18
N ASP T 98 -81.30 -33.90 10.41
CA ASP T 98 -82.44 -33.23 10.99
C ASP T 98 -83.38 -34.19 11.72
N ARG T 99 -83.20 -35.49 11.51
CA ARG T 99 -84.01 -36.51 12.19
C ARG T 99 -83.47 -36.87 13.56
N LEU T 100 -82.35 -36.30 13.98
CA LEU T 100 -81.74 -36.60 15.25
C LEU T 100 -81.89 -35.42 16.20
N LYS T 101 -82.38 -35.69 17.40
CA LYS T 101 -82.48 -34.69 18.46
C LYS T 101 -81.72 -35.18 19.68
N VAL T 102 -80.92 -34.29 20.27
CA VAL T 102 -80.09 -34.63 21.41
C VAL T 102 -80.37 -33.63 22.53
N PHE T 103 -80.33 -34.11 23.77
CA PHE T 103 -80.65 -33.28 24.92
C PHE T 103 -79.80 -33.71 26.11
N ASP T 104 -79.43 -32.73 26.93
CA ASP T 104 -78.88 -32.98 28.24
C ASP T 104 -80.03 -33.24 29.22
N GLY T 105 -79.94 -34.33 29.95
CA GLY T 105 -81.08 -34.68 30.78
C GLY T 105 -82.22 -35.22 29.91
N ILE T 106 -83.39 -35.32 30.53
CA ILE T 106 -84.57 -35.83 29.84
C ILE T 106 -85.66 -34.76 29.83
N PRO T 107 -86.00 -34.21 28.68
CA PRO T 107 -86.97 -33.11 28.62
C PRO T 107 -88.38 -33.59 28.94
N PRO T 108 -89.26 -32.67 29.30
CA PRO T 108 -90.67 -33.03 29.58
C PRO T 108 -91.38 -33.68 28.41
N PRO T 109 -91.05 -33.37 27.15
CA PRO T 109 -91.65 -34.17 26.07
C PRO T 109 -91.28 -35.64 26.11
N TYR T 110 -90.19 -36.02 26.78
CA TYR T 110 -89.73 -37.39 26.77
C TYR T 110 -89.63 -38.05 28.13
N ASP T 111 -89.72 -37.30 29.23
CA ASP T 111 -89.60 -37.91 30.55
C ASP T 111 -90.78 -38.78 30.91
N LYS T 112 -91.92 -38.60 30.25
CA LYS T 112 -93.11 -39.40 30.49
C LYS T 112 -93.23 -40.55 29.50
N LYS T 113 -92.14 -40.93 28.85
CA LYS T 113 -92.12 -42.01 27.89
C LYS T 113 -90.96 -42.96 28.19
N LYS T 114 -91.10 -44.21 27.76
CA LYS T 114 -90.06 -45.19 27.98
C LYS T 114 -88.87 -44.92 27.06
N ARG T 115 -87.70 -45.40 27.47
CA ARG T 115 -86.45 -45.11 26.80
C ARG T 115 -85.76 -46.42 26.40
N MET T 116 -85.35 -46.50 25.13
CA MET T 116 -84.65 -47.69 24.66
C MET T 116 -83.21 -47.68 25.16
N VAL T 117 -82.61 -48.86 25.19
CA VAL T 117 -81.20 -49.02 25.52
C VAL T 117 -80.58 -49.97 24.50
N VAL T 118 -79.46 -49.56 23.91
CA VAL T 118 -78.78 -50.36 22.89
C VAL T 118 -77.77 -51.27 23.56
N PRO T 119 -77.93 -52.59 23.46
CA PRO T 119 -76.93 -53.50 24.04
C PRO T 119 -75.54 -53.36 23.43
N ALA T 120 -75.45 -53.05 22.13
CA ALA T 120 -74.16 -53.02 21.47
C ALA T 120 -73.32 -51.81 21.85
N ALA T 121 -73.87 -50.87 22.59
CA ALA T 121 -73.14 -49.67 22.99
C ALA T 121 -72.98 -49.53 24.50
N LEU T 122 -73.52 -50.45 25.29
CA LEU T 122 -73.46 -50.33 26.74
C LEU T 122 -72.03 -50.55 27.24
N LYS T 123 -71.63 -49.76 28.23
CA LYS T 123 -70.29 -49.89 28.79
C LYS T 123 -70.13 -51.19 29.55
N VAL T 124 -71.21 -51.71 30.14
CA VAL T 124 -71.11 -52.90 30.96
C VAL T 124 -70.71 -54.12 30.12
N VAL T 125 -71.18 -54.19 28.88
CA VAL T 125 -70.92 -55.37 28.05
C VAL T 125 -69.86 -55.12 26.97
N ARG T 126 -69.59 -53.86 26.62
CA ARG T 126 -68.60 -53.57 25.59
C ARG T 126 -67.25 -53.17 26.16
N LEU T 127 -67.10 -53.16 27.48
CA LEU T 127 -65.84 -52.79 28.11
C LEU T 127 -65.48 -53.81 29.17
N LYS T 128 -64.20 -54.11 29.27
CA LYS T 128 -63.73 -55.02 30.30
C LYS T 128 -63.88 -54.36 31.68
N PRO T 129 -64.27 -55.11 32.70
CA PRO T 129 -64.51 -54.49 34.02
C PRO T 129 -63.28 -53.85 34.64
N THR T 130 -62.09 -54.37 34.34
CA THR T 130 -60.87 -53.83 34.95
C THR T 130 -60.44 -52.50 34.35
N ARG T 131 -61.06 -52.07 33.25
CA ARG T 131 -60.63 -50.84 32.59
C ARG T 131 -61.23 -49.62 33.27
N LYS T 132 -60.77 -48.45 32.84
CA LYS T 132 -61.27 -47.17 33.32
C LYS T 132 -62.05 -46.47 32.22
N PHE T 133 -62.93 -45.56 32.62
CA PHE T 133 -63.81 -44.88 31.68
C PHE T 133 -64.03 -43.45 32.14
N ALA T 134 -64.53 -42.63 31.22
CA ALA T 134 -64.74 -41.22 31.48
C ALA T 134 -66.19 -40.83 31.20
N TYR T 135 -66.79 -40.13 32.16
CA TYR T 135 -68.16 -39.64 32.03
C TYR T 135 -68.17 -38.41 31.11
N LEU T 136 -69.16 -38.35 30.23
CA LEU T 136 -69.28 -37.19 29.37
C LEU T 136 -69.69 -35.95 30.15
N GLY T 137 -70.53 -36.11 31.18
CA GLY T 137 -70.96 -34.97 31.96
C GLY T 137 -69.81 -34.30 32.70
N ARG T 138 -68.97 -35.10 33.36
CA ARG T 138 -67.83 -34.54 34.07
C ARG T 138 -66.84 -33.92 33.10
N LEU T 139 -66.59 -34.58 31.97
CA LEU T 139 -65.63 -34.07 30.99
C LEU T 139 -66.11 -32.73 30.43
N ALA T 140 -67.40 -32.63 30.11
CA ALA T 140 -67.94 -31.37 29.63
C ALA T 140 -67.88 -30.30 30.70
N HIS T 141 -68.13 -30.70 31.96
CA HIS T 141 -68.15 -29.73 33.05
C HIS T 141 -66.80 -29.05 33.23
N GLU T 142 -65.72 -29.81 33.11
CA GLU T 142 -64.39 -29.26 33.33
C GLU T 142 -63.79 -28.60 32.10
N VAL T 143 -64.47 -28.63 30.96
CA VAL T 143 -63.93 -28.08 29.72
C VAL T 143 -64.67 -26.83 29.28
N GLY T 144 -65.81 -26.50 29.89
CA GLY T 144 -66.50 -25.29 29.50
C GLY T 144 -68.00 -25.35 29.55
N TRP T 145 -68.59 -26.53 29.73
CA TRP T 145 -70.02 -26.59 29.96
C TRP T 145 -70.35 -25.97 31.30
N LYS T 146 -71.51 -25.30 31.37
CA LYS T 146 -71.81 -24.41 32.47
C LYS T 146 -72.99 -24.85 33.33
N TYR T 147 -73.75 -25.85 32.89
CA TYR T 147 -75.05 -26.15 33.47
C TYR T 147 -75.11 -27.57 34.01
N GLN T 148 -74.04 -28.03 34.66
CA GLN T 148 -74.06 -29.36 35.23
C GLN T 148 -74.93 -29.42 36.49
N ALA T 149 -74.85 -28.39 37.34
CA ALA T 149 -75.56 -28.42 38.61
C ALA T 149 -77.07 -28.33 38.40
N VAL T 150 -77.52 -27.43 37.54
CA VAL T 150 -78.95 -27.30 37.30
C VAL T 150 -79.49 -28.54 36.60
N THR T 151 -78.69 -29.13 35.72
CA THR T 151 -79.09 -30.39 35.09
C THR T 151 -79.25 -31.50 36.12
N ALA T 152 -78.31 -31.58 37.07
CA ALA T 152 -78.41 -32.58 38.12
C ALA T 152 -79.64 -32.35 38.99
N THR T 153 -79.93 -31.09 39.30
CA THR T 153 -81.11 -30.79 40.13
C THR T 153 -82.40 -31.16 39.41
N LEU T 154 -82.49 -30.81 38.13
CA LEU T 154 -83.69 -31.17 37.36
C LEU T 154 -83.83 -32.68 37.22
N GLU T 155 -82.72 -33.39 37.02
CA GLU T 155 -82.77 -34.84 36.98
C GLU T 155 -83.19 -35.41 38.34
N GLU T 156 -82.79 -34.76 39.43
CA GLU T 156 -83.24 -35.18 40.75
C GLU T 156 -84.75 -35.04 40.91
N LYS T 157 -85.31 -33.91 40.47
CA LYS T 157 -86.75 -33.72 40.52
C LYS T 157 -87.46 -34.75 39.64
N ARG T 158 -86.93 -34.99 38.44
CA ARG T 158 -87.52 -35.97 37.54
C ARG T 158 -87.47 -37.37 38.16
N LYS T 159 -86.38 -37.69 38.85
CA LYS T 159 -86.29 -38.97 39.55
C LYS T 159 -87.31 -39.07 40.67
N GLU T 160 -87.53 -37.99 41.41
CA GLU T 160 -88.55 -38.00 42.46
C GLU T 160 -89.93 -38.28 41.87
N LYS T 161 -90.31 -37.55 40.83
CA LYS T 161 -91.62 -37.75 40.23
C LYS T 161 -91.74 -39.12 39.58
N ALA T 162 -90.66 -39.61 38.97
CA ALA T 162 -90.67 -40.94 38.39
C ALA T 162 -90.80 -42.02 39.47
N LYS T 163 -90.20 -41.81 40.63
CA LYS T 163 -90.38 -42.75 41.73
C LYS T 163 -91.82 -42.77 42.20
N ILE T 164 -92.46 -41.59 42.26
CA ILE T 164 -93.88 -41.55 42.61
C ILE T 164 -94.70 -42.33 41.58
N HIS T 165 -94.41 -42.11 40.29
CA HIS T 165 -95.13 -42.83 39.24
C HIS T 165 -94.88 -44.33 39.33
N TYR T 166 -93.65 -44.73 39.65
CA TYR T 166 -93.33 -46.14 39.82
C TYR T 166 -94.07 -46.75 40.98
N ARG T 167 -94.19 -46.04 42.11
CA ARG T 167 -94.95 -46.57 43.23
C ARG T 167 -96.42 -46.71 42.88
N LYS T 168 -96.97 -45.74 42.15
CA LYS T 168 -98.35 -45.86 41.68
C LYS T 168 -98.52 -47.08 40.79
N LYS T 169 -97.57 -47.31 39.88
CA LYS T 169 -97.68 -48.45 38.98
C LYS T 169 -97.53 -49.76 39.72
N LYS T 170 -96.68 -49.81 40.76
CA LYS T 170 -96.57 -51.00 41.59
C LYS T 170 -97.87 -51.27 42.31
N GLN T 171 -98.51 -50.22 42.84
CA GLN T 171 -99.81 -50.39 43.47
C GLN T 171 -100.84 -50.94 42.48
N LEU T 172 -100.84 -50.40 41.26
CA LEU T 172 -101.77 -50.88 40.23
C LEU T 172 -101.51 -52.34 39.89
N MET T 173 -100.23 -52.73 39.78
CA MET T 173 -99.91 -54.10 39.44
C MET T 173 -100.25 -55.06 40.58
N ARG T 174 -100.02 -54.63 41.83
CA ARG T 174 -100.43 -55.46 42.96
C ARG T 174 -101.93 -55.65 42.97
N LEU T 175 -102.70 -54.59 42.71
CA LEU T 175 -104.15 -54.73 42.67
C LEU T 175 -104.58 -55.60 41.50
N ARG T 176 -103.87 -55.54 40.38
CA ARG T 176 -104.19 -56.41 39.24
C ARG T 176 -103.94 -57.87 39.58
N LYS T 177 -102.82 -58.18 40.24
CA LYS T 177 -102.55 -59.56 40.66
C LYS T 177 -103.59 -60.03 41.66
N GLN T 178 -103.99 -59.16 42.59
CA GLN T 178 -105.05 -59.48 43.52
C GLN T 178 -106.34 -59.80 42.78
N ALA T 179 -106.68 -59.00 41.78
CA ALA T 179 -107.88 -59.22 40.99
C ALA T 179 -107.81 -60.55 40.26
N GLU T 180 -106.63 -60.89 39.72
CA GLU T 180 -106.44 -62.21 39.11
C GLU T 180 -106.73 -63.31 40.12
N LYS T 181 -106.29 -63.11 41.37
CA LYS T 181 -106.60 -64.08 42.42
C LYS T 181 -108.09 -64.16 42.71
N ASN T 182 -108.79 -63.03 42.73
CA ASN T 182 -110.19 -63.03 43.13
C ASN T 182 -111.05 -63.80 42.14
N VAL T 183 -110.81 -63.63 40.84
CA VAL T 183 -111.62 -64.26 39.82
C VAL T 183 -110.73 -65.23 39.04
N GLU T 184 -111.00 -66.52 39.20
CA GLU T 184 -110.40 -67.56 38.38
C GLU T 184 -111.38 -68.64 37.95
N LYS T 185 -112.50 -68.82 38.65
CA LYS T 185 -113.54 -69.75 38.18
C LYS T 185 -114.20 -69.22 36.92
N LYS T 186 -114.19 -67.91 36.73
CA LYS T 186 -114.67 -67.28 35.51
C LYS T 186 -113.53 -66.89 34.57
N ILE T 187 -112.32 -67.38 34.82
CA ILE T 187 -111.14 -66.99 34.05
C ILE T 187 -110.43 -68.23 33.53
N ASP T 188 -110.59 -69.36 34.24
CA ASP T 188 -109.80 -70.55 33.95
C ASP T 188 -110.06 -71.10 32.55
N LYS T 189 -111.27 -70.89 32.02
CA LYS T 189 -111.57 -71.36 30.68
C LYS T 189 -110.64 -70.73 29.64
N TYR T 190 -110.46 -69.41 29.72
CA TYR T 190 -109.53 -68.71 28.85
C TYR T 190 -108.08 -68.90 29.29
N THR T 191 -107.85 -69.09 30.59
CA THR T 191 -106.49 -69.33 31.07
C THR T 191 -105.92 -70.61 30.46
N GLU T 192 -106.74 -71.66 30.40
CA GLU T 192 -106.29 -72.90 29.77
C GLU T 192 -106.00 -72.71 28.29
N VAL T 193 -106.80 -71.88 27.61
CA VAL T 193 -106.54 -71.59 26.20
C VAL T 193 -105.21 -70.89 26.03
N LEU T 194 -104.94 -69.87 26.86
CA LEU T 194 -103.70 -69.14 26.75
C LEU T 194 -102.50 -70.02 27.13
N LYS T 195 -102.64 -70.82 28.19
CA LYS T 195 -101.55 -71.69 28.61
C LYS T 195 -101.28 -72.79 27.59
N THR T 196 -102.29 -73.15 26.80
CA THR T 196 -102.10 -74.19 25.79
C THR T 196 -101.19 -73.72 24.66
N HIS T 197 -101.21 -72.42 24.36
CA HIS T 197 -100.49 -71.90 23.20
C HIS T 197 -99.29 -71.06 23.60
N GLY T 198 -98.73 -71.30 24.79
CA GLY T 198 -97.49 -70.71 25.21
C GLY T 198 -97.60 -69.43 26.02
N LEU T 199 -98.62 -68.62 25.77
CA LEU T 199 -98.76 -67.38 26.52
C LEU T 199 -99.06 -67.69 27.99
N LEU T 200 -98.54 -66.83 28.87
CA LEU T 200 -98.85 -66.86 30.30
C LEU T 200 -98.47 -68.22 30.90
N VAL T 201 -97.16 -68.43 30.98
CA VAL T 201 -96.58 -69.60 31.64
C VAL T 201 -97.22 -69.88 33.00
N VAL U 1 -96.36 0.64 -35.16
CA VAL U 1 -95.02 0.20 -34.79
C VAL U 1 -95.15 -0.92 -33.76
N ARG U 2 -94.18 -1.82 -33.75
CA ARG U 2 -94.25 -3.03 -32.92
C ARG U 2 -93.76 -2.72 -31.51
N TYR U 3 -94.68 -2.76 -30.55
CA TYR U 3 -94.31 -2.73 -29.15
C TYR U 3 -94.06 -4.14 -28.64
N SER U 4 -93.31 -4.24 -27.55
CA SER U 4 -93.26 -5.47 -26.79
C SER U 4 -94.36 -5.46 -25.73
N LEU U 5 -94.92 -6.64 -25.47
CA LEU U 5 -96.04 -6.80 -24.54
C LEU U 5 -97.24 -5.96 -24.97
N ASP U 6 -97.79 -6.32 -26.12
CA ASP U 6 -98.98 -5.66 -26.60
C ASP U 6 -100.13 -5.83 -25.61
N PRO U 7 -100.97 -4.81 -25.44
CA PRO U 7 -102.02 -4.88 -24.42
C PRO U 7 -103.07 -5.94 -24.76
N GLU U 8 -103.70 -6.46 -23.70
CA GLU U 8 -104.73 -7.47 -23.88
C GLU U 8 -105.98 -6.89 -24.54
N ASN U 9 -106.34 -5.66 -24.20
CA ASN U 9 -107.51 -5.00 -24.76
C ASN U 9 -107.13 -3.64 -25.33
N PRO U 10 -106.90 -3.56 -26.64
CA PRO U 10 -106.45 -2.30 -27.23
C PRO U 10 -107.56 -1.29 -27.40
N THR U 11 -108.37 -1.11 -26.36
CA THR U 11 -109.37 -0.05 -26.31
C THR U 11 -109.35 0.73 -25.01
N LYS U 12 -108.89 0.14 -23.91
CA LYS U 12 -108.75 0.82 -22.63
C LYS U 12 -107.31 1.22 -22.34
N SER U 13 -106.44 1.17 -23.35
CA SER U 13 -105.01 1.35 -23.16
C SER U 13 -104.47 2.40 -24.11
N CYS U 14 -103.36 3.02 -23.70
CA CYS U 14 -102.66 3.99 -24.52
C CYS U 14 -101.17 3.66 -24.51
N LYS U 15 -100.47 4.12 -25.55
CA LYS U 15 -99.08 3.76 -25.76
C LYS U 15 -98.21 5.00 -25.83
N SER U 16 -96.95 4.85 -25.43
CA SER U 16 -95.98 5.92 -25.50
C SER U 16 -94.63 5.33 -25.91
N ARG U 17 -93.79 6.18 -26.49
CA ARG U 17 -92.53 5.71 -27.03
C ARG U 17 -91.54 6.88 -27.11
N GLY U 18 -90.27 6.56 -26.87
CA GLY U 18 -89.20 7.52 -27.06
C GLY U 18 -87.94 6.85 -27.55
N SER U 19 -87.31 7.38 -28.59
CA SER U 19 -86.16 6.76 -29.22
C SER U 19 -84.95 7.70 -29.15
N ASN U 20 -83.79 7.12 -28.86
CA ASN U 20 -82.53 7.85 -28.79
C ASN U 20 -82.62 9.03 -27.83
N LEU U 21 -83.04 8.76 -26.60
CA LEU U 21 -83.17 9.81 -25.59
C LEU U 21 -81.87 9.95 -24.82
N ARG U 22 -81.45 11.19 -24.59
CA ARG U 22 -80.12 11.51 -24.09
C ARG U 22 -80.08 11.43 -22.57
N VAL U 23 -80.30 10.22 -22.04
CA VAL U 23 -80.22 9.95 -20.62
C VAL U 23 -79.46 8.66 -20.41
N HIS U 24 -78.93 8.50 -19.19
CA HIS U 24 -78.20 7.29 -18.84
C HIS U 24 -79.16 6.10 -18.78
N PHE U 25 -78.73 4.97 -19.34
CA PHE U 25 -79.61 3.82 -19.44
C PHE U 25 -79.90 3.20 -18.07
N LYS U 26 -78.87 3.08 -17.24
CA LYS U 26 -79.03 2.39 -15.95
C LYS U 26 -79.98 3.14 -15.04
N ASN U 27 -79.82 4.46 -14.94
CA ASN U 27 -80.68 5.26 -14.07
C ASN U 27 -82.13 5.19 -14.53
N THR U 28 -82.34 5.26 -15.85
CA THR U 28 -83.70 5.15 -16.39
C THR U 28 -84.30 3.78 -16.11
N ARG U 29 -83.50 2.72 -16.24
CA ARG U 29 -84.01 1.38 -15.96
C ARG U 29 -84.42 1.26 -14.49
N GLU U 30 -83.59 1.76 -13.58
CA GLU U 30 -83.93 1.67 -12.17
C GLU U 30 -85.16 2.50 -11.85
N THR U 31 -85.28 3.69 -12.44
CA THR U 31 -86.47 4.51 -12.21
C THR U 31 -87.72 3.84 -12.74
N ALA U 32 -87.63 3.22 -13.93
CA ALA U 32 -88.78 2.53 -14.49
C ALA U 32 -89.19 1.34 -13.63
N GLN U 33 -88.22 0.57 -13.14
CA GLN U 33 -88.54 -0.50 -12.20
C GLN U 33 -89.16 0.03 -10.92
N ALA U 34 -88.74 1.21 -10.48
CA ALA U 34 -89.33 1.81 -9.30
C ALA U 34 -90.79 2.19 -9.53
N ILE U 35 -91.10 2.76 -10.69
CA ILE U 35 -92.44 3.29 -10.95
C ILE U 35 -93.36 2.27 -11.63
N LYS U 36 -92.85 1.10 -11.99
CA LYS U 36 -93.67 0.12 -12.68
C LYS U 36 -94.79 -0.38 -11.77
N GLY U 37 -96.01 -0.43 -12.32
CA GLY U 37 -97.16 -0.85 -11.57
C GLY U 37 -97.82 0.23 -10.74
N MET U 38 -97.43 1.49 -10.89
CA MET U 38 -98.00 2.56 -10.10
C MET U 38 -99.25 3.13 -10.78
N HIS U 39 -100.07 3.79 -9.97
CA HIS U 39 -101.12 4.64 -10.53
C HIS U 39 -100.51 5.92 -11.06
N ILE U 40 -101.14 6.49 -12.09
CA ILE U 40 -100.50 7.55 -12.85
C ILE U 40 -100.35 8.82 -12.03
N ARG U 41 -101.36 9.17 -11.23
CA ARG U 41 -101.23 10.33 -10.35
C ARG U 41 -100.13 10.11 -9.33
N LYS U 42 -100.13 8.93 -8.70
CA LYS U 42 -99.13 8.59 -7.72
C LYS U 42 -97.74 8.55 -8.34
N ALA U 43 -97.61 7.98 -9.53
CA ALA U 43 -96.32 7.92 -10.20
C ALA U 43 -95.81 9.32 -10.57
N THR U 44 -96.70 10.19 -11.03
CA THR U 44 -96.30 11.54 -11.38
C THR U 44 -95.81 12.31 -10.17
N LYS U 45 -96.58 12.28 -9.08
CA LYS U 45 -96.13 12.98 -7.88
C LYS U 45 -94.90 12.32 -7.28
N TYR U 46 -94.73 11.02 -7.49
CA TYR U 46 -93.53 10.34 -6.99
C TYR U 46 -92.30 10.77 -7.77
N LEU U 47 -92.41 10.90 -9.09
CA LEU U 47 -91.30 11.43 -9.87
C LEU U 47 -90.99 12.87 -9.49
N LYS U 48 -92.02 13.68 -9.26
CA LYS U 48 -91.79 15.04 -8.79
C LYS U 48 -91.04 15.03 -7.45
N ASP U 49 -91.41 14.10 -6.56
CA ASP U 49 -90.71 13.96 -5.29
C ASP U 49 -89.26 13.51 -5.50
N VAL U 50 -89.03 12.65 -6.48
CA VAL U 50 -87.67 12.21 -6.78
C VAL U 50 -86.81 13.38 -7.23
N THR U 51 -87.38 14.25 -8.08
CA THR U 51 -86.65 15.46 -8.47
C THR U 51 -86.37 16.35 -7.27
N LEU U 52 -87.31 16.42 -6.33
CA LEU U 52 -87.17 17.23 -5.14
C LEU U 52 -86.38 16.54 -4.03
N GLN U 53 -85.83 15.35 -4.30
CA GLN U 53 -85.01 14.62 -3.33
C GLN U 53 -85.75 14.36 -2.03
N LYS U 54 -87.03 14.01 -2.14
CA LYS U 54 -87.81 13.58 -0.99
C LYS U 54 -88.13 12.09 -1.01
N GLN U 55 -88.21 11.48 -2.19
CA GLN U 55 -88.35 10.03 -2.32
C GLN U 55 -87.30 9.55 -3.30
N CYS U 56 -86.68 8.43 -2.99
CA CYS U 56 -85.60 7.89 -3.81
C CYS U 56 -86.06 6.64 -4.53
N VAL U 57 -85.36 6.32 -5.62
CA VAL U 57 -85.61 5.08 -6.33
C VAL U 57 -84.60 4.04 -5.86
N PRO U 58 -84.99 2.78 -5.73
CA PRO U 58 -84.04 1.77 -5.26
C PRO U 58 -83.15 1.29 -6.40
N PHE U 59 -81.84 1.47 -6.23
CA PHE U 59 -80.87 0.95 -7.20
C PHE U 59 -80.65 -0.52 -6.88
N ARG U 60 -81.28 -1.40 -7.65
CA ARG U 60 -81.30 -2.82 -7.34
C ARG U 60 -80.30 -3.62 -8.13
N ARG U 61 -80.21 -3.40 -9.45
CA ARG U 61 -79.27 -4.13 -10.28
C ARG U 61 -77.98 -3.36 -10.52
N TYR U 62 -78.08 -2.14 -11.03
CA TYR U 62 -76.90 -1.34 -11.35
C TYR U 62 -76.55 -0.46 -10.16
N ASN U 63 -76.18 -1.14 -9.07
CA ASN U 63 -75.98 -0.48 -7.78
C ASN U 63 -74.51 -0.41 -7.38
N GLY U 64 -73.60 -0.73 -8.29
CA GLY U 64 -72.19 -0.73 -7.97
C GLY U 64 -71.67 0.64 -7.57
N GLY U 65 -71.28 0.78 -6.31
CA GLY U 65 -70.79 2.04 -5.82
C GLY U 65 -71.85 3.05 -5.46
N VAL U 66 -73.13 2.72 -5.62
CA VAL U 66 -74.20 3.65 -5.29
C VAL U 66 -74.32 3.74 -3.77
N GLY U 67 -74.37 4.97 -3.26
CA GLY U 67 -74.41 5.17 -1.83
C GLY U 67 -75.75 4.77 -1.23
N ARG U 68 -75.80 4.82 0.09
CA ARG U 68 -77.00 4.47 0.83
C ARG U 68 -77.76 5.74 1.22
N CYS U 69 -79.08 5.59 1.37
CA CYS U 69 -79.93 6.69 1.79
C CYS U 69 -81.05 6.15 2.66
N ALA U 70 -81.56 7.03 3.53
CA ALA U 70 -82.61 6.62 4.45
C ALA U 70 -83.91 6.30 3.72
N GLN U 71 -84.19 7.00 2.62
CA GLN U 71 -85.43 6.81 1.89
C GLN U 71 -85.52 5.45 1.20
N ALA U 72 -84.40 4.74 1.07
CA ALA U 72 -84.43 3.42 0.47
C ALA U 72 -85.21 2.41 1.30
N LYS U 73 -85.36 2.65 2.60
CA LYS U 73 -86.11 1.72 3.44
C LYS U 73 -87.61 1.76 3.17
N GLN U 74 -88.09 2.73 2.39
CA GLN U 74 -89.45 2.63 1.86
C GLN U 74 -89.59 1.38 1.02
N TRP U 75 -88.59 1.09 0.19
CA TRP U 75 -88.53 -0.14 -0.54
C TRP U 75 -87.81 -1.19 0.29
N GLY U 76 -87.76 -2.42 -0.22
CA GLY U 76 -87.02 -3.46 0.46
C GLY U 76 -85.55 -3.43 0.08
N TRP U 77 -84.93 -2.26 0.14
CA TRP U 77 -83.57 -2.08 -0.35
C TRP U 77 -82.81 -1.16 0.58
N THR U 78 -81.55 -0.91 0.25
CA THR U 78 -80.68 -0.06 1.06
C THR U 78 -80.01 0.99 0.19
N GLN U 79 -79.76 0.66 -1.07
CA GLN U 79 -79.11 1.57 -2.00
C GLN U 79 -80.16 2.36 -2.77
N GLY U 80 -79.93 3.67 -2.90
CA GLY U 80 -80.87 4.51 -3.62
C GLY U 80 -80.25 5.83 -3.99
N ARG U 81 -80.88 6.49 -4.96
CA ARG U 81 -80.40 7.77 -5.48
C ARG U 81 -81.59 8.54 -6.04
N TRP U 82 -81.32 9.70 -6.61
CA TRP U 82 -82.36 10.58 -7.16
C TRP U 82 -81.96 11.02 -8.55
N PRO U 83 -82.20 10.19 -9.57
CA PRO U 83 -81.87 10.58 -10.93
C PRO U 83 -82.82 11.65 -11.46
N LYS U 84 -82.34 12.90 -11.54
CA LYS U 84 -83.19 14.00 -11.93
C LYS U 84 -83.54 13.94 -13.42
N LYS U 85 -82.54 13.71 -14.27
CA LYS U 85 -82.77 13.72 -15.71
C LYS U 85 -83.73 12.61 -16.12
N SER U 86 -83.55 11.41 -15.56
CA SER U 86 -84.48 10.32 -15.86
C SER U 86 -85.89 10.65 -15.40
N ALA U 87 -86.01 11.28 -14.23
CA ALA U 87 -87.33 11.66 -13.73
C ALA U 87 -88.01 12.65 -14.66
N GLU U 88 -87.27 13.65 -15.14
CA GLU U 88 -87.87 14.62 -16.05
C GLU U 88 -88.23 14.00 -17.39
N PHE U 89 -87.38 13.12 -17.93
CA PHE U 89 -87.70 12.46 -19.18
C PHE U 89 -88.95 11.60 -19.04
N LEU U 90 -89.05 10.86 -17.93
CA LEU U 90 -90.23 10.06 -17.69
C LEU U 90 -91.47 10.91 -17.47
N LEU U 91 -91.32 12.09 -16.88
CA LEU U 91 -92.45 13.00 -16.76
C LEU U 91 -92.94 13.48 -18.12
N HIS U 92 -92.01 13.80 -19.02
CA HIS U 92 -92.39 14.17 -20.37
C HIS U 92 -93.12 13.03 -21.07
N MET U 93 -92.59 11.80 -20.94
CA MET U 93 -93.25 10.66 -21.55
C MET U 93 -94.62 10.41 -20.94
N LEU U 94 -94.77 10.63 -19.63
CA LEU U 94 -96.05 10.49 -18.98
C LEU U 94 -97.06 11.51 -19.48
N LYS U 95 -96.62 12.74 -19.69
CA LYS U 95 -97.52 13.75 -20.26
C LYS U 95 -97.93 13.37 -21.68
N ASN U 96 -97.00 12.83 -22.47
CA ASN U 96 -97.34 12.36 -23.80
C ASN U 96 -98.37 11.24 -23.75
N ALA U 97 -98.17 10.29 -22.84
CA ALA U 97 -99.11 9.18 -22.71
C ALA U 97 -100.49 9.67 -22.25
N GLU U 98 -100.52 10.64 -21.34
CA GLU U 98 -101.79 11.20 -20.90
C GLU U 98 -102.50 11.91 -22.04
N SER U 99 -101.75 12.63 -22.88
CA SER U 99 -102.36 13.27 -24.04
C SER U 99 -102.92 12.24 -25.00
N ASN U 100 -102.18 11.14 -25.21
CA ASN U 100 -102.71 10.07 -26.06
C ASN U 100 -103.96 9.45 -25.48
N ALA U 101 -103.99 9.27 -24.16
CA ALA U 101 -105.20 8.76 -23.51
C ALA U 101 -106.37 9.72 -23.68
N GLU U 102 -106.10 11.02 -23.61
CA GLU U 102 -107.12 12.02 -23.90
C GLU U 102 -107.64 11.90 -25.33
N LEU U 103 -106.73 11.64 -26.27
CA LEU U 103 -107.14 11.50 -27.66
C LEU U 103 -108.02 10.28 -27.89
N LYS U 104 -107.77 9.19 -27.15
CA LYS U 104 -108.52 7.96 -27.32
C LYS U 104 -109.84 7.96 -26.56
N GLY U 105 -110.21 9.08 -25.95
CA GLY U 105 -111.51 9.18 -25.29
C GLY U 105 -111.68 8.27 -24.10
N LEU U 106 -110.67 8.17 -23.24
CA LEU U 106 -110.76 7.42 -22.01
C LEU U 106 -110.19 8.27 -20.88
N ASP U 107 -110.88 8.31 -19.74
CA ASP U 107 -110.48 9.20 -18.66
C ASP U 107 -109.15 8.74 -18.05
N VAL U 108 -108.35 9.72 -17.63
CA VAL U 108 -106.96 9.47 -17.27
C VAL U 108 -106.80 9.31 -15.76
N ASP U 109 -107.93 9.13 -15.06
CA ASP U 109 -107.91 9.02 -13.60
C ASP U 109 -107.79 7.59 -13.11
N SER U 110 -107.66 6.61 -14.01
CA SER U 110 -107.53 5.21 -13.62
C SER U 110 -106.45 4.50 -14.42
N LEU U 111 -105.46 5.23 -14.93
CA LEU U 111 -104.42 4.63 -15.73
C LEU U 111 -103.28 4.13 -14.86
N VAL U 112 -102.87 2.90 -15.11
CA VAL U 112 -101.84 2.22 -14.33
C VAL U 112 -100.76 1.76 -15.30
N ILE U 113 -99.50 1.97 -14.92
CA ILE U 113 -98.39 1.56 -15.77
C ILE U 113 -98.26 0.06 -15.68
N GLU U 114 -98.88 -0.67 -16.60
CA GLU U 114 -98.76 -2.12 -16.62
C GLU U 114 -97.44 -2.59 -17.21
N HIS U 115 -96.87 -1.81 -18.12
CA HIS U 115 -95.64 -2.18 -18.81
C HIS U 115 -94.77 -0.96 -19.00
N ILE U 116 -93.48 -1.11 -18.75
CA ILE U 116 -92.49 -0.07 -19.01
C ILE U 116 -91.15 -0.76 -19.24
N GLN U 117 -90.42 -0.29 -20.25
CA GLN U 117 -89.26 -1.02 -20.72
C GLN U 117 -88.24 -0.04 -21.29
N VAL U 118 -86.98 -0.29 -21.01
CA VAL U 118 -85.87 0.54 -21.47
C VAL U 118 -84.91 -0.32 -22.26
N ASN U 119 -84.64 0.07 -23.49
CA ASN U 119 -83.67 -0.60 -24.35
C ASN U 119 -82.51 0.35 -24.66
N LYS U 120 -81.33 -0.21 -24.84
CA LYS U 120 -80.16 0.60 -25.14
C LYS U 120 -80.18 1.07 -26.58
N ALA U 121 -80.11 2.38 -26.76
CA ALA U 121 -79.97 3.01 -28.06
C ALA U 121 -78.53 2.87 -28.54
N PRO U 122 -78.29 3.06 -29.84
CA PRO U 122 -76.90 3.04 -30.33
C PRO U 122 -76.05 4.10 -29.63
N LYS U 123 -74.93 3.65 -29.08
CA LYS U 123 -74.05 4.53 -28.32
C LYS U 123 -73.39 5.54 -29.25
N MET U 124 -73.17 6.74 -28.72
CA MET U 124 -72.51 7.81 -29.46
C MET U 124 -71.10 8.00 -28.94
N ARG U 125 -70.16 8.21 -29.86
CA ARG U 125 -68.75 8.29 -29.53
C ARG U 125 -68.35 9.73 -29.20
N ARG U 126 -67.70 9.90 -28.05
CA ARG U 126 -66.94 11.11 -27.76
C ARG U 126 -65.54 10.69 -27.35
N ARG U 127 -64.65 11.66 -27.24
CA ARG U 127 -63.21 11.39 -27.18
C ARG U 127 -62.60 12.10 -26.00
N THR U 128 -61.65 11.43 -25.33
CA THR U 128 -60.91 12.01 -24.23
C THR U 128 -59.43 11.69 -24.39
N TYR U 129 -58.60 12.39 -23.62
CA TYR U 129 -57.15 12.31 -23.74
C TYR U 129 -56.57 11.78 -22.44
N ARG U 130 -55.55 10.93 -22.55
CA ARG U 130 -54.99 10.23 -21.40
C ARG U 130 -53.54 10.65 -21.18
N ALA U 131 -52.85 9.92 -20.29
CA ALA U 131 -51.57 10.37 -19.78
C ALA U 131 -50.48 10.36 -20.85
N HIS U 132 -50.46 9.34 -21.70
CA HIS U 132 -49.30 9.17 -22.56
C HIS U 132 -49.65 9.39 -24.02
N GLY U 133 -50.42 10.44 -24.29
CA GLY U 133 -50.87 10.70 -25.64
C GLY U 133 -51.78 9.62 -26.17
N ARG U 134 -52.62 9.06 -25.32
CA ARG U 134 -53.50 7.96 -25.68
C ARG U 134 -54.94 8.45 -25.79
N ILE U 135 -55.71 7.79 -26.65
CA ILE U 135 -57.11 8.12 -26.89
C ILE U 135 -57.97 7.03 -26.27
N ASN U 136 -58.94 7.43 -25.47
CA ASN U 136 -59.86 6.50 -24.85
C ASN U 136 -61.29 6.92 -25.15
N PRO U 137 -62.22 5.97 -25.23
CA PRO U 137 -63.60 6.32 -25.55
C PRO U 137 -64.26 7.12 -24.44
N TYR U 138 -65.27 7.89 -24.83
CA TYR U 138 -66.12 8.65 -23.93
C TYR U 138 -67.57 8.43 -24.29
N MET U 139 -67.94 7.15 -24.42
CA MET U 139 -69.25 6.77 -24.93
C MET U 139 -70.38 7.26 -24.03
N SER U 140 -71.46 7.68 -24.67
CA SER U 140 -72.73 7.88 -24.00
C SER U 140 -73.56 6.61 -24.08
N SER U 141 -74.63 6.56 -23.30
CA SER U 141 -75.55 5.42 -23.30
C SER U 141 -76.97 5.91 -23.43
N PRO U 142 -77.36 6.39 -24.61
CA PRO U 142 -78.77 6.74 -24.82
C PRO U 142 -79.65 5.50 -24.81
N CYS U 143 -80.95 5.72 -24.68
CA CYS U 143 -81.84 4.58 -24.50
C CYS U 143 -83.17 4.83 -25.22
N HIS U 144 -83.83 3.73 -25.57
CA HIS U 144 -85.21 3.76 -26.01
C HIS U 144 -86.12 3.41 -24.85
N ILE U 145 -87.23 4.15 -24.73
CA ILE U 145 -88.18 3.94 -23.65
C ILE U 145 -89.57 3.73 -24.23
N GLU U 146 -90.27 2.71 -23.75
CA GLU U 146 -91.67 2.52 -24.09
C GLU U 146 -92.44 2.20 -22.82
N MET U 147 -93.71 2.62 -22.80
CA MET U 147 -94.58 2.35 -21.67
C MET U 147 -96.01 2.22 -22.16
N ILE U 148 -96.80 1.46 -21.42
CA ILE U 148 -98.19 1.19 -21.77
C ILE U 148 -99.04 1.40 -20.53
N LEU U 149 -100.08 2.22 -20.66
CA LEU U 149 -101.02 2.48 -19.58
C LEU U 149 -102.32 1.72 -19.83
N THR U 150 -103.04 1.43 -18.75
CA THR U 150 -104.27 0.66 -18.87
C THR U 150 -105.27 1.11 -17.81
N GLU U 151 -106.52 1.28 -18.23
CA GLU U 151 -107.58 1.73 -17.35
C GLU U 151 -107.99 0.61 -16.40
N LYS U 152 -108.00 0.91 -15.11
CA LYS U 152 -108.50 -0.02 -14.11
C LYS U 152 -108.75 0.74 -12.82
N GLU U 153 -109.81 0.35 -12.11
CA GLU U 153 -110.20 1.03 -10.88
C GLU U 153 -110.98 0.10 -9.97
N GLY V 1 -58.88 -60.03 -20.54
CA GLY V 1 -58.23 -59.94 -21.84
C GLY V 1 -57.76 -61.27 -22.38
N VAL V 2 -57.27 -61.27 -23.61
CA VAL V 2 -56.73 -62.46 -24.26
C VAL V 2 -55.33 -62.13 -24.78
N ASP V 3 -54.41 -63.07 -24.58
CA ASP V 3 -53.01 -62.86 -24.94
C ASP V 3 -52.80 -63.30 -26.39
N ILE V 4 -53.22 -62.43 -27.31
CA ILE V 4 -53.02 -62.64 -28.73
C ILE V 4 -52.48 -61.35 -29.32
N ARG V 5 -52.05 -61.43 -30.58
CA ARG V 5 -51.53 -60.30 -31.31
C ARG V 5 -52.34 -60.10 -32.59
N HIS V 6 -52.66 -58.86 -32.90
CA HIS V 6 -53.59 -58.54 -33.98
C HIS V 6 -52.90 -58.04 -35.24
N ASN V 7 -51.58 -57.85 -35.21
CA ASN V 7 -50.90 -57.19 -36.31
C ASN V 7 -50.90 -58.01 -37.60
N LYS V 8 -51.19 -59.31 -37.53
CA LYS V 8 -51.21 -60.16 -38.70
C LYS V 8 -52.60 -60.73 -38.95
N ASP V 9 -53.63 -60.20 -38.27
CA ASP V 9 -54.97 -60.75 -38.39
C ASP V 9 -55.53 -60.54 -39.79
N ARG V 10 -55.31 -59.35 -40.36
CA ARG V 10 -55.85 -59.02 -41.68
C ARG V 10 -54.86 -59.49 -42.74
N LYS V 11 -55.23 -60.52 -43.48
CA LYS V 11 -54.41 -60.99 -44.59
C LYS V 11 -54.51 -60.02 -45.75
N VAL V 12 -53.38 -59.57 -46.27
CA VAL V 12 -53.33 -58.65 -47.38
C VAL V 12 -53.30 -59.47 -48.67
N ARG V 13 -54.35 -59.37 -49.47
CA ARG V 13 -54.48 -60.15 -50.69
C ARG V 13 -55.58 -59.53 -51.55
N ARG V 14 -55.44 -59.71 -52.85
CA ARG V 14 -56.45 -59.22 -53.79
C ARG V 14 -57.69 -60.09 -53.69
N LYS V 15 -58.83 -59.46 -53.40
CA LYS V 15 -60.09 -60.16 -53.28
C LYS V 15 -61.00 -59.94 -54.48
N GLU V 16 -60.71 -58.93 -55.30
CA GLU V 16 -61.47 -58.62 -56.50
C GLU V 16 -60.57 -57.80 -57.41
N PRO V 17 -60.87 -57.74 -58.71
CA PRO V 17 -60.03 -56.94 -59.61
C PRO V 17 -60.18 -55.46 -59.31
N LYS V 18 -59.05 -54.80 -59.09
CA LYS V 18 -59.04 -53.36 -58.82
C LYS V 18 -59.55 -52.56 -60.01
N SER V 19 -59.46 -53.09 -61.22
CA SER V 19 -59.94 -52.39 -62.40
C SER V 19 -61.46 -52.34 -62.41
N GLN V 20 -61.99 -51.47 -63.27
CA GLN V 20 -63.43 -51.38 -63.50
C GLN V 20 -63.82 -51.83 -64.90
N ASP V 21 -62.98 -52.64 -65.54
CA ASP V 21 -63.30 -53.21 -66.85
C ASP V 21 -64.50 -54.14 -66.72
N ILE V 22 -65.62 -53.76 -67.33
CA ILE V 22 -66.84 -54.54 -67.19
C ILE V 22 -66.70 -55.92 -67.81
N TYR V 23 -65.96 -56.05 -68.91
CA TYR V 23 -65.72 -57.37 -69.48
C TYR V 23 -64.88 -58.23 -68.53
N LEU V 24 -63.83 -57.63 -67.98
CA LEU V 24 -63.01 -58.33 -67.01
C LEU V 24 -63.82 -58.72 -65.79
N ARG V 25 -64.69 -57.82 -65.31
CA ARG V 25 -65.51 -58.16 -64.16
C ARG V 25 -66.51 -59.27 -64.48
N LEU V 26 -67.05 -59.29 -65.69
CA LEU V 26 -67.96 -60.35 -66.08
C LEU V 26 -67.26 -61.71 -66.09
N LEU V 27 -66.09 -61.79 -66.71
CA LEU V 27 -65.38 -63.06 -66.71
C LEU V 27 -64.83 -63.42 -65.33
N VAL V 28 -64.55 -62.43 -64.49
CA VAL V 28 -64.22 -62.69 -63.09
C VAL V 28 -65.41 -63.31 -62.37
N LYS V 29 -66.62 -62.82 -62.64
CA LYS V 29 -67.81 -63.45 -62.08
C LYS V 29 -67.94 -64.89 -62.56
N LEU V 30 -67.68 -65.12 -63.85
CA LEU V 30 -67.78 -66.45 -64.42
C LEU V 30 -66.82 -67.42 -63.74
N TYR V 31 -65.55 -67.02 -63.62
CA TYR V 31 -64.58 -67.88 -62.96
C TYR V 31 -64.73 -67.93 -61.45
N ARG V 32 -65.34 -66.92 -60.82
CA ARG V 32 -65.72 -67.05 -59.42
C ARG V 32 -66.72 -68.20 -59.26
N PHE V 33 -67.75 -68.22 -60.11
CA PHE V 33 -68.70 -69.32 -60.06
C PHE V 33 -68.04 -70.66 -60.37
N LEU V 34 -67.18 -70.69 -61.38
CA LEU V 34 -66.56 -71.95 -61.76
C LEU V 34 -65.63 -72.48 -60.65
N ALA V 35 -64.85 -71.60 -60.04
CA ALA V 35 -63.98 -72.02 -58.96
C ALA V 35 -64.76 -72.44 -57.73
N ARG V 36 -65.86 -71.74 -57.44
CA ARG V 36 -66.66 -72.08 -56.27
C ARG V 36 -67.34 -73.44 -56.45
N ARG V 37 -67.81 -73.74 -57.65
CA ARG V 37 -68.63 -74.91 -57.87
C ARG V 37 -67.86 -76.09 -58.47
N THR V 38 -66.54 -76.02 -58.55
CA THR V 38 -65.74 -77.13 -59.05
C THR V 38 -64.57 -77.39 -58.12
N ASN V 39 -64.10 -78.64 -58.15
CA ASN V 39 -62.93 -79.05 -57.39
C ASN V 39 -61.64 -78.91 -58.19
N SER V 40 -61.71 -78.35 -59.40
CA SER V 40 -60.51 -78.14 -60.19
C SER V 40 -59.80 -76.86 -59.72
N THR V 41 -58.62 -77.03 -59.14
CA THR V 41 -57.86 -75.89 -58.64
C THR V 41 -57.37 -74.98 -59.75
N PHE V 42 -57.40 -75.44 -61.00
CA PHE V 42 -57.06 -74.57 -62.13
C PHE V 42 -57.95 -73.34 -62.16
N ASN V 43 -59.25 -73.53 -61.89
CA ASN V 43 -60.16 -72.41 -61.83
C ASN V 43 -59.76 -71.42 -60.74
N GLN V 44 -59.37 -71.91 -59.57
CA GLN V 44 -58.95 -71.03 -58.49
C GLN V 44 -57.68 -70.25 -58.86
N VAL V 45 -56.72 -70.93 -59.47
CA VAL V 45 -55.49 -70.26 -59.88
C VAL V 45 -55.77 -69.19 -60.91
N VAL V 46 -56.62 -69.49 -61.90
CA VAL V 46 -56.95 -68.51 -62.91
C VAL V 46 -57.69 -67.33 -62.29
N LEU V 47 -58.62 -67.61 -61.37
CA LEU V 47 -59.39 -66.54 -60.74
C LEU V 47 -58.49 -65.62 -59.93
N LYS V 48 -57.53 -66.19 -59.21
CA LYS V 48 -56.63 -65.34 -58.44
C LYS V 48 -55.63 -64.62 -59.34
N ARG V 49 -55.32 -65.18 -60.52
CA ARG V 49 -54.52 -64.44 -61.48
C ARG V 49 -55.31 -63.26 -62.05
N LEU V 50 -56.63 -63.40 -62.15
CA LEU V 50 -57.45 -62.32 -62.70
C LEU V 50 -57.41 -61.09 -61.79
N PHE V 51 -57.34 -61.30 -60.48
CA PHE V 51 -57.30 -60.17 -59.56
C PHE V 51 -55.99 -59.39 -59.68
N MET V 52 -54.96 -60.01 -60.25
CA MET V 52 -53.61 -59.49 -60.16
C MET V 52 -53.45 -58.22 -61.00
N SER V 53 -52.45 -57.42 -60.63
CA SER V 53 -52.15 -56.18 -61.32
C SER V 53 -51.52 -56.47 -62.67
N ARG V 54 -51.38 -55.42 -63.48
CA ARG V 54 -50.68 -55.54 -64.75
C ARG V 54 -49.22 -55.89 -64.54
N THR V 55 -48.57 -55.29 -63.53
CA THR V 55 -47.19 -55.64 -63.24
C THR V 55 -47.08 -57.06 -62.72
N ASN V 56 -48.12 -57.57 -62.06
CA ASN V 56 -48.14 -58.95 -61.61
C ASN V 56 -48.58 -59.90 -62.71
N ARG V 57 -48.95 -59.39 -63.87
CA ARG V 57 -49.33 -60.19 -65.03
C ARG V 57 -48.48 -59.74 -66.21
N PRO V 58 -47.19 -60.10 -66.23
CA PRO V 58 -46.33 -59.63 -67.31
C PRO V 58 -46.73 -60.26 -68.64
N PRO V 59 -46.55 -59.56 -69.75
CA PRO V 59 -46.84 -60.15 -71.05
C PRO V 59 -45.92 -61.31 -71.36
N LEU V 60 -46.47 -62.30 -72.05
CA LEU V 60 -45.75 -63.53 -72.37
C LEU V 60 -45.31 -63.49 -73.82
N SER V 61 -44.02 -63.68 -74.06
CA SER V 61 -43.50 -63.66 -75.41
C SER V 61 -43.94 -64.89 -76.19
N LEU V 62 -43.99 -64.74 -77.51
CA LEU V 62 -44.37 -65.87 -78.36
C LEU V 62 -43.35 -66.99 -78.31
N SER V 63 -42.07 -66.64 -78.34
CA SER V 63 -41.03 -67.66 -78.37
C SER V 63 -41.02 -68.51 -77.10
N ARG V 64 -41.19 -67.85 -75.95
CA ARG V 64 -41.24 -68.60 -74.69
C ARG V 64 -42.44 -69.53 -74.64
N MET V 65 -43.60 -69.06 -75.11
CA MET V 65 -44.79 -69.90 -75.15
C MET V 65 -44.59 -71.10 -76.06
N ILE V 66 -43.97 -70.89 -77.23
CA ILE V 66 -43.70 -71.98 -78.14
C ILE V 66 -42.74 -72.97 -77.49
N ARG V 67 -41.70 -72.47 -76.83
CA ARG V 67 -40.74 -73.34 -76.15
C ARG V 67 -41.42 -74.20 -75.09
N LYS V 68 -42.25 -73.58 -74.25
CA LYS V 68 -42.88 -74.33 -73.18
C LYS V 68 -43.89 -75.33 -73.70
N MET V 69 -44.60 -74.99 -74.78
CA MET V 69 -45.48 -75.96 -75.40
C MET V 69 -44.72 -77.03 -76.18
N LYS V 70 -43.50 -76.74 -76.61
CA LYS V 70 -42.69 -77.71 -77.33
C LYS V 70 -42.12 -78.79 -76.42
N LEU V 71 -42.20 -78.61 -75.10
CA LEU V 71 -41.71 -79.61 -74.17
C LEU V 71 -42.49 -80.91 -74.33
N PRO V 72 -41.84 -82.05 -74.14
CA PRO V 72 -42.49 -83.34 -74.41
C PRO V 72 -43.69 -83.57 -73.48
N GLY V 73 -44.66 -84.32 -73.99
CA GLY V 73 -45.85 -84.64 -73.23
C GLY V 73 -46.91 -83.56 -73.20
N ARG V 74 -46.74 -82.49 -73.96
CA ARG V 74 -47.68 -81.39 -73.98
C ARG V 74 -48.38 -81.24 -75.33
N GLU V 75 -48.59 -82.35 -76.03
CA GLU V 75 -49.21 -82.32 -77.34
C GLU V 75 -50.72 -82.21 -77.22
N ASN V 76 -51.32 -81.43 -78.12
CA ASN V 76 -52.77 -81.21 -78.16
C ASN V 76 -53.29 -80.66 -76.83
N LYS V 77 -52.55 -79.75 -76.23
CA LYS V 77 -52.95 -79.11 -75.00
C LYS V 77 -53.06 -77.60 -75.22
N THR V 78 -53.93 -76.97 -74.43
CA THR V 78 -54.19 -75.55 -74.56
C THR V 78 -53.19 -74.76 -73.73
N ALA V 79 -52.54 -73.78 -74.37
CA ALA V 79 -51.65 -72.87 -73.66
C ALA V 79 -52.48 -71.73 -73.07
N VAL V 80 -52.37 -71.54 -71.76
CA VAL V 80 -53.17 -70.56 -71.04
C VAL V 80 -52.24 -69.62 -70.30
N VAL V 81 -52.42 -68.32 -70.51
CA VAL V 81 -51.72 -67.29 -69.75
C VAL V 81 -52.71 -66.16 -69.49
N VAL V 82 -52.70 -65.63 -68.26
CA VAL V 82 -53.63 -64.56 -67.88
C VAL V 82 -52.87 -63.26 -68.11
N GLY V 83 -53.00 -62.72 -69.32
CA GLY V 83 -52.30 -61.51 -69.69
C GLY V 83 -52.32 -61.32 -71.19
N THR V 84 -51.25 -60.71 -71.69
CA THR V 84 -51.14 -60.36 -73.09
C THR V 84 -50.07 -61.21 -73.77
N ILE V 85 -50.42 -61.80 -74.90
CA ILE V 85 -49.46 -62.53 -75.73
C ILE V 85 -48.68 -61.52 -76.56
N THR V 86 -47.35 -61.63 -76.52
CA THR V 86 -46.46 -60.71 -77.22
C THR V 86 -45.74 -61.43 -78.34
N ASP V 87 -45.82 -60.85 -79.55
CA ASP V 87 -45.08 -61.39 -80.68
C ASP V 87 -43.58 -61.21 -80.46
N ASP V 88 -42.82 -62.26 -80.74
CA ASP V 88 -41.37 -62.24 -80.68
C ASP V 88 -40.84 -62.41 -82.09
N VAL V 89 -40.27 -61.34 -82.65
CA VAL V 89 -39.73 -61.39 -84.00
C VAL V 89 -38.44 -62.19 -84.10
N ARG V 90 -37.87 -62.61 -82.97
CA ARG V 90 -36.63 -63.35 -82.96
C ARG V 90 -36.81 -64.82 -83.33
N VAL V 91 -38.06 -65.30 -83.43
CA VAL V 91 -38.33 -66.66 -83.86
C VAL V 91 -38.87 -66.61 -85.28
N GLN V 92 -38.55 -67.63 -86.07
CA GLN V 92 -38.95 -67.69 -87.47
C GLN V 92 -40.13 -68.61 -87.72
N GLU V 93 -40.08 -69.84 -87.21
CA GLU V 93 -41.13 -70.82 -87.44
C GLU V 93 -42.02 -70.90 -86.22
N VAL V 94 -43.30 -70.62 -86.40
CA VAL V 94 -44.32 -70.70 -85.35
C VAL V 94 -45.19 -71.91 -85.64
N PRO V 95 -45.21 -72.91 -84.78
CA PRO V 95 -46.02 -74.11 -85.03
C PRO V 95 -47.50 -73.83 -84.73
N LYS V 96 -48.33 -74.80 -85.11
CA LYS V 96 -49.77 -74.72 -84.85
C LYS V 96 -50.01 -74.83 -83.35
N LEU V 97 -50.82 -73.93 -82.81
CA LEU V 97 -51.05 -73.85 -81.38
C LEU V 97 -52.52 -73.57 -81.07
N LYS V 98 -52.99 -74.09 -79.95
CA LYS V 98 -54.31 -73.77 -79.41
C LYS V 98 -54.09 -72.99 -78.13
N VAL V 99 -54.24 -71.66 -78.19
CA VAL V 99 -53.85 -70.78 -77.10
C VAL V 99 -55.06 -69.97 -76.65
N CYS V 100 -55.25 -69.88 -75.34
CA CYS V 100 -56.23 -68.99 -74.72
C CYS V 100 -55.51 -67.98 -73.85
N ALA V 101 -55.86 -66.70 -74.03
CA ALA V 101 -55.27 -65.64 -73.22
C ALA V 101 -56.20 -64.44 -73.22
N LEU V 102 -55.89 -63.47 -72.36
CA LEU V 102 -56.73 -62.30 -72.23
C LEU V 102 -56.60 -61.36 -73.42
N ARG V 103 -55.38 -61.17 -73.91
CA ARG V 103 -55.13 -60.25 -75.01
C ARG V 103 -53.99 -60.77 -75.87
N VAL V 104 -54.06 -60.48 -77.17
CA VAL V 104 -53.03 -60.87 -78.13
C VAL V 104 -52.68 -59.65 -78.97
N THR V 105 -51.39 -59.42 -79.17
CA THR V 105 -50.95 -58.41 -80.11
C THR V 105 -51.44 -58.76 -81.52
N SER V 106 -51.86 -57.74 -82.27
CA SER V 106 -52.41 -57.97 -83.60
C SER V 106 -51.41 -58.69 -84.50
N ARG V 107 -50.14 -58.29 -84.46
CA ARG V 107 -49.12 -59.02 -85.20
C ARG V 107 -49.00 -60.46 -84.68
N ALA V 108 -49.00 -60.62 -83.37
CA ALA V 108 -48.93 -61.96 -82.79
C ALA V 108 -50.16 -62.79 -83.18
N ARG V 109 -51.34 -62.17 -83.18
CA ARG V 109 -52.55 -62.87 -83.55
C ARG V 109 -52.48 -63.31 -85.01
N SER V 110 -52.01 -62.43 -85.89
CA SER V 110 -51.89 -62.78 -87.30
C SER V 110 -50.88 -63.90 -87.50
N ARG V 111 -49.76 -63.86 -86.78
CA ARG V 111 -48.75 -64.89 -86.93
C ARG V 111 -49.25 -66.23 -86.39
N ILE V 112 -50.04 -66.21 -85.32
CA ILE V 112 -50.59 -67.45 -84.79
C ILE V 112 -51.62 -68.04 -85.74
N LEU V 113 -52.54 -67.21 -86.23
CA LEU V 113 -53.62 -67.71 -87.07
C LEU V 113 -53.10 -68.16 -88.43
N ARG V 114 -52.11 -67.45 -88.98
CA ARG V 114 -51.56 -67.84 -90.28
C ARG V 114 -50.87 -69.19 -90.21
N ALA V 115 -50.36 -69.56 -89.04
CA ALA V 115 -49.72 -70.85 -88.84
C ALA V 115 -50.71 -71.96 -88.56
N GLY V 116 -51.99 -71.75 -88.86
CA GLY V 116 -53.01 -72.74 -88.56
C GLY V 116 -53.43 -72.80 -87.12
N GLY V 117 -52.98 -71.86 -86.29
CA GLY V 117 -53.30 -71.86 -84.89
C GLY V 117 -54.74 -71.46 -84.63
N LYS V 118 -55.14 -71.64 -83.37
CA LYS V 118 -56.48 -71.30 -82.93
C LYS V 118 -56.40 -70.49 -81.64
N ILE V 119 -57.13 -69.40 -81.59
CA ILE V 119 -57.10 -68.47 -80.46
C ILE V 119 -58.48 -68.44 -79.81
N LEU V 120 -58.52 -68.60 -78.50
CA LEU V 120 -59.76 -68.59 -77.74
C LEU V 120 -59.69 -67.55 -76.64
N THR V 121 -60.81 -66.89 -76.39
CA THR V 121 -60.94 -66.06 -75.21
C THR V 121 -61.25 -66.93 -74.01
N PHE V 122 -61.17 -66.34 -72.82
CA PHE V 122 -61.33 -67.09 -71.59
C PHE V 122 -62.74 -67.66 -71.43
N ASP V 123 -63.77 -66.94 -71.88
CA ASP V 123 -65.11 -67.50 -71.88
C ASP V 123 -65.20 -68.70 -72.83
N GLN V 124 -64.56 -68.61 -73.99
CA GLN V 124 -64.51 -69.76 -74.89
C GLN V 124 -63.72 -70.90 -74.28
N LEU V 125 -62.69 -70.59 -73.48
CA LEU V 125 -61.99 -71.65 -72.75
C LEU V 125 -62.90 -72.33 -71.76
N ALA V 126 -63.72 -71.55 -71.04
CA ALA V 126 -64.67 -72.13 -70.10
C ALA V 126 -65.68 -73.02 -70.83
N LEU V 127 -66.12 -72.59 -72.01
CA LEU V 127 -66.99 -73.44 -72.81
C LEU V 127 -66.29 -74.72 -73.24
N ASP V 128 -65.03 -74.62 -73.67
CA ASP V 128 -64.32 -75.80 -74.15
C ASP V 128 -63.93 -76.73 -73.00
N SER V 129 -63.36 -76.17 -71.93
CA SER V 129 -62.84 -76.97 -70.82
C SER V 129 -63.22 -76.30 -69.51
N PRO V 130 -64.38 -76.67 -68.95
CA PRO V 130 -64.80 -76.06 -67.67
C PRO V 130 -63.83 -76.30 -66.54
N LYS V 131 -63.22 -77.48 -66.48
CA LYS V 131 -62.22 -77.79 -65.47
C LYS V 131 -60.81 -77.47 -65.92
N GLY V 132 -60.65 -76.93 -67.13
CA GLY V 132 -59.31 -76.76 -67.67
C GLY V 132 -58.60 -78.06 -67.96
N CYS V 133 -59.32 -79.06 -68.44
CA CYS V 133 -58.71 -80.37 -68.69
C CYS V 133 -57.75 -80.30 -69.86
N GLY V 134 -56.55 -80.84 -69.66
CA GLY V 134 -55.54 -80.83 -70.70
C GLY V 134 -55.07 -79.45 -71.08
N THR V 135 -54.80 -78.60 -70.08
CA THR V 135 -54.42 -77.22 -70.31
C THR V 135 -53.08 -76.94 -69.65
N VAL V 136 -52.21 -76.23 -70.36
CA VAL V 136 -50.89 -75.86 -69.87
C VAL V 136 -50.99 -74.40 -69.42
N LEU V 137 -50.80 -74.17 -68.12
CA LEU V 137 -50.89 -72.82 -67.58
C LEU V 137 -49.50 -72.19 -67.57
N LEU V 138 -49.34 -71.10 -68.31
CA LEU V 138 -48.05 -70.42 -68.44
C LEU V 138 -48.12 -69.04 -67.83
N SER V 139 -46.95 -68.50 -67.50
CA SER V 139 -46.82 -67.16 -66.97
C SER V 139 -45.66 -66.46 -67.66
N GLY V 140 -45.80 -65.15 -67.84
CA GLY V 140 -44.70 -64.34 -68.31
C GLY V 140 -43.67 -64.17 -67.22
N PRO V 141 -42.52 -63.58 -67.56
CA PRO V 141 -41.49 -63.38 -66.53
C PRO V 141 -41.92 -62.34 -65.52
N ARG V 142 -42.24 -62.79 -64.31
CA ARG V 142 -42.71 -61.88 -63.26
C ARG V 142 -41.63 -60.87 -62.90
N LYS V 143 -40.38 -61.32 -62.81
CA LYS V 143 -39.26 -60.45 -62.50
C LYS V 143 -38.60 -59.89 -63.75
N GLY V 144 -39.18 -60.15 -64.93
CA GLY V 144 -38.66 -59.57 -66.15
C GLY V 144 -39.05 -58.12 -66.31
N ARG V 145 -38.66 -57.29 -65.33
CA ARG V 145 -38.98 -55.88 -65.32
C ARG V 145 -37.74 -55.09 -64.94
N GLU V 146 -37.68 -53.84 -65.40
CA GLU V 146 -36.53 -53.00 -65.12
C GLU V 146 -36.42 -52.67 -63.63
N VAL V 147 -37.56 -52.63 -62.93
CA VAL V 147 -37.58 -52.20 -61.53
C VAL V 147 -36.82 -53.18 -60.64
N TYR V 148 -36.69 -54.43 -61.07
CA TYR V 148 -36.02 -55.44 -60.26
C TYR V 148 -34.50 -55.34 -60.31
N ARG V 149 -33.96 -54.58 -61.25
CA ARG V 149 -32.51 -54.43 -61.31
C ARG V 149 -32.01 -53.41 -60.30
N HIS V 150 -32.89 -52.59 -59.73
CA HIS V 150 -32.54 -51.71 -58.63
C HIS V 150 -32.85 -52.32 -57.27
N PHE V 151 -33.64 -53.38 -57.22
CA PHE V 151 -34.00 -54.01 -55.97
C PHE V 151 -32.86 -54.88 -55.46
N GLY V 152 -32.91 -55.21 -54.17
CA GLY V 152 -31.92 -56.04 -53.54
C GLY V 152 -31.09 -55.26 -52.53
N LYS V 153 -29.84 -55.68 -52.38
CA LYS V 153 -28.95 -55.01 -51.45
C LYS V 153 -28.54 -53.65 -51.99
N ALA V 154 -27.97 -52.83 -51.12
CA ALA V 154 -27.58 -51.49 -51.51
C ALA V 154 -26.40 -51.53 -52.49
N PRO V 155 -26.37 -50.60 -53.45
CA PRO V 155 -25.24 -50.57 -54.40
C PRO V 155 -23.90 -50.35 -53.74
N GLY V 156 -23.86 -49.64 -52.61
CA GLY V 156 -22.61 -49.34 -51.94
C GLY V 156 -22.20 -50.41 -50.96
N THR V 157 -22.77 -51.61 -51.11
CA THR V 157 -22.45 -52.74 -50.25
C THR V 157 -21.66 -53.76 -51.05
N PRO V 158 -20.74 -54.48 -50.40
CA PRO V 158 -19.95 -55.49 -51.11
C PRO V 158 -20.81 -56.62 -51.64
N HIS V 159 -20.36 -57.20 -52.75
CA HIS V 159 -20.97 -58.37 -53.38
C HIS V 159 -22.40 -58.09 -53.84
N SER V 160 -22.73 -56.82 -54.05
CA SER V 160 -24.06 -56.41 -54.49
C SER V 160 -23.96 -55.85 -55.89
N HIS V 161 -24.77 -56.38 -56.79
CA HIS V 161 -24.77 -55.98 -58.19
C HIS V 161 -26.11 -55.36 -58.59
N THR V 162 -26.63 -54.49 -57.72
CA THR V 162 -27.90 -53.83 -57.98
C THR V 162 -27.67 -52.49 -58.65
N LYS V 163 -28.51 -52.17 -59.61
CA LYS V 163 -28.31 -50.96 -60.40
C LYS V 163 -28.70 -49.73 -59.58
N PRO V 164 -27.79 -48.79 -59.38
CA PRO V 164 -28.15 -47.54 -58.71
C PRO V 164 -28.95 -46.63 -59.64
N TYR V 165 -29.65 -45.67 -59.02
CA TYR V 165 -30.41 -44.68 -59.77
C TYR V 165 -29.50 -43.52 -60.13
N VAL V 166 -29.32 -43.28 -61.43
CA VAL V 166 -28.51 -42.18 -61.93
C VAL V 166 -29.29 -41.49 -63.03
N ARG V 167 -29.16 -40.16 -63.11
CA ARG V 167 -29.88 -39.42 -64.14
C ARG V 167 -29.26 -39.63 -65.51
N SER V 168 -27.99 -40.01 -65.56
CA SER V 168 -27.31 -40.25 -66.82
C SER V 168 -26.23 -41.30 -66.62
N LYS V 169 -25.92 -42.02 -67.69
CA LYS V 169 -24.83 -42.99 -67.70
C LYS V 169 -23.66 -42.42 -68.47
N GLY V 170 -22.50 -42.40 -67.85
CA GLY V 170 -21.32 -41.84 -68.48
C GLY V 170 -20.12 -42.03 -67.59
N ARG V 171 -18.99 -41.49 -68.04
CA ARG V 171 -17.75 -41.64 -67.29
C ARG V 171 -17.68 -40.72 -66.08
N LYS V 172 -18.62 -39.78 -65.96
CA LYS V 172 -18.60 -38.81 -64.87
C LYS V 172 -19.64 -39.10 -63.81
N PHE V 173 -20.56 -40.02 -64.04
CA PHE V 173 -21.74 -40.19 -63.20
C PHE V 173 -21.53 -41.39 -62.27
N GLU V 174 -21.15 -41.09 -61.03
CA GLU V 174 -21.07 -42.08 -59.95
C GLU V 174 -20.14 -43.23 -60.31
N ARG V 175 -18.87 -42.88 -60.50
CA ARG V 175 -17.87 -43.87 -60.89
C ARG V 175 -16.56 -43.76 -60.12
N ALA V 176 -16.35 -42.71 -59.33
CA ALA V 176 -15.02 -42.47 -58.81
C ALA V 176 -14.75 -43.07 -57.43
N ARG V 177 -15.45 -42.62 -56.39
CA ARG V 177 -15.11 -42.99 -55.02
C ARG V 177 -16.14 -43.99 -54.52
N GLY V 178 -15.74 -45.25 -54.42
CA GLY V 178 -16.65 -46.34 -54.15
C GLY V 178 -16.82 -47.31 -55.29
N ARG V 179 -16.04 -47.16 -56.37
CA ARG V 179 -16.12 -48.05 -57.51
C ARG V 179 -14.77 -48.62 -57.92
N ARG V 180 -13.66 -48.05 -57.47
CA ARG V 180 -12.35 -48.52 -57.88
C ARG V 180 -11.37 -48.32 -56.74
N ALA V 181 -10.32 -49.13 -56.74
CA ALA V 181 -9.31 -49.05 -55.69
C ALA V 181 -8.49 -47.77 -55.79
N SER V 182 -8.37 -47.18 -56.98
CA SER V 182 -7.56 -45.99 -57.16
C SER V 182 -8.15 -44.77 -56.48
N ARG V 183 -9.44 -44.77 -56.15
CA ARG V 183 -10.08 -43.66 -55.46
C ARG V 183 -10.73 -44.20 -54.20
N GLY V 184 -9.97 -44.23 -53.10
CA GLY V 184 -10.49 -44.59 -51.81
C GLY V 184 -10.72 -46.07 -51.62
N TYR V 185 -11.78 -46.60 -52.22
CA TYR V 185 -12.15 -47.99 -52.03
C TYR V 185 -13.05 -48.41 -53.18
N LYS V 186 -13.25 -49.72 -53.30
CA LYS V 186 -14.11 -50.27 -54.35
C LYS V 186 -15.35 -50.96 -53.81
N ASN V 187 -15.18 -51.92 -52.89
CA ASN V 187 -16.19 -52.90 -52.46
C ASN V 187 -17.33 -53.21 -53.46
N SER W 1 -81.58 42.14 -24.17
CA SER W 1 -81.38 40.71 -24.24
C SER W 1 -79.92 40.34 -24.00
N MET W 2 -79.04 40.85 -24.85
CA MET W 2 -77.61 40.58 -24.74
C MET W 2 -76.89 41.78 -25.36
N LEU W 3 -76.22 42.57 -24.52
CA LEU W 3 -75.70 43.88 -24.92
C LEU W 3 -74.19 43.91 -25.01
N ARG W 4 -73.56 42.82 -25.47
CA ARG W 4 -72.12 42.82 -25.63
C ARG W 4 -71.68 43.77 -26.74
N LEU W 5 -72.39 43.76 -27.88
CA LEU W 5 -72.08 44.68 -28.95
C LEU W 5 -72.27 46.13 -28.51
N GLN W 6 -73.35 46.39 -27.76
CA GLN W 6 -73.59 47.74 -27.27
C GLN W 6 -72.49 48.18 -26.32
N LYS W 7 -72.05 47.30 -25.42
CA LYS W 7 -70.96 47.66 -24.53
C LYS W 7 -69.68 47.93 -25.30
N ARG W 8 -69.37 47.12 -26.30
CA ARG W 8 -68.15 47.32 -27.08
C ARG W 8 -68.19 48.64 -27.83
N LEU W 9 -69.34 48.94 -28.45
CA LEU W 9 -69.47 50.21 -29.17
C LEU W 9 -69.40 51.40 -28.22
N ALA W 10 -70.02 51.28 -27.05
CA ALA W 10 -69.95 52.37 -26.08
C ALA W 10 -68.52 52.60 -25.61
N SER W 11 -67.77 51.51 -25.37
CA SER W 11 -66.38 51.67 -24.97
C SER W 11 -65.55 52.27 -26.09
N SER W 12 -65.88 51.95 -27.34
CA SER W 12 -65.17 52.53 -28.46
C SER W 12 -65.44 54.02 -28.58
N VAL W 13 -66.71 54.43 -28.50
CA VAL W 13 -67.06 55.83 -28.70
C VAL W 13 -66.59 56.67 -27.52
N LEU W 14 -66.81 56.18 -26.30
CA LEU W 14 -66.48 56.93 -25.09
C LEU W 14 -64.98 57.02 -24.84
N ARG W 15 -64.17 56.28 -25.60
CA ARG W 15 -62.71 56.25 -25.45
C ARG W 15 -62.31 55.84 -24.03
N CYS W 16 -63.04 54.89 -23.45
CA CYS W 16 -62.73 54.32 -22.15
C CYS W 16 -62.95 52.83 -22.21
N GLY W 17 -62.48 52.13 -21.18
CA GLY W 17 -62.63 50.69 -21.14
C GLY W 17 -64.05 50.27 -20.83
N LYS W 18 -64.29 48.96 -20.97
CA LYS W 18 -65.58 48.39 -20.64
C LYS W 18 -65.92 48.51 -19.16
N LYS W 19 -64.92 48.73 -18.30
CA LYS W 19 -65.19 48.92 -16.89
C LYS W 19 -66.04 50.16 -16.64
N LYS W 20 -65.78 51.23 -17.39
CA LYS W 20 -66.46 52.50 -17.16
C LYS W 20 -67.78 52.61 -17.91
N VAL W 21 -68.13 51.65 -18.75
CA VAL W 21 -69.34 51.73 -19.54
C VAL W 21 -70.53 51.33 -18.67
N TRP W 22 -71.50 52.22 -18.55
CA TRP W 22 -72.71 51.98 -17.77
C TRP W 22 -73.91 52.04 -18.68
N LEU W 23 -74.63 50.93 -18.79
CA LEU W 23 -75.89 50.88 -19.53
C LEU W 23 -77.04 50.95 -18.54
N ASP W 24 -78.14 51.55 -18.96
CA ASP W 24 -79.30 51.62 -18.10
C ASP W 24 -79.93 50.24 -17.96
N PRO W 25 -80.01 49.67 -16.76
CA PRO W 25 -80.64 48.34 -16.62
C PRO W 25 -82.13 48.35 -16.85
N ASN W 26 -82.76 49.53 -16.92
CA ASN W 26 -84.20 49.58 -17.12
C ASN W 26 -84.56 49.57 -18.60
N GLU W 27 -83.92 50.43 -19.40
CA GLU W 27 -84.24 50.53 -20.82
C GLU W 27 -83.39 49.59 -21.66
N THR W 28 -83.44 48.30 -21.32
CA THR W 28 -82.66 47.30 -22.04
C THR W 28 -83.11 47.18 -23.49
N ASN W 29 -84.43 47.17 -23.73
CA ASN W 29 -84.94 47.05 -25.09
C ASN W 29 -84.60 48.28 -25.92
N GLU W 30 -84.52 49.44 -25.28
CA GLU W 30 -84.15 50.66 -26.01
C GLU W 30 -82.68 50.61 -26.43
N ILE W 31 -81.79 50.18 -25.53
CA ILE W 31 -80.37 50.14 -25.84
C ILE W 31 -80.07 49.04 -26.85
N ALA W 32 -80.74 47.89 -26.73
CA ALA W 32 -80.53 46.80 -27.67
C ALA W 32 -80.91 47.18 -29.09
N ASN W 33 -81.79 48.17 -29.26
CA ASN W 33 -82.12 48.65 -30.58
C ASN W 33 -80.96 49.39 -31.23
N ALA W 34 -79.97 49.81 -30.46
CA ALA W 34 -78.82 50.50 -30.99
C ALA W 34 -77.88 49.48 -31.64
N ASN W 35 -77.63 49.65 -32.94
CA ASN W 35 -76.71 48.80 -33.66
C ASN W 35 -75.72 49.59 -34.50
N SER W 36 -75.66 50.92 -34.33
CA SER W 36 -74.70 51.76 -35.03
C SER W 36 -74.09 52.74 -34.04
N ARG W 37 -72.87 53.18 -34.36
CA ARG W 37 -72.18 54.12 -33.49
C ARG W 37 -72.89 55.47 -33.45
N GLN W 38 -73.60 55.83 -34.52
CA GLN W 38 -74.45 57.02 -34.46
C GLN W 38 -75.55 56.83 -33.42
N GLN W 39 -76.18 55.67 -33.39
CA GLN W 39 -77.20 55.38 -32.39
C GLN W 39 -76.60 55.36 -30.98
N ILE W 40 -75.39 54.83 -30.84
CA ILE W 40 -74.71 54.86 -29.54
C ILE W 40 -74.47 56.29 -29.11
N ARG W 41 -74.02 57.14 -30.02
CA ARG W 41 -73.80 58.55 -29.71
C ARG W 41 -75.10 59.23 -29.28
N LYS W 42 -76.19 58.94 -29.98
CA LYS W 42 -77.48 59.53 -29.62
C LYS W 42 -77.93 59.06 -28.24
N LEU W 43 -77.72 57.78 -27.93
CA LEU W 43 -78.07 57.27 -26.61
C LEU W 43 -77.22 57.92 -25.53
N ILE W 44 -75.93 58.12 -25.81
CA ILE W 44 -75.06 58.80 -24.84
C ILE W 44 -75.56 60.21 -24.59
N LYS W 45 -75.94 60.91 -25.66
CA LYS W 45 -76.49 62.26 -25.50
C LYS W 45 -77.78 62.24 -24.71
N ASP W 46 -78.61 61.23 -24.89
CA ASP W 46 -79.88 61.15 -24.19
C ASP W 46 -79.77 60.63 -22.76
N GLY W 47 -78.56 60.31 -22.31
CA GLY W 47 -78.35 59.93 -20.92
C GLY W 47 -78.60 58.48 -20.59
N LEU W 48 -78.83 57.63 -21.58
CA LEU W 48 -78.99 56.21 -21.29
C LEU W 48 -77.64 55.53 -21.04
N ILE W 49 -76.57 56.04 -21.65
CA ILE W 49 -75.24 55.48 -21.47
C ILE W 49 -74.36 56.56 -20.87
N ILE W 50 -73.70 56.24 -19.76
CA ILE W 50 -72.93 57.20 -18.98
C ILE W 50 -71.55 56.63 -18.70
N ARG W 51 -70.52 57.44 -18.93
CA ARG W 51 -69.16 57.07 -18.60
C ARG W 51 -68.97 57.18 -17.09
N LYS W 52 -68.72 56.04 -16.44
CA LYS W 52 -68.58 56.03 -14.99
C LYS W 52 -67.29 56.71 -14.58
N PRO W 53 -67.27 57.37 -13.41
CA PRO W 53 -66.06 58.07 -12.97
C PRO W 53 -64.95 57.09 -12.61
N VAL W 54 -63.72 57.61 -12.66
CA VAL W 54 -62.56 56.81 -12.34
C VAL W 54 -62.58 56.42 -10.87
N THR W 55 -62.24 55.16 -10.59
CA THR W 55 -62.17 54.68 -9.21
C THR W 55 -61.21 55.54 -8.40
N VAL W 56 -61.67 55.95 -7.21
CA VAL W 56 -60.95 56.95 -6.42
C VAL W 56 -59.70 56.31 -5.83
N HIS W 57 -58.54 56.91 -6.09
CA HIS W 57 -57.26 56.52 -5.51
C HIS W 57 -56.58 57.80 -5.05
N SER W 58 -56.81 58.19 -3.80
CA SER W 58 -56.30 59.45 -3.30
C SER W 58 -54.83 59.35 -2.92
N ARG W 59 -54.14 60.48 -2.96
CA ARG W 59 -52.75 60.58 -2.53
C ARG W 59 -52.60 61.37 -1.24
N ALA W 60 -53.71 61.61 -0.51
CA ALA W 60 -53.64 62.38 0.71
C ALA W 60 -52.79 61.69 1.77
N ARG W 61 -52.90 60.37 1.88
CA ARG W 61 -52.04 59.62 2.78
C ARG W 61 -50.58 59.77 2.38
N CYS W 62 -50.30 59.69 1.08
CA CYS W 62 -48.93 59.89 0.59
C CYS W 62 -48.42 61.28 0.93
N ARG W 63 -49.24 62.31 0.72
CA ARG W 63 -48.80 63.67 0.99
C ARG W 63 -48.55 63.88 2.47
N LYS W 64 -49.44 63.36 3.31
CA LYS W 64 -49.26 63.47 4.76
C LYS W 64 -47.97 62.80 5.21
N ASN W 65 -47.72 61.58 4.72
CA ASN W 65 -46.51 60.87 5.12
C ASN W 65 -45.27 61.55 4.55
N THR W 66 -45.37 62.14 3.36
CA THR W 66 -44.24 62.84 2.77
C THR W 66 -43.88 64.07 3.59
N LEU W 67 -44.89 64.82 4.03
CA LEU W 67 -44.63 65.97 4.89
C LEU W 67 -44.04 65.52 6.22
N ALA W 68 -44.52 64.40 6.77
CA ALA W 68 -43.94 63.88 8.00
C ALA W 68 -42.48 63.49 7.80
N ARG W 69 -42.16 62.93 6.64
CA ARG W 69 -40.77 62.60 6.32
C ARG W 69 -39.92 63.86 6.16
N ARG W 70 -40.51 64.93 5.60
CA ARG W 70 -39.82 66.21 5.55
C ARG W 70 -39.48 66.71 6.96
N LYS W 71 -40.41 66.55 7.90
CA LYS W 71 -40.10 66.92 9.26
C LYS W 71 -39.12 65.97 9.94
N GLY W 72 -38.83 64.81 9.33
CA GLY W 72 -37.82 63.91 9.84
C GLY W 72 -38.33 62.59 10.38
N ARG W 73 -39.65 62.36 10.34
CA ARG W 73 -40.20 61.13 10.88
C ARG W 73 -40.06 59.98 9.89
N HIS W 74 -40.18 58.76 10.42
CA HIS W 74 -40.15 57.51 9.66
C HIS W 74 -38.84 57.32 8.90
N MET W 75 -37.76 57.98 9.32
CA MET W 75 -36.43 57.70 8.77
C MET W 75 -35.62 56.82 9.72
N GLY W 76 -35.39 57.31 10.94
CA GLY W 76 -34.75 56.65 12.07
C GLY W 76 -33.60 55.77 11.67
N ILE W 77 -33.61 54.55 12.20
CA ILE W 77 -32.65 53.52 11.81
C ILE W 77 -33.36 52.29 11.25
N GLY W 78 -34.45 51.87 11.88
CA GLY W 78 -35.19 50.70 11.47
C GLY W 78 -36.02 50.86 10.22
N LYS W 79 -36.03 52.03 9.60
CA LYS W 79 -36.74 52.23 8.34
C LYS W 79 -35.82 52.34 7.15
N ARG W 80 -34.53 52.03 7.30
CA ARG W 80 -33.58 52.08 6.22
C ARG W 80 -33.24 50.66 5.78
N LYS W 81 -33.62 50.31 4.55
CA LYS W 81 -33.36 49.00 3.99
C LYS W 81 -32.08 48.92 3.17
N GLY W 82 -31.82 49.92 2.34
CA GLY W 82 -30.66 49.92 1.48
C GLY W 82 -29.41 50.37 2.19
N THR W 83 -28.27 50.15 1.54
CA THR W 83 -26.99 50.59 2.07
C THR W 83 -26.95 52.12 2.12
N ALA W 84 -26.16 52.65 3.05
CA ALA W 84 -25.98 54.10 3.13
C ALA W 84 -25.46 54.66 1.82
N ASN W 85 -24.58 53.93 1.14
CA ASN W 85 -24.19 54.29 -0.22
C ASN W 85 -25.37 54.18 -1.18
N ALA W 86 -26.21 53.16 -1.01
CA ALA W 86 -27.34 52.99 -1.91
C ALA W 86 -28.37 54.10 -1.73
N ARG W 87 -28.68 54.46 -0.48
CA ARG W 87 -29.66 55.51 -0.25
C ARG W 87 -29.13 56.88 -0.69
N MET W 88 -27.87 57.16 -0.41
CA MET W 88 -27.25 58.42 -0.78
C MET W 88 -25.85 58.11 -1.30
N PRO W 89 -25.65 58.07 -2.61
CA PRO W 89 -24.34 57.71 -3.15
C PRO W 89 -23.27 58.71 -2.74
N GLU W 90 -22.10 58.19 -2.37
CA GLU W 90 -20.98 59.05 -2.01
C GLU W 90 -20.48 59.82 -3.23
N LYS W 91 -20.58 59.21 -4.41
CA LYS W 91 -20.12 59.88 -5.63
C LYS W 91 -20.98 61.09 -5.95
N VAL W 92 -22.29 60.99 -5.74
CA VAL W 92 -23.16 62.14 -5.95
C VAL W 92 -22.84 63.26 -4.98
N THR W 93 -22.61 62.91 -3.72
CA THR W 93 -22.23 63.90 -2.73
C THR W 93 -20.92 64.58 -3.11
N TRP W 94 -19.97 63.80 -3.60
CA TRP W 94 -18.68 64.35 -4.00
C TRP W 94 -18.85 65.28 -5.20
N MET W 95 -19.68 64.90 -6.16
CA MET W 95 -19.94 65.78 -7.31
C MET W 95 -20.55 67.09 -6.87
N ARG W 96 -21.56 67.03 -5.99
CA ARG W 96 -22.19 68.26 -5.54
C ARG W 96 -21.20 69.14 -4.78
N ARG W 97 -20.39 68.53 -3.91
CA ARG W 97 -19.40 69.29 -3.16
C ARG W 97 -18.39 69.95 -4.08
N MET W 98 -17.87 69.20 -5.06
CA MET W 98 -16.87 69.75 -5.95
C MET W 98 -17.45 70.87 -6.82
N ARG W 99 -18.67 70.68 -7.31
CA ARG W 99 -19.31 71.73 -8.12
C ARG W 99 -19.52 72.99 -7.30
N ILE W 100 -19.98 72.85 -6.06
CA ILE W 100 -20.18 74.02 -5.20
C ILE W 100 -18.85 74.74 -4.95
N LEU W 101 -17.81 73.98 -4.60
CA LEU W 101 -16.53 74.60 -4.28
C LEU W 101 -15.91 75.25 -5.52
N ARG W 102 -16.01 74.61 -6.68
CA ARG W 102 -15.45 75.17 -7.90
C ARG W 102 -16.21 76.42 -8.32
N ARG W 103 -17.54 76.42 -8.16
CA ARG W 103 -18.32 77.61 -8.44
C ARG W 103 -17.91 78.76 -7.54
N LEU W 104 -17.72 78.47 -6.24
CA LEU W 104 -17.30 79.51 -5.31
C LEU W 104 -15.93 80.07 -5.67
N LEU W 105 -14.98 79.19 -5.99
CA LEU W 105 -13.64 79.64 -6.35
C LEU W 105 -13.65 80.46 -7.63
N ARG W 106 -14.42 80.03 -8.63
CA ARG W 106 -14.53 80.79 -9.87
C ARG W 106 -15.11 82.17 -9.61
N ARG W 107 -16.22 82.24 -8.87
CA ARG W 107 -16.85 83.52 -8.60
C ARG W 107 -15.94 84.44 -7.81
N TYR W 108 -15.19 83.90 -6.86
CA TYR W 108 -14.24 84.73 -6.13
C TYR W 108 -13.10 85.19 -7.03
N ARG W 109 -12.70 84.35 -7.98
CA ARG W 109 -11.61 84.73 -8.88
C ARG W 109 -12.02 85.89 -9.78
N GLU W 110 -13.21 85.80 -10.38
CA GLU W 110 -13.68 86.87 -11.25
C GLU W 110 -14.34 88.02 -10.48
N SER W 111 -14.44 87.92 -9.16
CA SER W 111 -14.80 89.06 -8.33
C SER W 111 -13.58 89.64 -7.61
N LYS W 112 -12.39 89.21 -7.99
CA LYS W 112 -11.12 89.81 -7.53
C LYS W 112 -10.91 89.68 -6.02
N LYS W 113 -11.54 88.68 -5.40
CA LYS W 113 -11.23 88.40 -4.00
C LYS W 113 -9.90 87.69 -3.86
N ILE W 114 -9.55 86.85 -4.84
CA ILE W 114 -8.29 86.13 -4.85
C ILE W 114 -7.64 86.27 -6.22
N ASP W 115 -6.33 86.04 -6.27
CA ASP W 115 -5.58 86.12 -7.50
C ASP W 115 -5.68 84.80 -8.27
N ARG W 116 -4.91 84.67 -9.34
CA ARG W 116 -4.89 83.39 -10.05
C ARG W 116 -4.13 82.33 -9.27
N HIS W 117 -3.07 82.74 -8.57
CA HIS W 117 -2.19 81.78 -7.91
C HIS W 117 -2.88 81.14 -6.72
N MET W 118 -3.50 81.97 -5.86
CA MET W 118 -4.30 81.45 -4.77
C MET W 118 -5.46 80.62 -5.30
N TYR W 119 -6.05 81.05 -6.43
CA TYR W 119 -7.12 80.26 -7.03
C TYR W 119 -6.65 78.88 -7.40
N HIS W 120 -5.48 78.75 -8.02
CA HIS W 120 -5.00 77.45 -8.43
C HIS W 120 -4.63 76.59 -7.23
N SER W 121 -3.98 77.19 -6.23
CA SER W 121 -3.63 76.44 -5.03
C SER W 121 -4.88 75.92 -4.33
N LEU W 122 -5.91 76.77 -4.20
CA LEU W 122 -7.13 76.34 -3.56
C LEU W 122 -7.92 75.36 -4.42
N TYR W 123 -7.78 75.44 -5.74
CA TYR W 123 -8.42 74.45 -6.60
C TYR W 123 -7.79 73.08 -6.38
N LEU W 124 -6.46 73.04 -6.29
CA LEU W 124 -5.80 71.77 -6.00
C LEU W 124 -6.10 71.30 -4.59
N LYS W 125 -6.38 72.23 -3.67
CA LYS W 125 -6.75 71.84 -2.32
C LYS W 125 -8.15 71.24 -2.26
N VAL W 126 -9.12 71.87 -2.93
CA VAL W 126 -10.47 71.32 -2.93
C VAL W 126 -10.50 70.00 -3.69
N LYS W 127 -9.71 69.88 -4.75
CA LYS W 127 -9.54 68.57 -5.38
C LYS W 127 -8.88 67.60 -4.42
N GLY W 128 -8.04 68.10 -3.52
CA GLY W 128 -7.37 67.28 -2.53
C GLY W 128 -8.19 66.91 -1.33
N ASN W 129 -9.45 67.35 -1.26
CA ASN W 129 -10.39 66.98 -0.22
C ASN W 129 -9.88 67.37 1.16
N VAL W 130 -9.72 68.67 1.36
CA VAL W 130 -9.36 69.22 2.67
C VAL W 130 -10.41 70.17 3.20
N PHE W 131 -11.51 70.37 2.49
CA PHE W 131 -12.62 71.18 2.96
C PHE W 131 -13.89 70.36 2.90
N LYS W 132 -14.82 70.63 3.79
CA LYS W 132 -16.05 69.86 3.84
C LYS W 132 -17.26 70.60 3.29
N ASN W 133 -17.23 71.93 3.25
CA ASN W 133 -18.40 72.67 2.81
C ASN W 133 -17.97 74.06 2.35
N LYS W 134 -18.98 74.87 2.00
CA LYS W 134 -18.76 76.24 1.57
C LYS W 134 -18.14 77.08 2.68
N ARG W 135 -18.66 76.94 3.90
CA ARG W 135 -18.31 77.87 4.98
C ARG W 135 -16.86 77.69 5.43
N ILE W 136 -16.40 76.45 5.55
CA ILE W 136 -15.03 76.21 5.99
C ILE W 136 -14.04 76.77 4.97
N LEU W 137 -14.28 76.52 3.69
CA LEU W 137 -13.41 77.07 2.65
C LEU W 137 -13.45 78.58 2.66
N MET W 138 -14.63 79.17 2.86
CA MET W 138 -14.73 80.63 2.89
C MET W 138 -13.95 81.22 4.05
N GLU W 139 -14.04 80.60 5.23
CA GLU W 139 -13.29 81.08 6.38
C GLU W 139 -11.79 80.92 6.17
N HIS W 140 -11.37 79.80 5.57
CA HIS W 140 -9.96 79.62 5.26
C HIS W 140 -9.48 80.66 4.26
N ILE W 141 -10.32 81.01 3.29
CA ILE W 141 -9.97 82.06 2.34
C ILE W 141 -9.82 83.40 3.05
N HIS W 142 -10.69 83.67 4.02
CA HIS W 142 -10.56 84.90 4.80
C HIS W 142 -9.24 84.94 5.56
N LYS W 143 -8.87 83.81 6.18
CA LYS W 143 -7.59 83.72 6.89
C LYS W 143 -6.43 83.95 5.94
N LEU W 144 -6.47 83.33 4.77
CA LEU W 144 -5.42 83.50 3.78
C LEU W 144 -5.32 84.96 3.34
N LYS W 145 -6.46 85.61 3.11
CA LYS W 145 -6.45 87.01 2.70
C LYS W 145 -5.87 87.89 3.80
N ALA W 146 -6.20 87.61 5.06
CA ALA W 146 -5.67 88.41 6.16
C ALA W 146 -4.15 88.27 6.23
N ASP W 147 -3.64 87.04 6.12
CA ASP W 147 -2.19 86.85 6.14
C ASP W 147 -1.52 87.53 4.95
N LYS W 148 -2.14 87.43 3.77
CA LYS W 148 -1.58 88.05 2.58
C LYS W 148 -1.53 89.57 2.72
N ALA W 149 -2.60 90.17 3.27
CA ALA W 149 -2.61 91.62 3.47
C ALA W 149 -1.55 92.05 4.47
N ARG W 150 -1.40 91.29 5.57
CA ARG W 150 -0.39 91.64 6.57
C ARG W 150 1.02 91.57 5.97
N LYS W 151 1.31 90.49 5.25
CA LYS W 151 2.62 90.35 4.62
C LYS W 151 2.85 91.44 3.59
N LYS W 152 1.81 91.78 2.82
CA LYS W 152 1.94 92.83 1.81
C LYS W 152 2.25 94.17 2.47
N LEU W 153 1.57 94.49 3.57
CA LEU W 153 1.83 95.75 4.27
C LEU W 153 3.27 95.81 4.78
N LEU W 154 3.72 94.75 5.46
CA LEU W 154 5.09 94.78 5.98
C LEU W 154 6.12 94.83 4.86
N ALA W 155 5.91 94.05 3.79
CA ALA W 155 6.85 94.05 2.68
C ALA W 155 6.87 95.41 1.98
N ASP W 156 5.71 96.05 1.82
CA ASP W 156 5.70 97.31 1.08
C ASP W 156 6.31 98.44 1.89
N GLN W 157 6.09 98.44 3.22
CA GLN W 157 6.76 99.45 4.03
C GLN W 157 8.27 99.22 4.08
N ALA W 158 8.71 97.96 4.12
CA ALA W 158 10.14 97.69 4.04
C ALA W 158 10.72 98.15 2.71
N GLU W 159 9.99 97.91 1.62
CA GLU W 159 10.47 98.33 0.32
C GLU W 159 10.48 99.85 0.19
N ALA W 160 9.52 100.53 0.83
CA ALA W 160 9.55 101.99 0.86
C ALA W 160 10.75 102.51 1.62
N ARG W 161 11.11 101.86 2.73
CA ARG W 161 12.31 102.27 3.46
C ARG W 161 13.57 102.04 2.64
N ARG W 162 13.66 100.90 1.95
CA ARG W 162 14.81 100.64 1.10
C ARG W 162 14.88 101.65 -0.04
N SER W 163 13.72 102.00 -0.61
CA SER W 163 13.69 103.02 -1.65
C SER W 163 14.14 104.37 -1.12
N LYS W 164 13.74 104.73 0.11
CA LYS W 164 14.24 105.95 0.73
C LYS W 164 15.76 105.95 0.83
N THR W 165 16.32 104.87 1.36
CA THR W 165 17.77 104.83 1.54
C THR W 165 18.49 104.86 0.19
N LYS W 166 17.97 104.12 -0.80
CA LYS W 166 18.59 104.11 -2.12
C LYS W 166 18.50 105.48 -2.78
N GLU W 167 17.37 106.16 -2.62
CA GLU W 167 17.18 107.47 -3.23
C GLU W 167 18.09 108.51 -2.58
N ALA W 168 18.29 108.41 -1.26
CA ALA W 168 19.25 109.28 -0.61
C ALA W 168 20.66 108.99 -1.09
N ARG W 169 20.99 107.71 -1.24
CA ARG W 169 22.33 107.32 -1.69
C ARG W 169 22.61 107.80 -3.10
N LYS W 170 21.61 107.69 -3.99
CA LYS W 170 21.83 107.95 -5.41
C LYS W 170 22.04 109.42 -5.72
N ARG W 171 21.83 110.31 -4.75
CA ARG W 171 22.04 111.73 -4.97
C ARG W 171 22.98 112.38 -3.97
N ARG W 172 23.20 111.77 -2.79
CA ARG W 172 24.19 112.34 -1.89
C ARG W 172 25.59 112.27 -2.51
N GLU W 173 25.93 111.17 -3.17
CA GLU W 173 27.18 111.13 -3.91
C GLU W 173 27.16 112.01 -5.14
N GLU W 174 25.97 112.27 -5.70
CA GLU W 174 25.88 113.19 -6.83
C GLU W 174 26.32 114.59 -6.43
N ARG W 175 25.77 115.13 -5.36
CA ARG W 175 26.28 116.46 -4.99
C ARG W 175 27.62 116.39 -4.26
N LEU W 176 28.03 115.23 -3.75
CA LEU W 176 29.41 115.06 -3.31
C LEU W 176 30.39 115.26 -4.45
N GLN W 177 30.18 114.57 -5.57
CA GLN W 177 31.07 114.70 -6.71
C GLN W 177 30.87 116.04 -7.43
N ALA W 178 29.69 116.65 -7.28
CA ALA W 178 29.54 118.03 -7.72
C ALA W 178 30.43 118.96 -6.90
N LYS W 179 30.54 118.71 -5.60
CA LYS W 179 31.46 119.47 -4.76
C LYS W 179 32.91 119.16 -5.09
N LYS W 180 33.21 117.92 -5.49
CA LYS W 180 34.59 117.53 -5.76
C LYS W 180 35.07 118.10 -7.11
N GLU W 181 34.39 117.75 -8.19
CA GLU W 181 34.82 118.14 -9.53
C GLU W 181 34.26 119.48 -9.97
N GLU W 182 33.97 120.39 -9.03
CA GLU W 182 33.76 121.78 -9.40
C GLU W 182 35.06 122.59 -9.35
N ILE W 183 36.16 121.97 -8.92
CA ILE W 183 37.44 122.66 -8.83
C ILE W 183 38.29 122.41 -10.09
N ILE W 184 38.35 121.15 -10.53
CA ILE W 184 39.17 120.81 -11.70
C ILE W 184 38.58 121.46 -12.96
N LYS W 185 37.25 121.57 -13.03
CA LYS W 185 36.59 122.13 -14.20
C LYS W 185 37.01 123.57 -14.49
N THR W 186 37.43 124.31 -13.47
CA THR W 186 37.85 125.71 -13.64
C THR W 186 39.34 125.91 -13.45
N LEU W 187 40.09 124.86 -13.10
CA LEU W 187 41.54 124.91 -12.91
C LEU W 187 41.95 125.98 -11.90
N LYS X 1 -46.63 -71.65 4.65
CA LYS X 1 -47.66 -72.57 5.13
C LYS X 1 -48.73 -71.84 5.94
N ALA X 2 -49.96 -71.85 5.42
CA ALA X 2 -51.09 -71.31 6.15
C ALA X 2 -51.56 -72.33 7.18
N SER X 3 -52.74 -72.14 7.74
CA SER X 3 -53.21 -73.02 8.79
C SER X 3 -54.72 -73.23 8.63
N GLY X 4 -55.34 -73.78 9.66
CA GLY X 4 -56.71 -74.22 9.64
C GLY X 4 -56.94 -75.08 10.86
N THR X 5 -57.48 -76.28 10.67
CA THR X 5 -57.45 -77.31 11.72
C THR X 5 -56.50 -78.40 11.24
N LEU X 6 -55.33 -78.48 11.87
CA LEU X 6 -54.27 -79.34 11.39
C LEU X 6 -54.62 -80.80 11.59
N ARG X 7 -53.94 -81.65 10.81
CA ARG X 7 -54.11 -83.10 10.89
C ARG X 7 -52.73 -83.76 10.91
N GLU X 8 -52.58 -84.76 11.78
CA GLU X 8 -51.37 -85.55 11.81
C GLU X 8 -51.27 -86.39 10.53
N TYR X 9 -50.05 -86.54 10.03
CA TYR X 9 -49.80 -87.38 8.88
C TYR X 9 -48.55 -88.23 9.12
N LYS X 10 -48.72 -89.55 9.00
CA LYS X 10 -47.60 -90.49 9.00
C LYS X 10 -47.09 -90.56 7.56
N VAL X 11 -46.00 -89.86 7.29
CA VAL X 11 -45.45 -89.77 5.94
C VAL X 11 -44.25 -90.69 5.85
N VAL X 12 -44.26 -91.60 4.88
CA VAL X 12 -43.17 -92.55 4.67
C VAL X 12 -42.64 -92.35 3.26
N GLY X 13 -41.32 -92.14 3.15
CA GLY X 13 -40.70 -91.93 1.86
C GLY X 13 -39.32 -92.56 1.81
N ARG X 14 -38.71 -92.47 0.63
CA ARG X 14 -37.40 -93.04 0.40
C ARG X 14 -36.80 -92.44 -0.86
N CYS X 15 -35.49 -92.62 -1.02
CA CYS X 15 -34.82 -92.24 -2.26
C CYS X 15 -35.24 -93.16 -3.39
N LEU X 16 -35.02 -92.69 -4.62
CA LEU X 16 -35.19 -93.55 -5.77
C LEU X 16 -34.11 -94.63 -5.77
N PRO X 17 -34.45 -95.87 -6.11
CA PRO X 17 -33.43 -96.92 -6.18
C PRO X 17 -32.35 -96.60 -7.20
N THR X 18 -31.12 -96.93 -6.87
CA THR X 18 -29.96 -96.62 -7.68
C THR X 18 -29.12 -97.88 -7.84
N PRO X 19 -28.32 -97.95 -8.91
CA PRO X 19 -27.39 -99.08 -9.04
C PRO X 19 -26.15 -98.90 -8.16
N LYS X 20 -26.37 -98.55 -6.91
CA LYS X 20 -25.44 -98.54 -5.80
C LYS X 20 -26.10 -99.09 -4.53
N CYS X 21 -27.38 -98.80 -4.34
CA CYS X 21 -28.18 -99.44 -3.30
C CYS X 21 -29.55 -99.71 -3.91
N HIS X 22 -29.89 -100.99 -4.09
CA HIS X 22 -31.16 -101.32 -4.71
C HIS X 22 -32.33 -101.10 -3.76
N THR X 23 -32.08 -101.13 -2.46
CA THR X 23 -33.12 -100.98 -1.44
C THR X 23 -32.72 -99.84 -0.52
N PRO X 24 -32.99 -98.59 -0.90
CA PRO X 24 -32.70 -97.47 -0.02
C PRO X 24 -33.54 -97.54 1.24
N PRO X 25 -33.02 -97.06 2.37
CA PRO X 25 -33.79 -97.14 3.61
C PRO X 25 -35.02 -96.24 3.57
N LEU X 26 -36.05 -96.67 4.28
CA LEU X 26 -37.28 -95.90 4.41
C LEU X 26 -37.19 -94.99 5.61
N TYR X 27 -37.83 -93.82 5.52
CA TYR X 27 -37.90 -92.91 6.64
C TYR X 27 -39.35 -92.51 6.88
N ARG X 28 -39.71 -92.44 8.16
CA ARG X 28 -41.07 -92.17 8.59
C ARG X 28 -41.08 -90.92 9.47
N MET X 29 -42.02 -90.02 9.20
CA MET X 29 -42.14 -88.81 9.99
C MET X 29 -43.61 -88.51 10.26
N ARG X 30 -43.85 -87.77 11.34
CA ARG X 30 -45.17 -87.26 11.68
C ARG X 30 -45.20 -85.78 11.35
N ILE X 31 -46.10 -85.40 10.45
CA ILE X 31 -46.20 -84.02 9.96
C ILE X 31 -47.64 -83.55 10.18
N PHE X 32 -47.79 -82.33 10.66
CA PHE X 32 -49.08 -81.75 10.96
C PHE X 32 -49.37 -80.66 9.94
N ALA X 33 -50.25 -80.94 9.00
CA ALA X 33 -50.53 -80.04 7.88
C ALA X 33 -52.02 -79.90 7.69
N PRO X 34 -52.47 -78.78 7.13
CA PRO X 34 -53.91 -78.64 6.81
C PRO X 34 -54.39 -79.66 5.80
N ASN X 35 -53.51 -80.11 4.91
CA ASN X 35 -53.89 -81.11 3.91
C ASN X 35 -52.66 -81.95 3.58
N HIS X 36 -52.90 -83.09 2.94
CA HIS X 36 -51.84 -84.04 2.69
C HIS X 36 -50.78 -83.50 1.74
N VAL X 37 -51.15 -82.58 0.86
CA VAL X 37 -50.17 -82.01 -0.07
C VAL X 37 -49.12 -81.20 0.69
N VAL X 38 -49.58 -80.36 1.62
CA VAL X 38 -48.66 -79.61 2.46
C VAL X 38 -47.86 -80.57 3.33
N ALA X 39 -48.47 -81.69 3.74
CA ALA X 39 -47.73 -82.69 4.50
C ALA X 39 -46.57 -83.26 3.70
N LYS X 40 -46.81 -83.57 2.42
CA LYS X 40 -45.75 -84.08 1.57
C LYS X 40 -44.66 -83.03 1.36
N SER X 41 -45.05 -81.77 1.17
CA SER X 41 -44.06 -80.72 0.97
C SER X 41 -43.19 -80.54 2.21
N ARG X 42 -43.80 -80.52 3.39
CA ARG X 42 -43.02 -80.38 4.62
C ARG X 42 -42.17 -81.60 4.87
N PHE X 43 -42.66 -82.80 4.52
CA PHE X 43 -41.83 -83.99 4.64
C PHE X 43 -40.59 -83.89 3.77
N TRP X 44 -40.74 -83.44 2.53
CA TRP X 44 -39.58 -83.27 1.67
C TRP X 44 -38.62 -82.22 2.23
N TYR X 45 -39.16 -81.12 2.76
CA TYR X 45 -38.32 -80.11 3.37
C TYR X 45 -37.53 -80.66 4.54
N PHE X 46 -38.18 -81.44 5.41
CA PHE X 46 -37.50 -81.96 6.60
C PHE X 46 -36.48 -83.02 6.24
N VAL X 47 -36.79 -83.91 5.28
CA VAL X 47 -35.79 -84.90 4.90
C VAL X 47 -34.64 -84.27 4.13
N SER X 48 -34.89 -83.16 3.42
CA SER X 48 -33.79 -82.44 2.81
C SER X 48 -32.91 -81.78 3.87
N GLN X 49 -33.50 -81.28 4.94
CA GLN X 49 -32.69 -80.68 6.01
C GLN X 49 -31.89 -81.74 6.76
N LEU X 50 -32.51 -82.87 7.11
CA LEU X 50 -31.82 -83.85 7.93
C LEU X 50 -30.91 -84.75 7.09
N LYS X 51 -31.48 -85.49 6.15
CA LYS X 51 -30.69 -86.33 5.28
C LYS X 51 -30.41 -85.61 3.96
N LYS X 52 -29.68 -86.28 3.08
CA LYS X 52 -29.29 -85.69 1.79
C LYS X 52 -30.27 -86.16 0.71
N MET X 53 -31.51 -85.71 0.86
CA MET X 53 -32.60 -86.10 -0.03
C MET X 53 -33.23 -84.90 -0.70
N LYS X 54 -33.79 -85.14 -1.88
CA LYS X 54 -34.56 -84.16 -2.62
C LYS X 54 -35.90 -84.78 -3.01
N LYS X 55 -36.87 -83.91 -3.28
CA LYS X 55 -38.16 -84.41 -3.76
C LYS X 55 -38.03 -85.11 -5.09
N SER X 56 -37.25 -84.55 -6.01
CA SER X 56 -37.00 -85.23 -7.28
C SER X 56 -36.14 -86.46 -7.10
N SER X 57 -35.15 -86.39 -6.22
CA SER X 57 -34.23 -87.50 -6.00
C SER X 57 -34.88 -88.71 -5.34
N GLY X 58 -36.04 -88.54 -4.71
CA GLY X 58 -36.68 -89.64 -4.02
C GLY X 58 -38.15 -89.78 -4.33
N GLU X 59 -38.87 -90.51 -3.48
CA GLU X 59 -40.29 -90.72 -3.66
C GLU X 59 -40.96 -90.90 -2.30
N ILE X 60 -42.27 -90.71 -2.28
CA ILE X 60 -43.08 -90.89 -1.09
C ILE X 60 -43.95 -92.12 -1.29
N VAL X 61 -43.87 -93.07 -0.37
CA VAL X 61 -44.57 -94.33 -0.56
C VAL X 61 -45.86 -94.43 0.25
N TYR X 62 -46.05 -93.59 1.26
CA TYR X 62 -47.26 -93.66 2.07
C TYR X 62 -47.55 -92.30 2.67
N CYS X 63 -48.82 -91.93 2.69
CA CYS X 63 -49.24 -90.65 3.26
C CYS X 63 -50.69 -90.81 3.73
N GLY X 64 -50.86 -91.02 5.02
CA GLY X 64 -52.19 -91.17 5.59
C GLY X 64 -52.33 -90.42 6.89
N GLN X 65 -53.57 -90.06 7.20
CA GLN X 65 -53.84 -89.33 8.43
C GLN X 65 -53.70 -90.26 9.64
N VAL X 66 -53.21 -89.71 10.75
CA VAL X 66 -53.07 -90.45 11.99
C VAL X 66 -54.18 -90.00 12.93
N PHE X 67 -55.19 -90.85 13.10
CA PHE X 67 -56.31 -90.51 13.97
C PHE X 67 -55.90 -90.63 15.43
N GLU X 68 -56.52 -89.82 16.27
CA GLU X 68 -56.25 -89.86 17.70
C GLU X 68 -56.77 -91.17 18.29
N LYS X 69 -55.91 -91.86 19.04
CA LYS X 69 -56.27 -93.14 19.60
C LYS X 69 -57.19 -93.04 20.81
N SER X 70 -57.30 -91.87 21.41
CA SER X 70 -58.25 -91.67 22.50
C SER X 70 -58.74 -90.23 22.51
N PRO X 71 -59.56 -89.83 21.55
CA PRO X 71 -60.05 -88.44 21.51
C PRO X 71 -61.08 -88.12 22.58
N LEU X 72 -61.53 -89.11 23.34
CA LEU X 72 -62.49 -88.89 24.42
C LEU X 72 -61.81 -88.75 25.77
N ARG X 73 -60.48 -88.71 25.81
CA ARG X 73 -59.72 -88.62 27.05
C ARG X 73 -58.93 -87.32 27.08
N VAL X 74 -59.09 -86.55 28.15
CA VAL X 74 -58.28 -85.36 28.34
C VAL X 74 -56.86 -85.79 28.71
N LYS X 75 -55.88 -85.20 28.04
CA LYS X 75 -54.50 -85.60 28.25
C LYS X 75 -53.59 -84.39 28.08
N ASN X 76 -52.39 -84.50 28.65
CA ASN X 76 -51.42 -83.42 28.63
C ASN X 76 -50.37 -83.67 27.56
N PHE X 77 -50.13 -82.66 26.73
CA PHE X 77 -49.19 -82.77 25.61
C PHE X 77 -47.97 -81.92 25.92
N GLY X 78 -46.78 -82.51 25.76
CA GLY X 78 -45.54 -81.77 25.82
C GLY X 78 -44.95 -81.65 24.44
N ILE X 79 -44.61 -80.43 24.05
CA ILE X 79 -44.17 -80.11 22.71
C ILE X 79 -42.79 -79.48 22.78
N TRP X 80 -41.85 -80.05 22.03
CA TRP X 80 -40.55 -79.45 21.80
C TRP X 80 -40.53 -78.87 20.39
N LEU X 81 -39.95 -77.68 20.24
CA LEU X 81 -39.89 -77.04 18.93
C LEU X 81 -38.76 -76.02 18.92
N ARG X 82 -38.41 -75.59 17.71
CA ARG X 82 -37.52 -74.47 17.50
C ARG X 82 -38.13 -73.53 16.47
N TYR X 83 -37.83 -72.24 16.61
CA TYR X 83 -38.38 -71.24 15.71
C TYR X 83 -37.36 -70.13 15.53
N ASP X 84 -37.44 -69.46 14.39
CA ASP X 84 -36.59 -68.32 14.09
C ASP X 84 -37.32 -67.05 14.48
N SER X 85 -36.84 -66.39 15.52
CA SER X 85 -37.40 -65.11 15.96
C SER X 85 -36.88 -64.01 15.05
N ARG X 86 -37.16 -62.76 15.39
CA ARG X 86 -36.59 -61.65 14.62
C ARG X 86 -35.10 -61.53 14.80
N SER X 87 -34.52 -62.18 15.81
CA SER X 87 -33.09 -62.04 16.09
C SER X 87 -32.47 -63.40 16.43
N GLY X 88 -32.80 -64.41 15.65
CA GLY X 88 -32.12 -65.69 15.80
C GLY X 88 -33.11 -66.82 16.01
N THR X 89 -32.55 -67.97 16.37
CA THR X 89 -33.29 -69.21 16.55
C THR X 89 -33.22 -69.64 18.00
N HIS X 90 -34.35 -70.08 18.54
CA HIS X 90 -34.44 -70.48 19.94
C HIS X 90 -35.25 -71.76 20.06
N ASN X 91 -35.00 -72.49 21.14
CA ASN X 91 -35.69 -73.74 21.42
C ASN X 91 -36.69 -73.53 22.56
N MET X 92 -37.85 -74.16 22.44
CA MET X 92 -38.92 -73.98 23.39
C MET X 92 -39.55 -75.31 23.76
N TYR X 93 -40.13 -75.35 24.97
CA TYR X 93 -40.93 -76.48 25.44
C TYR X 93 -42.23 -75.93 25.99
N ARG X 94 -43.34 -76.32 25.38
CA ARG X 94 -44.65 -75.82 25.76
C ARG X 94 -45.60 -76.98 26.05
N GLU X 95 -46.63 -76.69 26.84
CA GLU X 95 -47.55 -77.67 27.36
C GLU X 95 -48.97 -77.24 27.07
N TYR X 96 -49.83 -78.20 26.70
CA TYR X 96 -51.22 -77.89 26.38
C TYR X 96 -52.11 -79.05 26.79
N ARG X 97 -53.39 -78.73 26.98
CA ARG X 97 -54.41 -79.71 27.33
C ARG X 97 -55.43 -79.76 26.20
N ASP X 98 -55.53 -80.93 25.55
CA ASP X 98 -56.49 -81.07 24.47
C ASP X 98 -56.80 -82.55 24.29
N LEU X 99 -57.92 -82.83 23.62
CA LEU X 99 -58.32 -84.20 23.37
C LEU X 99 -57.54 -84.82 22.22
N THR X 100 -57.19 -84.03 21.21
CA THR X 100 -56.52 -84.52 20.02
C THR X 100 -55.11 -83.97 19.94
N THR X 101 -54.20 -84.81 19.43
CA THR X 101 -52.82 -84.37 19.24
C THR X 101 -52.74 -83.25 18.22
N ALA X 102 -53.47 -83.39 17.10
CA ALA X 102 -53.47 -82.36 16.07
C ALA X 102 -54.04 -81.05 16.58
N GLY X 103 -55.11 -81.11 17.37
CA GLY X 103 -55.64 -79.90 17.98
C GLY X 103 -54.65 -79.27 18.93
N ALA X 104 -53.88 -80.08 19.64
CA ALA X 104 -52.85 -79.54 20.51
C ALA X 104 -51.76 -78.85 19.71
N VAL X 105 -51.37 -79.43 18.57
CA VAL X 105 -50.37 -78.79 17.72
C VAL X 105 -50.91 -77.48 17.16
N THR X 106 -52.18 -77.45 16.76
CA THR X 106 -52.79 -76.22 16.29
C THR X 106 -52.82 -75.17 17.41
N GLN X 107 -53.15 -75.58 18.63
CA GLN X 107 -53.12 -74.66 19.76
C GLN X 107 -51.72 -74.11 19.97
N CYS X 108 -50.70 -74.95 19.83
CA CYS X 108 -49.33 -74.50 19.95
C CYS X 108 -48.99 -73.46 18.88
N TYR X 109 -49.43 -73.70 17.65
CA TYR X 109 -49.18 -72.75 16.58
C TYR X 109 -49.84 -71.41 16.88
N ARG X 110 -51.10 -71.43 17.28
CA ARG X 110 -51.80 -70.19 17.59
C ARG X 110 -51.17 -69.47 18.78
N ASP X 111 -50.76 -70.21 19.80
CA ASP X 111 -50.13 -69.60 20.97
C ASP X 111 -48.80 -68.97 20.61
N MET X 112 -47.98 -69.65 19.81
CA MET X 112 -46.70 -69.08 19.41
C MET X 112 -46.91 -67.82 18.57
N GLY X 113 -47.87 -67.86 17.65
CA GLY X 113 -48.17 -66.68 16.87
C GLY X 113 -48.67 -65.53 17.72
N ALA X 114 -49.46 -65.83 18.75
CA ALA X 114 -50.01 -64.76 19.58
C ALA X 114 -48.96 -64.16 20.51
N ARG X 115 -48.10 -64.99 21.09
CA ARG X 115 -47.15 -64.51 22.09
C ARG X 115 -45.86 -63.98 21.48
N HIS X 116 -45.35 -64.60 20.42
CA HIS X 116 -44.04 -64.25 19.90
C HIS X 116 -44.08 -63.78 18.46
N ARG X 117 -45.26 -63.52 17.89
CA ARG X 117 -45.43 -63.10 16.51
C ARG X 117 -44.80 -64.10 15.54
N ALA X 118 -44.74 -65.36 15.93
CA ALA X 118 -44.07 -66.38 15.13
C ALA X 118 -45.00 -66.86 14.03
N ARG X 119 -44.68 -66.53 12.78
CA ARG X 119 -45.43 -67.05 11.66
C ARG X 119 -45.15 -68.54 11.48
N ALA X 120 -46.09 -69.22 10.83
CA ALA X 120 -46.03 -70.68 10.75
C ALA X 120 -44.81 -71.18 10.00
N HIS X 121 -44.33 -70.43 8.99
CA HIS X 121 -43.17 -70.88 8.23
C HIS X 121 -41.90 -70.87 9.06
N SER X 122 -41.87 -70.14 10.17
CA SER X 122 -40.66 -70.03 10.97
C SER X 122 -40.56 -71.09 12.05
N ILE X 123 -41.59 -71.90 12.25
CA ILE X 123 -41.67 -72.80 13.39
C ILE X 123 -41.33 -74.22 12.93
N GLN X 124 -40.41 -74.87 13.65
CA GLN X 124 -40.03 -76.25 13.42
C GLN X 124 -40.45 -77.08 14.63
N ILE X 125 -41.55 -77.83 14.48
CA ILE X 125 -41.97 -78.74 15.53
C ILE X 125 -41.09 -79.99 15.47
N MET X 126 -40.45 -80.33 16.59
CA MET X 126 -39.51 -81.44 16.59
C MET X 126 -39.90 -82.61 17.48
N LYS X 127 -40.81 -82.41 18.44
CA LYS X 127 -41.25 -83.53 19.26
C LYS X 127 -42.59 -83.20 19.89
N VAL X 128 -43.56 -84.09 19.68
CA VAL X 128 -44.87 -84.01 20.33
C VAL X 128 -45.10 -85.30 21.08
N GLU X 129 -45.47 -85.20 22.35
CA GLU X 129 -45.64 -86.39 23.17
C GLU X 129 -46.68 -86.11 24.26
N GLU X 130 -47.55 -87.09 24.50
CA GLU X 130 -48.41 -87.07 25.65
C GLU X 130 -47.58 -87.27 26.91
N ILE X 131 -47.90 -86.51 27.97
CA ILE X 131 -47.18 -86.59 29.22
C ILE X 131 -48.16 -86.75 30.36
N ALA X 132 -47.68 -87.32 31.46
CA ALA X 132 -48.50 -87.46 32.66
C ALA X 132 -48.63 -86.13 33.38
N ALA X 133 -49.64 -86.04 34.24
CA ALA X 133 -49.86 -84.83 35.02
C ALA X 133 -48.70 -84.55 35.97
N SER X 134 -47.95 -85.58 36.36
CA SER X 134 -46.80 -85.39 37.24
C SER X 134 -45.61 -84.78 36.52
N LYS X 135 -45.49 -84.98 35.22
CA LYS X 135 -44.35 -84.48 34.46
C LYS X 135 -44.58 -83.07 33.91
N CYS X 136 -45.77 -82.51 34.09
CA CYS X 136 -46.05 -81.17 33.59
C CYS X 136 -45.26 -80.14 34.39
N ARG X 137 -44.73 -79.13 33.68
CA ARG X 137 -43.94 -78.08 34.30
C ARG X 137 -44.55 -76.69 34.18
N ARG X 138 -45.57 -76.50 33.36
CA ARG X 138 -46.17 -75.19 33.20
C ARG X 138 -47.34 -75.04 34.17
N PRO X 139 -47.29 -74.07 35.09
CA PRO X 139 -48.36 -73.96 36.10
C PRO X 139 -49.74 -73.69 35.51
N ALA X 140 -49.80 -73.05 34.33
CA ALA X 140 -51.09 -72.82 33.68
C ALA X 140 -51.76 -74.13 33.31
N VAL X 141 -50.98 -75.17 33.04
CA VAL X 141 -51.53 -76.49 32.77
C VAL X 141 -51.68 -77.29 34.06
N LYS X 142 -50.71 -77.18 34.96
CA LYS X 142 -50.73 -77.97 36.19
C LYS X 142 -51.92 -77.61 37.08
N GLN X 143 -52.43 -76.38 36.98
CA GLN X 143 -53.53 -75.96 37.83
C GLN X 143 -54.85 -76.63 37.48
N PHE X 144 -54.92 -77.35 36.37
CA PHE X 144 -56.10 -78.12 36.00
C PHE X 144 -56.05 -79.55 36.52
N HIS X 145 -55.07 -79.89 37.35
CA HIS X 145 -54.98 -81.22 37.93
C HIS X 145 -55.73 -81.25 39.25
N ASP X 146 -57.05 -81.16 39.15
CA ASP X 146 -57.94 -81.10 40.31
C ASP X 146 -59.04 -82.14 40.15
N SER X 147 -59.06 -83.12 41.07
CA SER X 147 -60.16 -84.07 41.10
C SER X 147 -61.45 -83.46 41.58
N LYS X 148 -61.40 -82.29 42.21
CA LYS X 148 -62.56 -81.58 42.69
C LYS X 148 -62.56 -80.14 42.19
N ILE X 149 -62.28 -79.97 40.90
CA ILE X 149 -62.21 -78.63 40.33
C ILE X 149 -63.58 -77.97 40.36
N LYS X 150 -63.59 -76.67 40.64
CA LYS X 150 -64.84 -75.93 40.79
C LYS X 150 -64.56 -74.45 40.61
N PHE X 151 -65.29 -73.80 39.72
CA PHE X 151 -65.19 -72.36 39.54
C PHE X 151 -66.44 -71.86 38.85
N PRO X 152 -66.87 -70.63 39.12
CA PRO X 152 -68.04 -70.10 38.43
C PRO X 152 -67.67 -69.37 37.14
N LEU X 153 -68.68 -68.89 36.42
CA LEU X 153 -68.51 -68.04 35.25
C LEU X 153 -68.82 -66.62 35.70
N PRO X 154 -67.82 -65.85 36.12
CA PRO X 154 -68.09 -64.64 36.90
C PRO X 154 -68.87 -63.55 36.18
N HIS X 155 -68.36 -63.09 35.04
CA HIS X 155 -68.90 -61.92 34.37
C HIS X 155 -69.17 -62.30 32.92
N ARG X 156 -70.37 -62.80 32.66
CA ARG X 156 -70.72 -63.32 31.35
C ARG X 156 -71.07 -62.16 30.43
N VAL X 157 -70.34 -62.06 29.32
CA VAL X 157 -70.57 -60.99 28.35
C VAL X 157 -71.74 -61.39 27.45
N LEU X 158 -72.67 -60.46 27.25
CA LEU X 158 -73.77 -60.70 26.33
C LEU X 158 -73.25 -60.82 24.91
N ARG X 159 -73.61 -61.91 24.23
CA ARG X 159 -73.15 -62.16 22.88
C ARG X 159 -74.20 -61.84 21.82
N ARG X 160 -75.47 -61.94 22.17
CA ARG X 160 -76.57 -61.68 21.23
C ARG X 160 -76.91 -60.18 21.24
N GLN X 161 -75.89 -59.37 20.93
CA GLN X 161 -76.00 -57.93 21.08
C GLN X 161 -76.86 -57.26 20.02
N HIS X 162 -77.22 -57.96 18.96
CA HIS X 162 -77.98 -57.35 17.88
C HIS X 162 -79.36 -57.95 17.70
N LYS X 163 -79.73 -58.96 18.48
CA LYS X 163 -81.08 -59.53 18.48
C LYS X 163 -81.59 -59.51 19.90
N PRO X 164 -82.25 -58.43 20.32
CA PRO X 164 -82.58 -57.22 19.57
C PRO X 164 -81.43 -56.22 19.48
N ARG X 165 -81.52 -55.26 18.55
CA ARG X 165 -80.57 -54.16 18.57
C ARG X 165 -81.04 -53.05 19.49
N PHE X 166 -82.35 -52.92 19.67
CA PHE X 166 -82.95 -51.94 20.57
C PHE X 166 -83.83 -52.67 21.57
N THR X 167 -83.73 -52.28 22.85
CA THR X 167 -84.53 -52.91 23.89
C THR X 167 -84.71 -51.94 25.05
N THR X 168 -85.60 -52.31 25.96
CA THR X 168 -85.92 -51.48 27.11
C THR X 168 -85.10 -51.84 28.34
N LYS X 169 -84.77 -53.12 28.51
CA LYS X 169 -84.12 -53.59 29.72
C LYS X 169 -82.63 -53.73 29.52
N ARG X 170 -81.87 -53.30 30.51
CA ARG X 170 -80.43 -53.49 30.48
C ARG X 170 -80.09 -54.94 30.83
N PRO X 171 -79.13 -55.52 30.12
CA PRO X 171 -78.84 -56.95 30.30
C PRO X 171 -78.24 -57.25 31.66
N ASN X 172 -78.40 -58.50 32.08
CA ASN X 172 -77.81 -59.01 33.31
C ASN X 172 -76.65 -59.93 32.96
N THR X 173 -75.50 -59.70 33.59
CA THR X 173 -74.32 -60.52 33.38
C THR X 173 -74.09 -61.53 34.50
N PHE X 174 -74.90 -61.51 35.55
CA PHE X 174 -74.79 -62.44 36.65
C PHE X 174 -75.60 -63.69 36.34
N PHE X 175 -74.94 -64.85 36.38
CA PHE X 175 -75.63 -66.11 36.17
C PHE X 175 -75.05 -67.20 37.06
N THR Y 1 -17.38 -46.63 -23.86
CA THR Y 1 -16.10 -46.30 -23.25
C THR Y 1 -15.15 -47.48 -23.31
N ASN Y 2 -15.69 -48.64 -23.67
CA ASN Y 2 -14.88 -49.85 -23.76
C ASN Y 2 -14.02 -49.81 -25.01
N THR Y 3 -12.80 -50.36 -24.90
CA THR Y 3 -11.93 -50.43 -26.05
C THR Y 3 -12.44 -51.48 -27.03
N LYS Y 4 -11.99 -51.37 -28.28
CA LYS Y 4 -12.45 -52.24 -29.35
C LYS Y 4 -11.40 -53.25 -29.78
N GLY Y 5 -10.50 -53.63 -28.88
CA GLY Y 5 -9.45 -54.57 -29.24
C GLY Y 5 -10.00 -55.94 -29.55
N LYS Y 6 -9.26 -56.67 -30.39
CA LYS Y 6 -9.73 -57.99 -30.83
C LYS Y 6 -9.73 -59.00 -29.68
N ARG Y 7 -8.88 -58.81 -28.69
CA ARG Y 7 -8.69 -59.79 -27.63
C ARG Y 7 -9.05 -59.23 -26.26
N ARG Y 8 -9.90 -58.20 -26.23
CA ARG Y 8 -10.30 -57.62 -24.96
C ARG Y 8 -11.21 -58.57 -24.19
N GLY Y 9 -10.92 -58.76 -22.91
CA GLY Y 9 -11.70 -59.65 -22.09
C GLY Y 9 -11.37 -61.12 -22.23
N THR Y 10 -10.34 -61.45 -23.01
CA THR Y 10 -9.95 -62.83 -23.25
C THR Y 10 -8.85 -63.30 -22.31
N ARG Y 11 -8.73 -62.65 -21.15
CA ARG Y 11 -7.66 -63.01 -20.21
C ARG Y 11 -7.80 -64.44 -19.72
N TYR Y 12 -9.03 -64.86 -19.39
CA TYR Y 12 -9.27 -66.24 -18.98
C TYR Y 12 -9.81 -67.10 -20.10
N MET Y 13 -10.46 -66.51 -21.10
CA MET Y 13 -11.01 -67.29 -22.20
C MET Y 13 -9.92 -68.00 -22.99
N PHE Y 14 -8.84 -67.28 -23.30
CA PHE Y 14 -7.75 -67.85 -24.07
C PHE Y 14 -6.62 -68.38 -23.18
N SER Y 15 -6.76 -68.28 -21.87
CA SER Y 15 -5.74 -68.81 -20.98
C SER Y 15 -5.79 -70.33 -20.97
N ARG Y 16 -4.62 -70.93 -20.86
CA ARG Y 16 -4.52 -72.39 -20.80
C ARG Y 16 -5.11 -72.90 -19.49
N PRO Y 17 -5.62 -74.13 -19.48
CA PRO Y 17 -6.04 -74.75 -18.22
C PRO Y 17 -4.87 -74.99 -17.30
N PHE Y 18 -5.18 -75.27 -16.04
CA PHE Y 18 -4.15 -75.43 -15.02
C PHE Y 18 -3.32 -76.67 -15.29
N ARG Y 19 -1.99 -76.49 -15.28
CA ARG Y 19 -1.02 -77.57 -15.48
C ARG Y 19 -1.24 -78.31 -16.79
N LYS Y 20 -1.61 -77.56 -17.83
CA LYS Y 20 -1.65 -78.09 -19.19
C LYS Y 20 -1.07 -77.09 -20.17
N HIS Y 21 -0.03 -76.39 -19.74
CA HIS Y 21 0.70 -75.49 -20.61
C HIS Y 21 1.64 -76.29 -21.50
N GLY Y 22 2.36 -75.59 -22.37
CA GLY Y 22 3.43 -76.22 -23.12
C GLY Y 22 3.08 -76.69 -24.51
N VAL Y 23 3.70 -77.79 -24.93
CA VAL Y 23 3.58 -78.26 -26.30
C VAL Y 23 2.16 -78.76 -26.55
N VAL Y 24 1.58 -78.35 -27.68
CA VAL Y 24 0.26 -78.84 -28.05
C VAL Y 24 0.37 -80.32 -28.42
N PRO Y 25 -0.44 -81.20 -27.83
CA PRO Y 25 -0.40 -82.61 -28.21
C PRO Y 25 -0.80 -82.81 -29.67
N LEU Y 26 -0.19 -83.79 -30.31
CA LEU Y 26 -0.29 -83.94 -31.75
C LEU Y 26 -1.54 -84.68 -32.21
N ALA Y 27 -2.35 -85.21 -31.29
CA ALA Y 27 -3.60 -85.85 -31.71
C ALA Y 27 -4.56 -84.85 -32.35
N THR Y 28 -4.44 -83.57 -31.99
CA THR Y 28 -5.25 -82.55 -32.64
C THR Y 28 -4.95 -82.45 -34.13
N TYR Y 29 -3.67 -82.49 -34.49
CA TYR Y 29 -3.27 -82.38 -35.88
C TYR Y 29 -3.60 -83.62 -36.70
N MET Y 30 -3.84 -84.75 -36.04
CA MET Y 30 -4.14 -86.00 -36.73
C MET Y 30 -5.61 -86.19 -37.02
N ARG Y 31 -6.46 -85.30 -36.52
CA ARG Y 31 -7.89 -85.38 -36.80
C ARG Y 31 -8.16 -85.14 -38.27
N ILE Y 32 -9.26 -85.71 -38.75
CA ILE Y 32 -9.70 -85.56 -40.14
C ILE Y 32 -11.03 -84.84 -40.14
N TYR Y 33 -11.09 -83.72 -40.85
CA TYR Y 33 -12.30 -82.90 -40.93
C TYR Y 33 -12.73 -82.83 -42.39
N LYS Y 34 -13.78 -83.57 -42.72
CA LYS Y 34 -14.34 -83.52 -44.06
C LYS Y 34 -15.29 -82.32 -44.18
N LYS Y 35 -15.76 -82.09 -45.40
CA LYS Y 35 -16.75 -81.04 -45.61
C LYS Y 35 -18.12 -81.52 -45.14
N GLY Y 36 -18.83 -80.66 -44.42
CA GLY Y 36 -20.16 -80.95 -43.95
C GLY Y 36 -20.25 -81.44 -42.53
N ASP Y 37 -19.13 -81.80 -41.90
CA ASP Y 37 -19.16 -82.26 -40.52
C ASP Y 37 -19.28 -81.08 -39.55
N ILE Y 38 -19.49 -81.41 -38.29
CA ILE Y 38 -19.79 -80.41 -37.25
C ILE Y 38 -18.65 -80.37 -36.25
N VAL Y 39 -18.15 -79.17 -35.98
CA VAL Y 39 -17.04 -78.97 -35.06
C VAL Y 39 -17.39 -77.87 -34.07
N ASP Y 40 -16.70 -77.86 -32.94
CA ASP Y 40 -16.88 -76.84 -31.91
C ASP Y 40 -15.62 -75.99 -31.82
N ILE Y 41 -15.79 -74.68 -31.92
CA ILE Y 41 -14.67 -73.74 -31.89
C ILE Y 41 -14.37 -73.38 -30.45
N LYS Y 42 -13.14 -73.60 -30.02
CA LYS Y 42 -12.73 -73.27 -28.67
C LYS Y 42 -11.69 -72.16 -28.64
N GLY Y 43 -10.55 -72.35 -29.29
CA GLY Y 43 -9.56 -71.28 -29.34
C GLY Y 43 -8.57 -71.23 -28.20
N MET Y 44 -7.76 -72.27 -28.04
CA MET Y 44 -6.68 -72.22 -27.06
C MET Y 44 -5.67 -71.15 -27.46
N GLY Y 45 -5.04 -70.54 -26.44
CA GLY Y 45 -4.17 -69.42 -26.64
C GLY Y 45 -2.71 -69.72 -26.86
N THR Y 46 -2.34 -70.99 -27.04
CA THR Y 46 -0.93 -71.31 -27.25
C THR Y 46 -0.43 -70.81 -28.60
N VAL Y 47 -1.18 -71.07 -29.66
CA VAL Y 47 -0.76 -70.69 -31.01
C VAL Y 47 -1.55 -69.44 -31.40
N GLN Y 48 -0.82 -68.39 -31.74
CA GLN Y 48 -1.42 -67.09 -32.01
C GLN Y 48 -1.94 -66.94 -33.42
N LYS Y 49 -1.61 -67.87 -34.31
CA LYS Y 49 -1.96 -67.74 -35.72
C LYS Y 49 -3.28 -68.42 -36.00
N GLY Y 50 -4.11 -67.76 -36.80
CA GLY Y 50 -5.41 -68.29 -37.15
C GLY Y 50 -6.36 -68.42 -35.98
N MET Y 51 -6.31 -67.53 -35.01
CA MET Y 51 -7.20 -67.61 -33.87
C MET Y 51 -8.60 -67.13 -34.26
N PRO Y 52 -9.64 -67.76 -33.73
CA PRO Y 52 -10.99 -67.22 -33.88
C PRO Y 52 -11.17 -66.00 -33.00
N HIS Y 53 -12.10 -65.14 -33.41
CA HIS Y 53 -12.45 -64.01 -32.57
C HIS Y 53 -13.21 -64.48 -31.33
N LYS Y 54 -13.19 -63.65 -30.29
CA LYS Y 54 -13.73 -64.07 -29.00
C LYS Y 54 -15.22 -64.35 -29.06
N CYS Y 55 -15.94 -63.79 -30.03
CA CYS Y 55 -17.36 -64.08 -30.17
C CYS Y 55 -17.64 -65.49 -30.66
N TYR Y 56 -16.63 -66.18 -31.20
CA TYR Y 56 -16.80 -67.53 -31.70
C TYR Y 56 -16.32 -68.60 -30.73
N HIS Y 57 -15.81 -68.23 -29.57
CA HIS Y 57 -15.43 -69.22 -28.58
C HIS Y 57 -16.67 -69.86 -27.99
N GLY Y 58 -16.71 -71.20 -27.99
CA GLY Y 58 -17.85 -71.92 -27.51
C GLY Y 58 -18.97 -72.09 -28.51
N LYS Y 59 -18.87 -71.48 -29.68
CA LYS Y 59 -19.87 -71.65 -30.72
C LYS Y 59 -19.60 -72.93 -31.51
N THR Y 60 -20.56 -73.30 -32.35
CA THR Y 60 -20.50 -74.51 -33.13
C THR Y 60 -20.87 -74.21 -34.58
N GLY Y 61 -20.08 -74.72 -35.52
CA GLY Y 61 -20.35 -74.50 -36.92
C GLY Y 61 -20.16 -75.73 -37.78
N ARG Y 62 -20.34 -75.59 -39.08
CA ARG Y 62 -20.16 -76.68 -40.02
C ARG Y 62 -19.03 -76.34 -41.00
N VAL Y 63 -18.13 -77.29 -41.19
CA VAL Y 63 -16.97 -77.09 -42.06
C VAL Y 63 -17.42 -77.08 -43.51
N TYR Y 64 -17.02 -76.04 -44.25
CA TYR Y 64 -17.31 -75.95 -45.66
C TYR Y 64 -16.08 -75.91 -46.56
N ASN Y 65 -14.90 -75.62 -46.01
CA ASN Y 65 -13.70 -75.59 -46.81
C ASN Y 65 -12.55 -76.18 -46.00
N VAL Y 66 -11.60 -76.80 -46.71
CA VAL Y 66 -10.43 -77.43 -46.09
C VAL Y 66 -9.19 -76.88 -46.78
N THR Y 67 -8.18 -76.57 -45.98
CA THR Y 67 -6.89 -76.09 -46.48
C THR Y 67 -5.77 -76.92 -45.84
N GLN Y 68 -4.53 -76.45 -46.03
CA GLN Y 68 -3.37 -77.17 -45.49
C GLN Y 68 -3.38 -77.16 -43.97
N HIS Y 69 -3.72 -76.03 -43.36
CA HIS Y 69 -3.63 -75.88 -41.91
C HIS Y 69 -4.94 -75.50 -41.24
N ALA Y 70 -5.87 -74.88 -41.97
CA ALA Y 70 -7.10 -74.37 -41.39
C ALA Y 70 -8.29 -74.89 -42.17
N VAL Y 71 -9.49 -74.58 -41.66
CA VAL Y 71 -10.74 -74.96 -42.29
C VAL Y 71 -11.65 -73.76 -42.35
N GLY Y 72 -12.57 -73.78 -43.31
CA GLY Y 72 -13.62 -72.78 -43.39
C GLY Y 72 -14.85 -73.28 -42.68
N ILE Y 73 -15.39 -72.44 -41.79
CA ILE Y 73 -16.48 -72.82 -40.92
C ILE Y 73 -17.63 -71.84 -41.11
N VAL Y 74 -18.84 -72.37 -41.26
CA VAL Y 74 -20.05 -71.55 -41.25
C VAL Y 74 -20.66 -71.65 -39.86
N VAL Y 75 -20.59 -70.55 -39.11
CA VAL Y 75 -21.08 -70.49 -37.75
C VAL Y 75 -22.09 -69.37 -37.62
N ASN Y 76 -23.19 -69.64 -36.92
CA ASN Y 76 -24.24 -68.64 -36.73
C ASN Y 76 -23.82 -67.62 -35.69
N LYS Y 77 -24.06 -66.34 -35.98
CA LYS Y 77 -23.75 -65.26 -35.06
C LYS Y 77 -25.00 -64.41 -34.88
N GLN Y 78 -25.41 -64.21 -33.63
CA GLN Y 78 -26.58 -63.41 -33.31
C GLN Y 78 -26.16 -61.96 -33.13
N VAL Y 79 -26.62 -61.10 -34.04
CA VAL Y 79 -26.27 -59.68 -34.02
C VAL Y 79 -27.57 -58.90 -33.99
N LYS Y 80 -27.80 -58.16 -32.91
CA LYS Y 80 -29.00 -57.35 -32.72
C LYS Y 80 -30.28 -58.16 -32.92
N GLY Y 81 -31.09 -57.77 -33.91
CA GLY Y 81 -32.34 -58.46 -34.16
C GLY Y 81 -32.30 -59.35 -35.38
N LYS Y 82 -31.20 -60.05 -35.58
CA LYS Y 82 -31.02 -60.92 -36.73
C LYS Y 82 -29.87 -61.88 -36.47
N ILE Y 83 -29.95 -63.06 -37.10
CA ILE Y 83 -28.88 -64.03 -37.06
C ILE Y 83 -28.39 -64.25 -38.49
N LEU Y 84 -27.12 -64.01 -38.73
CA LEU Y 84 -26.50 -64.24 -40.02
C LEU Y 84 -25.34 -65.22 -39.86
N ALA Y 85 -25.23 -66.15 -40.80
CA ALA Y 85 -24.20 -67.19 -40.74
C ALA Y 85 -22.88 -66.61 -41.22
N LYS Y 86 -21.89 -66.59 -40.34
CA LYS Y 86 -20.57 -66.07 -40.68
C LYS Y 86 -19.67 -67.18 -41.18
N ARG Y 87 -18.77 -66.82 -42.08
CA ARG Y 87 -17.74 -67.71 -42.59
C ARG Y 87 -16.42 -67.27 -42.00
N ILE Y 88 -15.71 -68.18 -41.35
CA ILE Y 88 -14.43 -67.88 -40.75
C ILE Y 88 -13.42 -68.96 -41.12
N ASN Y 89 -12.15 -68.61 -41.04
CA ASN Y 89 -11.06 -69.56 -41.24
C ASN Y 89 -10.28 -69.68 -39.95
N VAL Y 90 -10.29 -70.87 -39.37
CA VAL Y 90 -9.65 -71.12 -38.08
C VAL Y 90 -8.71 -72.31 -38.23
N ARG Y 91 -7.48 -72.16 -37.75
CA ARG Y 91 -6.54 -73.27 -37.77
C ARG Y 91 -7.05 -74.42 -36.91
N ILE Y 92 -6.70 -75.64 -37.31
CA ILE Y 92 -7.27 -76.84 -36.72
C ILE Y 92 -6.90 -77.04 -35.25
N GLU Y 93 -6.01 -76.21 -34.70
CA GLU Y 93 -5.67 -76.33 -33.30
C GLU Y 93 -6.82 -75.93 -32.38
N HIS Y 94 -7.68 -75.00 -32.83
CA HIS Y 94 -8.72 -74.44 -31.99
C HIS Y 94 -10.04 -75.19 -32.07
N ILE Y 95 -10.14 -76.21 -32.90
CA ILE Y 95 -11.42 -76.87 -33.17
C ILE Y 95 -11.33 -78.35 -32.81
N LYS Y 96 -12.50 -78.95 -32.63
CA LYS Y 96 -12.63 -80.37 -32.34
C LYS Y 96 -14.02 -80.80 -32.74
N HIS Y 97 -14.16 -82.09 -33.03
CA HIS Y 97 -15.43 -82.63 -33.53
C HIS Y 97 -16.53 -82.47 -32.48
N SER Y 98 -17.75 -82.24 -32.96
CA SER Y 98 -18.91 -82.15 -32.09
C SER Y 98 -19.48 -83.54 -31.87
N LYS Y 99 -19.39 -84.03 -30.64
CA LYS Y 99 -19.86 -85.38 -30.31
C LYS Y 99 -21.37 -85.53 -30.43
N SER Y 100 -22.13 -84.43 -30.46
CA SER Y 100 -23.56 -84.52 -30.68
C SER Y 100 -23.87 -85.12 -32.05
N ARG Y 101 -23.16 -84.65 -33.08
CA ARG Y 101 -23.31 -85.22 -34.41
C ARG Y 101 -22.92 -86.69 -34.43
N ASP Y 102 -21.82 -87.06 -33.77
CA ASP Y 102 -21.40 -88.46 -33.77
C ASP Y 102 -22.43 -89.34 -33.09
N SER Y 103 -22.96 -88.89 -31.95
CA SER Y 103 -24.02 -89.64 -31.28
C SER Y 103 -25.26 -89.74 -32.15
N PHE Y 104 -25.62 -88.68 -32.86
CA PHE Y 104 -26.82 -88.71 -33.68
C PHE Y 104 -26.67 -89.66 -34.86
N LEU Y 105 -25.50 -89.66 -35.51
CA LEU Y 105 -25.28 -90.63 -36.59
C LEU Y 105 -25.21 -92.05 -36.07
N LYS Y 106 -24.63 -92.27 -34.89
CA LYS Y 106 -24.68 -93.59 -34.29
C LYS Y 106 -26.11 -94.03 -34.04
N ARG Y 107 -26.95 -93.10 -33.55
CA ARG Y 107 -28.35 -93.41 -33.32
C ARG Y 107 -29.07 -93.75 -34.62
N VAL Y 108 -28.80 -92.99 -35.68
CA VAL Y 108 -29.47 -93.24 -36.96
C VAL Y 108 -29.06 -94.59 -37.54
N LYS Y 109 -27.76 -94.91 -37.47
CA LYS Y 109 -27.29 -96.21 -37.92
C LYS Y 109 -27.92 -97.34 -37.13
N GLU Y 110 -27.98 -97.20 -35.81
CA GLU Y 110 -28.61 -98.21 -34.97
C GLU Y 110 -30.10 -98.33 -35.28
N ASN Y 111 -30.76 -97.21 -35.56
CA ASN Y 111 -32.17 -97.22 -35.92
C ASN Y 111 -32.41 -97.94 -37.24
N ASP Y 112 -31.55 -97.70 -38.23
CA ASP Y 112 -31.68 -98.39 -39.51
C ASP Y 112 -31.45 -99.89 -39.34
N GLN Y 113 -30.47 -100.26 -38.52
CA GLN Y 113 -30.26 -101.67 -38.22
C GLN Y 113 -31.49 -102.28 -37.56
N LYS Y 114 -32.10 -101.55 -36.61
CA LYS Y 114 -33.31 -102.04 -35.96
C LYS Y 114 -34.45 -102.19 -36.96
N LYS Y 115 -34.60 -101.25 -37.88
CA LYS Y 115 -35.66 -101.33 -38.87
C LYS Y 115 -35.48 -102.57 -39.76
N LYS Y 116 -34.27 -102.77 -40.26
CA LYS Y 116 -34.01 -103.92 -41.11
C LYS Y 116 -34.21 -105.24 -40.35
N GLU Y 117 -33.71 -105.29 -39.12
CA GLU Y 117 -33.86 -106.49 -38.31
C GLU Y 117 -35.33 -106.77 -38.00
N ALA Y 118 -36.10 -105.74 -37.67
CA ALA Y 118 -37.51 -105.92 -37.34
C ALA Y 118 -38.31 -106.35 -38.56
N LYS Y 119 -38.02 -105.76 -39.73
CA LYS Y 119 -38.69 -106.20 -40.95
C LYS Y 119 -38.31 -107.63 -41.29
N GLU Y 120 -37.10 -108.06 -40.91
CA GLU Y 120 -36.74 -109.46 -41.08
C GLU Y 120 -37.55 -110.35 -40.15
N LYS Y 121 -37.69 -109.96 -38.88
CA LYS Y 121 -38.40 -110.77 -37.90
C LYS Y 121 -39.85 -110.35 -37.70
N GLY Y 122 -40.34 -109.37 -38.45
CA GLY Y 122 -41.75 -109.07 -38.47
C GLY Y 122 -42.29 -108.20 -37.34
N THR Y 123 -41.80 -108.43 -36.13
CA THR Y 123 -42.34 -107.75 -34.96
C THR Y 123 -41.90 -106.28 -34.93
N TRP Y 124 -42.86 -105.39 -34.72
CA TRP Y 124 -42.58 -103.96 -34.69
C TRP Y 124 -41.76 -103.57 -33.47
N VAL Y 125 -40.99 -102.50 -33.60
CA VAL Y 125 -40.18 -101.96 -32.51
C VAL Y 125 -40.23 -100.44 -32.58
N GLN Y 126 -40.06 -99.79 -31.43
CA GLN Y 126 -40.12 -98.34 -31.33
C GLN Y 126 -38.74 -97.74 -31.56
N LEU Y 127 -38.69 -96.66 -32.34
CA LEU Y 127 -37.47 -95.94 -32.63
C LEU Y 127 -37.47 -94.51 -32.11
N LYS Y 128 -38.61 -93.82 -32.19
CA LYS Y 128 -38.71 -92.47 -31.67
C LYS Y 128 -38.56 -92.50 -30.16
N ARG Y 129 -37.43 -91.99 -29.67
CA ARG Y 129 -37.17 -92.01 -28.23
C ARG Y 129 -38.16 -91.12 -27.51
N GLN Y 130 -38.56 -91.52 -26.35
CA GLN Y 130 -39.61 -90.84 -25.62
C GLN Y 130 -39.03 -90.07 -24.44
N PRO Y 131 -39.72 -89.03 -23.99
CA PRO Y 131 -39.33 -88.38 -22.74
C PRO Y 131 -39.58 -89.32 -21.56
N ALA Y 132 -39.11 -88.90 -20.39
CA ALA Y 132 -39.22 -89.74 -19.21
C ALA Y 132 -40.68 -89.92 -18.84
N PRO Y 133 -41.20 -91.15 -18.82
CA PRO Y 133 -42.60 -91.36 -18.48
C PRO Y 133 -42.81 -91.28 -16.98
N PRO Y 134 -44.04 -91.06 -16.53
CA PRO Y 134 -44.33 -91.14 -15.09
C PRO Y 134 -44.06 -92.53 -14.57
N ARG Y 135 -43.65 -92.60 -13.31
CA ARG Y 135 -43.32 -93.88 -12.68
C ARG Y 135 -44.55 -94.77 -12.60
N GLU Y 136 -44.40 -96.00 -13.05
CA GLU Y 136 -45.49 -96.97 -12.97
C GLU Y 136 -45.62 -97.52 -11.55
N ALA Y 137 -46.73 -98.21 -11.31
CA ALA Y 137 -47.01 -98.73 -9.98
C ALA Y 137 -46.01 -99.82 -9.61
N HIS Y 138 -45.62 -99.82 -8.34
CA HIS Y 138 -44.66 -100.81 -7.84
C HIS Y 138 -44.84 -100.95 -6.34
N PHE Y 139 -44.31 -102.04 -5.81
CA PHE Y 139 -44.38 -102.33 -4.39
C PHE Y 139 -43.05 -102.01 -3.74
N VAL Y 140 -43.10 -101.66 -2.45
CA VAL Y 140 -41.90 -101.46 -1.64
C VAL Y 140 -42.04 -102.35 -0.41
N ARG Y 141 -41.16 -103.33 -0.29
CA ARG Y 141 -41.20 -104.25 0.83
C ARG Y 141 -40.50 -103.65 2.05
N THR Y 142 -41.08 -103.88 3.21
CA THR Y 142 -40.46 -103.48 4.47
C THR Y 142 -39.50 -104.54 5.01
N ASN Y 143 -39.63 -105.79 4.54
CA ASN Y 143 -38.82 -106.91 5.01
C ASN Y 143 -38.94 -107.09 6.53
N GLY Y 144 -40.11 -106.77 7.06
CA GLY Y 144 -40.30 -106.83 8.50
C GLY Y 144 -39.49 -105.83 9.29
N LYS Y 145 -39.05 -104.75 8.65
CA LYS Y 145 -38.21 -103.74 9.30
C LYS Y 145 -38.99 -102.43 9.35
N GLU Y 146 -39.08 -101.85 10.53
CA GLU Y 146 -39.83 -100.61 10.69
C GLU Y 146 -39.03 -99.44 10.13
N PRO Y 147 -39.65 -98.54 9.36
CA PRO Y 147 -38.92 -97.37 8.87
C PRO Y 147 -38.47 -96.49 10.01
N GLU Y 148 -37.28 -95.91 9.85
CA GLU Y 148 -36.69 -95.09 10.90
C GLU Y 148 -37.47 -93.78 11.05
N LEU Y 149 -37.67 -93.36 12.30
CA LEU Y 149 -38.37 -92.11 12.57
C LEU Y 149 -37.36 -90.97 12.64
N LEU Y 150 -37.61 -89.91 11.87
CA LEU Y 150 -36.73 -88.76 11.79
C LEU Y 150 -37.41 -87.55 12.40
N GLU Y 151 -36.68 -86.80 13.22
CA GLU Y 151 -37.16 -85.56 13.80
C GLU Y 151 -36.15 -84.45 13.56
N PRO Y 152 -36.61 -83.22 13.37
CA PRO Y 152 -35.68 -82.10 13.26
C PRO Y 152 -34.86 -81.94 14.53
N ILE Y 153 -33.58 -81.61 14.36
CA ILE Y 153 -32.67 -81.48 15.49
C ILE Y 153 -32.94 -80.16 16.20
N PRO Y 154 -32.74 -80.09 17.52
CA PRO Y 154 -32.82 -78.80 18.20
C PRO Y 154 -31.70 -77.87 17.75
N TYR Y 155 -31.98 -76.58 17.78
CA TYR Y 155 -30.99 -75.60 17.35
C TYR Y 155 -29.93 -75.40 18.43
N GLU Y 156 -28.69 -75.24 17.99
CA GLU Y 156 -27.61 -74.78 18.85
C GLU Y 156 -26.62 -74.00 18.01
N PHE Y 157 -26.11 -72.92 18.57
CA PHE Y 157 -25.15 -72.10 17.85
C PHE Y 157 -23.78 -72.76 17.90
N MET Y 158 -23.21 -73.03 16.72
CA MET Y 158 -21.94 -73.73 16.61
C MET Y 158 -20.77 -72.76 16.57
N ALA Y 159 -20.74 -71.88 15.57
CA ALA Y 159 -19.65 -70.93 15.42
C ALA Y 159 -20.09 -69.74 14.57
N GLN Z 1 -58.92 93.52 -8.54
CA GLN Z 1 -58.63 93.19 -7.15
C GLN Z 1 -59.92 92.88 -6.39
N VAL Z 2 -61.01 92.69 -7.14
CA VAL Z 2 -62.31 92.32 -6.59
C VAL Z 2 -62.81 91.09 -7.34
N LEU Z 3 -63.22 90.07 -6.60
CA LEU Z 3 -63.59 88.80 -7.19
C LEU Z 3 -65.07 88.76 -7.56
N LYS Z 4 -65.94 89.06 -6.59
CA LYS Z 4 -67.39 89.20 -6.80
C LYS Z 4 -68.00 87.91 -7.38
N PHE Z 5 -68.00 86.88 -6.55
CA PHE Z 5 -68.70 85.67 -6.92
C PHE Z 5 -70.16 85.75 -6.47
N THR Z 6 -71.04 85.20 -7.30
CA THR Z 6 -72.48 85.30 -7.08
C THR Z 6 -73.09 83.90 -7.12
N LEU Z 7 -74.00 83.64 -6.19
CA LEU Z 7 -74.70 82.36 -6.11
C LEU Z 7 -76.16 82.59 -6.47
N ASP Z 8 -76.65 81.85 -7.46
CA ASP Z 8 -78.03 82.00 -7.95
C ASP Z 8 -78.87 80.92 -7.29
N CYS Z 9 -79.67 81.31 -6.30
CA CYS Z 9 -80.61 80.40 -5.64
C CYS Z 9 -82.01 80.92 -5.96
N THR Z 10 -82.57 80.45 -7.07
CA THR Z 10 -83.88 80.89 -7.51
C THR Z 10 -84.89 79.75 -7.55
N HIS Z 11 -84.58 78.66 -8.25
CA HIS Z 11 -85.52 77.54 -8.34
C HIS Z 11 -85.85 76.92 -6.98
N PRO Z 12 -84.89 76.59 -6.09
CA PRO Z 12 -85.29 76.00 -4.81
C PRO Z 12 -86.08 76.95 -3.93
N VAL Z 13 -85.81 78.25 -4.03
CA VAL Z 13 -86.52 79.17 -3.14
C VAL Z 13 -87.91 79.47 -3.68
N GLU Z 14 -88.11 79.44 -5.00
CA GLU Z 14 -89.46 79.56 -5.53
C GLU Z 14 -90.27 78.29 -5.37
N ASP Z 15 -89.62 77.12 -5.35
CA ASP Z 15 -90.32 75.89 -5.04
C ASP Z 15 -90.53 75.68 -3.54
N GLY Z 16 -89.90 76.49 -2.71
CA GLY Z 16 -90.15 76.43 -1.28
C GLY Z 16 -89.49 75.28 -0.56
N ILE Z 17 -88.64 74.52 -1.23
CA ILE Z 17 -87.92 73.44 -0.57
C ILE Z 17 -86.87 73.98 0.40
N MET Z 18 -86.37 75.19 0.18
CA MET Z 18 -85.43 75.81 1.10
C MET Z 18 -85.53 77.32 0.94
N ASP Z 19 -84.82 78.03 1.81
CA ASP Z 19 -84.82 79.48 1.82
C ASP Z 19 -83.40 80.01 1.72
N ALA Z 20 -83.22 81.05 0.89
CA ALA Z 20 -81.91 81.65 0.73
C ALA Z 20 -81.44 82.36 1.98
N ALA Z 21 -82.35 82.77 2.85
CA ALA Z 21 -81.96 83.41 4.10
C ALA Z 21 -81.18 82.45 4.98
N ASN Z 22 -81.64 81.20 5.08
CA ASN Z 22 -80.91 80.22 5.88
C ASN Z 22 -79.55 79.91 5.26
N PHE Z 23 -79.47 79.87 3.93
CA PHE Z 23 -78.18 79.62 3.29
C PHE Z 23 -77.21 80.76 3.54
N GLU Z 24 -77.70 82.00 3.47
CA GLU Z 24 -76.86 83.15 3.80
C GLU Z 24 -76.40 83.08 5.25
N GLN Z 25 -77.32 82.77 6.16
CA GLN Z 25 -76.97 82.59 7.57
C GLN Z 25 -75.99 81.44 7.78
N PHE Z 26 -75.99 80.45 6.88
CA PHE Z 26 -75.02 79.38 6.93
C PHE Z 26 -73.64 79.81 6.46
N LEU Z 27 -73.58 80.71 5.47
CA LEU Z 27 -72.30 81.02 4.84
C LEU Z 27 -71.33 81.75 5.75
N GLN Z 28 -71.78 82.82 6.42
CA GLN Z 28 -70.85 83.82 6.93
C GLN Z 28 -69.97 83.31 8.07
N GLU Z 29 -70.34 82.21 8.71
CA GLU Z 29 -69.51 81.62 9.77
C GLU Z 29 -68.62 80.49 9.26
N ARG Z 30 -68.98 79.86 8.13
CA ARG Z 30 -68.16 78.81 7.56
C ARG Z 30 -67.10 79.34 6.60
N ILE Z 31 -67.19 80.59 6.19
CA ILE Z 31 -66.20 81.14 5.26
C ILE Z 31 -64.87 81.29 5.99
N LYS Z 32 -63.83 80.68 5.44
CA LYS Z 32 -62.50 80.75 6.01
C LYS Z 32 -61.65 81.72 5.20
N VAL Z 33 -61.10 82.72 5.88
CA VAL Z 33 -60.13 83.64 5.30
C VAL Z 33 -58.82 83.42 6.05
N ASN Z 34 -57.77 83.05 5.29
CA ASN Z 34 -56.50 82.63 5.86
C ASN Z 34 -56.70 81.50 6.86
N GLY Z 35 -57.60 80.58 6.54
CA GLY Z 35 -57.84 79.42 7.35
C GLY Z 35 -58.65 79.64 8.60
N LYS Z 36 -59.22 80.83 8.79
CA LYS Z 36 -59.97 81.15 9.99
C LYS Z 36 -61.43 81.39 9.64
N ALA Z 37 -62.32 80.62 10.27
CA ALA Z 37 -63.75 80.79 10.08
C ALA Z 37 -64.31 81.79 11.09
N GLY Z 38 -65.41 82.41 10.73
CA GLY Z 38 -65.98 83.44 11.58
C GLY Z 38 -65.51 84.83 11.19
N ASN Z 39 -66.33 85.82 11.54
CA ASN Z 39 -66.13 87.26 11.39
C ASN Z 39 -65.69 87.69 9.99
N LEU Z 40 -65.94 86.82 8.99
CA LEU Z 40 -65.66 87.10 7.59
C LEU Z 40 -64.19 87.46 7.37
N GLY Z 41 -63.31 86.86 8.17
CA GLY Z 41 -61.90 87.20 8.13
C GLY Z 41 -61.64 88.65 8.49
N GLY Z 42 -62.34 89.16 9.51
CA GLY Z 42 -62.19 90.55 9.87
C GLY Z 42 -62.91 91.53 8.98
N GLY Z 43 -63.94 91.08 8.25
CA GLY Z 43 -64.73 91.97 7.44
C GLY Z 43 -64.16 92.30 6.08
N VAL Z 44 -63.01 91.72 5.71
CA VAL Z 44 -62.48 91.96 4.38
C VAL Z 44 -63.40 91.36 3.32
N VAL Z 45 -64.12 90.30 3.67
CA VAL Z 45 -65.08 89.66 2.78
C VAL Z 45 -66.48 90.12 3.20
N THR Z 46 -67.25 90.64 2.24
CA THR Z 46 -68.61 91.08 2.50
C THR Z 46 -69.60 90.14 1.83
N ILE Z 47 -70.87 90.30 2.20
CA ILE Z 47 -71.92 89.39 1.76
C ILE Z 47 -73.24 90.14 1.78
N GLU Z 48 -74.09 89.88 0.78
CA GLU Z 48 -75.41 90.48 0.71
C GLU Z 48 -76.32 89.57 -0.11
N ARG Z 49 -77.58 89.95 -0.20
CA ARG Z 49 -78.60 89.14 -0.85
C ARG Z 49 -79.53 90.01 -1.67
N SER Z 50 -80.02 89.45 -2.78
CA SER Z 50 -81.05 90.06 -3.61
C SER Z 50 -82.35 89.29 -3.49
N LYS Z 51 -82.50 88.53 -2.39
CA LYS Z 51 -83.61 87.67 -2.03
C LYS Z 51 -83.64 86.41 -2.89
N SER Z 52 -82.84 86.39 -3.95
CA SER Z 52 -82.54 85.17 -4.69
C SER Z 52 -81.08 85.06 -5.09
N LYS Z 53 -80.36 86.17 -5.24
CA LYS Z 53 -78.95 86.19 -5.59
C LYS Z 53 -78.14 86.46 -4.33
N ILE Z 54 -77.20 85.57 -4.04
CA ILE Z 54 -76.33 85.69 -2.87
C ILE Z 54 -74.91 85.87 -3.39
N THR Z 55 -74.44 87.11 -3.40
CA THR Z 55 -73.13 87.44 -3.97
C THR Z 55 -72.13 87.70 -2.86
N VAL Z 56 -70.90 87.26 -3.10
CA VAL Z 56 -69.79 87.42 -2.15
C VAL Z 56 -68.71 88.23 -2.83
N THR Z 57 -68.30 89.33 -2.19
CA THR Z 57 -67.30 90.24 -2.73
C THR Z 57 -66.11 90.30 -1.78
N SER Z 58 -64.91 90.11 -2.33
CA SER Z 58 -63.69 90.09 -1.54
C SER Z 58 -62.60 90.88 -2.25
N GLU Z 59 -61.49 91.07 -1.55
CA GLU Z 59 -60.33 91.76 -2.08
C GLU Z 59 -59.04 90.96 -1.91
N VAL Z 60 -59.16 89.64 -1.76
CA VAL Z 60 -58.00 88.75 -1.66
C VAL Z 60 -58.20 87.62 -2.67
N PRO Z 61 -57.09 86.98 -3.10
CA PRO Z 61 -57.23 85.77 -3.93
C PRO Z 61 -58.11 84.73 -3.27
N PHE Z 62 -59.22 84.39 -3.91
CA PHE Z 62 -60.29 83.65 -3.27
C PHE Z 62 -60.95 82.73 -4.29
N SER Z 63 -61.00 81.44 -3.98
CA SER Z 63 -61.41 80.44 -4.94
C SER Z 63 -62.93 80.45 -5.13
N LYS Z 64 -63.37 80.43 -6.39
CA LYS Z 64 -64.78 80.24 -6.68
C LYS Z 64 -65.24 78.87 -6.25
N ARG Z 65 -64.42 77.84 -6.45
CA ARG Z 65 -64.80 76.48 -6.12
C ARG Z 65 -64.99 76.29 -4.62
N TYR Z 66 -64.44 77.20 -3.81
CA TYR Z 66 -64.73 77.19 -2.37
C TYR Z 66 -66.22 77.39 -2.12
N LEU Z 67 -66.85 78.30 -2.87
CA LEU Z 67 -68.29 78.50 -2.72
C LEU Z 67 -69.06 77.25 -3.11
N LYS Z 68 -68.64 76.57 -4.18
CA LYS Z 68 -69.30 75.34 -4.58
C LYS Z 68 -69.16 74.26 -3.51
N TYR Z 69 -67.96 74.16 -2.93
CA TYR Z 69 -67.74 73.18 -1.85
C TYR Z 69 -68.62 73.47 -0.65
N LEU Z 70 -68.70 74.74 -0.24
CA LEU Z 70 -69.54 75.09 0.91
C LEU Z 70 -71.01 74.87 0.60
N THR Z 71 -71.44 75.19 -0.61
CA THR Z 71 -72.82 74.98 -1.00
C THR Z 71 -73.18 73.50 -1.00
N LYS Z 72 -72.27 72.66 -1.50
CA LYS Z 72 -72.52 71.22 -1.47
C LYS Z 72 -72.56 70.71 -0.03
N LYS Z 73 -71.73 71.27 0.84
CA LYS Z 73 -71.81 70.93 2.26
C LYS Z 73 -73.17 71.30 2.84
N TYR Z 74 -73.69 72.48 2.50
CA TYR Z 74 -75.00 72.88 3.00
C TYR Z 74 -76.10 71.96 2.47
N LEU Z 75 -76.05 71.62 1.18
CA LEU Z 75 -77.06 70.74 0.60
C LEU Z 75 -77.01 69.36 1.23
N LYS Z 76 -75.81 68.88 1.55
CA LYS Z 76 -75.71 67.64 2.30
C LYS Z 76 -76.29 67.80 3.71
N LYS Z 77 -76.13 68.97 4.31
CA LYS Z 77 -76.70 69.22 5.63
C LYS Z 77 -78.21 69.13 5.61
N ASN Z 78 -78.85 69.68 4.57
CA ASN Z 78 -80.30 69.70 4.47
C ASN Z 78 -80.84 68.63 3.54
N ASN Z 79 -80.01 67.66 3.15
CA ASN Z 79 -80.41 66.50 2.35
C ASN Z 79 -80.99 66.91 1.00
N LEU Z 80 -80.53 68.05 0.46
CA LEU Z 80 -80.91 68.48 -0.87
C LEU Z 80 -79.93 68.05 -1.94
N ARG Z 81 -78.86 67.34 -1.55
CA ARG Z 81 -77.89 66.85 -2.52
C ARG Z 81 -78.53 65.86 -3.48
N ASP Z 82 -79.56 65.15 -3.04
CA ASP Z 82 -80.21 64.14 -3.87
C ASP Z 82 -81.07 64.73 -4.97
N TRP Z 83 -81.64 65.92 -4.78
CA TRP Z 83 -82.51 66.54 -5.77
C TRP Z 83 -81.89 67.73 -6.48
N LEU Z 84 -80.88 68.36 -5.89
CA LEU Z 84 -80.29 69.56 -6.46
C LEU Z 84 -78.85 69.30 -6.89
N ARG Z 85 -78.32 70.25 -7.66
CA ARG Z 85 -77.01 70.09 -8.27
C ARG Z 85 -76.43 71.46 -8.56
N VAL Z 86 -75.24 71.73 -8.04
CA VAL Z 86 -74.59 73.02 -8.23
C VAL Z 86 -73.87 73.02 -9.58
N VAL Z 87 -74.19 74.00 -10.42
CA VAL Z 87 -73.62 74.12 -11.75
C VAL Z 87 -73.16 75.55 -11.98
N ALA Z 88 -71.94 75.71 -12.48
CA ALA Z 88 -71.44 77.02 -12.86
C ALA Z 88 -72.12 77.42 -14.17
N ASN Z 89 -73.16 78.25 -14.08
CA ASN Z 89 -73.87 78.68 -15.28
C ASN Z 89 -73.00 79.58 -16.15
N SER Z 90 -72.11 80.36 -15.53
CA SER Z 90 -71.22 81.24 -16.27
C SER Z 90 -70.03 81.56 -15.37
N LYS Z 91 -69.19 82.48 -15.82
CA LYS Z 91 -68.08 82.95 -15.01
C LYS Z 91 -68.60 83.70 -13.80
N GLU Z 92 -67.83 83.66 -12.71
CA GLU Z 92 -68.13 84.33 -11.42
C GLU Z 92 -69.56 84.11 -10.96
N SER Z 93 -70.19 83.02 -11.38
CA SER Z 93 -71.58 82.79 -11.07
C SER Z 93 -71.85 81.30 -10.94
N TYR Z 94 -72.60 80.93 -9.91
CA TYR Z 94 -73.05 79.57 -9.70
C TYR Z 94 -74.57 79.54 -9.65
N GLU Z 95 -75.15 78.47 -10.17
CA GLU Z 95 -76.59 78.25 -10.06
C GLU Z 95 -76.84 76.80 -9.71
N LEU Z 96 -77.65 76.55 -8.69
CA LEU Z 96 -78.04 75.20 -8.33
C LEU Z 96 -79.40 74.91 -8.97
N ARG Z 97 -79.49 73.76 -9.63
CA ARG Z 97 -80.69 73.39 -10.36
C ARG Z 97 -80.99 71.91 -10.14
N TYR Z 98 -82.13 71.48 -10.64
CA TYR Z 98 -82.61 70.13 -10.39
C TYR Z 98 -81.97 69.14 -11.35
N PHE Z 99 -82.17 67.86 -11.06
CA PHE Z 99 -81.66 66.81 -11.93
C PHE Z 99 -82.59 66.59 -13.12
N GLN Z 100 -82.06 66.74 -14.31
CA GLN Z 100 -82.84 66.56 -15.54
C GLN Z 100 -82.76 65.09 -15.94
N ILE Z 101 -83.78 64.32 -15.58
CA ILE Z 101 -83.81 62.89 -15.86
C ILE Z 101 -83.88 62.61 -17.35
N SER AA 1 -42.00 4.28 56.00
CA SER AA 1 -41.10 4.77 54.96
C SER AA 1 -41.87 5.57 53.91
N GLY AA 2 -42.11 4.94 52.77
CA GLY AA 2 -42.81 5.59 51.67
C GLY AA 2 -41.91 5.84 50.47
N ALA AA 3 -42.30 5.32 49.32
CA ALA AA 3 -41.51 5.43 48.10
C ALA AA 3 -41.96 6.63 47.27
N LYS AA 4 -41.20 6.91 46.22
CA LYS AA 4 -41.52 8.02 45.33
C LYS AA 4 -42.74 7.70 44.48
N PHE AA 5 -43.63 8.67 44.36
CA PHE AA 5 -44.74 8.54 43.43
C PHE AA 5 -44.27 8.87 42.02
N ARG AA 6 -45.08 8.50 41.04
CA ARG AA 6 -44.71 8.74 39.66
C ARG AA 6 -44.82 10.21 39.32
N ILE AA 7 -43.82 10.74 38.64
CA ILE AA 7 -43.74 12.14 38.27
C ILE AA 7 -43.47 12.24 36.77
N SER AA 8 -43.71 13.43 36.24
CA SER AA 8 -43.33 13.69 34.85
C SER AA 8 -41.81 13.74 34.74
N LEU AA 9 -41.26 12.99 33.80
CA LEU AA 9 -39.80 12.85 33.73
C LEU AA 9 -39.16 14.03 33.01
N GLY AA 10 -39.42 14.17 31.72
CA GLY AA 10 -38.95 15.32 30.96
C GLY AA 10 -37.46 15.40 30.72
N LEU AA 11 -36.68 14.41 31.17
CA LEU AA 11 -35.24 14.38 30.94
C LEU AA 11 -34.84 13.03 30.38
N PRO AA 12 -34.96 12.85 29.07
CA PRO AA 12 -34.58 11.57 28.47
C PRO AA 12 -33.07 11.42 28.34
N VAL AA 13 -32.64 10.34 27.69
CA VAL AA 13 -31.23 10.14 27.43
C VAL AA 13 -30.72 11.22 26.48
N GLY AA 14 -29.59 11.82 26.82
CA GLY AA 14 -28.97 12.82 25.98
C GLY AA 14 -29.12 14.25 26.46
N ALA AA 15 -29.96 14.49 27.47
CA ALA AA 15 -30.12 15.83 28.00
C ALA AA 15 -28.84 16.28 28.72
N VAL AA 16 -28.53 17.56 28.58
CA VAL AA 16 -27.40 18.16 29.27
C VAL AA 16 -27.95 19.11 30.33
N ILE AA 17 -27.69 18.80 31.59
CA ILE AA 17 -28.24 19.55 32.71
C ILE AA 17 -27.12 20.27 33.44
N ASN AA 18 -27.49 21.27 34.22
CA ASN AA 18 -26.51 22.00 35.00
C ASN AA 18 -25.98 21.14 36.14
N CYS AA 19 -24.72 21.37 36.50
CA CYS AA 19 -24.06 20.66 37.58
C CYS AA 19 -23.98 21.64 38.75
N ALA AA 20 -24.88 21.46 39.72
CA ALA AA 20 -25.10 22.48 40.75
C ALA AA 20 -24.25 22.26 42.00
N ASP AA 21 -23.22 21.43 41.94
CA ASP AA 21 -22.36 21.21 43.10
C ASP AA 21 -21.04 21.95 42.92
N ASN AA 22 -20.15 21.80 43.91
CA ASN AA 22 -18.83 22.42 43.89
C ASN AA 22 -17.75 21.42 43.52
N THR AA 23 -18.08 20.40 42.74
CA THR AA 23 -17.08 19.42 42.31
C THR AA 23 -16.19 19.94 41.21
N GLY AA 24 -16.49 21.11 40.64
CA GLY AA 24 -15.76 21.65 39.52
C GLY AA 24 -16.32 21.29 38.17
N ALA AA 25 -17.27 20.36 38.11
CA ALA AA 25 -17.93 20.04 36.86
C ALA AA 25 -19.03 21.06 36.57
N LYS AA 26 -19.20 21.39 35.29
CA LYS AA 26 -20.14 22.43 34.90
C LYS AA 26 -21.46 21.88 34.38
N ASN AA 27 -21.45 20.76 33.67
CA ASN AA 27 -22.68 20.19 33.15
C ASN AA 27 -22.62 18.67 33.25
N LEU AA 28 -23.80 18.06 33.16
CA LEU AA 28 -23.94 16.61 33.16
C LEU AA 28 -24.71 16.19 31.92
N TYR AA 29 -24.13 15.28 31.15
CA TYR AA 29 -24.76 14.71 29.97
C TYR AA 29 -25.25 13.32 30.34
N ILE AA 30 -26.56 13.20 30.56
CA ILE AA 30 -27.13 11.94 31.02
C ILE AA 30 -27.09 10.93 29.88
N ILE AA 31 -26.55 9.75 30.17
CA ILE AA 31 -26.46 8.70 29.17
C ILE AA 31 -27.46 7.57 29.41
N SER AA 32 -27.95 7.40 30.64
CA SER AA 32 -28.95 6.38 30.94
C SER AA 32 -29.56 6.69 32.31
N VAL AA 33 -30.65 5.99 32.61
CA VAL AA 33 -31.37 6.16 33.87
C VAL AA 33 -31.40 4.81 34.59
N LYS AA 34 -31.06 4.83 35.87
CA LYS AA 34 -31.12 3.61 36.67
C LYS AA 34 -32.56 3.15 36.87
N GLY AA 35 -32.75 1.84 36.94
CA GLY AA 35 -34.05 1.29 37.25
C GLY AA 35 -35.07 1.37 36.15
N ILE AA 36 -34.66 1.45 34.89
CA ILE AA 36 -35.59 1.48 33.76
C ILE AA 36 -35.45 0.17 33.01
N LYS AA 37 -36.55 -0.58 32.93
CA LYS AA 37 -36.54 -1.86 32.23
C LYS AA 37 -36.37 -1.66 30.73
N GLY AA 38 -37.16 -0.75 30.15
CA GLY AA 38 -37.02 -0.40 28.76
C GLY AA 38 -38.29 -0.68 27.99
N ARG AA 39 -38.26 -0.33 26.71
CA ARG AA 39 -39.38 -0.46 25.78
C ARG AA 39 -38.84 -0.14 24.39
N LEU AA 40 -39.41 -0.80 23.38
CA LEU AA 40 -38.89 -0.66 22.03
C LEU AA 40 -38.98 0.79 21.55
N ASN AA 41 -37.83 1.33 21.14
CA ASN AA 41 -37.65 2.70 20.67
C ASN AA 41 -37.99 3.75 21.71
N ARG AA 42 -38.17 3.38 22.98
CA ARG AA 42 -38.44 4.37 24.03
C ARG AA 42 -37.15 4.80 24.68
N LEU AA 43 -36.91 6.10 24.69
CA LEU AA 43 -35.74 6.64 25.38
C LEU AA 43 -35.99 6.60 26.88
N PRO AA 44 -35.08 6.01 27.66
CA PRO AA 44 -35.24 6.05 29.12
C PRO AA 44 -35.11 7.48 29.63
N ALA AA 45 -36.15 7.94 30.33
CA ALA AA 45 -36.21 9.30 30.83
C ALA AA 45 -36.17 9.28 32.35
N ALA AA 46 -35.84 10.44 32.93
CA ALA AA 46 -35.68 10.59 34.37
C ALA AA 46 -36.32 11.86 34.85
N GLY AA 47 -36.80 11.85 36.09
CA GLY AA 47 -37.26 13.03 36.77
C GLY AA 47 -36.36 13.39 37.95
N VAL AA 48 -36.89 14.29 38.79
CA VAL AA 48 -36.15 14.66 39.99
C VAL AA 48 -36.15 13.48 40.96
N GLY AA 49 -35.01 13.25 41.59
CA GLY AA 49 -34.86 12.12 42.48
C GLY AA 49 -34.41 10.84 41.82
N ASP AA 50 -34.34 10.81 40.49
CA ASP AA 50 -33.89 9.62 39.77
C ASP AA 50 -32.38 9.56 39.74
N MET AA 51 -31.84 8.36 39.92
CA MET AA 51 -30.41 8.15 39.76
C MET AA 51 -30.09 7.91 38.29
N VAL AA 52 -29.13 8.66 37.76
CA VAL AA 52 -28.76 8.56 36.36
C VAL AA 52 -27.27 8.35 36.24
N MET AA 53 -26.87 7.72 35.14
CA MET AA 53 -25.48 7.60 34.77
C MET AA 53 -25.18 8.70 33.76
N ALA AA 54 -24.12 9.48 34.02
CA ALA AA 54 -23.83 10.63 33.19
C ALA AA 54 -22.33 10.89 33.17
N THR AA 55 -21.89 11.55 32.11
CA THR AA 55 -20.52 12.03 31.97
C THR AA 55 -20.56 13.54 31.81
N VAL AA 56 -19.65 14.23 32.49
CA VAL AA 56 -19.58 15.67 32.41
C VAL AA 56 -18.91 16.04 31.09
N LYS AA 57 -19.42 17.09 30.44
CA LYS AA 57 -18.87 17.48 29.16
C LYS AA 57 -17.89 18.64 29.27
N LYS AA 58 -18.20 19.63 30.11
CA LYS AA 58 -17.26 20.70 30.40
C LYS AA 58 -17.13 20.83 31.90
N GLY AA 59 -15.93 21.18 32.33
CA GLY AA 59 -15.59 21.21 33.74
C GLY AA 59 -14.13 20.87 33.92
N LYS AA 60 -13.79 20.42 35.11
CA LYS AA 60 -12.42 20.02 35.38
C LYS AA 60 -12.07 18.79 34.54
N PRO AA 61 -10.93 18.82 33.85
CA PRO AA 61 -10.63 17.77 32.86
C PRO AA 61 -10.49 16.37 33.45
N GLU AA 62 -10.15 16.24 34.72
CA GLU AA 62 -9.96 14.92 35.31
C GLU AA 62 -11.26 14.15 35.46
N LEU AA 63 -12.41 14.84 35.46
CA LEU AA 63 -13.70 14.19 35.57
C LEU AA 63 -14.39 13.98 34.23
N ARG AA 64 -13.82 14.48 33.14
CA ARG AA 64 -14.54 14.52 31.87
C ARG AA 64 -14.72 13.13 31.28
N LYS AA 65 -13.61 12.44 31.01
CA LYS AA 65 -13.69 11.16 30.30
C LYS AA 65 -13.90 9.99 31.25
N LYS AA 66 -14.90 10.10 32.11
CA LYS AA 66 -15.27 9.03 33.02
C LYS AA 66 -16.80 8.92 33.05
N VAL AA 67 -17.28 7.94 33.81
CA VAL AA 67 -18.70 7.68 33.95
C VAL AA 67 -19.06 7.89 35.42
N HIS AA 68 -20.05 8.75 35.67
CA HIS AA 68 -20.38 9.08 37.04
C HIS AA 68 -21.87 8.86 37.32
N PRO AA 69 -22.20 8.26 38.46
CA PRO AA 69 -23.60 8.26 38.91
C PRO AA 69 -24.02 9.65 39.31
N ALA AA 70 -25.27 10.00 38.99
CA ALA AA 70 -25.78 11.33 39.29
C ALA AA 70 -27.25 11.24 39.68
N VAL AA 71 -27.70 12.22 40.45
CA VAL AA 71 -29.07 12.32 40.91
C VAL AA 71 -29.61 13.68 40.50
N VAL AA 72 -30.76 13.68 39.82
CA VAL AA 72 -31.37 14.92 39.36
C VAL AA 72 -32.02 15.62 40.54
N ILE AA 73 -31.73 16.90 40.70
CA ILE AA 73 -32.30 17.69 41.78
C ILE AA 73 -33.33 18.71 41.30
N ARG AA 74 -33.24 19.16 40.05
CA ARG AA 74 -34.18 20.14 39.51
C ARG AA 74 -34.51 19.77 38.08
N GLN AA 75 -35.67 20.21 37.61
CA GLN AA 75 -36.06 19.97 36.24
C GLN AA 75 -36.99 21.10 35.79
N ARG AA 76 -37.04 21.31 34.48
CA ARG AA 76 -37.90 22.32 33.90
C ARG AA 76 -39.27 21.80 33.52
N LYS AA 77 -39.49 20.49 33.62
CA LYS AA 77 -40.78 19.92 33.27
C LYS AA 77 -41.71 19.98 34.48
N SER AA 78 -42.89 20.55 34.27
CA SER AA 78 -43.88 20.62 35.33
C SER AA 78 -44.36 19.22 35.71
N TYR AA 79 -44.60 19.02 37.00
CA TYR AA 79 -45.06 17.72 37.48
C TYR AA 79 -45.99 17.93 38.67
N ARG AA 80 -46.79 16.90 38.94
CA ARG AA 80 -47.82 16.96 39.98
C ARG AA 80 -47.30 16.34 41.27
N ARG AA 81 -47.56 17.02 42.38
CA ARG AA 81 -47.12 16.56 43.69
C ARG AA 81 -48.33 16.08 44.50
N LYS AA 82 -49.24 15.39 43.84
CA LYS AA 82 -50.33 14.65 44.46
C LYS AA 82 -51.30 15.52 45.26
N ASP AA 83 -51.14 16.84 45.21
CA ASP AA 83 -52.02 17.75 45.92
C ASP AA 83 -52.40 18.95 45.05
N GLY AA 84 -52.39 18.76 43.74
CA GLY AA 84 -52.80 19.80 42.82
C GLY AA 84 -51.76 20.85 42.52
N VAL AA 85 -50.57 20.76 43.11
CA VAL AA 85 -49.53 21.74 42.88
C VAL AA 85 -48.65 21.26 41.74
N PHE AA 86 -48.61 22.01 40.66
CA PHE AA 86 -47.76 21.72 39.52
C PHE AA 86 -46.50 22.56 39.67
N LEU AA 87 -45.35 21.89 39.75
CA LEU AA 87 -44.08 22.55 40.04
C LEU AA 87 -43.08 22.30 38.93
N TYR AA 88 -42.38 23.36 38.53
CA TYR AA 88 -41.24 23.25 37.63
C TYR AA 88 -40.21 24.30 38.03
N PHE AA 89 -38.96 24.01 37.72
CA PHE AA 89 -37.86 24.87 38.11
C PHE AA 89 -37.35 25.66 36.91
N GLU AA 90 -36.49 26.65 37.21
CA GLU AA 90 -35.92 27.49 36.18
C GLU AA 90 -35.00 26.72 35.26
N ASP AA 91 -34.24 25.76 35.79
CA ASP AA 91 -33.25 25.05 34.99
C ASP AA 91 -33.13 23.62 35.50
N ASN AA 92 -32.62 22.76 34.62
CA ASN AA 92 -32.41 21.34 34.94
C ASN AA 92 -31.06 21.19 35.60
N ALA AA 93 -31.04 20.63 36.81
CA ALA AA 93 -29.82 20.53 37.59
C ALA AA 93 -29.66 19.14 38.16
N GLY AA 94 -28.41 18.73 38.33
CA GLY AA 94 -28.09 17.47 38.97
C GLY AA 94 -26.75 17.55 39.66
N VAL AA 95 -26.50 16.57 40.53
CA VAL AA 95 -25.29 16.53 41.33
C VAL AA 95 -24.61 15.18 41.14
N ILE AA 96 -23.32 15.13 41.45
CA ILE AA 96 -22.53 13.92 41.28
C ILE AA 96 -22.48 13.18 42.60
N VAL AA 97 -22.92 11.92 42.60
CA VAL AA 97 -22.87 11.05 43.76
C VAL AA 97 -22.22 9.74 43.36
N ASN AA 98 -22.07 8.86 44.35
CA ASN AA 98 -21.64 7.49 44.11
C ASN AA 98 -22.87 6.58 44.12
N ASN AA 99 -22.61 5.27 43.98
CA ASN AA 99 -23.70 4.30 44.09
C ASN AA 99 -24.31 4.29 45.49
N LYS AA 100 -23.54 4.65 46.51
CA LYS AA 100 -24.04 4.64 47.87
C LYS AA 100 -25.02 5.77 48.15
N GLY AA 101 -24.87 6.93 47.52
CA GLY AA 101 -25.80 8.03 47.66
C GLY AA 101 -25.18 9.36 48.02
N GLU AA 102 -24.08 9.37 48.78
CA GLU AA 102 -23.47 10.62 49.19
C GLU AA 102 -22.81 11.30 48.00
N MET AA 103 -22.85 12.63 48.01
CA MET AA 103 -22.23 13.40 46.94
C MET AA 103 -20.71 13.36 47.04
N LYS AA 104 -20.06 13.45 45.88
CA LYS AA 104 -18.62 13.69 45.88
C LYS AA 104 -18.31 15.07 46.43
N GLY AA 105 -19.10 16.07 46.05
CA GLY AA 105 -18.96 17.41 46.59
C GLY AA 105 -19.66 17.56 47.92
N SER AA 106 -19.66 18.80 48.42
CA SER AA 106 -20.27 19.11 49.71
C SER AA 106 -21.18 20.32 49.70
N ALA AA 107 -21.39 20.97 48.55
CA ALA AA 107 -22.26 22.12 48.49
C ALA AA 107 -23.18 21.99 47.29
N ILE AA 108 -24.36 22.62 47.39
CA ILE AA 108 -25.36 22.61 46.33
C ILE AA 108 -25.82 24.03 46.10
N THR AA 109 -25.91 24.42 44.82
CA THR AA 109 -26.37 25.75 44.46
C THR AA 109 -27.81 25.67 43.95
N GLY AA 110 -28.67 26.49 44.54
CA GLY AA 110 -30.06 26.56 44.13
C GLY AA 110 -30.97 25.68 44.96
N PRO AA 111 -32.26 25.70 44.64
CA PRO AA 111 -33.22 24.90 45.40
C PRO AA 111 -33.11 23.42 45.07
N VAL AA 112 -33.70 22.60 45.92
CA VAL AA 112 -33.75 21.16 45.74
C VAL AA 112 -35.20 20.73 45.79
N ALA AA 113 -35.61 19.91 44.81
CA ALA AA 113 -36.97 19.40 44.79
C ALA AA 113 -37.22 18.50 46.00
N LYS AA 114 -38.42 18.63 46.58
CA LYS AA 114 -38.75 17.85 47.76
C LYS AA 114 -38.79 16.36 47.46
N GLU AA 115 -39.22 15.99 46.24
CA GLU AA 115 -39.23 14.58 45.85
C GLU AA 115 -37.81 14.01 45.87
N CYS AA 116 -36.84 14.77 45.35
CA CYS AA 116 -35.45 14.35 45.43
C CYS AA 116 -34.91 14.46 46.84
N ALA AA 117 -35.32 15.50 47.58
CA ALA AA 117 -34.76 15.74 48.91
C ALA AA 117 -35.13 14.63 49.88
N ASP AA 118 -36.35 14.10 49.79
CA ASP AA 118 -36.77 13.06 50.71
C ASP AA 118 -35.99 11.77 50.50
N LEU AA 119 -35.72 11.40 49.24
CA LEU AA 119 -35.12 10.11 48.95
C LEU AA 119 -33.63 10.06 49.26
N TRP AA 120 -32.94 11.19 49.25
CA TRP AA 120 -31.49 11.22 49.41
C TRP AA 120 -31.10 12.12 50.58
N PRO AA 121 -31.05 11.60 51.80
CA PRO AA 121 -30.71 12.44 52.96
C PRO AA 121 -29.34 13.08 52.87
N ARG AA 122 -28.35 12.40 52.28
CA ARG AA 122 -27.04 13.01 52.10
C ARG AA 122 -27.10 14.23 51.22
N ILE AA 123 -27.88 14.17 50.14
CA ILE AA 123 -28.07 15.35 49.31
C ILE AA 123 -28.84 16.42 50.08
N ALA AA 124 -29.86 16.02 50.84
CA ALA AA 124 -30.72 17.00 51.50
C ALA AA 124 -29.99 17.75 52.60
N SER AA 125 -29.01 17.11 53.23
CA SER AA 125 -28.31 17.74 54.35
C SER AA 125 -27.49 18.94 53.89
N ASN AA 126 -27.07 18.95 52.62
CA ASN AA 126 -26.30 20.06 52.07
C ASN AA 126 -27.16 21.07 51.33
N ALA AA 127 -28.48 20.89 51.31
CA ALA AA 127 -29.35 21.76 50.54
C ALA AA 127 -29.47 23.13 51.19
N GLY AA 128 -29.27 24.18 50.40
CA GLY AA 128 -29.52 25.52 50.89
C GLY AA 128 -30.99 25.76 51.20
N SER AA 129 -31.86 25.32 50.31
CA SER AA 129 -33.30 25.40 50.53
C SER AA 129 -33.98 24.31 49.70
N ILE AA 130 -35.08 23.79 50.23
CA ILE AA 130 -35.82 22.71 49.59
C ILE AA 130 -37.14 23.27 49.09
N ALA AA 131 -37.41 23.10 47.81
CA ALA AA 131 -38.66 23.56 47.22
C ALA AA 131 -39.63 22.40 47.02
N MET BA 1 -59.23 24.28 50.63
CA MET BA 1 -59.24 24.34 52.08
C MET BA 1 -57.80 24.47 52.60
N LYS BA 2 -56.84 24.25 51.72
CA LYS BA 2 -55.43 24.33 52.09
C LYS BA 2 -55.00 25.79 52.19
N VAL BA 3 -53.68 26.02 52.24
CA VAL BA 3 -53.17 27.38 52.28
C VAL BA 3 -53.53 28.10 50.98
N GLU BA 4 -54.09 29.29 51.11
CA GLU BA 4 -54.46 30.10 49.96
C GLU BA 4 -53.24 30.88 49.48
N LEU BA 5 -53.00 30.83 48.17
CA LEU BA 5 -51.81 31.46 47.60
C LEU BA 5 -52.23 32.58 46.66
N CYS BA 6 -51.33 33.56 46.52
CA CYS BA 6 -51.56 34.72 45.68
C CYS BA 6 -50.64 34.65 44.46
N SER BA 7 -51.11 35.19 43.35
CA SER BA 7 -50.47 35.03 42.05
C SER BA 7 -49.79 36.33 41.62
N PHE BA 8 -49.32 36.34 40.38
CA PHE BA 8 -48.86 37.55 39.72
C PHE BA 8 -49.91 38.67 39.81
N SER BA 9 -51.16 38.33 39.50
CA SER BA 9 -52.24 39.30 39.51
C SER BA 9 -52.73 39.63 40.92
N GLY BA 10 -52.28 38.90 41.93
CA GLY BA 10 -52.79 39.08 43.27
C GLY BA 10 -54.07 38.33 43.56
N TYR BA 11 -54.54 37.50 42.63
CA TYR BA 11 -55.73 36.69 42.83
C TYR BA 11 -55.44 35.51 43.75
N LYS BA 12 -56.45 35.09 44.50
CA LYS BA 12 -56.35 33.87 45.27
C LYS BA 12 -56.28 32.68 44.34
N ILE BA 13 -55.40 31.73 44.65
CA ILE BA 13 -55.28 30.48 43.90
C ILE BA 13 -55.81 29.37 44.78
N TYR BA 14 -56.98 28.86 44.44
CA TYR BA 14 -57.54 27.73 45.17
C TYR BA 14 -56.74 26.47 44.87
N PRO BA 15 -56.76 25.50 45.78
CA PRO BA 15 -55.99 24.27 45.57
C PRO BA 15 -56.40 23.55 44.30
N GLY BA 16 -55.42 22.93 43.66
CA GLY BA 16 -55.66 22.26 42.40
C GLY BA 16 -55.72 23.16 41.20
N HIS BA 17 -55.39 24.44 41.35
CA HIS BA 17 -55.44 25.41 40.26
C HIS BA 17 -54.05 25.98 40.03
N GLY BA 18 -53.78 26.30 38.77
CA GLY BA 18 -52.56 27.00 38.44
C GLY BA 18 -51.31 26.14 38.58
N ARG BA 19 -50.18 26.85 38.71
CA ARG BA 19 -48.87 26.23 38.72
C ARG BA 19 -47.97 26.97 39.70
N ARG BA 20 -46.98 26.25 40.23
CA ARG BA 20 -45.99 26.83 41.13
C ARG BA 20 -44.63 26.79 40.44
N TYR BA 21 -43.89 27.89 40.56
CA TYR BA 21 -42.61 28.05 39.87
C TYR BA 21 -41.53 28.42 40.89
N ALA BA 22 -40.44 27.67 40.89
CA ALA BA 22 -39.32 27.91 41.78
C ALA BA 22 -38.10 28.26 40.95
N ARG BA 23 -37.52 29.43 41.22
CA ARG BA 23 -36.35 29.87 40.48
C ARG BA 23 -35.07 29.34 41.13
N THR BA 24 -33.97 29.46 40.39
CA THR BA 24 -32.68 28.99 40.88
C THR BA 24 -32.20 29.82 42.06
N ASP BA 25 -32.56 31.10 42.13
CA ASP BA 25 -32.10 31.95 43.21
C ASP BA 25 -32.65 31.56 44.56
N GLY BA 26 -33.69 30.74 44.62
CA GLY BA 26 -34.32 30.38 45.87
C GLY BA 26 -35.68 31.01 46.10
N LYS BA 27 -36.23 31.72 45.11
CA LYS BA 27 -37.54 32.34 45.24
C LYS BA 27 -38.60 31.44 44.63
N VAL BA 28 -39.78 31.43 45.23
CA VAL BA 28 -40.89 30.60 44.79
C VAL BA 28 -42.05 31.50 44.37
N PHE BA 29 -42.54 31.29 43.17
CA PHE BA 29 -43.72 32.00 42.68
C PHE BA 29 -44.78 30.99 42.27
N GLN BA 30 -46.03 31.43 42.32
CA GLN BA 30 -47.17 30.64 41.89
C GLN BA 30 -48.07 31.51 41.03
N PHE BA 31 -48.69 30.89 40.04
CA PHE BA 31 -49.49 31.60 39.05
C PHE BA 31 -50.87 30.99 38.97
N LEU BA 32 -51.88 31.87 38.90
CA LEU BA 32 -53.26 31.39 38.83
C LEU BA 32 -53.54 30.64 37.53
N ASN BA 33 -52.97 31.11 36.44
CA ASN BA 33 -53.15 30.46 35.14
C ASN BA 33 -51.96 30.81 34.26
N ALA BA 34 -51.98 30.33 33.03
CA ALA BA 34 -50.86 30.56 32.12
C ALA BA 34 -50.73 32.01 31.69
N LYS BA 35 -51.81 32.79 31.74
CA LYS BA 35 -51.72 34.19 31.38
C LYS BA 35 -50.85 34.96 32.38
N CYS BA 36 -51.08 34.76 33.67
CA CYS BA 36 -50.26 35.41 34.68
C CYS BA 36 -48.81 34.96 34.60
N GLU BA 37 -48.60 33.66 34.38
CA GLU BA 37 -47.23 33.15 34.26
C GLU BA 37 -46.51 33.74 33.06
N SER BA 38 -47.19 33.82 31.91
CA SER BA 38 -46.57 34.40 30.72
C SER BA 38 -46.30 35.89 30.91
N ALA BA 39 -47.21 36.59 31.59
CA ALA BA 39 -46.97 38.01 31.87
C ALA BA 39 -45.76 38.19 32.78
N PHE BA 40 -45.63 37.34 33.80
CA PHE BA 40 -44.50 37.43 34.71
C PHE BA 40 -43.19 37.10 34.01
N LEU BA 41 -43.20 36.09 33.14
CA LEU BA 41 -41.95 35.64 32.54
C LEU BA 41 -41.38 36.67 31.58
N SER BA 42 -42.23 37.48 30.97
CA SER BA 42 -41.78 38.56 30.11
C SER BA 42 -41.31 39.78 30.89
N LYS BA 43 -41.22 39.67 32.22
CA LYS BA 43 -40.80 40.76 33.10
C LYS BA 43 -41.71 41.97 32.97
N ARG BA 44 -42.99 41.72 32.69
CA ARG BA 44 -43.99 42.78 32.69
C ARG BA 44 -44.37 43.13 34.13
N ASN BA 45 -44.32 44.42 34.44
CA ASN BA 45 -44.63 44.86 35.79
C ASN BA 45 -46.14 44.77 36.03
N PRO BA 46 -46.58 44.10 37.08
CA PRO BA 46 -48.03 43.98 37.32
C PRO BA 46 -48.72 45.30 37.58
N ARG BA 47 -47.97 46.34 37.99
CA ARG BA 47 -48.58 47.64 38.22
C ARG BA 47 -48.98 48.34 36.94
N GLN BA 48 -48.59 47.81 35.78
CA GLN BA 48 -48.92 48.42 34.50
C GLN BA 48 -49.95 47.61 33.70
N ILE BA 49 -50.57 46.61 34.31
CA ILE BA 49 -51.64 45.85 33.67
C ILE BA 49 -52.94 46.19 34.40
N ASN BA 50 -53.94 46.63 33.63
CA ASN BA 50 -55.07 47.33 34.23
C ASN BA 50 -55.94 46.41 35.09
N TRP BA 51 -55.91 45.10 34.86
CA TRP BA 51 -56.78 44.21 35.60
C TRP BA 51 -56.09 43.49 36.75
N THR BA 52 -54.86 43.89 37.09
CA THR BA 52 -54.18 43.31 38.24
C THR BA 52 -54.53 44.08 39.51
N VAL BA 53 -54.60 43.34 40.62
CA VAL BA 53 -55.00 43.93 41.91
C VAL BA 53 -54.02 45.00 42.33
N LEU BA 54 -52.73 44.79 42.08
CA LEU BA 54 -51.72 45.78 42.41
C LEU BA 54 -51.98 47.09 41.68
N TYR BA 55 -52.34 47.01 40.41
CA TYR BA 55 -52.72 48.21 39.67
C TYR BA 55 -53.96 48.85 40.27
N ARG BA 56 -54.92 48.02 40.71
CA ARG BA 56 -56.15 48.55 41.29
C ARG BA 56 -55.87 49.37 42.54
N ARG BA 57 -55.04 48.84 43.43
CA ARG BA 57 -54.74 49.59 44.65
C ARG BA 57 -53.77 50.73 44.41
N LYS BA 58 -52.92 50.63 43.39
CA LYS BA 58 -52.04 51.74 43.07
C LYS BA 58 -52.82 52.94 42.57
N HIS BA 59 -53.85 52.70 41.76
CA HIS BA 59 -54.69 53.77 41.26
C HIS BA 59 -55.90 54.03 42.15
N LYS BA 60 -56.01 53.32 43.28
CA LYS BA 60 -57.08 53.53 44.26
C LYS BA 60 -58.45 53.37 43.64
N LYS BA 61 -58.58 52.39 42.75
CA LYS BA 61 -59.85 52.13 42.08
C LYS BA 61 -60.86 51.56 43.05
N GLY BA 62 -62.13 51.85 42.81
CA GLY BA 62 -63.19 51.34 43.67
C GLY BA 62 -63.35 52.01 45.01
N GLN BA 63 -62.27 52.14 45.77
CA GLN BA 63 -62.31 52.77 47.07
C GLN BA 63 -61.26 53.86 47.19
N THR BA 72 -58.66 63.77 62.13
CA THR BA 72 -58.93 65.12 62.59
C THR BA 72 -57.88 65.59 63.60
N ARG BA 73 -58.29 66.50 64.49
CA ARG BA 73 -57.42 67.05 65.51
C ARG BA 73 -57.78 66.48 66.87
N ARG BA 74 -56.76 66.00 67.59
CA ARG BA 74 -56.95 65.41 68.90
C ARG BA 74 -55.80 65.81 69.81
N ALA BA 75 -56.13 66.32 71.00
CA ALA BA 75 -55.12 66.68 72.00
C ALA BA 75 -55.79 66.68 73.36
N VAL BA 76 -55.48 65.67 74.17
CA VAL BA 76 -56.09 65.51 75.48
C VAL BA 76 -54.99 65.23 76.51
N LYS BA 77 -55.08 65.90 77.66
CA LYS BA 77 -54.09 65.78 78.73
C LYS BA 77 -54.81 65.58 80.05
N PHE BA 78 -54.23 64.74 80.91
CA PHE BA 78 -54.83 64.40 82.19
C PHE BA 78 -53.90 64.81 83.33
N GLN BA 79 -54.47 64.91 84.53
CA GLN BA 79 -53.71 65.24 85.72
C GLN BA 79 -53.57 64.00 86.59
N ARG BA 80 -52.34 63.72 87.02
CA ARG BA 80 -52.03 62.55 87.84
C ARG BA 80 -51.24 62.99 89.06
N ALA BA 81 -51.36 62.20 90.13
CA ALA BA 81 -50.59 62.46 91.34
C ALA BA 81 -49.10 62.27 91.09
N ILE BA 82 -48.30 62.94 91.91
CA ILE BA 82 -46.84 62.87 91.83
C ILE BA 82 -46.34 62.20 93.11
N THR BA 83 -45.34 61.34 92.97
CA THR BA 83 -44.73 60.69 94.13
C THR BA 83 -44.21 61.74 95.10
N GLY BA 84 -44.83 61.82 96.28
CA GLY BA 84 -44.53 62.84 97.25
C GLY BA 84 -45.48 64.02 97.25
N ALA BA 85 -46.36 64.12 96.25
CA ALA BA 85 -47.35 65.21 96.21
C ALA BA 85 -48.63 64.64 95.58
N SER BA 86 -49.57 64.27 96.42
CA SER BA 86 -50.80 63.64 95.95
C SER BA 86 -51.68 64.64 95.21
N LEU BA 87 -52.80 64.15 94.69
CA LEU BA 87 -53.73 65.01 93.96
C LEU BA 87 -54.30 66.10 94.85
N ALA BA 88 -54.66 65.75 96.09
CA ALA BA 88 -55.22 66.74 97.00
C ALA BA 88 -54.23 67.85 97.29
N ASP BA 89 -52.95 67.50 97.48
CA ASP BA 89 -51.93 68.50 97.78
C ASP BA 89 -51.80 69.50 96.64
N ILE BA 90 -51.67 69.01 95.41
CA ILE BA 90 -51.44 69.91 94.29
C ILE BA 90 -52.70 70.71 93.97
N MET BA 91 -53.88 70.11 94.17
CA MET BA 91 -55.12 70.87 94.00
C MET BA 91 -55.22 71.99 95.02
N ALA BA 92 -54.83 71.72 96.27
CA ALA BA 92 -54.84 72.77 97.29
C ALA BA 92 -53.82 73.86 96.96
N LYS BA 93 -52.64 73.46 96.47
CA LYS BA 93 -51.61 74.44 96.14
C LYS BA 93 -52.04 75.33 94.97
N ARG BA 94 -52.69 74.75 93.96
CA ARG BA 94 -53.03 75.51 92.77
C ARG BA 94 -54.35 76.26 92.88
N ASN BA 95 -55.08 76.11 93.98
CA ASN BA 95 -56.36 76.79 94.17
C ASN BA 95 -56.30 77.87 95.24
N GLN BA 96 -55.14 78.50 95.42
CA GLN BA 96 -55.01 79.64 96.30
C GLN BA 96 -55.18 80.96 95.57
N LYS BA 97 -55.94 80.97 94.48
CA LYS BA 97 -56.15 82.21 93.72
C LYS BA 97 -56.82 83.35 94.49
N PRO BA 98 -57.84 83.13 95.39
CA PRO BA 98 -58.50 84.31 95.97
C PRO BA 98 -57.60 85.10 96.91
N GLU BA 99 -56.61 85.77 96.33
CA GLU BA 99 -55.68 86.67 97.00
C GLU BA 99 -54.86 86.00 98.09
N VAL BA 100 -54.88 84.66 98.17
CA VAL BA 100 -53.99 83.96 99.09
C VAL BA 100 -52.55 84.07 98.61
N ARG BA 101 -52.34 83.88 97.30
CA ARG BA 101 -51.02 84.10 96.72
C ARG BA 101 -50.57 85.54 96.87
N LYS BA 102 -51.51 86.49 96.90
CA LYS BA 102 -51.14 87.86 97.22
C LYS BA 102 -50.59 87.94 98.64
N ALA BA 103 -51.19 87.20 99.58
CA ALA BA 103 -50.66 87.16 100.93
C ALA BA 103 -49.28 86.53 100.98
N GLN BA 104 -49.07 85.45 100.21
CA GLN BA 104 -47.73 84.85 100.16
C GLN BA 104 -46.71 85.80 99.55
N ARG BA 105 -47.09 86.50 98.47
CA ARG BA 105 -46.17 87.45 97.85
C ARG BA 105 -45.82 88.58 98.81
N GLU BA 106 -46.82 89.14 99.50
CA GLU BA 106 -46.54 90.25 100.40
C GLU BA 106 -45.72 89.79 101.61
N GLN BA 107 -46.00 88.59 102.14
CA GLN BA 107 -45.23 88.12 103.28
C GLN BA 107 -43.80 87.79 102.86
N ALA BA 108 -43.60 87.26 101.65
CA ALA BA 108 -42.25 87.01 101.16
C ALA BA 108 -41.51 88.33 100.91
N ILE BA 109 -42.22 89.35 100.42
CA ILE BA 109 -41.58 90.64 100.17
C ILE BA 109 -41.12 91.27 101.48
N ARG BA 110 -41.98 91.27 102.52
CA ARG BA 110 -41.60 91.88 103.80
C ARG BA 110 -40.58 91.04 104.54
N ALA BA 111 -40.62 89.72 104.36
CA ALA BA 111 -39.63 88.83 104.97
C ALA BA 111 -38.27 89.04 104.35
N ALA BA 112 -38.22 89.23 103.03
CA ALA BA 112 -36.99 89.67 102.41
C ALA BA 112 -36.61 91.07 102.84
N LYS BA 113 -37.59 91.89 103.20
CA LYS BA 113 -37.28 93.27 103.53
C LYS BA 113 -36.51 93.40 104.84
N GLU BA 114 -36.89 92.64 105.89
CA GLU BA 114 -36.10 92.87 107.12
C GLU BA 114 -34.74 92.18 106.98
N ALA BA 115 -34.66 91.11 106.19
CA ALA BA 115 -33.36 90.51 105.87
C ALA BA 115 -32.48 91.49 105.13
N LYS BA 116 -33.06 92.25 104.19
CA LYS BA 116 -32.30 93.27 103.48
C LYS BA 116 -31.88 94.40 104.43
N LYS BA 117 -32.73 94.80 105.36
CA LYS BA 117 -32.33 95.85 106.31
C LYS BA 117 -31.22 95.38 107.23
N ALA BA 118 -31.28 94.13 107.69
CA ALA BA 118 -30.19 93.57 108.48
C ALA BA 118 -28.90 93.48 107.68
N LYS BA 119 -28.99 93.06 106.41
CA LYS BA 119 -27.81 93.00 105.57
C LYS BA 119 -27.25 94.38 105.30
N GLN BA 120 -28.12 95.39 105.19
CA GLN BA 120 -27.66 96.76 105.00
C GLN BA 120 -26.98 97.29 106.26
N ALA BA 121 -27.51 96.92 107.43
CA ALA BA 121 -26.89 97.32 108.69
C ALA BA 121 -25.52 96.66 108.85
N SER BA 122 -25.39 95.41 108.43
CA SER BA 122 -24.13 94.69 108.55
C SER BA 122 -23.25 94.79 107.31
N LYS BA 123 -23.64 95.58 106.32
CA LYS BA 123 -22.96 95.63 105.03
C LYS BA 123 -21.99 96.81 104.92
N LYS BA 124 -22.49 98.03 105.11
CA LYS BA 124 -21.65 99.22 105.04
C LYS BA 124 -20.77 99.37 106.28
N LYS CA 1 1.91 51.26 -91.21
CA LYS CA 1 2.65 52.03 -90.22
C LYS CA 1 1.71 52.84 -89.33
N LYS CA 2 0.44 52.44 -89.30
CA LYS CA 2 -0.55 53.11 -88.47
C LYS CA 2 -1.44 52.15 -87.68
N LYS CA 3 -1.35 50.85 -87.92
CA LYS CA 3 -2.02 49.86 -87.08
C LYS CA 3 -1.20 49.68 -85.81
N ILE CA 4 -1.74 50.09 -84.68
CA ILE CA 4 -1.02 50.07 -83.41
C ILE CA 4 -1.93 49.51 -82.33
N ARG CA 5 -1.33 48.75 -81.42
CA ARG CA 5 -2.04 48.17 -80.28
C ARG CA 5 -1.50 48.85 -79.02
N THR CA 6 -2.28 49.74 -78.44
CA THR CA 6 -1.85 50.50 -77.27
C THR CA 6 -2.29 49.85 -75.96
N SER CA 7 -2.99 48.71 -76.01
CA SER CA 7 -3.43 48.05 -74.81
C SER CA 7 -3.00 46.59 -74.83
N PRO CA 8 -2.57 46.04 -73.71
CA PRO CA 8 -2.12 44.64 -73.66
C PRO CA 8 -3.26 43.63 -73.64
N THR CA 9 -4.50 44.08 -73.58
CA THR CA 9 -5.65 43.18 -73.51
C THR CA 9 -6.33 43.13 -74.86
N PHE CA 10 -6.51 41.93 -75.38
CA PHE CA 10 -7.22 41.73 -76.65
C PHE CA 10 -8.72 41.64 -76.36
N ARG CA 11 -9.50 42.41 -77.10
CA ARG CA 11 -10.95 42.39 -76.98
C ARG CA 11 -11.57 41.88 -78.27
N ARG CA 12 -12.73 41.25 -78.12
CA ARG CA 12 -13.44 40.75 -79.29
C ARG CA 12 -13.89 41.92 -80.17
N PRO CA 13 -13.62 41.88 -81.46
CA PRO CA 13 -14.03 42.99 -82.33
C PRO CA 13 -15.55 43.10 -82.42
N LYS CA 14 -16.02 44.34 -82.55
CA LYS CA 14 -17.45 44.63 -82.61
C LYS CA 14 -17.94 44.44 -84.04
N THR CA 15 -18.84 43.48 -84.22
CA THR CA 15 -19.37 43.14 -85.53
C THR CA 15 -20.85 43.48 -85.59
N LEU CA 16 -21.31 43.92 -86.76
CA LEU CA 16 -22.71 44.31 -86.91
C LEU CA 16 -23.62 43.09 -86.77
N ARG CA 17 -24.75 43.30 -86.10
CA ARG CA 17 -25.72 42.25 -85.82
C ARG CA 17 -27.02 42.62 -86.51
N LEU CA 18 -27.43 41.82 -87.48
CA LEU CA 18 -28.58 42.15 -88.29
C LEU CA 18 -29.88 41.97 -87.50
N ARG CA 19 -30.80 42.91 -87.68
CA ARG CA 19 -32.14 42.74 -87.19
C ARG CA 19 -32.82 41.60 -87.94
N ARG CA 20 -33.64 40.83 -87.23
CA ARG CA 20 -34.30 39.68 -87.83
C ARG CA 20 -35.20 40.10 -88.97
N GLN CA 21 -35.10 39.39 -90.09
CA GLN CA 21 -35.89 39.66 -91.29
C GLN CA 21 -36.57 38.35 -91.71
N PRO CA 22 -37.54 37.88 -90.93
CA PRO CA 22 -38.11 36.56 -91.20
C PRO CA 22 -38.84 36.52 -92.53
N LYS CA 23 -38.71 35.37 -93.20
CA LYS CA 23 -39.42 35.16 -94.45
C LYS CA 23 -40.87 34.79 -94.25
N TYR CA 24 -41.28 34.49 -93.01
CA TYR CA 24 -42.67 34.19 -92.70
C TYR CA 24 -42.89 34.50 -91.23
N PRO CA 25 -44.01 35.11 -90.87
CA PRO CA 25 -44.33 35.25 -89.45
C PRO CA 25 -44.56 33.89 -88.82
N ARG CA 26 -44.11 33.74 -87.58
CA ARG CA 26 -44.25 32.44 -86.90
C ARG CA 26 -45.69 32.19 -86.46
N LYS CA 27 -46.48 33.25 -86.33
CA LYS CA 27 -47.91 33.14 -86.07
C LYS CA 27 -48.65 33.81 -87.23
N SER CA 28 -49.75 33.18 -87.66
CA SER CA 28 -50.48 33.70 -88.81
C SER CA 28 -51.05 35.09 -88.54
N ALA CA 29 -51.74 35.25 -87.42
CA ALA CA 29 -52.37 36.51 -87.06
C ALA CA 29 -52.06 36.82 -85.60
N PRO CA 30 -52.01 38.10 -85.24
CA PRO CA 30 -51.85 38.44 -83.82
C PRO CA 30 -53.03 37.96 -83.00
N ARG CA 31 -52.75 37.55 -81.77
CA ARG CA 31 -53.79 37.11 -80.86
C ARG CA 31 -54.52 38.32 -80.29
N ARG CA 32 -55.85 38.31 -80.39
CA ARG CA 32 -56.61 39.47 -79.92
C ARG CA 32 -56.58 39.52 -78.39
N ASN CA 33 -56.87 40.71 -77.87
CA ASN CA 33 -56.85 40.93 -76.43
C ASN CA 33 -58.04 40.22 -75.78
N LYS CA 34 -57.77 39.11 -75.10
CA LYS CA 34 -58.82 38.45 -74.34
C LYS CA 34 -59.31 39.31 -73.18
N LEU CA 35 -58.44 40.18 -72.66
CA LEU CA 35 -58.81 41.10 -71.60
C LEU CA 35 -59.18 42.47 -72.18
N ASP CA 36 -60.29 42.49 -72.91
CA ASP CA 36 -60.77 43.75 -73.47
C ASP CA 36 -61.56 44.50 -72.40
N HIS CA 37 -62.21 45.59 -72.80
CA HIS CA 37 -62.84 46.48 -71.84
C HIS CA 37 -64.02 45.83 -71.13
N TYR CA 38 -64.78 44.98 -71.83
CA TYR CA 38 -65.89 44.30 -71.17
C TYR CA 38 -65.40 43.18 -70.27
N ALA CA 39 -64.27 42.55 -70.60
CA ALA CA 39 -63.76 41.48 -69.75
C ALA CA 39 -63.15 42.03 -68.47
N ILE CA 40 -62.77 43.29 -68.46
CA ILE CA 40 -62.12 43.87 -67.29
C ILE CA 40 -63.09 43.93 -66.12
N ILE CA 41 -64.30 44.43 -66.37
CA ILE CA 41 -65.31 44.58 -65.33
C ILE CA 41 -66.20 43.34 -65.36
N LYS CA 42 -66.22 42.59 -64.27
CA LYS CA 42 -67.09 41.42 -64.20
C LYS CA 42 -68.50 41.81 -63.83
N PHE CA 43 -68.69 42.38 -62.65
CA PHE CA 43 -70.00 42.90 -62.25
C PHE CA 43 -69.79 43.88 -61.11
N PRO CA 44 -70.65 44.89 -60.98
CA PRO CA 44 -70.54 45.80 -59.84
C PRO CA 44 -71.01 45.13 -58.55
N LEU CA 45 -70.51 45.65 -57.44
CA LEU CA 45 -70.85 45.11 -56.12
C LEU CA 45 -71.89 46.00 -55.47
N THR CA 46 -72.91 45.38 -54.88
CA THR CA 46 -74.06 46.10 -54.33
C THR CA 46 -74.33 45.75 -52.88
N THR CA 47 -73.28 45.70 -52.06
CA THR CA 47 -73.47 45.52 -50.63
C THR CA 47 -73.86 46.85 -49.99
N GLU CA 48 -74.27 46.77 -48.71
CA GLU CA 48 -74.57 47.99 -47.97
C GLU CA 48 -73.31 48.85 -47.80
N SER CA 49 -72.15 48.21 -47.69
CA SER CA 49 -70.90 48.96 -47.69
C SER CA 49 -70.68 49.63 -49.05
N ALA CA 50 -70.95 48.90 -50.14
CA ALA CA 50 -70.81 49.49 -51.47
C ALA CA 50 -71.81 50.62 -51.68
N MET CA 51 -73.05 50.43 -51.23
CA MET CA 51 -74.04 51.51 -51.34
C MET CA 51 -73.64 52.72 -50.51
N LYS CA 52 -73.08 52.49 -49.31
CA LYS CA 52 -72.55 53.59 -48.51
C LYS CA 52 -71.44 54.32 -49.24
N LYS CA 53 -70.53 53.58 -49.87
CA LYS CA 53 -69.46 54.20 -50.64
C LYS CA 53 -70.01 55.05 -51.77
N ILE CA 54 -71.02 54.52 -52.48
CA ILE CA 54 -71.61 55.26 -53.59
C ILE CA 54 -72.29 56.53 -53.10
N GLU CA 55 -73.06 56.43 -52.01
CA GLU CA 55 -73.85 57.57 -51.57
C GLU CA 55 -73.05 58.57 -50.74
N ASP CA 56 -71.84 58.23 -50.31
CA ASP CA 56 -71.04 59.15 -49.52
C ASP CA 56 -69.79 59.64 -50.24
N ASN CA 57 -68.95 58.73 -50.72
CA ASN CA 57 -67.64 59.10 -51.24
C ASN CA 57 -67.62 59.28 -52.75
N ASN CA 58 -68.78 59.23 -53.40
CA ASN CA 58 -68.88 59.33 -54.86
C ASN CA 58 -68.03 58.27 -55.55
N THR CA 59 -67.97 57.09 -54.93
CA THR CA 59 -67.08 56.02 -55.36
C THR CA 59 -67.90 54.81 -55.76
N LEU CA 60 -67.65 54.30 -56.96
CA LEU CA 60 -68.27 53.07 -57.44
C LEU CA 60 -67.42 51.87 -57.05
N VAL CA 61 -68.08 50.74 -56.82
CA VAL CA 61 -67.43 49.51 -56.41
C VAL CA 61 -67.65 48.47 -57.51
N PHE CA 62 -66.59 47.82 -57.94
CA PHE CA 62 -66.66 46.83 -59.01
C PHE CA 62 -65.81 45.62 -58.65
N ILE CA 63 -66.26 44.46 -59.14
CA ILE CA 63 -65.46 43.25 -59.14
C ILE CA 63 -64.82 43.14 -60.51
N VAL CA 64 -63.50 43.24 -60.56
CA VAL CA 64 -62.76 43.35 -61.81
C VAL CA 64 -61.95 42.09 -62.02
N ASP CA 65 -61.33 42.00 -63.19
CA ASP CA 65 -60.45 40.87 -63.47
C ASP CA 65 -59.25 40.90 -62.54
N VAL CA 66 -58.80 39.70 -62.14
CA VAL CA 66 -57.69 39.61 -61.20
C VAL CA 66 -56.38 40.10 -61.82
N LYS CA 67 -56.20 39.93 -63.12
CA LYS CA 67 -55.00 40.41 -63.79
C LYS CA 67 -55.02 41.90 -64.07
N ALA CA 68 -56.16 42.55 -63.90
CA ALA CA 68 -56.33 43.95 -64.28
C ALA CA 68 -55.56 44.87 -63.35
N ASN CA 69 -54.92 45.88 -63.93
CA ASN CA 69 -54.25 46.92 -63.17
C ASN CA 69 -55.15 48.15 -63.06
N LYS CA 70 -54.69 49.14 -62.30
CA LYS CA 70 -55.51 50.33 -62.08
C LYS CA 70 -55.71 51.12 -63.37
N HIS CA 71 -54.68 51.22 -64.22
CA HIS CA 71 -54.83 51.93 -65.47
C HIS CA 71 -55.86 51.28 -66.37
N GLN CA 72 -55.83 49.94 -66.46
CA GLN CA 72 -56.80 49.24 -67.29
C GLN CA 72 -58.22 49.42 -66.75
N ILE CA 73 -58.38 49.37 -65.43
CA ILE CA 73 -59.69 49.59 -64.82
C ILE CA 73 -60.20 50.99 -65.14
N LYS CA 74 -59.32 51.99 -64.99
CA LYS CA 74 -59.71 53.38 -65.24
C LYS CA 74 -60.10 53.58 -66.69
N GLN CA 75 -59.31 53.05 -67.62
CA GLN CA 75 -59.64 53.16 -69.05
C GLN CA 75 -60.94 52.46 -69.38
N ALA CA 76 -61.16 51.25 -68.85
CA ALA CA 76 -62.38 50.52 -69.15
C ALA CA 76 -63.61 51.24 -68.63
N VAL CA 77 -63.55 51.75 -67.40
CA VAL CA 77 -64.69 52.50 -66.86
C VAL CA 77 -64.93 53.76 -67.67
N LYS CA 78 -63.86 54.49 -67.99
CA LYS CA 78 -63.97 55.70 -68.80
C LYS CA 78 -64.64 55.42 -70.13
N LYS CA 79 -64.31 54.30 -70.76
CA LYS CA 79 -64.91 53.99 -72.05
C LYS CA 79 -66.37 53.60 -71.87
N LEU CA 80 -66.64 52.54 -71.12
CA LEU CA 80 -67.97 51.92 -71.18
C LEU CA 80 -68.98 52.54 -70.22
N TYR CA 81 -68.61 53.58 -69.47
CA TYR CA 81 -69.62 54.35 -68.75
C TYR CA 81 -69.60 55.85 -69.04
N ASP CA 82 -68.73 56.32 -69.93
CA ASP CA 82 -68.72 57.71 -70.39
C ASP CA 82 -68.56 58.68 -69.21
N ILE CA 83 -67.76 58.31 -68.23
CA ILE CA 83 -67.54 59.13 -67.05
C ILE CA 83 -66.04 59.27 -66.82
N ASP CA 84 -65.68 60.30 -66.06
CA ASP CA 84 -64.29 60.55 -65.68
C ASP CA 84 -64.12 60.29 -64.19
N VAL CA 85 -63.05 59.57 -63.84
CA VAL CA 85 -62.84 59.13 -62.47
C VAL CA 85 -61.68 59.90 -61.86
N ALA CA 86 -61.60 59.88 -60.53
CA ALA CA 86 -60.54 60.57 -59.81
C ALA CA 86 -59.37 59.65 -59.54
N LYS CA 87 -59.59 58.55 -58.84
CA LYS CA 87 -58.55 57.59 -58.55
C LYS CA 87 -59.17 56.21 -58.37
N VAL CA 88 -58.34 55.19 -58.49
CA VAL CA 88 -58.77 53.80 -58.37
C VAL CA 88 -57.97 53.14 -57.26
N ASN CA 89 -58.68 52.59 -56.28
CA ASN CA 89 -58.07 51.86 -55.18
C ASN CA 89 -58.38 50.38 -55.36
N THR CA 90 -57.35 49.55 -55.23
CA THR CA 90 -57.46 48.14 -55.58
C THR CA 90 -57.04 47.27 -54.39
N LEU CA 91 -57.89 46.31 -54.06
CA LEU CA 91 -57.54 45.23 -53.15
C LEU CA 91 -57.97 43.91 -53.77
N ILE CA 92 -57.55 42.81 -53.14
CA ILE CA 92 -57.96 41.48 -53.55
C ILE CA 92 -58.71 40.83 -52.40
N ARG CA 93 -59.96 40.43 -52.67
CA ARG CA 93 -60.79 39.86 -51.63
C ARG CA 93 -60.24 38.51 -51.19
N PRO CA 94 -60.57 38.09 -49.96
CA PRO CA 94 -60.09 36.77 -49.50
C PRO CA 94 -60.64 35.62 -50.32
N ASP CA 95 -61.73 35.82 -51.07
CA ASP CA 95 -62.25 34.77 -51.93
C ASP CA 95 -61.53 34.67 -53.26
N GLY CA 96 -60.54 35.53 -53.51
CA GLY CA 96 -59.78 35.50 -54.73
C GLY CA 96 -60.20 36.52 -55.77
N GLU CA 97 -61.38 37.10 -55.61
CA GLU CA 97 -61.82 38.14 -56.53
C GLU CA 97 -61.14 39.47 -56.18
N LYS CA 98 -60.92 40.28 -57.21
CA LYS CA 98 -60.30 41.59 -57.04
C LYS CA 98 -61.40 42.64 -56.94
N LYS CA 99 -61.33 43.46 -55.90
CA LYS CA 99 -62.29 44.53 -55.67
C LYS CA 99 -61.59 45.86 -55.86
N ALA CA 100 -62.16 46.72 -56.70
CA ALA CA 100 -61.57 48.00 -57.04
C ALA CA 100 -62.53 49.12 -56.65
N TYR CA 101 -62.09 49.99 -55.74
CA TYR CA 101 -62.83 51.19 -55.40
C TYR CA 101 -62.47 52.27 -56.41
N VAL CA 102 -63.45 52.67 -57.22
CA VAL CA 102 -63.25 53.65 -58.28
C VAL CA 102 -63.98 54.92 -57.88
N ARG CA 103 -63.24 55.98 -57.62
CA ARG CA 103 -63.83 57.25 -57.21
C ARG CA 103 -63.93 58.17 -58.40
N LEU CA 104 -65.11 58.74 -58.61
CA LEU CA 104 -65.36 59.58 -59.76
C LEU CA 104 -64.83 60.99 -59.53
N ALA CA 105 -64.71 61.73 -60.62
CA ALA CA 105 -64.33 63.13 -60.54
C ALA CA 105 -65.47 63.95 -59.90
N PRO CA 106 -65.15 65.10 -59.30
CA PRO CA 106 -66.20 65.89 -58.66
C PRO CA 106 -67.31 66.35 -59.59
N ASP CA 107 -67.03 66.51 -60.89
CA ASP CA 107 -68.05 66.97 -61.82
C ASP CA 107 -69.11 65.91 -62.12
N TYR CA 108 -68.83 64.64 -61.85
CA TYR CA 108 -69.78 63.56 -62.04
C TYR CA 108 -70.21 63.00 -60.69
N ASP CA 109 -71.52 62.95 -60.47
CA ASP CA 109 -72.07 62.33 -59.27
C ASP CA 109 -72.22 60.84 -59.52
N ALA CA 110 -71.94 60.04 -58.50
CA ALA CA 110 -71.99 58.58 -58.67
C ALA CA 110 -73.40 58.04 -58.59
N LEU CA 111 -74.33 58.76 -57.96
CA LEU CA 111 -75.64 58.19 -57.66
C LEU CA 111 -76.46 57.99 -58.94
N ASP CA 112 -76.55 59.02 -59.78
CA ASP CA 112 -77.29 58.87 -61.04
C ASP CA 112 -76.57 57.92 -62.00
N VAL CA 113 -75.26 57.83 -61.91
CA VAL CA 113 -74.51 56.83 -62.66
C VAL CA 113 -74.96 55.43 -62.25
N ALA CA 114 -75.09 55.21 -60.94
CA ALA CA 114 -75.61 53.94 -60.45
C ALA CA 114 -77.05 53.73 -60.90
N ASN CA 115 -77.84 54.80 -60.98
CA ASN CA 115 -79.20 54.69 -61.49
C ASN CA 115 -79.24 54.20 -62.92
N LYS CA 116 -78.45 54.83 -63.80
CA LYS CA 116 -78.50 54.45 -65.21
C LYS CA 116 -77.83 53.10 -65.47
N ILE CA 117 -76.82 52.74 -64.66
CA ILE CA 117 -76.31 51.37 -64.73
C ILE CA 117 -77.37 50.38 -64.30
N GLY CA 118 -78.12 50.69 -63.25
CA GLY CA 118 -79.18 49.83 -62.80
C GLY CA 118 -78.84 49.08 -61.53
N ILE CA 119 -77.98 49.68 -60.70
CA ILE CA 119 -77.53 49.04 -59.46
C ILE CA 119 -78.05 49.82 -58.27
N ILE CA 120 -79.06 50.66 -58.50
CA ILE CA 120 -79.66 51.43 -57.42
C ILE CA 120 -80.50 50.49 -56.57
N MET DA 1 -77.95 -18.95 -82.82
CA MET DA 1 -77.71 -17.94 -81.79
C MET DA 1 -76.73 -16.88 -82.28
N LYS DA 2 -76.17 -16.11 -81.34
CA LYS DA 2 -75.27 -15.03 -81.72
C LYS DA 2 -73.95 -15.59 -82.22
N PHE DA 3 -73.58 -15.24 -83.44
CA PHE DA 3 -72.33 -15.68 -84.03
C PHE DA 3 -71.35 -14.57 -84.35
N ASN DA 4 -71.77 -13.32 -84.32
CA ASN DA 4 -70.85 -12.22 -84.56
C ASN DA 4 -69.91 -12.09 -83.38
N PRO DA 5 -68.59 -12.24 -83.57
CA PRO DA 5 -67.66 -12.17 -82.44
C PRO DA 5 -67.37 -10.77 -81.94
N PHE DA 6 -68.00 -9.74 -82.50
CA PHE DA 6 -67.77 -8.37 -82.06
C PHE DA 6 -68.90 -7.82 -81.22
N VAL DA 7 -69.97 -8.59 -81.00
CA VAL DA 7 -71.05 -8.20 -80.10
C VAL DA 7 -71.04 -9.17 -78.93
N THR DA 8 -71.17 -8.62 -77.72
CA THR DA 8 -71.01 -9.41 -76.51
C THR DA 8 -72.35 -9.93 -76.00
N SER DA 9 -72.30 -11.10 -75.38
CA SER DA 9 -73.43 -11.65 -74.64
C SER DA 9 -73.24 -11.52 -73.14
N ASP DA 10 -72.20 -10.81 -72.70
CA ASP DA 10 -71.94 -10.66 -71.28
C ASP DA 10 -73.04 -9.86 -70.62
N ARG DA 11 -73.57 -10.39 -69.52
CA ARG DA 11 -74.67 -9.72 -68.83
C ARG DA 11 -74.22 -8.39 -68.24
N SER DA 12 -73.03 -8.37 -67.62
CA SER DA 12 -72.54 -7.13 -67.04
C SER DA 12 -72.29 -6.07 -68.10
N LYS DA 13 -71.65 -6.44 -69.21
CA LYS DA 13 -71.39 -5.46 -70.27
C LYS DA 13 -72.69 -4.95 -70.88
N ASN DA 14 -73.65 -5.84 -71.13
CA ASN DA 14 -74.92 -5.41 -71.70
C ASN DA 14 -75.67 -4.50 -70.75
N ARG DA 15 -75.67 -4.82 -69.45
CA ARG DA 15 -76.33 -3.96 -68.48
C ARG DA 15 -75.65 -2.61 -68.40
N LYS DA 16 -74.32 -2.58 -68.46
CA LYS DA 16 -73.60 -1.31 -68.40
C LYS DA 16 -73.92 -0.47 -69.63
N ARG DA 17 -74.00 -1.10 -70.80
CA ARG DA 17 -74.38 -0.35 -72.00
C ARG DA 17 -75.81 0.17 -71.89
N HIS DA 18 -76.71 -0.62 -71.32
CA HIS DA 18 -78.12 -0.22 -71.25
C HIS DA 18 -78.32 0.92 -70.26
N PHE DA 19 -77.76 0.79 -69.06
CA PHE DA 19 -78.02 1.76 -68.00
C PHE DA 19 -77.23 3.05 -68.16
N ASN DA 20 -76.27 3.09 -69.07
CA ASN DA 20 -75.46 4.29 -69.29
C ASN DA 20 -75.54 4.77 -70.73
N ALA DA 21 -76.55 4.33 -71.47
CA ALA DA 21 -76.69 4.72 -72.86
C ALA DA 21 -77.10 6.19 -72.94
N PRO DA 22 -76.63 6.92 -73.95
CA PRO DA 22 -77.08 8.29 -74.15
C PRO DA 22 -78.51 8.33 -74.69
N SER DA 23 -79.07 9.54 -74.68
CA SER DA 23 -80.48 9.71 -75.05
C SER DA 23 -80.75 9.32 -76.49
N HIS DA 24 -79.79 9.55 -77.38
CA HIS DA 24 -80.04 9.30 -78.80
C HIS DA 24 -80.16 7.82 -79.14
N ILE DA 25 -79.70 6.93 -78.25
CA ILE DA 25 -79.98 5.50 -78.40
C ILE DA 25 -80.91 4.97 -77.33
N ARG DA 26 -81.05 5.67 -76.20
CA ARG DA 26 -82.15 5.37 -75.30
C ARG DA 26 -83.50 5.55 -75.99
N ARG DA 27 -83.56 6.48 -76.96
CA ARG DA 27 -84.76 6.62 -77.78
C ARG DA 27 -85.09 5.34 -78.51
N LYS DA 28 -84.09 4.74 -79.17
CA LYS DA 28 -84.34 3.46 -79.84
C LYS DA 28 -84.66 2.36 -78.85
N ILE DA 29 -83.99 2.37 -77.69
CA ILE DA 29 -84.29 1.39 -76.66
C ILE DA 29 -85.70 1.58 -76.13
N MET DA 30 -86.10 2.82 -75.86
CA MET DA 30 -87.45 3.12 -75.39
C MET DA 30 -88.40 3.19 -76.59
N SER DA 31 -88.69 2.00 -77.13
CA SER DA 31 -89.56 1.87 -78.28
C SER DA 31 -90.81 1.09 -77.90
N SER DA 32 -91.88 1.33 -78.64
CA SER DA 32 -93.15 0.68 -78.36
C SER DA 32 -93.74 0.10 -79.64
N PRO DA 33 -94.45 -1.02 -79.53
CA PRO DA 33 -95.11 -1.59 -80.70
C PRO DA 33 -96.31 -0.77 -81.12
N LEU DA 34 -96.67 -0.89 -82.39
CA LEU DA 34 -97.84 -0.21 -82.90
C LEU DA 34 -99.09 -1.06 -82.74
N SER DA 35 -100.25 -0.43 -82.88
CA SER DA 35 -101.50 -1.16 -82.81
C SER DA 35 -101.66 -2.04 -84.04
N LYS DA 36 -102.54 -3.04 -83.92
CA LYS DA 36 -102.78 -3.96 -85.04
C LYS DA 36 -103.33 -3.23 -86.24
N GLU DA 37 -104.22 -2.24 -86.02
CA GLU DA 37 -104.66 -1.39 -87.12
C GLU DA 37 -103.50 -0.62 -87.72
N LEU DA 38 -102.62 -0.07 -86.88
CA LEU DA 38 -101.46 0.64 -87.38
C LEU DA 38 -100.47 -0.33 -88.05
N ARG DA 39 -100.33 -1.53 -87.48
CA ARG DA 39 -99.45 -2.53 -88.09
C ARG DA 39 -99.96 -2.94 -89.46
N GLN DA 40 -101.28 -2.96 -89.65
CA GLN DA 40 -101.80 -3.24 -90.98
C GLN DA 40 -101.64 -2.03 -91.91
N LYS DA 41 -101.89 -0.83 -91.39
CA LYS DA 41 -101.82 0.37 -92.22
C LYS DA 41 -100.38 0.67 -92.63
N TYR DA 42 -99.47 0.68 -91.68
CA TYR DA 42 -98.05 0.83 -91.96
C TYR DA 42 -97.38 -0.51 -91.73
N ASN DA 43 -96.63 -0.99 -92.72
CA ASN DA 43 -96.06 -2.32 -92.63
C ASN DA 43 -94.84 -2.32 -91.72
N VAL DA 44 -95.02 -1.88 -90.47
CA VAL DA 44 -93.99 -1.88 -89.44
C VAL DA 44 -94.59 -2.45 -88.17
N ARG DA 45 -93.72 -2.82 -87.24
CA ARG DA 45 -94.16 -3.42 -85.99
C ARG DA 45 -93.87 -2.54 -84.78
N SER DA 46 -92.62 -2.12 -84.60
CA SER DA 46 -92.20 -1.34 -83.45
C SER DA 46 -91.79 0.06 -83.88
N MET DA 47 -91.77 0.97 -82.92
CA MET DA 47 -91.50 2.38 -83.18
C MET DA 47 -90.95 3.03 -81.93
N PRO DA 48 -89.90 3.85 -82.04
CA PRO DA 48 -89.47 4.64 -80.88
C PRO DA 48 -90.59 5.60 -80.46
N ILE DA 49 -90.67 5.84 -79.15
CA ILE DA 49 -91.79 6.59 -78.62
C ILE DA 49 -91.60 8.08 -78.88
N ARG DA 50 -92.70 8.81 -78.85
CA ARG DA 50 -92.74 10.21 -79.26
C ARG DA 50 -93.50 11.00 -78.19
N LYS DA 51 -93.28 12.32 -78.19
CA LYS DA 51 -93.85 13.19 -77.17
C LYS DA 51 -95.37 13.16 -77.17
N ASP DA 52 -95.99 13.24 -78.34
CA ASP DA 52 -97.40 13.57 -78.45
C ASP DA 52 -98.18 12.53 -79.25
N ASP DA 53 -98.01 11.26 -78.93
CA ASP DA 53 -98.83 10.21 -79.51
C ASP DA 53 -99.79 9.66 -78.47
N GLU DA 54 -100.84 9.00 -78.94
CA GLU DA 54 -101.85 8.43 -78.07
C GLU DA 54 -101.62 6.93 -77.93
N VAL DA 55 -101.49 6.47 -76.68
CA VAL DA 55 -101.19 5.08 -76.38
C VAL DA 55 -102.16 4.58 -75.33
N GLN DA 56 -102.23 3.26 -75.20
CA GLN DA 56 -103.00 2.61 -74.16
C GLN DA 56 -102.14 1.54 -73.50
N VAL DA 57 -102.46 1.22 -72.26
CA VAL DA 57 -101.62 0.37 -71.44
C VAL DA 57 -102.17 -1.04 -71.42
N VAL DA 58 -101.29 -2.02 -71.62
CA VAL DA 58 -101.70 -3.42 -71.67
C VAL DA 58 -101.12 -4.26 -70.54
N ARG DA 59 -100.29 -3.68 -69.67
CA ARG DA 59 -99.72 -4.42 -68.55
C ARG DA 59 -99.70 -3.54 -67.32
N GLY DA 60 -99.74 -4.16 -66.15
CA GLY DA 60 -99.67 -3.44 -64.91
C GLY DA 60 -101.03 -3.10 -64.34
N HIS DA 61 -101.03 -2.19 -63.36
CA HIS DA 61 -102.26 -1.78 -62.70
C HIS DA 61 -103.21 -1.08 -63.66
N TYR DA 62 -102.69 -0.27 -64.57
CA TYR DA 62 -103.51 0.59 -65.41
C TYR DA 62 -103.83 -0.05 -66.76
N LYS DA 63 -103.98 -1.37 -66.78
CA LYS DA 63 -104.47 -2.05 -67.97
C LYS DA 63 -105.85 -1.53 -68.34
N GLY DA 64 -106.06 -1.34 -69.64
CA GLY DA 64 -107.34 -0.87 -70.11
C GLY DA 64 -107.24 -0.36 -71.53
N GLN DA 65 -108.41 -0.10 -72.11
CA GLN DA 65 -108.50 0.39 -73.48
C GLN DA 65 -108.73 1.90 -73.55
N GLN DA 66 -108.58 2.62 -72.44
CA GLN DA 66 -108.68 4.08 -72.49
C GLN DA 66 -107.53 4.64 -73.32
N ILE DA 67 -107.84 5.65 -74.11
CA ILE DA 67 -106.88 6.23 -75.04
C ILE DA 67 -106.33 7.51 -74.44
N GLY DA 68 -105.08 7.48 -74.03
CA GLY DA 68 -104.43 8.63 -73.44
C GLY DA 68 -103.22 9.05 -74.25
N LYS DA 69 -102.95 10.35 -74.25
CA LYS DA 69 -101.83 10.89 -75.00
C LYS DA 69 -100.62 11.05 -74.08
N VAL DA 70 -99.45 10.66 -74.57
CA VAL DA 70 -98.23 10.81 -73.79
C VAL DA 70 -97.97 12.28 -73.53
N VAL DA 71 -97.54 12.59 -72.31
CA VAL DA 71 -97.30 13.97 -71.90
C VAL DA 71 -95.84 14.24 -71.57
N GLN DA 72 -95.01 13.21 -71.40
CA GLN DA 72 -93.58 13.40 -71.18
C GLN DA 72 -92.83 12.09 -71.36
N VAL DA 73 -91.69 12.13 -72.05
CA VAL DA 73 -90.84 10.96 -72.26
C VAL DA 73 -89.58 11.18 -71.45
N TYR DA 74 -89.49 10.52 -70.30
CA TYR DA 74 -88.39 10.73 -69.36
C TYR DA 74 -87.34 9.66 -69.61
N ARG DA 75 -86.44 9.95 -70.55
CA ARG DA 75 -85.46 8.96 -70.98
C ARG DA 75 -84.41 8.67 -69.92
N LYS DA 76 -84.19 9.57 -68.96
CA LYS DA 76 -83.24 9.29 -67.90
C LYS DA 76 -83.69 8.12 -67.04
N LYS DA 77 -84.98 8.06 -66.70
CA LYS DA 77 -85.50 7.00 -65.85
C LYS DA 77 -86.20 5.91 -66.65
N TYR DA 78 -86.04 5.91 -67.97
CA TYR DA 78 -86.57 4.86 -68.85
C TYR DA 78 -88.09 4.72 -68.72
N VAL DA 79 -88.77 5.84 -68.46
CA VAL DA 79 -90.20 5.84 -68.23
C VAL DA 79 -90.86 6.94 -69.03
N ILE DA 80 -92.18 6.83 -69.18
CA ILE DA 80 -92.98 7.82 -69.89
C ILE DA 80 -94.19 8.17 -69.03
N TYR DA 81 -94.81 9.30 -69.35
CA TYR DA 81 -95.99 9.77 -68.64
C TYR DA 81 -97.15 9.90 -69.62
N ILE DA 82 -98.33 9.45 -69.20
CA ILE DA 82 -99.54 9.51 -70.02
C ILE DA 82 -100.56 10.38 -69.30
N GLU DA 83 -101.52 10.90 -70.08
CA GLU DA 83 -102.45 11.93 -69.64
C GLU DA 83 -103.16 11.63 -68.33
N ARG DA 84 -103.95 10.57 -68.31
CA ARG DA 84 -104.74 10.24 -67.12
C ARG DA 84 -104.07 9.19 -66.24
N VAL DA 85 -102.91 8.67 -66.64
CA VAL DA 85 -102.21 7.70 -65.82
C VAL DA 85 -101.48 8.44 -64.72
N GLN DA 86 -102.14 8.60 -63.58
CA GLN DA 86 -101.58 9.34 -62.46
C GLN DA 86 -102.25 8.85 -61.18
N ARG DA 87 -101.62 9.15 -60.05
CA ARG DA 87 -102.11 8.72 -58.76
C ARG DA 87 -102.11 9.90 -57.80
N GLU DA 88 -102.96 9.81 -56.79
CA GLU DA 88 -103.04 10.84 -55.76
C GLU DA 88 -102.02 10.56 -54.66
N LYS DA 89 -101.18 11.54 -54.37
CA LYS DA 89 -100.22 11.41 -53.30
C LYS DA 89 -100.88 11.87 -52.00
N ALA DA 90 -100.08 11.96 -50.93
CA ALA DA 90 -100.62 12.17 -49.60
C ALA DA 90 -101.34 13.51 -49.48
N ASN DA 91 -100.73 14.58 -50.01
CA ASN DA 91 -101.27 15.92 -49.85
C ASN DA 91 -102.37 16.25 -50.85
N GLY DA 92 -102.89 15.26 -51.57
CA GLY DA 92 -104.02 15.47 -52.45
C GLY DA 92 -103.67 15.91 -53.85
N THR DA 93 -102.42 16.25 -54.12
CA THR DA 93 -102.02 16.60 -55.47
C THR DA 93 -101.75 15.35 -56.29
N THR DA 94 -101.73 15.52 -57.60
CA THR DA 94 -101.58 14.41 -58.53
C THR DA 94 -100.19 14.43 -59.15
N VAL DA 95 -99.58 13.25 -59.26
CA VAL DA 95 -98.30 13.08 -59.91
C VAL DA 95 -98.42 11.93 -60.90
N HIS DA 96 -97.76 12.07 -62.05
CA HIS DA 96 -97.82 11.04 -63.07
C HIS DA 96 -96.99 9.83 -62.64
N VAL DA 97 -97.37 8.66 -63.14
CA VAL DA 97 -96.69 7.42 -62.80
C VAL DA 97 -95.94 6.94 -64.02
N GLY DA 98 -94.61 6.82 -63.89
CA GLY DA 98 -93.79 6.40 -65.02
C GLY DA 98 -93.91 4.91 -65.25
N ILE DA 99 -94.18 4.53 -66.49
CA ILE DA 99 -94.24 3.14 -66.90
C ILE DA 99 -93.36 2.96 -68.13
N HIS DA 100 -92.91 1.72 -68.34
CA HIS DA 100 -91.98 1.45 -69.42
C HIS DA 100 -92.70 1.49 -70.76
N PRO DA 101 -92.08 2.08 -71.78
CA PRO DA 101 -92.73 2.13 -73.11
C PRO DA 101 -92.93 0.76 -73.73
N SER DA 102 -92.19 -0.26 -73.31
CA SER DA 102 -92.41 -1.60 -73.84
C SER DA 102 -93.73 -2.19 -73.37
N LYS DA 103 -94.39 -1.58 -72.40
CA LYS DA 103 -95.65 -2.07 -71.88
C LYS DA 103 -96.85 -1.31 -72.41
N VAL DA 104 -96.66 -0.48 -73.44
CA VAL DA 104 -97.77 0.24 -74.03
C VAL DA 104 -97.86 -0.12 -75.51
N VAL DA 105 -98.97 0.27 -76.14
CA VAL DA 105 -99.14 0.12 -77.58
C VAL DA 105 -99.60 1.46 -78.13
N ILE DA 106 -99.00 1.87 -79.24
CA ILE DA 106 -99.30 3.18 -79.82
C ILE DA 106 -100.54 3.07 -80.68
N THR DA 107 -101.51 3.96 -80.44
CA THR DA 107 -102.74 4.00 -81.22
C THR DA 107 -102.71 4.99 -82.36
N ARG DA 108 -102.09 6.16 -82.18
CA ARG DA 108 -102.01 7.16 -83.23
C ARG DA 108 -100.66 7.85 -83.16
N LEU DA 109 -99.89 7.75 -84.24
CA LEU DA 109 -98.55 8.31 -84.28
C LEU DA 109 -98.60 9.81 -84.54
N LYS DA 110 -97.88 10.56 -83.70
CA LYS DA 110 -97.66 11.98 -83.97
C LYS DA 110 -96.76 12.08 -85.20
N LEU DA 111 -97.29 12.61 -86.29
CA LEU DA 111 -96.67 12.48 -87.59
C LEU DA 111 -96.10 13.80 -88.06
N ASP DA 112 -94.92 13.73 -88.67
CA ASP DA 112 -94.31 14.85 -89.39
C ASP DA 112 -93.48 14.27 -90.52
N LYS DA 113 -92.60 15.08 -91.10
CA LYS DA 113 -91.74 14.57 -92.16
C LYS DA 113 -90.79 13.50 -91.65
N ASP DA 114 -90.22 13.67 -90.46
CA ASP DA 114 -89.24 12.72 -89.95
C ASP DA 114 -89.87 11.38 -89.63
N ARG DA 115 -91.00 11.39 -88.89
CA ARG DA 115 -91.63 10.14 -88.53
C ARG DA 115 -92.09 9.38 -89.76
N LYS DA 116 -92.66 10.09 -90.73
CA LYS DA 116 -93.04 9.46 -91.99
C LYS DA 116 -91.82 8.82 -92.64
N LYS DA 117 -90.76 9.61 -92.87
CA LYS DA 117 -89.57 9.13 -93.55
C LYS DA 117 -89.01 7.87 -92.90
N ILE DA 118 -88.97 7.85 -91.56
CA ILE DA 118 -88.57 6.64 -90.86
C ILE DA 118 -89.54 5.50 -91.15
N LEU DA 119 -90.84 5.79 -91.21
CA LEU DA 119 -91.81 4.73 -91.48
C LEU DA 119 -91.60 4.12 -92.86
N GLU DA 120 -91.38 4.94 -93.88
CA GLU DA 120 -91.16 4.34 -95.20
C GLU DA 120 -89.82 3.62 -95.26
N ARG DA 121 -88.80 4.10 -94.54
CA ARG DA 121 -87.55 3.35 -94.49
C ARG DA 121 -87.75 1.97 -93.89
N LYS DA 122 -88.46 1.90 -92.77
CA LYS DA 122 -88.72 0.61 -92.13
C LYS DA 122 -89.58 -0.29 -93.02
N ALA DA 123 -90.57 0.30 -93.69
CA ALA DA 123 -91.43 -0.48 -94.57
C ALA DA 123 -90.64 -1.04 -95.75
N LYS DA 124 -89.76 -0.24 -96.33
CA LYS DA 124 -88.92 -0.73 -97.42
C LYS DA 124 -88.01 -1.85 -96.95
N SER DA 125 -87.40 -1.69 -95.77
CA SER DA 125 -86.53 -2.75 -95.26
C SER DA 125 -87.30 -4.05 -95.04
N ARG DA 126 -88.49 -3.96 -94.44
CA ARG DA 126 -89.29 -5.16 -94.20
C ARG DA 126 -89.73 -5.80 -95.51
N GLN DA 127 -90.14 -4.98 -96.49
CA GLN DA 127 -90.57 -5.52 -97.77
C GLN DA 127 -89.43 -6.22 -98.49
N VAL DA 128 -88.24 -5.62 -98.48
CA VAL DA 128 -87.09 -6.23 -99.13
C VAL DA 128 -86.70 -7.53 -98.43
N GLY DA 129 -86.74 -7.54 -97.10
CA GLY DA 129 -86.48 -8.77 -96.36
C GLY DA 129 -87.47 -9.86 -96.69
N LYS DA 130 -88.73 -9.50 -96.86
CA LYS DA 130 -89.72 -10.49 -97.30
C LYS DA 130 -89.41 -11.00 -98.70
N GLU DA 131 -89.01 -10.10 -99.60
CA GLU DA 131 -88.71 -10.51 -100.96
C GLU DA 131 -87.52 -11.46 -101.02
N LYS DA 132 -86.47 -11.20 -100.24
CA LYS DA 132 -85.32 -12.10 -100.24
C LYS DA 132 -85.69 -13.46 -99.67
N GLY DA 133 -86.52 -13.47 -98.64
CA GLY DA 133 -86.92 -14.69 -97.96
C GLY DA 133 -88.08 -15.43 -98.58
N LYS DA 134 -88.59 -14.98 -99.73
CA LYS DA 134 -89.70 -15.66 -100.37
C LYS DA 134 -89.25 -16.99 -100.97
N GLY EA 1 16.16 91.86 -43.98
CA GLY EA 1 15.33 93.05 -43.85
C GLY EA 1 13.90 92.80 -44.26
N LYS EA 2 13.06 93.84 -44.14
CA LYS EA 2 11.67 93.71 -44.53
C LYS EA 2 11.54 93.52 -46.03
N PHE EA 3 10.80 92.47 -46.42
CA PHE EA 3 10.61 92.15 -47.83
C PHE EA 3 9.19 92.31 -48.32
N MET EA 4 8.23 92.55 -47.43
CA MET EA 4 6.85 92.77 -47.86
C MET EA 4 6.72 94.15 -48.49
N LYS EA 5 7.22 94.29 -49.71
CA LYS EA 5 7.23 95.54 -50.44
C LYS EA 5 6.25 95.45 -51.59
N PRO EA 6 5.72 96.59 -52.05
CA PRO EA 6 4.85 96.56 -53.23
C PRO EA 6 5.57 96.00 -54.44
N GLY EA 7 4.84 95.22 -55.24
CA GLY EA 7 5.40 94.54 -56.38
C GLY EA 7 5.87 93.13 -56.11
N LYS EA 8 5.78 92.65 -54.87
CA LYS EA 8 6.22 91.31 -54.54
C LYS EA 8 5.08 90.30 -54.72
N VAL EA 9 5.40 89.16 -55.33
CA VAL EA 9 4.41 88.13 -55.60
C VAL EA 9 4.14 87.34 -54.32
N VAL EA 10 2.86 87.20 -53.96
CA VAL EA 10 2.46 86.48 -52.76
C VAL EA 10 1.39 85.47 -53.13
N LEU EA 11 1.19 84.52 -52.22
CA LEU EA 11 0.19 83.47 -52.38
C LEU EA 11 -0.88 83.60 -51.31
N VAL EA 12 -2.13 83.66 -51.73
CA VAL EA 12 -3.25 83.71 -50.80
C VAL EA 12 -3.47 82.31 -50.22
N LEU EA 13 -3.53 82.22 -48.90
CA LEU EA 13 -3.61 80.93 -48.23
C LEU EA 13 -5.02 80.56 -47.79
N ALA EA 14 -5.84 81.54 -47.40
CA ALA EA 14 -7.17 81.26 -46.90
C ALA EA 14 -8.17 82.17 -47.62
N GLY EA 15 -9.44 81.78 -47.55
CA GLY EA 15 -10.50 82.55 -48.16
C GLY EA 15 -10.95 81.98 -49.48
N ARG EA 16 -11.82 82.75 -50.15
CA ARG EA 16 -12.37 82.33 -51.43
C ARG EA 16 -11.29 82.25 -52.51
N TYR EA 17 -10.26 83.08 -52.43
CA TYR EA 17 -9.18 83.09 -53.42
C TYR EA 17 -7.98 82.29 -52.95
N SER EA 18 -8.22 81.18 -52.24
CA SER EA 18 -7.14 80.35 -51.73
C SER EA 18 -6.32 79.77 -52.86
N GLY EA 19 -5.00 79.84 -52.72
CA GLY EA 19 -4.09 79.30 -53.70
C GLY EA 19 -3.84 80.18 -54.91
N ARG EA 20 -4.50 81.33 -55.00
CA ARG EA 20 -4.31 82.21 -56.14
C ARG EA 20 -3.07 83.06 -55.96
N LYS EA 21 -2.25 83.12 -57.00
CA LYS EA 21 -1.08 83.99 -56.98
C LYS EA 21 -1.52 85.44 -56.99
N ALA EA 22 -0.80 86.28 -56.26
CA ALA EA 22 -1.19 87.67 -56.08
C ALA EA 22 0.05 88.52 -55.84
N VAL EA 23 -0.11 89.82 -56.02
CA VAL EA 23 0.97 90.79 -55.88
C VAL EA 23 0.56 91.85 -54.88
N ILE EA 24 1.49 92.22 -54.00
CA ILE EA 24 1.22 93.22 -52.98
C ILE EA 24 1.20 94.60 -53.63
N VAL EA 25 0.14 95.35 -53.38
CA VAL EA 25 0.00 96.70 -53.88
C VAL EA 25 0.48 97.74 -52.86
N LYS EA 26 -0.01 97.65 -51.63
CA LYS EA 26 0.37 98.60 -50.58
C LYS EA 26 0.46 97.86 -49.27
N ASN EA 27 1.67 97.77 -48.72
CA ASN EA 27 1.89 97.12 -47.43
C ASN EA 27 1.68 98.10 -46.29
N ILE EA 28 1.03 97.62 -45.23
CA ILE EA 28 0.75 98.44 -44.05
C ILE EA 28 1.56 97.96 -42.85
N ASP EA 29 1.56 96.66 -42.60
CA ASP EA 29 2.46 95.93 -41.69
C ASP EA 29 2.56 96.51 -40.29
N ASP EA 30 1.64 97.41 -39.92
CA ASP EA 30 1.62 97.99 -38.59
C ASP EA 30 0.24 98.14 -37.98
N GLY EA 31 -0.83 98.01 -38.77
CA GLY EA 31 -2.17 98.20 -38.24
C GLY EA 31 -2.61 99.64 -38.27
N THR EA 32 -3.89 99.88 -38.55
CA THR EA 32 -4.43 101.23 -38.59
C THR EA 32 -5.58 101.41 -37.61
N SER EA 33 -5.57 100.66 -36.51
CA SER EA 33 -6.58 100.68 -35.45
C SER EA 33 -7.94 100.19 -35.93
N ASP EA 34 -8.02 99.84 -37.23
CA ASP EA 34 -9.20 99.21 -37.81
C ASP EA 34 -8.90 97.80 -38.27
N ARG EA 35 -7.68 97.55 -38.73
CA ARG EA 35 -7.13 96.22 -38.95
C ARG EA 35 -5.82 96.18 -38.19
N PRO EA 36 -5.87 95.98 -36.87
CA PRO EA 36 -4.65 96.14 -36.05
C PRO EA 36 -3.54 95.17 -36.41
N TYR EA 37 -3.85 94.06 -37.06
CA TYR EA 37 -2.83 93.13 -37.49
C TYR EA 37 -2.02 93.74 -38.64
N SER EA 38 -0.96 93.03 -39.03
CA SER EA 38 -0.15 93.46 -40.17
C SER EA 38 -0.84 93.01 -41.45
N HIS EA 39 -1.29 93.96 -42.26
CA HIS EA 39 -2.04 93.68 -43.47
C HIS EA 39 -1.41 94.42 -44.65
N ALA EA 40 -1.94 94.15 -45.85
CA ALA EA 40 -1.44 94.79 -47.05
C ALA EA 40 -2.54 94.78 -48.11
N LEU EA 41 -2.63 95.85 -48.88
CA LEU EA 41 -3.52 95.87 -50.03
C LEU EA 41 -2.98 94.95 -51.11
N VAL EA 42 -3.81 94.02 -51.56
CA VAL EA 42 -3.38 92.93 -52.43
C VAL EA 42 -4.29 92.87 -53.64
N ALA EA 43 -3.69 92.83 -54.83
CA ALA EA 43 -4.41 92.58 -56.07
C ALA EA 43 -3.95 91.25 -56.63
N GLY EA 44 -4.91 90.37 -56.91
CA GLY EA 44 -4.59 89.06 -57.42
C GLY EA 44 -5.41 88.68 -58.63
N ILE EA 45 -5.28 87.44 -59.08
CA ILE EA 45 -6.01 86.93 -60.23
C ILE EA 45 -6.82 85.72 -59.80
N ASP EA 46 -8.09 85.69 -60.21
CA ASP EA 46 -8.96 84.58 -59.83
C ASP EA 46 -8.95 83.49 -60.89
N ARG EA 47 -9.24 83.84 -62.14
CA ARG EA 47 -9.25 82.90 -63.25
C ARG EA 47 -7.97 83.08 -64.07
N TYR EA 48 -7.20 82.00 -64.17
CA TYR EA 48 -5.94 82.05 -64.89
C TYR EA 48 -6.19 81.95 -66.39
N PRO EA 49 -5.31 82.54 -67.20
CA PRO EA 49 -5.45 82.38 -68.65
C PRO EA 49 -5.27 80.93 -69.06
N ARG EA 50 -6.07 80.51 -70.04
CA ARG EA 50 -6.00 79.14 -70.52
C ARG EA 50 -4.75 78.95 -71.37
N LYS EA 51 -4.28 77.70 -71.42
CA LYS EA 51 -3.09 77.38 -72.19
C LYS EA 51 -3.37 77.57 -73.68
N VAL EA 52 -2.42 78.19 -74.38
CA VAL EA 52 -2.56 78.49 -75.80
C VAL EA 52 -1.51 77.71 -76.57
N THR EA 53 -1.91 77.13 -77.69
CA THR EA 53 -1.03 76.37 -78.56
C THR EA 53 -1.02 76.99 -79.95
N ALA EA 54 -0.04 76.57 -80.75
CA ALA EA 54 0.15 77.16 -82.07
C ALA EA 54 -1.04 76.89 -83.00
N ALA EA 55 -1.55 75.67 -83.00
CA ALA EA 55 -2.65 75.29 -83.88
C ALA EA 55 -4.00 75.57 -83.22
N MET EA 56 -4.22 76.85 -82.91
CA MET EA 56 -5.44 77.26 -82.22
C MET EA 56 -6.21 78.34 -82.96
N GLY EA 57 -5.53 79.29 -83.57
CA GLY EA 57 -6.21 80.41 -84.19
C GLY EA 57 -6.16 81.66 -83.32
N LYS EA 58 -6.21 82.81 -83.98
CA LYS EA 58 -6.03 84.08 -83.27
C LYS EA 58 -7.23 84.40 -82.38
N LYS EA 59 -8.44 84.10 -82.85
CA LYS EA 59 -9.64 84.42 -82.08
C LYS EA 59 -9.74 83.54 -80.84
N LYS EA 60 -9.44 82.25 -80.98
CA LYS EA 60 -9.43 81.35 -79.83
C LYS EA 60 -8.37 81.77 -78.82
N ILE EA 61 -7.20 82.20 -79.31
CA ILE EA 61 -6.15 82.69 -78.43
C ILE EA 61 -6.62 83.92 -77.67
N ALA EA 62 -7.28 84.84 -78.38
CA ALA EA 62 -7.79 86.05 -77.74
C ALA EA 62 -8.83 85.71 -76.67
N LYS EA 63 -9.72 84.77 -76.97
CA LYS EA 63 -10.71 84.35 -75.98
C LYS EA 63 -10.06 83.71 -74.77
N ARG EA 64 -9.05 82.86 -74.98
CA ARG EA 64 -8.44 82.14 -73.87
C ARG EA 64 -7.44 83.00 -73.10
N SER EA 65 -7.04 84.15 -73.62
CA SER EA 65 -6.09 85.02 -72.94
C SER EA 65 -6.76 85.96 -71.94
N LYS EA 66 -8.08 85.92 -71.85
CA LYS EA 66 -8.79 86.79 -70.91
C LYS EA 66 -8.50 86.35 -69.48
N ILE EA 67 -8.34 87.33 -68.59
CA ILE EA 67 -7.92 87.10 -67.22
C ILE EA 67 -8.90 87.78 -66.27
N LYS EA 68 -9.39 87.03 -65.30
CA LYS EA 68 -10.25 87.58 -64.25
C LYS EA 68 -9.41 87.84 -63.01
N SER EA 69 -9.44 89.08 -62.51
CA SER EA 69 -8.62 89.51 -61.40
C SER EA 69 -9.49 89.86 -60.20
N PHE EA 70 -8.81 90.21 -59.10
CA PHE EA 70 -9.49 90.62 -57.87
C PHE EA 70 -8.54 91.48 -57.06
N VAL EA 71 -9.11 92.22 -56.12
CA VAL EA 71 -8.35 93.04 -55.18
C VAL EA 71 -8.90 92.79 -53.77
N LYS EA 72 -8.00 92.71 -52.80
CA LYS EA 72 -8.37 92.40 -51.42
C LYS EA 72 -7.36 93.05 -50.47
N VAL EA 73 -7.71 93.04 -49.20
CA VAL EA 73 -6.77 93.33 -48.11
C VAL EA 73 -6.67 92.09 -47.25
N TYR EA 74 -5.46 91.57 -47.09
CA TYR EA 74 -5.24 90.28 -46.44
C TYR EA 74 -4.32 90.45 -45.24
N ASN EA 75 -4.63 89.74 -44.16
CA ASN EA 75 -3.72 89.68 -43.04
C ASN EA 75 -2.45 88.94 -43.45
N TYR EA 76 -1.33 89.30 -42.83
CA TYR EA 76 -0.04 88.75 -43.25
C TYR EA 76 0.03 87.25 -43.00
N ASN EA 77 -0.56 86.77 -41.90
CA ASN EA 77 -0.52 85.35 -41.59
C ASN EA 77 -1.29 84.50 -42.60
N HIS EA 78 -2.12 85.11 -43.44
CA HIS EA 78 -2.79 84.42 -44.53
C HIS EA 78 -2.07 84.63 -45.86
N LEU EA 79 -0.88 85.22 -45.84
CA LEU EA 79 -0.14 85.54 -47.05
C LEU EA 79 1.18 84.79 -47.05
N MET EA 80 1.56 84.26 -48.22
CA MET EA 80 2.82 83.56 -48.38
C MET EA 80 3.70 84.32 -49.37
N PRO EA 81 4.67 85.10 -48.91
CA PRO EA 81 5.54 85.83 -49.83
C PRO EA 81 6.45 84.91 -50.60
N THR EA 82 6.80 85.32 -51.81
CA THR EA 82 7.67 84.57 -52.70
C THR EA 82 8.86 85.42 -53.10
N ARG EA 83 9.91 84.75 -53.58
CA ARG EA 83 11.08 85.44 -54.08
C ARG EA 83 10.85 86.15 -55.41
N TYR EA 84 9.75 85.84 -56.10
CA TYR EA 84 9.45 86.51 -57.35
C TYR EA 84 8.77 87.86 -57.10
N SER EA 85 8.90 88.74 -58.08
CA SER EA 85 8.31 90.07 -58.00
C SER EA 85 8.01 90.55 -59.40
N VAL EA 86 6.92 91.30 -59.55
CA VAL EA 86 6.48 91.82 -60.85
C VAL EA 86 6.39 93.34 -60.75
N ASP EA 87 6.90 94.02 -61.77
CA ASP EA 87 6.92 95.49 -61.81
C ASP EA 87 5.73 96.04 -62.58
N ILE EA 88 4.52 95.65 -62.23
CA ILE EA 88 3.34 96.11 -62.94
C ILE EA 88 2.92 97.46 -62.37
N PRO EA 89 2.84 98.50 -63.20
CA PRO EA 89 2.52 99.86 -62.72
C PRO EA 89 1.02 100.09 -62.51
N LEU EA 90 0.50 99.46 -61.46
CA LEU EA 90 -0.89 99.68 -61.07
C LEU EA 90 -1.05 101.09 -60.50
N ASP EA 91 -2.17 101.73 -60.81
CA ASP EA 91 -2.39 103.09 -60.37
C ASP EA 91 -2.90 103.09 -58.93
N LYS EA 92 -2.22 103.84 -58.06
CA LYS EA 92 -2.61 103.87 -56.65
C LYS EA 92 -3.88 104.68 -56.43
N THR EA 93 -4.14 105.68 -57.26
CA THR EA 93 -5.40 106.40 -57.15
C THR EA 93 -6.59 105.51 -57.41
N VAL EA 94 -6.49 104.61 -58.39
CA VAL EA 94 -7.55 103.64 -58.67
C VAL EA 94 -7.51 102.49 -57.67
N VAL EA 95 -6.32 102.00 -57.35
CA VAL EA 95 -6.16 100.88 -56.41
C VAL EA 95 -5.63 101.47 -55.11
N ASN EA 96 -6.55 101.80 -54.21
CA ASN EA 96 -6.22 102.32 -52.89
C ASN EA 96 -7.02 101.55 -51.85
N LYS EA 97 -6.88 101.95 -50.58
CA LYS EA 97 -7.50 101.18 -49.51
C LYS EA 97 -8.99 101.48 -49.37
N ASP EA 98 -9.41 102.73 -49.55
CA ASP EA 98 -10.80 103.11 -49.33
C ASP EA 98 -11.72 102.70 -50.47
N VAL EA 99 -11.25 101.86 -51.40
CA VAL EA 99 -12.08 101.41 -52.50
C VAL EA 99 -13.16 100.44 -52.04
N PHE EA 100 -12.94 99.74 -50.92
CA PHE EA 100 -13.82 98.68 -50.48
C PHE EA 100 -15.19 99.15 -50.02
N ARG EA 101 -15.38 100.45 -49.81
CA ARG EA 101 -16.67 100.95 -49.39
C ARG EA 101 -17.62 101.22 -50.55
N ASP EA 102 -17.15 101.13 -51.79
CA ASP EA 102 -18.02 101.38 -52.94
C ASP EA 102 -17.81 100.30 -53.99
N PRO EA 103 -18.84 99.52 -54.30
CA PRO EA 103 -18.71 98.49 -55.35
C PRO EA 103 -18.36 99.04 -56.72
N ALA EA 104 -18.78 100.27 -57.03
CA ALA EA 104 -18.45 100.85 -58.34
C ALA EA 104 -16.94 101.08 -58.47
N LEU EA 105 -16.35 101.73 -57.47
CA LEU EA 105 -14.90 101.91 -57.46
C LEU EA 105 -14.18 100.56 -57.42
N LYS EA 106 -14.77 99.57 -56.75
CA LYS EA 106 -14.17 98.25 -56.72
C LYS EA 106 -14.15 97.61 -58.10
N ARG EA 107 -15.25 97.75 -58.86
CA ARG EA 107 -15.26 97.27 -60.24
C ARG EA 107 -14.24 98.03 -61.09
N LYS EA 108 -14.14 99.34 -60.88
CA LYS EA 108 -13.16 100.13 -61.63
C LYS EA 108 -11.74 99.66 -61.35
N ALA EA 109 -11.42 99.43 -60.08
CA ALA EA 109 -10.09 98.97 -59.70
C ALA EA 109 -9.81 97.57 -60.23
N ARG EA 110 -10.82 96.69 -60.18
CA ARG EA 110 -10.64 95.33 -60.69
C ARG EA 110 -10.45 95.32 -62.20
N ARG EA 111 -11.17 96.18 -62.92
CA ARG EA 111 -10.94 96.31 -64.36
C ARG EA 111 -9.55 96.85 -64.66
N GLU EA 112 -9.09 97.82 -63.87
CA GLU EA 112 -7.74 98.35 -64.06
C GLU EA 112 -6.69 97.25 -63.84
N ALA EA 113 -6.84 96.48 -62.77
CA ALA EA 113 -5.93 95.37 -62.52
C ALA EA 113 -6.00 94.35 -63.65
N LYS EA 114 -7.20 94.09 -64.15
CA LYS EA 114 -7.38 93.13 -65.22
C LYS EA 114 -6.66 93.58 -66.49
N VAL EA 115 -6.78 94.85 -66.87
CA VAL EA 115 -6.17 95.29 -68.11
C VAL EA 115 -4.65 95.33 -67.97
N LYS EA 116 -4.14 95.76 -66.81
CA LYS EA 116 -2.70 95.73 -66.60
C LYS EA 116 -2.16 94.30 -66.64
N PHE EA 117 -2.89 93.36 -66.01
CA PHE EA 117 -2.46 91.98 -66.02
C PHE EA 117 -2.49 91.39 -67.42
N GLU EA 118 -3.50 91.77 -68.22
CA GLU EA 118 -3.57 91.26 -69.58
C GLU EA 118 -2.47 91.82 -70.46
N GLU EA 119 -2.12 93.10 -70.29
CA GLU EA 119 -1.03 93.62 -71.11
C GLU EA 119 0.32 93.04 -70.67
N ARG EA 120 0.48 92.75 -69.38
CA ARG EA 120 1.72 92.13 -68.93
C ARG EA 120 1.82 90.67 -69.33
N TYR EA 121 0.69 89.95 -69.36
CA TYR EA 121 0.73 88.54 -69.70
C TYR EA 121 1.14 88.33 -71.14
N LYS EA 122 0.82 89.29 -72.01
CA LYS EA 122 1.33 89.25 -73.35
C LYS EA 122 2.83 89.51 -73.36
N THR EA 123 3.47 89.21 -74.49
CA THR EA 123 4.91 89.21 -74.68
C THR EA 123 5.63 88.21 -73.77
N GLY EA 124 4.89 87.30 -73.14
CA GLY EA 124 5.47 86.18 -72.42
C GLY EA 124 6.39 86.55 -71.27
N LYS EA 125 6.01 87.55 -70.49
CA LYS EA 125 6.80 87.97 -69.34
C LYS EA 125 6.09 87.60 -68.05
N ASN EA 126 6.89 87.46 -66.98
CA ASN EA 126 6.39 87.03 -65.67
C ASN EA 126 5.63 85.72 -65.79
N LYS EA 127 6.28 84.73 -66.41
CA LYS EA 127 5.60 83.51 -66.85
C LYS EA 127 5.12 82.68 -65.67
N TRP EA 128 5.90 82.60 -64.60
CA TRP EA 128 5.47 81.82 -63.45
C TRP EA 128 4.30 82.46 -62.73
N PHE EA 129 4.20 83.80 -62.80
CA PHE EA 129 3.11 84.48 -62.13
C PHE EA 129 1.75 84.09 -62.69
N PHE EA 130 1.65 83.94 -64.00
CA PHE EA 130 0.37 83.73 -64.67
C PHE EA 130 -0.01 82.26 -64.76
N GLN EA 131 0.84 81.36 -64.31
CA GLN EA 131 0.52 79.93 -64.30
C GLN EA 131 -0.24 79.59 -63.03
N LYS EA 132 -1.26 78.74 -63.17
CA LYS EA 132 -2.01 78.30 -62.00
C LYS EA 132 -1.18 77.29 -61.22
N LEU EA 133 -1.07 77.51 -59.91
CA LEU EA 133 -0.32 76.59 -59.07
C LEU EA 133 -1.08 75.28 -58.92
N ARG EA 134 -0.38 74.17 -59.17
CA ARG EA 134 -0.95 72.84 -59.09
C ARG EA 134 -0.69 72.28 -57.70
N PHE EA 135 -1.75 71.88 -57.01
CA PHE EA 135 -1.61 71.31 -55.68
C PHE EA 135 -2.80 70.42 -55.34
N PRO FA 1 -56.91 -34.05 -58.55
CA PRO FA 1 -58.06 -34.15 -57.65
C PRO FA 1 -57.65 -34.00 -56.20
N SER FA 2 -57.96 -32.84 -55.62
CA SER FA 2 -57.60 -32.56 -54.23
C SER FA 2 -58.32 -33.46 -53.25
N ARG FA 3 -59.52 -33.93 -53.58
CA ARG FA 3 -60.31 -34.73 -52.66
C ARG FA 3 -59.74 -36.13 -52.43
N LEU FA 4 -58.74 -36.53 -53.21
CA LEU FA 4 -58.15 -37.86 -53.09
C LEU FA 4 -56.81 -37.84 -52.36
N ARG FA 5 -56.53 -36.79 -51.60
CA ARG FA 5 -55.23 -36.61 -50.97
C ARG FA 5 -55.34 -36.64 -49.46
N LYS FA 6 -54.18 -36.79 -48.82
CA LYS FA 6 -54.15 -37.01 -47.37
C LYS FA 6 -54.63 -35.79 -46.59
N THR FA 7 -54.48 -34.60 -47.16
CA THR FA 7 -54.83 -33.38 -46.43
C THR FA 7 -56.30 -33.34 -46.09
N ARG FA 8 -57.17 -33.87 -46.96
CA ARG FA 8 -58.59 -33.90 -46.67
C ARG FA 8 -58.91 -34.85 -45.52
N LYS FA 9 -58.03 -35.80 -45.21
CA LYS FA 9 -58.21 -36.68 -44.08
C LYS FA 9 -57.49 -36.20 -42.82
N LEU FA 10 -56.47 -35.36 -42.97
CA LEU FA 10 -55.65 -34.94 -41.84
C LEU FA 10 -56.25 -33.75 -41.08
N ARG FA 11 -57.35 -33.18 -41.57
CA ARG FA 11 -58.01 -32.09 -40.88
C ARG FA 11 -58.53 -32.60 -39.54
N GLY FA 12 -58.34 -31.81 -38.49
CA GLY FA 12 -58.66 -32.21 -37.13
C GLY FA 12 -57.49 -32.79 -36.37
N HIS FA 13 -56.43 -33.19 -37.05
CA HIS FA 13 -55.20 -33.65 -36.42
C HIS FA 13 -54.19 -32.50 -36.44
N VAL FA 14 -53.73 -32.11 -35.25
CA VAL FA 14 -53.01 -30.85 -35.12
C VAL FA 14 -51.67 -30.89 -35.83
N SER FA 15 -50.98 -32.03 -35.80
CA SER FA 15 -49.64 -32.08 -36.35
C SER FA 15 -49.61 -32.40 -37.84
N HIS FA 16 -50.76 -32.62 -38.46
CA HIS FA 16 -50.87 -32.78 -39.92
C HIS FA 16 -50.07 -33.96 -40.43
N GLY FA 17 -49.92 -34.98 -39.59
CA GLY FA 17 -49.14 -36.15 -39.98
C GLY FA 17 -47.65 -35.97 -39.92
N HIS FA 18 -47.16 -34.84 -39.39
CA HIS FA 18 -45.73 -34.59 -39.27
C HIS FA 18 -45.23 -34.73 -37.84
N GLY FA 19 -46.06 -35.19 -36.92
CA GLY FA 19 -45.56 -35.48 -35.58
C GLY FA 19 -45.60 -34.27 -34.67
N ARG FA 20 -45.69 -34.55 -33.37
CA ARG FA 20 -45.72 -33.50 -32.36
C ARG FA 20 -44.33 -33.12 -31.89
N ILE FA 21 -43.39 -34.07 -31.87
CA ILE FA 21 -42.09 -33.81 -31.26
C ILE FA 21 -41.14 -33.15 -32.27
N GLY FA 22 -40.84 -33.85 -33.37
CA GLY FA 22 -39.91 -33.31 -34.35
C GLY FA 22 -40.48 -32.20 -35.21
N LYS FA 23 -41.81 -32.13 -35.32
CA LYS FA 23 -42.50 -31.09 -36.08
C LYS FA 23 -42.11 -31.10 -37.55
N HIS FA 24 -42.52 -30.07 -38.28
CA HIS FA 24 -42.18 -29.91 -39.69
C HIS FA 24 -41.55 -28.53 -39.86
N ARG FA 25 -40.22 -28.48 -39.81
CA ARG FA 25 -39.50 -27.23 -39.92
C ARG FA 25 -39.11 -26.96 -41.38
N LYS FA 26 -38.44 -25.82 -41.58
CA LYS FA 26 -38.14 -25.34 -42.92
C LYS FA 26 -37.23 -26.29 -43.69
N HIS FA 27 -36.00 -26.44 -43.21
CA HIS FA 27 -35.02 -27.29 -43.88
C HIS FA 27 -34.02 -27.80 -42.85
N PRO FA 28 -34.36 -28.88 -42.15
CA PRO FA 28 -33.39 -29.51 -41.25
C PRO FA 28 -32.38 -30.33 -42.04
N GLY FA 29 -31.10 -30.18 -41.70
CA GLY FA 29 -30.04 -30.97 -42.29
C GLY FA 29 -29.45 -30.41 -43.55
N GLY FA 30 -30.05 -29.37 -44.12
CA GLY FA 30 -29.51 -28.73 -45.31
C GLY FA 30 -30.52 -28.72 -46.45
N ARG FA 31 -30.13 -28.01 -47.50
CA ARG FA 31 -30.96 -27.81 -48.68
C ARG FA 31 -30.31 -28.48 -49.89
N GLY FA 32 -31.09 -29.28 -50.61
CA GLY FA 32 -30.54 -29.98 -51.75
C GLY FA 32 -29.62 -31.11 -51.32
N ASN FA 33 -28.50 -31.24 -52.00
CA ASN FA 33 -27.51 -32.27 -51.66
C ASN FA 33 -26.49 -31.74 -50.65
N ALA FA 34 -26.99 -31.18 -49.56
CA ALA FA 34 -26.12 -30.54 -48.58
C ALA FA 34 -25.47 -31.58 -47.69
N GLY FA 35 -24.17 -31.41 -47.45
CA GLY FA 35 -23.44 -32.30 -46.57
C GLY FA 35 -23.41 -33.73 -47.05
N GLY FA 36 -23.26 -33.94 -48.35
CA GLY FA 36 -23.11 -35.28 -48.87
C GLY FA 36 -21.88 -36.00 -48.39
N LEU FA 37 -20.90 -35.27 -47.85
CA LEU FA 37 -19.69 -35.86 -47.33
C LEU FA 37 -19.59 -35.77 -45.80
N HIS FA 38 -20.47 -35.01 -45.14
CA HIS FA 38 -20.31 -34.76 -43.72
C HIS FA 38 -21.40 -35.39 -42.88
N HIS FA 39 -22.66 -35.07 -43.11
CA HIS FA 39 -23.73 -35.61 -42.28
C HIS FA 39 -24.75 -36.41 -43.08
N HIS FA 40 -24.64 -36.44 -44.40
CA HIS FA 40 -25.39 -37.35 -45.24
C HIS FA 40 -24.45 -38.31 -45.95
N ARG FA 41 -23.25 -38.48 -45.40
CA ARG FA 41 -22.25 -39.34 -46.02
C ARG FA 41 -22.71 -40.78 -46.10
N ILE FA 42 -23.42 -41.26 -45.08
CA ILE FA 42 -23.84 -42.66 -45.04
C ILE FA 42 -24.84 -42.95 -46.17
N ASN FA 43 -25.80 -42.05 -46.39
CA ASN FA 43 -26.76 -42.27 -47.46
C ASN FA 43 -26.10 -42.28 -48.83
N PHE FA 44 -25.22 -41.31 -49.08
CA PHE FA 44 -24.57 -41.23 -50.38
C PHE FA 44 -23.64 -42.41 -50.61
N ASP FA 45 -22.96 -42.85 -49.56
CA ASP FA 45 -22.10 -44.03 -49.67
C ASP FA 45 -22.92 -45.29 -49.90
N LYS FA 46 -24.09 -45.36 -49.29
CA LYS FA 46 -24.91 -46.56 -49.38
C LYS FA 46 -25.59 -46.67 -50.74
N TYR FA 47 -26.07 -45.55 -51.29
CA TYR FA 47 -26.92 -45.61 -52.47
C TYR FA 47 -26.29 -45.02 -53.73
N HIS FA 48 -25.21 -44.25 -53.62
CA HIS FA 48 -24.56 -43.66 -54.78
C HIS FA 48 -23.05 -43.79 -54.67
N PRO FA 49 -22.52 -44.99 -54.89
CA PRO FA 49 -21.06 -45.14 -54.94
C PRO FA 49 -20.47 -44.42 -56.14
N GLY FA 50 -19.26 -43.90 -55.97
CA GLY FA 50 -18.57 -43.23 -57.04
C GLY FA 50 -18.94 -41.79 -57.26
N TYR FA 51 -19.74 -41.20 -56.38
CA TYR FA 51 -20.27 -39.86 -56.62
C TYR FA 51 -19.18 -38.78 -56.58
N PHE FA 52 -18.14 -38.98 -55.78
CA PHE FA 52 -17.15 -37.95 -55.54
C PHE FA 52 -15.84 -38.28 -56.25
N GLY FA 53 -15.30 -37.31 -56.99
CA GLY FA 53 -13.99 -37.44 -57.59
C GLY FA 53 -14.05 -37.47 -59.10
N LYS FA 54 -12.87 -37.51 -59.70
CA LYS FA 54 -12.71 -37.54 -61.14
C LYS FA 54 -12.06 -38.84 -61.59
N VAL FA 55 -12.57 -39.40 -62.68
CA VAL FA 55 -11.99 -40.57 -63.33
C VAL FA 55 -11.95 -40.32 -64.83
N GLY FA 56 -10.80 -40.54 -65.43
CA GLY FA 56 -10.70 -40.55 -66.87
C GLY FA 56 -10.32 -39.22 -67.48
N MET FA 57 -10.33 -39.21 -68.81
CA MET FA 57 -9.92 -38.06 -69.60
C MET FA 57 -11.13 -37.20 -69.92
N LYS FA 58 -10.97 -35.89 -69.82
CA LYS FA 58 -12.01 -34.99 -70.28
C LYS FA 58 -11.76 -34.60 -71.74
N HIS FA 59 -12.86 -34.42 -72.47
CA HIS FA 59 -12.79 -34.19 -73.91
C HIS FA 59 -13.69 -33.00 -74.24
N TYR FA 60 -13.08 -31.86 -74.57
CA TYR FA 60 -13.86 -30.68 -74.92
C TYR FA 60 -14.46 -30.83 -76.32
N HIS FA 61 -15.61 -30.16 -76.52
CA HIS FA 61 -16.30 -30.10 -77.80
C HIS FA 61 -16.63 -31.50 -78.32
N LEU FA 62 -17.29 -32.28 -77.46
CA LEU FA 62 -17.68 -33.63 -77.85
C LEU FA 62 -18.93 -33.57 -78.72
N LYS FA 63 -18.81 -34.08 -79.94
CA LYS FA 63 -19.93 -34.10 -80.89
C LYS FA 63 -20.48 -35.53 -80.91
N ARG FA 64 -21.74 -35.68 -80.51
CA ARG FA 64 -22.33 -37.00 -80.41
C ARG FA 64 -22.51 -37.65 -81.78
N ASN FA 65 -22.66 -36.85 -82.83
CA ASN FA 65 -22.83 -37.41 -84.17
C ASN FA 65 -21.57 -38.10 -84.65
N GLN FA 66 -20.40 -37.70 -84.13
CA GLN FA 66 -19.17 -38.39 -84.50
C GLN FA 66 -19.19 -39.85 -84.06
N SER FA 67 -19.66 -40.09 -82.82
CA SER FA 67 -19.73 -41.43 -82.28
C SER FA 67 -21.05 -42.12 -82.59
N PHE FA 68 -21.83 -41.58 -83.53
CA PHE FA 68 -23.11 -42.17 -83.91
C PHE FA 68 -22.85 -43.46 -84.66
N CYS FA 69 -23.21 -44.58 -84.04
CA CYS FA 69 -23.06 -45.90 -84.67
C CYS FA 69 -24.05 -46.86 -84.02
N PRO FA 70 -25.32 -46.79 -84.41
CA PRO FA 70 -26.30 -47.73 -83.87
C PRO FA 70 -26.00 -49.15 -84.29
N THR FA 71 -26.34 -50.08 -83.41
CA THR FA 71 -26.02 -51.49 -83.59
C THR FA 71 -27.28 -52.33 -83.70
N VAL FA 72 -27.18 -53.41 -84.45
CA VAL FA 72 -28.29 -54.34 -84.64
C VAL FA 72 -27.77 -55.76 -84.47
N ASN FA 73 -28.56 -56.60 -83.83
CA ASN FA 73 -28.15 -57.98 -83.56
C ASN FA 73 -28.58 -58.90 -84.71
N LEU FA 74 -27.97 -60.07 -84.74
CA LEU FA 74 -28.22 -61.03 -85.82
C LEU FA 74 -29.64 -61.55 -85.80
N ASP FA 75 -30.24 -61.71 -84.62
CA ASP FA 75 -31.59 -62.25 -84.55
C ASP FA 75 -32.61 -61.32 -85.20
N LYS FA 76 -32.49 -60.02 -84.99
CA LYS FA 76 -33.42 -59.04 -85.54
C LYS FA 76 -33.11 -58.69 -86.99
N LEU FA 77 -32.06 -59.28 -87.56
CA LEU FA 77 -31.63 -58.90 -88.90
C LEU FA 77 -32.69 -59.20 -89.95
N TRP FA 78 -33.32 -60.37 -89.86
CA TRP FA 78 -34.29 -60.75 -90.89
C TRP FA 78 -35.59 -59.99 -90.79
N THR FA 79 -35.84 -59.28 -89.69
CA THR FA 79 -37.03 -58.46 -89.57
C THR FA 79 -36.89 -57.12 -90.26
N LEU FA 80 -35.68 -56.76 -90.72
CA LEU FA 80 -35.47 -55.51 -91.42
C LEU FA 80 -36.01 -55.53 -92.84
N VAL FA 81 -36.19 -56.71 -93.43
CA VAL FA 81 -36.72 -56.84 -94.78
C VAL FA 81 -38.10 -57.45 -94.70
N SER FA 82 -38.76 -57.51 -95.86
CA SER FA 82 -40.11 -58.05 -95.92
C SER FA 82 -40.11 -59.54 -95.67
N GLU FA 83 -41.23 -60.03 -95.14
CA GLU FA 83 -41.46 -61.47 -95.08
C GLU FA 83 -41.41 -62.09 -96.47
N GLN FA 84 -41.83 -61.34 -97.49
CA GLN FA 84 -41.77 -61.80 -98.87
C GLN FA 84 -40.35 -62.14 -99.28
N THR FA 85 -39.38 -61.29 -98.93
CA THR FA 85 -37.99 -61.57 -99.28
C THR FA 85 -37.52 -62.88 -98.65
N ARG FA 86 -37.84 -63.09 -97.37
CA ARG FA 86 -37.36 -64.29 -96.70
C ARG FA 86 -38.01 -65.54 -97.26
N VAL FA 87 -39.32 -65.51 -97.50
CA VAL FA 87 -39.99 -66.69 -98.02
C VAL FA 87 -39.55 -66.97 -99.45
N ASN FA 88 -39.27 -65.92 -100.23
CA ASN FA 88 -38.75 -66.10 -101.58
C ASN FA 88 -37.38 -66.75 -101.55
N ALA FA 89 -36.51 -66.29 -100.65
CA ALA FA 89 -35.17 -66.85 -100.58
C ALA FA 89 -35.19 -68.28 -100.05
N ALA FA 90 -36.10 -68.57 -99.12
CA ALA FA 90 -36.12 -69.89 -98.50
C ALA FA 90 -36.53 -70.97 -99.50
N LYS FA 91 -37.53 -70.70 -100.32
CA LYS FA 91 -38.00 -71.66 -101.31
C LYS FA 91 -37.28 -71.52 -102.64
N ASN FA 92 -36.30 -70.62 -102.74
CA ASN FA 92 -35.60 -70.42 -103.99
C ASN FA 92 -34.76 -71.64 -104.33
N LYS FA 93 -35.02 -72.23 -105.50
CA LYS FA 93 -34.25 -73.39 -105.94
C LYS FA 93 -32.80 -73.02 -106.22
N THR FA 94 -32.57 -71.87 -106.84
CA THR FA 94 -31.21 -71.45 -107.17
C THR FA 94 -30.50 -70.99 -105.90
N GLY FA 95 -29.19 -70.77 -106.04
CA GLY FA 95 -28.38 -70.33 -104.92
C GLY FA 95 -28.37 -68.83 -104.74
N ALA FA 96 -29.39 -68.16 -105.26
CA ALA FA 96 -29.49 -66.72 -105.12
C ALA FA 96 -29.72 -66.34 -103.67
N ALA FA 97 -28.97 -65.33 -103.20
CA ALA FA 97 -29.09 -64.89 -101.83
C ALA FA 97 -29.56 -63.45 -101.77
N PRO FA 98 -30.45 -63.12 -100.84
CA PRO FA 98 -30.92 -61.73 -100.73
C PRO FA 98 -29.85 -60.83 -100.13
N ILE FA 99 -30.10 -59.54 -100.23
CA ILE FA 99 -29.19 -58.52 -99.72
C ILE FA 99 -29.92 -57.67 -98.69
N ILE FA 100 -29.34 -57.56 -97.50
CA ILE FA 100 -29.91 -56.78 -96.42
C ILE FA 100 -29.01 -55.59 -96.14
N ASP FA 101 -29.53 -54.40 -96.35
CA ASP FA 101 -28.79 -53.15 -96.10
C ASP FA 101 -29.28 -52.57 -94.78
N VAL FA 102 -28.51 -52.83 -93.71
CA VAL FA 102 -28.85 -52.25 -92.42
C VAL FA 102 -28.66 -50.74 -92.42
N VAL FA 103 -27.82 -50.22 -93.31
CA VAL FA 103 -27.63 -48.77 -93.40
C VAL FA 103 -28.89 -48.11 -93.95
N ARG FA 104 -29.53 -48.76 -94.93
CA ARG FA 104 -30.82 -48.27 -95.42
C ARG FA 104 -31.86 -48.24 -94.32
N SER FA 105 -31.89 -49.28 -93.49
CA SER FA 105 -32.79 -49.31 -92.35
C SER FA 105 -32.29 -48.50 -91.17
N GLY FA 106 -31.07 -47.98 -91.23
CA GLY FA 106 -30.55 -47.13 -90.19
C GLY FA 106 -29.69 -47.80 -89.14
N TYR FA 107 -28.85 -48.75 -89.53
CA TYR FA 107 -27.90 -49.38 -88.63
C TYR FA 107 -26.51 -49.35 -89.24
N TYR FA 108 -25.50 -49.22 -88.40
CA TYR FA 108 -24.12 -49.07 -88.87
C TYR FA 108 -23.25 -50.26 -88.51
N LYS FA 109 -23.51 -50.90 -87.38
CA LYS FA 109 -22.71 -52.03 -86.92
C LYS FA 109 -23.61 -53.22 -86.66
N VAL FA 110 -23.13 -54.42 -86.99
CA VAL FA 110 -23.90 -55.65 -86.83
C VAL FA 110 -23.29 -56.43 -85.68
N LEU FA 111 -24.12 -56.79 -84.70
CA LEU FA 111 -23.68 -57.53 -83.54
C LEU FA 111 -24.20 -58.96 -83.60
N GLY FA 112 -23.54 -59.85 -82.86
CA GLY FA 112 -23.73 -61.28 -83.05
C GLY FA 112 -24.67 -62.00 -82.11
N LYS FA 113 -25.51 -61.27 -81.37
CA LYS FA 113 -26.43 -61.92 -80.46
C LYS FA 113 -27.50 -62.69 -81.23
N GLY FA 114 -27.84 -63.88 -80.76
CA GLY FA 114 -28.81 -64.72 -81.42
C GLY FA 114 -28.19 -65.58 -82.50
N LYS FA 115 -29.05 -66.37 -83.15
CA LYS FA 115 -28.63 -67.26 -84.22
C LYS FA 115 -29.41 -66.92 -85.47
N LEU FA 116 -28.93 -67.43 -86.60
CA LEU FA 116 -29.52 -67.12 -87.88
C LEU FA 116 -30.26 -68.33 -88.46
N PRO FA 117 -31.32 -68.11 -89.23
CA PRO FA 117 -31.94 -69.22 -89.97
C PRO FA 117 -30.98 -69.77 -91.02
N LYS FA 118 -31.11 -71.07 -91.28
CA LYS FA 118 -30.17 -71.77 -92.16
C LYS FA 118 -30.47 -71.42 -93.60
N GLN FA 119 -30.02 -70.24 -94.03
CA GLN FA 119 -30.17 -69.81 -95.40
C GLN FA 119 -29.17 -68.71 -95.71
N PRO FA 120 -28.63 -68.66 -96.93
CA PRO FA 120 -27.63 -67.64 -97.25
C PRO FA 120 -28.26 -66.25 -97.35
N VAL FA 121 -27.41 -65.24 -97.09
CA VAL FA 121 -27.84 -63.85 -97.13
C VAL FA 121 -26.59 -62.98 -97.22
N ILE FA 122 -26.71 -61.88 -97.95
CA ILE FA 122 -25.64 -60.89 -98.07
C ILE FA 122 -25.99 -59.71 -97.18
N VAL FA 123 -25.04 -59.29 -96.34
CA VAL FA 123 -25.27 -58.23 -95.37
C VAL FA 123 -24.34 -57.06 -95.70
N LYS FA 124 -24.95 -55.91 -96.00
CA LYS FA 124 -24.20 -54.69 -96.27
C LYS FA 124 -24.22 -53.83 -95.02
N ALA FA 125 -23.04 -53.43 -94.55
CA ALA FA 125 -22.94 -52.65 -93.32
C ALA FA 125 -21.60 -51.94 -93.28
N LYS FA 126 -21.46 -51.05 -92.29
CA LYS FA 126 -20.20 -50.34 -92.11
C LYS FA 126 -19.24 -51.14 -91.23
N PHE FA 127 -19.76 -51.79 -90.19
CA PHE FA 127 -18.92 -52.50 -89.24
C PHE FA 127 -19.55 -53.85 -88.91
N PHE FA 128 -18.72 -54.79 -88.48
CA PHE FA 128 -19.14 -56.12 -88.10
C PHE FA 128 -18.36 -56.58 -86.89
N SER FA 129 -19.00 -57.36 -86.03
CA SER FA 129 -18.26 -58.03 -84.97
C SER FA 129 -17.77 -59.39 -85.47
N ARG FA 130 -16.71 -59.87 -84.83
CA ARG FA 130 -16.05 -61.09 -85.28
C ARG FA 130 -17.01 -62.28 -85.24
N ARG FA 131 -17.76 -62.43 -84.16
CA ARG FA 131 -18.71 -63.54 -84.08
C ARG FA 131 -19.85 -63.38 -85.07
N ALA FA 132 -20.25 -62.15 -85.38
CA ALA FA 132 -21.27 -61.95 -86.41
C ALA FA 132 -20.79 -62.44 -87.76
N GLU FA 133 -19.55 -62.11 -88.13
CA GLU FA 133 -18.99 -62.62 -89.38
C GLU FA 133 -18.88 -64.14 -89.34
N GLU FA 134 -18.44 -64.69 -88.22
CA GLU FA 134 -18.30 -66.14 -88.11
C GLU FA 134 -19.63 -66.84 -88.29
N LYS FA 135 -20.70 -66.29 -87.70
CA LYS FA 135 -22.01 -66.91 -87.82
C LYS FA 135 -22.57 -66.74 -89.23
N ILE FA 136 -22.30 -65.59 -89.87
CA ILE FA 136 -22.78 -65.40 -91.23
C ILE FA 136 -22.06 -66.35 -92.18
N LYS FA 137 -20.74 -66.51 -92.02
CA LYS FA 137 -20.00 -67.45 -92.85
C LYS FA 137 -20.42 -68.89 -92.56
N SER FA 138 -20.87 -69.17 -91.33
CA SER FA 138 -21.32 -70.51 -91.00
C SER FA 138 -22.57 -70.89 -91.76
N VAL FA 139 -23.47 -69.94 -92.00
CA VAL FA 139 -24.73 -70.21 -92.69
C VAL FA 139 -24.60 -69.98 -94.19
N GLY FA 140 -23.37 -69.87 -94.69
CA GLY FA 140 -23.16 -69.68 -96.12
C GLY FA 140 -23.37 -68.27 -96.60
N GLY FA 141 -23.65 -67.33 -95.71
CA GLY FA 141 -23.84 -65.95 -96.09
C GLY FA 141 -22.53 -65.24 -96.36
N ALA FA 142 -22.65 -64.01 -96.84
CA ALA FA 142 -21.48 -63.21 -97.19
C ALA FA 142 -21.53 -61.88 -96.45
N CYS FA 143 -20.38 -61.49 -95.92
CA CYS FA 143 -20.22 -60.20 -95.26
C CYS FA 143 -19.52 -59.24 -96.23
N VAL FA 144 -20.19 -58.14 -96.55
CA VAL FA 144 -19.63 -57.12 -97.42
C VAL FA 144 -19.67 -55.78 -96.72
N LEU FA 145 -18.62 -54.99 -96.92
CA LEU FA 145 -18.46 -53.72 -96.23
C LEU FA 145 -18.80 -52.56 -97.17
N VAL FA 146 -19.40 -51.51 -96.60
CA VAL FA 146 -19.75 -50.32 -97.35
C VAL FA 146 -19.30 -49.10 -96.55
N ALA FA 147 -19.17 -47.98 -97.24
CA ALA FA 147 -18.76 -46.73 -96.61
C ALA FA 147 -19.97 -45.83 -96.39
N ALA GA 1 -28.38 -30.13 -20.73
CA ALA GA 1 -26.95 -30.27 -21.00
C ALA GA 1 -26.59 -31.73 -21.24
N LYS GA 2 -26.31 -32.45 -20.15
CA LYS GA 2 -25.99 -33.86 -20.26
C LYS GA 2 -27.23 -34.66 -20.63
N SER GA 3 -27.01 -35.86 -21.13
CA SER GA 3 -28.08 -36.71 -21.64
C SER GA 3 -27.70 -38.17 -21.40
N LYS GA 4 -28.67 -39.05 -21.60
CA LYS GA 4 -28.41 -40.47 -21.47
C LYS GA 4 -27.41 -40.91 -22.53
N ASN GA 5 -26.42 -41.70 -22.12
CA ASN GA 5 -25.29 -42.02 -22.98
C ASN GA 5 -25.55 -43.24 -23.86
N HIS GA 6 -25.86 -44.37 -23.24
CA HIS GA 6 -26.06 -45.61 -23.99
C HIS GA 6 -26.94 -46.54 -23.17
N THR GA 7 -27.81 -47.27 -23.87
CA THR GA 7 -28.57 -48.34 -23.24
C THR GA 7 -29.04 -49.31 -24.31
N THR GA 8 -29.32 -50.55 -23.87
CA THR GA 8 -29.98 -51.54 -24.70
C THR GA 8 -31.38 -51.86 -24.18
N HIS GA 9 -31.97 -50.97 -23.39
CA HIS GA 9 -33.31 -51.18 -22.88
C HIS GA 9 -34.31 -51.20 -24.03
N ASN GA 10 -35.28 -52.13 -23.93
CA ASN GA 10 -36.37 -52.29 -24.90
C ASN GA 10 -35.86 -52.77 -26.26
N GLN GA 11 -34.54 -52.96 -26.39
CA GLN GA 11 -34.00 -53.53 -27.62
C GLN GA 11 -34.43 -54.98 -27.78
N SER GA 12 -34.48 -55.72 -26.68
CA SER GA 12 -34.92 -57.11 -26.74
C SER GA 12 -36.36 -57.20 -27.22
N ARG GA 13 -37.21 -56.29 -26.76
CA ARG GA 13 -38.60 -56.28 -27.24
C ARG GA 13 -38.68 -55.94 -28.71
N LYS GA 14 -37.83 -55.01 -29.18
CA LYS GA 14 -37.85 -54.65 -30.58
C LYS GA 14 -37.38 -55.80 -31.46
N TRP GA 15 -36.36 -56.54 -31.00
CA TRP GA 15 -35.82 -57.63 -31.82
C TRP GA 15 -36.83 -58.76 -32.01
N HIS GA 16 -37.67 -59.02 -31.00
CA HIS GA 16 -38.58 -60.14 -31.05
C HIS GA 16 -39.93 -59.82 -31.67
N ARG GA 17 -40.20 -58.55 -31.97
CA ARG GA 17 -41.49 -58.21 -32.58
C ARG GA 17 -41.63 -58.83 -33.96
N ASN GA 18 -40.60 -58.69 -34.80
CA ASN GA 18 -40.53 -59.40 -36.07
C ASN GA 18 -39.79 -60.72 -35.95
N GLY GA 19 -39.41 -61.10 -34.73
CA GLY GA 19 -38.76 -62.38 -34.50
C GLY GA 19 -37.28 -62.36 -34.86
N ILE GA 20 -36.52 -63.25 -34.22
CA ILE GA 20 -35.08 -63.38 -34.51
C ILE GA 20 -34.95 -64.58 -35.45
N LYS GA 21 -34.97 -64.31 -36.74
CA LYS GA 21 -34.98 -65.37 -37.74
C LYS GA 21 -33.57 -65.89 -38.00
N LYS GA 22 -33.41 -67.21 -37.93
CA LYS GA 22 -32.17 -67.83 -38.37
C LYS GA 22 -32.05 -67.72 -39.88
N PRO GA 23 -30.82 -67.80 -40.41
CA PRO GA 23 -30.65 -67.74 -41.87
C PRO GA 23 -31.36 -68.89 -42.56
N ARG GA 24 -31.78 -68.64 -43.79
CA ARG GA 24 -32.56 -69.63 -44.53
C ARG GA 24 -31.69 -70.81 -44.92
N SER GA 25 -31.76 -71.89 -44.14
CA SER GA 25 -31.00 -73.09 -44.43
C SER GA 25 -31.52 -73.71 -45.72
N GLN GA 26 -30.73 -73.60 -46.79
CA GLN GA 26 -31.17 -74.01 -48.11
C GLN GA 26 -30.08 -74.87 -48.73
N ARG GA 27 -30.50 -75.86 -49.52
CA ARG GA 27 -29.56 -76.78 -50.15
C ARG GA 27 -28.64 -76.04 -51.11
N TYR GA 28 -27.49 -76.64 -51.39
CA TYR GA 28 -26.50 -76.09 -52.31
C TYR GA 28 -26.01 -74.72 -51.86
N GLU GA 29 -25.27 -74.73 -50.75
CA GLU GA 29 -24.52 -73.56 -50.33
C GLU GA 29 -23.61 -73.06 -51.46
N SER GA 30 -23.31 -71.78 -51.43
CA SER GA 30 -22.41 -71.19 -52.42
C SER GA 30 -20.99 -71.75 -52.26
N LEU GA 31 -20.28 -71.85 -53.38
CA LEU GA 31 -18.88 -72.25 -53.38
C LEU GA 31 -17.94 -71.06 -53.25
N LYS GA 32 -18.41 -69.96 -52.67
CA LYS GA 32 -17.57 -68.79 -52.52
C LYS GA 32 -16.63 -68.97 -51.32
N GLY GA 33 -15.35 -68.67 -51.53
CA GLY GA 33 -14.35 -68.85 -50.51
C GLY GA 33 -13.69 -70.20 -50.48
N VAL GA 34 -14.17 -71.15 -51.30
CA VAL GA 34 -13.55 -72.47 -51.36
C VAL GA 34 -12.18 -72.34 -52.03
N ASP GA 35 -11.28 -73.29 -51.71
CA ASP GA 35 -9.94 -73.32 -52.28
C ASP GA 35 -10.00 -73.26 -53.80
N PRO GA 36 -9.47 -72.21 -54.43
CA PRO GA 36 -9.54 -72.11 -55.90
C PRO GA 36 -8.87 -73.27 -56.62
N LYS GA 37 -7.78 -73.80 -56.07
CA LYS GA 37 -7.13 -74.96 -56.68
C LYS GA 37 -8.09 -76.15 -56.71
N PHE GA 38 -8.79 -76.39 -55.61
CA PHE GA 38 -9.81 -77.44 -55.60
C PHE GA 38 -10.96 -77.08 -56.52
N LEU GA 39 -11.35 -75.80 -56.57
CA LEU GA 39 -12.50 -75.39 -57.37
C LEU GA 39 -12.28 -75.62 -58.85
N ARG GA 40 -11.08 -75.30 -59.36
CA ARG GA 40 -10.85 -75.48 -60.79
C ARG GA 40 -10.76 -76.95 -61.16
N ASN GA 41 -10.23 -77.79 -60.27
CA ASN GA 41 -10.29 -79.22 -60.48
C ASN GA 41 -11.73 -79.72 -60.47
N MET GA 42 -12.56 -79.18 -59.58
CA MET GA 42 -13.98 -79.54 -59.56
C MET GA 42 -14.66 -79.15 -60.86
N ARG GA 43 -14.29 -77.98 -61.41
CA ARG GA 43 -14.81 -77.56 -62.70
C ARG GA 43 -14.39 -78.52 -63.80
N PHE GA 44 -13.11 -78.94 -63.80
CA PHE GA 44 -12.66 -79.89 -64.80
C PHE GA 44 -13.39 -81.22 -64.67
N ALA GA 45 -13.63 -81.68 -63.45
CA ALA GA 45 -14.37 -82.92 -63.25
C ALA GA 45 -15.80 -82.79 -63.79
N LYS GA 46 -16.44 -81.65 -63.52
CA LYS GA 46 -17.76 -81.41 -64.08
C LYS GA 46 -17.71 -81.28 -65.59
N LYS GA 47 -16.67 -80.61 -66.11
CA LYS GA 47 -16.54 -80.43 -67.55
C LYS GA 47 -16.33 -81.76 -68.25
N HIS GA 48 -15.53 -82.65 -67.66
CA HIS GA 48 -15.22 -83.94 -68.25
C HIS GA 48 -16.15 -85.05 -67.79
N ASN GA 49 -17.25 -84.70 -67.12
CA ASN GA 49 -18.28 -85.68 -66.81
C ASN GA 49 -19.01 -86.14 -68.06
N LYS GA 50 -18.88 -85.42 -69.17
CA LYS GA 50 -19.54 -85.79 -70.40
C LYS GA 50 -19.04 -87.14 -70.91
N LYS GA 51 -17.72 -87.32 -70.97
CA LYS GA 51 -17.19 -88.61 -71.35
C LYS GA 51 -17.42 -89.61 -70.23
N GLY GA 52 -17.40 -90.89 -70.59
CA GLY GA 52 -17.82 -91.93 -69.69
C GLY GA 52 -19.32 -92.09 -69.60
N LEU GA 53 -20.07 -91.30 -70.36
CA LEU GA 53 -21.54 -91.42 -70.34
C LEU GA 53 -21.98 -92.79 -70.85
N LYS GA 54 -21.34 -93.30 -71.90
CA LYS GA 54 -21.71 -94.61 -72.42
C LYS GA 54 -21.41 -95.71 -71.41
N LYS GA 55 -20.24 -95.64 -70.75
CA LYS GA 55 -19.94 -96.61 -69.70
C LYS GA 55 -20.93 -96.50 -68.56
N MET GA 56 -21.28 -95.27 -68.19
CA MET GA 56 -22.24 -95.03 -67.11
C MET GA 56 -23.59 -95.65 -67.42
N GLN GA 57 -24.12 -95.39 -68.61
CA GLN GA 57 -25.43 -95.92 -68.96
C GLN GA 57 -25.39 -97.42 -69.17
N ALA GA 58 -24.27 -97.96 -69.66
CA ALA GA 58 -24.15 -99.41 -69.78
C ALA GA 58 -24.15 -100.07 -68.40
N ASN GA 59 -23.42 -99.48 -67.45
CA ASN GA 59 -23.41 -100.02 -66.09
C ASN GA 59 -24.79 -99.93 -65.46
N ASN GA 60 -25.49 -98.81 -65.66
CA ASN GA 60 -26.84 -98.68 -65.11
C ASN GA 60 -27.80 -99.66 -65.75
N ALA GA 61 -27.68 -99.88 -67.07
CA ALA GA 61 -28.57 -100.82 -67.76
C ALA GA 61 -28.33 -102.25 -67.27
N LYS GA 62 -27.06 -102.66 -67.16
CA LYS GA 62 -26.79 -104.01 -66.69
C LYS GA 62 -27.18 -104.17 -65.22
N ALA GA 63 -27.01 -103.14 -64.40
CA ALA GA 63 -27.42 -103.22 -63.01
C ALA GA 63 -28.94 -103.33 -62.89
N MET GA 64 -29.67 -102.56 -63.71
CA MET GA 64 -31.12 -102.66 -63.73
C MET GA 64 -31.57 -104.03 -64.18
N SER GA 65 -30.92 -104.58 -65.20
CA SER GA 65 -31.24 -105.92 -65.66
C SER GA 65 -30.99 -106.96 -64.58
N ALA GA 66 -29.86 -106.84 -63.86
CA ALA GA 66 -29.54 -107.80 -62.81
C ALA GA 66 -30.54 -107.70 -61.65
N ARG GA 67 -30.85 -106.48 -61.23
CA ARG GA 67 -31.85 -106.31 -60.17
C ARG GA 67 -33.22 -106.81 -60.61
N ALA GA 68 -33.58 -106.57 -61.87
CA ALA GA 68 -34.86 -107.03 -62.37
C ALA GA 68 -34.93 -108.55 -62.40
N GLU GA 69 -33.87 -109.21 -62.87
CA GLU GA 69 -33.91 -110.67 -62.93
C GLU GA 69 -33.80 -111.29 -61.53
N ALA GA 70 -33.17 -110.59 -60.59
CA ALA GA 70 -33.18 -111.06 -59.21
C ALA GA 70 -34.57 -110.94 -58.60
N ILE GA 71 -35.27 -109.85 -58.88
CA ILE GA 71 -36.60 -109.65 -58.32
C ILE GA 71 -37.60 -110.61 -58.96
N LYS GA 72 -37.55 -110.76 -60.27
CA LYS GA 72 -38.52 -111.59 -61.00
C LYS GA 72 -38.36 -113.07 -60.73
N ALA GA 73 -37.28 -113.50 -60.07
CA ALA GA 73 -37.07 -114.92 -59.78
C ALA GA 73 -38.02 -115.32 -58.66
N LEU GA 74 -39.20 -115.81 -59.03
CA LEU GA 74 -40.21 -116.28 -58.09
C LEU GA 74 -40.41 -117.78 -58.27
N VAL GA 75 -40.47 -118.50 -57.14
CA VAL GA 75 -40.72 -119.95 -57.04
C VAL GA 75 -40.07 -120.77 -58.15
N VAL GA 88 -62.69 -116.15 -32.82
CA VAL GA 88 -63.68 -116.20 -31.76
C VAL GA 88 -64.93 -115.43 -32.18
N SER GA 89 -65.69 -114.95 -31.20
CA SER GA 89 -66.88 -114.16 -31.47
C SER GA 89 -66.54 -112.67 -31.54
N ARG GA 90 -66.03 -112.12 -30.44
CA ARG GA 90 -65.52 -110.75 -30.35
C ARG GA 90 -66.61 -109.75 -30.77
N LYS GA 91 -67.62 -109.66 -29.90
CA LYS GA 91 -68.78 -108.81 -30.14
C LYS GA 91 -68.38 -107.38 -30.48
N LEU GA 92 -67.38 -106.84 -29.79
CA LEU GA 92 -66.88 -105.52 -30.14
C LEU GA 92 -66.29 -105.49 -31.54
N ASP GA 93 -65.44 -106.47 -31.87
CA ASP GA 93 -64.86 -106.55 -33.20
C ASP GA 93 -65.92 -106.79 -34.27
N ARG GA 94 -66.90 -107.64 -33.98
CA ARG GA 94 -67.98 -107.89 -34.93
C ARG GA 94 -68.79 -106.63 -35.18
N LEU GA 95 -69.09 -105.86 -34.13
CA LEU GA 95 -69.82 -104.62 -34.30
C LEU GA 95 -69.00 -103.61 -35.08
N ALA GA 96 -67.69 -103.57 -34.83
CA ALA GA 96 -66.82 -102.68 -35.61
C ALA GA 96 -66.82 -103.07 -37.08
N TYR GA 97 -66.83 -104.37 -37.36
CA TYR GA 97 -66.88 -104.84 -38.74
C TYR GA 97 -68.20 -104.46 -39.40
N ILE GA 98 -69.32 -104.66 -38.70
CA ILE GA 98 -70.63 -104.38 -39.28
C ILE GA 98 -70.81 -102.88 -39.50
N ALA GA 99 -70.36 -102.07 -38.55
CA ALA GA 99 -70.51 -100.62 -38.68
C ALA GA 99 -69.67 -100.03 -39.80
N HIS GA 100 -68.73 -100.78 -40.35
CA HIS GA 100 -67.96 -100.30 -41.48
C HIS GA 100 -68.88 -100.13 -42.69
N PRO GA 101 -68.83 -98.98 -43.38
CA PRO GA 101 -69.74 -98.77 -44.51
C PRO GA 101 -69.56 -99.77 -45.63
N LYS GA 102 -68.34 -100.23 -45.90
CA LYS GA 102 -68.08 -101.21 -46.94
C LYS GA 102 -68.11 -102.63 -46.44
N LEU GA 103 -67.40 -102.92 -45.35
CA LEU GA 103 -67.24 -104.30 -44.90
C LEU GA 103 -68.52 -104.84 -44.26
N GLY GA 104 -69.33 -103.97 -43.66
CA GLY GA 104 -70.53 -104.38 -42.98
C GLY GA 104 -71.82 -104.24 -43.76
N LYS GA 105 -71.73 -104.05 -45.08
CA LYS GA 105 -72.94 -103.87 -45.90
C LYS GA 105 -73.81 -105.12 -45.88
N ARG GA 106 -73.22 -106.27 -46.21
CA ARG GA 106 -74.00 -107.49 -46.30
C ARG GA 106 -74.47 -107.99 -44.93
N ALA GA 107 -73.67 -107.76 -43.89
CA ALA GA 107 -74.07 -108.15 -42.56
C ALA GA 107 -75.31 -107.40 -42.09
N ARG GA 108 -75.33 -106.08 -42.30
CA ARG GA 108 -76.51 -105.32 -41.92
C ARG GA 108 -77.70 -105.60 -42.84
N ALA GA 109 -77.46 -105.92 -44.11
CA ALA GA 109 -78.57 -106.41 -44.94
C ALA GA 109 -79.15 -107.71 -44.38
N ARG GA 110 -78.28 -108.62 -43.94
CA ARG GA 110 -78.73 -109.87 -43.33
C ARG GA 110 -79.54 -109.62 -42.08
N ILE GA 111 -79.08 -108.74 -41.19
CA ILE GA 111 -79.83 -108.51 -39.96
C ILE GA 111 -81.13 -107.77 -40.25
N ALA GA 112 -81.17 -106.95 -41.30
CA ALA GA 112 -82.43 -106.34 -41.71
C ALA GA 112 -83.43 -107.40 -42.17
N LYS GA 113 -82.98 -108.34 -43.01
CA LYS GA 113 -83.88 -109.41 -43.43
C LYS GA 113 -84.31 -110.29 -42.26
N GLY GA 114 -83.43 -110.47 -41.28
CA GLY GA 114 -83.80 -111.19 -40.08
C GLY GA 114 -84.84 -110.45 -39.25
N LEU GA 115 -84.73 -109.12 -39.18
CA LEU GA 115 -85.75 -108.32 -38.52
C LEU GA 115 -87.09 -108.40 -39.24
N ARG GA 116 -87.08 -108.39 -40.57
CA ARG GA 116 -88.30 -108.36 -41.35
C ARG GA 116 -88.97 -109.72 -41.49
N LEU GA 117 -88.29 -110.68 -42.12
CA LEU GA 117 -88.91 -111.94 -42.46
C LEU GA 117 -89.00 -112.87 -41.26
N CYS GA 118 -90.10 -113.61 -41.18
CA CYS GA 118 -90.30 -114.64 -40.16
C CYS GA 118 -90.72 -115.94 -40.84
N ARG GA 119 -90.02 -117.02 -40.54
CA ARG GA 119 -90.32 -118.32 -41.13
C ARG GA 119 -90.28 -119.38 -40.03
N PRO GA 120 -91.11 -120.41 -40.14
CA PRO GA 120 -91.15 -121.45 -39.11
C PRO GA 120 -89.94 -122.38 -39.21
N LYS GA 121 -89.95 -123.40 -38.35
CA LYS GA 121 -88.89 -124.40 -38.27
C LYS GA 121 -87.53 -123.77 -38.02
N LYS HA 1 31.57 69.60 -28.72
CA LYS HA 1 31.87 70.91 -28.17
C LYS HA 1 30.93 71.97 -28.74
N SER HA 2 30.47 71.74 -29.97
CA SER HA 2 29.56 72.69 -30.60
C SER HA 2 28.19 72.69 -29.93
N LEU HA 3 27.68 71.51 -29.56
CA LEU HA 3 26.36 71.44 -28.94
C LEU HA 3 26.36 72.05 -27.55
N GLU HA 4 27.39 71.77 -26.74
CA GLU HA 4 27.46 72.40 -25.42
C GLU HA 4 27.70 73.90 -25.54
N SER HA 5 28.46 74.33 -26.56
CA SER HA 5 28.65 75.75 -26.78
C SER HA 5 27.35 76.44 -27.14
N ILE HA 6 26.56 75.85 -28.02
CA ILE HA 6 25.29 76.48 -28.40
C ILE HA 6 24.30 76.42 -27.25
N ASN HA 7 24.37 75.39 -26.40
CA ASN HA 7 23.53 75.35 -25.21
C ASN HA 7 23.90 76.47 -24.24
N SER HA 8 25.20 76.67 -24.02
CA SER HA 8 25.65 77.75 -23.14
C SER HA 8 25.25 79.11 -23.68
N ARG HA 9 25.42 79.33 -24.98
CA ARG HA 9 25.03 80.61 -25.55
C ARG HA 9 23.52 80.79 -25.54
N LEU HA 10 22.76 79.70 -25.68
CA LEU HA 10 21.31 79.80 -25.55
C LEU HA 10 20.91 80.18 -24.14
N GLN HA 11 21.59 79.61 -23.14
CA GLN HA 11 21.35 80.02 -21.76
C GLN HA 11 21.66 81.50 -21.57
N LEU HA 12 22.74 81.97 -22.19
CA LEU HA 12 23.16 83.35 -21.99
C LEU HA 12 22.31 84.33 -22.81
N VAL HA 13 21.63 83.88 -23.86
CA VAL HA 13 20.67 84.74 -24.55
C VAL HA 13 19.50 85.06 -23.65
N MET HA 14 18.96 84.04 -22.98
CA MET HA 14 17.97 84.28 -21.95
C MET HA 14 18.59 85.10 -20.82
N LYS HA 15 17.76 85.94 -20.20
CA LYS HA 15 18.12 86.76 -19.04
C LYS HA 15 19.06 87.89 -19.44
N SER HA 16 19.53 87.90 -20.69
CA SER HA 16 20.40 88.96 -21.17
C SER HA 16 20.01 89.55 -22.51
N GLY HA 17 19.19 88.88 -23.31
CA GLY HA 17 18.81 89.40 -24.61
C GLY HA 17 17.32 89.22 -24.86
N LYS HA 18 16.84 89.88 -25.91
CA LYS HA 18 15.43 89.84 -26.29
C LYS HA 18 15.23 88.68 -27.27
N TYR HA 19 14.23 87.85 -26.98
CA TYR HA 19 13.94 86.72 -27.85
C TYR HA 19 12.44 86.54 -27.96
N VAL HA 20 12.00 85.44 -28.57
CA VAL HA 20 10.60 85.07 -28.61
C VAL HA 20 10.52 83.58 -28.88
N LEU HA 21 9.48 82.94 -28.35
CA LEU HA 21 9.32 81.49 -28.42
C LEU HA 21 8.05 81.15 -29.18
N GLY HA 22 8.14 80.17 -30.07
CA GLY HA 22 6.96 79.69 -30.77
C GLY HA 22 7.03 79.76 -32.27
N TYR HA 23 5.92 79.45 -32.93
CA TYR HA 23 5.88 79.43 -34.39
C TYR HA 23 5.28 80.72 -34.94
N LYS HA 24 4.09 81.08 -34.46
CA LYS HA 24 3.41 82.27 -34.95
C LYS HA 24 4.22 83.53 -34.67
N GLN HA 25 4.75 83.66 -33.45
CA GLN HA 25 5.53 84.83 -33.12
C GLN HA 25 6.85 84.86 -33.86
N THR HA 26 7.45 83.68 -34.12
CA THR HA 26 8.67 83.64 -34.91
C THR HA 26 8.42 84.13 -36.32
N LEU HA 27 7.34 83.67 -36.95
CA LEU HA 27 6.99 84.15 -38.29
C LEU HA 27 6.72 85.64 -38.28
N LYS HA 28 5.99 86.12 -37.28
CA LYS HA 28 5.64 87.52 -37.22
C LYS HA 28 6.88 88.39 -37.03
N MET HA 29 7.83 87.93 -36.22
CA MET HA 29 9.08 88.64 -36.04
C MET HA 29 9.91 88.63 -37.32
N ILE HA 30 9.93 87.50 -38.03
CA ILE HA 30 10.72 87.39 -39.24
C ILE HA 30 10.19 88.34 -40.31
N ARG HA 31 8.89 88.30 -40.57
CA ARG HA 31 8.33 89.18 -41.59
C ARG HA 31 8.34 90.64 -41.16
N GLN HA 32 8.55 90.93 -39.87
CA GLN HA 32 8.86 92.29 -39.46
C GLN HA 32 10.32 92.65 -39.72
N GLY HA 33 11.14 91.69 -40.12
CA GLY HA 33 12.52 91.99 -40.43
C GLY HA 33 13.39 92.27 -39.23
N LYS HA 34 12.95 91.93 -38.03
CA LYS HA 34 13.70 92.19 -36.82
C LYS HA 34 14.21 90.91 -36.16
N ALA HA 35 14.23 89.80 -36.88
CA ALA HA 35 14.76 88.54 -36.36
C ALA HA 35 16.18 88.35 -36.88
N LYS HA 36 17.11 88.06 -35.97
CA LYS HA 36 18.51 87.92 -36.35
C LYS HA 36 18.99 86.48 -36.38
N LEU HA 37 18.37 85.59 -35.62
CA LEU HA 37 18.70 84.17 -35.68
C LEU HA 37 17.49 83.35 -35.29
N VAL HA 38 17.25 82.28 -36.03
CA VAL HA 38 16.13 81.38 -35.78
C VAL HA 38 16.69 80.00 -35.54
N ILE HA 39 16.23 79.34 -34.48
CA ILE HA 39 16.73 78.03 -34.08
C ILE HA 39 15.61 77.02 -34.24
N LEU HA 40 15.88 75.96 -34.99
CA LEU HA 40 14.90 74.91 -35.27
C LEU HA 40 15.36 73.60 -34.66
N ALA HA 41 14.49 73.00 -33.85
CA ALA HA 41 14.72 71.63 -33.43
C ALA HA 41 14.41 70.67 -34.57
N ASN HA 42 15.11 69.53 -34.58
CA ASN HA 42 14.89 68.55 -35.64
C ASN HA 42 13.50 67.94 -35.61
N ASN HA 43 12.80 68.01 -34.47
CA ASN HA 43 11.45 67.47 -34.37
C ASN HA 43 10.43 68.31 -35.11
N CYS HA 44 10.83 69.47 -35.65
CA CYS HA 44 9.91 70.30 -36.42
C CYS HA 44 9.45 69.54 -37.66
N PRO HA 45 8.19 69.67 -38.05
CA PRO HA 45 7.75 69.11 -39.34
C PRO HA 45 8.53 69.72 -40.48
N ALA HA 46 8.83 68.88 -41.48
CA ALA HA 46 9.67 69.33 -42.59
C ALA HA 46 8.99 70.44 -43.38
N LEU HA 47 7.66 70.44 -43.43
CA LEU HA 47 6.95 71.55 -44.05
C LEU HA 47 7.23 72.86 -43.34
N ARG HA 48 7.06 72.88 -42.03
CA ARG HA 48 7.30 74.10 -41.27
C ARG HA 48 8.78 74.49 -41.32
N LYS HA 49 9.67 73.51 -41.26
CA LYS HA 49 11.09 73.80 -41.36
C LYS HA 49 11.44 74.45 -42.69
N SER HA 50 10.93 73.90 -43.79
CA SER HA 50 11.20 74.47 -45.11
C SER HA 50 10.58 75.85 -45.24
N GLU HA 51 9.37 76.05 -44.70
CA GLU HA 51 8.73 77.36 -44.79
C GLU HA 51 9.53 78.40 -44.01
N ILE HA 52 10.01 78.06 -42.82
CA ILE HA 52 10.79 79.01 -42.04
C ILE HA 52 12.13 79.28 -42.71
N GLU HA 53 12.73 78.27 -43.34
CA GLU HA 53 13.96 78.50 -44.07
C GLU HA 53 13.73 79.44 -45.25
N TYR HA 54 12.61 79.27 -45.96
CA TYR HA 54 12.27 80.18 -47.04
C TYR HA 54 12.07 81.60 -46.52
N TYR HA 55 11.38 81.76 -45.40
CA TYR HA 55 11.18 83.08 -44.83
C TYR HA 55 12.50 83.72 -44.44
N ALA HA 56 13.39 82.94 -43.83
CA ALA HA 56 14.70 83.46 -43.44
C ALA HA 56 15.52 83.86 -44.65
N MET HA 57 15.48 83.05 -45.71
CA MET HA 57 16.18 83.40 -46.94
C MET HA 57 15.63 84.69 -47.53
N LEU HA 58 14.31 84.88 -47.47
CA LEU HA 58 13.74 86.13 -47.93
C LEU HA 58 14.22 87.30 -47.09
N ALA HA 59 14.29 87.13 -45.78
CA ALA HA 59 14.72 88.20 -44.88
C ALA HA 59 16.23 88.25 -44.71
N LYS HA 60 16.97 87.29 -45.28
CA LYS HA 60 18.42 87.19 -45.13
C LYS HA 60 18.83 87.15 -43.66
N THR HA 61 18.28 86.19 -42.93
CA THR HA 61 18.65 85.95 -41.55
C THR HA 61 19.05 84.49 -41.37
N GLY HA 62 19.94 84.25 -40.42
CA GLY HA 62 20.52 82.93 -40.26
C GLY HA 62 19.57 81.94 -39.62
N VAL HA 63 19.80 80.66 -39.92
CA VAL HA 63 19.04 79.57 -39.34
C VAL HA 63 20.03 78.54 -38.83
N HIS HA 64 19.88 78.14 -37.57
CA HIS HA 64 20.68 77.10 -36.95
C HIS HA 64 19.78 75.93 -36.61
N HIS HA 65 20.10 74.75 -37.15
CA HIS HA 65 19.32 73.54 -36.91
C HIS HA 65 19.76 72.94 -35.58
N TYR HA 66 18.91 73.07 -34.57
CA TYR HA 66 19.25 72.57 -33.24
C TYR HA 66 19.30 71.05 -33.25
N SER HA 67 20.38 70.50 -32.73
CA SER HA 67 20.59 69.04 -32.74
C SER HA 67 20.01 68.41 -31.49
N GLY HA 68 18.74 68.71 -31.25
CA GLY HA 68 18.03 68.15 -30.11
C GLY HA 68 16.62 67.73 -30.47
N ASN HA 69 15.64 68.26 -29.75
CA ASN HA 69 14.24 68.18 -30.14
C ASN HA 69 13.50 69.28 -29.41
N ASN HA 70 12.19 69.35 -29.60
CA ASN HA 70 11.39 70.38 -28.97
C ASN HA 70 11.47 70.31 -27.46
N ILE HA 71 11.51 69.09 -26.90
CA ILE HA 71 11.65 68.95 -25.45
C ILE HA 71 13.02 69.46 -25.00
N GLU HA 72 14.08 69.02 -25.68
CA GLU HA 72 15.41 69.48 -25.31
C GLU HA 72 15.62 70.95 -25.63
N LEU HA 73 14.98 71.45 -26.70
CA LEU HA 73 15.05 72.89 -26.97
C LEU HA 73 14.37 73.69 -25.87
N GLY HA 74 13.20 73.23 -25.39
CA GLY HA 74 12.57 73.90 -24.27
C GLY HA 74 13.40 73.82 -23.01
N THR HA 75 14.08 72.69 -22.79
CA THR HA 75 14.95 72.56 -21.63
C THR HA 75 16.14 73.52 -21.72
N ALA HA 76 16.69 73.68 -22.93
CA ALA HA 76 17.84 74.57 -23.10
C ALA HA 76 17.47 76.04 -22.97
N CYS HA 77 16.20 76.40 -23.17
CA CYS HA 77 15.78 77.78 -23.05
C CYS HA 77 15.38 78.17 -21.64
N GLY HA 78 15.50 77.26 -20.68
CA GLY HA 78 15.11 77.54 -19.31
C GLY HA 78 13.63 77.45 -19.04
N LYS HA 79 12.83 77.07 -20.02
CA LYS HA 79 11.40 76.93 -19.86
C LYS HA 79 11.02 75.46 -19.62
N TYR HA 80 9.81 75.27 -19.09
CA TYR HA 80 9.30 73.95 -18.79
C TYR HA 80 8.23 73.50 -19.78
N TYR HA 81 8.18 74.14 -20.94
CA TYR HA 81 7.28 73.77 -22.01
C TYR HA 81 8.08 73.59 -23.29
N ARG HA 82 7.61 72.69 -24.15
CA ARG HA 82 8.32 72.41 -25.39
C ARG HA 82 8.26 73.62 -26.30
N VAL HA 83 9.41 73.98 -26.87
CA VAL HA 83 9.48 75.01 -27.92
C VAL HA 83 10.09 74.37 -29.16
N CYS HA 84 9.44 74.60 -30.30
CA CYS HA 84 9.89 74.02 -31.56
C CYS HA 84 10.62 75.01 -32.45
N THR HA 85 10.34 76.30 -32.30
CA THR HA 85 10.97 77.35 -33.09
C THR HA 85 11.11 78.59 -32.23
N LEU HA 86 12.23 79.29 -32.37
CA LEU HA 86 12.48 80.47 -31.57
C LEU HA 86 13.33 81.45 -32.38
N ALA HA 87 13.22 82.73 -32.04
CA ALA HA 87 13.96 83.78 -32.72
C ALA HA 87 14.60 84.70 -31.69
N ILE HA 88 15.78 85.21 -32.03
CA ILE HA 88 16.53 86.10 -31.15
C ILE HA 88 16.51 87.50 -31.75
N ILE HA 89 15.95 88.46 -31.01
CA ILE HA 89 15.94 89.85 -31.47
C ILE HA 89 17.35 90.44 -31.43
N ASP HA 90 18.08 90.21 -30.33
CA ASP HA 90 19.46 90.64 -30.20
C ASP HA 90 20.10 89.77 -29.14
N PRO HA 91 21.27 89.20 -29.42
CA PRO HA 91 21.89 88.29 -28.45
C PRO HA 91 22.38 88.98 -27.19
N GLY HA 92 23.16 90.04 -27.35
CA GLY HA 92 23.82 90.66 -26.21
C GLY HA 92 24.96 89.87 -25.63
N ASP HA 93 25.38 88.80 -26.31
CA ASP HA 93 26.43 87.93 -25.78
C ASP HA 93 27.39 87.42 -26.87
N SER HA 94 27.43 88.07 -28.02
CA SER HA 94 28.34 87.73 -29.12
C SER HA 94 28.09 86.32 -29.67
N ASP HA 95 26.85 85.82 -29.54
CA ASP HA 95 26.50 84.61 -30.28
C ASP HA 95 26.49 84.88 -31.78
N ILE HA 96 25.95 86.02 -32.17
CA ILE HA 96 25.89 86.43 -33.57
C ILE HA 96 27.06 87.38 -33.80
N ILE HA 97 27.96 87.01 -34.69
CA ILE HA 97 29.12 87.84 -34.98
C ILE HA 97 28.70 89.05 -35.79
N ARG HA 98 29.14 90.23 -35.37
CA ARG HA 98 28.78 91.48 -36.04
C ARG HA 98 29.40 91.57 -37.43
N ASN IA 1 -103.84 37.49 9.38
CA ASN IA 1 -103.65 38.03 8.05
C ASN IA 1 -102.56 37.26 7.31
N GLU IA 2 -102.31 37.65 6.05
CA GLU IA 2 -101.30 36.98 5.24
C GLU IA 2 -100.44 37.95 4.45
N VAL IA 3 -100.61 39.26 4.62
CA VAL IA 3 -99.79 40.25 3.96
C VAL IA 3 -99.02 40.96 5.08
N VAL IA 4 -98.76 40.22 6.15
CA VAL IA 4 -98.10 40.77 7.32
C VAL IA 4 -96.63 41.03 7.00
N THR IA 5 -96.06 42.04 7.67
CA THR IA 5 -94.63 42.31 7.60
C THR IA 5 -94.10 42.53 9.01
N ARG IA 6 -92.85 42.18 9.22
CA ARG IA 6 -92.23 42.21 10.54
C ARG IA 6 -90.74 42.50 10.40
N GLU IA 7 -90.14 42.90 11.51
CA GLU IA 7 -88.70 43.15 11.59
C GLU IA 7 -88.07 42.17 12.56
N TYR IA 8 -86.90 41.67 12.20
CA TYR IA 8 -86.16 40.71 13.02
C TYR IA 8 -84.70 41.13 13.07
N THR IA 9 -83.98 40.53 14.03
CA THR IA 9 -82.53 40.57 14.05
C THR IA 9 -82.01 39.14 14.12
N ILE IA 10 -80.91 38.88 13.42
CA ILE IA 10 -80.42 37.53 13.21
C ILE IA 10 -78.99 37.42 13.73
N ASN IA 11 -78.72 36.38 14.52
CA ASN IA 11 -77.35 36.05 14.91
C ASN IA 11 -76.71 35.34 13.74
N ILE IA 12 -76.13 36.11 12.83
CA ILE IA 12 -75.40 35.54 11.72
C ILE IA 12 -74.16 34.81 12.24
N HIS IA 13 -73.55 35.33 13.30
CA HIS IA 13 -72.37 34.70 13.87
C HIS IA 13 -72.66 33.30 14.39
N LYS IA 14 -73.88 33.07 14.88
CA LYS IA 14 -74.25 31.74 15.34
C LYS IA 14 -74.33 30.76 14.19
N ARG IA 15 -74.76 31.23 13.02
CA ARG IA 15 -75.00 30.34 11.88
C ARG IA 15 -73.79 30.18 10.97
N ILE IA 16 -72.83 31.09 11.04
CA ILE IA 16 -71.60 30.99 10.25
C ILE IA 16 -70.50 30.25 11.00
N HIS IA 17 -70.62 30.10 12.31
CA HIS IA 17 -69.55 29.52 13.13
C HIS IA 17 -69.18 28.12 12.63
N GLY IA 18 -67.97 28.01 12.09
CA GLY IA 18 -67.49 26.78 11.51
C GLY IA 18 -67.35 26.77 10.00
N VAL IA 19 -67.89 27.77 9.32
CA VAL IA 19 -67.84 27.83 7.86
C VAL IA 19 -66.50 28.37 7.41
N GLY IA 20 -65.93 27.76 6.37
CA GLY IA 20 -64.65 28.18 5.85
C GLY IA 20 -64.68 29.60 5.29
N PHE IA 21 -63.48 30.18 5.22
CA PHE IA 21 -63.34 31.61 4.99
C PHE IA 21 -63.97 32.04 3.67
N LYS IA 22 -63.73 31.28 2.61
CA LYS IA 22 -64.19 31.68 1.28
C LYS IA 22 -65.65 31.34 1.02
N LYS IA 23 -66.34 30.73 1.99
CA LYS IA 23 -67.75 30.42 1.85
C LYS IA 23 -68.62 31.12 2.88
N ARG IA 24 -68.04 31.98 3.73
CA ARG IA 24 -68.78 32.50 4.88
C ARG IA 24 -69.91 33.42 4.44
N ALA IA 25 -69.62 34.38 3.57
CA ALA IA 25 -70.68 35.27 3.08
C ALA IA 25 -71.75 34.55 2.25
N PRO IA 26 -71.42 33.68 1.28
CA PRO IA 26 -72.50 32.93 0.61
C PRO IA 26 -73.30 32.07 1.57
N ARG IA 27 -72.66 31.48 2.57
CA ARG IA 27 -73.40 30.73 3.56
C ARG IA 27 -74.31 31.65 4.37
N ALA IA 28 -73.87 32.88 4.65
CA ALA IA 28 -74.73 33.83 5.33
C ALA IA 28 -75.96 34.18 4.50
N LEU IA 29 -75.77 34.38 3.19
CA LEU IA 29 -76.93 34.63 2.32
C LEU IA 29 -77.88 33.43 2.31
N LYS IA 30 -77.31 32.22 2.24
CA LYS IA 30 -78.17 31.02 2.23
C LYS IA 30 -78.92 30.87 3.55
N GLU IA 31 -78.26 31.15 4.67
CA GLU IA 31 -78.94 31.13 5.97
C GLU IA 31 -80.01 32.21 6.05
N ILE IA 32 -79.78 33.37 5.45
CA ILE IA 32 -80.79 34.42 5.44
C ILE IA 32 -82.03 33.94 4.69
N ARG IA 33 -81.82 33.35 3.51
CA ARG IA 33 -82.95 32.87 2.72
C ARG IA 33 -83.69 31.75 3.44
N LYS IA 34 -82.94 30.82 4.06
CA LYS IA 34 -83.54 29.74 4.83
C LYS IA 34 -84.33 30.26 6.02
N PHE IA 35 -83.79 31.25 6.72
CA PHE IA 35 -84.49 31.84 7.86
C PHE IA 35 -85.77 32.52 7.42
N ALA IA 36 -85.75 33.20 6.28
CA ALA IA 36 -86.96 33.81 5.77
C ALA IA 36 -88.01 32.76 5.43
N MET IA 37 -87.58 31.66 4.80
CA MET IA 37 -88.51 30.57 4.50
C MET IA 37 -89.07 29.97 5.79
N LYS IA 38 -88.23 29.83 6.81
CA LYS IA 38 -88.68 29.30 8.10
C LYS IA 38 -89.72 30.21 8.74
N GLU IA 39 -89.49 31.52 8.69
CA GLU IA 39 -90.33 32.43 9.47
C GLU IA 39 -91.62 32.78 8.76
N MET IA 40 -91.60 32.88 7.43
CA MET IA 40 -92.81 33.25 6.72
C MET IA 40 -93.45 32.08 5.97
N GLY IA 41 -92.83 30.91 5.98
CA GLY IA 41 -93.43 29.75 5.36
C GLY IA 41 -93.66 29.90 3.87
N THR IA 42 -92.76 30.61 3.19
CA THR IA 42 -92.92 30.90 1.76
C THR IA 42 -91.70 30.37 1.02
N PRO IA 43 -91.87 29.49 0.04
CA PRO IA 43 -90.72 29.05 -0.76
C PRO IA 43 -90.06 30.18 -1.52
N ASP IA 44 -90.82 31.17 -1.97
CA ASP IA 44 -90.28 32.30 -2.71
C ASP IA 44 -89.75 33.34 -1.72
N VAL IA 45 -88.43 33.53 -1.73
CA VAL IA 45 -87.77 34.53 -0.91
C VAL IA 45 -86.83 35.34 -1.79
N ARG IA 46 -86.97 36.66 -1.74
CA ARG IA 46 -86.10 37.57 -2.47
C ARG IA 46 -85.34 38.43 -1.48
N ILE IA 47 -84.05 38.63 -1.75
CA ILE IA 47 -83.17 39.42 -0.90
C ILE IA 47 -82.87 40.73 -1.61
N ASP IA 48 -83.18 41.84 -0.94
CA ASP IA 48 -82.92 43.15 -1.53
C ASP IA 48 -81.43 43.36 -1.75
N THR IA 49 -81.11 44.08 -2.83
CA THR IA 49 -79.72 44.31 -3.17
C THR IA 49 -78.98 45.11 -2.10
N ARG IA 50 -79.70 46.00 -1.40
CA ARG IA 50 -79.07 46.73 -0.30
C ARG IA 50 -78.66 45.80 0.83
N LEU IA 51 -79.50 44.81 1.14
CA LEU IA 51 -79.11 43.82 2.14
C LEU IA 51 -77.89 43.02 1.68
N ASN IA 52 -77.86 42.66 0.40
CA ASN IA 52 -76.71 41.93 -0.14
C ASN IA 52 -75.44 42.75 -0.04
N LYS IA 53 -75.53 44.05 -0.30
CA LYS IA 53 -74.38 44.93 -0.14
C LYS IA 53 -73.98 45.05 1.33
N ALA IA 54 -74.95 45.11 2.23
CA ALA IA 54 -74.64 45.26 3.65
C ALA IA 54 -73.94 44.02 4.19
N VAL IA 55 -74.39 42.83 3.78
CA VAL IA 55 -73.74 41.61 4.25
C VAL IA 55 -72.32 41.51 3.73
N TRP IA 56 -72.11 41.84 2.46
CA TRP IA 56 -70.79 41.79 1.84
C TRP IA 56 -69.96 43.04 2.12
N ALA IA 57 -70.38 43.89 3.06
CA ALA IA 57 -69.68 45.14 3.30
C ALA IA 57 -68.26 44.89 3.81
N LYS IA 58 -68.10 43.92 4.71
CA LYS IA 58 -66.80 43.62 5.29
C LYS IA 58 -66.11 42.45 4.61
N GLY IA 59 -66.33 42.28 3.31
CA GLY IA 59 -65.63 41.27 2.57
C GLY IA 59 -66.27 39.90 2.65
N ILE IA 60 -65.50 38.90 2.22
CA ILE IA 60 -66.03 37.55 2.06
C ILE IA 60 -65.98 36.74 3.35
N ARG IA 61 -65.03 37.00 4.25
CA ARG IA 61 -64.87 36.16 5.43
C ARG IA 61 -65.26 36.84 6.73
N ASN IA 62 -65.10 38.15 6.84
CA ASN IA 62 -65.44 38.86 8.07
C ASN IA 62 -66.90 39.32 8.04
N VAL IA 63 -67.80 38.35 8.03
CA VAL IA 63 -69.23 38.61 8.01
C VAL IA 63 -69.63 39.30 9.31
N PRO IA 64 -70.47 40.34 9.27
CA PRO IA 64 -70.93 40.96 10.50
C PRO IA 64 -71.68 39.97 11.38
N TYR IA 65 -71.47 40.09 12.69
CA TYR IA 65 -71.98 39.11 13.63
C TYR IA 65 -73.50 39.16 13.71
N ARG IA 66 -74.07 40.35 13.85
CA ARG IA 66 -75.50 40.54 13.90
C ARG IA 66 -75.93 41.46 12.77
N ILE IA 67 -77.18 41.33 12.36
CA ILE IA 67 -77.75 42.19 11.33
C ILE IA 67 -79.25 42.30 11.58
N ARG IA 68 -79.80 43.48 11.28
CA ARG IA 68 -81.21 43.75 11.47
C ARG IA 68 -81.89 43.76 10.10
N VAL IA 69 -82.94 42.95 9.96
CA VAL IA 69 -83.61 42.76 8.69
C VAL IA 69 -85.11 42.98 8.88
N ARG IA 70 -85.79 43.24 7.77
CA ARG IA 70 -87.24 43.41 7.76
C ARG IA 70 -87.83 42.42 6.76
N LEU IA 71 -88.79 41.62 7.23
CA LEU IA 71 -89.44 40.62 6.39
C LEU IA 71 -90.82 41.16 6.01
N SER IA 72 -91.13 41.08 4.72
CA SER IA 72 -92.41 41.55 4.19
C SER IA 72 -92.97 40.48 3.28
N ARG IA 73 -94.06 39.83 3.71
CA ARG IA 73 -94.74 38.87 2.87
C ARG IA 73 -95.70 39.61 1.96
N LYS IA 74 -95.64 39.33 0.66
CA LYS IA 74 -96.47 40.03 -0.32
C LYS IA 74 -97.05 39.05 -1.32
N ARG IA 75 -98.14 39.48 -1.96
CA ARG IA 75 -98.81 38.66 -2.96
C ARG IA 75 -97.96 38.52 -4.20
N ASN IA 76 -97.94 37.33 -4.78
CA ASN IA 76 -97.26 37.06 -6.03
C ASN IA 76 -98.20 37.07 -7.23
N GLU IA 77 -99.42 37.55 -7.06
CA GLU IA 77 -100.41 37.51 -8.14
C GLU IA 77 -100.11 38.56 -9.20
N ASP IA 78 -98.98 38.39 -9.90
CA ASP IA 78 -98.69 39.15 -11.10
C ASP IA 78 -98.58 38.25 -12.33
N GLU IA 79 -98.54 36.94 -12.15
CA GLU IA 79 -98.45 35.98 -13.23
C GLU IA 79 -98.87 34.62 -12.69
N ASP IA 80 -99.08 33.67 -13.60
CA ASP IA 80 -99.44 32.32 -13.19
C ASP IA 80 -98.22 31.67 -12.54
N SER IA 81 -98.24 31.57 -11.22
CA SER IA 81 -97.13 31.02 -10.46
C SER IA 81 -97.65 29.96 -9.48
N PRO IA 82 -96.83 28.94 -9.19
CA PRO IA 82 -97.24 27.96 -8.18
C PRO IA 82 -97.42 28.54 -6.79
N ASN IA 83 -96.63 29.54 -6.43
CA ASN IA 83 -96.67 30.16 -5.11
C ASN IA 83 -97.32 31.53 -5.23
N LYS IA 84 -98.39 31.73 -4.46
CA LYS IA 84 -99.13 32.99 -4.49
C LYS IA 84 -98.56 34.02 -3.54
N LEU IA 85 -97.50 33.69 -2.82
CA LEU IA 85 -96.89 34.60 -1.85
C LEU IA 85 -95.38 34.55 -1.96
N TYR IA 86 -94.75 35.70 -1.75
CA TYR IA 86 -93.30 35.77 -1.75
C TYR IA 86 -92.86 36.71 -0.64
N THR IA 87 -91.69 36.43 -0.08
CA THR IA 87 -91.15 37.19 1.05
C THR IA 87 -90.01 38.08 0.58
N LEU IA 88 -90.16 39.38 0.79
CA LEU IA 88 -89.12 40.35 0.50
C LEU IA 88 -88.37 40.64 1.78
N VAL IA 89 -87.04 40.60 1.71
CA VAL IA 89 -86.19 40.82 2.87
C VAL IA 89 -85.35 42.06 2.58
N THR IA 90 -85.47 43.07 3.42
CA THR IA 90 -84.74 44.33 3.28
C THR IA 90 -83.87 44.55 4.50
N TYR IA 91 -82.86 45.39 4.32
CA TYR IA 91 -81.88 45.68 5.35
C TYR IA 91 -82.36 46.85 6.20
N VAL IA 92 -82.23 46.72 7.51
CA VAL IA 92 -82.59 47.76 8.46
C VAL IA 92 -81.30 48.25 9.13
N PRO IA 93 -80.76 49.39 8.69
CA PRO IA 93 -79.56 49.93 9.34
C PRO IA 93 -79.90 50.42 10.74
N VAL IA 94 -79.24 49.84 11.75
CA VAL IA 94 -79.50 50.17 13.14
C VAL IA 94 -78.20 50.56 13.82
N THR IA 95 -78.34 51.38 14.86
CA THR IA 95 -77.20 51.86 15.62
C THR IA 95 -76.62 50.81 16.56
N THR IA 96 -77.47 49.99 17.17
CA THR IA 96 -76.99 49.00 18.13
C THR IA 96 -77.98 47.84 18.16
N PHE IA 97 -77.52 46.72 18.70
CA PHE IA 97 -78.32 45.51 18.79
C PHE IA 97 -78.78 45.19 20.20
N LYS IA 98 -78.80 46.18 21.08
CA LYS IA 98 -79.16 45.95 22.47
C LYS IA 98 -80.66 46.12 22.66
N ASN IA 99 -81.29 45.13 23.30
CA ASN IA 99 -82.71 45.18 23.67
C ASN IA 99 -83.61 45.38 22.45
N LEU IA 100 -83.24 44.76 21.33
CA LEU IA 100 -84.08 44.76 20.14
C LEU IA 100 -84.93 43.49 20.13
N GLN IA 101 -86.22 43.66 19.94
CA GLN IA 101 -87.13 42.53 19.90
C GLN IA 101 -87.78 42.41 18.52
N THR IA 102 -88.26 41.20 18.23
CA THR IA 102 -89.07 40.97 17.04
C THR IA 102 -90.37 41.77 17.19
N VAL IA 103 -90.54 42.80 16.37
CA VAL IA 103 -91.65 43.72 16.49
C VAL IA 103 -92.48 43.68 15.22
N ASN IA 104 -93.80 43.75 15.38
CA ASN IA 104 -94.69 43.84 14.24
C ASN IA 104 -94.69 45.25 13.69
N VAL IA 105 -94.31 45.39 12.42
CA VAL IA 105 -94.29 46.67 11.74
C VAL IA 105 -95.52 46.76 10.84
N ASP IA 106 -96.19 47.90 10.87
CA ASP IA 106 -97.38 48.10 10.06
C ASP IA 106 -96.97 48.61 8.67
N GLU IA 107 -97.94 49.04 7.89
CA GLU IA 107 -97.69 49.54 6.55
C GLU IA 107 -97.07 50.94 6.59
N ALA JA 1 -107.00 -47.72 -37.96
CA ALA JA 1 -106.93 -46.31 -38.32
C ALA JA 1 -105.85 -46.06 -39.36
N ALA JA 2 -104.65 -45.72 -38.89
CA ALA JA 2 -103.54 -45.47 -39.79
C ALA JA 2 -103.05 -46.77 -40.42
N LEU JA 3 -102.42 -46.61 -41.59
CA LEU JA 3 -101.89 -47.78 -42.29
C LEU JA 3 -100.75 -48.41 -41.51
N ARG JA 4 -100.70 -49.72 -41.51
CA ARG JA 4 -99.78 -50.45 -40.67
C ARG JA 4 -98.60 -50.97 -41.48
N PRO JA 5 -97.43 -51.09 -40.87
CA PRO JA 5 -96.29 -51.72 -41.56
C PRO JA 5 -96.51 -53.23 -41.67
N LEU JA 6 -95.59 -53.87 -42.41
CA LEU JA 6 -95.65 -55.32 -42.53
C LEU JA 6 -95.46 -55.98 -41.18
N VAL JA 7 -94.49 -55.50 -40.40
CA VAL JA 7 -94.28 -55.95 -39.03
C VAL JA 7 -94.00 -54.73 -38.18
N LYS JA 8 -94.17 -54.88 -36.87
CA LYS JA 8 -93.87 -53.83 -35.90
C LYS JA 8 -92.96 -54.41 -34.83
N PRO JA 9 -91.66 -54.50 -35.11
CA PRO JA 9 -90.74 -55.08 -34.13
C PRO JA 9 -90.50 -54.13 -32.98
N LYS JA 10 -89.94 -54.69 -31.90
CA LYS JA 10 -89.64 -53.92 -30.70
C LYS JA 10 -88.34 -53.18 -30.91
N ILE JA 11 -88.44 -51.86 -31.11
CA ILE JA 11 -87.27 -51.04 -31.40
C ILE JA 11 -86.52 -50.78 -30.09
N VAL JA 12 -85.23 -51.10 -30.08
CA VAL JA 12 -84.37 -50.87 -28.92
C VAL JA 12 -83.21 -50.00 -29.37
N LYS JA 13 -83.01 -48.89 -28.68
CA LYS JA 13 -81.91 -47.98 -28.96
C LYS JA 13 -80.85 -48.14 -27.89
N LYS JA 14 -79.60 -48.41 -28.31
CA LYS JA 14 -78.52 -48.59 -27.36
C LYS JA 14 -78.28 -47.31 -26.55
N ARG JA 15 -78.31 -46.16 -27.23
CA ARG JA 15 -78.30 -44.88 -26.55
C ARG JA 15 -79.42 -44.03 -27.12
N THR JA 16 -80.17 -43.38 -26.25
CA THR JA 16 -81.25 -42.50 -26.67
C THR JA 16 -80.81 -41.05 -26.77
N LYS JA 17 -79.96 -40.58 -25.85
CA LYS JA 17 -79.50 -39.21 -25.85
C LYS JA 17 -78.47 -39.00 -26.96
N LYS JA 18 -77.95 -37.77 -27.06
CA LYS JA 18 -77.00 -37.39 -28.09
C LYS JA 18 -75.59 -37.31 -27.53
N PHE JA 19 -74.62 -37.52 -28.41
CA PHE JA 19 -73.21 -37.33 -28.07
C PHE JA 19 -72.83 -35.88 -28.33
N ILE JA 20 -72.83 -35.07 -27.30
CA ILE JA 20 -72.48 -33.67 -27.41
C ILE JA 20 -70.97 -33.54 -27.50
N ARG JA 21 -70.50 -32.45 -28.10
CA ARG JA 21 -69.08 -32.20 -28.18
C ARG JA 21 -68.53 -31.83 -26.81
N HIS JA 22 -67.27 -32.20 -26.57
CA HIS JA 22 -66.62 -31.90 -25.31
C HIS JA 22 -66.56 -30.39 -25.08
N GLN JA 23 -66.91 -29.96 -23.87
CA GLN JA 23 -66.91 -28.56 -23.46
C GLN JA 23 -67.81 -27.68 -24.32
N SER JA 24 -68.77 -28.29 -25.04
CA SER JA 24 -69.69 -27.48 -25.83
C SER JA 24 -70.67 -26.72 -24.97
N ASP JA 25 -70.83 -27.11 -23.70
CA ASP JA 25 -71.69 -26.36 -22.79
C ASP JA 25 -71.09 -25.01 -22.41
N ARG JA 26 -69.78 -24.94 -22.26
CA ARG JA 26 -69.11 -23.75 -21.74
C ARG JA 26 -68.92 -22.65 -22.77
N TYR JA 27 -69.12 -22.93 -24.05
CA TYR JA 27 -68.85 -21.96 -25.09
C TYR JA 27 -69.96 -21.93 -26.12
N VAL JA 28 -70.36 -20.73 -26.52
CA VAL JA 28 -71.28 -20.58 -27.63
C VAL JA 28 -70.59 -20.95 -28.94
N LYS JA 29 -69.33 -20.56 -29.10
CA LYS JA 29 -68.60 -20.82 -30.33
C LYS JA 29 -68.38 -22.30 -30.59
N ILE JA 30 -68.51 -23.14 -29.57
CA ILE JA 30 -68.39 -24.58 -29.72
C ILE JA 30 -69.79 -25.15 -29.85
N LYS JA 31 -70.16 -25.55 -31.06
CA LYS JA 31 -71.47 -26.14 -31.28
C LYS JA 31 -71.55 -27.52 -30.67
N ARG JA 32 -72.76 -28.07 -30.68
CA ARG JA 32 -72.97 -29.42 -30.18
C ARG JA 32 -72.71 -30.49 -31.23
N ASN JA 33 -72.27 -30.10 -32.42
CA ASN JA 33 -71.78 -31.07 -33.39
C ASN JA 33 -70.56 -31.79 -32.83
N TRP JA 34 -70.56 -33.11 -32.96
CA TRP JA 34 -69.50 -33.90 -32.35
C TRP JA 34 -68.16 -33.68 -33.05
N ARG JA 35 -67.09 -33.59 -32.26
CA ARG JA 35 -65.73 -33.55 -32.76
C ARG JA 35 -64.88 -34.44 -31.87
N LYS JA 36 -63.99 -35.21 -32.46
CA LYS JA 36 -63.14 -36.09 -31.68
C LYS JA 36 -62.09 -35.27 -30.93
N PRO JA 37 -62.05 -35.37 -29.60
CA PRO JA 37 -61.02 -34.63 -28.84
C PRO JA 37 -59.67 -35.33 -28.97
N ARG JA 38 -58.72 -34.64 -29.62
CA ARG JA 38 -57.39 -35.20 -29.85
C ARG JA 38 -56.34 -34.56 -28.94
N GLY JA 39 -56.77 -33.92 -27.85
CA GLY JA 39 -55.82 -33.26 -26.97
C GLY JA 39 -54.92 -34.24 -26.25
N ILE JA 40 -53.70 -33.79 -25.96
CA ILE JA 40 -52.74 -34.63 -25.27
C ILE JA 40 -53.18 -34.89 -23.83
N ASP JA 41 -53.80 -33.90 -23.20
CA ASP JA 41 -54.27 -34.01 -21.82
C ASP JA 41 -55.76 -34.26 -21.74
N ASN JA 42 -56.42 -34.56 -22.85
CA ASN JA 42 -57.87 -34.64 -22.88
C ASN JA 42 -58.35 -35.89 -22.16
N ARG JA 43 -59.08 -35.69 -21.06
CA ARG JA 43 -59.60 -36.80 -20.29
C ARG JA 43 -60.76 -37.50 -20.98
N VAL JA 44 -61.55 -36.78 -21.78
CA VAL JA 44 -62.62 -37.41 -22.54
C VAL JA 44 -62.05 -38.37 -23.57
N ARG JA 45 -60.96 -37.97 -24.24
CA ARG JA 45 -60.27 -38.90 -25.13
C ARG JA 45 -59.71 -40.08 -24.35
N ARG JA 46 -59.14 -39.81 -23.18
CA ARG JA 46 -58.62 -40.87 -22.34
C ARG JA 46 -59.70 -41.71 -21.69
N ARG JA 47 -60.96 -41.26 -21.75
CA ARG JA 47 -62.12 -42.01 -21.26
C ARG JA 47 -62.05 -42.22 -19.74
N PHE JA 48 -61.87 -41.12 -19.01
CA PHE JA 48 -61.97 -41.17 -17.56
C PHE JA 48 -63.42 -41.33 -17.13
N LYS JA 49 -63.61 -41.86 -15.94
CA LYS JA 49 -64.95 -42.09 -15.42
C LYS JA 49 -65.66 -40.77 -15.13
N GLY JA 50 -66.98 -40.77 -15.34
CA GLY JA 50 -67.77 -39.58 -15.08
C GLY JA 50 -67.65 -38.49 -16.12
N GLN JA 51 -67.04 -38.77 -17.26
CA GLN JA 51 -66.81 -37.77 -18.28
C GLN JA 51 -67.84 -37.91 -19.41
N ILE JA 52 -67.62 -37.16 -20.48
CA ILE JA 52 -68.47 -37.26 -21.66
C ILE JA 52 -68.09 -38.51 -22.45
N LEU JA 53 -69.05 -39.38 -22.71
CA LEU JA 53 -68.79 -40.61 -23.44
C LEU JA 53 -68.54 -40.31 -24.91
N MET JA 54 -67.64 -41.08 -25.51
CA MET JA 54 -67.41 -40.80 -26.92
C MET JA 54 -68.17 -41.78 -27.80
N PRO JA 55 -68.58 -41.34 -28.99
CA PRO JA 55 -69.22 -42.26 -29.93
C PRO JA 55 -68.25 -43.36 -30.37
N ASN JA 56 -68.80 -44.54 -30.65
CA ASN JA 56 -68.01 -45.66 -31.14
C ASN JA 56 -68.94 -46.64 -31.86
N ILE JA 57 -68.34 -47.66 -32.48
CA ILE JA 57 -69.10 -48.64 -33.24
C ILE JA 57 -70.00 -49.49 -32.35
N GLY JA 58 -69.71 -49.58 -31.05
CA GLY JA 58 -70.51 -50.42 -30.17
C GLY JA 58 -71.92 -49.94 -29.99
N TYR JA 59 -72.20 -48.69 -30.34
CA TYR JA 59 -73.55 -48.15 -30.23
C TYR JA 59 -74.38 -48.41 -31.48
N GLY JA 60 -73.86 -49.19 -32.42
CA GLY JA 60 -74.58 -49.42 -33.66
C GLY JA 60 -75.92 -50.08 -33.42
N SER JA 61 -76.96 -49.51 -34.02
CA SER JA 61 -78.31 -50.02 -33.85
C SER JA 61 -78.46 -51.34 -34.58
N ASN JA 62 -79.46 -52.12 -34.16
CA ASN JA 62 -79.71 -53.43 -34.74
C ASN JA 62 -80.01 -53.28 -36.23
N LYS JA 63 -79.41 -54.14 -37.04
CA LYS JA 63 -79.52 -54.02 -38.49
C LYS JA 63 -80.95 -54.25 -38.97
N LYS JA 64 -81.76 -55.01 -38.23
CA LYS JA 64 -83.14 -55.19 -38.63
C LYS JA 64 -83.94 -53.91 -38.45
N THR JA 65 -83.76 -53.23 -37.33
CA THR JA 65 -84.59 -52.08 -36.97
C THR JA 65 -83.94 -50.74 -37.28
N LYS JA 66 -82.85 -50.75 -38.06
CA LYS JA 66 -82.15 -49.52 -38.35
C LYS JA 66 -82.98 -48.63 -39.26
N HIS JA 67 -82.99 -47.33 -38.96
CA HIS JA 67 -83.66 -46.29 -39.71
C HIS JA 67 -85.19 -46.42 -39.69
N MET JA 68 -85.74 -47.29 -38.86
CA MET JA 68 -87.18 -47.35 -38.69
C MET JA 68 -87.67 -46.16 -37.88
N LEU JA 69 -88.77 -45.56 -38.33
CA LEU JA 69 -89.46 -44.57 -37.55
C LEU JA 69 -90.19 -45.26 -36.39
N PRO JA 70 -90.58 -44.51 -35.35
CA PRO JA 70 -91.33 -45.12 -34.25
C PRO JA 70 -92.64 -45.77 -34.69
N SER JA 71 -93.24 -45.29 -35.78
CA SER JA 71 -94.45 -45.93 -36.30
C SER JA 71 -94.18 -47.29 -36.93
N GLY JA 72 -92.91 -47.65 -37.13
CA GLY JA 72 -92.56 -48.93 -37.71
C GLY JA 72 -92.17 -48.89 -39.17
N PHE JA 73 -92.54 -47.84 -39.90
CA PHE JA 73 -92.14 -47.71 -41.28
C PHE JA 73 -90.70 -47.18 -41.39
N ARG JA 74 -90.14 -47.31 -42.57
CA ARG JA 74 -88.90 -46.66 -42.93
C ARG JA 74 -89.18 -45.49 -43.86
N LYS JA 75 -88.33 -44.48 -43.80
CA LYS JA 75 -88.62 -43.18 -44.40
C LYS JA 75 -87.98 -43.07 -45.78
N PHE JA 76 -88.74 -42.51 -46.72
CA PHE JA 76 -88.25 -42.21 -48.06
C PHE JA 76 -88.78 -40.84 -48.48
N LEU JA 77 -88.02 -40.14 -49.31
CA LEU JA 77 -88.36 -38.77 -49.68
C LEU JA 77 -88.83 -38.71 -51.13
N VAL JA 78 -89.86 -37.91 -51.38
CA VAL JA 78 -90.42 -37.74 -52.71
C VAL JA 78 -90.49 -36.25 -53.01
N HIS JA 79 -90.65 -35.94 -54.30
CA HIS JA 79 -90.78 -34.56 -54.75
C HIS JA 79 -92.03 -34.31 -55.58
N ASN JA 80 -92.45 -35.26 -56.41
CA ASN JA 80 -93.66 -35.12 -57.20
C ASN JA 80 -94.40 -36.44 -57.23
N VAL JA 81 -95.43 -36.52 -58.07
CA VAL JA 81 -96.25 -37.72 -58.16
C VAL JA 81 -95.44 -38.87 -58.77
N LYS JA 82 -94.58 -38.57 -59.75
CA LYS JA 82 -93.87 -39.62 -60.47
C LYS JA 82 -92.90 -40.36 -59.54
N GLU JA 83 -92.36 -39.68 -58.53
CA GLU JA 83 -91.51 -40.36 -57.57
C GLU JA 83 -92.28 -41.19 -56.57
N LEU JA 84 -93.61 -41.13 -56.59
CA LEU JA 84 -94.40 -41.84 -55.58
C LEU JA 84 -94.67 -43.29 -55.96
N GLU JA 85 -94.75 -43.61 -57.25
CA GLU JA 85 -95.11 -44.96 -57.68
C GLU JA 85 -94.04 -46.00 -57.36
N VAL JA 86 -92.81 -45.59 -57.04
CA VAL JA 86 -91.79 -46.57 -56.70
C VAL JA 86 -92.07 -47.23 -55.36
N LEU JA 87 -92.85 -46.58 -54.50
CA LEU JA 87 -93.20 -47.14 -53.20
C LEU JA 87 -94.46 -48.00 -53.27
N LEU JA 88 -95.04 -48.14 -54.46
CA LEU JA 88 -96.29 -48.89 -54.59
C LEU JA 88 -96.10 -50.35 -54.22
N MET JA 89 -95.00 -50.96 -54.64
CA MET JA 89 -94.70 -52.34 -54.30
C MET JA 89 -93.95 -52.49 -52.98
N CYS JA 90 -93.49 -51.39 -52.39
CA CYS JA 90 -92.87 -51.43 -51.07
C CYS JA 90 -93.73 -50.71 -50.03
N ASN JA 91 -95.05 -50.81 -50.16
CA ASN JA 91 -95.95 -50.05 -49.31
C ASN JA 91 -95.86 -50.48 -47.85
N LYS JA 92 -95.74 -51.77 -47.60
CA LYS JA 92 -95.85 -52.31 -46.25
C LYS JA 92 -94.60 -52.11 -45.41
N SER JA 93 -93.55 -51.50 -45.97
CA SER JA 93 -92.31 -51.30 -45.22
C SER JA 93 -91.67 -49.93 -45.42
N TYR JA 94 -92.25 -49.05 -46.22
CA TYR JA 94 -91.68 -47.74 -46.45
C TYR JA 94 -92.76 -46.67 -46.50
N CYS JA 95 -92.44 -45.50 -45.97
CA CYS JA 95 -93.33 -44.34 -46.00
C CYS JA 95 -92.66 -43.20 -46.75
N ALA JA 96 -93.46 -42.19 -47.10
CA ALA JA 96 -93.03 -41.09 -47.95
C ALA JA 96 -93.16 -39.76 -47.20
N GLU JA 97 -92.16 -38.91 -47.37
CA GLU JA 97 -92.21 -37.52 -46.91
C GLU JA 97 -92.25 -36.58 -48.10
N ILE JA 98 -93.17 -35.64 -48.08
CA ILE JA 98 -93.19 -34.56 -49.05
C ILE JA 98 -92.07 -33.59 -48.71
N ALA JA 99 -91.33 -33.16 -49.71
CA ALA JA 99 -90.23 -32.23 -49.47
C ALA JA 99 -90.76 -30.87 -49.03
N HIS JA 100 -89.93 -30.13 -48.32
CA HIS JA 100 -90.35 -28.86 -47.75
C HIS JA 100 -90.65 -27.82 -48.83
N ASN JA 101 -89.96 -27.89 -49.96
CA ASN JA 101 -90.12 -26.91 -51.02
C ASN JA 101 -91.25 -27.25 -51.99
N VAL JA 102 -91.97 -28.34 -51.75
CA VAL JA 102 -93.11 -28.68 -52.61
C VAL JA 102 -94.27 -27.73 -52.31
N SER JA 103 -94.87 -27.21 -53.36
CA SER JA 103 -95.97 -26.27 -53.22
C SER JA 103 -97.19 -26.95 -52.60
N SER JA 104 -98.14 -26.14 -52.15
CA SER JA 104 -99.35 -26.68 -51.54
C SER JA 104 -100.21 -27.43 -52.55
N LYS JA 105 -100.39 -26.88 -53.75
CA LYS JA 105 -101.23 -27.55 -54.73
C LYS JA 105 -100.64 -28.88 -55.19
N ASN JA 106 -99.31 -28.95 -55.32
CA ASN JA 106 -98.69 -30.20 -55.74
C ASN JA 106 -98.74 -31.24 -54.62
N ARG JA 107 -98.44 -30.82 -53.40
CA ARG JA 107 -98.47 -31.77 -52.29
C ARG JA 107 -99.89 -32.23 -51.98
N LYS JA 108 -100.90 -31.42 -52.29
CA LYS JA 108 -102.29 -31.88 -52.17
C LYS JA 108 -102.54 -33.07 -53.09
N ALA JA 109 -102.14 -32.96 -54.35
CA ALA JA 109 -102.31 -34.05 -55.30
C ALA JA 109 -101.48 -35.26 -54.89
N ILE JA 110 -100.27 -35.03 -54.38
CA ILE JA 110 -99.43 -36.14 -53.94
C ILE JA 110 -100.07 -36.88 -52.77
N VAL JA 111 -100.63 -36.14 -51.81
CA VAL JA 111 -101.31 -36.76 -50.68
C VAL JA 111 -102.51 -37.56 -51.16
N GLU JA 112 -103.28 -36.99 -52.11
CA GLU JA 112 -104.43 -37.70 -52.63
C GLU JA 112 -104.02 -38.99 -53.34
N ARG JA 113 -102.94 -38.93 -54.13
CA ARG JA 113 -102.47 -40.13 -54.81
C ARG JA 113 -101.97 -41.18 -53.83
N ALA JA 114 -101.26 -40.76 -52.79
CA ALA JA 114 -100.80 -41.70 -51.78
C ALA JA 114 -101.98 -42.34 -51.05
N ALA JA 115 -103.04 -41.56 -50.81
CA ALA JA 115 -104.25 -42.13 -50.24
C ALA JA 115 -104.87 -43.16 -51.19
N GLN JA 116 -104.84 -42.87 -52.49
CA GLN JA 116 -105.30 -43.85 -53.47
C GLN JA 116 -104.43 -45.09 -53.45
N LEU JA 117 -103.12 -44.92 -53.37
CA LEU JA 117 -102.18 -46.03 -53.41
C LEU JA 117 -101.93 -46.63 -52.04
N ALA JA 118 -102.68 -46.20 -51.02
CA ALA JA 118 -102.54 -46.69 -49.65
C ALA JA 118 -101.13 -46.53 -49.12
N ILE JA 119 -100.48 -45.42 -49.46
CA ILE JA 119 -99.12 -45.14 -49.02
C ILE JA 119 -99.17 -44.14 -47.88
N ARG JA 120 -98.57 -44.52 -46.75
CA ARG JA 120 -98.56 -43.67 -45.57
C ARG JA 120 -97.63 -42.49 -45.77
N VAL JA 121 -98.12 -41.29 -45.46
CA VAL JA 121 -97.34 -40.08 -45.48
C VAL JA 121 -97.23 -39.55 -44.07
N THR JA 122 -96.01 -39.36 -43.59
CA THR JA 122 -95.79 -38.88 -42.23
C THR JA 122 -96.26 -37.45 -42.04
N ASN JA 123 -96.34 -36.67 -43.11
CA ASN JA 123 -96.81 -35.28 -43.06
C ASN JA 123 -97.90 -35.10 -44.12
N PRO JA 124 -99.07 -35.70 -43.91
CA PRO JA 124 -100.13 -35.56 -44.91
C PRO JA 124 -100.81 -34.21 -44.88
N ASN JA 125 -100.87 -33.55 -43.72
CA ASN JA 125 -101.45 -32.22 -43.56
C ASN JA 125 -100.31 -31.27 -43.24
N ALA JA 126 -99.68 -30.75 -44.28
CA ALA JA 126 -98.48 -29.94 -44.12
C ALA JA 126 -98.60 -28.51 -44.62
N ARG JA 127 -99.50 -28.22 -45.56
CA ARG JA 127 -99.63 -26.85 -46.09
C ARG JA 127 -101.10 -26.61 -46.38
N LEU JA 128 -101.80 -26.04 -45.40
CA LEU JA 128 -103.22 -25.75 -45.56
C LEU JA 128 -103.68 -24.70 -44.55
N SER KA 1 -108.68 -52.81 5.76
CA SER KA 1 -108.91 -53.68 6.92
C SER KA 1 -107.60 -54.03 7.61
N GLY KA 2 -106.52 -54.12 6.83
CA GLY KA 2 -105.22 -54.45 7.39
C GLY KA 2 -104.11 -53.92 6.50
N ARG KA 3 -102.92 -53.86 7.08
CA ARG KA 3 -101.77 -53.31 6.35
C ARG KA 3 -101.43 -54.17 5.15
N LEU KA 4 -101.44 -55.49 5.33
CA LEU KA 4 -101.45 -56.45 4.24
C LEU KA 4 -100.18 -56.43 3.38
N TRP KA 5 -99.16 -55.70 3.82
CA TRP KA 5 -97.84 -55.77 3.19
C TRP KA 5 -96.77 -55.42 4.22
N SER KA 6 -95.59 -55.98 4.03
CA SER KA 6 -94.49 -55.77 4.96
C SER KA 6 -93.81 -54.44 4.69
N LYS KA 7 -93.38 -53.78 5.77
CA LYS KA 7 -92.69 -52.52 5.64
C LYS KA 7 -91.22 -52.74 5.28
N ALA KA 8 -90.75 -52.03 4.27
CA ALA KA 8 -89.35 -52.11 3.86
C ALA KA 8 -88.86 -50.70 3.53
N ILE KA 9 -87.55 -50.53 3.60
CA ILE KA 9 -86.91 -49.23 3.44
C ILE KA 9 -85.94 -49.31 2.26
N PHE KA 10 -86.03 -48.33 1.36
CA PHE KA 10 -85.09 -48.20 0.25
C PHE KA 10 -83.76 -47.72 0.81
N ALA KA 11 -82.89 -48.68 1.15
CA ALA KA 11 -81.59 -48.33 1.73
C ALA KA 11 -80.69 -47.65 0.71
N GLY KA 12 -80.69 -48.13 -0.52
CA GLY KA 12 -79.86 -47.53 -1.55
C GLY KA 12 -79.69 -48.47 -2.73
N TYR KA 13 -78.89 -48.01 -3.69
CA TYR KA 13 -78.60 -48.79 -4.86
C TYR KA 13 -77.47 -49.77 -4.60
N LYS KA 14 -77.44 -50.85 -5.36
CA LYS KA 14 -76.25 -51.69 -5.42
C LYS KA 14 -75.09 -50.84 -5.91
N ARG KA 15 -73.98 -50.89 -5.18
CA ARG KA 15 -72.93 -49.93 -5.44
C ARG KA 15 -71.60 -50.43 -4.89
N GLY KA 16 -70.52 -49.95 -5.49
CA GLY KA 16 -69.20 -50.02 -4.90
C GLY KA 16 -68.94 -48.76 -4.10
N LEU KA 17 -67.67 -48.50 -3.84
CA LEU KA 17 -67.32 -47.27 -3.12
C LEU KA 17 -67.45 -46.05 -4.02
N ARG KA 18 -67.04 -46.17 -5.28
CA ARG KA 18 -67.09 -45.05 -6.23
C ARG KA 18 -67.86 -45.41 -7.49
N ASN KA 19 -68.71 -46.44 -7.44
CA ASN KA 19 -69.57 -46.80 -8.57
C ASN KA 19 -70.96 -47.10 -8.04
N GLN KA 20 -71.97 -46.71 -8.82
CA GLN KA 20 -73.36 -46.84 -8.39
C GLN KA 20 -74.16 -47.52 -9.49
N ARG KA 21 -74.66 -48.71 -9.21
CA ARG KA 21 -75.53 -49.45 -10.12
C ARG KA 21 -76.97 -49.07 -9.76
N GLU KA 22 -77.56 -48.19 -10.57
CA GLU KA 22 -78.91 -47.72 -10.27
C GLU KA 22 -79.99 -48.65 -10.79
N HIS KA 23 -79.66 -49.60 -11.68
CA HIS KA 23 -80.67 -50.48 -12.24
C HIS KA 23 -81.23 -51.45 -11.21
N THR KA 24 -80.52 -51.65 -10.10
CA THR KA 24 -81.00 -52.49 -9.01
C THR KA 24 -80.77 -51.77 -7.69
N ALA KA 25 -81.59 -52.11 -6.69
CA ALA KA 25 -81.64 -51.38 -5.44
C ALA KA 25 -81.66 -52.35 -4.26
N LEU KA 26 -81.19 -51.86 -3.12
CA LEU KA 26 -81.14 -52.64 -1.89
C LEU KA 26 -82.26 -52.20 -0.96
N LEU KA 27 -82.95 -53.17 -0.36
CA LEU KA 27 -84.07 -52.90 0.53
C LEU KA 27 -83.83 -53.53 1.89
N LYS KA 28 -84.42 -52.93 2.91
CA LYS KA 28 -84.33 -53.39 4.30
C LYS KA 28 -85.73 -53.74 4.79
N ILE KA 29 -86.05 -55.02 4.82
CA ILE KA 29 -87.34 -55.47 5.32
C ILE KA 29 -87.32 -55.46 6.84
N GLU KA 30 -88.29 -54.79 7.44
CA GLU KA 30 -88.31 -54.63 8.88
C GLU KA 30 -88.52 -55.97 9.57
N GLY KA 31 -87.71 -56.25 10.60
CA GLY KA 31 -87.79 -57.48 11.34
C GLY KA 31 -86.98 -58.62 10.77
N VAL KA 32 -86.35 -58.44 9.61
CA VAL KA 32 -85.54 -59.47 8.98
C VAL KA 32 -84.09 -58.99 9.06
N TYR KA 33 -83.35 -59.50 10.05
CA TYR KA 33 -81.99 -59.07 10.26
C TYR KA 33 -81.00 -60.22 10.13
N ALA KA 34 -81.27 -61.17 9.25
CA ALA KA 34 -80.37 -62.28 8.99
C ALA KA 34 -80.58 -62.77 7.57
N ARG KA 35 -79.56 -63.41 7.02
CA ARG KA 35 -79.65 -63.84 5.62
C ARG KA 35 -80.59 -65.03 5.47
N ASP KA 36 -80.56 -65.97 6.41
CA ASP KA 36 -81.39 -67.16 6.31
C ASP KA 36 -82.89 -66.86 6.36
N GLU KA 37 -83.28 -65.73 6.92
CA GLU KA 37 -84.69 -65.35 6.99
C GLU KA 37 -85.17 -64.65 5.73
N THR KA 38 -84.28 -64.39 4.78
CA THR KA 38 -84.65 -63.69 3.56
C THR KA 38 -85.28 -64.59 2.51
N GLU KA 39 -85.32 -65.90 2.75
CA GLU KA 39 -85.87 -66.82 1.77
C GLU KA 39 -87.34 -66.56 1.50
N PHE KA 40 -88.10 -66.18 2.53
CA PHE KA 40 -89.55 -66.02 2.36
C PHE KA 40 -89.87 -64.85 1.45
N TYR KA 41 -89.03 -63.82 1.45
CA TYR KA 41 -89.32 -62.62 0.69
C TYR KA 41 -88.73 -62.62 -0.72
N LEU KA 42 -87.98 -63.66 -1.10
CA LEU KA 42 -87.43 -63.70 -2.44
C LEU KA 42 -88.53 -63.93 -3.46
N GLY KA 43 -88.50 -63.16 -4.54
CA GLY KA 43 -89.50 -63.25 -5.58
C GLY KA 43 -90.76 -62.48 -5.32
N LYS KA 44 -90.93 -61.92 -4.13
CA LYS KA 44 -92.14 -61.19 -3.81
C LYS KA 44 -92.19 -59.86 -4.55
N ARG KA 45 -93.40 -59.49 -4.98
CA ARG KA 45 -93.62 -58.18 -5.58
C ARG KA 45 -93.41 -57.08 -4.55
N CYS KA 46 -92.73 -56.02 -4.97
CA CYS KA 46 -92.53 -54.86 -4.11
C CYS KA 46 -92.87 -53.59 -4.88
N ALA KA 47 -93.52 -52.66 -4.19
CA ALA KA 47 -94.03 -51.44 -4.82
C ALA KA 47 -93.60 -50.22 -4.04
N TYR KA 48 -93.37 -49.12 -4.75
CA TYR KA 48 -93.04 -47.84 -4.16
C TYR KA 48 -94.22 -46.90 -4.41
N VAL KA 49 -94.82 -46.42 -3.33
CA VAL KA 49 -96.05 -45.63 -3.38
C VAL KA 49 -95.74 -44.21 -2.97
N TYR KA 50 -96.16 -43.24 -3.78
CA TYR KA 50 -95.93 -41.84 -3.49
C TYR KA 50 -97.05 -41.03 -4.13
N LYS KA 51 -97.06 -39.74 -3.84
CA LYS KA 51 -98.04 -38.82 -4.39
C LYS KA 51 -97.33 -37.79 -5.28
N ALA KA 52 -98.09 -37.18 -6.17
CA ALA KA 52 -97.56 -36.16 -7.06
C ALA KA 52 -98.59 -35.05 -7.21
N LYS KA 53 -98.38 -34.18 -8.19
CA LYS KA 53 -99.21 -33.00 -8.37
C LYS KA 53 -100.42 -33.26 -9.26
N ASN KA 54 -100.25 -34.08 -10.31
CA ASN KA 54 -101.32 -34.32 -11.26
C ASN KA 54 -102.00 -35.66 -10.98
N ASN KA 55 -103.28 -35.73 -11.34
CA ASN KA 55 -104.06 -36.95 -11.12
C ASN KA 55 -103.64 -38.03 -12.09
N THR KA 56 -103.55 -39.26 -11.59
CA THR KA 56 -103.23 -40.41 -12.41
C THR KA 56 -104.32 -41.46 -12.26
N VAL KA 57 -104.52 -42.24 -13.32
CA VAL KA 57 -105.57 -43.25 -13.32
C VAL KA 57 -105.27 -44.31 -12.28
N THR KA 58 -106.34 -44.81 -11.64
CA THR KA 58 -106.22 -45.82 -10.61
C THR KA 58 -107.01 -47.05 -11.02
N PRO KA 59 -106.39 -48.22 -11.10
CA PRO KA 59 -107.14 -49.44 -11.43
C PRO KA 59 -108.14 -49.76 -10.32
N GLY KA 60 -109.40 -49.94 -10.72
CA GLY KA 60 -110.45 -50.20 -9.76
C GLY KA 60 -110.75 -49.03 -8.83
N GLY KA 61 -110.79 -47.82 -9.37
CA GLY KA 61 -111.10 -46.66 -8.57
C GLY KA 61 -110.98 -45.39 -9.39
N LYS KA 62 -111.33 -44.28 -8.75
CA LYS KA 62 -111.25 -42.97 -9.38
C LYS KA 62 -109.81 -42.48 -9.42
N PRO KA 63 -109.48 -41.62 -10.39
CA PRO KA 63 -108.12 -41.07 -10.45
C PRO KA 63 -107.77 -40.27 -9.21
N ASN KA 64 -106.50 -40.33 -8.82
CA ASN KA 64 -106.02 -39.64 -7.63
C ASN KA 64 -104.56 -39.29 -7.83
N LYS KA 65 -103.90 -38.88 -6.75
CA LYS KA 65 -102.51 -38.45 -6.79
C LYS KA 65 -101.52 -39.60 -6.60
N THR KA 66 -101.99 -40.81 -6.38
CA THR KA 66 -101.11 -41.92 -6.05
C THR KA 66 -100.41 -42.44 -7.31
N ARG KA 67 -99.09 -42.59 -7.23
CA ARG KA 67 -98.31 -43.21 -8.28
C ARG KA 67 -97.46 -44.32 -7.70
N VAL KA 68 -97.25 -45.37 -8.49
CA VAL KA 68 -96.57 -46.58 -8.05
C VAL KA 68 -95.49 -46.95 -9.06
N ILE KA 69 -94.30 -47.29 -8.56
CA ILE KA 69 -93.25 -47.88 -9.36
C ILE KA 69 -93.11 -49.33 -8.91
N TRP KA 70 -93.46 -50.25 -9.80
CA TRP KA 70 -93.52 -51.67 -9.45
C TRP KA 70 -92.14 -52.30 -9.52
N GLY KA 71 -92.00 -53.42 -8.81
CA GLY KA 71 -90.75 -54.16 -8.83
C GLY KA 71 -90.91 -55.45 -8.07
N LYS KA 72 -89.82 -56.21 -8.00
CA LYS KA 72 -89.85 -57.46 -7.25
C LYS KA 72 -88.46 -57.75 -6.70
N VAL KA 73 -88.43 -58.37 -5.52
CA VAL KA 73 -87.18 -58.69 -4.85
C VAL KA 73 -86.55 -59.91 -5.51
N THR KA 74 -85.29 -59.77 -5.92
CA THR KA 74 -84.60 -60.82 -6.66
C THR KA 74 -83.86 -61.79 -5.76
N ARG KA 75 -82.92 -61.30 -4.96
CA ARG KA 75 -82.08 -62.19 -4.18
C ARG KA 75 -81.67 -61.49 -2.89
N ALA KA 76 -81.20 -62.29 -1.94
CA ALA KA 76 -80.71 -61.76 -0.67
C ALA KA 76 -79.40 -61.01 -0.88
N HIS KA 77 -79.13 -60.09 0.04
CA HIS KA 77 -77.92 -59.28 0.01
C HIS KA 77 -77.25 -59.30 1.37
N GLY KA 78 -75.92 -59.35 1.38
CA GLY KA 78 -75.20 -59.30 2.63
C GLY KA 78 -75.49 -60.50 3.52
N ASN KA 79 -75.33 -60.27 4.82
CA ASN KA 79 -75.67 -61.26 5.83
C ASN KA 79 -76.60 -60.70 6.90
N SER KA 80 -76.99 -59.43 6.82
CA SER KA 80 -77.85 -58.79 7.81
C SER KA 80 -79.28 -58.65 7.31
N GLY KA 81 -79.70 -59.53 6.41
CA GLY KA 81 -81.06 -59.48 5.91
C GLY KA 81 -81.31 -58.52 4.78
N MET KA 82 -80.26 -57.95 4.19
CA MET KA 82 -80.46 -57.07 3.05
C MET KA 82 -80.97 -57.86 1.86
N VAL KA 83 -81.78 -57.21 1.01
CA VAL KA 83 -82.32 -57.83 -0.17
C VAL KA 83 -82.17 -56.89 -1.35
N ARG KA 84 -82.18 -57.46 -2.55
CA ARG KA 84 -82.04 -56.70 -3.79
C ARG KA 84 -83.35 -56.74 -4.55
N ALA KA 85 -83.72 -55.61 -5.15
CA ALA KA 85 -84.97 -55.48 -5.88
C ALA KA 85 -84.73 -54.87 -7.25
N LYS KA 86 -85.30 -55.50 -8.28
CA LYS KA 86 -85.30 -54.98 -9.64
C LYS KA 86 -86.66 -54.40 -9.95
N PHE KA 87 -86.69 -53.11 -10.30
CA PHE KA 87 -87.93 -52.42 -10.60
C PHE KA 87 -88.10 -52.25 -12.10
N ARG KA 88 -89.34 -51.96 -12.51
CA ARG KA 88 -89.60 -51.69 -13.92
C ARG KA 88 -88.86 -50.46 -14.38
N SER KA 89 -88.83 -49.42 -13.54
CA SER KA 89 -88.05 -48.23 -13.79
C SER KA 89 -87.13 -47.99 -12.62
N ASN KA 90 -85.95 -47.43 -12.90
CA ASN KA 90 -84.97 -47.18 -11.86
C ASN KA 90 -85.53 -46.21 -10.83
N LEU KA 91 -85.31 -46.55 -9.56
CA LEU KA 91 -85.89 -45.78 -8.47
C LEU KA 91 -85.34 -44.37 -8.43
N PRO KA 92 -86.19 -43.36 -8.28
CA PRO KA 92 -85.68 -42.00 -8.03
C PRO KA 92 -84.95 -41.94 -6.71
N ALA KA 93 -83.86 -41.16 -6.70
CA ALA KA 93 -83.01 -41.10 -5.52
C ALA KA 93 -83.66 -40.37 -4.35
N LYS KA 94 -84.75 -39.64 -4.57
CA LYS KA 94 -85.44 -38.98 -3.48
C LYS KA 94 -86.17 -39.96 -2.57
N ALA KA 95 -86.29 -41.22 -2.98
CA ALA KA 95 -86.99 -42.23 -2.21
C ALA KA 95 -86.10 -42.92 -1.20
N ILE KA 96 -84.82 -42.52 -1.10
CA ILE KA 96 -83.91 -43.15 -0.16
C ILE KA 96 -84.37 -42.86 1.26
N GLY KA 97 -84.52 -43.92 2.06
CA GLY KA 97 -85.02 -43.77 3.41
C GLY KA 97 -86.53 -43.65 3.52
N HIS KA 98 -87.28 -44.09 2.51
CA HIS KA 98 -88.72 -44.03 2.52
C HIS KA 98 -89.31 -45.43 2.47
N ARG KA 99 -90.63 -45.50 2.49
CA ARG KA 99 -91.35 -46.77 2.65
C ARG KA 99 -91.40 -47.53 1.33
N ILE KA 100 -91.13 -48.83 1.41
CA ILE KA 100 -91.34 -49.75 0.30
C ILE KA 100 -92.16 -50.92 0.82
N ARG KA 101 -93.21 -51.28 0.09
CA ARG KA 101 -94.11 -52.36 0.51
C ARG KA 101 -93.66 -53.67 -0.12
N VAL KA 102 -93.75 -54.75 0.67
CA VAL KA 102 -93.58 -56.10 0.16
C VAL KA 102 -94.95 -56.75 0.11
N MET KA 103 -95.46 -56.97 -1.10
CA MET KA 103 -96.89 -57.16 -1.31
C MET KA 103 -97.37 -58.58 -1.05
N LEU KA 104 -96.47 -59.53 -0.81
CA LEU KA 104 -96.81 -60.94 -0.57
C LEU KA 104 -97.55 -61.58 -1.75
N TYR KA 105 -97.55 -60.92 -2.91
CA TYR KA 105 -98.33 -61.41 -4.05
C TYR KA 105 -97.89 -62.79 -4.53
N PRO KA 106 -96.60 -63.05 -4.78
CA PRO KA 106 -96.27 -64.44 -5.20
C PRO KA 106 -96.12 -65.37 -3.99
N SER KA 107 -97.25 -65.89 -3.53
CA SER KA 107 -97.23 -66.75 -2.36
C SER KA 107 -96.74 -68.14 -2.72
N ARG KA 108 -95.71 -68.60 -2.01
CA ARG KA 108 -95.20 -69.96 -2.17
C ARG KA 108 -95.59 -70.85 -1.01
N ILE KA 109 -96.25 -70.30 0.00
CA ILE KA 109 -96.60 -71.06 1.20
C ILE KA 109 -98.07 -71.43 1.18
N VAL LA 1 -50.73 55.86 -16.77
CA VAL LA 1 -50.56 56.76 -17.91
C VAL LA 1 -50.82 56.02 -19.20
N GLN LA 2 -50.86 56.76 -20.31
CA GLN LA 2 -51.11 56.16 -21.61
C GLN LA 2 -49.88 55.38 -22.05
N ARG LA 3 -50.06 54.09 -22.35
CA ARG LA 3 -48.98 53.26 -22.88
C ARG LA 3 -49.09 53.18 -24.39
N LEU LA 4 -47.93 53.12 -25.05
CA LEU LA 4 -47.83 53.38 -26.47
C LEU LA 4 -47.70 52.10 -27.26
N THR LA 5 -47.94 52.21 -28.57
CA THR LA 5 -47.85 51.09 -29.50
C THR LA 5 -47.13 51.54 -30.75
N TYR LA 6 -46.49 50.58 -31.42
CA TYR LA 6 -45.90 50.85 -32.72
C TYR LA 6 -46.98 51.14 -33.75
N ARG LA 7 -46.65 52.02 -34.69
CA ARG LA 7 -47.55 52.30 -35.81
C ARG LA 7 -47.13 51.60 -37.09
N ARG LA 8 -46.08 50.79 -37.05
CA ARG LA 8 -45.64 49.98 -38.17
C ARG LA 8 -45.41 48.54 -37.70
N ARG LA 9 -45.31 47.63 -38.67
CA ARG LA 9 -45.25 46.21 -38.34
C ARG LA 9 -43.89 45.75 -37.85
N LEU LA 10 -42.86 46.58 -37.94
CA LEU LA 10 -41.54 46.20 -37.44
C LEU LA 10 -41.56 46.28 -35.91
N SER LA 11 -41.69 45.12 -35.25
CA SER LA 11 -41.84 45.05 -33.81
C SER LA 11 -40.52 44.80 -33.09
N TYR LA 12 -39.39 45.06 -33.73
CA TYR LA 12 -38.09 44.85 -33.14
C TYR LA 12 -37.33 46.17 -33.06
N ASN LA 13 -36.47 46.29 -32.05
CA ASN LA 13 -35.78 47.55 -31.75
C ASN LA 13 -34.52 47.70 -32.60
N THR LA 14 -34.71 47.66 -33.92
CA THR LA 14 -33.60 47.80 -34.84
C THR LA 14 -33.20 49.26 -34.98
N ALA LA 15 -32.14 49.51 -35.74
CA ALA LA 15 -31.69 50.88 -35.96
C ALA LA 15 -32.65 51.66 -36.84
N SER LA 16 -33.33 50.99 -37.77
CA SER LA 16 -34.29 51.63 -38.65
C SER LA 16 -35.67 51.77 -38.02
N ASN LA 17 -35.83 51.36 -36.77
CA ASN LA 17 -37.12 51.36 -36.09
C ASN LA 17 -37.09 52.27 -34.87
N LYS LA 18 -36.37 53.39 -34.97
CA LYS LA 18 -36.25 54.33 -33.87
C LYS LA 18 -37.42 55.30 -33.89
N THR LA 19 -37.91 55.67 -32.72
CA THR LA 19 -39.09 56.50 -32.58
C THR LA 19 -38.88 57.57 -31.52
N ARG LA 20 -39.66 58.63 -31.61
CA ARG LA 20 -39.67 59.68 -30.59
C ARG LA 20 -41.12 60.03 -30.26
N LEU LA 21 -41.31 60.62 -29.09
CA LEU LA 21 -42.63 60.90 -28.57
C LEU LA 21 -43.18 62.17 -29.21
N SER LA 22 -44.46 62.15 -29.54
CA SER LA 22 -45.14 63.29 -30.16
C SER LA 22 -46.53 63.43 -29.57
N ARG LA 23 -46.96 64.67 -29.36
CA ARG LA 23 -48.28 64.97 -28.82
C ARG LA 23 -49.12 65.61 -29.91
N THR LA 24 -50.16 64.91 -30.35
CA THR LA 24 -51.04 65.43 -31.39
C THR LA 24 -51.95 66.51 -30.83
N PRO LA 25 -52.56 67.31 -31.71
CA PRO LA 25 -53.62 68.23 -31.25
C PRO LA 25 -54.80 67.51 -30.64
N GLY LA 26 -54.96 66.21 -30.90
CA GLY LA 26 -55.99 65.41 -30.27
C GLY LA 26 -55.71 65.02 -28.83
N ASN LA 27 -54.67 65.59 -28.24
CA ASN LA 27 -54.29 65.37 -26.83
C ASN LA 27 -54.02 63.88 -26.57
N ARG LA 28 -53.00 63.38 -27.25
CA ARG LA 28 -52.56 62.01 -27.07
C ARG LA 28 -51.10 61.91 -27.50
N ILE LA 29 -50.43 60.86 -27.05
CA ILE LA 29 -49.03 60.64 -27.34
C ILE LA 29 -48.89 59.49 -28.32
N VAL LA 30 -48.15 59.73 -29.41
CA VAL LA 30 -47.84 58.68 -30.38
C VAL LA 30 -46.37 58.79 -30.76
N TYR LA 31 -45.83 57.69 -31.27
CA TYR LA 31 -44.48 57.69 -31.81
C TYR LA 31 -44.41 58.42 -33.14
N LEU LA 32 -43.25 59.00 -33.42
CA LEU LA 32 -42.90 59.51 -34.73
C LEU LA 32 -41.60 58.85 -35.15
N TYR LA 33 -41.63 58.14 -36.28
CA TYR LA 33 -40.48 57.38 -36.72
C TYR LA 33 -39.41 58.35 -37.23
N THR LA 34 -38.34 58.49 -36.46
CA THR LA 34 -37.33 59.50 -36.73
C THR LA 34 -36.45 59.08 -37.91
N LYS LA 35 -35.73 60.06 -38.45
CA LYS LA 35 -34.72 59.80 -39.46
C LYS LA 35 -33.36 59.62 -38.80
N LYS LA 36 -32.46 58.96 -39.54
CA LYS LA 36 -31.12 58.73 -39.01
C LYS LA 36 -30.33 60.03 -38.94
N VAL LA 37 -29.35 60.05 -38.03
CA VAL LA 37 -28.51 61.23 -37.82
C VAL LA 37 -27.51 61.34 -38.96
N GLY LA 38 -27.52 62.46 -39.65
CA GLY LA 38 -26.52 62.70 -40.67
C GLY LA 38 -25.17 63.06 -40.08
N LYS LA 39 -24.12 62.83 -40.87
CA LYS LA 39 -22.76 63.12 -40.46
C LYS LA 39 -22.11 64.07 -41.45
N ALA LA 40 -21.34 65.02 -40.92
CA ALA LA 40 -20.58 65.91 -41.77
C ALA LA 40 -19.47 65.14 -42.48
N PRO LA 41 -19.08 65.58 -43.67
CA PRO LA 41 -17.99 64.90 -44.37
C PRO LA 41 -16.68 64.98 -43.60
N LYS LA 42 -15.89 63.93 -43.72
CA LYS LA 42 -14.52 63.94 -43.20
C LYS LA 42 -13.58 64.49 -44.26
N SER LA 43 -12.50 65.11 -43.78
CA SER LA 43 -11.57 65.78 -44.68
C SER LA 43 -10.82 64.76 -45.53
N ALA LA 44 -10.64 65.10 -46.81
CA ALA LA 44 -9.95 64.20 -47.73
C ALA LA 44 -8.47 64.08 -47.43
N CYS LA 45 -7.93 64.95 -46.57
CA CYS LA 45 -6.56 64.78 -46.12
C CYS LA 45 -6.39 63.47 -45.36
N GLY LA 46 -7.35 63.13 -44.50
CA GLY LA 46 -7.27 61.92 -43.73
C GLY LA 46 -6.36 61.97 -42.53
N VAL LA 47 -5.96 63.15 -42.08
CA VAL LA 47 -5.05 63.31 -40.97
C VAL LA 47 -5.76 63.85 -39.73
N CYS LA 48 -6.34 65.04 -39.83
CA CYS LA 48 -7.00 65.64 -38.68
C CYS LA 48 -8.41 65.09 -38.53
N PRO LA 49 -8.87 64.83 -37.30
CA PRO LA 49 -10.14 64.10 -37.11
C PRO LA 49 -11.38 64.95 -37.23
N GLY LA 50 -11.27 66.27 -37.18
CA GLY LA 50 -12.46 67.10 -37.22
C GLY LA 50 -13.19 67.00 -38.55
N ARG LA 51 -14.51 67.06 -38.46
CA ARG LA 51 -15.35 67.07 -39.64
C ARG LA 51 -15.48 68.48 -40.18
N LEU LA 52 -15.85 68.58 -41.46
CA LEU LA 52 -15.89 69.88 -42.12
C LEU LA 52 -17.03 70.73 -41.59
N ARG LA 53 -16.83 72.04 -41.64
CA ARG LA 53 -17.82 73.02 -41.23
C ARG LA 53 -18.47 73.68 -42.43
N GLY LA 54 -19.64 74.26 -42.20
CA GLY LA 54 -20.39 74.88 -43.27
C GLY LA 54 -21.08 73.93 -44.21
N VAL LA 55 -21.07 72.63 -43.90
CA VAL LA 55 -21.69 71.61 -44.73
C VAL LA 55 -22.82 70.97 -43.95
N ARG LA 56 -24.00 70.92 -44.55
CA ARG LA 56 -25.17 70.42 -43.86
C ARG LA 56 -25.10 68.90 -43.74
N ALA LA 57 -25.01 68.42 -42.50
CA ALA LA 57 -24.82 67.00 -42.22
C ALA LA 57 -26.19 66.31 -42.25
N VAL LA 58 -26.45 65.57 -43.34
CA VAL LA 58 -27.70 64.85 -43.52
C VAL LA 58 -27.39 63.48 -44.11
N ARG LA 59 -28.46 62.72 -44.33
CA ARG LA 59 -28.30 61.42 -44.97
C ARG LA 59 -27.88 61.58 -46.43
N PRO LA 60 -27.17 60.59 -46.98
CA PRO LA 60 -26.59 60.77 -48.32
C PRO LA 60 -27.59 61.09 -49.42
N LYS LA 61 -28.76 60.45 -49.42
CA LYS LA 61 -29.72 60.71 -50.47
C LYS LA 61 -30.46 62.04 -50.29
N VAL LA 62 -30.44 62.61 -49.08
CA VAL LA 62 -31.03 63.93 -48.88
C VAL LA 62 -30.22 64.98 -49.63
N LEU LA 63 -28.93 64.73 -49.85
CA LEU LA 63 -28.07 65.70 -50.51
C LEU LA 63 -28.47 65.93 -51.96
N MET LA 64 -29.19 64.99 -52.57
CA MET LA 64 -29.62 65.18 -53.95
C MET LA 64 -30.59 66.35 -54.09
N ARG LA 65 -31.50 66.51 -53.14
CA ARG LA 65 -32.49 67.58 -53.18
C ARG LA 65 -32.01 68.85 -52.47
N LEU LA 66 -30.78 68.86 -51.98
CA LEU LA 66 -30.20 70.06 -51.40
C LEU LA 66 -29.59 70.94 -52.47
N SER LA 67 -29.53 72.23 -52.19
CA SER LA 67 -28.90 73.17 -53.11
C SER LA 67 -27.39 72.97 -53.12
N LYS LA 68 -26.75 73.52 -54.14
CA LYS LA 68 -25.30 73.41 -54.25
C LYS LA 68 -24.59 74.08 -53.09
N THR LA 69 -25.10 75.23 -52.65
CA THR LA 69 -24.42 76.01 -51.62
C THR LA 69 -24.31 75.24 -50.31
N LYS LA 70 -25.37 74.53 -49.92
CA LYS LA 70 -25.36 73.82 -48.65
C LYS LA 70 -24.43 72.61 -48.64
N LYS LA 71 -23.87 72.22 -49.78
CA LYS LA 71 -23.01 71.05 -49.85
C LYS LA 71 -21.52 71.40 -49.87
N HIS LA 72 -21.15 72.67 -50.07
CA HIS LA 72 -19.74 73.01 -50.21
C HIS LA 72 -19.47 74.35 -49.53
N VAL LA 73 -18.21 74.76 -49.58
CA VAL LA 73 -17.74 76.03 -49.04
C VAL LA 73 -16.92 76.71 -50.13
N SER LA 74 -17.11 78.02 -50.27
CA SER LA 74 -16.49 78.77 -51.37
C SER LA 74 -14.99 78.88 -51.12
N ARG LA 75 -14.28 77.81 -51.48
CA ARG LA 75 -12.83 77.73 -51.37
C ARG LA 75 -12.38 76.55 -52.22
N ALA LA 76 -11.13 76.59 -52.67
CA ALA LA 76 -10.53 75.42 -53.29
C ALA LA 76 -10.56 74.26 -52.31
N TYR LA 77 -10.98 73.09 -52.81
CA TYR LA 77 -11.25 71.91 -51.99
C TYR LA 77 -12.34 72.17 -50.95
N GLY LA 78 -13.11 73.22 -51.13
CA GLY LA 78 -14.20 73.52 -50.22
C GLY LA 78 -15.27 72.46 -50.24
N GLY LA 79 -15.68 71.99 -49.08
CA GLY LA 79 -16.63 70.89 -49.01
C GLY LA 79 -16.02 69.52 -49.20
N SER LA 80 -14.71 69.42 -49.36
CA SER LA 80 -14.03 68.13 -49.46
C SER LA 80 -12.79 68.07 -48.58
N MET LA 81 -12.19 69.21 -48.24
CA MET LA 81 -11.05 69.25 -47.36
C MET LA 81 -11.17 70.43 -46.41
N CYS LA 82 -10.58 70.28 -45.22
CA CYS LA 82 -10.51 71.36 -44.26
C CYS LA 82 -9.53 72.43 -44.70
N ALA LA 83 -9.75 73.65 -44.23
CA ALA LA 83 -8.98 74.80 -44.70
C ALA LA 83 -7.51 74.70 -44.30
N LYS LA 84 -7.24 74.21 -43.09
CA LYS LA 84 -5.86 74.13 -42.61
C LYS LA 84 -5.01 73.25 -43.51
N CYS LA 85 -5.54 72.09 -43.90
CA CYS LA 85 -4.79 71.22 -44.78
C CYS LA 85 -4.73 71.75 -46.21
N VAL LA 86 -5.69 72.57 -46.63
CA VAL LA 86 -5.55 73.27 -47.91
C VAL LA 86 -4.34 74.22 -47.86
N ARG LA 87 -4.23 74.98 -46.77
CA ARG LA 87 -3.07 75.86 -46.60
C ARG LA 87 -1.77 75.07 -46.58
N ASP LA 88 -1.78 73.92 -45.88
CA ASP LA 88 -0.58 73.10 -45.82
C ASP LA 88 -0.20 72.56 -47.20
N ARG LA 89 -1.18 72.13 -47.99
CA ARG LA 89 -0.89 71.65 -49.34
C ARG LA 89 -0.35 72.75 -50.23
N ILE LA 90 -0.92 73.95 -50.14
CA ILE LA 90 -0.39 75.07 -50.92
C ILE LA 90 1.07 75.34 -50.56
N LYS LA 91 1.36 75.42 -49.26
CA LYS LA 91 2.73 75.68 -48.82
C LYS LA 91 3.67 74.57 -49.27
N ARG LA 92 3.25 73.31 -49.13
CA ARG LA 92 4.09 72.19 -49.49
C ARG LA 92 4.40 72.19 -50.98
N ALA LA 93 3.39 72.39 -51.82
CA ALA LA 93 3.61 72.42 -53.25
C ALA LA 93 4.55 73.55 -53.65
N PHE LA 94 4.33 74.75 -53.08
CA PHE LA 94 5.17 75.89 -53.41
C PHE LA 94 6.63 75.62 -53.02
N LEU LA 95 6.83 75.11 -51.80
CA LEU LA 95 8.19 74.84 -51.34
C LEU LA 95 8.87 73.75 -52.15
N ILE LA 96 8.14 72.70 -52.54
CA ILE LA 96 8.77 71.63 -53.30
C ILE LA 96 9.13 72.08 -54.71
N GLU LA 97 8.28 72.90 -55.33
CA GLU LA 97 8.67 73.46 -56.62
C GLU LA 97 9.89 74.36 -56.48
N GLU LA 98 9.97 75.16 -55.41
CA GLU LA 98 11.18 75.93 -55.15
C GLU LA 98 12.38 75.02 -54.95
N GLN LA 99 12.19 73.88 -54.29
CA GLN LA 99 13.25 72.91 -54.09
C GLN LA 99 13.78 72.38 -55.42
N LYS LA 100 12.86 72.06 -56.33
CA LYS LA 100 13.26 71.59 -57.65
C LYS LA 100 14.03 72.66 -58.41
N ILE LA 101 13.60 73.92 -58.29
CA ILE LA 101 14.34 75.01 -58.92
C ILE LA 101 15.75 75.10 -58.34
N VAL LA 102 15.87 74.98 -57.02
CA VAL LA 102 17.17 75.09 -56.37
C VAL LA 102 18.11 73.98 -56.82
N VAL LA 103 17.60 72.74 -56.86
CA VAL LA 103 18.48 71.64 -57.26
C VAL LA 103 18.82 71.74 -58.75
N LYS LA 104 17.91 72.24 -59.58
CA LYS LA 104 18.24 72.48 -60.98
C LYS LA 104 19.35 73.49 -61.12
N VAL LA 105 19.28 74.60 -60.38
CA VAL LA 105 20.34 75.60 -60.44
C VAL LA 105 21.65 75.01 -59.91
N LEU LA 106 21.56 74.17 -58.88
CA LEU LA 106 22.74 73.54 -58.31
C LEU LA 106 23.47 72.69 -59.34
N LYS LA 107 22.74 71.78 -60.00
CA LYS LA 107 23.39 70.94 -61.00
C LYS LA 107 23.78 71.71 -62.25
N ALA LA 108 23.09 72.83 -62.54
CA ALA LA 108 23.45 73.63 -63.70
C ALA LA 108 24.76 74.36 -63.48
N GLN LA 109 24.95 74.96 -62.30
CA GLN LA 109 26.21 75.62 -62.01
C GLN LA 109 27.31 74.61 -61.66
N ALA LA 110 26.95 73.39 -61.27
CA ALA LA 110 27.95 72.38 -60.96
C ALA LA 110 28.68 71.89 -62.20
N GLN LA 111 27.99 71.80 -63.34
CA GLN LA 111 28.57 71.27 -64.55
C GLN LA 111 29.44 72.30 -65.28
N SER LA 112 29.65 73.47 -64.70
CA SER LA 112 30.54 74.47 -65.28
C SER LA 112 31.98 73.97 -65.40
N GLN LA 113 32.37 72.99 -64.59
CA GLN LA 113 33.70 72.38 -64.66
C GLN LA 113 33.59 71.01 -65.30
N LYS LA 114 34.46 70.75 -66.28
CA LYS LA 114 34.52 69.45 -66.93
C LYS LA 114 34.92 68.35 -65.96
N ALA MA 1 -85.58 34.17 -80.89
CA ALA MA 1 -84.86 35.31 -81.44
C ALA MA 1 -83.35 35.09 -81.35
N LYS MA 2 -82.96 33.82 -81.35
CA LYS MA 2 -81.55 33.44 -81.26
C LYS MA 2 -80.82 33.80 -82.56
N ILE MA 3 -79.51 33.61 -82.53
CA ILE MA 3 -78.66 33.81 -83.71
C ILE MA 3 -78.04 32.47 -84.07
N LYS MA 4 -77.86 32.23 -85.37
CA LYS MA 4 -77.28 31.00 -85.86
C LYS MA 4 -76.00 31.30 -86.62
N ALA MA 5 -75.25 30.23 -86.92
CA ALA MA 5 -73.98 30.41 -87.59
C ALA MA 5 -74.14 30.56 -89.10
N ARG MA 6 -75.24 30.05 -89.66
CA ARG MA 6 -75.39 30.03 -91.12
C ARG MA 6 -75.46 31.44 -91.69
N ASP MA 7 -76.35 32.28 -91.15
CA ASP MA 7 -76.53 33.63 -91.66
C ASP MA 7 -75.39 34.56 -91.28
N LEU MA 8 -74.59 34.22 -90.28
CA LEU MA 8 -73.51 35.10 -89.85
C LEU MA 8 -72.30 35.05 -90.76
N ARG MA 9 -72.13 33.98 -91.53
CA ARG MA 9 -70.94 33.86 -92.37
C ARG MA 9 -70.99 34.77 -93.58
N GLY MA 10 -72.18 35.18 -94.01
CA GLY MA 10 -72.27 36.10 -95.13
C GLY MA 10 -71.88 37.52 -94.78
N LYS MA 11 -71.95 37.88 -93.51
CA LYS MA 11 -71.65 39.24 -93.09
C LYS MA 11 -70.15 39.48 -93.06
N LYS MA 12 -69.77 40.76 -93.05
CA LYS MA 12 -68.37 41.14 -93.00
C LYS MA 12 -68.03 41.70 -91.62
N LYS MA 13 -66.79 42.17 -91.46
CA LYS MA 13 -66.21 42.33 -90.13
C LYS MA 13 -66.89 43.42 -89.32
N GLU MA 14 -67.29 44.54 -89.95
CA GLU MA 14 -67.75 45.69 -89.19
C GLU MA 14 -69.07 45.41 -88.49
N GLU MA 15 -70.06 44.88 -89.21
CA GLU MA 15 -71.32 44.58 -88.57
C GLU MA 15 -71.22 43.41 -87.60
N LEU MA 16 -70.32 42.46 -87.84
CA LEU MA 16 -70.08 41.42 -86.87
C LEU MA 16 -69.51 41.98 -85.58
N LEU MA 17 -68.59 42.94 -85.69
CA LEU MA 17 -68.07 43.63 -84.51
C LEU MA 17 -69.16 44.40 -83.79
N LYS MA 18 -70.05 45.06 -84.54
CA LYS MA 18 -71.18 45.76 -83.94
C LYS MA 18 -72.07 44.80 -83.16
N GLN MA 19 -72.37 43.64 -83.74
CA GLN MA 19 -73.19 42.64 -83.06
C GLN MA 19 -72.48 42.10 -81.83
N LEU MA 20 -71.17 41.86 -81.93
CA LEU MA 20 -70.41 41.39 -80.78
C LEU MA 20 -70.43 42.40 -79.64
N ASP MA 21 -70.26 43.69 -79.97
CA ASP MA 21 -70.31 44.73 -78.97
C ASP MA 21 -71.69 44.79 -78.32
N ASP MA 22 -72.75 44.67 -79.12
CA ASP MA 22 -74.10 44.69 -78.57
C ASP MA 22 -74.33 43.51 -77.63
N LEU MA 23 -73.87 42.33 -78.02
CA LEU MA 23 -74.01 41.15 -77.17
C LEU MA 23 -73.24 41.30 -75.88
N LYS MA 24 -72.02 41.86 -75.95
CA LYS MA 24 -71.24 42.06 -74.73
C LYS MA 24 -71.91 43.06 -73.80
N VAL MA 25 -72.46 44.13 -74.36
CA VAL MA 25 -73.15 45.12 -73.54
C VAL MA 25 -74.36 44.49 -72.84
N GLU MA 26 -75.14 43.71 -73.59
CA GLU MA 26 -76.32 43.09 -73.00
C GLU MA 26 -75.94 42.04 -71.95
N LEU MA 27 -74.84 41.32 -72.17
CA LEU MA 27 -74.37 40.38 -71.15
C LEU MA 27 -73.93 41.10 -69.89
N SER MA 28 -73.28 42.26 -70.05
CA SER MA 28 -72.93 43.06 -68.88
C SER MA 28 -74.18 43.50 -68.12
N GLN MA 29 -75.21 43.92 -68.85
CA GLN MA 29 -76.47 44.28 -68.22
C GLN MA 29 -77.08 43.09 -67.48
N LEU MA 30 -77.00 41.91 -68.08
CA LEU MA 30 -77.55 40.72 -67.43
C LEU MA 30 -76.77 40.34 -66.18
N ARG MA 31 -75.44 40.49 -66.19
CA ARG MA 31 -74.68 40.28 -64.97
C ARG MA 31 -75.07 41.29 -63.89
N VAL MA 32 -75.29 42.54 -64.29
CA VAL MA 32 -75.75 43.57 -63.35
C VAL MA 32 -77.07 43.15 -62.73
N ALA MA 33 -77.98 42.64 -63.55
CA ALA MA 33 -79.24 42.14 -63.01
C ALA MA 33 -79.03 40.92 -62.11
N LYS MA 34 -78.08 40.06 -62.47
CA LYS MA 34 -77.81 38.86 -61.68
C LYS MA 34 -77.35 39.19 -60.27
N VAL MA 35 -76.41 40.14 -60.15
CA VAL MA 35 -75.91 40.48 -58.83
C VAL MA 35 -76.93 41.26 -58.03
N THR MA 36 -77.94 41.84 -58.68
CA THR MA 36 -78.96 42.65 -58.03
C THR MA 36 -80.32 41.97 -58.00
N GLY MA 37 -80.35 40.66 -57.79
CA GLY MA 37 -81.61 39.93 -57.75
C GLY MA 37 -82.10 39.54 -59.13
N GLY MA 38 -82.60 40.51 -59.89
CA GLY MA 38 -83.03 40.24 -61.25
C GLY MA 38 -84.26 39.34 -61.31
N ALA MA 39 -84.38 38.65 -62.44
CA ALA MA 39 -85.49 37.76 -62.70
C ALA MA 39 -84.96 36.45 -63.30
N ALA MA 40 -85.75 35.39 -63.13
CA ALA MA 40 -85.33 34.07 -63.59
C ALA MA 40 -85.11 34.05 -65.09
N SER MA 41 -85.95 34.77 -65.86
CA SER MA 41 -85.74 34.85 -67.29
C SER MA 41 -84.41 35.52 -67.60
N LYS MA 42 -84.10 36.61 -66.89
CA LYS MA 42 -82.83 37.30 -67.13
C LYS MA 42 -81.65 36.49 -66.64
N LEU MA 43 -81.84 35.63 -65.65
CA LEU MA 43 -80.76 34.75 -65.21
C LEU MA 43 -80.51 33.66 -66.25
N SER MA 44 -81.57 33.04 -66.77
CA SER MA 44 -81.40 32.00 -67.77
C SER MA 44 -80.94 32.55 -69.11
N LYS MA 45 -81.21 33.83 -69.38
CA LYS MA 45 -80.80 34.45 -70.64
C LYS MA 45 -79.30 34.67 -70.75
N ILE MA 46 -78.56 34.56 -69.63
CA ILE MA 46 -77.12 34.78 -69.67
C ILE MA 46 -76.44 33.73 -70.53
N ARG MA 47 -76.84 32.46 -70.39
CA ARG MA 47 -76.24 31.39 -71.18
C ARG MA 47 -76.49 31.58 -72.66
N VAL MA 48 -77.70 32.05 -73.02
CA VAL MA 48 -78.01 32.30 -74.42
C VAL MA 48 -77.07 33.36 -74.99
N VAL MA 49 -76.86 34.43 -74.24
CA VAL MA 49 -76.01 35.52 -74.70
C VAL MA 49 -74.56 35.04 -74.81
N ARG MA 50 -74.11 34.25 -73.85
CA ARG MA 50 -72.73 33.76 -73.91
C ARG MA 50 -72.52 32.84 -75.10
N LYS MA 51 -73.48 31.96 -75.37
CA LYS MA 51 -73.36 31.09 -76.53
C LYS MA 51 -73.44 31.89 -77.83
N SER MA 52 -74.23 32.97 -77.86
CA SER MA 52 -74.26 33.84 -79.03
C SER MA 52 -72.89 34.50 -79.23
N ILE MA 53 -72.27 34.95 -78.15
CA ILE MA 53 -70.95 35.56 -78.22
C ILE MA 53 -69.94 34.55 -78.75
N ALA MA 54 -70.00 33.31 -78.25
CA ALA MA 54 -69.08 32.28 -78.72
C ALA MA 54 -69.30 31.99 -80.19
N ARG MA 55 -70.55 31.96 -80.64
CA ARG MA 55 -70.83 31.73 -82.05
C ARG MA 55 -70.25 32.84 -82.92
N VAL MA 56 -70.48 34.10 -82.55
CA VAL MA 56 -69.95 35.22 -83.32
C VAL MA 56 -68.43 35.16 -83.35
N LEU MA 57 -67.81 34.91 -82.21
CA LEU MA 57 -66.36 34.87 -82.11
C LEU MA 57 -65.77 33.76 -82.96
N THR MA 58 -66.34 32.55 -82.92
CA THR MA 58 -65.78 31.46 -83.69
C THR MA 58 -66.03 31.65 -85.18
N VAL MA 59 -67.14 32.28 -85.56
CA VAL MA 59 -67.35 32.59 -86.98
C VAL MA 59 -66.29 33.58 -87.46
N ILE MA 60 -66.02 34.62 -86.68
CA ILE MA 60 -65.01 35.59 -87.06
C ILE MA 60 -63.63 34.94 -87.16
N ASN MA 61 -63.29 34.10 -86.17
CA ASN MA 61 -62.00 33.44 -86.18
C ASN MA 61 -61.85 32.49 -87.37
N GLN MA 62 -62.89 31.71 -87.68
CA GLN MA 62 -62.82 30.83 -88.84
C GLN MA 62 -62.68 31.62 -90.14
N THR MA 63 -63.41 32.73 -90.26
CA THR MA 63 -63.30 33.55 -91.45
C THR MA 63 -61.89 34.10 -91.62
N GLN MA 64 -61.32 34.65 -90.55
CA GLN MA 64 -59.97 35.19 -90.63
C GLN MA 64 -58.96 34.09 -90.92
N LYS MA 65 -59.12 32.92 -90.29
CA LYS MA 65 -58.18 31.83 -90.50
C LYS MA 65 -58.22 31.32 -91.94
N GLU MA 66 -59.41 31.19 -92.52
CA GLU MA 66 -59.49 30.69 -93.89
C GLU MA 66 -59.04 31.75 -94.89
N ASN MA 67 -59.24 33.03 -94.59
CA ASN MA 67 -58.65 34.06 -95.44
C ASN MA 67 -57.12 34.00 -95.39
N LEU MA 68 -56.56 33.77 -94.20
CA LEU MA 68 -55.13 33.58 -94.08
C LEU MA 68 -54.66 32.36 -94.87
N ARG MA 69 -55.42 31.27 -94.82
CA ARG MA 69 -55.10 30.08 -95.61
C ARG MA 69 -55.08 30.40 -97.10
N LYS MA 70 -56.07 31.17 -97.55
CA LYS MA 70 -56.15 31.52 -98.96
C LYS MA 70 -54.98 32.41 -99.37
N PHE MA 71 -54.55 33.30 -98.49
CA PHE MA 71 -53.44 34.19 -98.83
C PHE MA 71 -52.13 33.43 -98.97
N TYR MA 72 -51.87 32.47 -98.08
CA TYR MA 72 -50.60 31.77 -98.05
C TYR MA 72 -50.55 30.56 -98.97
N LYS MA 73 -51.61 30.30 -99.73
CA LYS MA 73 -51.63 29.16 -100.63
C LYS MA 73 -50.57 29.31 -101.71
N GLY MA 74 -49.83 28.23 -101.97
CA GLY MA 74 -48.81 28.26 -103.00
C GLY MA 74 -47.54 28.97 -102.62
N LYS MA 75 -47.37 29.36 -101.35
CA LYS MA 75 -46.19 30.06 -100.89
C LYS MA 75 -45.24 29.08 -100.21
N LYS MA 76 -43.94 29.34 -100.36
CA LYS MA 76 -42.94 28.37 -99.92
C LYS MA 76 -42.91 28.27 -98.39
N TYR MA 77 -43.00 29.40 -97.70
CA TYR MA 77 -42.92 29.43 -96.24
C TYR MA 77 -44.26 29.90 -95.67
N LYS MA 78 -44.74 29.18 -94.66
CA LYS MA 78 -46.03 29.45 -94.05
C LYS MA 78 -45.91 29.50 -92.53
N PRO MA 79 -46.81 30.21 -91.87
CA PRO MA 79 -46.83 30.18 -90.40
C PRO MA 79 -47.11 28.78 -89.88
N LEU MA 80 -46.58 28.49 -88.69
CA LEU MA 80 -46.66 27.14 -88.15
C LEU MA 80 -48.09 26.70 -87.89
N ASP MA 81 -48.92 27.60 -87.36
CA ASP MA 81 -50.32 27.25 -87.10
C ASP MA 81 -51.08 26.91 -88.37
N LEU MA 82 -50.65 27.41 -89.52
CA LEU MA 82 -51.26 27.05 -90.79
C LEU MA 82 -50.71 25.74 -91.35
N ARG MA 83 -49.50 25.36 -90.98
CA ARG MA 83 -48.91 24.13 -91.46
C ARG MA 83 -49.64 22.93 -90.85
N PRO MA 84 -49.63 21.79 -91.54
CA PRO MA 84 -50.27 20.60 -90.99
C PRO MA 84 -49.62 20.16 -89.68
N LYS MA 85 -50.44 19.58 -88.81
CA LYS MA 85 -50.01 19.19 -87.48
C LYS MA 85 -50.33 17.72 -87.24
N LYS MA 86 -49.92 16.86 -88.18
CA LYS MA 86 -50.19 15.44 -88.08
C LYS MA 86 -49.66 14.85 -86.78
N THR MA 87 -48.33 14.83 -86.64
CA THR MA 87 -47.62 14.27 -85.50
C THR MA 87 -46.16 14.64 -85.66
N ARG MA 88 -45.52 14.99 -84.54
CA ARG MA 88 -44.10 15.34 -84.58
C ARG MA 88 -43.28 14.27 -85.27
N ALA MA 89 -43.48 13.00 -84.89
CA ALA MA 89 -42.82 11.91 -85.60
C ALA MA 89 -43.26 11.85 -87.05
N MET MA 90 -44.55 12.09 -87.32
CA MET MA 90 -45.02 12.08 -88.69
C MET MA 90 -44.49 13.29 -89.47
N ARG MA 91 -44.35 14.44 -88.82
CA ARG MA 91 -43.75 15.59 -89.47
C ARG MA 91 -42.28 15.37 -89.81
N ARG MA 92 -41.54 14.68 -88.95
CA ARG MA 92 -40.12 14.45 -89.22
C ARG MA 92 -39.88 13.51 -90.40
N ARG MA 93 -40.80 12.57 -90.63
CA ARG MA 93 -40.54 11.52 -91.60
C ARG MA 93 -40.56 12.05 -93.03
N LEU MA 94 -40.07 11.22 -93.95
CA LEU MA 94 -39.87 11.64 -95.32
C LEU MA 94 -41.21 11.82 -96.04
N ASN MA 95 -41.22 12.73 -97.02
CA ASN MA 95 -42.40 12.90 -97.84
C ASN MA 95 -42.43 11.84 -98.95
N LYS MA 96 -43.57 11.77 -99.64
CA LYS MA 96 -43.77 10.72 -100.64
C LYS MA 96 -42.78 10.83 -101.79
N HIS MA 97 -42.45 12.05 -102.19
CA HIS MA 97 -41.54 12.24 -103.32
C HIS MA 97 -40.17 11.65 -103.02
N GLU MA 98 -39.62 11.97 -101.85
CA GLU MA 98 -38.32 11.45 -101.47
C GLU MA 98 -38.39 10.05 -100.87
N GLU MA 99 -39.59 9.53 -100.63
CA GLU MA 99 -39.72 8.20 -100.05
C GLU MA 99 -39.45 7.11 -101.08
N ASN MA 100 -39.88 7.33 -102.33
CA ASN MA 100 -39.87 6.29 -103.33
C ASN MA 100 -38.79 6.44 -104.40
N LEU MA 101 -38.08 7.57 -104.44
CA LEU MA 101 -37.03 7.73 -105.43
C LEU MA 101 -35.85 6.84 -105.10
N LYS MA 102 -35.22 6.31 -106.14
CA LYS MA 102 -34.19 5.27 -106.01
C LYS MA 102 -32.93 5.67 -106.75
N THR MA 103 -31.86 4.93 -106.48
CA THR MA 103 -30.62 5.09 -107.23
C THR MA 103 -30.79 4.55 -108.64
N LYS MA 104 -29.89 4.99 -109.53
CA LYS MA 104 -29.92 4.48 -110.90
C LYS MA 104 -29.58 2.99 -110.93
N LYS MA 105 -28.74 2.52 -110.01
CA LYS MA 105 -28.43 1.09 -109.93
C LYS MA 105 -29.67 0.27 -109.61
N GLN MA 106 -30.48 0.75 -108.66
CA GLN MA 106 -31.67 0.01 -108.25
C GLN MA 106 -32.66 -0.14 -109.40
N GLN MA 107 -33.02 0.96 -110.04
CA GLN MA 107 -33.96 0.89 -111.14
C GLN MA 107 -33.37 0.24 -112.38
N ARG MA 108 -32.04 0.29 -112.57
CA ARG MA 108 -31.41 -0.50 -113.61
C ARG MA 108 -31.62 -1.99 -113.35
N LYS MA 109 -31.45 -2.42 -112.10
CA LYS MA 109 -31.69 -3.82 -111.77
C LYS MA 109 -33.15 -4.19 -112.00
N GLU MA 110 -34.08 -3.32 -111.61
CA GLU MA 110 -35.49 -3.60 -111.84
C GLU MA 110 -35.82 -3.70 -113.33
N ARG MA 111 -35.28 -2.78 -114.14
CA ARG MA 111 -35.50 -2.84 -115.57
C ARG MA 111 -34.93 -4.11 -116.18
N LEU MA 112 -33.72 -4.48 -115.77
CA LEU MA 112 -33.05 -5.63 -116.37
C LEU MA 112 -33.64 -6.94 -115.88
N TYR MA 113 -33.95 -7.03 -114.59
CA TYR MA 113 -34.46 -8.26 -113.99
C TYR MA 113 -35.74 -7.96 -113.23
N PRO MA 114 -36.86 -7.81 -113.94
CA PRO MA 114 -38.14 -7.66 -113.25
C PRO MA 114 -38.70 -9.00 -112.83
N LEU MA 115 -39.42 -8.99 -111.70
CA LEU MA 115 -40.07 -10.20 -111.23
C LEU MA 115 -41.14 -10.63 -112.22
N ARG MA 116 -41.22 -11.93 -112.47
CA ARG MA 116 -42.08 -12.44 -113.52
C ARG MA 116 -43.29 -13.14 -112.93
N LYS MA 117 -44.34 -13.25 -113.73
CA LYS MA 117 -45.53 -14.00 -113.37
C LYS MA 117 -45.40 -15.41 -113.93
N TYR MA 118 -45.46 -16.41 -113.06
CA TYR MA 118 -45.20 -17.78 -113.48
C TYR MA 118 -46.02 -18.76 -112.64
N ALA MA 119 -46.21 -19.95 -113.20
CA ALA MA 119 -46.85 -21.06 -112.52
C ALA MA 119 -46.06 -22.33 -112.82
N VAL MA 120 -46.19 -23.30 -111.93
CA VAL MA 120 -45.41 -24.53 -112.01
C VAL MA 120 -46.37 -25.70 -112.21
N LYS MA 121 -46.15 -26.47 -113.26
CA LYS MA 121 -46.91 -27.69 -113.47
C LYS MA 121 -46.55 -28.73 -112.41
N ALA MA 122 -47.53 -29.53 -112.02
CA ALA MA 122 -47.33 -30.58 -111.03
C ALA MA 122 -46.44 -31.69 -111.59
N ALA NA 1 -15.65 -59.11 -103.21
CA ALA NA 1 -14.56 -58.49 -103.98
C ALA NA 1 -13.30 -58.40 -103.14
N LEU NA 2 -12.20 -57.99 -103.78
CA LEU NA 2 -10.93 -57.87 -103.07
C LEU NA 2 -10.98 -56.78 -102.01
N ARG NA 3 -11.41 -55.58 -102.39
CA ARG NA 3 -11.47 -54.46 -101.46
C ARG NA 3 -12.79 -53.74 -101.64
N TYR NA 4 -13.36 -53.31 -100.52
CA TYR NA 4 -14.59 -52.54 -100.45
C TYR NA 4 -14.32 -51.16 -99.86
N PRO NA 5 -15.11 -50.16 -100.24
CA PRO NA 5 -15.05 -48.89 -99.53
C PRO NA 5 -15.43 -49.07 -98.06
N MET NA 6 -14.72 -48.37 -97.19
CA MET NA 6 -14.85 -48.57 -95.76
C MET NA 6 -15.07 -47.21 -95.08
N ALA NA 7 -15.62 -47.26 -93.87
CA ALA NA 7 -15.73 -46.07 -93.05
C ALA NA 7 -14.45 -45.75 -92.29
N VAL NA 8 -13.48 -46.65 -92.30
CA VAL NA 8 -12.22 -46.45 -91.60
C VAL NA 8 -11.07 -46.79 -92.56
N GLY NA 9 -9.87 -46.49 -92.12
CA GLY NA 9 -8.68 -46.69 -92.92
C GLY NA 9 -8.25 -45.41 -93.62
N LEU NA 10 -7.09 -45.51 -94.29
CA LEU NA 10 -6.56 -44.35 -95.01
C LEU NA 10 -7.47 -43.94 -96.15
N ASN NA 11 -8.05 -44.90 -96.85
CA ASN NA 11 -8.91 -44.62 -97.99
C ASN NA 11 -10.39 -44.70 -97.63
N LYS NA 12 -10.73 -44.29 -96.40
CA LYS NA 12 -12.10 -44.35 -95.94
C LYS NA 12 -12.96 -43.31 -96.66
N GLY NA 13 -14.27 -43.53 -96.63
CA GLY NA 13 -15.22 -42.60 -97.21
C GLY NA 13 -16.00 -43.15 -98.38
N HIS NA 14 -17.18 -42.57 -98.62
CA HIS NA 14 -17.98 -42.94 -99.77
C HIS NA 14 -17.32 -42.46 -101.06
N LYS NA 15 -17.21 -43.36 -102.03
CA LYS NA 15 -16.51 -43.07 -103.27
C LYS NA 15 -17.37 -42.16 -104.15
N VAL NA 16 -16.83 -40.99 -104.49
CA VAL NA 16 -17.49 -40.05 -105.39
C VAL NA 16 -16.45 -39.51 -106.36
N THR NA 17 -16.92 -38.95 -107.46
CA THR NA 17 -16.03 -38.31 -108.43
C THR NA 17 -15.84 -36.85 -108.03
N LYS NA 18 -14.61 -36.48 -107.70
CA LYS NA 18 -14.31 -35.14 -107.22
C LYS NA 18 -14.49 -34.12 -108.33
N ASN NA 19 -15.18 -33.04 -108.03
CA ASN NA 19 -15.48 -31.99 -109.02
C ASN NA 19 -14.38 -30.94 -108.96
N VAL NA 20 -13.52 -30.93 -109.97
CA VAL NA 20 -12.49 -29.91 -110.11
C VAL NA 20 -13.13 -28.63 -110.62
N SER NA 21 -12.80 -27.52 -110.00
CA SER NA 21 -13.33 -26.22 -110.40
C SER NA 21 -12.32 -25.15 -110.03
N LYS NA 22 -12.43 -24.01 -110.71
CA LYS NA 22 -11.59 -22.88 -110.34
C LYS NA 22 -11.95 -22.40 -108.94
N PRO NA 23 -10.99 -21.94 -108.16
CA PRO NA 23 -11.29 -21.45 -106.81
C PRO NA 23 -12.15 -20.19 -106.87
N ARG NA 24 -12.93 -20.00 -105.82
CA ARG NA 24 -13.72 -18.79 -105.70
C ARG NA 24 -12.82 -17.57 -105.61
N HIS NA 25 -13.32 -16.43 -106.08
CA HIS NA 25 -12.53 -15.21 -106.09
C HIS NA 25 -12.18 -14.72 -104.70
N SER NA 26 -12.87 -15.22 -103.67
CA SER NA 26 -12.54 -14.85 -102.30
C SER NA 26 -11.22 -15.49 -101.86
N ARG NA 27 -10.95 -16.73 -102.29
CA ARG NA 27 -9.69 -17.37 -101.96
C ARG NA 27 -8.49 -16.62 -102.54
N ARG NA 28 -8.70 -15.84 -103.60
CA ARG NA 28 -7.64 -15.06 -104.21
C ARG NA 28 -7.11 -13.98 -103.28
N ARG NA 29 -7.85 -13.68 -102.20
CA ARG NA 29 -7.49 -12.60 -101.29
C ARG NA 29 -6.10 -12.82 -100.71
N GLY NA 30 -5.35 -11.73 -100.56
CA GLY NA 30 -4.03 -11.77 -100.00
C GLY NA 30 -2.90 -11.84 -101.00
N ARG NA 31 -3.19 -12.17 -102.25
CA ARG NA 31 -2.13 -12.22 -103.26
C ARG NA 31 -1.59 -10.84 -103.55
N LEU NA 32 -0.27 -10.74 -103.69
CA LEU NA 32 0.39 -9.46 -103.89
C LEU NA 32 0.41 -9.12 -105.37
N THR NA 33 -0.11 -7.94 -105.73
CA THR NA 33 -0.13 -7.50 -107.10
C THR NA 33 1.11 -6.65 -107.39
N LYS NA 34 1.35 -6.44 -108.69
CA LYS NA 34 2.46 -5.59 -109.11
C LYS NA 34 2.27 -4.15 -108.64
N HIS NA 35 1.07 -3.60 -108.85
CA HIS NA 35 0.80 -2.21 -108.50
C HIS NA 35 0.90 -1.99 -106.99
N THR NA 36 0.33 -2.89 -106.20
CA THR NA 36 0.40 -2.74 -104.75
C THR NA 36 1.83 -2.90 -104.25
N LYS NA 37 2.61 -3.79 -104.86
CA LYS NA 37 4.01 -3.94 -104.49
C LYS NA 37 4.77 -2.66 -104.80
N PHE NA 38 4.48 -2.05 -105.95
CA PHE NA 38 5.09 -0.76 -106.27
C PHE NA 38 4.74 0.30 -105.23
N VAL NA 39 3.47 0.36 -104.83
CA VAL NA 39 3.04 1.35 -103.85
C VAL NA 39 3.74 1.12 -102.51
N ARG NA 40 3.83 -0.13 -102.07
CA ARG NA 40 4.51 -0.43 -100.81
C ARG NA 40 5.99 -0.12 -100.88
N ASP NA 41 6.65 -0.39 -102.00
CA ASP NA 41 8.05 -0.01 -102.13
C ASP NA 41 8.22 1.50 -102.05
N MET NA 42 7.33 2.24 -102.73
CA MET NA 42 7.37 3.70 -102.65
C MET NA 42 7.25 4.18 -101.21
N ILE NA 43 6.25 3.68 -100.49
CA ILE NA 43 6.01 4.15 -99.13
C ILE NA 43 7.17 3.75 -98.21
N ARG NA 44 7.69 2.53 -98.38
CA ARG NA 44 8.81 2.09 -97.56
C ARG NA 44 10.04 2.94 -97.78
N GLU NA 45 10.38 3.23 -99.04
CA GLU NA 45 11.56 4.05 -99.26
C GLU NA 45 11.34 5.51 -98.89
N VAL NA 46 10.10 5.98 -98.88
CA VAL NA 46 9.82 7.32 -98.37
C VAL NA 46 10.01 7.36 -96.85
N CYS NA 47 9.48 6.36 -96.16
CA CYS NA 47 9.42 6.41 -94.70
C CYS NA 47 10.76 6.06 -94.06
N GLY NA 48 11.23 4.84 -94.30
CA GLY NA 48 12.38 4.33 -93.59
C GLY NA 48 12.03 3.06 -92.84
N PHE NA 49 12.46 2.94 -91.60
CA PHE NA 49 12.18 1.75 -90.80
C PHE NA 49 11.96 2.15 -89.34
N ALA NA 50 11.15 1.34 -88.65
CA ALA NA 50 10.86 1.56 -87.25
C ALA NA 50 12.11 1.27 -86.41
N PRO NA 51 12.23 1.90 -85.23
CA PRO NA 51 13.43 1.70 -84.41
C PRO NA 51 13.70 0.25 -84.06
N TYR NA 52 12.67 -0.54 -83.77
CA TYR NA 52 12.90 -1.96 -83.50
C TYR NA 52 13.38 -2.67 -84.75
N GLU NA 53 12.89 -2.27 -85.93
CA GLU NA 53 13.39 -2.84 -87.16
C GLU NA 53 14.87 -2.53 -87.37
N ARG NA 54 15.27 -1.29 -87.06
CA ARG NA 54 16.68 -0.93 -87.18
C ARG NA 54 17.54 -1.71 -86.19
N ARG NA 55 17.05 -1.88 -84.96
CA ARG NA 55 17.80 -2.65 -83.98
C ARG NA 55 17.95 -4.10 -84.41
N ALA NA 56 16.88 -4.69 -84.96
CA ALA NA 56 16.98 -6.05 -85.50
C ALA NA 56 17.95 -6.10 -86.68
N MET NA 57 17.99 -5.04 -87.48
CA MET NA 57 18.95 -4.99 -88.58
C MET NA 57 20.38 -4.99 -88.06
N GLU NA 58 20.66 -4.23 -87.01
CA GLU NA 58 22.00 -4.27 -86.41
C GLU NA 58 22.30 -5.63 -85.83
N LEU NA 59 21.32 -6.27 -85.21
CA LEU NA 59 21.53 -7.61 -84.66
C LEU NA 59 21.83 -8.62 -85.75
N LEU NA 60 21.16 -8.51 -86.90
CA LEU NA 60 21.43 -9.43 -87.99
C LEU NA 60 22.74 -9.09 -88.69
N LYS NA 61 23.17 -7.83 -88.63
CA LYS NA 61 24.39 -7.43 -89.31
C LYS NA 61 25.61 -8.07 -88.65
N VAL NA 62 25.53 -8.35 -87.36
CA VAL NA 62 26.57 -9.09 -86.66
C VAL NA 62 26.26 -10.57 -86.60
N SER NA 63 25.29 -11.04 -87.38
CA SER NA 63 24.96 -12.46 -87.54
C SER NA 63 24.58 -13.12 -86.22
N LYS NA 64 24.01 -12.33 -85.30
CA LYS NA 64 23.35 -12.89 -84.12
C LYS NA 64 21.89 -13.18 -84.47
N ASP NA 65 21.72 -14.15 -85.36
CA ASP NA 65 20.41 -14.43 -85.93
C ASP NA 65 19.43 -14.93 -84.87
N LYS NA 66 19.89 -15.78 -83.96
CA LYS NA 66 18.98 -16.34 -82.96
C LYS NA 66 18.51 -15.26 -81.98
N ARG NA 67 19.42 -14.41 -81.52
CA ARG NA 67 19.03 -13.31 -80.66
C ARG NA 67 18.11 -12.32 -81.38
N ALA NA 68 18.38 -12.06 -82.66
CA ALA NA 68 17.51 -11.19 -83.43
C ALA NA 68 16.12 -11.78 -83.57
N LEU NA 69 16.04 -13.09 -83.79
CA LEU NA 69 14.73 -13.74 -83.87
C LEU NA 69 14.02 -13.70 -82.54
N LYS NA 70 14.76 -13.88 -81.44
CA LYS NA 70 14.17 -13.73 -80.12
C LYS NA 70 13.58 -12.35 -79.93
N PHE NA 71 14.33 -11.32 -80.30
CA PHE NA 71 13.86 -9.95 -80.15
C PHE NA 71 12.63 -9.68 -81.00
N ILE NA 72 12.64 -10.16 -82.24
CA ILE NA 72 11.52 -9.90 -83.15
C ILE NA 72 10.28 -10.67 -82.68
N LYS NA 73 10.46 -11.89 -82.16
CA LYS NA 73 9.34 -12.64 -81.64
C LYS NA 73 8.76 -11.98 -80.39
N LYS NA 74 9.63 -11.42 -79.55
CA LYS NA 74 9.15 -10.69 -78.39
C LYS NA 74 8.42 -9.41 -78.79
N ARG NA 75 8.86 -8.75 -79.85
CA ARG NA 75 8.23 -7.50 -80.27
C ARG NA 75 6.91 -7.74 -80.99
N VAL NA 76 6.97 -8.45 -82.12
CA VAL NA 76 5.79 -8.61 -82.96
C VAL NA 76 4.75 -9.48 -82.25
N GLY NA 77 5.17 -10.62 -81.71
CA GLY NA 77 4.28 -11.43 -80.90
C GLY NA 77 4.26 -12.91 -81.17
N THR NA 78 4.37 -13.34 -82.42
CA THR NA 78 4.29 -14.76 -82.77
C THR NA 78 5.54 -15.19 -83.53
N HIS NA 79 5.80 -16.49 -83.48
CA HIS NA 79 7.00 -17.04 -84.09
C HIS NA 79 6.96 -16.95 -85.61
N ILE NA 80 5.80 -17.21 -86.21
CA ILE NA 80 5.69 -17.20 -87.66
C ILE NA 80 5.86 -15.79 -88.21
N ARG NA 81 5.20 -14.82 -87.58
CA ARG NA 81 5.35 -13.44 -87.99
C ARG NA 81 6.80 -12.98 -87.80
N ALA NA 82 7.43 -13.43 -86.72
CA ALA NA 82 8.84 -13.11 -86.49
C ALA NA 82 9.72 -13.68 -87.59
N LYS NA 83 9.46 -14.92 -88.00
CA LYS NA 83 10.25 -15.52 -89.07
C LYS NA 83 10.08 -14.76 -90.37
N ARG NA 84 8.83 -14.38 -90.71
CA ARG NA 84 8.60 -13.63 -91.93
C ARG NA 84 9.30 -12.27 -91.88
N LYS NA 85 9.20 -11.59 -90.75
CA LYS NA 85 9.82 -10.27 -90.62
C LYS NA 85 11.34 -10.37 -90.68
N ARG NA 86 11.91 -11.41 -90.06
CA ARG NA 86 13.35 -11.59 -90.11
C ARG NA 86 13.81 -11.90 -91.54
N GLU NA 87 13.03 -12.68 -92.28
CA GLU NA 87 13.39 -12.95 -93.67
C GLU NA 87 13.33 -11.67 -94.51
N GLU NA 88 12.31 -10.84 -94.28
CA GLU NA 88 12.25 -9.56 -94.98
C GLU NA 88 13.44 -8.69 -94.65
N LEU NA 89 13.80 -8.61 -93.37
CA LEU NA 89 14.94 -7.80 -92.97
C LEU NA 89 16.24 -8.33 -93.54
N SER NA 90 16.43 -9.65 -93.57
CA SER NA 90 17.62 -10.23 -94.17
C SER NA 90 17.68 -9.94 -95.66
N ASN NA 91 16.54 -10.02 -96.35
CA ASN NA 91 16.52 -9.75 -97.79
C ASN NA 91 16.86 -8.29 -98.08
N VAL NA 92 16.29 -7.36 -97.31
CA VAL NA 92 16.62 -5.95 -97.55
C VAL NA 92 18.04 -5.65 -97.12
N LEU NA 93 18.56 -6.37 -96.12
CA LEU NA 93 19.97 -6.22 -95.75
C LEU NA 93 20.88 -6.68 -96.87
N ALA NA 94 20.55 -7.79 -97.52
CA ALA NA 94 21.33 -8.23 -98.68
C ALA NA 94 21.22 -7.21 -99.81
N ALA NA 95 20.03 -6.66 -100.02
CA ALA NA 95 19.83 -5.66 -101.07
C ALA NA 95 20.68 -4.42 -100.82
N MET NA 96 20.72 -3.92 -99.58
CA MET NA 96 21.54 -2.76 -99.29
C MET NA 96 23.02 -3.09 -99.18
N ARG NA 97 23.36 -4.36 -98.92
CA ARG NA 97 24.75 -4.78 -99.00
C ARG NA 97 25.26 -4.71 -100.43
N LYS NA 98 24.52 -5.31 -101.36
CA LYS NA 98 24.92 -5.25 -102.75
C LYS NA 98 24.74 -3.87 -103.36
N ALA NA 99 23.89 -3.03 -102.77
CA ALA NA 99 23.74 -1.66 -103.25
C ALA NA 99 25.02 -0.87 -103.07
N ALA NA 100 25.68 -1.02 -101.92
CA ALA NA 100 26.93 -0.33 -101.67
C ALA NA 100 28.13 -1.04 -102.27
N ALA NA 101 27.94 -2.22 -102.86
CA ALA NA 101 29.05 -2.94 -103.47
C ALA NA 101 29.65 -2.17 -104.64
N LYS NA 102 28.80 -1.56 -105.46
CA LYS NA 102 29.26 -0.79 -106.61
C LYS NA 102 29.67 0.63 -106.20
N THR OA 1 -35.80 19.64 -23.31
CA THR OA 1 -36.60 18.44 -23.47
C THR OA 1 -36.75 18.04 -24.92
N LYS OA 2 -36.50 16.76 -25.22
CA LYS OA 2 -36.59 16.27 -26.58
C LYS OA 2 -38.02 16.03 -27.04
N GLY OA 3 -39.00 16.06 -26.14
CA GLY OA 3 -40.34 15.67 -26.49
C GLY OA 3 -41.30 16.81 -26.75
N THR OA 4 -42.25 17.00 -25.82
CA THR OA 4 -43.32 17.97 -26.03
C THR OA 4 -42.78 19.40 -26.12
N SER OA 5 -41.83 19.74 -25.25
CA SER OA 5 -41.31 21.11 -25.24
C SER OA 5 -40.57 21.43 -26.53
N SER OA 6 -39.92 20.42 -27.13
CA SER OA 6 -39.25 20.63 -28.40
C SER OA 6 -40.24 20.90 -29.54
N PHE OA 7 -41.45 20.35 -29.45
CA PHE OA 7 -42.44 20.58 -30.49
C PHE OA 7 -43.00 22.00 -30.48
N GLY OA 8 -42.72 22.78 -29.44
CA GLY OA 8 -43.19 24.15 -29.42
C GLY OA 8 -42.33 25.15 -30.15
N LYS OA 9 -41.23 24.69 -30.74
CA LYS OA 9 -40.28 25.59 -31.38
C LYS OA 9 -40.36 25.58 -32.90
N ARG OA 10 -41.10 24.64 -33.49
CA ARG OA 10 -41.16 24.49 -34.93
C ARG OA 10 -42.06 25.58 -35.51
N ARG OA 11 -41.45 26.62 -36.06
CA ARG OA 11 -42.18 27.72 -36.66
C ARG OA 11 -41.53 28.22 -37.96
N ASN OA 12 -40.73 27.39 -38.61
CA ASN OA 12 -40.06 27.76 -39.85
C ASN OA 12 -40.25 26.65 -40.86
N LYS OA 13 -40.91 26.95 -41.97
CA LYS OA 13 -41.21 25.92 -42.95
C LYS OA 13 -39.96 25.56 -43.75
N THR OA 14 -39.66 24.27 -43.83
CA THR OA 14 -38.54 23.82 -44.64
C THR OA 14 -38.95 23.61 -46.10
N HIS OA 15 -40.10 22.97 -46.31
CA HIS OA 15 -40.60 22.69 -47.64
C HIS OA 15 -41.76 23.62 -47.98
N THR OA 16 -41.90 23.92 -49.27
CA THR OA 16 -42.98 24.74 -49.76
C THR OA 16 -43.53 24.10 -51.03
N LEU OA 17 -44.53 24.76 -51.62
CA LEU OA 17 -45.14 24.23 -52.83
C LEU OA 17 -44.20 24.38 -54.01
N CYS OA 18 -43.94 23.26 -54.68
CA CYS OA 18 -43.11 23.24 -55.89
C CYS OA 18 -43.93 23.75 -57.06
N ARG OA 19 -43.37 24.68 -57.83
CA ARG OA 19 -44.10 25.22 -58.97
C ARG OA 19 -44.31 24.16 -60.04
N ARG OA 20 -43.39 23.22 -60.17
CA ARG OA 20 -43.65 22.00 -60.91
C ARG OA 20 -44.33 21.00 -59.99
N CYS OA 21 -45.16 20.15 -60.56
CA CYS OA 21 -45.77 18.98 -59.91
C CYS OA 21 -46.67 19.34 -58.74
N GLY OA 22 -46.74 20.63 -58.39
CA GLY OA 22 -47.66 21.10 -57.37
C GLY OA 22 -47.54 20.45 -56.01
N SER OA 23 -46.36 19.94 -55.67
CA SER OA 23 -46.18 19.24 -54.41
C SER OA 23 -45.53 20.15 -53.38
N LYS OA 24 -45.86 19.92 -52.11
CA LYS OA 24 -45.28 20.66 -51.00
C LYS OA 24 -43.96 20.02 -50.58
N ALA OA 25 -43.03 19.96 -51.54
CA ALA OA 25 -41.75 19.32 -51.34
C ALA OA 25 -40.58 20.15 -51.87
N TYR OA 26 -40.84 21.40 -52.24
CA TYR OA 26 -39.77 22.28 -52.71
C TYR OA 26 -38.97 22.73 -51.50
N HIS OA 27 -37.73 22.25 -51.40
CA HIS OA 27 -36.86 22.67 -50.31
C HIS OA 27 -36.46 24.13 -50.51
N LEU OA 28 -36.93 24.99 -49.60
CA LEU OA 28 -36.64 26.41 -49.71
C LEU OA 28 -35.14 26.68 -49.60
N GLN OA 29 -34.45 25.92 -48.75
CA GLN OA 29 -33.03 26.12 -48.57
C GLN OA 29 -32.20 25.49 -49.68
N LYS OA 30 -32.68 24.40 -50.27
CA LYS OA 30 -31.94 23.71 -51.31
C LYS OA 30 -32.39 24.04 -52.72
N SER OA 31 -33.49 24.77 -52.88
CA SER OA 31 -34.02 25.18 -54.18
C SER OA 31 -34.28 23.95 -55.07
N THR OA 32 -34.83 22.90 -54.48
CA THR OA 32 -35.08 21.66 -55.21
C THR OA 32 -36.33 21.01 -54.66
N CYS OA 33 -37.17 20.48 -55.56
CA CYS OA 33 -38.30 19.68 -55.13
C CYS OA 33 -37.84 18.33 -54.62
N GLY OA 34 -38.42 17.89 -53.51
CA GLY OA 34 -38.11 16.56 -53.00
C GLY OA 34 -38.76 15.44 -53.77
N LYS OA 35 -39.80 15.74 -54.55
CA LYS OA 35 -40.54 14.71 -55.28
C LYS OA 35 -40.21 14.69 -56.76
N CYS OA 36 -40.22 15.84 -57.43
CA CYS OA 36 -39.95 15.88 -58.86
C CYS OA 36 -38.54 16.35 -59.20
N GLY OA 37 -37.86 17.05 -58.29
CA GLY OA 37 -36.59 17.65 -58.61
C GLY OA 37 -36.74 18.71 -59.67
N TYR OA 38 -37.42 19.81 -59.31
CA TYR OA 38 -37.77 20.83 -60.29
C TYR OA 38 -36.57 21.43 -61.03
N PRO OA 39 -35.47 21.85 -60.38
CA PRO OA 39 -34.36 22.42 -61.15
C PRO OA 39 -33.78 21.45 -62.17
N ALA OA 40 -33.78 20.15 -61.88
CA ALA OA 40 -33.35 19.18 -62.87
C ALA OA 40 -34.34 19.11 -64.02
N LYS OA 41 -33.82 19.01 -65.24
CA LYS OA 41 -34.68 18.97 -66.41
C LYS OA 41 -35.56 17.72 -66.41
N ARG OA 42 -35.00 16.58 -66.04
CA ARG OA 42 -35.74 15.34 -66.06
C ARG OA 42 -36.49 15.13 -64.74
N LYS OA 43 -37.61 14.42 -64.84
CA LYS OA 43 -38.43 14.14 -63.67
C LYS OA 43 -37.77 13.09 -62.79
N ARG OA 44 -37.86 13.29 -61.48
CA ARG OA 44 -37.34 12.32 -60.53
C ARG OA 44 -38.25 11.10 -60.50
N LYS OA 45 -37.76 9.98 -61.02
CA LYS OA 45 -38.53 8.75 -61.08
C LYS OA 45 -37.65 7.59 -60.67
N TYR OA 46 -38.15 6.74 -59.79
CA TYR OA 46 -37.41 5.60 -59.29
C TYR OA 46 -38.25 4.35 -59.35
N ASN OA 47 -37.64 3.25 -59.79
CA ASN OA 47 -38.35 2.00 -59.94
C ASN OA 47 -38.60 1.29 -58.62
N TRP OA 48 -37.91 1.67 -57.55
CA TRP OA 48 -38.11 0.98 -56.28
C TRP OA 48 -39.40 1.38 -55.59
N SER OA 49 -40.20 2.24 -56.22
CA SER OA 49 -41.51 2.62 -55.67
C SER OA 49 -42.49 2.64 -56.84
N ALA OA 50 -43.10 1.49 -57.13
CA ALA OA 50 -44.09 1.42 -58.19
C ALA OA 50 -45.33 2.22 -57.83
N LYS OA 51 -45.70 2.25 -56.54
CA LYS OA 51 -46.83 3.06 -56.10
C LYS OA 51 -46.58 4.54 -56.36
N ALA OA 52 -45.37 5.01 -56.07
CA ALA OA 52 -45.06 6.41 -56.33
C ALA OA 52 -45.09 6.72 -57.82
N LYS OA 53 -44.61 5.79 -58.65
CA LYS OA 53 -44.67 5.98 -60.09
C LYS OA 53 -46.11 6.07 -60.58
N ARG OA 54 -46.96 5.17 -60.09
CA ARG OA 54 -48.33 5.15 -60.58
C ARG OA 54 -49.19 6.25 -59.97
N ARG OA 55 -48.73 6.90 -58.90
CA ARG OA 55 -49.47 8.03 -58.37
C ARG OA 55 -49.53 9.19 -59.35
N ASN OA 56 -48.44 9.46 -60.07
CA ASN OA 56 -48.41 10.57 -61.01
C ASN OA 56 -47.98 10.14 -62.40
N THR OA 57 -48.35 8.93 -62.82
CA THR OA 57 -48.02 8.48 -64.16
C THR OA 57 -48.99 9.09 -65.17
N THR OA 58 -48.72 8.83 -66.45
CA THR OA 58 -49.59 9.31 -67.51
C THR OA 58 -50.97 8.68 -67.37
N GLY OA 59 -52.02 9.50 -67.47
CA GLY OA 59 -53.37 9.06 -67.25
C GLY OA 59 -53.91 9.38 -65.88
N THR OA 60 -53.05 9.78 -64.94
CA THR OA 60 -53.50 10.22 -63.63
C THR OA 60 -53.94 11.67 -63.62
N GLY OA 61 -53.73 12.40 -64.71
CA GLY OA 61 -54.10 13.80 -64.78
C GLY OA 61 -55.20 14.07 -65.79
N ARG OA 62 -54.95 15.00 -66.71
CA ARG OA 62 -55.98 15.41 -67.67
C ARG OA 62 -55.76 14.80 -69.04
N MET OA 63 -54.52 14.78 -69.53
CA MET OA 63 -54.18 14.29 -70.86
C MET OA 63 -54.96 15.04 -71.93
N ARG OA 64 -54.87 16.37 -71.88
CA ARG OA 64 -55.63 17.21 -72.81
C ARG OA 64 -55.21 16.96 -74.25
N HIS OA 65 -53.92 16.83 -74.50
CA HIS OA 65 -53.43 16.56 -75.84
C HIS OA 65 -53.50 15.09 -76.20
N LEU OA 66 -53.25 14.20 -75.23
CA LEU OA 66 -53.21 12.78 -75.52
C LEU OA 66 -54.58 12.20 -75.82
N LYS OA 67 -55.63 12.72 -75.18
CA LYS OA 67 -56.98 12.27 -75.50
C LYS OA 67 -57.33 12.60 -76.95
N ILE OA 68 -56.99 13.82 -77.39
CA ILE OA 68 -57.23 14.20 -78.77
C ILE OA 68 -56.40 13.35 -79.72
N VAL OA 69 -55.16 13.04 -79.34
CA VAL OA 69 -54.32 12.17 -80.16
C VAL OA 69 -54.96 10.79 -80.29
N TYR OA 70 -55.46 10.25 -79.18
CA TYR OA 70 -56.12 8.96 -79.23
C TYR OA 70 -57.36 8.98 -80.11
N ARG OA 71 -58.15 10.06 -80.03
CA ARG OA 71 -59.32 10.16 -80.89
C ARG OA 71 -58.92 10.36 -82.35
N ARG OA 72 -57.95 11.24 -82.60
CA ARG OA 72 -57.55 11.53 -83.98
C ARG OA 72 -56.84 10.37 -84.64
N PHE OA 73 -56.27 9.46 -83.84
CA PHE OA 73 -55.57 8.31 -84.42
C PHE OA 73 -56.51 7.39 -85.18
N ARG OA 74 -57.78 7.33 -84.77
CA ARG OA 74 -58.73 6.42 -85.37
C ARG OA 74 -59.13 6.80 -86.79
N HIS OA 75 -58.80 8.02 -87.24
CA HIS OA 75 -59.07 8.43 -88.61
C HIS OA 75 -57.82 8.82 -89.36
N GLY OA 76 -56.67 8.28 -88.97
CA GLY OA 76 -55.44 8.52 -89.72
C GLY OA 76 -54.92 9.93 -89.63
N PHE OA 77 -55.31 10.68 -88.59
CA PHE OA 77 -54.84 12.05 -88.36
C PHE OA 77 -55.11 12.95 -89.57
N ARG OA 78 -56.35 12.91 -90.06
CA ARG OA 78 -56.74 13.78 -91.17
C ARG OA 78 -56.76 15.23 -90.72
N GLU OA 79 -56.26 16.12 -91.57
CA GLU OA 79 -56.28 17.54 -91.26
C GLU OA 79 -56.61 18.32 -92.53
N GLY OA 80 -57.18 19.50 -92.33
CA GLY OA 80 -57.61 20.32 -93.45
C GLY OA 80 -58.85 19.82 -94.14
N THR OA 81 -59.56 18.86 -93.56
CA THR OA 81 -60.73 18.27 -94.18
C THR OA 81 -61.96 18.59 -93.35
N THR OA 82 -63.13 18.46 -93.98
CA THR OA 82 -64.41 18.69 -93.36
C THR OA 82 -65.41 17.64 -93.84
N PRO OA 83 -66.43 17.34 -93.05
CA PRO OA 83 -67.54 16.53 -93.56
C PRO OA 83 -68.24 17.26 -94.70
N LYS OA 84 -68.80 16.49 -95.62
CA LYS OA 84 -69.49 17.06 -96.77
C LYS OA 84 -70.71 17.83 -96.30
N PRO OA 85 -70.86 19.11 -96.65
CA PRO OA 85 -71.98 19.90 -96.16
C PRO OA 85 -73.32 19.39 -96.66
N LYS OA 86 -74.34 19.57 -95.84
CA LYS OA 86 -75.69 19.15 -96.19
C LYS OA 86 -76.36 20.20 -97.06
N PRO PA 1 -46.92 75.17 -44.97
CA PRO PA 1 -47.54 76.49 -45.02
C PRO PA 1 -46.52 77.62 -45.02
N ARG PA 2 -46.94 78.80 -45.46
CA ARG PA 2 -46.08 79.97 -45.48
C ARG PA 2 -46.83 81.16 -44.91
N LYS PA 3 -46.09 82.05 -44.27
CA LYS PA 3 -46.67 83.25 -43.68
C LYS PA 3 -46.31 84.46 -44.53
N ILE PA 4 -47.32 85.19 -44.98
CA ILE PA 4 -47.11 86.36 -45.82
C ILE PA 4 -46.71 87.54 -44.93
N GLU PA 5 -45.59 88.16 -45.26
CA GLU PA 5 -45.05 89.22 -44.40
C GLU PA 5 -45.79 90.53 -44.58
N GLU PA 6 -45.77 91.08 -45.79
CA GLU PA 6 -46.44 92.34 -46.08
C GLU PA 6 -47.56 92.12 -47.08
N ILE PA 7 -48.44 93.13 -47.18
CA ILE PA 7 -49.65 93.01 -47.97
C ILE PA 7 -49.33 92.91 -49.46
N LYS PA 8 -48.28 93.58 -49.91
CA LYS PA 8 -47.96 93.64 -51.34
C LYS PA 8 -47.67 92.25 -51.90
N ASP PA 9 -46.96 91.42 -51.13
CA ASP PA 9 -46.78 90.02 -51.53
C ASP PA 9 -48.12 89.31 -51.64
N PHE PA 10 -49.04 89.60 -50.72
CA PHE PA 10 -50.33 88.92 -50.72
C PHE PA 10 -51.15 89.29 -51.96
N LEU PA 11 -51.02 90.51 -52.45
CA LEU PA 11 -51.75 90.89 -53.67
C LEU PA 11 -51.39 90.01 -54.86
N LEU PA 12 -50.09 89.87 -55.18
CA LEU PA 12 -49.77 89.03 -56.32
C LEU PA 12 -49.77 87.56 -55.97
N THR PA 13 -49.81 87.20 -54.68
CA THR PA 13 -50.05 85.81 -54.32
C THR PA 13 -51.48 85.42 -54.65
N ALA PA 14 -52.45 86.28 -54.32
CA ALA PA 14 -53.84 86.01 -54.63
C ALA PA 14 -54.13 86.05 -56.12
N ARG PA 15 -53.41 86.87 -56.87
CA ARG PA 15 -53.62 86.98 -58.31
C ARG PA 15 -52.93 85.88 -59.10
N ARG PA 16 -52.23 84.97 -58.43
CA ARG PA 16 -51.59 83.87 -59.14
C ARG PA 16 -52.65 82.98 -59.78
N LYS PA 17 -52.26 82.39 -60.91
CA LYS PA 17 -53.19 81.55 -61.67
C LYS PA 17 -53.59 80.30 -60.91
N ASP PA 18 -52.75 79.84 -59.99
CA ASP PA 18 -53.03 78.65 -59.20
C ASP PA 18 -53.78 78.95 -57.91
N ALA PA 19 -54.00 80.22 -57.59
CA ALA PA 19 -54.70 80.58 -56.35
C ALA PA 19 -56.16 80.15 -56.45
N LYS PA 20 -56.52 79.12 -55.68
CA LYS PA 20 -57.86 78.55 -55.81
C LYS PA 20 -58.90 79.39 -55.08
N SER PA 21 -58.66 79.71 -53.82
CA SER PA 21 -59.62 80.46 -53.02
C SER PA 21 -58.89 81.16 -51.89
N VAL PA 22 -59.56 82.16 -51.33
CA VAL PA 22 -59.06 82.88 -50.16
C VAL PA 22 -60.06 82.71 -49.03
N LYS PA 23 -59.55 82.46 -47.83
CA LYS PA 23 -60.37 82.33 -46.63
C LYS PA 23 -60.08 83.50 -45.69
N ILE PA 24 -61.12 83.98 -45.02
CA ILE PA 24 -60.98 85.06 -44.05
C ILE PA 24 -61.44 84.53 -42.70
N LYS PA 25 -60.53 84.58 -41.72
CA LYS PA 25 -60.80 84.08 -40.38
C LYS PA 25 -60.77 85.27 -39.42
N LYS PA 26 -61.88 85.48 -38.70
CA LYS PA 26 -61.99 86.58 -37.75
C LYS PA 26 -61.70 86.04 -36.36
N ASN PA 27 -60.45 86.14 -35.92
CA ASN PA 27 -60.09 85.79 -34.56
C ASN PA 27 -60.28 87.00 -33.65
N LYS PA 28 -60.18 86.77 -32.35
CA LYS PA 28 -60.32 87.85 -31.39
C LYS PA 28 -59.21 88.88 -31.54
N ASP PA 29 -57.98 88.43 -31.73
CA ASP PA 29 -56.82 89.30 -31.74
C ASP PA 29 -56.46 89.82 -33.12
N ASN PA 30 -56.80 89.09 -34.18
CA ASN PA 30 -56.40 89.47 -35.53
C ASN PA 30 -57.33 88.81 -36.53
N VAL PA 31 -57.14 89.17 -37.79
CA VAL PA 31 -57.85 88.57 -38.91
C VAL PA 31 -56.83 87.91 -39.83
N LYS PA 32 -57.00 86.62 -40.07
CA LYS PA 32 -56.07 85.85 -40.90
C LYS PA 32 -56.68 85.63 -42.28
N PHE PA 33 -55.88 85.84 -43.32
CA PHE PA 33 -56.31 85.63 -44.69
C PHE PA 33 -55.57 84.43 -45.25
N LYS PA 34 -56.33 83.44 -45.71
CA LYS PA 34 -55.78 82.13 -46.10
C LYS PA 34 -56.07 81.91 -47.58
N VAL PA 35 -55.09 82.16 -48.42
CA VAL PA 35 -55.19 81.88 -49.85
C VAL PA 35 -54.63 80.49 -50.10
N ARG PA 36 -55.36 79.69 -50.88
CA ARG PA 36 -54.96 78.32 -51.19
C ARG PA 36 -54.27 78.32 -52.54
N CYS PA 37 -52.96 78.11 -52.54
CA CYS PA 37 -52.21 77.99 -53.78
C CYS PA 37 -52.01 76.52 -54.09
N SER PA 38 -51.28 76.23 -55.17
CA SER PA 38 -51.08 74.85 -55.60
C SER PA 38 -50.25 74.06 -54.60
N ARG PA 39 -49.23 74.68 -54.01
CA ARG PA 39 -48.30 74.01 -53.12
C ARG PA 39 -48.43 74.43 -51.67
N TYR PA 40 -48.67 75.72 -51.41
CA TYR PA 40 -48.67 76.25 -50.05
C TYR PA 40 -49.98 76.97 -49.74
N LEU PA 41 -50.27 77.06 -48.46
CA LEU PA 41 -51.38 77.85 -47.94
C LEU PA 41 -50.77 79.09 -47.30
N TYR PA 42 -50.80 80.20 -48.02
CA TYR PA 42 -50.16 81.43 -47.57
C TYR PA 42 -51.10 82.17 -46.61
N THR PA 43 -50.59 82.49 -45.44
CA THR PA 43 -51.38 83.12 -44.38
C THR PA 43 -50.88 84.54 -44.15
N LEU PA 44 -51.80 85.49 -44.17
CA LEU PA 44 -51.51 86.89 -43.83
C LEU PA 44 -52.28 87.25 -42.57
N VAL PA 45 -51.59 87.82 -41.59
CA VAL PA 45 -52.18 88.20 -40.31
C VAL PA 45 -52.20 89.72 -40.23
N ILE PA 46 -53.37 90.28 -39.93
CA ILE PA 46 -53.56 91.71 -39.83
C ILE PA 46 -54.01 92.03 -38.41
N THR PA 47 -53.27 92.92 -37.74
CA THR PA 47 -53.56 93.20 -36.33
C THR PA 47 -54.85 94.01 -36.18
N ASP PA 48 -54.97 95.14 -36.87
CA ASP PA 48 -56.15 95.99 -36.75
C ASP PA 48 -57.25 95.47 -37.67
N LYS PA 49 -58.33 96.23 -37.81
CA LYS PA 49 -59.48 95.79 -38.57
C LYS PA 49 -59.72 96.58 -39.85
N GLU PA 50 -59.39 97.88 -39.85
CA GLU PA 50 -59.64 98.70 -41.03
C GLU PA 50 -58.81 98.26 -42.22
N LYS PA 51 -57.55 97.88 -41.97
CA LYS PA 51 -56.72 97.36 -43.05
C LYS PA 51 -57.25 96.03 -43.56
N ALA PA 52 -57.80 95.21 -42.67
CA ALA PA 52 -58.43 93.96 -43.09
C ALA PA 52 -59.63 94.23 -43.98
N GLU PA 53 -60.43 95.24 -43.64
CA GLU PA 53 -61.59 95.58 -44.47
C GLU PA 53 -61.14 96.13 -45.82
N LYS PA 54 -60.08 96.94 -45.83
CA LYS PA 54 -59.53 97.44 -47.09
C LYS PA 54 -59.07 96.29 -47.96
N LEU PA 55 -58.41 95.30 -47.37
CA LEU PA 55 -58.03 94.11 -48.12
C LEU PA 55 -59.27 93.37 -48.62
N LYS PA 56 -60.32 93.33 -47.80
CA LYS PA 56 -61.55 92.65 -48.21
C LYS PA 56 -62.15 93.28 -49.47
N GLN PA 57 -62.22 94.61 -49.52
CA GLN PA 57 -62.75 95.24 -50.71
C GLN PA 57 -61.72 95.43 -51.82
N SER PA 58 -60.44 95.13 -51.57
CA SER PA 58 -59.44 95.20 -52.62
C SER PA 58 -59.18 93.86 -53.29
N LEU PA 59 -59.98 92.84 -52.98
CA LEU PA 59 -59.74 91.52 -53.54
C LEU PA 59 -60.07 91.49 -55.03
N PRO PA 60 -59.25 90.79 -55.83
CA PRO PA 60 -59.54 90.69 -57.26
C PRO PA 60 -60.75 89.81 -57.49
N PRO PA 61 -61.46 89.99 -58.61
CA PRO PA 61 -62.63 89.15 -58.90
C PRO PA 61 -62.19 87.77 -59.39
N GLY PA 62 -63.20 86.91 -59.59
CA GLY PA 62 -62.94 85.58 -60.07
C GLY PA 62 -62.33 84.63 -59.07
N LEU PA 63 -62.34 84.99 -57.78
CA LEU PA 63 -61.75 84.17 -56.74
C LEU PA 63 -62.76 83.98 -55.62
N ALA PA 64 -62.78 82.78 -55.05
CA ALA PA 64 -63.72 82.48 -53.97
C ALA PA 64 -63.30 83.20 -52.70
N VAL PA 65 -64.28 83.83 -52.04
CA VAL PA 65 -64.04 84.73 -50.92
C VAL PA 65 -64.71 84.11 -49.69
N LYS PA 66 -64.70 82.78 -49.61
CA LYS PA 66 -65.36 82.06 -48.54
C LYS PA 66 -64.92 82.56 -47.17
N GLU PA 67 -65.92 82.86 -46.33
CA GLU PA 67 -65.70 83.33 -44.97
C GLU PA 67 -65.76 82.14 -44.03
N LEU PA 68 -64.79 82.06 -43.12
CA LEU PA 68 -64.77 80.98 -42.13
C LEU PA 68 -65.74 81.23 -40.99
N LYS PA 69 -66.37 82.39 -40.92
CA LYS PA 69 -67.32 82.69 -39.86
C LYS PA 69 -68.70 82.98 -40.43
N SER QA 1 -49.96 34.27 -41.07
CA SER QA 1 -49.19 35.51 -41.12
C SER QA 1 -49.89 36.55 -41.99
N SER QA 2 -49.81 37.81 -41.56
CA SER QA 2 -50.41 38.89 -42.34
C SER QA 2 -49.71 39.05 -43.68
N HIS QA 3 -48.38 39.03 -43.68
CA HIS QA 3 -47.63 39.04 -44.92
C HIS QA 3 -47.78 37.70 -45.62
N LYS QA 4 -48.06 37.71 -46.92
CA LYS QA 4 -48.22 36.48 -47.67
C LYS QA 4 -47.97 36.76 -49.15
N THR QA 5 -47.52 35.74 -49.85
CA THR QA 5 -47.30 35.83 -51.29
C THR QA 5 -48.62 35.68 -52.03
N PHE QA 6 -48.61 36.10 -53.30
CA PHE QA 6 -49.83 36.07 -54.10
C PHE QA 6 -50.32 34.65 -54.32
N ARG QA 7 -49.40 33.71 -54.61
CA ARG QA 7 -49.80 32.33 -54.83
C ARG QA 7 -50.41 31.71 -53.59
N ILE QA 8 -49.82 31.98 -52.42
CA ILE QA 8 -50.36 31.45 -51.18
C ILE QA 8 -51.75 32.02 -50.91
N LYS QA 9 -51.93 33.32 -51.15
CA LYS QA 9 -53.24 33.93 -50.94
C LYS QA 9 -54.28 33.33 -51.89
N ARG QA 10 -53.90 33.12 -53.15
CA ARG QA 10 -54.82 32.50 -54.11
C ARG QA 10 -55.17 31.08 -53.68
N PHE QA 11 -54.20 30.34 -53.17
CA PHE QA 11 -54.46 28.97 -52.72
C PHE QA 11 -55.43 28.97 -51.54
N LEU QA 12 -55.21 29.88 -50.58
CA LEU QA 12 -56.15 30.01 -49.47
C LEU QA 12 -57.53 30.42 -49.94
N ALA QA 13 -57.60 31.27 -50.96
CA ALA QA 13 -58.90 31.66 -51.52
C ALA QA 13 -59.63 30.47 -52.10
N LYS QA 14 -58.92 29.63 -52.86
CA LYS QA 14 -59.54 28.43 -53.41
C LYS QA 14 -60.00 27.49 -52.30
N LYS QA 15 -59.17 27.32 -51.26
CA LYS QA 15 -59.55 26.45 -50.16
C LYS QA 15 -60.77 26.98 -49.41
N GLN QA 16 -60.89 28.31 -49.28
CA GLN QA 16 -62.09 28.87 -48.68
C GLN QA 16 -63.32 28.65 -49.54
N LYS QA 17 -63.18 28.79 -50.86
CA LYS QA 17 -64.36 28.77 -51.72
C LYS QA 17 -65.02 27.40 -51.76
N GLN QA 18 -64.25 26.32 -51.63
CA GLN QA 18 -64.80 24.98 -51.75
C GLN QA 18 -65.16 24.34 -50.42
N ASN QA 19 -65.05 25.07 -49.32
CA ASN QA 19 -65.46 24.56 -48.01
C ASN QA 19 -66.82 25.13 -47.64
N ARG QA 20 -67.86 24.48 -48.16
CA ARG QA 20 -69.23 24.94 -47.97
C ARG QA 20 -70.15 23.74 -48.14
N PRO QA 21 -71.35 23.79 -47.56
CA PRO QA 21 -72.28 22.67 -47.70
C PRO QA 21 -72.78 22.53 -49.13
N ILE QA 22 -73.16 21.31 -49.47
CA ILE QA 22 -73.70 21.00 -50.79
C ILE QA 22 -75.09 21.64 -50.93
N PRO QA 23 -75.51 21.98 -52.14
CA PRO QA 23 -76.85 22.53 -52.31
C PRO QA 23 -77.94 21.52 -51.99
N GLN QA 24 -79.09 22.03 -51.57
CA GLN QA 24 -80.21 21.17 -51.21
C GLN QA 24 -80.74 20.39 -52.41
N TRP QA 25 -80.82 21.02 -53.57
CA TRP QA 25 -81.38 20.36 -54.75
C TRP QA 25 -80.48 19.26 -55.30
N ILE QA 26 -79.23 19.16 -54.82
CA ILE QA 26 -78.38 18.04 -55.20
C ILE QA 26 -78.96 16.74 -54.67
N ARG QA 27 -79.52 16.76 -53.47
CA ARG QA 27 -80.11 15.55 -52.91
C ARG QA 27 -81.42 15.18 -53.57
N MET QA 28 -81.94 16.00 -54.49
CA MET QA 28 -83.10 15.64 -55.27
C MET QA 28 -82.74 15.07 -56.64
N LYS QA 29 -81.45 15.02 -56.99
CA LYS QA 29 -81.06 14.48 -58.28
C LYS QA 29 -81.30 12.98 -58.34
N THR QA 30 -81.61 12.49 -59.54
CA THR QA 30 -81.83 11.07 -59.75
C THR QA 30 -80.50 10.32 -59.62
N GLY QA 31 -80.49 9.27 -58.80
CA GLY QA 31 -79.28 8.51 -58.56
C GLY QA 31 -78.20 9.34 -57.89
N ASN QA 32 -78.58 10.08 -56.84
CA ASN QA 32 -77.62 10.94 -56.16
C ASN QA 32 -76.58 10.13 -55.40
N LYS QA 33 -77.03 9.36 -54.40
CA LYS QA 33 -76.16 8.61 -53.50
C LYS QA 33 -75.17 9.50 -52.77
N ILE QA 34 -75.51 10.77 -52.60
CA ILE QA 34 -74.67 11.73 -51.87
C ILE QA 34 -75.49 12.30 -50.74
N ARG QA 35 -74.98 12.21 -49.52
CA ARG QA 35 -75.68 12.70 -48.34
C ARG QA 35 -75.20 14.07 -47.88
N TYR QA 36 -73.89 14.25 -47.77
CA TYR QA 36 -73.32 15.52 -47.30
C TYR QA 36 -71.91 15.63 -47.85
N ASN QA 37 -71.37 16.85 -47.77
CA ASN QA 37 -70.00 17.08 -48.23
C ASN QA 37 -69.04 16.46 -47.22
N SER QA 38 -68.50 15.29 -47.57
CA SER QA 38 -67.57 14.60 -46.70
C SER QA 38 -66.18 15.23 -46.71
N LYS QA 39 -65.92 16.18 -47.61
CA LYS QA 39 -64.62 16.83 -47.70
C LYS QA 39 -64.59 18.17 -46.97
N ARG QA 40 -65.59 18.42 -46.12
CA ARG QA 40 -65.60 19.65 -45.34
C ARG QA 40 -64.42 19.69 -44.39
N ARG QA 41 -63.88 20.89 -44.17
CA ARG QA 41 -62.66 21.09 -43.41
C ARG QA 41 -62.87 22.17 -42.36
N HIS QA 42 -62.42 21.90 -41.14
CA HIS QA 42 -62.40 22.88 -40.07
C HIS QA 42 -60.98 23.33 -39.81
N TRP QA 43 -60.81 24.64 -39.63
CA TRP QA 43 -59.48 25.21 -39.44
C TRP QA 43 -58.78 24.69 -38.19
N ARG QA 44 -59.53 24.37 -37.15
CA ARG QA 44 -58.94 23.85 -35.92
C ARG QA 44 -58.76 22.34 -35.91
N ARG QA 45 -59.68 21.60 -36.54
CA ARG QA 45 -59.58 20.15 -36.55
C ARG QA 45 -58.38 19.68 -37.36
N THR QA 46 -58.37 19.98 -38.64
CA THR QA 46 -57.29 19.59 -39.52
C THR QA 46 -56.64 20.83 -40.12
N LYS QA 47 -55.35 20.74 -40.39
CA LYS QA 47 -54.61 21.84 -40.98
C LYS QA 47 -54.34 21.56 -42.45
N LEU QA 48 -54.23 22.63 -43.22
CA LEU QA 48 -54.02 22.52 -44.66
C LEU QA 48 -52.64 21.94 -44.94
N GLY QA 49 -52.42 21.60 -46.22
CA GLY QA 49 -51.15 21.01 -46.62
C GLY QA 49 -49.98 21.93 -46.37
N LEU QA 50 -50.15 23.22 -46.61
CA LEU QA 50 -49.08 24.18 -46.38
C LEU QA 50 -48.98 24.46 -44.88
N ILE RA 1 -30.27 -25.90 68.05
CA ILE RA 1 -29.60 -27.19 68.14
C ILE RA 1 -30.63 -28.30 68.33
N ILE RA 2 -30.33 -29.48 67.77
CA ILE RA 2 -31.23 -30.63 67.81
C ILE RA 2 -30.47 -31.80 68.39
N GLU RA 3 -31.09 -32.50 69.33
CA GLU RA 3 -30.51 -33.71 69.89
C GLU RA 3 -30.47 -34.80 68.81
N PRO RA 4 -29.55 -35.77 68.93
CA PRO RA 4 -29.31 -36.69 67.80
C PRO RA 4 -30.51 -37.52 67.36
N SER RA 5 -31.39 -37.94 68.26
CA SER RA 5 -32.48 -38.83 67.83
C SER RA 5 -33.53 -38.07 67.02
N LEU RA 6 -33.87 -36.86 67.44
CA LEU RA 6 -34.74 -36.02 66.61
C LEU RA 6 -34.08 -35.69 65.29
N ARG RA 7 -32.76 -35.52 65.29
CA ARG RA 7 -32.03 -35.30 64.05
C ARG RA 7 -32.16 -36.51 63.12
N GLN RA 8 -32.08 -37.71 63.69
CA GLN RA 8 -32.28 -38.93 62.90
C GLN RA 8 -33.69 -38.99 62.34
N LEU RA 9 -34.68 -38.60 63.15
CA LEU RA 9 -36.06 -38.56 62.68
C LEU RA 9 -36.20 -37.62 61.50
N ALA RA 10 -35.59 -36.44 61.58
CA ALA RA 10 -35.64 -35.51 60.46
C ALA RA 10 -34.91 -36.06 59.24
N GLN RA 11 -33.75 -36.68 59.45
CA GLN RA 11 -32.95 -37.21 58.36
C GLN RA 11 -33.65 -38.34 57.61
N LYS RA 12 -34.46 -39.14 58.31
CA LYS RA 12 -35.17 -40.21 57.64
C LYS RA 12 -36.12 -39.68 56.58
N TYR RA 13 -36.78 -38.55 56.86
CA TYR RA 13 -37.68 -37.93 55.88
C TYR RA 13 -36.99 -36.89 55.01
N ASN RA 14 -35.73 -36.54 55.28
CA ASN RA 14 -35.07 -35.49 54.54
C ASN RA 14 -33.77 -35.92 53.86
N CYS RA 15 -32.97 -36.76 54.51
CA CYS RA 15 -31.65 -37.09 53.97
C CYS RA 15 -31.50 -38.55 53.59
N ASP RA 16 -32.23 -39.45 54.25
CA ASP RA 16 -32.06 -40.89 54.06
C ASP RA 16 -32.92 -41.32 52.87
N LYS RA 17 -32.44 -41.02 51.67
CA LYS RA 17 -33.22 -41.30 50.46
C LYS RA 17 -32.27 -41.54 49.30
N MET RA 18 -32.80 -42.20 48.27
CA MET RA 18 -32.07 -42.49 47.05
C MET RA 18 -32.46 -41.51 45.96
N ILE RA 19 -31.53 -41.25 45.05
CA ILE RA 19 -31.72 -40.29 43.97
C ILE RA 19 -31.50 -40.99 42.65
N CYS RA 20 -32.43 -40.79 41.71
CA CYS RA 20 -32.28 -41.37 40.37
C CYS RA 20 -31.31 -40.51 39.55
N ARG RA 21 -30.38 -41.17 38.87
CA ARG RA 21 -29.35 -40.43 38.14
C ARG RA 21 -29.88 -39.82 36.85
N LYS RA 22 -31.05 -40.25 36.36
CA LYS RA 22 -31.56 -39.73 35.11
C LYS RA 22 -32.63 -38.67 35.30
N CYS RA 23 -33.48 -38.81 36.32
CA CYS RA 23 -34.59 -37.88 36.51
C CYS RA 23 -34.60 -37.24 37.90
N TYR RA 24 -33.58 -37.49 38.72
CA TYR RA 24 -33.39 -36.83 40.01
C TYR RA 24 -34.55 -37.04 40.98
N ALA RA 25 -35.30 -38.12 40.83
CA ALA RA 25 -36.41 -38.37 41.74
C ALA RA 25 -35.90 -38.77 43.12
N ARG RA 26 -36.62 -38.34 44.14
CA ARG RA 26 -36.26 -38.61 45.54
C ARG RA 26 -36.97 -39.90 45.96
N LEU RA 27 -36.23 -41.00 46.02
CA LEU RA 27 -36.82 -42.31 46.25
C LEU RA 27 -36.45 -42.84 47.62
N HIS RA 28 -37.26 -43.78 48.11
CA HIS RA 28 -37.03 -44.39 49.41
C HIS RA 28 -35.71 -45.16 49.40
N PRO RA 29 -35.05 -45.28 50.55
CA PRO RA 29 -33.67 -45.81 50.57
C PRO RA 29 -33.54 -47.23 50.07
N ARG RA 30 -34.61 -48.03 50.08
CA ARG RA 30 -34.52 -49.41 49.64
C ARG RA 30 -34.96 -49.60 48.20
N ALA RA 31 -35.16 -48.52 47.46
CA ALA RA 31 -35.56 -48.62 46.06
C ALA RA 31 -34.46 -49.23 45.21
N VAL RA 32 -34.87 -49.97 44.19
CA VAL RA 32 -33.94 -50.60 43.27
C VAL RA 32 -34.15 -49.98 41.89
N ASN RA 33 -35.39 -49.59 41.61
CA ASN RA 33 -35.72 -48.96 40.34
C ASN RA 33 -36.56 -47.73 40.60
N CYS RA 34 -36.34 -46.69 39.81
CA CYS RA 34 -37.09 -45.46 40.00
C CYS RA 34 -38.55 -45.66 39.61
N ARG RA 35 -39.43 -44.96 40.31
CA ARG RA 35 -40.87 -45.16 40.18
C ARG RA 35 -41.50 -44.30 39.09
N LYS RA 36 -40.72 -43.52 38.35
CA LYS RA 36 -41.25 -42.52 37.46
C LYS RA 36 -41.03 -42.88 36.00
N LYS RA 37 -42.01 -42.52 35.16
CA LYS RA 37 -41.99 -42.93 33.76
C LYS RA 37 -40.87 -42.27 32.97
N LYS RA 38 -40.59 -41.00 33.22
CA LYS RA 38 -39.73 -40.24 32.33
C LYS RA 38 -38.28 -40.73 32.35
N CYS RA 39 -37.87 -41.43 33.40
CA CYS RA 39 -36.58 -42.11 33.40
C CYS RA 39 -36.70 -43.55 32.95
N GLY RA 40 -37.90 -44.00 32.61
CA GLY RA 40 -38.09 -45.37 32.14
C GLY RA 40 -37.97 -46.42 33.20
N HIS RA 41 -38.22 -46.07 34.47
CA HIS RA 41 -38.05 -46.98 35.60
C HIS RA 41 -36.63 -47.54 35.63
N THR RA 42 -35.65 -46.68 35.39
CA THR RA 42 -34.27 -47.11 35.37
C THR RA 42 -33.78 -47.47 36.76
N ASN RA 43 -32.58 -48.05 36.82
CA ASN RA 43 -31.99 -48.51 38.07
C ASN RA 43 -30.66 -47.82 38.38
N ASN RA 44 -30.39 -46.68 37.75
CA ASN RA 44 -29.18 -45.91 38.03
C ASN RA 44 -29.47 -44.98 39.20
N LEU RA 45 -29.22 -45.46 40.41
CA LEU RA 45 -29.50 -44.71 41.62
C LEU RA 45 -28.20 -44.40 42.35
N ARG RA 46 -28.17 -43.24 42.99
CA ARG RA 46 -27.09 -42.87 43.88
C ARG RA 46 -27.68 -42.48 45.23
N PRO RA 47 -26.93 -42.67 46.31
CA PRO RA 47 -27.38 -42.15 47.60
C PRO RA 47 -27.43 -40.64 47.58
N LYS RA 48 -28.41 -40.08 48.29
CA LYS RA 48 -28.47 -38.63 48.43
C LYS RA 48 -27.28 -38.16 49.24
N LYS RA 49 -26.55 -37.18 48.71
CA LYS RA 49 -25.29 -36.78 49.30
C LYS RA 49 -25.51 -36.13 50.67
N LYS RA 50 -24.71 -36.54 51.63
CA LYS RA 50 -24.82 -36.06 52.99
C LYS RA 50 -24.03 -34.77 53.16
N VAL RA 51 -24.48 -33.94 54.11
CA VAL RA 51 -23.84 -32.64 54.33
C VAL RA 51 -22.46 -32.76 54.97
N LYS RA 52 -22.04 -33.96 55.34
CA LYS RA 52 -20.72 -34.16 55.94
C LYS RA 52 -19.62 -33.85 54.94
N MET SA 1 34.18 16.18 11.31
CA MET SA 1 33.77 16.66 10.01
C MET SA 1 34.34 18.02 9.66
N ARG SA 2 34.46 18.27 8.36
CA ARG SA 2 34.74 19.60 7.86
C ARG SA 2 33.60 20.53 8.23
N ALA SA 3 33.93 21.80 8.53
CA ALA SA 3 32.90 22.76 8.90
C ALA SA 3 31.92 23.01 7.76
N LYS SA 4 32.41 23.02 6.52
CA LYS SA 4 31.53 23.20 5.38
C LYS SA 4 30.53 22.06 5.25
N TRP SA 5 30.98 20.82 5.44
CA TRP SA 5 30.05 19.70 5.35
C TRP SA 5 29.07 19.68 6.52
N ARG SA 6 29.49 20.10 7.71
CA ARG SA 6 28.53 20.25 8.80
C ARG SA 6 27.51 21.33 8.47
N LYS SA 7 27.94 22.41 7.82
CA LYS SA 7 27.02 23.45 7.42
C LYS SA 7 26.00 22.92 6.41
N LYS SA 8 26.46 22.11 5.46
CA LYS SA 8 25.54 21.51 4.49
C LYS SA 8 24.56 20.57 5.16
N ARG SA 9 25.05 19.75 6.10
CA ARG SA 9 24.17 18.85 6.83
C ARG SA 9 23.14 19.63 7.63
N MET SA 10 23.57 20.72 8.26
CA MET SA 10 22.65 21.56 9.02
C MET SA 10 21.60 22.19 8.12
N ARG SA 11 22.00 22.62 6.92
CA ARG SA 11 21.04 23.16 5.97
C ARG SA 11 20.02 22.12 5.55
N ARG SA 12 20.48 20.88 5.31
CA ARG SA 12 19.56 19.80 4.97
C ARG SA 12 18.58 19.55 6.11
N LEU SA 13 19.09 19.52 7.35
CA LEU SA 13 18.22 19.30 8.49
C LEU SA 13 17.24 20.44 8.69
N LYS SA 14 17.66 21.67 8.41
CA LYS SA 14 16.75 22.81 8.52
C LYS SA 14 15.65 22.74 7.48
N ARG SA 15 15.98 22.34 6.25
CA ARG SA 15 14.93 22.16 5.25
C ARG SA 15 13.95 21.08 5.67
N LYS SA 16 14.46 19.98 6.23
CA LYS SA 16 13.58 18.91 6.70
C LYS SA 16 12.68 19.40 7.82
N ARG SA 17 13.23 20.17 8.76
CA ARG SA 17 12.43 20.71 9.86
C ARG SA 17 11.36 21.66 9.36
N ARG SA 18 11.72 22.54 8.41
CA ARG SA 18 10.72 23.46 7.87
C ARG SA 18 9.61 22.70 7.15
N LYS SA 19 9.98 21.66 6.40
CA LYS SA 19 8.96 20.85 5.74
C LYS SA 19 8.04 20.16 6.75
N MET SA 20 8.62 19.61 7.82
CA MET SA 20 7.81 18.94 8.84
C MET SA 20 6.86 19.91 9.53
N ARG SA 21 7.34 21.11 9.87
CA ARG SA 21 6.48 22.09 10.50
C ARG SA 21 5.39 22.57 9.55
N GLN SA 22 5.76 22.83 8.29
CA GLN SA 22 4.77 23.29 7.31
C GLN SA 22 3.72 22.22 7.06
N ARG SA 23 4.10 20.95 7.22
CA ARG SA 23 3.16 19.85 7.07
C ARG SA 23 2.00 19.93 8.04
N SER SA 24 2.22 20.50 9.22
CA SER SA 24 1.14 20.69 10.19
C SER SA 24 0.44 22.02 9.97
N VAL TA 1 15.91 -45.91 -37.89
CA VAL TA 1 16.18 -47.25 -38.39
C VAL TA 1 17.42 -47.23 -39.27
N ASN TA 2 17.83 -48.42 -39.72
CA ASN TA 2 18.95 -48.57 -40.65
C ASN TA 2 18.57 -49.58 -41.72
N VAL TA 3 18.87 -49.25 -42.97
CA VAL TA 3 18.62 -50.17 -44.09
C VAL TA 3 19.88 -50.23 -44.95
N PRO TA 4 20.18 -51.36 -45.57
CA PRO TA 4 21.35 -51.44 -46.44
C PRO TA 4 21.15 -50.61 -47.70
N LYS TA 5 22.28 -50.13 -48.24
CA LYS TA 5 22.25 -49.38 -49.48
C LYS TA 5 21.87 -50.23 -50.69
N THR TA 6 21.85 -51.55 -50.54
CA THR TA 6 21.44 -52.43 -51.62
C THR TA 6 20.73 -53.64 -51.04
N ARG TA 7 19.82 -54.21 -51.82
CA ARG TA 7 19.15 -55.45 -51.44
C ARG TA 7 18.79 -56.20 -52.70
N ARG TA 8 18.55 -57.50 -52.54
CA ARG TA 8 18.10 -58.37 -53.61
C ARG TA 8 16.62 -58.61 -53.39
N THR TA 9 15.79 -58.09 -54.29
CA THR TA 9 14.35 -58.24 -54.21
C THR TA 9 13.80 -58.53 -55.61
N PHE TA 10 12.51 -58.81 -55.66
CA PHE TA 10 11.86 -59.08 -56.93
C PHE TA 10 11.86 -57.84 -57.81
N CYS TA 11 12.13 -58.05 -59.10
CA CYS TA 11 12.04 -57.00 -60.11
C CYS TA 11 10.93 -57.36 -61.08
N LYS TA 12 9.98 -56.44 -61.25
CA LYS TA 12 8.79 -56.75 -62.03
C LYS TA 12 9.11 -56.85 -63.53
N LYS TA 13 10.00 -56.00 -64.03
CA LYS TA 13 10.37 -56.06 -65.44
C LYS TA 13 11.17 -57.31 -65.73
N CYS TA 14 12.12 -57.65 -64.85
CA CYS TA 14 12.83 -58.92 -65.00
C CYS TA 14 11.94 -60.11 -64.72
N GLY TA 15 10.98 -59.96 -63.80
CA GLY TA 15 10.16 -61.08 -63.40
C GLY TA 15 10.84 -62.04 -62.46
N LYS TA 16 11.88 -61.60 -61.75
CA LYS TA 16 12.64 -62.47 -60.86
C LYS TA 16 13.33 -61.61 -59.82
N HIS TA 17 13.87 -62.26 -58.80
CA HIS TA 17 14.63 -61.57 -57.77
C HIS TA 17 15.94 -61.08 -58.35
N GLN TA 18 16.23 -59.80 -58.17
CA GLN TA 18 17.42 -59.19 -58.73
C GLN TA 18 18.04 -58.26 -57.71
N PRO TA 19 19.35 -58.03 -57.77
CA PRO TA 19 19.96 -57.01 -56.92
C PRO TA 19 19.43 -55.63 -57.29
N HIS TA 20 19.32 -54.78 -56.27
CA HIS TA 20 18.76 -53.45 -56.45
C HIS TA 20 19.55 -52.44 -55.63
N LYS TA 21 19.57 -51.20 -56.11
CA LYS TA 21 20.18 -50.11 -55.36
C LYS TA 21 19.09 -49.36 -54.61
N VAL TA 22 19.37 -49.03 -53.35
CA VAL TA 22 18.39 -48.41 -52.46
C VAL TA 22 18.77 -46.94 -52.28
N THR TA 23 17.84 -46.05 -52.61
CA THR TA 23 17.99 -44.63 -52.38
C THR TA 23 16.70 -44.08 -51.79
N GLN TA 24 16.82 -43.02 -51.01
CA GLN TA 24 15.69 -42.38 -50.38
C GLN TA 24 14.99 -41.46 -51.38
N TYR TA 25 13.70 -41.69 -51.57
CA TYR TA 25 12.95 -40.91 -52.55
C TYR TA 25 12.61 -39.53 -52.00
N LYS TA 26 12.76 -38.51 -52.83
CA LYS TA 26 12.43 -37.14 -52.48
C LYS TA 26 11.34 -36.62 -53.40
N LYS TA 27 10.41 -35.84 -52.84
CA LYS TA 27 9.30 -35.32 -53.62
C LYS TA 27 9.81 -34.37 -54.70
N GLY TA 28 9.35 -34.59 -55.92
CA GLY TA 28 9.76 -33.76 -57.04
C GLY TA 28 9.15 -32.38 -56.97
N LYS TA 29 9.78 -31.46 -57.69
CA LYS TA 29 9.31 -30.09 -57.76
C LYS TA 29 8.07 -30.02 -58.67
N ASP TA 30 7.13 -29.15 -58.30
CA ASP TA 30 5.87 -29.07 -59.04
C ASP TA 30 6.12 -28.57 -60.46
N SER TA 31 5.22 -28.96 -61.37
CA SER TA 31 5.44 -28.70 -62.79
C SER TA 31 5.24 -27.23 -63.14
N LEU TA 32 4.38 -26.52 -62.41
CA LEU TA 32 3.92 -25.17 -62.72
C LEU TA 32 3.09 -25.18 -63.99
N TYR TA 33 2.86 -26.37 -64.55
CA TYR TA 33 1.99 -26.57 -65.69
C TYR TA 33 1.12 -27.81 -65.54
N ALA TA 34 1.04 -28.37 -64.33
CA ALA TA 34 0.04 -29.38 -64.05
C ALA TA 34 -1.34 -28.74 -64.08
N GLN TA 35 -2.36 -29.55 -64.39
CA GLN TA 35 -3.71 -29.02 -64.55
C GLN TA 35 -4.23 -28.41 -63.25
N GLY TA 36 -3.94 -29.05 -62.12
CA GLY TA 36 -4.34 -28.49 -60.85
C GLY TA 36 -3.63 -27.19 -60.54
N LYS TA 37 -2.34 -27.11 -60.80
CA LYS TA 37 -1.61 -25.86 -60.59
C LYS TA 37 -2.12 -24.76 -61.51
N ARG TA 38 -2.40 -25.09 -62.76
CA ARG TA 38 -2.95 -24.10 -63.69
C ARG TA 38 -4.31 -23.60 -63.22
N ARG TA 39 -5.16 -24.52 -62.77
CA ARG TA 39 -6.49 -24.13 -62.29
C ARG TA 39 -6.38 -23.27 -61.04
N TYR TA 40 -5.45 -23.62 -60.13
CA TYR TA 40 -5.23 -22.82 -58.94
C TYR TA 40 -4.75 -21.42 -59.30
N ASP TA 41 -3.83 -21.32 -60.27
CA ASP TA 41 -3.33 -20.01 -60.68
C ASP TA 41 -4.41 -19.16 -61.34
N ARG TA 42 -5.26 -19.80 -62.15
CA ARG TA 42 -6.38 -19.07 -62.74
C ARG TA 42 -7.35 -18.59 -61.67
N LYS TA 43 -7.62 -19.44 -60.68
CA LYS TA 43 -8.58 -19.10 -59.65
C LYS TA 43 -8.06 -17.97 -58.76
N GLN TA 44 -6.78 -18.02 -58.38
CA GLN TA 44 -6.25 -17.07 -57.42
C GLN TA 44 -6.02 -15.68 -58.03
N SER TA 45 -5.82 -15.59 -59.34
CA SER TA 45 -5.63 -14.29 -59.96
C SER TA 45 -6.93 -13.49 -59.91
N GLY TA 46 -6.79 -12.18 -59.78
CA GLY TA 46 -7.96 -11.31 -59.66
C GLY TA 46 -8.23 -10.93 -58.22
N TYR TA 47 -9.46 -10.50 -57.94
CA TYR TA 47 -9.87 -10.16 -56.59
C TYR TA 47 -10.62 -11.33 -55.95
N GLY TA 48 -10.62 -11.34 -54.62
CA GLY TA 48 -11.22 -12.43 -53.87
C GLY TA 48 -10.25 -13.04 -52.88
N GLY TA 49 -8.97 -12.71 -53.03
CA GLY TA 49 -7.97 -13.24 -52.11
C GLY TA 49 -7.77 -14.73 -52.29
N GLN TA 50 -7.41 -15.39 -51.19
CA GLN TA 50 -7.18 -16.83 -51.22
C GLN TA 50 -8.51 -17.56 -51.44
N THR TA 51 -8.47 -18.57 -52.31
CA THR TA 51 -9.66 -19.32 -52.67
C THR TA 51 -9.61 -20.78 -52.25
N LYS TA 52 -8.48 -21.26 -51.73
CA LYS TA 52 -8.34 -22.65 -51.35
C LYS TA 52 -7.88 -22.73 -49.90
N PRO TA 53 -8.24 -23.80 -49.19
CA PRO TA 53 -7.84 -23.92 -47.78
C PRO TA 53 -6.33 -24.02 -47.64
N ILE TA 54 -5.84 -23.41 -46.56
CA ILE TA 54 -4.43 -23.49 -46.18
C ILE TA 54 -4.37 -24.27 -44.88
N PHE TA 55 -3.67 -25.41 -44.90
CA PHE TA 55 -3.80 -26.46 -43.90
C PHE TA 55 -3.50 -25.95 -42.49
N ARG TA 56 -2.25 -25.55 -42.25
CA ARG TA 56 -1.79 -24.87 -41.02
C ARG TA 56 -2.27 -25.53 -39.74
N LYS TA 57 -2.52 -26.84 -39.78
CA LYS TA 57 -2.93 -27.58 -38.59
C LYS TA 57 -2.20 -28.91 -38.54
N LYS TA 58 -0.89 -28.85 -38.80
CA LYS TA 58 -0.07 -30.06 -38.84
C LYS TA 58 -0.08 -30.77 -37.50
N ALA TA 59 -0.29 -32.09 -37.54
CA ALA TA 59 -0.31 -32.91 -36.34
C ALA TA 59 0.74 -34.01 -36.33
N LYS TA 60 1.02 -34.62 -37.47
CA LYS TA 60 2.04 -35.65 -37.53
C LYS TA 60 3.42 -35.04 -37.37
N THR TA 61 4.36 -35.86 -36.91
CA THR TA 61 5.75 -35.45 -36.78
C THR TA 61 6.69 -36.22 -37.69
N THR TA 62 6.27 -37.36 -38.22
CA THR TA 62 7.12 -38.22 -39.04
C THR TA 62 6.46 -38.44 -40.40
N LYS TA 63 7.26 -38.89 -41.35
CA LYS TA 63 6.79 -39.26 -42.67
C LYS TA 63 7.10 -40.72 -42.91
N LYS TA 64 6.25 -41.38 -43.69
CA LYS TA 64 6.57 -42.74 -44.13
C LYS TA 64 7.73 -42.69 -45.11
N ILE TA 65 8.79 -43.42 -44.80
CA ILE TA 65 10.00 -43.39 -45.63
C ILE TA 65 9.78 -44.25 -46.86
N VAL TA 66 10.04 -43.67 -48.03
CA VAL TA 66 9.86 -44.35 -49.31
C VAL TA 66 11.24 -44.63 -49.89
N LEU TA 67 11.45 -45.87 -50.31
CA LEU TA 67 12.73 -46.31 -50.82
C LEU TA 67 12.66 -46.45 -52.34
N ARG TA 68 13.59 -45.78 -53.02
CA ARG TA 68 13.64 -45.79 -54.48
C ARG TA 68 14.59 -46.91 -54.91
N LEU TA 69 14.01 -48.08 -55.19
CA LEU TA 69 14.81 -49.19 -55.69
C LEU TA 69 15.09 -49.00 -57.17
N GLU TA 70 16.18 -49.61 -57.63
CA GLU TA 70 16.59 -49.53 -59.02
C GLU TA 70 17.27 -50.84 -59.38
N CYS TA 71 16.75 -51.53 -60.39
CA CYS TA 71 17.34 -52.79 -60.82
C CYS TA 71 18.73 -52.55 -61.39
N VAL TA 72 19.69 -53.39 -60.98
CA VAL TA 72 21.08 -53.22 -61.41
C VAL TA 72 21.36 -53.78 -62.79
N GLU TA 73 20.39 -54.41 -63.42
CA GLU TA 73 20.58 -54.90 -64.77
C GLU TA 73 20.78 -53.73 -65.74
N PRO TA 74 21.85 -53.73 -66.53
CA PRO TA 74 22.07 -52.59 -67.44
C PRO TA 74 20.93 -52.39 -68.44
N ASN TA 75 20.36 -53.47 -68.95
CA ASN TA 75 19.23 -53.35 -69.88
C ASN TA 75 17.90 -53.18 -69.17
N CYS TA 76 17.85 -53.42 -67.86
CA CYS TA 76 16.63 -53.25 -67.07
C CYS TA 76 16.95 -52.31 -65.92
N ARG TA 77 16.79 -51.00 -66.16
CA ARG TA 77 16.96 -50.01 -65.12
C ARG TA 77 15.64 -49.59 -64.49
N SER TA 78 14.70 -50.52 -64.38
CA SER TA 78 13.37 -50.20 -63.86
C SER TA 78 13.44 -49.83 -62.39
N LYS TA 79 12.41 -49.15 -61.93
CA LYS TA 79 12.37 -48.60 -60.58
C LYS TA 79 11.04 -48.93 -59.92
N ARG TA 80 11.07 -48.98 -58.59
CA ARG TA 80 9.87 -49.23 -57.80
C ARG TA 80 10.02 -48.47 -56.48
N MET TA 81 8.87 -48.16 -55.87
CA MET TA 81 8.83 -47.44 -54.60
C MET TA 81 8.28 -48.36 -53.53
N LEU TA 82 9.08 -48.64 -52.51
CA LEU TA 82 8.63 -49.34 -51.32
C LEU TA 82 8.49 -48.35 -50.17
N ALA TA 83 7.35 -48.42 -49.49
CA ALA TA 83 7.12 -47.62 -48.30
C ALA TA 83 7.27 -48.52 -47.07
N ILE TA 84 7.87 -47.97 -46.02
CA ILE TA 84 8.04 -48.70 -44.77
C ILE TA 84 7.26 -47.98 -43.68
N LYS TA 85 7.29 -48.52 -42.47
CA LYS TA 85 6.60 -47.89 -41.37
C LYS TA 85 7.29 -46.57 -40.99
N ARG TA 86 6.55 -45.72 -40.28
CA ARG TA 86 7.03 -44.39 -39.93
C ARG TA 86 8.25 -44.49 -39.01
N CYS TA 87 9.14 -43.51 -39.12
CA CYS TA 87 10.29 -43.42 -38.24
C CYS TA 87 10.69 -41.97 -38.09
N LYS TA 88 11.40 -41.67 -37.00
CA LYS TA 88 11.90 -40.32 -36.77
C LYS TA 88 13.28 -40.12 -37.36
N HIS TA 89 14.19 -41.08 -37.17
CA HIS TA 89 15.55 -41.00 -37.66
C HIS TA 89 15.78 -42.12 -38.65
N PHE TA 90 16.30 -41.78 -39.82
CA PHE TA 90 16.48 -42.74 -40.91
C PHE TA 90 17.88 -42.55 -41.50
N GLU TA 91 18.48 -43.64 -41.97
CA GLU TA 91 19.79 -43.59 -42.57
C GLU TA 91 19.93 -44.72 -43.58
N LEU TA 92 20.86 -44.55 -44.51
CA LEU TA 92 21.13 -45.53 -45.56
C LEU TA 92 22.50 -46.16 -45.33
N GLY TA 93 22.52 -47.47 -45.17
CA GLY TA 93 23.78 -48.21 -45.10
C GLY TA 93 24.68 -47.79 -43.96
N GLY TA 94 24.13 -47.59 -42.77
CA GLY TA 94 24.91 -47.19 -41.63
C GLY TA 94 25.76 -48.32 -41.09
N ASP TA 95 26.56 -47.98 -40.08
CA ASP TA 95 27.42 -48.98 -39.44
C ASP TA 95 26.57 -50.03 -38.76
N LYS TA 96 26.75 -51.28 -39.17
CA LYS TA 96 25.92 -52.37 -38.65
C LYS TA 96 26.23 -52.64 -37.19
N LYS TA 97 25.19 -52.91 -36.41
CA LYS TA 97 25.35 -53.14 -35.00
C LYS TA 97 26.06 -54.46 -34.73
N ARG TA 98 26.72 -54.54 -33.59
CA ARG TA 98 27.35 -55.75 -33.11
C ARG TA 98 26.82 -56.07 -31.72
N LYS TA 99 26.93 -57.35 -31.34
CA LYS TA 99 26.22 -57.86 -30.17
C LYS TA 99 27.11 -57.86 -28.92
N GLY TA 100 28.25 -58.53 -28.98
CA GLY TA 100 29.13 -58.62 -27.83
C GLY TA 100 30.24 -57.58 -27.81
N GLN TA 101 29.88 -56.30 -27.72
CA GLN TA 101 30.86 -55.22 -27.71
C GLN TA 101 30.68 -54.35 -26.48
N VAL TA 102 31.59 -53.40 -26.32
CA VAL TA 102 31.63 -52.53 -25.15
C VAL TA 102 31.04 -51.17 -25.51
N ILE TA 103 30.10 -50.70 -24.69
CA ILE TA 103 29.62 -49.34 -24.84
C ILE TA 103 30.68 -48.37 -24.35
N GLN TA 104 30.91 -47.31 -25.12
CA GLN TA 104 31.94 -46.34 -24.74
C GLN TA 104 31.54 -45.63 -23.45
N PHE TA 105 32.49 -45.52 -22.53
CA PHE TA 105 32.24 -45.02 -21.19
C PHE TA 105 31.85 -43.54 -21.20
N ALA UA 1 -3.17 57.36 -0.71
CA ALA UA 1 -2.62 56.27 0.10
C ALA UA 1 -2.33 55.05 -0.76
N LYS UA 2 -1.38 54.24 -0.32
CA LYS UA 2 -1.05 53.02 -1.04
C LYS UA 2 -2.13 51.96 -0.82
N ARG UA 3 -2.67 51.44 -1.92
CA ARG UA 3 -3.74 50.46 -1.87
C ARG UA 3 -3.23 49.04 -1.96
N THR UA 4 -2.22 48.78 -2.80
CA THR UA 4 -1.69 47.45 -3.01
C THR UA 4 -0.21 47.44 -2.69
N LYS UA 5 0.25 46.34 -2.10
CA LYS UA 5 1.65 46.26 -1.70
C LYS UA 5 2.54 45.88 -2.88
N LYS UA 6 2.22 44.80 -3.58
CA LYS UA 6 3.08 44.32 -4.65
C LYS UA 6 2.35 43.94 -5.93
N VAL UA 7 1.05 43.69 -5.91
CA VAL UA 7 0.37 43.23 -7.12
C VAL UA 7 0.26 44.35 -8.16
N GLY UA 8 -0.02 45.56 -7.71
CA GLY UA 8 -0.09 46.68 -8.64
C GLY UA 8 -1.28 46.55 -9.59
N ILE UA 9 -1.01 46.56 -10.89
CA ILE UA 9 -2.06 46.66 -11.88
C ILE UA 9 -2.83 45.36 -12.05
N VAL UA 10 -2.26 44.22 -11.66
CA VAL UA 10 -2.91 42.95 -11.87
C VAL UA 10 -3.90 42.62 -10.76
N GLY UA 11 -4.17 43.59 -9.88
CA GLY UA 11 -5.17 43.40 -8.85
C GLY UA 11 -6.57 43.17 -9.39
N LYS UA 12 -6.81 43.55 -10.64
CA LYS UA 12 -8.09 43.25 -11.27
C LYS UA 12 -8.31 41.76 -11.47
N TYR UA 13 -7.24 40.98 -11.55
CA TYR UA 13 -7.37 39.54 -11.72
C TYR UA 13 -7.66 38.81 -10.42
N GLY UA 14 -7.57 39.49 -9.27
CA GLY UA 14 -7.92 38.86 -8.02
C GLY UA 14 -6.94 37.76 -7.66
N THR UA 15 -7.47 36.71 -7.01
CA THR UA 15 -6.67 35.60 -6.54
C THR UA 15 -6.42 34.55 -7.61
N ARG UA 16 -6.86 34.79 -8.84
CA ARG UA 16 -6.83 33.76 -9.88
C ARG UA 16 -5.51 33.78 -10.63
N TYR UA 17 -5.29 32.71 -11.41
CA TYR UA 17 -4.28 32.52 -12.43
C TYR UA 17 -2.87 32.31 -11.89
N GLY UA 18 -2.66 32.39 -10.57
CA GLY UA 18 -1.34 32.11 -10.03
C GLY UA 18 -0.45 33.33 -9.92
N ALA UA 19 0.45 33.31 -8.93
CA ALA UA 19 1.28 34.48 -8.67
C ALA UA 19 2.31 34.71 -9.76
N SER UA 20 2.95 33.65 -10.23
CA SER UA 20 4.00 33.81 -11.23
C SER UA 20 3.44 34.33 -12.54
N LEU UA 21 2.27 33.85 -12.95
CA LEU UA 21 1.66 34.33 -14.19
C LEU UA 21 1.29 35.81 -14.08
N ARG UA 22 0.73 36.21 -12.95
CA ARG UA 22 0.40 37.62 -12.74
C ARG UA 22 1.66 38.48 -12.72
N LYS UA 23 2.72 37.99 -12.07
CA LYS UA 23 3.98 38.74 -12.06
C LYS UA 23 4.57 38.88 -13.45
N MET UA 24 4.50 37.81 -14.25
CA MET UA 24 5.02 37.86 -15.61
C MET UA 24 4.21 38.80 -16.48
N VAL UA 25 2.88 38.82 -16.31
CA VAL UA 25 2.04 39.68 -17.15
C VAL UA 25 2.00 41.11 -16.66
N LYS UA 26 2.43 41.37 -15.43
CA LYS UA 26 2.35 42.72 -14.87
C LYS UA 26 3.19 43.71 -15.66
N LYS UA 27 4.44 43.35 -15.96
CA LYS UA 27 5.30 44.27 -16.69
C LYS UA 27 4.78 44.52 -18.11
N ILE UA 28 4.27 43.48 -18.76
CA ILE UA 28 3.75 43.62 -20.13
C ILE UA 28 2.52 44.51 -20.12
N GLU UA 29 1.64 44.34 -19.13
CA GLU UA 29 0.45 45.18 -19.05
C GLU UA 29 0.79 46.62 -18.70
N ILE UA 30 1.79 46.83 -17.84
CA ILE UA 30 2.21 48.19 -17.52
C ILE UA 30 2.78 48.88 -18.76
N SER UA 31 3.63 48.18 -19.50
CA SER UA 31 4.17 48.75 -20.73
C SER UA 31 3.10 48.96 -21.78
N GLN UA 32 2.07 48.10 -21.80
CA GLN UA 32 1.02 48.20 -22.80
C GLN UA 32 0.20 49.48 -22.63
N HIS UA 33 -0.28 49.74 -21.42
CA HIS UA 33 -1.18 50.84 -21.18
C HIS UA 33 -0.46 52.14 -20.87
N ALA UA 34 0.87 52.11 -20.81
CA ALA UA 34 1.64 53.32 -20.56
C ALA UA 34 1.53 54.27 -21.75
N LYS UA 35 1.74 55.54 -21.48
CA LYS UA 35 1.70 56.58 -22.50
C LYS UA 35 3.12 56.99 -22.85
N TYR UA 36 3.53 56.70 -24.08
CA TYR UA 36 4.88 56.98 -24.54
C TYR UA 36 4.96 58.35 -25.19
N THR UA 37 6.15 58.92 -25.19
CA THR UA 37 6.39 60.21 -25.79
C THR UA 37 6.47 60.06 -27.30
N CYS UA 38 5.65 60.84 -28.02
CA CYS UA 38 5.70 60.80 -29.48
C CYS UA 38 7.02 61.36 -29.98
N SER UA 39 7.62 60.67 -30.93
CA SER UA 39 8.89 61.09 -31.50
C SER UA 39 8.73 62.10 -32.63
N PHE UA 40 7.50 62.46 -32.98
CA PHE UA 40 7.25 63.40 -34.06
C PHE UA 40 6.76 64.74 -33.56
N CYS UA 41 5.73 64.75 -32.71
CA CYS UA 41 5.24 66.00 -32.13
C CYS UA 41 5.88 66.31 -30.78
N GLY UA 42 6.63 65.37 -30.21
CA GLY UA 42 7.29 65.60 -28.95
C GLY UA 42 6.43 65.46 -27.72
N LYS UA 43 5.13 65.28 -27.88
CA LYS UA 43 4.23 65.15 -26.75
C LYS UA 43 4.22 63.71 -26.25
N THR UA 44 3.81 63.55 -24.99
CA THR UA 44 3.69 62.22 -24.41
C THR UA 44 2.23 61.75 -24.51
N LYS UA 45 1.85 61.41 -25.74
CA LYS UA 45 0.49 61.00 -26.05
C LYS UA 45 0.44 59.79 -26.98
N MET UA 46 1.58 59.16 -27.26
CA MET UA 46 1.60 57.97 -28.10
C MET UA 46 1.20 56.77 -27.27
N LYS UA 47 0.01 56.25 -27.51
CA LYS UA 47 -0.50 55.10 -26.79
C LYS UA 47 -1.00 54.06 -27.78
N ARG UA 48 -1.04 52.82 -27.32
CA ARG UA 48 -1.34 51.70 -28.20
C ARG UA 48 -2.82 51.67 -28.57
N ARG UA 49 -3.08 51.51 -29.86
CA ARG UA 49 -4.45 51.35 -30.36
C ARG UA 49 -4.85 49.88 -30.37
N ALA UA 50 -4.10 49.06 -31.10
CA ALA UA 50 -4.28 47.61 -31.11
C ALA UA 50 -2.89 47.00 -30.98
N VAL UA 51 -2.80 45.68 -31.13
CA VAL UA 51 -1.52 45.00 -31.00
C VAL UA 51 -0.61 45.44 -32.15
N GLY UA 52 0.61 45.85 -31.81
CA GLY UA 52 1.57 46.27 -32.80
C GLY UA 52 1.32 47.60 -33.45
N ILE UA 53 0.25 48.31 -33.07
CA ILE UA 53 -0.11 49.59 -33.66
C ILE UA 53 -0.12 50.64 -32.56
N TRP UA 54 0.61 51.72 -32.78
CA TRP UA 54 0.74 52.80 -31.81
C TRP UA 54 0.33 54.11 -32.47
N HIS UA 55 -0.53 54.87 -31.80
CA HIS UA 55 -1.09 56.09 -32.35
C HIS UA 55 -0.95 57.23 -31.36
N CYS UA 56 -0.64 58.42 -31.86
CA CYS UA 56 -0.49 59.61 -31.03
C CYS UA 56 -1.73 60.48 -31.21
N GLY UA 57 -2.27 60.96 -30.09
CA GLY UA 57 -3.54 61.68 -30.13
C GLY UA 57 -3.44 63.03 -30.82
N SER UA 58 -2.35 63.76 -30.58
CA SER UA 58 -2.28 65.14 -31.04
C SER UA 58 -1.99 65.22 -32.54
N CYS UA 59 -0.84 64.73 -32.97
CA CYS UA 59 -0.46 64.84 -34.37
C CYS UA 59 -1.14 63.81 -35.25
N MET UA 60 -1.88 62.87 -34.65
CA MET UA 60 -2.58 61.80 -35.38
C MET UA 60 -1.62 60.95 -36.20
N LYS UA 61 -0.37 60.88 -35.77
CA LYS UA 61 0.63 60.03 -36.42
C LYS UA 61 0.55 58.64 -35.83
N THR UA 62 0.45 57.63 -36.69
CA THR UA 62 0.32 56.25 -36.27
C THR UA 62 1.56 55.48 -36.67
N VAL UA 63 2.15 54.76 -35.70
CA VAL UA 63 3.40 54.04 -35.88
C VAL UA 63 3.16 52.57 -35.56
N ALA UA 64 3.73 51.68 -36.37
CA ALA UA 64 3.70 50.25 -36.09
C ALA UA 64 4.86 49.91 -35.16
N GLY UA 65 4.55 49.39 -33.98
CA GLY UA 65 5.58 49.08 -33.02
C GLY UA 65 5.46 47.69 -32.43
N GLY UA 66 6.03 47.49 -31.24
CA GLY UA 66 5.95 46.20 -30.58
C GLY UA 66 4.55 45.93 -30.05
N ALA UA 67 4.35 44.67 -29.64
CA ALA UA 67 3.06 44.25 -29.12
C ALA UA 67 2.72 44.96 -27.82
N TRP UA 68 3.71 45.15 -26.96
CA TRP UA 68 3.48 45.69 -25.63
C TRP UA 68 4.27 46.95 -25.33
N THR UA 69 5.46 47.11 -25.89
CA THR UA 69 6.22 48.34 -25.78
C THR UA 69 6.16 49.08 -27.10
N TYR UA 70 6.47 50.38 -27.05
CA TYR UA 70 6.36 51.21 -28.25
C TYR UA 70 7.32 50.75 -29.32
N ASN UA 71 8.53 50.36 -28.93
CA ASN UA 71 9.47 49.74 -29.84
C ASN UA 71 10.18 48.60 -29.11
N THR UA 72 10.51 47.56 -29.87
CA THR UA 72 11.25 46.45 -29.30
C THR UA 72 12.74 46.70 -29.44
N THR UA 73 13.50 46.18 -28.46
CA THR UA 73 14.96 46.29 -28.52
C THR UA 73 15.51 45.64 -29.79
N SER UA 74 14.89 44.54 -30.22
CA SER UA 74 15.27 43.91 -31.47
C SER UA 74 15.11 44.88 -32.63
N ALA UA 75 14.00 45.63 -32.65
CA ALA UA 75 13.78 46.59 -33.72
C ALA UA 75 14.83 47.70 -33.72
N VAL UA 76 15.20 48.18 -32.53
CA VAL UA 76 16.22 49.23 -32.45
C VAL UA 76 17.56 48.72 -32.95
N THR UA 77 17.95 47.52 -32.53
CA THR UA 77 19.20 46.94 -33.01
C THR UA 77 19.17 46.71 -34.51
N VAL UA 78 18.03 46.27 -35.05
CA VAL UA 78 17.90 46.07 -36.49
C VAL UA 78 18.02 47.38 -37.24
N LYS UA 79 17.38 48.44 -36.73
CA LYS UA 79 17.47 49.73 -37.40
C LYS UA 79 18.91 50.25 -37.41
N SER UA 80 19.60 50.12 -36.27
CA SER UA 80 21.00 50.56 -36.23
C SER UA 80 21.86 49.72 -37.17
N ALA UA 81 21.62 48.42 -37.23
CA ALA UA 81 22.41 47.56 -38.11
C ALA UA 81 22.15 47.88 -39.58
N ILE UA 82 20.89 48.14 -39.94
CA ILE UA 82 20.57 48.51 -41.31
C ILE UA 82 21.20 49.85 -41.66
N ARG UA 83 21.22 50.79 -40.72
CA ARG UA 83 21.90 52.05 -40.97
C ARG UA 83 23.39 51.85 -41.18
N ARG UA 84 24.01 50.97 -40.38
CA ARG UA 84 25.42 50.67 -40.58
C ARG UA 84 25.68 50.04 -41.94
N LEU UA 85 24.86 49.08 -42.33
CA LEU UA 85 25.08 48.41 -43.61
C LEU UA 85 24.79 49.34 -44.78
N LYS UA 86 23.86 50.29 -44.61
CA LYS UA 86 23.64 51.30 -45.63
C LYS UA 86 24.86 52.20 -45.77
N GLU UA 87 25.36 52.74 -44.66
CA GLU UA 87 26.48 53.66 -44.73
C GLU UA 87 27.77 52.96 -45.10
N LEU UA 88 27.83 51.63 -45.00
CA LEU UA 88 28.99 50.91 -45.51
C LEU UA 88 28.80 50.51 -46.97
N LYS UA 89 27.54 50.33 -47.40
CA LYS UA 89 27.28 50.03 -48.80
C LYS UA 89 27.69 51.17 -49.72
N ASP UA 90 27.37 52.40 -49.32
CA ASP UA 90 27.81 53.58 -50.06
C ASP UA 90 29.04 54.18 -49.38
N GLN UA 91 29.73 55.04 -50.10
CA GLN UA 91 30.94 55.68 -49.58
C GLN UA 91 31.07 57.10 -50.12
N SER VA 1 -75.45 -57.74 -74.92
CA SER VA 1 -76.05 -58.72 -74.03
C SER VA 1 -76.69 -58.06 -72.83
N ALA VA 2 -77.52 -58.81 -72.11
CA ALA VA 2 -78.20 -58.27 -70.94
C ALA VA 2 -77.22 -57.96 -69.83
N HIS VA 3 -76.29 -58.88 -69.56
CA HIS VA 3 -75.35 -58.68 -68.46
C HIS VA 3 -74.41 -57.51 -68.71
N LEU VA 4 -73.98 -57.35 -69.96
CA LEU VA 4 -73.10 -56.23 -70.29
C LEU VA 4 -73.80 -54.89 -70.06
N GLN VA 5 -75.04 -54.77 -70.53
CA GLN VA 5 -75.81 -53.56 -70.30
C GLN VA 5 -76.07 -53.33 -68.81
N TRP VA 6 -76.32 -54.41 -68.07
CA TRP VA 6 -76.49 -54.28 -66.62
C TRP VA 6 -75.23 -53.72 -65.97
N MET VA 7 -74.07 -54.26 -66.31
CA MET VA 7 -72.82 -53.74 -65.77
C MET VA 7 -72.57 -52.30 -66.19
N VAL VA 8 -73.06 -51.90 -67.36
CA VAL VA 8 -72.96 -50.50 -67.77
C VAL VA 8 -73.83 -49.60 -66.90
N VAL VA 9 -75.08 -49.98 -66.66
CA VAL VA 9 -76.05 -49.09 -66.02
C VAL VA 9 -76.36 -49.50 -64.59
N ARG VA 10 -75.49 -50.30 -63.96
CA ARG VA 10 -75.77 -50.74 -62.60
C ARG VA 10 -75.68 -49.61 -61.59
N ASN VA 11 -75.05 -48.49 -61.93
CA ASN VA 11 -74.89 -47.38 -61.00
C ASN VA 11 -75.13 -46.00 -61.60
N CYS VA 12 -75.18 -45.87 -62.91
CA CYS VA 12 -75.30 -44.56 -63.56
C CYS VA 12 -76.41 -44.64 -64.60
N SER VA 13 -77.61 -44.18 -64.22
CA SER VA 13 -78.74 -44.17 -65.13
C SER VA 13 -79.70 -43.07 -64.71
N SER VA 14 -80.50 -42.61 -65.66
CA SER VA 14 -81.50 -41.59 -65.37
C SER VA 14 -82.64 -42.11 -64.50
N PHE VA 15 -83.05 -43.37 -64.67
CA PHE VA 15 -84.12 -43.94 -63.86
C PHE VA 15 -83.68 -44.26 -62.44
N LEU VA 16 -82.38 -44.24 -62.15
CA LEU VA 16 -81.87 -44.63 -60.85
C LEU VA 16 -82.14 -43.54 -59.83
N ILE VA 17 -82.67 -43.94 -58.67
CA ILE VA 17 -82.86 -43.04 -57.53
C ILE VA 17 -82.14 -43.65 -56.34
N LYS VA 18 -81.25 -42.86 -55.73
CA LYS VA 18 -80.54 -43.26 -54.52
C LYS VA 18 -80.85 -42.24 -53.44
N ARG VA 19 -81.58 -42.66 -52.41
CA ARG VA 19 -81.92 -41.76 -51.31
C ARG VA 19 -82.22 -42.56 -50.06
N ASN VA 20 -81.84 -42.00 -48.91
CA ASN VA 20 -82.22 -42.51 -47.60
C ASN VA 20 -81.81 -43.97 -47.41
N LYS VA 21 -80.55 -44.27 -47.75
CA LYS VA 21 -79.97 -45.61 -47.70
C LYS VA 21 -80.74 -46.61 -48.57
N GLN VA 22 -81.51 -46.12 -49.52
CA GLN VA 22 -82.32 -46.96 -50.39
C GLN VA 22 -82.02 -46.64 -51.85
N THR VA 23 -82.32 -47.60 -52.72
CA THR VA 23 -82.15 -47.42 -54.15
C THR VA 23 -83.44 -47.80 -54.86
N TYR VA 24 -83.71 -47.12 -55.97
CA TYR VA 24 -84.92 -47.35 -56.75
C TYR VA 24 -84.64 -47.07 -58.23
N SER VA 25 -85.40 -47.76 -59.08
CA SER VA 25 -85.31 -47.59 -60.52
C SER VA 25 -86.69 -47.26 -61.05
N THR VA 26 -86.75 -46.32 -62.00
CA THR VA 26 -88.03 -45.83 -62.51
C THR VA 26 -88.19 -46.09 -64.01
N GLU VA 27 -87.54 -47.11 -64.55
CA GLU VA 27 -87.79 -47.46 -65.94
C GLU VA 27 -89.21 -48.01 -66.09
N PRO VA 28 -89.82 -47.85 -67.26
CA PRO VA 28 -91.26 -48.14 -67.38
C PRO VA 28 -91.65 -49.57 -67.04
N ASN VA 29 -90.78 -50.54 -67.30
CA ASN VA 29 -91.13 -51.95 -67.15
C ASN VA 29 -90.41 -52.61 -65.97
N ASN VA 30 -90.24 -51.89 -64.87
CA ASN VA 30 -89.62 -52.44 -63.67
C ASN VA 30 -90.72 -52.85 -62.71
N LEU VA 31 -90.88 -54.15 -62.50
CA LEU VA 31 -91.73 -54.64 -61.43
C LEU VA 31 -90.98 -54.55 -60.11
N LYS VA 32 -91.70 -54.11 -59.07
CA LYS VA 32 -91.18 -53.80 -57.74
C LYS VA 32 -90.37 -52.51 -57.74
N ALA VA 33 -90.12 -51.96 -58.93
CA ALA VA 33 -89.49 -50.64 -59.11
C ALA VA 33 -88.14 -50.53 -58.39
N ARG VA 34 -87.47 -51.67 -58.22
CA ARG VA 34 -86.16 -51.68 -57.58
C ARG VA 34 -85.07 -51.83 -58.61
N ASN VA 35 -83.88 -51.34 -58.27
CA ASN VA 35 -82.72 -51.41 -59.14
C ASN VA 35 -82.06 -52.76 -58.95
N SER VA 36 -82.46 -53.74 -59.77
CA SER VA 36 -81.87 -55.06 -59.69
C SER VA 36 -81.78 -55.64 -61.10
N PHE VA 37 -80.84 -56.56 -61.27
CA PHE VA 37 -80.66 -57.20 -62.57
C PHE VA 37 -81.89 -58.00 -62.96
N ARG VA 38 -82.48 -58.72 -62.00
CA ARG VA 38 -83.65 -59.54 -62.29
C ARG VA 38 -84.84 -58.69 -62.71
N TYR VA 39 -85.07 -57.58 -62.00
CA TYR VA 39 -86.28 -56.79 -62.19
C TYR VA 39 -86.09 -55.62 -63.15
N ASN VA 40 -84.92 -55.49 -63.77
CA ASN VA 40 -84.73 -54.45 -64.77
C ASN VA 40 -85.60 -54.72 -65.99
N GLY VA 41 -86.23 -53.68 -66.50
CA GLY VA 41 -87.16 -53.85 -67.60
C GLY VA 41 -86.62 -53.45 -68.96
N LEU VA 42 -85.33 -53.18 -69.05
CA LEU VA 42 -84.77 -52.68 -70.29
C LEU VA 42 -83.64 -53.54 -70.82
N ILE VA 43 -82.82 -54.10 -69.94
CA ILE VA 43 -81.63 -54.83 -70.37
C ILE VA 43 -81.93 -56.24 -70.88
N HIS VA 44 -83.04 -56.84 -70.48
CA HIS VA 44 -83.30 -58.24 -70.76
C HIS VA 44 -83.92 -58.41 -72.15
N ARG VA 45 -83.68 -59.59 -72.73
CA ARG VA 45 -84.26 -59.91 -74.03
C ARG VA 45 -85.77 -59.97 -73.96
N LYS VA 46 -86.32 -60.57 -72.92
CA LYS VA 46 -87.76 -60.60 -72.70
C LYS VA 46 -88.06 -59.98 -71.35
N THR VA 47 -88.99 -59.03 -71.32
CA THR VA 47 -89.41 -58.37 -70.09
C THR VA 47 -90.93 -58.33 -70.06
N VAL VA 48 -91.47 -58.21 -68.85
CA VAL VA 48 -92.91 -58.11 -68.64
C VAL VA 48 -93.17 -57.00 -67.63
N GLY VA 49 -94.22 -56.23 -67.87
CA GLY VA 49 -94.55 -55.11 -67.01
C GLY VA 49 -96.06 -54.93 -66.90
N VAL VA 50 -96.47 -54.41 -65.74
CA VAL VA 50 -97.88 -54.20 -65.43
C VAL VA 50 -98.08 -52.74 -65.11
N GLU VA 51 -99.03 -52.11 -65.79
CA GLU VA 51 -99.39 -50.72 -65.57
C GLU VA 51 -100.90 -50.57 -65.61
N PRO VA 52 -101.44 -49.56 -64.94
CA PRO VA 52 -102.88 -49.29 -65.03
C PRO VA 52 -103.27 -48.87 -66.43
N ALA VA 53 -104.53 -49.10 -66.78
CA ALA VA 53 -105.01 -48.82 -68.11
C ALA VA 53 -105.10 -47.31 -68.36
N ALA VA 54 -105.54 -46.96 -69.58
CA ALA VA 54 -105.62 -45.55 -69.96
C ALA VA 54 -106.62 -44.80 -69.10
N ASP VA 55 -107.78 -45.40 -68.85
CA ASP VA 55 -108.75 -44.80 -67.95
C ASP VA 55 -108.54 -45.35 -66.53
N GLY VA 56 -109.37 -44.87 -65.61
CA GLY VA 56 -109.19 -45.24 -64.21
C GLY VA 56 -109.76 -46.59 -63.84
N LYS VA 57 -109.59 -47.58 -64.72
CA LYS VA 57 -110.04 -48.95 -64.46
C LYS VA 57 -109.34 -49.88 -65.43
N GLY VA 58 -109.03 -51.08 -64.96
CA GLY VA 58 -108.32 -52.06 -65.79
C GLY VA 58 -106.83 -51.86 -65.76
N VAL VA 59 -106.13 -52.87 -66.28
CA VAL VA 59 -104.67 -52.89 -66.30
C VAL VA 59 -104.20 -53.13 -67.72
N VAL VA 60 -102.94 -52.79 -67.97
CA VAL VA 60 -102.29 -53.08 -69.23
C VAL VA 60 -101.06 -53.92 -68.92
N VAL VA 61 -100.98 -55.10 -69.53
CA VAL VA 61 -99.82 -55.97 -69.42
C VAL VA 61 -99.04 -55.89 -70.72
N VAL VA 62 -97.76 -55.55 -70.63
CA VAL VA 62 -96.92 -55.32 -71.78
C VAL VA 62 -95.74 -56.29 -71.73
N ILE VA 63 -95.45 -56.92 -72.86
CA ILE VA 63 -94.37 -57.88 -72.97
C ILE VA 63 -93.50 -57.51 -74.17
N LYS VA 64 -92.28 -58.04 -74.17
CA LYS VA 64 -91.30 -57.71 -75.20
C LYS VA 64 -91.21 -58.88 -76.17
N ARG VA 65 -91.37 -58.58 -77.45
CA ARG VA 65 -91.30 -59.63 -78.47
C ARG VA 65 -89.86 -60.07 -78.69
N ARG VA 66 -89.71 -61.22 -79.35
CA ARG VA 66 -88.38 -61.81 -79.53
C ARG VA 66 -87.63 -61.21 -80.71
N SER VA 67 -88.35 -60.74 -81.73
CA SER VA 67 -87.68 -60.34 -82.96
C SER VA 67 -87.10 -58.93 -82.87
N GLY VA 68 -87.95 -57.93 -82.69
CA GLY VA 68 -87.50 -56.55 -82.77
C GLY VA 68 -86.84 -56.03 -81.51
N GLN VA 69 -85.68 -56.60 -81.16
CA GLN VA 69 -84.96 -56.11 -79.99
C GLN VA 69 -84.38 -54.72 -80.23
N ARG VA 70 -83.91 -54.46 -81.44
CA ARG VA 70 -83.31 -53.17 -81.77
C ARG VA 70 -84.34 -52.17 -82.30
N LYS VA 71 -85.62 -52.55 -82.35
CA LYS VA 71 -86.69 -51.69 -82.86
C LYS VA 71 -87.62 -51.37 -81.70
N PRO VA 72 -87.32 -50.35 -80.89
CA PRO VA 72 -88.14 -50.07 -79.70
C PRO VA 72 -89.58 -49.72 -80.00
N ALA VA 73 -89.87 -49.18 -81.18
CA ALA VA 73 -91.25 -48.85 -81.53
C ALA VA 73 -92.12 -50.10 -81.58
N THR VA 74 -91.62 -51.18 -82.16
CA THR VA 74 -92.37 -52.42 -82.29
C THR VA 74 -91.91 -53.47 -81.28
N SER VA 75 -91.14 -53.08 -80.27
CA SER VA 75 -90.57 -54.02 -79.32
C SER VA 75 -91.53 -54.39 -78.20
N TYR VA 76 -92.63 -53.67 -78.03
CA TYR VA 76 -93.56 -53.93 -76.95
C TYR VA 76 -94.96 -54.15 -77.48
N VAL VA 77 -95.63 -55.19 -76.98
CA VAL VA 77 -97.02 -55.47 -77.30
C VAL VA 77 -97.82 -55.23 -76.03
N ARG VA 78 -98.80 -54.33 -76.09
CA ARG VA 78 -99.55 -53.88 -74.93
C ARG VA 78 -100.97 -54.40 -75.03
N THR VA 79 -101.42 -55.13 -74.01
CA THR VA 79 -102.75 -55.71 -73.97
C THR VA 79 -103.50 -55.17 -72.77
N THR VA 80 -104.77 -54.87 -72.96
CA THR VA 80 -105.61 -54.29 -71.92
C THR VA 80 -106.49 -55.37 -71.30
N ILE VA 81 -106.42 -55.49 -69.98
CA ILE VA 81 -107.27 -56.40 -69.23
C ILE VA 81 -108.10 -55.56 -68.27
N ASN VA 82 -109.41 -55.75 -68.30
CA ASN VA 82 -110.34 -55.00 -67.47
C ASN VA 82 -111.41 -55.92 -66.91
N LYS VA 83 -111.07 -57.19 -66.72
CA LYS VA 83 -111.97 -58.17 -66.17
C LYS VA 83 -111.95 -58.09 -64.65
N ASN VA 84 -112.62 -59.03 -63.99
CA ASN VA 84 -112.59 -59.06 -62.53
C ASN VA 84 -111.22 -59.49 -62.03
N ALA VA 85 -110.99 -59.29 -60.74
CA ALA VA 85 -109.66 -59.42 -60.18
C ALA VA 85 -109.13 -60.84 -60.28
N ARG VA 86 -109.93 -61.83 -59.89
CA ARG VA 86 -109.48 -63.22 -59.95
C ARG VA 86 -109.17 -63.65 -61.38
N ALA VA 87 -110.06 -63.30 -62.32
CA ALA VA 87 -109.83 -63.64 -63.72
C ALA VA 87 -108.59 -62.94 -64.27
N THR VA 88 -108.39 -61.67 -63.89
CA THR VA 88 -107.21 -60.95 -64.37
C THR VA 88 -105.93 -61.59 -63.85
N LEU VA 89 -105.91 -61.96 -62.57
CA LEU VA 89 -104.74 -62.62 -62.02
C LEU VA 89 -104.50 -63.98 -62.66
N SER VA 90 -105.57 -64.73 -62.93
CA SER VA 90 -105.42 -66.00 -63.62
C SER VA 90 -104.87 -65.81 -65.03
N SER VA 91 -105.32 -64.75 -65.71
CA SER VA 91 -104.83 -64.47 -67.05
C SER VA 91 -103.35 -64.13 -67.04
N ILE VA 92 -102.92 -63.34 -66.06
CA ILE VA 92 -101.49 -63.02 -65.95
C ILE VA 92 -100.69 -64.27 -65.63
N ARG VA 93 -101.22 -65.10 -64.73
CA ARG VA 93 -100.55 -66.36 -64.40
C ARG VA 93 -100.41 -67.24 -65.62
N HIS VA 94 -101.43 -67.28 -66.47
CA HIS VA 94 -101.34 -68.05 -67.70
C HIS VA 94 -100.34 -67.44 -68.66
N MET VA 95 -100.34 -66.11 -68.82
CA MET VA 95 -99.41 -65.48 -69.76
C MET VA 95 -97.96 -65.68 -69.35
N ILE VA 96 -97.69 -65.78 -68.05
CA ILE VA 96 -96.32 -65.99 -67.61
C ILE VA 96 -95.96 -67.47 -67.55
N ARG VA 97 -96.72 -68.26 -66.80
CA ARG VA 97 -96.36 -69.66 -66.58
C ARG VA 97 -96.55 -70.51 -67.83
N LYS VA 98 -97.72 -70.40 -68.47
CA LYS VA 98 -98.02 -71.30 -69.59
C LYS VA 98 -97.10 -71.02 -70.78
N ASN VA 99 -96.85 -69.74 -71.06
CA ASN VA 99 -95.91 -69.37 -72.11
C ASN VA 99 -94.46 -69.67 -71.74
N LYS VA 100 -94.19 -69.91 -70.45
CA LYS VA 100 -92.82 -69.96 -69.92
C LYS VA 100 -92.06 -68.69 -70.30
N TYR VA 101 -92.76 -67.56 -70.18
CA TYR VA 101 -92.20 -66.24 -70.48
C TYR VA 101 -91.77 -65.63 -69.15
N ARG VA 102 -90.50 -65.83 -68.81
CA ARG VA 102 -89.89 -65.37 -67.57
C ARG VA 102 -90.71 -65.83 -66.36
N PRO VA 103 -90.66 -67.12 -66.01
CA PRO VA 103 -91.43 -67.59 -64.85
C PRO VA 103 -90.96 -66.98 -63.53
N ASP VA 104 -89.75 -66.43 -63.46
CA ASP VA 104 -89.26 -65.85 -62.22
C ASP VA 104 -89.89 -64.50 -61.91
N LEU VA 105 -90.68 -63.94 -62.82
CA LEU VA 105 -91.39 -62.69 -62.59
C LEU VA 105 -92.89 -62.91 -62.37
N ARG VA 106 -93.30 -64.13 -62.05
CA ARG VA 106 -94.72 -64.45 -61.99
C ARG VA 106 -95.39 -63.78 -60.78
N MET VA 107 -94.93 -64.13 -59.58
CA MET VA 107 -95.57 -63.60 -58.37
C MET VA 107 -95.42 -62.10 -58.24
N ALA VA 108 -94.28 -61.54 -58.66
CA ALA VA 108 -94.12 -60.08 -58.60
C ALA VA 108 -95.13 -59.38 -59.50
N ALA VA 109 -95.33 -59.89 -60.71
CA ALA VA 109 -96.31 -59.31 -61.61
C ALA VA 109 -97.72 -59.45 -61.07
N ILE VA 110 -98.04 -60.61 -60.50
CA ILE VA 110 -99.36 -60.82 -59.93
C ILE VA 110 -99.60 -59.86 -58.78
N ARG VA 111 -98.60 -59.67 -57.91
CA ARG VA 111 -98.72 -58.76 -56.79
C ARG VA 111 -98.91 -57.32 -57.27
N ARG VA 112 -98.17 -56.91 -58.31
CA ARG VA 112 -98.32 -55.56 -58.83
C ARG VA 112 -99.69 -55.34 -59.43
N ALA VA 113 -100.20 -56.33 -60.17
CA ALA VA 113 -101.56 -56.21 -60.70
C ALA VA 113 -102.58 -56.13 -59.59
N SER VA 114 -102.39 -56.92 -58.53
CA SER VA 114 -103.30 -56.87 -57.39
C SER VA 114 -103.29 -55.50 -56.74
N ALA VA 115 -102.10 -54.92 -56.56
CA ALA VA 115 -102.00 -53.59 -55.97
C ALA VA 115 -102.68 -52.55 -56.86
N ILE VA 116 -102.49 -52.65 -58.18
CA ILE VA 116 -103.10 -51.69 -59.08
C ILE VA 116 -104.62 -51.78 -59.03
N LEU VA 117 -105.15 -53.01 -59.03
CA LEU VA 117 -106.60 -53.18 -58.99
C LEU VA 117 -107.16 -52.72 -57.65
N ARG VA 118 -106.43 -52.97 -56.56
CA ARG VA 118 -106.85 -52.45 -55.26
C ARG VA 118 -106.87 -50.93 -55.24
N SER VA 119 -105.90 -50.30 -55.90
CA SER VA 119 -105.90 -48.86 -56.01
C SER VA 119 -107.07 -48.35 -56.85
N GLN VA 120 -107.42 -49.06 -57.92
CA GLN VA 120 -108.43 -48.58 -58.84
C GLN VA 120 -109.82 -48.53 -58.22
N LYS VA 121 -110.16 -49.48 -57.36
CA LYS VA 121 -111.48 -49.48 -56.76
C LYS VA 121 -111.62 -48.29 -55.80
N PRO VA 122 -112.82 -47.70 -55.72
CA PRO VA 122 -112.97 -46.46 -54.96
C PRO VA 122 -112.72 -46.65 -53.48
N VAL VA 123 -112.30 -45.56 -52.82
CA VAL VA 123 -112.04 -45.62 -51.40
C VAL VA 123 -113.35 -45.72 -50.62
N MET VA 124 -113.23 -46.24 -49.40
CA MET VA 124 -114.36 -46.38 -48.50
C MET VA 124 -114.46 -45.17 -47.57
N VAL VA 125 -115.49 -45.14 -46.75
CA VAL VA 125 -115.68 -44.05 -45.80
C VAL VA 125 -115.77 -44.58 -44.38
N ASP WA 1 -19.40 -78.66 48.69
CA ASP WA 1 -18.86 -78.12 49.93
C ASP WA 1 -19.88 -78.23 51.06
N ARG WA 2 -21.11 -77.76 50.80
CA ARG WA 2 -22.14 -77.79 51.83
C ARG WA 2 -22.51 -79.22 52.21
N ALA WA 3 -22.64 -80.11 51.21
CA ALA WA 3 -23.04 -81.49 51.49
C ALA WA 3 -21.98 -82.22 52.32
N THR WA 4 -20.71 -82.06 51.95
CA THR WA 4 -19.64 -82.65 52.75
C THR WA 4 -19.59 -82.03 54.13
N TRP WA 5 -19.80 -80.71 54.22
CA TRP WA 5 -19.87 -80.04 55.51
C TRP WA 5 -20.92 -80.65 56.41
N LYS WA 6 -22.12 -80.87 55.87
CA LYS WA 6 -23.23 -81.39 56.66
C LYS WA 6 -23.04 -82.87 57.00
N SER WA 7 -22.48 -83.65 56.08
CA SER WA 7 -22.21 -85.06 56.38
C SER WA 7 -21.18 -85.20 57.48
N ASN WA 8 -20.04 -84.50 57.36
CA ASN WA 8 -19.05 -84.52 58.43
C ASN WA 8 -19.59 -83.91 59.71
N TYR WA 9 -20.53 -82.96 59.61
CA TYR WA 9 -21.15 -82.42 60.81
C TYR WA 9 -21.96 -83.49 61.53
N PHE WA 10 -22.75 -84.26 60.78
CA PHE WA 10 -23.47 -85.37 61.38
C PHE WA 10 -22.53 -86.39 62.00
N LEU WA 11 -21.44 -86.71 61.31
CA LEU WA 11 -20.46 -87.65 61.86
C LEU WA 11 -19.87 -87.13 63.17
N LYS WA 12 -19.53 -85.84 63.21
CA LYS WA 12 -18.97 -85.26 64.42
C LYS WA 12 -19.98 -85.27 65.56
N ILE WA 13 -21.23 -84.93 65.27
CA ILE WA 13 -22.26 -84.91 66.31
C ILE WA 13 -22.50 -86.32 66.86
N ILE WA 14 -22.59 -87.32 65.98
CA ILE WA 14 -22.89 -88.66 66.46
C ILE WA 14 -21.72 -89.23 67.25
N GLN WA 15 -20.49 -88.98 66.80
CA GLN WA 15 -19.34 -89.49 67.55
C GLN WA 15 -19.17 -88.75 68.88
N LEU WA 16 -19.51 -87.46 68.92
CA LEU WA 16 -19.39 -86.72 70.17
C LEU WA 16 -20.46 -87.13 71.17
N LEU WA 17 -21.67 -87.45 70.70
CA LEU WA 17 -22.70 -87.87 71.62
C LEU WA 17 -22.46 -89.31 72.09
N ASP WA 18 -21.89 -90.15 71.24
CA ASP WA 18 -21.54 -91.49 71.68
C ASP WA 18 -20.35 -91.48 72.63
N ASP WA 19 -19.44 -90.51 72.46
CA ASP WA 19 -18.26 -90.43 73.32
C ASP WA 19 -18.64 -89.97 74.73
N TYR WA 20 -19.44 -88.91 74.84
CA TYR WA 20 -19.80 -88.35 76.14
C TYR WA 20 -21.24 -88.68 76.48
N PRO WA 21 -21.48 -89.48 77.53
CA PRO WA 21 -22.87 -89.76 77.94
C PRO WA 21 -23.48 -88.71 78.84
N LYS WA 22 -22.69 -87.75 79.32
CA LYS WA 22 -23.19 -86.65 80.14
C LYS WA 22 -23.03 -85.36 79.34
N CYS WA 23 -24.14 -84.72 79.02
CA CYS WA 23 -24.11 -83.48 78.26
C CYS WA 23 -25.25 -82.58 78.72
N PHE WA 24 -24.96 -81.28 78.79
CA PHE WA 24 -25.94 -80.29 79.23
C PHE WA 24 -26.34 -79.43 78.04
N ILE WA 25 -27.62 -79.24 77.84
CA ILE WA 25 -28.09 -78.28 76.84
C ILE WA 25 -27.99 -76.88 77.45
N VAL WA 26 -27.44 -75.95 76.68
CA VAL WA 26 -27.03 -74.65 77.22
C VAL WA 26 -27.57 -73.55 76.32
N GLY WA 27 -28.13 -72.51 76.93
CA GLY WA 27 -28.68 -71.39 76.18
C GLY WA 27 -27.59 -70.38 75.87
N ALA WA 28 -27.46 -70.02 74.60
CA ALA WA 28 -26.47 -69.05 74.14
C ALA WA 28 -27.17 -67.74 73.83
N ASP WA 29 -26.93 -66.74 74.67
CA ASP WA 29 -27.45 -65.39 74.49
C ASP WA 29 -26.55 -64.64 73.52
N ASN WA 30 -26.65 -63.31 73.48
CA ASN WA 30 -25.78 -62.51 72.63
C ASN WA 30 -24.35 -62.62 73.14
N VAL WA 31 -23.59 -63.56 72.58
CA VAL WA 31 -22.23 -63.85 73.02
C VAL WA 31 -21.28 -63.52 71.88
N GLY WA 32 -20.16 -62.89 72.23
CA GLY WA 32 -19.16 -62.49 71.26
C GLY WA 32 -18.24 -63.64 70.86
N SER WA 33 -17.59 -63.44 69.71
CA SER WA 33 -16.58 -64.40 69.26
C SER WA 33 -15.40 -64.45 70.21
N LYS WA 34 -15.06 -63.31 70.82
CA LYS WA 34 -14.03 -63.30 71.86
C LYS WA 34 -14.48 -64.14 73.06
N GLN WA 35 -15.75 -64.05 73.43
CA GLN WA 35 -16.27 -64.90 74.50
C GLN WA 35 -16.22 -66.37 74.11
N MET WA 36 -16.52 -66.68 72.85
CA MET WA 36 -16.41 -68.06 72.37
C MET WA 36 -14.98 -68.57 72.48
N GLN WA 37 -14.00 -67.75 72.08
CA GLN WA 37 -12.60 -68.15 72.19
C GLN WA 37 -12.17 -68.31 73.64
N GLN WA 38 -12.62 -67.42 74.51
CA GLN WA 38 -12.28 -67.52 75.93
C GLN WA 38 -12.87 -68.78 76.55
N ILE WA 39 -14.12 -69.11 76.21
CA ILE WA 39 -14.73 -70.33 76.72
C ILE WA 39 -14.03 -71.55 76.14
N ARG WA 40 -13.63 -71.50 74.87
CA ARG WA 40 -12.95 -72.63 74.24
C ARG WA 40 -11.58 -72.84 74.86
N MET WA 41 -10.91 -71.77 75.26
CA MET WA 41 -9.67 -71.88 76.02
C MET WA 41 -9.92 -72.48 77.40
N SER WA 42 -10.91 -71.94 78.12
CA SER WA 42 -11.08 -72.27 79.53
C SER WA 42 -11.81 -73.59 79.75
N LEU WA 43 -12.33 -74.21 78.68
CA LEU WA 43 -13.09 -75.43 78.83
C LEU WA 43 -12.43 -76.65 78.19
N ARG WA 44 -11.59 -76.45 77.17
CA ARG WA 44 -10.93 -77.57 76.50
C ARG WA 44 -9.98 -78.33 77.42
N GLY WA 45 -9.61 -77.74 78.55
CA GLY WA 45 -8.73 -78.43 79.48
C GLY WA 45 -9.38 -79.66 80.08
N LYS WA 46 -10.69 -79.62 80.31
CA LYS WA 46 -11.39 -80.72 80.95
C LYS WA 46 -12.64 -81.19 80.23
N ALA WA 47 -13.18 -80.40 79.30
CA ALA WA 47 -14.40 -80.77 78.59
C ALA WA 47 -14.38 -80.14 77.21
N VAL WA 48 -15.56 -80.08 76.59
CA VAL WA 48 -15.72 -79.49 75.26
C VAL WA 48 -17.15 -78.99 75.13
N VAL WA 49 -17.30 -77.89 74.38
CA VAL WA 49 -18.60 -77.25 74.19
C VAL WA 49 -18.92 -77.26 72.70
N LEU WA 50 -20.20 -77.44 72.38
CA LEU WA 50 -20.70 -77.54 71.01
C LEU WA 50 -21.73 -76.45 70.79
N MET WA 51 -21.72 -75.84 69.60
CA MET WA 51 -22.68 -74.78 69.29
C MET WA 51 -22.84 -74.69 67.78
N GLY WA 52 -24.01 -75.05 67.28
CA GLY WA 52 -24.29 -74.97 65.87
C GLY WA 52 -25.75 -74.76 65.53
N LYS WA 53 -26.17 -75.24 64.37
CA LYS WA 53 -27.55 -75.08 63.93
C LYS WA 53 -28.46 -76.03 64.69
N ASN WA 54 -29.66 -75.57 65.01
CA ASN WA 54 -30.64 -76.43 65.68
C ASN WA 54 -31.07 -77.58 64.79
N THR WA 55 -31.30 -77.30 63.50
CA THR WA 55 -31.81 -78.33 62.60
C THR WA 55 -30.84 -79.48 62.46
N MET WA 56 -29.54 -79.18 62.39
CA MET WA 56 -28.52 -80.22 62.37
C MET WA 56 -28.58 -81.08 63.62
N MET WA 57 -28.76 -80.44 64.79
CA MET WA 57 -28.85 -81.20 66.03
C MET WA 57 -30.06 -82.14 66.02
N ARG WA 58 -31.23 -81.61 65.64
CA ARG WA 58 -32.44 -82.43 65.61
C ARG WA 58 -32.29 -83.59 64.64
N LYS WA 59 -31.75 -83.34 63.45
CA LYS WA 59 -31.61 -84.41 62.48
C LYS WA 59 -30.60 -85.46 62.93
N ALA WA 60 -29.49 -85.02 63.54
CA ALA WA 60 -28.45 -85.96 63.96
C ALA WA 60 -28.91 -86.81 65.13
N ILE WA 61 -29.72 -86.24 66.04
CA ILE WA 61 -30.19 -87.02 67.19
C ILE WA 61 -31.53 -87.69 66.94
N ARG WA 62 -32.16 -87.44 65.79
CA ARG WA 62 -33.44 -88.07 65.46
C ARG WA 62 -33.28 -89.18 64.43
N GLY WA 63 -32.57 -88.92 63.33
CA GLY WA 63 -32.37 -89.95 62.33
C GLY WA 63 -31.52 -91.10 62.85
N HIS WA 64 -30.55 -90.80 63.71
CA HIS WA 64 -29.69 -91.80 64.31
C HIS WA 64 -29.99 -91.97 65.80
N LEU WA 65 -31.27 -91.92 66.17
CA LEU WA 65 -31.68 -92.21 67.53
C LEU WA 65 -31.61 -93.71 67.85
N GLU WA 66 -31.58 -94.56 66.82
CA GLU WA 66 -31.62 -96.00 67.03
C GLU WA 66 -30.39 -96.54 67.74
N ASN WA 67 -29.29 -95.78 67.78
CA ASN WA 67 -28.10 -96.27 68.47
C ASN WA 67 -28.26 -96.21 69.99
N ASN WA 68 -29.01 -95.22 70.50
CA ASN WA 68 -29.19 -95.07 71.93
C ASN WA 68 -30.60 -94.61 72.27
N PRO WA 69 -31.34 -95.37 73.06
CA PRO WA 69 -32.69 -94.95 73.45
C PRO WA 69 -32.67 -93.91 74.56
N ALA WA 70 -33.84 -93.59 75.10
CA ALA WA 70 -34.01 -92.58 76.16
C ALA WA 70 -33.43 -91.24 75.72
N LEU WA 71 -33.65 -90.91 74.45
CA LEU WA 71 -33.15 -89.67 73.86
C LEU WA 71 -34.21 -88.87 73.15
N GLU WA 72 -35.36 -89.46 72.81
CA GLU WA 72 -36.42 -88.75 72.09
C GLU WA 72 -37.08 -87.66 72.92
N LYS WA 73 -36.88 -87.66 74.24
CA LYS WA 73 -37.47 -86.63 75.08
C LYS WA 73 -36.73 -85.30 75.01
N LEU WA 74 -35.49 -85.28 74.51
CA LEU WA 74 -34.82 -84.01 74.25
C LEU WA 74 -35.38 -83.33 73.01
N LEU WA 75 -35.98 -84.10 72.10
CA LEU WA 75 -36.42 -83.55 70.82
C LEU WA 75 -37.43 -82.41 70.94
N PRO WA 76 -38.49 -82.46 71.78
CA PRO WA 76 -39.41 -81.33 71.83
C PRO WA 76 -38.93 -80.18 72.70
N HIS WA 77 -37.64 -80.16 73.05
CA HIS WA 77 -37.10 -79.12 73.93
C HIS WA 77 -35.97 -78.31 73.32
N ILE WA 78 -35.25 -78.82 72.33
CA ILE WA 78 -34.11 -78.11 71.76
C ILE WA 78 -34.60 -77.06 70.77
N ARG WA 79 -34.84 -75.85 71.25
CA ARG WA 79 -35.23 -74.73 70.41
C ARG WA 79 -34.45 -73.48 70.81
N GLY WA 80 -34.34 -72.55 69.86
CA GLY WA 80 -33.62 -71.33 70.11
C GLY WA 80 -32.13 -71.46 69.88
N ASN WA 81 -31.41 -70.38 70.17
CA ASN WA 81 -29.98 -70.32 69.98
C ASN WA 81 -29.31 -71.12 71.10
N VAL WA 82 -29.35 -72.45 70.94
CA VAL WA 82 -28.89 -73.36 71.97
C VAL WA 82 -27.89 -74.35 71.38
N GLY WA 83 -27.08 -74.93 72.27
CA GLY WA 83 -26.10 -75.93 71.90
C GLY WA 83 -25.92 -76.95 73.02
N PHE WA 84 -24.83 -77.70 72.98
CA PHE WA 84 -24.54 -78.70 74.02
C PHE WA 84 -23.12 -78.52 74.52
N VAL WA 85 -22.91 -78.83 75.80
CA VAL WA 85 -21.59 -78.93 76.39
C VAL WA 85 -21.40 -80.36 76.85
N PHE WA 86 -20.28 -80.97 76.48
CA PHE WA 86 -20.02 -82.37 76.73
C PHE WA 86 -18.97 -82.50 77.83
N THR WA 87 -19.32 -83.20 78.91
CA THR WA 87 -18.45 -83.32 80.06
C THR WA 87 -18.53 -84.73 80.63
N LYS WA 88 -17.45 -85.13 81.31
CA LYS WA 88 -17.42 -86.38 82.05
C LYS WA 88 -17.52 -86.17 83.54
N GLU WA 89 -17.65 -84.92 83.98
CA GLU WA 89 -17.71 -84.58 85.39
C GLU WA 89 -19.16 -84.62 85.87
N ASP WA 90 -19.41 -84.15 87.08
CA ASP WA 90 -20.77 -84.08 87.61
C ASP WA 90 -21.39 -82.73 87.33
N LEU WA 91 -22.66 -82.59 87.73
CA LEU WA 91 -23.45 -81.43 87.37
C LEU WA 91 -22.92 -80.16 88.01
N THR WA 92 -22.56 -80.24 89.30
CA THR WA 92 -22.18 -79.03 90.04
C THR WA 92 -20.85 -78.46 89.55
N GLU WA 93 -19.89 -79.33 89.23
CA GLU WA 93 -18.57 -78.84 88.83
C GLU WA 93 -18.63 -78.08 87.51
N ILE WA 94 -19.62 -78.36 86.67
CA ILE WA 94 -19.76 -77.61 85.44
C ILE WA 94 -20.66 -76.38 85.67
N ARG WA 95 -21.71 -76.56 86.47
CA ARG WA 95 -22.64 -75.46 86.70
C ARG WA 95 -21.97 -74.29 87.41
N ASP WA 96 -21.14 -74.56 88.41
CA ASP WA 96 -20.54 -73.46 89.17
C ASP WA 96 -19.47 -72.76 88.35
N MET WA 97 -18.73 -73.50 87.51
CA MET WA 97 -17.69 -72.84 86.72
C MET WA 97 -18.28 -72.05 85.57
N LEU WA 98 -19.38 -72.52 84.97
CA LEU WA 98 -19.98 -71.75 83.88
C LEU WA 98 -20.70 -70.51 84.42
N LEU WA 99 -21.24 -70.59 85.63
CA LEU WA 99 -21.85 -69.43 86.28
C LEU WA 99 -20.83 -68.48 86.88
N ALA WA 100 -19.53 -68.80 86.78
CA ALA WA 100 -18.46 -67.96 87.31
C ALA WA 100 -17.67 -67.26 86.21
N ASN WA 101 -17.42 -67.93 85.09
CA ASN WA 101 -16.62 -67.36 84.01
C ASN WA 101 -17.47 -66.51 83.07
N LYS WA 102 -18.21 -65.57 83.65
CA LYS WA 102 -19.06 -64.66 82.89
C LYS WA 102 -18.24 -63.44 82.50
N VAL WA 103 -18.06 -63.23 81.20
CA VAL WA 103 -17.37 -62.04 80.72
C VAL WA 103 -18.26 -60.82 80.97
N PRO WA 104 -17.76 -59.78 81.63
CA PRO WA 104 -18.61 -58.62 81.94
C PRO WA 104 -18.92 -57.79 80.70
N ALA WA 105 -19.92 -58.22 79.94
CA ALA WA 105 -20.26 -57.55 78.69
C ALA WA 105 -20.75 -56.13 78.96
N ALA WA 106 -20.33 -55.21 78.09
CA ALA WA 106 -20.70 -53.80 78.22
C ALA WA 106 -22.08 -53.57 77.61
N ALA WA 107 -22.44 -52.30 77.43
CA ALA WA 107 -23.75 -51.93 76.90
C ALA WA 107 -23.59 -51.58 75.42
N ARG WA 108 -23.76 -52.58 74.56
CA ARG WA 108 -23.82 -52.33 73.12
C ARG WA 108 -25.06 -51.53 72.79
N ALA WA 109 -24.93 -50.63 71.81
CA ALA WA 109 -26.06 -49.81 71.39
C ALA WA 109 -27.17 -50.68 70.83
N GLY WA 110 -28.40 -50.38 71.24
CA GLY WA 110 -29.57 -51.11 70.78
C GLY WA 110 -29.88 -52.39 71.49
N ALA WA 111 -29.20 -52.69 72.60
CA ALA WA 111 -29.38 -53.94 73.32
C ALA WA 111 -30.29 -53.73 74.52
N ILE WA 112 -31.21 -54.67 74.75
CA ILE WA 112 -32.14 -54.56 75.87
C ILE WA 112 -31.40 -54.83 77.18
N ALA WA 113 -31.88 -54.21 78.26
CA ALA WA 113 -31.28 -54.33 79.59
C ALA WA 113 -32.35 -54.64 80.62
N PRO WA 114 -32.74 -55.91 80.77
CA PRO WA 114 -33.68 -56.27 81.85
C PRO WA 114 -33.15 -55.94 83.23
N CYS WA 115 -31.85 -56.09 83.45
CA CYS WA 115 -31.24 -55.64 84.70
C CYS WA 115 -31.12 -54.13 84.71
N GLU WA 116 -31.03 -53.56 85.92
CA GLU WA 116 -30.95 -52.12 86.09
C GLU WA 116 -29.64 -51.76 86.78
N VAL WA 117 -29.04 -50.65 86.33
CA VAL WA 117 -27.85 -50.10 86.94
C VAL WA 117 -28.10 -48.62 87.24
N THR WA 118 -27.43 -48.12 88.28
CA THR WA 118 -27.61 -46.75 88.73
C THR WA 118 -26.25 -46.14 89.00
N VAL WA 119 -25.94 -45.04 88.30
CA VAL WA 119 -24.66 -44.37 88.51
C VAL WA 119 -24.65 -43.68 89.86
N PRO WA 120 -23.60 -43.82 90.67
CA PRO WA 120 -23.52 -43.08 91.93
C PRO WA 120 -22.87 -41.71 91.77
N ALA WA 121 -22.69 -41.00 92.88
CA ALA WA 121 -22.03 -39.69 92.87
C ALA WA 121 -20.55 -39.89 93.16
N GLN WA 122 -19.73 -39.82 92.11
CA GLN WA 122 -18.28 -39.94 92.27
C GLN WA 122 -17.60 -39.24 91.10
N ASN WA 123 -16.34 -38.90 91.30
CA ASN WA 123 -15.56 -38.28 90.23
C ASN WA 123 -15.29 -39.29 89.12
N THR WA 124 -15.44 -38.84 87.87
CA THR WA 124 -15.20 -39.72 86.74
C THR WA 124 -13.73 -40.06 86.60
N GLY WA 125 -12.85 -39.11 86.92
CA GLY WA 125 -11.42 -39.32 86.82
C GLY WA 125 -10.82 -39.04 85.46
N LEU WA 126 -11.63 -38.64 84.48
CA LEU WA 126 -11.14 -38.35 83.15
C LEU WA 126 -10.87 -36.86 83.00
N GLY WA 127 -10.24 -36.48 81.88
CA GLY WA 127 -9.93 -35.10 81.61
C GLY WA 127 -11.17 -34.26 81.39
N PRO WA 128 -11.04 -32.93 81.54
CA PRO WA 128 -12.20 -32.03 81.41
C PRO WA 128 -12.50 -31.67 79.95
N GLU WA 129 -12.87 -32.68 79.17
CA GLU WA 129 -13.29 -32.45 77.79
C GLU WA 129 -14.48 -33.32 77.40
N LYS WA 130 -15.05 -34.08 78.33
CA LYS WA 130 -16.14 -35.00 78.03
C LYS WA 130 -17.45 -34.58 78.69
N THR WA 131 -17.65 -33.28 78.91
CA THR WA 131 -18.90 -32.80 79.50
C THR WA 131 -20.04 -32.76 78.49
N SER WA 132 -19.75 -32.95 77.20
CA SER WA 132 -20.79 -32.84 76.18
C SER WA 132 -21.85 -33.92 76.35
N PHE WA 133 -21.44 -35.16 76.62
CA PHE WA 133 -22.40 -36.24 76.83
C PHE WA 133 -23.27 -35.98 78.06
N PHE WA 134 -22.66 -35.49 79.14
CA PHE WA 134 -23.40 -35.24 80.36
C PHE WA 134 -24.41 -34.10 80.17
N GLN WA 135 -24.02 -33.08 79.42
CA GLN WA 135 -24.95 -31.98 79.15
C GLN WA 135 -26.06 -32.40 78.20
N ALA WA 136 -25.74 -33.23 77.20
CA ALA WA 136 -26.76 -33.70 76.27
C ALA WA 136 -27.77 -34.60 76.95
N LEU WA 137 -27.30 -35.47 77.86
CA LEU WA 137 -28.23 -36.29 78.65
C LEU WA 137 -28.97 -35.46 79.68
N GLY WA 138 -28.35 -34.40 80.19
CA GLY WA 138 -28.97 -33.56 81.19
C GLY WA 138 -28.41 -33.78 82.58
N ILE WA 139 -27.11 -34.09 82.66
CA ILE WA 139 -26.44 -34.40 83.91
C ILE WA 139 -25.71 -33.16 84.38
N THR WA 140 -25.85 -32.84 85.66
CA THR WA 140 -25.20 -31.65 86.23
C THR WA 140 -23.81 -32.02 86.72
N THR WA 141 -22.80 -31.37 86.16
CA THR WA 141 -21.42 -31.57 86.55
C THR WA 141 -20.74 -30.22 86.76
N LYS WA 142 -19.81 -30.18 87.70
CA LYS WA 142 -19.04 -28.99 87.99
C LYS WA 142 -17.56 -29.34 88.05
N ILE WA 143 -16.72 -28.39 87.67
CA ILE WA 143 -15.29 -28.61 87.68
C ILE WA 143 -14.79 -28.72 89.11
N SER WA 144 -13.91 -29.69 89.36
CA SER WA 144 -13.39 -29.94 90.70
C SER WA 144 -12.03 -30.61 90.55
N ARG WA 145 -10.97 -29.90 90.95
CA ARG WA 145 -9.60 -30.41 90.93
C ARG WA 145 -9.16 -30.83 89.53
N GLY WA 146 -9.67 -30.15 88.51
CA GLY WA 146 -9.34 -30.48 87.14
C GLY WA 146 -10.00 -31.74 86.62
N THR WA 147 -11.01 -32.26 87.32
CA THR WA 147 -11.68 -33.48 86.93
C THR WA 147 -13.19 -33.29 87.08
N ILE WA 148 -13.94 -34.12 86.37
CA ILE WA 148 -15.40 -34.02 86.34
C ILE WA 148 -15.98 -34.87 87.46
N GLU WA 149 -16.88 -34.28 88.23
CA GLU WA 149 -17.50 -34.96 89.37
C GLU WA 149 -19.02 -34.95 89.20
N ILE WA 150 -19.63 -36.08 89.55
CA ILE WA 150 -21.08 -36.23 89.51
C ILE WA 150 -21.62 -35.71 90.84
N LEU WA 151 -22.13 -34.48 90.83
CA LEU WA 151 -22.55 -33.85 92.08
C LEU WA 151 -23.90 -34.36 92.55
N SER WA 152 -24.79 -34.73 91.63
CA SER WA 152 -26.14 -35.15 92.00
C SER WA 152 -26.41 -36.55 91.48
N ASP WA 153 -27.00 -37.38 92.34
CA ASP WA 153 -27.46 -38.70 91.93
C ASP WA 153 -28.59 -38.55 90.92
N VAL WA 154 -28.55 -39.34 89.85
CA VAL WA 154 -29.55 -39.28 88.80
C VAL WA 154 -29.91 -40.72 88.41
N GLN WA 155 -31.12 -40.88 87.88
CA GLN WA 155 -31.56 -42.18 87.40
C GLN WA 155 -31.00 -42.44 86.00
N LEU WA 156 -30.33 -43.57 85.83
CA LEU WA 156 -29.65 -43.89 84.59
C LEU WA 156 -30.51 -44.70 83.62
N ILE WA 157 -30.94 -45.89 84.03
CA ILE WA 157 -31.68 -46.79 83.15
C ILE WA 157 -32.65 -47.60 83.99
N LYS WA 158 -33.74 -48.04 83.36
CA LYS WA 158 -34.75 -48.85 83.99
C LYS WA 158 -34.66 -50.29 83.48
N THR WA 159 -35.62 -51.11 83.87
CA THR WA 159 -35.65 -52.51 83.48
C THR WA 159 -36.42 -52.67 82.17
N GLY WA 160 -35.84 -53.43 81.24
CA GLY WA 160 -36.49 -53.75 79.99
C GLY WA 160 -36.75 -52.55 79.08
N ASP WA 161 -35.75 -51.70 78.90
CA ASP WA 161 -35.86 -50.55 78.02
C ASP WA 161 -34.66 -50.47 77.09
N LYS WA 162 -34.86 -49.80 75.96
CA LYS WA 162 -33.82 -49.67 74.95
C LYS WA 162 -32.68 -48.78 75.44
N VAL WA 163 -31.47 -49.10 75.00
CA VAL WA 163 -30.27 -48.33 75.33
C VAL WA 163 -29.95 -47.40 74.17
N GLY WA 164 -29.94 -46.10 74.43
CA GLY WA 164 -29.58 -45.14 73.41
C GLY WA 164 -28.09 -45.10 73.16
N ALA WA 165 -27.72 -44.51 72.01
CA ALA WA 165 -26.30 -44.44 71.64
C ALA WA 165 -25.52 -43.56 72.60
N SER WA 166 -26.11 -42.42 73.01
CA SER WA 166 -25.42 -41.54 73.94
C SER WA 166 -25.19 -42.21 75.28
N GLU WA 167 -26.21 -42.89 75.80
CA GLU WA 167 -26.05 -43.61 77.07
C GLU WA 167 -25.09 -44.78 76.93
N ALA WA 168 -25.12 -45.45 75.78
CA ALA WA 168 -24.22 -46.57 75.55
C ALA WA 168 -22.76 -46.12 75.54
N THR WA 169 -22.44 -45.05 74.81
CA THR WA 169 -21.07 -44.54 74.83
C THR WA 169 -20.71 -43.91 76.16
N LEU WA 170 -21.69 -43.35 76.89
CA LEU WA 170 -21.43 -42.83 78.22
C LEU WA 170 -21.02 -43.94 79.18
N LEU WA 171 -21.72 -45.07 79.14
CA LEU WA 171 -21.33 -46.22 79.96
C LEU WA 171 -20.05 -46.87 79.47
N ASN WA 172 -19.76 -46.80 78.16
CA ASN WA 172 -18.52 -47.37 77.65
C ASN WA 172 -17.31 -46.57 78.13
N MET WA 173 -17.37 -45.24 78.04
CA MET WA 173 -16.28 -44.41 78.55
C MET WA 173 -16.32 -44.26 80.06
N LEU WA 174 -17.43 -44.65 80.70
CA LEU WA 174 -17.54 -44.55 82.15
C LEU WA 174 -16.66 -45.58 82.86
N ASN WA 175 -16.34 -46.68 82.19
CA ASN WA 175 -15.55 -47.77 82.77
C ASN WA 175 -16.15 -48.28 84.07
N ILE WA 176 -17.48 -48.40 84.09
CA ILE WA 176 -18.20 -49.01 85.20
C ILE WA 176 -18.76 -50.33 84.72
N SER WA 177 -19.37 -51.11 85.63
CA SER WA 177 -19.93 -52.39 85.25
C SER WA 177 -21.39 -52.21 84.87
N PRO WA 178 -21.76 -52.33 83.60
CA PRO WA 178 -23.18 -52.30 83.23
C PRO WA 178 -23.81 -53.66 83.38
N PHE WA 179 -25.05 -53.81 82.92
CA PHE WA 179 -25.67 -55.14 82.89
C PHE WA 179 -24.82 -56.10 82.07
N SER WA 180 -24.53 -57.26 82.66
CA SER WA 180 -23.64 -58.24 82.06
C SER WA 180 -24.32 -59.60 82.07
N PHE WA 181 -23.97 -60.42 81.08
CA PHE WA 181 -24.64 -61.68 80.84
C PHE WA 181 -23.76 -62.55 79.95
N GLY WA 182 -24.07 -63.84 79.92
CA GLY WA 182 -23.28 -64.76 79.15
C GLY WA 182 -23.96 -66.10 78.96
N LEU WA 183 -23.13 -67.14 78.85
CA LEU WA 183 -23.60 -68.47 78.54
C LEU WA 183 -24.26 -69.10 79.77
N VAL WA 184 -25.50 -69.55 79.62
CA VAL WA 184 -26.28 -70.11 80.73
C VAL WA 184 -26.91 -71.43 80.29
N ILE WA 185 -26.82 -72.44 81.18
CA ILE WA 185 -27.37 -73.75 80.89
C ILE WA 185 -28.89 -73.72 81.03
N GLN WA 186 -29.58 -74.31 80.05
CA GLN WA 186 -31.03 -74.43 80.12
C GLN WA 186 -31.44 -75.57 81.05
N GLN WA 187 -30.99 -76.78 80.77
CA GLN WA 187 -31.29 -77.94 81.58
C GLN WA 187 -30.22 -78.99 81.31
N VAL WA 188 -30.21 -80.04 82.13
CA VAL WA 188 -29.15 -81.04 82.09
C VAL WA 188 -29.69 -82.34 81.49
N PHE WA 189 -28.75 -83.20 81.08
CA PHE WA 189 -29.09 -84.51 80.53
C PHE WA 189 -27.98 -85.49 80.90
N ASP WA 190 -28.21 -86.29 81.93
CA ASP WA 190 -27.27 -87.31 82.37
C ASP WA 190 -27.91 -88.68 82.16
N ASN WA 191 -27.67 -89.27 80.99
CA ASN WA 191 -28.12 -90.62 80.65
C ASN WA 191 -29.64 -90.74 80.76
N GLY WA 192 -30.36 -89.74 80.27
CA GLY WA 192 -31.80 -89.79 80.24
C GLY WA 192 -32.48 -89.17 81.45
N SER WA 193 -31.92 -88.07 81.95
CA SER WA 193 -32.49 -87.40 83.11
C SER WA 193 -32.53 -85.90 82.85
N ILE WA 194 -33.56 -85.23 83.36
CA ILE WA 194 -33.73 -83.79 83.21
C ILE WA 194 -33.82 -83.19 84.60
N TYR WA 195 -32.94 -82.23 84.89
CA TYR WA 195 -32.99 -81.46 86.13
C TYR WA 195 -32.78 -79.98 85.83
N ASN WA 196 -32.48 -79.20 86.87
CA ASN WA 196 -32.16 -77.79 86.72
C ASN WA 196 -30.90 -77.60 85.87
N PRO XA 1 -3.16 -46.18 90.21
CA PRO XA 1 -2.32 -46.78 89.18
C PRO XA 1 -1.20 -45.83 88.73
N ASN XA 2 -0.59 -45.14 89.70
CA ASN XA 2 0.52 -44.22 89.47
C ASN XA 2 0.13 -43.07 88.55
N GLU XA 3 -1.17 -42.78 88.47
CA GLU XA 3 -1.74 -41.60 87.82
C GLU XA 3 -1.45 -41.51 86.33
N ILE XA 4 -0.87 -42.56 85.76
CA ILE XA 4 -0.59 -42.61 84.32
C ILE XA 4 -0.29 -44.06 83.94
N LYS XA 5 -0.63 -44.41 82.70
CA LYS XA 5 -0.39 -45.76 82.21
C LYS XA 5 0.05 -45.70 80.76
N VAL XA 6 0.70 -46.77 80.31
CA VAL XA 6 1.44 -46.79 79.06
C VAL XA 6 0.99 -47.97 78.18
N VAL XA 7 -0.30 -48.31 78.29
CA VAL XA 7 -0.85 -49.47 77.57
C VAL XA 7 -0.72 -49.31 76.06
N TYR XA 8 -0.65 -48.07 75.57
CA TYR XA 8 -0.66 -47.80 74.14
C TYR XA 8 0.51 -48.47 73.41
N LEU XA 9 0.32 -48.72 72.12
CA LEU XA 9 1.27 -49.45 71.30
C LEU XA 9 2.07 -48.48 70.43
N ARG XA 10 3.08 -49.01 69.74
CA ARG XA 10 3.88 -48.24 68.81
C ARG XA 10 4.06 -49.04 67.52
N CYS XA 11 4.44 -48.33 66.46
CA CYS XA 11 4.77 -48.94 65.18
C CYS XA 11 6.04 -48.32 64.61
N THR XA 12 7.03 -48.07 65.47
CA THR XA 12 8.29 -47.49 65.05
C THR XA 12 9.42 -48.49 65.26
N GLY XA 13 10.40 -48.44 64.37
CA GLY XA 13 11.50 -49.38 64.41
C GLY XA 13 12.35 -49.23 63.17
N GLY XA 14 13.47 -49.97 63.18
CA GLY XA 14 14.45 -49.85 62.11
C GLY XA 14 15.32 -48.62 62.25
N GLU XA 15 15.04 -47.60 61.45
CA GLU XA 15 15.73 -46.32 61.59
C GLU XA 15 15.23 -45.59 62.83
N VAL XA 16 16.07 -44.72 63.37
CA VAL XA 16 15.74 -44.01 64.61
C VAL XA 16 14.52 -43.12 64.40
N GLY XA 17 14.53 -42.30 63.35
CA GLY XA 17 13.39 -41.45 63.03
C GLY XA 17 13.28 -40.24 63.93
N ALA XA 18 12.89 -40.48 65.19
CA ALA XA 18 12.79 -39.45 66.22
C ALA XA 18 11.87 -38.30 65.81
N THR XA 19 12.48 -37.20 65.33
CA THR XA 19 11.69 -36.03 64.95
C THR XA 19 10.77 -36.33 63.77
N SER XA 20 11.25 -37.12 62.81
CA SER XA 20 10.39 -37.53 61.71
C SER XA 20 9.41 -38.62 62.13
N ALA XA 21 9.64 -39.26 63.27
CA ALA XA 21 8.73 -40.30 63.74
C ALA XA 21 7.48 -39.68 64.35
N LEU XA 22 6.48 -40.53 64.57
CA LEU XA 22 5.20 -40.10 65.12
C LEU XA 22 5.21 -39.94 66.63
N ALA XA 23 6.30 -40.33 67.30
CA ALA XA 23 6.35 -40.32 68.76
C ALA XA 23 6.03 -38.97 69.41
N PRO XA 24 6.49 -37.82 68.90
CA PRO XA 24 6.09 -36.55 69.53
C PRO XA 24 4.58 -36.29 69.49
N LYS XA 25 3.84 -36.97 68.63
CA LYS XA 25 2.38 -36.87 68.67
C LYS XA 25 1.82 -37.64 69.86
N ILE XA 26 2.34 -38.84 70.13
CA ILE XA 26 1.88 -39.62 71.27
C ILE XA 26 2.32 -38.95 72.57
N GLY XA 27 3.44 -38.22 72.55
CA GLY XA 27 4.01 -37.58 73.71
C GLY XA 27 3.06 -36.89 74.67
N PRO XA 28 2.22 -35.98 74.16
CA PRO XA 28 1.27 -35.28 75.05
C PRO XA 28 0.21 -36.17 75.69
N LEU XA 29 0.18 -37.48 75.42
CA LEU XA 29 -0.76 -38.35 76.11
C LEU XA 29 -0.28 -38.67 77.52
N GLY XA 30 1.03 -38.87 77.71
CA GLY XA 30 1.54 -39.26 79.01
C GLY XA 30 2.50 -38.26 79.62
N LEU XA 31 3.21 -37.51 78.78
CA LEU XA 31 4.16 -36.45 79.11
C LEU XA 31 5.44 -36.96 79.77
N SER XA 32 5.53 -38.25 80.10
CA SER XA 32 6.75 -38.75 80.75
C SER XA 32 7.91 -38.94 79.77
N PRO XA 33 7.76 -39.72 78.66
CA PRO XA 33 8.94 -39.99 77.82
C PRO XA 33 9.50 -38.77 77.12
N LYS XA 34 8.70 -38.10 76.31
CA LYS XA 34 9.13 -36.98 75.46
C LYS XA 34 10.31 -37.44 74.59
N LYS XA 35 11.16 -36.48 74.21
CA LYS XA 35 12.37 -36.78 73.46
C LYS XA 35 13.33 -37.66 74.26
N VAL XA 36 13.57 -37.32 75.53
CA VAL XA 36 14.49 -38.08 76.37
C VAL XA 36 13.99 -39.47 76.70
N GLY XA 37 12.73 -39.78 76.39
CA GLY XA 37 12.22 -41.12 76.59
C GLY XA 37 12.14 -41.92 75.31
N ASP XA 38 11.65 -41.30 74.22
CA ASP XA 38 11.55 -42.07 72.99
C ASP XA 38 12.92 -42.30 72.35
N ASP XA 39 13.89 -41.42 72.61
CA ASP XA 39 15.23 -41.68 72.09
C ASP XA 39 15.85 -42.91 72.74
N ILE XA 40 15.73 -43.05 74.06
CA ILE XA 40 16.29 -44.23 74.72
C ILE XA 40 15.44 -45.46 74.43
N ALA XA 41 14.14 -45.28 74.17
CA ALA XA 41 13.32 -46.40 73.71
C ALA XA 41 13.81 -46.93 72.37
N LYS XA 42 14.14 -46.04 71.44
CA LYS XA 42 14.71 -46.47 70.17
C LYS XA 42 16.11 -47.04 70.35
N ALA XA 43 16.90 -46.48 71.26
CA ALA XA 43 18.24 -47.02 71.51
C ALA XA 43 18.15 -48.46 72.01
N THR XA 44 17.18 -48.75 72.88
CA THR XA 44 16.93 -50.11 73.30
C THR XA 44 16.11 -50.90 72.30
N GLY XA 45 15.56 -50.24 71.28
CA GLY XA 45 14.76 -50.88 70.26
C GLY XA 45 15.30 -50.75 68.84
N ASP XA 46 16.61 -50.57 68.67
CA ASP XA 46 17.18 -50.49 67.33
C ASP XA 46 17.02 -51.81 66.58
N TRP XA 47 17.23 -52.93 67.27
CA TRP XA 47 17.14 -54.26 66.66
C TRP XA 47 16.03 -55.07 67.33
N LYS XA 48 15.95 -56.33 66.92
CA LYS XA 48 14.90 -57.27 67.32
C LYS XA 48 13.50 -56.67 67.11
N GLY XA 49 13.16 -56.44 65.84
CA GLY XA 49 13.92 -56.63 64.62
C GLY XA 49 14.44 -55.29 64.11
N LEU XA 50 15.01 -55.30 62.91
CA LEU XA 50 15.42 -54.08 62.23
C LEU XA 50 14.31 -53.54 61.34
N ARG XA 51 13.06 -53.87 61.65
CA ARG XA 51 11.88 -53.59 60.84
C ARG XA 51 10.94 -52.68 61.63
N ILE XA 52 9.71 -52.54 61.13
CA ILE XA 52 8.72 -51.65 61.77
C ILE XA 52 8.56 -51.99 63.24
N THR XA 53 8.50 -53.28 63.57
CA THR XA 53 8.64 -53.77 64.95
C THR XA 53 7.59 -53.15 65.87
N VAL XA 54 6.33 -53.54 65.61
CA VAL XA 54 5.23 -53.14 66.48
C VAL XA 54 5.47 -53.73 67.87
N LYS XA 55 5.46 -52.87 68.89
CA LYS XA 55 5.87 -53.28 70.22
C LYS XA 55 5.14 -52.47 71.27
N LEU XA 56 5.14 -52.98 72.49
CA LEU XA 56 4.55 -52.31 73.65
C LEU XA 56 5.66 -51.97 74.64
N THR XA 57 5.57 -50.78 75.23
CA THR XA 57 6.57 -50.33 76.19
C THR XA 57 5.96 -50.23 77.58
N ILE XA 58 6.82 -50.33 78.59
CA ILE XA 58 6.43 -50.25 80.00
C ILE XA 58 7.16 -49.05 80.61
N GLN XA 59 6.40 -48.19 81.29
CA GLN XA 59 6.92 -46.91 81.78
C GLN XA 59 7.33 -47.03 83.24
N ASN XA 60 8.54 -46.58 83.54
CA ASN XA 60 9.04 -46.55 84.92
C ASN XA 60 8.99 -45.13 85.50
N ARG XA 61 8.27 -44.22 84.83
CA ARG XA 61 8.04 -42.83 85.22
C ARG XA 61 9.30 -41.98 85.02
N GLN XA 62 10.42 -42.62 84.70
CA GLN XA 62 11.66 -41.94 84.34
C GLN XA 62 12.28 -42.50 83.06
N ALA XA 63 12.21 -43.82 82.86
CA ALA XA 63 12.75 -44.46 81.68
C ALA XA 63 11.77 -45.50 81.19
N GLN XA 64 11.88 -45.86 79.92
CA GLN XA 64 10.96 -46.79 79.28
C GLN XA 64 11.69 -48.08 78.92
N ILE XA 65 11.09 -49.21 79.26
CA ILE XA 65 11.58 -50.52 78.86
C ILE XA 65 10.61 -51.09 77.82
N GLU XA 66 11.14 -51.82 76.85
CA GLU XA 66 10.39 -52.23 75.67
C GLU XA 66 10.41 -53.73 75.51
N VAL XA 67 9.24 -54.31 75.23
CA VAL XA 67 9.10 -55.71 74.93
C VAL XA 67 8.49 -55.83 73.54
N VAL XA 68 8.96 -56.81 72.77
CA VAL XA 68 8.55 -56.99 71.37
C VAL XA 68 7.67 -58.23 71.30
N PRO XA 69 6.37 -58.09 71.03
CA PRO XA 69 5.56 -59.27 70.69
C PRO XA 69 6.10 -59.95 69.44
N SER XA 70 6.09 -61.28 69.45
CA SER XA 70 6.71 -62.07 68.41
C SER XA 70 5.75 -62.24 67.22
N ALA XA 71 5.68 -61.18 66.41
CA ALA XA 71 4.94 -61.26 65.16
C ALA XA 71 5.68 -62.16 64.18
N SER XA 72 4.93 -63.03 63.49
CA SER XA 72 5.54 -64.04 62.64
C SER XA 72 6.32 -63.41 61.50
N ALA XA 73 5.70 -62.49 60.77
CA ALA XA 73 6.40 -61.80 59.69
C ALA XA 73 7.57 -60.96 60.22
N LEU XA 74 7.38 -60.29 61.35
CA LEU XA 74 8.46 -59.52 61.95
C LEU XA 74 9.62 -60.41 62.36
N ILE XA 75 9.33 -61.53 63.03
CA ILE XA 75 10.40 -62.39 63.53
C ILE XA 75 11.10 -63.10 62.38
N ILE XA 76 10.39 -63.40 61.30
CA ILE XA 76 11.05 -64.06 60.16
C ILE XA 76 11.81 -63.07 59.29
N LYS XA 77 11.38 -61.80 59.26
CA LYS XA 77 12.21 -60.78 58.61
C LYS XA 77 13.45 -60.48 59.44
N ALA XA 78 13.34 -60.59 60.77
CA ALA XA 78 14.53 -60.54 61.61
C ALA XA 78 15.45 -61.73 61.33
N LEU XA 79 14.86 -62.92 61.17
CA LEU XA 79 15.67 -64.11 60.87
C LEU XA 79 16.29 -64.01 59.48
N LYS XA 80 15.52 -63.58 58.49
CA LYS XA 80 16.05 -63.44 57.14
C LYS XA 80 16.94 -62.20 57.05
N GLU XA 81 17.79 -62.19 56.04
CA GLU XA 81 18.74 -61.10 55.86
C GLU XA 81 18.79 -60.63 54.40
N ILE XA 98 14.78 -72.67 50.20
CA ILE XA 98 15.16 -73.09 51.54
C ILE XA 98 13.93 -73.22 52.43
N THR XA 99 13.94 -74.22 53.30
CA THR XA 99 12.84 -74.46 54.23
C THR XA 99 13.04 -73.78 55.57
N PHE XA 100 14.28 -73.79 56.08
CA PHE XA 100 14.65 -73.29 57.41
C PHE XA 100 13.60 -73.65 58.47
N ASP XA 101 13.29 -74.94 58.55
CA ASP XA 101 12.30 -75.43 59.49
C ASP XA 101 12.72 -75.21 60.94
N GLU XA 102 14.01 -75.41 61.25
CA GLU XA 102 14.45 -75.37 62.63
C GLU XA 102 14.30 -73.98 63.25
N ILE XA 103 14.62 -72.91 62.51
CA ILE XA 103 14.56 -71.58 63.09
C ILE XA 103 13.13 -71.14 63.34
N VAL XA 104 12.20 -71.46 62.45
CA VAL XA 104 10.81 -71.12 62.71
C VAL XA 104 10.21 -72.01 63.80
N ASN XA 105 10.63 -73.28 63.89
CA ASN XA 105 10.13 -74.15 64.95
C ASN XA 105 10.65 -73.76 66.33
N ILE XA 106 11.85 -73.19 66.41
CA ILE XA 106 12.34 -72.69 67.69
C ILE XA 106 11.95 -71.24 67.93
N ALA XA 107 11.49 -70.52 66.91
CA ALA XA 107 11.07 -69.14 67.09
C ALA XA 107 9.67 -69.02 67.68
N ARG XA 108 8.87 -70.08 67.62
CA ARG XA 108 7.52 -70.05 68.15
C ARG XA 108 7.45 -70.44 69.62
N GLN XA 109 8.59 -70.75 70.25
CA GLN XA 109 8.56 -71.18 71.63
C GLN XA 109 8.48 -70.00 72.59
N MET XA 110 9.07 -68.86 72.20
CA MET XA 110 9.15 -67.69 73.07
C MET XA 110 7.98 -66.74 72.89
N ARG XA 111 7.04 -67.04 72.00
CA ARG XA 111 5.89 -66.19 71.75
C ARG XA 111 4.76 -66.50 72.72
N HIS XA 112 3.64 -65.79 72.57
CA HIS XA 112 2.52 -65.94 73.49
C HIS XA 112 1.84 -67.30 73.33
N ARG XA 113 1.85 -67.86 72.12
CA ARG XA 113 1.45 -69.24 71.86
C ARG XA 113 -0.03 -69.47 72.16
N SER XA 114 -0.88 -68.50 71.83
CA SER XA 114 -2.32 -68.65 72.07
C SER XA 114 -3.03 -69.19 70.82
N LEU XA 115 -3.05 -68.40 69.75
CA LEU XA 115 -3.50 -68.80 68.40
C LEU XA 115 -4.85 -69.52 68.38
N ALA XA 116 -5.67 -69.36 69.42
CA ALA XA 116 -6.89 -70.15 69.61
C ALA XA 116 -6.61 -71.64 69.45
N ARG XA 117 -5.51 -72.08 70.05
CA ARG XA 117 -4.90 -73.36 69.71
C ARG XA 117 -5.70 -74.54 70.24
N GLU XA 118 -5.53 -75.68 69.56
CA GLU XA 118 -5.93 -76.98 70.07
C GLU XA 118 -4.83 -78.02 69.95
N LEU XA 119 -3.73 -77.71 69.26
CA LEU XA 119 -2.64 -78.65 69.05
C LEU XA 119 -1.37 -77.84 68.84
N SER XA 120 -0.22 -78.50 69.08
CA SER XA 120 1.05 -77.87 68.74
C SER XA 120 1.21 -77.68 67.25
N GLY XA 121 0.54 -78.49 66.44
CA GLY XA 121 0.61 -78.33 64.99
C GLY XA 121 -0.05 -77.08 64.46
N THR XA 122 -0.94 -76.46 65.25
CA THR XA 122 -1.64 -75.26 64.80
C THR XA 122 -0.67 -74.11 64.58
N ILE XA 123 0.30 -73.95 65.49
CA ILE XA 123 1.21 -72.81 65.41
C ILE XA 123 2.14 -72.96 64.22
N LYS XA 124 2.73 -74.14 64.03
CA LYS XA 124 3.66 -74.34 62.92
C LYS XA 124 2.94 -74.29 61.58
N GLU XA 125 1.71 -74.79 61.50
CA GLU XA 125 0.93 -74.64 60.27
C GLU XA 125 0.55 -73.19 60.03
N ILE XA 126 0.42 -72.40 61.10
CA ILE XA 126 0.14 -70.98 60.95
C ILE XA 126 1.35 -70.24 60.39
N LEU XA 127 2.53 -70.55 60.92
CA LEU XA 127 3.75 -69.85 60.49
C LEU XA 127 4.36 -70.43 59.23
N GLY XA 128 3.92 -71.62 58.78
CA GLY XA 128 4.50 -72.20 57.59
C GLY XA 128 4.19 -71.41 56.34
N THR XA 129 2.95 -70.98 56.18
CA THR XA 129 2.56 -70.16 55.05
C THR XA 129 2.47 -68.68 55.38
N ALA XA 130 2.73 -68.30 56.64
CA ALA XA 130 2.92 -66.89 56.96
C ALA XA 130 4.23 -66.37 56.39
N GLN XA 131 5.12 -67.27 55.96
CA GLN XA 131 6.38 -66.94 55.33
C GLN XA 131 6.28 -66.87 53.81
N SER XA 132 5.07 -67.05 53.26
CA SER XA 132 4.91 -67.17 51.81
C SER XA 132 5.29 -65.89 51.07
N VAL XA 133 5.23 -64.75 51.72
CA VAL XA 133 5.61 -63.50 51.08
C VAL XA 133 7.13 -63.38 51.04
N HIS XA 141 7.94 -72.78 47.15
CA HIS XA 141 7.02 -72.00 47.99
C HIS XA 141 6.80 -72.69 49.33
N PRO XA 142 6.63 -71.89 50.40
CA PRO XA 142 6.44 -72.47 51.73
C PRO XA 142 5.01 -72.94 51.99
N HIS XA 143 4.45 -73.72 51.06
CA HIS XA 143 3.11 -74.27 51.23
C HIS XA 143 3.05 -75.78 51.04
N ASP XA 144 4.07 -76.39 50.45
CA ASP XA 144 4.11 -77.85 50.36
C ASP XA 144 4.23 -78.48 51.74
N ILE XA 145 4.90 -77.78 52.67
CA ILE XA 145 4.94 -78.24 54.06
C ILE XA 145 3.55 -78.23 54.66
N ILE XA 146 2.75 -77.22 54.33
CA ILE XA 146 1.37 -77.10 54.81
C ILE XA 146 0.52 -78.24 54.28
N ASP XA 147 0.77 -78.70 53.06
CA ASP XA 147 -0.06 -79.72 52.42
C ASP XA 147 -0.08 -81.01 53.23
N ASP XA 148 1.08 -81.64 53.40
CA ASP XA 148 1.19 -82.91 54.11
C ASP XA 148 2.42 -82.85 55.02
N ILE XA 149 2.18 -82.55 56.30
CA ILE XA 149 3.24 -82.43 57.30
C ILE XA 149 3.15 -83.63 58.23
N ASN XA 150 4.31 -84.20 58.57
CA ASN XA 150 4.38 -85.37 59.41
C ASN XA 150 5.50 -85.27 60.44
N SER XA 151 6.11 -84.10 60.55
CA SER XA 151 7.28 -83.90 61.40
C SER XA 151 6.92 -82.97 62.55
N GLY XA 152 7.20 -83.39 63.77
CA GLY XA 152 6.97 -82.55 64.94
C GLY XA 152 5.52 -82.20 65.20
N ALA XA 153 4.63 -83.20 65.15
CA ALA XA 153 3.22 -82.94 65.42
C ALA XA 153 2.99 -82.50 66.86
N VAL XA 154 3.67 -83.14 67.80
CA VAL XA 154 3.56 -82.81 69.22
C VAL XA 154 4.94 -82.46 69.76
N GLU XA 155 5.78 -81.85 68.92
CA GLU XA 155 7.18 -81.63 69.26
C GLU XA 155 7.33 -80.70 70.47
N CYS XA 156 6.56 -79.61 70.48
CA CYS XA 156 6.69 -78.66 71.58
C CYS XA 156 6.22 -79.23 72.92
N PRO XA 157 5.02 -79.84 73.04
CA PRO XA 157 4.70 -80.35 74.38
C PRO XA 157 5.35 -81.70 74.66
N MET YA 1 106.42 -34.06 40.29
CA MET YA 1 106.15 -35.48 40.42
C MET YA 1 104.67 -35.74 40.68
N ALA YA 2 104.36 -36.95 41.17
CA ALA YA 2 102.96 -37.33 41.36
C ALA YA 2 102.29 -36.51 42.45
N VAL YA 3 103.03 -36.15 43.51
CA VAL YA 3 102.45 -35.39 44.60
C VAL YA 3 102.04 -34.00 44.13
N GLN YA 4 102.89 -33.35 43.34
CA GLN YA 4 102.61 -32.00 42.87
C GLN YA 4 101.74 -32.03 41.62
N ILE YA 5 100.82 -31.08 41.54
CA ILE YA 5 99.91 -30.97 40.40
C ILE YA 5 100.62 -30.25 39.26
N SER YA 6 100.00 -30.23 38.08
CA SER YA 6 100.57 -29.57 36.92
C SER YA 6 100.66 -28.06 37.15
N LYS YA 7 101.47 -27.40 36.33
CA LYS YA 7 101.68 -25.97 36.47
C LYS YA 7 100.40 -25.18 36.21
N LYS YA 8 99.61 -25.60 35.22
CA LYS YA 8 98.38 -24.91 34.91
C LYS YA 8 97.41 -24.96 36.10
N ARG YA 9 97.21 -26.15 36.66
CA ARG YA 9 96.36 -26.28 37.83
C ARG YA 9 96.93 -25.52 39.02
N LYS YA 10 98.26 -25.43 39.12
CA LYS YA 10 98.87 -24.72 40.24
C LYS YA 10 98.60 -23.22 40.14
N PHE YA 11 98.73 -22.66 38.94
CA PHE YA 11 98.41 -21.25 38.73
C PHE YA 11 96.92 -20.99 38.97
N VAL YA 12 96.06 -21.92 38.54
CA VAL YA 12 94.63 -21.77 38.79
C VAL YA 12 94.35 -21.78 40.28
N ALA YA 13 94.97 -22.69 41.02
CA ALA YA 13 94.78 -22.75 42.47
C ALA YA 13 95.30 -21.49 43.15
N ASP YA 14 96.42 -20.94 42.65
CA ASP YA 14 96.92 -19.68 43.20
C ASP YA 14 95.92 -18.55 42.97
N GLY YA 15 95.33 -18.47 41.78
CA GLY YA 15 94.32 -17.47 41.53
C GLY YA 15 93.10 -17.65 42.41
N ILE YA 16 92.70 -18.90 42.64
CA ILE YA 16 91.57 -19.19 43.52
C ILE YA 16 91.87 -18.72 44.94
N PHE YA 17 93.08 -19.02 45.41
CA PHE YA 17 93.49 -18.57 46.75
C PHE YA 17 93.47 -17.06 46.83
N LYS YA 18 93.96 -16.37 45.80
CA LYS YA 18 93.97 -14.92 45.78
C LYS YA 18 92.56 -14.36 45.87
N ALA YA 19 91.65 -14.88 45.06
CA ALA YA 19 90.28 -14.38 45.04
C ALA YA 19 89.58 -14.64 46.37
N GLU YA 20 89.75 -15.86 46.92
CA GLU YA 20 89.08 -16.18 48.18
C GLU YA 20 89.62 -15.32 49.33
N LEU YA 21 90.94 -15.12 49.37
CA LEU YA 21 91.51 -14.29 50.41
C LEU YA 21 91.07 -12.84 50.26
N ASN YA 22 90.98 -12.35 49.03
CA ASN YA 22 90.47 -11.01 48.79
C ASN YA 22 89.03 -10.85 49.27
N GLU YA 23 88.19 -11.85 48.98
CA GLU YA 23 86.81 -11.80 49.43
C GLU YA 23 86.73 -11.81 50.95
N PHE YA 24 87.55 -12.65 51.60
CA PHE YA 24 87.53 -12.72 53.05
C PHE YA 24 87.96 -11.39 53.67
N LEU YA 25 89.03 -10.79 53.13
CA LEU YA 25 89.48 -9.50 53.64
C LEU YA 25 88.45 -8.42 53.40
N THR YA 26 87.73 -8.49 52.27
CA THR YA 26 86.68 -7.52 52.00
C THR YA 26 85.55 -7.64 53.02
N ARG YA 27 85.06 -8.86 53.25
CA ARG YA 27 83.92 -9.04 54.14
C ARG YA 27 84.32 -8.88 55.61
N GLU YA 28 85.60 -9.01 55.94
CA GLU YA 28 86.05 -8.90 57.31
C GLU YA 28 86.54 -7.50 57.68
N LEU YA 29 87.30 -6.86 56.78
CA LEU YA 29 87.91 -5.56 57.05
C LEU YA 29 87.14 -4.42 56.41
N ALA YA 30 85.83 -4.58 56.23
CA ALA YA 30 85.04 -3.57 55.53
C ALA YA 30 85.02 -2.25 56.30
N GLU YA 31 84.87 -2.30 57.61
CA GLU YA 31 84.81 -1.09 58.42
C GLU YA 31 86.18 -0.54 58.78
N ASP YA 32 87.26 -1.26 58.47
CA ASP YA 32 88.61 -0.86 58.83
C ASP YA 32 89.33 -0.15 57.68
N GLY YA 33 88.60 0.31 56.68
CA GLY YA 33 89.24 0.96 55.54
C GLY YA 33 90.09 0.03 54.71
N TYR YA 34 89.57 -1.15 54.41
CA TYR YA 34 90.28 -2.09 53.55
C TYR YA 34 90.49 -1.50 52.16
N SER YA 35 91.69 -1.70 51.61
CA SER YA 35 92.01 -1.23 50.28
C SER YA 35 92.27 -2.38 49.31
N GLY YA 36 93.18 -3.29 49.65
CA GLY YA 36 93.48 -4.40 48.76
C GLY YA 36 94.45 -5.35 49.41
N VAL YA 37 94.71 -6.45 48.73
CA VAL YA 37 95.55 -7.53 49.23
C VAL YA 37 96.74 -7.73 48.30
N GLU YA 38 97.91 -7.90 48.89
CA GLU YA 38 99.13 -8.24 48.17
C GLU YA 38 99.79 -9.40 48.89
N VAL YA 39 100.09 -10.46 48.17
CA VAL YA 39 100.70 -11.66 48.74
C VAL YA 39 102.06 -11.89 48.10
N ARG YA 40 103.03 -12.27 48.91
CA ARG YA 40 104.38 -12.61 48.44
C ARG YA 40 104.66 -14.04 48.89
N VAL YA 41 104.69 -14.96 47.93
CA VAL YA 41 104.91 -16.38 48.22
C VAL YA 41 106.35 -16.74 47.88
N THR YA 42 106.97 -17.54 48.73
CA THR YA 42 108.29 -18.11 48.52
C THR YA 42 108.21 -19.59 48.85
N PRO YA 43 109.10 -20.40 48.28
CA PRO YA 43 109.16 -21.82 48.70
C PRO YA 43 109.42 -21.99 50.18
N THR YA 44 110.16 -21.06 50.79
CA THR YA 44 110.38 -21.12 52.23
C THR YA 44 109.08 -20.88 53.00
N ARG YA 45 108.37 -19.81 52.66
CA ARG YA 45 107.17 -19.42 53.37
C ARG YA 45 106.41 -18.40 52.52
N THR YA 46 105.22 -18.04 52.98
CA THR YA 46 104.41 -17.04 52.31
C THR YA 46 104.25 -15.80 53.17
N GLU YA 47 104.17 -14.66 52.50
CA GLU YA 47 103.94 -13.37 53.16
C GLU YA 47 102.69 -12.72 52.57
N ILE YA 48 101.74 -12.39 53.43
CA ILE YA 48 100.49 -11.77 53.02
C ILE YA 48 100.47 -10.36 53.56
N ILE YA 49 100.35 -9.38 52.67
CA ILE YA 49 100.39 -7.97 53.02
C ILE YA 49 99.02 -7.37 52.69
N ILE YA 50 98.36 -6.84 53.72
CA ILE YA 50 97.05 -6.22 53.56
C ILE YA 50 97.27 -4.72 53.40
N LEU YA 51 96.61 -4.13 52.41
CA LEU YA 51 96.61 -2.69 52.24
C LEU YA 51 95.32 -2.13 52.82
N ALA YA 52 95.44 -1.22 53.78
CA ALA YA 52 94.29 -0.66 54.44
C ALA YA 52 94.66 0.68 55.04
N THR YA 53 93.63 1.44 55.42
CA THR YA 53 93.85 2.78 55.94
C THR YA 53 94.15 2.76 57.44
N ARG YA 54 93.23 2.23 58.24
CA ARG YA 54 93.34 2.27 59.70
C ARG YA 54 94.07 1.01 60.16
N THR YA 55 95.40 1.10 60.16
CA THR YA 55 96.23 0.00 60.64
C THR YA 55 96.03 -0.22 62.13
N GLN YA 56 95.89 0.87 62.90
CA GLN YA 56 95.65 0.73 64.34
C GLN YA 56 94.28 0.14 64.64
N ASN YA 57 93.34 0.21 63.69
CA ASN YA 57 92.02 -0.39 63.90
C ASN YA 57 91.99 -1.86 63.49
N VAL YA 58 92.66 -2.21 62.39
CA VAL YA 58 92.72 -3.61 62.00
C VAL YA 58 93.57 -4.41 62.99
N LEU YA 59 94.46 -3.74 63.71
CA LEU YA 59 95.27 -4.40 64.72
C LEU YA 59 94.58 -4.27 66.07
N GLY YA 60 94.30 -5.40 66.71
CA GLY YA 60 93.60 -5.40 67.98
C GLY YA 60 94.50 -5.03 69.15
N GLU YA 61 94.04 -5.28 70.37
CA GLU YA 61 94.82 -5.01 71.56
C GLU YA 61 96.12 -5.80 71.53
N LYS YA 62 97.24 -5.10 71.43
CA LYS YA 62 98.56 -5.72 71.26
C LYS YA 62 98.58 -6.67 70.06
N GLY YA 63 97.99 -6.22 68.95
CA GLY YA 63 97.89 -7.05 67.77
C GLY YA 63 96.97 -8.25 67.90
N ARG YA 64 95.83 -8.08 68.58
CA ARG YA 64 94.92 -9.20 68.79
C ARG YA 64 94.25 -9.63 67.50
N ARG YA 65 93.71 -8.66 66.75
CA ARG YA 65 92.93 -9.01 65.57
C ARG YA 65 93.83 -9.52 64.45
N ILE YA 66 95.04 -8.97 64.32
CA ILE YA 66 95.94 -9.47 63.30
C ILE YA 66 96.35 -10.91 63.62
N ARG YA 67 96.52 -11.24 64.90
CA ARG YA 67 96.76 -12.63 65.29
C ARG YA 67 95.57 -13.50 64.96
N GLU YA 68 94.35 -12.99 65.19
CA GLU YA 68 93.14 -13.74 64.90
C GLU YA 68 93.05 -14.08 63.41
N LEU YA 69 93.27 -13.08 62.56
CA LEU YA 69 93.23 -13.32 61.11
C LEU YA 69 94.37 -14.24 60.65
N THR YA 70 95.55 -14.11 61.26
CA THR YA 70 96.65 -15.01 60.91
C THR YA 70 96.29 -16.45 61.26
N ALA YA 71 95.67 -16.67 62.41
CA ALA YA 71 95.23 -18.01 62.77
C ALA YA 71 94.13 -18.51 61.82
N VAL YA 72 93.22 -17.63 61.41
CA VAL YA 72 92.16 -18.01 60.49
C VAL YA 72 92.75 -18.48 59.16
N VAL YA 73 93.69 -17.70 58.61
CA VAL YA 73 94.28 -18.08 57.32
C VAL YA 73 95.18 -19.30 57.48
N GLN YA 74 95.74 -19.50 58.68
CA GLN YA 74 96.49 -20.71 58.94
C GLN YA 74 95.59 -21.94 58.90
N LYS YA 75 94.42 -21.86 59.52
CA LYS YA 75 93.52 -23.00 59.61
C LYS YA 75 92.80 -23.30 58.30
N ARG YA 76 92.31 -22.29 57.60
CA ARG YA 76 91.39 -22.55 56.50
C ARG YA 76 92.11 -23.19 55.31
N PHE YA 77 93.27 -22.68 54.94
CA PHE YA 77 93.98 -23.18 53.77
C PHE YA 77 95.04 -24.23 54.09
N GLY YA 78 95.26 -24.52 55.37
CA GLY YA 78 96.16 -25.59 55.75
C GLY YA 78 97.61 -25.41 55.37
N PHE YA 79 98.17 -24.23 55.64
CA PHE YA 79 99.60 -24.04 55.48
C PHE YA 79 100.35 -24.82 56.56
N PRO YA 80 101.62 -25.08 56.35
CA PRO YA 80 102.47 -25.49 57.47
C PRO YA 80 102.52 -24.39 58.53
N GLU YA 81 102.59 -24.82 59.78
CA GLU YA 81 102.55 -23.89 60.89
C GLU YA 81 103.74 -22.93 60.87
N GLY YA 82 103.46 -21.65 61.09
CA GLY YA 82 104.51 -20.66 61.12
C GLY YA 82 105.03 -20.22 59.78
N SER YA 83 104.41 -20.68 58.69
CA SER YA 83 104.87 -20.36 57.34
C SER YA 83 104.11 -19.21 56.71
N VAL YA 84 103.26 -18.53 57.46
CA VAL YA 84 102.50 -17.38 56.96
C VAL YA 84 102.65 -16.22 57.94
N GLU YA 85 102.82 -15.02 57.40
CA GLU YA 85 102.89 -13.80 58.19
C GLU YA 85 101.98 -12.74 57.57
N LEU YA 86 101.31 -11.99 58.44
CA LEU YA 86 100.35 -10.98 58.00
C LEU YA 86 100.90 -9.60 58.33
N TYR YA 87 101.12 -8.79 57.31
CA TYR YA 87 101.52 -7.41 57.46
C TYR YA 87 100.38 -6.48 57.03
N ALA YA 88 100.04 -5.53 57.90
CA ALA YA 88 99.06 -4.51 57.59
C ALA YA 88 99.79 -3.23 57.21
N GLU YA 89 99.55 -2.75 55.98
CA GLU YA 89 100.26 -1.61 55.45
C GLU YA 89 99.30 -0.45 55.23
N LYS YA 90 99.70 0.73 55.72
CA LYS YA 90 98.94 1.95 55.49
C LYS YA 90 99.13 2.41 54.06
N VAL YA 91 98.02 2.71 53.38
CA VAL YA 91 98.11 3.08 51.97
C VAL YA 91 98.53 4.54 51.84
N ALA YA 92 99.03 4.88 50.65
CA ALA YA 92 99.43 6.23 50.31
C ALA YA 92 98.37 6.85 49.41
N THR YA 93 97.94 8.06 49.77
CA THR YA 93 96.90 8.81 49.04
C THR YA 93 95.61 7.98 48.96
N ARG YA 94 95.00 7.81 50.14
CA ARG YA 94 93.82 6.97 50.25
C ARG YA 94 92.65 7.49 49.41
N GLY YA 95 92.69 8.75 49.00
CA GLY YA 95 91.70 9.25 48.06
C GLY YA 95 91.80 8.64 46.68
N LEU YA 96 92.92 7.99 46.36
CA LEU YA 96 93.09 7.33 45.07
C LEU YA 96 92.66 5.88 45.06
N CYS YA 97 92.26 5.34 46.21
CA CYS YA 97 91.80 3.96 46.29
C CYS YA 97 90.28 3.93 46.14
N ALA YA 98 89.80 3.46 44.98
CA ALA YA 98 88.37 3.41 44.73
C ALA YA 98 87.66 2.48 45.71
N ILE YA 99 88.31 1.40 46.13
CA ILE YA 99 87.72 0.50 47.11
C ILE YA 99 87.48 1.23 48.43
N ALA YA 100 88.51 1.92 48.92
CA ALA YA 100 88.38 2.62 50.20
C ALA YA 100 87.33 3.73 50.12
N GLN YA 101 87.33 4.47 49.00
CA GLN YA 101 86.37 5.57 48.86
C GLN YA 101 84.95 5.05 48.75
N ALA YA 102 84.75 3.94 48.03
CA ALA YA 102 83.42 3.34 47.94
C ALA YA 102 82.95 2.82 49.29
N GLU YA 103 83.85 2.18 50.04
CA GLU YA 103 83.48 1.70 51.37
C GLU YA 103 83.16 2.85 52.31
N SER YA 104 83.91 3.96 52.19
CA SER YA 104 83.61 5.14 53.00
C SER YA 104 82.27 5.74 52.62
N LEU YA 105 81.95 5.74 51.32
CA LEU YA 105 80.63 6.23 50.90
C LEU YA 105 79.53 5.34 51.44
N ARG YA 106 79.74 4.02 51.44
CA ARG YA 106 78.74 3.12 52.01
C ARG YA 106 78.60 3.35 53.50
N TYR YA 107 79.71 3.61 54.19
CA TYR YA 107 79.66 3.94 55.61
C TYR YA 107 78.89 5.23 55.85
N LYS YA 108 79.11 6.24 55.00
CA LYS YA 108 78.38 7.50 55.12
C LYS YA 108 76.89 7.28 54.92
N LEU YA 109 76.52 6.50 53.91
CA LEU YA 109 75.12 6.23 53.64
C LEU YA 109 74.47 5.45 54.79
N LEU YA 110 75.20 4.49 55.35
CA LEU YA 110 74.69 3.75 56.50
C LEU YA 110 74.59 4.64 57.74
N GLY YA 111 75.40 5.71 57.79
CA GLY YA 111 75.30 6.63 58.91
C GLY YA 111 74.02 7.44 58.89
N GLY YA 112 73.41 7.58 57.72
CA GLY YA 112 72.16 8.32 57.61
C GLY YA 112 72.30 9.57 56.77
N LEU YA 113 73.49 9.79 56.22
CA LEU YA 113 73.73 10.96 55.39
C LEU YA 113 72.93 10.88 54.09
N ALA YA 114 72.50 12.05 53.62
CA ALA YA 114 71.88 12.13 52.31
C ALA YA 114 72.88 11.78 51.23
N VAL YA 115 72.39 11.12 50.17
CA VAL YA 115 73.27 10.68 49.11
C VAL YA 115 73.92 11.87 48.40
N ARG YA 116 73.19 12.99 48.28
CA ARG YA 116 73.71 14.14 47.57
C ARG YA 116 74.93 14.73 48.27
N ARG YA 117 74.79 15.02 49.56
CA ARG YA 117 75.90 15.62 50.31
C ARG YA 117 77.06 14.65 50.44
N ALA YA 118 76.77 13.36 50.70
CA ALA YA 118 77.84 12.38 50.85
C ALA YA 118 78.61 12.21 49.55
N CYS YA 119 77.91 12.13 48.43
CA CYS YA 119 78.58 12.01 47.14
C CYS YA 119 79.40 13.24 46.82
N TYR YA 120 78.86 14.44 47.09
CA TYR YA 120 79.64 15.65 46.87
C TYR YA 120 80.89 15.67 47.73
N GLY YA 121 80.78 15.27 49.00
CA GLY YA 121 81.94 15.25 49.86
C GLY YA 121 82.99 14.25 49.40
N VAL YA 122 82.56 13.06 49.00
CA VAL YA 122 83.50 12.05 48.52
C VAL YA 122 84.21 12.53 47.27
N LEU YA 123 83.45 13.11 46.33
CA LEU YA 123 84.04 13.63 45.10
C LEU YA 123 85.03 14.74 45.40
N ARG YA 124 84.65 15.67 46.29
CA ARG YA 124 85.54 16.77 46.64
C ARG YA 124 86.82 16.27 47.28
N PHE YA 125 86.71 15.31 48.19
CA PHE YA 125 87.90 14.77 48.85
C PHE YA 125 88.80 14.04 47.84
N ILE YA 126 88.20 13.30 46.91
CA ILE YA 126 89.00 12.57 45.93
C ILE YA 126 89.76 13.54 45.03
N MET YA 127 89.08 14.59 44.55
CA MET YA 127 89.77 15.57 43.72
C MET YA 127 90.78 16.38 44.52
N GLU YA 128 90.53 16.57 45.82
CA GLU YA 128 91.50 17.23 46.68
C GLU YA 128 92.76 16.39 46.81
N SER YA 129 92.60 15.06 46.85
CA SER YA 129 93.76 14.16 46.89
C SER YA 129 94.58 14.27 45.62
N GLY YA 130 93.96 14.67 44.50
CA GLY YA 130 94.68 14.87 43.28
C GLY YA 130 94.52 13.73 42.28
N ALA YA 131 93.71 13.95 41.25
CA ALA YA 131 93.48 12.96 40.22
C ALA YA 131 93.00 13.66 38.95
N LYS YA 132 93.10 12.96 37.82
CA LYS YA 132 92.64 13.53 36.56
C LYS YA 132 91.13 13.69 36.55
N GLY YA 133 90.41 12.82 37.24
CA GLY YA 133 88.96 12.93 37.30
C GLY YA 133 88.40 11.81 38.15
N CYS YA 134 87.16 12.02 38.58
CA CYS YA 134 86.47 11.05 39.41
C CYS YA 134 85.04 10.89 38.90
N GLU YA 135 84.47 9.72 39.18
CA GLU YA 135 83.10 9.44 38.74
C GLU YA 135 82.50 8.42 39.69
N VAL YA 136 81.36 8.76 40.29
CA VAL YA 136 80.65 7.87 41.21
C VAL YA 136 79.23 7.69 40.69
N VAL YA 137 78.73 6.46 40.77
CA VAL YA 137 77.40 6.12 40.30
C VAL YA 137 76.65 5.47 41.44
N VAL YA 138 75.42 5.93 41.69
CA VAL YA 138 74.57 5.41 42.75
C VAL YA 138 73.25 4.98 42.12
N SER YA 139 72.87 3.72 42.35
CA SER YA 139 71.61 3.17 41.86
C SER YA 139 70.90 2.45 42.99
N GLY YA 140 69.57 2.53 42.98
CA GLY YA 140 68.77 1.90 43.99
C GLY YA 140 67.41 2.56 44.09
N LYS YA 141 66.72 2.28 45.20
CA LYS YA 141 65.37 2.79 45.43
C LYS YA 141 65.44 4.19 46.07
N LEU YA 142 66.02 5.12 45.31
CA LEU YA 142 66.09 6.50 45.77
C LEU YA 142 64.72 7.15 45.73
N ARG YA 143 64.50 8.09 46.65
CA ARG YA 143 63.27 8.88 46.74
C ARG YA 143 62.04 7.98 46.84
N GLY YA 144 61.30 7.87 45.75
CA GLY YA 144 60.10 7.07 45.71
C GLY YA 144 60.38 5.61 45.39
N GLN YA 145 59.30 4.90 45.04
CA GLN YA 145 59.42 3.47 44.74
C GLN YA 145 60.18 3.23 43.43
N ARG YA 146 59.97 4.11 42.44
CA ARG YA 146 60.61 3.95 41.14
C ARG YA 146 62.12 4.10 41.27
N ALA YA 147 62.87 3.20 40.63
CA ALA YA 147 64.31 3.23 40.72
C ALA YA 147 64.89 4.40 39.92
N LYS YA 148 65.97 4.96 40.45
CA LYS YA 148 66.69 6.04 39.78
C LYS YA 148 68.18 5.83 39.97
N SER YA 149 68.96 6.42 39.07
CA SER YA 149 70.42 6.40 39.15
C SER YA 149 70.95 7.80 38.90
N MET YA 150 71.84 8.26 39.76
CA MET YA 150 72.43 9.59 39.65
C MET YA 150 73.94 9.44 39.49
N LYS YA 151 74.48 10.08 38.44
CA LYS YA 151 75.90 10.01 38.14
C LYS YA 151 76.53 11.38 38.41
N PHE YA 152 77.56 11.40 39.25
CA PHE YA 152 78.34 12.59 39.53
C PHE YA 152 79.74 12.37 38.98
N VAL YA 153 80.14 13.18 37.99
CA VAL YA 153 81.39 13.00 37.29
C VAL YA 153 82.06 14.35 37.11
N ASP YA 154 83.38 14.38 37.29
CA ASP YA 154 84.18 15.57 37.06
C ASP YA 154 85.56 15.16 36.61
N GLY YA 155 86.27 16.11 36.00
CA GLY YA 155 87.59 15.83 35.47
C GLY YA 155 87.54 14.93 34.25
N LEU YA 156 88.68 14.30 33.97
CA LEU YA 156 88.78 13.42 32.82
C LEU YA 156 88.43 11.98 33.21
N MET YA 157 87.87 11.26 32.24
CA MET YA 157 87.51 9.85 32.46
C MET YA 157 87.44 9.16 31.10
N ILE YA 158 88.43 8.31 30.83
CA ILE YA 158 88.42 7.52 29.60
C ILE YA 158 87.58 6.27 29.82
N HIS YA 159 87.18 5.64 28.72
CA HIS YA 159 86.29 4.49 28.82
C HIS YA 159 86.75 3.35 27.93
N SER YA 160 87.57 3.65 26.92
CA SER YA 160 87.90 2.69 25.89
C SER YA 160 89.41 2.53 25.75
N GLY YA 161 89.81 1.40 25.17
CA GLY YA 161 91.20 1.11 24.92
C GLY YA 161 91.86 0.37 26.06
N ASP YA 162 93.08 -0.06 25.80
CA ASP YA 162 93.89 -0.68 26.86
C ASP YA 162 94.17 0.24 28.05
N PRO YA 163 94.59 1.50 27.89
CA PRO YA 163 95.07 2.27 29.05
C PRO YA 163 94.07 2.45 30.16
N VAL YA 164 92.77 2.24 29.93
CA VAL YA 164 91.80 2.34 31.01
C VAL YA 164 92.06 1.27 32.07
N ASN YA 165 92.74 0.18 31.70
CA ASN YA 165 93.03 -0.88 32.67
C ASN YA 165 93.96 -0.38 33.77
N TYR YA 166 95.04 0.31 33.41
CA TYR YA 166 96.03 0.76 34.39
C TYR YA 166 95.93 2.25 34.68
N TYR YA 167 94.85 2.91 34.28
CA TYR YA 167 94.64 4.31 34.62
C TYR YA 167 93.39 4.57 35.45
N VAL YA 168 92.41 3.67 35.42
CA VAL YA 168 91.15 3.86 36.13
C VAL YA 168 90.95 2.67 37.06
N ASP YA 169 90.60 2.95 38.31
CA ASP YA 169 90.32 1.94 39.32
C ASP YA 169 88.82 1.90 39.55
N THR YA 170 88.23 0.70 39.52
CA THR YA 170 86.79 0.52 39.61
C THR YA 170 86.46 -0.31 40.86
N ALA YA 171 85.47 0.17 41.63
CA ALA YA 171 85.00 -0.54 42.80
C ALA YA 171 83.47 -0.60 42.76
N VAL YA 172 82.93 -1.77 43.13
CA VAL YA 172 81.48 -1.98 43.14
C VAL YA 172 81.08 -2.49 44.52
N ARG YA 173 80.17 -1.78 45.16
CA ARG YA 173 79.68 -2.15 46.49
C ARG YA 173 78.16 -2.10 46.53
N HIS YA 174 77.59 -2.97 47.36
CA HIS YA 174 76.17 -2.98 47.63
C HIS YA 174 75.90 -2.38 49.00
N VAL YA 175 74.82 -1.61 49.10
CA VAL YA 175 74.41 -0.97 50.34
C VAL YA 175 73.08 -1.55 50.75
N LEU YA 176 73.05 -2.21 51.90
CA LEU YA 176 71.83 -2.83 52.42
C LEU YA 176 71.03 -1.76 53.15
N LEU YA 177 70.17 -1.07 52.41
CA LEU YA 177 69.31 -0.05 52.99
C LEU YA 177 68.00 -0.68 53.47
N ARG YA 178 67.20 0.13 54.16
CA ARG YA 178 65.93 -0.37 54.68
C ARG YA 178 64.96 -0.73 53.57
N GLN YA 179 64.86 0.11 52.54
CA GLN YA 179 63.94 -0.14 51.43
C GLN YA 179 64.47 -1.15 50.43
N GLY YA 180 65.75 -1.47 50.46
CA GLY YA 180 66.32 -2.39 49.50
C GLY YA 180 67.83 -2.23 49.44
N VAL YA 181 68.38 -2.52 48.27
CA VAL YA 181 69.82 -2.51 48.04
C VAL YA 181 70.17 -1.34 47.14
N LEU YA 182 71.16 -0.55 47.56
CA LEU YA 182 71.67 0.56 46.78
C LEU YA 182 73.03 0.18 46.21
N GLY YA 183 73.22 0.42 44.92
CA GLY YA 183 74.47 0.08 44.26
C GLY YA 183 75.42 1.27 44.19
N ILE YA 184 76.70 0.98 44.42
CA ILE YA 184 77.76 1.99 44.37
C ILE YA 184 78.81 1.55 43.36
N LYS YA 185 79.09 2.42 42.39
CA LYS YA 185 80.16 2.20 41.43
C LYS YA 185 81.02 3.46 41.40
N VAL YA 186 82.33 3.28 41.54
CA VAL YA 186 83.28 4.39 41.62
C VAL YA 186 84.38 4.16 40.61
N LYS YA 187 84.59 5.15 39.74
CA LYS YA 187 85.73 5.17 38.84
C LYS YA 187 86.59 6.38 39.15
N ILE YA 188 87.89 6.17 39.29
CA ILE YA 188 88.84 7.24 39.57
C ILE YA 188 89.96 7.14 38.54
N MET YA 189 90.23 8.22 37.83
CA MET YA 189 91.30 8.27 36.85
C MET YA 189 92.61 8.56 37.58
N LEU YA 190 93.46 7.55 37.71
CA LEU YA 190 94.71 7.73 38.41
C LEU YA 190 95.66 8.59 37.58
N PRO YA 191 96.19 9.66 38.15
CA PRO YA 191 97.11 10.52 37.40
C PRO YA 191 98.44 9.82 37.15
N TRP YA 192 99.06 10.18 36.03
CA TRP YA 192 100.37 9.64 35.69
C TRP YA 192 101.44 10.19 36.63
N ASP YA 193 102.36 9.32 37.04
CA ASP YA 193 103.56 9.74 37.74
C ASP YA 193 104.69 8.82 37.30
N PRO YA 194 105.90 9.37 37.08
CA PRO YA 194 107.05 8.50 36.79
C PRO YA 194 107.39 7.58 37.95
N THR YA 195 107.16 8.02 39.19
CA THR YA 195 107.51 7.21 40.35
C THR YA 195 106.68 5.94 40.40
N GLY YA 196 105.39 6.04 40.10
CA GLY YA 196 104.53 4.88 40.04
C GLY YA 196 103.84 4.49 41.32
N LYS YA 197 104.14 5.17 42.43
CA LYS YA 197 103.49 4.85 43.70
C LYS YA 197 102.21 5.62 43.93
N ILE YA 198 101.84 6.52 43.02
CA ILE YA 198 100.51 7.13 43.04
C ILE YA 198 99.72 6.89 41.77
N GLY YA 199 100.33 6.31 40.73
CA GLY YA 199 99.64 6.05 39.49
C GLY YA 199 100.48 5.22 38.52
N PRO YA 200 100.00 5.07 37.29
CA PRO YA 200 100.78 4.34 36.28
C PRO YA 200 102.05 5.07 35.93
N LYS YA 201 103.09 4.30 35.59
CA LYS YA 201 104.33 4.92 35.13
C LYS YA 201 104.24 5.34 33.67
N LYS YA 202 103.51 4.59 32.85
CA LYS YA 202 103.40 4.91 31.45
C LYS YA 202 102.47 6.12 31.25
N PRO YA 203 102.79 7.01 30.32
CA PRO YA 203 101.89 8.12 30.02
C PRO YA 203 100.70 7.65 29.21
N LEU YA 204 99.80 8.58 28.93
CA LEU YA 204 98.69 8.26 28.05
C LEU YA 204 99.24 7.96 26.65
N PRO YA 205 98.73 6.92 25.99
CA PRO YA 205 99.28 6.53 24.69
C PRO YA 205 99.18 7.61 23.64
N ASP YA 206 98.13 8.44 23.68
CA ASP YA 206 97.99 9.54 22.75
C ASP YA 206 98.62 10.83 23.27
N HIS YA 207 99.09 10.85 24.51
CA HIS YA 207 99.68 12.06 25.07
C HIS YA 207 101.07 12.27 24.50
N VAL YA 208 101.37 13.49 24.07
CA VAL YA 208 102.65 13.84 23.48
C VAL YA 208 103.28 14.95 24.31
N SER YA 209 104.53 14.75 24.72
CA SER YA 209 105.30 15.77 25.42
C SER YA 209 106.59 16.03 24.64
N ILE YA 210 106.94 17.31 24.51
CA ILE YA 210 108.06 17.74 23.69
C ILE YA 210 109.03 18.52 24.58
N VAL YA 211 110.31 18.16 24.52
CA VAL YA 211 111.31 18.88 25.28
C VAL YA 211 111.58 20.23 24.62
N GLU YA 212 111.90 21.23 25.44
CA GLU YA 212 112.10 22.58 24.95
C GLU YA 212 113.53 22.75 24.42
N PRO YA 213 113.71 23.20 23.19
CA PRO YA 213 115.06 23.44 22.69
C PRO YA 213 115.69 24.66 23.34
N LYS YA 214 117.02 24.68 23.33
CA LYS YA 214 117.79 25.81 23.82
C LYS YA 214 118.00 26.80 22.68
N ASP YA 215 118.77 27.86 22.92
CA ASP YA 215 118.97 28.85 21.87
C ASP YA 215 119.97 28.35 20.83
N GLU YA 216 121.21 28.09 21.25
CA GLU YA 216 122.26 27.55 20.39
C GLU YA 216 122.43 28.40 19.12
N ILE YA 217 122.44 29.72 19.32
CA ILE YA 217 122.37 30.65 18.20
C ILE YA 217 123.62 30.56 17.33
N LEU YA 218 124.79 30.64 17.96
CA LEU YA 218 126.10 30.73 17.31
C LEU YA 218 126.07 31.87 16.30
N PRO YA 219 126.05 33.12 16.75
CA PRO YA 219 125.97 34.26 15.81
C PRO YA 219 127.32 34.90 15.45
N THR YA 220 128.43 34.40 15.97
CA THR YA 220 129.70 35.08 15.86
C THR YA 220 130.56 34.48 14.75
N THR YA 221 131.75 35.05 14.59
CA THR YA 221 132.72 34.55 13.64
C THR YA 221 133.22 33.17 14.07
N PRO YA 222 133.60 32.32 13.11
CA PRO YA 222 134.17 31.02 13.47
C PRO YA 222 135.45 31.16 14.29
N ILE YA 223 135.61 30.30 15.28
CA ILE YA 223 136.76 30.31 16.17
C ILE YA 223 137.33 28.90 16.27
N SER YA 224 138.46 28.80 16.95
CA SER YA 224 139.11 27.51 17.21
C SER YA 224 139.72 27.57 18.61
N GLU YA 225 139.13 26.85 19.56
CA GLU YA 225 139.54 26.89 20.95
C GLU YA 225 140.30 25.61 21.27
N GLN YA 226 141.50 25.75 21.82
CA GLN YA 226 142.33 24.61 22.16
C GLN YA 226 141.99 24.11 23.56
N LYS YA 227 141.62 22.83 23.65
CA LYS YA 227 141.26 22.25 24.94
C LYS YA 227 141.55 20.75 24.96
N ASP ZA 1 105.86 -24.32 -26.01
CA ASP ZA 1 106.91 -24.38 -25.00
C ASP ZA 1 106.32 -24.67 -23.62
N ILE ZA 2 105.23 -24.00 -23.30
CA ILE ZA 2 104.59 -24.18 -22.00
C ILE ZA 2 103.85 -25.50 -21.91
N LYS ZA 3 103.05 -25.83 -22.91
CA LYS ZA 3 102.41 -27.14 -23.06
C LYS ZA 3 101.55 -27.49 -21.85
N LEU ZA 4 100.46 -26.73 -21.71
CA LEU ZA 4 99.49 -26.99 -20.66
C LEU ZA 4 99.00 -28.43 -20.70
N PHE ZA 5 99.02 -29.09 -19.55
CA PHE ZA 5 98.76 -30.52 -19.41
C PHE ZA 5 99.80 -31.37 -20.15
N GLY ZA 6 100.98 -30.82 -20.40
CA GLY ZA 6 102.05 -31.56 -21.05
C GLY ZA 6 102.00 -31.58 -22.56
N LYS ZA 7 101.03 -30.92 -23.16
CA LYS ZA 7 100.88 -30.87 -24.61
C LYS ZA 7 100.05 -29.65 -24.96
N TRP ZA 8 99.57 -29.58 -26.20
CA TRP ZA 8 98.64 -28.53 -26.64
C TRP ZA 8 99.24 -27.14 -26.43
N SER ZA 9 100.27 -26.86 -27.23
CA SER ZA 9 100.97 -25.59 -27.18
C SER ZA 9 99.99 -24.42 -27.27
N THR ZA 10 100.23 -23.40 -26.43
CA THR ZA 10 99.28 -22.31 -26.27
C THR ZA 10 99.51 -21.16 -27.24
N ASP ZA 11 100.64 -21.16 -27.96
CA ASP ZA 11 100.98 -20.03 -28.81
C ASP ZA 11 100.09 -19.92 -30.03
N ASP ZA 12 99.57 -21.04 -30.54
CA ASP ZA 12 98.84 -21.07 -31.79
C ASP ZA 12 97.36 -20.71 -31.64
N VAL ZA 13 96.87 -20.53 -30.42
CA VAL ZA 13 95.46 -20.26 -30.20
C VAL ZA 13 95.16 -18.81 -30.59
N GLN ZA 14 94.14 -18.63 -31.40
CA GLN ZA 14 93.77 -17.32 -31.93
C GLN ZA 14 92.41 -16.91 -31.38
N ILE ZA 15 92.32 -15.68 -30.87
CA ILE ZA 15 91.04 -15.07 -30.55
C ILE ZA 15 90.57 -14.32 -31.79
N ASN ZA 16 89.43 -14.74 -32.32
CA ASN ZA 16 88.98 -14.27 -33.63
C ASN ZA 16 88.41 -12.85 -33.60
N ASP ZA 17 88.01 -12.35 -32.44
CA ASP ZA 17 87.43 -11.02 -32.33
C ASP ZA 17 88.18 -10.21 -31.29
N ILE ZA 18 88.42 -8.94 -31.61
CA ILE ZA 18 89.10 -8.04 -30.67
C ILE ZA 18 88.23 -7.64 -29.50
N SER ZA 19 86.95 -8.01 -29.51
CA SER ZA 19 86.04 -7.59 -28.45
C SER ZA 19 86.39 -8.24 -27.11
N LEU ZA 20 87.05 -9.40 -27.13
CA LEU ZA 20 87.35 -10.13 -25.91
C LEU ZA 20 88.82 -10.50 -25.77
N GLN ZA 21 89.66 -10.19 -26.75
CA GLN ZA 21 91.06 -10.59 -26.69
C GLN ZA 21 91.80 -9.89 -25.57
N ASP ZA 22 91.30 -8.75 -25.09
CA ASP ZA 22 91.83 -8.11 -23.90
C ASP ZA 22 91.54 -8.90 -22.64
N TYR ZA 23 90.60 -9.84 -22.69
CA TYR ZA 23 90.18 -10.58 -21.51
C TYR ZA 23 90.30 -12.09 -21.65
N ILE ZA 24 90.99 -12.59 -22.67
CA ILE ZA 24 91.31 -14.01 -22.78
C ILE ZA 24 92.80 -14.16 -22.54
N ALA ZA 25 93.16 -15.10 -21.66
CA ALA ZA 25 94.50 -15.19 -21.10
C ALA ZA 25 95.11 -16.57 -21.31
N VAL ZA 26 95.09 -17.05 -22.55
CA VAL ZA 26 95.81 -18.26 -22.92
C VAL ZA 26 97.12 -17.94 -23.64
N LYS ZA 27 97.60 -16.71 -23.53
CA LYS ZA 27 98.80 -16.29 -24.25
C LYS ZA 27 100.04 -16.73 -23.46
N GLU ZA 28 101.21 -16.59 -24.08
CA GLU ZA 28 102.44 -17.15 -23.49
C GLU ZA 28 102.79 -16.48 -22.17
N LYS ZA 29 102.39 -15.21 -21.97
CA LYS ZA 29 102.58 -14.60 -20.67
C LYS ZA 29 101.68 -15.23 -19.61
N TYR ZA 30 100.49 -15.66 -20.01
CA TYR ZA 30 99.52 -16.25 -19.11
C TYR ZA 30 99.45 -17.76 -19.25
N ALA ZA 31 100.36 -18.36 -20.00
CA ALA ZA 31 100.34 -19.81 -20.21
C ALA ZA 31 100.95 -20.51 -18.99
N LYS ZA 32 100.30 -21.58 -18.55
CA LYS ZA 32 100.75 -22.35 -17.40
C LYS ZA 32 100.85 -23.82 -17.76
N TYR ZA 33 101.75 -24.53 -17.08
CA TYR ZA 33 101.84 -25.97 -17.24
C TYR ZA 33 100.59 -26.67 -16.75
N LEU ZA 34 100.00 -26.16 -15.67
CA LEU ZA 34 98.86 -26.78 -15.02
C LEU ZA 34 97.99 -25.67 -14.47
N PRO ZA 35 96.68 -25.71 -14.70
CA PRO ZA 35 95.82 -24.60 -14.27
C PRO ZA 35 95.48 -24.67 -12.78
N HIS ZA 36 96.48 -24.38 -11.95
CA HIS ZA 36 96.25 -24.34 -10.50
C HIS ZA 36 97.28 -23.40 -9.90
N SER ZA 37 96.86 -22.17 -9.59
CA SER ZA 37 97.77 -21.19 -9.01
C SER ZA 37 96.95 -20.27 -8.12
N ALA ZA 38 97.11 -20.41 -6.81
CA ALA ZA 38 96.39 -19.58 -5.84
C ALA ZA 38 97.06 -18.20 -5.80
N GLY ZA 39 96.82 -17.44 -6.86
CA GLY ZA 39 97.49 -16.17 -7.08
C GLY ZA 39 96.74 -14.93 -6.66
N ARG ZA 40 95.72 -15.06 -5.79
CA ARG ZA 40 94.96 -13.92 -5.28
C ARG ZA 40 94.34 -13.11 -6.42
N TYR ZA 41 93.73 -13.81 -7.37
CA TYR ZA 41 93.12 -13.16 -8.52
C TYR ZA 41 91.84 -12.43 -8.18
N ALA ZA 42 91.18 -12.77 -7.08
CA ALA ZA 42 89.96 -12.10 -6.64
C ALA ZA 42 90.25 -10.98 -5.64
N ALA ZA 43 91.53 -10.70 -5.36
CA ALA ZA 43 91.87 -9.70 -4.37
C ALA ZA 43 91.45 -8.31 -4.79
N LYS ZA 44 91.60 -7.98 -6.07
CA LYS ZA 44 91.29 -6.65 -6.56
C LYS ZA 44 90.46 -6.74 -7.83
N ARG ZA 45 89.73 -5.67 -8.11
CA ARG ZA 45 88.97 -5.54 -9.34
C ARG ZA 45 89.87 -5.70 -10.55
N PHE ZA 46 89.35 -6.39 -11.57
CA PHE ZA 46 90.02 -6.63 -12.85
C PHE ZA 46 91.28 -7.48 -12.73
N ARG ZA 47 91.54 -8.07 -11.57
CA ARG ZA 47 92.71 -8.95 -11.46
C ARG ZA 47 92.43 -10.33 -12.03
N LYS ZA 48 91.17 -10.67 -12.25
CA LYS ZA 48 90.84 -11.94 -12.88
C LYS ZA 48 90.98 -11.90 -14.40
N ALA ZA 49 91.10 -10.70 -14.98
CA ALA ZA 49 91.27 -10.60 -16.42
C ALA ZA 49 92.59 -11.20 -16.86
N GLN ZA 50 93.66 -10.92 -16.13
CA GLN ZA 50 94.97 -11.49 -16.42
C GLN ZA 50 95.10 -12.93 -15.95
N CYS ZA 51 94.14 -13.44 -15.20
CA CYS ZA 51 94.13 -14.85 -14.84
C CYS ZA 51 93.81 -15.70 -16.06
N PRO ZA 52 94.51 -16.81 -16.26
CA PRO ZA 52 94.20 -17.68 -17.40
C PRO ZA 52 92.79 -18.23 -17.33
N ILE ZA 53 92.16 -18.34 -18.50
CA ILE ZA 53 90.74 -18.70 -18.54
C ILE ZA 53 90.53 -20.17 -18.22
N VAL ZA 54 91.55 -21.01 -18.39
CA VAL ZA 54 91.43 -22.41 -17.96
C VAL ZA 54 91.34 -22.48 -16.45
N GLU ZA 55 92.08 -21.63 -15.75
CA GLU ZA 55 91.92 -21.49 -14.31
C GLU ZA 55 90.51 -21.00 -13.97
N ARG ZA 56 89.95 -20.11 -14.78
CA ARG ZA 56 88.59 -19.64 -14.56
C ARG ZA 56 87.59 -20.78 -14.70
N LEU ZA 57 87.76 -21.62 -15.72
CA LEU ZA 57 86.90 -22.78 -15.88
C LEU ZA 57 87.05 -23.75 -14.71
N THR ZA 58 88.28 -23.98 -14.27
CA THR ZA 58 88.52 -24.88 -13.15
C THR ZA 58 87.86 -24.37 -11.88
N ASN ZA 59 87.96 -23.06 -11.62
CA ASN ZA 59 87.31 -22.48 -10.44
C ASN ZA 59 85.80 -22.52 -10.58
N SER ZA 60 85.29 -22.36 -11.80
CA SER ZA 60 83.85 -22.32 -12.02
C SER ZA 60 83.22 -23.71 -12.12
N MET ZA 61 83.98 -24.72 -12.50
CA MET ZA 61 83.40 -26.05 -12.68
C MET ZA 61 83.12 -26.75 -11.35
N MET ZA 62 83.74 -26.30 -10.26
CA MET ZA 62 83.54 -26.89 -8.94
C MET ZA 62 82.43 -26.12 -8.23
N MET ZA 63 81.22 -26.64 -8.30
CA MET ZA 63 80.04 -25.97 -7.74
C MET ZA 63 79.07 -27.01 -7.19
N HIS ZA 64 77.93 -26.51 -6.71
CA HIS ZA 64 76.80 -27.32 -6.25
C HIS ZA 64 77.13 -28.15 -5.02
N GLY ZA 65 77.68 -27.48 -4.01
CA GLY ZA 65 77.80 -28.06 -2.68
C GLY ZA 65 78.81 -29.17 -2.54
N ARG ZA 66 78.63 -30.25 -3.31
CA ARG ZA 66 79.55 -31.37 -3.25
C ARG ZA 66 80.92 -31.00 -3.81
N ASN ZA 67 81.02 -29.86 -4.49
CA ASN ZA 67 82.25 -29.42 -5.12
C ASN ZA 67 82.50 -27.98 -4.70
N ASN ZA 68 83.19 -27.80 -3.59
CA ASN ZA 68 83.63 -26.48 -3.15
C ASN ZA 68 85.09 -26.44 -2.74
N GLY ZA 69 85.73 -27.59 -2.59
CA GLY ZA 69 87.17 -27.63 -2.37
C GLY ZA 69 87.83 -28.64 -3.29
N LYS ZA 70 87.01 -29.45 -3.96
CA LYS ZA 70 87.53 -30.51 -4.81
C LYS ZA 70 88.03 -29.96 -6.13
N LYS ZA 71 89.09 -29.14 -6.08
CA LYS ZA 71 89.66 -28.58 -7.29
C LYS ZA 71 90.50 -29.58 -8.06
N LEU ZA 72 91.14 -30.52 -7.37
CA LEU ZA 72 91.99 -31.50 -8.06
C LEU ZA 72 91.16 -32.38 -9.00
N MET ZA 73 89.99 -32.81 -8.53
CA MET ZA 73 89.08 -33.55 -9.39
C MET ZA 73 88.65 -32.70 -10.57
N THR ZA 74 88.45 -31.41 -10.36
CA THR ZA 74 88.10 -30.52 -11.46
C THR ZA 74 89.24 -30.43 -12.48
N VAL ZA 75 90.49 -30.36 -12.00
CA VAL ZA 75 91.63 -30.31 -12.90
C VAL ZA 75 91.72 -31.59 -13.73
N ARG ZA 76 91.53 -32.74 -13.08
CA ARG ZA 76 91.58 -34.00 -13.82
C ARG ZA 76 90.41 -34.12 -14.80
N ILE ZA 77 89.25 -33.56 -14.45
CA ILE ZA 77 88.11 -33.56 -15.35
C ILE ZA 77 88.40 -32.69 -16.56
N VAL ZA 78 89.05 -31.55 -16.35
CA VAL ZA 78 89.43 -30.67 -17.46
C VAL ZA 78 90.41 -31.37 -18.37
N LYS ZA 79 91.40 -32.08 -17.81
CA LYS ZA 79 92.35 -32.82 -18.63
C LYS ZA 79 91.63 -33.89 -19.45
N HIS ZA 80 90.72 -34.63 -18.82
CA HIS ZA 80 89.97 -35.67 -19.53
C HIS ZA 80 89.14 -35.07 -20.65
N ALA ZA 81 88.46 -33.95 -20.39
CA ALA ZA 81 87.65 -33.32 -21.42
C ALA ZA 81 88.50 -32.80 -22.55
N PHE ZA 82 89.70 -32.27 -22.24
CA PHE ZA 82 90.61 -31.84 -23.29
C PHE ZA 82 91.06 -32.99 -24.16
N GLU ZA 83 91.40 -34.14 -23.55
CA GLU ZA 83 91.74 -35.32 -24.34
C GLU ZA 83 90.57 -35.74 -25.21
N ILE ZA 84 89.36 -35.73 -24.65
CA ILE ZA 84 88.17 -36.14 -25.40
C ILE ZA 84 87.96 -35.22 -26.60
N ILE ZA 85 88.02 -33.91 -26.41
CA ILE ZA 85 87.74 -33.01 -27.52
C ILE ZA 85 88.86 -33.04 -28.54
N HIS ZA 86 90.11 -33.27 -28.11
CA HIS ZA 86 91.18 -33.38 -29.09
C HIS ZA 86 91.06 -34.64 -29.92
N LEU ZA 87 90.60 -35.74 -29.32
CA LEU ZA 87 90.34 -36.93 -30.11
C LEU ZA 87 89.15 -36.72 -31.04
N LEU ZA 88 88.12 -36.03 -30.57
CA LEU ZA 88 86.89 -35.89 -31.34
C LEU ZA 88 87.06 -34.94 -32.52
N THR ZA 89 87.86 -33.89 -32.34
CA THR ZA 89 88.02 -32.87 -33.38
C THR ZA 89 89.38 -32.87 -34.05
N GLY ZA 90 90.45 -33.20 -33.33
CA GLY ZA 90 91.78 -33.27 -33.89
C GLY ZA 90 92.62 -32.02 -33.75
N GLU ZA 91 92.03 -30.90 -33.36
CA GLU ZA 91 92.76 -29.65 -33.28
C GLU ZA 91 93.08 -29.32 -31.82
N ASN ZA 92 93.61 -28.13 -31.59
CA ASN ZA 92 93.99 -27.71 -30.25
C ASN ZA 92 92.75 -27.53 -29.38
N PRO ZA 93 92.69 -28.20 -28.22
CA PRO ZA 93 91.53 -28.00 -27.32
C PRO ZA 93 91.33 -26.56 -26.90
N LEU ZA 94 92.42 -25.81 -26.67
CA LEU ZA 94 92.28 -24.45 -26.19
C LEU ZA 94 91.64 -23.54 -27.23
N GLN ZA 95 91.90 -23.79 -28.51
CA GLN ZA 95 91.23 -23.03 -29.55
C GLN ZA 95 89.73 -23.31 -29.55
N VAL ZA 96 89.34 -24.57 -29.31
CA VAL ZA 96 87.92 -24.92 -29.21
C VAL ZA 96 87.30 -24.20 -28.01
N LEU ZA 97 88.01 -24.16 -26.89
CA LEU ZA 97 87.50 -23.46 -25.71
C LEU ZA 97 87.33 -21.97 -25.98
N VAL ZA 98 88.29 -21.37 -26.69
CA VAL ZA 98 88.19 -19.95 -27.03
C VAL ZA 98 87.00 -19.70 -27.95
N ASN ZA 99 86.77 -20.59 -28.91
CA ASN ZA 99 85.61 -20.47 -29.78
C ASN ZA 99 84.31 -20.58 -28.99
N ALA ZA 100 84.27 -21.50 -28.03
CA ALA ZA 100 83.08 -21.64 -27.18
C ALA ZA 100 82.86 -20.38 -26.35
N ILE ZA 101 83.93 -19.79 -25.82
CA ILE ZA 101 83.81 -18.55 -25.06
C ILE ZA 101 83.28 -17.43 -25.94
N ILE ZA 102 83.78 -17.33 -27.17
CA ILE ZA 102 83.33 -16.28 -28.08
C ILE ZA 102 81.86 -16.46 -28.43
N ASN ZA 103 81.47 -17.69 -28.75
CA ASN ZA 103 80.11 -17.95 -29.22
C ASN ZA 103 79.10 -18.12 -28.09
N SER ZA 104 79.54 -18.15 -26.84
CA SER ZA 104 78.61 -18.35 -25.73
C SER ZA 104 78.13 -17.06 -25.09
N GLY ZA 105 78.90 -15.99 -25.17
CA GLY ZA 105 78.55 -14.75 -24.53
C GLY ZA 105 77.38 -14.04 -25.17
N PRO ZA 106 76.45 -13.54 -24.36
CA PRO ZA 106 75.33 -12.75 -24.88
C PRO ZA 106 75.74 -11.29 -25.02
N ARG ZA 107 75.61 -10.76 -26.25
CA ARG ZA 107 76.17 -9.44 -26.54
C ARG ZA 107 75.36 -8.32 -25.88
N GLU ZA 108 74.18 -8.63 -25.35
CA GLU ZA 108 73.39 -7.62 -24.66
C GLU ZA 108 72.49 -8.32 -23.65
N ASP ZA 109 71.99 -7.53 -22.70
CA ASP ZA 109 71.15 -8.05 -21.63
C ASP ZA 109 70.09 -6.97 -21.32
N SER ZA 110 69.28 -7.22 -20.30
CA SER ZA 110 68.26 -6.27 -19.89
C SER ZA 110 68.14 -6.31 -18.37
N THR ZA 111 68.11 -5.14 -17.74
CA THR ZA 111 67.93 -5.08 -16.30
C THR ZA 111 67.32 -3.75 -15.89
N ARG ZA 112 66.39 -3.82 -14.95
CA ARG ZA 112 65.74 -2.66 -14.35
C ARG ZA 112 64.96 -3.14 -13.14
N ILE ZA 113 64.30 -2.22 -12.43
CA ILE ZA 113 63.72 -2.47 -11.12
C ILE ZA 113 62.21 -2.21 -11.11
N GLY ZA 114 61.78 -1.14 -11.76
CA GLY ZA 114 60.39 -0.72 -11.67
C GLY ZA 114 59.42 -1.55 -12.46
N ARG ZA 115 58.40 -0.91 -13.03
CA ARG ZA 115 57.33 -1.61 -13.73
C ARG ZA 115 57.89 -2.21 -15.01
N ALA ZA 116 58.36 -3.45 -14.93
CA ALA ZA 116 59.04 -4.09 -16.04
C ALA ZA 116 58.10 -4.31 -17.21
N GLY ZA 117 58.61 -4.09 -18.42
CA GLY ZA 117 57.82 -4.31 -19.62
C GLY ZA 117 57.51 -5.77 -19.86
N THR ZA 118 58.55 -6.55 -20.14
CA THR ZA 118 58.42 -8.00 -20.31
C THR ZA 118 59.15 -8.74 -19.19
N VAL ZA 119 60.47 -8.54 -19.08
CA VAL ZA 119 61.24 -9.04 -17.95
C VAL ZA 119 61.88 -7.84 -17.27
N ARG ZA 120 62.50 -6.98 -18.08
CA ARG ZA 120 63.11 -5.74 -17.61
C ARG ZA 120 62.76 -4.61 -18.56
N ARG ZA 121 62.88 -3.38 -18.05
CA ARG ZA 121 62.35 -2.23 -18.77
C ARG ZA 121 63.20 -1.87 -19.98
N GLN ZA 122 64.52 -1.99 -19.87
CA GLN ZA 122 65.41 -1.59 -20.96
C GLN ZA 122 66.47 -2.66 -21.22
N ALA ZA 123 66.93 -2.69 -22.47
CA ALA ZA 123 67.98 -3.62 -22.89
C ALA ZA 123 69.34 -2.95 -22.78
N VAL ZA 124 70.26 -3.59 -22.07
CA VAL ZA 124 71.56 -3.02 -21.77
C VAL ZA 124 72.65 -3.94 -22.31
N ASP ZA 125 73.53 -3.39 -23.13
CA ASP ZA 125 74.69 -4.15 -23.58
C ASP ZA 125 75.64 -4.40 -22.43
N VAL ZA 126 76.39 -5.50 -22.53
CA VAL ZA 126 77.23 -5.97 -21.43
C VAL ZA 126 78.69 -5.70 -21.77
N SER ZA 127 79.51 -5.69 -20.72
CA SER ZA 127 80.95 -5.55 -20.85
C SER ZA 127 81.56 -6.85 -21.36
N PRO ZA 128 82.73 -6.78 -21.99
CA PRO ZA 128 83.41 -8.02 -22.39
C PRO ZA 128 83.74 -8.94 -21.22
N LEU ZA 129 84.10 -8.37 -20.07
CA LEU ZA 129 84.37 -9.19 -18.90
C LEU ZA 129 83.11 -9.89 -18.42
N ARG ZA 130 81.96 -9.19 -18.47
CA ARG ZA 130 80.70 -9.85 -18.18
C ARG ZA 130 80.37 -10.91 -19.21
N ARG ZA 131 80.77 -10.70 -20.46
CA ARG ZA 131 80.62 -11.74 -21.47
C ARG ZA 131 81.40 -12.99 -21.08
N VAL ZA 132 82.64 -12.81 -20.63
CA VAL ZA 132 83.46 -13.94 -20.21
C VAL ZA 132 82.83 -14.65 -19.01
N ASN ZA 133 82.39 -13.87 -18.01
CA ASN ZA 133 81.78 -14.46 -16.82
C ASN ZA 133 80.54 -15.25 -17.17
N GLN ZA 134 79.64 -14.67 -17.95
CA GLN ZA 134 78.41 -15.33 -18.33
C GLN ZA 134 78.68 -16.57 -19.17
N ALA ZA 135 79.64 -16.50 -20.10
CA ALA ZA 135 79.95 -17.64 -20.95
C ALA ZA 135 80.49 -18.80 -20.12
N ILE ZA 136 81.43 -18.53 -19.22
CA ILE ZA 136 81.99 -19.60 -18.40
C ILE ZA 136 80.91 -20.20 -17.50
N TRP ZA 137 80.09 -19.34 -16.88
CA TRP ZA 137 79.04 -19.82 -16.00
C TRP ZA 137 78.04 -20.68 -16.76
N LEU ZA 138 77.65 -20.25 -17.97
CA LEU ZA 138 76.70 -21.00 -18.77
C LEU ZA 138 77.28 -22.34 -19.21
N LEU ZA 139 78.56 -22.36 -19.59
CA LEU ZA 139 79.17 -23.61 -20.02
C LEU ZA 139 79.25 -24.61 -18.88
N CYS ZA 140 79.69 -24.16 -17.70
CA CYS ZA 140 79.72 -25.05 -16.55
C CYS ZA 140 78.32 -25.51 -16.16
N THR ZA 141 77.33 -24.62 -16.25
CA THR ZA 141 75.96 -24.99 -15.91
C THR ZA 141 75.42 -26.05 -16.87
N GLY ZA 142 75.62 -25.84 -18.17
CA GLY ZA 142 75.16 -26.81 -19.15
C GLY ZA 142 75.86 -28.15 -18.99
N ALA ZA 143 77.15 -28.13 -18.71
CA ALA ZA 143 77.86 -29.38 -18.43
C ALA ZA 143 77.32 -30.07 -17.19
N ARG ZA 144 77.00 -29.31 -16.13
CA ARG ZA 144 76.52 -29.90 -14.89
C ARG ZA 144 75.16 -30.57 -15.09
N GLU ZA 145 74.19 -29.85 -15.68
CA GLU ZA 145 72.91 -30.49 -15.93
C GLU ZA 145 72.96 -31.50 -17.06
N ALA ZA 146 74.04 -31.55 -17.83
CA ALA ZA 146 74.16 -32.58 -18.85
C ALA ZA 146 74.51 -33.93 -18.22
N ALA ZA 147 75.19 -33.92 -17.08
CA ALA ZA 147 75.67 -35.14 -16.43
C ALA ZA 147 74.92 -35.47 -15.15
N PHE ZA 148 73.77 -34.87 -14.90
CA PHE ZA 148 73.15 -35.01 -13.59
C PHE ZA 148 72.61 -36.42 -13.36
N ARG ZA 149 71.72 -36.88 -14.23
CA ARG ZA 149 71.05 -38.15 -14.01
C ARG ZA 149 71.17 -39.05 -15.24
N ASN ZA 150 72.38 -39.19 -15.75
CA ASN ZA 150 72.67 -40.13 -16.83
C ASN ZA 150 74.01 -40.81 -16.54
N ILE ZA 151 74.25 -41.92 -17.24
CA ILE ZA 151 75.50 -42.65 -17.08
C ILE ZA 151 76.68 -41.87 -17.66
N LYS ZA 152 76.44 -40.97 -18.60
CA LYS ZA 152 77.53 -40.25 -19.24
C LYS ZA 152 78.18 -39.31 -18.23
N THR ZA 153 79.48 -39.52 -18.01
CA THR ZA 153 80.18 -38.82 -16.94
C THR ZA 153 80.38 -37.35 -17.29
N ILE ZA 154 80.83 -36.59 -16.29
CA ILE ZA 154 80.91 -35.14 -16.43
C ILE ZA 154 81.96 -34.72 -17.44
N ALA ZA 155 82.99 -35.55 -17.65
CA ALA ZA 155 84.03 -35.20 -18.62
C ALA ZA 155 83.45 -35.11 -20.03
N GLU ZA 156 82.70 -36.12 -20.45
CA GLU ZA 156 82.11 -36.10 -21.78
C GLU ZA 156 81.08 -34.98 -21.92
N CYS ZA 157 80.38 -34.67 -20.83
CA CYS ZA 157 79.37 -33.61 -20.88
C CYS ZA 157 80.01 -32.24 -21.04
N LEU ZA 158 81.06 -31.97 -20.28
CA LEU ZA 158 81.83 -30.74 -20.50
C LEU ZA 158 82.40 -30.71 -21.91
N ALA ZA 159 82.88 -31.86 -22.38
CA ALA ZA 159 83.49 -31.93 -23.71
C ALA ZA 159 82.50 -31.58 -24.80
N ASP ZA 160 81.33 -32.23 -24.81
CA ASP ZA 160 80.39 -31.97 -25.89
C ASP ZA 160 79.68 -30.63 -25.72
N GLU ZA 161 79.56 -30.12 -24.49
CA GLU ZA 161 79.09 -28.74 -24.32
C GLU ZA 161 80.03 -27.76 -25.00
N LEU ZA 162 81.34 -27.90 -24.74
CA LEU ZA 162 82.31 -27.04 -25.41
C LEU ZA 162 82.29 -27.24 -26.93
N ILE ZA 163 82.17 -28.48 -27.38
CA ILE ZA 163 82.19 -28.77 -28.81
C ILE ZA 163 81.01 -28.11 -29.51
N ASN ZA 164 79.80 -28.26 -28.95
CA ASN ZA 164 78.63 -27.68 -29.57
C ASN ZA 164 78.63 -26.17 -29.46
N ALA ZA 165 79.20 -25.62 -28.38
CA ALA ZA 165 79.26 -24.18 -28.23
C ALA ZA 165 80.25 -23.56 -29.20
N ALA ZA 166 81.34 -24.27 -29.52
CA ALA ZA 166 82.37 -23.72 -30.39
C ALA ZA 166 81.86 -23.54 -31.81
N LYS ZA 167 80.91 -24.36 -32.25
CA LYS ZA 167 80.35 -24.21 -33.58
C LYS ZA 167 79.02 -23.47 -33.56
N GLY ZA 168 78.11 -23.89 -32.70
CA GLY ZA 168 76.78 -23.30 -32.62
C GLY ZA 168 75.77 -24.17 -33.33
N SER ZA 169 75.01 -24.95 -32.56
CA SER ZA 169 74.09 -25.92 -33.15
C SER ZA 169 72.77 -26.06 -32.40
N SER ZA 170 72.46 -25.16 -31.46
CA SER ZA 170 71.28 -25.20 -30.62
C SER ZA 170 71.18 -26.46 -29.77
N ASN ZA 171 72.25 -27.25 -29.71
CA ASN ZA 171 72.27 -28.46 -28.90
C ASN ZA 171 72.99 -28.28 -27.58
N SER ZA 172 73.63 -27.14 -27.37
CA SER ZA 172 74.29 -26.84 -26.11
C SER ZA 172 73.45 -25.84 -25.31
N TYR ZA 173 73.39 -26.06 -24.00
CA TYR ZA 173 72.56 -25.23 -23.13
C TYR ZA 173 73.01 -23.78 -23.14
N ALA ZA 174 74.32 -23.54 -23.23
CA ALA ZA 174 74.85 -22.18 -23.11
C ALA ZA 174 74.34 -21.28 -24.23
N ILE ZA 175 74.49 -21.72 -25.48
CA ILE ZA 175 74.03 -20.88 -26.58
C ILE ZA 175 72.51 -20.81 -26.67
N LYS ZA 176 71.79 -21.82 -26.16
CA LYS ZA 176 70.34 -21.74 -26.10
C LYS ZA 176 69.90 -20.63 -25.16
N LYS ZA 177 70.47 -20.60 -23.95
CA LYS ZA 177 70.17 -19.52 -23.03
C LYS ZA 177 70.64 -18.19 -23.56
N LYS ZA 178 71.76 -18.19 -24.31
CA LYS ZA 178 72.25 -16.97 -24.93
C LYS ZA 178 71.25 -16.42 -25.93
N ASP ZA 179 70.70 -17.29 -26.78
CA ASP ZA 179 69.70 -16.86 -27.75
C ASP ZA 179 68.43 -16.38 -27.06
N GLU ZA 180 68.05 -17.04 -25.97
CA GLU ZA 180 66.89 -16.56 -25.21
C GLU ZA 180 67.14 -15.16 -24.65
N LEU ZA 181 68.35 -14.92 -24.13
CA LEU ZA 181 68.70 -13.59 -23.63
C LEU ZA 181 68.68 -12.57 -24.74
N GLU ZA 182 69.20 -12.94 -25.93
CA GLU ZA 182 69.19 -12.03 -27.07
C GLU ZA 182 67.77 -11.67 -27.46
N ARG ZA 183 66.87 -12.66 -27.51
CA ARG ZA 183 65.49 -12.40 -27.87
C ARG ZA 183 64.81 -11.52 -26.83
N VAL ZA 184 65.06 -11.78 -25.55
CA VAL ZA 184 64.46 -10.99 -24.49
C VAL ZA 184 64.93 -9.54 -24.57
N ALA ZA 185 66.23 -9.33 -24.77
CA ALA ZA 185 66.76 -7.97 -24.86
C ALA ZA 185 66.26 -7.27 -26.11
N LYS ZA 186 66.17 -7.98 -27.23
CA LYS ZA 186 65.66 -7.38 -28.46
C LYS ZA 186 64.20 -6.96 -28.29
N SER ZA 187 63.41 -7.78 -27.59
CA SER ZA 187 62.05 -7.39 -27.29
C SER ZA 187 62.00 -6.20 -26.33
N ASN ZA 188 62.97 -6.10 -25.42
CA ASN ZA 188 63.01 -5.04 -24.43
C ASN ZA 188 63.82 -3.83 -24.88
N ARG ZA 189 63.93 -3.62 -26.19
CA ARG ZA 189 64.65 -2.47 -26.71
C ARG ZA 189 63.87 -1.19 -26.48
N MET AB 1 69.97 -29.01 69.87
CA MET AB 1 70.97 -29.97 69.43
C MET AB 1 71.17 -31.10 70.43
N LEU AB 2 71.09 -32.33 69.94
CA LEU AB 2 71.16 -33.52 70.77
C LEU AB 2 72.58 -34.02 70.97
N MET AB 3 73.58 -33.26 70.54
CA MET AB 3 74.97 -33.70 70.63
C MET AB 3 75.40 -33.84 72.10
N PRO AB 4 76.27 -34.81 72.42
CA PRO AB 4 76.57 -35.09 73.82
C PRO AB 4 77.54 -34.12 74.47
N LYS AB 5 77.91 -34.40 75.72
CA LYS AB 5 78.94 -33.62 76.39
C LYS AB 5 80.32 -33.89 75.80
N LYS AB 6 80.67 -35.18 75.64
CA LYS AB 6 82.05 -35.60 75.41
C LYS AB 6 82.68 -34.96 74.20
N ASN AB 7 81.88 -34.58 73.20
CA ASN AB 7 82.38 -33.76 72.10
C ASN AB 7 82.16 -32.28 72.32
N ARG AB 8 81.18 -31.90 73.16
CA ARG AB 8 80.96 -30.48 73.45
C ARG AB 8 82.17 -29.88 74.15
N ILE AB 9 82.70 -30.58 75.17
CA ILE AB 9 83.91 -30.11 75.84
C ILE AB 9 85.10 -30.09 74.89
N ALA AB 10 85.18 -31.09 74.00
CA ALA AB 10 86.29 -31.12 73.04
C ALA AB 10 86.26 -29.91 72.10
N ILE AB 11 85.09 -29.61 71.54
CA ILE AB 11 84.96 -28.45 70.67
C ILE AB 11 85.21 -27.17 71.45
N TYR AB 12 84.73 -27.10 72.69
CA TYR AB 12 84.92 -25.91 73.51
C TYR AB 12 86.40 -25.68 73.80
N GLU AB 13 87.14 -26.73 74.12
CA GLU AB 13 88.55 -26.56 74.44
C GLU AB 13 89.38 -26.29 73.19
N LEU AB 14 88.95 -26.82 72.03
CA LEU AB 14 89.59 -26.41 70.79
C LEU AB 14 89.37 -24.93 70.54
N LEU AB 15 88.15 -24.45 70.77
CA LEU AB 15 87.82 -23.05 70.59
C LEU AB 15 88.53 -22.14 71.59
N PHE AB 16 88.88 -22.65 72.76
CA PHE AB 16 89.58 -21.82 73.73
C PHE AB 16 91.09 -21.89 73.60
N LYS AB 17 91.63 -23.00 73.10
CA LYS AB 17 93.08 -23.14 73.01
C LYS AB 17 93.68 -22.14 72.04
N GLU AB 18 92.94 -21.79 70.99
CA GLU AB 18 93.30 -20.72 70.09
C GLU AB 18 92.06 -19.85 69.87
N GLY AB 19 92.29 -18.56 69.62
CA GLY AB 19 91.21 -17.58 69.65
C GLY AB 19 90.12 -17.79 68.63
N VAL AB 20 90.37 -18.54 67.56
CA VAL AB 20 89.41 -18.70 66.48
C VAL AB 20 89.28 -20.18 66.14
N MET AB 21 88.38 -20.47 65.21
CA MET AB 21 88.28 -21.79 64.59
C MET AB 21 87.57 -21.63 63.25
N VAL AB 22 87.90 -22.51 62.30
CA VAL AB 22 87.43 -22.42 60.94
C VAL AB 22 86.62 -23.67 60.62
N ALA AB 23 85.42 -23.49 60.09
CA ALA AB 23 84.54 -24.60 59.75
C ALA AB 23 83.92 -24.36 58.38
N LYS AB 24 84.07 -25.33 57.49
CA LYS AB 24 83.41 -25.28 56.18
C LYS AB 24 81.92 -25.52 56.34
N LYS AB 25 81.13 -24.84 55.49
CA LYS AB 25 79.69 -25.09 55.47
C LYS AB 25 79.38 -26.36 54.70
N ASP AB 26 79.26 -27.48 55.43
CA ASP AB 26 78.80 -28.73 54.83
C ASP AB 26 78.17 -29.54 55.97
N VAL AB 27 76.83 -29.53 56.02
CA VAL AB 27 76.13 -30.20 57.10
C VAL AB 27 76.22 -31.73 56.97
N HIS AB 28 76.62 -32.23 55.81
CA HIS AB 28 76.73 -33.67 55.59
C HIS AB 28 78.18 -34.14 55.61
N MET AB 29 79.11 -33.32 56.10
CA MET AB 29 80.50 -33.73 56.18
C MET AB 29 80.63 -34.81 57.25
N PRO AB 30 81.19 -35.97 56.91
CA PRO AB 30 81.31 -37.04 57.92
C PRO AB 30 82.19 -36.67 59.09
N LYS AB 31 83.21 -35.84 58.87
CA LYS AB 31 84.15 -35.52 59.92
C LYS AB 31 84.74 -34.13 59.71
N HIS AB 32 84.69 -33.33 60.77
CA HIS AB 32 85.37 -32.03 60.78
C HIS AB 32 86.87 -32.25 60.64
N PRO AB 33 87.57 -31.47 59.80
CA PRO AB 33 88.97 -31.82 59.49
C PRO AB 33 89.90 -31.89 60.69
N GLU AB 34 90.04 -30.83 61.46
CA GLU AB 34 90.83 -30.94 62.67
C GLU AB 34 89.99 -31.59 63.78
N LEU AB 35 90.59 -31.74 64.96
CA LEU AB 35 90.10 -32.62 66.01
C LEU AB 35 89.74 -34.00 65.45
N ALA AB 36 90.68 -34.54 64.66
CA ALA AB 36 90.42 -35.72 63.85
C ALA AB 36 90.10 -36.95 64.70
N ASP AB 37 90.76 -37.10 65.84
CA ASP AB 37 90.60 -38.29 66.67
C ASP AB 37 89.24 -38.38 67.34
N LYS AB 38 88.53 -37.26 67.52
CA LYS AB 38 87.31 -37.26 68.31
C LYS AB 38 86.08 -37.73 67.54
N ASN AB 39 86.18 -37.86 66.21
CA ASN AB 39 85.10 -38.39 65.37
C ASN AB 39 83.81 -37.58 65.55
N VAL AB 40 83.93 -36.26 65.52
CA VAL AB 40 82.81 -35.35 65.75
C VAL AB 40 82.24 -34.95 64.39
N PRO AB 41 80.93 -35.08 64.18
CA PRO AB 41 80.34 -34.61 62.92
C PRO AB 41 80.41 -33.09 62.81
N ASN AB 42 80.44 -32.62 61.56
CA ASN AB 42 80.51 -31.18 61.30
C ASN AB 42 79.23 -30.45 61.66
N LEU AB 43 78.07 -31.09 61.52
CA LEU AB 43 76.82 -30.41 61.85
C LEU AB 43 76.76 -30.07 63.33
N HIS AB 44 77.26 -30.97 64.18
CA HIS AB 44 77.26 -30.71 65.62
C HIS AB 44 78.09 -29.48 65.96
N VAL AB 45 79.29 -29.37 65.40
CA VAL AB 45 80.12 -28.21 65.69
C VAL AB 45 79.52 -26.94 65.09
N MET AB 46 78.91 -27.05 63.90
CA MET AB 46 78.26 -25.89 63.31
C MET AB 46 77.14 -25.36 64.19
N LYS AB 47 76.30 -26.26 64.71
CA LYS AB 47 75.20 -25.79 65.55
C LYS AB 47 75.67 -25.38 66.94
N ALA AB 48 76.73 -25.97 67.46
CA ALA AB 48 77.29 -25.51 68.72
C ALA AB 48 77.81 -24.09 68.59
N MET AB 49 78.54 -23.81 67.50
CA MET AB 49 79.01 -22.45 67.27
C MET AB 49 77.86 -21.50 66.98
N GLN AB 50 76.80 -21.98 66.33
CA GLN AB 50 75.62 -21.14 66.13
C GLN AB 50 74.98 -20.77 67.47
N SER AB 51 74.88 -21.73 68.38
CA SER AB 51 74.33 -21.43 69.70
C SER AB 51 75.22 -20.45 70.45
N LEU AB 52 76.54 -20.62 70.35
CA LEU AB 52 77.46 -19.68 70.99
C LEU AB 52 77.34 -18.28 70.40
N LYS AB 53 77.15 -18.18 69.09
CA LYS AB 53 76.90 -16.88 68.47
C LYS AB 53 75.59 -16.28 68.94
N SER AB 54 74.55 -17.12 69.08
CA SER AB 54 73.26 -16.65 69.55
C SER AB 54 73.36 -16.08 70.95
N ARG AB 55 74.15 -16.72 71.81
CA ARG AB 55 74.41 -16.16 73.13
C ARG AB 55 75.49 -15.10 73.12
N GLY AB 56 76.12 -14.85 71.98
CA GLY AB 56 77.01 -13.72 71.82
C GLY AB 56 78.43 -13.92 72.28
N TYR AB 57 78.84 -15.14 72.61
CA TYR AB 57 80.22 -15.39 73.01
C TYR AB 57 81.17 -15.52 71.84
N VAL AB 58 80.67 -15.52 70.62
CA VAL AB 58 81.50 -15.65 69.43
C VAL AB 58 80.82 -14.89 68.29
N LYS AB 59 81.63 -14.25 67.45
CA LYS AB 59 81.15 -13.55 66.27
C LYS AB 59 81.62 -14.26 65.01
N GLU AB 60 80.79 -14.23 63.97
CA GLU AB 60 80.92 -15.12 62.83
C GLU AB 60 81.16 -14.33 61.56
N GLN AB 61 82.11 -14.81 60.74
CA GLN AB 61 82.41 -14.22 59.45
C GLN AB 61 82.30 -15.31 58.37
N PHE AB 62 81.66 -14.97 57.25
CA PHE AB 62 81.31 -15.95 56.24
C PHE AB 62 81.92 -15.58 54.89
N ALA AB 63 82.87 -16.38 54.44
CA ALA AB 63 83.37 -16.32 53.07
C ALA AB 63 82.56 -17.31 52.22
N TRP AB 64 83.07 -17.63 51.03
CA TRP AB 64 82.38 -18.45 50.03
C TRP AB 64 81.67 -19.65 50.64
N ARG AB 65 82.42 -20.57 51.22
CA ARG AB 65 81.86 -21.76 51.85
C ARG AB 65 82.54 -22.05 53.18
N HIS AB 66 82.76 -21.03 53.99
CA HIS AB 66 83.45 -21.24 55.25
C HIS AB 66 82.99 -20.23 56.29
N PHE AB 67 82.97 -20.69 57.54
CA PHE AB 67 82.73 -19.84 58.70
C PHE AB 67 84.06 -19.52 59.37
N TYR AB 68 84.15 -18.33 59.96
CA TYR AB 68 85.39 -17.82 60.53
C TYR AB 68 85.14 -17.25 61.91
N TRP AB 69 84.54 -18.05 62.77
CA TRP AB 69 84.12 -17.61 64.10
C TRP AB 69 85.28 -16.99 64.89
N TYR AB 70 85.01 -15.85 65.51
CA TYR AB 70 85.97 -15.14 66.34
C TYR AB 70 85.45 -15.11 67.77
N LEU AB 71 86.15 -15.78 68.68
CA LEU AB 71 85.77 -15.76 70.08
C LEU AB 71 86.00 -14.37 70.66
N THR AB 72 85.00 -13.88 71.39
CA THR AB 72 85.02 -12.54 71.95
C THR AB 72 85.42 -12.56 73.42
N ASN AB 73 85.49 -11.36 74.00
CA ASN AB 73 85.86 -11.25 75.41
C ASN AB 73 84.83 -11.87 76.33
N GLU AB 74 83.54 -11.81 75.94
CA GLU AB 74 82.54 -12.54 76.71
C GLU AB 74 82.66 -14.04 76.51
N GLY AB 75 83.38 -14.49 75.48
CA GLY AB 75 83.68 -15.89 75.33
C GLY AB 75 84.82 -16.39 76.19
N ILE AB 76 85.63 -15.48 76.75
CA ILE AB 76 86.75 -15.90 77.58
C ILE AB 76 86.24 -16.49 78.89
N GLN AB 77 85.52 -15.69 79.68
CA GLN AB 77 85.09 -16.14 81.00
C GLN AB 77 84.05 -17.26 80.92
N TYR AB 78 83.24 -17.31 79.85
CA TYR AB 78 82.28 -18.39 79.73
C TYR AB 78 82.98 -19.73 79.51
N LEU AB 79 83.96 -19.77 78.61
CA LEU AB 79 84.73 -20.99 78.45
C LEU AB 79 85.55 -21.30 79.71
N ARG AB 80 86.02 -20.27 80.40
CA ARG AB 80 86.79 -20.50 81.62
C ARG AB 80 85.95 -21.19 82.69
N ASP AB 81 84.77 -20.64 83.00
CA ASP AB 81 83.98 -21.24 84.07
C ASP AB 81 83.14 -22.42 83.59
N TYR AB 82 83.05 -22.65 82.28
CA TYR AB 82 82.47 -23.90 81.81
C TYR AB 82 83.48 -25.03 81.89
N LEU AB 83 84.75 -24.74 81.59
CA LEU AB 83 85.80 -25.74 81.65
C LEU AB 83 86.49 -25.79 83.01
N HIS AB 84 86.04 -24.98 83.97
CA HIS AB 84 86.56 -24.95 85.34
C HIS AB 84 88.06 -24.67 85.34
N LEU AB 85 88.42 -23.48 84.84
CA LEU AB 85 89.81 -23.13 84.62
C LEU AB 85 90.12 -21.83 85.34
N PRO AB 86 91.27 -21.72 86.02
CA PRO AB 86 91.65 -20.45 86.64
C PRO AB 86 91.98 -19.42 85.59
N PRO AB 87 91.78 -18.13 85.88
CA PRO AB 87 92.09 -17.09 84.89
C PRO AB 87 93.58 -16.84 84.71
N GLU AB 88 94.32 -17.87 84.28
CA GLU AB 88 95.72 -17.70 83.96
C GLU AB 88 96.01 -18.24 82.57
N ILE AB 89 95.34 -19.34 82.21
CA ILE AB 89 95.48 -19.92 80.87
C ILE AB 89 94.65 -19.11 79.90
N VAL AB 90 95.29 -18.60 78.86
CA VAL AB 90 94.64 -17.71 77.90
C VAL AB 90 94.71 -18.39 76.53
N PRO AB 91 93.85 -17.99 75.60
CA PRO AB 91 94.04 -18.39 74.20
C PRO AB 91 95.33 -17.82 73.66
N ALA AB 92 95.85 -18.49 72.62
CA ALA AB 92 97.15 -18.12 72.07
C ALA AB 92 97.13 -16.70 71.49
N THR AB 93 95.99 -16.29 70.93
CA THR AB 93 95.89 -14.95 70.35
C THR AB 93 95.95 -13.86 71.41
N LEU AB 94 95.49 -14.14 72.63
CA LEU AB 94 95.47 -13.11 73.67
C LEU AB 94 96.88 -12.74 74.12
N ARG AB 95 97.64 -13.73 74.58
CA ARG AB 95 98.98 -13.50 75.09
C ARG AB 95 99.96 -14.39 74.33
N ARG AB 96 101.01 -13.79 73.79
CA ARG AB 96 102.07 -14.52 73.11
C ARG AB 96 103.40 -14.15 73.75
N SER AB 97 104.13 -15.17 74.22
CA SER AB 97 105.45 -15.05 74.83
C SER AB 97 105.51 -14.08 76.00
N ARG AB 98 104.37 -13.67 76.53
CA ARG AB 98 104.33 -12.70 77.62
C ARG AB 98 103.38 -13.16 78.72
N VAL BB 1 82.09 -32.56 112.96
CA VAL BB 1 81.20 -32.92 111.87
C VAL BB 1 81.38 -31.92 110.72
N MET BB 2 81.85 -30.71 111.06
CA MET BB 2 82.05 -29.69 110.04
C MET BB 2 83.25 -29.98 109.16
N ASP BB 3 84.30 -30.58 109.74
CA ASP BB 3 85.50 -30.89 108.97
C ASP BB 3 85.20 -31.90 107.86
N VAL BB 4 84.56 -33.01 108.21
CA VAL BB 4 84.20 -34.00 107.21
C VAL BB 4 83.16 -33.44 106.25
N ASN BB 5 82.30 -32.53 106.74
CA ASN BB 5 81.30 -31.91 105.88
C ASN BB 5 81.97 -31.12 104.76
N THR BB 6 82.89 -30.21 105.12
CA THR BB 6 83.65 -29.50 104.11
C THR BB 6 84.49 -30.45 103.27
N ALA BB 7 84.95 -31.56 103.84
CA ALA BB 7 85.74 -32.52 103.09
C ALA BB 7 84.94 -33.12 101.94
N LEU BB 8 83.76 -33.67 102.22
CA LEU BB 8 83.01 -34.23 101.10
C LEU BB 8 82.37 -33.14 100.25
N GLN BB 9 82.21 -31.93 100.79
CA GLN BB 9 81.77 -30.81 99.96
C GLN BB 9 82.77 -30.49 98.86
N GLU BB 10 84.05 -30.35 99.22
CA GLU BB 10 85.03 -30.10 98.19
C GLU BB 10 85.24 -31.32 97.30
N VAL BB 11 85.08 -32.52 97.87
CA VAL BB 11 85.17 -33.74 97.06
C VAL BB 11 84.09 -33.74 95.98
N LEU BB 12 82.85 -33.44 96.36
CA LEU BB 12 81.77 -33.42 95.37
C LEU BB 12 81.94 -32.27 94.40
N LYS BB 13 82.49 -31.15 94.85
CA LYS BB 13 82.79 -30.07 93.91
C LYS BB 13 83.78 -30.54 92.85
N THR BB 14 84.86 -31.23 93.27
CA THR BB 14 85.80 -31.82 92.33
C THR BB 14 85.11 -32.82 91.42
N ALA BB 15 84.15 -33.59 91.95
CA ALA BB 15 83.39 -34.52 91.13
C ALA BB 15 82.58 -33.80 90.06
N LEU BB 16 82.02 -32.63 90.38
CA LEU BB 16 81.39 -31.80 89.35
C LEU BB 16 82.41 -31.32 88.33
N ILE BB 17 83.64 -31.02 88.76
CA ILE BB 17 84.67 -30.58 87.81
C ILE BB 17 84.93 -31.67 86.78
N HIS BB 18 85.06 -32.91 87.23
CA HIS BB 18 85.33 -34.02 86.33
C HIS BB 18 84.03 -34.76 86.01
N ASP BB 19 84.15 -35.95 85.41
CA ASP BB 19 83.00 -36.69 84.90
C ASP BB 19 82.56 -37.84 85.81
N GLY BB 20 83.31 -38.17 86.85
CA GLY BB 20 82.94 -39.27 87.72
C GLY BB 20 81.91 -38.87 88.76
N LEU BB 21 80.68 -38.59 88.33
CA LEU BB 21 79.64 -38.08 89.22
C LEU BB 21 78.45 -39.01 89.33
N ALA BB 22 77.84 -39.40 88.20
CA ALA BB 22 76.76 -40.40 88.14
C ALA BB 22 75.57 -40.01 89.02
N ARG BB 23 74.92 -38.92 88.63
CA ARG BB 23 73.72 -38.46 89.32
C ARG BB 23 72.54 -39.32 88.90
N GLY BB 24 72.09 -40.20 89.78
CA GLY BB 24 71.01 -41.12 89.50
C GLY BB 24 71.35 -42.52 89.97
N ILE BB 25 70.35 -43.19 90.54
CA ILE BB 25 70.58 -44.52 91.13
C ILE BB 25 70.95 -45.54 90.06
N ARG BB 26 70.52 -45.33 88.81
CA ARG BB 26 70.87 -46.27 87.75
C ARG BB 26 72.36 -46.22 87.45
N GLU BB 27 72.91 -45.02 87.22
CA GLU BB 27 74.34 -44.91 86.99
C GLU BB 27 75.15 -45.25 88.23
N ALA BB 28 74.63 -44.91 89.42
CA ALA BB 28 75.31 -45.26 90.66
C ALA BB 28 75.42 -46.78 90.80
N ALA BB 29 74.33 -47.51 90.54
CA ALA BB 29 74.36 -48.96 90.61
C ALA BB 29 75.24 -49.55 89.52
N LYS BB 30 75.23 -48.96 88.33
CA LYS BB 30 76.13 -49.40 87.26
C LYS BB 30 77.59 -49.27 87.68
N ALA BB 31 77.92 -48.17 88.36
CA ALA BB 31 79.25 -48.03 88.93
C ALA BB 31 79.51 -49.00 90.07
N LEU BB 32 78.47 -49.35 90.83
CA LEU BB 32 78.63 -50.24 91.98
C LEU BB 32 78.98 -51.66 91.54
N ASP BB 33 78.11 -52.29 90.75
CA ASP BB 33 78.35 -53.69 90.39
C ASP BB 33 79.53 -53.85 89.45
N LYS BB 34 80.00 -52.77 88.84
CA LYS BB 34 81.23 -52.77 88.06
C LYS BB 34 82.47 -52.60 88.92
N ARG BB 35 82.30 -52.42 90.23
CA ARG BB 35 83.37 -52.14 91.19
C ARG BB 35 84.09 -50.83 90.88
N GLN BB 36 83.48 -49.98 90.06
CA GLN BB 36 84.01 -48.65 89.76
C GLN BB 36 83.31 -47.62 90.62
N ALA BB 37 83.57 -47.70 91.93
CA ALA BB 37 82.96 -46.77 92.85
C ALA BB 37 83.90 -46.56 94.04
N HIS BB 38 83.80 -45.40 94.65
CA HIS BB 38 84.66 -45.08 95.79
C HIS BB 38 83.87 -44.59 96.99
N LEU BB 39 82.81 -43.82 96.78
CA LEU BB 39 81.98 -43.31 97.86
C LEU BB 39 80.51 -43.40 97.47
N CYS BB 40 79.66 -43.44 98.49
CA CYS BB 40 78.21 -43.46 98.29
C CYS BB 40 77.58 -42.59 99.36
N VAL BB 41 76.85 -41.55 98.95
CA VAL BB 41 76.08 -40.71 99.86
C VAL BB 41 74.61 -40.98 99.64
N LEU BB 42 73.86 -41.09 100.73
CA LEU BB 42 72.45 -41.50 100.68
C LEU BB 42 71.60 -40.52 101.46
N ALA BB 43 70.43 -40.20 100.91
CA ALA BB 43 69.54 -39.24 101.56
C ALA BB 43 68.76 -39.92 102.67
N SER BB 44 69.04 -39.51 103.91
CA SER BB 44 68.29 -40.01 105.05
C SER BB 44 66.84 -39.55 105.03
N ASN BB 45 66.53 -38.44 104.38
CA ASN BB 45 65.17 -37.92 104.28
C ASN BB 45 64.58 -38.37 102.96
N CYS BB 46 64.24 -39.66 102.89
CA CYS BB 46 63.61 -40.24 101.71
C CYS BB 46 62.39 -41.03 102.14
N ASP BB 47 61.26 -40.78 101.48
CA ASP BB 47 60.00 -41.41 101.86
C ASP BB 47 59.84 -42.81 101.27
N GLU BB 48 60.55 -43.11 100.20
CA GLU BB 48 60.34 -44.39 99.51
C GLU BB 48 61.04 -45.49 100.32
N PRO BB 49 60.31 -46.56 100.71
CA PRO BB 49 60.83 -47.50 101.73
C PRO BB 49 62.15 -48.19 101.38
N MET BB 50 62.17 -48.92 100.28
CA MET BB 50 63.37 -49.67 99.89
C MET BB 50 64.31 -48.86 99.02
N TYR BB 51 64.01 -47.58 98.81
CA TYR BB 51 64.92 -46.71 98.07
C TYR BB 51 66.27 -46.59 98.77
N VAL BB 52 66.25 -46.37 100.08
CA VAL BB 52 67.49 -46.18 100.84
C VAL BB 52 68.01 -47.53 101.30
N LYS BB 53 67.40 -48.60 100.82
CA LYS BB 53 67.70 -49.96 101.25
C LYS BB 53 68.38 -50.80 100.19
N LEU BB 54 67.92 -50.72 98.93
CA LEU BB 54 68.61 -51.43 97.85
C LEU BB 54 70.03 -50.89 97.68
N VAL BB 55 70.19 -49.57 97.72
CA VAL BB 55 71.51 -48.97 97.51
C VAL BB 55 72.47 -49.34 98.63
N GLU BB 56 71.99 -49.34 99.89
CA GLU BB 56 72.88 -49.72 100.98
C GLU BB 56 73.17 -51.21 100.95
N ALA BB 57 72.22 -52.03 100.49
CA ALA BB 57 72.51 -53.46 100.32
C ALA BB 57 73.61 -53.66 99.28
N LEU BB 58 73.51 -52.96 98.15
CA LEU BB 58 74.53 -53.07 97.11
C LEU BB 58 75.90 -52.58 97.62
N CYS BB 59 75.91 -51.47 98.35
CA CYS BB 59 77.17 -50.93 98.86
C CYS BB 59 77.78 -51.81 99.93
N ALA BB 60 76.95 -52.43 100.77
CA ALA BB 60 77.47 -53.29 101.83
C ALA BB 60 77.97 -54.62 101.28
N GLU BB 61 77.35 -55.11 100.21
CA GLU BB 61 77.88 -56.30 99.55
C GLU BB 61 79.26 -56.03 98.98
N HIS BB 62 79.48 -54.85 98.41
CA HIS BB 62 80.80 -54.41 98.01
C HIS BB 62 81.51 -53.81 99.22
N GLN BB 63 82.69 -53.23 98.98
CA GLN BB 63 83.47 -52.60 100.04
C GLN BB 63 83.65 -51.12 99.67
N ILE BB 64 82.66 -50.31 100.01
CA ILE BB 64 82.61 -48.90 99.62
C ILE BB 64 81.99 -48.12 100.79
N ASN BB 65 82.50 -46.91 101.03
CA ASN BB 65 81.99 -46.08 102.12
C ASN BB 65 80.53 -45.70 101.89
N LEU BB 66 79.78 -45.65 102.99
CA LEU BB 66 78.39 -45.20 103.01
C LEU BB 66 78.27 -44.00 103.93
N ILE BB 67 77.72 -42.91 103.41
CA ILE BB 67 77.48 -41.70 104.19
C ILE BB 67 76.02 -41.30 104.01
N LYS BB 68 75.39 -40.91 105.10
CA LYS BB 68 73.99 -40.49 105.09
C LYS BB 68 73.92 -38.96 105.14
N VAL BB 69 73.32 -38.37 104.11
CA VAL BB 69 73.15 -36.92 104.03
C VAL BB 69 71.76 -36.57 104.55
N ASP BB 70 71.68 -35.40 105.18
CA ASP BB 70 70.46 -35.01 105.89
C ASP BB 70 69.29 -34.82 104.92
N ASP BB 71 69.52 -34.16 103.79
CA ASP BB 71 68.45 -33.80 102.87
C ASP BB 71 68.86 -34.09 101.43
N ASN BB 72 67.90 -34.58 100.64
CA ASN BB 72 68.16 -34.84 99.24
C ASN BB 72 68.30 -33.54 98.45
N LYS BB 73 67.46 -32.55 98.73
CA LYS BB 73 67.54 -31.29 98.00
C LYS BB 73 68.79 -30.51 98.39
N LYS BB 74 69.23 -30.65 99.64
CA LYS BB 74 70.50 -30.07 100.06
C LYS BB 74 71.65 -30.68 99.26
N LEU BB 75 71.61 -31.99 99.05
CA LEU BB 75 72.62 -32.64 98.21
C LEU BB 75 72.50 -32.17 96.76
N GLY BB 76 71.27 -31.97 96.28
CA GLY BB 76 71.08 -31.52 94.91
C GLY BB 76 71.67 -30.14 94.67
N GLU BB 77 71.41 -29.20 95.58
CA GLU BB 77 72.08 -27.91 95.49
C GLU BB 77 73.59 -28.04 95.69
N TRP BB 78 74.02 -29.00 96.51
CA TRP BB 78 75.44 -29.27 96.65
C TRP BB 78 76.02 -29.82 95.36
N VAL BB 79 75.37 -30.84 94.78
CA VAL BB 79 75.84 -31.42 93.52
C VAL BB 79 75.49 -30.54 92.33
N GLY BB 80 74.81 -29.43 92.54
CA GLY BB 80 74.51 -28.50 91.47
C GLY BB 80 73.55 -28.99 90.42
N LEU BB 81 72.47 -29.66 90.84
CA LEU BB 81 71.41 -30.06 89.90
C LEU BB 81 70.33 -29.00 89.81
N CYS BB 82 70.75 -27.76 89.57
CA CYS BB 82 69.84 -26.62 89.51
C CYS BB 82 70.32 -25.69 88.40
N LYS BB 83 69.77 -24.48 88.38
CA LYS BB 83 70.20 -23.49 87.38
C LYS BB 83 71.59 -22.95 87.69
N ILE BB 84 72.05 -23.07 88.92
CA ILE BB 84 73.32 -22.51 89.39
C ILE BB 84 73.32 -21.01 89.12
N ASP BB 85 72.47 -20.28 89.83
CA ASP BB 85 72.41 -18.83 89.75
C ASP BB 85 72.27 -18.24 91.15
N ARG BB 86 73.12 -18.69 92.07
CA ARG BB 86 73.04 -18.29 93.47
C ARG BB 86 73.07 -16.77 93.64
N GLU BB 87 73.80 -16.07 92.77
CA GLU BB 87 73.90 -14.61 92.90
C GLU BB 87 72.61 -13.91 92.51
N GLY BB 88 71.75 -14.56 91.72
CA GLY BB 88 70.53 -13.92 91.28
C GLY BB 88 69.27 -14.73 91.50
N LYS BB 89 69.40 -16.02 91.73
CA LYS BB 89 68.26 -16.93 91.83
C LYS BB 89 68.43 -17.87 93.02
N PRO BB 90 67.31 -18.29 93.62
CA PRO BB 90 67.39 -19.41 94.57
C PRO BB 90 67.82 -20.71 93.92
N ARG BB 91 67.73 -20.83 92.59
CA ARG BB 91 68.16 -22.00 91.83
C ARG BB 91 67.41 -23.26 92.32
N LYS BB 92 66.11 -23.26 92.03
CA LYS BB 92 65.24 -24.38 92.39
C LYS BB 92 65.82 -25.69 91.87
N VAL BB 93 65.87 -26.69 92.74
CA VAL BB 93 66.66 -27.89 92.52
C VAL BB 93 65.75 -29.11 92.60
N VAL BB 94 66.12 -30.16 91.86
CA VAL BB 94 65.46 -31.46 91.95
C VAL BB 94 65.95 -32.18 93.19
N GLY BB 95 65.28 -33.26 93.57
CA GLY BB 95 65.71 -34.04 94.70
C GLY BB 95 66.74 -35.09 94.33
N CYS BB 96 68.02 -34.77 94.49
CA CYS BB 96 69.11 -35.68 94.17
C CYS BB 96 69.53 -36.40 95.44
N SER BB 97 69.45 -37.74 95.41
CA SER BB 97 69.62 -38.53 96.63
C SER BB 97 70.75 -39.55 96.51
N CYS BB 98 71.63 -39.40 95.52
CA CYS BB 98 72.71 -40.36 95.33
C CYS BB 98 73.81 -39.72 94.50
N VAL BB 99 75.02 -39.66 95.06
CA VAL BB 99 76.21 -39.21 94.35
C VAL BB 99 77.33 -40.19 94.64
N VAL BB 100 77.96 -40.70 93.59
CA VAL BB 100 79.09 -41.63 93.73
C VAL BB 100 80.29 -41.04 93.01
N VAL BB 101 81.40 -40.91 93.71
CA VAL BB 101 82.59 -40.22 93.23
C VAL BB 101 83.54 -41.23 92.60
N LYS BB 102 83.99 -40.93 91.39
CA LYS BB 102 84.93 -41.79 90.68
C LYS BB 102 86.16 -41.02 90.21
N ASP BB 103 86.07 -39.69 90.23
CA ASP BB 103 87.09 -38.88 89.57
C ASP BB 103 88.40 -38.88 90.35
N TYR BB 104 88.38 -38.42 91.60
CA TYR BB 104 89.57 -38.16 92.39
C TYR BB 104 90.53 -37.25 91.62
N GLY BB 105 89.97 -36.21 91.00
CA GLY BB 105 90.80 -35.28 90.26
C GLY BB 105 91.77 -34.52 91.14
N LYS BB 106 91.32 -34.11 92.33
CA LYS BB 106 92.16 -33.44 93.30
C LYS BB 106 91.73 -33.86 94.70
N GLU BB 107 92.70 -34.26 95.52
CA GLU BB 107 92.44 -34.78 96.85
C GLU BB 107 93.12 -33.88 97.87
N SER BB 108 92.41 -32.82 98.28
CA SER BB 108 92.87 -31.94 99.35
C SER BB 108 92.29 -32.34 100.70
N GLN BB 109 90.96 -32.41 100.81
CA GLN BB 109 90.30 -32.91 102.00
C GLN BB 109 89.69 -34.29 101.80
N ALA BB 110 89.97 -34.95 100.67
CA ALA BB 110 89.53 -36.33 100.51
C ALA BB 110 90.21 -37.25 101.52
N LYS BB 111 91.41 -36.87 101.97
CA LYS BB 111 92.08 -37.61 103.03
C LYS BB 111 91.31 -37.50 104.35
N ASP BB 112 90.62 -36.38 104.58
CA ASP BB 112 89.76 -36.28 105.75
C ASP BB 112 88.61 -37.29 105.66
N VAL BB 113 88.04 -37.45 104.47
CA VAL BB 113 87.00 -38.46 104.27
C VAL BB 113 87.57 -39.86 104.47
N ILE BB 114 88.81 -40.07 104.01
CA ILE BB 114 89.47 -41.36 104.21
C ILE BB 114 89.64 -41.65 105.69
N GLU BB 115 90.05 -40.65 106.47
CA GLU BB 115 90.22 -40.84 107.90
C GLU BB 115 88.88 -41.08 108.60
N GLU BB 116 87.83 -40.39 108.16
CA GLU BB 116 86.50 -40.65 108.74
C GLU BB 116 86.03 -42.05 108.41
N TYR BB 117 86.29 -42.51 107.19
CA TYR BB 117 85.98 -43.89 106.79
C TYR BB 117 86.76 -44.88 107.65
N PHE BB 118 88.03 -44.59 107.91
CA PHE BB 118 88.83 -45.44 108.78
C PHE BB 118 88.26 -45.50 110.19
N LYS BB 119 87.88 -44.34 110.73
CA LYS BB 119 87.31 -44.29 112.07
C LYS BB 119 86.00 -45.07 112.13
N CYS BB 120 85.17 -44.96 111.10
CA CYS BB 120 83.93 -45.72 111.06
C CYS BB 120 84.19 -47.22 110.97
N LYS BB 121 85.18 -47.63 110.18
CA LYS BB 121 85.49 -49.05 110.05
C LYS BB 121 86.29 -49.59 111.22
N LYS BB 122 86.86 -48.73 112.05
CA LYS BB 122 87.53 -49.18 113.28
C LYS BB 122 86.51 -49.27 114.42
N THR CB 1 58.74 -72.03 28.07
CA THR CB 1 60.11 -72.38 27.73
C THR CB 1 60.93 -71.13 27.42
N TYR CB 2 61.74 -70.70 28.39
CA TYR CB 2 62.49 -69.46 28.23
C TYR CB 2 63.59 -69.59 27.20
N ARG CB 3 64.36 -70.66 27.25
CA ARG CB 3 65.49 -70.88 26.35
C ARG CB 3 65.57 -72.35 25.93
N GLY CB 4 64.42 -73.02 25.90
CA GLY CB 4 64.35 -74.41 25.53
C GLY CB 4 64.26 -75.37 26.70
N VAL CB 5 64.62 -74.93 27.90
CA VAL CB 5 64.45 -75.73 29.11
C VAL CB 5 63.13 -75.34 29.75
N ASP CB 6 62.52 -76.29 30.44
CA ASP CB 6 61.22 -76.04 31.03
C ASP CB 6 61.36 -75.20 32.30
N LEU CB 7 60.21 -74.82 32.86
CA LEU CB 7 60.20 -74.03 34.09
C LEU CB 7 60.72 -74.83 35.27
N ASP CB 8 60.44 -76.14 35.30
CA ASP CB 8 60.87 -76.96 36.43
C ASP CB 8 62.39 -76.97 36.57
N GLN CB 9 63.10 -77.09 35.46
CA GLN CB 9 64.55 -76.98 35.51
C GLN CB 9 64.99 -75.57 35.87
N LEU CB 10 64.20 -74.57 35.51
CA LEU CB 10 64.55 -73.20 35.85
C LEU CB 10 64.44 -72.92 37.34
N LEU CB 11 63.53 -73.63 38.03
CA LEU CB 11 63.41 -73.46 39.47
C LEU CB 11 64.70 -73.84 40.20
N ASP CB 12 65.32 -74.94 39.80
CA ASP CB 12 66.61 -75.34 40.35
C ASP CB 12 67.77 -74.97 39.43
N MET CB 13 67.64 -73.88 38.69
CA MET CB 13 68.69 -73.37 37.82
C MET CB 13 69.43 -72.29 38.61
N SER CB 14 70.63 -72.63 39.08
CA SER CB 14 71.35 -71.73 39.97
C SER CB 14 71.83 -70.49 39.21
N TYR CB 15 72.17 -69.45 39.98
CA TYR CB 15 72.43 -68.14 39.40
C TYR CB 15 73.64 -68.16 38.48
N GLU CB 16 74.66 -68.94 38.83
CA GLU CB 16 75.91 -68.92 38.08
C GLU CB 16 75.73 -69.40 36.65
N GLN CB 17 74.94 -70.45 36.45
CA GLN CB 17 74.63 -70.92 35.11
C GLN CB 17 73.35 -70.33 34.55
N LEU CB 18 72.57 -69.62 35.35
CA LEU CB 18 71.39 -68.93 34.83
C LEU CB 18 71.77 -67.71 34.01
N MET CB 19 72.94 -67.11 34.31
CA MET CB 19 73.37 -65.93 33.56
C MET CB 19 73.71 -66.27 32.12
N GLN CB 20 74.03 -67.54 31.84
CA GLN CB 20 74.28 -67.94 30.46
C GLN CB 20 72.99 -68.18 29.69
N LEU CB 21 71.84 -68.08 30.36
CA LEU CB 21 70.55 -68.20 29.69
C LEU CB 21 69.86 -66.85 29.53
N TYR CB 22 70.20 -65.89 30.38
CA TYR CB 22 69.72 -64.52 30.22
C TYR CB 22 70.44 -63.81 29.08
N SER CB 23 69.89 -62.67 28.70
CA SER CB 23 70.52 -61.82 27.69
C SER CB 23 71.73 -61.10 28.30
N ALA CB 24 72.34 -60.23 27.49
CA ALA CB 24 73.57 -59.56 27.93
C ALA CB 24 73.31 -58.61 29.09
N ARG CB 25 72.23 -57.81 29.00
CA ARG CB 25 71.93 -56.85 30.06
C ARG CB 25 71.61 -57.56 31.36
N GLN CB 26 70.80 -58.62 31.30
CA GLN CB 26 70.44 -59.35 32.52
C GLN CB 26 71.65 -60.08 33.08
N ARG CB 27 72.51 -60.61 32.21
CA ARG CB 27 73.71 -61.28 32.68
C ARG CB 27 74.66 -60.31 33.38
N ARG CB 28 74.80 -59.10 32.84
CA ARG CB 28 75.61 -58.09 33.51
C ARG CB 28 74.98 -57.66 34.84
N ARG CB 29 73.64 -57.57 34.87
CA ARG CB 29 72.96 -57.25 36.12
C ARG CB 29 73.23 -58.29 37.19
N LEU CB 30 73.12 -59.57 36.85
CA LEU CB 30 73.35 -60.61 37.83
C LEU CB 30 74.82 -60.82 38.13
N ASN CB 31 75.70 -60.42 37.21
CA ASN CB 31 77.14 -60.48 37.49
C ASN CB 31 77.50 -59.52 38.60
N ARG CB 32 76.95 -58.30 38.57
CA ARG CB 32 77.07 -57.39 39.68
C ARG CB 32 76.20 -57.85 40.85
N GLY CB 33 76.62 -57.48 42.06
CA GLY CB 33 75.92 -57.97 43.24
C GLY CB 33 74.54 -57.35 43.37
N LEU CB 34 73.55 -58.21 43.62
CA LEU CB 34 72.22 -57.73 43.96
C LEU CB 34 72.23 -57.17 45.38
N ARG CB 35 71.68 -55.97 45.56
CA ARG CB 35 71.72 -55.33 46.86
C ARG CB 35 70.72 -55.96 47.81
N ARG CB 36 70.77 -55.49 49.07
CA ARG CB 36 69.99 -56.09 50.14
C ARG CB 36 68.49 -55.92 49.90
N LYS CB 37 68.09 -54.86 49.20
CA LYS CB 37 66.67 -54.63 48.95
C LYS CB 37 66.07 -55.73 48.07
N GLN CB 38 66.80 -56.14 47.03
CA GLN CB 38 66.32 -57.21 46.17
C GLN CB 38 66.23 -58.53 46.92
N HIS CB 39 67.22 -58.83 47.75
CA HIS CB 39 67.18 -60.05 48.56
C HIS CB 39 66.00 -60.03 49.53
N SER CB 40 65.75 -58.88 50.15
CA SER CB 40 64.60 -58.75 51.03
C SER CB 40 63.29 -58.96 50.28
N LEU CB 41 63.18 -58.41 49.06
CA LEU CB 41 61.99 -58.64 48.26
C LEU CB 41 61.83 -60.11 47.90
N LEU CB 42 62.94 -60.77 47.55
CA LEU CB 42 62.87 -62.19 47.24
C LEU CB 42 62.41 -63.01 48.44
N LYS CB 43 62.92 -62.68 49.63
CA LYS CB 43 62.47 -63.36 50.84
C LYS CB 43 61.01 -63.09 51.11
N ARG CB 44 60.54 -61.86 50.84
CA ARG CB 44 59.13 -61.55 51.04
C ARG CB 44 58.23 -62.35 50.11
N LEU CB 45 58.59 -62.44 48.83
CA LEU CB 45 57.79 -63.25 47.91
C LEU CB 45 57.83 -64.73 48.28
N ARG CB 46 58.98 -65.22 48.73
CA ARG CB 46 59.05 -66.61 49.19
C ARG CB 46 58.14 -66.83 50.39
N LYS CB 47 58.16 -65.90 51.35
CA LYS CB 47 57.28 -66.00 52.51
C LYS CB 47 55.82 -65.99 52.10
N ALA CB 48 55.44 -65.08 51.18
CA ALA CB 48 54.06 -65.01 50.74
C ALA CB 48 53.63 -66.29 50.03
N LYS CB 49 54.51 -66.85 49.19
CA LYS CB 49 54.15 -68.06 48.47
C LYS CB 49 54.03 -69.26 49.39
N LYS CB 50 54.93 -69.38 50.37
CA LYS CB 50 54.84 -70.50 51.31
C LYS CB 50 53.63 -70.36 52.23
N GLU CB 51 53.28 -69.13 52.60
CA GLU CB 51 52.08 -68.92 53.40
C GLU CB 51 50.83 -68.81 52.56
N ALA CB 52 50.95 -68.80 51.23
CA ALA CB 52 49.78 -68.78 50.38
C ALA CB 52 49.01 -70.08 50.50
N PRO CB 53 47.68 -70.04 50.54
CA PRO CB 53 46.89 -71.27 50.59
C PRO CB 53 47.09 -72.08 49.32
N PRO CB 54 46.96 -73.40 49.40
CA PRO CB 54 47.10 -74.23 48.20
C PRO CB 54 45.98 -73.95 47.21
N MET CB 55 46.29 -74.23 45.94
CA MET CB 55 45.39 -74.02 44.78
C MET CB 55 44.73 -72.64 44.78
N GLU CB 56 45.40 -71.66 45.38
CA GLU CB 56 44.92 -70.28 45.41
C GLU CB 56 46.11 -69.34 45.31
N LYS CB 57 45.90 -68.23 44.60
CA LYS CB 57 46.97 -67.27 44.36
C LYS CB 57 47.42 -66.63 45.68
N PRO CB 58 48.68 -66.22 45.78
CA PRO CB 58 49.15 -65.55 46.99
C PRO CB 58 48.56 -64.15 47.12
N GLU CB 59 48.90 -63.51 48.23
CA GLU CB 59 48.45 -62.14 48.45
C GLU CB 59 49.32 -61.16 47.69
N VAL CB 60 48.85 -59.92 47.60
CA VAL CB 60 49.58 -58.88 46.89
C VAL CB 60 50.77 -58.42 47.72
N VAL CB 61 51.90 -58.20 47.05
CA VAL CB 61 53.06 -57.57 47.67
C VAL CB 61 53.46 -56.37 46.83
N LYS CB 62 53.72 -55.25 47.50
CA LYS CB 62 53.98 -53.98 46.84
C LYS CB 62 55.46 -53.65 46.88
N THR CB 63 55.88 -52.77 45.98
CA THR CB 63 57.27 -52.32 45.91
C THR CB 63 57.36 -51.08 45.02
N HIS CB 64 58.33 -50.22 45.34
CA HIS CB 64 58.74 -49.18 44.40
C HIS CB 64 59.79 -49.64 43.41
N LEU CB 65 60.69 -50.54 43.81
CA LEU CB 65 61.76 -50.96 42.92
C LEU CB 65 61.18 -51.76 41.77
N ARG CB 66 61.10 -51.14 40.60
CA ARG CB 66 60.65 -51.78 39.38
C ARG CB 66 61.81 -52.12 38.46
N ASP CB 67 63.04 -51.82 38.88
CA ASP CB 67 64.24 -52.23 38.19
C ASP CB 67 64.62 -53.67 38.51
N MET CB 68 63.85 -54.34 39.36
CA MET CB 68 64.04 -55.77 39.57
C MET CB 68 63.89 -56.53 38.27
N ILE CB 69 64.82 -57.43 38.02
CA ILE CB 69 64.67 -58.35 36.89
C ILE CB 69 63.96 -59.59 37.37
N ILE CB 70 63.11 -60.16 36.53
CA ILE CB 70 62.26 -61.28 36.93
C ILE CB 70 63.08 -62.56 36.94
N LEU CB 71 62.99 -63.30 38.04
CA LEU CB 71 63.61 -64.60 38.25
C LEU CB 71 62.55 -65.69 38.20
N PRO CB 72 62.92 -66.89 37.75
CA PRO CB 72 61.92 -67.96 37.61
C PRO CB 72 61.30 -68.40 38.91
N GLU CB 73 61.92 -68.12 40.05
CA GLU CB 73 61.36 -68.58 41.32
C GLU CB 73 60.27 -67.65 41.84
N MET CB 74 59.98 -66.55 41.14
CA MET CB 74 58.94 -65.62 41.52
C MET CB 74 57.66 -65.77 40.70
N VAL CB 75 57.56 -66.84 39.92
CA VAL CB 75 56.41 -67.03 39.04
C VAL CB 75 55.17 -67.36 39.87
N GLY CB 76 54.06 -66.69 39.56
CA GLY CB 76 52.80 -66.94 40.24
C GLY CB 76 52.48 -66.01 41.39
N SER CB 77 53.38 -65.08 41.71
CA SER CB 77 53.17 -64.16 42.82
C SER CB 77 52.26 -63.01 42.39
N MET CB 78 51.66 -62.36 43.39
CA MET CB 78 50.91 -61.14 43.19
C MET CB 78 51.81 -59.98 43.62
N VAL CB 79 52.37 -59.26 42.66
CA VAL CB 79 53.28 -58.16 42.94
C VAL CB 79 52.64 -56.86 42.47
N GLY CB 80 52.60 -55.88 43.37
CA GLY CB 80 52.07 -54.57 43.06
C GLY CB 80 53.17 -53.58 42.75
N VAL CB 81 53.26 -53.17 41.48
CA VAL CB 81 54.35 -52.33 41.02
C VAL CB 81 53.88 -50.88 40.98
N TYR CB 82 54.64 -50.00 41.62
CA TYR CB 82 54.32 -48.58 41.64
C TYR CB 82 54.49 -47.99 40.24
N ASN CB 83 53.56 -47.10 39.87
CA ASN CB 83 53.61 -46.40 38.59
C ASN CB 83 53.96 -44.93 38.74
N GLY CB 84 54.30 -44.48 39.96
CA GLY CB 84 54.45 -43.08 40.26
C GLY CB 84 53.29 -42.51 41.05
N LYS CB 85 52.12 -43.11 40.93
CA LYS CB 85 50.94 -42.68 41.68
C LYS CB 85 50.38 -43.78 42.57
N THR CB 86 50.16 -44.98 42.02
CA THR CB 86 49.59 -46.09 42.78
C THR CB 86 50.39 -47.36 42.49
N PHE CB 87 50.06 -48.41 43.23
CA PHE CB 87 50.66 -49.72 43.00
C PHE CB 87 49.80 -50.51 42.03
N ASN CB 88 50.42 -51.07 41.00
CA ASN CB 88 49.73 -51.85 39.98
C ASN CB 88 50.08 -53.31 40.17
N GLN CB 89 49.11 -54.09 40.64
CA GLN CB 89 49.31 -55.53 40.77
C GLN CB 89 49.41 -56.18 39.39
N VAL CB 90 50.31 -57.15 39.28
CA VAL CB 90 50.58 -57.79 37.99
C VAL CB 90 50.97 -59.24 38.21
N GLU CB 91 50.46 -60.11 37.33
CA GLU CB 91 50.85 -61.51 37.30
C GLU CB 91 52.28 -61.66 36.81
N ILE CB 92 52.95 -62.73 37.24
CA ILE CB 92 54.21 -63.14 36.65
C ILE CB 92 53.92 -64.33 35.77
N LYS CB 93 53.88 -64.10 34.46
CA LYS CB 93 53.64 -65.17 33.51
C LYS CB 93 54.91 -65.96 33.26
N PRO CB 94 54.78 -67.19 32.74
CA PRO CB 94 55.98 -67.98 32.40
C PRO CB 94 56.68 -67.50 31.13
N GLU CB 95 56.35 -66.30 30.67
CA GLU CB 95 56.96 -65.70 29.50
C GLU CB 95 57.61 -64.35 29.81
N MET CB 96 57.64 -63.96 31.08
CA MET CB 96 58.07 -62.63 31.50
C MET CB 96 59.47 -62.61 32.07
N ILE CB 97 60.27 -63.65 31.82
CA ILE CB 97 61.47 -63.91 32.63
C ILE CB 97 62.52 -62.83 32.40
N GLY CB 98 62.82 -62.52 31.16
CA GLY CB 98 63.93 -61.62 30.87
C GLY CB 98 63.57 -60.15 30.95
N HIS CB 99 62.35 -59.85 31.36
CA HIS CB 99 61.81 -58.49 31.31
C HIS CB 99 61.79 -57.89 32.71
N TYR CB 100 62.05 -56.59 32.77
CA TYR CB 100 62.02 -55.87 34.04
C TYR CB 100 60.58 -55.66 34.51
N LEU CB 101 60.43 -55.52 35.82
CA LEU CB 101 59.10 -55.35 36.39
C LEU CB 101 58.45 -54.03 35.98
N GLY CB 102 59.26 -53.02 35.66
CA GLY CB 102 58.71 -51.72 35.31
C GLY CB 102 57.97 -51.68 34.00
N GLU CB 103 58.21 -52.67 33.13
CA GLU CB 103 57.55 -52.71 31.83
C GLU CB 103 56.06 -53.01 31.92
N PHE CB 104 55.58 -53.46 33.08
CA PHE CB 104 54.21 -53.92 33.22
C PHE CB 104 53.38 -53.01 34.12
N SER CB 105 53.90 -51.86 34.50
CA SER CB 105 53.15 -50.80 35.19
C SER CB 105 53.53 -49.51 34.48
N ILE CB 106 52.70 -49.08 33.53
CA ILE CB 106 53.04 -47.94 32.69
C ILE CB 106 53.05 -46.68 33.53
N THR CB 107 53.95 -45.75 33.19
CA THR CB 107 54.13 -44.52 33.94
C THR CB 107 53.29 -43.37 33.42
N TYR CB 108 52.44 -43.62 32.41
CA TYR CB 108 51.60 -42.58 31.85
C TYR CB 108 50.39 -43.21 31.20
N LYS CB 109 49.28 -42.48 31.19
CA LYS CB 109 48.27 -43.12 30.35
C LYS CB 109 48.43 -42.67 28.91
N PRO CB 110 48.06 -43.53 27.95
CA PRO CB 110 48.12 -43.12 26.54
C PRO CB 110 47.21 -41.94 26.27
N VAL CB 111 47.66 -41.06 25.38
CA VAL CB 111 47.00 -39.79 25.16
C VAL CB 111 45.77 -39.97 24.29
N LYS CB 112 44.69 -39.29 24.67
CA LYS CB 112 43.49 -39.14 23.84
C LYS CB 112 43.50 -37.70 23.31
N HIS CB 113 43.81 -37.55 22.03
CA HIS CB 113 43.99 -36.21 21.48
C HIS CB 113 42.66 -35.49 21.37
N GLY CB 114 42.62 -34.25 21.86
CA GLY CB 114 41.44 -33.42 21.82
C GLY CB 114 41.59 -32.25 20.86
N ARG CB 115 40.62 -31.35 20.92
CA ARG CB 115 40.64 -30.15 20.08
C ARG CB 115 41.81 -29.26 20.50
N PRO CB 116 42.65 -28.83 19.57
CA PRO CB 116 43.76 -27.93 19.93
C PRO CB 116 43.26 -26.61 20.47
N GLY CB 117 44.03 -26.07 21.41
CA GLY CB 117 43.68 -24.83 22.09
C GLY CB 117 44.05 -23.60 21.29
N ILE CB 118 44.60 -22.60 21.98
CA ILE CB 118 44.92 -21.33 21.36
C ILE CB 118 46.15 -21.43 20.45
N GLY CB 119 47.00 -22.43 20.70
CA GLY CB 119 48.23 -22.53 19.95
C GLY CB 119 48.05 -23.06 18.54
N ALA CB 120 49.17 -23.14 17.83
CA ALA CB 120 49.22 -23.60 16.44
C ALA CB 120 48.29 -22.79 15.54
N THR CB 121 48.38 -21.47 15.68
CA THR CB 121 47.59 -20.56 14.88
C THR CB 121 47.99 -20.62 13.41
N SER DB 1 137.92 -29.11 -7.13
CA SER DB 1 138.34 -30.50 -6.97
C SER DB 1 137.60 -31.17 -5.82
N LYS DB 2 137.86 -30.70 -4.61
CA LYS DB 2 137.23 -31.23 -3.41
C LYS DB 2 136.84 -30.10 -2.47
N GLY DB 3 136.30 -29.02 -3.03
CA GLY DB 3 135.90 -27.87 -2.27
C GLY DB 3 134.71 -28.15 -1.36
N PRO DB 4 134.94 -28.13 -0.05
CA PRO DB 4 133.88 -28.49 0.89
C PRO DB 4 133.04 -27.30 1.33
N LEU DB 5 132.02 -27.57 2.15
CA LEU DB 5 131.20 -26.54 2.79
C LEU DB 5 130.52 -25.65 1.76
N GLN DB 6 129.85 -26.28 0.80
CA GLN DB 6 129.09 -25.58 -0.24
C GLN DB 6 127.63 -26.04 -0.13
N SER DB 7 126.88 -25.37 0.74
CA SER DB 7 125.50 -25.74 0.97
C SER DB 7 124.77 -24.57 1.63
N VAL DB 8 123.47 -24.50 1.37
CA VAL DB 8 122.59 -23.52 2.01
C VAL DB 8 121.34 -24.25 2.51
N GLN DB 9 120.66 -23.61 3.45
CA GLN DB 9 119.44 -24.17 4.04
C GLN DB 9 118.34 -23.12 3.89
N VAL DB 10 117.40 -23.37 2.99
CA VAL DB 10 116.38 -22.39 2.62
C VAL DB 10 115.01 -23.02 2.76
N PHE DB 11 114.09 -22.29 3.37
CA PHE DB 11 112.73 -22.77 3.59
C PHE DB 11 111.76 -22.21 2.55
N GLY DB 12 110.54 -22.72 2.57
CA GLY DB 12 109.45 -22.21 1.76
C GLY DB 12 108.12 -22.46 2.44
N ARG DB 13 107.28 -21.43 2.56
CA ARG DB 13 106.07 -21.50 3.36
C ARG DB 13 104.83 -21.24 2.52
N LYS DB 14 103.78 -22.00 2.82
CA LYS DB 14 102.47 -21.79 2.21
C LYS DB 14 101.42 -22.42 3.11
N LYS DB 15 100.60 -21.60 3.76
CA LYS DB 15 99.56 -22.05 4.68
C LYS DB 15 100.15 -22.95 5.77
N THR DB 16 101.04 -22.33 6.56
CA THR DB 16 101.78 -22.95 7.68
C THR DB 16 102.38 -24.31 7.30
N ALA DB 17 102.71 -24.50 6.03
CA ALA DB 17 103.42 -25.68 5.56
C ALA DB 17 104.86 -25.25 5.25
N THR DB 18 105.79 -25.66 6.10
CA THR DB 18 107.20 -25.35 5.90
C THR DB 18 107.86 -26.44 5.07
N ALA DB 19 108.86 -26.04 4.30
CA ALA DB 19 109.63 -26.98 3.48
C ALA DB 19 111.06 -26.49 3.43
N VAL DB 20 111.96 -27.20 4.08
CA VAL DB 20 113.36 -26.80 4.17
C VAL DB 20 114.16 -27.57 3.15
N ALA DB 21 114.56 -26.90 2.07
CA ALA DB 21 115.40 -27.50 1.04
C ALA DB 21 116.86 -27.24 1.39
N HIS DB 22 117.62 -28.31 1.59
CA HIS DB 22 119.04 -28.21 1.91
C HIS DB 22 119.82 -28.40 0.61
N CYS DB 23 119.92 -27.32 -0.15
CA CYS DB 23 120.73 -27.34 -1.37
C CYS DB 23 122.20 -27.48 -1.01
N LYS DB 24 122.91 -28.27 -1.80
CA LYS DB 24 124.30 -28.62 -1.49
C LYS DB 24 125.01 -29.00 -2.76
N ARG DB 25 126.33 -28.80 -2.78
CA ARG DB 25 127.13 -29.11 -3.96
C ARG DB 25 127.12 -30.61 -4.24
N GLY DB 26 127.04 -30.97 -5.51
CA GLY DB 26 127.06 -32.36 -5.90
C GLY DB 26 126.64 -32.50 -7.36
N ASN DB 27 126.19 -33.70 -7.70
CA ASN DB 27 125.61 -33.91 -9.01
C ASN DB 27 124.15 -33.47 -9.02
N GLY DB 28 123.53 -33.58 -10.19
CA GLY DB 28 122.16 -33.11 -10.33
C GLY DB 28 121.12 -34.08 -9.86
N LEU DB 29 120.56 -33.84 -8.67
CA LEU DB 29 119.49 -34.67 -8.15
C LEU DB 29 118.71 -33.87 -7.13
N ILE DB 30 117.42 -34.22 -6.98
CA ILE DB 30 116.54 -33.61 -6.00
C ILE DB 30 115.74 -34.71 -5.32
N LYS DB 31 115.70 -34.69 -4.00
CA LYS DB 31 114.88 -35.61 -3.23
C LYS DB 31 114.11 -34.84 -2.16
N VAL DB 32 112.89 -35.30 -1.90
CA VAL DB 32 112.04 -34.72 -0.86
C VAL DB 32 111.71 -35.81 0.13
N ASN DB 33 112.14 -35.62 1.38
CA ASN DB 33 111.94 -36.60 2.46
C ASN DB 33 112.52 -37.96 2.13
N GLY DB 34 113.51 -37.98 1.23
CA GLY DB 34 114.07 -39.22 0.73
C GLY DB 34 113.40 -39.77 -0.50
N ARG DB 35 112.32 -39.16 -0.98
CA ARG DB 35 111.66 -39.61 -2.19
C ARG DB 35 112.10 -38.77 -3.38
N PRO DB 36 112.11 -39.34 -4.59
CA PRO DB 36 112.45 -38.56 -5.78
C PRO DB 36 111.43 -37.46 -6.04
N LEU DB 37 111.90 -36.39 -6.69
CA LEU DB 37 111.07 -35.21 -6.90
C LEU DB 37 109.86 -35.52 -7.76
N GLU DB 38 110.05 -36.23 -8.87
CA GLU DB 38 108.96 -36.52 -9.79
C GLU DB 38 107.96 -37.52 -9.23
N MET DB 39 108.28 -38.17 -8.11
CA MET DB 39 107.41 -39.16 -7.50
C MET DB 39 106.83 -38.57 -6.21
N ILE DB 40 105.59 -38.09 -6.30
CA ILE DB 40 104.91 -37.48 -5.16
C ILE DB 40 103.46 -37.94 -5.16
N GLU DB 41 102.82 -37.85 -3.99
CA GLU DB 41 101.46 -38.33 -3.84
C GLU DB 41 100.45 -37.61 -4.73
N PRO DB 42 100.35 -36.26 -4.73
CA PRO DB 42 99.41 -35.68 -5.70
C PRO DB 42 100.07 -35.49 -7.07
N ARG DB 43 100.19 -36.60 -7.79
CA ARG DB 43 100.83 -36.60 -9.10
C ARG DB 43 100.06 -35.78 -10.12
N THR DB 44 98.80 -35.45 -9.85
CA THR DB 44 98.07 -34.53 -10.71
C THR DB 44 98.77 -33.18 -10.74
N LEU DB 45 99.34 -32.75 -9.61
CA LEU DB 45 100.08 -31.49 -9.51
C LEU DB 45 101.57 -31.68 -9.76
N GLN DB 46 101.96 -32.68 -10.56
CA GLN DB 46 103.38 -32.95 -10.77
C GLN DB 46 104.08 -31.79 -11.47
N TYR DB 47 103.37 -31.08 -12.34
CA TYR DB 47 103.99 -29.95 -13.03
C TYR DB 47 104.26 -28.78 -12.09
N LYS DB 48 103.53 -28.70 -10.98
CA LYS DB 48 103.86 -27.68 -9.99
C LYS DB 48 105.21 -27.94 -9.34
N LEU DB 49 105.50 -29.20 -8.99
CA LEU DB 49 106.78 -29.53 -8.41
C LEU DB 49 107.91 -29.42 -9.43
N LEU DB 50 107.68 -29.89 -10.65
CA LEU DB 50 108.71 -29.87 -11.69
C LEU DB 50 108.80 -28.53 -12.40
N GLU DB 51 107.95 -27.58 -12.05
CA GLU DB 51 107.85 -26.33 -12.80
C GLU DB 51 109.14 -25.51 -12.79
N PRO DB 52 109.80 -25.25 -11.65
CA PRO DB 52 111.05 -24.48 -11.72
C PRO DB 52 112.13 -25.15 -12.56
N VAL DB 53 112.23 -26.48 -12.48
CA VAL DB 53 113.21 -27.20 -13.30
C VAL DB 53 112.87 -27.06 -14.77
N LEU DB 54 111.60 -27.20 -15.12
CA LEU DB 54 111.18 -27.03 -16.50
C LEU DB 54 111.40 -25.60 -16.98
N LEU DB 55 111.20 -24.62 -16.09
CA LEU DB 55 111.36 -23.23 -16.47
C LEU DB 55 112.82 -22.86 -16.68
N LEU DB 56 113.71 -23.44 -15.87
CA LEU DB 56 115.11 -23.05 -15.93
C LEU DB 56 115.94 -24.00 -16.78
N GLY DB 57 115.68 -25.29 -16.70
CA GLY DB 57 116.49 -26.27 -17.40
C GLY DB 57 117.38 -27.04 -16.45
N LYS DB 58 117.76 -28.26 -16.87
CA LYS DB 58 118.54 -29.13 -16.01
C LYS DB 58 120.00 -28.73 -15.91
N GLU DB 59 120.48 -27.85 -16.81
CA GLU DB 59 121.89 -27.50 -16.84
C GLU DB 59 122.32 -26.82 -15.54
N ARG DB 60 121.53 -25.86 -15.07
CA ARG DB 60 121.84 -25.21 -13.81
C ARG DB 60 121.66 -26.15 -12.62
N PHE DB 61 120.72 -27.08 -12.70
CA PHE DB 61 120.45 -28.03 -11.63
C PHE DB 61 121.47 -29.15 -11.53
N ALA DB 62 122.37 -29.26 -12.52
CA ALA DB 62 123.30 -30.38 -12.55
C ALA DB 62 124.34 -30.33 -11.45
N GLY DB 63 124.59 -29.16 -10.86
CA GLY DB 63 125.65 -29.03 -9.88
C GLY DB 63 125.21 -28.92 -8.44
N VAL DB 64 123.97 -29.28 -8.14
CA VAL DB 64 123.41 -29.09 -6.80
C VAL DB 64 122.68 -30.35 -6.35
N ASP DB 65 122.91 -30.72 -5.10
CA ASP DB 65 122.17 -31.79 -4.43
C ASP DB 65 121.26 -31.15 -3.39
N ILE DB 66 119.95 -31.33 -3.55
CA ILE DB 66 118.96 -30.66 -2.72
C ILE DB 66 118.09 -31.71 -2.05
N ARG DB 67 117.88 -31.55 -0.74
CA ARG DB 67 117.00 -32.42 0.03
C ARG DB 67 116.01 -31.56 0.78
N VAL DB 68 114.73 -31.90 0.68
CA VAL DB 68 113.64 -31.10 1.22
C VAL DB 68 112.95 -31.88 2.32
N ARG DB 69 112.75 -31.24 3.48
CA ARG DB 69 112.02 -31.81 4.60
C ARG DB 69 110.79 -30.97 4.87
N VAL DB 70 109.63 -31.63 4.90
CA VAL DB 70 108.34 -30.98 5.14
C VAL DB 70 107.70 -31.60 6.37
N LYS DB 71 107.32 -30.76 7.32
CA LYS DB 71 106.73 -31.24 8.56
C LYS DB 71 105.53 -30.37 8.94
N GLY DB 72 104.63 -30.13 7.99
CA GLY DB 72 103.43 -29.38 8.31
C GLY DB 72 102.55 -29.20 7.09
N GLY DB 73 101.42 -28.53 7.31
CA GLY DB 73 100.51 -28.20 6.25
C GLY DB 73 99.63 -29.36 5.81
N GLY DB 74 99.13 -29.25 4.59
CA GLY DB 74 98.27 -30.26 3.99
C GLY DB 74 98.98 -30.98 2.85
N HIS DB 75 98.24 -31.19 1.75
CA HIS DB 75 98.79 -31.87 0.58
C HIS DB 75 99.28 -30.88 -0.47
N VAL DB 76 98.39 -30.03 -0.97
CA VAL DB 76 98.75 -29.11 -2.05
C VAL DB 76 99.54 -27.92 -1.51
N ALA DB 77 99.20 -27.44 -0.30
CA ALA DB 77 100.02 -26.41 0.33
C ALA DB 77 101.43 -26.91 0.58
N GLN DB 78 101.56 -28.20 0.88
CA GLN DB 78 102.88 -28.82 0.95
C GLN DB 78 103.60 -28.76 -0.39
N ILE DB 79 102.87 -28.99 -1.49
CA ILE DB 79 103.48 -28.93 -2.82
C ILE DB 79 103.99 -27.54 -3.11
N TYR DB 80 103.18 -26.53 -2.80
CA TYR DB 80 103.59 -25.15 -3.02
C TYR DB 80 104.78 -24.77 -2.14
N ALA DB 81 104.80 -25.27 -0.90
CA ALA DB 81 105.95 -25.04 -0.04
C ALA DB 81 107.21 -25.64 -0.64
N ILE DB 82 107.13 -26.87 -1.17
CA ILE DB 82 108.29 -27.51 -1.77
C ILE DB 82 108.78 -26.73 -2.97
N ARG DB 83 107.87 -26.33 -3.87
CA ARG DB 83 108.32 -25.65 -5.09
C ARG DB 83 108.91 -24.28 -4.78
N GLN DB 84 108.28 -23.53 -3.87
CA GLN DB 84 108.83 -22.24 -3.46
C GLN DB 84 110.18 -22.42 -2.79
N SER DB 85 110.32 -23.45 -1.95
CA SER DB 85 111.57 -23.68 -1.25
C SER DB 85 112.68 -24.07 -2.21
N ILE DB 86 112.37 -24.88 -3.22
CA ILE DB 86 113.37 -25.24 -4.23
C ILE DB 86 113.82 -24.00 -4.99
N SER DB 87 112.87 -23.16 -5.42
CA SER DB 87 113.24 -21.95 -6.15
C SER DB 87 114.09 -21.02 -5.30
N LYS DB 88 113.68 -20.79 -4.05
CA LYS DB 88 114.44 -19.92 -3.16
C LYS DB 88 115.81 -20.49 -2.85
N ALA DB 89 115.92 -21.81 -2.65
CA ALA DB 89 117.20 -22.42 -2.36
C ALA DB 89 118.14 -22.29 -3.56
N LEU DB 90 117.63 -22.49 -4.77
CA LEU DB 90 118.48 -22.34 -5.95
C LEU DB 90 118.96 -20.90 -6.11
N VAL DB 91 118.05 -19.92 -5.93
CA VAL DB 91 118.48 -18.54 -6.12
C VAL DB 91 119.43 -18.10 -5.02
N ALA DB 92 119.26 -18.63 -3.80
CA ALA DB 92 120.21 -18.31 -2.74
C ALA DB 92 121.57 -18.94 -3.00
N TYR DB 93 121.59 -20.19 -3.48
CA TYR DB 93 122.85 -20.84 -3.81
C TYR DB 93 123.58 -20.09 -4.91
N TYR DB 94 122.84 -19.63 -5.92
CA TYR DB 94 123.44 -18.81 -6.97
C TYR DB 94 123.79 -17.42 -6.47
N GLN DB 95 123.18 -16.97 -5.37
CA GLN DB 95 123.53 -15.69 -4.78
C GLN DB 95 124.85 -15.75 -4.03
N LYS DB 96 125.11 -16.84 -3.31
CA LYS DB 96 126.28 -16.91 -2.45
C LYS DB 96 127.49 -17.53 -3.15
N TYR DB 97 127.33 -18.68 -3.79
CA TYR DB 97 128.48 -19.45 -4.27
C TYR DB 97 128.84 -19.14 -5.72
N VAL DB 98 128.09 -18.27 -6.39
CA VAL DB 98 128.44 -17.78 -7.72
C VAL DB 98 127.93 -16.35 -7.82
N ASP DB 99 128.21 -15.70 -8.95
CA ASP DB 99 127.94 -14.27 -9.08
C ASP DB 99 126.44 -14.00 -9.06
N GLU DB 100 126.09 -12.74 -8.80
CA GLU DB 100 124.70 -12.32 -8.84
C GLU DB 100 124.19 -12.10 -10.26
N ALA DB 101 125.05 -12.24 -11.28
CA ALA DB 101 124.54 -12.18 -12.65
C ALA DB 101 123.62 -13.36 -12.95
N SER DB 102 124.08 -14.58 -12.67
CA SER DB 102 123.21 -15.75 -12.84
C SER DB 102 122.05 -15.69 -11.86
N LYS DB 103 122.30 -15.16 -10.65
CA LYS DB 103 121.22 -14.95 -9.69
C LYS DB 103 120.12 -14.08 -10.28
N LYS DB 104 120.49 -12.95 -10.89
CA LYS DB 104 119.49 -12.03 -11.42
C LYS DB 104 118.78 -12.61 -12.64
N GLU DB 105 119.55 -13.20 -13.54
CA GLU DB 105 119.00 -13.76 -14.78
C GLU DB 105 118.42 -15.16 -14.61
N ILE DB 106 118.27 -15.63 -13.37
CA ILE DB 106 117.26 -16.64 -13.08
C ILE DB 106 116.15 -16.11 -12.20
N LYS DB 107 116.44 -15.14 -11.34
CA LYS DB 107 115.42 -14.58 -10.46
C LYS DB 107 114.34 -13.94 -11.31
N ASP DB 108 114.72 -13.31 -12.42
CA ASP DB 108 113.74 -12.67 -13.27
C ASP DB 108 112.71 -13.67 -13.79
N ILE DB 109 113.16 -14.66 -14.58
CA ILE DB 109 112.24 -15.64 -15.17
C ILE DB 109 111.45 -16.33 -14.08
N LEU DB 110 112.02 -16.45 -12.87
CA LEU DB 110 111.22 -16.98 -11.77
C LEU DB 110 110.17 -15.97 -11.30
N ILE DB 111 110.38 -14.67 -11.53
CA ILE DB 111 109.40 -13.69 -11.05
C ILE DB 111 108.24 -13.56 -12.03
N GLN DB 112 108.52 -13.24 -13.31
CA GLN DB 112 107.35 -12.94 -14.14
C GLN DB 112 106.61 -14.18 -14.60
N TYR DB 113 106.94 -15.35 -14.04
CA TYR DB 113 106.13 -16.55 -14.22
C TYR DB 113 105.26 -16.83 -13.00
N ASP DB 114 105.83 -16.78 -11.79
CA ASP DB 114 105.06 -17.03 -10.58
C ASP DB 114 105.75 -16.30 -9.42
N ARG DB 115 105.13 -15.22 -8.93
CA ARG DB 115 105.72 -14.46 -7.84
C ARG DB 115 105.74 -15.27 -6.55
N THR DB 116 104.76 -16.16 -6.37
CA THR DB 116 104.72 -17.01 -5.18
C THR DB 116 105.82 -18.06 -5.16
N LEU DB 117 106.51 -18.29 -6.28
CA LEU DB 117 107.68 -19.17 -6.26
C LEU DB 117 108.79 -18.63 -5.39
N LEU DB 118 108.82 -17.31 -5.15
CA LEU DB 118 109.85 -16.70 -4.34
C LEU DB 118 109.30 -15.84 -3.21
N VAL DB 119 107.99 -15.58 -3.17
CA VAL DB 119 107.39 -14.71 -2.17
C VAL DB 119 106.31 -15.51 -1.45
N ALA DB 120 106.36 -15.50 -0.11
CA ALA DB 120 105.42 -16.26 0.68
C ALA DB 120 104.02 -15.65 0.63
N ASP DB 121 103.01 -16.51 0.68
CA ASP DB 121 101.63 -16.07 0.74
C ASP DB 121 101.31 -15.58 2.14
N PRO DB 122 100.95 -14.31 2.33
CA PRO DB 122 100.71 -13.81 3.69
C PRO DB 122 99.46 -14.37 4.34
N ARG DB 123 98.47 -14.79 3.56
CA ARG DB 123 97.23 -15.29 4.13
C ARG DB 123 97.42 -16.67 4.74
N ARG DB 124 96.95 -16.85 5.97
CA ARG DB 124 96.97 -18.17 6.59
C ARG DB 124 95.57 -18.67 6.91
N CYS DB 125 94.82 -17.97 7.76
CA CYS DB 125 93.50 -18.40 8.23
C CYS DB 125 92.76 -17.19 8.76
N GLU DB 126 91.63 -17.44 9.43
CA GLU DB 126 90.92 -16.40 10.15
C GLU DB 126 90.17 -17.05 11.31
N SER DB 127 90.21 -16.40 12.47
CA SER DB 127 89.55 -16.93 13.64
C SER DB 127 88.04 -16.91 13.47
N LYS DB 128 87.41 -18.04 13.75
CA LYS DB 128 85.95 -18.13 13.75
C LYS DB 128 85.38 -17.26 14.86
N LYS DB 129 84.29 -16.56 14.56
CA LYS DB 129 83.59 -15.77 15.55
C LYS DB 129 82.38 -16.53 16.08
N PHE DB 130 81.92 -16.11 17.26
CA PHE DB 130 80.89 -16.84 17.99
C PHE DB 130 79.48 -16.54 17.48
N GLY DB 131 79.37 -16.02 16.26
CA GLY DB 131 78.06 -15.70 15.71
C GLY DB 131 77.66 -16.55 14.52
N GLY DB 132 78.54 -17.46 14.09
CA GLY DB 132 78.27 -18.28 12.94
C GLY DB 132 79.13 -19.52 12.86
N PRO DB 133 78.89 -20.34 11.84
CA PRO DB 133 79.65 -21.58 11.71
C PRO DB 133 81.07 -21.38 11.25
N GLY DB 134 81.38 -20.25 10.59
CA GLY DB 134 82.70 -20.02 10.08
C GLY DB 134 83.30 -18.70 10.50
N ALA DB 135 84.28 -18.22 9.73
CA ALA DB 135 84.95 -16.97 10.07
C ALA DB 135 84.02 -15.77 9.88
N ARG DB 136 83.34 -15.71 8.74
CA ARG DB 136 82.46 -14.59 8.43
C ARG DB 136 80.99 -14.99 8.30
N ALA DB 137 80.69 -16.26 8.03
CA ALA DB 137 79.31 -16.70 7.96
C ALA DB 137 78.65 -16.55 9.32
N ARG DB 138 77.34 -16.27 9.29
CA ARG DB 138 76.55 -16.12 10.50
C ARG DB 138 75.48 -17.19 10.54
N TYR DB 139 75.11 -17.62 11.75
CA TYR DB 139 74.06 -18.60 11.92
C TYR DB 139 72.74 -18.07 11.38
N GLN DB 140 71.94 -18.96 10.81
CA GLN DB 140 70.67 -18.55 10.23
C GLN DB 140 69.72 -18.06 11.32
N LYS DB 141 69.16 -16.88 11.12
CA LYS DB 141 68.22 -16.28 12.05
C LYS DB 141 66.81 -16.34 11.49
N SER DB 142 65.84 -16.42 12.39
CA SER DB 142 64.44 -16.44 12.03
C SER DB 142 63.69 -15.44 12.88
N TYR DB 143 62.67 -14.83 12.28
CA TYR DB 143 61.92 -13.77 12.94
C TYR DB 143 60.57 -14.19 13.46
N ARG DB 144 60.01 -15.30 13.00
CA ARG DB 144 58.67 -15.71 13.40
C ARG DB 144 58.67 -17.14 13.94
N MET EB 1 92.13 5.10 0.88
CA MET EB 1 91.14 5.70 1.77
C MET EB 1 91.46 5.40 3.23
N GLY EB 2 90.84 6.16 4.13
CA GLY EB 2 91.12 6.03 5.55
C GLY EB 2 92.52 6.45 5.93
N ARG EB 3 93.01 7.55 5.37
CA ARG EB 3 94.36 8.05 5.63
C ARG EB 3 94.36 9.48 6.13
N VAL EB 4 93.25 9.91 6.73
CA VAL EB 4 93.16 11.26 7.27
C VAL EB 4 93.73 11.28 8.67
N ARG EB 5 94.65 12.20 8.93
CA ARG EB 5 95.28 12.31 10.23
C ARG EB 5 94.38 13.09 11.20
N THR EB 6 94.64 12.92 12.49
CA THR EB 6 93.81 13.50 13.53
C THR EB 6 94.44 14.79 14.06
N LYS EB 7 93.76 15.41 15.04
CA LYS EB 7 94.29 16.61 15.67
C LYS EB 7 95.59 16.32 16.40
N THR EB 8 95.70 15.16 17.03
CA THR EB 8 96.88 14.86 17.86
C THR EB 8 98.15 14.89 17.02
N VAL EB 9 98.17 14.13 15.92
CA VAL EB 9 99.36 14.06 15.09
C VAL EB 9 99.65 15.40 14.43
N LYS EB 10 98.61 16.09 13.98
CA LYS EB 10 98.82 17.37 13.28
C LYS EB 10 99.41 18.41 14.23
N LYS EB 11 98.84 18.53 15.44
CA LYS EB 11 99.36 19.46 16.42
C LYS EB 11 100.78 19.10 16.83
N ALA EB 12 101.04 17.80 17.02
CA ALA EB 12 102.39 17.37 17.37
C ALA EB 12 103.38 17.72 16.28
N ALA EB 13 103.00 17.50 15.02
CA ALA EB 13 103.88 17.83 13.90
C ALA EB 13 104.16 19.31 13.84
N ARG EB 14 103.11 20.13 13.99
CA ARG EB 14 103.30 21.58 13.97
C ARG EB 14 104.22 22.03 15.10
N VAL EB 15 104.02 21.48 16.30
CA VAL EB 15 104.84 21.89 17.45
C VAL EB 15 106.30 21.52 17.23
N ILE EB 16 106.56 20.28 16.80
CA ILE EB 16 107.96 19.86 16.68
C ILE EB 16 108.61 20.52 15.47
N ILE EB 17 107.84 20.89 14.44
CA ILE EB 17 108.41 21.63 13.34
C ILE EB 17 108.78 23.05 13.77
N GLU EB 18 107.88 23.72 14.47
CA GLU EB 18 108.16 25.08 14.92
C GLU EB 18 109.20 25.13 16.03
N LYS EB 19 109.51 23.99 16.65
CA LYS EB 19 110.52 23.96 17.71
C LYS EB 19 111.86 23.40 17.25
N TYR EB 20 111.88 22.58 16.20
CA TYR EB 20 113.10 21.93 15.72
C TYR EB 20 113.18 21.99 14.21
N TYR EB 21 112.86 23.16 13.64
CA TYR EB 21 112.88 23.32 12.19
C TYR EB 21 114.27 23.09 11.60
N THR EB 22 115.32 23.52 12.31
CA THR EB 22 116.66 23.39 11.78
C THR EB 22 117.10 21.94 11.67
N ARG EB 23 116.80 21.12 12.69
CA ARG EB 23 117.29 19.75 12.71
C ARG EB 23 116.52 18.85 11.75
N LEU EB 24 115.27 19.18 11.44
CA LEU EB 24 114.47 18.33 10.56
C LEU EB 24 114.93 18.44 9.12
N GLY EB 25 114.47 17.48 8.31
CA GLY EB 25 114.72 17.45 6.89
C GLY EB 25 113.54 16.90 6.12
N ASN EB 26 113.71 16.65 4.83
CA ASN EB 26 112.65 16.09 4.01
C ASN EB 26 112.78 14.58 3.81
N ASP EB 27 113.68 13.93 4.56
CA ASP EB 27 113.80 12.49 4.54
C ASP EB 27 112.95 11.90 5.67
N PHE EB 28 112.13 10.90 5.33
CA PHE EB 28 111.23 10.33 6.32
C PHE EB 28 111.97 9.64 7.45
N HIS EB 29 112.94 8.79 7.10
CA HIS EB 29 113.65 8.03 8.12
C HIS EB 29 114.51 8.94 8.99
N THR EB 30 115.09 9.99 8.41
CA THR EB 30 115.84 10.95 9.21
C THR EB 30 114.92 11.67 10.19
N ASN EB 31 113.74 12.07 9.73
CA ASN EB 31 112.82 12.80 10.59
C ASN EB 31 112.22 11.91 11.66
N LYS EB 32 112.12 10.60 11.41
CA LYS EB 32 111.61 9.70 12.43
C LYS EB 32 112.66 9.31 13.44
N ARG EB 33 113.92 9.72 13.24
CA ARG EB 33 114.98 9.42 14.19
C ARG EB 33 115.22 10.54 15.19
N VAL EB 34 114.62 11.72 14.99
CA VAL EB 34 114.77 12.79 15.95
C VAL EB 34 113.65 12.81 16.98
N CYS EB 35 112.48 12.27 16.63
CA CYS EB 35 111.30 12.41 17.49
C CYS EB 35 111.43 11.64 18.79
N GLU EB 36 112.35 10.67 18.87
CA GLU EB 36 112.51 9.91 20.10
C GLU EB 36 113.24 10.72 21.18
N GLU EB 37 114.03 11.71 20.78
CA GLU EB 37 114.74 12.52 21.77
C GLU EB 37 114.25 13.95 21.84
N ILE EB 38 113.68 14.51 20.76
CA ILE EB 38 113.13 15.85 20.84
C ILE EB 38 111.70 15.85 21.35
N ALA EB 39 111.12 14.67 21.55
CA ALA EB 39 109.78 14.54 22.10
C ALA EB 39 109.66 13.14 22.69
N ILE EB 40 108.53 12.91 23.38
CA ILE EB 40 108.24 11.61 23.97
C ILE EB 40 106.97 11.10 23.31
N ILE EB 41 107.10 10.09 22.47
CA ILE EB 41 105.99 9.51 21.73
C ILE EB 41 105.72 8.12 22.28
N PRO EB 42 104.58 7.89 22.94
CA PRO EB 42 104.34 6.57 23.53
C PRO EB 42 104.26 5.43 22.53
N SER EB 43 103.90 5.72 21.28
CA SER EB 43 103.68 4.68 20.28
C SER EB 43 104.63 4.87 19.11
N LYS EB 44 105.27 3.77 18.70
CA LYS EB 44 106.11 3.78 17.51
C LYS EB 44 105.30 4.11 16.26
N LYS EB 45 104.09 3.54 16.17
CA LYS EB 45 103.18 3.89 15.08
C LYS EB 45 102.85 5.37 15.09
N LEU EB 46 102.56 5.92 16.27
CA LEU EB 46 102.32 7.35 16.38
C LEU EB 46 103.54 8.13 15.95
N ARG EB 47 104.73 7.68 16.35
CA ARG EB 47 105.96 8.39 16.03
C ARG EB 47 106.17 8.47 14.53
N ASN EB 48 106.05 7.34 13.83
CA ASN EB 48 106.31 7.37 12.39
C ASN EB 48 105.19 8.05 11.61
N LYS EB 49 103.95 7.97 12.08
CA LYS EB 49 102.87 8.75 11.45
C LYS EB 49 103.13 10.24 11.57
N ILE EB 50 103.54 10.68 12.76
CA ILE EB 50 103.90 12.08 12.96
C ILE EB 50 105.07 12.45 12.06
N ALA EB 51 106.05 11.55 11.93
CA ALA EB 51 107.20 11.83 11.07
C ALA EB 51 106.79 12.00 9.60
N GLY EB 52 105.89 11.14 9.10
CA GLY EB 52 105.42 11.30 7.74
C GLY EB 52 104.68 12.60 7.53
N TYR EB 53 103.82 12.96 8.49
CA TYR EB 53 103.16 14.26 8.39
C TYR EB 53 104.17 15.41 8.45
N VAL EB 54 105.23 15.28 9.23
CA VAL EB 54 106.28 16.30 9.28
C VAL EB 54 106.96 16.43 7.93
N THR EB 55 107.24 15.31 7.28
CA THR EB 55 107.85 15.38 5.95
C THR EB 55 106.94 16.11 4.97
N HIS EB 56 105.64 15.79 5.00
CA HIS EB 56 104.70 16.46 4.11
C HIS EB 56 104.64 17.95 4.41
N LEU EB 57 104.57 18.31 5.70
CA LEU EB 57 104.48 19.72 6.06
C LEU EB 57 105.75 20.47 5.73
N MET EB 58 106.91 19.82 5.79
CA MET EB 58 108.14 20.52 5.43
C MET EB 58 108.27 20.68 3.93
N LYS EB 59 107.76 19.72 3.15
CA LYS EB 59 107.65 19.96 1.72
C LYS EB 59 106.78 21.19 1.45
N ARG EB 60 105.64 21.27 2.14
CA ARG EB 60 104.77 22.44 1.97
C ARG EB 60 105.43 23.72 2.45
N ILE EB 61 106.27 23.63 3.49
CA ILE EB 61 106.96 24.80 4.00
C ILE EB 61 107.99 25.30 2.99
N GLN EB 62 108.81 24.40 2.47
CA GLN EB 62 109.82 24.80 1.51
C GLN EB 62 109.22 25.17 0.17
N ARG EB 63 107.94 24.85 -0.05
CA ARG EB 63 107.25 25.38 -1.22
C ARG EB 63 106.33 26.55 -0.92
N GLY EB 64 106.04 26.83 0.35
CA GLY EB 64 105.13 27.91 0.69
C GLY EB 64 105.01 28.24 2.17
N PRO EB 65 104.49 29.43 2.47
CA PRO EB 65 104.32 29.85 3.86
C PRO EB 65 103.21 29.10 4.59
N VAL EB 66 103.51 27.93 5.13
CA VAL EB 66 102.54 27.20 5.95
C VAL EB 66 102.23 27.98 7.22
N ARG EB 67 101.00 27.82 7.72
CA ARG EB 67 100.53 28.55 8.90
C ARG EB 67 101.38 28.27 10.14
N GLY EB 68 102.10 27.16 10.18
CA GLY EB 68 103.04 26.91 11.24
C GLY EB 68 104.11 27.98 11.28
N ILE EB 69 104.47 28.45 12.48
CA ILE EB 69 105.39 29.57 12.60
C ILE EB 69 106.79 29.12 12.20
N SER EB 70 107.58 30.06 11.69
CA SER EB 70 108.95 29.78 11.26
C SER EB 70 109.76 31.05 11.37
N ILE EB 71 110.93 30.96 12.01
CA ILE EB 71 111.73 32.17 12.26
C ILE EB 71 112.29 32.74 10.96
N LYS EB 72 112.71 31.88 10.04
CA LYS EB 72 113.22 32.37 8.76
C LYS EB 72 112.10 33.01 7.94
N LEU EB 73 110.93 32.37 7.92
CA LEU EB 73 109.80 32.94 7.19
C LEU EB 73 109.38 34.27 7.80
N GLN EB 74 109.33 34.35 9.13
CA GLN EB 74 108.96 35.60 9.78
C GLN EB 74 109.99 36.69 9.55
N GLU EB 75 111.28 36.37 9.59
CA GLU EB 75 112.27 37.43 9.36
C GLU EB 75 112.24 37.89 7.91
N GLU EB 76 112.03 36.96 6.97
CA GLU EB 76 111.90 37.36 5.57
C GLU EB 76 110.68 38.24 5.36
N GLU EB 77 109.54 37.86 5.92
CA GLU EB 77 108.33 38.66 5.79
C GLU EB 77 108.50 40.02 6.46
N ARG EB 78 109.14 40.06 7.62
CA ARG EB 78 109.37 41.31 8.32
C ARG EB 78 110.23 42.24 7.48
N GLU EB 79 111.31 41.70 6.89
CA GLU EB 79 112.15 42.48 5.99
C GLU EB 79 111.36 42.98 4.78
N ARG EB 80 110.47 42.14 4.26
CA ARG EB 80 109.65 42.48 3.12
C ARG EB 80 108.52 43.46 3.46
N ARG EB 81 108.25 43.69 4.74
CA ARG EB 81 107.19 44.60 5.15
C ARG EB 81 107.71 45.89 5.74
N ASP EB 82 108.61 45.83 6.74
CA ASP EB 82 109.06 47.05 7.39
C ASP EB 82 110.17 47.78 6.63
N ASN EB 83 110.42 47.40 5.39
CA ASN EB 83 111.42 48.05 4.55
C ASN EB 83 110.85 48.15 3.14
N TYR EB 84 111.74 48.35 2.18
CA TYR EB 84 111.38 48.53 0.77
C TYR EB 84 110.46 49.72 0.55
N VAL EB 85 110.75 50.81 1.26
CA VAL EB 85 110.20 52.08 0.81
C VAL EB 85 110.93 52.52 -0.46
N PRO EB 86 110.22 52.95 -1.50
CA PRO EB 86 110.92 53.38 -2.72
C PRO EB 86 111.74 54.63 -2.45
N GLU EB 87 112.83 54.76 -3.21
CA GLU EB 87 113.74 55.89 -3.05
C GLU EB 87 113.05 57.22 -3.27
N VAL EB 88 112.00 57.24 -4.09
CA VAL EB 88 111.16 58.42 -4.30
C VAL EB 88 109.75 58.03 -3.87
N SER EB 89 109.02 58.99 -3.29
CA SER EB 89 107.70 58.69 -2.79
C SER EB 89 106.74 58.39 -3.94
N ALA EB 90 105.68 57.65 -3.61
CA ALA EB 90 104.62 57.40 -4.56
C ALA EB 90 103.60 58.54 -4.61
N LEU EB 91 103.78 59.56 -3.78
CA LEU EB 91 102.83 60.65 -3.66
C LEU EB 91 103.43 62.00 -4.04
N ASP EB 92 104.57 61.99 -4.75
CA ASP EB 92 105.20 63.25 -5.15
C ASP EB 92 105.22 63.38 -6.67
N GLN EB 93 104.09 63.06 -7.31
CA GLN EB 93 104.00 63.13 -8.75
C GLN EB 93 104.25 64.55 -9.24
N GLU EB 94 104.86 64.65 -10.43
CA GLU EB 94 105.13 65.97 -11.01
C GLU EB 94 103.84 66.73 -11.25
N ILE EB 95 102.83 66.06 -11.80
CA ILE EB 95 101.52 66.64 -12.05
C ILE EB 95 100.46 65.72 -11.47
N ILE EB 96 99.31 66.30 -11.14
CA ILE EB 96 98.16 65.56 -10.63
C ILE EB 96 96.96 65.92 -11.48
N GLU EB 97 96.35 64.91 -12.10
CA GLU EB 97 95.12 65.11 -12.86
C GLU EB 97 93.99 65.39 -11.89
N VAL EB 98 93.53 66.63 -11.83
CA VAL EB 98 92.64 67.11 -10.80
C VAL EB 98 91.32 67.56 -11.43
N ASP EB 99 90.22 67.21 -10.77
CA ASP EB 99 88.86 67.51 -11.19
C ASP EB 99 88.59 69.00 -10.98
N PRO EB 100 87.97 69.67 -11.96
CA PRO EB 100 87.52 71.06 -11.73
C PRO EB 100 86.65 71.23 -10.50
N ASP EB 101 85.82 70.24 -10.16
CA ASP EB 101 85.08 70.28 -8.90
C ASP EB 101 86.04 70.30 -7.72
N THR EB 102 87.04 69.42 -7.74
CA THR EB 102 88.06 69.44 -6.69
C THR EB 102 88.88 70.72 -6.73
N LYS EB 103 89.08 71.30 -7.92
CA LYS EB 103 89.76 72.58 -8.00
C LYS EB 103 88.95 73.67 -7.31
N GLU EB 104 87.63 73.66 -7.49
CA GLU EB 104 86.77 74.61 -6.76
C GLU EB 104 86.81 74.35 -5.27
N MET EB 105 86.86 73.08 -4.86
CA MET EB 105 86.99 72.77 -3.45
C MET EB 105 88.28 73.33 -2.87
N LEU EB 106 89.40 73.19 -3.59
CA LEU EB 106 90.66 73.73 -3.11
C LEU EB 106 90.64 75.24 -3.11
N LYS EB 107 89.98 75.85 -4.10
CA LYS EB 107 89.86 77.30 -4.16
C LYS EB 107 89.09 77.83 -2.96
N LEU EB 108 88.00 77.16 -2.60
CA LEU EB 108 87.27 77.56 -1.39
C LEU EB 108 88.07 77.25 -0.14
N LEU EB 109 88.90 76.21 -0.17
CA LEU EB 109 89.76 75.87 0.95
C LEU EB 109 90.94 76.85 1.06
N ASP EB 110 91.20 77.61 -0.01
CA ASP EB 110 92.27 78.59 -0.29
C ASP EB 110 93.57 77.94 -0.75
N PHE EB 111 93.59 76.62 -0.94
CA PHE EB 111 94.75 75.95 -1.51
C PHE EB 111 94.69 75.87 -3.03
N GLY EB 112 93.98 76.78 -3.67
CA GLY EB 112 93.98 76.85 -5.11
C GLY EB 112 95.28 77.45 -5.63
N SER EB 113 95.43 77.39 -6.97
CA SER EB 113 96.58 77.91 -7.69
C SER EB 113 97.88 77.26 -7.20
N LEU EB 114 97.97 75.95 -7.43
CA LEU EB 114 99.18 75.18 -7.20
C LEU EB 114 99.75 74.73 -8.54
N SER EB 115 101.08 74.81 -8.67
CA SER EB 115 101.72 74.48 -9.94
C SER EB 115 101.71 73.00 -10.23
N ASN EB 116 101.54 72.15 -9.22
CA ASN EB 116 101.55 70.70 -9.40
C ASN EB 116 100.21 70.15 -9.86
N LEU EB 117 99.19 70.99 -9.95
CA LEU EB 117 97.84 70.55 -10.27
C LEU EB 117 97.50 70.91 -11.71
N GLN EB 118 96.98 69.94 -12.45
CA GLN EB 118 96.53 70.13 -13.82
C GLN EB 118 95.03 69.86 -13.88
N VAL EB 119 94.27 70.88 -14.26
CA VAL EB 119 92.81 70.78 -14.27
C VAL EB 119 92.38 69.88 -15.41
N THR EB 120 91.70 68.78 -15.09
CA THR EB 120 91.22 67.85 -16.10
C THR EB 120 90.01 68.41 -16.82
N GLN EB 121 89.78 67.89 -18.02
CA GLN EB 121 88.54 68.18 -18.72
C GLN EB 121 87.44 67.29 -18.15
N PRO EB 122 86.33 67.85 -17.68
CA PRO EB 122 85.27 67.02 -17.11
C PRO EB 122 84.67 66.10 -18.16
N THR EB 123 84.33 64.88 -17.74
CA THR EB 123 83.72 63.93 -18.64
C THR EB 123 82.29 64.34 -18.97
N VAL EB 124 81.77 63.75 -20.05
CA VAL EB 124 80.44 64.09 -20.56
C VAL EB 124 79.63 62.80 -20.68
N GLY EB 125 78.40 62.84 -20.21
CA GLY EB 125 77.49 61.72 -20.35
C GLY EB 125 76.75 61.36 -19.09
N MET EB 126 77.42 61.49 -17.94
CA MET EB 126 76.84 61.16 -16.63
C MET EB 126 76.28 59.75 -16.62
N ASN EB 127 77.00 58.84 -17.27
CA ASN EB 127 76.51 57.50 -17.61
C ASN EB 127 77.00 56.44 -16.63
N PHE EB 128 77.11 56.78 -15.35
CA PHE EB 128 77.49 55.82 -14.34
C PHE EB 128 76.26 54.98 -13.96
N LYS EB 129 76.37 54.21 -12.87
CA LYS EB 129 75.35 53.29 -12.37
C LYS EB 129 75.18 52.09 -13.30
N THR EB 130 75.08 50.90 -12.72
CA THR EB 130 74.89 49.70 -13.51
C THR EB 130 73.47 49.63 -14.07
N PRO EB 131 73.28 48.96 -15.19
CA PRO EB 131 71.91 48.70 -15.66
C PRO EB 131 71.14 47.89 -14.64
N ARG EB 132 69.93 48.35 -14.33
CA ARG EB 132 69.16 47.76 -13.24
C ARG EB 132 68.54 46.44 -13.68
N GLY EB 133 68.63 45.44 -12.80
CA GLY EB 133 68.05 44.14 -13.06
C GLY EB 133 68.83 43.36 -14.09
N PRO EB 134 68.29 42.19 -14.47
CA PRO EB 134 68.96 41.38 -15.50
C PRO EB 134 68.86 42.00 -16.89
N VAL EB 135 69.37 41.28 -17.88
CA VAL EB 135 69.39 41.72 -19.28
C VAL EB 135 70.08 43.06 -19.44
N MET FB 1 84.05 -65.15 -20.47
CA MET FB 1 83.95 -63.78 -20.00
C MET FB 1 83.53 -62.83 -21.14
N SER FB 2 82.56 -61.97 -20.83
CA SER FB 2 81.99 -61.01 -21.78
C SER FB 2 81.39 -61.71 -23.01
N LEU FB 3 80.88 -62.92 -22.83
CA LEU FB 3 80.24 -63.65 -23.91
C LEU FB 3 78.80 -63.16 -24.07
N VAL FB 4 78.05 -63.84 -24.95
CA VAL FB 4 76.63 -63.57 -25.11
C VAL FB 4 75.89 -64.17 -23.91
N ILE FB 5 74.60 -63.84 -23.80
CA ILE FB 5 73.77 -64.41 -22.74
C ILE FB 5 73.77 -65.93 -22.86
N PRO FB 6 73.92 -66.68 -21.76
CA PRO FB 6 73.86 -68.14 -21.86
C PRO FB 6 72.43 -68.59 -22.16
N GLU FB 7 72.35 -69.80 -22.72
CA GLU FB 7 71.06 -70.34 -23.12
C GLU FB 7 70.17 -70.58 -21.91
N LYS FB 8 70.74 -71.09 -20.82
CA LYS FB 8 69.97 -71.35 -19.60
C LYS FB 8 70.03 -70.17 -18.63
N PHE FB 9 69.78 -68.97 -19.13
CA PHE FB 9 69.84 -67.77 -18.32
C PHE FB 9 68.42 -67.32 -18.03
N GLN FB 10 67.84 -67.85 -16.96
CA GLN FB 10 66.56 -67.35 -16.49
C GLN FB 10 66.76 -65.99 -15.84
N HIS FB 11 65.93 -65.02 -16.25
CA HIS FB 11 66.17 -63.65 -15.85
C HIS FB 11 65.83 -63.41 -14.39
N ILE FB 12 64.92 -64.21 -13.83
CA ILE FB 12 64.71 -64.26 -12.39
C ILE FB 12 64.64 -65.73 -11.98
N LEU FB 13 64.88 -65.99 -10.71
CA LEU FB 13 64.91 -67.34 -10.18
C LEU FB 13 63.75 -67.55 -9.21
N ARG FB 14 63.72 -68.72 -8.59
CA ARG FB 14 62.76 -69.03 -7.53
C ARG FB 14 63.54 -69.61 -6.36
N VAL FB 15 63.73 -68.78 -5.34
CA VAL FB 15 64.53 -69.14 -4.16
C VAL FB 15 63.60 -69.20 -2.97
N LEU FB 16 63.67 -70.30 -2.22
CA LEU FB 16 62.80 -70.55 -1.07
C LEU FB 16 61.34 -70.50 -1.49
N ASN FB 17 60.71 -69.35 -1.33
CA ASN FB 17 59.36 -69.14 -1.83
C ASN FB 17 59.25 -67.86 -2.66
N THR FB 18 60.36 -67.18 -2.92
CA THR FB 18 60.35 -65.87 -3.54
C THR FB 18 61.20 -65.87 -4.80
N ASN FB 19 61.11 -64.79 -5.55
CA ASN FB 19 61.90 -64.63 -6.77
C ASN FB 19 63.01 -63.61 -6.56
N ILE FB 20 64.16 -63.87 -7.18
CA ILE FB 20 65.31 -62.97 -7.14
C ILE FB 20 65.69 -62.62 -8.56
N ASP FB 21 66.06 -61.36 -8.78
CA ASP FB 21 66.41 -60.90 -10.11
C ASP FB 21 67.77 -61.46 -10.52
N GLY FB 22 67.77 -62.32 -11.54
CA GLY FB 22 69.02 -62.86 -12.03
C GLY FB 22 69.81 -61.95 -12.94
N ARG FB 23 69.26 -60.77 -13.25
CA ARG FB 23 70.00 -59.81 -14.08
C ARG FB 23 71.18 -59.22 -13.34
N ARG FB 24 71.03 -58.94 -12.05
CA ARG FB 24 72.08 -58.34 -11.26
C ARG FB 24 73.11 -59.40 -10.84
N LYS FB 25 74.13 -58.97 -10.12
CA LYS FB 25 75.16 -59.87 -9.63
C LYS FB 25 74.59 -60.82 -8.59
N ILE FB 26 75.20 -62.00 -8.48
CA ILE FB 26 74.76 -62.99 -7.50
C ILE FB 26 74.97 -62.46 -6.09
N ALA FB 27 76.04 -61.68 -5.87
CA ALA FB 27 76.32 -61.14 -4.55
C ALA FB 27 75.25 -60.16 -4.09
N PHE FB 28 74.47 -59.59 -5.01
CA PHE FB 28 73.46 -58.61 -4.66
C PHE FB 28 72.05 -59.03 -5.03
N ALA FB 29 71.89 -60.11 -5.80
CA ALA FB 29 70.55 -60.56 -6.16
C ALA FB 29 69.86 -61.24 -4.98
N ILE FB 30 70.59 -62.05 -4.23
CA ILE FB 30 70.01 -62.84 -3.15
C ILE FB 30 69.76 -61.94 -1.95
N THR FB 31 70.27 -60.70 -2.00
CA THR FB 31 69.91 -59.72 -0.99
C THR FB 31 68.43 -59.33 -1.08
N ALA FB 32 67.78 -59.61 -2.21
CA ALA FB 32 66.35 -59.39 -2.34
C ALA FB 32 65.54 -60.27 -1.41
N ILE FB 33 66.13 -61.34 -0.88
CA ILE FB 33 65.47 -62.19 0.09
C ILE FB 33 65.48 -61.50 1.44
N LYS FB 34 64.29 -61.36 2.05
CA LYS FB 34 64.20 -60.75 3.36
C LYS FB 34 64.89 -61.62 4.39
N GLY FB 35 65.67 -60.99 5.26
CA GLY FB 35 66.54 -61.71 6.17
C GLY FB 35 67.95 -61.91 5.66
N VAL FB 36 68.24 -61.51 4.42
CA VAL FB 36 69.57 -61.64 3.82
C VAL FB 36 70.08 -60.25 3.49
N GLY FB 37 71.29 -59.94 3.95
CA GLY FB 37 71.91 -58.68 3.62
C GLY FB 37 73.12 -58.86 2.71
N ARG FB 38 73.87 -57.78 2.49
CA ARG FB 38 75.05 -57.86 1.64
C ARG FB 38 76.14 -58.70 2.30
N ARG FB 39 76.33 -58.54 3.62
CA ARG FB 39 77.34 -59.31 4.32
C ARG FB 39 77.03 -60.81 4.31
N TYR FB 40 75.77 -61.16 4.54
CA TYR FB 40 75.38 -62.57 4.49
C TYR FB 40 75.62 -63.15 3.10
N ALA FB 41 75.22 -62.42 2.07
CA ALA FB 41 75.42 -62.88 0.70
C ALA FB 41 76.91 -63.06 0.40
N HIS FB 42 77.73 -62.08 0.81
CA HIS FB 42 79.15 -62.16 0.54
C HIS FB 42 79.78 -63.36 1.23
N VAL FB 43 79.44 -63.58 2.51
CA VAL FB 43 80.09 -64.67 3.24
C VAL FB 43 79.62 -66.02 2.71
N VAL FB 44 78.33 -66.16 2.37
CA VAL FB 44 77.87 -67.46 1.89
C VAL FB 44 78.41 -67.74 0.50
N LEU FB 45 78.61 -66.69 -0.32
CA LEU FB 45 79.21 -66.91 -1.63
C LEU FB 45 80.69 -67.23 -1.52
N ARG FB 46 81.39 -66.62 -0.55
CA ARG FB 46 82.79 -66.95 -0.35
C ARG FB 46 82.96 -68.39 0.12
N LYS FB 47 82.08 -68.84 1.02
CA LYS FB 47 82.16 -70.22 1.49
C LYS FB 47 81.51 -71.21 0.53
N ALA FB 48 80.84 -70.74 -0.52
CA ALA FB 48 80.31 -71.64 -1.54
C ALA FB 48 81.28 -71.85 -2.69
N ASP FB 49 82.39 -71.12 -2.72
CA ASP FB 49 83.40 -71.20 -3.78
C ASP FB 49 82.75 -70.97 -5.15
N ILE FB 50 82.15 -69.80 -5.29
CA ILE FB 50 81.47 -69.38 -6.52
C ILE FB 50 82.00 -68.00 -6.89
N ASP FB 51 82.29 -67.81 -8.18
CA ASP FB 51 82.82 -66.53 -8.64
C ASP FB 51 81.83 -65.41 -8.37
N LEU FB 52 82.32 -64.31 -7.80
CA LEU FB 52 81.48 -63.18 -7.44
C LEU FB 52 81.23 -62.25 -8.62
N THR FB 53 82.05 -62.31 -9.67
CA THR FB 53 81.94 -61.42 -10.82
C THR FB 53 81.05 -61.98 -11.92
N LYS FB 54 80.14 -62.87 -11.58
CA LYS FB 54 79.19 -63.42 -12.53
C LYS FB 54 77.78 -63.18 -12.03
N ARG FB 55 76.83 -63.06 -12.95
CA ARG FB 55 75.49 -62.68 -12.59
C ARG FB 55 74.70 -63.87 -12.03
N ALA FB 56 73.59 -63.56 -11.37
CA ALA FB 56 72.83 -64.61 -10.68
C ALA FB 56 72.12 -65.52 -11.68
N GLY FB 57 71.71 -64.99 -12.83
CA GLY FB 57 70.92 -65.79 -13.75
C GLY FB 57 71.69 -66.89 -14.45
N GLU FB 58 73.03 -66.78 -14.50
CA GLU FB 58 73.85 -67.74 -15.23
C GLU FB 58 74.34 -68.89 -14.36
N LEU FB 59 73.99 -68.92 -13.08
CA LEU FB 59 74.37 -70.03 -12.22
C LEU FB 59 73.54 -71.27 -12.56
N THR FB 60 74.11 -72.44 -12.27
CA THR FB 60 73.44 -73.70 -12.50
C THR FB 60 72.75 -74.18 -11.23
N GLU FB 61 71.96 -75.24 -11.37
CA GLU FB 61 71.10 -75.69 -10.27
C GLU FB 61 71.91 -76.22 -9.09
N ASP FB 62 73.03 -76.90 -9.35
CA ASP FB 62 73.85 -77.40 -8.26
C ASP FB 62 74.42 -76.26 -7.42
N GLU FB 63 74.89 -75.19 -8.07
CA GLU FB 63 75.42 -74.05 -7.34
C GLU FB 63 74.34 -73.38 -6.50
N VAL FB 64 73.16 -73.16 -7.09
CA VAL FB 64 72.12 -72.46 -6.34
C VAL FB 64 71.60 -73.34 -5.21
N GLU FB 65 71.56 -74.66 -5.36
CA GLU FB 65 71.14 -75.49 -4.24
C GLU FB 65 72.23 -75.59 -3.18
N ARG FB 66 73.51 -75.45 -3.57
CA ARG FB 66 74.56 -75.28 -2.58
C ARG FB 66 74.33 -74.01 -1.76
N VAL FB 67 73.94 -72.93 -2.44
CA VAL FB 67 73.61 -71.69 -1.74
C VAL FB 67 72.42 -71.90 -0.81
N ILE FB 68 71.41 -72.63 -1.28
CA ILE FB 68 70.23 -72.92 -0.45
C ILE FB 68 70.63 -73.70 0.79
N THR FB 69 71.49 -74.71 0.61
CA THR FB 69 71.93 -75.53 1.73
C THR FB 69 72.71 -74.71 2.74
N ILE FB 70 73.60 -73.85 2.27
CA ILE FB 70 74.38 -73.01 3.18
C ILE FB 70 73.47 -72.05 3.92
N MET FB 71 72.49 -71.46 3.21
CA MET FB 71 71.60 -70.49 3.85
C MET FB 71 70.72 -71.15 4.90
N GLN FB 72 70.06 -72.25 4.53
CA GLN FB 72 69.16 -72.93 5.48
C GLN FB 72 69.94 -73.55 6.63
N ASN FB 73 71.17 -73.97 6.37
CA ASN FB 73 72.01 -74.64 7.37
C ASN FB 73 73.35 -73.91 7.44
N PRO FB 74 73.40 -72.79 8.18
CA PRO FB 74 74.66 -72.05 8.26
C PRO FB 74 75.61 -72.55 9.35
N ARG FB 75 75.08 -73.19 10.40
CA ARG FB 75 75.90 -73.56 11.54
C ARG FB 75 77.00 -74.54 11.16
N GLN FB 76 76.68 -75.51 10.32
CA GLN FB 76 77.61 -76.58 9.98
C GLN FB 76 78.59 -76.22 8.88
N TYR FB 77 78.52 -74.99 8.36
CA TYR FB 77 79.39 -74.55 7.27
C TYR FB 77 80.28 -73.38 7.68
N LYS FB 78 80.84 -73.45 8.89
CA LYS FB 78 81.86 -72.53 9.39
C LYS FB 78 81.38 -71.09 9.48
N ILE FB 79 80.08 -70.86 9.41
CA ILE FB 79 79.55 -69.52 9.68
C ILE FB 79 79.66 -69.25 11.18
N PRO FB 80 80.30 -68.17 11.60
CA PRO FB 80 80.50 -67.94 13.03
C PRO FB 80 79.19 -67.68 13.75
N ASP FB 81 79.20 -67.99 15.04
CA ASP FB 81 77.98 -67.94 15.86
C ASP FB 81 77.37 -66.55 15.85
N TRP FB 82 78.21 -65.53 15.92
CA TRP FB 82 77.79 -64.14 16.06
C TRP FB 82 77.23 -63.55 14.77
N PHE FB 83 77.37 -64.23 13.64
CA PHE FB 83 76.89 -63.72 12.37
C PHE FB 83 75.37 -63.92 12.18
N LEU FB 84 74.75 -64.78 12.97
CA LEU FB 84 73.37 -65.18 12.75
C LEU FB 84 72.41 -64.19 13.39
N ASN FB 85 71.18 -64.19 12.90
CA ASN FB 85 70.16 -63.28 13.42
C ASN FB 85 69.48 -63.82 14.67
N ARG FB 86 68.78 -64.96 14.54
CA ARG FB 86 67.97 -65.46 15.64
C ARG FB 86 68.87 -66.28 16.56
N GLN FB 87 69.69 -65.54 17.31
CA GLN FB 87 70.59 -66.14 18.27
C GLN FB 87 69.88 -66.27 19.61
N LYS FB 88 69.93 -67.46 20.20
CA LYS FB 88 69.43 -67.69 21.55
C LYS FB 88 67.94 -67.34 21.64
N ASP FB 89 67.15 -68.11 20.89
CA ASP FB 89 65.76 -67.76 20.61
C ASP FB 89 64.94 -67.74 21.90
N VAL FB 90 63.92 -66.88 21.92
CA VAL FB 90 63.01 -66.82 23.06
C VAL FB 90 62.20 -68.10 23.20
N LYS FB 91 61.83 -68.74 22.10
CA LYS FB 91 61.09 -70.00 22.15
C LYS FB 91 61.93 -71.13 22.75
N ASP FB 92 63.07 -71.44 22.13
CA ASP FB 92 63.81 -72.64 22.47
C ASP FB 92 65.32 -72.43 22.61
N GLY FB 93 65.81 -71.20 22.49
CA GLY FB 93 67.21 -70.93 22.79
C GLY FB 93 68.21 -71.63 21.90
N LYS FB 94 67.97 -71.66 20.59
CA LYS FB 94 68.88 -72.27 19.65
C LYS FB 94 69.34 -71.24 18.63
N TYR FB 95 70.63 -71.28 18.32
CA TYR FB 95 71.27 -70.31 17.45
C TYR FB 95 70.89 -70.63 16.01
N SER FB 96 70.12 -69.75 15.38
CA SER FB 96 69.58 -70.03 14.06
C SER FB 96 69.55 -68.78 13.20
N GLN FB 97 69.72 -68.97 11.90
CA GLN FB 97 69.50 -67.92 10.93
C GLN FB 97 68.20 -68.19 10.19
N VAL FB 98 67.35 -67.16 10.10
CA VAL FB 98 66.03 -67.28 9.50
C VAL FB 98 66.06 -66.56 8.15
N LEU FB 99 65.43 -67.17 7.15
CA LEU FB 99 65.70 -66.82 5.76
C LEU FB 99 64.50 -66.37 4.95
N ALA FB 100 63.27 -66.54 5.45
CA ALA FB 100 62.09 -66.35 4.60
C ALA FB 100 60.95 -65.83 5.47
N ASN FB 101 59.72 -66.01 4.99
CA ASN FB 101 58.51 -65.62 5.71
C ASN FB 101 58.41 -66.25 7.09
N GLY FB 102 59.24 -67.25 7.35
CA GLY FB 102 59.48 -67.66 8.73
C GLY FB 102 59.91 -66.50 9.59
N LEU FB 103 60.70 -65.58 9.05
CA LEU FB 103 61.03 -64.37 9.77
C LEU FB 103 59.79 -63.52 10.01
N ASP FB 104 58.89 -63.46 9.02
CA ASP FB 104 57.65 -62.70 9.18
C ASP FB 104 56.82 -63.25 10.33
N ASN FB 105 56.60 -64.56 10.35
CA ASN FB 105 55.75 -65.12 11.40
C ASN FB 105 56.46 -65.16 12.75
N LYS FB 106 57.80 -65.28 12.76
CA LYS FB 106 58.53 -65.18 14.02
C LYS FB 106 58.42 -63.78 14.60
N LEU FB 107 58.54 -62.75 13.75
CA LEU FB 107 58.32 -61.39 14.22
C LEU FB 107 56.90 -61.19 14.72
N ARG FB 108 55.92 -61.74 13.99
CA ARG FB 108 54.53 -61.62 14.39
C ARG FB 108 54.29 -62.28 15.76
N GLU FB 109 54.83 -63.49 15.96
CA GLU FB 109 54.60 -64.17 17.22
C GLU FB 109 55.36 -63.51 18.36
N ASP FB 110 56.54 -62.95 18.07
CA ASP FB 110 57.25 -62.20 19.11
C ASP FB 110 56.47 -60.96 19.52
N LEU FB 111 55.90 -60.24 18.55
CA LEU FB 111 55.11 -59.05 18.87
C LEU FB 111 53.86 -59.42 19.65
N GLU FB 112 53.14 -60.47 19.23
CA GLU FB 112 51.95 -60.84 19.97
C GLU FB 112 52.30 -61.50 21.30
N ARG FB 113 53.52 -62.00 21.44
CA ARG FB 113 54.00 -62.46 22.74
C ARG FB 113 54.20 -61.28 23.68
N LEU FB 114 54.83 -60.22 23.19
CA LEU FB 114 55.01 -59.02 23.99
C LEU FB 114 53.66 -58.40 24.36
N LYS FB 115 52.71 -58.43 23.42
CA LYS FB 115 51.37 -57.91 23.71
C LYS FB 115 50.65 -58.79 24.74
N LYS FB 116 50.81 -60.11 24.63
CA LYS FB 116 50.09 -61.02 25.53
C LYS FB 116 50.53 -60.81 26.98
N ILE FB 117 51.85 -60.62 27.19
CA ILE FB 117 52.33 -60.27 28.53
C ILE FB 117 52.13 -58.79 28.84
N ARG FB 118 51.54 -58.04 27.91
CA ARG FB 118 51.22 -56.62 28.09
C ARG FB 118 52.47 -55.81 28.44
N ALA FB 119 53.57 -56.10 27.75
CA ALA FB 119 54.81 -55.38 27.97
C ALA FB 119 54.71 -53.95 27.43
N HIS FB 120 55.55 -53.07 27.98
CA HIS FB 120 55.57 -51.68 27.53
C HIS FB 120 55.92 -51.57 26.06
N ARG FB 121 56.96 -52.29 25.63
CA ARG FB 121 57.30 -52.30 24.21
C ARG FB 121 56.18 -52.94 23.40
N GLY FB 122 55.57 -54.01 23.92
CA GLY FB 122 54.45 -54.61 23.23
C GLY FB 122 53.25 -53.70 23.17
N LEU FB 123 52.97 -52.96 24.25
CA LEU FB 123 51.88 -52.01 24.23
C LEU FB 123 52.12 -50.91 23.21
N ARG FB 124 53.35 -50.39 23.13
CA ARG FB 124 53.68 -49.38 22.14
C ARG FB 124 53.56 -49.93 20.72
N HIS FB 125 53.98 -51.18 20.52
CA HIS FB 125 53.82 -51.81 19.20
C HIS FB 125 52.35 -51.95 18.84
N PHE FB 126 51.52 -52.33 19.81
CA PHE FB 126 50.08 -52.39 19.56
C PHE FB 126 49.52 -51.03 19.20
N TRP FB 127 49.99 -49.98 19.88
CA TRP FB 127 49.51 -48.64 19.62
C TRP FB 127 50.11 -48.02 18.37
N GLY FB 128 51.07 -48.69 17.74
CA GLY FB 128 51.70 -48.13 16.55
C GLY FB 128 52.65 -46.99 16.82
N LEU FB 129 53.05 -46.79 18.08
CA LEU FB 129 53.95 -45.73 18.46
C LEU FB 129 55.40 -46.22 18.44
N ARG FB 130 56.33 -45.31 18.67
CA ARG FB 130 57.73 -45.68 18.72
C ARG FB 130 58.02 -46.47 19.99
N VAL FB 131 58.95 -47.41 19.90
CA VAL FB 131 59.26 -48.29 21.01
C VAL FB 131 60.66 -48.08 21.56
N ARG FB 132 61.57 -47.48 20.80
CA ARG FB 132 62.96 -47.33 21.21
C ARG FB 132 63.20 -46.02 21.95
N GLY FB 133 62.16 -45.46 22.57
CA GLY FB 133 62.33 -44.30 23.41
C GLY FB 133 62.56 -43.00 22.69
N GLN FB 134 62.24 -42.92 21.40
CA GLN FB 134 62.43 -41.68 20.68
C GLN FB 134 61.33 -40.69 21.01
N HIS FB 135 61.59 -39.42 20.71
CA HIS FB 135 60.60 -38.37 20.91
C HIS FB 135 59.48 -38.50 19.89
N THR FB 136 58.23 -38.41 20.36
CA THR FB 136 57.06 -38.46 19.49
C THR FB 136 56.33 -37.13 19.43
N LYS FB 137 56.91 -36.07 20.01
CA LYS FB 137 56.26 -34.77 19.98
C LYS FB 137 56.25 -34.18 18.58
N THR FB 138 57.39 -34.19 17.90
CA THR FB 138 57.56 -33.45 16.65
C THR FB 138 57.64 -34.32 15.41
N THR FB 139 58.33 -35.45 15.46
CA THR FB 139 58.57 -36.28 14.28
C THR FB 139 57.54 -37.38 14.18
N GLY FB 140 57.58 -38.10 13.05
CA GLY FB 140 56.66 -39.18 12.82
C GLY FB 140 55.24 -38.76 12.48
N ARG FB 141 55.05 -37.49 12.09
CA ARG FB 141 53.71 -37.01 11.78
C ARG FB 141 53.18 -37.62 10.49
N ARG FB 142 54.07 -38.04 9.59
CA ARG FB 142 53.63 -38.65 8.35
C ARG FB 142 52.86 -39.94 8.60
N GLY FB 143 53.34 -40.77 9.52
CA GLY FB 143 52.69 -42.02 9.83
C GLY FB 143 51.30 -41.88 10.43
N ARG FB 144 50.97 -40.71 10.96
CA ARG FB 144 49.66 -40.45 11.53
C ARG FB 144 48.79 -39.59 10.62
N THR FB 145 49.35 -38.55 10.02
CA THR FB 145 48.61 -37.72 9.08
C THR FB 145 49.39 -37.57 7.77
N PRO GB 1 123.54 -48.25 -9.23
CA PRO GB 1 122.16 -47.79 -9.30
C PRO GB 1 121.24 -48.52 -8.33
N GLY GB 2 121.58 -48.46 -7.04
CA GLY GB 2 120.74 -49.07 -6.04
C GLY GB 2 119.37 -48.43 -5.97
N VAL GB 3 118.36 -49.25 -5.71
CA VAL GB 3 116.98 -48.81 -5.66
C VAL GB 3 116.39 -49.18 -4.30
N THR GB 4 115.98 -48.17 -3.54
CA THR GB 4 115.28 -48.38 -2.29
C THR GB 4 113.77 -48.33 -2.52
N VAL GB 5 113.03 -48.69 -1.47
CA VAL GB 5 111.58 -48.71 -1.56
C VAL GB 5 111.01 -47.32 -1.74
N LYS GB 6 111.73 -46.29 -1.28
CA LYS GB 6 111.28 -44.91 -1.42
C LYS GB 6 111.48 -44.36 -2.83
N ASP GB 7 112.25 -45.06 -3.66
CA ASP GB 7 112.49 -44.65 -5.03
C ASP GB 7 111.54 -45.31 -6.01
N VAL GB 8 110.57 -46.09 -5.53
CA VAL GB 8 109.57 -46.72 -6.38
C VAL GB 8 108.20 -46.27 -5.93
N ASN GB 9 107.26 -46.26 -6.88
CA ASN GB 9 105.89 -45.88 -6.58
C ASN GB 9 105.26 -46.91 -5.65
N GLN GB 10 104.79 -46.45 -4.50
CA GLN GB 10 104.42 -47.35 -3.42
C GLN GB 10 103.24 -48.26 -3.76
N GLN GB 11 102.36 -47.83 -4.66
CA GLN GB 11 101.14 -48.58 -4.94
C GLN GB 11 101.44 -49.92 -5.62
N GLU GB 12 102.01 -49.85 -6.82
CA GLU GB 12 102.37 -51.10 -7.48
C GLU GB 12 103.54 -51.80 -6.79
N PHE GB 13 104.35 -51.06 -6.02
CA PHE GB 13 105.37 -51.70 -5.22
C PHE GB 13 104.74 -52.65 -4.20
N VAL GB 14 103.79 -52.16 -3.42
CA VAL GB 14 103.16 -53.02 -2.43
C VAL GB 14 102.31 -54.09 -3.13
N ARG GB 15 101.81 -53.80 -4.33
CA ARG GB 15 101.12 -54.83 -5.10
C ARG GB 15 102.06 -55.98 -5.46
N ALA GB 16 103.25 -55.68 -5.97
CA ALA GB 16 104.21 -56.74 -6.30
C ALA GB 16 104.71 -57.43 -5.04
N LEU GB 17 104.86 -56.69 -3.95
CA LEU GB 17 105.24 -57.30 -2.67
C LEU GB 17 104.18 -58.30 -2.21
N ALA GB 18 102.90 -57.95 -2.32
CA ALA GB 18 101.84 -58.86 -1.97
C ALA GB 18 101.80 -60.06 -2.90
N ALA GB 19 102.09 -59.86 -4.18
CA ALA GB 19 102.14 -60.98 -5.11
C ALA GB 19 103.25 -61.95 -4.75
N PHE GB 20 104.44 -61.43 -4.43
CA PHE GB 20 105.55 -62.28 -3.99
C PHE GB 20 105.19 -63.02 -2.71
N LEU GB 21 104.54 -62.32 -1.78
CA LEU GB 21 104.10 -62.94 -0.54
C LEU GB 21 103.10 -64.06 -0.81
N LYS GB 22 102.21 -63.84 -1.78
CA LYS GB 22 101.23 -64.87 -2.16
C LYS GB 22 101.91 -66.10 -2.74
N LYS GB 23 102.83 -65.91 -3.68
CA LYS GB 23 103.45 -67.06 -4.32
C LYS GB 23 104.35 -67.82 -3.37
N SER GB 24 105.00 -67.12 -2.44
CA SER GB 24 105.80 -67.76 -1.40
C SER GB 24 104.98 -67.91 -0.13
N GLY GB 25 103.90 -68.68 -0.23
CA GLY GB 25 102.94 -68.79 0.85
C GLY GB 25 103.42 -69.61 2.02
N LYS GB 26 103.77 -68.92 3.12
CA LYS GB 26 104.09 -69.56 4.38
C LYS GB 26 103.38 -68.86 5.53
N LEU GB 27 102.15 -68.41 5.32
CA LEU GB 27 101.48 -67.54 6.26
C LEU GB 27 100.53 -68.33 7.16
N LYS GB 28 100.39 -67.86 8.40
CA LYS GB 28 99.38 -68.38 9.31
C LYS GB 28 98.11 -67.57 9.05
N VAL GB 29 97.44 -67.91 7.95
CA VAL GB 29 96.21 -67.23 7.57
C VAL GB 29 95.10 -67.71 8.48
N PRO GB 30 94.45 -66.81 9.24
CA PRO GB 30 93.36 -67.24 10.10
C PRO GB 30 92.15 -67.70 9.31
N GLU GB 31 91.38 -68.60 9.92
CA GLU GB 31 90.25 -69.22 9.25
C GLU GB 31 89.09 -68.27 9.02
N TRP GB 32 89.10 -67.08 9.63
CA TRP GB 32 87.99 -66.15 9.50
C TRP GB 32 88.31 -64.98 8.58
N VAL GB 33 89.26 -65.15 7.66
CA VAL GB 33 89.55 -64.09 6.69
C VAL GB 33 88.38 -63.86 5.74
N ASP GB 34 87.56 -64.86 5.50
CA ASP GB 34 86.45 -64.72 4.56
C ASP GB 34 85.21 -64.11 5.19
N THR GB 35 85.23 -63.82 6.49
CA THR GB 35 84.03 -63.39 7.19
C THR GB 35 84.13 -62.00 7.81
N VAL GB 36 85.22 -61.70 8.52
CA VAL GB 36 85.27 -60.51 9.34
C VAL GB 36 85.44 -59.27 8.46
N LYS GB 37 84.99 -58.13 8.99
CA LYS GB 37 85.21 -56.84 8.34
C LYS GB 37 86.58 -56.30 8.74
N LEU GB 38 87.22 -55.59 7.81
CA LEU GB 38 88.55 -55.07 8.09
C LEU GB 38 88.54 -53.93 9.10
N ALA GB 39 87.39 -53.33 9.37
CA ALA GB 39 87.32 -52.26 10.34
C ALA GB 39 85.88 -52.12 10.82
N LYS GB 40 85.73 -51.43 11.96
CA LYS GB 40 84.40 -51.17 12.50
C LYS GB 40 83.57 -50.32 11.55
N HIS GB 41 84.17 -49.29 10.97
CA HIS GB 41 83.46 -48.38 10.08
C HIS GB 41 83.18 -48.97 8.71
N LYS GB 42 83.91 -50.00 8.30
CA LYS GB 42 83.57 -50.67 7.07
C LYS GB 42 82.26 -51.43 7.21
N GLU GB 43 81.46 -51.41 6.15
CA GLU GB 43 80.16 -52.06 6.14
C GLU GB 43 80.04 -53.19 5.12
N LEU GB 44 81.09 -53.46 4.35
CA LEU GB 44 81.16 -54.65 3.52
C LEU GB 44 82.47 -55.38 3.77
N ALA GB 45 82.48 -56.67 3.47
CA ALA GB 45 83.72 -57.44 3.55
C ALA GB 45 84.68 -56.96 2.48
N PRO GB 46 85.99 -57.09 2.71
CA PRO GB 46 86.96 -56.72 1.67
C PRO GB 46 86.74 -57.52 0.40
N TYR GB 47 86.82 -56.82 -0.74
CA TYR GB 47 86.40 -57.40 -2.01
C TYR GB 47 87.32 -58.53 -2.45
N ASP GB 48 88.62 -58.35 -2.29
CA ASP GB 48 89.56 -59.38 -2.77
C ASP GB 48 89.56 -60.58 -1.82
N GLU GB 49 89.98 -61.72 -2.36
CA GLU GB 49 90.08 -62.93 -1.54
C GLU GB 49 91.26 -62.86 -0.59
N ASN GB 50 92.47 -62.72 -1.13
CA ASN GB 50 93.67 -62.67 -0.31
C ASN GB 50 94.05 -61.24 0.05
N TRP GB 51 93.10 -60.50 0.62
CA TRP GB 51 93.37 -59.18 1.14
C TRP GB 51 94.38 -59.20 2.28
N PHE GB 52 94.49 -60.34 2.97
CA PHE GB 52 95.47 -60.48 4.05
C PHE GB 52 96.88 -60.20 3.56
N TYR GB 53 97.21 -60.67 2.37
CA TYR GB 53 98.57 -60.52 1.87
C TYR GB 53 98.89 -59.07 1.50
N THR GB 54 97.95 -58.38 0.85
CA THR GB 54 98.16 -56.96 0.57
C THR GB 54 98.25 -56.15 1.85
N ARG GB 55 97.38 -56.45 2.82
CA ARG GB 55 97.43 -55.73 4.09
C ARG GB 55 98.75 -55.97 4.81
N ALA GB 56 99.23 -57.22 4.84
CA ALA GB 56 100.50 -57.51 5.47
C ALA GB 56 101.66 -56.83 4.76
N ALA GB 57 101.63 -56.79 3.43
CA ALA GB 57 102.65 -56.09 2.67
C ALA GB 57 102.65 -54.60 3.00
N SER GB 58 101.46 -54.00 3.11
CA SER GB 58 101.36 -52.60 3.49
C SER GB 58 101.88 -52.35 4.89
N THR GB 59 101.60 -53.28 5.82
CA THR GB 59 102.15 -53.15 7.17
C THR GB 59 103.66 -53.22 7.14
N ALA GB 60 104.22 -54.11 6.33
CA ALA GB 60 105.68 -54.19 6.20
C ALA GB 60 106.25 -52.89 5.65
N ARG GB 61 105.59 -52.31 4.64
CA ARG GB 61 106.04 -51.04 4.08
C ARG GB 61 106.00 -49.92 5.11
N HIS GB 62 104.91 -49.84 5.89
CA HIS GB 62 104.80 -48.82 6.92
C HIS GB 62 105.85 -49.04 8.02
N LEU GB 63 106.11 -50.28 8.39
CA LEU GB 63 107.14 -50.57 9.37
C LEU GB 63 108.52 -50.17 8.86
N TYR GB 64 108.77 -50.33 7.56
CA TYR GB 64 110.02 -49.82 7.02
C TYR GB 64 110.07 -48.31 7.08
N LEU GB 65 108.95 -47.64 6.79
CA LEU GB 65 108.94 -46.18 6.80
C LEU GB 65 109.22 -45.64 8.20
N ARG GB 66 108.68 -46.29 9.23
CA ARG GB 66 109.04 -45.97 10.61
C ARG GB 66 108.80 -47.20 11.47
N GLY GB 67 109.69 -47.42 12.44
CA GLY GB 67 109.60 -48.57 13.30
C GLY GB 67 108.91 -48.27 14.62
N GLY GB 68 108.75 -49.33 15.42
CA GLY GB 68 108.14 -49.20 16.73
C GLY GB 68 106.64 -49.05 16.74
N ALA GB 69 105.96 -49.40 15.65
CA ALA GB 69 104.51 -49.25 15.57
C ALA GB 69 103.84 -50.44 16.24
N GLY GB 70 102.98 -50.16 17.21
CA GLY GB 70 102.19 -51.19 17.85
C GLY GB 70 100.94 -51.51 17.07
N VAL GB 71 100.11 -52.39 17.66
CA VAL GB 71 98.86 -52.78 17.02
C VAL GB 71 97.94 -51.57 16.89
N GLY GB 72 97.78 -50.80 17.97
CA GLY GB 72 96.95 -49.62 17.92
C GLY GB 72 97.48 -48.57 16.96
N SER GB 73 98.80 -48.52 16.78
CA SER GB 73 99.35 -47.65 15.75
C SER GB 73 98.90 -48.08 14.37
N MET GB 74 99.03 -49.38 14.07
CA MET GB 74 98.64 -49.87 12.75
C MET GB 74 97.15 -49.67 12.50
N THR GB 75 96.32 -49.77 13.55
CA THR GB 75 94.93 -49.36 13.40
C THR GB 75 94.81 -47.89 13.06
N LYS GB 76 95.71 -47.05 13.58
CA LYS GB 76 95.68 -45.63 13.24
C LYS GB 76 96.02 -45.41 11.77
N ILE GB 77 97.01 -46.15 11.23
CA ILE GB 77 97.24 -46.08 9.79
C ILE GB 77 96.01 -46.56 9.02
N TYR GB 78 95.47 -47.72 9.40
CA TYR GB 78 94.35 -48.30 8.68
C TYR GB 78 93.00 -47.85 9.21
N GLY GB 79 92.96 -46.72 9.91
CA GLY GB 79 91.69 -46.13 10.27
C GLY GB 79 91.04 -45.46 9.08
N GLY GB 80 89.74 -45.19 9.23
CA GLY GB 80 88.98 -44.61 8.14
C GLY GB 80 87.82 -43.75 8.61
N ARG GB 81 86.92 -43.43 7.70
CA ARG GB 81 85.85 -42.47 7.94
C ARG GB 81 84.56 -43.24 8.23
N GLN GB 82 84.11 -43.16 9.48
CA GLN GB 82 82.85 -43.78 9.88
C GLN GB 82 81.71 -42.81 9.61
N ARG GB 83 80.69 -43.29 8.91
CA ARG GB 83 79.59 -42.42 8.53
C ARG GB 83 78.49 -42.38 9.58
N ASN GB 84 78.41 -43.40 10.43
CA ASN GB 84 77.50 -43.47 11.58
C ASN GB 84 76.04 -43.31 11.19
N GLY GB 85 75.68 -43.64 9.96
CA GLY GB 85 74.31 -43.47 9.52
C GLY GB 85 73.92 -42.01 9.35
N VAL GB 86 72.88 -41.60 10.06
CA VAL GB 86 72.33 -40.26 9.87
C VAL GB 86 73.10 -39.22 10.69
N MET GB 87 73.78 -39.64 11.75
CA MET GB 87 74.59 -38.74 12.55
C MET GB 87 75.80 -38.29 11.75
N PRO GB 88 76.38 -37.13 12.08
CA PRO GB 88 77.56 -36.66 11.35
C PRO GB 88 78.73 -37.63 11.48
N SER GB 89 79.54 -37.67 10.43
CA SER GB 89 80.63 -38.62 10.35
C SER GB 89 81.75 -38.27 11.31
N HIS GB 90 82.62 -39.26 11.55
CA HIS GB 90 83.79 -39.09 12.40
C HIS GB 90 84.89 -39.99 11.86
N PHE GB 91 85.92 -40.22 12.67
CA PHE GB 91 87.05 -41.05 12.29
C PHE GB 91 87.15 -42.24 13.24
N SER GB 92 87.44 -43.40 12.68
CA SER GB 92 87.58 -44.63 13.45
C SER GB 92 88.94 -45.25 13.16
N ARG GB 93 89.18 -46.41 13.78
CA ARG GB 93 90.46 -47.10 13.69
C ARG GB 93 90.30 -48.44 12.99
N GLY GB 94 91.44 -49.09 12.73
CA GLY GB 94 91.43 -50.40 12.13
C GLY GB 94 91.15 -51.49 13.14
N SER GB 95 90.98 -52.71 12.62
CA SER GB 95 90.67 -53.85 13.47
C SER GB 95 91.88 -54.25 14.30
N LYS GB 96 91.67 -54.41 15.60
CA LYS GB 96 92.78 -54.72 16.50
C LYS GB 96 93.30 -56.14 16.28
N SER GB 97 92.39 -57.12 16.22
CA SER GB 97 92.84 -58.50 16.05
C SER GB 97 93.42 -58.74 14.66
N VAL GB 98 92.89 -58.06 13.65
CA VAL GB 98 93.44 -58.23 12.30
C VAL GB 98 94.88 -57.75 12.25
N ALA GB 99 95.15 -56.58 12.82
CA ALA GB 99 96.51 -56.06 12.86
C ALA GB 99 97.40 -56.95 13.71
N ARG GB 100 96.89 -57.42 14.85
CA ARG GB 100 97.69 -58.27 15.73
C ARG GB 100 98.07 -59.56 15.03
N ARG GB 101 97.12 -60.18 14.33
CA ARG GB 101 97.39 -61.45 13.64
C ARG GB 101 98.30 -61.24 12.43
N VAL GB 102 98.14 -60.11 11.73
CA VAL GB 102 99.07 -59.78 10.64
C VAL GB 102 100.49 -59.66 11.19
N LEU GB 103 100.64 -58.97 12.32
CA LEU GB 103 101.96 -58.81 12.92
C LEU GB 103 102.54 -60.15 13.35
N GLN GB 104 101.72 -61.00 13.99
CA GLN GB 104 102.21 -62.29 14.44
C GLN GB 104 102.58 -63.19 13.27
N ALA GB 105 101.83 -63.12 12.17
CA ALA GB 105 102.25 -63.81 10.96
C ALA GB 105 103.52 -63.22 10.38
N LEU GB 106 103.75 -61.91 10.59
CA LEU GB 106 104.97 -61.29 10.12
C LEU GB 106 106.21 -61.79 10.86
N GLU GB 107 106.12 -61.97 12.19
CA GLU GB 107 107.24 -62.70 12.78
C GLU GB 107 107.15 -64.20 12.54
N GLY GB 108 106.02 -64.68 12.02
CA GLY GB 108 105.96 -66.05 11.55
C GLY GB 108 106.93 -66.28 10.40
N LEU GB 109 107.03 -65.30 9.50
CA LEU GB 109 108.08 -65.28 8.49
C LEU GB 109 109.35 -64.61 8.98
N LYS GB 110 109.48 -64.45 10.31
CA LYS GB 110 110.67 -63.93 11.00
C LYS GB 110 111.24 -62.66 10.36
N MET GB 111 110.41 -61.89 9.66
CA MET GB 111 110.84 -60.61 9.10
C MET GB 111 110.52 -59.43 10.01
N VAL GB 112 109.89 -59.67 11.16
CA VAL GB 112 109.53 -58.62 12.10
C VAL GB 112 109.90 -59.09 13.50
N GLU GB 113 110.50 -58.21 14.30
CA GLU GB 113 110.86 -58.52 15.66
C GLU GB 113 110.46 -57.37 16.58
N LYS GB 114 110.21 -57.69 17.84
CA LYS GB 114 109.88 -56.67 18.82
C LYS GB 114 111.14 -55.96 19.29
N ASP GB 115 110.99 -54.68 19.64
CA ASP GB 115 112.12 -53.87 20.08
C ASP GB 115 112.35 -54.04 21.57
N GLN GB 116 113.31 -53.28 22.10
CA GLN GB 116 113.53 -53.27 23.54
C GLN GB 116 112.34 -52.68 24.27
N ASP GB 117 111.78 -51.60 23.75
CA ASP GB 117 110.53 -51.06 24.24
C ASP GB 117 109.38 -51.69 23.45
N GLY GB 118 108.18 -51.14 23.61
CA GLY GB 118 107.03 -51.68 22.91
C GLY GB 118 107.09 -51.44 21.41
N GLY GB 119 106.21 -52.13 20.70
CA GLY GB 119 106.18 -52.04 19.25
C GLY GB 119 107.12 -53.03 18.60
N ARG GB 120 107.11 -53.02 17.28
CA ARG GB 120 107.96 -53.92 16.49
C ARG GB 120 108.40 -53.23 15.22
N LYS GB 121 109.57 -53.64 14.72
CA LYS GB 121 110.15 -53.06 13.52
C LYS GB 121 110.69 -54.19 12.63
N LEU GB 122 111.30 -53.80 11.52
CA LEU GB 122 111.80 -54.77 10.55
C LEU GB 122 113.23 -55.21 10.89
N THR GB 123 113.51 -56.47 10.59
CA THR GB 123 114.81 -57.12 10.71
C THR GB 123 115.65 -56.83 9.47
N PRO GB 124 116.98 -56.93 9.58
CA PRO GB 124 117.83 -56.69 8.40
C PRO GB 124 117.51 -57.55 7.19
N GLN GB 125 117.17 -58.83 7.36
CA GLN GB 125 116.82 -59.64 6.20
C GLN GB 125 115.46 -59.25 5.63
N GLY GB 126 114.56 -58.74 6.46
CA GLY GB 126 113.34 -58.16 5.92
C GLY GB 126 113.61 -56.96 5.05
N GLN GB 127 114.53 -56.09 5.49
CA GLN GB 127 114.94 -54.96 4.66
C GLN GB 127 115.62 -55.44 3.39
N ARG GB 128 116.40 -56.52 3.47
CA ARG GB 128 116.99 -57.13 2.28
C ARG GB 128 115.92 -57.55 1.28
N ASP GB 129 114.90 -58.27 1.76
CA ASP GB 129 113.82 -58.71 0.88
C ASP GB 129 113.09 -57.53 0.27
N LEU GB 130 112.77 -56.52 1.08
CA LEU GB 130 112.05 -55.35 0.59
C LEU GB 130 112.85 -54.59 -0.46
N ASP GB 131 114.15 -54.41 -0.22
CA ASP GB 131 114.98 -53.71 -1.19
C ASP GB 131 115.12 -54.51 -2.48
N ARG GB 132 115.23 -55.84 -2.36
CA ARG GB 132 115.31 -56.68 -3.56
C ARG GB 132 114.05 -56.54 -4.39
N ILE GB 133 112.88 -56.56 -3.75
CA ILE GB 133 111.62 -56.43 -4.48
C ILE GB 133 111.48 -55.02 -5.04
N ALA GB 134 111.94 -54.01 -4.32
CA ALA GB 134 111.93 -52.65 -4.83
C ALA GB 134 112.77 -52.54 -6.09
N GLY GB 135 113.97 -53.13 -6.08
CA GLY GB 135 114.80 -53.11 -7.27
C GLY GB 135 114.17 -53.84 -8.43
N GLN GB 136 113.59 -55.01 -8.18
CA GLN GB 136 112.99 -55.76 -9.29
C GLN GB 136 111.76 -55.07 -9.85
N VAL GB 137 110.93 -54.44 -9.01
CA VAL GB 137 109.77 -53.74 -9.53
C VAL GB 137 110.18 -52.45 -10.22
N ALA GB 138 111.27 -51.82 -9.78
CA ALA GB 138 111.80 -50.66 -10.51
C ALA GB 138 112.29 -51.09 -11.88
N ALA GB 139 112.97 -52.24 -11.96
CA ALA GB 139 113.39 -52.76 -13.26
C ALA GB 139 112.20 -53.07 -14.14
N ALA GB 140 111.14 -53.64 -13.56
CA ALA GB 140 109.95 -53.96 -14.33
C ALA GB 140 109.26 -52.70 -14.86
N ASN GB 141 109.16 -51.66 -14.03
CA ASN GB 141 108.53 -50.42 -14.46
C ASN GB 141 109.39 -49.69 -15.49
N LYS GB 142 110.71 -49.74 -15.33
CA LYS GB 142 111.63 -49.13 -16.29
C LYS GB 142 111.47 -49.77 -17.66
N LYS GB 143 111.76 -51.07 -17.76
CA LYS GB 143 111.64 -51.80 -19.01
C LYS GB 143 110.51 -52.82 -18.94
CA ALA HB 1 131.12 -31.64 45.20
C ALA HB 1 130.84 -31.33 43.74
N ILE HB 2 130.62 -32.38 42.94
CA ILE HB 2 130.30 -32.20 41.53
C ILE HB 2 128.78 -32.08 41.40
N HIS HB 3 128.31 -30.87 41.12
CA HIS HB 3 126.87 -30.61 41.08
C HIS HB 3 126.52 -29.85 39.80
N ARG HB 4 125.38 -30.23 39.21
CA ARG HB 4 124.84 -29.59 38.01
C ARG HB 4 123.34 -29.46 38.21
N ILE HB 5 122.85 -28.24 38.39
CA ILE HB 5 121.48 -28.02 38.81
C ILE HB 5 120.68 -27.36 37.69
N ARG HB 6 119.36 -27.44 37.82
CA ARG HB 6 118.41 -26.82 36.91
C ARG HB 6 117.51 -25.86 37.67
N ILE HB 7 117.31 -24.67 37.12
CA ILE HB 7 116.44 -23.66 37.71
C ILE HB 7 115.38 -23.29 36.69
N THR HB 8 114.11 -23.39 37.09
CA THR HB 8 112.98 -23.03 36.24
C THR HB 8 112.20 -21.89 36.88
N LEU HB 9 111.80 -20.93 36.05
CA LEU HB 9 111.03 -19.77 36.49
C LEU HB 9 109.78 -19.67 35.63
N THR HB 10 108.63 -19.43 36.27
CA THR HB 10 107.39 -19.27 35.55
C THR HB 10 106.50 -18.25 36.27
N SER HB 11 105.71 -17.52 35.49
CA SER HB 11 104.76 -16.55 36.01
C SER HB 11 103.71 -16.30 34.94
N ARG HB 12 102.92 -15.24 35.12
CA ARG HB 12 101.89 -14.87 34.17
C ARG HB 12 102.29 -13.67 33.30
N ASN HB 13 103.35 -12.95 33.66
CA ASN HB 13 103.82 -11.81 32.90
C ASN HB 13 105.24 -12.04 32.43
N VAL HB 14 105.64 -11.26 31.42
CA VAL HB 14 106.94 -11.46 30.79
C VAL HB 14 108.00 -10.52 31.33
N LYS HB 15 107.61 -9.33 31.78
CA LYS HB 15 108.59 -8.36 32.27
C LYS HB 15 109.34 -8.90 33.50
N SER HB 16 108.60 -9.46 34.45
CA SER HB 16 109.23 -9.99 35.66
C SER HB 16 110.12 -11.18 35.35
N LEU HB 17 109.64 -12.09 34.49
CA LEU HB 17 110.44 -13.24 34.10
C LEU HB 17 111.72 -12.78 33.41
N GLU HB 18 111.62 -11.80 32.52
CA GLU HB 18 112.79 -11.35 31.78
C GLU HB 18 113.80 -10.66 32.69
N LYS HB 19 113.33 -9.84 33.63
CA LYS HB 19 114.26 -9.17 34.53
C LYS HB 19 114.91 -10.17 35.49
N VAL HB 20 114.19 -11.20 35.93
CA VAL HB 20 114.82 -12.23 36.75
C VAL HB 20 115.84 -13.00 35.93
N CYS HB 21 115.46 -13.42 34.71
CA CYS HB 21 116.37 -14.17 33.86
C CYS HB 21 117.58 -13.34 33.47
N ALA HB 22 117.49 -12.02 33.51
CA ALA HB 22 118.64 -11.17 33.23
C ALA HB 22 119.54 -11.00 34.45
N ASP HB 23 118.96 -10.54 35.57
CA ASP HB 23 119.79 -10.22 36.72
C ASP HB 23 120.40 -11.47 37.36
N LEU HB 24 119.68 -12.60 37.34
CA LEU HB 24 120.22 -13.82 37.91
C LEU HB 24 121.45 -14.30 37.13
N ILE HB 25 121.36 -14.30 35.79
CA ILE HB 25 122.52 -14.75 35.02
C ILE HB 25 123.64 -13.73 35.09
N ARG HB 26 123.32 -12.44 35.22
CA ARG HB 26 124.39 -11.45 35.39
C ARG HB 26 125.12 -11.68 36.70
N GLY HB 27 124.37 -11.96 37.77
CA GLY HB 27 125.01 -12.32 39.03
C GLY HB 27 125.83 -13.58 38.93
N ALA HB 28 125.35 -14.54 38.12
CA ALA HB 28 126.11 -15.77 37.92
C ALA HB 28 127.44 -15.50 37.21
N LYS HB 29 127.43 -14.65 36.18
CA LYS HB 29 128.67 -14.30 35.49
C LYS HB 29 129.60 -13.51 36.40
N GLU HB 30 129.06 -12.59 37.19
CA GLU HB 30 129.90 -11.89 38.17
C GLU HB 30 130.42 -12.86 39.23
N LYS HB 31 129.71 -13.95 39.48
CA LYS HB 31 130.14 -14.99 40.41
C LYS HB 31 130.78 -16.16 39.67
N ASN HB 32 131.30 -15.89 38.47
CA ASN HB 32 132.02 -16.76 37.54
C ASN HB 32 131.59 -18.22 37.55
N LEU HB 33 130.31 -18.48 37.30
CA LEU HB 33 129.84 -19.79 36.85
C LEU HB 33 129.46 -19.71 35.38
N LYS HB 34 129.79 -20.76 34.63
CA LYS HB 34 129.33 -20.84 33.25
C LYS HB 34 127.87 -21.27 33.24
N VAL HB 35 127.08 -20.65 32.36
CA VAL HB 35 125.63 -20.75 32.41
C VAL HB 35 125.13 -21.35 31.10
N LYS HB 36 124.32 -22.40 31.20
CA LYS HB 36 123.61 -22.90 30.04
C LYS HB 36 122.54 -21.88 29.62
N GLY HB 37 122.41 -21.67 28.32
CA GLY HB 37 121.58 -20.61 27.80
C GLY HB 37 120.12 -20.72 28.21
N PRO HB 38 119.48 -19.57 28.45
CA PRO HB 38 118.09 -19.56 28.91
C PRO HB 38 117.16 -20.12 27.84
N VAL HB 39 116.36 -21.11 28.22
CA VAL HB 39 115.44 -21.77 27.31
C VAL HB 39 114.03 -21.28 27.62
N ARG HB 40 113.45 -20.54 26.68
CA ARG HB 40 112.08 -20.08 26.79
C ARG HB 40 111.17 -21.16 26.18
N MET HB 41 110.47 -21.89 27.03
CA MET HB 41 109.55 -22.90 26.57
C MET HB 41 108.36 -22.26 25.86
N PRO HB 42 107.71 -22.99 24.96
CA PRO HB 42 106.50 -22.46 24.33
C PRO HB 42 105.43 -22.15 25.37
N THR HB 43 104.73 -21.04 25.15
CA THR HB 43 103.80 -20.52 26.13
C THR HB 43 102.56 -21.40 26.23
N LYS HB 44 102.10 -21.63 27.46
CA LYS HB 44 100.83 -22.28 27.70
C LYS HB 44 99.75 -21.20 27.78
N THR HB 45 98.80 -21.24 26.85
CA THR HB 45 97.72 -20.28 26.79
C THR HB 45 96.45 -20.97 27.27
N LEU HB 46 95.95 -20.53 28.42
CA LEU HB 46 94.77 -21.15 29.03
C LEU HB 46 93.55 -20.34 28.62
N ARG HB 47 92.74 -20.88 27.72
CA ARG HB 47 91.62 -20.17 27.15
C ARG HB 47 90.32 -20.65 27.77
N ILE HB 48 89.48 -19.71 28.17
CA ILE HB 48 88.15 -20.01 28.71
C ILE HB 48 87.15 -19.13 27.99
N THR HB 49 86.13 -19.74 27.39
CA THR HB 49 85.06 -19.03 26.70
C THR HB 49 83.79 -19.14 27.53
N THR HB 50 83.14 -18.01 27.76
CA THR HB 50 81.95 -17.96 28.61
C THR HB 50 80.98 -16.93 28.07
N ARG HB 51 79.69 -17.27 28.09
CA ARG HB 51 78.66 -16.31 27.72
C ARG HB 51 78.70 -15.11 28.66
N LYS HB 52 78.61 -13.91 28.09
CA LYS HB 52 78.66 -12.70 28.90
C LYS HB 52 77.49 -12.61 29.86
N THR HB 53 76.29 -12.94 29.39
CA THR HB 53 75.10 -12.82 30.21
C THR HB 53 75.07 -13.90 31.29
N PRO HB 54 74.51 -13.59 32.46
CA PRO HB 54 74.27 -14.63 33.48
C PRO HB 54 72.90 -15.28 33.40
N CYS HB 55 72.12 -14.99 32.37
CA CYS HB 55 70.75 -15.48 32.27
C CYS HB 55 70.49 -16.31 31.02
N GLY HB 56 71.18 -16.03 29.92
CA GLY HB 56 70.94 -16.70 28.66
C GLY HB 56 70.13 -15.90 27.66
N GLU HB 57 69.41 -14.88 28.10
CA GLU HB 57 68.69 -13.98 27.20
C GLU HB 57 69.64 -12.91 26.69
N GLY HB 58 69.67 -12.73 25.39
CA GLY HB 58 70.54 -11.75 24.77
C GLY HB 58 70.86 -12.12 23.34
N SER HB 59 72.02 -11.65 22.88
CA SER HB 59 72.46 -11.83 21.51
C SER HB 59 73.55 -12.89 21.38
N LYS HB 60 73.69 -13.74 22.39
CA LYS HB 60 74.65 -14.86 22.39
C LYS HB 60 76.08 -14.37 22.20
N THR HB 61 76.49 -13.45 23.07
CA THR HB 61 77.83 -12.88 23.04
C THR HB 61 78.71 -13.62 24.05
N TRP HB 62 79.78 -14.22 23.56
CA TRP HB 62 80.67 -15.02 24.39
C TRP HB 62 81.88 -14.20 24.80
N ASP HB 63 82.18 -14.22 26.10
CA ASP HB 63 83.36 -13.58 26.64
C ASP HB 63 84.47 -14.61 26.75
N ARG HB 64 85.60 -14.33 26.14
CA ARG HB 64 86.75 -15.23 26.13
C ARG HB 64 87.85 -14.67 27.01
N PHE HB 65 88.49 -15.53 27.79
CA PHE HB 65 89.57 -15.14 28.67
C PHE HB 65 90.82 -15.95 28.36
N GLN HB 66 91.96 -15.40 28.74
CA GLN HB 66 93.25 -16.03 28.49
C GLN HB 66 94.12 -15.95 29.74
N MET HB 67 95.08 -16.87 29.82
CA MET HB 67 96.10 -16.85 30.86
C MET HB 67 97.40 -17.36 30.25
N ARG HB 68 98.31 -16.44 29.94
CA ARG HB 68 99.59 -16.78 29.35
C ARG HB 68 100.57 -17.18 30.45
N ILE HB 69 100.94 -18.45 30.47
CA ILE HB 69 101.95 -18.95 31.40
C ILE HB 69 103.23 -19.17 30.62
N HIS HB 70 104.22 -18.35 30.90
CA HIS HB 70 105.55 -18.46 30.31
C HIS HB 70 106.49 -19.06 31.34
N LYS HB 71 107.33 -19.99 30.90
CA LYS HB 71 108.33 -20.57 31.77
C LYS HB 71 109.69 -20.56 31.09
N ARG HB 72 110.73 -20.31 31.88
CA ARG HB 72 112.09 -20.24 31.41
C ARG HB 72 112.94 -21.26 32.15
N LEU HB 73 113.84 -21.91 31.42
CA LEU HB 73 114.75 -22.90 31.98
C LEU HB 73 116.17 -22.37 31.89
N ILE HB 74 116.82 -22.28 33.05
CA ILE HB 74 118.22 -21.88 33.14
C ILE HB 74 118.96 -22.94 33.95
N ASP HB 75 120.10 -23.39 33.44
CA ASP HB 75 120.91 -24.41 34.09
C ASP HB 75 122.21 -23.79 34.55
N LEU HB 76 122.48 -23.87 35.85
CA LEU HB 76 123.71 -23.35 36.43
C LEU HB 76 124.67 -24.51 36.66
N HIS HB 77 125.83 -24.46 36.00
CA HIS HB 77 126.80 -25.54 36.06
C HIS HB 77 128.16 -24.97 36.42
N SER HB 78 128.76 -25.50 37.48
CA SER HB 78 130.08 -25.11 37.95
C SER HB 78 130.91 -26.35 38.17
N PRO HB 79 132.22 -26.27 37.99
CA PRO HB 79 133.07 -27.43 38.32
C PRO HB 79 133.00 -27.82 39.78
N SER HB 80 132.87 -26.85 40.68
CA SER HB 80 132.74 -27.13 42.10
C SER HB 80 131.26 -27.20 42.48
N GLU HB 81 130.99 -27.24 43.78
CA GLU HB 81 129.64 -27.34 44.31
C GLU HB 81 128.91 -26.00 44.09
N ILE HB 82 127.58 -26.06 44.09
CA ILE HB 82 126.75 -24.92 43.71
C ILE HB 82 125.94 -24.38 44.89
N VAL HB 83 125.29 -25.26 45.65
CA VAL HB 83 124.28 -24.81 46.61
C VAL HB 83 124.91 -23.96 47.71
N LYS HB 84 126.07 -24.37 48.22
CA LYS HB 84 126.76 -23.54 49.20
C LYS HB 84 127.24 -22.22 48.61
N GLN HB 85 127.43 -22.16 47.28
CA GLN HB 85 127.87 -20.93 46.64
C GLN HB 85 126.71 -19.94 46.51
N ILE HB 86 125.64 -20.33 45.83
CA ILE HB 86 124.49 -19.46 45.62
C ILE HB 86 123.32 -19.96 46.46
N THR HB 87 122.80 -19.08 47.30
CA THR HB 87 121.63 -19.36 48.13
C THR HB 87 120.54 -18.31 47.96
N SER HB 88 120.92 -17.05 47.74
CA SER HB 88 119.95 -15.98 47.60
C SER HB 88 119.14 -16.17 46.31
N ILE HB 89 117.82 -16.21 46.46
CA ILE HB 89 116.92 -16.41 45.34
C ILE HB 89 116.55 -15.09 44.67
N SER HB 90 116.34 -14.03 45.46
CA SER HB 90 115.97 -12.70 44.97
C SER HB 90 114.74 -12.78 44.06
N ILE HB 91 113.63 -13.22 44.65
CA ILE HB 91 112.42 -13.51 43.91
C ILE HB 91 111.32 -12.56 44.37
N GLU HB 92 110.75 -11.83 43.42
CA GLU HB 92 109.61 -10.97 43.67
C GLU HB 92 108.32 -11.78 43.71
N PRO HB 93 107.27 -11.26 44.32
CA PRO HB 93 105.97 -11.96 44.27
C PRO HB 93 105.44 -12.03 42.84
N GLY HB 94 104.71 -13.10 42.55
CA GLY HB 94 104.06 -13.29 41.27
C GLY HB 94 104.76 -14.26 40.35
N VAL HB 95 105.98 -14.69 40.68
CA VAL HB 95 106.74 -15.62 39.86
C VAL HB 95 107.11 -16.83 40.71
N GLU HB 96 107.01 -18.01 40.11
CA GLU HB 96 107.29 -19.26 40.79
C GLU HB 96 108.62 -19.82 40.34
N VAL HB 97 109.35 -20.44 41.27
CA VAL HB 97 110.65 -21.03 40.99
C VAL HB 97 110.69 -22.44 41.58
N GLU HB 98 111.26 -23.37 40.83
CA GLU HB 98 111.54 -24.71 41.32
C GLU HB 98 112.99 -25.05 41.02
N VAL HB 99 113.73 -25.42 42.06
CA VAL HB 99 115.16 -25.69 41.95
C VAL HB 99 115.38 -27.19 42.06
N THR HB 100 115.81 -27.81 40.98
CA THR HB 100 116.10 -29.23 40.95
C THR HB 100 117.55 -29.46 40.51
N ILE HB 101 117.98 -30.71 40.61
CA ILE HB 101 119.32 -31.11 40.23
C ILE HB 101 119.22 -32.03 39.01
N ALA HB 102 120.39 -32.42 38.49
CA ALA HB 102 120.43 -33.35 37.39
C ALA HB 102 119.85 -34.72 37.75
N ASP HB 103 120.10 -35.19 38.98
CA ASP HB 103 119.50 -36.44 39.44
C ASP HB 103 117.99 -36.30 39.53
N ALA HB 104 117.49 -35.18 40.03
CA ALA HB 104 116.06 -34.94 40.13
C ALA HB 104 115.49 -34.56 38.77
N ARG IB 1 61.35 -40.43 -21.35
CA ARG IB 1 62.20 -40.50 -20.17
C ARG IB 1 61.50 -41.28 -19.07
N ASP IB 2 61.47 -42.60 -19.21
CA ASP IB 2 60.89 -43.49 -18.21
C ASP IB 2 61.92 -44.45 -17.61
N LYS IB 3 62.60 -45.22 -18.44
CA LYS IB 3 63.60 -46.18 -17.99
C LYS IB 3 64.50 -46.54 -19.17
N LEU IB 4 65.54 -47.31 -18.89
CA LEU IB 4 66.47 -47.75 -19.92
C LEU IB 4 66.66 -49.25 -20.00
N ASN IB 5 66.30 -50.00 -18.93
CA ASN IB 5 66.33 -51.46 -18.80
C ASN IB 5 67.47 -52.11 -19.57
N ASN IB 6 68.69 -51.62 -19.31
CA ASN IB 6 69.85 -51.97 -20.11
C ASN IB 6 70.18 -53.46 -19.98
N LEU IB 7 70.67 -54.02 -21.09
CA LEU IB 7 71.11 -55.41 -21.09
C LEU IB 7 72.36 -55.58 -20.24
N VAL IB 8 72.36 -56.62 -19.41
CA VAL IB 8 73.51 -56.92 -18.57
C VAL IB 8 74.46 -57.82 -19.33
N LEU IB 9 73.93 -58.51 -20.35
CA LEU IB 9 74.70 -59.46 -21.13
C LEU IB 9 74.46 -59.20 -22.61
N PHE IB 10 75.50 -59.46 -23.42
CA PHE IB 10 75.38 -59.32 -24.85
C PHE IB 10 74.53 -60.44 -25.43
N ASP IB 11 74.11 -60.24 -26.67
CA ASP IB 11 73.50 -61.29 -27.48
C ASP IB 11 74.08 -61.21 -28.88
N LYS IB 12 73.61 -62.09 -29.75
CA LYS IB 12 74.17 -62.17 -31.10
C LYS IB 12 73.94 -60.87 -31.87
N ALA IB 13 72.75 -60.26 -31.71
CA ALA IB 13 72.43 -59.05 -32.45
C ALA IB 13 73.26 -57.86 -31.99
N THR IB 14 73.80 -57.90 -30.77
CA THR IB 14 74.61 -56.80 -30.28
C THR IB 14 76.10 -57.11 -30.23
N TYR IB 15 76.48 -58.40 -30.18
CA TYR IB 15 77.90 -58.73 -30.13
C TYR IB 15 78.59 -58.39 -31.45
N ASP IB 16 77.95 -58.75 -32.57
CA ASP IB 16 78.46 -58.35 -33.87
C ASP IB 16 78.41 -56.84 -34.03
N LYS IB 17 77.39 -56.19 -33.48
CA LYS IB 17 77.31 -54.74 -33.53
C LYS IB 17 78.50 -54.11 -32.81
N LEU IB 18 78.87 -54.67 -31.66
CA LEU IB 18 80.05 -54.21 -30.95
C LEU IB 18 81.31 -54.46 -31.76
N CYS IB 19 81.38 -55.61 -32.42
CA CYS IB 19 82.60 -55.97 -33.12
C CYS IB 19 82.76 -55.28 -34.48
N LYS IB 20 81.70 -54.67 -35.02
CA LYS IB 20 81.77 -54.20 -36.39
C LYS IB 20 81.88 -52.69 -36.57
N GLU IB 21 81.51 -51.86 -35.57
CA GLU IB 21 81.77 -50.43 -35.72
C GLU IB 21 82.31 -49.73 -34.47
N VAL IB 22 82.44 -50.41 -33.34
CA VAL IB 22 82.97 -49.75 -32.14
C VAL IB 22 84.41 -49.27 -32.32
N PRO IB 23 85.35 -50.08 -32.85
CA PRO IB 23 86.69 -49.53 -33.13
C PRO IB 23 86.75 -48.85 -34.48
N ASN IB 24 85.75 -48.04 -34.79
CA ASN IB 24 85.70 -47.31 -36.06
C ASN IB 24 85.49 -45.82 -35.88
N TYR IB 25 84.97 -45.38 -34.75
CA TYR IB 25 84.75 -43.98 -34.45
C TYR IB 25 85.76 -43.48 -33.43
N LYS IB 26 85.72 -42.17 -33.18
CA LYS IB 26 86.85 -41.49 -32.57
C LYS IB 26 86.89 -41.67 -31.07
N LEU IB 27 85.80 -41.38 -30.39
CA LEU IB 27 85.76 -41.37 -28.93
C LEU IB 27 85.10 -42.64 -28.41
N ILE IB 28 85.90 -43.54 -27.86
CA ILE IB 28 85.39 -44.77 -27.27
C ILE IB 28 85.50 -44.65 -25.76
N THR IB 29 84.37 -44.59 -25.09
CA THR IB 29 84.25 -44.63 -23.64
C THR IB 29 83.15 -45.62 -23.30
N PRO IB 30 83.16 -46.18 -22.09
CA PRO IB 30 82.05 -47.06 -21.68
C PRO IB 30 80.70 -46.38 -21.73
N ALA IB 31 80.64 -45.08 -21.41
CA ALA IB 31 79.35 -44.38 -21.37
C ALA IB 31 78.72 -44.30 -22.75
N VAL IB 32 79.50 -43.93 -23.77
CA VAL IB 32 78.95 -43.82 -25.11
C VAL IB 32 78.56 -45.19 -25.65
N VAL IB 33 79.36 -46.21 -25.35
CA VAL IB 33 79.03 -47.57 -25.79
C VAL IB 33 77.71 -48.01 -25.17
N SER IB 34 77.53 -47.74 -23.88
CA SER IB 34 76.28 -48.11 -23.23
C SER IB 34 75.09 -47.35 -23.81
N GLU IB 35 75.24 -46.04 -24.03
CA GLU IB 35 74.10 -45.24 -24.45
C GLU IB 35 73.75 -45.43 -25.92
N ARG IB 36 74.69 -45.89 -26.76
CA ARG IB 36 74.39 -46.16 -28.16
C ARG IB 36 74.22 -47.63 -28.48
N LEU IB 37 74.46 -48.53 -27.52
CA LEU IB 37 74.21 -49.96 -27.72
C LEU IB 37 73.20 -50.53 -26.73
N LYS IB 38 72.65 -49.71 -25.84
CA LYS IB 38 71.64 -50.15 -24.86
C LYS IB 38 72.14 -51.30 -23.99
N ILE IB 39 73.37 -51.20 -23.52
CA ILE IB 39 73.93 -52.18 -22.60
C ILE IB 39 74.15 -51.52 -21.24
N ARG IB 40 74.50 -52.34 -20.24
CA ARG IB 40 74.53 -51.88 -18.86
C ARG IB 40 75.61 -50.82 -18.65
N GLY IB 41 76.86 -51.17 -18.87
CA GLY IB 41 77.95 -50.23 -18.69
C GLY IB 41 79.14 -50.84 -17.99
N SER IB 42 78.89 -51.75 -17.04
CA SER IB 42 79.94 -52.64 -16.58
C SER IB 42 80.28 -53.66 -17.65
N LEU IB 43 79.25 -54.16 -18.35
CA LEU IB 43 79.47 -54.93 -19.57
C LEU IB 43 80.23 -54.11 -20.59
N ALA IB 44 79.94 -52.81 -20.68
CA ALA IB 44 80.67 -51.95 -21.60
C ALA IB 44 82.15 -51.91 -21.24
N ARG IB 45 82.46 -51.73 -19.96
CA ARG IB 45 83.86 -51.70 -19.53
C ARG IB 45 84.56 -53.02 -19.81
N ALA IB 46 83.89 -54.13 -19.51
CA ALA IB 46 84.47 -55.44 -19.75
C ALA IB 46 84.70 -55.68 -21.23
N ALA IB 47 83.73 -55.33 -22.08
CA ALA IB 47 83.89 -55.51 -23.52
C ALA IB 47 85.00 -54.63 -24.06
N LEU IB 48 85.12 -53.40 -23.55
CA LEU IB 48 86.18 -52.52 -24.02
C LEU IB 48 87.56 -53.06 -23.64
N GLN IB 49 87.71 -53.58 -22.42
CA GLN IB 49 89.02 -54.14 -22.09
C GLN IB 49 89.29 -55.46 -22.82
N GLU IB 50 88.26 -56.23 -23.15
CA GLU IB 50 88.47 -57.42 -23.96
C GLU IB 50 88.90 -57.05 -25.38
N LEU IB 51 88.29 -56.02 -25.96
CA LEU IB 51 88.74 -55.52 -27.25
C LEU IB 51 90.12 -54.91 -27.19
N LEU IB 52 90.50 -54.34 -26.04
CA LEU IB 52 91.89 -53.97 -25.81
C LEU IB 52 92.80 -55.19 -25.89
N SER IB 53 92.38 -56.28 -25.25
CA SER IB 53 93.17 -57.50 -25.26
C SER IB 53 93.33 -58.06 -26.67
N LYS IB 54 92.27 -57.97 -27.48
CA LYS IB 54 92.39 -58.36 -28.88
C LYS IB 54 93.29 -57.42 -29.67
N GLY IB 55 93.54 -56.22 -29.16
CA GLY IB 55 94.49 -55.32 -29.79
C GLY IB 55 93.96 -54.49 -30.93
N LEU IB 56 92.64 -54.27 -31.00
CA LEU IB 56 92.05 -53.42 -32.03
C LEU IB 56 91.49 -52.12 -31.47
N ILE IB 57 91.89 -51.74 -30.25
CA ILE IB 57 91.51 -50.48 -29.63
C ILE IB 57 92.72 -49.91 -28.92
N LYS IB 58 92.93 -48.59 -29.07
CA LYS IB 58 94.03 -47.90 -28.41
C LYS IB 58 93.53 -47.20 -27.16
N LEU IB 59 94.25 -47.38 -26.06
CA LEU IB 59 93.97 -46.72 -24.80
C LEU IB 59 94.83 -45.47 -24.67
N VAL IB 60 94.23 -44.39 -24.14
CA VAL IB 60 94.91 -43.11 -24.00
C VAL IB 60 94.98 -42.65 -22.54
N SER IB 61 93.89 -42.77 -21.79
CA SER IB 61 93.80 -42.13 -20.48
C SER IB 61 94.05 -43.09 -19.32
N LYS IB 62 93.21 -44.11 -19.18
CA LYS IB 62 93.27 -45.09 -18.09
C LYS IB 62 93.31 -44.40 -16.72
N HIS IB 63 92.21 -43.73 -16.41
CA HIS IB 63 92.01 -43.15 -15.09
C HIS IB 63 90.94 -43.92 -14.35
N ARG IB 64 91.04 -43.91 -13.01
CA ARG IB 64 90.17 -44.72 -12.16
C ARG IB 64 88.68 -44.40 -12.33
N ALA IB 65 88.34 -43.16 -12.66
CA ALA IB 65 86.95 -42.76 -12.79
C ALA IB 65 86.58 -42.33 -14.21
N GLN IB 66 87.54 -42.28 -15.12
CA GLN IB 66 87.27 -41.79 -16.47
C GLN IB 66 88.31 -42.42 -17.41
N VAL IB 67 87.90 -43.42 -18.16
CA VAL IB 67 88.77 -44.12 -19.10
C VAL IB 67 88.31 -43.79 -20.52
N ILE IB 68 89.27 -43.47 -21.39
CA ILE IB 68 88.99 -43.06 -22.75
C ILE IB 68 89.77 -43.97 -23.70
N TYR IB 69 89.13 -44.37 -24.79
CA TYR IB 69 89.75 -45.23 -25.80
C TYR IB 69 89.60 -44.59 -27.17
N THR IB 70 90.48 -44.99 -28.09
CA THR IB 70 90.37 -44.57 -29.46
C THR IB 70 90.73 -45.74 -30.36
N ARG IB 71 90.23 -45.69 -31.60
CA ARG IB 71 90.55 -46.74 -32.56
C ARG IB 71 92.00 -46.61 -33.02
N ASN IB 72 92.48 -47.68 -33.67
CA ASN IB 72 93.81 -47.63 -34.25
C ASN IB 72 93.86 -46.60 -35.36
N THR IB 73 94.99 -45.89 -35.43
CA THR IB 73 95.18 -44.88 -36.47
C THR IB 73 95.21 -45.53 -37.84
N LYS IB 74 94.61 -44.84 -38.81
CA LYS IB 74 94.57 -45.30 -40.19
C LYS IB 74 95.56 -44.52 -41.04
N GLY IB 75 96.48 -45.26 -41.65
CA GLY IB 75 97.54 -44.65 -42.43
C GLY IB 75 98.92 -44.87 -41.83
N ARG JB 1 68.72 -5.69 -44.34
CA ARG JB 1 67.83 -4.74 -43.67
C ARG JB 1 68.28 -4.50 -42.24
N VAL JB 2 68.56 -5.58 -41.51
CA VAL JB 2 68.99 -5.46 -40.13
C VAL JB 2 70.36 -4.81 -40.06
N GLN JB 3 70.61 -4.09 -38.99
CA GLN JB 3 71.87 -3.36 -38.86
C GLN JB 3 72.99 -4.34 -38.50
N PRO JB 4 74.08 -4.36 -39.26
CA PRO JB 4 75.20 -5.25 -38.91
C PRO JB 4 75.88 -4.78 -37.63
N ILE JB 5 76.40 -5.77 -36.89
CA ILE JB 5 77.05 -5.50 -35.61
C ILE JB 5 78.36 -4.77 -35.87
N LYS JB 6 78.56 -3.66 -35.18
CA LYS JB 6 79.73 -2.82 -35.39
C LYS JB 6 80.38 -2.52 -34.05
N LEU JB 7 81.70 -2.45 -34.05
CA LEU JB 7 82.46 -2.39 -32.81
C LEU JB 7 82.78 -0.94 -32.43
N ALA JB 8 83.13 -0.75 -31.16
CA ALA JB 8 83.42 0.58 -30.64
C ALA JB 8 84.28 0.44 -29.39
N ARG JB 9 84.94 1.54 -29.04
CA ARG JB 9 85.83 1.58 -27.89
C ARG JB 9 85.35 2.58 -26.85
N VAL JB 10 85.37 2.17 -25.58
CA VAL JB 10 84.99 3.04 -24.49
C VAL JB 10 86.08 4.07 -24.25
N THR JB 11 85.67 5.32 -23.99
CA THR JB 11 86.59 6.41 -23.71
C THR JB 11 86.55 6.88 -22.27
N LYS JB 12 85.38 7.25 -21.76
CA LYS JB 12 85.24 7.76 -20.41
C LYS JB 12 84.03 7.11 -19.75
N VAL JB 13 84.15 6.86 -18.44
CA VAL JB 13 83.06 6.32 -17.64
C VAL JB 13 82.33 7.48 -17.00
N LEU JB 14 81.03 7.60 -17.27
CA LEU JB 14 80.27 8.72 -16.74
C LEU JB 14 79.85 8.45 -15.29
N GLY JB 15 79.07 7.39 -15.08
CA GLY JB 15 78.65 7.06 -13.73
C GLY JB 15 77.72 5.87 -13.73
N ARG JB 16 77.52 5.33 -12.54
CA ARG JB 16 76.64 4.17 -12.37
C ARG JB 16 75.19 4.60 -12.55
N THR JB 17 74.38 3.66 -13.05
CA THR JB 17 72.97 3.92 -13.28
C THR JB 17 72.17 2.66 -12.97
N GLY JB 18 70.89 2.68 -13.32
CA GLY JB 18 69.98 1.61 -12.96
C GLY JB 18 69.44 1.70 -11.55
N SER JB 19 69.84 2.71 -10.79
CA SER JB 19 69.43 3.00 -9.41
C SER JB 19 69.89 1.96 -8.41
N GLN JB 20 70.51 0.86 -8.85
CA GLN JB 20 71.23 -0.04 -7.97
C GLN JB 20 72.72 -0.09 -8.29
N GLY JB 21 73.18 0.63 -9.30
CA GLY JB 21 74.54 0.48 -9.76
C GLY JB 21 74.77 -0.72 -10.63
N GLN JB 22 73.71 -1.46 -10.96
CA GLN JB 22 73.82 -2.63 -11.82
C GLN JB 22 74.26 -2.28 -13.23
N CYS JB 23 74.15 -1.02 -13.62
CA CYS JB 23 74.61 -0.54 -14.91
C CYS JB 23 75.49 0.68 -14.72
N THR JB 24 76.54 0.77 -15.54
CA THR JB 24 77.37 1.97 -15.62
C THR JB 24 77.23 2.57 -17.01
N GLN JB 25 77.23 3.89 -17.08
CA GLN JB 25 76.99 4.61 -18.33
C GLN JB 25 78.31 5.23 -18.78
N VAL JB 26 78.68 4.99 -20.04
CA VAL JB 26 79.98 5.38 -20.56
C VAL JB 26 79.80 6.07 -21.91
N ARG JB 27 80.81 6.85 -22.28
CA ARG JB 27 80.89 7.47 -23.60
C ARG JB 27 81.80 6.61 -24.47
N VAL JB 28 81.23 6.06 -25.54
CA VAL JB 28 81.91 5.05 -26.35
C VAL JB 28 82.18 5.63 -27.73
N GLU JB 29 83.29 5.22 -28.33
CA GLU JB 29 83.77 5.76 -29.59
C GLU JB 29 83.82 4.66 -30.64
N PHE JB 30 83.19 4.90 -31.78
CA PHE JB 30 83.07 3.89 -32.82
C PHE JB 30 84.42 3.59 -33.48
N MET JB 31 84.57 2.35 -33.93
CA MET JB 31 85.77 1.97 -34.66
C MET JB 31 85.80 2.56 -36.07
N ASP JB 32 84.67 2.47 -36.78
CA ASP JB 32 84.64 2.91 -38.17
C ASP JB 32 84.84 4.41 -38.28
N ASP JB 33 84.19 5.19 -37.41
CA ASP JB 33 84.36 6.63 -37.36
C ASP JB 33 84.82 6.98 -35.95
N THR JB 34 86.08 7.37 -35.82
CA THR JB 34 86.58 7.83 -34.53
C THR JB 34 85.90 9.11 -34.10
N SER JB 35 85.64 10.02 -35.04
CA SER JB 35 84.96 11.27 -34.72
C SER JB 35 83.52 11.05 -34.29
N ARG JB 36 82.92 9.92 -34.64
CA ARG JB 36 81.60 9.56 -34.12
C ARG JB 36 81.74 8.96 -32.73
N SER JB 37 80.92 9.46 -31.80
CA SER JB 37 80.92 8.98 -30.43
C SER JB 37 79.55 9.20 -29.82
N ILE JB 38 79.02 8.17 -29.17
CA ILE JB 38 77.75 8.28 -28.47
C ILE JB 38 77.95 7.85 -27.02
N ILE JB 39 76.89 7.92 -26.23
CA ILE JB 39 76.94 7.54 -24.82
C ILE JB 39 76.03 6.34 -24.62
N ARG JB 40 76.60 5.25 -24.11
CA ARG JB 40 75.85 4.02 -23.88
C ARG JB 40 76.01 3.59 -22.44
N ASN JB 41 74.91 3.14 -21.86
CA ASN JB 41 74.91 2.56 -20.52
C ASN JB 41 75.13 1.06 -20.62
N VAL JB 42 76.13 0.56 -19.88
CA VAL JB 42 76.54 -0.82 -19.98
C VAL JB 42 76.49 -1.47 -18.60
N LYS JB 43 76.37 -2.78 -18.60
CA LYS JB 43 76.34 -3.56 -17.37
C LYS JB 43 77.56 -4.47 -17.31
N GLY JB 44 77.97 -4.79 -16.08
CA GLY JB 44 79.20 -5.52 -15.87
C GLY JB 44 80.36 -4.58 -15.62
N PRO JB 45 81.47 -5.11 -15.10
CA PRO JB 45 82.62 -4.25 -14.78
C PRO JB 45 83.26 -3.71 -16.04
N VAL JB 46 83.43 -2.39 -16.10
CA VAL JB 46 83.99 -1.69 -17.25
C VAL JB 46 85.08 -0.76 -16.77
N ARG JB 47 86.24 -0.83 -17.42
CA ARG JB 47 87.28 0.18 -17.28
C ARG JB 47 87.56 0.75 -18.65
N GLU JB 48 87.87 2.04 -18.69
CA GLU JB 48 88.02 2.74 -19.97
C GLU JB 48 89.17 2.16 -20.77
N GLY JB 49 89.05 2.20 -22.09
CA GLY JB 49 90.02 1.65 -23.00
C GLY JB 49 89.64 0.30 -23.56
N ASP JB 50 88.67 -0.39 -22.97
CA ASP JB 50 88.20 -1.65 -23.51
C ASP JB 50 87.22 -1.42 -24.65
N VAL JB 51 86.85 -2.50 -25.31
CA VAL JB 51 85.98 -2.45 -26.48
C VAL JB 51 84.81 -3.40 -26.26
N LEU JB 52 83.70 -3.13 -26.95
CA LEU JB 52 82.50 -3.93 -26.79
C LEU JB 52 81.68 -3.86 -28.08
N THR JB 53 80.80 -4.85 -28.23
CA THR JB 53 79.98 -4.96 -29.43
C THR JB 53 78.75 -4.07 -29.32
N LEU JB 54 78.27 -3.60 -30.46
CA LEU JB 54 77.03 -2.83 -30.56
C LEU JB 54 76.08 -3.56 -31.49
N LEU JB 55 75.18 -4.36 -30.92
CA LEU JB 55 74.15 -5.01 -31.71
C LEU JB 55 73.25 -3.99 -32.38
N GLU JB 56 72.83 -2.98 -31.64
CA GLU JB 56 72.06 -1.87 -32.15
C GLU JB 56 72.79 -0.58 -31.79
N SER JB 57 72.83 0.37 -32.73
CA SER JB 57 73.72 1.51 -32.57
C SER JB 57 73.19 2.51 -31.55
N GLU JB 58 72.04 3.13 -31.83
CA GLU JB 58 71.55 4.22 -31.01
C GLU JB 58 70.35 3.74 -30.19
N ARG JB 59 70.52 3.75 -28.85
CA ARG JB 59 69.44 3.41 -27.94
C ARG JB 59 68.97 4.63 -27.15
N GLU JB 60 69.87 5.27 -26.40
CA GLU JB 60 69.49 6.41 -25.57
C GLU JB 60 70.72 7.18 -25.10
N ALA JB 61 70.55 8.47 -24.84
CA ALA JB 61 71.59 9.30 -24.25
C ALA JB 61 70.96 10.18 -23.19
N ARG JB 62 71.49 10.15 -21.98
CA ARG JB 62 70.96 10.95 -20.88
C ARG JB 62 72.04 11.09 -19.82
N ARG JB 63 72.55 12.31 -19.65
CA ARG JB 63 73.59 12.56 -18.66
C ARG JB 63 73.02 12.43 -17.26
N LEU JB 64 73.83 11.87 -16.36
CA LEU JB 64 73.42 11.71 -14.96
C LEU JB 64 73.25 13.06 -14.27
N GLY KB 1 65.06 -39.20 59.47
CA GLY KB 1 65.44 -40.57 59.81
C GLY KB 1 66.83 -40.65 60.39
N HIS KB 2 67.27 -41.87 60.69
CA HIS KB 2 68.60 -42.07 61.25
C HIS KB 2 69.65 -42.01 60.14
N GLN KB 3 70.89 -42.33 60.48
CA GLN KB 3 72.00 -42.20 59.56
C GLN KB 3 71.96 -43.21 58.42
N GLN KB 4 71.12 -44.26 58.52
CA GLN KB 4 71.08 -45.29 57.50
C GLN KB 4 70.38 -44.84 56.23
N LEU KB 5 69.58 -43.78 56.28
CA LEU KB 5 68.85 -43.31 55.11
C LEU KB 5 68.91 -41.81 54.90
N TYR KB 6 69.44 -41.04 55.86
CA TYR KB 6 69.49 -39.60 55.73
C TYR KB 6 70.39 -39.16 54.58
N TRP KB 7 71.53 -39.82 54.42
CA TRP KB 7 72.47 -39.51 53.36
C TRP KB 7 72.86 -40.78 52.60
N SER KB 8 71.95 -41.76 52.56
CA SER KB 8 72.25 -43.06 51.97
C SER KB 8 72.40 -43.00 50.46
N HIS KB 9 71.65 -42.13 49.78
CA HIS KB 9 71.71 -42.08 48.33
C HIS KB 9 73.08 -41.63 47.87
N PRO KB 10 73.78 -42.42 47.05
CA PRO KB 10 75.14 -42.06 46.64
C PRO KB 10 75.18 -40.77 45.83
N ARG KB 11 76.22 -39.97 46.08
CA ARG KB 11 76.56 -38.82 45.25
C ARG KB 11 78.06 -38.84 44.96
N LYS KB 12 78.56 -40.01 44.57
CA LYS KB 12 79.96 -40.17 44.22
C LYS KB 12 80.27 -39.79 42.77
N PHE KB 13 79.27 -39.34 42.02
CA PHE KB 13 79.45 -38.86 40.66
C PHE KB 13 78.21 -38.05 40.30
N GLY KB 14 78.18 -37.54 39.07
CA GLY KB 14 77.00 -36.89 38.56
C GLY KB 14 76.91 -35.42 38.92
N GLN KB 15 75.83 -34.80 38.44
CA GLN KB 15 75.68 -33.35 38.55
C GLN KB 15 75.40 -32.92 39.98
N GLY KB 16 74.69 -33.72 40.75
CA GLY KB 16 74.45 -33.39 42.15
C GLY KB 16 75.66 -33.54 43.04
N SER KB 17 76.71 -34.21 42.57
CA SER KB 17 77.93 -34.36 43.33
C SER KB 17 78.81 -33.12 43.29
N ARG KB 18 78.55 -32.20 42.35
CA ARG KB 18 79.42 -31.05 42.12
C ARG KB 18 78.65 -29.76 42.39
N SER KB 19 79.30 -28.82 43.06
CA SER KB 19 78.74 -27.52 43.35
C SER KB 19 79.81 -26.46 43.16
N CYS KB 20 79.38 -25.22 42.99
CA CYS KB 20 80.31 -24.11 42.87
C CYS KB 20 81.13 -23.97 44.15
N ARG KB 21 82.40 -23.60 44.00
CA ARG KB 21 83.22 -23.39 45.19
C ARG KB 21 82.98 -22.04 45.84
N VAL KB 22 82.17 -21.18 45.21
CA VAL KB 22 81.82 -19.88 45.77
C VAL KB 22 80.38 -19.87 46.28
N CYS KB 23 79.42 -20.09 45.39
CA CYS KB 23 78.01 -20.00 45.72
C CYS KB 23 77.31 -21.35 45.79
N SER KB 24 78.05 -22.45 45.65
CA SER KB 24 77.52 -23.81 45.78
C SER KB 24 76.42 -24.10 44.76
N ASN KB 25 76.46 -23.42 43.62
CA ASN KB 25 75.47 -23.61 42.57
C ASN KB 25 75.72 -24.91 41.83
N ARG KB 26 74.65 -25.51 41.32
CA ARG KB 26 74.72 -26.81 40.67
C ARG KB 26 74.46 -26.71 39.17
N HIS KB 27 74.65 -25.54 38.58
CA HIS KB 27 74.40 -25.32 37.16
C HIS KB 27 75.51 -24.47 36.56
N GLY KB 28 75.96 -24.85 35.38
CA GLY KB 28 77.01 -24.11 34.71
C GLY KB 28 78.35 -24.15 35.40
N LEU KB 29 78.77 -25.31 35.88
CA LEU KB 29 80.05 -25.42 36.54
C LEU KB 29 81.18 -25.51 35.53
N ILE KB 30 82.36 -25.06 35.93
CA ILE KB 30 83.54 -25.01 35.09
C ILE KB 30 84.59 -25.90 35.72
N ARG KB 31 84.64 -27.16 35.28
CA ARG KB 31 85.57 -28.14 35.84
C ARG KB 31 86.95 -28.06 35.21
N LYS KB 32 87.14 -27.22 34.19
CA LYS KB 32 88.42 -27.17 33.49
C LYS KB 32 89.50 -26.59 34.38
N TYR KB 33 90.67 -27.22 34.34
CA TYR KB 33 91.82 -26.88 35.20
C TYR KB 33 91.47 -26.98 36.68
N GLY KB 34 90.46 -27.80 37.01
CA GLY KB 34 90.02 -27.90 38.39
C GLY KB 34 89.50 -26.60 38.96
N LEU KB 35 88.95 -25.73 38.11
CA LEU KB 35 88.49 -24.43 38.58
C LEU KB 35 87.35 -24.58 39.57
N ASN KB 36 86.38 -25.44 39.25
CA ASN KB 36 85.27 -25.78 40.15
C ASN KB 36 84.49 -24.55 40.58
N MET KB 37 84.28 -23.61 39.66
CA MET KB 37 83.61 -22.36 39.94
C MET KB 37 82.45 -22.16 38.98
N CYS KB 38 81.39 -21.54 39.49
CA CYS KB 38 80.21 -21.26 38.69
C CYS KB 38 80.53 -20.28 37.57
N ARG KB 39 79.73 -20.34 36.51
CA ARG KB 39 79.91 -19.45 35.37
C ARG KB 39 79.78 -17.99 35.77
N GLN KB 40 78.74 -17.67 36.56
CA GLN KB 40 78.59 -16.30 37.04
C GLN KB 40 79.72 -15.90 37.96
N CYS KB 41 80.11 -16.79 38.88
CA CYS KB 41 81.20 -16.48 39.79
C CYS KB 41 82.52 -16.33 39.04
N PHE KB 42 82.73 -17.13 37.99
CA PHE KB 42 83.96 -16.98 37.21
C PHE KB 42 83.99 -15.63 36.50
N ARG KB 43 82.87 -15.20 35.93
CA ARG KB 43 82.84 -13.86 35.34
C ARG KB 43 83.05 -12.79 36.40
N GLN KB 44 82.61 -13.06 37.63
CA GLN KB 44 82.79 -12.09 38.71
C GLN KB 44 84.26 -11.96 39.10
N TYR KB 45 85.00 -13.08 39.10
CA TYR KB 45 86.33 -13.11 39.69
C TYR KB 45 87.47 -13.34 38.70
N ALA KB 46 87.21 -13.44 37.41
CA ALA KB 46 88.26 -13.80 36.46
C ALA KB 46 89.40 -12.79 36.44
N LYS KB 47 89.11 -11.52 36.72
CA LYS KB 47 90.19 -10.56 36.92
C LYS KB 47 91.02 -10.92 38.14
N ASP KB 48 90.37 -11.44 39.19
CA ASP KB 48 91.09 -11.75 40.42
C ASP KB 48 91.98 -12.98 40.26
N ILE KB 49 91.46 -14.05 39.66
CA ILE KB 49 92.32 -15.21 39.36
C ILE KB 49 93.40 -14.82 38.36
N GLY KB 50 93.03 -14.09 37.32
CA GLY KB 50 94.02 -13.60 36.38
C GLY KB 50 93.62 -13.82 34.95
N PHE KB 51 92.49 -14.47 34.71
CA PHE KB 51 91.96 -14.61 33.36
C PHE KB 51 91.48 -13.24 32.88
N ILE KB 52 92.28 -12.61 32.03
CA ILE KB 52 91.98 -11.29 31.50
C ILE KB 52 91.71 -11.43 30.00
N LYS KB 53 90.96 -10.47 29.47
CA LYS KB 53 90.55 -10.49 28.08
C LYS KB 53 91.68 -9.94 27.20
N LEU KB 54 91.96 -10.65 26.11
CA LEU KB 54 92.89 -10.17 25.10
C LEU KB 54 92.22 -9.97 23.75
N ASP KB 55 91.45 -10.96 23.28
CA ASP KB 55 90.75 -10.85 22.00
C ASP KB 55 89.26 -11.16 22.17
N TYR LB 1 46.38 -29.31 50.29
CA TYR LB 1 46.71 -30.36 51.25
C TYR LB 1 45.66 -31.46 51.26
N THR LB 2 44.88 -31.51 52.34
CA THR LB 2 43.87 -32.54 52.58
C THR LB 2 44.50 -33.93 52.44
N THR LB 3 45.43 -34.20 53.35
CA THR LB 3 46.16 -35.45 53.31
C THR LB 3 45.19 -36.61 53.54
N PRO LB 4 45.17 -37.61 52.67
CA PRO LB 4 44.22 -38.72 52.85
C PRO LB 4 44.42 -39.49 54.15
N LYS LB 5 45.66 -39.63 54.59
CA LYS LB 5 45.94 -40.27 55.87
C LYS LB 5 45.83 -39.26 57.00
N LYS LB 6 45.38 -39.75 58.16
CA LYS LB 6 45.40 -38.93 59.36
C LYS LB 6 46.84 -38.66 59.79
N ASN LB 7 47.02 -37.63 60.61
CA ASN LB 7 48.36 -37.26 61.07
C ASN LB 7 48.95 -38.39 61.89
N LYS LB 8 50.15 -38.83 61.51
CA LYS LB 8 50.77 -39.98 62.16
C LYS LB 8 51.01 -39.72 63.63
N HIS LB 9 50.56 -40.65 64.47
CA HIS LB 9 50.70 -40.54 65.91
C HIS LB 9 52.16 -40.76 66.29
N LYS LB 10 52.82 -39.72 66.80
CA LYS LB 10 54.17 -39.89 67.30
C LYS LB 10 54.15 -40.64 68.63
N ARG LB 11 55.18 -41.44 68.84
CA ARG LB 11 55.30 -42.21 70.07
C ARG LB 11 55.41 -41.30 71.29
N LYS LB 12 54.66 -41.64 72.33
CA LYS LB 12 54.86 -41.07 73.66
C LYS LB 12 55.37 -42.15 74.59
N LYS LB 13 56.43 -41.83 75.34
CA LYS LB 13 57.06 -42.83 76.18
C LYS LB 13 56.17 -43.20 77.36
N VAL LB 14 56.48 -44.35 77.97
CA VAL LB 14 55.62 -44.95 78.97
C VAL LB 14 55.65 -44.26 80.32
N LYS LB 15 56.61 -43.34 80.53
CA LYS LB 15 56.81 -42.70 81.83
C LYS LB 15 57.00 -43.74 82.93
N LEU LB 16 58.09 -44.48 82.79
CA LEU LB 16 58.43 -45.51 83.76
C LEU LB 16 58.83 -44.88 85.08
N ALA LB 17 58.41 -45.52 86.18
CA ALA LB 17 58.76 -45.07 87.51
C ALA LB 17 60.18 -45.54 87.83
N VAL LB 18 60.54 -45.48 89.12
CA VAL LB 18 61.85 -45.97 89.56
C VAL LB 18 62.03 -47.43 89.13
N LEU LB 19 63.23 -47.76 88.67
CA LEU LB 19 63.50 -49.04 88.01
C LEU LB 19 63.23 -50.22 88.93
N LYS LB 20 64.03 -50.39 89.99
CA LYS LB 20 63.79 -51.37 91.05
C LYS LB 20 63.62 -52.80 90.54
N TYR LB 21 64.26 -53.14 89.42
CA TYR LB 21 64.18 -54.52 88.94
C TYR LB 21 65.33 -55.37 89.47
N TYR LB 22 65.51 -55.35 90.78
CA TYR LB 22 66.44 -56.22 91.49
C TYR LB 22 66.10 -56.16 92.97
N LYS LB 23 66.22 -57.30 93.63
CA LYS LB 23 65.72 -57.48 94.98
C LYS LB 23 66.72 -58.25 95.81
N VAL LB 24 66.81 -57.90 97.10
CA VAL LB 24 67.60 -58.64 98.07
C VAL LB 24 66.67 -59.08 99.20
N ASP LB 25 67.03 -60.20 99.84
CA ASP LB 25 66.17 -60.85 100.80
C ASP LB 25 66.95 -61.23 102.05
N GLU LB 26 66.19 -61.45 103.13
CA GLU LB 26 66.67 -61.79 104.48
C GLU LB 26 67.94 -61.02 104.86
N ASN LB 27 67.81 -59.70 104.96
CA ASN LB 27 68.89 -58.79 105.37
C ASN LB 27 70.05 -58.80 104.38
N GLY LB 28 69.73 -58.89 103.10
CA GLY LB 28 70.69 -58.60 102.04
C GLY LB 28 71.32 -59.79 101.36
N LYS LB 29 70.79 -60.17 100.20
CA LYS LB 29 71.37 -61.19 99.34
C LYS LB 29 71.06 -60.80 97.91
N ILE LB 30 72.10 -60.47 97.13
CA ILE LB 30 71.89 -59.95 95.79
C ILE LB 30 71.25 -61.01 94.90
N SER LB 31 70.26 -60.59 94.11
CA SER LB 31 69.55 -61.48 93.20
C SER LB 31 69.37 -60.75 91.86
N ARG LB 32 70.28 -61.02 90.92
CA ARG LB 32 70.13 -60.53 89.55
C ARG LB 32 68.93 -61.23 88.92
N LEU LB 33 67.82 -60.52 88.79
CA LEU LB 33 66.65 -61.03 88.10
C LEU LB 33 66.61 -60.58 86.64
N ARG LB 34 67.66 -59.91 86.17
CA ARG LB 34 67.78 -59.48 84.78
C ARG LB 34 69.06 -60.04 84.19
N ARG LB 35 69.05 -60.25 82.88
CA ARG LB 35 70.17 -60.87 82.20
C ARG LB 35 71.36 -59.90 82.07
N GLU LB 36 72.56 -60.47 82.11
CA GLU LB 36 73.80 -59.73 81.96
C GLU LB 36 74.23 -59.69 80.50
N CYS LB 37 74.58 -58.51 80.00
CA CYS LB 37 75.20 -58.40 78.68
C CYS LB 37 76.69 -58.65 78.81
N PRO LB 38 77.23 -59.70 78.19
CA PRO LB 38 78.62 -60.11 78.45
C PRO LB 38 79.69 -59.37 77.66
N SER LB 39 79.31 -58.52 76.71
CA SER LB 39 80.30 -57.84 75.90
C SER LB 39 81.00 -56.76 76.72
N ASP LB 40 82.18 -56.36 76.24
CA ASP LB 40 82.91 -55.27 76.88
C ASP LB 40 82.19 -53.94 76.69
N GLU LB 41 81.62 -53.71 75.50
CA GLU LB 41 80.95 -52.44 75.24
C GLU LB 41 79.67 -52.30 76.04
N CYS LB 42 79.00 -53.41 76.36
CA CYS LB 42 77.89 -53.35 77.30
C CYS LB 42 78.40 -53.21 78.73
N GLY LB 43 79.35 -54.05 79.11
CA GLY LB 43 79.84 -54.06 80.48
C GLY LB 43 78.97 -54.91 81.38
N ALA LB 44 79.47 -55.13 82.59
CA ALA LB 44 78.77 -55.91 83.60
C ALA LB 44 77.87 -55.06 84.48
N GLY LB 45 77.82 -53.76 84.25
CA GLY LB 45 77.01 -52.87 85.06
C GLY LB 45 75.57 -52.82 84.60
N VAL LB 46 75.37 -52.79 83.28
CA VAL LB 46 74.01 -52.73 82.74
C VAL LB 46 73.43 -54.12 82.65
N PHE LB 47 72.10 -54.18 82.57
CA PHE LB 47 71.38 -55.44 82.45
C PHE LB 47 70.80 -55.56 81.05
N MET LB 48 70.34 -56.76 80.72
CA MET LB 48 69.71 -56.98 79.43
C MET LB 48 68.20 -56.92 79.54
N ALA LB 49 67.55 -56.94 78.38
CA ALA LB 49 66.09 -56.93 78.32
C ALA LB 49 65.54 -58.27 78.78
N SER LB 50 64.24 -58.27 79.10
CA SER LB 50 63.57 -59.46 79.59
C SER LB 50 62.36 -59.78 78.73
N HIS LB 51 62.55 -59.77 77.42
CA HIS LB 51 61.47 -60.08 76.49
C HIS LB 51 61.00 -61.53 76.68
N PHE LB 52 59.79 -61.81 76.21
CA PHE LB 52 59.19 -63.11 76.48
C PHE LB 52 59.89 -64.25 75.74
N ASP LB 53 60.67 -63.94 74.70
CA ASP LB 53 61.36 -64.99 73.96
C ASP LB 53 62.80 -64.69 73.57
N ARG LB 54 63.35 -63.56 74.00
CA ARG LB 54 64.77 -63.26 73.74
C ARG LB 54 65.26 -62.28 74.80
N HIS LB 55 66.57 -62.03 74.78
CA HIS LB 55 67.20 -61.04 75.63
C HIS LB 55 67.92 -60.02 74.76
N TYR LB 56 67.81 -58.75 75.12
CA TYR LB 56 68.40 -57.65 74.36
C TYR LB 56 69.29 -56.81 75.25
N CYS LB 57 70.47 -56.46 74.75
CA CYS LB 57 71.43 -55.64 75.48
C CYS LB 57 71.29 -54.21 74.98
N GLY LB 58 71.18 -53.27 75.91
CA GLY LB 58 70.95 -51.88 75.52
C GLY LB 58 72.10 -51.29 74.72
N LYS LB 59 73.33 -51.58 75.12
CA LYS LB 59 74.49 -51.08 74.41
C LYS LB 59 75.01 -52.07 73.38
N CYS LB 60 75.19 -53.33 73.78
CA CYS LB 60 75.81 -54.30 72.88
C CYS LB 60 74.88 -54.71 71.75
N CYS LB 61 73.57 -54.44 71.89
CA CYS LB 61 72.55 -54.77 70.88
C CYS LB 61 72.65 -56.23 70.40
N LEU LB 62 73.11 -57.12 71.28
CA LEU LB 62 73.06 -58.55 71.00
C LEU LB 62 71.69 -59.10 71.35
N THR LB 63 71.31 -60.20 70.70
CA THR LB 63 70.03 -60.84 70.92
C THR LB 63 70.27 -62.30 71.28
N TYR LB 64 70.04 -62.64 72.56
CA TYR LB 64 70.06 -64.02 73.02
C TYR LB 64 68.63 -64.54 73.05
N CYS LB 65 68.33 -65.47 72.14
CA CYS LB 65 67.00 -66.04 72.02
C CYS LB 65 66.96 -67.40 72.69
N PHE LB 66 65.98 -67.60 73.56
CA PHE LB 66 65.73 -68.90 74.19
C PHE LB 66 64.46 -69.49 73.59
N ASN LB 67 64.55 -70.73 73.13
CA ASN LB 67 63.42 -71.38 72.47
C ASN LB 67 62.69 -72.30 73.42
N THR MB 1 140.99 22.47 -20.85
CA THR MB 1 140.32 21.59 -21.79
C THR MB 1 139.77 20.35 -21.08
N GLU MB 2 139.86 20.34 -19.76
CA GLU MB 2 139.43 19.22 -18.95
C GLU MB 2 138.19 19.60 -18.15
N GLN MB 3 137.25 18.67 -18.05
CA GLN MB 3 136.04 18.86 -17.26
C GLN MB 3 135.50 17.50 -16.85
N MET MB 4 134.61 17.51 -15.87
CA MET MB 4 134.03 16.29 -15.32
C MET MB 4 132.76 15.98 -16.12
N THR MB 5 132.71 14.78 -16.72
CA THR MB 5 131.60 14.41 -17.58
C THR MB 5 131.11 13.02 -17.22
N LEU MB 6 130.01 12.62 -17.86
CA LEU MB 6 129.37 11.35 -17.57
C LEU MB 6 130.22 10.19 -18.10
N ARG MB 7 130.08 9.04 -17.44
CA ARG MB 7 130.72 7.82 -17.93
C ARG MB 7 129.74 6.66 -17.92
N GLY MB 8 128.75 6.70 -17.04
CA GLY MB 8 127.77 5.63 -16.96
C GLY MB 8 127.11 5.60 -15.60
N THR MB 9 126.33 4.55 -15.39
CA THR MB 9 125.59 4.33 -14.15
C THR MB 9 125.63 2.85 -13.77
N LEU MB 10 125.43 2.58 -12.49
CA LEU MB 10 125.33 1.22 -11.97
C LEU MB 10 123.94 1.03 -11.37
N LYS MB 11 123.37 -0.16 -11.59
CA LYS MB 11 122.02 -0.47 -11.16
C LYS MB 11 122.02 -1.71 -10.28
N GLY MB 12 120.98 -1.83 -9.45
CA GLY MB 12 120.79 -3.02 -8.63
C GLY MB 12 120.37 -2.73 -7.20
N HIS MB 13 120.42 -1.46 -6.80
CA HIS MB 13 120.17 -1.10 -5.42
C HIS MB 13 118.69 -0.83 -5.17
N ASN MB 14 118.28 -1.03 -3.91
CA ASN MB 14 116.91 -0.77 -3.48
C ASN MB 14 116.88 0.25 -2.34
N GLY MB 15 117.80 1.19 -2.34
CA GLY MB 15 117.85 2.25 -1.36
C GLY MB 15 118.87 3.28 -1.78
N TRP MB 16 118.91 4.38 -1.04
CA TRP MB 16 119.87 5.44 -1.34
C TRP MB 16 121.29 4.94 -1.16
N VAL MB 17 122.15 5.31 -2.09
CA VAL MB 17 123.57 4.93 -2.04
C VAL MB 17 124.24 5.82 -1.00
N THR MB 18 124.35 5.31 0.24
CA THR MB 18 124.85 6.14 1.33
C THR MB 18 126.36 6.36 1.23
N GLN MB 19 127.11 5.31 0.89
CA GLN MB 19 128.56 5.38 0.90
C GLN MB 19 129.15 4.67 -0.30
N ILE MB 20 130.20 5.27 -0.86
CA ILE MB 20 131.02 4.65 -1.90
C ILE MB 20 132.42 4.48 -1.35
N ALA MB 21 132.98 3.28 -1.49
CA ALA MB 21 134.33 2.98 -1.03
C ALA MB 21 135.14 2.40 -2.19
N THR MB 22 136.32 2.98 -2.43
CA THR MB 22 137.19 2.58 -3.52
C THR MB 22 138.58 2.26 -2.98
N THR MB 23 139.21 1.23 -3.54
CA THR MB 23 140.47 0.76 -3.00
C THR MB 23 141.62 0.95 -3.98
N PRO MB 24 142.82 1.22 -3.47
CA PRO MB 24 143.96 1.39 -4.39
C PRO MB 24 144.50 0.08 -4.93
N GLN MB 25 144.50 -0.99 -4.12
CA GLN MB 25 145.09 -2.24 -4.56
C GLN MB 25 144.28 -2.92 -5.65
N PHE MB 26 142.96 -2.71 -5.67
CA PHE MB 26 142.08 -3.26 -6.69
C PHE MB 26 141.31 -2.10 -7.31
N PRO MB 27 141.95 -1.31 -8.17
CA PRO MB 27 141.26 -0.14 -8.75
C PRO MB 27 140.06 -0.50 -9.60
N ASP MB 28 140.01 -1.71 -10.15
CA ASP MB 28 138.91 -2.17 -10.99
C ASP MB 28 137.75 -2.74 -10.18
N MET MB 29 137.78 -2.56 -8.86
CA MET MB 29 136.81 -3.17 -7.97
C MET MB 29 136.37 -2.15 -6.94
N ILE MB 30 135.06 -1.87 -6.90
CA ILE MB 30 134.48 -0.96 -5.93
C ILE MB 30 133.30 -1.64 -5.25
N LEU MB 31 132.93 -1.12 -4.09
CA LEU MB 31 131.78 -1.59 -3.34
C LEU MB 31 130.98 -0.40 -2.86
N SER MB 32 129.68 -0.59 -2.69
CA SER MB 32 128.77 0.49 -2.36
C SER MB 32 127.82 0.06 -1.25
N ALA MB 33 127.49 1.00 -0.38
CA ALA MB 33 126.46 0.78 0.62
C ALA MB 33 125.13 1.32 0.13
N SER MB 34 124.05 0.88 0.79
CA SER MB 34 122.71 1.31 0.41
C SER MB 34 121.78 1.17 1.61
N ARG MB 35 120.57 1.71 1.46
CA ARG MB 35 119.54 1.60 2.48
C ARG MB 35 118.63 0.41 2.24
N ASP MB 36 119.14 -0.64 1.58
CA ASP MB 36 118.41 -1.89 1.41
C ASP MB 36 119.00 -3.00 2.27
N LYS MB 37 119.73 -2.64 3.32
CA LYS MB 37 120.40 -3.57 4.23
C LYS MB 37 121.38 -4.48 3.51
N THR MB 38 121.88 -4.07 2.34
CA THR MB 38 122.82 -4.85 1.57
C THR MB 38 123.97 -3.98 1.11
N ILE MB 39 125.14 -4.59 0.96
CA ILE MB 39 126.33 -3.96 0.42
C ILE MB 39 126.72 -4.74 -0.82
N ILE MB 40 126.88 -4.04 -1.94
CA ILE MB 40 127.16 -4.67 -3.22
C ILE MB 40 128.54 -4.21 -3.68
N MET MB 41 129.41 -5.16 -3.96
CA MET MB 41 130.71 -4.89 -4.55
C MET MB 41 130.64 -5.12 -6.05
N TRP MB 42 131.32 -4.25 -6.80
CA TRP MB 42 131.15 -4.15 -8.24
C TRP MB 42 132.47 -4.40 -8.94
N LYS MB 43 132.43 -5.14 -10.04
CA LYS MB 43 133.58 -5.29 -10.92
C LYS MB 43 133.42 -4.33 -12.09
N LEU MB 44 134.41 -3.45 -12.25
CA LEU MB 44 134.32 -2.34 -13.21
C LEU MB 44 134.51 -2.90 -14.62
N THR MB 45 133.41 -3.30 -15.23
CA THR MB 45 133.39 -3.78 -16.61
C THR MB 45 133.13 -2.58 -17.49
N ARG MB 46 134.19 -1.86 -17.84
CA ARG MB 46 134.08 -0.61 -18.59
C ARG MB 46 133.76 -0.93 -20.04
N ASP MB 47 132.46 -1.01 -20.34
CA ASP MB 47 132.03 -1.34 -21.70
C ASP MB 47 130.82 -0.51 -22.11
N GLU MB 48 130.23 -0.86 -23.26
CA GLU MB 48 129.13 -0.11 -23.83
C GLU MB 48 127.77 -0.50 -23.25
N THR MB 49 127.67 -1.67 -22.62
CA THR MB 49 126.40 -2.08 -22.03
C THR MB 49 126.18 -1.40 -20.68
N ASN MB 50 127.12 -1.60 -19.76
CA ASN MB 50 127.12 -0.91 -18.48
C ASN MB 50 128.57 -0.77 -18.03
N TYR MB 51 128.81 0.21 -17.16
CA TYR MB 51 130.18 0.49 -16.75
C TYR MB 51 130.67 -0.43 -15.64
N GLY MB 52 129.76 -1.17 -15.00
CA GLY MB 52 130.14 -2.11 -13.96
C GLY MB 52 129.02 -3.12 -13.77
N ILE MB 53 129.31 -4.11 -12.93
CA ILE MB 53 128.35 -5.19 -12.69
C ILE MB 53 128.54 -5.70 -11.26
N PRO MB 54 127.47 -6.07 -10.56
CA PRO MB 54 127.63 -6.69 -9.25
C PRO MB 54 128.35 -8.02 -9.34
N GLN MB 55 129.16 -8.31 -8.32
CA GLN MB 55 129.88 -9.57 -8.25
C GLN MB 55 129.66 -10.34 -6.95
N ARG MB 56 129.50 -9.64 -5.83
CA ARG MB 56 129.17 -10.28 -4.56
C ARG MB 56 128.33 -9.31 -3.74
N ALA MB 57 127.43 -9.86 -2.94
CA ALA MB 57 126.53 -9.07 -2.11
C ALA MB 57 126.79 -9.37 -0.65
N LEU MB 58 126.84 -8.32 0.17
CA LEU MB 58 127.10 -8.44 1.59
C LEU MB 58 125.78 -8.23 2.34
N ARG MB 59 125.33 -9.26 3.04
CA ARG MB 59 124.04 -9.25 3.71
C ARG MB 59 124.18 -9.69 5.16
N GLY MB 60 123.37 -9.10 6.03
CA GLY MB 60 123.44 -9.40 7.45
C GLY MB 60 123.13 -8.23 8.36
N HIS MB 61 123.20 -7.01 7.84
CA HIS MB 61 122.72 -5.86 8.60
C HIS MB 61 121.21 -5.84 8.64
N SER MB 62 120.67 -5.46 9.80
CA SER MB 62 119.22 -5.48 10.00
C SER MB 62 118.53 -4.21 9.54
N HIS MB 63 119.27 -3.15 9.23
CA HIS MB 63 118.65 -1.87 8.88
C HIS MB 63 119.52 -1.18 7.86
N PHE MB 64 119.30 0.12 7.67
CA PHE MB 64 120.00 0.86 6.63
C PHE MB 64 121.49 0.95 6.94
N VAL MB 65 122.30 0.66 5.91
CA VAL MB 65 123.74 0.74 6.05
C VAL MB 65 124.18 2.17 5.74
N SER MB 66 124.80 2.81 6.72
CA SER MB 66 125.24 4.20 6.53
C SER MB 66 126.64 4.26 5.92
N ASP MB 67 127.62 3.68 6.61
CA ASP MB 67 129.01 3.86 6.23
C ASP MB 67 129.72 2.52 6.14
N VAL MB 68 130.43 2.31 5.04
CA VAL MB 68 131.30 1.15 4.85
C VAL MB 68 132.67 1.66 4.42
N VAL MB 69 133.71 1.14 5.05
CA VAL MB 69 135.08 1.59 4.80
C VAL MB 69 135.94 0.39 4.45
N ILE MB 70 136.81 0.55 3.46
CA ILE MB 70 137.73 -0.49 3.05
C ILE MB 70 138.87 -0.61 4.06
N SER MB 71 139.65 -1.68 3.94
CA SER MB 71 140.91 -1.78 4.64
C SER MB 71 142.06 -1.40 3.70
N SER MB 72 143.27 -1.36 4.24
CA SER MB 72 144.44 -1.05 3.42
C SER MB 72 144.67 -2.13 2.37
N ASP MB 73 144.53 -3.40 2.76
CA ASP MB 73 144.75 -4.51 1.85
C ASP MB 73 143.56 -4.81 0.95
N GLY MB 74 142.37 -4.35 1.31
CA GLY MB 74 141.18 -4.66 0.55
C GLY MB 74 140.65 -6.06 0.76
N GLN MB 75 141.23 -6.83 1.67
CA GLN MB 75 140.73 -8.18 1.93
C GLN MB 75 139.53 -8.17 2.86
N PHE MB 76 139.21 -7.02 3.44
CA PHE MB 76 138.14 -6.92 4.42
C PHE MB 76 137.27 -5.70 4.13
N ALA MB 77 136.04 -5.76 4.60
CA ALA MB 77 135.12 -4.64 4.54
C ALA MB 77 134.55 -4.38 5.94
N LEU MB 78 134.70 -3.15 6.42
CA LEU MB 78 134.15 -2.74 7.69
C LEU MB 78 132.89 -1.93 7.46
N SER MB 79 131.79 -2.37 8.07
CA SER MB 79 130.47 -1.81 7.79
C SER MB 79 129.75 -1.47 9.08
N GLY MB 80 129.04 -0.35 9.05
CA GLY MB 80 128.19 0.05 10.15
C GLY MB 80 126.84 0.51 9.63
N SER MB 81 125.78 0.00 10.26
CA SER MB 81 124.42 0.25 9.81
C SER MB 81 123.59 0.80 10.96
N TRP MB 82 122.32 1.08 10.66
CA TRP MB 82 121.38 1.59 11.64
C TRP MB 82 120.95 0.52 12.64
N ASP MB 83 121.33 -0.74 12.43
CA ASP MB 83 121.01 -1.82 13.35
C ASP MB 83 121.72 -1.68 14.69
N GLY MB 84 122.63 -0.71 14.83
CA GLY MB 84 123.38 -0.56 16.06
C GLY MB 84 124.60 -1.44 16.17
N THR MB 85 124.87 -2.26 15.16
CA THR MB 85 126.00 -3.18 15.17
C THR MB 85 126.92 -2.88 13.99
N LEU MB 86 128.21 -3.14 14.19
CA LEU MB 86 129.20 -3.03 13.14
C LEU MB 86 129.63 -4.42 12.72
N ARG MB 87 129.56 -4.70 11.42
CA ARG MB 87 129.93 -5.99 10.86
C ARG MB 87 131.20 -5.84 10.04
N LEU MB 88 132.20 -6.64 10.36
CA LEU MB 88 133.44 -6.67 9.62
C LEU MB 88 133.41 -7.89 8.69
N TRP MB 89 133.71 -7.67 7.43
CA TRP MB 89 133.52 -8.69 6.40
C TRP MB 89 134.87 -9.11 5.82
N ASP MB 90 134.85 -10.15 5.01
CA ASP MB 90 136.00 -10.55 4.20
C ASP MB 90 135.58 -10.66 2.75
N LEU MB 91 136.36 -10.07 1.85
CA LEU MB 91 135.95 -9.98 0.46
C LEU MB 91 136.13 -11.27 -0.31
N THR MB 92 136.86 -12.25 0.25
CA THR MB 92 137.00 -13.53 -0.41
C THR MB 92 135.70 -14.32 -0.37
N THR MB 93 135.00 -14.30 0.77
CA THR MB 93 133.81 -15.09 0.96
C THR MB 93 132.55 -14.27 1.24
N GLY MB 94 132.70 -12.98 1.54
CA GLY MB 94 131.53 -12.15 1.81
C GLY MB 94 130.77 -12.55 3.05
N THR MB 95 131.47 -12.81 4.14
CA THR MB 95 130.87 -13.25 5.39
C THR MB 95 131.29 -12.32 6.52
N THR MB 96 130.37 -12.09 7.46
CA THR MB 96 130.66 -11.26 8.63
C THR MB 96 131.57 -12.03 9.57
N THR MB 97 132.87 -11.71 9.54
CA THR MB 97 133.84 -12.37 10.41
C THR MB 97 133.93 -11.74 11.78
N ARG MB 98 133.29 -10.59 12.00
CA ARG MB 98 133.35 -9.91 13.28
C ARG MB 98 132.14 -9.03 13.44
N ARG MB 99 131.56 -9.03 14.64
CA ARG MB 99 130.44 -8.16 14.98
C ARG MB 99 130.82 -7.32 16.17
N PHE MB 100 130.56 -6.01 16.08
CA PHE MB 100 130.84 -5.08 17.16
C PHE MB 100 129.52 -4.60 17.75
N VAL MB 101 129.40 -4.70 19.07
CA VAL MB 101 128.18 -4.33 19.76
C VAL MB 101 128.53 -3.41 20.93
N GLY MB 102 127.56 -2.58 21.31
CA GLY MB 102 127.75 -1.61 22.36
C GLY MB 102 127.03 -0.30 22.09
N HIS MB 103 126.73 -0.03 20.82
CA HIS MB 103 125.98 1.16 20.45
C HIS MB 103 124.51 0.92 20.62
N THR MB 104 123.87 1.71 21.48
CA THR MB 104 122.45 1.55 21.78
C THR MB 104 121.55 2.22 20.76
N LYS MB 105 122.11 2.92 19.78
CA LYS MB 105 121.32 3.61 18.77
C LYS MB 105 121.95 3.35 17.40
N ASP MB 106 121.49 4.10 16.40
CA ASP MB 106 121.89 3.85 15.03
C ASP MB 106 123.35 4.25 14.81
N VAL MB 107 124.12 3.36 14.20
CA VAL MB 107 125.50 3.65 13.85
C VAL MB 107 125.52 4.31 12.47
N LEU MB 108 126.17 5.48 12.38
CA LEU MB 108 126.18 6.26 11.16
C LEU MB 108 127.55 6.45 10.55
N SER MB 109 128.63 6.33 11.33
CA SER MB 109 129.97 6.62 10.85
C SER MB 109 130.92 5.52 11.27
N VAL MB 110 131.72 5.04 10.32
CA VAL MB 110 132.78 4.08 10.60
C VAL MB 110 134.06 4.60 9.96
N ALA MB 111 135.19 4.12 10.48
CA ALA MB 111 136.49 4.52 9.94
C ALA MB 111 137.49 3.42 10.25
N PHE MB 112 138.52 3.31 9.40
CA PHE MB 112 139.54 2.29 9.55
C PHE MB 112 140.90 2.96 9.59
N SER MB 113 141.71 2.57 10.58
CA SER MB 113 143.00 3.23 10.79
C SER MB 113 144.00 2.85 9.70
N SER MB 114 144.98 3.74 9.51
CA SER MB 114 146.03 3.49 8.52
C SER MB 114 146.88 2.29 8.90
N ASP MB 115 147.21 2.15 10.18
CA ASP MB 115 147.97 1.00 10.65
C ASP MB 115 147.11 -0.25 10.78
N ASN MB 116 145.80 -0.12 10.55
CA ASN MB 116 144.86 -1.24 10.54
C ASN MB 116 144.79 -1.92 11.90
N ARG MB 117 144.87 -1.11 12.96
CA ARG MB 117 144.82 -1.63 14.33
C ARG MB 117 143.71 -0.94 15.13
N GLN MB 118 143.34 0.27 14.72
CA GLN MB 118 142.38 1.09 15.46
C GLN MB 118 141.08 1.18 14.68
N ILE MB 119 139.96 1.00 15.39
CA ILE MB 119 138.63 1.12 14.82
C ILE MB 119 137.83 2.08 15.69
N VAL MB 120 137.23 3.09 15.06
CA VAL MB 120 136.46 4.10 15.77
C VAL MB 120 135.06 4.12 15.17
N SER MB 121 134.06 4.39 16.02
CA SER MB 121 132.67 4.42 15.60
C SER MB 121 131.93 5.52 16.36
N GLY MB 122 130.88 6.02 15.73
CA GLY MB 122 130.00 6.97 16.39
C GLY MB 122 128.56 6.69 16.00
N SER MB 123 127.67 6.84 16.97
CA SER MB 123 126.27 6.48 16.77
C SER MB 123 125.38 7.62 17.25
N ARG MB 124 124.07 7.40 17.17
CA ARG MB 124 123.09 8.38 17.59
C ARG MB 124 123.02 8.54 19.11
N ASP MB 125 123.66 7.66 19.87
CA ASP MB 125 123.67 7.78 21.32
C ASP MB 125 124.65 8.82 21.82
N LYS MB 126 125.14 9.69 20.94
CA LYS MB 126 126.10 10.75 21.27
C LYS MB 126 127.38 10.17 21.87
N THR MB 127 127.78 9.00 21.38
CA THR MB 127 128.89 8.25 21.94
C THR MB 127 129.87 7.87 20.85
N ILE MB 128 131.17 8.02 21.14
CA ILE MB 128 132.23 7.58 20.24
C ILE MB 128 132.93 6.40 20.89
N LYS MB 129 133.02 5.28 20.15
CA LYS MB 129 133.51 4.03 20.69
C LYS MB 129 134.75 3.59 19.93
N LEU MB 130 135.77 3.16 20.69
CA LEU MB 130 137.03 2.69 20.14
C LEU MB 130 137.11 1.17 20.25
N TRP MB 131 137.40 0.53 19.12
CA TRP MB 131 137.35 -0.92 19.01
C TRP MB 131 138.71 -1.46 18.58
N ASN MB 132 138.86 -2.77 18.73
CA ASN MB 132 139.98 -3.50 18.15
C ASN MB 132 139.48 -4.33 16.96
N THR MB 133 140.40 -4.99 16.28
CA THR MB 133 140.01 -5.89 15.20
C THR MB 133 139.28 -7.11 15.74
N LEU MB 134 139.67 -7.59 16.92
CA LEU MB 134 139.10 -8.80 17.50
C LEU MB 134 137.66 -8.61 17.98
N GLY MB 135 137.17 -7.38 18.07
CA GLY MB 135 135.80 -7.13 18.43
C GLY MB 135 135.54 -6.73 19.87
N VAL MB 136 136.46 -6.00 20.50
CA VAL MB 136 136.29 -5.50 21.86
C VAL MB 136 136.33 -3.99 21.83
N CYS MB 137 135.32 -3.36 22.43
CA CYS MB 137 135.27 -1.91 22.51
C CYS MB 137 136.30 -1.45 23.54
N LYS MB 138 137.50 -1.10 23.08
CA LYS MB 138 138.58 -0.74 23.99
C LYS MB 138 138.24 0.51 24.79
N TYR MB 139 137.69 1.53 24.14
CA TYR MB 139 137.34 2.76 24.84
C TYR MB 139 136.01 3.28 24.33
N THR MB 140 135.29 3.97 25.22
CA THR MB 140 134.03 4.62 24.89
C THR MB 140 134.21 6.11 25.19
N VAL MB 141 134.50 6.88 24.17
CA VAL MB 141 134.71 8.32 24.32
C VAL MB 141 133.35 8.96 24.62
N GLN MB 142 133.17 9.39 25.87
CA GLN MB 142 131.90 9.96 26.29
C GLN MB 142 132.11 11.27 27.06
N ASP MB 143 133.26 11.43 27.68
CA ASP MB 143 133.53 12.61 28.50
C ASP MB 143 133.78 13.82 27.62
N GLU MB 144 132.98 14.87 27.84
CA GLU MB 144 133.06 16.12 27.07
C GLU MB 144 132.94 15.85 25.57
N SER MB 145 132.06 14.92 25.21
CA SER MB 145 131.82 14.57 23.83
C SER MB 145 130.71 15.46 23.26
N HIS MB 146 130.21 15.10 22.08
CA HIS MB 146 129.13 15.86 21.46
C HIS MB 146 127.86 15.74 22.30
N SER MB 147 127.13 16.85 22.42
CA SER MB 147 125.83 16.82 23.05
C SER MB 147 124.72 16.41 22.09
N GLU MB 148 125.06 16.13 20.83
CA GLU MB 148 124.13 15.63 19.83
C GLU MB 148 124.73 14.40 19.14
N TRP MB 149 124.11 13.96 18.03
CA TRP MB 149 124.57 12.79 17.32
C TRP MB 149 126.01 12.96 16.80
N VAL MB 150 126.63 11.82 16.49
CA VAL MB 150 127.93 11.77 15.84
C VAL MB 150 127.70 11.36 14.39
N SER MB 151 128.05 12.24 13.46
CA SER MB 151 127.71 12.05 12.06
C SER MB 151 128.84 11.44 11.24
N CYS MB 152 130.07 11.90 11.39
CA CYS MB 152 131.17 11.38 10.60
C CYS MB 152 132.46 11.41 11.41
N VAL MB 153 133.21 10.31 11.35
CA VAL MB 153 134.51 10.20 12.01
C VAL MB 153 135.52 9.64 11.00
N ARG MB 154 136.71 10.23 10.99
CA ARG MB 154 137.77 9.81 10.08
C ARG MB 154 139.11 9.82 10.81
N PHE MB 155 139.93 8.83 10.51
CA PHE MB 155 141.30 8.80 11.02
C PHE MB 155 142.16 9.79 10.25
N SER MB 156 143.29 10.15 10.87
CA SER MB 156 144.26 11.01 10.22
C SER MB 156 145.10 10.19 9.27
N PRO MB 157 145.19 10.56 7.98
CA PRO MB 157 146.06 9.81 7.06
C PRO MB 157 147.53 9.87 7.44
N ASN MB 158 147.94 10.87 8.22
CA ASN MB 158 149.32 10.93 8.69
C ASN MB 158 149.62 9.76 9.63
N SER MB 159 150.75 9.11 9.38
CA SER MB 159 151.20 8.04 10.27
C SER MB 159 151.54 8.61 11.65
N SER MB 160 152.20 9.76 11.70
CA SER MB 160 152.49 10.41 12.96
C SER MB 160 151.21 11.04 13.52
N ASN MB 161 151.36 11.68 14.70
CA ASN MB 161 150.38 12.44 15.49
C ASN MB 161 148.95 11.92 15.31
N PRO MB 162 148.67 10.66 15.72
CA PRO MB 162 147.38 10.04 15.41
C PRO MB 162 146.20 10.73 16.06
N ILE MB 163 145.33 11.33 15.23
CA ILE MB 163 144.13 12.00 15.68
C ILE MB 163 142.98 11.59 14.79
N ILE MB 164 141.75 11.85 15.27
CA ILE MB 164 140.54 11.54 14.53
C ILE MB 164 139.65 12.77 14.53
N VAL MB 165 138.98 13.01 13.42
CA VAL MB 165 138.01 14.10 13.34
C VAL MB 165 136.63 13.56 13.67
N SER MB 166 135.74 14.45 14.09
CA SER MB 166 134.39 14.04 14.49
C SER MB 166 133.46 15.22 14.36
N CYS MB 167 132.61 15.20 13.34
CA CYS MB 167 131.56 16.21 13.17
C CYS MB 167 130.23 15.67 13.69
N GLY MB 168 129.40 16.58 14.19
CA GLY MB 168 128.14 16.17 14.79
C GLY MB 168 127.01 17.14 14.57
N TRP MB 169 125.85 16.83 15.15
CA TRP MB 169 124.67 17.66 15.00
C TRP MB 169 124.63 18.82 15.97
N ASP MB 170 125.52 18.87 16.95
CA ASP MB 170 125.69 20.04 17.80
C ASP MB 170 126.59 21.09 17.15
N LYS MB 171 126.84 20.97 15.84
CA LYS MB 171 127.57 21.97 15.06
C LYS MB 171 128.98 22.20 15.57
N LEU MB 172 129.62 21.15 16.10
CA LEU MB 172 131.00 21.22 16.54
C LEU MB 172 131.78 20.06 15.94
N VAL MB 173 132.94 20.38 15.37
CA VAL MB 173 133.91 19.36 14.98
C VAL MB 173 134.99 19.29 16.05
N LYS MB 174 135.29 18.07 16.50
CA LYS MB 174 136.24 17.85 17.57
C LYS MB 174 137.26 16.82 17.12
N VAL MB 175 138.54 17.13 17.36
CA VAL MB 175 139.64 16.22 17.04
C VAL MB 175 140.15 15.62 18.34
N TRP MB 176 140.41 14.31 18.32
CA TRP MB 176 140.79 13.57 19.51
C TRP MB 176 142.12 12.88 19.27
N ASN MB 177 143.07 13.10 20.17
CA ASN MB 177 144.39 12.50 20.04
C ASN MB 177 144.33 11.03 20.44
N LEU MB 178 144.72 10.15 19.51
CA LEU MB 178 144.68 8.71 19.77
C LEU MB 178 145.74 8.26 20.76
N ALA MB 179 146.73 9.10 21.08
CA ALA MB 179 147.73 8.72 22.07
C ALA MB 179 147.09 8.57 23.44
N ASN MB 180 146.17 9.47 23.80
CA ASN MB 180 145.51 9.41 25.09
C ASN MB 180 143.99 9.29 24.98
N CYS MB 181 143.45 9.20 23.77
CA CYS MB 181 142.01 9.18 23.54
C CYS MB 181 141.33 10.40 24.17
N LYS MB 182 141.95 11.57 24.01
CA LYS MB 182 141.50 12.79 24.65
C LYS MB 182 141.35 13.90 23.64
N LEU MB 183 140.52 14.88 23.99
CA LEU MB 183 140.24 16.01 23.13
C LEU MB 183 141.48 16.87 22.92
N LYS MB 184 141.57 17.46 21.73
CA LYS MB 184 142.66 18.36 21.39
C LYS MB 184 142.20 19.80 21.25
N THR MB 185 141.22 20.07 20.39
CA THR MB 185 140.74 21.43 20.18
C THR MB 185 139.33 21.37 19.61
N ASN MB 186 138.62 22.50 19.77
CA ASN MB 186 137.28 22.67 19.25
C ASN MB 186 137.30 23.69 18.14
N HIS MB 187 136.68 23.37 17.00
CA HIS MB 187 136.50 24.31 15.91
C HIS MB 187 135.02 24.58 15.74
N ILE MB 188 134.63 25.84 15.85
CA ILE MB 188 133.23 26.25 15.91
C ILE MB 188 132.96 27.22 14.77
N GLY MB 189 131.70 27.30 14.35
CA GLY MB 189 131.34 28.21 13.29
C GLY MB 189 130.22 27.75 12.37
N HIS MB 190 129.80 26.50 12.52
CA HIS MB 190 128.70 25.98 11.70
C HIS MB 190 127.36 26.45 12.25
N THR MB 191 126.51 26.94 11.34
CA THR MB 191 125.16 27.39 11.69
C THR MB 191 124.12 26.30 11.49
N GLY MB 192 124.53 25.11 11.04
CA GLY MB 192 123.62 23.99 10.90
C GLY MB 192 124.35 22.71 11.28
N TYR MB 193 123.57 21.64 11.46
CA TYR MB 193 124.16 20.37 11.82
C TYR MB 193 125.05 19.85 10.69
N LEU MB 194 125.98 18.98 11.05
CA LEU MB 194 127.01 18.52 10.14
C LEU MB 194 126.69 17.13 9.60
N ASN MB 195 126.98 16.93 8.32
CA ASN MB 195 126.74 15.65 7.66
C ASN MB 195 128.00 14.82 7.50
N THR MB 196 129.14 15.44 7.17
CA THR MB 196 130.35 14.69 6.93
C THR MB 196 131.55 15.59 7.17
N VAL MB 197 132.70 14.96 7.41
CA VAL MB 197 133.97 15.65 7.55
C VAL MB 197 135.08 14.72 7.04
N THR MB 198 135.93 15.25 6.17
CA THR MB 198 136.97 14.47 5.53
C THR MB 198 138.30 15.20 5.60
N VAL MB 199 139.38 14.44 5.51
CA VAL MB 199 140.73 14.96 5.68
C VAL MB 199 141.46 14.87 4.35
N SER MB 200 142.24 15.90 4.02
CA SER MB 200 143.06 15.89 2.84
C SER MB 200 144.13 14.80 2.97
N PRO MB 201 144.67 14.30 1.85
CA PRO MB 201 145.65 13.21 1.92
C PRO MB 201 146.88 13.54 2.75
N ASP MB 202 147.34 14.80 2.77
CA ASP MB 202 148.49 15.17 3.58
C ASP MB 202 148.17 15.21 5.07
N GLY MB 203 146.91 15.09 5.45
CA GLY MB 203 146.53 15.24 6.84
C GLY MB 203 146.67 16.66 7.34
N SER MB 204 146.33 17.65 6.50
CA SER MB 204 146.44 19.05 6.89
C SER MB 204 145.15 19.84 6.73
N LEU MB 205 144.14 19.31 6.03
CA LEU MB 205 142.88 19.98 5.83
C LEU MB 205 141.76 19.08 6.32
N CYS MB 206 140.76 19.66 6.97
CA CYS MB 206 139.63 18.90 7.54
C CYS MB 206 138.30 19.58 7.21
N ALA MB 207 138.09 19.87 5.92
CA ALA MB 207 136.86 20.50 5.47
C ALA MB 207 135.62 19.72 5.90
N SER MB 208 134.64 20.45 6.43
CA SER MB 208 133.40 19.86 6.92
C SER MB 208 132.21 20.65 6.40
N GLY MB 209 131.09 19.95 6.25
CA GLY MB 209 129.87 20.57 5.77
C GLY MB 209 128.66 19.89 6.37
N GLY MB 210 127.51 20.54 6.19
CA GLY MB 210 126.27 20.02 6.74
C GLY MB 210 125.05 20.82 6.33
N LYS MB 211 124.13 21.03 7.27
CA LYS MB 211 122.92 21.80 7.00
C LYS MB 211 123.23 23.26 6.66
N ASP MB 212 124.33 23.80 7.18
CA ASP MB 212 124.63 25.22 7.01
C ASP MB 212 124.87 25.60 5.55
N GLY MB 213 125.07 24.62 4.68
CA GLY MB 213 125.19 24.90 3.26
C GLY MB 213 126.52 25.48 2.83
N GLN MB 214 127.51 25.48 3.72
CA GLN MB 214 128.82 26.03 3.42
C GLN MB 214 129.88 25.16 4.06
N ALA MB 215 131.06 25.12 3.46
CA ALA MB 215 132.17 24.31 3.93
C ALA MB 215 133.14 25.14 4.74
N MET MB 216 133.66 24.56 5.81
CA MET MB 216 134.60 25.23 6.71
C MET MB 216 135.95 24.54 6.62
N LEU MB 217 136.98 25.32 6.33
CA LEU MB 217 138.34 24.82 6.19
C LEU MB 217 139.14 25.20 7.43
N TRP MB 218 139.83 24.24 8.01
CA TRP MB 218 140.57 24.44 9.25
C TRP MB 218 142.02 24.03 9.05
N ASP MB 219 142.76 23.97 10.16
CA ASP MB 219 144.15 23.58 10.17
C ASP MB 219 144.36 22.34 11.05
N LEU MB 220 145.32 21.50 10.65
CA LEU MB 220 145.66 20.30 11.40
C LEU MB 220 147.01 20.34 12.07
N ASN MB 221 148.02 20.95 11.45
CA ASN MB 221 149.34 21.01 12.06
C ASN MB 221 149.31 21.86 13.33
N GLU MB 222 148.59 22.97 13.31
CA GLU MB 222 148.44 23.84 14.47
C GLU MB 222 147.00 23.84 15.00
N GLY MB 223 146.03 24.07 14.12
CA GLY MB 223 144.63 24.02 14.50
C GLY MB 223 144.01 25.40 14.65
N LYS MB 224 143.34 25.86 13.59
CA LYS MB 224 142.68 27.16 13.54
C LYS MB 224 141.94 27.24 12.21
N HIS MB 225 141.12 28.28 12.08
CA HIS MB 225 140.37 28.48 10.85
C HIS MB 225 141.31 28.79 9.68
N LEU MB 226 140.98 28.23 8.51
CA LEU MB 226 141.76 28.45 7.31
C LEU MB 226 140.95 29.16 6.22
N TYR MB 227 139.76 28.65 5.91
CA TYR MB 227 138.95 29.22 4.83
C TYR MB 227 137.49 28.90 5.09
N THR MB 228 136.61 29.78 4.61
CA THR MB 228 135.18 29.60 4.69
C THR MB 228 134.63 29.57 3.26
N LEU MB 229 134.31 28.39 2.77
CA LEU MB 229 133.80 28.21 1.42
C LEU MB 229 132.30 27.91 1.45
N ASP MB 230 131.55 28.61 0.60
CA ASP MB 230 130.10 28.57 0.63
C ASP MB 230 129.57 27.74 -0.52
N GLY MB 231 128.50 26.99 -0.25
CA GLY MB 231 127.81 26.22 -1.26
C GLY MB 231 126.37 26.69 -1.44
N GLY MB 232 125.75 26.18 -2.50
CA GLY MB 232 124.40 26.60 -2.82
C GLY MB 232 123.37 26.15 -1.79
N ASP MB 233 123.48 24.90 -1.35
CA ASP MB 233 122.47 24.32 -0.47
C ASP MB 233 123.15 23.34 0.47
N ILE MB 234 122.35 22.46 1.10
CA ILE MB 234 122.85 21.57 2.13
C ILE MB 234 123.98 20.69 1.60
N ILE MB 235 124.98 20.48 2.44
CA ILE MB 235 126.15 19.69 2.08
C ILE MB 235 126.06 18.38 2.84
N ASN MB 236 125.95 17.27 2.11
CA ASN MB 236 125.75 15.96 2.69
C ASN MB 236 126.85 14.96 2.37
N ALA MB 237 127.78 15.33 1.49
CA ALA MB 237 128.90 14.45 1.18
C ALA MB 237 130.10 15.31 0.81
N LEU MB 238 131.28 14.89 1.27
CA LEU MB 238 132.51 15.61 1.01
C LEU MB 238 133.63 14.59 0.85
N CYS MB 239 134.63 14.95 0.04
CA CYS MB 239 135.88 14.20 -0.06
C CYS MB 239 136.85 14.98 -0.93
N PHE MB 240 138.14 14.81 -0.65
CA PHE MB 240 139.21 15.43 -1.40
C PHE MB 240 139.60 14.58 -2.60
N SER MB 241 140.19 15.22 -3.59
CA SER MB 241 140.84 14.49 -4.68
C SER MB 241 142.18 13.97 -4.19
N PRO MB 242 142.47 12.68 -4.33
CA PRO MB 242 143.70 12.14 -3.73
C PRO MB 242 144.96 12.65 -4.40
N ASN MB 243 145.02 12.63 -5.73
CA ASN MB 243 146.19 13.07 -6.47
C ASN MB 243 146.29 14.58 -6.60
N ARG MB 244 145.28 15.32 -6.16
CA ARG MB 244 145.19 16.74 -6.41
C ARG MB 244 144.93 17.49 -5.10
N TYR MB 245 144.77 18.80 -5.19
CA TYR MB 245 144.28 19.62 -4.09
C TYR MB 245 142.86 20.09 -4.33
N TRP MB 246 142.15 19.45 -5.25
CA TRP MB 246 140.76 19.77 -5.51
C TRP MB 246 139.89 19.25 -4.38
N LEU MB 247 138.67 19.80 -4.32
CA LEU MB 247 137.69 19.42 -3.31
C LEU MB 247 136.32 19.43 -3.97
N CYS MB 248 135.60 18.32 -3.81
CA CYS MB 248 134.26 18.15 -4.36
C CYS MB 248 133.23 18.03 -3.26
N ALA MB 249 132.10 18.70 -3.43
CA ALA MB 249 131.01 18.67 -2.47
C ALA MB 249 129.74 18.26 -3.17
N ALA MB 250 128.91 17.51 -2.47
CA ALA MB 250 127.60 17.11 -2.99
C ALA MB 250 126.63 18.22 -2.60
N THR MB 251 126.38 19.13 -3.53
CA THR MB 251 125.51 20.28 -3.29
C THR MB 251 124.08 19.89 -3.66
N GLY MB 252 123.43 19.20 -2.73
CA GLY MB 252 122.06 18.76 -2.92
C GLY MB 252 121.92 17.82 -4.10
N PRO MB 253 121.17 18.24 -5.12
CA PRO MB 253 121.07 17.46 -6.34
C PRO MB 253 122.20 17.70 -7.33
N SER MB 254 123.18 18.52 -6.97
CA SER MB 254 124.27 18.91 -7.85
C SER MB 254 125.61 18.60 -7.20
N ILE MB 255 126.64 18.52 -8.04
CA ILE MB 255 128.00 18.23 -7.60
C ILE MB 255 128.87 19.44 -7.93
N LYS MB 256 129.64 19.91 -6.95
CA LYS MB 256 130.49 21.07 -7.14
C LYS MB 256 131.93 20.71 -6.86
N ILE MB 257 132.80 21.02 -7.81
CA ILE MB 257 134.23 20.84 -7.71
C ILE MB 257 134.92 22.20 -7.62
N TRP MB 258 135.85 22.31 -6.68
CA TRP MB 258 136.60 23.54 -6.45
C TRP MB 258 138.08 23.26 -6.58
N ASP MB 259 138.82 24.29 -6.99
CA ASP MB 259 140.28 24.29 -6.91
C ASP MB 259 140.67 25.09 -5.68
N LEU MB 260 141.22 24.42 -4.67
CA LEU MB 260 141.47 25.08 -3.39
C LEU MB 260 142.51 26.18 -3.51
N GLU MB 261 143.49 26.04 -4.40
CA GLU MB 261 144.42 27.14 -4.64
C GLU MB 261 143.73 28.28 -5.38
N GLY MB 262 142.78 27.96 -6.25
CA GLY MB 262 142.01 28.98 -6.94
C GLY MB 262 140.78 29.46 -6.22
N LYS MB 263 140.25 28.66 -5.28
CA LYS MB 263 138.99 28.97 -4.59
C LYS MB 263 137.87 29.27 -5.59
N ILE MB 264 137.81 28.48 -6.67
CA ILE MB 264 136.91 28.76 -7.77
C ILE MB 264 136.25 27.48 -8.24
N ILE MB 265 135.03 27.61 -8.75
CA ILE MB 265 134.38 26.49 -9.44
C ILE MB 265 135.12 26.21 -10.74
N VAL MB 266 135.52 24.95 -10.93
CA VAL MB 266 136.07 24.52 -12.21
C VAL MB 266 135.06 23.71 -13.00
N ASP MB 267 134.05 23.13 -12.35
CA ASP MB 267 132.97 22.44 -13.04
C ASP MB 267 131.81 22.29 -12.07
N GLU MB 268 130.65 21.95 -12.63
CA GLU MB 268 129.47 21.65 -11.84
C GLU MB 268 128.65 20.59 -12.58
N LEU MB 269 128.07 19.66 -11.84
CA LEU MB 269 127.27 18.59 -12.42
C LEU MB 269 125.84 18.72 -11.90
N LYS MB 270 124.88 18.68 -12.81
CA LYS MB 270 123.46 18.83 -12.48
C LYS MB 270 122.65 17.58 -12.81
N GLN MB 271 123.33 16.43 -12.96
CA GLN MB 271 122.72 15.13 -13.25
C GLN MB 271 122.12 15.06 -14.65
N GLU MB 272 122.11 16.18 -15.37
CA GLU MB 272 121.65 16.26 -16.76
C GLU MB 272 120.23 15.71 -16.93
N VAL MB 273 119.36 16.05 -15.98
CA VAL MB 273 117.98 15.59 -16.00
C VAL MB 273 117.13 16.69 -16.62
N ILE MB 274 116.24 16.31 -17.54
CA ILE MB 274 115.38 17.24 -18.24
C ILE MB 274 113.93 16.88 -18.00
N SER MB 275 113.63 16.29 -16.83
CA SER MB 275 112.26 15.91 -16.50
C SER MB 275 111.36 17.12 -16.40
N THR MB 276 111.84 18.20 -15.75
CA THR MB 276 111.20 19.50 -15.58
C THR MB 276 109.69 19.44 -15.33
N SER MB 277 109.25 18.44 -14.56
CA SER MB 277 107.83 18.31 -14.26
C SER MB 277 107.34 19.37 -13.29
N SER MB 278 108.26 20.07 -12.61
CA SER MB 278 107.93 21.11 -11.63
C SER MB 278 107.07 20.57 -10.49
N LYS MB 279 107.19 19.28 -10.21
CA LYS MB 279 106.43 18.62 -9.16
C LYS MB 279 107.31 17.92 -8.13
N ALA MB 280 108.38 17.26 -8.58
CA ALA MB 280 109.26 16.50 -7.70
C ALA MB 280 110.66 17.10 -7.71
N GLU MB 281 111.30 17.08 -6.55
CA GLU MB 281 112.66 17.58 -6.44
C GLU MB 281 113.64 16.66 -7.17
N PRO MB 282 114.72 17.21 -7.72
CA PRO MB 282 115.70 16.37 -8.40
C PRO MB 282 116.41 15.46 -7.43
N PRO MB 283 116.93 14.32 -7.88
CA PRO MB 283 117.59 13.38 -6.96
C PRO MB 283 118.82 14.00 -6.31
N GLN MB 284 118.83 13.98 -4.98
CA GLN MB 284 119.95 14.50 -4.22
C GLN MB 284 121.15 13.56 -4.33
N CYS MB 285 122.34 14.13 -4.13
CA CYS MB 285 123.56 13.35 -4.10
C CYS MB 285 123.92 13.06 -2.65
N THR MB 286 124.05 11.78 -2.32
CA THR MB 286 124.29 11.35 -0.94
C THR MB 286 125.71 10.89 -0.67
N SER MB 287 126.33 10.17 -1.59
CA SER MB 287 127.67 9.66 -1.39
C SER MB 287 128.61 10.31 -2.39
N LEU MB 288 129.90 10.35 -2.03
CA LEU MB 288 130.89 10.99 -2.87
C LEU MB 288 132.25 10.41 -2.54
N ALA MB 289 132.91 9.81 -3.54
CA ALA MB 289 134.21 9.19 -3.33
C ALA MB 289 134.97 9.17 -4.64
N TRP MB 290 136.22 9.63 -4.60
CA TRP MB 290 137.10 9.59 -5.76
C TRP MB 290 137.66 8.19 -5.95
N SER MB 291 138.34 8.00 -7.07
CA SER MB 291 139.12 6.79 -7.29
C SER MB 291 140.49 6.94 -6.66
N ALA MB 292 141.26 5.85 -6.63
CA ALA MB 292 142.60 5.90 -6.08
C ALA MB 292 143.49 6.83 -6.90
N ASP MB 293 143.40 6.75 -8.22
CA ASP MB 293 144.17 7.62 -9.10
C ASP MB 293 143.64 9.05 -9.13
N GLY MB 294 142.47 9.30 -8.55
CA GLY MB 294 141.86 10.60 -8.66
C GLY MB 294 141.35 10.92 -10.05
N GLN MB 295 141.25 9.92 -10.93
CA GLN MB 295 140.83 10.14 -12.30
C GLN MB 295 139.32 10.14 -12.44
N THR MB 296 138.62 9.20 -11.81
CA THR MB 296 137.17 9.11 -11.90
C THR MB 296 136.56 9.25 -10.51
N LEU MB 297 135.32 9.73 -10.48
CA LEU MB 297 134.61 10.00 -9.25
C LEU MB 297 133.26 9.31 -9.26
N PHE MB 298 132.90 8.69 -8.14
CA PHE MB 298 131.62 8.00 -7.98
C PHE MB 298 130.77 8.79 -7.00
N ALA MB 299 129.53 9.06 -7.39
CA ALA MB 299 128.60 9.82 -6.56
C ALA MB 299 127.32 9.01 -6.39
N GLY MB 300 126.91 8.81 -5.13
CA GLY MB 300 125.67 8.09 -4.83
C GLY MB 300 124.51 9.07 -4.72
N TYR MB 301 123.34 8.62 -5.19
CA TYR MB 301 122.16 9.46 -5.27
C TYR MB 301 120.97 8.77 -4.60
N THR MB 302 119.88 9.52 -4.47
CA THR MB 302 118.67 9.05 -3.81
C THR MB 302 117.80 8.17 -4.70
N ASP MB 303 118.14 8.04 -5.99
CA ASP MB 303 117.35 7.25 -6.92
C ASP MB 303 117.78 5.79 -6.95
N ASN MB 304 118.36 5.28 -5.87
CA ASN MB 304 118.85 3.90 -5.77
C ASN MB 304 119.85 3.61 -6.88
N LEU MB 305 120.72 4.58 -7.14
CA LEU MB 305 121.62 4.51 -8.28
C LEU MB 305 122.87 5.32 -7.97
N VAL MB 306 124.00 4.87 -8.52
CA VAL MB 306 125.28 5.56 -8.39
C VAL MB 306 125.78 5.90 -9.79
N ARG MB 307 126.32 7.11 -9.93
CA ARG MB 307 126.78 7.62 -11.22
C ARG MB 307 128.29 7.74 -11.20
N VAL MB 308 128.94 7.14 -12.18
CA VAL MB 308 130.39 7.26 -12.34
C VAL MB 308 130.69 8.48 -13.20
N TRP MB 309 131.65 9.28 -12.74
CA TRP MB 309 132.03 10.52 -13.41
C TRP MB 309 133.49 10.41 -13.83
N GLN MB 310 133.79 10.86 -15.04
CA GLN MB 310 135.15 10.81 -15.57
C GLN MB 310 135.58 12.20 -16.02
N VAL MB 311 136.77 12.61 -15.58
CA VAL MB 311 137.32 13.89 -15.99
C VAL MB 311 137.78 13.80 -17.44
N THR MB 312 137.60 14.88 -18.19
CA THR MB 312 138.03 14.91 -19.57
C THR MB 312 139.55 14.88 -19.66
N ILE MB 313 140.08 14.02 -20.53
CA ILE MB 313 141.52 13.89 -20.69
C ILE MB 313 142.03 14.89 -21.72
N GLY NB 1 90.98 71.89 15.33
CA GLY NB 1 92.17 72.70 15.42
C GLY NB 1 92.03 74.06 14.75
N ALA NB 2 91.56 75.04 15.52
CA ALA NB 2 91.35 76.38 15.01
C ALA NB 2 92.63 77.20 14.89
N LEU NB 3 93.72 76.74 15.52
CA LEU NB 3 94.96 77.49 15.52
C LEU NB 3 95.59 77.50 14.13
N ASP NB 4 96.42 78.52 13.89
CA ASP NB 4 97.07 78.67 12.60
C ASP NB 4 98.20 77.68 12.41
N VAL NB 5 98.82 77.23 13.50
CA VAL NB 5 99.89 76.25 13.38
C VAL NB 5 99.31 74.86 13.13
N LEU NB 6 98.11 74.60 13.64
CA LEU NB 6 97.43 73.31 13.44
C LEU NB 6 96.66 73.29 12.13
N GLN NB 7 97.34 73.63 11.03
CA GLN NB 7 96.67 73.77 9.75
C GLN NB 7 97.34 72.88 8.70
N MET NB 8 96.53 72.47 7.74
CA MET NB 8 97.03 71.71 6.59
C MET NB 8 98.03 72.55 5.80
N LYS NB 9 99.08 71.90 5.32
CA LYS NB 9 100.08 72.55 4.48
C LYS NB 9 99.89 72.14 3.03
N GLU NB 10 100.57 72.87 2.14
CA GLU NB 10 100.48 72.58 0.71
C GLU NB 10 100.99 71.17 0.41
N GLU NB 11 102.06 70.76 1.09
CA GLU NB 11 102.58 69.41 0.92
C GLU NB 11 101.55 68.37 1.33
N ASP NB 12 100.80 68.65 2.40
CA ASP NB 12 99.73 67.75 2.81
C ASP NB 12 98.64 67.65 1.75
N VAL NB 13 98.30 68.79 1.13
CA VAL NB 13 97.32 68.78 0.04
C VAL NB 13 97.83 67.93 -1.10
N LEU NB 14 99.11 68.07 -1.44
CA LEU NB 14 99.68 67.28 -2.53
C LEU NB 14 99.65 65.80 -2.22
N LYS NB 15 99.99 65.42 -0.99
CA LYS NB 15 99.89 64.02 -0.60
C LYS NB 15 98.45 63.51 -0.72
N PHE NB 16 97.50 64.28 -0.22
CA PHE NB 16 96.11 63.83 -0.22
C PHE NB 16 95.59 63.64 -1.64
N LEU NB 17 95.88 64.61 -2.52
CA LEU NB 17 95.43 64.49 -3.90
C LEU NB 17 96.13 63.33 -4.62
N ALA NB 18 97.43 63.14 -4.37
CA ALA NB 18 98.16 62.07 -5.03
C ALA NB 18 97.63 60.70 -4.60
N ALA NB 19 97.32 60.52 -3.32
CA ALA NB 19 96.80 59.26 -2.85
C ALA NB 19 95.31 59.08 -3.11
N GLY NB 20 94.65 60.10 -3.65
CA GLY NB 20 93.22 60.04 -3.81
C GLY NB 20 92.48 60.60 -2.62
N THR NB 21 91.96 59.70 -1.77
CA THR NB 21 91.41 59.96 -0.43
C THR NB 21 90.40 61.11 -0.41
N HIS NB 22 89.93 61.54 -1.58
CA HIS NB 22 88.88 62.52 -1.70
C HIS NB 22 87.78 62.03 -2.64
N LEU NB 23 88.04 61.00 -3.41
CA LEU NB 23 87.07 60.41 -4.32
C LEU NB 23 86.30 59.36 -3.52
N GLY NB 24 85.07 59.72 -3.14
CA GLY NB 24 84.25 58.84 -2.33
C GLY NB 24 83.51 57.81 -3.17
N GLY NB 25 82.57 57.13 -2.51
CA GLY NB 25 81.75 56.15 -3.17
C GLY NB 25 80.51 56.78 -3.80
N THR NB 26 79.92 56.03 -4.73
CA THR NB 26 78.71 56.49 -5.41
C THR NB 26 77.52 56.60 -4.47
N ASN NB 27 77.53 55.90 -3.35
CA ASN NB 27 76.47 55.96 -2.37
C ASN NB 27 76.86 56.91 -1.24
N LEU NB 28 75.86 57.59 -0.69
CA LEU NB 28 76.07 58.55 0.39
C LEU NB 28 75.24 58.17 1.59
N ASP NB 29 75.89 58.12 2.75
CA ASP NB 29 75.18 57.92 4.02
C ASP NB 29 74.64 59.26 4.49
N PHE NB 30 73.39 59.24 4.98
CA PHE NB 30 72.75 60.48 5.41
C PHE NB 30 73.44 61.07 6.62
N GLN NB 31 74.05 60.24 7.46
CA GLN NB 31 74.87 60.73 8.55
C GLN NB 31 76.24 61.21 8.10
N MET NB 32 76.63 60.89 6.86
CA MET NB 32 77.88 61.36 6.28
C MET NB 32 77.70 62.54 5.34
N GLU NB 33 76.47 63.04 5.20
CA GLU NB 33 76.18 64.10 4.25
C GLU NB 33 76.89 65.41 4.61
N GLN NB 34 77.16 65.63 5.89
CA GLN NB 34 77.76 66.88 6.34
C GLN NB 34 79.22 67.00 5.97
N TYR NB 35 79.85 65.96 5.43
CA TYR NB 35 81.26 66.00 5.07
C TYR NB 35 81.50 66.09 3.57
N ILE NB 36 80.45 66.22 2.76
CA ILE NB 36 80.57 66.14 1.31
C ILE NB 36 80.61 67.55 0.73
N TYR NB 37 81.59 67.79 -0.14
CA TYR NB 37 81.65 69.05 -0.88
C TYR NB 37 80.65 69.07 -2.03
N LYS NB 38 80.79 68.14 -2.97
CA LYS NB 38 79.92 68.11 -4.14
C LYS NB 38 79.99 66.71 -4.75
N ARG NB 39 78.99 66.39 -5.57
CA ARG NB 39 78.95 65.14 -6.31
C ARG NB 39 79.29 65.42 -7.77
N LYS NB 40 80.21 64.63 -8.32
CA LYS NB 40 80.64 64.87 -9.70
C LYS NB 40 79.62 64.32 -10.68
N SER NB 41 79.93 64.51 -11.97
CA SER NB 41 79.15 63.88 -13.03
C SER NB 41 79.37 62.37 -13.08
N ASP NB 42 80.46 61.89 -12.47
CA ASP NB 42 80.73 60.46 -12.41
C ASP NB 42 79.93 59.76 -11.32
N GLY NB 43 79.18 60.50 -10.50
CA GLY NB 43 78.51 59.94 -9.36
C GLY NB 43 79.37 59.82 -8.13
N ILE NB 44 80.66 60.14 -8.25
CA ILE NB 44 81.57 60.10 -7.10
C ILE NB 44 81.41 61.37 -6.30
N TYR NB 45 81.14 61.24 -5.01
CA TYR NB 45 81.05 62.39 -4.14
C TYR NB 45 82.44 62.92 -3.84
N ILE NB 46 82.57 64.24 -3.78
CA ILE NB 46 83.82 64.90 -3.44
C ILE NB 46 83.75 65.31 -1.98
N ILE NB 47 84.73 64.90 -1.20
CA ILE NB 47 84.69 65.05 0.25
C ILE NB 47 85.52 66.28 0.64
N ASN NB 48 84.94 67.14 1.46
CA ASN NB 48 85.62 68.34 1.94
C ASN NB 48 86.90 67.95 2.67
N LEU NB 49 88.03 68.41 2.16
CA LEU NB 49 89.31 68.02 2.74
C LEU NB 49 89.58 68.75 4.04
N LYS NB 50 89.08 69.97 4.20
CA LYS NB 50 89.26 70.69 5.45
C LYS NB 50 88.52 70.01 6.59
N ARG NB 51 87.29 69.52 6.31
CA ARG NB 51 86.56 68.78 7.31
C ARG NB 51 87.28 67.49 7.71
N THR NB 52 87.85 66.79 6.72
CA THR NB 52 88.63 65.60 7.01
C THR NB 52 89.84 65.94 7.87
N TRP NB 53 90.51 67.05 7.55
CA TRP NB 53 91.69 67.46 8.31
C TRP NB 53 91.30 67.77 9.75
N GLU NB 54 90.19 68.47 9.95
CA GLU NB 54 89.76 68.79 11.31
C GLU NB 54 89.35 67.54 12.08
N LYS NB 55 88.69 66.60 11.40
CA LYS NB 55 88.35 65.34 12.06
C LYS NB 55 89.59 64.55 12.44
N LEU NB 56 90.60 64.52 11.57
CA LEU NB 56 91.85 63.85 11.90
C LEU NB 56 92.54 64.52 13.07
N LEU NB 57 92.56 65.86 13.10
CA LEU NB 57 93.16 66.56 14.22
C LEU NB 57 92.42 66.28 15.53
N LEU NB 58 91.08 66.25 15.48
CA LEU NB 58 90.31 65.94 16.68
C LEU NB 58 90.58 64.51 17.15
N ALA NB 59 90.69 63.58 16.20
CA ALA NB 59 91.04 62.20 16.56
C ALA NB 59 92.42 62.13 17.19
N ALA NB 60 93.35 62.94 16.68
CA ALA NB 60 94.68 63.00 17.28
C ALA NB 60 94.62 63.53 18.71
N ARG NB 61 93.81 64.57 18.93
CA ARG NB 61 93.62 65.09 20.28
C ARG NB 61 93.05 64.04 21.20
N ALA NB 62 92.08 63.27 20.72
CA ALA NB 62 91.49 62.21 21.54
C ALA NB 62 92.51 61.12 21.84
N ILE NB 63 93.34 60.76 20.85
CA ILE NB 63 94.32 59.71 21.03
C ILE NB 63 95.37 60.11 22.06
N VAL NB 64 95.93 61.32 21.89
CA VAL NB 64 97.00 61.77 22.79
C VAL NB 64 96.50 62.08 24.18
N ALA NB 65 95.18 62.14 24.39
CA ALA NB 65 94.64 62.39 25.71
C ALA NB 65 94.81 61.20 26.64
N ILE NB 66 95.14 60.02 26.11
CA ILE NB 66 95.29 58.81 26.91
C ILE NB 66 96.74 58.69 27.36
N GLU NB 67 96.94 58.50 28.66
CA GLU NB 67 98.29 58.44 29.22
C GLU NB 67 99.03 57.20 28.73
N ASN NB 68 98.35 56.04 28.72
CA ASN NB 68 98.98 54.79 28.37
C ASN NB 68 98.88 54.58 26.87
N PRO NB 69 100.00 54.52 26.14
CA PRO NB 69 99.93 54.26 24.70
C PRO NB 69 99.39 52.89 24.35
N ALA NB 70 99.40 51.94 25.29
CA ALA NB 70 98.87 50.61 25.02
C ALA NB 70 97.36 50.53 25.18
N ASP NB 71 96.72 51.57 25.74
CA ASP NB 71 95.28 51.57 25.92
C ASP NB 71 94.52 51.84 24.63
N VAL NB 72 95.21 52.19 23.55
CA VAL NB 72 94.58 52.40 22.25
C VAL NB 72 94.98 51.25 21.32
N SER NB 73 94.02 50.74 20.57
CA SER NB 73 94.21 49.60 19.70
C SER NB 73 93.77 49.94 18.28
N VAL NB 74 94.38 49.28 17.31
CA VAL NB 74 94.10 49.50 15.90
C VAL NB 74 93.79 48.17 15.25
N ILE NB 75 92.70 48.13 14.47
CA ILE NB 75 92.21 46.91 13.84
C ILE NB 75 91.90 47.19 12.39
N SER NB 76 92.37 46.31 11.50
CA SER NB 76 92.05 46.37 10.07
C SER NB 76 91.88 44.92 9.60
N SER NB 77 90.63 44.50 9.43
CA SER NB 77 90.38 43.14 8.96
C SER NB 77 90.87 42.96 7.52
N ARG NB 78 90.63 43.94 6.68
CA ARG NB 78 91.08 43.86 5.30
C ARG NB 78 92.60 44.04 5.21
N ASN NB 79 93.19 43.38 4.21
CA ASN NB 79 94.64 43.39 4.05
C ASN NB 79 95.15 44.80 3.76
N THR NB 80 94.36 45.59 3.04
CA THR NB 80 94.72 46.97 2.72
C THR NB 80 94.58 47.82 3.98
N GLY NB 81 95.61 47.77 4.81
CA GLY NB 81 95.61 48.50 6.06
C GLY NB 81 96.28 47.76 7.20
N GLN NB 82 96.42 46.44 7.06
CA GLN NB 82 97.11 45.67 8.09
C GLN NB 82 98.57 46.12 8.23
N ARG NB 83 99.25 46.34 7.11
CA ARG NB 83 100.58 46.91 7.18
C ARG NB 83 100.55 48.30 7.77
N ALA NB 84 99.53 49.08 7.42
CA ALA NB 84 99.40 50.43 7.96
C ALA NB 84 99.21 50.41 9.46
N VAL NB 85 98.34 49.53 9.97
CA VAL NB 85 98.11 49.51 11.41
C VAL NB 85 99.32 48.94 12.14
N LEU NB 86 100.04 47.99 11.55
CA LEU NB 86 101.28 47.51 12.15
C LEU NB 86 102.30 48.63 12.28
N LYS NB 87 102.49 49.43 11.21
CA LYS NB 87 103.44 50.52 11.29
C LYS NB 87 102.97 51.61 12.24
N PHE NB 88 101.66 51.84 12.30
CA PHE NB 88 101.13 52.82 13.24
C PHE NB 88 101.41 52.42 14.68
N ALA NB 89 101.18 51.14 15.01
CA ALA NB 89 101.43 50.68 16.37
C ALA NB 89 102.92 50.68 16.67
N ALA NB 90 103.75 50.38 15.67
CA ALA NB 90 105.19 50.47 15.87
C ALA NB 90 105.63 51.91 16.15
N ALA NB 91 105.01 52.87 15.47
CA ALA NB 91 105.42 54.26 15.63
C ALA NB 91 104.89 54.86 16.92
N THR NB 92 103.68 54.46 17.35
CA THR NB 92 103.03 55.10 18.48
C THR NB 92 102.98 54.23 19.73
N GLY NB 93 103.41 52.98 19.66
CA GLY NB 93 103.33 52.11 20.80
C GLY NB 93 101.94 51.62 21.12
N ALA NB 94 101.02 51.66 20.15
CA ALA NB 94 99.67 51.17 20.36
C ALA NB 94 99.64 49.65 20.29
N THR NB 95 98.45 49.08 20.33
CA THR NB 95 98.28 47.63 20.27
C THR NB 95 97.74 47.24 18.91
N PRO NB 96 98.52 46.61 18.04
CA PRO NB 96 98.02 46.25 16.71
C PRO NB 96 97.27 44.93 16.71
N ILE NB 97 96.16 44.92 15.98
CA ILE NB 97 95.42 43.70 15.72
C ILE NB 97 95.13 43.67 14.22
N ALA NB 98 95.61 42.63 13.54
CA ALA NB 98 95.50 42.54 12.10
C ALA NB 98 94.92 41.19 11.71
N GLY NB 99 94.22 41.18 10.58
CA GLY NB 99 93.67 39.93 10.09
C GLY NB 99 92.34 39.60 10.76
N ARG NB 100 92.20 38.35 11.17
CA ARG NB 100 90.96 37.88 11.76
C ARG NB 100 90.78 38.43 13.17
N PHE NB 101 89.65 39.08 13.41
CA PHE NB 101 89.29 39.56 14.73
C PHE NB 101 88.32 38.55 15.34
N THR NB 102 88.81 37.71 16.25
CA THR NB 102 87.96 36.72 16.88
C THR NB 102 86.98 37.41 17.82
N PRO NB 103 85.70 37.04 17.80
CA PRO NB 103 84.74 37.64 18.72
C PRO NB 103 85.02 37.21 20.16
N GLY NB 104 84.53 38.01 21.09
CA GLY NB 104 84.83 37.78 22.49
C GLY NB 104 86.16 38.33 22.94
N THR NB 105 86.87 39.04 22.08
CA THR NB 105 88.16 39.61 22.45
C THR NB 105 88.01 40.65 23.55
N PHE NB 106 86.97 41.48 23.46
CA PHE NB 106 86.76 42.56 24.42
C PHE NB 106 85.70 42.24 25.46
N THR NB 107 85.08 41.08 25.38
CA THR NB 107 84.02 40.76 26.33
C THR NB 107 84.29 39.48 27.11
N ASN NB 108 84.73 38.42 26.45
CA ASN NB 108 85.00 37.15 27.11
C ASN NB 108 86.37 37.21 27.76
N GLN NB 109 86.39 37.25 29.10
CA GLN NB 109 87.62 37.44 29.85
C GLN NB 109 88.29 36.15 30.28
N ILE NB 110 87.78 34.99 29.84
CA ILE NB 110 88.38 33.73 30.24
C ILE NB 110 89.64 33.44 29.42
N GLN NB 111 89.56 33.56 28.11
CA GLN NB 111 90.68 33.20 27.26
C GLN NB 111 91.81 34.22 27.40
N ALA NB 112 93.02 33.77 27.06
CA ALA NB 112 94.20 34.63 27.14
C ALA NB 112 94.17 35.74 26.11
N ALA NB 113 93.40 35.58 25.03
CA ALA NB 113 93.30 36.62 24.02
C ALA NB 113 92.52 37.84 24.49
N PHE NB 114 91.89 37.77 25.66
CA PHE NB 114 91.07 38.87 26.14
C PHE NB 114 91.93 40.09 26.46
N ARG NB 115 91.41 41.26 26.11
CA ARG NB 115 92.09 42.51 26.40
C ARG NB 115 91.05 43.62 26.47
N GLU NB 116 91.31 44.60 27.34
CA GLU NB 116 90.39 45.70 27.57
C GLU NB 116 91.11 47.03 27.40
N PRO NB 117 91.13 47.57 26.19
CA PRO NB 117 91.78 48.86 25.96
C PRO NB 117 90.84 50.03 26.22
N ARG NB 118 91.38 51.25 26.19
CA ARG NB 118 90.59 52.46 26.45
C ARG NB 118 90.15 53.19 25.20
N LEU NB 119 90.59 52.75 24.01
CA LEU NB 119 90.21 53.42 22.78
C LEU NB 119 90.24 52.41 21.64
N LEU NB 120 89.34 52.60 20.68
CA LEU NB 120 89.25 51.74 19.51
C LEU NB 120 89.49 52.60 18.27
N VAL NB 121 90.36 52.15 17.38
CA VAL NB 121 90.60 52.82 16.11
C VAL NB 121 90.40 51.80 15.01
N VAL NB 122 89.47 52.09 14.10
CA VAL NB 122 88.97 51.13 13.13
C VAL NB 122 89.24 51.64 11.72
N THR NB 123 89.77 50.76 10.87
CA THR NB 123 90.05 51.16 9.50
C THR NB 123 88.77 51.29 8.68
N ASP NB 124 87.85 50.34 8.80
CA ASP NB 124 86.63 50.41 8.02
C ASP NB 124 85.45 49.90 8.84
N PRO NB 125 84.33 50.64 8.89
CA PRO NB 125 83.18 50.16 9.66
C PRO NB 125 82.59 48.87 9.11
N ARG NB 126 82.41 48.77 7.80
CA ARG NB 126 81.79 47.58 7.22
C ARG NB 126 82.68 46.35 7.41
N ALA NB 127 83.99 46.50 7.23
CA ALA NB 127 84.87 45.36 7.37
C ALA NB 127 85.10 45.00 8.83
N ASP NB 128 85.01 45.97 9.73
CA ASP NB 128 85.32 45.77 11.15
C ASP NB 128 84.08 45.99 12.01
N HIS NB 129 82.95 45.45 11.57
CA HIS NB 129 81.71 45.62 12.33
C HIS NB 129 81.74 44.82 13.63
N GLN NB 130 82.45 43.68 13.65
CA GLN NB 130 82.50 42.89 14.88
C GLN NB 130 83.18 43.62 16.03
N PRO NB 131 84.35 44.23 15.87
CA PRO NB 131 84.87 45.05 16.99
C PRO NB 131 84.01 46.25 17.28
N LEU NB 132 83.32 46.80 16.27
CA LEU NB 132 82.45 47.94 16.48
C LEU NB 132 81.32 47.59 17.44
N THR NB 133 80.62 46.47 17.18
CA THR NB 133 79.52 46.07 18.04
C THR NB 133 80.01 45.68 19.42
N GLU NB 134 81.15 44.99 19.49
CA GLU NB 134 81.72 44.63 20.79
C GLU NB 134 82.16 45.84 21.59
N ALA NB 135 82.50 46.94 20.91
CA ALA NB 135 82.86 48.16 21.63
C ALA NB 135 81.70 48.70 22.45
N SER NB 136 80.47 48.41 22.05
CA SER NB 136 79.31 48.83 22.82
C SER NB 136 79.17 48.09 24.15
N TYR NB 137 79.86 46.97 24.32
CA TYR NB 137 79.75 46.19 25.54
C TYR NB 137 80.75 46.58 26.61
N VAL NB 138 81.73 47.43 26.28
CA VAL NB 138 82.84 47.65 27.20
C VAL NB 138 83.09 49.15 27.38
N ASN NB 139 82.12 49.97 26.97
CA ASN NB 139 82.19 51.43 27.10
C ASN NB 139 83.44 51.98 26.39
N LEU NB 140 83.55 51.63 25.11
CA LEU NB 140 84.76 51.91 24.34
C LEU NB 140 84.50 53.00 23.31
N PRO NB 141 85.10 54.18 23.46
CA PRO NB 141 85.05 55.16 22.37
C PRO NB 141 85.77 54.66 21.14
N THR NB 142 85.26 55.02 19.97
CA THR NB 142 85.73 54.45 18.72
C THR NB 142 86.00 55.53 17.69
N ILE NB 143 87.16 55.47 17.07
CA ILE NB 143 87.50 56.29 15.90
C ILE NB 143 87.55 55.38 14.68
N ALA NB 144 86.91 55.80 13.60
CA ALA NB 144 86.89 54.98 12.40
C ALA NB 144 87.20 55.83 11.18
N LEU NB 145 87.71 55.18 10.15
CA LEU NB 145 88.10 55.85 8.91
C LEU NB 145 86.99 55.56 7.91
N CYS NB 146 86.06 56.50 7.78
CA CYS NB 146 84.78 56.24 7.12
C CYS NB 146 84.72 56.87 5.74
N ASN NB 147 84.03 56.19 4.84
CA ASN NB 147 83.78 56.69 3.49
C ASN NB 147 82.39 57.32 3.45
N THR NB 148 81.96 57.70 2.23
CA THR NB 148 80.69 58.38 2.06
C THR NB 148 79.49 57.52 2.47
N ASP NB 149 79.50 56.23 2.12
CA ASP NB 149 78.39 55.34 2.46
C ASP NB 149 78.70 54.47 3.68
N SER NB 150 79.67 54.86 4.49
CA SER NB 150 80.02 54.09 5.67
C SER NB 150 79.00 54.33 6.78
N PRO NB 151 78.31 53.29 7.25
CA PRO NB 151 77.39 53.47 8.37
C PRO NB 151 78.14 53.85 9.64
N LEU NB 152 77.47 54.60 10.51
CA LEU NB 152 78.07 55.11 11.73
C LEU NB 152 77.30 54.68 12.97
N ARG NB 153 76.78 53.45 12.98
CA ARG NB 153 75.94 53.01 14.08
C ARG NB 153 76.70 53.02 15.41
N TYR NB 154 77.99 52.76 15.37
CA TYR NB 154 78.79 52.73 16.59
C TYR NB 154 80.11 53.49 16.44
N VAL NB 155 80.09 54.60 15.71
CA VAL NB 155 81.28 55.38 15.43
C VAL NB 155 81.17 56.72 16.13
N ASP NB 156 82.30 57.24 16.60
CA ASP NB 156 82.32 58.49 17.37
C ASP NB 156 83.14 59.59 16.74
N ILE NB 157 84.33 59.28 16.21
CA ILE NB 157 85.26 60.29 15.71
C ILE NB 157 85.52 60.00 14.24
N ALA NB 158 84.47 59.58 13.52
CA ALA NB 158 84.54 59.21 12.12
C ALA NB 158 85.35 60.21 11.30
N ILE NB 159 86.40 59.72 10.66
CA ILE NB 159 87.24 60.53 9.77
C ILE NB 159 86.75 60.29 8.34
N PRO NB 160 86.21 61.29 7.66
CA PRO NB 160 85.61 61.10 6.33
C PRO NB 160 86.60 61.27 5.18
N CYS NB 161 87.47 60.29 5.00
CA CYS NB 161 88.46 60.35 3.92
C CYS NB 161 88.28 59.26 2.87
N ASN NB 162 88.37 57.99 3.24
CA ASN NB 162 88.32 56.88 2.30
C ASN NB 162 88.48 55.59 3.08
N ASN NB 163 88.08 54.47 2.46
CA ASN NB 163 88.41 53.15 2.97
C ASN NB 163 88.75 52.13 1.89
N LYS NB 164 88.75 52.53 0.62
CA LYS NB 164 88.91 51.57 -0.48
C LYS NB 164 90.33 51.54 -1.04
N GLY NB 165 90.83 52.68 -1.49
CA GLY NB 165 92.15 52.72 -2.09
C GLY NB 165 93.24 52.46 -1.06
N ALA NB 166 94.17 51.58 -1.41
CA ALA NB 166 95.28 51.26 -0.51
C ALA NB 166 96.17 52.48 -0.30
N HIS NB 167 96.37 53.28 -1.35
CA HIS NB 167 97.17 54.49 -1.23
C HIS NB 167 96.56 55.45 -0.22
N SER NB 168 95.24 55.64 -0.30
CA SER NB 168 94.55 56.53 0.63
C SER NB 168 94.69 56.04 2.05
N VAL NB 169 94.50 54.74 2.28
CA VAL NB 169 94.57 54.18 3.62
C VAL NB 169 95.96 54.33 4.20
N GLY NB 170 96.98 54.01 3.41
CA GLY NB 170 98.35 54.18 3.88
C GLY NB 170 98.66 55.64 4.21
N LEU NB 171 98.24 56.56 3.36
CA LEU NB 171 98.51 57.97 3.60
C LEU NB 171 97.79 58.47 4.85
N MET NB 172 96.50 58.10 5.01
CA MET NB 172 95.77 58.59 6.16
C MET NB 172 96.32 58.03 7.46
N TRP NB 173 96.74 56.76 7.46
CA TRP NB 173 97.33 56.19 8.66
C TRP NB 173 98.67 56.85 8.98
N TRP NB 174 99.49 57.09 7.96
CA TRP NB 174 100.76 57.77 8.16
C TRP NB 174 100.56 59.20 8.66
N MET NB 175 99.57 59.89 8.10
CA MET NB 175 99.26 61.25 8.54
C MET NB 175 98.80 61.27 9.99
N LEU NB 176 97.95 60.32 10.38
CA LEU NB 176 97.49 60.24 11.76
C LEU NB 176 98.64 59.96 12.71
N ALA NB 177 99.52 59.02 12.35
CA ALA NB 177 100.68 58.75 13.19
C ALA NB 177 101.57 59.98 13.32
N ARG NB 178 101.79 60.68 12.21
CA ARG NB 178 102.61 61.89 12.25
C ARG NB 178 102.00 62.93 13.18
N GLU NB 179 100.68 63.14 13.08
CA GLU NB 179 100.06 64.19 13.87
C GLU NB 179 100.03 63.82 15.36
N VAL NB 180 99.75 62.55 15.67
CA VAL NB 180 99.73 62.18 17.09
C VAL NB 180 101.14 62.22 17.67
N LEU NB 181 102.17 61.96 16.86
CA LEU NB 181 103.53 62.13 17.36
C LEU NB 181 103.88 63.60 17.56
N ARG NB 182 103.48 64.46 16.62
CA ARG NB 182 103.80 65.88 16.74
C ARG NB 182 103.05 66.53 17.90
N MET NB 183 101.86 66.05 18.22
CA MET NB 183 101.16 66.56 19.40
C MET NB 183 101.93 66.24 20.67
N ARG NB 184 102.51 65.05 20.74
CA ARG NB 184 103.37 64.69 21.86
C ARG NB 184 104.76 65.29 21.68
N GLY NB 185 105.62 65.04 22.66
CA GLY NB 185 106.98 65.52 22.59
C GLY NB 185 107.88 64.63 21.77
N THR NB 186 107.55 64.46 20.49
CA THR NB 186 108.30 63.59 19.60
C THR NB 186 108.91 64.33 18.42
N ILE NB 187 108.10 65.09 17.68
CA ILE NB 187 108.57 65.81 16.50
C ILE NB 187 108.44 67.31 16.77
N SER NB 188 109.34 68.08 16.16
CA SER NB 188 109.48 69.50 16.44
C SER NB 188 108.58 70.37 15.55
N ARG NB 189 107.66 69.77 14.81
CA ARG NB 189 106.62 70.46 14.03
C ARG NB 189 107.18 71.25 12.85
N GLU NB 190 108.51 71.33 12.72
CA GLU NB 190 109.12 72.17 11.69
C GLU NB 190 109.59 71.33 10.50
N HIS NB 191 110.50 70.40 10.73
CA HIS NB 191 110.93 69.68 9.55
C HIS NB 191 110.00 68.50 9.28
N PRO NB 192 109.88 68.09 8.02
CA PRO NB 192 108.98 66.98 7.69
C PRO NB 192 109.45 65.68 8.33
N TRP NB 193 108.47 64.81 8.59
CA TRP NB 193 108.75 63.53 9.23
C TRP NB 193 109.63 62.66 8.35
N GLU NB 194 110.63 62.04 8.97
CA GLU NB 194 111.56 61.19 8.22
C GLU NB 194 110.93 59.91 7.72
N VAL NB 195 109.83 59.47 8.34
CA VAL NB 195 109.17 58.22 7.94
C VAL NB 195 108.36 58.48 6.68
N MET NB 196 108.71 57.78 5.60
CA MET NB 196 108.01 57.95 4.34
C MET NB 196 106.59 57.41 4.45
N PRO NB 197 105.61 58.11 3.88
CA PRO NB 197 104.24 57.57 3.87
C PRO NB 197 104.09 56.28 3.10
N ASP NB 198 105.00 55.97 2.18
CA ASP NB 198 104.94 54.71 1.47
C ASP NB 198 105.11 53.51 2.39
N LEU NB 199 105.70 53.73 3.58
CA LEU NB 199 105.87 52.65 4.54
C LEU NB 199 104.54 52.11 5.03
N TYR NB 200 103.47 52.90 4.96
CA TYR NB 200 102.14 52.46 5.34
C TYR NB 200 101.32 51.95 4.16
N PHE NB 201 101.87 51.96 2.94
CA PHE NB 201 101.13 51.44 1.79
C PHE NB 201 101.08 49.92 1.81
N TYR NB 202 99.87 49.39 1.68
CA TYR NB 202 99.68 47.97 1.46
C TYR NB 202 100.05 47.63 0.02
N ARG NB 203 100.63 46.46 -0.18
CA ARG NB 203 101.06 46.03 -1.50
C ARG NB 203 100.46 44.67 -1.81
N ASP NB 204 99.97 44.51 -3.04
CA ASP NB 204 99.44 43.24 -3.47
C ASP NB 204 100.58 42.23 -3.62
N PRO NB 205 100.34 40.95 -3.27
CA PRO NB 205 101.45 39.98 -3.24
C PRO NB 205 102.23 39.83 -4.54
N GLU NB 206 101.64 40.14 -5.68
CA GLU NB 206 102.40 40.08 -6.93
C GLU NB 206 103.41 41.21 -7.05
N GLU NB 207 103.32 42.25 -6.22
CA GLU NB 207 104.42 43.19 -6.06
C GLU NB 207 105.50 42.65 -5.14
N ILE NB 208 105.10 41.99 -4.04
CA ILE NB 208 106.06 41.41 -3.11
C ILE NB 208 106.82 40.26 -3.77
N GLU NB 209 106.26 39.70 -4.84
CA GLU NB 209 106.93 38.60 -5.52
C GLU NB 209 107.79 39.05 -6.70
N LYS NB 210 107.85 40.34 -7.02
CA LYS NB 210 108.63 40.79 -8.18
C LYS NB 210 109.48 42.04 -7.95
N GLU NB 211 109.15 42.87 -6.96
CA GLU NB 211 109.90 44.11 -6.79
C GLU NB 211 111.33 43.87 -6.30
N GLU NB 212 111.52 42.89 -5.42
CA GLU NB 212 112.88 42.64 -4.91
C GLU NB 212 113.77 42.05 -5.99
N GLN NB 213 113.24 41.20 -6.87
CA GLN NB 213 114.06 40.70 -7.97
C GLN NB 213 114.32 41.76 -9.02
N ALA NB 214 113.35 42.65 -9.28
CA ALA NB 214 113.62 43.78 -10.16
C ALA NB 214 114.71 44.67 -9.60
N ALA NB 215 114.64 44.97 -8.29
CA ALA NB 215 115.67 45.76 -7.64
C ALA NB 215 117.02 45.05 -7.63
N ALA NB 216 117.01 43.72 -7.52
CA ALA NB 216 118.26 42.96 -7.56
C ALA NB 216 118.90 43.04 -8.94
N GLU NB 217 118.09 42.93 -9.99
CA GLU NB 217 118.61 43.12 -11.35
C GLU NB 217 119.17 44.52 -11.55
N LYS NB 218 118.49 45.53 -11.01
CA LYS NB 218 118.99 46.90 -11.13
C LYS NB 218 120.28 47.10 -10.35
N ALA NB 219 120.38 46.49 -9.17
CA ALA NB 219 121.55 46.69 -8.31
C ALA NB 219 122.77 45.95 -8.83
N VAL NB 220 122.60 44.71 -9.30
CA VAL NB 220 123.73 43.97 -9.85
C VAL NB 220 124.22 44.57 -11.16
N THR NB 221 123.39 45.35 -11.83
CA THR NB 221 123.79 46.04 -13.06
C THR NB 221 124.09 47.51 -12.78
N VAL OB 1 45.97 -4.06 -54.50
CA VAL OB 1 47.26 -4.75 -54.43
C VAL OB 1 48.34 -3.86 -55.02
N VAL OB 2 48.09 -3.32 -56.21
CA VAL OB 2 49.07 -2.46 -56.86
C VAL OB 2 49.14 -1.12 -56.15
N ASP OB 3 50.35 -0.58 -56.02
CA ASP OB 3 50.53 0.66 -55.27
C ASP OB 3 49.92 1.83 -56.03
N PRO OB 4 49.15 2.68 -55.35
CA PRO OB 4 48.53 3.83 -56.02
C PRO OB 4 49.53 4.84 -56.56
N PHE OB 5 50.76 4.86 -56.06
CA PHE OB 5 51.77 5.78 -56.58
C PHE OB 5 52.16 5.45 -58.02
N SER OB 6 51.86 4.24 -58.48
CA SER OB 6 52.10 3.89 -59.88
C SER OB 6 51.27 4.75 -60.83
N LYS OB 7 50.13 5.26 -60.39
CA LYS OB 7 49.29 6.10 -61.21
C LYS OB 7 49.56 7.59 -61.00
N LYS OB 8 50.61 7.93 -60.27
CA LYS OB 8 50.96 9.32 -60.02
C LYS OB 8 52.06 9.77 -60.97
N ASP OB 9 51.86 10.92 -61.61
CA ASP OB 9 52.85 11.51 -62.49
C ASP OB 9 53.28 12.86 -61.92
N TRP OB 10 54.50 13.28 -62.27
CA TRP OB 10 55.13 14.39 -61.59
C TRP OB 10 54.98 15.69 -62.38
N TYR OB 11 54.92 16.79 -61.65
CA TYR OB 11 54.85 18.13 -62.21
C TYR OB 11 55.86 19.02 -61.51
N ASP OB 12 56.22 20.12 -62.17
CA ASP OB 12 57.15 21.09 -61.61
C ASP OB 12 56.41 22.36 -61.22
N VAL OB 13 56.71 22.85 -60.02
CA VAL OB 13 56.08 24.04 -59.47
C VAL OB 13 56.93 25.25 -59.82
N LYS OB 14 56.33 26.22 -60.50
CA LYS OB 14 57.04 27.38 -61.00
C LYS OB 14 56.58 28.64 -60.28
N ALA OB 15 57.54 29.41 -59.77
CA ALA OB 15 57.31 30.66 -59.06
C ALA OB 15 57.12 31.80 -60.05
N PRO OB 16 56.44 32.88 -59.63
CA PRO OB 16 56.34 34.07 -60.49
C PRO OB 16 57.68 34.75 -60.69
N ALA OB 17 57.73 35.73 -61.59
CA ALA OB 17 58.98 36.37 -61.97
C ALA OB 17 59.52 37.32 -60.90
N MET OB 18 58.76 37.57 -59.83
CA MET OB 18 59.25 38.42 -58.76
C MET OB 18 60.44 37.81 -58.03
N PHE OB 19 60.59 36.49 -58.07
CA PHE OB 19 61.68 35.78 -57.43
C PHE OB 19 62.60 35.21 -58.49
N ASN OB 20 63.89 35.51 -58.38
CA ASN OB 20 64.84 35.05 -59.40
C ASN OB 20 64.97 33.54 -59.46
N ILE OB 21 64.68 32.82 -58.39
CA ILE OB 21 64.50 31.37 -58.46
C ILE OB 21 63.09 31.11 -58.96
N ARG OB 22 62.97 30.32 -60.01
CA ARG OB 22 61.67 29.95 -60.56
C ARG OB 22 61.31 28.49 -60.29
N ASN OB 23 62.29 27.66 -59.96
CA ASN OB 23 62.05 26.25 -59.69
C ASN OB 23 61.72 26.10 -58.20
N ILE OB 24 60.43 26.08 -57.89
CA ILE OB 24 60.01 25.87 -56.50
C ILE OB 24 60.30 24.44 -56.08
N GLY OB 25 59.95 23.48 -56.92
CA GLY OB 25 60.14 22.08 -56.60
C GLY OB 25 59.30 21.21 -57.51
N LYS OB 26 58.93 20.04 -57.00
CA LYS OB 26 58.11 19.10 -57.73
C LYS OB 26 56.91 18.67 -56.91
N THR OB 27 55.78 18.50 -57.60
CA THR OB 27 54.55 17.99 -57.02
C THR OB 27 54.06 16.82 -57.85
N LEU OB 28 53.11 16.07 -57.29
CA LEU OB 28 52.57 14.90 -57.96
C LEU OB 28 51.06 14.89 -57.82
N VAL OB 29 50.41 14.16 -58.72
CA VAL OB 29 48.97 14.01 -58.70
C VAL OB 29 48.63 12.71 -59.43
N THR OB 30 47.50 12.13 -59.10
CA THR OB 30 47.02 10.95 -59.82
C THR OB 30 46.70 11.35 -61.26
N ARG OB 31 47.08 10.48 -62.20
CA ARG OB 31 46.79 10.71 -63.60
C ARG OB 31 45.29 10.84 -63.83
N THR OB 32 44.93 11.62 -64.85
CA THR OB 32 43.53 11.88 -65.14
C THR OB 32 42.81 10.59 -65.50
N GLN OB 33 41.76 10.29 -64.73
CA GLN OB 33 41.01 9.04 -64.92
C GLN OB 33 39.54 9.32 -64.72
N GLY OB 34 38.73 8.92 -65.70
CA GLY OB 34 37.30 9.18 -65.62
C GLY OB 34 37.01 10.66 -65.62
N THR OB 35 36.03 11.06 -64.81
CA THR OB 35 35.68 12.48 -64.69
C THR OB 35 36.70 13.25 -63.87
N LYS OB 36 37.47 12.58 -63.02
CA LYS OB 36 38.43 13.26 -62.16
C LYS OB 36 39.60 13.74 -63.00
N ILE OB 37 39.81 15.06 -63.04
CA ILE OB 37 40.85 15.68 -63.84
C ILE OB 37 42.05 15.96 -62.95
N ALA OB 38 43.24 15.56 -63.41
CA ALA OB 38 44.45 15.90 -62.68
C ALA OB 38 44.70 17.39 -62.66
N SER OB 39 44.26 18.10 -63.71
CA SER OB 39 44.41 19.55 -63.74
C SER OB 39 43.63 20.21 -62.60
N ASP OB 40 42.42 19.71 -62.32
CA ASP OB 40 41.64 20.24 -61.22
C ASP OB 40 42.32 19.98 -59.88
N GLY OB 41 42.87 18.78 -59.70
CA GLY OB 41 43.54 18.46 -58.45
C GLY OB 41 44.81 19.28 -58.24
N LEU OB 42 45.52 19.58 -59.32
CA LEU OB 42 46.75 20.36 -59.18
C LEU OB 42 46.46 21.81 -58.82
N LYS OB 43 45.31 22.34 -59.23
CA LYS OB 43 44.97 23.72 -58.95
C LYS OB 43 44.60 23.89 -57.48
N GLY OB 44 44.81 25.10 -56.97
CA GLY OB 44 44.41 25.41 -55.62
C GLY OB 44 45.28 24.82 -54.52
N ARG OB 45 46.52 24.47 -54.82
CA ARG OB 45 47.43 23.93 -53.82
C ARG OB 45 48.35 25.02 -53.29
N VAL OB 46 48.55 25.03 -51.98
CA VAL OB 46 49.33 26.05 -51.30
C VAL OB 46 50.71 25.47 -50.98
N PHE OB 47 51.75 26.24 -51.27
CA PHE OB 47 53.13 25.81 -51.07
C PHE OB 47 53.79 26.76 -50.07
N GLU OB 48 53.71 26.42 -48.79
CA GLU OB 48 54.36 27.24 -47.77
C GLU OB 48 55.86 27.14 -47.94
N VAL OB 49 56.45 28.12 -48.62
CA VAL OB 49 57.85 28.10 -48.98
C VAL OB 49 58.52 29.34 -48.41
N SER OB 50 59.76 29.18 -47.97
CA SER OB 50 60.49 30.29 -47.37
C SER OB 50 60.88 31.32 -48.42
N LEU OB 51 61.49 32.40 -47.94
CA LEU OB 51 62.02 33.43 -48.82
C LEU OB 51 63.47 33.17 -49.20
N ALA OB 52 64.23 32.52 -48.33
CA ALA OB 52 65.64 32.26 -48.60
C ALA OB 52 65.85 31.32 -49.77
N ASP OB 53 64.94 30.38 -49.98
CA ASP OB 53 65.01 29.47 -51.12
C ASP OB 53 64.25 30.00 -52.33
N LEU OB 54 63.60 31.15 -52.20
CA LEU OB 54 62.94 31.82 -53.32
C LEU OB 54 63.74 32.99 -53.87
N GLN OB 55 64.44 33.71 -53.02
CA GLN OB 55 65.28 34.82 -53.43
C GLN OB 55 66.74 34.44 -53.16
N ASN OB 56 67.66 35.13 -53.85
CA ASN OB 56 69.06 34.70 -53.85
C ASN OB 56 69.68 34.74 -52.47
N ASP OB 57 69.57 35.89 -51.79
CA ASP OB 57 70.28 36.09 -50.53
C ASP OB 57 69.42 36.81 -49.50
N GLU OB 58 68.11 36.59 -49.53
CA GLU OB 58 67.21 37.26 -48.60
C GLU OB 58 67.20 36.54 -47.26
N VAL OB 59 66.27 36.95 -46.39
CA VAL OB 59 66.17 36.36 -45.07
C VAL OB 59 65.52 34.98 -45.17
N ALA OB 60 65.62 34.23 -44.07
CA ALA OB 60 65.06 32.88 -44.01
C ALA OB 60 63.82 32.77 -43.14
N PHE OB 61 63.53 33.78 -42.32
CA PHE OB 61 62.39 33.70 -41.40
C PHE OB 61 61.08 34.13 -42.06
N ARG OB 62 61.10 34.44 -43.35
CA ARG OB 62 59.92 34.87 -44.08
C ARG OB 62 59.48 33.76 -45.03
N LYS OB 63 58.19 33.43 -44.98
CA LYS OB 63 57.61 32.36 -45.79
C LYS OB 63 56.51 32.92 -46.68
N PHE OB 64 56.13 32.14 -47.69
CA PHE OB 64 55.13 32.55 -48.66
C PHE OB 64 54.20 31.39 -48.97
N LYS OB 65 52.96 31.72 -49.37
CA LYS OB 65 51.91 30.73 -49.57
C LYS OB 65 51.89 30.17 -50.99
N LEU OB 66 51.78 31.04 -51.99
CA LEU OB 66 51.94 30.69 -53.40
C LEU OB 66 50.96 29.60 -53.84
N ILE OB 67 49.68 29.99 -53.86
CA ILE OB 67 48.64 29.07 -54.31
C ILE OB 67 48.76 28.84 -55.81
N THR OB 68 48.39 27.64 -56.24
CA THR OB 68 48.40 27.27 -57.65
C THR OB 68 47.09 27.69 -58.31
N GLU OB 69 47.19 28.41 -59.43
CA GLU OB 69 46.02 28.87 -60.17
C GLU OB 69 45.75 28.04 -61.42
N ASP OB 70 46.75 27.87 -62.29
CA ASP OB 70 46.58 27.12 -63.52
C ASP OB 70 47.79 26.24 -63.76
N VAL OB 71 47.58 25.12 -64.46
CA VAL OB 71 48.63 24.19 -64.81
C VAL OB 71 48.59 23.98 -66.32
N GLN OB 72 49.76 24.00 -66.95
CA GLN OB 72 49.88 23.72 -68.37
C GLN OB 72 51.15 22.91 -68.61
N GLY OB 73 51.04 21.91 -69.48
CA GLY OB 73 52.16 20.99 -69.68
C GLY OB 73 52.46 20.24 -68.40
N LYS OB 74 53.75 20.21 -68.05
CA LYS OB 74 54.18 19.61 -66.78
C LYS OB 74 54.60 20.69 -65.78
N ASN OB 75 54.24 21.93 -66.03
CA ASN OB 75 54.66 23.07 -65.21
C ASN OB 75 53.48 23.62 -64.44
N CYS OB 76 53.62 23.69 -63.12
CA CYS OB 76 52.61 24.30 -62.28
C CYS OB 76 52.94 25.77 -62.06
N LEU OB 77 51.98 26.63 -62.33
CA LEU OB 77 52.16 28.08 -62.26
C LEU OB 77 51.40 28.62 -61.07
N THR OB 78 52.12 29.25 -60.14
CA THR OB 78 51.57 29.73 -58.90
C THR OB 78 51.56 31.25 -58.88
N ASN OB 79 50.87 31.80 -57.88
CA ASN OB 79 50.84 33.24 -57.66
C ASN OB 79 50.73 33.48 -56.16
N PHE OB 80 51.13 34.69 -55.76
CA PHE OB 80 51.17 35.06 -54.35
C PHE OB 80 49.81 34.88 -53.69
N HIS OB 81 49.82 34.24 -52.52
CA HIS OB 81 48.60 33.99 -51.77
C HIS OB 81 48.72 34.54 -50.35
N GLY OB 82 49.94 34.80 -49.92
CA GLY OB 82 50.17 35.33 -48.59
C GLY OB 82 51.58 35.04 -48.13
N MET OB 83 52.04 35.86 -47.19
CA MET OB 83 53.31 35.66 -46.53
C MET OB 83 53.10 35.63 -45.03
N ASP OB 84 54.06 35.01 -44.34
CA ASP OB 84 54.01 34.94 -42.89
C ASP OB 84 55.43 34.73 -42.36
N LEU OB 85 55.63 35.14 -41.12
CA LEU OB 85 56.93 34.95 -40.49
C LEU OB 85 56.99 33.59 -39.80
N THR OB 86 58.22 33.10 -39.60
CA THR OB 86 58.41 31.83 -38.94
C THR OB 86 58.08 31.94 -37.46
N ARG OB 87 57.75 30.79 -36.87
CA ARG OB 87 57.34 30.75 -35.47
C ARG OB 87 58.48 31.17 -34.54
N ASP OB 88 59.68 30.64 -34.79
CA ASP OB 88 60.80 30.89 -33.88
C ASP OB 88 61.23 32.35 -33.90
N LYS OB 89 61.23 32.98 -35.07
CA LYS OB 89 61.57 34.40 -35.14
C LYS OB 89 60.55 35.24 -34.39
N MET OB 90 59.27 34.93 -34.57
CA MET OB 90 58.22 35.64 -33.85
C MET OB 90 58.38 35.48 -32.34
N CYS OB 91 58.68 34.28 -31.88
CA CYS OB 91 58.83 34.07 -30.45
C CYS OB 91 60.09 34.74 -29.91
N SER OB 92 61.16 34.79 -30.71
CA SER OB 92 62.39 35.43 -30.27
C SER OB 92 62.24 36.94 -30.22
N MET OB 93 61.42 37.50 -31.11
CA MET OB 93 61.21 38.95 -31.11
C MET OB 93 60.44 39.42 -29.89
N VAL OB 94 59.60 38.58 -29.31
CA VAL OB 94 58.83 38.96 -28.13
C VAL OB 94 59.68 38.71 -26.88
N LYS OB 95 59.83 39.74 -26.05
CA LYS OB 95 60.60 39.65 -24.83
C LYS OB 95 59.91 40.46 -23.74
N LYS OB 96 60.31 40.22 -22.50
CA LYS OB 96 59.74 40.94 -21.37
C LYS OB 96 60.34 42.35 -21.28
N TRP OB 97 59.81 43.13 -20.35
CA TRP OB 97 60.28 44.49 -20.05
C TRP OB 97 60.22 45.39 -21.28
N GLN OB 98 59.27 45.12 -22.17
CA GLN OB 98 59.08 45.97 -23.34
C GLN OB 98 57.66 45.81 -23.81
N THR OB 99 57.22 46.75 -24.63
CA THR OB 99 55.87 46.77 -25.18
C THR OB 99 55.95 46.51 -26.68
N MET OB 100 55.02 45.73 -27.20
CA MET OB 100 54.88 45.56 -28.64
C MET OB 100 53.52 46.07 -29.08
N ILE OB 101 53.48 46.67 -30.27
CA ILE OB 101 52.27 47.25 -30.83
C ILE OB 101 51.92 46.49 -32.10
N GLU OB 102 50.67 46.05 -32.18
CA GLU OB 102 50.19 45.20 -33.26
C GLU OB 102 49.06 45.92 -33.99
N ALA OB 103 49.08 45.87 -35.31
CA ALA OB 103 48.05 46.54 -36.10
C ALA OB 103 47.69 45.68 -37.31
N HIS OB 104 46.46 45.84 -37.77
CA HIS OB 104 45.97 45.20 -38.98
C HIS OB 104 45.10 46.19 -39.74
N VAL OB 105 45.00 45.98 -41.05
CA VAL OB 105 44.24 46.89 -41.89
C VAL OB 105 43.81 46.15 -43.15
N ASP OB 106 42.57 46.43 -43.59
CA ASP OB 106 42.04 45.87 -44.83
C ASP OB 106 42.15 46.93 -45.91
N VAL OB 107 42.86 46.60 -46.99
CA VAL OB 107 43.13 47.56 -48.06
C VAL OB 107 42.99 46.85 -49.41
N LYS OB 108 42.39 47.55 -50.36
CA LYS OB 108 42.18 47.04 -51.71
C LYS OB 108 43.29 47.53 -52.64
N THR OB 109 43.79 46.62 -53.47
CA THR OB 109 44.80 46.98 -54.46
C THR OB 109 44.15 47.63 -55.67
N THR OB 110 44.98 47.95 -56.67
CA THR OB 110 44.45 48.56 -57.89
C THR OB 110 43.69 47.55 -58.74
N ASP OB 111 44.17 46.32 -58.79
CA ASP OB 111 43.61 45.30 -59.66
C ASP OB 111 42.48 44.50 -59.02
N GLY OB 112 42.08 44.84 -57.81
CA GLY OB 112 40.95 44.19 -57.16
C GLY OB 112 41.30 43.15 -56.11
N TYR OB 113 42.57 42.97 -55.78
CA TYR OB 113 42.97 42.09 -54.70
C TYR OB 113 42.80 42.79 -53.37
N LEU OB 114 42.21 42.08 -52.41
CA LEU OB 114 41.99 42.60 -51.06
C LEU OB 114 42.91 41.87 -50.10
N LEU OB 115 43.65 42.62 -49.29
CA LEU OB 115 44.66 42.06 -48.42
C LEU OB 115 44.49 42.57 -47.00
N ARG OB 116 44.76 41.68 -46.03
CA ARG OB 116 44.77 42.01 -44.61
C ARG OB 116 46.20 41.94 -44.12
N LEU OB 117 46.83 43.08 -43.92
CA LEU OB 117 48.24 43.14 -43.54
C LEU OB 117 48.36 43.24 -42.03
N PHE OB 118 49.19 42.39 -41.45
CA PHE OB 118 49.44 42.40 -40.01
C PHE OB 118 50.89 42.81 -39.77
N CYS OB 119 51.07 43.83 -38.92
CA CYS OB 119 52.38 44.38 -38.64
C CYS OB 119 52.62 44.37 -37.13
N VAL OB 120 53.88 44.26 -36.75
CA VAL OB 120 54.28 44.30 -35.34
C VAL OB 120 55.44 45.29 -35.20
N GLY OB 121 55.60 45.82 -34.01
CA GLY OB 121 56.72 46.69 -33.71
C GLY OB 121 57.05 46.65 -32.24
N PHE OB 122 58.30 46.36 -31.95
CA PHE OB 122 58.76 46.19 -30.57
C PHE OB 122 59.50 47.42 -30.10
N THR OB 123 59.19 47.85 -28.89
CA THR OB 123 59.91 48.94 -28.24
C THR OB 123 61.37 48.56 -28.01
N LYS OB 124 62.26 49.50 -28.35
CA LYS OB 124 63.69 49.32 -28.24
C LYS OB 124 64.23 50.17 -27.10
N LYS OB 125 64.98 49.54 -26.19
CA LYS OB 125 65.66 50.26 -25.14
C LYS OB 125 66.87 50.99 -25.70
N ARG OB 126 67.20 52.12 -25.08
CA ARG OB 126 68.39 52.85 -25.47
C ARG OB 126 69.65 52.09 -25.06
N ASN OB 127 70.74 52.39 -25.78
CA ASN OB 127 72.04 51.85 -25.40
C ASN OB 127 72.46 52.33 -24.01
N ASN OB 128 72.19 53.59 -23.70
CA ASN OB 128 72.54 54.16 -22.41
C ASN OB 128 71.41 54.02 -21.40
N GLN OB 129 70.35 53.30 -21.73
CA GLN OB 129 69.21 53.17 -20.83
C GLN OB 129 69.60 52.37 -19.60
N ILE OB 130 69.29 52.93 -18.43
CA ILE OB 130 69.60 52.26 -17.17
C ILE OB 130 68.37 51.47 -16.72
N ARG OB 131 67.19 52.01 -17.02
CA ARG OB 131 65.94 51.39 -16.58
C ARG OB 131 65.79 50.00 -17.19
N LYS OB 132 65.36 49.05 -16.34
CA LYS OB 132 65.14 47.69 -16.80
C LYS OB 132 64.00 47.62 -17.79
N THR OB 133 62.97 48.44 -17.59
CA THR OB 133 61.79 48.42 -18.44
C THR OB 133 61.87 49.50 -19.50
N SER OB 134 61.21 49.23 -20.63
CA SER OB 134 61.08 50.18 -21.74
C SER OB 134 59.61 50.13 -22.16
N TYR OB 135 58.80 50.98 -21.55
CA TYR OB 135 57.35 50.96 -21.74
C TYR OB 135 56.88 52.29 -22.29
N ALA OB 136 55.99 52.25 -23.27
CA ALA OB 136 55.41 53.45 -23.86
C ALA OB 136 53.99 53.65 -23.34
N GLN OB 137 53.62 54.91 -23.17
CA GLN OB 137 52.28 55.22 -22.70
C GLN OB 137 51.24 54.87 -23.76
N HIS OB 138 49.99 54.80 -23.33
CA HIS OB 138 48.92 54.32 -24.22
C HIS OB 138 48.72 55.24 -25.41
N GLN OB 139 48.81 56.56 -25.21
CA GLN OB 139 48.63 57.47 -26.33
C GLN OB 139 49.76 57.36 -27.34
N GLN OB 140 50.98 57.13 -26.85
CA GLN OB 140 52.09 56.86 -27.77
C GLN OB 140 51.83 55.61 -28.60
N VAL OB 141 51.30 54.56 -27.95
CA VAL OB 141 50.96 53.34 -28.66
C VAL OB 141 49.88 53.60 -29.70
N ARG OB 142 48.88 54.41 -29.34
CA ARG OB 142 47.82 54.74 -30.29
C ARG OB 142 48.36 55.51 -31.49
N GLN OB 143 49.24 56.49 -31.24
CA GLN OB 143 49.84 57.25 -32.33
C GLN OB 143 50.66 56.34 -33.22
N ILE OB 144 51.45 55.45 -32.64
CA ILE OB 144 52.27 54.54 -33.43
C ILE OB 144 51.40 53.61 -34.26
N ARG OB 145 50.34 53.07 -33.65
CA ARG OB 145 49.46 52.16 -34.36
C ARG OB 145 48.77 52.87 -35.52
N LYS OB 146 48.27 54.08 -35.28
CA LYS OB 146 47.64 54.83 -36.36
C LYS OB 146 48.62 55.16 -37.47
N LYS OB 147 49.84 55.57 -37.11
CA LYS OB 147 50.85 55.91 -38.10
C LYS OB 147 51.20 54.69 -38.96
N MET OB 148 51.43 53.56 -38.33
CA MET OB 148 51.84 52.37 -39.08
C MET OB 148 50.67 51.67 -39.75
N MET OB 149 49.44 52.01 -39.40
CA MET OB 149 48.31 51.64 -40.23
C MET OB 149 48.18 52.52 -41.46
N GLU OB 150 48.43 53.83 -41.34
CA GLU OB 150 48.23 54.72 -42.47
C GLU OB 150 49.44 54.82 -43.38
N ILE OB 151 50.59 54.27 -43.00
CA ILE OB 151 51.69 54.18 -43.96
C ILE OB 151 51.90 52.73 -44.36
N MET OB 152 50.83 51.94 -44.34
CA MET OB 152 50.75 50.72 -45.11
C MET OB 152 49.74 50.80 -46.25
N THR OB 153 48.66 51.57 -46.07
CA THR OB 153 47.62 51.65 -47.09
C THR OB 153 48.13 52.35 -48.35
N ARG OB 154 48.83 53.48 -48.17
CA ARG OB 154 49.30 54.25 -49.31
C ARG OB 154 50.36 53.51 -50.12
N GLU OB 155 50.95 52.45 -49.58
CA GLU OB 155 51.83 51.58 -50.35
C GLU OB 155 51.07 50.46 -51.05
N VAL OB 156 49.76 50.37 -50.84
CA VAL OB 156 48.94 49.34 -51.44
C VAL OB 156 47.87 49.91 -52.37
N GLN OB 157 47.24 51.02 -51.97
CA GLN OB 157 46.15 51.58 -52.75
C GLN OB 157 46.61 52.06 -54.12
N THR OB 158 47.81 52.63 -54.19
CA THR OB 158 48.28 53.32 -55.39
C THR OB 158 49.28 52.49 -56.20
N ASN OB 159 49.17 51.16 -56.14
CA ASN OB 159 50.06 50.32 -56.93
C ASN OB 159 49.43 48.93 -57.07
N ASP OB 160 49.96 48.17 -58.03
CA ASP OB 160 49.45 46.85 -58.31
C ASP OB 160 50.06 45.82 -57.35
N LEU OB 161 49.47 44.62 -57.37
CA LEU OB 161 49.89 43.58 -56.44
C LEU OB 161 51.32 43.12 -56.70
N LYS OB 162 51.78 43.17 -57.94
CA LYS OB 162 53.13 42.69 -58.25
C LYS OB 162 54.20 43.53 -57.57
N GLU OB 163 54.11 44.86 -57.73
CA GLU OB 163 55.08 45.73 -57.09
C GLU OB 163 54.81 45.93 -55.61
N VAL OB 164 53.72 45.36 -55.09
CA VAL OB 164 53.56 45.24 -53.65
C VAL OB 164 54.31 44.01 -53.14
N VAL OB 165 54.17 42.89 -53.85
CA VAL OB 165 54.85 41.66 -53.46
C VAL OB 165 56.35 41.84 -53.51
N ASN OB 166 56.86 42.48 -54.57
CA ASN OB 166 58.30 42.62 -54.66
C ASN OB 166 58.86 43.64 -53.66
N LYS OB 167 58.04 44.58 -53.21
CA LYS OB 167 58.51 45.57 -52.24
C LYS OB 167 58.40 45.06 -50.80
N LEU OB 168 57.49 44.13 -50.52
CA LEU OB 168 57.45 43.52 -49.20
C LEU OB 168 58.47 42.39 -49.05
N ILE OB 169 59.14 42.01 -50.15
CA ILE OB 169 60.19 41.00 -50.05
C ILE OB 169 61.32 41.42 -49.12
N PRO OB 170 61.89 42.63 -49.21
CA PRO OB 170 62.82 43.08 -48.17
C PRO OB 170 62.17 43.80 -47.01
N ASP OB 171 60.84 43.84 -46.97
CA ASP OB 171 60.08 44.52 -45.91
C ASP OB 171 60.50 45.97 -45.79
N SER OB 172 60.52 46.66 -46.93
CA SER OB 172 60.80 48.10 -46.93
C SER OB 172 59.72 48.86 -46.18
N ILE OB 173 58.48 48.35 -46.20
CA ILE OB 173 57.40 48.98 -45.46
C ILE OB 173 57.73 49.04 -43.98
N GLY OB 174 58.21 47.93 -43.42
CA GLY OB 174 58.62 47.93 -42.03
C GLY OB 174 59.78 48.86 -41.75
N LYS OB 175 60.72 48.96 -42.69
CA LYS OB 175 61.86 49.86 -42.48
C LYS OB 175 61.43 51.32 -42.43
N ASP OB 176 60.54 51.73 -43.34
CA ASP OB 176 60.10 53.12 -43.29
C ASP OB 176 59.15 53.37 -42.12
N ILE OB 177 58.40 52.34 -41.69
CA ILE OB 177 57.60 52.47 -40.47
C ILE OB 177 58.52 52.72 -39.27
N GLU OB 178 59.59 51.93 -39.18
CA GLU OB 178 60.53 52.09 -38.08
C GLU OB 178 61.20 53.45 -38.12
N LYS OB 179 61.56 53.92 -39.32
CA LYS OB 179 62.13 55.26 -39.44
C LYS OB 179 61.14 56.33 -39.03
N ALA OB 180 59.88 56.20 -39.44
CA ALA OB 180 58.91 57.26 -39.20
C ALA OB 180 58.52 57.35 -37.73
N CYS OB 181 58.48 56.21 -37.04
CA CYS OB 181 57.98 56.18 -35.67
C CYS OB 181 59.01 56.59 -34.63
N GLN OB 182 60.25 56.88 -35.03
CA GLN OB 182 61.25 57.32 -34.07
C GLN OB 182 60.92 58.67 -33.45
N SER OB 183 60.07 59.45 -34.10
CA SER OB 183 59.60 60.71 -33.54
C SER OB 183 58.74 60.52 -32.30
N ILE OB 184 58.18 59.33 -32.09
CA ILE OB 184 57.37 59.03 -30.91
C ILE OB 184 58.14 58.19 -29.91
N TYR OB 185 58.62 57.02 -30.34
CA TYR OB 185 59.32 56.18 -29.42
C TYR OB 185 60.19 55.32 -30.33
N PRO OB 186 61.39 54.93 -29.90
CA PRO OB 186 62.26 54.12 -30.75
C PRO OB 186 61.77 52.68 -30.88
N LEU OB 187 61.82 52.15 -32.09
CA LEU OB 187 61.47 50.76 -32.36
C LEU OB 187 62.59 50.08 -33.15
N HIS OB 188 62.79 48.79 -32.89
CA HIS OB 188 63.85 48.03 -33.54
C HIS OB 188 63.32 46.90 -34.41
N ASP OB 189 62.46 46.03 -33.88
CA ASP OB 189 61.96 44.88 -34.61
C ASP OB 189 60.58 45.21 -35.15
N VAL OB 190 60.56 45.81 -36.34
CA VAL OB 190 59.32 46.15 -37.03
C VAL OB 190 59.28 45.39 -38.34
N PHE OB 191 58.22 44.63 -38.56
CA PHE OB 191 58.07 43.84 -39.77
C PHE OB 191 56.61 43.74 -40.13
N VAL OB 192 56.35 43.40 -41.40
CA VAL OB 192 55.01 42.99 -41.83
C VAL OB 192 54.86 41.53 -41.38
N ARG OB 193 54.19 41.33 -40.24
CA ARG OB 193 54.13 40.01 -39.64
C ARG OB 193 53.38 39.02 -40.52
N LYS OB 194 52.27 39.44 -41.10
CA LYS OB 194 51.39 38.49 -41.78
C LYS OB 194 50.49 39.25 -42.75
N VAL OB 195 50.23 38.62 -43.89
CA VAL OB 195 49.18 39.06 -44.80
C VAL OB 195 48.50 37.82 -45.35
N LYS OB 196 47.19 37.93 -45.54
CA LYS OB 196 46.39 36.83 -46.06
C LYS OB 196 45.52 37.33 -47.20
N MET OB 197 45.42 36.53 -48.26
CA MET OB 197 44.52 36.87 -49.36
C MET OB 197 43.08 36.87 -48.87
N LEU OB 198 42.33 37.90 -49.24
CA LEU OB 198 40.94 38.01 -48.85
C LEU OB 198 39.99 37.78 -50.01
N LYS OB 199 40.25 38.41 -51.16
CA LYS OB 199 39.43 38.22 -52.35
C LYS OB 199 40.33 38.17 -53.58
N LYS OB 200 39.86 37.47 -54.60
CA LYS OB 200 40.59 37.33 -55.86
C LYS OB 200 39.70 37.72 -57.03
N PRO OB 201 40.17 38.63 -57.87
CA PRO OB 201 39.35 39.14 -58.99
C PRO OB 201 39.36 38.30 -60.28
N LYS OB 202 38.52 37.26 -60.28
CA LYS OB 202 38.02 36.62 -61.49
C LYS OB 202 39.06 35.74 -62.21
N PHE OB 203 40.32 35.79 -61.77
CA PHE OB 203 41.40 34.95 -62.31
C PHE OB 203 41.55 35.18 -63.82
N GLU OB 204 42.05 36.36 -64.15
CA GLU OB 204 42.42 36.64 -65.53
C GLU OB 204 43.70 35.89 -65.88
N LEU OB 205 43.65 35.11 -66.96
CA LEU OB 205 44.78 34.26 -67.31
C LEU OB 205 45.98 35.06 -67.80
N GLY OB 206 45.74 36.15 -68.55
CA GLY OB 206 46.84 36.91 -69.11
C GLY OB 206 47.71 37.55 -68.05
N LYS OB 207 47.09 38.06 -66.99
CA LYS OB 207 47.87 38.63 -65.89
C LYS OB 207 48.71 37.56 -65.19
N LEU OB 208 48.17 36.36 -65.01
CA LEU OB 208 48.96 35.26 -64.46
C LEU OB 208 50.14 34.94 -65.36
N MET OB 209 49.90 34.89 -66.68
CA MET OB 209 50.99 34.61 -67.62
C MET OB 209 52.07 35.67 -67.58
N GLU OB 210 51.70 36.95 -67.56
CA GLU OB 210 52.71 37.99 -67.52
C GLU OB 210 53.42 38.03 -66.18
N LEU OB 211 52.75 37.61 -65.10
CA LEU OB 211 53.46 37.43 -63.84
C LEU OB 211 54.48 36.31 -63.95
N HIS OB 212 54.15 35.23 -64.65
CA HIS OB 212 55.12 34.16 -64.87
C HIS OB 212 56.05 34.46 -66.04
N GLY OB 213 55.49 34.79 -67.20
CA GLY OB 213 56.31 35.10 -68.35
C GLY OB 213 56.70 36.57 -68.39
N GLU OB 214 56.46 37.22 -69.51
CA GLU OB 214 56.79 38.64 -69.66
C GLU OB 214 55.71 39.39 -70.43
N GLU PB 1 93.06 34.12 48.10
CA GLU PB 1 93.09 33.10 47.06
C GLU PB 1 92.37 33.57 45.80
N TRP PB 2 92.03 34.85 45.78
CA TRP PB 2 91.33 35.45 44.65
C TRP PB 2 92.33 36.14 43.74
N MET PB 3 92.45 35.67 42.52
CA MET PB 3 93.34 36.26 41.51
C MET PB 3 92.50 36.84 40.39
N PRO PB 4 92.28 38.14 40.37
CA PRO PB 4 91.41 38.73 39.33
C PRO PB 4 92.16 39.01 38.05
N VAL PB 5 91.46 38.86 36.93
CA VAL PB 5 91.99 39.34 35.65
C VAL PB 5 91.02 40.36 35.05
N THR PB 6 91.22 41.62 35.43
CA THR PB 6 90.43 42.77 34.98
C THR PB 6 91.09 44.02 35.53
N LYS PB 7 91.17 45.10 34.76
CA LYS PB 7 91.65 46.35 35.32
C LYS PB 7 90.74 46.84 36.43
N LEU PB 8 89.43 46.76 36.22
CA LEU PB 8 88.48 47.11 37.27
C LEU PB 8 88.66 46.21 38.49
N GLY PB 9 88.77 44.90 38.28
CA GLY PB 9 88.95 44.00 39.41
C GLY PB 9 90.25 44.22 40.14
N ARG PB 10 91.33 44.47 39.39
CA ARG PB 10 92.61 44.73 40.04
C ARG PB 10 92.58 46.01 40.85
N LEU PB 11 91.98 47.07 40.31
CA LEU PB 11 91.89 48.31 41.06
C LEU PB 11 90.98 48.18 42.28
N VAL PB 12 89.96 47.33 42.18
CA VAL PB 12 89.13 47.05 43.35
C VAL PB 12 89.93 46.32 44.41
N LYS PB 13 90.75 45.35 44.00
CA LYS PB 13 91.43 44.49 44.96
C LYS PB 13 92.46 45.25 45.78
N ASP PB 14 93.19 46.17 45.15
CA ASP PB 14 94.33 46.82 45.79
C ASP PB 14 94.00 48.16 46.40
N MET PB 15 92.76 48.34 46.89
CA MET PB 15 92.35 49.54 47.64
C MET PB 15 92.54 50.82 46.82
N LYS PB 16 92.26 50.72 45.52
CA LYS PB 16 92.28 51.91 44.67
C LYS PB 16 90.90 52.54 44.51
N ILE PB 17 89.83 51.75 44.58
CA ILE PB 17 88.46 52.24 44.45
C ILE PB 17 87.79 52.10 45.81
N LYS PB 18 87.21 53.21 46.30
CA LYS PB 18 86.65 53.23 47.63
C LYS PB 18 85.22 52.72 47.71
N SER PB 19 84.41 52.93 46.67
CA SER PB 19 83.01 52.57 46.73
C SER PB 19 82.53 52.05 45.38
N LEU PB 20 81.46 51.25 45.43
CA LEU PB 20 80.82 50.77 44.22
C LEU PB 20 80.21 51.90 43.40
N GLU PB 21 79.88 53.02 44.04
CA GLU PB 21 79.30 54.15 43.33
C GLU PB 21 80.30 54.79 42.38
N GLU PB 22 81.60 54.63 42.63
CA GLU PB 22 82.59 55.10 41.68
C GLU PB 22 82.49 54.33 40.36
N ILE PB 23 82.24 53.03 40.45
CA ILE PB 23 82.01 52.24 39.25
C ILE PB 23 80.66 52.57 38.63
N TYR PB 24 79.64 52.76 39.47
CA TYR PB 24 78.29 53.04 38.97
C TYR PB 24 78.24 54.37 38.23
N LEU PB 25 79.06 55.34 38.63
CA LEU PB 25 79.06 56.64 37.98
C LEU PB 25 79.50 56.52 36.52
N PHE PB 26 80.47 55.64 36.26
CA PHE PB 26 80.99 55.44 34.91
C PHE PB 26 80.39 54.22 34.23
N SER PB 27 79.51 53.49 34.93
CA SER PB 27 78.73 52.39 34.34
C SER PB 27 79.62 51.30 33.74
N LEU PB 28 80.75 51.02 34.37
CA LEU PB 28 81.60 49.93 33.90
C LEU PB 28 80.94 48.59 34.24
N PRO PB 29 80.96 47.62 33.34
CA PRO PB 29 80.35 46.32 33.64
C PRO PB 29 81.16 45.54 34.67
N ILE PB 30 80.46 44.93 35.61
CA ILE PB 30 81.08 44.09 36.63
C ILE PB 30 81.14 42.68 36.06
N LYS PB 31 82.35 42.20 35.77
CA LYS PB 31 82.54 40.92 35.10
C LYS PB 31 83.01 39.82 36.04
N GLU PB 32 83.05 40.06 37.35
CA GLU PB 32 83.40 39.02 38.30
C GLU PB 32 82.75 39.30 39.63
N SER PB 33 82.26 38.23 40.28
CA SER PB 33 81.50 38.39 41.51
C SER PB 33 82.38 38.69 42.71
N GLU PB 34 83.69 38.55 42.58
CA GLU PB 34 84.56 38.82 43.72
C GLU PB 34 84.84 40.29 43.90
N ILE PB 35 84.07 41.18 43.29
CA ILE PB 35 84.29 42.62 43.47
C ILE PB 35 83.36 43.17 44.53
N ILE PB 36 82.06 42.87 44.43
CA ILE PB 36 81.09 43.49 45.33
C ILE PB 36 81.22 42.94 46.75
N ASP PB 37 81.59 41.67 46.91
CA ASP PB 37 81.77 41.11 48.24
C ASP PB 37 82.89 41.82 49.00
N PHE PB 38 83.88 42.35 48.28
CA PHE PB 38 84.82 43.27 48.91
C PHE PB 38 84.12 44.50 49.45
N PHE PB 39 83.19 45.06 48.67
CA PHE PB 39 82.42 46.22 49.12
C PHE PB 39 81.31 45.80 50.06
N LEU PB 40 80.34 45.04 49.55
CA LEU PB 40 79.16 44.63 50.32
C LEU PB 40 79.37 43.29 51.00
N GLY PB 41 80.43 43.18 51.79
CA GLY PB 41 80.69 41.94 52.52
C GLY PB 41 79.80 41.85 53.75
N ALA PB 42 79.30 40.65 54.02
CA ALA PB 42 78.50 40.31 55.19
C ALA PB 42 77.24 41.15 55.32
N SER PB 43 76.82 41.82 54.25
CA SER PB 43 75.61 42.62 54.26
C SER PB 43 74.65 42.25 53.14
N LEU PB 44 75.10 41.50 52.14
CA LEU PB 44 74.25 41.10 51.01
C LEU PB 44 73.40 39.92 51.46
N LYS PB 45 72.21 40.22 51.96
CA LYS PB 45 71.29 39.16 52.36
C LYS PB 45 70.79 38.39 51.14
N ASP PB 46 70.72 37.07 51.27
CA ASP PB 46 70.39 36.20 50.16
C ASP PB 46 69.05 35.52 50.43
N GLU PB 47 68.32 35.26 49.35
CA GLU PB 47 67.05 34.56 49.43
C GLU PB 47 66.81 33.84 48.12
N VAL PB 48 66.29 32.62 48.21
CA VAL PB 48 65.99 31.79 47.04
C VAL PB 48 64.53 32.00 46.68
N LEU PB 49 64.26 32.28 45.41
CA LEU PB 49 62.90 32.54 44.98
C LEU PB 49 62.18 31.28 44.53
N LYS PB 50 62.71 30.61 43.50
CA LYS PB 50 62.00 29.48 42.93
C LYS PB 50 62.98 28.59 42.18
N ILE PB 51 62.71 27.29 42.22
CA ILE PB 51 63.42 26.31 41.41
C ILE PB 51 62.39 25.66 40.51
N MET PB 52 62.58 25.74 39.21
CA MET PB 52 61.63 25.16 38.29
C MET PB 52 62.31 24.13 37.41
N PRO PB 53 61.68 22.98 37.20
CA PRO PB 53 62.27 21.88 36.40
C PRO PB 53 61.97 21.93 34.91
N VAL PB 54 62.70 22.77 34.18
CA VAL PB 54 62.54 22.83 32.74
C VAL PB 54 63.02 21.51 32.12
N GLN PB 55 62.38 21.12 31.03
CA GLN PB 55 62.68 19.85 30.38
C GLN PB 55 62.92 20.08 28.90
N LYS PB 56 63.77 19.22 28.32
CA LYS PB 56 64.00 19.19 26.88
C LYS PB 56 63.86 17.75 26.42
N GLN PB 57 62.87 17.50 25.57
CA GLN PB 57 62.67 16.16 25.05
C GLN PB 57 63.81 15.77 24.13
N THR PB 58 64.36 14.57 24.35
CA THR PB 58 65.44 14.07 23.52
C THR PB 58 65.07 12.72 22.94
N ARG PB 59 66.06 12.04 22.35
CA ARG PB 59 65.83 10.70 21.82
C ARG PB 59 65.43 9.73 22.93
N ALA PB 60 66.20 9.71 24.02
CA ALA PB 60 65.97 8.78 25.11
C ALA PB 60 65.23 9.53 26.23
N GLY PB 61 63.93 9.69 26.04
CA GLY PB 61 63.15 10.43 27.01
C GLY PB 61 63.53 11.90 26.98
N GLN PB 62 63.18 12.60 28.04
CA GLN PB 62 63.54 14.00 28.21
C GLN PB 62 64.57 14.12 29.32
N ARG PB 63 65.44 15.11 29.21
CA ARG PB 63 66.39 15.43 30.26
C ARG PB 63 65.97 16.72 30.95
N THR PB 64 66.10 16.73 32.27
CA THR PB 64 65.59 17.82 33.09
C THR PB 64 66.74 18.64 33.62
N ARG PB 65 66.68 19.95 33.42
CA ARG PB 65 67.55 20.90 34.10
C ARG PB 65 66.72 21.75 35.02
N PHE PB 66 67.37 22.36 36.01
CA PHE PB 66 66.69 23.17 37.00
C PHE PB 66 67.15 24.61 36.89
N LYS PB 67 66.20 25.53 36.75
CA LYS PB 67 66.49 26.94 36.60
C LYS PB 67 66.26 27.64 37.95
N ALA PB 68 67.28 28.35 38.41
CA ALA PB 68 67.29 28.92 39.75
C ALA PB 68 67.09 30.43 39.69
N PHE PB 69 66.17 30.94 40.49
CA PHE PB 69 65.96 32.38 40.65
C PHE PB 69 66.41 32.78 42.04
N VAL PB 70 67.49 33.56 42.12
CA VAL PB 70 68.04 34.00 43.40
C VAL PB 70 68.12 35.52 43.37
N ALA PB 71 67.58 36.15 44.41
CA ALA PB 71 67.62 37.60 44.56
C ALA PB 71 68.39 37.95 45.83
N ILE PB 72 69.37 38.83 45.70
CA ILE PB 72 70.17 39.28 46.83
C ILE PB 72 70.16 40.81 46.84
N GLY PB 73 70.66 41.36 47.95
CA GLY PB 73 70.78 42.79 48.09
C GLY PB 73 70.68 43.25 49.52
N ASP PB 74 71.59 44.13 49.94
CA ASP PB 74 71.50 44.70 51.27
C ASP PB 74 70.29 45.61 51.37
N TYR PB 75 69.76 45.73 52.59
CA TYR PB 75 68.54 46.50 52.81
C TYR PB 75 68.88 47.98 52.90
N ASN PB 76 69.59 48.50 51.89
CA ASN PB 76 70.09 49.87 51.98
C ASN PB 76 70.15 50.59 50.63
N GLY PB 77 69.74 49.94 49.54
CA GLY PB 77 69.75 50.61 48.25
C GLY PB 77 70.47 49.88 47.14
N HIS PB 78 70.92 48.66 47.40
CA HIS PB 78 71.55 47.84 46.38
C HIS PB 78 70.83 46.50 46.32
N VAL PB 79 70.59 45.99 45.12
CA VAL PB 79 69.83 44.77 44.92
C VAL PB 79 70.23 44.14 43.61
N GLY PB 80 69.98 42.84 43.49
CA GLY PB 80 70.28 42.12 42.26
C GLY PB 80 69.54 40.81 42.15
N LEU PB 81 69.28 40.37 40.93
CA LEU PB 81 68.55 39.13 40.66
C LEU PB 81 69.34 38.30 39.66
N GLY PB 82 69.41 37.00 39.90
CA GLY PB 82 70.15 36.10 39.03
C GLY PB 82 69.33 34.90 38.65
N VAL PB 83 69.38 34.56 37.36
CA VAL PB 83 68.65 33.41 36.82
C VAL PB 83 69.66 32.48 36.15
N LYS PB 84 69.82 31.28 36.71
CA LYS PB 84 70.74 30.29 36.20
C LYS PB 84 70.05 28.94 36.08
N CYS PB 85 70.28 28.26 34.97
CA CYS PB 85 69.72 26.94 34.73
C CYS PB 85 70.86 25.93 34.70
N SER PB 86 70.65 24.79 35.36
CA SER PB 86 71.68 23.77 35.46
C SER PB 86 71.03 22.43 35.76
N LYS PB 87 71.80 21.36 35.56
CA LYS PB 87 71.32 20.02 35.87
C LYS PB 87 71.13 19.83 37.38
N GLU PB 88 72.08 20.30 38.18
CA GLU PB 88 72.06 20.10 39.61
C GLU PB 88 71.45 21.31 40.30
N VAL PB 89 70.73 21.06 41.40
CA VAL PB 89 70.05 22.14 42.11
C VAL PB 89 71.07 23.05 42.77
N ALA PB 90 72.06 22.48 43.47
CA ALA PB 90 73.05 23.29 44.17
C ALA PB 90 73.90 24.09 43.19
N THR PB 91 74.27 23.46 42.07
CA THR PB 91 75.04 24.17 41.05
C THR PB 91 74.23 25.33 40.47
N ALA PB 92 72.94 25.10 40.22
CA ALA PB 92 72.08 26.17 39.72
C ALA PB 92 71.96 27.29 40.73
N ILE PB 93 71.86 26.95 42.03
CA ILE PB 93 71.78 27.96 43.08
C ILE PB 93 73.06 28.80 43.10
N ARG PB 94 74.22 28.13 43.01
CA ARG PB 94 75.49 28.87 43.03
C ARG PB 94 75.61 29.77 41.80
N GLY PB 95 75.22 29.27 40.63
CA GLY PB 95 75.28 30.10 39.44
C GLY PB 95 74.33 31.28 39.50
N ALA PB 96 73.14 31.08 40.07
CA ALA PB 96 72.20 32.17 40.23
C ALA PB 96 72.70 33.20 41.22
N ILE PB 97 73.36 32.76 42.29
CA ILE PB 97 73.98 33.69 43.22
C ILE PB 97 75.04 34.51 42.52
N ILE PB 98 75.86 33.86 41.70
CA ILE PB 98 76.90 34.58 40.97
C ILE PB 98 76.28 35.60 40.02
N LEU PB 99 75.23 35.21 39.29
CA LEU PB 99 74.62 36.12 38.33
C LEU PB 99 73.92 37.29 39.02
N ALA PB 100 73.27 37.03 40.16
CA ALA PB 100 72.67 38.12 40.93
C ALA PB 100 73.76 39.06 41.45
N LYS PB 101 74.89 38.51 41.87
CA LYS PB 101 76.02 39.33 42.31
C LYS PB 101 76.54 40.18 41.16
N LEU PB 102 76.50 39.63 39.94
CA LEU PB 102 77.01 40.38 38.79
C LEU PB 102 76.12 41.55 38.44
N SER PB 103 74.81 41.34 38.40
CA SER PB 103 73.87 42.39 38.01
C SER PB 103 73.30 43.12 39.21
N ILE PB 104 74.18 43.63 40.07
CA ILE PB 104 73.76 44.44 41.21
C ILE PB 104 73.63 45.88 40.75
N VAL PB 105 72.48 46.49 41.03
CA VAL PB 105 72.19 47.84 40.57
C VAL PB 105 71.83 48.72 41.76
N PRO PB 106 72.08 50.02 41.71
CA PRO PB 106 71.66 50.91 42.79
C PRO PB 106 70.19 51.23 42.70
N VAL PB 107 69.66 51.73 43.81
CA VAL PB 107 68.24 52.06 43.94
C VAL PB 107 68.12 53.52 44.37
N ARG PB 108 67.35 54.29 43.63
CA ARG PB 108 67.07 55.67 44.02
C ARG PB 108 65.84 55.69 44.92
N ARG PB 109 66.01 56.15 46.15
CA ARG PB 109 64.92 56.27 47.09
C ARG PB 109 64.50 57.73 47.19
N GLY PB 110 63.19 57.95 47.24
CA GLY PB 110 62.67 59.30 47.31
C GLY PB 110 61.71 59.50 48.47
N TYR PB 111 60.83 60.49 48.35
CA TYR PB 111 59.89 60.84 49.40
C TYR PB 111 58.50 61.00 48.80
N TRP PB 112 57.49 60.51 49.54
CA TRP PB 112 56.11 60.66 49.08
C TRP PB 112 55.66 62.11 49.16
N GLY PB 113 56.11 62.84 50.17
CA GLY PB 113 55.76 64.23 50.33
C GLY PB 113 56.29 64.80 51.63
N ASN PB 114 56.73 66.06 51.60
CA ASN PB 114 57.33 66.73 52.75
C ASN PB 114 58.54 65.94 53.27
N LYS PB 115 59.57 65.89 52.44
CA LYS PB 115 60.83 65.23 52.74
C LYS PB 115 61.35 65.63 54.12
N ILE PB 116 61.52 64.66 55.01
CA ILE PB 116 61.91 64.92 56.39
C ILE PB 116 63.29 64.33 56.70
N GLY PB 117 63.42 63.01 56.60
CA GLY PB 117 64.66 62.36 56.94
C GLY PB 117 65.24 61.52 55.83
N LYS PB 118 65.51 60.25 56.11
CA LYS PB 118 66.03 59.37 55.08
C LYS PB 118 64.93 59.06 54.06
N PRO PB 119 65.29 58.87 52.79
CA PRO PB 119 64.27 58.53 51.79
C PRO PB 119 63.70 57.15 52.04
N HIS PB 120 62.45 56.95 51.64
CA HIS PB 120 61.73 55.72 51.96
C HIS PB 120 61.02 55.08 50.78
N THR PB 121 60.74 55.82 49.72
CA THR PB 121 59.94 55.30 48.62
C THR PB 121 60.63 55.60 47.30
N VAL PB 122 60.02 55.15 46.21
CA VAL PB 122 60.56 55.42 44.87
C VAL PB 122 60.36 56.90 44.56
N PRO PB 123 61.26 57.54 43.80
CA PRO PB 123 61.07 58.97 43.51
C PRO PB 123 59.82 59.27 42.70
N CYS PB 124 59.39 58.34 41.85
CA CYS PB 124 58.21 58.54 41.02
C CYS PB 124 57.72 57.18 40.56
N LYS PB 125 56.54 57.15 39.94
CA LYS PB 125 55.97 55.90 39.47
C LYS PB 125 56.78 55.38 38.30
N VAL PB 126 57.43 54.24 38.50
CA VAL PB 126 58.23 53.61 37.47
C VAL PB 126 57.58 52.30 37.07
N THR PB 127 57.75 51.93 35.81
CA THR PB 127 57.12 50.73 35.26
C THR PB 127 58.18 49.79 34.72
N GLY PB 128 58.15 48.55 35.21
CA GLY PB 128 59.02 47.50 34.69
C GLY PB 128 58.26 46.64 33.70
N ARG PB 129 58.99 46.13 32.71
CA ARG PB 129 58.36 45.38 31.64
C ARG PB 129 59.20 44.17 31.30
N CYS PB 130 58.58 42.99 31.39
CA CYS PB 130 59.23 41.74 30.99
C CYS PB 130 58.17 40.79 30.48
N GLY PB 131 58.32 40.35 29.24
CA GLY PB 131 57.28 39.55 28.62
C GLY PB 131 55.98 40.32 28.56
N SER PB 132 54.90 39.70 29.00
CA SER PB 132 53.63 40.38 29.14
C SER PB 132 53.41 40.92 30.55
N VAL PB 133 54.38 40.74 31.44
CA VAL PB 133 54.25 41.19 32.82
C VAL PB 133 54.61 42.67 32.89
N LEU PB 134 53.68 43.48 33.36
CA LEU PB 134 53.89 44.91 33.55
C LEU PB 134 53.73 45.24 35.02
N VAL PB 135 54.77 45.80 35.62
CA VAL PB 135 54.81 46.08 37.05
C VAL PB 135 55.06 47.56 37.24
N ARG PB 136 54.24 48.21 38.08
CA ARG PB 136 54.33 49.63 38.35
C ARG PB 136 54.55 49.84 39.84
N LEU PB 137 55.41 50.79 40.19
CA LEU PB 137 55.76 51.07 41.58
C LEU PB 137 55.37 52.52 41.90
N ILE PB 138 54.28 52.68 42.64
CA ILE PB 138 53.77 54.00 42.98
C ILE PB 138 54.32 54.44 44.33
N PRO PB 139 54.84 55.66 44.46
CA PRO PB 139 55.29 56.13 45.77
C PRO PB 139 54.16 56.15 46.79
N ALA PB 140 54.51 55.84 48.03
CA ALA PB 140 53.54 55.71 49.11
C ALA PB 140 54.01 56.48 50.33
N PRO PB 141 53.09 56.96 51.17
CA PRO PB 141 53.49 57.70 52.36
C PRO PB 141 54.20 56.80 53.36
N ARG PB 142 54.85 57.45 54.33
CA ARG PB 142 55.65 56.75 55.33
C ARG PB 142 54.80 55.77 56.13
N GLY PB 143 55.36 54.58 56.38
CA GLY PB 143 54.72 53.61 57.23
C GLY PB 143 53.71 52.71 56.56
N THR PB 144 53.45 52.89 55.26
CA THR PB 144 52.49 52.02 54.59
C THR PB 144 53.05 50.63 54.32
N GLY PB 145 54.37 50.48 54.33
CA GLY PB 145 54.96 49.18 54.04
C GLY PB 145 54.95 48.89 52.55
N ILE PB 146 55.37 47.68 52.22
CA ILE PB 146 55.44 47.23 50.84
C ILE PB 146 54.19 46.40 50.54
N VAL PB 147 53.21 47.03 49.92
CA VAL PB 147 52.01 46.35 49.45
C VAL PB 147 52.26 45.90 48.01
N SER PB 148 52.23 44.59 47.81
CA SER PB 148 52.48 43.96 46.51
C SER PB 148 52.22 42.47 46.64
N ALA PB 149 52.49 41.75 45.56
CA ALA PB 149 52.57 40.30 45.61
C ALA PB 149 53.81 39.89 46.42
N PRO PB 150 53.80 38.69 47.00
CA PRO PB 150 54.93 38.30 47.86
C PRO PB 150 56.29 38.30 47.17
N VAL PB 151 56.34 37.83 45.92
CA VAL PB 151 57.60 37.72 45.19
C VAL PB 151 58.19 39.12 44.96
N PRO PB 152 57.44 40.11 44.50
CA PRO PB 152 58.00 41.48 44.52
C PRO PB 152 58.06 42.08 45.90
N LYS PB 153 57.27 41.60 46.86
CA LYS PB 153 57.35 42.13 48.22
C LYS PB 153 58.74 41.92 48.81
N LYS PB 154 59.25 40.70 48.71
CA LYS PB 154 60.58 40.42 49.26
C LYS PB 154 61.67 41.15 48.50
N LEU PB 155 61.54 41.27 47.17
CA LEU PB 155 62.53 42.00 46.38
C LEU PB 155 62.56 43.47 46.74
N LEU PB 156 61.39 44.10 46.88
CA LEU PB 156 61.34 45.49 47.31
C LEU PB 156 61.88 45.65 48.72
N MET PB 157 61.60 44.68 49.60
CA MET PB 157 62.10 44.75 50.97
C MET PB 157 63.62 44.73 50.99
N MET PB 158 64.23 43.76 50.32
CA MET PB 158 65.68 43.65 50.32
C MET PB 158 66.35 44.74 49.49
N ALA PB 159 65.58 45.52 48.74
CA ALA PB 159 66.14 46.63 47.99
C ALA PB 159 66.27 47.91 48.81
N GLY PB 160 65.85 47.87 50.08
CA GLY PB 160 65.87 49.05 50.92
C GLY PB 160 64.62 49.89 50.85
N ILE PB 161 63.68 49.56 49.97
CA ILE PB 161 62.43 50.31 49.89
C ILE PB 161 61.59 50.03 51.12
N ASP PB 162 61.01 51.08 51.70
CA ASP PB 162 60.23 50.94 52.91
C ASP PB 162 58.72 50.95 52.64
N ASP PB 163 58.25 51.88 51.81
CA ASP PB 163 56.84 52.03 51.52
C ASP PB 163 56.64 52.26 50.04
N CYS PB 164 55.73 51.50 49.43
CA CYS PB 164 55.46 51.61 48.00
C CYS PB 164 54.18 50.90 47.61
N TYR PB 165 53.36 51.54 46.77
CA TYR PB 165 52.21 50.87 46.17
C TYR PB 165 52.65 50.17 44.89
N THR PB 166 51.99 49.07 44.57
CA THR PB 166 52.35 48.26 43.42
C THR PB 166 51.11 47.82 42.67
N SER PB 167 51.17 47.89 41.34
CA SER PB 167 50.15 47.34 40.46
C SER PB 167 50.82 46.51 39.39
N ALA PB 168 50.37 45.27 39.25
CA ALA PB 168 50.97 44.32 38.33
C ALA PB 168 49.93 43.80 37.33
N ARG PB 169 50.29 43.85 36.06
CA ARG PB 169 49.45 43.32 34.99
C ARG PB 169 50.22 42.28 34.21
N GLY PB 170 49.52 41.25 33.75
CA GLY PB 170 50.10 40.20 32.95
C GLY PB 170 50.00 38.85 33.64
N CYS PB 171 50.67 37.86 33.04
CA CYS PB 171 50.69 36.50 33.56
C CYS PB 171 51.67 36.45 34.73
N THR PB 172 51.23 36.97 35.88
CA THR PB 172 52.08 37.04 37.06
C THR PB 172 52.39 35.68 37.65
N ALA PB 173 51.68 34.63 37.23
CA ALA PB 173 52.05 33.28 37.65
C ALA PB 173 53.44 32.90 37.14
N THR PB 174 53.85 33.47 36.01
CA THR PB 174 55.19 33.30 35.50
C THR PB 174 56.16 34.01 36.43
N LEU PB 175 56.80 33.25 37.31
CA LEU PB 175 57.61 33.86 38.36
C LEU PB 175 58.86 34.53 37.80
N GLY PB 176 59.48 33.95 36.79
CA GLY PB 176 60.70 34.53 36.26
C GLY PB 176 60.46 35.89 35.63
N ASN PB 177 59.48 35.99 34.74
CA ASN PB 177 59.17 37.27 34.12
C ASN PB 177 58.63 38.26 35.14
N PHE PB 178 57.84 37.79 36.10
CA PHE PB 178 57.29 38.67 37.12
C PHE PB 178 58.41 39.28 37.97
N ALA PB 179 59.41 38.49 38.34
CA ALA PB 179 60.53 39.02 39.10
C ALA PB 179 61.40 39.94 38.24
N LYS PB 180 61.60 39.56 36.97
CA LYS PB 180 62.44 40.38 36.10
C LYS PB 180 61.81 41.74 35.82
N ALA PB 181 60.48 41.80 35.70
CA ALA PB 181 59.83 43.09 35.50
C ALA PB 181 59.98 43.99 36.72
N THR PB 182 59.86 43.42 37.92
CA THR PB 182 60.09 44.21 39.12
C THR PB 182 61.53 44.68 39.20
N PHE PB 183 62.48 43.83 38.81
CA PHE PB 183 63.87 44.25 38.77
C PHE PB 183 64.08 45.40 37.80
N ASP PB 184 63.45 45.32 36.63
CA ASP PB 184 63.57 46.40 35.65
C ASP PB 184 62.97 47.69 36.18
N ALA PB 185 61.84 47.59 36.88
CA ALA PB 185 61.24 48.77 37.49
C ALA PB 185 62.18 49.37 38.53
N ILE PB 186 62.81 48.52 39.35
CA ILE PB 186 63.76 48.98 40.34
C ILE PB 186 64.99 49.57 39.66
N SER PB 187 65.43 48.96 38.56
CA SER PB 187 66.66 49.39 37.90
C SER PB 187 66.54 50.80 37.34
N LYS PB 188 65.39 51.16 36.79
CA LYS PB 188 65.23 52.43 36.11
C LYS PB 188 64.85 53.57 37.06
N THR PB 189 65.14 53.42 38.35
CA THR PB 189 64.91 54.53 39.28
C THR PB 189 65.81 55.72 38.98
N TYR PB 190 67.07 55.48 38.61
CA TYR PB 190 67.96 56.56 38.23
C TYR PB 190 67.85 56.97 36.78
N SER PB 191 67.46 56.05 35.89
CA SER PB 191 67.29 56.41 34.49
C SER PB 191 66.15 57.40 34.29
N TYR PB 192 65.28 57.57 35.28
CA TYR PB 192 64.22 58.56 35.20
C TYR PB 192 64.75 59.91 35.62
N LEU PB 193 64.63 60.89 34.73
CA LEU PB 193 65.13 62.24 34.99
C LEU PB 193 64.11 63.01 35.81
N THR PB 194 64.60 63.73 36.82
CA THR PB 194 63.80 64.58 37.68
C THR PB 194 64.42 65.96 37.75
N PRO PB 195 63.62 66.99 38.03
CA PRO PB 195 64.16 68.36 38.01
C PRO PB 195 65.29 68.61 39.00
N ASP PB 196 65.39 67.84 40.09
CA ASP PB 196 66.52 68.00 40.99
C ASP PB 196 67.84 67.61 40.35
N LEU PB 197 67.81 66.73 39.34
CA LEU PB 197 69.01 66.29 38.64
C LEU PB 197 69.34 67.17 37.44
N TRP PB 198 68.60 68.25 37.25
CA TRP PB 198 68.80 69.13 36.10
C TRP PB 198 70.13 69.88 36.15
N LYS PB 199 70.81 69.88 37.30
CA LYS PB 199 72.10 70.54 37.40
C LYS PB 199 73.09 69.94 36.41
N GLU PB 200 73.86 70.80 35.76
CA GLU PB 200 74.81 70.34 34.76
C GLU PB 200 75.88 69.48 35.43
N THR PB 201 76.15 68.33 34.84
CA THR PB 201 77.02 67.35 35.48
C THR PB 201 78.49 67.77 35.37
N VAL PB 202 79.21 67.66 36.49
CA VAL PB 202 80.64 67.86 36.51
C VAL PB 202 81.33 66.52 36.36
N PHE PB 203 82.35 66.47 35.51
CA PHE PB 203 83.00 65.22 35.14
C PHE PB 203 84.28 65.03 35.95
N THR PB 204 84.44 63.83 36.49
CA THR PB 204 85.67 63.43 37.17
C THR PB 204 86.44 62.47 36.28
N LYS PB 205 87.70 62.23 36.66
CA LYS PB 205 88.51 61.28 35.93
C LYS PB 205 87.96 59.87 36.11
N SER PB 206 87.92 59.13 35.00
CA SER PB 206 87.54 57.72 35.07
C SER PB 206 88.57 56.95 35.86
N PRO PB 207 88.15 55.89 36.56
CA PRO PB 207 89.14 55.08 37.32
C PRO PB 207 90.23 54.49 36.46
N TYR PB 208 89.95 54.19 35.19
CA TYR PB 208 90.97 53.64 34.31
C TYR PB 208 92.11 54.63 34.08
N GLN PB 209 91.78 55.89 33.78
CA GLN PB 209 92.82 56.88 33.52
C GLN PB 209 93.41 57.48 34.79
N GLU PB 210 92.66 57.50 35.89
CA GLU PB 210 93.19 58.05 37.12
C GLU PB 210 94.25 57.14 37.73
N PHE PB 211 94.21 55.85 37.39
CA PHE PB 211 95.13 54.87 37.95
C PHE PB 211 95.82 54.05 36.87
N THR PB 212 95.91 54.59 35.65
CA THR PB 212 96.57 53.85 34.59
C THR PB 212 98.06 53.68 34.86
N ASP PB 213 98.69 54.65 35.51
CA ASP PB 213 100.06 54.49 35.96
C ASP PB 213 100.19 53.34 36.96
N HIS PB 214 99.25 53.24 37.90
CA HIS PB 214 99.22 52.10 38.80
C HIS PB 214 98.83 50.82 38.08
N LEU PB 215 97.98 50.95 37.04
CA LEU PB 215 97.58 49.78 36.27
C LEU PB 215 98.75 49.15 35.53
N VAL PB 216 99.64 49.96 34.97
CA VAL PB 216 100.76 49.44 34.20
C VAL PB 216 101.69 48.62 35.08
N LYS PB 217 101.97 49.11 36.29
CA LYS PB 217 102.98 48.47 37.14
C LYS PB 217 102.56 47.06 37.56
N THR PB 218 101.35 46.91 38.09
CA THR PB 218 100.94 45.62 38.64
C THR PB 218 100.18 44.78 37.63
N HIS PB 219 99.05 45.30 37.13
CA HIS PB 219 98.21 44.55 36.19
C HIS PB 219 98.76 44.77 34.79
N THR PB 220 99.87 44.11 34.51
CA THR PB 220 100.55 44.25 33.22
C THR PB 220 99.74 43.62 32.09
N ALA QB 1 -1.79 60.10 55.40
CA ALA QB 1 -2.59 60.06 56.62
C ALA QB 1 -4.01 60.54 56.35
N ARG QB 2 -4.87 60.44 57.36
CA ARG QB 2 -6.26 60.87 57.23
C ARG QB 2 -6.59 62.08 58.08
N GLY QB 3 -5.58 62.81 58.56
CA GLY QB 3 -5.81 64.00 59.34
C GLY QB 3 -4.53 64.57 59.90
N PRO QB 4 -4.65 65.56 60.79
CA PRO QB 4 -3.46 66.18 61.37
C PRO QB 4 -2.65 65.19 62.20
N LYS QB 5 -1.34 65.33 62.12
CA LYS QB 5 -0.44 64.51 62.91
C LYS QB 5 -0.30 65.10 64.31
N LYS QB 6 -0.59 64.29 65.32
CA LYS QB 6 -0.50 64.73 66.71
C LYS QB 6 0.56 63.93 67.47
N HIS QB 7 1.60 63.49 66.77
CA HIS QB 7 2.76 62.87 67.39
C HIS QB 7 4.02 63.49 66.83
N LEU QB 8 5.14 63.19 67.48
CA LEU QB 8 6.46 63.63 67.00
C LEU QB 8 7.51 62.70 67.55
N LYS QB 9 8.31 62.12 66.67
CA LYS QB 9 9.33 61.16 67.07
C LYS QB 9 10.47 61.87 67.79
N ARG QB 10 11.21 61.12 68.60
CA ARG QB 10 12.31 61.70 69.37
C ARG QB 10 13.43 62.17 68.46
N VAL QB 11 13.88 61.32 67.54
CA VAL QB 11 15.01 61.67 66.70
C VAL QB 11 14.64 62.69 65.63
N ALA QB 12 13.35 62.86 65.33
CA ALA QB 12 12.91 63.82 64.34
C ALA QB 12 12.61 65.20 64.93
N ALA QB 13 12.91 65.40 66.21
CA ALA QB 13 12.65 66.68 66.85
C ALA QB 13 13.58 67.76 66.28
N PRO QB 14 13.23 69.03 66.46
CA PRO QB 14 14.15 70.11 66.05
C PRO QB 14 15.50 69.98 66.73
N LYS QB 15 16.56 70.23 65.95
CA LYS QB 15 17.91 69.98 66.44
C LYS QB 15 18.27 70.92 67.59
N HIS QB 16 17.78 72.17 67.54
CA HIS QB 16 18.12 73.13 68.58
C HIS QB 16 17.49 72.79 69.93
N TRP QB 17 16.55 71.83 69.98
CA TRP QB 17 16.04 71.38 71.25
C TRP QB 17 17.07 70.60 72.05
N MET QB 18 18.09 70.07 71.38
CA MET QB 18 19.19 69.33 72.02
C MET QB 18 18.70 68.11 72.77
N LEU QB 19 17.60 67.51 72.30
CA LEU QB 19 17.07 66.30 72.91
C LEU QB 19 17.98 65.12 72.63
N ASP QB 20 18.18 64.28 73.63
CA ASP QB 20 19.00 63.08 73.48
C ASP QB 20 18.13 61.94 72.97
N LYS QB 21 18.75 60.83 72.61
CA LYS QB 21 18.05 59.74 71.93
C LYS QB 21 17.58 58.63 72.86
N LEU QB 22 18.28 58.37 73.95
CA LEU QB 22 18.01 57.18 74.75
C LEU QB 22 16.93 57.41 75.81
N THR QB 23 16.48 58.64 76.04
CA THR QB 23 15.49 58.87 77.08
C THR QB 23 14.09 58.40 76.67
N GLY QB 24 13.68 58.66 75.43
CA GLY QB 24 12.33 58.33 75.05
C GLY QB 24 12.20 58.12 73.56
N VAL QB 25 10.96 57.81 73.15
CA VAL QB 25 10.66 57.50 71.76
C VAL QB 25 10.04 58.72 71.09
N PHE QB 26 9.27 59.48 71.86
CA PHE QB 26 8.50 60.59 71.32
C PHE QB 26 9.03 61.92 71.81
N ALA QB 27 8.73 62.95 71.04
CA ALA QB 27 9.05 64.34 71.33
C ALA QB 27 7.83 65.03 71.92
N PRO QB 28 8.02 66.18 72.58
CA PRO QB 28 6.88 66.89 73.18
C PRO QB 28 5.74 67.18 72.23
N ARG QB 29 6.01 67.48 70.95
CA ARG QB 29 5.01 67.84 69.95
C ARG QB 29 4.15 68.98 70.48
N PRO QB 30 4.68 70.20 70.51
CA PRO QB 30 3.91 71.31 71.08
C PRO QB 30 2.65 71.60 70.27
N SER QB 31 1.63 72.09 70.96
CA SER QB 31 0.39 72.44 70.29
C SER QB 31 0.61 73.69 69.43
N THR QB 32 -0.42 74.03 68.66
CA THR QB 32 -0.35 75.21 67.82
C THR QB 32 -0.28 76.47 68.67
N GLY QB 33 0.41 77.48 68.15
CA GLY QB 33 0.61 78.70 68.91
C GLY QB 33 1.11 79.85 68.05
N PRO QB 34 1.60 80.90 68.70
CA PRO QB 34 2.08 82.07 67.96
C PRO QB 34 3.29 81.80 67.09
N HIS QB 35 4.02 80.71 67.35
CA HIS QB 35 5.24 80.40 66.62
C HIS QB 35 5.17 78.99 66.04
N LYS QB 36 5.88 78.78 64.94
CA LYS QB 36 5.95 77.46 64.34
C LYS QB 36 6.68 76.49 65.26
N LEU QB 37 6.31 75.21 65.18
CA LEU QB 37 6.91 74.22 66.06
C LEU QB 37 8.39 73.98 65.76
N ARG QB 38 8.83 74.34 64.56
CA ARG QB 38 10.26 74.22 64.24
C ARG QB 38 11.11 75.15 65.08
N GLU QB 39 10.71 76.41 65.22
CA GLU QB 39 11.53 77.40 65.90
C GLU QB 39 10.94 77.83 67.24
N CYS QB 40 10.26 76.92 67.93
CA CYS QB 40 9.77 77.22 69.27
C CYS QB 40 10.55 76.40 70.29
N LEU QB 41 10.26 76.67 71.57
CA LEU QB 41 10.80 75.90 72.67
C LEU QB 41 9.66 75.58 73.62
N PRO QB 42 9.11 74.36 73.58
CA PRO QB 42 8.00 74.02 74.47
C PRO QB 42 8.38 74.14 75.93
N LEU QB 43 7.40 74.51 76.75
CA LEU QB 43 7.64 74.77 78.17
C LEU QB 43 8.20 73.55 78.90
N ILE QB 44 7.81 72.34 78.50
CA ILE QB 44 8.27 71.14 79.20
C ILE QB 44 9.78 71.02 79.13
N ILE QB 45 10.37 71.14 77.94
CA ILE QB 45 11.81 71.01 77.84
C ILE QB 45 12.54 72.23 78.38
N PHE QB 46 12.01 73.45 78.19
CA PHE QB 46 12.63 74.64 78.74
C PHE QB 46 12.71 74.57 80.27
N LEU QB 47 11.72 73.94 80.90
CA LEU QB 47 11.73 73.82 82.36
C LEU QB 47 12.34 72.52 82.87
N ARG QB 48 12.55 71.53 82.00
CA ARG QB 48 13.12 70.27 82.45
C ARG QB 48 14.59 70.09 82.11
N ASN QB 49 15.02 70.45 80.90
CA ASN QB 49 16.37 70.20 80.45
C ASN QB 49 17.26 71.43 80.43
N ARG QB 50 16.67 72.63 80.52
CA ARG QB 50 17.48 73.84 80.61
C ARG QB 50 17.64 74.31 82.04
N LEU QB 51 16.55 74.41 82.79
CA LEU QB 51 16.59 74.83 84.18
C LEU QB 51 16.61 73.67 85.16
N LYS QB 52 16.16 72.49 84.75
CA LYS QB 52 16.05 71.32 85.61
C LYS QB 52 15.22 71.59 86.86
N TYR QB 53 14.24 72.49 86.74
CA TYR QB 53 13.25 72.64 87.80
C TYR QB 53 12.42 71.38 87.95
N ALA QB 54 12.19 70.66 86.85
CA ALA QB 54 11.41 69.44 86.86
C ALA QB 54 12.25 68.30 86.30
N LEU QB 55 11.86 67.08 86.64
CA LEU QB 55 12.54 65.88 86.16
C LEU QB 55 11.71 65.08 85.17
N THR QB 56 10.38 65.15 85.24
CA THR QB 56 9.51 64.42 84.34
C THR QB 56 8.45 65.36 83.80
N GLY QB 57 7.66 64.85 82.86
CA GLY QB 57 6.54 65.62 82.35
C GLY QB 57 5.48 65.88 83.41
N ASP QB 58 5.30 64.95 84.34
CA ASP QB 58 4.33 65.16 85.40
C ASP QB 58 4.73 66.30 86.30
N GLU QB 59 6.03 66.43 86.61
CA GLU QB 59 6.47 67.52 87.48
C GLU QB 59 6.25 68.87 86.84
N VAL QB 60 6.60 69.03 85.56
CA VAL QB 60 6.35 70.29 84.89
C VAL QB 60 4.86 70.53 84.70
N LYS QB 61 4.06 69.46 84.58
CA LYS QB 61 2.61 69.62 84.54
C LYS QB 61 2.10 70.20 85.86
N LYS QB 62 2.59 69.67 86.98
CA LYS QB 62 2.18 70.20 88.28
C LYS QB 62 2.64 71.64 88.45
N ILE QB 63 3.83 71.96 87.95
CA ILE QB 63 4.31 73.34 88.02
C ILE QB 63 3.38 74.26 87.23
N CYS QB 64 3.00 73.84 86.02
CA CYS QB 64 2.15 74.67 85.18
C CYS QB 64 0.75 74.82 85.76
N MET QB 65 0.20 73.75 86.33
CA MET QB 65 -1.15 73.81 86.87
C MET QB 65 -1.25 74.72 88.09
N GLN QB 66 -0.13 74.96 88.77
CA GLN QB 66 -0.12 75.87 89.92
C GLN QB 66 -0.04 77.33 89.51
N ARG QB 67 -0.04 77.61 88.21
CA ARG QB 67 -0.22 78.96 87.67
C ARG QB 67 0.90 79.90 88.10
N PHE QB 68 2.13 79.39 88.09
CA PHE QB 68 3.30 80.22 88.34
C PHE QB 68 3.97 80.71 87.08
N ILE QB 69 3.71 80.07 85.93
CA ILE QB 69 4.39 80.39 84.69
C ILE QB 69 3.60 81.48 83.98
N LYS QB 70 4.19 82.67 83.86
CA LYS QB 70 3.60 83.77 83.11
C LYS QB 70 4.48 84.05 81.90
N ILE QB 71 3.87 84.01 80.72
CA ILE QB 71 4.56 84.32 79.47
C ILE QB 71 3.83 85.50 78.82
N ASP QB 72 4.59 86.54 78.50
CA ASP QB 72 4.06 87.77 77.90
C ASP QB 72 2.98 88.40 78.77
N GLY QB 73 3.10 88.26 80.08
CA GLY QB 73 2.15 88.84 81.00
C GLY QB 73 0.88 88.05 81.21
N LYS QB 74 0.77 86.86 80.64
CA LYS QB 74 -0.42 86.02 80.80
C LYS QB 74 -0.02 84.65 81.31
N VAL QB 75 -0.85 84.09 82.17
CA VAL QB 75 -0.59 82.79 82.77
C VAL QB 75 -0.96 81.70 81.77
N ARG QB 76 -0.01 80.81 81.48
CA ARG QB 76 -0.24 79.67 80.61
C ARG QB 76 0.06 78.39 81.38
N THR QB 77 -0.88 77.45 81.36
CA THR QB 77 -0.72 76.18 82.03
C THR QB 77 -0.40 75.04 81.07
N ASP QB 78 -0.18 75.34 79.79
CA ASP QB 78 0.07 74.29 78.81
C ASP QB 78 1.46 73.71 79.00
N ILE QB 79 1.53 72.38 79.06
CA ILE QB 79 2.82 71.70 79.19
C ILE QB 79 3.62 71.82 77.89
N THR QB 80 2.94 71.90 76.75
CA THR QB 80 3.58 71.93 75.44
C THR QB 80 3.26 73.22 74.69
N TYR QB 81 3.33 74.36 75.37
CA TYR QB 81 3.06 75.62 74.71
C TYR QB 81 4.30 76.05 73.92
N PRO QB 82 4.16 76.37 72.64
CA PRO QB 82 5.32 76.85 71.88
C PRO QB 82 5.74 78.25 72.26
N ALA QB 83 6.88 78.38 72.95
CA ALA QB 83 7.33 79.70 73.40
C ALA QB 83 7.67 80.61 72.23
N GLY QB 84 8.70 80.27 71.47
CA GLY QB 84 9.08 81.08 70.34
C GLY QB 84 10.18 82.07 70.63
N PHE QB 85 10.09 83.21 69.95
CA PHE QB 85 11.17 84.19 69.94
C PHE QB 85 10.91 85.33 70.91
N MET QB 86 11.86 85.56 71.81
CA MET QB 86 11.92 86.72 72.71
C MET QB 86 10.61 86.96 73.47
N ASP QB 87 9.91 85.88 73.79
CA ASP QB 87 8.78 85.96 74.71
C ASP QB 87 9.30 85.86 76.14
N VAL QB 88 8.89 86.81 76.98
CA VAL QB 88 9.38 86.89 78.35
C VAL QB 88 8.77 85.77 79.16
N ILE QB 89 9.61 84.97 79.80
CA ILE QB 89 9.17 83.93 80.71
C ILE QB 89 9.30 84.46 82.13
N SER QB 90 8.17 84.89 82.70
CA SER QB 90 8.15 85.51 84.02
C SER QB 90 7.66 84.49 85.05
N ILE QB 91 8.46 84.26 86.07
CA ILE QB 91 8.10 83.39 87.18
C ILE QB 91 8.12 84.24 88.44
N ASP QB 92 6.95 84.41 89.05
CA ASP QB 92 6.79 85.38 90.13
C ASP QB 92 7.17 84.84 91.50
N LYS QB 93 6.93 83.55 91.77
CA LYS QB 93 7.22 83.00 93.09
C LYS QB 93 8.72 83.02 93.37
N THR QB 94 9.53 82.60 92.41
CA THR QB 94 10.97 82.64 92.56
C THR QB 94 11.57 83.96 92.07
N GLY QB 95 10.79 84.80 91.39
CA GLY QB 95 11.20 86.15 91.06
C GLY QB 95 12.34 86.31 90.09
N GLU QB 96 12.36 85.54 88.99
CA GLU QB 96 13.31 85.77 87.92
C GLU QB 96 12.58 85.73 86.59
N ASN QB 97 13.18 86.41 85.60
CA ASN QB 97 12.57 86.61 84.30
C ASN QB 97 13.54 86.17 83.22
N PHE QB 98 13.01 85.58 82.15
CA PHE QB 98 13.82 85.08 81.06
C PHE QB 98 13.33 85.63 79.73
N ARG QB 99 14.27 86.04 78.89
CA ARG QB 99 13.99 86.41 77.51
C ARG QB 99 14.61 85.36 76.59
N LEU QB 100 13.77 84.69 75.80
CA LEU QB 100 14.22 83.55 75.01
C LEU QB 100 14.92 84.08 73.75
N ILE QB 101 16.25 84.02 73.77
CA ILE QB 101 17.08 84.58 72.70
C ILE QB 101 18.04 83.51 72.22
N TYR QB 102 18.19 83.39 70.90
CA TYR QB 102 19.17 82.47 70.32
C TYR QB 102 20.58 82.88 70.74
N ASP QB 103 21.42 81.87 70.96
CA ASP QB 103 22.82 82.10 71.28
C ASP QB 103 23.62 82.28 69.99
N THR QB 104 24.95 82.30 70.10
CA THR QB 104 25.79 82.32 68.91
C THR QB 104 25.66 81.04 68.10
N LYS QB 105 25.33 79.92 68.75
CA LYS QB 105 25.19 78.63 68.09
C LYS QB 105 23.77 78.38 67.60
N GLY QB 106 22.93 79.41 67.61
CA GLY QB 106 21.56 79.30 67.12
C GLY QB 106 20.67 78.42 67.97
N ARG QB 107 20.85 78.42 69.28
CA ARG QB 107 20.01 77.67 70.20
C ARG QB 107 19.51 78.59 71.30
N PHE QB 108 18.28 78.33 71.75
CA PHE QB 108 17.68 79.16 72.78
C PHE QB 108 18.42 78.97 74.09
N ALA QB 109 19.09 80.02 74.54
CA ALA QB 109 19.89 79.97 75.76
C ALA QB 109 19.14 80.58 76.93
N VAL QB 110 19.63 80.29 78.14
CA VAL QB 110 19.02 80.78 79.36
C VAL QB 110 19.55 82.20 79.60
N HIS QB 111 18.76 83.20 79.24
CA HIS QB 111 19.10 84.60 79.46
C HIS QB 111 18.20 85.16 80.54
N ARG QB 112 18.78 85.91 81.47
CA ARG QB 112 18.05 86.44 82.62
C ARG QB 112 17.89 87.94 82.47
N ILE QB 113 16.67 88.43 82.74
CA ILE QB 113 16.35 89.83 82.55
C ILE QB 113 15.68 90.39 83.80
N THR QB 114 15.84 91.69 83.99
CA THR QB 114 15.24 92.37 85.12
C THR QB 114 13.74 92.60 84.86
N PRO QB 115 12.94 92.74 85.92
CA PRO QB 115 11.49 92.94 85.71
C PRO QB 115 11.14 94.17 84.90
N GLU QB 116 11.88 95.27 85.09
CA GLU QB 116 11.55 96.49 84.35
C GLU QB 116 11.84 96.33 82.85
N GLU QB 117 12.88 95.57 82.51
CA GLU QB 117 13.09 95.24 81.10
C GLU QB 117 12.04 94.26 80.60
N ALA QB 118 11.62 93.33 81.47
CA ALA QB 118 10.64 92.33 81.11
C ALA QB 118 9.27 92.92 80.78
N LYS QB 119 9.00 94.16 81.19
CA LYS QB 119 7.69 94.76 80.93
C LYS QB 119 7.44 95.03 79.46
N TYR QB 120 8.49 95.22 78.66
CA TYR QB 120 8.34 95.49 77.24
C TYR QB 120 8.86 94.33 76.41
N LYS QB 121 8.50 94.35 75.13
CA LYS QB 121 8.82 93.24 74.24
C LYS QB 121 8.85 93.74 72.80
N LEU QB 122 9.82 93.26 72.04
CA LEU QB 122 9.96 93.61 70.63
C LEU QB 122 9.22 92.60 69.75
N CYS QB 123 8.68 93.10 68.64
CA CYS QB 123 8.03 92.26 67.65
C CYS QB 123 8.37 92.77 66.26
N LYS QB 124 8.37 91.86 65.29
CA LYS QB 124 8.59 92.19 63.89
C LYS QB 124 7.25 92.10 63.17
N VAL QB 125 6.80 93.21 62.59
CA VAL QB 125 5.57 93.21 61.83
C VAL QB 125 5.73 92.34 60.59
N ARG QB 126 4.71 91.55 60.29
CA ARG QB 126 4.76 90.64 59.16
C ARG QB 126 3.87 91.06 58.01
N LYS QB 127 2.77 91.77 58.28
CA LYS QB 127 1.95 92.34 57.23
C LYS QB 127 1.12 93.48 57.82
N ILE QB 128 0.95 94.53 57.02
CA ILE QB 128 0.13 95.68 57.38
C ILE QB 128 -0.98 95.79 56.35
N PHE QB 129 -2.22 95.74 56.82
CA PHE QB 129 -3.38 95.82 55.95
C PHE QB 129 -4.45 96.66 56.59
N VAL QB 130 -5.32 97.21 55.77
CA VAL QB 130 -6.45 97.99 56.24
C VAL QB 130 -7.70 97.12 56.22
N GLY QB 131 -8.48 97.17 57.30
CA GLY QB 131 -9.69 96.39 57.42
C GLY QB 131 -10.93 97.22 57.21
N THR QB 132 -12.03 96.73 57.76
CA THR QB 132 -13.32 97.38 57.59
C THR QB 132 -13.30 98.78 58.22
N LYS QB 133 -14.16 99.66 57.69
CA LYS QB 133 -14.27 101.06 58.10
C LYS QB 133 -12.97 101.82 57.91
N GLY QB 134 -12.09 101.33 57.04
CA GLY QB 134 -10.81 101.99 56.82
C GLY QB 134 -9.90 101.97 58.03
N ILE QB 135 -9.88 100.87 58.77
CA ILE QB 135 -9.08 100.73 59.98
C ILE QB 135 -7.80 99.99 59.61
N PRO QB 136 -6.62 100.59 59.80
CA PRO QB 136 -5.38 99.87 59.57
C PRO QB 136 -5.19 98.78 60.61
N HIS QB 137 -4.44 97.76 60.21
CA HIS QB 137 -4.18 96.63 61.09
C HIS QB 137 -2.72 96.23 60.97
N LEU QB 138 -2.20 95.58 62.01
CA LEU QB 138 -0.80 95.20 62.05
C LEU QB 138 -0.70 93.77 62.57
N VAL QB 139 0.07 92.94 61.88
CA VAL QB 139 0.31 91.56 62.29
C VAL QB 139 1.79 91.42 62.61
N THR QB 140 2.09 90.94 63.81
CA THR QB 140 3.46 90.84 64.28
C THR QB 140 4.09 89.53 63.80
N HIS QB 141 5.33 89.29 64.21
CA HIS QB 141 5.96 88.00 63.98
C HIS QB 141 5.30 86.89 64.79
N ASP QB 142 4.63 87.25 65.88
CA ASP QB 142 3.76 86.33 66.59
C ASP QB 142 2.37 86.37 65.94
N ALA QB 143 1.43 85.61 66.49
CA ALA QB 143 0.05 85.68 66.01
C ALA QB 143 -0.68 86.90 66.51
N ARG QB 144 -0.08 87.67 67.42
CA ARG QB 144 -0.75 88.83 67.99
C ARG QB 144 -0.91 89.92 66.95
N THR QB 145 -2.12 90.48 66.88
CA THR QB 145 -2.43 91.55 65.95
C THR QB 145 -3.07 92.70 66.70
N ILE QB 146 -2.89 93.92 66.19
CA ILE QB 146 -3.39 95.12 66.83
C ILE QB 146 -4.04 96.02 65.78
N ARG QB 147 -4.84 96.97 66.26
CA ARG QB 147 -5.46 97.98 65.43
C ARG QB 147 -4.85 99.34 65.74
N TYR QB 148 -4.94 100.23 64.74
CA TYR QB 148 -4.44 101.60 64.80
C TYR QB 148 -2.95 101.65 65.13
N PRO QB 149 -2.08 101.20 64.23
CA PRO QB 149 -0.64 101.36 64.46
C PRO QB 149 -0.15 102.70 63.94
N ASP QB 150 1.11 103.03 64.18
CA ASP QB 150 1.67 104.25 63.64
C ASP QB 150 1.82 104.11 62.13
N PRO QB 151 1.28 105.04 61.34
CA PRO QB 151 1.37 104.90 59.88
C PRO QB 151 2.78 104.90 59.34
N LEU QB 152 3.75 105.45 60.07
CA LEU QB 152 5.13 105.41 59.61
C LEU QB 152 5.75 104.03 59.73
N ILE QB 153 5.08 103.09 60.37
CA ILE QB 153 5.54 101.71 60.39
C ILE QB 153 5.22 101.05 59.05
N LYS QB 154 6.25 100.48 58.43
CA LYS QB 154 6.08 99.69 57.22
C LYS QB 154 6.26 98.20 57.54
N VAL QB 155 6.25 97.37 56.51
CA VAL QB 155 6.37 95.93 56.69
C VAL QB 155 7.77 95.60 57.24
N ASN QB 156 7.88 94.43 57.86
CA ASN QB 156 9.12 93.85 58.43
C ASN QB 156 10.02 94.87 59.11
N ASP QB 157 9.39 95.75 59.90
CA ASP QB 157 10.07 96.58 60.87
C ASP QB 157 9.90 95.98 62.26
N THR QB 158 10.59 96.57 63.23
CA THR QB 158 10.54 96.11 64.61
C THR QB 158 9.86 97.17 65.47
N ILE QB 159 8.89 96.74 66.27
CA ILE QB 159 8.11 97.63 67.13
C ILE QB 159 8.38 97.25 68.59
N GLN QB 160 8.23 98.24 69.47
CA GLN QB 160 8.36 98.05 70.90
C GLN QB 160 6.95 97.91 71.48
N ILE QB 161 6.69 96.76 72.11
CA ILE QB 161 5.39 96.48 72.69
C ILE QB 161 5.58 96.27 74.19
N ASP QB 162 4.93 97.12 74.99
CA ASP QB 162 4.89 96.91 76.43
C ASP QB 162 3.81 95.90 76.78
N LEU QB 163 4.13 94.99 77.69
CA LEU QB 163 3.18 93.95 78.04
C LEU QB 163 2.04 94.52 78.87
N GLU QB 164 1.00 93.70 79.04
CA GLU QB 164 -0.23 93.99 79.79
C GLU QB 164 -1.10 95.00 79.07
N THR QB 165 -0.61 95.55 77.97
CA THR QB 165 -1.36 96.49 77.15
C THR QB 165 -1.40 96.08 75.68
N GLY QB 166 -0.29 95.60 75.13
CA GLY QB 166 -0.23 95.28 73.74
C GLY QB 166 -0.19 96.48 72.82
N LYS QB 167 0.05 97.67 73.34
CA LYS QB 167 0.08 98.88 72.53
C LYS QB 167 1.49 99.23 72.11
N ILE QB 168 1.58 100.13 71.14
CA ILE QB 168 2.86 100.50 70.53
C ILE QB 168 3.43 101.69 71.28
N THR QB 169 4.65 101.54 71.80
CA THR QB 169 5.35 102.62 72.45
C THR QB 169 6.46 103.22 71.59
N ASP QB 170 7.17 102.38 70.83
CA ASP QB 170 8.23 102.84 69.97
C ASP QB 170 8.46 101.78 68.90
N PHE QB 171 9.24 102.14 67.88
CA PHE QB 171 9.54 101.21 66.81
C PHE QB 171 10.82 101.62 66.09
N ILE QB 172 11.47 100.64 65.48
CA ILE QB 172 12.71 100.85 64.73
C ILE QB 172 12.44 100.48 63.28
N LYS QB 173 12.77 101.40 62.38
CA LYS QB 173 12.60 101.16 60.95
C LYS QB 173 13.61 100.12 60.46
N PHE QB 174 13.27 99.45 59.37
CA PHE QB 174 14.23 98.61 58.66
C PHE QB 174 15.01 99.49 57.71
N ASP QB 175 16.28 99.73 58.02
CA ASP QB 175 17.10 100.64 57.23
C ASP QB 175 18.56 100.20 57.31
N THR QB 176 19.33 100.67 56.34
CA THR QB 176 20.77 100.39 56.30
C THR QB 176 21.46 100.97 57.52
N GLY QB 177 22.31 100.17 58.14
CA GLY QB 177 23.02 100.58 59.33
C GLY QB 177 22.33 100.30 60.64
N ASN QB 178 21.35 99.40 60.65
CA ASN QB 178 20.58 99.09 61.85
C ASN QB 178 21.05 97.77 62.45
N LEU QB 179 21.10 97.73 63.78
CA LEU QB 179 21.44 96.49 64.47
C LEU QB 179 20.31 95.48 64.33
N CYS QB 180 20.66 94.24 63.98
CA CYS QB 180 19.67 93.22 63.69
C CYS QB 180 20.11 91.90 64.31
N MET QB 181 19.32 90.85 64.03
CA MET QB 181 19.61 89.50 64.49
C MET QB 181 18.99 88.51 63.54
N VAL QB 182 19.73 87.43 63.24
CA VAL QB 182 19.27 86.42 62.31
C VAL QB 182 18.29 85.50 63.03
N THR QB 183 17.16 85.19 62.37
CA THR QB 183 16.13 84.34 62.94
C THR QB 183 15.85 83.11 62.08
N GLY QB 184 16.88 82.51 61.50
CA GLY QB 184 16.69 81.27 60.79
C GLY QB 184 17.88 80.97 59.90
N GLY QB 185 18.12 79.68 59.69
CA GLY QB 185 19.17 79.24 58.79
C GLY QB 185 20.51 79.03 59.48
N ALA QB 186 21.56 79.00 58.65
CA ALA QB 186 22.90 78.69 59.15
C ALA QB 186 23.42 79.78 60.07
N ASN QB 187 23.17 81.03 59.73
CA ASN QB 187 23.67 82.16 60.52
C ASN QB 187 22.77 82.49 61.71
N LEU QB 188 21.96 81.54 62.18
CA LEU QB 188 21.02 81.79 63.27
C LEU QB 188 21.74 82.24 64.54
N GLY QB 189 21.22 83.29 65.14
CA GLY QB 189 21.73 83.79 66.41
C GLY QB 189 22.90 84.74 66.32
N ARG QB 190 23.10 85.40 65.18
CA ARG QB 190 24.20 86.34 65.01
C ARG QB 190 23.69 87.77 65.13
N ILE QB 191 24.44 88.60 65.83
CA ILE QB 191 24.11 90.01 66.01
C ILE QB 191 25.00 90.84 65.10
N GLY QB 192 24.40 91.73 64.32
CA GLY QB 192 25.18 92.53 63.39
C GLY QB 192 24.42 93.73 62.89
N VAL QB 193 25.05 94.43 61.95
CA VAL QB 193 24.56 95.69 61.42
C VAL QB 193 24.17 95.48 59.96
N ILE QB 194 23.00 96.01 59.58
CA ILE QB 194 22.58 95.96 58.19
C ILE QB 194 23.56 96.75 57.34
N THR QB 195 24.14 96.08 56.34
CA THR QB 195 25.12 96.71 55.45
C THR QB 195 24.61 96.89 54.03
N ASN QB 196 24.16 95.82 53.38
CA ASN QB 196 23.72 95.91 51.99
C ASN QB 196 22.54 94.97 51.79
N ARG QB 197 21.46 95.50 51.22
CA ARG QB 197 20.28 94.72 50.89
C ARG QB 197 20.10 94.73 49.38
N GLU QB 198 20.24 93.57 48.76
CA GLU QB 198 19.93 93.39 47.35
C GLU QB 198 18.60 92.66 47.21
N ARG QB 199 17.63 93.32 46.60
CA ARG QB 199 16.28 92.80 46.50
C ARG QB 199 16.08 92.18 45.14
N HIS QB 200 15.39 91.05 45.11
CA HIS QB 200 15.12 90.33 43.87
C HIS QB 200 13.61 90.19 43.72
N PRO QB 201 13.00 90.86 42.75
CA PRO QB 201 11.54 90.75 42.58
C PRO QB 201 11.13 89.31 42.28
N GLY QB 202 10.04 88.89 42.90
CA GLY QB 202 9.53 87.54 42.71
C GLY QB 202 10.32 86.46 43.40
N SER QB 203 11.27 86.81 44.27
CA SER QB 203 12.09 85.83 44.94
C SER QB 203 12.44 86.37 46.33
N PHE QB 204 13.16 85.56 47.10
CA PHE QB 204 13.65 85.95 48.41
C PHE QB 204 14.63 87.09 48.28
N ASP QB 205 14.46 88.12 49.11
CA ASP QB 205 15.36 89.26 49.10
C ASP QB 205 16.49 89.02 50.09
N VAL QB 206 17.71 89.37 49.67
CA VAL QB 206 18.92 89.05 50.41
C VAL QB 206 19.53 90.33 50.95
N VAL QB 207 19.86 90.33 52.23
CA VAL QB 207 20.49 91.47 52.89
C VAL QB 207 21.78 91.00 53.57
N HIS QB 208 22.82 91.83 53.49
CA HIS QB 208 24.13 91.51 54.02
C HIS QB 208 24.34 92.18 55.36
N VAL QB 209 24.85 91.42 56.33
CA VAL QB 209 24.99 91.88 57.70
C VAL QB 209 26.43 91.67 58.14
N LYS QB 210 27.02 92.70 58.76
CA LYS QB 210 28.36 92.62 59.33
C LYS QB 210 28.28 92.75 60.84
N ASP QB 211 29.01 91.88 61.54
CA ASP QB 211 28.96 91.83 63.00
C ASP QB 211 29.94 92.87 63.58
N ALA QB 212 30.14 92.79 64.90
CA ALA QB 212 31.07 93.71 65.56
C ALA QB 212 32.51 93.43 65.15
N ASN QB 213 32.89 92.17 64.99
CA ASN QB 213 34.24 91.80 64.62
C ASN QB 213 34.58 92.15 63.17
N GLY QB 214 33.59 92.50 62.36
CA GLY QB 214 33.81 92.78 60.96
C GLY QB 214 33.50 91.62 60.03
N ASN QB 215 33.14 90.46 60.56
CA ASN QB 215 32.84 89.28 59.75
C ASN QB 215 31.51 89.50 59.05
N SER QB 216 31.54 89.61 57.73
CA SER QB 216 30.35 89.87 56.94
C SER QB 216 29.64 88.55 56.61
N PHE QB 217 28.32 88.57 56.64
CA PHE QB 217 27.50 87.44 56.26
C PHE QB 217 26.18 87.96 55.68
N ALA QB 218 25.42 87.06 55.07
CA ALA QB 218 24.17 87.43 54.43
C ALA QB 218 23.15 86.32 54.61
N THR QB 219 21.88 86.69 54.47
CA THR QB 219 20.78 85.73 54.60
C THR QB 219 19.55 86.34 53.95
N ARG QB 220 18.48 85.56 53.97
CA ARG QB 220 17.22 85.97 53.38
C ARG QB 220 16.57 87.07 54.23
N LEU QB 221 15.69 87.84 53.61
CA LEU QB 221 15.03 88.94 54.31
C LEU QB 221 14.12 88.42 55.40
N SER QB 222 13.51 87.25 55.20
CA SER QB 222 12.58 86.69 56.17
C SER QB 222 13.25 86.22 57.45
N ASN QB 223 14.59 86.15 57.48
CA ASN QB 223 15.32 85.66 58.64
C ASN QB 223 15.97 86.77 59.44
N ILE QB 224 15.59 88.02 59.21
CA ILE QB 224 16.26 89.18 59.81
C ILE QB 224 15.31 89.86 60.78
N PHE QB 225 15.77 90.06 62.01
CA PHE QB 225 15.02 90.76 63.05
C PHE QB 225 15.86 91.94 63.52
N VAL QB 226 15.41 93.16 63.20
CA VAL QB 226 16.10 94.35 63.67
C VAL QB 226 15.92 94.48 65.18
N ILE QB 227 17.03 94.67 65.90
CA ILE QB 227 16.99 94.74 67.35
C ILE QB 227 17.55 96.04 67.91
N GLY QB 228 18.12 96.90 67.08
CA GLY QB 228 18.72 98.11 67.57
C GLY QB 228 18.56 99.27 66.61
N LYS QB 229 18.43 100.46 67.19
CA LYS QB 229 18.32 101.70 66.42
C LYS QB 229 19.73 102.09 66.02
N GLY QB 230 20.18 101.62 64.86
CA GLY QB 230 21.52 101.88 64.41
C GLY QB 230 22.54 100.91 64.99
N ASN QB 231 22.92 101.13 66.24
CA ASN QB 231 23.91 100.26 66.89
C ASN QB 231 23.57 99.86 68.32
N LYS QB 232 22.76 100.62 69.05
CA LYS QB 232 22.44 100.26 70.42
C LYS QB 232 21.24 99.32 70.45
N PRO QB 233 21.38 98.09 70.93
CA PRO QB 233 20.22 97.21 71.06
C PRO QB 233 19.26 97.71 72.12
N TRP QB 234 17.98 97.46 71.88
CA TRP QB 234 16.93 97.86 72.82
C TRP QB 234 16.67 96.81 73.88
N ILE QB 235 17.38 95.69 73.85
CA ILE QB 235 17.23 94.62 74.82
C ILE QB 235 18.61 94.26 75.36
N SER QB 236 18.62 93.35 76.33
CA SER QB 236 19.86 92.88 76.94
C SER QB 236 20.36 91.66 76.18
N LEU QB 237 21.53 91.79 75.56
CA LEU QB 237 22.06 90.74 74.72
C LEU QB 237 22.61 89.60 75.59
N PRO QB 238 22.53 88.35 75.09
CA PRO QB 238 23.05 87.21 75.86
C PRO QB 238 24.56 87.10 75.80
N ARG QB 239 25.09 86.01 76.36
CA ARG QB 239 26.52 85.76 76.35
C ARG QB 239 27.02 85.57 74.93
N GLY QB 240 28.23 86.04 74.68
CA GLY QB 240 28.82 86.00 73.36
C GLY QB 240 28.41 87.13 72.45
N LYS QB 241 27.46 87.98 72.88
CA LYS QB 241 26.97 89.13 72.13
C LYS QB 241 26.48 88.76 70.74
N GLY QB 242 26.05 87.52 70.55
CA GLY QB 242 25.68 87.06 69.23
C GLY QB 242 26.81 87.10 68.22
N ILE QB 243 28.05 86.96 68.68
CA ILE QB 243 29.22 86.97 67.82
C ILE QB 243 29.61 85.51 67.62
N ARG QB 244 29.24 84.94 66.47
CA ARG QB 244 29.59 83.55 66.18
C ARG QB 244 31.08 83.47 65.90
N LEU QB 245 31.76 82.55 66.60
CA LEU QB 245 33.19 82.37 66.47
C LEU QB 245 33.48 80.91 66.17
N THR QB 246 34.47 80.67 65.29
CA THR QB 246 34.75 79.33 64.84
C THR QB 246 35.47 78.53 65.93
N ILE QB 247 35.68 77.24 65.64
CA ILE QB 247 36.28 76.33 66.60
C ILE QB 247 37.73 76.67 66.89
N ALA QB 248 38.43 77.33 65.96
CA ALA QB 248 39.82 77.68 66.18
C ALA QB 248 39.97 78.62 67.38
N GLU QB 249 39.10 79.62 67.46
CA GLU QB 249 39.09 80.54 68.60
C GLU QB 249 38.10 80.11 69.67
N GLU QB 250 37.58 78.89 69.59
CA GLU QB 250 36.77 78.31 70.66
C GLU QB 250 37.56 77.32 71.50
N ARG QB 251 38.41 76.52 70.86
CA ARG QB 251 39.22 75.55 71.59
C ARG QB 251 40.18 76.23 72.55
N ASP QB 252 40.84 77.31 72.11
CA ASP QB 252 41.76 78.01 72.98
C ASP QB 252 41.02 78.74 74.10
N LYS QB 253 39.80 79.19 73.84
CA LYS QB 253 38.97 79.75 74.90
C LYS QB 253 38.66 78.69 75.95
N ARG QB 254 38.34 77.47 75.51
CA ARG QB 254 38.14 76.38 76.47
C ARG QB 254 39.42 76.07 77.24
N LEU QB 255 40.57 76.09 76.56
CA LEU QB 255 41.84 75.85 77.23
C LEU QB 255 42.12 76.91 78.28
N ALA QB 256 41.86 78.18 77.95
CA ALA QB 256 42.06 79.26 78.91
C ALA QB 256 41.12 79.12 80.09
N ALA QB 257 39.87 78.74 79.84
CA ALA QB 257 38.91 78.52 80.92
C ALA QB 257 39.37 77.37 81.83
N LYS QB 258 39.86 76.28 81.25
CA LYS QB 258 40.36 75.17 82.06
C LYS QB 258 41.58 75.57 82.87
N GLN QB 259 42.51 76.31 82.25
CA GLN QB 259 43.72 76.73 82.95
C GLN QB 259 43.38 77.67 84.09
N SER QB 260 42.44 78.60 83.88
CA SER QB 260 42.01 79.47 84.96
C SER QB 260 41.33 78.67 86.07
N SER QB 261 40.48 77.70 85.70
CA SER QB 261 39.83 76.85 86.69
C SER QB 261 40.78 75.82 87.27
N GLY QB 262 41.93 75.59 86.64
CA GLY QB 262 42.91 74.65 87.15
C GLY QB 262 43.99 75.32 87.96
N MET RB 1 -51.64 34.37 71.51
CA MET RB 1 -50.99 35.64 71.22
C MET RB 1 -51.06 36.57 72.43
N LYS RB 2 -49.90 36.94 72.96
CA LYS RB 2 -49.84 37.78 74.14
C LYS RB 2 -50.23 39.21 73.79
N LEU RB 3 -50.72 39.94 74.80
CA LEU RB 3 -51.14 41.31 74.64
C LEU RB 3 -50.60 42.14 75.79
N ASN RB 4 -49.73 43.11 75.48
CA ASN RB 4 -49.25 44.06 76.48
C ASN RB 4 -50.23 45.21 76.52
N ILE RB 5 -50.96 45.34 77.61
CA ILE RB 5 -52.09 46.26 77.71
C ILE RB 5 -51.73 47.34 78.73
N SER RB 6 -51.87 48.60 78.33
CA SER RB 6 -51.49 49.72 79.18
C SER RB 6 -52.52 50.83 79.04
N PHE RB 7 -52.84 51.49 80.16
CA PHE RB 7 -53.75 52.63 80.16
C PHE RB 7 -52.97 53.87 80.58
N PRO RB 8 -52.83 54.87 79.70
CA PRO RB 8 -51.91 55.98 80.00
C PRO RB 8 -52.29 56.80 81.21
N ALA RB 9 -53.59 56.97 81.49
CA ALA RB 9 -53.98 57.84 82.59
C ALA RB 9 -53.72 57.24 83.96
N THR RB 10 -53.38 55.95 84.03
CA THR RB 10 -53.07 55.31 85.30
C THR RB 10 -51.80 54.47 85.26
N GLY RB 11 -51.20 54.27 84.10
CA GLY RB 11 -50.10 53.32 84.01
C GLY RB 11 -50.62 51.92 84.25
N CYS RB 12 -49.92 51.19 85.13
CA CYS RB 12 -50.32 49.85 85.56
C CYS RB 12 -50.47 48.90 84.37
N GLN RB 13 -49.46 48.92 83.50
CA GLN RB 13 -49.46 48.03 82.34
C GLN RB 13 -49.31 46.58 82.76
N LYS RB 14 -49.95 45.69 82.00
CA LYS RB 14 -49.97 44.28 82.31
C LYS RB 14 -50.08 43.49 81.00
N LEU RB 15 -49.74 42.21 81.08
CA LEU RB 15 -49.69 41.33 79.91
C LEU RB 15 -50.87 40.38 79.94
N ILE RB 16 -51.50 40.18 78.78
CA ILE RB 16 -52.72 39.38 78.66
C ILE RB 16 -52.47 38.23 77.71
N GLU RB 17 -52.80 37.01 78.14
CA GLU RB 17 -52.67 35.81 77.33
C GLU RB 17 -54.05 35.39 76.83
N VAL RB 18 -54.22 35.33 75.52
CA VAL RB 18 -55.45 34.84 74.90
C VAL RB 18 -55.07 33.88 73.79
N ASP RB 19 -56.04 33.04 73.40
CA ASP RB 19 -55.82 32.11 72.30
C ASP RB 19 -57.05 31.99 71.39
N ASP RB 20 -57.96 32.96 71.44
CA ASP RB 20 -59.18 32.93 70.64
C ASP RB 20 -58.95 33.75 69.37
N GLU RB 21 -58.86 33.06 68.23
CA GLU RB 21 -58.72 33.75 66.96
C GLU RB 21 -59.95 34.57 66.64
N ARG RB 22 -61.13 34.10 67.06
CA ARG RB 22 -62.33 34.90 66.89
C ARG RB 22 -62.23 36.21 67.64
N LYS RB 23 -61.79 36.15 68.90
CA LYS RB 23 -61.59 37.37 69.68
C LYS RB 23 -60.44 38.19 69.13
N LEU RB 24 -59.42 37.54 68.58
CA LEU RB 24 -58.30 38.24 67.97
C LEU RB 24 -58.62 38.77 66.57
N ARG RB 25 -59.69 38.28 65.94
CA ARG RB 25 -60.02 38.69 64.58
C ARG RB 25 -60.33 40.18 64.47
N THR RB 26 -60.81 40.80 65.55
CA THR RB 26 -61.15 42.22 65.50
C THR RB 26 -59.92 43.09 65.27
N PHE RB 27 -58.72 42.59 65.59
CA PHE RB 27 -57.49 43.34 65.36
C PHE RB 27 -56.81 42.99 64.05
N TYR RB 28 -57.35 42.03 63.30
CA TYR RB 28 -56.68 41.56 62.10
C TYR RB 28 -56.70 42.60 60.99
N GLU RB 29 -55.64 42.59 60.18
CA GLU RB 29 -55.48 43.48 59.03
C GLU RB 29 -55.60 44.95 59.43
N LYS RB 30 -54.90 45.33 60.49
CA LYS RB 30 -54.92 46.70 60.99
C LYS RB 30 -53.50 47.23 61.13
N ARG RB 31 -53.34 48.52 60.87
CA ARG RB 31 -52.04 49.15 61.03
C ARG RB 31 -51.89 49.71 62.44
N MET RB 32 -50.69 50.23 62.72
CA MET RB 32 -50.43 50.84 64.01
C MET RB 32 -51.14 52.19 64.11
N ALA RB 33 -51.23 52.69 65.35
CA ALA RB 33 -51.86 53.97 65.66
C ALA RB 33 -53.32 54.01 65.22
N THR RB 34 -53.95 52.84 65.10
CA THR RB 34 -55.34 52.72 64.74
C THR RB 34 -56.15 52.30 65.95
N GLU RB 35 -57.22 53.03 66.22
CA GLU RB 35 -58.06 52.80 67.39
C GLU RB 35 -59.15 51.81 67.03
N VAL RB 36 -59.25 50.73 67.81
CA VAL RB 36 -60.22 49.67 67.59
C VAL RB 36 -61.08 49.55 68.83
N ALA RB 37 -62.40 49.51 68.64
CA ALA RB 37 -63.33 49.31 69.74
C ALA RB 37 -63.14 47.91 70.29
N ALA RB 38 -62.45 47.81 71.43
CA ALA RB 38 -62.03 46.51 71.96
C ALA RB 38 -63.13 45.86 72.80
N ASP RB 39 -64.33 45.76 72.23
CA ASP RB 39 -65.43 45.10 72.91
C ASP RB 39 -65.51 43.62 72.63
N ALA RB 40 -64.77 43.13 71.62
CA ALA RB 40 -64.77 41.72 71.27
C ALA RB 40 -64.03 40.86 72.27
N LEU RB 41 -63.30 41.45 73.20
CA LEU RB 41 -62.57 40.71 74.21
C LEU RB 41 -63.42 40.45 75.46
N GLY RB 42 -64.57 39.83 75.24
CA GLY RB 42 -65.46 39.49 76.34
C GLY RB 42 -66.30 40.66 76.79
N GLU RB 43 -67.17 40.37 77.75
CA GLU RB 43 -68.05 41.41 78.30
C GLU RB 43 -67.27 42.43 79.12
N GLU RB 44 -66.21 41.99 79.80
CA GLU RB 44 -65.45 42.89 80.66
C GLU RB 44 -64.75 43.99 79.88
N TRP RB 45 -64.51 43.79 78.59
CA TRP RB 45 -63.88 44.79 77.75
C TRP RB 45 -64.87 45.60 76.93
N LYS RB 46 -66.16 45.47 77.21
CA LYS RB 46 -67.16 46.26 76.50
C LYS RB 46 -66.98 47.74 76.83
N GLY RB 47 -67.27 48.60 75.85
CA GLY RB 47 -67.17 50.03 76.04
C GLY RB 47 -65.76 50.57 76.07
N TYR RB 48 -64.78 49.76 75.69
CA TYR RB 48 -63.37 50.10 75.82
C TYR RB 48 -62.76 50.27 74.44
N VAL RB 49 -62.07 51.38 74.23
CA VAL RB 49 -61.44 51.71 72.95
C VAL RB 49 -59.93 51.66 73.13
N VAL RB 50 -59.27 50.83 72.33
CA VAL RB 50 -57.83 50.63 72.45
C VAL RB 50 -57.19 50.98 71.11
N ARG RB 51 -55.94 51.42 71.16
CA ARG RB 51 -55.19 51.77 69.96
C ARG RB 51 -54.01 50.82 69.80
N ILE RB 52 -53.79 50.35 68.58
CA ILE RB 52 -52.63 49.51 68.28
C ILE RB 52 -51.39 50.39 68.36
N SER RB 53 -50.55 50.17 69.37
CA SER RB 53 -49.39 51.00 69.61
C SER RB 53 -48.06 50.31 69.33
N GLY RB 54 -48.08 49.03 68.99
CA GLY RB 54 -46.87 48.32 68.65
C GLY RB 54 -47.07 46.83 68.81
N GLY RB 55 -45.99 46.09 68.58
CA GLY RB 55 -46.03 44.64 68.69
C GLY RB 55 -44.71 44.04 68.24
N ASN RB 56 -44.63 42.72 68.34
CA ASN RB 56 -43.42 41.99 67.96
C ASN RB 56 -43.79 40.75 67.16
N ASP RB 57 -42.90 40.37 66.25
CA ASP RB 57 -43.10 39.25 65.37
C ASP RB 57 -42.88 37.94 66.14
N LYS RB 58 -43.04 36.81 65.43
CA LYS RB 58 -42.86 35.50 66.04
C LYS RB 58 -41.44 35.29 66.53
N GLN RB 59 -40.46 35.99 65.93
CA GLN RB 59 -39.07 35.87 66.31
C GLN RB 59 -38.57 37.06 67.11
N GLY RB 60 -39.47 37.89 67.63
CA GLY RB 60 -39.10 39.00 68.47
C GLY RB 60 -38.74 40.28 67.76
N PHE RB 61 -38.85 40.32 66.43
CA PHE RB 61 -38.52 41.53 65.70
C PHE RB 61 -39.62 42.57 65.89
N PRO RB 62 -39.32 43.74 66.41
CA PRO RB 62 -40.36 44.76 66.58
C PRO RB 62 -40.81 45.32 65.23
N MET RB 63 -42.02 45.86 65.22
CA MET RB 63 -42.57 46.45 64.01
C MET RB 63 -42.32 47.95 63.99
N LYS RB 64 -42.46 48.53 62.79
CA LYS RB 64 -42.22 49.95 62.57
C LYS RB 64 -43.44 50.57 61.90
N GLN RB 65 -43.81 51.77 62.34
CA GLN RB 65 -44.93 52.47 61.74
C GLN RB 65 -44.57 52.94 60.34
N GLY RB 66 -45.43 52.63 59.38
CA GLY RB 66 -45.24 53.08 58.01
C GLY RB 66 -44.63 52.08 57.06
N VAL RB 67 -44.40 50.84 57.49
CA VAL RB 67 -43.82 49.84 56.60
C VAL RB 67 -44.80 49.49 55.49
N LEU RB 68 -46.09 49.44 55.81
CA LEU RB 68 -47.17 49.20 54.84
C LEU RB 68 -47.04 47.83 54.18
N THR RB 69 -46.72 46.83 54.99
CA THR RB 69 -46.78 45.43 54.57
C THR RB 69 -46.94 44.56 55.80
N HIS RB 70 -47.18 43.27 55.57
CA HIS RB 70 -47.13 42.26 56.61
C HIS RB 70 -46.01 41.29 56.26
N GLY RB 71 -45.12 41.06 57.22
CA GLY RB 71 -43.94 40.25 57.02
C GLY RB 71 -42.72 40.94 57.58
N ARG RB 72 -41.55 40.45 57.20
CA ARG RB 72 -40.28 40.99 57.67
C ARG RB 72 -39.43 41.42 56.50
N VAL RB 73 -38.97 42.67 56.52
CA VAL RB 73 -38.12 43.23 55.49
C VAL RB 73 -36.88 43.81 56.16
N ARG RB 74 -35.92 44.21 55.32
CA ARG RB 74 -34.66 44.77 55.78
C ARG RB 74 -34.57 46.23 55.37
N LEU RB 75 -34.26 47.10 56.33
CA LEU RB 75 -34.21 48.53 56.10
C LEU RB 75 -32.93 49.11 56.68
N LEU RB 76 -32.42 50.17 56.07
CA LEU RB 76 -31.25 50.87 56.57
C LEU RB 76 -31.69 51.87 57.62
N LEU RB 77 -31.34 51.61 58.87
CA LEU RB 77 -31.77 52.44 59.98
C LEU RB 77 -30.66 53.40 60.40
N SER RB 78 -30.89 54.68 60.23
CA SER RB 78 -29.99 55.72 60.70
C SER RB 78 -30.41 56.13 62.11
N LYS RB 79 -29.87 57.24 62.59
CA LYS RB 79 -30.21 57.71 63.93
C LYS RB 79 -31.65 58.21 63.98
N GLY RB 80 -32.38 57.76 65.00
CA GLY RB 80 -33.68 58.34 65.29
C GLY RB 80 -34.80 57.94 64.36
N HIS RB 81 -34.67 56.84 63.62
CA HIS RB 81 -35.81 56.37 62.83
C HIS RB 81 -36.79 55.59 63.70
N SER RB 82 -36.36 54.42 64.17
CA SER RB 82 -37.07 53.56 65.12
C SER RB 82 -36.20 52.32 65.29
N CYS RB 83 -36.49 51.56 66.35
CA CYS RB 83 -35.99 50.19 66.54
C CYS RB 83 -34.46 50.10 66.45
N TYR RB 84 -33.76 51.18 66.75
CA TYR RB 84 -32.31 51.21 66.57
C TYR RB 84 -31.73 52.39 67.32
N ARG RB 85 -30.55 52.19 67.91
CA ARG RB 85 -29.76 53.27 68.45
C ARG RB 85 -28.37 53.18 67.84
N PRO RB 86 -27.77 54.30 67.47
CA PRO RB 86 -26.42 54.24 66.86
C PRO RB 86 -25.37 54.01 67.93
N ARG RB 87 -24.45 53.08 67.63
CA ARG RB 87 -23.30 52.88 68.50
C ARG RB 87 -22.42 54.12 68.52
N ARG RB 88 -22.26 54.77 67.39
CA ARG RB 88 -21.50 56.00 67.25
C ARG RB 88 -22.24 56.93 66.30
N THR RB 89 -21.88 58.21 66.34
CA THR RB 89 -22.62 59.22 65.61
C THR RB 89 -22.48 59.01 64.11
N GLY RB 90 -23.60 59.11 63.40
CA GLY RB 90 -23.63 58.97 61.96
C GLY RB 90 -23.67 57.53 61.46
N GLU RB 91 -23.63 56.55 62.35
CA GLU RB 91 -23.60 55.15 61.94
C GLU RB 91 -24.98 54.69 61.51
N ARG RB 92 -25.06 54.13 60.31
CA ARG RB 92 -26.28 53.51 59.80
C ARG RB 92 -26.02 52.03 59.58
N LYS RB 93 -27.00 51.20 59.94
CA LYS RB 93 -26.86 49.76 59.80
C LYS RB 93 -28.17 49.16 59.32
N ARG RB 94 -28.08 48.26 58.35
CA ARG RB 94 -29.25 47.55 57.84
C ARG RB 94 -29.75 46.58 58.90
N LYS RB 95 -31.06 46.61 59.15
CA LYS RB 95 -31.67 45.77 60.16
C LYS RB 95 -32.99 45.22 59.64
N SER RB 96 -33.46 44.15 60.29
CA SER RB 96 -34.70 43.49 59.90
C SER RB 96 -35.82 43.95 60.82
N VAL RB 97 -36.96 44.32 60.23
CA VAL RB 97 -38.08 44.85 60.98
C VAL RB 97 -39.37 44.19 60.53
N ARG RB 98 -40.38 44.22 61.39
CA ARG RB 98 -41.70 43.69 61.11
C ARG RB 98 -42.59 44.76 60.51
N GLY RB 99 -43.46 44.35 59.59
CA GLY RB 99 -44.39 45.28 58.99
C GLY RB 99 -45.41 45.80 59.97
N CYS RB 100 -45.99 46.95 59.63
CA CYS RB 100 -46.92 47.61 60.53
C CYS RB 100 -48.28 46.93 60.59
N ILE RB 101 -48.70 46.26 59.52
CA ILE RB 101 -49.95 45.51 59.56
C ILE RB 101 -49.78 44.28 60.42
N VAL RB 102 -50.70 44.11 61.38
CA VAL RB 102 -50.67 43.01 62.32
C VAL RB 102 -51.56 41.89 61.80
N ASP RB 103 -51.13 40.65 61.99
CA ASP RB 103 -51.92 39.48 61.65
C ASP RB 103 -51.75 38.46 62.77
N ALA RB 104 -52.12 37.21 62.51
CA ALA RB 104 -52.06 36.18 63.54
C ALA RB 104 -50.63 35.84 63.95
N ASN RB 105 -49.68 35.93 63.01
CA ASN RB 105 -48.32 35.47 63.25
C ASN RB 105 -47.50 36.54 63.97
N LEU RB 106 -47.84 36.75 65.24
CA LEU RB 106 -47.06 37.60 66.14
C LEU RB 106 -46.92 36.92 67.48
N SER RB 107 -45.93 37.39 68.25
CA SER RB 107 -45.73 36.91 69.62
C SER RB 107 -46.53 37.76 70.61
N VAL RB 108 -46.31 39.06 70.61
CA VAL RB 108 -47.03 39.96 71.52
C VAL RB 108 -47.70 41.05 70.68
N LEU RB 109 -48.40 41.96 71.36
CA LEU RB 109 -49.11 43.04 70.69
C LEU RB 109 -49.30 44.17 71.70
N ASN RB 110 -48.56 45.26 71.52
CA ASN RB 110 -48.68 46.41 72.40
C ASN RB 110 -49.94 47.18 72.06
N LEU RB 111 -50.83 47.34 73.05
CA LEU RB 111 -52.09 48.03 72.88
C LEU RB 111 -52.29 49.03 74.00
N VAL RB 112 -52.81 50.20 73.65
CA VAL RB 112 -52.99 51.31 74.58
C VAL RB 112 -54.44 51.78 74.50
N ILE RB 113 -55.14 51.76 75.64
CA ILE RB 113 -56.55 52.11 75.67
C ILE RB 113 -56.69 53.62 75.47
N VAL RB 114 -57.62 54.01 74.61
CA VAL RB 114 -57.84 55.42 74.32
C VAL RB 114 -58.79 56.05 75.34
N LYS RB 115 -59.96 55.46 75.56
CA LYS RB 115 -60.98 56.05 76.43
C LYS RB 115 -61.51 55.02 77.42
N LYS RB 116 -62.01 55.52 78.54
CA LYS RB 116 -62.47 54.68 79.63
C LYS RB 116 -63.81 54.02 79.30
N GLY RB 117 -63.98 52.79 79.78
CA GLY RB 117 -65.21 52.05 79.61
C GLY RB 117 -66.17 52.28 80.76
N GLU RB 118 -67.18 51.41 80.85
CA GLU RB 118 -68.21 51.54 81.85
C GLU RB 118 -67.82 50.99 83.22
N LYS RB 119 -66.76 50.18 83.30
CA LYS RB 119 -66.35 49.58 84.56
C LYS RB 119 -64.83 49.46 84.61
N ASP RB 120 -64.34 49.08 85.79
CA ASP RB 120 -62.90 49.04 86.05
C ASP RB 120 -62.31 47.70 85.66
N ILE RB 121 -61.23 47.75 84.89
CA ILE RB 121 -60.48 46.53 84.59
C ILE RB 121 -59.67 46.12 85.83
N PRO RB 122 -59.77 44.87 86.28
CA PRO RB 122 -59.07 44.48 87.50
C PRO RB 122 -57.56 44.48 87.33
N GLY RB 123 -56.89 45.18 88.24
CA GLY RB 123 -55.44 45.23 88.24
C GLY RB 123 -54.82 46.18 87.24
N LEU RB 124 -55.62 46.84 86.39
CA LEU RB 124 -55.09 47.73 85.39
C LEU RB 124 -55.56 49.17 85.57
N THR RB 125 -56.86 49.40 85.70
CA THR RB 125 -57.40 50.75 85.86
C THR RB 125 -57.36 51.24 87.30
N ASP RB 126 -56.95 50.39 88.24
CA ASP RB 126 -56.88 50.73 89.65
C ASP RB 126 -55.42 50.83 90.08
N THR RB 127 -55.24 51.28 91.33
CA THR RB 127 -53.93 51.41 91.98
C THR RB 127 -52.99 52.29 91.14
N THR RB 128 -53.45 53.52 90.90
CA THR RB 128 -52.72 54.47 90.09
C THR RB 128 -51.37 54.81 90.70
N VAL RB 129 -50.29 54.38 90.06
CA VAL RB 129 -48.96 54.73 90.55
C VAL RB 129 -48.68 56.19 90.19
N PRO RB 130 -48.28 57.02 91.16
CA PRO RB 130 -47.97 58.41 90.85
C PRO RB 130 -46.66 58.53 90.09
N ARG RB 131 -46.61 59.55 89.23
CA ARG RB 131 -45.38 59.82 88.49
C ARG RB 131 -44.27 60.21 89.46
N ARG RB 132 -43.06 59.72 89.16
CA ARG RB 132 -41.97 59.74 90.14
C ARG RB 132 -41.59 61.16 90.52
N LEU RB 133 -41.06 61.92 89.57
CA LEU RB 133 -40.43 63.20 89.84
C LEU RB 133 -41.09 64.30 89.01
N GLY RB 134 -41.37 65.41 89.67
CA GLY RB 134 -42.16 66.48 89.10
C GLY RB 134 -41.35 67.38 88.18
N PRO RB 135 -41.98 68.45 87.71
CA PRO RB 135 -41.31 69.36 86.78
C PRO RB 135 -40.08 70.03 87.40
N LYS RB 136 -39.05 70.19 86.58
CA LYS RB 136 -37.79 70.77 86.99
C LYS RB 136 -37.57 72.18 86.51
N ARG RB 137 -38.12 72.56 85.36
CA ARG RB 137 -37.99 73.93 84.89
C ARG RB 137 -38.93 74.84 85.66
N ALA RB 138 -38.56 76.12 85.76
CA ALA RB 138 -39.35 77.08 86.51
C ALA RB 138 -40.75 77.23 85.92
N SER RB 139 -40.85 77.47 84.62
CA SER RB 139 -42.16 77.63 84.00
C SER RB 139 -42.95 76.32 84.04
N ARG RB 140 -42.26 75.18 84.10
CA ARG RB 140 -42.95 73.89 84.11
C ARG RB 140 -43.60 73.61 85.45
N ILE RB 141 -43.16 74.27 86.53
CA ILE RB 141 -43.96 74.25 87.75
C ILE RB 141 -44.89 75.44 87.82
N ARG RB 142 -44.58 76.53 87.11
CA ARG RB 142 -45.45 77.70 87.09
C ARG RB 142 -46.79 77.38 86.45
N LYS RB 143 -46.78 76.66 85.33
CA LYS RB 143 -48.03 76.21 84.74
C LYS RB 143 -48.73 75.19 85.62
N LEU RB 144 -47.96 74.28 86.23
CA LEU RB 144 -48.57 73.13 86.89
C LEU RB 144 -49.20 73.53 88.22
N PHE RB 145 -48.70 74.60 88.85
CA PHE RB 145 -49.33 75.18 90.03
C PHE RB 145 -49.91 76.56 89.76
N ASN RB 146 -50.10 76.92 88.48
CA ASN RB 146 -50.83 78.13 88.07
C ASN RB 146 -50.20 79.41 88.63
N LEU RB 147 -48.87 79.48 88.59
CA LEU RB 147 -48.16 80.66 89.07
C LEU RB 147 -48.31 81.82 88.09
N SER RB 148 -48.52 83.01 88.64
CA SER RB 148 -48.52 84.21 87.81
C SER RB 148 -47.09 84.72 87.59
N LYS RB 149 -46.45 85.18 88.66
CA LYS RB 149 -45.13 85.81 88.57
C LYS RB 149 -44.53 85.83 89.97
N GLU RB 150 -43.44 85.08 90.17
CA GLU RB 150 -42.57 85.18 91.35
C GLU RB 150 -43.38 85.11 92.66
N ASP RB 151 -44.07 83.99 92.82
CA ASP RB 151 -44.96 83.79 93.97
C ASP RB 151 -44.57 82.51 94.68
N ASP RB 152 -43.67 82.63 95.67
CA ASP RB 152 -43.24 81.50 96.50
C ASP RB 152 -42.73 80.34 95.65
N VAL RB 153 -41.98 80.68 94.60
CA VAL RB 153 -41.52 79.67 93.64
C VAL RB 153 -40.56 78.69 94.30
N ARG RB 154 -39.73 79.17 95.23
CA ARG RB 154 -38.81 78.28 95.93
C ARG RB 154 -39.55 77.22 96.72
N GLN RB 155 -40.58 77.61 97.46
CA GLN RB 155 -41.28 76.68 98.34
C GLN RB 155 -42.42 75.95 97.65
N TYR RB 156 -42.75 76.32 96.41
CA TYR RB 156 -43.74 75.58 95.64
C TYR RB 156 -43.14 74.41 94.88
N VAL RB 157 -41.84 74.15 95.04
CA VAL RB 157 -41.21 73.04 94.34
C VAL RB 157 -41.73 71.73 94.93
N VAL RB 158 -41.73 70.68 94.11
CA VAL RB 158 -42.12 69.36 94.57
C VAL RB 158 -40.95 68.74 95.31
N ARG RB 159 -41.02 68.74 96.65
CA ARG RB 159 -40.02 68.10 97.49
C ARG RB 159 -40.32 66.60 97.54
N LYS RB 160 -39.27 65.78 97.45
CA LYS RB 160 -39.44 64.35 97.42
C LYS RB 160 -39.07 63.76 98.78
N PRO RB 161 -40.02 63.27 99.56
CA PRO RB 161 -39.67 62.58 100.81
C PRO RB 161 -39.41 61.11 100.61
N LEU RB 162 -38.22 60.65 101.01
CA LEU RB 162 -37.81 59.27 100.83
C LEU RB 162 -37.31 58.71 102.16
N ASN RB 163 -37.66 57.45 102.42
CA ASN RB 163 -37.38 56.82 103.72
C ASN RB 163 -36.86 55.41 103.50
N LYS RB 164 -35.94 54.98 104.35
CA LYS RB 164 -35.42 53.61 104.36
C LYS RB 164 -35.07 53.21 105.79
N GLU RB 165 -34.68 51.95 105.95
CA GLU RB 165 -34.47 51.37 107.27
C GLU RB 165 -33.34 52.07 108.00
N GLY RB 166 -32.12 51.94 107.49
CA GLY RB 166 -30.98 52.62 108.09
C GLY RB 166 -30.94 54.11 107.80
N LYS RB 167 -31.80 54.58 106.90
CA LYS RB 167 -31.84 55.99 106.56
C LYS RB 167 -32.58 56.78 107.62
N LYS RB 168 -31.93 57.82 108.15
CA LYS RB 168 -32.63 58.81 108.93
C LYS RB 168 -33.39 59.75 108.00
N PRO RB 169 -34.64 60.10 108.32
CA PRO RB 169 -35.51 60.74 107.32
C PRO RB 169 -34.96 62.04 106.77
N ARG RB 170 -35.27 62.28 105.49
CA ARG RB 170 -34.82 63.44 104.74
C ARG RB 170 -35.67 63.57 103.49
N THR RB 171 -35.97 64.80 103.10
CA THR RB 171 -36.64 65.09 101.85
C THR RB 171 -35.62 65.49 100.80
N LYS RB 172 -36.01 65.36 99.53
CA LYS RB 172 -35.14 65.67 98.41
C LYS RB 172 -35.79 66.69 97.50
N ALA RB 173 -35.01 67.67 97.06
CA ALA RB 173 -35.48 68.73 96.20
C ALA RB 173 -34.52 68.91 95.03
N PRO RB 174 -35.03 69.30 93.86
CA PRO RB 174 -34.16 69.46 92.69
C PRO RB 174 -33.60 70.87 92.56
N LYS RB 175 -32.54 70.96 91.76
CA LYS RB 175 -32.00 72.25 91.35
C LYS RB 175 -32.86 72.79 90.21
N ILE RB 176 -33.83 73.64 90.55
CA ILE RB 176 -34.76 74.14 89.55
C ILE RB 176 -34.03 75.10 88.62
N GLN RB 177 -34.20 74.88 87.31
CA GLN RB 177 -33.40 75.56 86.30
C GLN RB 177 -34.18 76.67 85.63
N ARG RB 178 -33.43 77.59 85.02
CA ARG RB 178 -33.97 78.73 84.27
C ARG RB 178 -34.83 79.62 85.17
N LEU RB 179 -34.16 80.20 86.17
CA LEU RB 179 -34.78 81.11 87.13
C LEU RB 179 -34.17 82.49 87.01
N VAL RB 180 -34.79 83.43 87.72
CA VAL RB 180 -34.20 84.74 87.96
C VAL RB 180 -33.36 84.65 89.22
N THR RB 181 -32.08 84.98 89.11
CA THR RB 181 -31.13 84.76 90.19
C THR RB 181 -30.21 85.96 90.28
N PRO RB 182 -29.80 86.34 91.49
CA PRO RB 182 -28.77 87.38 91.62
C PRO RB 182 -27.50 87.07 90.85
N ARG RB 183 -27.14 85.79 90.74
CA ARG RB 183 -26.01 85.41 89.89
C ARG RB 183 -26.33 85.66 88.42
N VAL RB 184 -27.56 85.39 88.00
CA VAL RB 184 -27.93 85.61 86.60
C VAL RB 184 -27.92 87.11 86.28
N LEU RB 185 -28.48 87.92 87.16
CA LEU RB 185 -28.44 89.36 86.96
C LEU RB 185 -27.02 89.89 87.04
N GLN RB 186 -26.17 89.27 87.86
CA GLN RB 186 -24.76 89.64 87.89
C GLN RB 186 -24.08 89.35 86.57
N HIS RB 187 -24.38 88.20 85.97
CA HIS RB 187 -23.84 87.88 84.65
C HIS RB 187 -24.33 88.87 83.61
N LYS RB 188 -25.61 89.25 83.69
CA LYS RB 188 -26.16 90.23 82.75
C LYS RB 188 -25.47 91.58 82.89
N ARG RB 189 -25.25 92.03 84.13
CA ARG RB 189 -24.53 93.28 84.33
C ARG RB 189 -23.09 93.18 83.84
N ARG RB 190 -22.46 92.01 84.04
CA ARG RB 190 -21.08 91.83 83.59
C ARG RB 190 -20.97 91.92 82.08
N ARG RB 191 -21.89 91.26 81.35
CA ARG RB 191 -21.82 91.31 79.89
C ARG RB 191 -22.17 92.69 79.36
N ILE RB 192 -23.15 93.38 79.96
CA ILE RB 192 -23.43 94.75 79.55
C ILE RB 192 -22.24 95.65 79.83
N ALA RB 193 -21.56 95.43 80.95
CA ALA RB 193 -20.32 96.15 81.22
C ALA RB 193 -19.31 95.92 80.12
N LEU RB 194 -19.02 94.65 79.82
CA LEU RB 194 -18.08 94.31 78.76
C LEU RB 194 -18.41 95.03 77.46
N LYS RB 195 -19.69 95.09 77.12
CA LYS RB 195 -20.12 95.94 75.99
C LYS RB 195 -19.71 97.39 76.18
N LYS RB 196 -19.92 97.93 77.39
CA LYS RB 196 -19.66 99.35 77.61
C LYS RB 196 -18.19 99.69 77.47
N GLN RB 197 -17.31 98.97 78.17
CA GLN RB 197 -15.89 99.29 78.01
C GLN RB 197 -15.34 98.88 76.66
N ARG RB 198 -15.95 97.91 75.97
CA ARG RB 198 -15.52 97.60 74.61
C ARG RB 198 -15.80 98.78 73.69
N THR RB 199 -17.00 99.36 73.79
CA THR RB 199 -17.32 100.54 72.99
C THR RB 199 -16.42 101.72 73.35
N LYS RB 200 -16.18 101.92 74.65
CA LYS RB 200 -15.31 103.00 75.10
C LYS RB 200 -13.90 102.83 74.56
N LYS RB 201 -13.37 101.61 74.60
CA LYS RB 201 -12.04 101.34 74.06
C LYS RB 201 -11.99 101.63 72.57
N ASN RB 202 -13.01 101.20 71.83
CA ASN RB 202 -13.05 101.49 70.40
C ASN RB 202 -13.02 102.99 70.13
N LYS RB 203 -13.85 103.75 70.84
CA LYS RB 203 -13.92 105.19 70.58
C LYS RB 203 -12.61 105.89 70.94
N GLU RB 204 -12.02 105.54 72.08
CA GLU RB 204 -10.79 106.21 72.48
C GLU RB 204 -9.61 105.84 71.58
N GLU RB 205 -9.54 104.58 71.14
CA GLU RB 205 -8.48 104.19 70.22
C GLU RB 205 -8.66 104.89 68.88
N ALA RB 206 -9.90 105.03 68.42
CA ALA RB 206 -10.16 105.76 67.19
C ALA RB 206 -9.72 107.21 67.31
N ALA RB 207 -10.02 107.85 68.44
CA ALA RB 207 -9.60 109.23 68.64
C ALA RB 207 -8.08 109.36 68.66
N GLU RB 208 -7.40 108.44 69.35
CA GLU RB 208 -5.95 108.47 69.39
C GLU RB 208 -5.34 108.31 68.00
N TYR RB 209 -5.88 107.36 67.22
CA TYR RB 209 -5.38 107.16 65.86
C TYR RB 209 -5.62 108.39 65.00
N ALA RB 210 -6.80 109.01 65.13
CA ALA RB 210 -7.08 110.20 64.35
C ALA RB 210 -6.10 111.32 64.68
N LYS RB 211 -5.81 111.51 65.97
CA LYS RB 211 -4.86 112.55 66.36
C LYS RB 211 -3.47 112.26 65.81
N LEU RB 212 -3.01 111.00 65.94
CA LEU RB 212 -1.68 110.66 65.46
C LEU RB 212 -1.57 110.80 63.93
N LEU RB 213 -2.61 110.37 63.21
CA LEU RB 213 -2.58 110.47 61.75
C LEU RB 213 -2.64 111.91 61.29
N ALA RB 214 -3.41 112.75 62.00
CA ALA RB 214 -3.43 114.17 61.67
C ALA RB 214 -2.06 114.79 61.87
N LYS RB 215 -1.38 114.41 62.96
CA LYS RB 215 -0.03 114.91 63.19
C LYS RB 215 0.93 114.45 62.09
N ARG RB 216 0.84 113.18 61.69
CA ARG RB 216 1.72 112.67 60.64
C ARG RB 216 1.46 113.36 59.30
N MET RB 217 0.19 113.58 58.97
CA MET RB 217 -0.13 114.28 57.74
C MET RB 217 0.31 115.74 57.79
N LYS RB 218 0.25 116.36 58.98
CA LYS RB 218 0.80 117.70 59.13
C LYS RB 218 2.31 117.69 58.90
N GLU RB 219 3.00 116.66 59.38
CA GLU RB 219 4.43 116.53 59.11
C GLU RB 219 4.71 116.41 57.62
N ALA RB 220 3.92 115.58 56.92
CA ALA RB 220 4.12 115.41 55.48
C ALA RB 220 3.84 116.71 54.72
N LYS RB 221 2.78 117.42 55.10
CA LYS RB 221 2.45 118.67 54.41
C LYS RB 221 3.47 119.75 54.73
N GLU RB 222 4.05 119.72 55.94
CA GLU RB 222 5.15 120.63 56.26
C GLU RB 222 6.38 120.30 55.43
N LYS RB 223 6.63 119.02 55.18
CA LYS RB 223 7.72 118.64 54.28
C LYS RB 223 7.47 119.18 52.87
N ARG RB 224 6.23 119.05 52.38
CA ARG RB 224 5.89 119.61 51.07
C ARG RB 224 6.08 121.12 51.05
N GLN RB 225 5.66 121.80 52.11
CA GLN RB 225 5.79 123.25 52.16
C GLN RB 225 7.26 123.68 52.27
N GLU RB 226 8.09 122.88 52.93
CA GLU RB 226 9.50 123.17 52.95
C GLU RB 226 10.15 122.96 51.59
N GLN RB 227 9.68 121.96 50.84
CA GLN RB 227 10.10 121.83 49.45
C GLN RB 227 9.68 123.05 48.63
N ILE RB 228 8.47 123.56 48.86
CA ILE RB 228 8.01 124.78 48.21
C ILE RB 228 8.91 125.95 48.57
N ALA RB 229 9.26 126.08 49.85
CA ALA RB 229 10.14 127.16 50.29
C ALA RB 229 11.52 127.05 49.67
N LYS RB 230 12.05 125.83 49.53
CA LYS RB 230 13.35 125.65 48.90
C LYS RB 230 13.31 126.02 47.41
N ARG RB 231 12.25 125.61 46.71
CA ARG RB 231 12.19 125.96 45.29
C ARG RB 231 11.83 127.41 45.06
N ARG RB 232 11.29 128.10 46.06
CA ARG RB 232 10.92 129.50 45.91
C ARG RB 232 12.01 130.47 46.36
N ARG RB 233 12.79 130.12 47.38
CA ARG RB 233 13.77 131.05 47.94
C ARG RB 233 15.04 131.15 47.09
N LEU RB 234 15.23 130.23 46.14
CA LEU RB 234 16.41 130.24 45.27
C LEU RB 234 15.90 130.07 43.85
N SER RB 235 15.66 131.20 43.17
CA SER RB 235 15.09 131.19 41.83
C SER RB 235 15.97 131.82 40.77
N SER RB 236 16.85 132.77 41.13
CA SER RB 236 17.69 133.42 40.14
C SER RB 236 19.15 133.42 40.60
N LEU RB 237 19.38 133.32 41.90
CA LEU RB 237 20.74 133.33 42.44
C LEU RB 237 21.45 132.01 42.14
N SER SB 1 51.12 133.45 14.96
CA SER SB 1 51.41 132.09 14.50
C SER SB 1 50.43 131.66 13.42
N ALA SB 2 50.96 131.08 12.34
CA ALA SB 2 50.15 130.61 11.22
C ALA SB 2 49.98 129.10 11.34
N LYS SB 3 48.73 128.67 11.47
CA LYS SB 3 48.39 127.25 11.60
C LYS SB 3 47.10 127.05 10.84
N ILE SB 4 47.21 126.57 9.60
CA ILE SB 4 46.06 126.47 8.71
C ILE SB 4 45.78 125.03 8.29
N VAL SB 5 46.72 124.12 8.44
CA VAL SB 5 46.50 122.71 8.10
C VAL SB 5 46.74 121.88 9.36
N LYS SB 6 45.68 121.69 10.14
CA LYS SB 6 45.70 120.88 11.34
C LYS SB 6 44.26 120.58 11.78
N PRO SB 7 43.60 119.60 11.18
CA PRO SB 7 42.33 119.12 11.76
C PRO SB 7 42.49 117.88 12.62
N ASN SB 8 41.79 117.84 13.75
CA ASN SB 8 41.69 116.66 14.60
C ASN SB 8 40.55 116.89 15.60
N GLY SB 9 40.45 116.01 16.59
CA GLY SB 9 39.31 116.06 17.50
C GLY SB 9 39.29 117.32 18.36
N GLU SB 10 40.44 117.69 18.91
CA GLU SB 10 40.50 118.84 19.81
C GLU SB 10 41.02 120.08 19.07
N LYS SB 11 40.73 121.23 19.64
CA LYS SB 11 41.05 122.51 19.01
C LYS SB 11 42.51 122.94 19.18
N PRO SB 12 43.10 122.95 20.41
CA PRO SB 12 44.45 123.51 20.53
C PRO SB 12 45.54 122.59 20.00
N ASP SB 13 46.77 123.11 19.93
CA ASP SB 13 47.93 122.32 19.56
C ASP SB 13 49.14 122.86 20.30
N GLU SB 14 50.04 121.94 20.65
CA GLU SB 14 51.34 122.30 21.23
C GLU SB 14 52.41 121.64 20.38
N PHE SB 15 53.33 122.48 19.87
CA PHE SB 15 54.48 122.06 19.07
C PHE SB 15 54.05 121.54 17.69
N GLU SB 16 52.74 121.38 17.50
CA GLU SB 16 52.20 120.97 16.21
C GLU SB 16 51.95 122.17 15.31
N SER SB 17 51.76 123.36 15.89
CA SER SB 17 51.74 124.58 15.11
C SER SB 17 53.05 124.75 14.35
N GLY SB 18 54.16 124.30 14.93
CA GLY SB 18 55.43 124.37 14.24
C GLY SB 18 55.47 123.49 12.99
N ILE SB 19 54.99 122.25 13.10
CA ILE SB 19 55.03 121.36 11.95
C ILE SB 19 54.02 121.82 10.88
N SER SB 20 52.87 122.33 11.30
CA SER SB 20 51.93 122.90 10.34
C SER SB 20 52.51 124.14 9.67
N GLN SB 21 53.26 124.95 10.42
CA GLN SB 21 53.96 126.08 9.84
C GLN SB 21 54.95 125.61 8.78
N ALA SB 22 55.80 124.67 9.14
CA ALA SB 22 56.75 124.10 8.20
C ALA SB 22 56.06 123.50 6.98
N LEU SB 23 54.81 123.07 7.12
CA LEU SB 23 54.06 122.60 5.96
C LEU SB 23 53.49 123.75 5.13
N LEU SB 24 53.32 124.94 5.71
CA LEU SB 24 52.68 126.00 4.93
C LEU SB 24 53.70 126.85 4.19
N GLU SB 25 54.91 127.01 4.72
CA GLU SB 25 56.01 127.54 3.91
C GLU SB 25 56.67 126.46 3.07
N LEU SB 26 56.02 125.31 2.90
CA LEU SB 26 56.38 124.34 1.88
C LEU SB 26 55.83 124.74 0.51
N GLU SB 27 55.20 125.92 0.44
CA GLU SB 27 54.68 126.46 -0.81
C GLU SB 27 55.84 126.70 -1.80
N MET SB 28 55.47 126.89 -3.07
CA MET SB 28 56.39 127.10 -4.20
C MET SB 28 57.52 126.07 -4.21
N ASN SB 29 57.16 124.81 -3.97
CA ASN SB 29 58.09 123.70 -4.00
C ASN SB 29 58.12 123.11 -5.41
N SER SB 30 58.70 121.91 -5.55
CA SER SB 30 58.83 121.24 -6.84
C SER SB 30 57.48 120.63 -7.25
N ASP SB 31 56.52 121.52 -7.49
CA ASP SB 31 55.17 121.15 -7.94
C ASP SB 31 54.53 120.13 -7.01
N LEU SB 32 54.69 120.33 -5.71
CA LEU SB 32 54.19 119.41 -4.71
C LEU SB 32 52.92 119.89 -4.02
N LYS SB 33 52.72 121.21 -3.90
CA LYS SB 33 51.54 121.74 -3.24
C LYS SB 33 50.25 121.45 -3.98
N ALA SB 34 50.33 121.07 -5.26
CA ALA SB 34 49.11 120.81 -6.04
C ALA SB 34 48.33 119.63 -5.46
N GLN SB 35 49.02 118.55 -5.13
CA GLN SB 35 48.40 117.38 -4.51
C GLN SB 35 48.53 117.39 -2.99
N LEU SB 36 49.19 118.41 -2.43
CA LEU SB 36 49.40 118.50 -0.99
C LEU SB 36 48.40 119.39 -0.29
N ARG SB 37 47.83 120.38 -1.00
CA ARG SB 37 46.96 121.34 -0.34
C ARG SB 37 45.65 120.72 0.10
N GLU SB 38 45.15 119.71 -0.62
CA GLU SB 38 43.94 119.01 -0.20
C GLU SB 38 44.20 118.07 0.97
N LEU SB 39 45.45 117.83 1.32
CA LEU SB 39 45.81 116.94 2.41
C LEU SB 39 45.81 117.69 3.74
N ASN SB 40 45.84 116.93 4.83
CA ASN SB 40 45.76 117.53 6.16
C ASN SB 40 46.40 116.59 7.19
N ILE SB 41 46.65 117.14 8.37
CA ILE SB 41 47.44 116.49 9.40
C ILE SB 41 46.60 116.32 10.67
N THR SB 42 46.58 115.11 11.21
CA THR SB 42 45.86 114.86 12.45
C THR SB 42 46.63 115.38 13.65
N ALA SB 43 47.83 114.87 13.89
CA ALA SB 43 48.61 115.26 15.06
C ALA SB 43 50.08 115.03 14.79
N ALA SB 44 50.91 115.48 15.74
CA ALA SB 44 52.36 115.33 15.65
C ALA SB 44 52.93 115.18 17.05
N LYS SB 45 54.14 114.61 17.13
CA LYS SB 45 54.76 114.34 18.41
C LYS SB 45 56.26 114.08 18.23
N GLU SB 46 57.05 114.65 19.13
CA GLU SB 46 58.48 114.39 19.22
C GLU SB 46 58.79 113.50 20.41
N ILE SB 47 59.61 112.47 20.17
CA ILE SB 47 60.09 111.59 21.22
C ILE SB 47 61.60 111.45 21.09
N GLU SB 48 62.22 110.90 22.14
CA GLU SB 48 63.65 110.71 22.19
C GLU SB 48 64.00 109.27 21.86
N VAL SB 49 64.86 109.07 20.87
CA VAL SB 49 65.28 107.73 20.44
C VAL SB 49 66.80 107.70 20.36
N GLY SB 50 67.35 106.49 20.54
CA GLY SB 50 68.78 106.31 20.47
C GLY SB 50 69.57 107.06 21.53
N GLY SB 51 70.46 107.94 21.08
CA GLY SB 51 71.28 108.72 21.98
C GLY SB 51 70.73 110.13 22.16
N GLY SB 52 71.30 111.08 21.44
CA GLY SB 52 70.76 112.43 21.41
C GLY SB 52 70.03 112.72 20.13
N ARG SB 53 69.27 111.74 19.64
CA ARG SB 53 68.57 111.83 18.37
C ARG SB 53 67.08 111.99 18.62
N LYS SB 54 66.47 112.95 17.92
CA LYS SB 54 65.05 113.24 18.06
C LYS SB 54 64.28 112.66 16.87
N ALA SB 55 63.06 112.20 17.15
CA ALA SB 55 62.20 111.61 16.13
C ALA SB 55 60.83 112.28 16.15
N ILE SB 56 60.34 112.64 14.97
CA ILE SB 56 59.05 113.29 14.82
C ILE SB 56 58.07 112.29 14.19
N ILE SB 57 56.90 112.18 14.79
CA ILE SB 57 55.83 111.29 14.31
C ILE SB 57 54.67 112.18 13.89
N ILE SB 58 54.28 112.09 12.63
CA ILE SB 58 53.22 112.91 12.07
C ILE SB 58 52.02 112.03 11.81
N PHE SB 59 50.85 112.45 12.29
CA PHE SB 59 49.64 111.65 12.21
C PHE SB 59 48.70 112.20 11.15
N VAL SB 60 48.16 111.29 10.34
CA VAL SB 60 47.28 111.66 9.24
C VAL SB 60 46.00 110.84 9.35
N PRO SB 61 44.89 111.34 8.79
CA PRO SB 61 43.67 110.54 8.80
C PRO SB 61 43.82 109.28 7.96
N VAL SB 62 43.02 108.26 8.34
CA VAL SB 62 43.02 107.01 7.57
C VAL SB 62 42.67 107.21 6.10
N PRO SB 63 41.63 107.98 5.73
CA PRO SB 63 41.29 108.08 4.30
C PRO SB 63 42.40 108.58 3.40
N GLN SB 64 43.22 109.53 3.86
CA GLN SB 64 44.26 110.09 3.02
C GLN SB 64 45.62 109.44 3.25
N LEU SB 65 45.66 108.30 3.94
CA LEU SB 65 46.94 107.65 4.20
C LEU SB 65 47.60 107.20 2.90
N LYS SB 66 46.83 106.64 1.97
CA LYS SB 66 47.38 106.22 0.69
C LYS SB 66 47.90 107.41 -0.10
N SER SB 67 47.13 108.50 -0.12
CA SER SB 67 47.57 109.70 -0.81
C SER SB 67 48.84 110.27 -0.18
N PHE SB 68 48.94 110.22 1.15
CA PHE SB 68 50.17 110.68 1.80
C PHE SB 68 51.35 109.80 1.43
N GLN SB 69 51.16 108.48 1.45
CA GLN SB 69 52.23 107.56 1.09
C GLN SB 69 52.68 107.78 -0.36
N LYS SB 70 51.75 108.16 -1.24
CA LYS SB 70 52.08 108.36 -2.65
C LYS SB 70 53.17 109.39 -2.84
N ILE SB 71 53.34 110.33 -1.91
CA ILE SB 71 54.38 111.35 -1.99
C ILE SB 71 55.32 111.32 -0.81
N GLN SB 72 55.14 110.39 0.14
CA GLN SB 72 55.90 110.40 1.39
C GLN SB 72 57.41 110.41 1.18
N VAL SB 73 57.90 109.53 0.31
CA VAL SB 73 59.34 109.42 0.08
C VAL SB 73 59.90 110.73 -0.44
N ARG SB 74 59.07 111.54 -1.11
CA ARG SB 74 59.53 112.83 -1.57
C ARG SB 74 59.73 113.79 -0.41
N LEU SB 75 58.67 114.08 0.35
CA LEU SB 75 58.78 115.16 1.33
C LEU SB 75 59.44 114.74 2.64
N VAL SB 76 59.79 113.45 2.82
CA VAL SB 76 60.60 113.10 3.99
C VAL SB 76 61.91 113.85 3.98
N ARG SB 77 62.57 113.93 2.82
CA ARG SB 77 63.84 114.66 2.77
C ARG SB 77 63.63 116.17 2.95
N GLU SB 78 62.51 116.70 2.46
CA GLU SB 78 62.22 118.12 2.70
C GLU SB 78 62.06 118.39 4.20
N LEU SB 79 61.33 117.53 4.90
CA LEU SB 79 61.16 117.70 6.34
C LEU SB 79 62.47 117.51 7.09
N GLU SB 80 63.33 116.60 6.60
CA GLU SB 80 64.65 116.45 7.19
C GLU SB 80 65.50 117.71 7.02
N LYS SB 81 65.43 118.33 5.84
CA LYS SB 81 66.17 119.57 5.63
C LYS SB 81 65.61 120.69 6.50
N LYS SB 82 64.29 120.75 6.65
CA LYS SB 82 63.67 121.76 7.51
C LYS SB 82 64.09 121.55 8.96
N PHE SB 83 64.09 120.30 9.42
CA PHE SB 83 64.39 119.95 10.80
C PHE SB 83 65.63 119.05 10.80
N SER SB 84 66.81 119.67 10.86
CA SER SB 84 68.05 118.92 10.78
C SER SB 84 68.26 118.08 12.04
N GLY SB 85 68.93 116.94 11.86
CA GLY SB 85 69.23 116.06 12.97
C GLY SB 85 68.06 115.23 13.47
N LYS SB 86 66.99 115.11 12.69
CA LYS SB 86 65.81 114.37 13.09
C LYS SB 86 65.34 113.49 11.96
N HIS SB 87 64.46 112.55 12.28
CA HIS SB 87 63.91 111.61 11.31
C HIS SB 87 62.39 111.64 11.37
N VAL SB 88 61.77 111.51 10.20
CA VAL SB 88 60.34 111.73 10.02
C VAL SB 88 59.66 110.39 9.74
N VAL SB 89 58.59 110.11 10.49
CA VAL SB 89 57.78 108.92 10.28
C VAL SB 89 56.32 109.32 10.21
N PHE SB 90 55.53 108.59 9.42
CA PHE SB 90 54.15 108.92 9.15
C PHE SB 90 53.25 107.77 9.61
N ILE SB 91 52.26 108.10 10.43
CA ILE SB 91 51.35 107.12 11.04
C ILE SB 91 49.92 107.60 10.83
N ALA SB 92 49.01 106.66 10.60
CA ALA SB 92 47.59 106.94 10.49
C ALA SB 92 46.90 106.60 11.81
N GLN SB 93 46.04 107.50 12.28
CA GLN SB 93 45.34 107.29 13.54
C GLN SB 93 44.18 106.33 13.33
N ARG SB 94 44.24 105.16 13.98
CA ARG SB 94 43.33 104.07 13.70
C ARG SB 94 42.22 103.90 14.72
N ARG SB 95 42.25 104.63 15.84
CA ARG SB 95 41.15 104.69 16.81
C ARG SB 95 40.83 103.29 17.34
N ILE SB 96 41.77 102.77 18.13
CA ILE SB 96 41.62 101.43 18.71
C ILE SB 96 40.35 101.36 19.54
N LEU SB 97 39.56 100.31 19.31
CA LEU SB 97 38.39 100.09 20.14
C LEU SB 97 38.68 99.04 21.20
N PRO SB 98 38.16 99.22 22.41
CA PRO SB 98 38.35 98.22 23.46
C PRO SB 98 37.64 96.92 23.12
N LYS SB 99 38.20 95.82 23.61
CA LYS SB 99 37.58 94.52 23.43
C LYS SB 99 36.32 94.44 24.28
N PRO SB 100 35.17 94.05 23.72
CA PRO SB 100 33.92 94.05 24.48
C PRO SB 100 33.90 92.99 25.57
N THR SB 101 33.61 93.41 26.81
CA THR SB 101 33.53 92.52 27.94
C THR SB 101 32.09 92.37 28.40
N ARG SB 102 31.87 91.66 29.50
CA ARG SB 102 30.55 91.47 30.07
C ARG SB 102 30.02 92.72 30.76
N LYS SB 103 30.84 93.74 30.95
CA LYS SB 103 30.41 94.95 31.65
C LYS SB 103 30.17 96.10 30.66
N LYS SB 107 22.06 102.56 25.04
CA LYS SB 107 22.58 101.27 25.50
C LYS SB 107 22.68 100.32 24.32
N ASN SB 108 23.41 100.74 23.29
CA ASN SB 108 23.50 99.96 22.06
C ASN SB 108 24.82 100.30 21.37
N LYS SB 109 25.67 99.30 21.19
CA LYS SB 109 26.92 99.45 20.47
C LYS SB 109 26.96 98.46 19.31
N GLN SB 110 27.42 98.95 18.15
CA GLN SB 110 27.55 98.11 16.98
C GLN SB 110 28.66 97.09 17.17
N LYS SB 111 28.65 96.06 16.33
CA LYS SB 111 29.71 95.06 16.36
C LYS SB 111 31.03 95.71 15.97
N ARG SB 112 32.07 95.43 16.74
CA ARG SB 112 33.37 96.03 16.52
C ARG SB 112 33.99 95.50 15.23
N PRO SB 113 34.33 96.35 14.26
CA PRO SB 113 35.01 95.87 13.07
C PRO SB 113 36.40 95.34 13.42
N ARG SB 114 36.86 94.36 12.63
CA ARG SB 114 38.19 93.82 12.86
C ARG SB 114 39.26 94.86 12.57
N SER SB 115 38.95 95.85 11.73
CA SER SB 115 39.90 96.93 11.47
C SER SB 115 40.14 97.76 12.73
N ARG SB 116 39.14 97.90 13.58
CA ARG SB 116 39.28 98.64 14.83
C ARG SB 116 39.88 97.80 15.94
N THR SB 117 40.09 96.51 15.72
CA THR SB 117 40.71 95.68 16.74
C THR SB 117 42.17 96.04 16.91
N LEU SB 118 42.70 95.77 18.11
CA LEU SB 118 43.96 96.35 18.52
C LEU SB 118 45.15 95.74 17.80
N THR SB 119 45.19 94.41 17.66
CA THR SB 119 46.30 93.77 16.97
C THR SB 119 46.36 94.19 15.51
N ALA SB 120 45.19 94.32 14.87
CA ALA SB 120 45.15 94.84 13.52
C ALA SB 120 45.69 96.26 13.46
N VAL SB 121 45.35 97.08 14.45
CA VAL SB 121 45.89 98.44 14.49
C VAL SB 121 47.41 98.41 14.59
N HIS SB 122 47.93 97.56 15.49
CA HIS SB 122 49.37 97.57 15.73
C HIS SB 122 50.16 97.05 14.53
N ASP SB 123 49.73 95.96 13.91
CA ASP SB 123 50.51 95.52 12.76
C ASP SB 123 50.24 96.36 11.52
N ALA SB 124 49.10 97.06 11.45
CA ALA SB 124 48.89 98.00 10.36
C ALA SB 124 49.81 99.21 10.49
N ILE SB 125 49.93 99.76 11.70
CA ILE SB 125 50.81 100.91 11.88
C ILE SB 125 52.27 100.47 11.80
N LEU SB 126 52.56 99.21 12.13
CA LEU SB 126 53.89 98.69 11.88
C LEU SB 126 54.16 98.60 10.38
N GLU SB 127 53.12 98.30 9.60
CA GLU SB 127 53.27 98.26 8.14
C GLU SB 127 53.59 99.63 7.57
N ASP SB 128 52.85 100.66 7.96
CA ASP SB 128 53.03 101.98 7.38
C ASP SB 128 54.20 102.76 7.98
N LEU SB 129 54.72 102.33 9.14
CA LEU SB 129 55.89 102.96 9.71
C LEU SB 129 57.13 102.78 8.84
N VAL SB 130 57.19 101.69 8.09
CA VAL SB 130 58.37 101.32 7.31
C VAL SB 130 58.05 101.47 5.83
N PHE SB 131 57.23 102.47 5.50
CA PHE SB 131 56.66 102.58 4.16
C PHE SB 131 57.64 102.46 2.99
N PRO SB 132 58.84 103.06 3.01
CA PRO SB 132 59.76 102.84 1.87
C PRO SB 132 60.11 101.38 1.65
N SER SB 133 60.00 100.54 2.66
CA SER SB 133 60.17 99.10 2.54
C SER SB 133 58.83 98.39 2.75
N GLU SB 134 58.88 97.07 2.74
CA GLU SB 134 57.71 96.24 3.02
C GLU SB 134 58.12 95.07 3.89
N ILE SB 135 57.18 94.57 4.67
CA ILE SB 135 57.44 93.41 5.52
C ILE SB 135 57.30 92.15 4.67
N VAL SB 136 58.42 91.46 4.45
CA VAL SB 136 58.39 90.18 3.75
C VAL SB 136 58.31 89.01 4.71
N GLY SB 137 58.47 89.23 6.01
CA GLY SB 137 58.38 88.18 6.99
C GLY SB 137 58.40 88.73 8.40
N LYS SB 138 57.79 88.00 9.34
CA LYS SB 138 57.72 88.45 10.72
C LYS SB 138 58.06 87.29 11.65
N ARG SB 139 58.81 87.59 12.71
CA ARG SB 139 59.17 86.61 13.72
C ARG SB 139 58.93 87.19 15.11
N ILE SB 140 58.45 86.34 16.01
CA ILE SB 140 58.27 86.69 17.41
C ILE SB 140 59.04 85.69 18.26
N ARG SB 141 59.89 86.19 19.14
CA ARG SB 141 60.71 85.36 20.03
C ARG SB 141 60.31 85.61 21.47
N VAL SB 142 60.22 84.54 22.25
CA VAL SB 142 59.97 84.61 23.68
C VAL SB 142 61.32 84.46 24.38
N LYS SB 143 61.71 85.47 25.15
CA LYS SB 143 63.07 85.55 25.70
C LYS SB 143 63.15 84.96 27.10
N LEU SB 144 62.65 83.72 27.22
CA LEU SB 144 62.89 82.85 28.36
C LEU SB 144 62.28 83.35 29.67
N ASP SB 145 61.62 84.51 29.63
CA ASP SB 145 60.98 85.03 30.83
C ASP SB 145 59.62 85.65 30.53
N GLY SB 146 59.03 85.35 29.39
CA GLY SB 146 57.76 85.92 29.00
C GLY SB 146 57.85 87.18 28.18
N SER SB 147 58.99 87.86 28.21
CA SER SB 147 59.16 89.04 27.38
C SER SB 147 59.24 88.65 25.90
N ARG SB 148 58.48 89.35 25.08
CA ARG SB 148 58.35 89.02 23.67
C ARG SB 148 59.18 89.99 22.83
N LEU SB 149 59.96 89.44 21.90
CA LEU SB 149 60.78 90.22 21.00
C LEU SB 149 60.40 89.90 19.57
N ILE SB 150 60.23 90.93 18.74
CA ILE SB 150 59.75 90.78 17.38
C ILE SB 150 60.87 91.12 16.41
N LYS SB 151 61.17 90.19 15.51
CA LYS SB 151 62.08 90.43 14.41
C LYS SB 151 61.27 90.56 13.13
N VAL SB 152 61.55 91.60 12.35
CA VAL SB 152 60.78 91.93 11.16
C VAL SB 152 61.70 91.82 9.95
N HIS SB 153 61.25 91.07 8.94
CA HIS SB 153 62.00 90.86 7.72
C HIS SB 153 61.52 91.85 6.66
N LEU SB 154 62.40 92.78 6.27
CA LEU SB 154 62.04 93.83 5.33
C LEU SB 154 62.44 93.45 3.91
N ASP SB 155 62.32 94.42 3.00
CA ASP SB 155 62.35 94.14 1.57
C ASP SB 155 63.72 93.65 1.10
N LYS SB 156 64.80 94.32 1.55
CA LYS SB 156 66.18 94.12 1.10
C LYS SB 156 66.35 94.69 -0.32
N ALA SB 157 65.25 95.11 -0.93
CA ALA SB 157 65.31 95.60 -2.31
C ALA SB 157 65.92 96.98 -2.40
N GLN SB 158 65.79 97.76 -1.33
CA GLN SB 158 66.33 99.10 -1.20
C GLN SB 158 67.22 99.18 0.03
N GLN SB 159 68.33 99.90 -0.10
CA GLN SB 159 69.38 99.86 0.90
C GLN SB 159 70.05 101.22 1.08
N ASN SB 160 69.34 102.31 0.83
CA ASN SB 160 69.95 103.64 0.85
C ASN SB 160 69.31 104.60 1.83
N ASN SB 161 68.03 104.42 2.17
CA ASN SB 161 67.30 105.42 2.92
C ASN SB 161 66.51 104.88 4.09
N VAL SB 162 66.72 103.63 4.50
CA VAL SB 162 65.97 103.08 5.62
C VAL SB 162 66.91 102.48 6.66
N GLU SB 163 68.08 102.02 6.21
CA GLU SB 163 68.98 101.27 7.09
C GLU SB 163 69.44 102.08 8.29
N HIS SB 164 69.42 103.41 8.21
CA HIS SB 164 69.80 104.26 9.33
C HIS SB 164 68.61 104.64 10.21
N LYS SB 165 67.38 104.39 9.76
CA LYS SB 165 66.20 104.76 10.51
C LYS SB 165 65.56 103.59 11.24
N VAL SB 166 66.19 102.41 11.19
CA VAL SB 166 65.59 101.23 11.82
C VAL SB 166 65.56 101.35 13.34
N GLU SB 167 66.61 101.93 13.94
CA GLU SB 167 66.60 102.14 15.38
C GLU SB 167 65.56 103.15 15.80
N THR SB 168 65.38 104.21 15.00
CA THR SB 168 64.30 105.15 15.25
C THR SB 168 62.94 104.48 15.10
N PHE SB 169 62.83 103.56 14.14
CA PHE SB 169 61.60 102.79 14.00
C PHE SB 169 61.30 101.98 15.25
N SER SB 170 62.33 101.31 15.78
CA SER SB 170 62.15 100.54 17.01
C SER SB 170 61.76 101.44 18.17
N GLY SB 171 62.40 102.61 18.27
CA GLY SB 171 62.10 103.52 19.35
C GLY SB 171 60.66 104.03 19.29
N VAL SB 172 60.22 104.45 18.10
CA VAL SB 172 58.86 104.99 17.99
C VAL SB 172 57.83 103.88 18.22
N TYR SB 173 58.11 102.67 17.73
CA TYR SB 173 57.18 101.57 17.98
C TYR SB 173 57.11 101.24 19.46
N LYS SB 174 58.25 101.23 20.15
CA LYS SB 174 58.22 100.98 21.58
C LYS SB 174 57.48 102.08 22.32
N LYS SB 175 57.58 103.31 21.82
CA LYS SB 175 56.86 104.41 22.46
C LYS SB 175 55.36 104.27 22.31
N LEU SB 176 54.88 104.05 21.09
CA LEU SB 176 53.44 104.09 20.83
C LEU SB 176 52.81 102.72 20.71
N THR SB 177 53.53 101.65 20.98
CA THR SB 177 52.91 100.34 21.07
C THR SB 177 53.23 99.64 22.38
N GLY SB 178 54.45 99.79 22.88
CA GLY SB 178 54.82 99.22 24.16
C GLY SB 178 55.54 97.89 24.11
N LYS SB 179 55.86 97.38 22.92
CA LYS SB 179 56.60 96.14 22.78
C LYS SB 179 57.82 96.35 21.91
N ASP SB 180 58.90 95.65 22.26
CA ASP SB 180 60.16 95.79 21.55
C ASP SB 180 60.08 95.11 20.19
N VAL SB 181 60.56 95.80 19.16
CA VAL SB 181 60.61 95.26 17.80
C VAL SB 181 61.98 95.54 17.21
N ASN SB 182 62.60 94.50 16.65
CA ASN SB 182 63.87 94.64 15.95
C ASN SB 182 63.65 94.35 14.47
N PHE SB 183 64.47 94.96 13.64
CA PHE SB 183 64.35 94.85 12.19
C PHE SB 183 65.60 94.19 11.63
N GLU SB 184 65.42 93.46 10.53
CA GLU SB 184 66.55 92.77 9.90
C GLU SB 184 66.24 92.54 8.43
N PHE SB 185 67.30 92.51 7.63
CA PHE SB 185 67.20 92.32 6.20
C PHE SB 185 67.67 90.92 5.83
N PRO SB 186 66.81 90.03 5.37
CA PRO SB 186 67.24 88.70 4.96
C PRO SB 186 67.79 88.73 3.54
N GLU SB 187 68.30 87.59 3.11
CA GLU SB 187 68.79 87.44 1.74
C GLU SB 187 67.61 87.18 0.81
N PHE SB 188 67.91 86.75 -0.41
CA PHE SB 188 66.87 86.46 -1.40
C PHE SB 188 65.99 85.31 -0.93
N GLN SB 189 64.71 85.40 -1.28
CA GLN SB 189 63.75 84.37 -0.91
C GLN SB 189 63.12 83.74 -2.16
N GLY TB 1 -17.70 57.55 43.80
CA GLY TB 1 -18.74 58.25 43.07
C GLY TB 1 -18.20 59.07 41.92
N ILE TB 2 -18.83 60.23 41.67
CA ILE TB 2 -18.33 61.16 40.68
C ILE TB 2 -16.98 61.67 41.14
N SER TB 3 -15.95 61.48 40.32
CA SER TB 3 -14.58 61.80 40.69
C SER TB 3 -14.01 62.85 39.77
N ARG TB 4 -13.19 63.74 40.33
CA ARG TB 4 -12.51 64.79 39.59
C ARG TB 4 -11.01 64.59 39.56
N ASP TB 5 -10.56 63.34 39.72
CA ASP TB 5 -9.14 63.07 39.78
C ASP TB 5 -8.49 63.28 38.42
N ASN TB 6 -7.19 63.54 38.45
CA ASN TB 6 -6.41 63.73 37.24
C ASN TB 6 -5.76 62.46 36.74
N TRP TB 7 -5.66 61.43 37.58
CA TRP TB 7 -4.93 60.22 37.20
C TRP TB 7 -5.73 59.27 36.31
N HIS TB 8 -7.05 59.43 36.24
CA HIS TB 8 -7.82 58.60 35.33
C HIS TB 8 -7.64 59.00 33.88
N LYS TB 9 -7.21 60.24 33.62
CA LYS TB 9 -6.93 60.67 32.26
C LYS TB 9 -5.60 60.09 31.80
N ARG TB 10 -5.39 60.12 30.48
CA ARG TB 10 -4.13 59.68 29.93
C ARG TB 10 -3.04 60.71 30.19
N ARG TB 11 -1.79 60.29 29.99
CA ARG TB 11 -0.68 61.21 30.06
C ARG TB 11 -0.61 62.08 28.82
N LYS TB 12 0.24 63.11 28.89
CA LYS TB 12 0.42 64.00 27.75
C LYS TB 12 0.99 63.25 26.55
N THR TB 13 1.94 62.34 26.80
CA THR TB 13 2.51 61.53 25.73
C THR TB 13 1.52 60.53 25.17
N GLY TB 14 0.39 60.30 25.83
CA GLY TB 14 -0.60 59.35 25.38
C GLY TB 14 -0.55 58.01 26.08
N GLY TB 15 0.45 57.76 26.90
CA GLY TB 15 0.52 56.50 27.62
C GLY TB 15 -0.54 56.39 28.69
N LYS TB 16 -0.92 55.16 28.99
CA LYS TB 16 -1.96 54.91 29.97
C LYS TB 16 -1.38 54.96 31.39
N ARG TB 17 -2.03 55.71 32.26
CA ARG TB 17 -1.58 55.86 33.63
C ARG TB 17 -2.23 54.80 34.50
N LYS TB 18 -1.54 54.41 35.58
CA LYS TB 18 -2.10 53.48 36.55
C LYS TB 18 -2.36 54.19 37.87
N PRO TB 19 -3.51 53.98 38.50
CA PRO TB 19 -3.79 54.66 39.76
C PRO TB 19 -2.98 54.07 40.90
N TYR TB 20 -2.34 54.95 41.68
CA TYR TB 20 -1.58 54.52 42.84
C TYR TB 20 -2.37 54.57 44.12
N HIS TB 21 -3.64 54.99 44.07
CA HIS TB 21 -4.53 54.87 45.21
C HIS TB 21 -5.97 54.84 44.70
N LYS TB 22 -6.86 54.37 45.55
CA LYS TB 22 -8.27 54.36 45.20
C LYS TB 22 -8.84 55.77 45.28
N LYS TB 23 -10.14 55.88 45.04
CA LYS TB 23 -10.78 57.19 45.01
C LYS TB 23 -10.80 57.82 46.39
N ARG TB 24 -10.23 59.01 46.50
CA ARG TB 24 -10.24 59.78 47.74
C ARG TB 24 -11.44 60.71 47.76
N LYS TB 25 -11.86 61.07 48.99
CA LYS TB 25 -13.08 61.85 49.12
C LYS TB 25 -12.89 63.29 48.63
N TYR TB 26 -11.73 63.90 48.90
CA TYR TB 26 -11.56 65.31 48.57
C TYR TB 26 -11.61 65.57 47.08
N GLU TB 27 -11.33 64.57 46.25
CA GLU TB 27 -11.54 64.68 44.81
C GLU TB 27 -12.89 64.12 44.38
N LEU TB 28 -13.97 64.56 45.03
CA LEU TB 28 -15.30 64.08 44.70
C LEU TB 28 -15.99 65.02 43.73
N GLY TB 29 -17.01 64.49 43.06
CA GLY TB 29 -17.90 65.30 42.27
C GLY TB 29 -19.33 65.07 42.72
N ARG TB 30 -20.19 66.02 42.36
CA ARG TB 30 -21.59 65.95 42.76
C ARG TB 30 -22.48 66.15 41.55
N PRO TB 31 -23.69 65.60 41.57
CA PRO TB 31 -24.58 65.74 40.40
C PRO TB 31 -24.91 67.20 40.11
N ALA TB 32 -25.10 67.48 38.82
CA ALA TB 32 -25.42 68.83 38.38
C ALA TB 32 -26.74 69.29 39.01
N ALA TB 33 -26.75 70.55 39.46
CA ALA TB 33 -27.93 71.09 40.11
C ALA TB 33 -29.11 71.16 39.14
N ASN TB 34 -28.83 71.54 37.89
CA ASN TB 34 -29.85 71.61 36.84
C ASN TB 34 -31.00 72.53 37.25
N THR TB 35 -30.64 73.79 37.52
CA THR TB 35 -31.63 74.75 38.00
C THR TB 35 -32.66 75.03 36.92
N LYS TB 36 -33.92 74.86 37.27
CA LYS TB 36 -35.02 75.13 36.36
C LYS TB 36 -35.82 76.32 36.88
N ILE TB 37 -36.82 76.73 36.12
CA ILE TB 37 -37.61 77.92 36.41
C ILE TB 37 -38.92 77.49 37.03
N GLY TB 38 -39.22 78.01 38.22
CA GLY TB 38 -40.43 77.67 38.92
C GLY TB 38 -40.46 78.20 40.34
N PRO TB 39 -41.34 77.68 41.18
CA PRO TB 39 -41.38 78.09 42.58
C PRO TB 39 -40.05 77.79 43.28
N ARG TB 40 -39.68 78.67 44.20
CA ARG TB 40 -38.35 78.60 44.80
C ARG TB 40 -38.16 77.31 45.59
N ARG TB 41 -37.18 76.52 45.16
CA ARG TB 41 -36.80 75.30 45.86
C ARG TB 41 -35.27 75.27 45.92
N ILE TB 42 -34.72 75.39 47.12
CA ILE TB 42 -33.28 75.41 47.32
C ILE TB 42 -32.91 74.34 48.33
N HIS TB 43 -32.00 73.45 47.95
CA HIS TB 43 -31.48 72.44 48.84
C HIS TB 43 -30.10 72.87 49.33
N THR TB 44 -29.82 72.57 50.60
CA THR TB 44 -28.55 72.90 51.22
C THR TB 44 -27.68 71.66 51.32
N VAL TB 45 -26.47 71.73 50.77
CA VAL TB 45 -25.56 70.60 50.75
C VAL TB 45 -24.28 70.99 51.50
N ARG TB 46 -23.76 70.04 52.26
CA ARG TB 46 -22.52 70.25 52.99
C ARG TB 46 -21.34 69.93 52.09
N VAL TB 47 -20.29 70.75 52.19
CA VAL TB 47 -19.12 70.62 51.32
C VAL TB 47 -17.88 70.39 52.17
N ARG TB 48 -16.72 70.39 51.52
CA ARG TB 48 -15.45 70.26 52.22
C ARG TB 48 -15.29 71.37 53.27
N GLY TB 49 -14.86 70.98 54.46
CA GLY TB 49 -14.60 71.94 55.51
C GLY TB 49 -15.81 72.46 56.24
N GLY TB 50 -16.96 71.80 56.10
CA GLY TB 50 -18.14 72.20 56.83
C GLY TB 50 -18.78 73.50 56.39
N ASN TB 51 -18.54 73.93 55.15
CA ASN TB 51 -19.16 75.14 54.64
C ASN TB 51 -20.52 74.80 54.04
N LYS TB 52 -21.14 75.77 53.39
CA LYS TB 52 -22.47 75.61 52.83
C LYS TB 52 -22.51 76.01 51.37
N LYS TB 53 -23.11 75.17 50.54
CA LYS TB 53 -23.42 75.49 49.16
C LYS TB 53 -24.91 75.32 48.94
N TYR TB 54 -25.52 76.31 48.29
CA TYR TB 54 -26.95 76.29 48.01
C TYR TB 54 -27.18 75.67 46.64
N ARG TB 55 -27.91 74.57 46.61
CA ARG TB 55 -28.38 73.96 45.36
C ARG TB 55 -29.76 74.52 45.04
N ALA TB 56 -29.79 75.54 44.19
CA ALA TB 56 -31.05 76.12 43.73
C ALA TB 56 -31.63 75.21 42.65
N LEU TB 57 -32.58 74.35 43.02
CA LEU TB 57 -33.17 73.46 42.04
C LEU TB 57 -34.21 74.16 41.18
N ARG TB 58 -35.05 74.98 41.80
CA ARG TB 58 -36.04 75.77 41.07
C ARG TB 58 -36.04 77.19 41.59
N LEU TB 59 -36.00 78.15 40.67
CA LEU TB 59 -36.07 79.56 41.01
C LEU TB 59 -36.93 80.31 40.00
N ASP TB 60 -37.36 81.51 40.38
CA ASP TB 60 -38.18 82.34 39.51
C ASP TB 60 -37.76 83.81 39.52
N VAL TB 61 -36.95 84.26 40.47
CA VAL TB 61 -36.60 85.66 40.61
C VAL TB 61 -35.09 85.78 40.72
N GLY TB 62 -34.60 86.98 40.46
CA GLY TB 62 -33.18 87.25 40.55
C GLY TB 62 -32.93 88.75 40.62
N ASN TB 63 -31.70 89.11 40.96
CA ASN TB 63 -31.31 90.50 41.09
C ASN TB 63 -30.46 90.88 39.89
N PHE TB 64 -31.04 91.70 38.99
CA PHE TB 64 -30.36 92.17 37.80
C PHE TB 64 -30.12 93.66 37.90
N SER TB 65 -29.01 94.12 37.32
CA SER TB 65 -28.62 95.52 37.34
C SER TB 65 -28.67 96.08 35.93
N TRP TB 66 -29.25 97.27 35.78
CA TRP TB 66 -29.24 97.93 34.47
C TRP TB 66 -27.82 98.32 34.08
N GLY TB 67 -27.10 98.99 34.97
CA GLY TB 67 -25.75 99.40 34.66
C GLY TB 67 -25.66 100.76 34.00
N SER TB 68 -26.27 100.91 32.83
CA SER TB 68 -26.24 102.21 32.14
C SER TB 68 -26.95 103.27 32.95
N GLU TB 69 -28.10 102.94 33.53
CA GLU TB 69 -28.80 103.84 34.42
C GLU TB 69 -28.46 103.63 35.88
N CYS TB 70 -27.57 102.67 36.16
CA CYS TB 70 -27.19 102.32 37.54
C CYS TB 70 -28.41 101.95 38.38
N CYS TB 71 -29.36 101.26 37.75
CA CYS TB 71 -30.58 100.81 38.41
C CYS TB 71 -30.50 99.31 38.62
N THR TB 72 -30.84 98.87 39.83
CA THR TB 72 -30.69 97.47 40.22
C THR TB 72 -31.90 97.06 41.05
N ARG TB 73 -32.75 96.20 40.49
CA ARG TB 73 -33.99 95.79 41.14
C ARG TB 73 -34.16 94.28 41.06
N LYS TB 74 -35.10 93.77 41.85
CA LYS TB 74 -35.45 92.36 41.86
C LYS TB 74 -36.71 92.18 41.03
N THR TB 75 -36.64 91.33 40.02
CA THR TB 75 -37.74 91.14 39.07
C THR TB 75 -38.07 89.65 38.92
N ARG TB 76 -38.95 89.37 37.96
CA ARG TB 76 -39.43 88.02 37.71
C ARG TB 76 -38.78 87.49 36.43
N ILE TB 77 -38.28 86.25 36.51
CA ILE TB 77 -37.67 85.59 35.36
C ILE TB 77 -38.76 84.84 34.60
N ILE TB 78 -38.83 85.06 33.29
CA ILE TB 78 -39.84 84.42 32.47
C ILE TB 78 -39.30 83.13 31.86
N ASP TB 79 -38.27 83.24 31.04
CA ASP TB 79 -37.75 82.08 30.30
C ASP TB 79 -36.35 82.37 29.81
N VAL TB 80 -35.72 81.33 29.26
CA VAL TB 80 -34.36 81.40 28.74
C VAL TB 80 -34.44 81.44 27.22
N VAL TB 81 -33.68 82.34 26.60
CA VAL TB 81 -33.76 82.54 25.16
C VAL TB 81 -32.48 82.13 24.42
N TYR TB 82 -31.33 82.17 25.06
CA TYR TB 82 -30.10 81.76 24.38
C TYR TB 82 -29.07 81.30 25.41
N ASN TB 83 -28.30 80.29 25.00
CA ASN TB 83 -27.17 79.81 25.78
C ASN TB 83 -26.05 79.50 24.82
N ALA TB 84 -24.86 80.03 25.11
CA ALA TB 84 -23.74 79.84 24.20
C ALA TB 84 -23.18 78.43 24.25
N SER TB 85 -23.24 77.78 25.42
CA SER TB 85 -22.61 76.47 25.57
C SER TB 85 -23.40 75.38 24.84
N ASN TB 86 -24.66 75.19 25.23
CA ASN TB 86 -25.45 74.09 24.68
C ASN TB 86 -26.82 74.59 24.25
N ASN TB 87 -27.33 74.02 23.16
CA ASN TB 87 -28.66 74.36 22.69
C ASN TB 87 -29.74 73.75 23.57
N GLU TB 88 -29.47 72.57 24.14
CA GLU TB 88 -30.47 71.88 24.94
C GLU TB 88 -30.86 72.66 26.19
N LEU TB 89 -29.93 73.47 26.70
CA LEU TB 89 -30.21 74.24 27.91
C LEU TB 89 -31.34 75.25 27.69
N VAL TB 90 -31.38 75.87 26.50
CA VAL TB 90 -32.47 76.79 26.21
C VAL TB 90 -33.80 76.05 26.15
N ARG TB 91 -33.82 74.88 25.51
CA ARG TB 91 -35.05 74.11 25.43
C ARG TB 91 -35.48 73.61 26.80
N THR TB 92 -34.52 73.16 27.60
CA THR TB 92 -34.83 72.63 28.93
C THR TB 92 -35.03 73.73 29.96
N LYS TB 93 -34.83 75.00 29.60
CA LYS TB 93 -34.98 76.14 30.50
C LYS TB 93 -34.11 75.98 31.74
N THR TB 94 -32.88 75.54 31.53
CA THR TB 94 -31.93 75.33 32.62
C THR TB 94 -31.10 76.59 32.83
N LEU TB 95 -31.07 77.07 34.07
CA LEU TB 95 -30.38 78.31 34.40
C LEU TB 95 -28.93 78.00 34.76
N VAL TB 96 -28.00 78.63 34.05
CA VAL TB 96 -26.58 78.47 34.34
C VAL TB 96 -25.94 79.85 34.41
N LYS TB 97 -24.61 79.88 34.56
CA LYS TB 97 -23.93 81.13 34.85
C LYS TB 97 -24.01 82.12 33.70
N ASN TB 98 -23.86 81.66 32.46
CA ASN TB 98 -23.70 82.57 31.32
C ASN TB 98 -24.90 82.64 30.40
N CYS TB 99 -25.94 81.83 30.61
CA CYS TB 99 -27.10 81.89 29.75
C CYS TB 99 -27.86 83.19 29.96
N ILE TB 100 -28.57 83.63 28.93
CA ILE TB 100 -29.32 84.88 28.97
C ILE TB 100 -30.80 84.55 29.07
N VAL TB 101 -31.53 85.36 29.84
CA VAL TB 101 -32.92 85.09 30.18
C VAL TB 101 -33.75 86.35 29.95
N LEU TB 102 -35.06 86.16 29.88
CA LEU TB 102 -36.01 87.26 29.75
C LEU TB 102 -36.56 87.62 31.13
N ILE TB 103 -36.51 88.90 31.48
CA ILE TB 103 -36.99 89.38 32.76
C ILE TB 103 -37.98 90.51 32.52
N ASP TB 104 -38.87 90.70 33.49
CA ASP TB 104 -39.84 91.78 33.41
C ASP TB 104 -39.16 93.13 33.53
N SER TB 105 -39.70 94.13 32.85
CA SER TB 105 -39.19 95.49 32.90
C SER TB 105 -39.93 96.36 33.90
N THR TB 106 -40.89 95.79 34.63
CA THR TB 106 -41.77 96.60 35.47
C THR TB 106 -41.03 97.37 36.58
N PRO TB 107 -40.14 96.76 37.38
CA PRO TB 107 -39.47 97.57 38.41
C PRO TB 107 -38.55 98.62 37.82
N TYR TB 108 -37.80 98.27 36.78
CA TYR TB 108 -36.94 99.25 36.12
C TYR TB 108 -37.76 100.36 35.47
N ARG TB 109 -38.91 100.02 34.89
CA ARG TB 109 -39.77 101.06 34.34
C ARG TB 109 -40.23 102.00 35.44
N GLN TB 110 -40.81 101.45 36.51
CA GLN TB 110 -41.25 102.26 37.64
C GLN TB 110 -40.15 103.17 38.14
N TRP TB 111 -38.92 102.66 38.21
CA TRP TB 111 -37.79 103.51 38.58
C TRP TB 111 -37.57 104.60 37.54
N TYR TB 112 -37.76 104.29 36.25
CA TYR TB 112 -37.51 105.29 35.22
C TYR TB 112 -38.50 106.44 35.30
N GLU TB 113 -39.79 106.14 35.47
CA GLU TB 113 -40.74 107.24 35.68
C GLU TB 113 -40.57 107.91 37.04
N SER TB 114 -40.07 107.21 38.05
CA SER TB 114 -39.86 107.87 39.33
C SER TB 114 -38.67 108.83 39.30
N HIS TB 115 -37.65 108.52 38.51
CA HIS TB 115 -36.42 109.30 38.45
C HIS TB 115 -36.39 110.33 37.33
N TYR TB 116 -36.97 110.02 36.18
CA TYR TB 116 -36.93 110.90 35.02
C TYR TB 116 -38.28 111.52 34.68
N ALA TB 117 -39.38 110.83 35.01
CA ALA TB 117 -40.74 111.23 34.64
C ALA TB 117 -40.89 111.32 33.12
N LEU TB 118 -40.64 110.20 32.44
CA LEU TB 118 -40.85 110.08 31.01
C LEU TB 118 -41.69 108.84 30.72
N PRO TB 119 -42.56 108.90 29.70
CA PRO TB 119 -43.35 107.71 29.35
C PRO TB 119 -42.45 106.65 28.71
N LEU TB 120 -42.17 105.60 29.47
CA LEU TB 120 -41.33 104.50 28.99
C LEU TB 120 -42.18 103.25 28.87
N GLY TB 121 -42.16 102.63 27.69
CA GLY TB 121 -42.95 101.45 27.44
C GLY TB 121 -44.39 101.70 27.10
N ARG TB 122 -44.89 102.92 27.33
CA ARG TB 122 -46.28 103.23 27.02
C ARG TB 122 -46.46 103.43 25.52
N LYS TB 123 -47.65 103.07 25.03
CA LYS TB 123 -47.96 103.21 23.61
C LYS TB 123 -48.71 104.52 23.32
N LYS TB 124 -49.84 104.73 24.01
CA LYS TB 124 -50.60 105.96 23.85
C LYS TB 124 -50.90 106.68 25.16
N GLY TB 125 -50.69 106.05 26.30
CA GLY TB 125 -50.95 106.70 27.58
C GLY TB 125 -52.42 106.84 27.89
N ALA TB 126 -52.71 107.67 28.89
CA ALA TB 126 -54.06 107.92 29.37
C ALA TB 126 -54.77 106.63 29.76
N LYS TB 127 -54.05 105.75 30.45
CA LYS TB 127 -54.60 104.47 30.89
C LYS TB 127 -54.47 104.21 32.39
N LEU TB 128 -53.41 104.70 33.03
CA LEU TB 128 -53.21 104.52 34.47
C LEU TB 128 -53.31 105.87 35.16
N THR TB 129 -54.31 106.66 34.76
CA THR TB 129 -54.35 108.07 35.11
C THR TB 129 -54.25 108.40 36.61
N PRO TB 130 -54.92 107.71 37.54
CA PRO TB 130 -54.79 108.08 38.95
C PRO TB 130 -53.38 107.95 39.51
N GLU TB 131 -52.45 107.35 38.76
CA GLU TB 131 -51.06 107.27 39.17
C GLU TB 131 -50.13 107.98 38.20
N GLU TB 132 -50.28 107.72 36.89
CA GLU TB 132 -49.39 108.38 35.93
C GLU TB 132 -49.67 109.88 35.85
N GLU TB 133 -50.92 110.32 36.04
CA GLU TB 133 -51.19 111.74 36.16
C GLU TB 133 -50.53 112.33 37.40
N GLU TB 134 -50.53 111.59 38.50
CA GLU TB 134 -49.85 112.06 39.71
C GLU TB 134 -48.35 112.21 39.49
N ILE TB 135 -47.75 111.26 38.76
CA ILE TB 135 -46.30 111.29 38.58
C ILE TB 135 -45.82 112.18 37.44
N LEU TB 136 -46.68 112.51 36.47
CA LEU TB 136 -46.21 113.38 35.39
C LEU TB 136 -46.11 114.84 35.81
N ASN TB 137 -47.07 115.33 36.59
CA ASN TB 137 -47.10 116.74 36.98
C ASN TB 137 -46.41 116.99 38.32
N LYS TB 138 -46.92 116.37 39.38
CA LYS TB 138 -46.37 116.43 40.73
C LYS TB 138 -46.39 117.84 41.33
N LYS TB 139 -46.92 118.81 40.57
CA LYS TB 139 -47.07 120.22 40.95
C LYS TB 139 -45.88 120.77 41.73
N ARG TB 140 -44.67 120.46 41.26
CA ARG TB 140 -43.50 120.69 42.08
C ARG TB 140 -42.98 122.11 41.96
N SER TB 141 -42.06 122.46 42.85
CA SER TB 141 -41.54 123.80 43.00
C SER TB 141 -40.56 124.14 41.86
N LYS TB 142 -40.08 125.38 41.87
CA LYS TB 142 -39.16 125.82 40.83
C LYS TB 142 -37.82 125.10 40.93
N LYS TB 143 -37.36 124.82 42.16
CA LYS TB 143 -36.08 124.15 42.34
C LYS TB 143 -36.14 122.69 41.90
N ILE TB 144 -37.21 121.98 42.30
CA ILE TB 144 -37.34 120.58 41.91
C ILE TB 144 -37.59 120.47 40.41
N GLN TB 145 -38.34 121.41 39.84
CA GLN TB 145 -38.53 121.43 38.40
C GLN TB 145 -37.21 121.73 37.67
N LYS TB 146 -36.37 122.57 38.28
CA LYS TB 146 -35.06 122.84 37.71
C LYS TB 146 -34.17 121.60 37.78
N LYS TB 147 -34.36 120.76 38.79
CA LYS TB 147 -33.69 119.46 38.81
C LYS TB 147 -34.23 118.55 37.70
N TYR TB 148 -35.56 118.50 37.56
CA TYR TB 148 -36.17 117.56 36.62
C TYR TB 148 -35.82 117.90 35.18
N ASP TB 149 -35.99 119.16 34.77
CA ASP TB 149 -35.66 119.53 33.40
C ASP TB 149 -34.16 119.49 33.16
N GLU TB 150 -33.35 119.59 34.21
CA GLU TB 150 -31.94 119.28 34.10
C GLU TB 150 -31.72 117.81 33.76
N ARG TB 151 -32.50 116.92 34.34
CA ARG TB 151 -32.35 115.50 34.03
C ARG TB 151 -33.14 115.06 32.81
N LYS TB 152 -33.69 115.99 32.02
CA LYS TB 152 -34.41 115.60 30.81
C LYS TB 152 -33.47 115.46 29.62
N LYS TB 153 -32.36 116.19 29.61
CA LYS TB 153 -31.46 116.16 28.46
C LYS TB 153 -30.78 114.80 28.34
N ASN TB 154 -30.53 114.13 29.46
CA ASN TB 154 -29.87 112.84 29.48
C ASN TB 154 -30.84 111.68 29.68
N ALA TB 155 -32.12 111.90 29.37
CA ALA TB 155 -33.14 110.85 29.48
C ALA TB 155 -33.33 110.10 28.17
N LYS TB 156 -32.23 109.58 27.62
CA LYS TB 156 -32.26 108.88 26.34
C LYS TB 156 -31.96 107.41 26.55
N ILE TB 157 -32.79 106.56 25.96
CA ILE TB 157 -32.68 105.11 26.07
C ILE TB 157 -32.42 104.55 24.68
N SER TB 158 -31.62 103.50 24.60
CA SER TB 158 -31.33 102.87 23.32
C SER TB 158 -32.61 102.40 22.65
N SER TB 159 -32.67 102.58 21.33
CA SER TB 159 -33.88 102.24 20.58
C SER TB 159 -34.22 100.76 20.70
N LEU TB 160 -33.22 99.89 20.71
CA LEU TB 160 -33.48 98.48 20.97
C LEU TB 160 -34.03 98.28 22.37
N LEU TB 161 -33.46 98.97 23.36
CA LEU TB 161 -34.00 98.93 24.71
C LEU TB 161 -35.40 99.54 24.75
N GLU TB 162 -35.64 100.57 23.95
CA GLU TB 162 -36.98 101.13 23.84
C GLU TB 162 -37.98 100.09 23.34
N GLU TB 163 -37.59 99.34 22.31
CA GLU TB 163 -38.46 98.30 21.77
C GLU TB 163 -38.73 97.21 22.81
N GLN TB 164 -37.69 96.81 23.55
CA GLN TB 164 -37.89 95.80 24.58
C GLN TB 164 -38.80 96.32 25.70
N PHE TB 165 -38.64 97.58 26.08
CA PHE TB 165 -39.53 98.16 27.09
C PHE TB 165 -40.97 98.22 26.59
N GLN TB 166 -41.16 98.48 25.30
CA GLN TB 166 -42.49 98.37 24.72
C GLN TB 166 -43.02 96.93 24.83
N GLN TB 167 -42.16 95.95 24.56
CA GLN TB 167 -42.52 94.56 24.76
C GLN TB 167 -42.75 94.21 26.23
N GLY TB 168 -42.08 94.92 27.14
CA GLY TB 168 -42.23 94.67 28.56
C GLY TB 168 -41.39 93.56 29.12
N LYS TB 169 -40.63 92.86 28.29
CA LYS TB 169 -39.78 91.75 28.73
C LYS TB 169 -38.35 92.02 28.32
N LEU TB 170 -37.52 92.41 29.28
CA LEU TB 170 -36.11 92.68 29.01
C LEU TB 170 -35.32 91.38 29.04
N LEU TB 171 -34.32 91.30 28.17
CA LEU TB 171 -33.42 90.16 28.10
C LEU TB 171 -32.10 90.53 28.76
N ALA TB 172 -31.63 89.67 29.66
CA ALA TB 172 -30.45 89.96 30.45
C ALA TB 172 -29.64 88.68 30.64
N CYS TB 173 -28.34 88.87 30.85
CA CYS TB 173 -27.41 87.75 31.03
C CYS TB 173 -27.18 87.51 32.51
N ILE TB 174 -27.22 86.25 32.91
CA ILE TB 174 -26.92 85.88 34.28
C ILE TB 174 -25.44 86.10 34.56
N ALA TB 175 -25.12 86.46 35.80
CA ALA TB 175 -23.73 86.55 36.24
C ALA TB 175 -23.39 85.55 37.34
N SER TB 176 -24.30 85.27 38.25
CA SER TB 176 -24.05 84.34 39.34
C SER TB 176 -24.06 82.91 38.82
N ARG TB 177 -23.68 81.96 39.68
CA ARG TB 177 -23.58 80.56 39.31
C ARG TB 177 -24.66 79.76 40.05
N PRO TB 178 -25.74 79.38 39.36
CA PRO TB 178 -26.77 78.58 40.02
C PRO TB 178 -26.24 77.22 40.47
N GLY TB 179 -26.76 76.73 41.58
CA GLY TB 179 -26.27 75.52 42.18
C GLY TB 179 -25.02 75.68 43.01
N GLN TB 180 -24.50 76.89 43.12
CA GLN TB 180 -23.36 77.21 43.97
C GLN TB 180 -23.69 78.26 45.01
N CYS TB 181 -24.43 79.30 44.63
CA CYS TB 181 -24.82 80.36 45.55
C CYS TB 181 -26.31 80.39 45.83
N GLY TB 182 -27.13 79.73 45.02
CA GLY TB 182 -28.56 79.71 45.26
C GLY TB 182 -29.31 80.95 44.82
N ARG TB 183 -28.81 81.65 43.81
CA ARG TB 183 -29.45 82.85 43.31
C ARG TB 183 -29.02 83.07 41.87
N ALA TB 184 -29.80 83.88 41.14
CA ALA TB 184 -29.67 84.01 39.69
C ALA TB 184 -29.37 85.45 39.31
N ASP TB 185 -28.41 86.06 40.01
CA ASP TB 185 -28.08 87.45 39.77
C ASP TB 185 -27.46 87.63 38.38
N GLY TB 186 -27.64 88.82 37.82
CA GLY TB 186 -27.12 89.12 36.51
C GLY TB 186 -27.15 90.60 36.22
N TYR TB 187 -27.02 90.93 34.94
CA TYR TB 187 -26.97 92.31 34.49
C TYR TB 187 -27.74 92.45 33.19
N VAL TB 188 -28.32 93.63 32.99
CA VAL TB 188 -29.16 93.89 31.83
C VAL TB 188 -28.30 94.04 30.59
N LEU TB 189 -28.65 93.31 29.53
CA LEU TB 189 -27.90 93.36 28.29
C LEU TB 189 -28.20 94.64 27.52
N GLU TB 190 -27.14 95.29 27.06
CA GLU TB 190 -27.27 96.54 26.33
C GLU TB 190 -26.00 96.79 25.54
N GLY TB 191 -26.09 97.69 24.57
CA GLY TB 191 -24.94 98.05 23.78
C GLY TB 191 -24.69 97.09 22.64
N LYS TB 192 -23.43 97.03 22.19
CA LYS TB 192 -23.05 96.13 21.12
C LYS TB 192 -23.25 94.67 21.52
N GLU TB 193 -23.16 94.37 22.81
CA GLU TB 193 -23.47 93.03 23.30
C GLU TB 193 -24.92 92.67 23.02
N LEU TB 194 -25.83 93.62 23.23
CA LEU TB 194 -27.24 93.39 22.95
C LEU TB 194 -27.47 93.11 21.47
N GLU TB 195 -26.81 93.87 20.59
CA GLU TB 195 -26.96 93.63 19.17
C GLU TB 195 -26.38 92.27 18.78
N PHE TB 196 -25.25 91.89 19.40
CA PHE TB 196 -24.65 90.59 19.14
C PHE TB 196 -25.61 89.45 19.51
N TYR TB 197 -26.17 89.53 20.72
CA TYR TB 197 -27.11 88.51 21.17
C TYR TB 197 -28.39 88.49 20.33
N LEU TB 198 -28.90 89.66 19.97
CA LEU TB 198 -30.10 89.73 19.14
C LEU TB 198 -29.84 89.14 17.75
N ARG TB 199 -28.66 89.40 17.19
CA ARG TB 199 -28.31 88.80 15.91
C ARG TB 199 -28.21 87.29 16.03
N LYS TB 200 -27.64 86.80 17.14
CA LYS TB 200 -27.61 85.36 17.37
C LYS TB 200 -29.02 84.78 17.42
N ILE TB 201 -29.92 85.42 18.15
CA ILE TB 201 -31.29 84.94 18.28
C ILE TB 201 -31.99 84.96 16.93
N LYS TB 202 -31.84 86.05 16.18
CA LYS TB 202 -32.53 86.18 14.90
C LYS TB 202 -32.01 85.19 13.87
N ALA TB 203 -30.69 84.97 13.85
CA ALA TB 203 -30.14 83.96 12.94
C ALA TB 203 -30.53 82.56 13.38
N ARG TB 204 -30.80 82.36 14.68
CA ARG TB 204 -31.21 81.04 15.14
C ARG TB 204 -32.59 80.66 14.62
N LYS TB 205 -33.54 81.59 14.61
CA LYS TB 205 -34.90 81.30 14.20
C LYS TB 205 -35.51 82.51 13.50
N GLY TB 206 -36.29 82.25 12.46
CA GLY TB 206 -36.94 83.32 11.72
C GLY TB 206 -36.09 83.88 10.60
N PRO UB 1 9.09 53.23 67.03
CA PRO UB 1 9.01 52.01 67.82
C PRO UB 1 9.94 52.00 69.03
N VAL UB 2 10.92 51.10 69.02
CA VAL UB 2 11.78 50.94 70.19
C VAL UB 2 12.70 52.15 70.35
N ALA UB 3 13.23 52.30 71.56
CA ALA UB 3 14.10 53.40 71.92
C ALA UB 3 15.57 52.99 71.99
N ARG UB 4 15.97 52.02 71.17
CA ARG UB 4 17.35 51.55 71.17
C ARG UB 4 18.19 52.48 70.31
N SER UB 5 19.45 52.12 70.09
CA SER UB 5 20.31 52.84 69.16
C SER UB 5 20.95 51.94 68.13
N TRP UB 6 21.31 50.71 68.50
CA TRP UB 6 22.01 49.72 67.70
C TRP UB 6 23.10 50.32 66.80
N VAL UB 7 23.88 51.24 67.33
CA VAL UB 7 24.99 51.83 66.61
C VAL UB 7 26.26 51.18 67.14
N CYS UB 8 26.91 50.38 66.29
CA CYS UB 8 28.11 49.66 66.70
C CYS UB 8 28.99 49.47 65.48
N ARG UB 9 30.28 49.27 65.75
CA ARG UB 9 31.25 49.00 64.68
C ARG UB 9 32.27 48.01 65.20
N LYS UB 10 32.78 47.19 64.29
CA LYS UB 10 33.81 46.22 64.65
C LYS UB 10 35.11 46.94 64.97
N THR UB 11 35.91 46.31 65.84
CA THR UB 11 37.15 46.91 66.30
C THR UB 11 38.39 46.25 65.72
N TYR UB 12 38.24 45.34 64.77
CA TYR UB 12 39.40 44.63 64.22
C TYR UB 12 39.13 44.27 62.77
N VAL UB 13 40.21 44.00 62.04
CA VAL UB 13 40.14 43.62 60.63
C VAL UB 13 40.98 42.36 60.42
N THR UB 14 40.39 41.35 59.81
CA THR UB 14 41.11 40.12 59.51
C THR UB 14 42.15 40.37 58.41
N PRO UB 15 43.24 39.60 58.40
CA PRO UB 15 44.23 39.75 57.33
C PRO UB 15 43.64 39.37 55.97
N ARG UB 16 44.14 40.04 54.92
CA ARG UB 16 43.65 39.80 53.58
C ARG UB 16 43.93 38.37 53.12
N ARG UB 17 45.17 37.93 53.27
CA ARG UB 17 45.52 36.57 52.92
C ARG UB 17 45.97 35.83 54.16
N PRO UB 18 45.48 34.62 54.41
CA PRO UB 18 45.92 33.87 55.57
C PRO UB 18 47.08 32.94 55.25
N PHE UB 19 47.67 32.41 56.32
CA PHE UB 19 48.62 31.29 56.28
C PHE UB 19 49.90 31.70 55.54
N GLU UB 20 50.47 32.81 55.98
CA GLU UB 20 51.75 33.30 55.49
C GLU UB 20 52.71 33.42 56.65
N LYS UB 21 53.95 32.97 56.45
CA LYS UB 21 54.87 32.77 57.56
C LYS UB 21 55.27 34.09 58.22
N SER UB 22 55.54 35.13 57.42
CA SER UB 22 56.06 36.37 57.97
C SER UB 22 55.06 37.05 58.89
N ARG UB 23 53.82 37.23 58.43
CA ARG UB 23 52.80 37.88 59.23
C ARG UB 23 52.46 37.07 60.47
N LEU UB 24 52.34 35.75 60.33
CA LEU UB 24 52.06 34.90 61.48
C LEU UB 24 53.17 35.00 62.53
N ASP UB 25 54.42 34.95 62.09
CA ASP UB 25 55.53 35.01 63.02
C ASP UB 25 55.62 36.38 63.71
N GLN UB 26 55.41 37.46 62.94
CA GLN UB 26 55.45 38.78 63.56
C GLN UB 26 54.33 38.97 64.57
N GLU UB 27 53.12 38.52 64.23
CA GLU UB 27 52.01 38.65 65.16
C GLU UB 27 52.22 37.80 66.41
N LEU UB 28 52.75 36.58 66.25
CA LEU UB 28 53.03 35.75 67.41
C LEU UB 28 54.14 36.35 68.27
N LYS UB 29 55.14 36.95 67.64
CA LYS UB 29 56.18 37.64 68.38
C LYS UB 29 55.61 38.78 69.22
N LEU UB 30 54.75 39.60 68.63
CA LEU UB 30 54.14 40.70 69.37
C LEU UB 30 53.26 40.19 70.49
N ILE UB 31 52.52 39.11 70.25
CA ILE UB 31 51.67 38.54 71.30
C ILE UB 31 52.51 38.03 72.45
N GLY UB 32 53.59 37.31 72.14
CA GLY UB 32 54.46 36.79 73.18
C GLY UB 32 55.13 37.89 73.98
N GLU UB 33 55.52 38.98 73.31
CA GLU UB 33 56.17 40.07 74.02
C GLU UB 33 55.18 40.85 74.88
N TYR UB 34 54.01 41.17 74.36
CA TYR UB 34 53.03 41.98 75.10
C TYR UB 34 52.05 41.13 75.91
N GLY UB 35 52.18 39.80 75.87
CA GLY UB 35 51.33 38.94 76.66
C GLY UB 35 49.87 39.02 76.30
N LEU UB 36 49.57 39.02 75.00
CA LEU UB 36 48.20 39.14 74.54
C LEU UB 36 47.53 37.76 74.45
N ARG UB 37 46.20 37.77 74.56
CA ARG UB 37 45.44 36.53 74.59
C ARG UB 37 45.37 35.85 73.23
N ASN UB 38 45.09 36.61 72.16
CA ASN UB 38 44.91 36.02 70.85
C ASN UB 38 45.18 37.08 69.79
N LYS UB 39 45.02 36.69 68.53
CA LYS UB 39 45.32 37.56 67.42
C LYS UB 39 44.28 38.66 67.22
N ARG UB 40 43.11 38.52 67.84
CA ARG UB 40 42.07 39.53 67.65
C ARG UB 40 42.47 40.87 68.25
N GLU UB 41 43.00 40.88 69.47
CA GLU UB 41 43.28 42.12 70.18
C GLU UB 41 44.58 42.78 69.74
N VAL UB 42 45.36 42.12 68.88
CA VAL UB 42 46.44 42.79 68.16
C VAL UB 42 45.98 43.29 66.80
N TRP UB 43 45.07 42.59 66.13
CA TRP UB 43 44.43 43.17 64.95
C TRP UB 43 43.63 44.41 65.31
N ARG UB 44 43.14 44.50 66.55
CA ARG UB 44 42.43 45.69 66.99
C ARG UB 44 43.35 46.90 67.02
N VAL UB 45 44.53 46.76 67.62
CA VAL UB 45 45.45 47.90 67.68
C VAL UB 45 46.02 48.19 66.29
N LYS UB 46 46.19 47.16 65.46
CA LYS UB 46 46.58 47.41 64.07
C LYS UB 46 45.52 48.21 63.34
N PHE UB 47 44.24 47.88 63.56
CA PHE UB 47 43.14 48.65 63.00
C PHE UB 47 43.17 50.09 63.49
N THR UB 48 43.43 50.30 64.78
CA THR UB 48 43.49 51.65 65.32
C THR UB 48 44.62 52.45 64.68
N LEU UB 49 45.79 51.83 64.53
CA LEU UB 49 46.91 52.52 63.89
C LEU UB 49 46.59 52.83 62.43
N ALA UB 50 45.96 51.89 61.72
CA ALA UB 50 45.60 52.14 60.33
C ALA UB 50 44.60 53.27 60.21
N LYS UB 51 43.62 53.33 61.10
CA LYS UB 51 42.66 54.42 61.11
C LYS UB 51 43.36 55.76 61.36
N ILE UB 52 44.25 55.80 62.33
CA ILE UB 52 44.96 57.04 62.66
C ILE UB 52 45.84 57.48 61.48
N ARG UB 53 46.53 56.52 60.86
CA ARG UB 53 47.39 56.85 59.73
C ARG UB 53 46.58 57.31 58.52
N LYS UB 54 45.42 56.70 58.29
CA LYS UB 54 44.55 57.16 57.21
C LYS UB 54 44.06 58.57 57.46
N ALA UB 55 43.68 58.88 58.71
CA ALA UB 55 43.26 60.23 59.05
C ALA UB 55 44.40 61.22 58.84
N ALA UB 56 45.61 60.85 59.24
CA ALA UB 56 46.76 61.73 59.06
C ALA UB 56 47.07 61.95 57.59
N ARG UB 57 46.97 60.90 56.77
CA ARG UB 57 47.17 61.06 55.34
C ARG UB 57 46.13 61.97 54.73
N GLU UB 58 44.87 61.80 55.11
CA GLU UB 58 43.80 62.66 54.62
C GLU UB 58 44.03 64.11 55.02
N LEU UB 59 44.50 64.34 56.25
CA LEU UB 59 44.85 65.69 56.66
C LEU UB 59 46.00 66.25 55.85
N LEU UB 60 46.99 65.41 55.55
CA LEU UB 60 48.14 65.87 54.77
C LEU UB 60 47.76 66.20 53.34
N THR UB 61 46.73 65.55 52.80
CA THR UB 61 46.28 65.87 51.45
C THR UB 61 45.74 67.29 51.34
N LEU UB 62 45.01 67.76 52.36
CA LEU UB 62 44.47 69.11 52.32
C LEU UB 62 45.58 70.15 52.37
N ASP UB 63 45.27 71.32 51.82
CA ASP UB 63 46.26 72.38 51.72
C ASP UB 63 46.60 72.94 53.10
N GLU UB 64 47.82 73.46 53.23
CA GLU UB 64 48.25 74.09 54.46
C GLU UB 64 47.43 75.35 54.73
N LYS UB 65 47.26 75.66 56.01
CA LYS UB 65 46.59 76.83 56.57
C LYS UB 65 45.06 76.68 56.46
N ASP UB 66 44.57 75.59 55.88
CA ASP UB 66 43.15 75.28 55.91
C ASP UB 66 42.73 75.07 57.36
N PRO UB 67 41.76 75.83 57.88
CA PRO UB 67 41.41 75.70 59.31
C PRO UB 67 40.93 74.31 59.70
N ARG UB 68 40.26 73.58 58.80
CA ARG UB 68 39.92 72.20 59.10
C ARG UB 68 41.18 71.36 59.29
N ARG UB 69 42.14 71.48 58.38
CA ARG UB 69 43.41 70.78 58.51
C ARG UB 69 44.12 71.16 59.80
N LEU UB 70 44.18 72.46 60.10
CA LEU UB 70 44.85 72.91 61.31
C LEU UB 70 44.20 72.34 62.55
N PHE UB 71 42.88 72.50 62.67
CA PHE UB 71 42.18 72.09 63.88
C PHE UB 71 42.26 70.57 64.07
N GLU UB 72 42.02 69.80 63.00
CA GLU UB 72 42.09 68.36 63.16
C GLU UB 72 43.50 67.86 63.39
N GLY UB 73 44.50 68.50 62.79
CA GLY UB 73 45.87 68.14 63.09
C GLY UB 73 46.24 68.38 64.54
N ASN UB 74 45.87 69.55 65.07
CA ASN UB 74 46.15 69.80 66.48
C ASN UB 74 45.36 68.87 67.40
N ALA UB 75 44.11 68.56 67.05
CA ALA UB 75 43.34 67.64 67.88
C ALA UB 75 43.97 66.25 67.89
N LEU UB 76 44.38 65.74 66.72
CA LEU UB 76 44.99 64.43 66.67
C LEU UB 76 46.34 64.41 67.39
N LEU UB 77 47.13 65.48 67.22
CA LEU UB 77 48.40 65.56 67.94
C LEU UB 77 48.20 65.61 69.44
N ARG UB 78 47.17 66.33 69.90
CA ARG UB 78 46.91 66.39 71.33
C ARG UB 78 46.46 65.03 71.86
N ARG UB 79 45.62 64.32 71.12
CA ARG UB 79 45.22 62.98 71.55
C ARG UB 79 46.39 62.02 71.51
N LEU UB 80 47.36 62.25 70.61
CA LEU UB 80 48.55 61.40 70.56
C LEU UB 80 49.46 61.67 71.74
N VAL UB 81 49.69 62.93 72.08
CA VAL UB 81 50.61 63.24 73.17
C VAL UB 81 49.99 62.98 74.54
N ARG UB 82 48.66 63.00 74.66
CA ARG UB 82 48.05 62.69 75.94
C ARG UB 82 48.26 61.23 76.31
N ILE UB 83 48.13 60.32 75.34
CA ILE UB 83 48.30 58.89 75.62
C ILE UB 83 49.77 58.49 75.64
N GLY UB 84 50.69 59.39 75.33
CA GLY UB 84 52.10 59.13 75.47
C GLY UB 84 52.77 58.44 74.31
N VAL UB 85 52.02 58.06 73.26
CA VAL UB 85 52.63 57.41 72.12
C VAL UB 85 53.46 58.38 71.30
N LEU UB 86 53.28 59.68 71.49
CA LEU UB 86 53.99 60.70 70.73
C LEU UB 86 54.79 61.59 71.68
N ASP UB 87 55.98 61.97 71.24
CA ASP UB 87 56.76 62.94 71.99
C ASP UB 87 56.06 64.29 71.96
N GLU UB 88 56.27 65.06 73.04
CA GLU UB 88 55.61 66.36 73.16
C GLU UB 88 56.04 67.32 72.05
N GLY UB 89 57.33 67.33 71.71
CA GLY UB 89 57.83 68.23 70.70
C GLY UB 89 57.60 67.79 69.27
N LYS UB 90 57.16 66.55 69.05
CA LYS UB 90 56.95 66.03 67.71
C LYS UB 90 55.53 66.35 67.23
N MET UB 91 55.26 67.65 67.08
CA MET UB 91 53.93 68.13 66.70
C MET UB 91 53.90 68.40 65.20
N LYS UB 92 54.07 67.32 64.42
CA LYS UB 92 54.00 67.39 62.98
C LYS UB 92 53.16 66.24 62.45
N LEU UB 93 52.57 66.45 61.27
CA LEU UB 93 51.76 65.41 60.65
C LEU UB 93 52.61 64.26 60.12
N ASP UB 94 53.86 64.52 59.75
CA ASP UB 94 54.70 63.46 59.20
C ASP UB 94 55.12 62.46 60.26
N TYR UB 95 55.37 62.91 61.49
CA TYR UB 95 55.78 62.00 62.54
C TYR UB 95 54.67 61.04 62.94
N ILE UB 96 53.42 61.34 62.58
CA ILE UB 96 52.33 60.40 62.80
C ILE UB 96 52.54 59.15 61.98
N LEU UB 97 52.97 59.30 60.73
CA LEU UB 97 53.17 58.17 59.84
C LEU UB 97 54.30 57.26 60.30
N GLY UB 98 55.28 57.78 61.03
CA GLY UB 98 56.38 56.98 61.51
C GLY UB 98 56.09 56.13 62.72
N LEU UB 99 54.87 56.22 63.24
CA LEU UB 99 54.49 55.46 64.42
C LEU UB 99 54.31 53.98 64.06
N LYS UB 100 54.33 53.14 65.10
CA LYS UB 100 54.16 51.71 64.97
C LYS UB 100 53.29 51.19 66.11
N ILE UB 101 52.76 49.98 65.92
CA ILE UB 101 51.85 49.40 66.90
C ILE UB 101 52.54 49.03 68.20
N GLU UB 102 53.87 48.92 68.20
CA GLU UB 102 54.59 48.68 69.45
C GLU UB 102 54.41 49.83 70.43
N ASP UB 103 54.35 51.06 69.93
CA ASP UB 103 54.16 52.22 70.80
C ASP UB 103 52.81 52.17 71.50
N PHE UB 104 51.74 51.85 70.75
CA PHE UB 104 50.43 51.75 71.37
C PHE UB 104 50.36 50.58 72.33
N LEU UB 105 50.95 49.43 71.96
CA LEU UB 105 50.92 48.27 72.84
C LEU UB 105 51.73 48.50 74.10
N GLU UB 106 52.72 49.39 74.04
CA GLU UB 106 53.48 49.75 75.24
C GLU UB 106 52.63 50.53 76.23
N ARG UB 107 51.71 51.36 75.75
CA ARG UB 107 50.89 52.19 76.62
C ARG UB 107 49.74 51.42 77.26
N ARG UB 108 49.66 50.11 77.07
CA ARG UB 108 48.64 49.32 77.72
C ARG UB 108 48.88 49.27 79.23
N LEU UB 109 47.79 49.13 79.98
CA LEU UB 109 47.90 48.96 81.43
C LEU UB 109 48.67 47.69 81.78
N GLN UB 110 48.44 46.62 81.03
CA GLN UB 110 49.10 45.35 81.31
C GLN UB 110 50.61 45.47 81.18
N THR UB 111 51.08 46.20 80.17
CA THR UB 111 52.51 46.43 80.03
C THR UB 111 53.03 47.45 81.03
N GLN UB 112 52.24 48.48 81.33
CA GLN UB 112 52.71 49.54 82.22
C GLN UB 112 52.90 49.03 83.63
N VAL UB 113 52.00 48.17 84.12
CA VAL UB 113 52.17 47.66 85.48
C VAL UB 113 53.41 46.79 85.58
N PHE UB 114 53.76 46.07 84.50
CA PHE UB 114 54.99 45.31 84.49
C PHE UB 114 56.20 46.21 84.43
N LYS UB 115 56.14 47.30 83.65
CA LYS UB 115 57.24 48.25 83.60
C LYS UB 115 57.44 48.94 84.94
N LEU UB 116 56.35 49.28 85.63
CA LEU UB 116 56.46 49.91 86.94
C LEU UB 116 56.95 48.95 88.01
N GLY UB 117 57.04 47.65 87.72
CA GLY UB 117 57.52 46.69 88.69
C GLY UB 117 56.45 46.09 89.57
N LEU UB 118 55.18 46.48 89.40
CA LEU UB 118 54.11 45.90 90.19
C LEU UB 118 53.85 44.44 89.85
N ALA UB 119 54.39 43.96 88.74
CA ALA UB 119 54.28 42.56 88.36
C ALA UB 119 55.64 42.04 87.95
N LYS UB 120 55.85 40.74 88.14
CA LYS UB 120 57.11 40.11 87.79
C LYS UB 120 57.17 39.65 86.35
N SER UB 121 56.05 39.63 85.64
CA SER UB 121 56.03 39.26 84.23
C SER UB 121 54.77 39.82 83.61
N ILE UB 122 54.73 39.80 82.27
CA ILE UB 122 53.57 40.33 81.56
C ILE UB 122 52.34 39.45 81.80
N HIS UB 123 52.52 38.13 81.89
CA HIS UB 123 51.40 37.26 82.20
C HIS UB 123 50.96 37.41 83.64
N HIS UB 124 51.91 37.55 84.57
CA HIS UB 124 51.58 37.93 85.93
C HIS UB 124 50.86 39.27 85.96
N ALA UB 125 51.26 40.20 85.09
CA ALA UB 125 50.58 41.49 85.02
C ALA UB 125 49.13 41.32 84.62
N ARG UB 126 48.86 40.51 83.58
CA ARG UB 126 47.49 40.33 83.13
C ARG UB 126 46.64 39.63 84.19
N VAL UB 127 47.17 38.57 84.79
CA VAL UB 127 46.37 37.85 85.78
C VAL UB 127 46.22 38.66 87.06
N LEU UB 128 47.13 39.61 87.30
CA LEU UB 128 46.98 40.52 88.43
C LEU UB 128 45.89 41.56 88.15
N ILE UB 129 45.86 42.07 86.92
CA ILE UB 129 44.88 43.08 86.57
C ILE UB 129 43.47 42.49 86.54
N ARG UB 130 43.34 41.25 86.05
CA ARG UB 130 42.02 40.65 85.92
C ARG UB 130 41.36 40.38 87.27
N GLN UB 131 42.15 40.11 88.31
CA GLN UB 131 41.60 39.81 89.62
C GLN UB 131 41.41 41.05 90.48
N ARG UB 132 41.33 42.24 89.86
CA ARG UB 132 40.99 43.49 90.56
C ARG UB 132 42.00 43.81 91.67
N HIS UB 133 43.27 43.92 91.30
CA HIS UB 133 44.31 44.31 92.24
C HIS UB 133 44.93 45.66 91.93
N ILE UB 134 44.72 46.19 90.73
CA ILE UB 134 45.37 47.40 90.27
C ILE UB 134 44.34 48.52 90.20
N ARG UB 135 44.73 49.71 90.67
CA ARG UB 135 43.88 50.87 90.60
C ARG UB 135 44.67 52.04 90.01
N VAL UB 136 43.94 52.99 89.43
CA VAL UB 136 44.50 54.22 88.90
C VAL UB 136 43.86 55.38 89.63
N ARG UB 137 44.69 56.31 90.12
CA ARG UB 137 44.22 57.43 90.92
C ARG UB 137 43.47 56.91 92.13
N LYS UB 138 42.16 56.70 91.98
CA LYS UB 138 41.35 55.99 92.94
C LYS UB 138 40.58 54.81 92.34
N GLN UB 139 40.17 54.90 91.08
CA GLN UB 139 39.36 53.86 90.47
C GLN UB 139 40.20 52.62 90.17
N VAL UB 140 39.62 51.44 90.38
CA VAL UB 140 40.27 50.19 90.01
C VAL UB 140 39.94 49.87 88.56
N VAL UB 141 40.91 49.28 87.85
CA VAL UB 141 40.75 48.92 86.45
C VAL UB 141 40.98 47.42 86.31
N ASN UB 142 40.04 46.74 85.64
CA ASN UB 142 40.15 45.30 85.39
C ASN UB 142 40.31 44.99 83.91
N ILE UB 143 40.71 45.97 83.11
CA ILE UB 143 40.83 45.82 81.66
C ILE UB 143 42.31 45.90 81.30
N PRO UB 144 42.92 44.82 80.82
CA PRO UB 144 44.35 44.87 80.46
C PRO UB 144 44.68 45.87 79.37
N SER UB 145 43.77 46.09 78.43
CA SER UB 145 43.99 47.01 77.32
C SER UB 145 43.75 48.46 77.68
N PHE UB 146 43.67 48.79 78.97
CA PHE UB 146 43.45 50.15 79.41
C PHE UB 146 44.69 50.99 79.06
N ILE UB 147 44.55 51.87 78.07
CA ILE UB 147 45.66 52.74 77.70
C ILE UB 147 45.78 53.85 78.73
N VAL UB 148 46.99 54.04 79.26
CA VAL UB 148 47.24 54.98 80.34
C VAL UB 148 47.79 56.26 79.75
N ARG UB 149 47.16 57.38 80.06
CA ARG UB 149 47.66 58.67 79.62
C ARG UB 149 48.89 59.05 80.44
N LEU UB 150 49.56 60.12 79.98
CA LEU UB 150 50.77 60.57 80.65
C LEU UB 150 50.50 61.06 82.08
N ASP UB 151 49.39 61.79 82.26
CA ASP UB 151 49.07 62.29 83.59
C ASP UB 151 48.67 61.16 84.54
N SER UB 152 48.04 60.11 84.02
CA SER UB 152 47.66 58.95 84.83
C SER UB 152 48.78 57.94 84.97
N GLN UB 153 49.94 58.18 84.35
CA GLN UB 153 51.05 57.24 84.45
C GLN UB 153 51.57 57.14 85.87
N LYS UB 154 51.67 58.26 86.57
CA LYS UB 154 52.21 58.27 87.92
C LYS UB 154 51.27 57.65 88.95
N HIS UB 155 49.97 57.73 88.74
CA HIS UB 155 48.99 57.33 89.75
C HIS UB 155 48.57 55.87 89.66
N ILE UB 156 49.36 55.02 88.99
CA ILE UB 156 49.06 53.60 88.98
C ILE UB 156 49.56 52.97 90.28
N ASP UB 157 48.68 52.24 90.95
CA ASP UB 157 48.99 51.70 92.27
C ASP UB 157 48.07 50.52 92.54
N PHE UB 158 48.46 49.71 93.52
CA PHE UB 158 47.64 48.59 93.96
C PHE UB 158 46.33 49.09 94.56
N SER UB 159 45.29 48.28 94.39
CA SER UB 159 44.00 48.58 95.02
C SER UB 159 44.10 48.42 96.54
N LEU UB 160 43.34 49.24 97.25
CA LEU UB 160 43.33 49.16 98.71
C LEU UB 160 42.74 47.85 99.20
N ARG UB 161 41.63 47.41 98.61
CA ARG UB 161 41.00 46.17 99.04
C ARG UB 161 41.79 44.94 98.63
N SER UB 162 42.69 45.05 97.66
CA SER UB 162 43.49 43.92 97.23
C SER UB 162 44.45 43.50 98.34
N PRO UB 163 44.84 42.21 98.38
CA PRO UB 163 45.81 41.77 99.40
C PRO UB 163 47.24 42.12 99.01
N TYR UB 164 47.42 43.33 98.50
CA TYR UB 164 48.74 43.89 98.19
C TYR UB 164 48.92 45.32 98.67
N GLY UB 165 47.83 46.06 98.92
CA GLY UB 165 47.90 47.35 99.56
C GLY UB 165 47.54 47.21 101.03
N GLY UB 166 46.28 47.51 101.36
CA GLY UB 166 45.80 47.32 102.71
C GLY UB 166 45.69 45.86 103.09
N GLY UB 167 44.93 45.62 104.17
CA GLY UB 167 44.81 44.29 104.72
C GLY UB 167 43.86 43.38 103.96
N ARG UB 168 43.05 42.61 104.70
CA ARG UB 168 42.07 41.67 104.16
C ARG UB 168 42.75 40.63 103.26
N PRO UB 169 43.50 39.68 103.84
CA PRO UB 169 44.16 38.67 103.00
C PRO UB 169 43.17 37.77 102.28
N GLY UB 170 43.62 37.09 101.23
CA GLY UB 170 42.74 36.31 100.39
C GLY UB 170 42.12 35.12 101.09
N ARG UB 171 41.17 34.50 100.40
CA ARG UB 171 40.39 33.42 101.01
C ARG UB 171 41.26 32.20 101.29
N VAL UB 172 42.28 31.96 100.48
CA VAL UB 172 43.12 30.78 100.69
C VAL UB 172 44.08 31.01 101.84
N LYS UB 173 44.58 32.23 102.02
CA LYS UB 173 45.37 32.56 103.20
C LYS UB 173 44.55 32.40 104.47
N ARG UB 174 43.29 32.87 104.43
CA ARG UB 174 42.42 32.70 105.59
C ARG UB 174 42.13 31.23 105.85
N LYS UB 175 41.92 30.43 104.79
CA LYS UB 175 41.70 29.00 104.97
C LYS UB 175 42.92 28.32 105.57
N ASN UB 176 44.11 28.67 105.11
CA ASN UB 176 45.32 28.10 105.68
C ASN UB 176 45.48 28.50 107.14
N ALA UB 177 45.19 29.76 107.48
CA ALA UB 177 45.29 30.21 108.87
C ALA UB 177 44.29 29.48 109.76
N LYS UB 178 43.05 29.31 109.30
CA LYS UB 178 42.06 28.66 110.13
C LYS UB 178 42.33 27.16 110.24
N LYS UB 179 42.87 26.55 109.18
CA LYS UB 179 43.35 25.17 109.28
C LYS UB 179 44.47 25.04 110.29
N GLY UB 180 45.41 25.99 110.29
CA GLY UB 180 46.50 25.94 111.24
C GLY UB 180 46.05 26.09 112.68
N GLN UB 181 45.11 27.01 112.93
CA GLN UB 181 44.63 27.17 114.30
C GLN UB 181 43.69 26.04 114.72
N GLY UB 182 42.99 25.40 113.77
CA GLY UB 182 42.20 24.24 114.12
C GLY UB 182 43.03 22.97 114.24
N GLY UB 183 44.27 23.00 113.76
CA GLY UB 183 45.16 21.87 113.91
C GLY UB 183 46.06 22.01 115.12
N ALA UB 184 46.57 23.22 115.35
CA ALA UB 184 47.43 23.51 116.50
C ALA UB 184 46.77 24.60 117.34
N GLY UB 185 46.61 24.32 118.63
CA GLY UB 185 45.96 25.25 119.54
C GLY UB 185 46.76 26.52 119.80
N ALA VB 1 -9.54 90.21 11.22
CA ALA VB 1 -10.89 89.70 11.28
C ALA VB 1 -11.62 90.22 12.52
N ASP VB 2 -12.90 89.90 12.63
CA ASP VB 2 -13.68 90.28 13.79
C ASP VB 2 -13.23 89.47 15.01
N ILE VB 3 -13.46 90.03 16.19
CA ILE VB 3 -13.08 89.37 17.44
C ILE VB 3 -14.19 88.54 18.04
N GLN VB 4 -15.43 88.75 17.62
CA GLN VB 4 -16.57 87.99 18.16
C GLN VB 4 -16.78 86.75 17.30
N THR VB 5 -15.84 85.81 17.42
CA THR VB 5 -15.85 84.59 16.65
C THR VB 5 -16.33 83.38 17.45
N GLU VB 6 -16.91 83.60 18.61
CA GLU VB 6 -17.40 82.51 19.46
C GLU VB 6 -18.91 82.64 19.63
N ARG VB 7 -19.50 81.58 20.20
CA ARG VB 7 -20.92 81.60 20.50
C ARG VB 7 -21.24 82.61 21.59
N ALA VB 8 -20.35 82.77 22.57
CA ALA VB 8 -20.55 83.73 23.64
C ALA VB 8 -20.01 85.10 23.24
N TYR VB 9 -20.38 86.10 24.04
CA TYR VB 9 -19.85 87.46 23.85
C TYR VB 9 -18.42 87.51 24.38
N GLN VB 10 -17.50 87.98 23.54
CA GLN VB 10 -16.11 88.09 23.94
C GLN VB 10 -15.81 89.52 24.37
N LYS VB 11 -15.35 89.69 25.59
CA LYS VB 11 -15.11 91.02 26.13
C LYS VB 11 -14.10 90.93 27.27
N GLN VB 12 -13.52 92.08 27.59
CA GLN VB 12 -12.67 92.19 28.78
C GLN VB 12 -13.54 92.38 30.01
N PRO VB 13 -13.43 91.52 31.03
CA PRO VB 13 -14.34 91.62 32.18
C PRO VB 13 -14.20 92.92 32.95
N THR VB 14 -13.04 93.56 32.91
CA THR VB 14 -12.85 94.80 33.68
C THR VB 14 -13.61 95.96 33.04
N ILE VB 15 -13.53 96.10 31.73
CA ILE VB 15 -14.06 97.27 31.04
C ILE VB 15 -15.59 97.20 31.02
N PHE VB 16 -16.23 98.28 31.45
CA PHE VB 16 -17.67 98.44 31.33
C PHE VB 16 -17.97 99.15 30.01
N GLN VB 17 -18.60 98.43 29.09
CA GLN VB 17 -18.82 98.91 27.73
C GLN VB 17 -19.89 99.98 27.64
N ASN VB 18 -20.94 99.89 28.46
CA ASN VB 18 -22.15 100.68 28.24
C ASN VB 18 -22.17 101.92 29.12
N LYS VB 19 -21.25 102.84 28.83
CA LYS VB 19 -21.11 104.07 29.62
C LYS VB 19 -21.92 105.21 29.00
N LYS VB 20 -23.25 105.03 29.05
CA LYS VB 20 -24.25 106.10 29.00
C LYS VB 20 -23.96 107.11 27.87
N ARG VB 21 -24.06 106.62 26.64
CA ARG VB 21 -23.91 107.48 25.48
C ARG VB 21 -24.98 108.57 25.50
N VAL VB 22 -24.57 109.82 25.71
CA VAL VB 22 -25.47 110.96 25.79
C VAL VB 22 -24.97 112.03 24.83
N LEU VB 23 -25.66 113.19 24.86
CA LEU VB 23 -25.41 114.21 23.85
C LEU VB 23 -24.01 114.81 23.98
N LEU VB 24 -23.51 114.94 25.20
CA LEU VB 24 -22.16 115.46 25.41
C LEU VB 24 -21.10 114.50 24.89
N GLY VB 25 -21.44 113.25 24.66
CA GLY VB 25 -20.57 112.30 24.01
C GLY VB 25 -20.81 112.32 22.52
N GLU VB 26 -19.83 112.84 21.78
CA GLU VB 26 -19.93 112.96 20.32
C GLU VB 26 -19.78 111.58 19.71
N THR VB 27 -20.92 110.93 19.45
CA THR VB 27 -20.94 109.59 18.87
C THR VB 27 -21.42 109.68 17.43
N GLY VB 28 -20.60 109.19 16.50
CA GLY VB 28 -19.28 108.65 16.78
C GLY VB 28 -18.20 109.70 16.72
N LYS VB 29 -16.95 109.30 16.91
CA LYS VB 29 -16.56 107.92 17.19
C LYS VB 29 -15.68 107.85 18.44
N GLU VB 30 -16.07 107.01 19.39
CA GLU VB 30 -15.35 106.83 20.64
C GLU VB 30 -14.73 105.43 20.66
N LYS VB 31 -13.41 105.38 20.80
CA LYS VB 31 -12.73 104.10 20.85
C LYS VB 31 -12.95 103.43 22.20
N LEU VB 32 -13.09 102.12 22.17
CA LEU VB 32 -13.28 101.35 23.40
C LEU VB 32 -12.04 101.44 24.27
N PRO VB 33 -12.17 101.81 25.55
CA PRO VB 33 -11.04 101.74 26.46
C PRO VB 33 -10.59 100.29 26.65
N ARG VB 34 -9.27 100.10 26.70
CA ARG VB 34 -8.68 98.78 26.77
C ARG VB 34 -8.04 98.56 28.13
N TYR VB 35 -8.29 97.38 28.69
CA TYR VB 35 -7.73 97.01 29.98
C TYR VB 35 -6.39 96.30 29.77
N TYR VB 36 -5.37 96.74 30.51
CA TYR VB 36 -4.07 96.10 30.43
C TYR VB 36 -3.35 96.33 31.75
N LYS VB 37 -2.37 95.48 32.01
CA LYS VB 37 -1.53 95.60 33.20
C LYS VB 37 -0.10 95.27 32.84
N ASN VB 38 0.83 95.81 33.61
CA ASN VB 38 2.21 95.36 33.53
C ASN VB 38 2.40 94.17 34.47
N ILE VB 39 3.25 93.23 34.06
CA ILE VB 39 3.40 91.98 34.81
C ILE VB 39 4.64 91.95 35.68
N GLY VB 40 5.39 93.05 35.76
CA GLY VB 40 6.55 93.10 36.62
C GLY VB 40 7.76 92.39 36.04
N LEU VB 41 8.77 92.24 36.90
CA LEU VB 41 10.07 91.64 36.57
C LEU VB 41 10.74 92.32 35.38
N GLY VB 42 10.45 93.60 35.15
CA GLY VB 42 11.05 94.34 34.05
C GLY VB 42 10.46 94.06 32.69
N PHE VB 43 9.43 93.23 32.59
CA PHE VB 43 8.85 92.90 31.30
C PHE VB 43 7.90 94.00 30.84
N LYS VB 44 8.25 94.65 29.75
CA LYS VB 44 7.42 95.67 29.14
C LYS VB 44 6.31 95.02 28.32
N THR VB 45 5.13 95.63 28.38
CA THR VB 45 4.02 95.15 27.56
C THR VB 45 4.19 95.61 26.11
N PRO VB 46 3.83 94.79 25.13
CA PRO VB 46 3.94 95.23 23.73
C PRO VB 46 2.87 96.24 23.37
N LYS VB 47 3.13 96.99 22.30
CA LYS VB 47 2.17 97.97 21.80
C LYS VB 47 0.89 97.30 21.31
N GLU VB 48 1.01 96.10 20.73
CA GLU VB 48 -0.17 95.38 20.27
C GLU VB 48 -1.08 95.04 21.44
N ALA VB 49 -0.49 94.67 22.58
CA ALA VB 49 -1.28 94.47 23.79
C ALA VB 49 -1.92 95.77 24.27
N ILE VB 50 -1.33 96.92 23.96
CA ILE VB 50 -1.90 98.18 24.40
C ILE VB 50 -3.12 98.55 23.55
N GLU VB 51 -2.93 98.63 22.23
CA GLU VB 51 -3.99 99.16 21.38
C GLU VB 51 -4.58 98.10 20.45
N GLY VB 52 -4.50 96.83 20.84
CA GLY VB 52 -5.18 95.79 20.10
C GLY VB 52 -6.67 95.78 20.39
N THR VB 53 -7.39 94.95 19.63
CA THR VB 53 -8.81 94.74 19.88
C THR VB 53 -9.13 93.30 20.25
N TYR VB 54 -8.13 92.45 20.40
CA TYR VB 54 -8.36 91.04 20.69
C TYR VB 54 -8.89 90.85 22.11
N ILE VB 55 -9.41 89.66 22.37
CA ILE VB 55 -9.91 89.28 23.68
C ILE VB 55 -9.22 87.98 24.08
N ASP VB 56 -8.62 87.97 25.26
CA ASP VB 56 -7.98 86.76 25.78
C ASP VB 56 -7.93 86.84 27.29
N LYS VB 57 -8.64 85.94 27.96
CA LYS VB 57 -8.56 85.87 29.41
C LYS VB 57 -7.23 85.30 29.91
N LYS VB 58 -6.49 84.61 29.05
CA LYS VB 58 -5.20 84.04 29.41
C LYS VB 58 -4.03 84.89 28.96
N CYS VB 59 -4.28 86.03 28.32
CA CYS VB 59 -3.19 86.91 27.95
C CYS VB 59 -2.56 87.52 29.21
N PRO VB 60 -1.24 87.44 29.36
CA PRO VB 60 -0.61 88.01 30.55
C PRO VB 60 -0.82 89.50 30.70
N PHE VB 61 -1.03 90.22 29.60
CA PHE VB 61 -1.21 91.66 29.65
C PHE VB 61 -2.67 92.08 29.70
N THR VB 62 -3.55 91.40 28.95
CA THR VB 62 -4.96 91.77 28.86
C THR VB 62 -5.89 90.67 29.36
N GLY VB 63 -5.44 89.85 30.31
CA GLY VB 63 -6.24 88.76 30.83
C GLY VB 63 -6.05 88.59 32.32
N ASN VB 64 -6.80 87.65 32.87
CA ASN VB 64 -6.81 87.40 34.32
C ASN VB 64 -5.85 86.24 34.66
N VAL VB 65 -4.57 86.47 34.38
CA VAL VB 65 -3.53 85.49 34.68
C VAL VB 65 -2.35 86.22 35.32
N SER VB 66 -1.76 85.59 36.32
CA SER VB 66 -0.61 86.15 37.03
C SER VB 66 0.60 85.26 36.78
N ILE VB 67 1.76 85.90 36.59
CA ILE VB 67 3.00 85.18 36.32
C ILE VB 67 3.87 85.22 37.58
N ARG VB 68 4.17 84.04 38.11
CA ARG VB 68 4.99 83.91 39.31
C ARG VB 68 5.60 82.51 39.32
N GLY VB 69 6.68 82.37 40.09
CA GLY VB 69 7.34 81.08 40.21
C GLY VB 69 8.65 80.99 39.47
N ARG VB 70 8.70 80.15 38.44
CA ARG VB 70 9.92 79.95 37.66
C ARG VB 70 9.84 80.73 36.36
N ILE VB 71 10.98 81.27 35.94
CA ILE VB 71 11.12 81.95 34.66
C ILE VB 71 12.20 81.22 33.88
N LEU VB 72 11.92 80.89 32.63
CA LEU VB 72 12.86 80.15 31.80
C LEU VB 72 12.57 80.45 30.34
N SER VB 73 13.40 79.90 29.46
CA SER VB 73 13.37 80.21 28.04
C SER VB 73 13.33 78.92 27.23
N GLY VB 74 12.98 79.05 25.96
CA GLY VB 74 12.90 77.91 25.08
C GLY VB 74 12.91 78.33 23.63
N VAL VB 75 12.74 77.34 22.75
CA VAL VB 75 12.78 77.54 21.31
C VAL VB 75 11.44 77.10 20.72
N VAL VB 76 10.85 77.95 19.88
CA VAL VB 76 9.55 77.64 19.29
C VAL VB 76 9.71 76.50 18.29
N THR VB 77 8.85 75.49 18.42
CA THR VB 77 8.88 74.32 17.55
C THR VB 77 7.67 74.27 16.63
N LYS VB 78 6.46 74.34 17.18
CA LYS VB 78 5.25 74.32 16.38
C LYS VB 78 4.31 75.40 16.88
N MET VB 79 3.41 75.83 16.00
CA MET VB 79 2.36 76.80 16.29
C MET VB 79 1.02 76.28 15.80
N LYS VB 80 0.84 74.97 15.88
CA LYS VB 80 -0.27 74.29 15.25
C LYS VB 80 -1.57 74.35 16.04
N MET VB 81 -1.54 74.87 17.27
CA MET VB 81 -2.73 74.89 18.10
C MET VB 81 -3.40 76.25 18.07
N GLN VB 82 -4.41 76.41 18.89
CA GLN VB 82 -5.17 77.66 18.98
C GLN VB 82 -4.68 78.46 20.18
N ARG VB 83 -4.16 79.65 19.92
CA ARG VB 83 -3.67 80.58 20.94
C ARG VB 83 -2.56 80.02 21.82
N THR VB 84 -1.96 78.89 21.44
CA THR VB 84 -0.91 78.29 22.24
C THR VB 84 0.05 77.54 21.33
N ILE VB 85 1.29 77.43 21.78
CA ILE VB 85 2.35 76.81 21.01
C ILE VB 85 3.08 75.82 21.89
N VAL VB 86 3.90 74.97 21.26
CA VAL VB 86 4.76 74.03 21.95
C VAL VB 86 6.21 74.43 21.68
N ILE VB 87 7.02 74.39 22.73
CA ILE VB 87 8.42 74.80 22.65
C ILE VB 87 9.29 73.67 23.17
N ARG VB 88 10.54 73.66 22.71
CA ARG VB 88 11.52 72.65 23.10
C ARG VB 88 12.63 73.31 23.92
N ARG VB 89 12.92 72.73 25.08
CA ARG VB 89 14.04 73.16 25.90
C ARG VB 89 15.13 72.10 25.87
N ASP VB 90 16.33 72.50 25.46
CA ASP VB 90 17.47 71.61 25.39
C ASP VB 90 18.39 71.89 26.57
N TYR VB 91 18.83 70.81 27.23
CA TYR VB 91 19.73 70.94 28.36
C TYR VB 91 20.69 69.76 28.35
N LEU VB 92 21.71 69.83 29.18
CA LEU VB 92 22.69 68.78 29.32
C LEU VB 92 22.60 68.18 30.72
N HIS VB 93 22.38 66.88 30.80
CA HIS VB 93 22.31 66.17 32.07
C HIS VB 93 23.65 65.50 32.33
N TYR VB 94 24.22 65.77 33.49
CA TYR VB 94 25.53 65.24 33.85
C TYR VB 94 25.39 63.81 34.35
N ILE VB 95 26.38 62.98 34.02
CA ILE VB 95 26.48 61.61 34.52
C ILE VB 95 27.75 61.53 35.34
N ARG VB 96 27.61 61.12 36.61
CA ARG VB 96 28.75 61.10 37.50
C ARG VB 96 29.74 60.01 37.14
N LYS VB 97 29.24 58.85 36.69
CA LYS VB 97 30.11 57.69 36.47
C LYS VB 97 31.12 57.95 35.36
N TYR VB 98 30.64 58.40 34.20
CA TYR VB 98 31.52 58.61 33.05
C TYR VB 98 32.09 60.02 33.01
N ASN VB 99 31.71 60.88 33.95
CA ASN VB 99 32.16 62.27 34.01
C ASN VB 99 31.84 63.04 32.74
N ARG VB 100 30.73 62.69 32.08
CA ARG VB 100 30.30 63.34 30.86
C ARG VB 100 28.83 63.70 30.95
N PHE VB 101 28.38 64.56 30.03
CA PHE VB 101 27.02 65.04 30.02
C PHE VB 101 26.15 64.18 29.11
N GLU VB 102 24.87 64.51 29.08
CA GLU VB 102 23.89 63.78 28.29
C GLU VB 102 22.93 64.77 27.66
N LYS VB 103 22.74 64.67 26.35
CA LYS VB 103 21.90 65.62 25.64
C LYS VB 103 20.44 65.23 25.77
N ARG VB 104 19.70 65.97 26.58
CA ARG VB 104 18.32 65.67 26.89
C ARG VB 104 17.44 66.87 26.52
N HIS VB 105 16.17 66.60 26.28
CA HIS VB 105 15.25 67.65 25.86
C HIS VB 105 13.86 67.33 26.35
N LYS VB 106 13.07 68.39 26.56
CA LYS VB 106 11.67 68.26 26.92
C LYS VB 106 10.85 69.28 26.15
N ASN VB 107 9.59 68.93 25.89
CA ASN VB 107 8.68 69.83 25.20
C ASN VB 107 7.64 70.36 26.18
N MET VB 108 7.35 71.65 26.08
CA MET VB 108 6.40 72.31 26.96
C MET VB 108 5.43 73.13 26.13
N SER VB 109 4.14 73.00 26.44
CA SER VB 109 3.11 73.77 25.78
C SER VB 109 2.87 75.05 26.57
N VAL VB 110 2.93 76.19 25.90
CA VAL VB 110 2.73 77.48 26.54
C VAL VB 110 1.67 78.25 25.77
N HIS VB 111 0.95 79.11 26.49
CA HIS VB 111 -0.09 79.92 25.88
C HIS VB 111 0.53 81.12 25.17
N LEU VB 112 0.11 81.35 23.93
CA LEU VB 112 0.59 82.47 23.13
C LEU VB 112 -0.48 83.55 23.07
N SER VB 113 -0.18 84.70 23.65
CA SER VB 113 -1.08 85.83 23.54
C SER VB 113 -1.09 86.35 22.10
N PRO VB 114 -2.23 86.86 21.64
CA PRO VB 114 -2.28 87.43 20.29
C PRO VB 114 -1.42 88.67 20.11
N CYS VB 115 -0.87 89.22 21.20
CA CYS VB 115 -0.01 90.40 21.09
C CYS VB 115 1.31 90.08 20.39
N PHE VB 116 1.64 88.81 20.22
CA PHE VB 116 2.84 88.41 19.48
C PHE VB 116 2.38 87.88 18.12
N ARG VB 117 2.45 88.73 17.10
CA ARG VB 117 2.00 88.35 15.77
C ARG VB 117 3.11 87.75 14.92
N ASP VB 118 4.28 88.37 14.88
CA ASP VB 118 5.39 87.89 14.06
C ASP VB 118 6.28 86.96 14.88
N VAL VB 119 5.78 85.73 15.03
CA VAL VB 119 6.52 84.66 15.68
C VAL VB 119 6.58 83.48 14.71
N GLN VB 120 7.77 82.94 14.49
CA GLN VB 120 7.97 81.83 13.58
C GLN VB 120 8.62 80.66 14.31
N ILE VB 121 8.69 79.52 13.61
CA ILE VB 121 9.33 78.34 14.17
C ILE VB 121 10.81 78.57 14.32
N GLY VB 122 11.36 78.23 15.49
CA GLY VB 122 12.76 78.44 15.78
C GLY VB 122 13.08 79.71 16.53
N ASP VB 123 12.09 80.58 16.76
CA ASP VB 123 12.33 81.80 17.50
C ASP VB 123 12.56 81.49 18.97
N ILE VB 124 13.29 82.37 19.64
CA ILE VB 124 13.65 82.21 21.04
C ILE VB 124 12.68 83.03 21.88
N VAL VB 125 12.09 82.39 22.88
CA VAL VB 125 11.10 83.01 23.74
C VAL VB 125 11.49 82.79 25.19
N THR VB 126 10.95 83.61 26.08
CA THR VB 126 11.09 83.43 27.51
C THR VB 126 9.68 83.37 28.12
N VAL VB 127 9.39 82.28 28.82
CA VAL VB 127 8.05 82.04 29.34
C VAL VB 127 8.07 82.11 30.86
N GLY VB 128 6.91 82.43 31.43
CA GLY VB 128 6.77 82.56 32.87
C GLY VB 128 5.72 81.60 33.39
N GLU VB 129 5.99 81.02 34.56
CA GLU VB 129 5.08 80.07 35.17
C GLU VB 129 3.79 80.75 35.60
N CYS VB 130 2.66 80.09 35.37
CA CYS VB 130 1.38 80.61 35.81
C CYS VB 130 0.50 79.50 36.35
N ARG VB 131 -0.74 79.82 36.72
CA ARG VB 131 -1.67 78.80 37.18
C ARG VB 131 -2.04 77.88 36.01
N PRO VB 132 -2.42 76.63 36.31
CA PRO VB 132 -2.78 75.69 35.23
C PRO VB 132 -3.87 76.22 34.32
N LEU VB 133 -3.51 76.47 33.06
CA LEU VB 133 -4.45 77.00 32.09
C LEU VB 133 -5.23 75.90 31.38
N SER VB 134 -4.62 74.74 31.18
CA SER VB 134 -5.27 73.59 30.59
C SER VB 134 -4.65 72.34 31.21
N LYS VB 135 -4.86 71.20 30.57
CA LYS VB 135 -4.34 69.94 31.11
C LYS VB 135 -2.83 69.94 31.15
N THR VB 136 -2.18 70.42 30.09
CA THR VB 136 -0.72 70.40 29.99
C THR VB 136 -0.11 71.77 29.76
N VAL VB 137 -0.75 72.85 30.25
CA VAL VB 137 -0.23 74.20 30.07
C VAL VB 137 -0.06 74.82 31.44
N ARG VB 138 1.14 75.37 31.70
CA ARG VB 138 1.39 76.08 32.96
C ARG VB 138 2.20 77.35 32.75
N PHE VB 139 2.48 77.75 31.50
CA PHE VB 139 3.40 78.83 31.23
C PHE VB 139 2.84 79.75 30.16
N ASN VB 140 3.32 81.00 30.17
CA ASN VB 140 2.87 82.04 29.26
C ASN VB 140 4.06 82.73 28.62
N VAL VB 141 3.96 83.01 27.32
CA VAL VB 141 5.02 83.70 26.61
C VAL VB 141 5.15 85.12 27.14
N LEU VB 142 6.37 85.53 27.46
CA LEU VB 142 6.61 86.86 27.99
C LEU VB 142 7.41 87.75 27.05
N LYS VB 143 8.48 87.21 26.45
CA LYS VB 143 9.31 87.99 25.52
C LYS VB 143 9.66 87.10 24.33
N VAL VB 144 9.59 87.67 23.14
CA VAL VB 144 9.93 86.97 21.91
C VAL VB 144 11.12 87.67 21.26
N THR VB 145 12.20 86.93 21.04
CA THR VB 145 13.38 87.43 20.37
C THR VB 145 13.62 86.62 19.10
N LYS VB 146 13.83 87.31 18.00
CA LYS VB 146 14.00 86.65 16.72
C LYS VB 146 15.34 85.90 16.67
N ALA VB 147 15.39 84.87 15.83
CA ALA VB 147 16.57 84.03 15.68
C ALA VB 147 17.18 84.31 14.32
N ALA VB 148 18.09 85.29 14.28
CA ALA VB 148 18.80 85.70 13.06
C ALA VB 148 17.84 86.06 11.94
N GLY VB 149 16.75 86.73 12.30
CA GLY VB 149 15.76 87.14 11.33
C GLY VB 149 15.71 88.63 11.11
N THR VB 150 14.56 89.25 11.41
CA THR VB 150 14.32 90.68 11.30
C THR VB 150 14.55 91.21 9.88
N LYS VB 151 14.56 90.32 8.89
CA LYS VB 151 14.78 90.69 7.50
C LYS VB 151 14.25 89.55 6.63
N LYS VB 152 13.60 89.93 5.53
CA LYS VB 152 12.95 88.96 4.65
C LYS VB 152 13.54 89.07 3.25
N GLN VB 153 13.96 87.93 2.71
CA GLN VB 153 14.55 87.89 1.38
C GLN VB 153 13.48 87.71 0.31
N GLY WB 1 41.67 64.44 3.33
CA GLY WB 1 41.39 63.69 2.13
C GLY WB 1 40.17 64.18 1.38
N ARG WB 2 39.90 63.58 0.23
CA ARG WB 2 38.76 63.99 -0.57
C ARG WB 2 37.46 63.53 0.06
N MET WB 3 36.38 64.25 -0.26
CA MET WB 3 35.07 63.94 0.33
C MET WB 3 34.56 62.59 -0.14
N HIS WB 4 34.55 62.36 -1.46
CA HIS WB 4 33.93 61.17 -2.03
C HIS WB 4 34.92 60.34 -2.84
N ALA WB 5 36.21 60.58 -2.68
CA ALA WB 5 37.25 59.80 -3.31
C ALA WB 5 38.31 59.49 -2.27
N PRO WB 6 39.00 58.36 -2.40
CA PRO WB 6 40.05 58.04 -1.42
C PRO WB 6 41.36 58.71 -1.78
N GLY WB 7 41.31 59.99 -2.10
CA GLY WB 7 42.47 60.75 -2.51
C GLY WB 7 42.96 61.66 -1.40
N LYS WB 8 44.27 61.87 -1.38
CA LYS WB 8 44.92 62.76 -0.43
C LYS WB 8 45.77 63.77 -1.17
N GLY WB 9 45.18 64.38 -2.19
CA GLY WB 9 45.92 65.30 -3.03
C GLY WB 9 46.36 66.54 -2.29
N LEU WB 10 47.50 67.09 -2.74
CA LEU WB 10 48.08 68.27 -2.14
C LEU WB 10 48.12 69.45 -3.10
N SER WB 11 47.61 69.29 -4.32
CA SER WB 11 47.67 70.35 -5.32
C SER WB 11 46.84 71.55 -4.89
N GLN WB 12 47.51 72.62 -4.49
CA GLN WB 12 46.85 73.85 -4.04
C GLN WB 12 47.63 75.03 -4.59
N SER WB 13 47.37 76.21 -4.02
CA SER WB 13 48.03 77.44 -4.42
C SER WB 13 48.66 78.08 -3.20
N ALA WB 14 49.82 78.71 -3.39
CA ALA WB 14 50.56 79.37 -2.31
C ALA WB 14 50.40 80.88 -2.48
N LEU WB 15 49.43 81.44 -1.78
CA LEU WB 15 49.23 82.88 -1.84
C LEU WB 15 50.38 83.57 -1.12
N PRO WB 16 51.07 84.50 -1.76
CA PRO WB 16 52.32 85.04 -1.19
C PRO WB 16 52.06 85.88 0.05
N TYR WB 17 53.13 86.06 0.82
CA TYR WB 17 53.06 86.84 2.05
C TYR WB 17 52.84 88.32 1.79
N ARG WB 18 53.19 88.81 0.61
CA ARG WB 18 53.05 90.24 0.31
C ARG WB 18 51.63 90.53 -0.15
N ARG WB 19 50.80 91.01 0.77
CA ARG WB 19 49.44 91.41 0.44
C ARG WB 19 49.39 92.70 -0.37
N SER WB 20 50.50 93.43 -0.46
CA SER WB 20 50.52 94.71 -1.15
C SER WB 20 50.47 94.51 -2.66
N VAL WB 21 49.92 95.50 -3.35
CA VAL WB 21 49.89 95.50 -4.81
C VAL WB 21 51.30 95.68 -5.34
N PRO WB 22 51.71 94.92 -6.36
CA PRO WB 22 53.02 95.15 -6.97
C PRO WB 22 53.10 96.55 -7.57
N THR WB 23 54.30 97.13 -7.52
CA THR WB 23 54.50 98.50 -7.98
C THR WB 23 54.28 98.64 -9.48
N TRP WB 24 54.53 97.58 -10.24
CA TRP WB 24 54.38 97.64 -11.68
C TRP WB 24 52.93 97.51 -12.14
N LEU WB 25 51.98 97.31 -11.23
CA LEU WB 25 50.58 97.19 -11.60
C LEU WB 25 50.01 98.59 -11.80
N LYS WB 26 49.67 98.92 -13.04
CA LYS WB 26 49.10 100.22 -13.36
C LYS WB 26 47.57 100.23 -13.34
N LEU WB 27 46.94 99.09 -13.10
CA LEU WB 27 45.49 99.05 -13.05
C LEU WB 27 45.00 99.49 -11.67
N THR WB 28 44.04 100.41 -11.66
CA THR WB 28 43.44 100.89 -10.43
C THR WB 28 42.19 100.09 -10.10
N SER WB 29 41.64 100.32 -8.90
CA SER WB 29 40.52 99.54 -8.41
C SER WB 29 39.31 99.67 -9.31
N ASP WB 30 38.99 100.90 -9.72
CA ASP WB 30 37.87 101.11 -10.64
C ASP WB 30 38.13 100.47 -12.00
N ASP WB 31 39.40 100.47 -12.45
CA ASP WB 31 39.74 99.79 -13.70
C ASP WB 31 39.45 98.30 -13.62
N VAL WB 32 39.87 97.66 -12.53
CA VAL WB 32 39.61 96.24 -12.35
C VAL WB 32 38.11 95.99 -12.22
N LYS WB 33 37.39 96.88 -11.54
CA LYS WB 33 35.95 96.73 -11.41
C LYS WB 33 35.27 96.75 -12.77
N GLU WB 34 35.69 97.69 -13.63
CA GLU WB 34 35.13 97.76 -14.98
C GLU WB 34 35.49 96.52 -15.79
N GLN WB 35 36.71 96.02 -15.63
CA GLN WB 35 37.09 94.79 -16.32
C GLN WB 35 36.22 93.61 -15.88
N ILE WB 36 35.98 93.49 -14.58
CA ILE WB 36 35.14 92.42 -14.06
C ILE WB 36 33.72 92.57 -14.58
N TYR WB 37 33.20 93.79 -14.62
CA TYR WB 37 31.85 94.01 -15.13
C TYR WB 37 31.75 93.61 -16.60
N LYS WB 38 32.74 94.01 -17.40
CA LYS WB 38 32.72 93.67 -18.82
C LYS WB 38 32.82 92.17 -19.04
N LEU WB 39 33.66 91.49 -18.25
CA LEU WB 39 33.76 90.04 -18.38
C LEU WB 39 32.47 89.36 -17.94
N ALA WB 40 31.84 89.86 -16.88
CA ALA WB 40 30.60 89.27 -16.39
C ALA WB 40 29.47 89.42 -17.42
N LYS WB 41 29.43 90.57 -18.11
CA LYS WB 41 28.42 90.74 -19.15
C LYS WB 41 28.64 89.77 -20.30
N LYS WB 42 29.85 89.22 -20.44
CA LYS WB 42 30.08 88.13 -21.38
C LYS WB 42 29.66 86.78 -20.81
N GLY WB 43 29.15 86.73 -19.59
CA GLY WB 43 28.68 85.50 -19.00
C GLY WB 43 29.74 84.66 -18.33
N LEU WB 44 30.81 85.26 -17.82
CA LEU WB 44 31.91 84.51 -17.23
C LEU WB 44 31.68 84.34 -15.73
N THR WB 45 31.90 83.12 -15.24
CA THR WB 45 31.80 82.83 -13.82
C THR WB 45 32.98 83.47 -13.09
N PRO WB 46 32.83 83.76 -11.79
CA PRO WB 46 33.90 84.46 -11.06
C PRO WB 46 35.26 83.78 -11.12
N SER WB 47 35.30 82.45 -11.11
CA SER WB 47 36.57 81.75 -11.21
C SER WB 47 37.25 82.07 -12.54
N GLN WB 48 36.49 82.03 -13.63
CA GLN WB 48 37.05 82.37 -14.93
C GLN WB 48 37.43 83.84 -15.00
N ILE WB 49 36.67 84.72 -14.34
CA ILE WB 49 37.04 86.13 -14.31
C ILE WB 49 38.40 86.32 -13.65
N GLY WB 50 38.60 85.67 -12.50
CA GLY WB 50 39.89 85.75 -11.83
C GLY WB 50 41.00 85.14 -12.67
N VAL WB 51 40.72 84.04 -13.34
CA VAL WB 51 41.72 83.39 -14.17
C VAL WB 51 42.16 84.29 -15.31
N ILE WB 52 41.19 84.91 -16.01
CA ILE WB 52 41.51 85.80 -17.11
C ILE WB 52 42.27 87.02 -16.60
N LEU WB 53 41.84 87.57 -15.47
CA LEU WB 53 42.50 88.75 -14.91
C LEU WB 53 43.95 88.45 -14.54
N ARG WB 54 44.21 87.27 -13.98
CA ARG WB 54 45.57 86.93 -13.60
C ARG WB 54 46.42 86.58 -14.82
N ASP WB 55 45.84 85.90 -15.80
CA ASP WB 55 46.62 85.49 -16.97
C ASP WB 55 47.00 86.67 -17.85
N SER WB 56 46.03 87.55 -18.14
CA SER WB 56 46.26 88.61 -19.12
C SER WB 56 46.58 89.95 -18.48
N HIS WB 57 45.77 90.38 -17.53
CA HIS WB 57 45.90 91.71 -16.95
C HIS WB 57 46.94 91.78 -15.83
N GLY WB 58 47.50 90.65 -15.43
CA GLY WB 58 48.62 90.66 -14.51
C GLY WB 58 48.30 91.05 -13.09
N VAL WB 59 47.03 91.08 -12.70
CA VAL WB 59 46.65 91.35 -11.33
C VAL WB 59 46.77 90.07 -10.51
N ALA WB 60 47.41 90.18 -9.35
CA ALA WB 60 47.66 89.00 -8.52
C ALA WB 60 46.38 88.54 -7.85
N GLN WB 61 45.80 89.38 -7.01
CA GLN WB 61 44.55 89.09 -6.31
C GLN WB 61 43.64 90.31 -6.43
N VAL WB 62 42.40 90.08 -6.84
CA VAL WB 62 41.44 91.18 -6.97
C VAL WB 62 41.14 91.75 -5.58
N ARG WB 63 41.10 90.88 -4.57
CA ARG WB 63 40.84 91.34 -3.20
C ARG WB 63 41.98 92.19 -2.68
N PHE WB 64 43.23 91.91 -3.09
CA PHE WB 64 44.36 92.71 -2.62
C PHE WB 64 44.35 94.10 -3.25
N VAL WB 65 43.91 94.21 -4.50
CA VAL WB 65 44.00 95.49 -5.21
C VAL WB 65 42.73 96.33 -5.04
N THR WB 66 41.57 95.71 -4.83
CA THR WB 66 40.33 96.45 -4.67
C THR WB 66 39.81 96.45 -3.24
N GLY WB 67 40.29 95.56 -2.39
CA GLY WB 67 39.84 95.48 -1.02
C GLY WB 67 38.68 94.54 -0.79
N ASN WB 68 38.07 94.01 -1.84
CA ASN WB 68 36.93 93.10 -1.72
C ASN WB 68 37.05 92.00 -2.76
N LYS WB 69 36.36 90.90 -2.50
CA LYS WB 69 36.44 89.74 -3.38
C LYS WB 69 35.58 89.95 -4.61
N ILE WB 70 35.72 89.02 -5.56
CA ILE WB 70 35.06 89.17 -6.87
C ILE WB 70 33.55 89.10 -6.72
N LEU WB 71 33.06 88.07 -6.02
CA LEU WB 71 31.62 87.89 -5.88
C LEU WB 71 30.99 89.02 -5.08
N ARG WB 72 31.72 89.60 -4.13
CA ARG WB 72 31.21 90.75 -3.40
C ARG WB 72 30.96 91.93 -4.33
N ILE WB 73 31.92 92.19 -5.23
CA ILE WB 73 31.77 93.28 -6.19
C ILE WB 73 30.61 93.01 -7.14
N LEU WB 74 30.52 91.76 -7.63
CA LEU WB 74 29.44 91.42 -8.55
C LEU WB 74 28.07 91.56 -7.90
N LYS WB 75 27.96 91.14 -6.63
CA LYS WB 75 26.70 91.29 -5.92
C LYS WB 75 26.39 92.76 -5.65
N SER WB 76 27.41 93.56 -5.35
CA SER WB 76 27.21 94.99 -5.16
C SER WB 76 26.67 95.64 -6.42
N LYS WB 77 27.22 95.29 -7.58
CA LYS WB 77 26.67 95.78 -8.82
C LYS WB 77 25.31 95.17 -9.13
N GLY WB 78 25.01 94.02 -8.55
CA GLY WB 78 23.69 93.44 -8.67
C GLY WB 78 23.49 92.52 -9.85
N LEU WB 79 24.55 92.15 -10.55
CA LEU WB 79 24.45 91.19 -11.65
C LEU WB 79 24.96 89.81 -11.26
N ALA WB 80 25.12 89.58 -9.96
CA ALA WB 80 25.66 88.31 -9.48
C ALA WB 80 24.71 87.17 -9.82
N PRO WB 81 25.24 85.98 -10.08
CA PRO WB 81 24.38 84.84 -10.41
C PRO WB 81 23.44 84.49 -9.27
N ASP WB 82 22.23 84.08 -9.63
CA ASP WB 82 21.27 83.64 -8.63
C ASP WB 82 21.76 82.38 -7.92
N LEU WB 83 22.39 81.50 -8.66
CA LEU WB 83 22.91 80.27 -8.08
C LEU WB 83 24.42 80.39 -7.87
N PRO WB 84 24.93 79.79 -6.81
CA PRO WB 84 26.39 79.74 -6.61
C PRO WB 84 27.07 78.95 -7.72
N GLU WB 85 28.30 79.36 -8.03
CA GLU WB 85 29.02 78.77 -9.15
C GLU WB 85 29.24 77.27 -8.94
N ASP WB 86 29.70 76.89 -7.75
CA ASP WB 86 29.94 75.49 -7.47
C ASP WB 86 28.64 74.69 -7.50
N LEU WB 87 27.57 75.23 -6.92
CA LEU WB 87 26.28 74.55 -6.98
C LEU WB 87 25.78 74.44 -8.41
N TYR WB 88 25.94 75.49 -9.21
CA TYR WB 88 25.51 75.44 -10.60
C TYR WB 88 26.26 74.37 -11.37
N HIS WB 89 27.58 74.30 -11.18
CA HIS WB 89 28.35 73.28 -11.89
C HIS WB 89 28.02 71.88 -11.40
N LEU WB 90 27.74 71.72 -10.10
CA LEU WB 90 27.35 70.42 -9.58
C LEU WB 90 26.02 69.97 -10.18
N ILE WB 91 25.04 70.88 -10.26
CA ILE WB 91 23.77 70.54 -10.86
C ILE WB 91 23.94 70.22 -12.35
N LYS WB 92 24.79 70.99 -13.04
CA LYS WB 92 25.08 70.72 -14.44
C LYS WB 92 25.66 69.33 -14.64
N LYS WB 93 26.63 68.96 -13.81
CA LYS WB 93 27.25 67.66 -13.92
C LYS WB 93 26.26 66.54 -13.60
N ALA WB 94 25.40 66.75 -12.59
CA ALA WB 94 24.38 65.76 -12.27
C ALA WB 94 23.42 65.57 -13.43
N VAL WB 95 22.99 66.67 -14.06
CA VAL WB 95 22.10 66.59 -15.20
C VAL WB 95 22.78 65.85 -16.35
N ALA WB 96 24.06 66.14 -16.59
CA ALA WB 96 24.78 65.45 -17.67
C ALA WB 96 24.90 63.96 -17.38
N VAL WB 97 25.17 63.59 -16.13
CA VAL WB 97 25.29 62.18 -15.78
C VAL WB 97 23.94 61.48 -15.95
N ARG WB 98 22.85 62.13 -15.55
CA ARG WB 98 21.53 61.56 -15.78
C ARG WB 98 21.25 61.40 -17.27
N LYS WB 99 21.62 62.40 -18.07
CA LYS WB 99 21.36 62.34 -19.51
C LYS WB 99 22.14 61.21 -20.16
N HIS WB 100 23.36 60.96 -19.69
CA HIS WB 100 24.11 59.83 -20.19
C HIS WB 100 23.53 58.51 -19.66
N LEU WB 101 22.92 58.55 -18.48
CA LEU WB 101 22.43 57.34 -17.85
C LEU WB 101 21.16 56.82 -18.53
N GLU WB 102 20.31 57.71 -19.04
CA GLU WB 102 19.04 57.26 -19.61
C GLU WB 102 19.22 56.48 -20.92
N ARG WB 103 20.35 56.64 -21.61
CA ARG WB 103 20.67 55.78 -22.74
C ARG WB 103 21.57 54.61 -22.36
N ASN WB 104 22.19 54.64 -21.19
CA ASN WB 104 23.09 53.59 -20.73
C ASN WB 104 22.62 53.13 -19.36
N ARG WB 105 21.65 52.21 -19.33
CA ARG WB 105 21.16 51.69 -18.07
C ARG WB 105 22.15 50.78 -17.39
N LYS WB 106 23.08 50.18 -18.12
CA LYS WB 106 24.00 49.21 -17.56
C LYS WB 106 25.25 49.86 -16.97
N ASP WB 107 25.36 51.19 -17.02
CA ASP WB 107 26.50 51.90 -16.44
C ASP WB 107 26.24 52.11 -14.95
N LYS WB 108 26.46 51.04 -14.18
CA LYS WB 108 26.34 51.12 -12.74
C LYS WB 108 27.37 52.05 -12.12
N ASP WB 109 28.56 52.14 -12.74
CA ASP WB 109 29.53 53.14 -12.33
C ASP WB 109 28.95 54.55 -12.44
N ALA WB 110 28.23 54.82 -13.52
CA ALA WB 110 27.61 56.12 -13.69
C ALA WB 110 26.55 56.37 -12.62
N LYS WB 111 25.77 55.35 -12.26
CA LYS WB 111 24.79 55.53 -11.18
C LYS WB 111 25.48 55.83 -9.87
N PHE WB 112 26.59 55.15 -9.59
CA PHE WB 112 27.32 55.39 -8.34
C PHE WB 112 27.87 56.81 -8.30
N ARG WB 113 28.45 57.28 -9.40
CA ARG WB 113 28.94 58.65 -9.47
C ARG WB 113 27.79 59.63 -9.33
N LEU WB 114 26.63 59.33 -9.91
CA LEU WB 114 25.46 60.19 -9.78
C LEU WB 114 25.02 60.30 -8.33
N ILE WB 115 25.02 59.19 -7.60
CA ILE WB 115 24.67 59.22 -6.19
C ILE WB 115 25.65 60.09 -5.41
N LEU WB 116 26.94 59.95 -5.72
CA LEU WB 116 27.95 60.80 -5.06
C LEU WB 116 27.70 62.27 -5.33
N ILE WB 117 27.45 62.61 -6.60
CA ILE WB 117 27.23 64.01 -6.98
C ILE WB 117 25.99 64.56 -6.31
N GLU WB 118 24.91 63.77 -6.26
CA GLU WB 118 23.68 64.25 -5.63
C GLU WB 118 23.86 64.42 -4.12
N SER WB 119 24.63 63.55 -3.48
CA SER WB 119 24.91 63.75 -2.06
C SER WB 119 25.67 65.05 -1.84
N ARG WB 120 26.66 65.32 -2.68
CA ARG WB 120 27.38 66.58 -2.59
C ARG WB 120 26.45 67.77 -2.81
N ILE WB 121 25.55 67.65 -3.79
CA ILE WB 121 24.62 68.73 -4.10
C ILE WB 121 23.71 69.01 -2.91
N HIS WB 122 23.17 67.95 -2.30
CA HIS WB 122 22.31 68.13 -1.15
C HIS WB 122 23.06 68.75 0.03
N ARG WB 123 24.29 68.30 0.30
CA ARG WB 123 25.03 68.90 1.41
C ARG WB 123 25.34 70.37 1.14
N LEU WB 124 25.75 70.70 -0.09
CA LEU WB 124 26.06 72.09 -0.40
C LEU WB 124 24.80 72.96 -0.36
N ALA WB 125 23.67 72.43 -0.82
CA ALA WB 125 22.42 73.17 -0.77
C ALA WB 125 21.99 73.41 0.67
N ARG WB 126 22.18 72.40 1.53
CA ARG WB 126 21.90 72.59 2.96
C ARG WB 126 22.78 73.67 3.55
N TYR WB 127 24.07 73.69 3.20
CA TYR WB 127 24.95 74.75 3.69
C TYR WB 127 24.49 76.12 3.21
N TYR WB 128 24.12 76.23 1.94
CA TYR WB 128 23.70 77.52 1.40
C TYR WB 128 22.38 77.98 2.01
N LYS WB 129 21.47 77.05 2.30
CA LYS WB 129 20.25 77.41 2.99
C LYS WB 129 20.54 77.83 4.43
N THR WB 130 21.58 77.27 5.03
CA THR WB 130 21.99 77.75 6.36
C THR WB 130 22.47 79.20 6.29
N LYS WB 131 23.22 79.54 5.25
CA LYS WB 131 23.71 80.89 5.05
C LYS WB 131 22.65 81.85 4.56
N ARG WB 132 21.43 81.37 4.30
CA ARG WB 132 20.34 82.15 3.71
C ARG WB 132 20.70 82.69 2.33
N VAL WB 133 21.63 82.04 1.64
CA VAL WB 133 21.88 82.37 0.24
C VAL WB 133 20.73 81.90 -0.63
N LEU WB 134 20.22 80.72 -0.38
CA LEU WB 134 19.15 80.00 -1.03
C LEU WB 134 17.84 80.16 -0.27
N PRO WB 135 16.71 79.98 -0.93
CA PRO WB 135 15.44 80.03 -0.22
C PRO WB 135 15.36 78.93 0.82
N PRO WB 136 14.66 79.17 1.93
CA PRO WB 136 14.55 78.13 2.98
C PRO WB 136 13.84 76.88 2.52
N ASN WB 137 13.00 76.97 1.49
CA ASN WB 137 12.33 75.82 0.92
C ASN WB 137 12.97 75.32 -0.36
N TRP WB 138 14.16 75.81 -0.69
CA TRP WB 138 14.82 75.41 -1.93
C TRP WB 138 15.14 73.93 -1.90
N LYS WB 139 14.67 73.22 -2.92
CA LYS WB 139 14.86 71.78 -3.01
C LYS WB 139 15.28 71.41 -4.43
N TYR WB 140 16.24 70.49 -4.53
CA TYR WB 140 16.74 70.01 -5.81
C TYR WB 140 15.99 68.75 -6.19
N GLU WB 141 15.37 68.76 -7.37
CA GLU WB 141 14.67 67.61 -7.91
C GLU WB 141 15.33 67.18 -9.22
N SER WB 142 15.32 65.89 -9.49
CA SER WB 142 16.02 65.36 -10.66
C SER WB 142 15.42 65.87 -11.97
N SER WB 143 14.09 65.85 -12.08
CA SER WB 143 13.47 66.18 -13.37
C SER WB 143 13.55 67.67 -13.67
N THR WB 144 13.22 68.51 -12.69
CA THR WB 144 13.09 69.94 -12.92
C THR WB 144 14.43 70.66 -13.11
N ALA WB 145 15.51 70.14 -12.53
CA ALA WB 145 16.77 70.86 -12.55
C ALA WB 145 17.43 70.87 -13.92
N SER WB 146 16.94 70.09 -14.88
CA SER WB 146 17.59 70.02 -16.19
C SER WB 146 17.50 71.35 -16.93
N ALA WB 147 16.45 72.13 -16.69
CA ALA WB 147 16.29 73.42 -17.35
C ALA WB 147 17.04 74.54 -16.67
N LEU WB 148 17.65 74.29 -15.51
CA LEU WB 148 18.33 75.35 -14.77
C LEU WB 148 19.81 75.46 -15.11
N VAL WB 149 20.35 74.53 -15.89
CA VAL WB 149 21.77 74.52 -16.24
C VAL WB 149 21.90 74.26 -17.73
N ALA WB 150 23.06 74.64 -18.28
CA ALA WB 150 23.41 74.39 -19.68
C ALA WB 150 22.35 74.90 -20.65
N ILE XB 4 61.62 2.36 -63.97
CA ILE XB 4 60.59 3.36 -63.72
C ILE XB 4 60.83 4.07 -62.39
N SER XB 5 61.15 3.30 -61.34
CA SER XB 5 61.52 3.79 -60.01
C SER XB 5 60.37 4.51 -59.29
N LEU XB 6 59.23 4.67 -59.97
CA LEU XB 6 58.10 5.44 -59.45
C LEU XB 6 58.53 6.79 -58.89
N GLY XB 7 59.46 7.43 -59.59
CA GLY XB 7 60.02 8.68 -59.14
C GLY XB 7 60.09 9.70 -60.25
N PRO XB 8 60.37 10.95 -59.89
CA PRO XB 8 60.48 12.00 -60.90
C PRO XB 8 61.78 11.89 -61.67
N GLN XB 9 61.83 12.62 -62.78
CA GLN XB 9 63.06 12.72 -63.57
C GLN XB 9 63.87 13.89 -63.03
N VAL XB 10 65.05 13.60 -62.50
CA VAL XB 10 65.84 14.58 -61.77
C VAL XB 10 67.28 14.55 -62.25
N ALA XB 11 68.01 15.61 -61.92
CA ALA XB 11 69.45 15.65 -62.14
C ALA XB 11 70.19 15.11 -60.92
N GLU XB 12 71.39 14.60 -61.15
CA GLU XB 12 72.21 14.05 -60.08
C GLU XB 12 72.62 15.10 -59.05
N GLY XB 13 72.97 16.30 -59.50
CA GLY XB 13 73.47 17.34 -58.63
C GLY XB 13 72.42 18.10 -57.84
N GLU XB 14 71.14 17.82 -58.06
CA GLU XB 14 70.07 18.46 -57.32
C GLU XB 14 69.16 17.41 -56.71
N ASN XB 15 68.46 17.80 -55.64
CA ASN XB 15 67.62 16.90 -54.88
C ASN XB 15 66.21 17.45 -54.80
N VAL XB 16 65.24 16.53 -54.78
CA VAL XB 16 63.83 16.89 -54.69
C VAL XB 16 63.47 17.02 -53.22
N PHE XB 17 62.60 17.97 -52.90
CA PHE XB 17 62.22 18.27 -51.52
C PHE XB 17 60.83 17.73 -51.21
N GLY XB 18 60.75 17.02 -50.08
CA GLY XB 18 59.48 16.66 -49.49
C GLY XB 18 59.27 17.40 -48.18
N VAL XB 19 58.18 17.07 -47.51
CA VAL XB 19 57.84 17.67 -46.23
C VAL XB 19 57.53 16.54 -45.24
N CYS XB 20 58.17 16.58 -44.08
CA CYS XB 20 57.93 15.63 -43.02
C CYS XB 20 57.18 16.31 -41.89
N HIS XB 21 56.00 15.80 -41.57
CA HIS XB 21 55.21 16.28 -40.44
C HIS XB 21 55.38 15.31 -39.28
N ILE XB 22 56.01 15.77 -38.20
CA ILE XB 22 56.25 14.95 -37.03
C ILE XB 22 55.32 15.42 -35.92
N PHE XB 23 54.19 14.73 -35.76
CA PHE XB 23 53.27 14.99 -34.67
C PHE XB 23 53.71 14.09 -33.52
N ALA XB 24 54.75 14.52 -32.81
CA ALA XB 24 55.29 13.75 -31.69
C ALA XB 24 54.64 14.26 -30.41
N SER XB 25 53.49 13.67 -30.09
CA SER XB 25 52.82 13.93 -28.82
C SER XB 25 53.17 12.81 -27.85
N PHE XB 26 52.50 12.80 -26.70
CA PHE XB 26 52.57 11.64 -25.84
C PHE XB 26 51.61 10.56 -26.33
N ASN XB 27 51.90 9.32 -25.89
CA ASN XB 27 51.08 8.13 -26.14
C ASN XB 27 51.14 7.67 -27.59
N ASP XB 28 51.76 8.46 -28.47
CA ASP XB 28 52.03 8.09 -29.86
C ASP XB 28 52.82 9.21 -30.51
N THR XB 29 53.47 8.88 -31.62
CA THR XB 29 54.17 9.87 -32.45
C THR XB 29 53.89 9.56 -33.92
N PHE XB 30 54.04 10.58 -34.76
CA PHE XB 30 53.76 10.48 -36.19
C PHE XB 30 55.00 10.85 -37.00
N VAL XB 31 55.25 10.10 -38.07
CA VAL XB 31 56.38 10.35 -38.94
C VAL XB 31 55.80 10.58 -40.34
N HIS XB 32 54.64 11.25 -40.38
CA HIS XB 32 53.96 11.53 -41.65
C HIS XB 32 54.86 12.36 -42.57
N VAL XB 33 54.93 11.94 -43.83
CA VAL XB 33 55.68 12.65 -44.86
C VAL XB 33 54.77 12.88 -46.06
N THR XB 34 54.66 14.14 -46.48
CA THR XB 34 53.87 14.51 -47.64
C THR XB 34 54.77 15.18 -48.67
N ASP XB 35 54.15 15.69 -49.74
CA ASP XB 35 54.90 16.38 -50.79
C ASP XB 35 55.19 17.82 -50.34
N LEU XB 36 55.66 18.64 -51.28
CA LEU XB 36 55.92 20.03 -50.96
C LEU XB 36 54.63 20.80 -50.74
N SER XB 37 53.57 20.45 -51.48
CA SER XB 37 52.29 21.11 -51.30
C SER XB 37 51.60 20.72 -50.00
N GLY XB 38 51.87 19.52 -49.49
CA GLY XB 38 51.21 19.02 -48.31
C GLY XB 38 49.89 18.34 -48.57
N LYS XB 39 49.32 18.51 -49.77
CA LYS XB 39 48.07 17.84 -50.10
C LYS XB 39 48.29 16.35 -50.37
N GLU XB 40 49.36 16.02 -51.09
CA GLU XB 40 49.65 14.64 -51.46
C GLU XB 40 50.69 14.07 -50.52
N THR XB 41 50.33 13.02 -49.80
CA THR XB 41 51.20 12.40 -48.83
C THR XB 41 52.06 11.32 -49.48
N ILE XB 42 53.21 11.07 -48.88
CA ILE XB 42 54.18 10.11 -49.40
C ILE XB 42 54.09 8.83 -48.58
N CYS XB 43 54.33 8.95 -47.27
CA CYS XB 43 54.27 7.83 -46.36
C CYS XB 43 53.86 8.31 -44.98
N ARG XB 44 53.11 7.47 -44.26
CA ARG XB 44 52.68 7.77 -42.90
C ARG XB 44 52.87 6.52 -42.06
N VAL XB 45 53.86 6.54 -41.17
CA VAL XB 45 54.10 5.45 -40.24
C VAL XB 45 54.21 6.05 -38.84
N THR XB 46 53.46 5.47 -37.90
CA THR XB 46 53.44 5.92 -36.52
C THR XB 46 54.15 4.92 -35.62
N GLY XB 47 54.34 5.31 -34.36
CA GLY XB 47 55.00 4.42 -33.42
C GLY XB 47 54.16 3.24 -33.03
N GLY XB 48 52.83 3.37 -33.10
CA GLY XB 48 51.95 2.29 -32.71
C GLY XB 48 51.95 1.13 -33.67
N MET XB 49 52.33 1.34 -34.92
CA MET XB 49 52.38 0.27 -35.91
C MET XB 49 53.75 -0.37 -36.01
N LYS XB 50 54.69 -0.01 -35.13
CA LYS XB 50 55.99 -0.65 -35.07
C LYS XB 50 56.14 -1.59 -33.89
N VAL XB 51 55.45 -1.35 -32.78
CA VAL XB 51 55.47 -2.23 -31.63
C VAL XB 51 54.04 -2.68 -31.33
N LYS XB 52 53.92 -3.62 -30.40
CA LYS XB 52 52.62 -4.19 -30.04
C LYS XB 52 52.47 -4.23 -28.53
N ALA XB 53 52.79 -3.13 -27.86
CA ALA XB 53 52.79 -3.10 -26.40
C ALA XB 53 51.92 -2.02 -25.79
N ASP XB 54 51.57 -0.96 -26.54
CA ASP XB 54 50.66 0.11 -26.13
C ASP XB 54 51.30 1.01 -25.06
N ARG XB 55 52.46 0.61 -24.54
CA ARG XB 55 53.27 1.48 -23.70
C ARG XB 55 54.30 2.25 -24.48
N ASP XB 56 54.80 1.67 -25.57
CA ASP XB 56 55.91 2.20 -26.33
C ASP XB 56 55.48 2.86 -27.64
N GLU XB 57 54.20 3.24 -27.74
CA GLU XB 57 53.73 3.86 -28.97
C GLU XB 57 54.40 5.20 -29.23
N SER XB 58 54.67 5.96 -28.16
CA SER XB 58 55.42 7.21 -28.25
C SER XB 58 56.88 7.03 -27.86
N SER XB 59 57.33 5.79 -27.67
CA SER XB 59 58.69 5.56 -27.25
C SER XB 59 59.67 5.96 -28.36
N PRO XB 60 60.88 6.39 -27.98
CA PRO XB 60 61.88 6.75 -29.00
C PRO XB 60 62.24 5.60 -29.93
N TYR XB 61 62.20 4.36 -29.44
CA TYR XB 61 62.55 3.22 -30.28
C TYR XB 61 61.56 3.03 -31.41
N ALA XB 62 60.27 3.11 -31.11
CA ALA XB 62 59.26 3.00 -32.15
C ALA XB 62 59.35 4.18 -33.12
N ALA XB 63 59.71 5.36 -32.61
CA ALA XB 63 59.92 6.50 -33.48
C ALA XB 63 61.08 6.25 -34.44
N MET XB 64 62.16 5.64 -33.94
CA MET XB 64 63.29 5.31 -34.81
C MET XB 64 62.88 4.31 -35.88
N LEU XB 65 62.12 3.28 -35.49
CA LEU XB 65 61.68 2.29 -36.47
C LEU XB 65 60.79 2.92 -37.53
N ALA XB 66 59.85 3.76 -37.10
CA ALA XB 66 58.96 4.43 -38.05
C ALA XB 66 59.74 5.36 -38.97
N ALA XB 67 60.71 6.08 -38.43
CA ALA XB 67 61.52 6.97 -39.26
C ALA XB 67 62.32 6.20 -40.29
N GLN XB 68 62.93 5.07 -39.90
CA GLN XB 68 63.68 4.29 -40.87
C GLN XB 68 62.79 3.70 -41.95
N ASP XB 69 61.60 3.22 -41.59
CA ASP XB 69 60.68 2.72 -42.60
C ASP XB 69 60.21 3.81 -43.55
N VAL XB 70 59.87 4.99 -43.03
CA VAL XB 70 59.47 6.10 -43.88
C VAL XB 70 60.64 6.51 -44.78
N ALA XB 71 61.87 6.44 -44.25
CA ALA XB 71 63.04 6.82 -45.03
C ALA XB 71 63.25 5.87 -46.21
N GLN XB 72 63.16 4.56 -45.96
CA GLN XB 72 63.33 3.62 -47.07
C GLN XB 72 62.17 3.73 -48.06
N ARG XB 73 60.95 3.99 -47.58
CA ARG XB 73 59.84 4.21 -48.48
C ARG XB 73 60.07 5.44 -49.36
N CYS XB 74 60.59 6.52 -48.76
CA CYS XB 74 60.87 7.73 -49.53
C CYS XB 74 61.96 7.48 -50.56
N LYS XB 75 63.00 6.73 -50.18
CA LYS XB 75 64.06 6.42 -51.13
C LYS XB 75 63.54 5.60 -52.30
N GLU XB 76 62.71 4.59 -52.04
CA GLU XB 76 62.16 3.83 -53.16
C GLU XB 76 61.10 4.61 -53.92
N LEU XB 77 60.64 5.74 -53.38
CA LEU XB 77 59.81 6.68 -54.12
C LEU XB 77 60.59 7.87 -54.65
N GLY XB 78 61.92 7.82 -54.59
CA GLY XB 78 62.76 8.84 -55.19
C GLY XB 78 62.69 10.22 -54.55
N ILE XB 79 62.67 10.28 -53.23
CA ILE XB 79 62.72 11.54 -52.51
C ILE XB 79 63.95 11.52 -51.62
N THR XB 80 64.75 12.60 -51.68
CA THR XB 80 66.01 12.67 -50.95
C THR XB 80 66.06 13.77 -49.90
N ALA XB 81 65.35 14.88 -50.08
CA ALA XB 81 65.38 15.99 -49.15
C ALA XB 81 63.99 16.21 -48.57
N LEU XB 82 63.96 16.59 -47.29
CA LEU XB 82 62.69 16.75 -46.58
C LEU XB 82 62.70 18.03 -45.78
N HIS XB 83 61.58 18.73 -45.78
CA HIS XB 83 61.33 19.79 -44.81
C HIS XB 83 60.71 19.21 -43.55
N ILE XB 84 61.08 19.78 -42.41
CA ILE XB 84 60.68 19.27 -41.10
C ILE XB 84 59.70 20.24 -40.47
N LYS XB 85 58.56 19.70 -40.02
CA LYS XB 85 57.53 20.49 -39.34
C LYS XB 85 57.24 19.76 -38.04
N LEU XB 86 58.00 20.08 -36.99
CA LEU XB 86 57.74 19.50 -35.69
C LEU XB 86 56.40 20.00 -35.15
N ARG XB 87 55.63 19.09 -34.58
CA ARG XB 87 54.30 19.40 -34.10
C ARG XB 87 54.05 18.70 -32.77
N ALA XB 88 53.66 19.47 -31.76
CA ALA XB 88 53.23 18.91 -30.49
C ALA XB 88 51.70 18.79 -30.49
N THR XB 89 51.13 18.50 -29.33
CA THR XB 89 49.68 18.37 -29.23
C THR XB 89 48.97 19.67 -29.58
N GLY XB 90 49.47 20.79 -29.06
CA GLY XB 90 48.87 22.07 -29.37
C GLY XB 90 47.54 22.26 -28.67
N GLY XB 91 46.76 23.19 -29.21
CA GLY XB 91 45.46 23.51 -28.62
C GLY XB 91 45.64 24.08 -27.23
N ASN XB 92 44.68 23.77 -26.35
CA ASN XB 92 44.82 24.11 -24.94
C ASN XB 92 45.65 23.09 -24.17
N ARG XB 93 46.05 22.01 -24.81
CA ARG XB 93 46.83 20.95 -24.18
C ARG XB 93 48.31 21.30 -24.26
N THR XB 94 49.19 20.32 -24.00
CA THR XB 94 50.61 20.59 -23.88
C THR XB 94 51.21 21.06 -25.19
N LYS XB 95 52.34 21.77 -25.08
CA LYS XB 95 53.04 22.33 -26.23
C LYS XB 95 54.43 21.74 -26.44
N THR XB 96 54.93 20.96 -25.51
CA THR XB 96 56.25 20.36 -25.67
C THR XB 96 56.15 19.11 -26.53
N PRO XB 97 56.97 18.99 -27.57
CA PRO XB 97 56.93 17.78 -28.41
C PRO XB 97 57.30 16.55 -27.60
N GLY XB 98 56.70 15.41 -27.99
CA GLY XB 98 56.86 14.20 -27.25
C GLY XB 98 58.24 13.60 -27.39
N PRO XB 99 58.47 12.48 -26.69
CA PRO XB 99 59.81 11.87 -26.69
C PRO XB 99 60.26 11.36 -28.05
N GLY XB 100 59.33 11.10 -28.97
CA GLY XB 100 59.71 10.51 -30.23
C GLY XB 100 60.27 11.46 -31.25
N ALA XB 101 60.15 12.77 -31.03
CA ALA XB 101 60.57 13.74 -32.05
C ALA XB 101 62.07 13.66 -32.29
N GLN XB 102 62.87 13.72 -31.22
CA GLN XB 102 64.31 13.72 -31.36
C GLN XB 102 64.82 12.44 -32.02
N SER XB 103 64.35 11.29 -31.55
CA SER XB 103 64.81 10.03 -32.11
C SER XB 103 64.35 9.85 -33.55
N ALA XB 104 63.12 10.26 -33.86
CA ALA XB 104 62.64 10.14 -35.23
C ALA XB 104 63.46 11.03 -36.18
N LEU XB 105 63.72 12.27 -35.77
CA LEU XB 105 64.49 13.16 -36.63
C LEU XB 105 65.93 12.70 -36.78
N ARG XB 106 66.53 12.21 -35.70
CA ARG XB 106 67.89 11.68 -35.78
C ARG XB 106 67.95 10.47 -36.68
N ALA XB 107 66.96 9.57 -36.59
CA ALA XB 107 66.94 8.40 -37.44
C ALA XB 107 66.74 8.79 -38.91
N LEU XB 108 65.90 9.79 -39.17
CA LEU XB 108 65.74 10.27 -40.54
C LEU XB 108 67.04 10.85 -41.08
N ALA XB 109 67.76 11.60 -40.24
CA ALA XB 109 69.03 12.17 -40.68
C ALA XB 109 70.07 11.10 -40.94
N ARG XB 110 70.16 10.10 -40.06
CA ARG XB 110 71.17 9.07 -40.20
C ARG XB 110 70.79 7.98 -41.18
N SER XB 111 69.59 8.02 -41.74
CA SER XB 111 69.14 7.06 -42.74
C SER XB 111 69.52 7.47 -44.16
N GLY XB 112 70.22 8.59 -44.32
CA GLY XB 112 70.56 9.09 -45.64
C GLY XB 112 69.61 10.13 -46.18
N MET XB 113 68.53 10.43 -45.48
CA MET XB 113 67.59 11.45 -45.94
C MET XB 113 68.12 12.85 -45.63
N LYS XB 114 68.31 13.64 -46.67
CA LYS XB 114 68.73 15.02 -46.50
C LYS XB 114 67.62 15.83 -45.86
N ILE XB 115 68.02 16.86 -45.11
CA ILE XB 115 67.09 17.65 -44.31
C ILE XB 115 67.19 19.11 -44.73
N GLY XB 116 66.03 19.72 -45.00
CA GLY XB 116 65.98 21.12 -45.35
C GLY XB 116 65.53 22.01 -44.21
N ARG XB 117 64.51 22.83 -44.45
CA ARG XB 117 64.01 23.73 -43.42
C ARG XB 117 63.32 22.98 -42.30
N ILE XB 118 63.53 23.47 -41.08
CA ILE XB 118 62.90 22.93 -39.89
C ILE XB 118 62.13 24.07 -39.22
N GLU XB 119 60.87 23.80 -38.86
CA GLU XB 119 60.03 24.84 -38.27
C GLU XB 119 58.99 24.17 -37.39
N ASP XB 120 58.57 24.87 -36.34
CA ASP XB 120 57.53 24.35 -35.45
C ASP XB 120 56.18 24.90 -35.89
N VAL XB 121 55.22 24.00 -36.06
CA VAL XB 121 53.87 24.39 -36.46
C VAL XB 121 52.87 23.91 -35.42
N THR XB 122 53.31 23.84 -34.17
CA THR XB 122 52.42 23.47 -33.08
C THR XB 122 51.29 24.50 -32.98
N PRO XB 123 50.04 24.07 -32.95
CA PRO XB 123 48.94 25.04 -32.95
C PRO XB 123 48.86 25.80 -31.65
N ILE XB 124 49.28 27.06 -31.67
CA ILE XB 124 49.19 27.94 -30.52
C ILE XB 124 47.92 28.77 -30.67
N PRO XB 125 46.92 28.59 -29.83
CA PRO XB 125 45.72 29.42 -29.93
C PRO XB 125 46.03 30.86 -29.56
N SER XB 126 45.38 31.79 -30.26
CA SER XB 126 45.37 33.16 -29.78
C SER XB 126 44.70 33.25 -28.44
N ASP XB 127 43.72 32.38 -28.20
CA ASP XB 127 43.18 31.86 -26.94
C ASP XB 127 42.22 30.72 -27.25
N SER XB 128 42.20 29.75 -26.35
CA SER XB 128 41.50 28.49 -26.53
C SER XB 128 40.27 28.43 -25.63
N THR XB 129 39.57 27.32 -25.72
CA THR XB 129 38.48 27.05 -24.80
C THR XB 129 39.03 26.56 -23.47
N ARG XB 130 38.11 26.22 -22.56
CA ARG XB 130 38.52 25.77 -21.24
C ARG XB 130 39.19 24.40 -21.35
N ARG XB 131 40.39 24.30 -20.78
CA ARG XB 131 41.13 23.06 -20.80
C ARG XB 131 40.48 22.03 -19.88
N LYS XB 132 40.44 20.78 -20.33
CA LYS XB 132 39.79 19.74 -19.55
C LYS XB 132 40.60 19.45 -18.29
N GLY XB 133 39.91 18.89 -17.29
CA GLY XB 133 40.50 18.57 -16.01
C GLY XB 133 39.95 19.35 -14.83
N GLY XB 134 39.06 20.31 -15.07
CA GLY XB 134 38.46 21.06 -13.98
C GLY XB 134 39.42 22.09 -13.40
N ARG XB 135 38.87 22.90 -12.50
CA ARG XB 135 39.68 23.93 -11.86
C ARG XB 135 40.66 23.37 -10.84
N ARG XB 136 40.37 22.19 -10.29
CA ARG XB 136 41.27 21.54 -9.35
C ARG XB 136 42.34 20.70 -10.04
N GLY XB 137 42.24 20.52 -11.35
CA GLY XB 137 43.29 19.85 -12.07
C GLY XB 137 43.22 18.34 -11.96
N ARG XB 138 44.18 17.69 -12.62
CA ARG XB 138 44.28 16.24 -12.68
C ARG XB 138 44.90 15.75 -11.37
N ARG XB 139 44.06 15.37 -10.41
CA ARG XB 139 44.56 14.97 -9.10
C ARG XB 139 45.26 13.63 -9.20
N LEU XB 140 46.50 13.57 -8.71
CA LEU XB 140 47.28 12.34 -8.69
C LEU XB 140 48.12 12.26 -7.43
N MET YB 1 67.25 64.02 46.30
CA MET YB 1 68.17 64.48 47.33
C MET YB 1 67.74 65.84 47.87
N GLN YB 2 68.51 66.35 48.83
CA GLN YB 2 68.29 67.66 49.44
C GLN YB 2 66.90 67.75 50.07
N ASN YB 3 66.74 66.97 51.14
CA ASN YB 3 65.56 67.07 51.99
C ASN YB 3 65.49 68.44 52.67
N ASP YB 4 64.43 68.69 53.43
CA ASP YB 4 64.22 70.02 54.01
C ASP YB 4 65.38 70.42 54.93
N ALA YB 5 66.04 69.44 55.56
CA ALA YB 5 67.23 69.75 56.33
C ALA YB 5 68.36 70.25 55.42
N GLY YB 6 68.51 69.64 54.24
CA GLY YB 6 69.44 70.18 53.27
C GLY YB 6 70.48 69.21 52.74
N GLU YB 7 70.77 68.15 53.48
CA GLU YB 7 71.82 67.23 53.07
C GLU YB 7 71.41 66.45 51.82
N PHE YB 8 72.40 66.10 51.01
CA PHE YB 8 72.18 65.36 49.77
C PHE YB 8 71.92 63.90 50.13
N VAL YB 9 70.65 63.52 50.21
CA VAL YB 9 70.29 62.14 50.53
C VAL YB 9 70.23 61.38 49.20
N ASP YB 10 71.42 61.01 48.73
CA ASP YB 10 71.58 60.25 47.50
C ASP YB 10 73.01 59.75 47.41
N LEU YB 11 73.20 58.46 47.16
CA LEU YB 11 74.52 57.88 47.26
C LEU YB 11 75.38 58.13 46.03
N TYR YB 12 74.80 58.64 44.93
CA TYR YB 12 75.61 59.21 43.86
C TYR YB 12 74.71 60.10 43.01
N VAL YB 13 75.34 60.84 42.10
CA VAL YB 13 74.64 61.65 41.12
C VAL YB 13 75.07 61.19 39.74
N PRO YB 14 74.23 60.49 38.98
CA PRO YB 14 74.65 59.97 37.69
C PRO YB 14 74.91 61.08 36.69
N ARG YB 15 75.82 60.80 35.76
CA ARG YB 15 76.13 61.75 34.70
C ARG YB 15 74.97 61.83 33.72
N LYS YB 16 74.85 62.98 33.06
CA LYS YB 16 73.87 63.20 32.02
C LYS YB 16 74.59 63.25 30.68
N CYS YB 17 73.92 62.79 29.64
CA CYS YB 17 74.50 62.81 28.30
C CYS YB 17 74.80 64.25 27.88
N SER YB 18 75.97 64.45 27.29
CA SER YB 18 76.35 65.78 26.85
C SER YB 18 75.74 66.16 25.51
N ALA YB 19 74.99 65.26 24.90
CA ALA YB 19 74.30 65.54 23.64
C ALA YB 19 72.79 65.52 23.80
N SER YB 20 72.24 64.42 24.30
CA SER YB 20 70.80 64.27 24.47
C SER YB 20 70.31 64.73 25.83
N ASN YB 21 71.22 65.09 26.73
CA ASN YB 21 70.88 65.47 28.10
C ASN YB 21 70.09 64.35 28.80
N ARG YB 22 70.43 63.11 28.49
CA ARG YB 22 69.80 61.94 29.07
C ARG YB 22 70.67 61.35 30.17
N ILE YB 23 70.02 60.74 31.15
CA ILE YB 23 70.74 60.12 32.26
C ILE YB 23 71.46 58.87 31.76
N ILE YB 24 72.74 58.75 32.12
CA ILE YB 24 73.52 57.57 31.80
C ILE YB 24 73.24 56.53 32.88
N GLY YB 25 72.66 55.41 32.47
CA GLY YB 25 72.28 54.38 33.43
C GLY YB 25 73.49 53.66 34.00
N ALA YB 26 73.27 53.01 35.14
CA ALA YB 26 74.35 52.28 35.80
C ALA YB 26 74.80 51.07 34.99
N LYS YB 27 73.86 50.39 34.33
CA LYS YB 27 74.18 49.24 33.48
C LYS YB 27 74.25 49.62 32.01
N ASP YB 28 74.14 50.90 31.69
CA ASP YB 28 74.19 51.36 30.30
C ASP YB 28 75.66 51.31 29.87
N HIS YB 29 76.10 50.13 29.45
CA HIS YB 29 77.49 49.91 29.08
C HIS YB 29 77.81 50.40 27.68
N ALA YB 30 76.81 50.80 26.91
CA ALA YB 30 77.07 51.39 25.60
C ALA YB 30 77.57 52.82 25.70
N SER YB 31 77.42 53.48 26.84
CA SER YB 31 77.85 54.86 27.00
C SER YB 31 79.37 54.95 26.94
N ILE YB 32 79.85 56.11 26.51
CA ILE YB 32 81.28 56.39 26.45
C ILE YB 32 81.54 57.74 27.10
N GLN YB 33 82.77 57.90 27.59
CA GLN YB 33 83.24 59.18 28.11
C GLN YB 33 84.69 59.34 27.70
N MET YB 34 84.91 59.97 26.57
CA MET YB 34 86.26 60.21 26.06
C MET YB 34 86.77 61.57 26.53
N ASN YB 35 88.07 61.77 26.35
CA ASN YB 35 88.72 63.02 26.72
C ASN YB 35 89.34 63.64 25.48
N VAL YB 36 89.14 64.94 25.30
CA VAL YB 36 89.71 65.68 24.19
C VAL YB 36 90.86 66.51 24.73
N ALA YB 37 92.07 66.25 24.22
CA ALA YB 37 93.27 66.92 24.69
C ALA YB 37 93.47 68.20 23.88
N GLU YB 38 93.27 69.35 24.51
CA GLU YB 38 93.57 70.61 23.86
C GLU YB 38 95.05 70.95 24.03
N VAL YB 39 95.60 71.64 23.05
CA VAL YB 39 97.02 71.90 22.98
C VAL YB 39 97.27 73.38 23.22
N ASP YB 40 98.55 73.74 23.30
CA ASP YB 40 98.93 75.12 23.54
C ASP YB 40 98.66 75.98 22.31
N LYS YB 41 98.68 77.30 22.51
CA LYS YB 41 98.34 78.22 21.43
C LYS YB 41 99.50 78.37 20.45
N VAL YB 42 100.71 78.06 20.88
CA VAL YB 42 101.89 78.44 20.11
C VAL YB 42 102.55 77.24 19.42
N THR YB 43 102.80 76.15 20.15
CA THR YB 43 103.57 75.05 19.58
C THR YB 43 102.75 73.84 19.19
N GLY YB 44 101.43 73.88 19.40
CA GLY YB 44 100.59 72.76 19.02
C GLY YB 44 100.89 71.49 19.78
N ARG YB 45 101.38 71.59 21.00
CA ARG YB 45 101.71 70.44 21.83
C ARG YB 45 100.77 70.34 23.02
N PHE YB 46 100.51 69.11 23.43
CA PHE YB 46 99.58 68.86 24.54
C PHE YB 46 100.11 69.48 25.83
N ASN YB 47 99.24 70.23 26.50
CA ASN YB 47 99.61 70.96 27.71
C ASN YB 47 99.25 70.23 28.99
N GLY YB 48 98.79 68.99 28.88
CA GLY YB 48 98.42 68.23 30.07
C GLY YB 48 96.97 68.29 30.46
N GLN YB 49 96.37 69.48 30.45
CA GLN YB 49 94.97 69.61 30.80
C GLN YB 49 94.10 69.43 29.56
N PHE YB 50 92.94 68.79 29.74
CA PHE YB 50 92.11 68.36 28.63
C PHE YB 50 90.65 68.70 28.95
N LYS YB 51 89.75 68.17 28.14
CA LYS YB 51 88.32 68.32 28.36
C LYS YB 51 87.62 67.01 28.00
N THR YB 52 86.46 66.78 28.60
CA THR YB 52 85.77 65.51 28.53
C THR YB 52 84.38 65.69 27.93
N TYR YB 53 83.99 64.72 27.10
CA TYR YB 53 82.64 64.64 26.56
C TYR YB 53 82.06 63.27 26.89
N ALA YB 54 80.78 63.25 27.23
CA ALA YB 54 80.08 62.01 27.60
C ALA YB 54 78.84 61.85 26.74
N ILE YB 55 78.69 60.69 26.11
CA ILE YB 55 77.57 60.41 25.22
C ILE YB 55 76.85 59.17 25.73
N CYS YB 56 75.54 59.26 25.87
CA CYS YB 56 74.76 58.09 26.27
C CYS YB 56 74.73 57.08 25.14
N GLY YB 57 74.48 55.82 25.50
CA GLY YB 57 74.58 54.74 24.54
C GLY YB 57 73.58 54.81 23.40
N ALA YB 58 72.38 55.30 23.69
CA ALA YB 58 71.33 55.34 22.66
C ALA YB 58 71.73 56.24 21.49
N ILE YB 59 72.29 57.41 21.80
CA ILE YB 59 72.71 58.34 20.74
C ILE YB 59 73.82 57.72 19.91
N ARG YB 60 74.81 57.10 20.57
CA ARG YB 60 75.85 56.39 19.84
C ARG YB 60 75.44 54.98 19.44
N ARG YB 61 74.15 54.66 19.57
CA ARG YB 61 73.55 53.54 18.87
C ARG YB 61 72.79 53.94 17.62
N MET YB 62 72.14 55.10 17.65
CA MET YB 62 71.41 55.58 16.48
C MET YB 62 72.30 56.26 15.46
N GLY YB 63 73.58 56.43 15.76
CA GLY YB 63 74.54 56.90 14.79
C GLY YB 63 74.86 58.37 14.82
N GLU YB 64 74.22 59.14 15.69
CA GLU YB 64 74.45 60.58 15.74
C GLU YB 64 75.57 60.96 16.71
N SER YB 65 76.38 59.99 17.12
CA SER YB 65 77.48 60.28 18.04
C SER YB 65 78.51 61.20 17.41
N ASP YB 66 78.90 60.92 16.17
CA ASP YB 66 79.93 61.73 15.52
C ASP YB 66 79.49 63.16 15.33
N ASP YB 67 78.23 63.36 14.92
CA ASP YB 67 77.69 64.70 14.77
C ASP YB 67 77.68 65.44 16.10
N SER YB 68 77.30 64.76 17.17
CA SER YB 68 77.24 65.39 18.48
C SER YB 68 78.65 65.77 18.97
N ILE YB 69 79.62 64.89 18.77
CA ILE YB 69 80.99 65.21 19.17
C ILE YB 69 81.52 66.38 18.37
N LEU YB 70 81.22 66.40 17.06
CA LEU YB 70 81.62 67.54 16.24
C LEU YB 70 81.00 68.84 16.75
N ARG YB 71 79.71 68.81 17.09
CA ARG YB 71 79.06 70.02 17.56
C ARG YB 71 79.64 70.49 18.89
N LEU YB 72 79.91 69.55 19.80
CA LEU YB 72 80.50 69.94 21.09
C LEU YB 72 81.91 70.50 20.92
N ALA YB 73 82.72 69.89 20.06
CA ALA YB 73 84.06 70.41 19.81
C ALA YB 73 84.00 71.78 19.15
N LYS YB 74 83.04 71.98 18.24
CA LYS YB 74 82.85 73.28 17.61
C LYS YB 74 82.46 74.33 18.62
N ALA YB 75 81.44 74.05 19.43
CA ALA YB 75 80.92 75.03 20.37
C ALA YB 75 81.93 75.36 21.45
N ASP YB 76 82.65 74.36 21.94
CA ASP YB 76 83.62 74.62 23.00
C ASP YB 76 84.88 75.27 22.47
N GLY YB 77 85.06 75.29 21.15
CA GLY YB 77 86.17 76.01 20.54
C GLY YB 77 87.29 75.15 20.03
N ILE YB 78 87.16 73.83 20.08
CA ILE YB 78 88.20 72.95 19.55
C ILE YB 78 88.33 73.11 18.05
N VAL YB 79 87.21 73.13 17.35
CA VAL YB 79 87.19 73.19 15.89
C VAL YB 79 86.89 74.62 15.46
N SER YB 80 87.52 75.05 14.37
CA SER YB 80 87.32 76.39 13.87
C SER YB 80 85.89 76.58 13.38
N LYS YB 81 85.43 77.83 13.41
CA LYS YB 81 84.05 78.12 13.05
C LYS YB 81 83.79 77.93 11.57
N ASN YB 82 84.83 78.04 10.74
CA ASN YB 82 84.69 77.85 9.30
C ASN YB 82 84.77 76.40 8.88
N PHE YB 83 84.50 75.47 9.78
CA PHE YB 83 84.52 74.04 9.50
C PHE YB 83 83.48 73.68 8.44
N VAL ZB 1 40.02 64.76 10.22
CA VAL ZB 1 40.62 66.08 10.18
C VAL ZB 1 41.19 66.43 11.55
N ARG ZB 2 42.11 67.38 11.58
CA ARG ZB 2 42.70 67.82 12.85
C ARG ZB 2 41.65 68.62 13.62
N MET ZB 3 41.16 68.03 14.71
CA MET ZB 3 40.19 68.70 15.57
C MET ZB 3 40.82 69.31 16.82
N ASN ZB 4 41.94 68.76 17.29
CA ASN ZB 4 42.60 69.24 18.49
C ASN ZB 4 44.01 69.69 18.10
N VAL ZB 5 44.20 71.01 17.99
CA VAL ZB 5 45.49 71.55 17.59
C VAL ZB 5 46.52 71.34 18.70
N LEU ZB 6 46.12 71.59 19.95
CA LEU ZB 6 47.03 71.44 21.08
C LEU ZB 6 47.52 70.01 21.21
N ALA ZB 7 46.64 69.02 21.01
CA ALA ZB 7 47.04 67.63 21.12
C ALA ZB 7 48.10 67.28 20.09
N ASP ZB 8 47.92 67.71 18.85
CA ASP ZB 8 48.90 67.43 17.81
C ASP ZB 8 50.23 68.11 18.11
N ALA ZB 9 50.19 69.37 18.55
CA ALA ZB 9 51.44 70.06 18.84
C ALA ZB 9 52.19 69.40 20.00
N LEU ZB 10 51.47 69.06 21.06
CA LEU ZB 10 52.11 68.41 22.19
C LEU ZB 10 52.65 67.03 21.83
N LYS ZB 11 51.93 66.28 21.01
CA LYS ZB 11 52.41 64.98 20.58
C LYS ZB 11 53.66 65.11 19.71
N SER ZB 12 53.69 66.12 18.84
CA SER ZB 12 54.88 66.37 18.03
C SER ZB 12 56.08 66.72 18.91
N ILE ZB 13 55.86 67.57 19.92
CA ILE ZB 13 56.93 67.92 20.85
C ILE ZB 13 57.43 66.68 21.58
N ASN ZB 14 56.51 65.83 22.05
CA ASN ZB 14 56.90 64.63 22.77
C ASN ZB 14 57.68 63.67 21.87
N ASN ZB 15 57.26 63.52 20.62
CA ASN ZB 15 57.97 62.64 19.70
C ASN ZB 15 59.37 63.16 19.39
N ALA ZB 16 59.51 64.46 19.16
CA ALA ZB 16 60.83 65.02 18.93
C ALA ZB 16 61.72 64.89 20.16
N GLU ZB 17 61.14 65.08 21.36
CA GLU ZB 17 61.89 64.91 22.59
C GLU ZB 17 62.36 63.47 22.74
N LYS ZB 18 61.51 62.51 22.44
CA LYS ZB 18 61.91 61.10 22.50
C LYS ZB 18 63.01 60.81 21.48
N ARG ZB 19 62.89 61.35 20.27
CA ARG ZB 19 63.89 61.12 19.24
C ARG ZB 19 65.17 61.88 19.49
N GLY ZB 20 65.19 62.80 20.46
CA GLY ZB 20 66.40 63.52 20.80
C GLY ZB 20 66.69 64.73 19.96
N LYS ZB 21 65.76 65.18 19.14
CA LYS ZB 21 65.99 66.35 18.29
C LYS ZB 21 66.10 67.60 19.14
N ARG ZB 22 67.02 68.49 18.74
CA ARG ZB 22 67.21 69.75 19.44
C ARG ZB 22 66.11 70.76 19.16
N GLN ZB 23 65.63 70.83 17.91
CA GLN ZB 23 64.60 71.77 17.53
C GLN ZB 23 63.43 71.00 16.93
N VAL ZB 24 62.22 71.51 17.20
CA VAL ZB 24 60.99 70.90 16.72
C VAL ZB 24 60.12 71.99 16.10
N LEU ZB 25 59.42 71.64 15.03
CA LEU ZB 25 58.46 72.53 14.38
C LEU ZB 25 57.06 71.98 14.60
N ILE ZB 26 56.19 72.80 15.18
CA ILE ZB 26 54.76 72.51 15.27
C ILE ZB 26 54.03 73.44 14.33
N ARG ZB 27 53.23 72.88 13.44
CA ARG ZB 27 52.69 73.70 12.36
C ARG ZB 27 51.53 74.59 12.80
N PRO ZB 28 50.44 74.08 13.40
CA PRO ZB 28 49.33 74.99 13.75
C PRO ZB 28 49.59 75.66 15.09
N CYS ZB 29 49.68 76.98 15.07
CA CYS ZB 29 49.84 77.75 16.29
C CYS ZB 29 48.51 78.33 16.75
N SER ZB 30 48.43 78.62 18.05
CA SER ZB 30 47.24 79.20 18.63
C SER ZB 30 47.62 79.88 19.94
N LYS ZB 31 46.71 80.72 20.42
CA LYS ZB 31 46.94 81.38 21.71
C LYS ZB 31 47.07 80.36 22.83
N VAL ZB 32 46.27 79.30 22.78
CA VAL ZB 32 46.33 78.25 23.79
C VAL ZB 32 47.70 77.60 23.80
N ILE ZB 33 48.24 77.30 22.61
CA ILE ZB 33 49.55 76.67 22.53
C ILE ZB 33 50.64 77.61 23.02
N VAL ZB 34 50.53 78.90 22.67
CA VAL ZB 34 51.52 79.86 23.12
C VAL ZB 34 51.53 79.97 24.64
N ARG ZB 35 50.34 80.01 25.26
CA ARG ZB 35 50.26 80.08 26.71
C ARG ZB 35 50.78 78.80 27.34
N PHE ZB 36 50.46 77.64 26.74
CA PHE ZB 36 50.94 76.37 27.27
C PHE ZB 36 52.46 76.31 27.24
N LEU ZB 37 53.06 76.72 26.12
CA LEU ZB 37 54.51 76.72 26.02
C LEU ZB 37 55.14 77.75 26.94
N THR ZB 38 54.46 78.87 27.18
CA THR ZB 38 54.96 79.83 28.16
C THR ZB 38 54.98 79.23 29.56
N VAL ZB 39 53.91 78.51 29.92
CA VAL ZB 39 53.86 77.85 31.22
C VAL ZB 39 54.97 76.82 31.34
N MET ZB 40 55.18 76.03 30.28
CA MET ZB 40 56.24 75.04 30.31
C MET ZB 40 57.62 75.69 30.42
N MET ZB 41 57.83 76.79 29.70
CA MET ZB 41 59.14 77.41 29.65
C MET ZB 41 59.46 78.14 30.96
N LYS ZB 42 58.43 78.68 31.63
CA LYS ZB 42 58.67 79.32 32.92
C LYS ZB 42 59.16 78.32 33.96
N HIS ZB 43 58.85 77.04 33.79
CA HIS ZB 43 59.37 75.99 34.65
C HIS ZB 43 60.68 75.43 34.13
N GLY ZB 44 61.21 75.95 33.03
CA GLY ZB 44 62.51 75.57 32.54
C GLY ZB 44 62.58 74.25 31.82
N TYR ZB 45 61.45 73.60 31.59
CA TYR ZB 45 61.46 72.31 30.90
C TYR ZB 45 61.93 72.43 29.46
N ILE ZB 46 61.69 73.57 28.82
CA ILE ZB 46 62.04 73.78 27.43
C ILE ZB 46 62.78 75.11 27.31
N GLY ZB 47 63.50 75.27 26.20
CA GLY ZB 47 64.21 76.49 25.90
C GLY ZB 47 63.32 77.51 25.23
N GLU ZB 48 63.96 78.56 24.72
CA GLU ZB 48 63.21 79.60 24.03
C GLU ZB 48 62.63 79.08 22.72
N PHE ZB 49 61.43 79.54 22.41
CA PHE ZB 49 60.74 79.16 21.17
C PHE ZB 49 60.39 80.41 20.38
N GLU ZB 50 60.40 80.29 19.06
CA GLU ZB 50 60.17 81.39 18.16
C GLU ZB 50 58.99 81.09 17.24
N ILE ZB 51 58.15 82.10 17.02
CA ILE ZB 51 56.92 81.95 16.25
C ILE ZB 51 57.18 82.49 14.85
N ILE ZB 52 56.92 81.67 13.83
CA ILE ZB 52 57.00 82.13 12.45
C ILE ZB 52 55.65 82.69 12.04
N ASP ZB 53 55.61 83.98 11.74
CA ASP ZB 53 54.36 84.68 11.45
C ASP ZB 53 54.15 84.72 9.95
N ASP ZB 54 53.37 83.78 9.43
CA ASP ZB 54 52.76 83.91 8.12
C ASP ZB 54 51.39 84.57 8.30
N HIS ZB 55 50.82 85.01 7.19
CA HIS ZB 55 49.48 85.58 7.25
C HIS ZB 55 48.43 84.52 7.59
N ARG ZB 56 48.76 83.24 7.43
CA ARG ZB 56 47.92 82.15 7.90
C ARG ZB 56 48.18 81.96 9.40
N ALA ZB 57 47.69 80.86 9.96
CA ALA ZB 57 48.06 80.50 11.32
C ALA ZB 57 49.57 80.23 11.37
N GLY ZB 58 50.23 80.81 12.36
CA GLY ZB 58 51.67 80.77 12.42
C GLY ZB 58 52.19 79.39 12.77
N LYS ZB 59 53.52 79.26 12.68
CA LYS ZB 59 54.22 78.07 13.13
C LYS ZB 59 55.17 78.45 14.25
N ILE ZB 60 55.48 77.47 15.10
CA ILE ZB 60 56.36 77.69 16.25
C ILE ZB 60 57.52 76.69 16.16
N VAL ZB 61 58.74 77.20 16.32
CA VAL ZB 61 59.92 76.36 16.45
C VAL ZB 61 60.39 76.46 17.89
N VAL ZB 62 60.53 75.32 18.55
CA VAL ZB 62 60.83 75.26 19.98
C VAL ZB 62 62.20 74.64 20.17
N ASN ZB 63 63.00 75.25 21.04
CA ASN ZB 63 64.30 74.68 21.40
C ASN ZB 63 64.10 73.74 22.58
N LEU ZB 64 64.46 72.47 22.40
CA LEU ZB 64 64.30 71.47 23.46
C LEU ZB 64 65.61 71.33 24.23
N THR ZB 65 65.53 71.50 25.54
CA THR ZB 65 66.69 71.35 26.41
C THR ZB 65 66.95 69.90 26.79
N GLY ZB 66 66.08 68.97 26.38
CA GLY ZB 66 66.29 67.56 26.61
C GLY ZB 66 65.87 67.05 27.96
N ARG ZB 67 65.30 67.90 28.82
CA ARG ZB 67 64.94 67.51 30.18
C ARG ZB 67 63.44 67.22 30.30
N LEU ZB 68 62.79 66.90 29.18
CA LEU ZB 68 61.36 66.64 29.15
C LEU ZB 68 61.12 65.14 29.07
N ASN ZB 69 60.20 64.65 29.90
CA ASN ZB 69 59.81 63.24 29.89
C ASN ZB 69 58.54 63.00 29.09
N LYS ZB 70 57.49 63.76 29.37
CA LYS ZB 70 56.20 63.55 28.72
C LYS ZB 70 55.39 64.84 28.83
N CYS ZB 71 54.69 65.18 27.75
CA CYS ZB 71 53.90 66.40 27.68
C CYS ZB 71 52.53 66.09 27.10
N GLY ZB 72 51.88 65.04 27.62
CA GLY ZB 72 50.60 64.60 27.12
C GLY ZB 72 49.50 65.61 27.38
N VAL ZB 73 48.34 65.32 26.80
CA VAL ZB 73 47.22 66.25 26.82
C VAL ZB 73 45.96 65.48 27.23
N ILE ZB 74 45.00 66.20 27.80
CA ILE ZB 74 43.68 65.67 28.12
C ILE ZB 74 42.71 66.26 27.10
N SER ZB 75 42.12 65.39 26.28
CA SER ZB 75 41.37 65.88 25.14
C SER ZB 75 39.98 66.38 25.52
N PRO ZB 76 39.11 65.62 26.22
CA PRO ZB 76 37.86 66.24 26.69
C PRO ZB 76 38.14 67.18 27.84
N ARG ZB 77 38.00 68.48 27.61
CA ARG ZB 77 38.42 69.49 28.58
C ARG ZB 77 37.43 69.49 29.75
N PHE ZB 78 37.68 68.56 30.67
CA PHE ZB 78 36.80 68.38 31.83
C PHE ZB 78 36.85 69.60 32.74
N ASP ZB 79 35.70 69.95 33.30
CA ASP ZB 79 35.65 70.93 34.36
C ASP ZB 79 36.32 70.34 35.59
N VAL ZB 80 37.34 71.02 36.10
CA VAL ZB 80 38.12 70.55 37.23
C VAL ZB 80 37.95 71.53 38.37
N GLN ZB 81 37.57 71.01 39.54
CA GLN ZB 81 37.37 71.83 40.72
C GLN ZB 81 38.53 71.66 41.69
N LEU ZB 82 38.63 72.61 42.63
CA LEU ZB 82 39.65 72.51 43.66
C LEU ZB 82 39.40 71.32 44.58
N LYS ZB 83 38.13 70.97 44.80
CA LYS ZB 83 37.81 69.83 45.64
C LYS ZB 83 38.24 68.52 44.99
N ASP ZB 84 38.23 68.46 43.66
CA ASP ZB 84 38.58 67.25 42.94
C ASP ZB 84 39.88 67.38 42.17
N LEU ZB 85 40.67 68.43 42.43
CA LEU ZB 85 41.93 68.61 41.72
C LEU ZB 85 42.98 67.58 42.16
N GLU ZB 86 42.92 67.12 43.41
CA GLU ZB 86 43.96 66.24 43.92
C GLU ZB 86 43.91 64.87 43.24
N LYS ZB 87 42.70 64.38 42.94
CA LYS ZB 87 42.58 63.09 42.25
C LYS ZB 87 43.17 63.17 40.84
N TRP ZB 88 42.90 64.25 40.12
CA TRP ZB 88 43.56 64.45 38.83
C TRP ZB 88 45.07 64.56 39.00
N GLN ZB 89 45.50 65.24 40.07
CA GLN ZB 89 46.91 65.50 40.29
C GLN ZB 89 47.69 64.20 40.52
N ASN ZB 90 47.17 63.32 41.36
CA ASN ZB 90 47.84 62.05 41.61
C ASN ZB 90 47.41 60.97 40.62
N ASN ZB 91 46.52 61.29 39.68
CA ASN ZB 91 46.31 60.41 38.54
C ASN ZB 91 47.25 60.69 37.39
N LEU ZB 92 47.64 61.95 37.20
CA LEU ZB 92 48.45 62.32 36.04
C LEU ZB 92 49.89 62.66 36.36
N LEU ZB 93 50.23 62.88 37.62
CA LEU ZB 93 51.62 63.25 37.81
C LEU ZB 93 52.43 62.06 38.29
N PRO ZB 94 53.69 61.98 37.90
CA PRO ZB 94 54.55 60.89 38.39
C PRO ZB 94 54.76 60.90 39.88
N SER ZB 95 54.77 62.07 40.51
CA SER ZB 95 54.92 62.17 41.95
C SER ZB 95 54.40 63.54 42.39
N ARG ZB 96 54.29 63.71 43.70
CA ARG ZB 96 53.94 65.00 44.26
C ARG ZB 96 55.13 65.93 44.39
N GLN ZB 97 56.33 65.46 44.07
CA GLN ZB 97 57.54 66.25 44.18
C GLN ZB 97 57.80 67.11 42.95
N PHE ZB 98 57.29 66.72 41.79
CA PHE ZB 98 57.50 67.48 40.57
C PHE ZB 98 56.36 67.18 39.61
N GLY ZB 99 56.46 67.73 38.41
CA GLY ZB 99 55.41 67.61 37.42
C GLY ZB 99 54.40 68.70 37.58
N PHE ZB 100 53.69 69.04 36.50
CA PHE ZB 100 52.68 70.07 36.55
C PHE ZB 100 51.52 69.69 35.65
N ILE ZB 101 50.36 70.25 35.95
CA ILE ZB 101 49.15 70.04 35.17
C ILE ZB 101 48.62 71.41 34.76
N VAL ZB 102 48.50 71.63 33.46
CA VAL ZB 102 48.00 72.89 32.93
C VAL ZB 102 46.49 72.81 32.79
N LEU ZB 103 45.79 73.79 33.37
CA LEU ZB 103 44.35 73.90 33.22
C LEU ZB 103 43.98 75.35 33.00
N THR ZB 104 43.08 75.58 32.04
CA THR ZB 104 42.62 76.93 31.77
C THR ZB 104 41.61 77.34 32.84
N THR ZB 105 41.73 78.56 33.32
CA THR ZB 105 40.89 79.09 34.39
C THR ZB 105 40.37 80.46 34.01
N SER ZB 106 39.46 80.97 34.83
CA SER ZB 106 38.98 82.34 34.67
C SER ZB 106 40.09 83.36 34.81
N ALA ZB 107 41.16 83.04 35.54
CA ALA ZB 107 42.32 83.91 35.64
C ALA ZB 107 43.31 83.71 34.52
N GLY ZB 108 43.09 82.74 33.63
CA GLY ZB 108 43.96 82.52 32.51
C GLY ZB 108 44.39 81.07 32.44
N ILE ZB 109 45.49 80.84 31.75
CA ILE ZB 109 46.07 79.50 31.59
C ILE ZB 109 47.28 79.41 32.52
N MET ZB 110 47.28 78.43 33.40
CA MET ZB 110 48.31 78.31 34.41
C MET ZB 110 48.33 76.90 34.97
N ASP ZB 111 49.42 76.57 35.67
CA ASP ZB 111 49.56 75.26 36.26
C ASP ZB 111 48.73 75.13 37.53
N HIS ZB 112 48.65 73.90 38.03
CA HIS ZB 112 47.76 73.60 39.14
C HIS ZB 112 48.21 74.24 40.44
N GLU ZB 113 49.52 74.36 40.66
CA GLU ZB 113 50.00 74.98 41.89
C GLU ZB 113 49.57 76.43 41.99
N GLU ZB 114 49.70 77.17 40.89
CA GLU ZB 114 49.26 78.56 40.88
C GLU ZB 114 47.74 78.65 40.98
N ALA ZB 115 47.03 77.67 40.41
CA ALA ZB 115 45.58 77.66 40.53
C ALA ZB 115 45.14 77.49 41.98
N ARG ZB 116 45.80 76.59 42.71
CA ARG ZB 116 45.47 76.42 44.12
C ARG ZB 116 45.94 77.60 44.94
N ARG ZB 117 47.02 78.26 44.52
CA ARG ZB 117 47.53 79.40 45.27
C ARG ZB 117 46.51 80.54 45.31
N LYS ZB 118 45.86 80.82 44.18
CA LYS ZB 118 44.87 81.87 44.10
C LYS ZB 118 43.45 81.33 44.22
N HIS ZB 119 43.30 80.04 44.57
CA HIS ZB 119 42.03 79.44 44.95
C HIS ZB 119 40.99 79.53 43.83
N THR ZB 120 41.29 78.86 42.71
CA THR ZB 120 40.33 78.76 41.63
C THR ZB 120 40.59 77.49 40.83
N GLY ZB 121 39.57 77.07 40.08
CA GLY ZB 121 39.66 75.94 39.19
C GLY ZB 121 39.30 76.31 37.76
N GLY ZB 122 39.03 75.28 36.95
CA GLY ZB 122 38.62 75.51 35.59
C GLY ZB 122 38.71 74.23 34.77
N LYS ZB 123 38.64 74.39 33.45
CA LYS ZB 123 38.72 73.27 32.53
C LYS ZB 123 40.15 72.77 32.43
N ILE ZB 124 40.29 71.45 32.29
CA ILE ZB 124 41.61 70.85 32.16
C ILE ZB 124 42.17 71.15 30.78
N LEU ZB 125 43.50 71.30 30.70
CA LEU ZB 125 44.16 71.44 29.41
C LEU ZB 125 45.15 70.30 29.15
N GLY ZB 126 46.09 70.06 30.05
CA GLY ZB 126 47.09 69.04 29.81
C GLY ZB 126 48.09 69.00 30.94
N PHE ZB 127 49.10 68.14 30.76
CA PHE ZB 127 50.11 67.93 31.79
C PHE ZB 127 51.47 67.83 31.12
N PHE ZB 128 52.51 68.08 31.92
CA PHE ZB 128 53.87 67.90 31.45
C PHE ZB 128 54.77 67.64 32.65
N PHE ZB 129 55.77 66.80 32.46
CA PHE ZB 129 56.74 66.53 33.52
C PHE ZB 129 58.05 66.03 32.91
N GLY AC 1 38.84 53.42 17.86
CA GLY AC 1 38.86 53.57 19.30
C GLY AC 1 37.49 53.77 19.90
N LYS AC 2 37.42 54.63 20.91
CA LYS AC 2 36.17 54.90 21.61
C LYS AC 2 35.85 56.40 21.59
N CYS AC 3 34.57 56.71 21.71
CA CYS AC 3 34.13 58.09 21.77
C CYS AC 3 34.58 58.72 23.09
N ARG AC 4 34.90 60.02 23.03
CA ARG AC 4 35.38 60.74 24.21
C ARG AC 4 34.77 62.13 24.32
N GLY AC 5 33.64 62.38 23.66
CA GLY AC 5 33.01 63.68 23.74
C GLY AC 5 32.39 63.93 25.10
N LEU AC 6 32.11 65.20 25.37
CA LEU AC 6 31.60 65.59 26.68
C LEU AC 6 30.14 65.21 26.88
N ARG AC 7 29.41 64.99 25.80
CA ARG AC 7 28.01 64.59 25.88
C ARG AC 7 27.79 63.25 25.19
N THR AC 8 28.76 62.35 25.31
CA THR AC 8 28.67 61.00 24.77
C THR AC 8 28.36 59.97 25.84
N ALA AC 9 28.04 60.41 27.06
CA ALA AC 9 27.78 59.47 28.15
C ALA AC 9 26.57 58.60 27.86
N ARG AC 10 25.61 59.11 27.08
CA ARG AC 10 24.49 58.29 26.66
C ARG AC 10 24.96 57.08 25.87
N LYS AC 11 25.82 57.30 24.87
CA LYS AC 11 26.34 56.19 24.09
C LYS AC 11 27.19 55.27 24.96
N LEU AC 12 27.98 55.82 25.88
CA LEU AC 12 28.80 54.98 26.73
C LEU AC 12 27.96 54.07 27.60
N ARG AC 13 26.93 54.61 28.26
CA ARG AC 13 26.10 53.78 29.11
C ARG AC 13 25.25 52.81 28.30
N SER AC 14 24.82 53.20 27.10
CA SER AC 14 24.11 52.27 26.24
C SER AC 14 24.99 51.10 25.83
N HIS AC 15 26.24 51.39 25.46
CA HIS AC 15 27.16 50.33 25.05
C HIS AC 15 27.54 49.46 26.24
N ARG AC 16 27.60 50.04 27.44
CA ARG AC 16 27.85 49.22 28.63
C ARG AC 16 26.68 48.27 28.88
N ARG AC 17 25.46 48.80 28.88
CA ARG AC 17 24.30 47.94 29.14
C ARG AC 17 24.02 47.00 27.99
N ASP AC 18 24.66 47.21 26.84
CA ASP AC 18 24.63 46.19 25.78
C ASP AC 18 25.69 45.14 26.01
N GLN AC 19 26.94 45.55 26.19
CA GLN AC 19 28.05 44.61 26.37
C GLN AC 19 27.99 43.86 27.69
N LYS AC 20 27.22 44.33 28.66
CA LYS AC 20 27.10 43.60 29.92
C LYS AC 20 26.28 42.33 29.79
N TRP AC 21 25.60 42.11 28.66
CA TRP AC 21 24.86 40.89 28.45
C TRP AC 21 25.72 39.75 27.91
N HIS AC 22 27.00 39.99 27.64
CA HIS AC 22 27.84 39.02 26.97
C HIS AC 22 28.78 38.27 27.91
N ASP AC 23 28.65 38.47 29.22
CA ASP AC 23 29.36 37.62 30.17
C ASP AC 23 28.35 36.79 30.95
N LYS AC 24 28.76 35.54 31.27
CA LYS AC 24 27.80 34.55 31.73
C LYS AC 24 27.24 34.89 33.11
N GLN AC 25 28.05 35.52 33.97
CA GLN AC 25 27.59 35.81 35.32
C GLN AC 25 26.46 36.83 35.32
N TYR AC 26 26.63 37.92 34.56
CA TYR AC 26 25.57 38.92 34.45
C TYR AC 26 24.33 38.32 33.81
N LYS AC 27 24.50 37.51 32.77
CA LYS AC 27 23.37 36.91 32.10
C LYS AC 27 22.60 35.98 33.04
N LYS AC 28 23.32 35.20 33.83
CA LYS AC 28 22.70 34.36 34.85
C LYS AC 28 21.94 35.20 35.86
N ALA AC 29 22.59 36.25 36.39
CA ALA AC 29 22.02 37.02 37.48
C ALA AC 29 20.84 37.88 37.06
N HIS AC 30 20.75 38.25 35.79
CA HIS AC 30 19.74 39.21 35.37
C HIS AC 30 18.76 38.68 34.32
N LEU AC 31 19.01 37.52 33.72
CA LEU AC 31 18.05 37.00 32.74
C LEU AC 31 16.85 36.37 33.44
N GLY AC 32 17.08 35.71 34.57
CA GLY AC 32 16.02 35.08 35.31
C GLY AC 32 15.62 33.71 34.84
N THR AC 33 16.06 33.29 33.66
CA THR AC 33 15.71 31.96 33.17
C THR AC 33 16.47 30.88 33.93
N ALA AC 34 17.68 31.19 34.40
CA ALA AC 34 18.40 30.24 35.25
C ALA AC 34 17.69 30.05 36.59
N LEU AC 35 17.03 31.10 37.08
CA LEU AC 35 16.24 30.99 38.29
C LEU AC 35 15.07 30.03 38.09
N LYS AC 36 14.42 30.10 36.92
CA LYS AC 36 13.40 29.11 36.60
C LYS AC 36 14.01 27.71 36.50
N ALA AC 37 15.17 27.59 35.89
CA ALA AC 37 15.84 26.30 35.80
C ALA AC 37 16.43 25.86 37.13
N ASN AC 38 16.58 26.77 38.08
CA ASN AC 38 17.19 26.43 39.37
C ASN AC 38 16.25 25.57 40.18
N PRO AC 39 16.63 24.34 40.54
CA PRO AC 39 15.74 23.51 41.38
C PRO AC 39 15.49 24.11 42.76
N PHE AC 40 16.49 24.77 43.35
CA PHE AC 40 16.29 25.41 44.64
C PHE AC 40 15.52 26.71 44.53
N GLY AC 41 15.43 27.27 43.33
CA GLY AC 41 14.78 28.56 43.16
C GLY AC 41 15.51 29.69 43.85
N GLY AC 42 16.83 29.71 43.78
CA GLY AC 42 17.60 30.74 44.45
C GLY AC 42 17.76 30.53 45.94
N ALA AC 43 17.42 29.35 46.44
CA ALA AC 43 17.53 29.05 47.86
C ALA AC 43 18.87 28.39 48.16
N SER AC 44 19.39 28.66 49.35
CA SER AC 44 20.61 28.01 49.78
C SER AC 44 20.36 26.56 50.16
N HIS AC 45 19.27 26.29 50.87
CA HIS AC 45 18.95 24.97 51.37
C HIS AC 45 17.50 24.64 51.01
N ALA AC 46 17.22 23.36 50.85
CA ALA AC 46 15.87 22.93 50.53
C ALA AC 46 15.57 21.62 51.25
N LYS AC 47 14.28 21.38 51.45
CA LYS AC 47 13.81 20.13 52.04
C LYS AC 47 13.19 19.26 50.95
N GLY AC 48 13.31 17.94 51.13
CA GLY AC 48 12.74 17.02 50.17
C GLY AC 48 12.51 15.67 50.80
N ILE AC 49 11.89 14.79 50.02
CA ILE AC 49 11.58 13.43 50.44
C ILE AC 49 12.38 12.47 49.57
N VAL AC 50 13.08 11.54 50.23
CA VAL AC 50 13.95 10.60 49.53
C VAL AC 50 13.08 9.65 48.70
N LEU AC 51 13.39 9.53 47.41
CA LEU AC 51 12.63 8.65 46.54
C LEU AC 51 13.29 7.28 46.39
N GLU AC 52 14.62 7.25 46.40
CA GLU AC 52 15.36 6.02 46.10
C GLU AC 52 16.81 6.23 46.50
N LYS AC 53 17.54 5.12 46.56
CA LYS AC 53 18.99 5.12 46.76
C LYS AC 53 19.64 4.49 45.54
N VAL AC 54 20.51 5.23 44.88
CA VAL AC 54 21.16 4.77 43.65
C VAL AC 54 22.65 4.99 43.74
N GLY AC 55 23.39 4.26 42.91
CA GLY AC 55 24.83 4.38 42.81
C GLY AC 55 25.21 5.12 41.53
N VAL AC 56 26.18 6.01 41.66
CA VAL AC 56 26.64 6.83 40.55
C VAL AC 56 28.07 6.43 40.21
N GLU AC 57 28.31 6.11 38.95
CA GLU AC 57 29.65 5.76 38.50
C GLU AC 57 30.52 7.01 38.45
N ALA AC 58 31.82 6.81 38.66
CA ALA AC 58 32.76 7.93 38.63
C ALA AC 58 33.11 8.29 37.19
N LYS AC 59 34.03 9.23 37.02
CA LYS AC 59 34.48 9.66 35.70
C LYS AC 59 35.47 8.66 35.13
N GLN AC 60 36.09 9.01 34.00
CA GLN AC 60 37.03 8.10 33.34
C GLN AC 60 38.27 7.79 34.17
N PRO AC 61 39.04 8.76 34.67
CA PRO AC 61 40.29 8.37 35.35
C PRO AC 61 40.06 7.69 36.68
N ASN AC 62 39.03 8.07 37.42
CA ASN AC 62 38.73 7.41 38.69
C ASN AC 62 37.79 6.24 38.45
N SER AC 63 37.49 5.52 39.53
CA SER AC 63 36.55 4.40 39.45
C SER AC 63 35.99 4.17 40.85
N ALA AC 64 34.72 4.51 41.03
CA ALA AC 64 34.04 4.34 42.31
C ALA AC 64 32.54 4.41 42.09
N ILE AC 65 31.79 4.07 43.14
CA ILE AC 65 30.34 4.14 43.13
C ILE AC 65 29.94 5.21 44.14
N ARG AC 66 29.66 6.41 43.68
CA ARG AC 66 29.26 7.50 44.56
C ARG AC 66 27.82 7.25 45.01
N LYS AC 67 27.60 7.30 46.33
CA LYS AC 67 26.30 6.98 46.91
C LYS AC 67 25.43 8.22 46.89
N CYS AC 68 24.48 8.26 45.96
CA CYS AC 68 23.60 9.41 45.82
C CYS AC 68 22.15 8.98 46.04
N VAL AC 69 21.37 9.89 46.62
CA VAL AC 69 19.96 9.65 46.91
C VAL AC 69 19.12 10.49 45.96
N ARG AC 70 18.07 9.88 45.41
CA ARG AC 70 17.13 10.60 44.56
C ARG AC 70 16.01 11.16 45.43
N VAL AC 71 15.84 12.48 45.40
CA VAL AC 71 14.96 13.18 46.32
C VAL AC 71 14.06 14.10 45.52
N GLN AC 72 12.76 14.07 45.81
CA GLN AC 72 11.82 15.04 45.27
C GLN AC 72 11.50 16.05 46.36
N LEU AC 73 11.60 17.34 46.02
CA LEU AC 73 11.49 18.39 47.02
C LEU AC 73 10.06 18.53 47.52
N ILE AC 74 9.91 18.94 48.78
CA ILE AC 74 8.59 19.24 49.32
C ILE AC 74 7.94 20.38 48.54
N LYS AC 75 8.68 21.48 48.37
CA LYS AC 75 8.21 22.56 47.53
C LYS AC 75 8.44 22.22 46.07
N ASN AC 76 7.51 22.65 45.21
CA ASN AC 76 7.59 22.64 43.75
C ASN AC 76 7.80 21.26 43.14
N GLY AC 77 7.87 20.22 43.96
CA GLY AC 77 7.82 18.84 43.48
C GLY AC 77 8.87 18.44 42.48
N LYS AC 78 10.02 19.13 42.46
CA LYS AC 78 11.06 18.79 41.49
C LYS AC 78 11.93 17.66 42.03
N LYS AC 79 12.43 16.84 41.12
CA LYS AC 79 13.23 15.67 41.46
C LYS AC 79 14.69 15.94 41.14
N ILE AC 80 15.56 15.80 42.14
CA ILE AC 80 16.98 16.05 42.00
C ILE AC 80 17.74 14.87 42.58
N THR AC 81 19.03 14.83 42.27
CA THR AC 81 19.94 13.80 42.77
C THR AC 81 20.90 14.45 43.76
N ALA AC 82 21.01 13.88 44.96
CA ALA AC 82 21.83 14.44 46.02
C ALA AC 82 22.82 13.39 46.52
N PHE AC 83 24.06 13.82 46.72
CA PHE AC 83 25.12 12.94 47.17
C PHE AC 83 25.11 12.82 48.69
N VAL AC 84 25.56 11.66 49.18
CA VAL AC 84 25.76 11.46 50.60
C VAL AC 84 27.25 11.55 50.88
N PRO AC 85 27.73 12.66 51.43
CA PRO AC 85 29.18 12.90 51.52
C PRO AC 85 29.82 12.38 52.82
N ASN AC 86 29.77 11.06 52.99
CA ASN AC 86 30.43 10.41 54.12
C ASN AC 86 30.60 8.94 53.77
N ASP AC 87 31.36 8.23 54.61
CA ASP AC 87 31.64 6.82 54.35
C ASP AC 87 30.41 5.96 54.52
N GLY AC 88 29.70 6.12 55.63
CA GLY AC 88 28.62 5.21 55.93
C GLY AC 88 27.33 5.85 56.39
N CYS AC 89 27.14 7.12 56.08
CA CYS AC 89 25.89 7.79 56.38
C CYS AC 89 24.74 7.36 55.48
N LEU AC 90 25.03 6.61 54.41
CA LEU AC 90 23.96 6.02 53.61
C LEU AC 90 23.13 5.04 54.43
N ASN AC 91 23.75 4.37 55.40
CA ASN AC 91 23.01 3.45 56.26
C ASN AC 91 22.03 4.17 57.17
N PHE AC 92 22.27 5.44 57.48
CA PHE AC 92 21.27 6.22 58.19
C PHE AC 92 20.13 6.67 57.28
N ILE AC 93 20.28 6.50 55.97
CA ILE AC 93 19.28 6.96 55.00
C ILE AC 93 18.43 5.77 54.60
N GLU AC 94 17.12 5.92 54.74
CA GLU AC 94 16.15 4.93 54.26
C GLU AC 94 15.12 5.64 53.39
N GLU AC 95 14.14 4.87 52.91
CA GLU AC 95 13.14 5.42 52.02
C GLU AC 95 12.19 6.37 52.76
N ASN AC 96 11.62 7.31 52.02
CA ASN AC 96 10.66 8.28 52.52
C ASN AC 96 11.20 9.11 53.68
N ASP AC 97 12.50 9.41 53.67
CA ASP AC 97 13.06 10.29 54.68
C ASP AC 97 13.01 11.74 54.21
N GLU AC 98 12.81 12.64 55.15
CA GLU AC 98 12.84 14.08 54.88
C GLU AC 98 14.27 14.57 55.10
N VAL AC 99 14.92 14.97 54.01
CA VAL AC 99 16.32 15.36 54.04
C VAL AC 99 16.46 16.82 53.67
N LEU AC 100 17.39 17.48 54.33
CA LEU AC 100 17.72 18.88 54.06
C LEU AC 100 18.92 18.91 53.13
N VAL AC 101 18.70 19.36 51.89
CA VAL AC 101 19.73 19.35 50.87
C VAL AC 101 20.19 20.78 50.62
N ALA AC 102 21.50 20.94 50.46
CA ALA AC 102 22.11 22.22 50.15
C ALA AC 102 22.93 22.10 48.87
N GLY AC 103 23.61 23.18 48.53
CA GLY AC 103 24.46 23.18 47.35
C GLY AC 103 25.64 22.27 47.49
N PHE AC 104 26.26 21.94 46.36
CA PHE AC 104 27.34 20.97 46.34
C PHE AC 104 28.70 21.63 46.13
N GLY AC 105 28.75 22.95 46.02
CA GLY AC 105 30.02 23.65 46.16
C GLY AC 105 30.34 24.78 45.19
N ARG AC 106 29.93 24.70 43.93
CA ARG AC 106 30.39 25.65 42.92
C ARG AC 106 29.23 26.19 42.09
N LYS AC 107 28.17 26.61 42.77
CA LYS AC 107 27.08 27.39 42.16
C LYS AC 107 26.39 26.60 41.04
N GLY AC 108 25.82 25.46 41.41
CA GLY AC 108 25.08 24.65 40.47
C GLY AC 108 25.90 23.97 39.41
N HIS AC 109 27.18 23.74 39.66
CA HIS AC 109 28.06 23.08 38.71
C HIS AC 109 28.55 21.77 39.32
N ALA AC 110 28.85 20.80 38.47
CA ALA AC 110 29.32 19.50 38.92
C ALA AC 110 30.68 19.60 39.57
N VAL AC 111 30.88 18.84 40.65
CA VAL AC 111 32.11 18.85 41.42
C VAL AC 111 32.77 17.49 41.29
N GLY AC 112 34.05 17.49 40.92
CA GLY AC 112 34.82 16.26 40.94
C GLY AC 112 34.39 15.26 39.89
N ASP AC 113 34.58 13.99 40.21
CA ASP AC 113 34.35 12.88 39.29
C ASP AC 113 32.90 12.43 39.24
N ILE AC 114 31.98 13.17 39.85
CA ILE AC 114 30.56 12.83 39.83
C ILE AC 114 29.91 13.66 38.72
N PRO AC 115 29.42 13.03 37.65
CA PRO AC 115 28.87 13.80 36.52
C PRO AC 115 27.46 14.29 36.82
N GLY AC 116 27.28 15.61 36.78
CA GLY AC 116 25.96 16.21 36.81
C GLY AC 116 25.19 16.02 38.10
N VAL AC 117 25.87 16.08 39.25
CA VAL AC 117 25.22 16.06 40.55
C VAL AC 117 25.58 17.35 41.26
N ARG AC 118 24.56 18.11 41.66
CA ARG AC 118 24.76 19.47 42.14
C ARG AC 118 24.24 19.70 43.56
N PHE AC 119 23.93 18.64 44.30
CA PHE AC 119 23.41 18.78 45.65
C PHE AC 119 23.93 17.67 46.54
N LYS AC 120 23.85 17.89 47.85
CA LYS AC 120 24.25 16.90 48.84
C LYS AC 120 23.37 17.04 50.07
N VAL AC 121 23.34 16.00 50.89
CA VAL AC 121 22.47 15.94 52.05
C VAL AC 121 23.20 16.53 53.26
N VAL AC 122 22.50 17.36 54.00
CA VAL AC 122 23.03 17.96 55.23
C VAL AC 122 22.41 17.30 56.46
N LYS AC 123 21.09 17.24 56.52
CA LYS AC 123 20.37 16.63 57.62
C LYS AC 123 19.39 15.59 57.09
N VAL AC 124 19.08 14.60 57.92
CA VAL AC 124 18.06 13.61 57.63
C VAL AC 124 17.21 13.42 58.88
N ALA AC 125 15.89 13.38 58.71
CA ALA AC 125 14.95 13.20 59.82
C ALA AC 125 15.20 14.24 60.92
N ASN AC 126 15.55 15.45 60.51
CA ASN AC 126 15.86 16.56 61.41
C ASN AC 126 16.99 16.20 62.37
N VAL AC 127 18.01 15.52 61.86
CA VAL AC 127 19.28 15.37 62.57
C VAL AC 127 20.40 15.36 61.54
N SER AC 128 21.50 16.05 61.86
CA SER AC 128 22.59 16.24 60.91
C SER AC 128 23.29 14.93 60.62
N LEU AC 129 23.73 14.77 59.36
CA LEU AC 129 24.52 13.59 59.01
C LEU AC 129 25.89 13.63 59.68
N LEU AC 130 26.42 14.82 59.92
CA LEU AC 130 27.71 14.94 60.62
C LEU AC 130 27.61 14.40 62.04
N ALA AC 131 26.52 14.72 62.75
CA ALA AC 131 26.36 14.22 64.11
C ALA AC 131 26.18 12.71 64.12
N LEU AC 132 25.41 12.17 63.18
CA LEU AC 132 25.21 10.72 63.11
C LEU AC 132 26.50 10.01 62.76
N TYR AC 133 27.31 10.58 61.88
CA TYR AC 133 28.60 10.00 61.53
C TYR AC 133 29.50 9.91 62.76
N LYS AC 134 29.57 10.98 63.53
CA LYS AC 134 30.37 11.01 64.74
C LYS AC 134 29.74 10.25 65.89
N GLY AC 135 28.50 9.81 65.74
CA GLY AC 135 27.82 9.11 66.82
C GLY AC 135 27.41 10.00 67.96
N LYS AC 136 27.37 11.31 67.76
CA LYS AC 136 27.02 12.23 68.83
C LYS AC 136 25.56 12.10 69.24
N LYS AC 137 24.68 11.74 68.32
CA LYS AC 137 23.27 11.53 68.64
C LYS AC 137 22.71 10.50 67.66
N GLU AC 138 21.59 9.90 68.05
CA GLU AC 138 21.14 8.64 67.51
C GLU AC 138 19.93 8.85 66.59
N ARG AC 139 19.65 7.84 65.77
CA ARG AC 139 18.45 7.82 64.95
C ARG AC 139 17.21 7.95 65.83
N PRO AC 140 16.23 8.75 65.40
CA PRO AC 140 15.06 8.99 66.26
C PRO AC 140 14.11 7.80 66.30
N ARG AC 141 14.45 6.80 67.12
CA ARG AC 141 13.59 5.62 67.25
C ARG AC 141 12.40 5.92 68.15
N ASN BC 1 29.27 52.26 109.16
CA ASN BC 1 28.80 53.47 109.83
C ASN BC 1 29.98 54.34 110.28
N ASP BC 2 31.11 53.69 110.58
CA ASP BC 2 32.28 54.43 111.06
C ASP BC 2 32.84 55.36 110.00
N THR BC 3 32.92 54.88 108.74
CA THR BC 3 33.40 55.69 107.63
C THR BC 3 32.25 55.80 106.63
N VAL BC 4 31.35 56.75 106.89
CA VAL BC 4 30.24 57.08 106.01
C VAL BC 4 30.04 58.58 106.09
N THR BC 5 30.14 59.26 104.94
CA THR BC 5 30.00 60.71 104.90
C THR BC 5 29.10 61.09 103.73
N ILE BC 6 28.23 62.07 103.96
CA ILE BC 6 27.31 62.55 102.94
C ILE BC 6 27.83 63.89 102.40
N ARG BC 7 28.19 63.89 101.13
CA ARG BC 7 28.59 65.11 100.44
C ARG BC 7 27.57 65.39 99.35
N THR BC 8 27.09 66.62 99.30
CA THR BC 8 26.11 67.02 98.30
C THR BC 8 26.80 67.84 97.21
N ARG BC 9 26.14 67.89 96.05
CA ARG BC 9 26.61 68.70 94.94
C ARG BC 9 25.42 68.99 94.05
N LYS BC 10 25.58 70.02 93.21
CA LYS BC 10 24.51 70.48 92.32
C LYS BC 10 23.25 70.81 93.10
N PHE BC 11 23.44 71.36 94.30
CA PHE BC 11 22.31 71.74 95.14
C PHE BC 11 21.62 72.98 94.60
N MET BC 12 20.30 72.99 94.71
CA MET BC 12 19.49 74.15 94.34
C MET BC 12 18.10 73.96 94.91
N THR BC 13 17.47 75.07 95.30
CA THR BC 13 16.13 75.06 95.83
C THR BC 13 15.18 75.71 94.83
N ASN BC 14 13.98 75.16 94.72
CA ASN BC 14 12.95 75.67 93.83
C ASN BC 14 11.64 75.84 94.60
N ARG BC 15 11.01 76.99 94.44
CA ARG BC 15 9.75 77.28 95.11
C ARG BC 15 8.54 76.86 94.28
N LEU BC 16 8.75 76.49 93.01
CA LEU BC 16 7.64 76.03 92.18
C LEU BC 16 7.03 74.77 92.74
N LEU BC 17 7.86 73.81 93.14
CA LEU BC 17 7.40 72.58 93.78
C LEU BC 17 7.66 72.61 95.29
N GLN BC 18 8.18 73.71 95.81
CA GLN BC 18 8.38 73.92 97.25
C GLN BC 18 9.23 72.81 97.86
N ARG BC 19 10.48 72.73 97.40
CA ARG BC 19 11.39 71.70 97.85
C ARG BC 19 12.81 72.15 97.58
N LYS BC 20 13.76 71.41 98.14
CA LYS BC 20 15.18 71.58 97.85
C LYS BC 20 15.70 70.27 97.27
N GLN BC 21 16.24 70.33 96.06
CA GLN BC 21 16.69 69.14 95.36
C GLN BC 21 18.19 69.19 95.15
N MET BC 22 18.82 68.02 95.26
CA MET BC 22 20.27 67.92 95.13
C MET BC 22 20.62 66.49 94.74
N VAL BC 23 21.80 66.33 94.17
CA VAL BC 23 22.36 65.02 93.88
C VAL BC 23 23.51 64.78 94.85
N ILE BC 24 23.55 63.59 95.43
CA ILE BC 24 24.44 63.29 96.55
C ILE BC 24 25.26 62.05 96.25
N ASP BC 25 26.39 61.93 96.94
CA ASP BC 25 27.22 60.74 96.89
C ASP BC 25 27.76 60.44 98.27
N VAL BC 26 27.89 59.16 98.59
CA VAL BC 26 28.41 58.68 99.86
C VAL BC 26 29.50 57.67 99.59
N LEU BC 27 30.59 57.76 100.36
CA LEU BC 27 31.74 56.90 100.18
C LEU BC 27 31.68 55.77 101.22
N HIS BC 28 31.59 54.53 100.73
CA HIS BC 28 31.60 53.33 101.57
C HIS BC 28 32.80 52.50 101.13
N PRO BC 29 33.97 52.73 101.72
CA PRO BC 29 35.21 52.11 101.19
C PRO BC 29 35.21 50.59 101.20
N GLY BC 30 34.62 49.96 102.20
CA GLY BC 30 34.68 48.52 102.30
C GLY BC 30 33.37 47.87 102.69
N LYS BC 31 32.30 48.65 102.72
CA LYS BC 31 30.98 48.18 103.10
C LYS BC 31 30.11 48.03 101.86
N ALA BC 32 28.92 47.46 102.07
CA ALA BC 32 27.95 47.36 101.00
C ALA BC 32 27.38 48.74 100.68
N THR BC 33 26.49 48.78 99.70
CA THR BC 33 25.79 50.03 99.41
C THR BC 33 24.99 50.47 100.63
N VAL BC 34 25.13 51.73 101.00
CA VAL BC 34 24.49 52.20 102.23
C VAL BC 34 22.98 52.24 102.02
N PRO BC 35 22.18 51.57 102.86
CA PRO BC 35 20.74 51.57 102.65
C PRO BC 35 20.14 52.97 102.74
N LYS BC 36 19.16 53.22 101.86
CA LYS BC 36 18.56 54.55 101.73
C LYS BC 36 17.99 55.04 103.06
N THR BC 37 17.59 54.11 103.93
CA THR BC 37 17.14 54.49 105.26
C THR BC 37 18.22 55.25 106.01
N GLU BC 38 19.47 54.77 105.95
CA GLU BC 38 20.57 55.46 106.63
C GLU BC 38 20.77 56.86 106.08
N ILE BC 39 20.77 57.01 104.75
CA ILE BC 39 20.91 58.32 104.13
C ILE BC 39 19.78 59.23 104.57
N ARG BC 40 18.61 58.66 104.85
CA ARG BC 40 17.47 59.49 105.24
C ARG BC 40 17.78 60.31 106.49
N GLU BC 41 18.05 59.65 107.63
CA GLU BC 41 18.35 60.43 108.82
C GLU BC 41 19.71 61.12 108.74
N LYS BC 42 20.66 60.58 107.96
CA LYS BC 42 21.95 61.25 107.91
C LYS BC 42 21.85 62.59 107.18
N LEU BC 43 21.11 62.62 106.08
CA LEU BC 43 20.81 63.87 105.39
C LEU BC 43 19.92 64.77 106.24
N ALA BC 44 19.04 64.17 107.05
CA ALA BC 44 18.23 64.97 107.96
C ALA BC 44 19.11 65.71 108.97
N LYS BC 45 20.10 65.04 109.52
CA LYS BC 45 21.07 65.71 110.39
C LYS BC 45 21.93 66.70 109.60
N MET BC 46 22.19 66.40 108.33
CA MET BC 46 22.96 67.33 107.50
C MET BC 46 22.22 68.65 107.32
N TYR BC 47 20.91 68.60 107.11
CA TYR BC 47 20.13 69.80 106.82
C TYR BC 47 19.15 70.17 107.93
N LYS BC 48 19.35 69.66 109.14
CA LYS BC 48 18.53 70.01 110.32
C LYS BC 48 17.06 69.71 110.09
N THR BC 49 16.78 68.58 109.44
CA THR BC 49 15.41 68.16 109.17
C THR BC 49 15.15 66.80 109.82
N THR BC 50 14.00 66.22 109.50
CA THR BC 50 13.56 64.94 110.03
C THR BC 50 13.58 63.87 108.94
N PRO BC 51 13.85 62.62 109.29
CA PRO BC 51 13.92 61.56 108.27
C PRO BC 51 12.56 61.02 107.85
N ASP BC 52 11.61 61.91 107.62
CA ASP BC 52 10.34 61.55 107.01
C ASP BC 52 10.01 62.37 105.78
N VAL BC 53 10.41 63.65 105.73
CA VAL BC 53 10.32 64.43 104.51
C VAL BC 53 11.44 64.08 103.54
N ILE BC 54 12.44 63.32 103.99
CA ILE BC 54 13.56 62.93 103.14
C ILE BC 54 13.06 61.95 102.09
N PHE BC 55 13.56 62.09 100.86
CA PHE BC 55 13.21 61.19 99.77
C PHE BC 55 14.42 61.09 98.85
N VAL BC 56 15.00 59.89 98.75
CA VAL BC 56 16.17 59.66 97.93
C VAL BC 56 15.92 58.45 97.04
N PHE BC 57 16.67 58.37 95.95
CA PHE BC 57 16.51 57.32 94.94
C PHE BC 57 17.69 57.41 93.99
N GLY BC 58 17.71 56.50 93.02
CA GLY BC 58 18.71 56.52 91.97
C GLY BC 58 20.13 56.31 92.45
N PHE BC 59 20.33 55.36 93.36
CA PHE BC 59 21.65 55.10 93.94
C PHE BC 59 22.32 53.98 93.17
N ARG BC 60 23.28 54.34 92.33
CA ARG BC 60 24.09 53.39 91.58
C ARG BC 60 25.53 53.47 92.05
N THR BC 61 26.14 52.32 92.29
CA THR BC 61 27.51 52.26 92.80
C THR BC 61 28.49 52.11 91.64
N HIS BC 62 29.58 52.87 91.70
CA HIS BC 62 30.60 52.80 90.66
C HIS BC 62 31.31 51.44 90.71
N PHE BC 63 32.05 51.16 89.64
CA PHE BC 63 32.83 49.92 89.57
C PHE BC 63 33.87 49.88 90.67
N GLY BC 64 34.04 48.71 91.27
CA GLY BC 64 34.99 48.56 92.35
C GLY BC 64 34.52 49.08 93.69
N GLY BC 65 33.24 49.42 93.82
CA GLY BC 65 32.75 49.96 95.07
C GLY BC 65 33.21 51.39 95.29
N GLY BC 66 33.19 51.79 96.56
CA GLY BC 66 33.61 53.12 96.92
C GLY BC 66 32.50 54.14 96.83
N LYS BC 67 32.45 54.86 95.73
CA LYS BC 67 31.46 55.92 95.55
C LYS BC 67 30.18 55.37 94.91
N THR BC 68 29.05 55.73 95.51
CA THR BC 68 27.73 55.56 94.90
C THR BC 68 27.07 56.92 94.90
N THR BC 69 26.27 57.20 93.86
CA THR BC 69 25.68 58.50 93.65
C THR BC 69 24.17 58.37 93.52
N GLY BC 70 23.44 59.26 94.22
CA GLY BC 70 22.00 59.27 94.15
C GLY BC 70 21.47 60.69 94.24
N PHE BC 71 20.17 60.83 93.99
CA PHE BC 71 19.51 62.12 93.99
C PHE BC 71 18.67 62.25 95.25
N GLY BC 72 18.87 63.34 95.99
CA GLY BC 72 18.11 63.61 97.19
C GLY BC 72 16.99 64.60 96.94
N MET BC 73 15.87 64.38 97.62
CA MET BC 73 14.70 65.25 97.52
C MET BC 73 14.21 65.54 98.93
N ILE BC 74 14.24 66.81 99.32
CA ILE BC 74 13.72 67.22 100.62
C ILE BC 74 12.73 68.35 100.40
N TYR BC 75 11.64 68.34 101.15
CA TYR BC 75 10.60 69.35 101.06
C TYR BC 75 10.58 70.19 102.33
N ASP BC 76 10.00 71.38 102.21
CA ASP BC 76 9.81 72.23 103.40
C ASP BC 76 8.81 71.61 104.36
N SER BC 77 7.74 71.02 103.84
CA SER BC 77 6.69 70.43 104.67
C SER BC 77 6.27 69.08 104.10
N LEU BC 78 5.77 68.22 104.99
CA LEU BC 78 5.37 66.88 104.57
C LEU BC 78 4.12 66.90 103.69
N ASP BC 79 3.22 67.85 103.93
CA ASP BC 79 2.01 67.94 103.12
C ASP BC 79 2.34 68.25 101.67
N TYR BC 80 3.32 69.14 101.43
CA TYR BC 80 3.77 69.40 100.07
C TYR BC 80 4.37 68.14 99.45
N ALA BC 81 5.14 67.39 100.23
CA ALA BC 81 5.67 66.12 99.75
C ALA BC 81 4.56 65.16 99.37
N LYS BC 82 3.45 65.18 100.10
CA LYS BC 82 2.31 64.36 99.71
C LYS BC 82 1.64 64.92 98.46
N LYS BC 83 1.75 66.23 98.22
CA LYS BC 83 1.10 66.83 97.07
C LYS BC 83 1.82 66.49 95.77
N ASN BC 84 3.07 66.91 95.63
CA ASN BC 84 3.82 66.77 94.38
C ASN BC 84 5.03 65.86 94.59
N GLU BC 85 4.81 64.55 94.37
CA GLU BC 85 5.83 63.51 94.46
C GLU BC 85 5.25 62.24 93.85
N PRO BC 86 6.05 61.45 93.13
CA PRO BC 86 5.53 60.20 92.57
C PRO BC 86 5.00 59.26 93.64
N LYS BC 87 3.86 58.63 93.33
CA LYS BC 87 3.15 57.83 94.32
C LYS BC 87 3.92 56.59 94.73
N HIS BC 88 4.79 56.08 93.85
CA HIS BC 88 5.57 54.92 94.22
C HIS BC 88 6.58 55.24 95.31
N ARG BC 89 7.14 56.46 95.31
CA ARG BC 89 8.00 56.86 96.41
C ARG BC 89 7.20 57.10 97.68
N LEU BC 90 5.94 57.52 97.55
CA LEU BC 90 5.06 57.59 98.72
C LEU BC 90 4.82 56.20 99.30
N ALA BC 91 4.66 55.20 98.44
CA ALA BC 91 4.45 53.83 98.92
C ALA BC 91 5.73 53.23 99.46
N ARG BC 92 6.89 53.71 98.98
CA ARG BC 92 8.17 53.18 99.45
C ARG BC 92 8.36 53.46 100.94
N HIS BC 93 7.87 54.61 101.41
CA HIS BC 93 7.89 54.93 102.82
C HIS BC 93 6.59 54.53 103.53
N GLY BC 94 5.65 53.93 102.81
CA GLY BC 94 4.42 53.45 103.38
C GLY BC 94 3.26 54.42 103.39
N LEU BC 95 3.46 55.65 102.90
CA LEU BC 95 2.41 56.67 102.94
C LEU BC 95 1.29 56.40 101.95
N TYR BC 96 1.48 55.49 101.00
CA TYR BC 96 0.50 55.23 99.96
C TYR BC 96 0.37 53.73 99.76
N GLU BC 97 -0.85 53.28 99.45
CA GLU BC 97 -1.14 51.87 99.24
C GLU BC 97 -1.55 51.62 97.79
N LYS BC 98 -1.00 50.57 97.20
CA LYS BC 98 -1.37 50.14 95.85
C LYS BC 98 -2.11 48.81 95.90
N LYS BC 99 -2.98 48.65 96.89
CA LYS BC 99 -3.74 47.41 97.07
C LYS BC 99 -4.83 47.38 96.00
N LYS BC 100 -4.46 46.90 94.81
CA LYS BC 100 -5.38 46.92 93.68
C LYS BC 100 -5.11 45.72 92.79
N THR BC 101 -6.08 45.44 91.91
CA THR BC 101 -6.07 44.24 91.10
C THR BC 101 -5.20 44.42 89.87
N SER BC 102 -5.19 43.39 89.03
CA SER BC 102 -4.35 43.36 87.84
C SER BC 102 -4.90 44.28 86.76
N ARG BC 103 -4.01 44.70 85.86
CA ARG BC 103 -4.42 45.45 84.68
C ARG BC 103 -5.26 44.58 83.75
N LYS BC 104 -4.91 43.30 83.64
CA LYS BC 104 -5.70 42.37 82.83
C LYS BC 104 -7.13 42.25 83.34
N GLN BC 105 -7.29 42.06 84.65
CA GLN BC 105 -8.63 41.93 85.22
C GLN BC 105 -9.42 43.22 85.07
N ARG BC 106 -8.75 44.36 85.24
CA ARG BC 106 -9.40 45.64 85.02
C ARG BC 106 -9.89 45.79 83.59
N LYS BC 107 -9.07 45.36 82.61
CA LYS BC 107 -9.51 45.39 81.22
C LYS BC 107 -10.68 44.43 80.98
N GLU BC 108 -10.66 43.26 81.62
CA GLU BC 108 -11.78 42.34 81.51
C GLU BC 108 -13.07 42.99 82.01
N ARG BC 109 -13.01 43.61 83.19
CA ARG BC 109 -14.20 44.26 83.73
C ARG BC 109 -14.65 45.40 82.84
N LYS BC 110 -13.70 46.19 82.32
CA LYS BC 110 -14.06 47.34 81.50
C LYS BC 110 -14.72 46.90 80.19
N ASN BC 111 -14.22 45.83 79.58
CA ASN BC 111 -14.84 45.33 78.36
C ASN BC 111 -16.18 44.67 78.64
N ARG BC 112 -16.32 44.03 79.81
CA ARG BC 112 -17.60 43.44 80.17
C ARG BC 112 -18.67 44.51 80.40
N MET BC 113 -18.27 45.64 80.99
CA MET BC 113 -19.22 46.73 81.21
C MET BC 113 -19.65 47.38 79.90
N LYS BC 114 -18.92 47.14 78.81
CA LYS BC 114 -19.34 47.66 77.52
C LYS BC 114 -20.53 46.87 76.96
N LYS BC 115 -20.76 45.67 77.49
CA LYS BC 115 -21.91 44.88 77.05
C LYS BC 115 -23.22 45.36 77.66
N VAL BC 116 -23.19 45.86 78.90
CA VAL BC 116 -24.38 46.34 79.59
C VAL BC 116 -24.49 47.84 79.35
N ARG BC 117 -25.64 48.27 78.84
CA ARG BC 117 -25.86 49.66 78.45
C ARG BC 117 -26.82 50.32 79.42
N GLY BC 118 -26.40 51.42 80.03
CA GLY BC 118 -27.29 52.25 80.81
C GLY BC 118 -27.60 51.77 82.21
N THR BC 119 -28.13 50.55 82.33
CA THR BC 119 -28.61 50.06 83.62
C THR BC 119 -27.50 49.96 84.64
N ALA BC 120 -27.52 50.86 85.62
CA ALA BC 120 -26.44 50.95 86.59
C ALA BC 120 -26.39 49.72 87.48
N LYS BC 121 -27.56 49.19 87.88
CA LYS BC 121 -27.58 47.99 88.71
C LYS BC 121 -26.99 46.79 87.99
N ALA BC 122 -27.09 46.75 86.67
CA ALA BC 122 -26.43 45.72 85.88
C ALA BC 122 -25.05 46.14 85.41
N ASN BC 123 -24.81 47.44 85.25
CA ASN BC 123 -23.48 47.90 84.89
C ASN BC 123 -22.48 47.59 85.99
N VAL BC 124 -22.86 47.79 87.26
CA VAL BC 124 -22.03 47.32 88.35
C VAL BC 124 -22.10 45.82 88.50
N GLY BC 125 -23.12 45.18 87.95
CA GLY BC 125 -23.26 43.74 87.94
C GLY BC 125 -22.54 43.04 86.81
N ALA BC 126 -21.83 43.79 85.96
CA ALA BC 126 -21.09 43.17 84.87
C ALA BC 126 -19.94 42.32 85.39
N GLY BC 127 -19.26 42.78 86.44
CA GLY BC 127 -18.18 42.05 87.06
C GLY BC 127 -18.50 41.37 88.36
N LYS BC 128 -19.77 41.39 88.80
CA LYS BC 128 -20.13 40.72 90.05
C LYS BC 128 -20.05 39.21 89.91
N LYS BC 129 -20.61 38.67 88.83
CA LYS BC 129 -20.62 37.22 88.60
C LYS BC 129 -19.26 36.70 88.14
N PRO BC 130 -18.65 37.24 87.06
CA PRO BC 130 -17.36 36.66 86.64
C PRO BC 130 -16.17 37.25 87.41
N LYS BC 131 -16.01 36.77 88.63
CA LYS BC 131 -14.91 37.18 89.50
C LYS BC 131 -13.55 36.78 88.93
N THR CC 1 50.19 30.74 11.40
CA THR CC 1 51.19 31.78 11.23
C THR CC 1 51.31 32.19 9.77
N LYS CC 2 51.47 33.49 9.53
CA LYS CC 2 51.66 34.00 8.17
C LYS CC 2 53.04 33.57 7.67
N LYS CC 3 53.05 32.66 6.71
CA LYS CC 3 54.32 32.14 6.21
C LYS CC 3 55.09 33.20 5.43
N ARG CC 4 54.42 33.88 4.51
CA ARG CC 4 55.09 34.81 3.61
C ARG CC 4 54.43 36.18 3.68
N ARG CC 5 55.24 37.23 3.63
CA ARG CC 5 54.71 38.58 3.64
C ARG CC 5 53.88 38.87 2.40
N ASN CC 6 54.31 38.35 1.26
CA ASN CC 6 53.61 38.53 0.00
C ASN CC 6 52.47 37.53 -0.18
N ASN CC 7 52.26 36.65 0.80
CA ASN CC 7 51.27 35.57 0.75
C ASN CC 7 51.50 34.63 -0.42
N GLY CC 8 52.75 34.44 -0.82
CA GLY CC 8 53.05 33.50 -1.88
C GLY CC 8 52.69 33.96 -3.27
N ARG CC 9 52.45 35.25 -3.45
CA ARG CC 9 52.09 35.77 -4.77
C ARG CC 9 52.54 37.22 -4.88
N ALA CC 10 52.41 37.76 -6.09
CA ALA CC 10 52.81 39.12 -6.39
C ALA CC 10 51.66 40.11 -6.32
N LYS CC 11 50.48 39.67 -5.87
CA LYS CC 11 49.31 40.55 -5.82
C LYS CC 11 49.47 41.56 -4.69
N LYS CC 12 49.61 42.83 -5.06
CA LYS CC 12 49.75 43.90 -4.08
C LYS CC 12 48.58 44.87 -4.09
N GLY CC 13 48.27 45.48 -5.24
CA GLY CC 13 47.18 46.42 -5.32
C GLY CC 13 46.12 45.95 -6.29
N ARG CC 14 45.84 44.65 -6.30
CA ARG CC 14 44.92 44.07 -7.25
C ARG CC 14 43.77 43.44 -6.48
N GLY CC 15 42.57 43.58 -7.00
CA GLY CC 15 41.45 42.92 -6.38
C GLY CC 15 41.24 41.52 -6.92
N HIS CC 16 41.57 41.31 -8.19
CA HIS CC 16 41.44 40.00 -8.81
C HIS CC 16 42.43 39.88 -9.95
N VAL CC 17 43.00 38.70 -10.12
CA VAL CC 17 43.94 38.40 -11.19
C VAL CC 17 43.40 37.20 -11.97
N GLN CC 18 43.40 37.31 -13.29
CA GLN CC 18 42.89 36.22 -14.10
C GLN CC 18 43.80 34.99 -13.96
N PRO CC 19 43.22 33.80 -13.87
CA PRO CC 19 44.03 32.60 -13.63
C PRO CC 19 44.46 31.94 -14.93
N ILE CC 20 45.40 31.01 -14.79
CA ILE CC 20 45.90 30.20 -15.90
C ILE CC 20 45.90 28.74 -15.48
N ARG CC 21 45.81 27.87 -16.47
CA ARG CC 21 45.81 26.43 -16.24
C ARG CC 21 47.24 25.93 -16.10
N CYS CC 22 47.46 25.04 -15.14
CA CYS CC 22 48.77 24.44 -14.97
C CYS CC 22 49.13 23.64 -16.21
N THR CC 23 50.36 23.82 -16.69
CA THR CC 23 50.78 23.11 -17.90
C THR CC 23 50.95 21.62 -17.64
N ASN CC 24 51.00 21.19 -16.38
CA ASN CC 24 51.18 19.78 -16.08
C ASN CC 24 49.88 19.09 -15.73
N CYS CC 25 49.09 19.64 -14.80
CA CYS CC 25 47.87 18.99 -14.34
C CYS CC 25 46.60 19.76 -14.68
N ALA CC 26 46.70 20.89 -15.40
CA ALA CC 26 45.54 21.68 -15.81
C ALA CC 26 44.75 22.20 -14.61
N ARG CC 27 45.46 22.71 -13.62
CA ARG CC 27 44.80 23.32 -12.46
C ARG CC 27 44.74 24.84 -12.64
N CYS CC 28 43.58 25.40 -12.31
CA CYS CC 28 43.40 26.85 -12.36
C CYS CC 28 44.20 27.51 -11.26
N VAL CC 29 45.29 28.19 -11.62
CA VAL CC 29 46.15 28.87 -10.66
C VAL CC 29 46.15 30.37 -10.99
N PRO CC 30 46.06 31.24 -10.00
CA PRO CC 30 46.22 32.68 -10.28
C PRO CC 30 47.57 32.95 -10.90
N LYS CC 31 47.58 33.88 -11.87
CA LYS CC 31 48.75 34.06 -12.72
C LYS CC 31 49.95 34.54 -11.93
N ASP CC 32 49.76 35.52 -11.04
CA ASP CC 32 50.88 36.06 -10.29
C ASP CC 32 51.40 35.09 -9.24
N LYS CC 33 50.56 34.17 -8.75
CA LYS CC 33 50.99 33.18 -7.78
C LYS CC 33 51.77 32.03 -8.41
N ALA CC 34 51.47 31.68 -9.65
CA ALA CC 34 52.02 30.49 -10.26
C ALA CC 34 53.51 30.65 -10.57
N ILE CC 35 54.21 29.52 -10.62
CA ILE CC 35 55.61 29.49 -11.01
C ILE CC 35 55.70 29.47 -12.53
N LYS CC 36 56.42 30.41 -13.10
CA LYS CC 36 56.58 30.55 -14.55
C LYS CC 36 58.01 30.21 -14.94
N LYS CC 37 58.17 29.23 -15.84
CA LYS CC 37 59.45 28.92 -16.43
C LYS CC 37 59.35 29.13 -17.94
N PHE CC 38 60.25 29.94 -18.48
CA PHE CC 38 60.34 30.15 -19.92
C PHE CC 38 61.56 29.39 -20.42
N VAL CC 39 61.33 28.21 -20.97
CA VAL CC 39 62.42 27.34 -21.42
C VAL CC 39 62.77 27.70 -22.86
N ILE CC 40 64.05 27.89 -23.11
CA ILE CC 40 64.58 28.18 -24.44
C ILE CC 40 65.55 27.06 -24.76
N ARG CC 41 65.06 26.01 -25.42
CA ARG CC 41 65.86 24.85 -25.72
C ARG CC 41 66.00 24.70 -27.23
N ASN CC 42 67.14 24.14 -27.66
CA ASN CC 42 67.38 23.90 -29.07
C ASN CC 42 66.34 22.96 -29.64
N ILE CC 43 65.96 23.18 -30.89
CA ILE CC 43 64.92 22.38 -31.53
C ILE CC 43 65.31 20.92 -31.69
N VAL CC 44 66.60 20.61 -31.57
CA VAL CC 44 67.07 19.23 -31.59
C VAL CC 44 67.98 19.02 -30.38
N GLU CC 45 68.21 17.76 -30.05
CA GLU CC 45 69.05 17.43 -28.90
C GLU CC 45 70.50 17.83 -29.16
N ALA CC 46 71.20 18.15 -28.07
CA ALA CC 46 72.58 18.62 -28.18
C ALA CC 46 73.54 17.54 -28.66
N ALA CC 47 73.15 16.27 -28.58
CA ALA CC 47 74.00 15.21 -29.11
C ALA CC 47 73.67 14.91 -30.57
N ALA CC 48 72.47 15.25 -31.01
CA ALA CC 48 72.02 14.96 -32.36
C ALA CC 48 72.28 16.11 -33.32
N VAL CC 49 72.92 17.19 -32.87
CA VAL CC 49 73.13 18.35 -33.73
C VAL CC 49 74.06 18.00 -34.88
N ARG CC 50 75.07 17.15 -34.63
CA ARG CC 50 76.05 16.85 -35.66
C ARG CC 50 75.43 16.05 -36.80
N ASP CC 51 74.54 15.11 -36.46
CA ASP CC 51 73.89 14.33 -37.51
C ASP CC 51 73.01 15.20 -38.39
N ILE CC 52 72.27 16.13 -37.78
CA ILE CC 52 71.47 17.07 -38.56
C ILE CC 52 72.36 17.95 -39.43
N SER CC 53 73.47 18.42 -38.87
CA SER CC 53 74.39 19.26 -39.62
C SER CC 53 74.97 18.52 -40.81
N GLU CC 54 75.33 17.25 -40.62
CA GLU CC 54 75.79 16.43 -41.73
C GLU CC 54 74.69 16.25 -42.77
N ALA CC 55 73.47 15.99 -42.32
CA ALA CC 55 72.35 15.78 -43.22
C ALA CC 55 71.74 17.08 -43.72
N SER CC 56 72.21 18.23 -43.24
CA SER CC 56 71.66 19.50 -43.67
C SER CC 56 71.99 19.77 -45.13
N VAL CC 57 70.96 20.16 -45.89
CA VAL CC 57 71.16 20.52 -47.30
C VAL CC 57 71.87 21.85 -47.46
N PHE CC 58 71.89 22.68 -46.42
CA PHE CC 58 72.57 23.96 -46.47
C PHE CC 58 73.91 23.85 -45.74
N ASP CC 59 74.72 24.90 -45.88
CA ASP CC 59 76.03 24.92 -45.23
C ASP CC 59 75.97 25.61 -43.89
N ALA CC 60 75.70 26.92 -43.88
CA ALA CC 60 75.61 27.68 -42.64
C ALA CC 60 74.14 27.83 -42.24
N TYR CC 61 73.56 26.69 -41.87
CA TYR CC 61 72.18 26.65 -41.42
C TYR CC 61 72.14 26.58 -39.90
N VAL CC 62 71.73 27.69 -39.28
CA VAL CC 62 71.55 27.75 -37.84
C VAL CC 62 70.27 27.02 -37.48
N LEU CC 63 70.37 26.08 -36.55
CA LEU CC 63 69.19 25.34 -36.13
C LEU CC 63 68.23 26.26 -35.38
N PRO CC 64 66.92 26.07 -35.56
CA PRO CC 64 65.95 26.91 -34.86
C PRO CC 64 65.92 26.62 -33.38
N LYS CC 65 65.34 27.55 -32.63
CA LYS CC 65 65.15 27.42 -31.20
C LYS CC 65 63.71 27.04 -30.91
N LEU CC 66 63.47 26.55 -29.70
CA LEU CC 66 62.12 26.22 -29.24
C LEU CC 66 61.80 27.10 -28.04
N TYR CC 67 60.70 27.85 -28.15
CA TYR CC 67 60.30 28.81 -27.14
C TYR CC 67 58.98 28.36 -26.53
N VAL CC 68 59.03 27.92 -25.27
CA VAL CC 68 57.85 27.45 -24.56
C VAL CC 68 57.84 28.10 -23.18
N LYS CC 69 56.69 28.66 -22.80
CA LYS CC 69 56.51 29.25 -21.48
C LYS CC 69 55.69 28.28 -20.62
N LEU CC 70 56.32 27.76 -19.57
CA LEU CC 70 55.69 26.75 -18.71
C LEU CC 70 55.08 27.42 -17.49
N HIS CC 71 53.91 26.95 -17.11
CA HIS CC 71 53.20 27.42 -15.92
C HIS CC 71 52.89 26.24 -15.03
N TYR CC 72 53.21 26.38 -13.75
CA TYR CC 72 53.07 25.30 -12.79
C TYR CC 72 52.30 25.76 -11.57
N CYS CC 73 51.37 24.93 -11.12
CA CYS CC 73 50.89 25.06 -9.75
C CYS CC 73 52.01 24.65 -8.81
N VAL CC 74 51.95 25.17 -7.58
CA VAL CC 74 52.99 24.84 -6.62
C VAL CC 74 53.02 23.35 -6.32
N SER CC 75 51.90 22.65 -6.50
CA SER CC 75 51.88 21.20 -6.36
C SER CC 75 52.78 20.54 -7.40
N CYS CC 76 52.50 20.78 -8.68
CA CYS CC 76 53.35 20.23 -9.72
C CYS CC 76 54.74 20.82 -9.70
N ALA CC 77 54.87 22.09 -9.29
CA ALA CC 77 56.19 22.70 -9.23
C ALA CC 77 57.09 21.99 -8.23
N ILE CC 78 56.59 21.76 -7.02
CA ILE CC 78 57.38 21.05 -6.03
C ILE CC 78 57.56 19.59 -6.43
N HIS CC 79 56.52 18.99 -7.02
CA HIS CC 79 56.62 17.59 -7.43
C HIS CC 79 57.60 17.41 -8.57
N SER CC 80 57.77 18.42 -9.41
CA SER CC 80 58.69 18.32 -10.54
C SER CC 80 60.08 18.81 -10.21
N LYS CC 81 60.35 19.16 -8.96
CA LYS CC 81 61.68 19.54 -8.46
C LYS CC 81 62.21 20.82 -9.09
N VAL CC 82 61.36 21.60 -9.76
CA VAL CC 82 61.81 22.88 -10.28
C VAL CC 82 62.09 23.84 -9.14
N VAL CC 83 61.28 23.81 -8.09
CA VAL CC 83 61.50 24.60 -6.89
C VAL CC 83 61.71 23.66 -5.72
N ARG CC 84 62.29 24.20 -4.65
CA ARG CC 84 62.60 23.41 -3.47
C ARG CC 84 62.23 24.20 -2.22
N ASN CC 85 61.93 23.46 -1.15
CA ASN CC 85 61.71 24.10 0.13
C ASN CC 85 63.00 24.72 0.65
N ARG CC 86 62.85 25.82 1.39
CA ARG CC 86 63.99 26.59 1.86
C ARG CC 86 63.77 26.97 3.32
N SER CC 87 64.88 27.25 4.00
CA SER CC 87 64.81 27.67 5.40
C SER CC 87 64.20 29.06 5.50
N ARG CC 88 63.79 29.41 6.72
CA ARG CC 88 63.07 30.67 6.93
C ARG CC 88 63.92 31.88 6.55
N GLU CC 89 65.20 31.87 6.91
CA GLU CC 89 66.08 32.93 6.44
C GLU CC 89 66.28 32.86 4.94
N ALA CC 90 66.40 31.65 4.40
CA ALA CC 90 66.65 31.48 2.98
C ALA CC 90 65.42 31.69 2.11
N ARG CC 91 64.22 31.65 2.70
CA ARG CC 91 63.02 31.93 1.91
C ARG CC 91 62.95 33.38 1.47
N LYS CC 92 63.63 34.28 2.17
CA LYS CC 92 63.40 35.71 2.03
C LYS CC 92 64.07 36.31 0.80
N ASP CC 93 64.93 35.58 0.11
CA ASP CC 93 65.58 36.12 -1.08
C ASP CC 93 64.75 35.85 -2.33
N ARG CC 94 64.97 36.66 -3.37
CA ARG CC 94 64.31 36.48 -4.64
C ARG CC 94 65.27 36.34 -5.81
N THR CC 95 66.58 36.27 -5.53
CA THR CC 95 67.56 36.18 -6.60
C THR CC 95 67.45 34.82 -7.28
N PRO CC 96 67.30 34.77 -8.61
CA PRO CC 96 67.24 33.49 -9.29
C PRO CC 96 68.58 32.78 -9.22
N PRO CC 97 68.57 31.45 -9.29
CA PRO CC 97 69.84 30.71 -9.21
C PRO CC 97 70.71 31.01 -10.41
N PRO CC 98 72.03 30.84 -10.27
CA PRO CC 98 72.94 31.17 -11.37
C PRO CC 98 72.72 30.28 -12.58
N ARG CC 99 73.01 30.83 -13.76
CA ARG CC 99 72.82 30.10 -15.01
C ARG CC 99 73.88 29.01 -15.21
N PHE CC 100 74.96 29.04 -14.44
CA PHE CC 100 76.08 28.10 -14.57
C PHE CC 100 76.65 28.12 -15.99
N ARG CC 101 77.14 29.28 -16.39
CA ARG CC 101 77.75 29.48 -17.69
C ARG CC 101 79.10 28.77 -17.87
N PRO CC 102 79.93 28.56 -16.83
CA PRO CC 102 81.16 27.86 -17.25
C PRO CC 102 81.00 26.34 -17.29
N PRO DC 1 71.09 63.98 11.81
CA PRO DC 1 71.40 65.25 12.47
C PRO DC 1 70.29 65.70 13.41
N LEU DC 2 70.56 65.66 14.71
CA LEU DC 2 69.56 66.01 15.71
C LEU DC 2 69.48 67.50 15.99
N ALA DC 3 70.36 68.30 15.39
CA ALA DC 3 70.40 69.74 15.64
C ALA DC 3 70.23 70.53 14.35
N LYS DC 4 69.27 70.13 13.53
CA LYS DC 4 69.00 70.86 12.31
C LYS DC 4 68.35 72.21 12.61
N ASP DC 5 68.94 73.28 12.09
CA ASP DC 5 68.45 74.63 12.34
C ASP DC 5 67.17 74.79 11.53
N LEU DC 6 66.03 74.51 12.17
CA LEU DC 6 64.75 74.74 11.51
C LEU DC 6 64.47 76.22 11.32
N LEU DC 7 64.98 77.06 12.22
CA LEU DC 7 64.68 78.49 12.17
C LEU DC 7 65.33 79.16 10.97
N HIS DC 8 66.55 78.77 10.63
CA HIS DC 8 67.36 79.47 9.63
C HIS DC 8 67.86 78.49 8.59
N PRO DC 9 67.00 78.05 7.68
CA PRO DC 9 67.45 77.17 6.61
C PRO DC 9 68.10 77.96 5.48
N SER DC 10 69.09 77.34 4.84
CA SER DC 10 69.70 77.97 3.69
C SER DC 10 68.70 77.97 2.52
N PRO DC 11 68.83 78.93 1.60
CA PRO DC 11 67.80 79.07 0.55
C PRO DC 11 67.68 77.86 -0.38
N GLU DC 12 68.71 77.02 -0.48
CA GLU DC 12 68.66 75.90 -1.40
C GLU DC 12 67.57 74.91 -1.02
N GLU DC 13 67.58 74.43 0.23
CA GLU DC 13 66.52 73.54 0.67
C GLU DC 13 65.21 74.27 0.85
N GLU DC 14 65.24 75.59 1.04
CA GLU DC 14 64.01 76.38 1.08
C GLU DC 14 63.32 76.33 -0.28
N LYS DC 15 64.09 76.42 -1.37
CA LYS DC 15 63.49 76.41 -2.70
C LYS DC 15 63.19 75.00 -3.18
N ARG DC 16 63.99 74.00 -2.79
CA ARG DC 16 63.75 72.66 -3.28
C ARG DC 16 62.50 72.04 -2.67
N LYS DC 17 62.03 72.55 -1.53
CA LYS DC 17 60.88 71.97 -0.87
C LYS DC 17 59.59 72.30 -1.61
N HIS DC 18 58.52 71.63 -1.19
CA HIS DC 18 57.19 71.96 -1.67
C HIS DC 18 56.81 73.36 -1.22
N LYS DC 19 55.87 73.97 -1.94
CA LYS DC 19 55.45 75.33 -1.60
C LYS DC 19 54.84 75.40 -0.21
N LYS DC 20 54.01 74.43 0.16
CA LYS DC 20 53.33 74.48 1.44
C LYS DC 20 54.25 74.07 2.58
N LYS DC 21 55.22 73.21 2.33
CA LYS DC 21 56.10 72.70 3.36
C LYS DC 21 57.26 73.64 3.66
N ARG DC 22 57.32 74.81 3.03
CA ARG DC 22 58.31 75.80 3.38
C ARG DC 22 57.98 76.40 4.75
N LEU DC 23 58.95 77.15 5.29
CA LEU DC 23 58.72 77.84 6.55
C LEU DC 23 57.60 78.86 6.40
N VAL DC 24 57.62 79.62 5.33
CA VAL DC 24 56.53 80.50 4.93
C VAL DC 24 56.15 80.14 3.50
N GLN DC 25 54.86 80.05 3.23
CA GLN DC 25 54.40 79.68 1.89
C GLN DC 25 54.92 80.67 0.86
N SER DC 26 55.46 80.12 -0.22
CA SER DC 26 56.04 80.94 -1.28
C SER DC 26 55.73 80.33 -2.64
N PRO DC 27 55.05 81.07 -3.51
CA PRO DC 27 54.68 80.49 -4.81
C PRO DC 27 55.89 80.23 -5.68
N ASN DC 28 55.77 79.20 -6.53
CA ASN DC 28 56.80 78.87 -7.50
C ASN DC 28 56.59 79.56 -8.84
N SER DC 29 55.50 80.29 -9.01
CA SER DC 29 55.18 80.95 -10.26
C SER DC 29 55.65 82.40 -10.22
N TYR DC 30 55.39 83.12 -11.31
CA TYR DC 30 55.80 84.51 -11.43
C TYR DC 30 55.05 85.14 -12.59
N PHE DC 31 55.38 86.40 -12.87
CA PHE DC 31 54.83 87.13 -14.00
C PHE DC 31 55.97 87.65 -14.87
N MET DC 32 55.72 87.71 -16.17
CA MET DC 32 56.76 88.07 -17.13
C MET DC 32 56.24 89.09 -18.13
N ASP DC 33 57.15 89.88 -18.67
CA ASP DC 33 56.85 90.82 -19.75
C ASP DC 33 57.19 90.15 -21.07
N VAL DC 34 56.17 89.88 -21.88
CA VAL DC 34 56.34 89.19 -23.16
C VAL DC 34 56.30 90.22 -24.28
N LYS DC 35 57.26 90.12 -25.19
CA LYS DC 35 57.33 90.98 -26.36
C LYS DC 35 57.07 90.13 -27.60
N CYS DC 36 55.95 90.39 -28.25
CA CYS DC 36 55.69 89.75 -29.53
C CYS DC 36 56.51 90.43 -30.62
N PRO DC 37 57.22 89.68 -31.46
CA PRO DC 37 57.95 90.30 -32.56
C PRO DC 37 57.02 91.01 -33.52
N GLY DC 38 57.47 92.16 -34.03
CA GLY DC 38 56.63 92.99 -34.86
C GLY DC 38 55.68 93.88 -34.10
N CYS DC 39 55.82 93.97 -32.77
CA CYS DC 39 54.96 94.80 -31.94
C CYS DC 39 55.81 95.58 -30.96
N TYR DC 40 55.23 96.66 -30.44
CA TYR DC 40 55.91 97.54 -29.49
C TYR DC 40 55.42 97.37 -28.06
N LYS DC 41 54.18 96.92 -27.89
CA LYS DC 41 53.54 96.91 -26.57
C LYS DC 41 54.09 95.79 -25.70
N ILE DC 42 53.76 95.87 -24.41
CA ILE DC 42 54.23 94.93 -23.41
C ILE DC 42 53.02 94.30 -22.73
N THR DC 43 53.00 92.98 -22.64
CA THR DC 43 51.91 92.24 -22.04
C THR DC 43 52.42 91.39 -20.88
N THR DC 44 51.77 91.52 -19.73
CA THR DC 44 52.12 90.74 -18.55
C THR DC 44 51.39 89.41 -18.60
N VAL DC 45 52.14 88.31 -18.51
CA VAL DC 45 51.60 86.96 -18.65
C VAL DC 45 52.00 86.14 -17.44
N PHE DC 46 51.03 85.47 -16.84
CA PHE DC 46 51.31 84.53 -15.76
C PHE DC 46 52.18 83.38 -16.26
N SER DC 47 53.15 82.98 -15.43
CA SER DC 47 54.05 81.90 -15.81
C SER DC 47 53.29 80.58 -15.96
N HIS DC 48 52.32 80.35 -15.08
CA HIS DC 48 51.49 79.15 -15.13
C HIS DC 48 50.11 79.44 -15.68
N ALA DC 49 50.04 80.32 -16.69
CA ALA DC 49 48.76 80.74 -17.25
C ALA DC 49 48.02 79.56 -17.86
N GLN DC 50 46.69 79.55 -17.68
CA GLN DC 50 45.86 78.45 -18.13
C GLN DC 50 45.09 78.76 -19.42
N THR DC 51 45.24 79.97 -19.96
CA THR DC 51 44.49 80.38 -21.13
C THR DC 51 45.44 80.90 -22.19
N VAL DC 52 45.00 80.84 -23.44
CA VAL DC 52 45.79 81.34 -24.57
C VAL DC 52 45.78 82.86 -24.52
N VAL DC 53 46.95 83.46 -24.39
CA VAL DC 53 47.08 84.92 -24.31
C VAL DC 53 47.27 85.47 -25.72
N LEU DC 54 46.46 86.47 -26.06
CA LEU DC 54 46.47 87.07 -27.38
C LEU DC 54 46.79 88.55 -27.28
N CYS DC 55 47.62 89.04 -28.19
CA CYS DC 55 47.94 90.46 -28.23
C CYS DC 55 46.74 91.27 -28.71
N VAL DC 56 46.50 92.40 -28.04
CA VAL DC 56 45.41 93.27 -28.47
C VAL DC 56 45.77 93.98 -29.78
N GLY DC 57 47.03 94.35 -29.98
CA GLY DC 57 47.46 95.01 -31.18
C GLY DC 57 47.85 94.11 -32.33
N CYS DC 58 47.78 92.80 -32.13
CA CYS DC 58 48.07 91.84 -33.19
C CYS DC 58 47.38 90.53 -32.86
N SER DC 59 46.54 90.04 -33.78
CA SER DC 59 45.79 88.81 -33.57
C SER DC 59 46.75 87.62 -33.64
N THR DC 60 47.57 87.50 -32.60
CA THR DC 60 48.57 86.45 -32.50
C THR DC 60 48.56 85.89 -31.09
N VAL DC 61 48.88 84.62 -30.98
CA VAL DC 61 48.92 83.92 -29.70
C VAL DC 61 50.27 84.16 -29.04
N LEU DC 62 50.27 84.20 -27.72
CA LEU DC 62 51.50 84.35 -26.95
C LEU DC 62 51.92 83.10 -26.22
N CYS DC 63 50.99 82.41 -25.56
CA CYS DC 63 51.34 81.22 -24.82
C CYS DC 63 50.31 80.13 -25.09
N GLN DC 64 50.77 78.88 -25.02
CA GLN DC 64 49.93 77.72 -25.06
C GLN DC 64 49.89 77.09 -23.68
N PRO DC 65 48.73 77.04 -23.03
CA PRO DC 65 48.67 76.44 -21.68
C PRO DC 65 49.01 74.97 -21.71
N THR DC 66 49.84 74.55 -20.76
CA THR DC 66 50.26 73.16 -20.65
C THR DC 66 49.93 72.67 -19.25
N GLY DC 67 50.48 71.51 -18.89
CA GLY DC 67 50.28 70.97 -17.55
C GLY DC 67 50.73 71.90 -16.45
N GLY DC 68 52.01 72.28 -16.46
CA GLY DC 68 52.53 73.12 -15.40
C GLY DC 68 52.77 74.58 -15.76
N LYS DC 69 53.36 74.82 -16.93
CA LYS DC 69 53.79 76.15 -17.32
C LYS DC 69 53.32 76.45 -18.73
N ALA DC 70 52.85 77.67 -18.96
CA ALA DC 70 52.46 78.09 -20.29
C ALA DC 70 53.68 78.15 -21.19
N ARG DC 71 53.56 77.58 -22.39
CA ARG DC 71 54.66 77.56 -23.34
C ARG DC 71 54.55 78.78 -24.25
N LEU DC 72 55.52 79.68 -24.14
CA LEU DC 72 55.54 80.88 -24.96
C LEU DC 72 55.75 80.53 -26.43
N THR DC 73 55.17 81.34 -27.30
CA THR DC 73 55.40 81.18 -28.73
C THR DC 73 56.83 81.55 -29.07
N GLU DC 74 57.38 80.87 -30.07
CA GLU DC 74 58.76 81.13 -30.48
C GLU DC 74 58.90 82.52 -31.07
N GLY DC 75 60.07 83.11 -30.89
CA GLY DC 75 60.32 84.48 -31.26
C GLY DC 75 59.91 85.49 -30.23
N CYS DC 76 59.36 85.05 -29.10
CA CYS DC 76 58.93 85.94 -28.04
C CYS DC 76 59.91 85.87 -26.88
N SER DC 77 60.52 87.02 -26.55
CA SER DC 77 61.43 87.11 -25.42
C SER DC 77 60.69 87.62 -24.20
N PHE DC 78 61.26 87.34 -23.02
CA PHE DC 78 60.58 87.63 -21.77
C PHE DC 78 61.59 88.05 -20.72
N ARG DC 79 61.13 88.80 -19.73
CA ARG DC 79 61.91 89.12 -18.54
C ARG DC 79 61.02 88.99 -17.32
N ARG DC 80 61.65 88.90 -16.16
CA ARG DC 80 60.93 88.67 -14.92
C ARG DC 80 60.26 89.95 -14.43
N LYS DC 81 59.37 89.80 -13.46
CA LYS DC 81 58.78 90.90 -12.70
C LYS DC 81 59.37 90.87 -11.30
N GLN DC 82 60.16 91.91 -10.99
CA GLN DC 82 60.78 92.15 -9.68
C GLN DC 82 61.34 90.88 -9.04
N HIS DC 83 61.90 89.99 -9.86
CA HIS DC 83 62.34 88.66 -9.46
C HIS DC 83 61.21 87.89 -8.79
N VAL EC 1 18.16 -0.71 40.08
CA VAL EC 1 19.53 -0.32 40.36
C VAL EC 1 20.49 -1.42 39.87
N HIS EC 2 21.71 -1.02 39.50
CA HIS EC 2 22.70 -1.99 39.03
C HIS EC 2 23.18 -2.93 40.14
N GLY EC 3 22.86 -2.65 41.39
CA GLY EC 3 23.14 -3.57 42.48
C GLY EC 3 24.56 -3.54 42.98
N SER EC 4 24.98 -2.40 43.55
CA SER EC 4 26.31 -2.27 44.12
C SER EC 4 26.32 -1.49 45.42
N LEU EC 5 25.16 -1.27 46.04
CA LEU EC 5 25.06 -0.46 47.25
C LEU EC 5 25.35 -1.24 48.52
N ALA EC 6 25.73 -2.51 48.42
CA ALA EC 6 25.97 -3.32 49.61
C ALA EC 6 27.26 -2.96 50.32
N ARG EC 7 28.13 -2.16 49.70
CA ARG EC 7 29.44 -1.88 50.25
C ARG EC 7 29.52 -0.54 50.97
N ALA EC 8 28.40 0.04 51.35
CA ALA EC 8 28.42 1.31 52.07
C ALA EC 8 28.99 1.11 53.47
N GLY EC 9 29.86 2.04 53.89
CA GLY EC 9 30.47 1.94 55.20
C GLY EC 9 31.39 0.75 55.36
N LYS EC 10 32.20 0.46 54.36
CA LYS EC 10 33.00 -0.77 54.38
C LYS EC 10 34.29 -0.58 55.17
N VAL EC 11 35.14 0.34 54.73
CA VAL EC 11 36.44 0.52 55.37
C VAL EC 11 36.29 1.06 56.78
N ARG EC 12 35.34 1.98 56.98
CA ARG EC 12 35.03 2.42 58.33
C ARG EC 12 34.50 1.27 59.19
N GLY EC 13 33.94 0.24 58.57
CA GLY EC 13 33.47 -0.93 59.29
C GLY EC 13 34.57 -1.90 59.65
N GLN EC 14 35.60 -2.00 58.80
CA GLN EC 14 36.69 -2.94 59.08
C GLN EC 14 37.88 -2.30 59.78
N THR EC 15 37.81 -1.04 60.13
CA THR EC 15 38.91 -0.39 60.83
C THR EC 15 38.92 -0.82 62.29
N PRO EC 16 40.05 -1.28 62.83
CA PRO EC 16 40.09 -1.64 64.26
C PRO EC 16 39.81 -0.44 65.14
N LYS EC 17 39.11 -0.69 66.25
CA LYS EC 17 38.70 0.37 67.17
C LYS EC 17 39.76 0.48 68.27
N VAL EC 18 40.56 1.54 68.21
CA VAL EC 18 41.55 1.84 69.24
C VAL EC 18 41.16 3.16 69.91
N ALA EC 19 41.17 3.16 71.24
CA ALA EC 19 40.69 4.30 71.99
C ALA EC 19 41.76 5.38 72.09
N LYS EC 20 41.30 6.62 72.35
CA LYS EC 20 42.20 7.73 72.52
C LYS EC 20 42.97 7.60 73.83
N GLN EC 21 44.24 7.99 73.81
CA GLN EC 21 45.04 8.01 75.01
C GLN EC 21 44.61 9.15 75.93
N GLU EC 22 44.52 8.86 77.22
CA GLU EC 22 44.24 9.89 78.21
C GLU EC 22 45.43 10.85 78.27
N LYS EC 23 45.16 12.14 78.24
CA LYS EC 23 46.21 13.15 78.22
C LYS EC 23 45.84 14.30 79.15
N LYS EC 24 46.89 15.01 79.59
CA LYS EC 24 46.69 16.22 80.37
C LYS EC 24 46.04 17.30 79.51
N LYS EC 25 45.31 18.20 80.16
CA LYS EC 25 44.62 19.26 79.43
C LYS EC 25 45.64 20.19 78.76
N LYS EC 26 45.19 20.83 77.69
CA LYS EC 26 45.98 21.82 76.99
C LYS EC 26 45.59 23.22 77.46
N LYS EC 27 46.58 24.01 77.85
CA LYS EC 27 46.32 25.39 78.21
C LYS EC 27 45.81 26.15 76.99
N THR EC 28 44.84 27.02 77.20
CA THR EC 28 44.15 27.70 76.12
C THR EC 28 44.28 29.21 76.27
N GLY EC 29 43.88 29.92 75.23
CA GLY EC 29 43.89 31.37 75.24
C GLY EC 29 45.29 31.95 75.28
N ARG EC 30 45.52 32.86 76.24
CA ARG EC 30 46.82 33.52 76.36
C ARG EC 30 47.93 32.53 76.71
N ALA EC 31 47.62 31.51 77.52
CA ALA EC 31 48.64 30.56 77.93
C ALA EC 31 49.15 29.74 76.75
N LYS EC 32 48.25 29.35 75.85
CA LYS EC 32 48.67 28.59 74.67
C LYS EC 32 49.56 29.43 73.77
N ARG EC 33 49.20 30.70 73.56
CA ARG EC 33 50.03 31.60 72.79
C ARG EC 33 51.40 31.77 73.43
N ARG EC 34 51.41 31.91 74.76
CA ARG EC 34 52.68 31.98 75.51
C ARG EC 34 53.54 30.76 75.26
N MET EC 35 52.95 29.56 75.39
CA MET EC 35 53.73 28.34 75.26
C MET EC 35 54.27 28.17 73.85
N GLN EC 36 53.44 28.40 72.84
CA GLN EC 36 53.91 28.20 71.47
C GLN EC 36 54.87 29.29 71.02
N TYR EC 37 54.75 30.51 71.56
CA TYR EC 37 55.75 31.53 71.28
C TYR EC 37 57.07 31.19 71.94
N ASN EC 38 57.01 30.66 73.17
CA ASN EC 38 58.23 30.25 73.87
C ASN EC 38 58.92 29.11 73.16
N ARG EC 39 58.16 28.19 72.57
CA ARG EC 39 58.75 27.05 71.88
C ARG EC 39 59.56 27.49 70.66
N ARG EC 40 59.03 28.43 69.87
CA ARG EC 40 59.59 28.72 68.56
C ARG EC 40 60.20 30.10 68.44
N PHE EC 41 60.35 30.84 69.53
CA PHE EC 41 61.01 32.13 69.42
C PHE EC 41 62.18 32.26 70.37
N VAL EC 42 62.07 31.69 71.56
CA VAL EC 42 63.14 31.73 72.56
C VAL EC 42 63.63 30.30 72.78
N ASN EC 43 64.62 29.91 71.96
CA ASN EC 43 65.28 28.61 72.05
C ASN EC 43 66.52 28.66 71.17
N VAL EC 44 67.58 27.98 71.62
CA VAL EC 44 68.82 27.87 70.85
C VAL EC 44 69.10 26.40 70.65
N VAL EC 45 69.06 25.96 69.38
CA VAL EC 45 69.32 24.58 69.01
C VAL EC 45 70.67 24.52 68.30
N PRO EC 46 71.67 23.82 68.85
CA PRO EC 46 72.95 23.67 68.16
C PRO EC 46 72.98 22.56 67.11
N THR EC 47 71.83 21.98 66.77
CA THR EC 47 71.77 20.84 65.88
C THR EC 47 71.33 21.27 64.49
N PHE EC 48 71.94 20.66 63.47
CA PHE EC 48 71.61 20.97 62.09
C PHE EC 48 70.29 20.30 61.69
N GLY EC 49 69.88 20.52 60.45
CA GLY EC 49 68.61 20.03 59.95
C GLY EC 49 67.94 21.01 59.00
N LYS EC 50 68.59 22.16 58.78
CA LYS EC 50 68.11 23.19 57.87
C LYS EC 50 66.72 23.69 58.25
N LYS EC 51 66.55 24.04 59.53
CA LYS EC 51 65.32 24.64 60.06
C LYS EC 51 64.12 23.71 59.83
N LYS EC 52 64.23 22.53 60.43
CA LYS EC 52 63.25 21.46 60.21
C LYS EC 52 61.90 21.86 60.78
N GLY EC 53 60.84 21.36 60.13
CA GLY EC 53 59.49 21.68 60.51
C GLY EC 53 59.11 21.17 61.89
N PRO EC 54 58.13 21.81 62.51
CA PRO EC 54 57.78 21.48 63.91
C PRO EC 54 57.22 20.08 64.08
N ASN EC 55 56.75 19.44 63.00
CA ASN EC 55 56.22 18.09 63.05
C ASN EC 55 57.17 17.11 62.38
N ALA EC 56 58.47 17.28 62.61
CA ALA EC 56 59.46 16.40 62.01
C ALA EC 56 59.20 14.95 62.39
N ASN EC 57 59.17 14.08 61.38
CA ASN EC 57 58.94 12.66 61.59
C ASN EC 57 60.29 11.97 61.82
N SER EC 58 60.91 12.35 62.93
CA SER EC 58 62.22 11.83 63.29
C SER EC 58 62.15 10.98 64.57
N ILE HC 1 -92.31 71.52 -13.32
CA ILE HC 1 -92.06 71.96 -11.96
C ILE HC 1 -92.03 70.74 -11.03
N MET HC 2 -91.54 70.94 -9.81
CA MET HC 2 -91.38 69.86 -8.85
C MET HC 2 -92.42 69.97 -7.76
N ASN HC 3 -93.10 68.86 -7.48
CA ASN HC 3 -93.93 68.74 -6.30
C ASN HC 3 -93.45 67.54 -5.48
N GLN HC 4 -94.14 67.29 -4.36
CA GLN HC 4 -93.68 66.27 -3.42
C GLN HC 4 -93.68 64.88 -4.04
N GLU HC 5 -94.70 64.58 -4.84
CA GLU HC 5 -94.76 63.27 -5.49
C GLU HC 5 -93.63 63.11 -6.49
N LYS HC 6 -93.32 64.15 -7.26
CA LYS HC 6 -92.26 64.09 -8.24
C LYS HC 6 -90.89 63.99 -7.59
N LEU HC 7 -90.68 64.71 -6.48
CA LEU HC 7 -89.39 64.69 -5.81
C LEU HC 7 -89.08 63.32 -5.20
N ALA HC 8 -90.07 62.70 -4.54
CA ALA HC 8 -89.82 61.46 -3.83
C ALA HC 8 -89.44 60.33 -4.78
N LYS HC 9 -89.94 60.36 -6.00
CA LYS HC 9 -89.56 59.35 -6.99
C LYS HC 9 -88.32 59.76 -7.77
N LEU HC 10 -88.05 61.06 -7.87
CA LEU HC 10 -86.83 61.52 -8.53
C LEU HC 10 -85.59 61.04 -7.81
N GLN HC 11 -85.63 60.98 -6.48
CA GLN HC 11 -84.51 60.49 -5.70
C GLN HC 11 -84.10 59.09 -6.14
N ALA HC 12 -85.06 58.28 -6.58
CA ALA HC 12 -84.74 56.92 -6.99
C ALA HC 12 -83.94 56.91 -8.29
N GLN HC 13 -84.42 57.62 -9.32
CA GLN HC 13 -83.81 57.47 -10.64
C GLN HC 13 -82.41 58.08 -10.70
N VAL HC 14 -82.15 59.13 -9.93
CA VAL HC 14 -80.83 59.74 -9.97
C VAL HC 14 -79.79 58.87 -9.28
N ARG HC 15 -80.19 57.98 -8.40
CA ARG HC 15 -79.28 57.07 -7.71
C ARG HC 15 -79.16 55.80 -8.55
N ILE HC 16 -77.98 55.60 -9.15
CA ILE HC 16 -77.71 54.39 -9.94
C ILE HC 16 -76.64 53.54 -9.27
N GLY HC 17 -76.41 53.75 -7.97
CA GLY HC 17 -75.42 52.98 -7.27
C GLY HC 17 -75.40 53.36 -5.80
N GLY HC 18 -74.55 52.68 -5.05
CA GLY HC 18 -74.39 52.92 -3.65
C GLY HC 18 -73.58 54.18 -3.37
N LYS HC 19 -73.23 54.36 -2.10
CA LYS HC 19 -72.46 55.52 -1.68
C LYS HC 19 -71.11 55.55 -2.37
N GLY HC 20 -70.75 56.71 -2.91
CA GLY HC 20 -69.49 56.87 -3.59
C GLY HC 20 -69.52 56.71 -5.09
N THR HC 21 -70.70 56.67 -5.69
CA THR HC 21 -70.84 56.59 -7.14
C THR HC 21 -71.51 57.85 -7.67
N ALA HC 22 -71.17 58.20 -8.90
CA ALA HC 22 -71.70 59.41 -9.51
C ALA HC 22 -73.21 59.30 -9.73
N ARG HC 23 -73.89 60.44 -9.59
CA ARG HC 23 -75.32 60.47 -9.78
C ARG HC 23 -75.67 60.54 -11.26
N ARG HC 24 -76.85 60.02 -11.60
CA ARG HC 24 -77.36 60.13 -12.95
C ARG HC 24 -77.70 61.58 -13.27
N LYS HC 25 -77.31 62.01 -14.47
CA LYS HC 25 -77.53 63.40 -14.84
C LYS HC 25 -78.88 63.60 -15.52
N LYS HC 26 -79.23 62.74 -16.48
CA LYS HC 26 -80.46 62.92 -17.23
C LYS HC 26 -80.90 61.58 -17.82
N LYS HC 27 -82.19 61.52 -18.17
CA LYS HC 27 -82.73 60.42 -18.96
C LYS HC 27 -83.78 61.04 -19.87
N VAL HC 28 -83.37 61.38 -21.09
CA VAL HC 28 -84.20 62.13 -22.02
C VAL HC 28 -84.57 61.22 -23.19
N VAL HC 29 -85.84 61.18 -23.52
CA VAL HC 29 -86.33 60.48 -24.69
C VAL HC 29 -86.63 61.50 -25.78
N HIS HC 30 -86.20 61.20 -27.01
CA HIS HC 30 -86.45 62.05 -28.15
C HIS HC 30 -86.56 61.17 -29.39
N ARG HC 31 -87.63 61.36 -30.15
CA ARG HC 31 -87.81 60.58 -31.37
C ARG HC 31 -87.62 61.47 -32.59
#